data_3JC9
#
_entry.id   3JC9
#
_cell.length_a   1
_cell.length_b   1
_cell.length_c   1
_cell.angle_alpha   90
_cell.angle_beta   90
_cell.angle_gamma   90
#
_symmetry.space_group_name_H-M   'P 1'
#
loop_
_entity.id
_entity.type
_entity.pdbx_description
1 polymer PilA
2 polymer PilC
3 polymer PilN
4 polymer PilO
5 polymer PilM
6 polymer PilQ
7 polymer PilP
8 polymer TsaP
9 non-polymer 'MAGNESIUM ION'
10 non-polymer "ADENOSINE-5'-TRIPHOSPHATE"
#
loop_
_entity_poly.entity_id
_entity_poly.type
_entity_poly.pdbx_seq_one_letter_code
_entity_poly.pdbx_strand_id
1 'polypeptide(L)'
;(MEA)TLIELMIVIAIVGILAAVALPAYQDYTARAQVSEAILLAEGQKSAVTEYYLNHGKWPENNTSAGVASSPTDIKGK
YVKEVEVKNGVVTATMLSSGVNNEIKGKKLSLWARRENGSVKWFCGQPVTRTDDDTVADAKDGKEIDTKHLPSTCRDNFD
AK
;
Aa,Ab,Ac,Ad,Ae
2 'polypeptide(L)'
;MAAPAVKSASTPKKATAQFLWEAKTKSGESKKGEMEAMDVEAVNARLKSLGLNPVKVRKKSMLDGDITIPGFGGVEGKDI
LVFTRQFATMIDAGLPLVQCLDILASQMDNPSFKKVLFAIKSKVEQGSTFADALKEHPKVFDELYVQLCAAGEVGGILDA
ILNRLAAYREKNEKLKSKVKSAMTYPIIVILVAIGVTAVLLLKVTPVFEKMFADFGSELPGPTQMIVNFSHMAQEYFFHV
AGSIVAVVMSFTWSYRQPRGRKFWDKVFLFMPVFGPVLRKVAVARFTRTLGTMISSGVPILDALDVTAKTAGNRTVEDAI
IYVRGKIAEGKNIAGPLAETKVFPSMVVQMIGVGEATGAMDTMLNKIADFYDDEVDAAINSLTAMIEPVLMVFLGGVVGG
FLIGMYLPIFSLAGAIQ
;
Ca,Cb
3 'polypeptide(L)'
;MMIRINLLPVRAVKKREMGRQVLVLFAVVLIGAGVANYLWYDDRQSELEAHQAGVASTKARIAELEKIIGEVKNINTRKA
EVEKKLAVLDALRKGRSGPVRMMDALASATPKKVWVKTFSENNNAVSIDGSAVSHDEVAEFMRGLNGVVWTPKGMGRLVD
RRRDSKTARVEMLTSDATIEEFPEAQVSPFFKNIDLQTAKQVGGAQVGVPILVEFKITMTSNYAI
;
Na,Nb,Nc,Nd,Ne,Nf,Ng,Nh,Ni,Nj,Nk,Nl
4 'polypeptide(L)'
;MDKYLDQFVKAPPAIKFGGLAFVVGALTAANFFMVIQPTEEEIGWAVAERRKLDLELADKSEIAQNLNERRREMDVLEQK
LSEALTELPEQRDIEELLAQINDIGKKSGLELSSVTPGKESVGGGEFFARIPIKMTVSGNYHEIALFLQEMANMRRIVNV
NNIKFDSAKLKNEKVVLQSEFQATTFRFVEQKAAASTAGNSNSKK
;
Oa,Ob,Oc,Od,Oe,Of,Og,Oh,Oi,Oj,Ok,Ol
5 'polypeptide(L)'
;MVRGSRPSGGQAGSRHFLGGVDGQCYAGCLSTESRMAKGKLVLGLDIGSTSIKMILLKEQRKRGEVIYALQSFGMKPLPP
EAIVDGALMNSTAIVQAVQDLMSELKVKGKDVAIGVSGHSVIIKKIQMPRMSQDELEESIQWEAEQYIPFDVKDVNIDTQ
ILDGGGNDATGQMDVLLVAAKKDMINDYTTVVSEAGLAPVVVDVDAFAVQNMFSVNYDVPERETVVLINAGASVVNINII
SNGATVFTRDVTIGGNQFTEEIQKQLNVSYEEAEALKIGGNGADADAVVPQDVERVLSSVAEQVAGEIQRSLDFYAGTAA
DSNFSKVYLSGGTAKIPALFKTIEARTGVPVEILNPFRKIEVDNRKFDPAFVMDVAPMAAVAVGLALRRPGDKLA
;
Ma,Mb,Mc,Md,Me,Mf,Mg,Mh,Mi,Mj,Mk,Ml
6 'polypeptide(L)'
;MLEESAVTRGKWMLAAAWAVVLVGARVHGAELNTLRGLDVSRTGSGAQVVVTGTRPPTFTVFRLSGPERLVVDLSSADAT
GIKGHHEGSGPVSGVVASQFSDQRASVGRVLLALDKASQYDVRADGNRVVISVDGTSQSVDAKRAETPARTERMTASVEA
KPHPVAAQAPAKVVKAESAAVPKAALPENVVAAEADEREVSNPAQHITAMSFADDTLSIRADGDIARYEVLELADPPRLA
VDLFGVGLATRAPRVKSGALRDVRVGAHADKVRLVLDVRGTMPAYRVDRANRGLEVVLGRAVARTWRRPLRPRAVVASVA
EVEPLRQTPVKSDASPVVEVKDVRFEESSSGGRIVMKLSGTSGWKVDRPDPRSAVLTLDNARLPKKFERSLDTSALDTPV
KMISAFSVPGAGGKVRLVVAADGAIEEKVSQSAGTLSWRLDVKGVKTEEVAVAQRTAGFTTEAPAYAAEGAPQQARYRGK
RVSFEFKDIDIQNLLRVIAEISKKNIVVADDVSGKVTIRLRNVPWDQALDLVLRTKALGKEEFGNIIRIAPLKTLEEEAR
LRQERKKSLQQQEDLMVNLLPVNYAVAADMAARVKDVLSERGSVTVDQRTNVLIVKDVRSNTERARSLVRSLDTQTPQVL
IESRIVEANTSFSRSLGVQWGGQARAGQATGNSTGLIFPNNLAVTGGVTGTGAGLPDNPNFAVNLPTGTGQGVGGAMGFT
FGSAGGALQLNLRLSAAENEGSVKTISAPKVTTLDNNTARINQGVSIPFSQTSAQGVNTTFVEARLSLEVTPHITQDGSV
LMSINASNNQPDPSSTGANGQPSIQRKEANTQVLVKDGDTTVIGGIYVRRGATQVNSVPFLSRIPVLGLLFKNNSETDTR
QELLIFITPRILNRQTIAQTL
;
Qa,Qb,Qc,Qd,Qe,Qf,Qg,Qh,Qi,Qj,Qk,Ql
7 'polypeptide(L)'
;MLAACEEPPAPAPPPAKPKAAAAVPVKAAPTETGAQAAPSYSYVYNPVGKRDPFRSPIDELGPVNANPVAACNEPLCSFD
LDQLKLVAVVTGDASPVAMVEDPAGRGHIVRRNTRMGRQGGKVTQILRDSVTVTEVFSGNGEIIKNPVTLQLKPDAKQDP
AYNMMTGRNYGE
;
Pa,Pb,Pc,Pd,Pe,Pf,Pg,Ph,Pi,Pj,Pk,Pl
8 'polypeptide(L)'
;MMLLSKGRPAMRSRILTSLMLSLAVAPTAYAQQENEEEQDTGGEMGGAEVMDEAPDSAPPTSVAMPPGAPRGRESAPGEV
HSVESGDTLWDLSQRYLGSPWYWPKVWSYNPEIANPHWIYPGNQVRFFAAGEEVPTQVTEMVVDEGDVTAPMEMTSNDQV
IVTGKIGVDLANSVPVTTQGFVTQRELDEAGRIEGSPSNAVMLSFPDSVYVRFKRKGDVKVGDRYVVYHTTQAVKHPVTG
RPLGFLTDFVGTLRVQRVGDGIVTAQIMDTWDGIERGDLVGPVGERLTERVAPKPNAKQVDGTVITALVPYLTVLGENHS
IVVDKGSADGVELGNTFNILRKGDPSRHVLGHDVRKPSKEEQSFPWRSIGACMVTEVKERTSNCLMTRSLEELVPGDRAH
MSAGASPSASR
;
Ta,Tb,Tc,Td,Te,Tf,Tg,Th,Ti,Tj,Tk,Tl
#
loop_
_chem_comp.id
_chem_comp.type
_chem_comp.name
_chem_comp.formula
ATP non-polymer ADENOSINE-5'-TRIPHOSPHATE 'C10 H16 N5 O13 P3'
MG non-polymer 'MAGNESIUM ION' 'Mg 2'
#
# COMPACT_ATOMS: atom_id res chain seq x y z
N MEA A 1 57.37 61.91 -49.05
CA MEA A 1 57.66 61.36 -50.40
C MEA A 1 57.05 59.97 -50.62
O MEA A 1 56.72 59.62 -51.76
N THR A 2 56.87 59.20 -49.55
CA THR A 2 56.47 57.79 -49.67
C THR A 2 55.56 57.21 -48.57
N LEU A 3 56.15 56.94 -47.41
CA LEU A 3 55.65 55.95 -46.46
C LEU A 3 54.37 56.35 -45.71
N ILE A 4 53.22 56.06 -46.31
CA ILE A 4 51.95 56.36 -45.67
C ILE A 4 51.06 55.12 -45.47
N GLU A 5 51.43 54.02 -46.14
CA GLU A 5 50.70 52.75 -46.03
C GLU A 5 50.89 52.13 -44.65
N LEU A 6 52.09 52.24 -44.10
CA LEU A 6 52.40 51.74 -42.76
C LEU A 6 51.78 52.65 -41.70
N MET A 7 51.77 53.95 -41.96
CA MET A 7 51.28 54.95 -41.01
C MET A 7 49.75 54.95 -40.89
N ILE A 8 49.05 54.78 -42.01
CA ILE A 8 47.59 54.75 -42.00
C ILE A 8 47.06 53.42 -41.47
N VAL A 9 47.68 52.31 -41.87
CA VAL A 9 47.23 50.98 -41.45
C VAL A 9 47.52 50.68 -39.96
N ILE A 10 48.53 51.35 -39.39
CA ILE A 10 48.74 51.29 -37.94
C ILE A 10 47.72 52.16 -37.20
N ALA A 11 47.21 53.17 -37.89
CA ALA A 11 46.24 54.11 -37.32
C ALA A 11 44.79 53.74 -37.62
N ILE A 12 44.57 52.78 -38.51
CA ILE A 12 43.23 52.22 -38.72
C ILE A 12 42.95 51.05 -37.78
N VAL A 13 44.00 50.34 -37.38
CA VAL A 13 43.89 49.27 -36.40
C VAL A 13 43.74 49.87 -35.00
N GLY A 14 44.36 51.03 -34.80
CA GLY A 14 44.22 51.81 -33.57
C GLY A 14 42.79 52.30 -33.37
N ILE A 15 42.20 52.87 -34.42
CA ILE A 15 40.82 53.33 -34.37
C ILE A 15 39.81 52.18 -34.45
N LEU A 16 40.25 51.05 -35.02
CA LEU A 16 39.43 49.84 -35.07
C LEU A 16 39.23 49.27 -33.67
N ALA A 17 40.28 49.36 -32.85
CA ALA A 17 40.23 48.92 -31.45
C ALA A 17 39.32 49.84 -30.63
N ALA A 18 39.32 51.13 -30.96
CA ALA A 18 38.48 52.12 -30.29
C ALA A 18 36.99 51.93 -30.63
N VAL A 19 36.72 51.44 -31.84
CA VAL A 19 35.35 51.12 -32.26
C VAL A 19 34.93 49.75 -31.71
N ALA A 20 35.89 48.83 -31.62
CA ALA A 20 35.65 47.51 -31.05
C ALA A 20 35.67 47.52 -29.53
N LEU A 21 36.00 48.67 -28.94
CA LEU A 21 36.12 48.82 -27.49
C LEU A 21 34.76 48.77 -26.76
N PRO A 22 33.78 49.59 -27.17
CA PRO A 22 32.46 49.59 -26.52
C PRO A 22 31.63 48.32 -26.80
N ALA A 23 31.87 47.68 -27.94
CA ALA A 23 31.17 46.45 -28.30
C ALA A 23 31.59 45.28 -27.41
N TYR A 24 32.90 45.15 -27.18
CA TYR A 24 33.46 44.13 -26.30
C TYR A 24 33.20 44.48 -24.83
N GLN A 25 33.19 45.78 -24.52
CA GLN A 25 32.82 46.26 -23.19
C GLN A 25 31.32 46.11 -22.90
N ASP A 26 30.51 46.07 -23.96
CA ASP A 26 28.95 45.69 -23.24
C ASP A 26 28.72 44.22 -23.44
N TYR A 27 29.31 43.65 -24.48
CA TYR A 27 29.17 42.23 -24.72
C TYR A 27 29.75 41.59 -23.48
N THR A 28 30.84 42.18 -23.02
CA THR A 28 31.55 41.68 -21.87
C THR A 28 30.72 41.77 -20.59
N ALA A 29 30.20 42.95 -20.29
CA ALA A 29 29.38 43.15 -19.09
C ALA A 29 28.14 42.28 -19.13
N ARG A 30 27.51 42.25 -20.29
CA ARG A 30 26.30 41.48 -20.52
C ARG A 30 26.61 40.02 -20.28
N ALA A 31 27.88 39.66 -20.39
CA ALA A 31 28.31 38.28 -20.18
C ALA A 31 28.52 37.99 -18.68
N GLN A 32 29.01 38.99 -17.97
CA GLN A 32 29.28 38.90 -16.54
C GLN A 32 27.98 38.94 -15.73
N VAL A 33 26.92 39.44 -16.34
CA VAL A 33 25.63 39.52 -15.70
C VAL A 33 24.90 38.21 -15.91
N SER A 34 25.10 37.62 -17.09
CA SER A 34 24.46 36.37 -17.42
C SER A 34 24.83 35.27 -16.43
N GLU A 35 25.90 35.51 -15.68
CA GLU A 35 26.35 34.53 -14.71
C GLU A 35 25.76 34.80 -13.36
N ALA A 36 25.63 36.08 -13.03
CA ALA A 36 25.04 36.44 -11.76
C ALA A 36 23.67 35.77 -11.78
N ILE A 37 23.11 35.68 -12.98
CA ILE A 37 21.81 35.06 -13.17
C ILE A 37 21.87 33.56 -12.97
N LEU A 38 22.96 32.93 -13.41
CA LEU A 38 23.07 31.49 -13.26
C LEU A 38 23.34 31.11 -11.83
N LEU A 39 24.03 32.01 -11.12
CA LEU A 39 24.35 31.76 -9.73
C LEU A 39 23.11 31.99 -8.89
N ALA A 40 22.24 32.88 -9.35
CA ALA A 40 21.02 33.17 -8.65
C ALA A 40 20.08 31.98 -8.78
N GLU A 41 20.00 31.45 -10.00
CA GLU A 41 19.16 30.28 -10.26
C GLU A 41 19.80 29.07 -9.60
N GLY A 42 19.17 27.90 -9.72
CA GLY A 42 19.74 26.70 -9.12
C GLY A 42 19.61 26.76 -7.61
N GLN A 43 19.08 27.89 -7.17
CA GLN A 43 18.83 28.13 -5.78
C GLN A 43 17.33 28.35 -5.73
N LYS A 44 16.71 28.17 -6.89
CA LYS A 44 15.28 28.31 -7.01
C LYS A 44 14.74 27.03 -6.39
N SER A 45 15.43 25.94 -6.67
CA SER A 45 15.07 24.63 -6.14
C SER A 45 14.84 24.67 -4.64
N ALA A 46 15.87 25.07 -3.91
CA ALA A 46 15.75 25.15 -2.47
C ALA A 46 14.55 26.01 -2.09
N VAL A 47 14.50 27.22 -2.62
CA VAL A 47 13.41 28.14 -2.32
C VAL A 47 12.03 27.62 -2.69
N THR A 48 11.92 26.98 -3.84
CA THR A 48 10.64 26.43 -4.27
C THR A 48 10.18 25.36 -3.30
N GLU A 49 11.06 24.41 -3.04
CA GLU A 49 10.71 23.34 -2.15
C GLU A 49 10.32 23.92 -0.79
N TYR A 50 11.17 24.77 -0.22
CA TYR A 50 10.83 25.34 1.09
C TYR A 50 9.42 25.92 1.10
N TYR A 51 9.08 26.70 0.07
CA TYR A 51 7.75 27.30 -0.01
C TYR A 51 6.60 26.26 -0.12
N LEU A 52 6.71 25.35 -1.08
CA LEU A 52 5.68 24.32 -1.27
C LEU A 52 5.53 23.40 -0.06
N ASN A 53 6.63 23.09 0.61
CA ASN A 53 6.54 22.23 1.78
C ASN A 53 5.98 22.94 3.01
N HIS A 54 6.26 24.23 3.16
CA HIS A 54 5.79 24.96 4.33
C HIS A 54 4.76 26.07 4.11
N GLY A 55 4.67 26.58 2.88
CA GLY A 55 3.72 27.64 2.62
C GLY A 55 4.22 29.00 3.07
N LYS A 56 5.51 29.07 3.42
CA LYS A 56 6.15 30.32 3.83
C LYS A 56 7.46 30.40 3.05
N TRP A 57 7.85 31.60 2.63
CA TRP A 57 9.09 31.79 1.87
C TRP A 57 10.28 31.71 2.80
N PRO A 58 11.37 31.07 2.37
CA PRO A 58 12.56 30.97 3.24
C PRO A 58 13.10 32.34 3.60
N GLU A 59 13.23 32.62 4.89
CA GLU A 59 13.71 33.92 5.35
C GLU A 59 15.13 34.26 4.92
N ASN A 60 16.01 33.27 4.96
CA ASN A 60 17.40 33.48 4.57
C ASN A 60 18.02 32.20 4.01
N ASN A 61 19.26 32.30 3.55
CA ASN A 61 19.95 31.15 2.96
C ASN A 61 19.86 29.86 3.77
N THR A 62 20.09 29.97 5.08
CA THR A 62 20.05 28.81 5.95
C THR A 62 18.68 28.18 5.95
N SER A 63 17.65 29.02 5.99
CA SER A 63 16.30 28.50 5.95
C SER A 63 16.10 27.73 4.66
N ALA A 64 16.55 28.31 3.54
CA ALA A 64 16.40 27.67 2.25
C ALA A 64 17.27 26.42 2.14
N GLY A 65 18.19 26.28 3.08
CA GLY A 65 19.07 25.13 3.06
C GLY A 65 20.15 25.31 2.02
N VAL A 66 20.88 26.42 2.12
CA VAL A 66 21.97 26.72 1.20
C VAL A 66 23.06 27.37 2.01
N ALA A 67 24.26 27.41 1.45
CA ALA A 67 25.41 28.01 2.12
C ALA A 67 24.91 29.11 3.04
N SER A 68 24.82 28.78 4.32
CA SER A 68 24.34 29.71 5.34
C SER A 68 24.93 31.10 5.19
N SER A 69 26.03 31.19 4.45
CA SER A 69 26.71 32.46 4.28
C SER A 69 26.55 33.00 2.84
N PRO A 70 25.91 34.16 2.67
CA PRO A 70 25.70 34.76 1.35
C PRO A 70 26.98 34.74 0.52
N THR A 71 28.07 35.16 1.17
CA THR A 71 29.39 35.23 0.56
C THR A 71 29.91 33.86 0.13
N ASP A 72 29.23 32.81 0.53
CA ASP A 72 29.67 31.48 0.14
C ASP A 72 29.06 31.09 -1.20
N ILE A 73 28.19 31.95 -1.74
CA ILE A 73 27.54 31.70 -3.02
C ILE A 73 28.00 32.76 -4.03
N LYS A 74 29.30 33.01 -4.03
CA LYS A 74 29.90 34.00 -4.91
C LYS A 74 30.50 33.35 -6.15
N GLY A 75 31.02 34.21 -7.03
CA GLY A 75 31.64 33.75 -8.24
C GLY A 75 32.77 34.67 -8.66
N LYS A 76 33.06 34.66 -9.95
CA LYS A 76 34.12 35.48 -10.52
C LYS A 76 33.68 36.94 -10.57
N TYR A 77 32.45 37.16 -11.00
CA TYR A 77 31.90 38.50 -11.11
C TYR A 77 30.84 38.68 -10.03
N VAL A 78 30.52 37.57 -9.37
CA VAL A 78 29.50 37.59 -8.33
C VAL A 78 30.13 37.61 -6.95
N LYS A 79 29.83 38.66 -6.20
CA LYS A 79 30.37 38.79 -4.85
C LYS A 79 29.53 38.00 -3.86
N GLU A 80 28.34 37.56 -4.30
CA GLU A 80 27.44 36.78 -3.46
C GLU A 80 26.03 36.58 -4.01
N VAL A 81 25.23 35.88 -3.22
CA VAL A 81 23.84 35.59 -3.54
C VAL A 81 23.14 35.34 -2.21
N GLU A 82 22.19 36.22 -1.89
CA GLU A 82 21.44 36.14 -0.65
C GLU A 82 19.97 35.87 -0.89
N VAL A 83 19.39 35.04 -0.05
CA VAL A 83 17.99 34.70 -0.11
C VAL A 83 17.35 35.50 1.00
N LYS A 84 16.44 36.37 0.65
CA LYS A 84 15.76 37.20 1.63
C LYS A 84 14.26 37.08 1.41
N ASN A 85 13.63 36.21 2.21
CA ASN A 85 12.20 35.91 2.12
C ASN A 85 11.81 35.38 0.75
N GLY A 86 12.53 34.36 0.30
CA GLY A 86 12.26 33.75 -0.99
C GLY A 86 12.85 34.49 -2.18
N VAL A 87 13.19 35.76 -1.99
CA VAL A 87 13.79 36.56 -3.06
C VAL A 87 15.28 36.26 -3.06
N VAL A 88 15.83 35.91 -4.22
CA VAL A 88 17.24 35.63 -4.30
C VAL A 88 17.91 36.73 -5.11
N THR A 89 18.80 37.47 -4.45
CA THR A 89 19.51 38.58 -5.07
C THR A 89 20.97 38.25 -5.32
N ALA A 90 21.49 38.62 -6.48
CA ALA A 90 22.89 38.33 -6.80
C ALA A 90 23.68 39.62 -6.92
N THR A 91 24.78 39.74 -6.17
CA THR A 91 25.59 40.94 -6.22
C THR A 91 26.83 40.74 -7.08
N MET A 92 27.12 41.77 -7.87
CA MET A 92 28.28 41.75 -8.76
C MET A 92 29.52 42.17 -7.97
N LEU A 93 30.59 41.39 -8.12
CA LEU A 93 31.84 41.67 -7.44
C LEU A 93 32.27 43.11 -7.73
N SER A 94 33.48 43.46 -7.32
CA SER A 94 34.00 44.79 -7.57
C SER A 94 35.24 44.67 -8.44
N SER A 95 35.79 43.47 -8.50
CA SER A 95 36.99 43.20 -9.30
C SER A 95 36.72 42.13 -10.36
N GLY A 96 37.11 42.43 -11.59
CA GLY A 96 36.93 41.48 -12.68
C GLY A 96 35.69 41.73 -13.52
N VAL A 97 35.00 42.84 -13.28
CA VAL A 97 33.78 43.15 -14.03
C VAL A 97 33.87 44.42 -14.89
N ASN A 98 32.79 44.72 -15.60
CA ASN A 98 32.73 45.87 -16.48
C ASN A 98 33.25 47.14 -15.81
N ASN A 99 32.35 47.98 -15.36
CA ASN A 99 32.72 49.23 -14.72
C ASN A 99 31.44 49.90 -14.23
N GLU A 100 30.36 49.71 -14.96
CA GLU A 100 29.10 50.30 -14.56
C GLU A 100 28.14 49.23 -14.08
N ILE A 101 28.69 48.08 -13.71
CA ILE A 101 27.86 47.00 -13.20
C ILE A 101 28.37 46.36 -11.91
N LYS A 102 29.57 46.73 -11.47
CA LYS A 102 30.12 46.16 -10.25
C LYS A 102 29.39 46.65 -9.01
N GLY A 103 29.29 45.77 -8.02
CA GLY A 103 28.60 46.12 -6.79
C GLY A 103 27.12 46.26 -7.12
N LYS A 104 26.74 45.92 -8.34
CA LYS A 104 25.35 46.02 -8.75
C LYS A 104 24.70 44.66 -8.72
N LYS A 105 23.37 44.63 -8.54
CA LYS A 105 22.70 43.34 -8.46
C LYS A 105 21.30 43.21 -9.07
N LEU A 106 20.83 41.95 -9.15
CA LEU A 106 19.51 41.62 -9.67
C LEU A 106 18.81 40.67 -8.68
N SER A 107 17.54 40.34 -8.95
CA SER A 107 16.79 39.46 -8.07
C SER A 107 15.92 38.49 -8.83
N LEU A 108 15.65 37.38 -8.17
CA LEU A 108 14.81 36.32 -8.69
C LEU A 108 13.81 36.17 -7.57
N TRP A 109 12.54 36.16 -7.90
CA TRP A 109 11.53 36.01 -6.86
C TRP A 109 10.45 35.19 -7.48
N ALA A 110 9.60 34.60 -6.66
CA ALA A 110 8.55 33.78 -7.20
C ALA A 110 7.19 34.20 -6.72
N ARG A 111 6.17 33.53 -7.23
CA ARG A 111 4.81 33.85 -6.86
C ARG A 111 4.03 32.57 -6.74
N ARG A 112 3.17 32.51 -5.73
CA ARG A 112 2.33 31.36 -5.49
C ARG A 112 1.39 31.16 -6.67
N GLU A 113 1.44 29.98 -7.29
CA GLU A 113 0.53 29.70 -8.38
C GLU A 113 -0.61 28.90 -7.80
N ASN A 114 -0.38 28.41 -6.57
CA ASN A 114 -1.33 27.59 -5.84
C ASN A 114 -1.08 26.15 -6.29
N GLY A 115 -0.23 25.47 -5.55
CA GLY A 115 0.12 24.10 -5.89
C GLY A 115 1.49 24.09 -6.55
N SER A 116 1.94 25.27 -6.95
CA SER A 116 3.24 25.45 -7.58
C SER A 116 3.52 26.96 -7.60
N VAL A 117 4.71 27.34 -8.06
CA VAL A 117 5.06 28.75 -8.14
C VAL A 117 5.68 29.06 -9.49
N LYS A 118 5.71 30.35 -9.85
CA LYS A 118 6.33 30.78 -11.09
C LYS A 118 7.44 31.77 -10.73
N TRP A 119 8.58 31.64 -11.40
CA TRP A 119 9.70 32.53 -11.12
C TRP A 119 9.88 33.72 -12.07
N PHE A 120 10.41 34.80 -11.52
CA PHE A 120 10.64 36.01 -12.28
C PHE A 120 12.11 36.35 -12.12
N CYS A 121 12.62 37.16 -13.05
CA CYS A 121 14.02 37.56 -13.02
C CYS A 121 14.09 39.01 -13.47
N GLY A 122 14.76 39.85 -12.69
CA GLY A 122 14.85 41.25 -13.06
C GLY A 122 15.70 42.08 -12.13
N GLN A 123 15.40 43.37 -12.04
CA GLN A 123 16.15 44.27 -11.19
C GLN A 123 15.71 44.09 -9.74
N PRO A 124 16.66 44.18 -8.80
CA PRO A 124 16.45 44.02 -7.35
C PRO A 124 15.05 44.33 -6.86
N VAL A 125 14.53 43.46 -6.00
CA VAL A 125 13.20 43.66 -5.44
C VAL A 125 13.18 43.22 -3.98
N THR A 126 12.21 43.73 -3.23
CA THR A 126 12.10 43.38 -1.81
C THR A 126 10.76 42.68 -1.65
N ARG A 127 10.65 41.73 -0.72
CA ARG A 127 9.34 41.10 -0.55
C ARG A 127 8.55 41.86 0.52
N THR A 128 7.30 42.15 0.19
CA THR A 128 6.41 42.84 1.10
C THR A 128 5.62 41.79 1.85
N ASP A 129 4.73 41.10 1.16
CA ASP A 129 3.95 40.03 1.75
C ASP A 129 4.22 38.73 0.96
N ASP A 130 3.64 37.62 1.40
CA ASP A 130 3.91 36.34 0.75
C ASP A 130 3.62 36.29 -0.74
N ASP A 131 2.94 37.29 -1.24
CA ASP A 131 2.61 37.28 -2.66
C ASP A 131 2.81 38.66 -3.29
N THR A 132 3.76 39.43 -2.75
CA THR A 132 4.01 40.75 -3.26
C THR A 132 5.40 41.24 -2.91
N VAL A 133 6.11 41.76 -3.91
CA VAL A 133 7.45 42.30 -3.75
C VAL A 133 7.43 43.70 -4.35
N ALA A 134 8.51 44.44 -4.21
CA ALA A 134 8.57 45.81 -4.76
C ALA A 134 10.01 46.19 -5.06
N ASP A 135 10.16 47.15 -5.97
CA ASP A 135 11.47 47.61 -6.38
C ASP A 135 12.32 47.97 -5.18
N ALA A 136 13.50 47.38 -5.12
CA ALA A 136 14.43 47.70 -4.06
C ALA A 136 15.12 48.94 -4.58
N LYS A 137 14.33 49.95 -4.94
CA LYS A 137 14.87 51.22 -5.46
C LYS A 137 15.93 51.78 -4.53
N ASP A 138 17.15 51.90 -5.02
CA ASP A 138 18.23 52.40 -4.18
C ASP A 138 19.42 52.88 -4.98
N GLY A 139 19.49 52.49 -6.26
CA GLY A 139 20.59 52.91 -7.12
C GLY A 139 21.67 51.90 -7.47
N LYS A 140 21.59 50.69 -6.92
CA LYS A 140 22.59 49.67 -7.21
C LYS A 140 22.08 48.56 -8.15
N GLU A 141 20.97 48.81 -8.82
CA GLU A 141 20.42 47.81 -9.75
C GLU A 141 21.21 47.74 -11.03
N ILE A 142 21.41 46.53 -11.55
CA ILE A 142 22.11 46.39 -12.81
C ILE A 142 21.20 47.00 -13.86
N ASP A 143 21.79 47.88 -14.66
CA ASP A 143 21.12 48.63 -15.72
C ASP A 143 20.43 47.74 -16.75
N THR A 144 19.20 48.10 -17.10
CA THR A 144 18.45 47.32 -18.07
C THR A 144 19.26 46.84 -19.28
N LYS A 145 20.15 47.69 -19.79
CA LYS A 145 20.92 47.31 -20.97
C LYS A 145 21.78 46.07 -20.76
N HIS A 146 22.14 45.77 -19.51
CA HIS A 146 22.98 44.61 -19.23
C HIS A 146 22.19 43.34 -18.93
N LEU A 147 20.88 43.46 -18.88
CA LEU A 147 20.05 42.31 -18.56
C LEU A 147 19.47 41.60 -19.79
N PRO A 148 19.54 40.25 -19.78
CA PRO A 148 19.02 39.43 -20.87
C PRO A 148 17.57 39.80 -21.15
N SER A 149 17.04 39.29 -22.25
CA SER A 149 15.66 39.54 -22.62
C SER A 149 14.77 38.71 -21.67
N THR A 150 15.35 37.64 -21.13
CA THR A 150 14.64 36.76 -20.22
C THR A 150 14.67 37.26 -18.79
N CYS A 151 15.29 38.41 -18.54
CA CYS A 151 15.35 38.91 -17.17
C CYS A 151 14.99 40.38 -17.13
N ARG A 152 13.88 40.71 -17.78
CA ARG A 152 13.38 42.09 -17.83
C ARG A 152 12.12 42.20 -16.99
N ASP A 153 11.88 41.28 -16.06
CA ASP A 153 10.66 41.33 -15.25
C ASP A 153 10.51 42.49 -14.25
N ASN A 154 9.31 43.05 -14.19
CA ASN A 154 8.98 44.14 -13.26
C ASN A 154 8.42 43.60 -11.94
N PHE A 155 8.55 44.39 -10.89
CA PHE A 155 8.09 43.99 -9.58
C PHE A 155 6.67 43.43 -9.59
N ASP A 156 5.82 43.93 -10.48
CA ASP A 156 4.43 43.43 -10.52
C ASP A 156 4.11 42.45 -11.63
N ALA A 157 5.13 41.81 -12.19
CA ALA A 157 4.90 40.83 -13.23
C ALA A 157 4.07 39.69 -12.65
N LYS A 158 3.14 39.17 -13.42
CA LYS A 158 2.35 38.04 -12.93
C LYS A 158 2.45 36.91 -13.92
N MEA B 1 44.97 55.84 -49.42
CA MEA B 1 46.42 55.77 -49.07
C MEA B 1 46.72 54.80 -47.92
O MEA B 1 47.80 54.22 -47.86
N THR B 2 45.75 54.61 -47.02
CA THR B 2 45.99 53.86 -45.77
C THR B 2 44.83 53.02 -45.22
N LEU B 3 43.85 53.69 -44.62
CA LEU B 3 42.96 53.12 -43.60
C LEU B 3 41.94 52.12 -44.13
N ILE B 4 42.33 50.85 -44.21
CA ILE B 4 41.42 49.80 -44.67
C ILE B 4 41.23 48.68 -43.62
N GLU B 5 42.10 48.66 -42.61
CA GLU B 5 42.04 47.67 -41.55
C GLU B 5 40.82 47.90 -40.64
N LEU B 6 40.51 49.18 -40.39
CA LEU B 6 39.34 49.55 -39.61
C LEU B 6 38.05 49.35 -40.41
N MET B 7 38.13 49.62 -41.71
CA MET B 7 36.97 49.55 -42.60
C MET B 7 36.55 48.10 -42.92
N ILE B 8 37.53 47.23 -43.11
CA ILE B 8 37.25 45.82 -43.39
C ILE B 8 36.80 45.05 -42.14
N VAL B 9 37.48 45.31 -41.02
CA VAL B 9 37.17 44.63 -39.75
C VAL B 9 35.82 45.07 -39.13
N ILE B 10 35.36 46.28 -39.46
CA ILE B 10 34.01 46.69 -39.08
C ILE B 10 32.97 46.04 -40.00
N ALA B 11 33.40 45.69 -41.21
CA ALA B 11 32.53 45.10 -42.23
C ALA B 11 32.59 43.57 -42.24
N ILE B 12 33.54 42.98 -41.52
CA ILE B 12 33.56 41.53 -41.32
C ILE B 12 32.75 41.12 -40.09
N VAL B 13 32.68 42.01 -39.10
CA VAL B 13 31.85 41.80 -37.92
C VAL B 13 30.39 42.02 -38.28
N GLY B 14 30.14 42.93 -39.22
CA GLY B 14 28.81 43.17 -39.76
C GLY B 14 28.28 41.97 -40.52
N ILE B 15 29.11 41.38 -41.38
CA ILE B 15 28.72 40.18 -42.11
C ILE B 15 28.76 38.92 -41.25
N LEU B 16 29.55 38.97 -40.17
CA LEU B 16 29.62 37.88 -39.19
C LEU B 16 28.30 37.78 -38.43
N ALA B 17 27.69 38.93 -38.14
CA ALA B 17 26.38 38.99 -37.48
C ALA B 17 25.28 38.48 -38.40
N ALA B 18 25.42 38.74 -39.70
CA ALA B 18 24.47 38.28 -40.72
C ALA B 18 24.53 36.76 -40.92
N VAL B 19 25.72 36.19 -40.74
CA VAL B 19 25.91 34.73 -40.81
C VAL B 19 25.49 34.08 -39.48
N ALA B 20 25.72 34.78 -38.37
CA ALA B 20 25.31 34.31 -37.05
C ALA B 20 23.82 34.58 -36.78
N LEU B 21 23.17 35.28 -37.70
CA LEU B 21 21.76 35.64 -37.55
C LEU B 21 20.79 34.44 -37.67
N PRO B 22 20.88 33.64 -38.74
CA PRO B 22 19.99 32.49 -38.90
C PRO B 22 20.28 31.34 -37.93
N ALA B 23 21.53 31.23 -37.47
CA ALA B 23 21.92 30.20 -36.51
C ALA B 23 21.29 30.45 -35.14
N TYR B 24 21.35 31.71 -34.69
CA TYR B 24 20.75 32.13 -33.43
C TYR B 24 19.22 32.20 -33.54
N GLN B 25 18.74 32.55 -34.73
CA GLN B 25 17.30 32.52 -35.03
C GLN B 25 16.76 31.10 -35.16
N ASP B 26 17.62 30.16 -35.50
CA ASP B 26 16.67 28.68 -35.34
C ASP B 26 17.03 28.06 -34.01
N TYR B 27 18.23 28.33 -33.53
CA TYR B 27 18.64 27.80 -32.25
C TYR B 27 17.65 28.39 -31.27
N THR B 28 17.33 29.65 -31.51
CA THR B 28 16.42 30.39 -30.68
C THR B 28 15.00 29.81 -30.71
N ALA B 29 14.44 29.65 -31.90
CA ALA B 29 13.09 29.11 -32.05
C ALA B 29 13.02 27.70 -31.49
N ARG B 30 14.02 26.91 -31.82
CA ARG B 30 14.12 25.54 -31.38
C ARG B 30 14.15 25.50 -29.87
N ALA B 31 14.55 26.61 -29.27
CA ALA B 31 14.62 26.72 -27.81
C ALA B 31 13.25 27.08 -27.21
N GLN B 32 12.52 27.92 -27.94
CA GLN B 32 11.19 28.36 -27.52
C GLN B 32 10.15 27.25 -27.70
N VAL B 33 10.47 26.26 -28.53
CA VAL B 33 9.57 25.15 -28.76
C VAL B 33 9.83 24.09 -27.71
N SER B 34 11.09 23.97 -27.32
CA SER B 34 11.46 22.98 -26.31
C SER B 34 10.74 23.23 -25.00
N GLU B 35 10.19 24.43 -24.86
CA GLU B 35 9.47 24.76 -23.65
C GLU B 35 8.01 24.48 -23.79
N ALA B 36 7.47 24.73 -24.98
CA ALA B 36 6.08 24.44 -25.23
C ALA B 36 5.92 22.96 -24.89
N ILE B 37 6.99 22.22 -25.14
CA ILE B 37 7.00 20.80 -24.86
C ILE B 37 7.03 20.52 -23.37
N LEU B 38 7.76 21.33 -22.61
CA LEU B 38 7.86 21.10 -21.18
C LEU B 38 6.56 21.50 -20.51
N LEU B 39 5.89 22.48 -21.08
CA LEU B 39 4.63 22.94 -20.52
C LEU B 39 3.54 21.94 -20.85
N ALA B 40 3.69 21.26 -21.97
CA ALA B 40 2.73 20.27 -22.40
C ALA B 40 2.86 19.07 -21.48
N GLU B 41 4.09 18.67 -21.21
CA GLU B 41 4.34 17.53 -20.33
C GLU B 41 4.00 17.95 -18.90
N GLY B 42 4.16 17.04 -17.95
CA GLY B 42 3.86 17.37 -16.55
C GLY B 42 2.36 17.51 -16.37
N GLN B 43 1.67 17.35 -17.49
CA GLN B 43 0.23 17.38 -17.52
C GLN B 43 -0.14 16.01 -18.05
N LYS B 44 0.89 15.19 -18.22
CA LYS B 44 0.72 13.85 -18.68
C LYS B 44 0.18 13.10 -17.47
N SER B 45 0.74 13.45 -16.31
CA SER B 45 0.35 12.86 -15.04
C SER B 45 -1.15 12.89 -14.85
N ALA B 46 -1.73 14.08 -14.89
CA ALA B 46 -3.16 14.22 -14.72
C ALA B 46 -3.89 13.33 -15.74
N VAL B 47 -3.55 13.51 -17.00
CA VAL B 47 -4.18 12.74 -18.07
C VAL B 47 -4.02 11.24 -17.94
N THR B 48 -2.83 10.79 -17.56
CA THR B 48 -2.59 9.36 -17.40
C THR B 48 -3.47 8.82 -16.30
N GLU B 49 -3.41 9.46 -15.14
CA GLU B 49 -4.20 9.00 -14.03
C GLU B 49 -5.68 8.99 -14.41
N TYR B 50 -6.19 10.10 -14.95
CA TYR B 50 -7.60 10.12 -15.32
C TYR B 50 -7.96 8.91 -16.19
N TYR B 51 -7.14 8.61 -17.20
CA TYR B 51 -7.42 7.47 -18.07
C TYR B 51 -7.38 6.11 -17.36
N LEU B 52 -6.30 5.84 -16.63
CA LEU B 52 -6.17 4.57 -15.91
C LEU B 52 -7.24 4.38 -14.84
N ASN B 53 -7.64 5.47 -14.17
CA ASN B 53 -8.67 5.35 -13.15
C ASN B 53 -10.07 5.17 -13.73
N HIS B 54 -10.34 5.79 -14.88
CA HIS B 54 -11.68 5.70 -15.47
C HIS B 54 -11.81 4.96 -16.80
N GLY B 55 -10.72 4.81 -17.53
CA GLY B 55 -10.80 4.12 -18.80
C GLY B 55 -11.33 5.01 -19.91
N LYS B 56 -11.42 6.31 -19.64
CA LYS B 56 -11.87 7.29 -20.61
C LYS B 56 -10.88 8.46 -20.56
N TRP B 57 -10.55 9.05 -21.70
CA TRP B 57 -9.61 10.16 -21.74
C TRP B 57 -10.28 11.43 -21.23
N PRO B 58 -9.54 12.25 -20.46
CA PRO B 58 -10.14 13.50 -19.96
C PRO B 58 -10.58 14.41 -21.09
N GLU B 59 -11.86 14.80 -21.08
CA GLU B 59 -12.39 15.66 -22.14
C GLU B 59 -11.75 17.03 -22.24
N ASN B 60 -11.46 17.63 -21.09
CA ASN B 60 -10.84 18.95 -21.05
C ASN B 60 -10.01 19.15 -19.81
N ASN B 61 -9.32 20.28 -19.70
CA ASN B 61 -8.46 20.55 -18.56
C ASN B 61 -9.08 20.28 -17.20
N THR B 62 -10.32 20.75 -17.01
CA THR B 62 -11.01 20.55 -15.75
C THR B 62 -11.19 19.08 -15.45
N SER B 63 -11.55 18.31 -16.47
CA SER B 63 -11.69 16.88 -16.27
C SER B 63 -10.37 16.30 -15.81
N ALA B 64 -9.29 16.71 -16.47
CA ALA B 64 -7.96 16.20 -16.13
C ALA B 64 -7.52 16.70 -14.77
N GLY B 65 -8.23 17.70 -14.25
CA GLY B 65 -7.88 18.25 -12.96
C GLY B 65 -6.69 19.17 -13.10
N VAL B 66 -6.80 20.15 -13.99
CA VAL B 66 -5.74 21.12 -14.19
C VAL B 66 -6.39 22.45 -14.44
N ALA B 67 -5.62 23.53 -14.31
CA ALA B 67 -6.13 24.88 -14.52
C ALA B 67 -7.28 24.82 -15.51
N SER B 68 -8.50 24.85 -14.98
CA SER B 68 -9.70 24.77 -15.79
C SER B 68 -9.64 25.66 -17.02
N SER B 69 -8.73 26.62 -17.01
CA SER B 69 -8.60 27.56 -18.11
C SER B 69 -7.32 27.31 -18.92
N PRO B 70 -7.45 26.97 -20.21
CA PRO B 70 -6.27 26.71 -21.07
C PRO B 70 -5.23 27.80 -20.92
N THR B 71 -5.71 29.04 -20.97
CA THR B 71 -4.86 30.22 -20.85
C THR B 71 -4.15 30.32 -19.52
N ASP B 72 -4.52 29.47 -18.58
CA ASP B 72 -3.87 29.50 -17.29
C ASP B 72 -2.63 28.61 -17.28
N ILE B 73 -2.40 27.91 -18.40
CA ILE B 73 -1.25 27.03 -18.53
C ILE B 73 -0.34 27.57 -19.63
N LYS B 74 -0.12 28.89 -19.59
CA LYS B 74 0.72 29.55 -20.57
C LYS B 74 2.13 29.78 -20.05
N GLY B 75 2.96 30.35 -20.91
CA GLY B 75 4.32 30.64 -20.55
C GLY B 75 4.82 31.88 -21.26
N LYS B 76 6.13 31.96 -21.44
CA LYS B 76 6.78 33.08 -22.09
C LYS B 76 6.54 33.02 -23.60
N TYR B 77 6.69 31.83 -24.16
CA TYR B 77 6.49 31.61 -25.58
C TYR B 77 5.21 30.82 -25.78
N VAL B 78 4.66 30.33 -24.67
CA VAL B 78 3.45 29.54 -24.72
C VAL B 78 2.24 30.35 -24.35
N LYS B 79 1.30 30.44 -25.28
CA LYS B 79 0.08 31.20 -25.05
C LYS B 79 -0.94 30.35 -24.29
N GLU B 80 -0.68 29.04 -24.22
CA GLU B 80 -1.56 28.12 -23.50
C GLU B 80 -1.28 26.63 -23.72
N VAL B 81 -2.10 25.81 -23.08
CA VAL B 81 -2.02 24.36 -23.16
C VAL B 81 -3.41 23.84 -22.83
N GLU B 82 -4.03 23.20 -23.83
CA GLU B 82 -5.36 22.66 -23.68
C GLU B 82 -5.39 21.15 -23.80
N VAL B 83 -6.20 20.52 -22.96
CA VAL B 83 -6.37 19.08 -22.96
C VAL B 83 -7.68 18.86 -23.65
N LYS B 84 -7.63 18.13 -24.76
CA LYS B 84 -8.84 17.84 -25.52
C LYS B 84 -8.89 16.34 -25.77
N ASN B 85 -9.67 15.66 -24.92
CA ASN B 85 -9.83 14.21 -24.97
C ASN B 85 -8.50 13.48 -24.80
N GLY B 86 -7.77 13.85 -23.74
CA GLY B 86 -6.48 13.23 -23.46
C GLY B 86 -5.33 13.80 -24.25
N VAL B 87 -5.62 14.47 -25.37
CA VAL B 87 -4.58 15.07 -26.20
C VAL B 87 -4.25 16.42 -25.59
N VAL B 88 -2.97 16.68 -25.35
CA VAL B 88 -2.58 17.95 -24.78
C VAL B 88 -1.82 18.73 -25.84
N THR B 89 -2.38 19.87 -26.24
CA THR B 89 -1.80 20.73 -27.25
C THR B 89 -1.22 22.00 -26.66
N ALA B 90 -0.04 22.41 -27.12
CA ALA B 90 0.57 23.63 -26.60
C ALA B 90 0.66 24.68 -27.69
N THR B 91 0.14 25.87 -27.42
CA THR B 91 0.17 26.95 -28.40
C THR B 91 1.28 27.95 -28.10
N MET B 92 1.97 28.36 -29.17
CA MET B 92 3.05 29.33 -29.06
C MET B 92 2.46 30.73 -29.04
N LEU B 93 2.92 31.54 -28.10
CA LEU B 93 2.46 32.92 -27.97
C LEU B 93 2.63 33.63 -29.30
N SER B 94 2.41 34.94 -29.30
CA SER B 94 2.57 35.74 -30.51
C SER B 94 3.68 36.74 -30.28
N SER B 95 4.01 36.97 -29.02
CA SER B 95 5.05 37.92 -28.65
C SER B 95 6.19 37.24 -27.88
N GLY B 96 7.42 37.50 -28.30
CA GLY B 96 8.57 36.92 -27.63
C GLY B 96 9.11 35.66 -28.29
N VAL B 97 8.58 35.32 -29.46
CA VAL B 97 9.03 34.11 -30.17
C VAL B 97 9.70 34.38 -31.52
N ASN B 98 10.15 33.31 -32.18
CA ASN B 98 10.83 33.39 -33.46
C ASN B 98 10.11 34.31 -34.43
N ASN B 99 9.36 33.72 -35.35
CA ASN B 99 8.64 34.49 -36.35
C ASN B 99 7.81 33.51 -37.18
N GLU B 100 8.35 32.31 -37.37
CA GLU B 100 7.63 31.32 -38.14
C GLU B 100 7.13 30.21 -37.23
N ILE B 101 7.04 30.51 -35.94
CA ILE B 101 6.54 29.52 -34.99
C ILE B 101 5.47 30.06 -34.03
N LYS B 102 5.22 31.37 -34.05
CA LYS B 102 4.22 31.93 -33.15
C LYS B 102 2.81 31.56 -33.56
N GLY B 103 1.95 31.40 -32.56
CA GLY B 103 0.59 31.00 -32.81
C GLY B 103 0.59 29.58 -33.33
N LYS B 104 1.76 28.95 -33.31
CA LYS B 104 1.85 27.58 -33.79
C LYS B 104 1.90 26.62 -32.62
N LYS B 105 1.48 25.38 -32.84
CA LYS B 105 1.44 24.42 -31.75
C LYS B 105 1.78 22.96 -32.03
N LEU B 106 1.94 22.19 -30.95
CA LEU B 106 2.23 20.77 -31.01
C LEU B 106 1.28 20.00 -30.07
N SER B 107 1.34 18.68 -30.08
CA SER B 107 0.47 17.88 -29.24
C SER B 107 1.17 16.69 -28.64
N LEU B 108 0.63 16.25 -27.51
CA LEU B 108 1.11 15.11 -26.78
C LEU B 108 -0.14 14.30 -26.64
N TRP B 109 -0.08 13.02 -26.98
CA TRP B 109 -1.25 12.18 -26.85
C TRP B 109 -0.75 10.84 -26.42
N ALA B 110 -1.63 10.02 -25.90
CA ALA B 110 -1.19 8.72 -25.43
C ALA B 110 -1.99 7.60 -26.05
N ARG B 111 -1.59 6.39 -25.72
CA ARG B 111 -2.25 5.22 -26.25
C ARG B 111 -2.35 4.17 -25.17
N ARG B 112 -3.49 3.50 -25.12
CA ARG B 112 -3.72 2.44 -24.15
C ARG B 112 -2.72 1.32 -24.37
N GLU B 113 -1.95 0.98 -23.35
CA GLU B 113 -1.04 -0.14 -23.49
C GLU B 113 -1.71 -1.34 -22.86
N ASN B 114 -2.78 -1.04 -22.12
CA ASN B 114 -3.56 -2.05 -21.40
C ASN B 114 -2.87 -2.23 -20.06
N GLY B 115 -3.34 -1.46 -19.07
CA GLY B 115 -2.74 -1.52 -17.75
C GLY B 115 -1.83 -0.31 -17.55
N SER B 116 -1.52 0.34 -18.67
CA SER B 116 -0.68 1.53 -18.68
C SER B 116 -0.82 2.17 -20.06
N VAL B 117 -0.19 3.32 -20.26
CA VAL B 117 -0.25 4.00 -21.55
C VAL B 117 1.14 4.46 -21.96
N LYS B 118 1.32 4.74 -23.24
CA LYS B 118 2.57 5.25 -23.75
C LYS B 118 2.31 6.62 -24.40
N TRP B 119 3.20 7.57 -24.15
CA TRP B 119 3.01 8.91 -24.70
C TRP B 119 3.81 9.23 -25.97
N PHE B 120 3.22 10.08 -26.80
CA PHE B 120 3.84 10.49 -28.04
C PHE B 120 3.92 12.00 -28.02
N CYS B 121 4.80 12.55 -28.85
CA CYS B 121 5.00 13.99 -28.93
C CYS B 121 5.24 14.34 -30.39
N GLY B 122 4.49 15.30 -30.91
CA GLY B 122 4.67 15.69 -32.29
C GLY B 122 3.82 16.85 -32.72
N GLN B 123 3.49 16.90 -34.01
CA GLN B 123 2.68 17.97 -34.57
C GLN B 123 1.22 17.73 -34.22
N PRO B 124 0.47 18.80 -33.93
CA PRO B 124 -0.95 18.78 -33.55
C PRO B 124 -1.74 17.61 -34.07
N VAL B 125 -2.55 17.03 -33.19
CA VAL B 125 -3.38 15.90 -33.56
C VAL B 125 -4.74 15.99 -32.88
N THR B 126 -5.74 15.31 -33.44
CA THR B 126 -7.08 15.33 -32.87
C THR B 126 -7.41 13.91 -32.46
N ARG B 127 -8.19 13.70 -31.41
CA ARG B 127 -8.52 12.33 -31.06
C ARG B 127 -9.82 11.93 -31.76
N THR B 128 -9.79 10.75 -32.37
CA THR B 128 -10.94 10.22 -33.06
C THR B 128 -11.68 9.32 -32.08
N ASP B 129 -11.07 8.19 -31.75
CA ASP B 129 -11.66 7.28 -30.79
C ASP B 129 -10.67 7.08 -29.63
N ASP B 130 -11.04 6.33 -28.61
CA ASP B 130 -10.17 6.17 -27.44
C ASP B 130 -8.78 5.64 -27.72
N ASP B 131 -8.56 5.16 -28.93
CA ASP B 131 -7.25 4.63 -29.25
C ASP B 131 -6.80 5.06 -30.65
N THR B 132 -7.24 6.24 -31.07
CA THR B 132 -6.88 6.73 -32.38
C THR B 132 -7.02 8.24 -32.48
N VAL B 133 -5.99 8.88 -33.01
CA VAL B 133 -5.96 10.32 -33.21
C VAL B 133 -5.58 10.55 -34.66
N ALA B 134 -5.60 11.80 -35.12
CA ALA B 134 -5.25 12.11 -36.51
C ALA B 134 -4.74 13.52 -36.62
N ASP B 135 -3.96 13.76 -37.67
CA ASP B 135 -3.38 15.06 -37.90
C ASP B 135 -4.42 16.16 -37.85
N ALA B 136 -4.16 17.15 -37.02
CA ALA B 136 -5.06 18.28 -36.92
C ALA B 136 -4.58 19.16 -38.05
N LYS B 137 -4.54 18.61 -39.26
CA LYS B 137 -4.10 19.36 -40.45
C LYS B 137 -4.89 20.65 -40.59
N ASP B 138 -4.19 21.78 -40.53
CA ASP B 138 -4.87 23.06 -40.62
C ASP B 138 -3.92 24.20 -40.97
N GLY B 139 -2.62 23.96 -40.80
CA GLY B 139 -1.62 24.98 -41.13
C GLY B 139 -0.93 25.70 -39.99
N LYS B 140 -1.31 25.42 -38.75
CA LYS B 140 -0.69 26.09 -37.61
C LYS B 140 0.28 25.17 -36.82
N GLU B 141 0.69 24.06 -37.43
CA GLU B 141 1.61 23.15 -36.77
C GLU B 141 3.03 23.68 -36.76
N ILE B 142 3.74 23.51 -35.66
CA ILE B 142 5.12 23.94 -35.58
C ILE B 142 5.88 23.06 -36.57
N ASP B 143 6.64 23.71 -37.43
CA ASP B 143 7.45 23.09 -38.48
C ASP B 143 8.43 22.05 -37.98
N THR B 144 8.48 20.91 -38.64
CA THR B 144 9.38 19.85 -38.23
C THR B 144 10.78 20.32 -37.83
N LYS B 145 11.33 21.30 -38.55
CA LYS B 145 12.67 21.75 -38.22
C LYS B 145 12.82 22.30 -36.81
N HIS B 146 11.72 22.76 -36.22
CA HIS B 146 11.78 23.33 -34.87
C HIS B 146 11.50 22.30 -33.77
N LEU B 147 11.18 21.09 -34.16
CA LEU B 147 10.88 20.07 -33.17
C LEU B 147 12.05 19.15 -32.84
N PRO B 148 12.26 18.88 -31.55
CA PRO B 148 13.32 18.00 -31.07
C PRO B 148 13.26 16.67 -31.79
N SER B 149 14.30 15.87 -31.61
CA SER B 149 14.36 14.54 -32.22
C SER B 149 13.37 13.64 -31.44
N THR B 150 13.11 14.02 -30.19
CA THR B 150 12.21 13.26 -29.35
C THR B 150 10.76 13.63 -29.56
N CYS B 151 10.48 14.55 -30.47
CA CYS B 151 9.09 14.93 -30.69
C CYS B 151 8.77 14.96 -32.17
N ARG B 152 9.14 13.88 -32.85
CA ARG B 152 8.89 13.75 -34.28
C ARG B 152 7.82 12.69 -34.52
N ASP B 153 7.00 12.39 -33.52
CA ASP B 153 5.97 11.36 -33.68
C ASP B 153 4.80 11.67 -34.64
N ASN B 154 4.43 10.66 -35.43
CA ASN B 154 3.32 10.75 -36.38
C ASN B 154 2.01 10.28 -35.74
N PHE B 155 0.90 10.78 -36.28
CA PHE B 155 -0.41 10.45 -35.76
C PHE B 155 -0.60 8.94 -35.53
N ASP B 156 0.04 8.11 -36.35
CA ASP B 156 -0.14 6.66 -36.19
C ASP B 156 1.02 5.93 -35.52
N ALA B 157 1.85 6.65 -34.78
CA ALA B 157 2.96 6.04 -34.09
C ALA B 157 2.40 5.05 -33.07
N LYS B 158 3.04 3.91 -32.91
CA LYS B 158 2.56 2.96 -31.92
C LYS B 158 3.71 2.63 -30.99
N MEA C 1 43.77 42.43 -46.37
CA MEA C 1 43.73 43.85 -45.92
C MEA C 1 42.80 44.07 -44.71
O MEA C 1 43.04 44.97 -43.92
N THR C 2 41.77 43.23 -44.58
CA THR C 2 40.71 43.47 -43.58
C THR C 2 40.07 42.25 -42.92
N LEU C 3 39.20 41.57 -43.68
CA LEU C 3 38.12 40.74 -43.14
C LEU C 3 38.57 39.43 -42.49
N ILE C 4 38.91 39.47 -41.21
CA ILE C 4 39.32 38.28 -40.48
C ILE C 4 38.42 37.98 -39.27
N GLU C 5 37.62 38.97 -38.86
CA GLU C 5 36.71 38.83 -37.74
C GLU C 5 35.57 37.86 -38.06
N LEU C 6 35.09 37.92 -39.30
CA LEU C 6 34.04 37.01 -39.77
C LEU C 6 34.59 35.60 -40.01
N MET C 7 35.84 35.54 -40.49
CA MET C 7 36.48 34.28 -40.83
C MET C 7 36.91 33.48 -39.59
N ILE C 8 37.41 34.16 -38.57
CA ILE C 8 37.83 33.49 -37.34
C ILE C 8 36.63 33.08 -36.48
N VAL C 9 35.64 33.97 -36.38
CA VAL C 9 34.46 33.69 -35.55
C VAL C 9 33.53 32.62 -36.16
N ILE C 10 33.58 32.42 -37.46
CA ILE C 10 32.89 31.29 -38.09
C ILE C 10 33.67 29.99 -37.87
N ALA C 11 34.98 30.13 -37.67
CA ALA C 11 35.88 28.99 -37.46
C ALA C 11 36.13 28.66 -35.99
N ILE C 12 35.69 29.55 -35.10
CA ILE C 12 35.72 29.24 -33.66
C ILE C 12 34.42 28.55 -33.21
N VAL C 13 33.32 28.86 -33.90
CA VAL C 13 32.04 28.21 -33.67
C VAL C 13 32.06 26.79 -34.26
N GLY C 14 32.81 26.65 -35.36
CA GLY C 14 33.03 25.35 -35.98
C GLY C 14 33.84 24.42 -35.08
N ILE C 15 34.92 24.93 -34.49
CA ILE C 15 35.73 24.15 -33.56
C ILE C 15 35.07 24.01 -32.19
N LEU C 16 34.17 24.95 -31.86
CA LEU C 16 33.39 24.90 -30.62
C LEU C 16 32.41 23.72 -30.67
N ALA C 17 31.85 23.48 -31.85
CA ALA C 17 30.95 22.35 -32.08
C ALA C 17 31.69 21.01 -32.00
N ALA C 18 32.94 21.02 -32.46
CA ALA C 18 33.81 19.84 -32.40
C ALA C 18 34.23 19.49 -30.97
N VAL C 19 34.37 20.51 -30.13
CA VAL C 19 34.67 20.32 -28.72
C VAL C 19 33.40 19.96 -27.95
N ALA C 20 32.27 20.53 -28.37
CA ALA C 20 30.98 20.23 -27.76
C ALA C 20 30.38 18.92 -28.27
N LEU C 21 31.05 18.31 -29.26
CA LEU C 21 30.58 17.08 -29.89
C LEU C 21 30.67 15.85 -28.98
N PRO C 22 31.85 15.55 -28.39
CA PRO C 22 31.99 14.40 -27.50
C PRO C 22 31.27 14.55 -26.16
N ALA C 23 31.08 15.78 -25.70
CA ALA C 23 30.37 16.05 -24.45
C ALA C 23 28.88 15.72 -24.58
N TYR C 24 28.28 16.16 -25.68
CA TYR C 24 26.87 15.89 -25.98
C TYR C 24 26.68 14.43 -26.41
N GLN C 25 27.69 13.87 -27.07
CA GLN C 25 27.71 12.45 -27.42
C GLN C 25 27.92 11.55 -26.20
N ASP C 26 28.56 12.09 -25.15
CA ASP C 26 28.43 10.84 -23.92
C ASP C 26 27.29 11.24 -23.01
N TYR C 27 27.03 12.53 -22.92
CA TYR C 27 25.93 12.98 -22.08
C TYR C 27 24.72 12.33 -22.69
N THR C 28 24.71 12.31 -24.01
CA THR C 28 23.61 11.74 -24.76
C THR C 28 23.45 10.25 -24.53
N ALA C 29 24.52 9.49 -24.71
CA ALA C 29 24.47 8.04 -24.51
C ALA C 29 24.12 7.70 -23.08
N ARG C 30 24.74 8.41 -22.16
CA ARG C 30 24.53 8.24 -20.74
C ARG C 30 23.08 8.50 -20.42
N ALA C 31 22.41 9.24 -21.29
CA ALA C 31 20.99 9.57 -21.11
C ALA C 31 20.10 8.45 -21.64
N GLN C 32 20.54 7.84 -22.74
CA GLN C 32 19.82 6.73 -23.38
C GLN C 32 19.94 5.44 -22.57
N VAL C 33 20.95 5.38 -21.72
CA VAL C 33 21.15 4.20 -20.89
C VAL C 33 20.33 4.36 -19.63
N SER C 34 20.21 5.59 -19.15
CA SER C 34 19.45 5.86 -17.94
C SER C 34 18.01 5.43 -18.10
N GLU C 35 17.59 5.22 -19.34
CA GLU C 35 16.23 4.81 -19.60
C GLU C 35 16.12 3.32 -19.67
N ALA C 36 17.13 2.68 -20.25
CA ALA C 36 17.15 1.24 -20.31
C ALA C 36 16.99 0.79 -18.87
N ILE C 37 17.55 1.59 -17.97
CA ILE C 37 17.48 1.28 -16.56
C ILE C 37 16.07 1.48 -16.00
N LEU C 38 15.38 2.49 -16.49
CA LEU C 38 14.03 2.75 -15.99
C LEU C 38 13.06 1.71 -16.52
N LEU C 39 13.35 1.22 -17.73
CA LEU C 39 12.50 0.23 -18.33
C LEU C 39 12.75 -1.13 -17.68
N ALA C 40 13.97 -1.31 -17.19
CA ALA C 40 14.33 -2.56 -16.54
C ALA C 40 13.64 -2.58 -15.18
N GLU C 41 13.67 -1.46 -14.49
CA GLU C 41 13.02 -1.37 -13.18
C GLU C 41 11.52 -1.37 -13.39
N GLY C 42 10.75 -1.29 -12.31
CA GLY C 42 9.29 -1.28 -12.44
C GLY C 42 8.80 -2.65 -12.86
N GLN C 43 9.77 -3.53 -13.06
CA GLN C 43 9.53 -4.89 -13.41
C GLN C 43 10.15 -5.67 -12.28
N LYS C 44 10.63 -4.92 -11.31
CA LYS C 44 11.24 -5.49 -10.13
C LYS C 44 10.06 -5.98 -9.32
N SER C 45 9.00 -5.18 -9.32
CA SER C 45 7.77 -5.51 -8.59
C SER C 45 7.30 -6.92 -8.92
N ALA C 46 7.05 -7.17 -10.20
CA ALA C 46 6.59 -8.48 -10.61
C ALA C 46 7.55 -9.55 -10.11
N VAL C 47 8.83 -9.39 -10.43
CA VAL C 47 9.84 -10.35 -10.04
C VAL C 47 9.97 -10.53 -8.53
N THR C 48 9.89 -9.45 -7.78
CA THR C 48 9.98 -9.56 -6.33
C THR C 48 8.81 -10.36 -5.78
N GLU C 49 7.61 -9.97 -6.18
CA GLU C 49 6.45 -10.66 -5.71
C GLU C 49 6.54 -12.14 -6.09
N TYR C 50 6.80 -12.43 -7.37
CA TYR C 50 6.89 -13.84 -7.75
C TYR C 50 7.82 -14.62 -6.84
N TYR C 51 9.01 -14.07 -6.56
CA TYR C 51 9.96 -14.74 -5.69
C TYR C 51 9.47 -14.93 -4.24
N LEU C 52 9.01 -13.85 -3.61
CA LEU C 52 8.51 -13.94 -2.23
C LEU C 52 7.30 -14.84 -2.09
N ASN C 53 6.42 -14.85 -3.09
CA ASN C 53 5.24 -15.70 -3.01
C ASN C 53 5.55 -17.18 -3.27
N HIS C 54 6.53 -17.46 -4.13
CA HIS C 54 6.85 -18.84 -4.43
C HIS C 54 8.23 -19.37 -4.00
N GLY C 55 9.17 -18.47 -3.75
CA GLY C 55 10.48 -18.92 -3.34
C GLY C 55 11.33 -19.38 -4.50
N LYS C 56 10.87 -19.11 -5.73
CA LYS C 56 11.59 -19.44 -6.95
C LYS C 56 11.56 -18.20 -7.84
N TRP C 57 12.65 -17.92 -8.55
CA TRP C 57 12.71 -16.75 -9.42
C TRP C 57 11.92 -17.00 -10.68
N PRO C 58 11.20 -15.98 -11.16
CA PRO C 58 10.41 -16.15 -12.40
C PRO C 58 11.29 -16.53 -13.57
N GLU C 59 10.98 -17.65 -14.23
CA GLU C 59 11.79 -18.11 -15.36
C GLU C 59 11.81 -17.16 -16.55
N ASN C 60 10.67 -16.56 -16.86
CA ASN C 60 10.58 -15.65 -17.99
C ASN C 60 9.50 -14.60 -17.76
N ASN C 61 9.37 -13.65 -18.67
CA ASN C 61 8.39 -12.58 -18.54
C ASN C 61 6.99 -13.03 -18.16
N THR C 62 6.50 -14.07 -18.84
CA THR C 62 5.16 -14.58 -18.59
C THR C 62 5.05 -15.07 -17.16
N SER C 63 6.08 -15.76 -16.68
CA SER C 63 6.06 -16.23 -15.30
C SER C 63 5.95 -15.03 -14.38
N ALA C 64 6.75 -14.00 -14.65
CA ALA C 64 6.74 -12.81 -13.81
C ALA C 64 5.43 -12.04 -13.95
N GLY C 65 4.66 -12.40 -14.96
CA GLY C 65 3.39 -11.72 -15.18
C GLY C 65 3.63 -10.37 -15.82
N VAL C 66 4.33 -10.37 -16.95
CA VAL C 66 4.61 -9.15 -17.69
C VAL C 66 4.52 -9.49 -19.16
N ALA C 67 4.40 -8.47 -19.99
CA ALA C 67 4.30 -8.66 -21.44
C ALA C 67 5.06 -9.92 -21.81
N SER C 68 4.30 -11.00 -22.01
CA SER C 68 4.87 -12.30 -22.35
C SER C 68 5.94 -12.21 -23.41
N SER C 69 5.97 -11.09 -24.13
CA SER C 69 6.93 -10.91 -25.21
C SER C 69 8.00 -9.87 -24.84
N PRO C 70 9.29 -10.29 -24.77
CA PRO C 70 10.38 -9.36 -24.42
C PRO C 70 10.28 -8.07 -25.22
N THR C 71 10.07 -8.23 -26.52
CA THR C 71 9.95 -7.11 -27.45
C THR C 71 8.77 -6.19 -27.13
N ASP C 72 7.91 -6.62 -26.23
CA ASP C 72 6.77 -5.78 -25.88
C ASP C 72 7.14 -4.81 -24.76
N ILE C 73 8.37 -4.95 -24.24
CA ILE C 73 8.85 -4.08 -23.17
C ILE C 73 10.02 -3.25 -23.69
N LYS C 74 9.84 -2.70 -24.89
CA LYS C 74 10.85 -1.89 -25.53
C LYS C 74 10.59 -0.41 -25.34
N GLY C 75 11.51 0.40 -25.87
CA GLY C 75 11.39 1.83 -25.78
C GLY C 75 12.01 2.50 -27.00
N LYS C 76 12.42 3.74 -26.81
CA LYS C 76 13.03 4.54 -27.87
C LYS C 76 14.44 4.05 -28.14
N TYR C 77 15.18 3.81 -27.07
CA TYR C 77 16.55 3.35 -27.16
C TYR C 77 16.61 1.90 -26.72
N VAL C 78 15.49 1.43 -26.18
CA VAL C 78 15.42 0.06 -25.69
C VAL C 78 14.71 -0.83 -26.66
N LYS C 79 15.41 -1.85 -27.13
CA LYS C 79 14.85 -2.80 -28.07
C LYS C 79 14.04 -3.86 -27.34
N GLU C 80 14.20 -3.94 -26.02
CA GLU C 80 13.46 -4.88 -25.19
C GLU C 80 13.94 -5.02 -23.75
N VAL C 81 13.27 -5.90 -23.03
CA VAL C 81 13.57 -6.19 -21.64
C VAL C 81 13.06 -7.61 -21.37
N GLU C 82 13.99 -8.51 -21.08
CA GLU C 82 13.66 -9.90 -20.82
C GLU C 82 13.99 -10.30 -19.40
N VAL C 83 13.10 -11.11 -18.82
CA VAL C 83 13.27 -11.63 -17.48
C VAL C 83 13.73 -13.05 -17.68
N LYS C 84 14.91 -13.35 -17.18
CA LYS C 84 15.46 -14.70 -17.30
C LYS C 84 15.90 -15.16 -15.92
N ASN C 85 15.03 -15.95 -15.27
CA ASN C 85 15.24 -16.47 -13.93
C ASN C 85 15.44 -15.35 -12.91
N GLY C 86 14.50 -14.39 -12.91
CA GLY C 86 14.57 -13.28 -11.98
C GLY C 86 15.48 -12.14 -12.42
N VAL C 87 16.41 -12.43 -13.33
CA VAL C 87 17.33 -11.41 -13.84
C VAL C 87 16.61 -10.67 -14.95
N VAL C 88 16.59 -9.35 -14.87
CA VAL C 88 15.94 -8.57 -15.90
C VAL C 88 17.00 -7.81 -16.68
N THR C 89 17.12 -8.13 -17.96
CA THR C 89 18.11 -7.53 -18.84
C THR C 89 17.46 -6.57 -19.84
N ALA C 90 18.07 -5.41 -20.06
CA ALA C 90 17.51 -4.44 -20.99
C ALA C 90 18.44 -4.26 -22.18
N THR C 91 17.91 -4.43 -23.39
CA THR C 91 18.71 -4.28 -24.59
C THR C 91 18.50 -2.93 -25.26
N MET C 92 19.61 -2.34 -25.70
CA MET C 92 19.58 -1.05 -26.36
C MET C 92 19.25 -1.26 -27.84
N LEU C 93 18.31 -0.47 -28.33
CA LEU C 93 17.90 -0.55 -29.73
C LEU C 93 19.13 -0.42 -30.63
N SER C 94 18.90 -0.30 -31.93
CA SER C 94 20.00 -0.15 -32.88
C SER C 94 19.85 1.20 -33.57
N SER C 95 18.65 1.77 -33.47
CA SER C 95 18.36 3.07 -34.09
C SER C 95 17.93 4.10 -33.04
N GLY C 96 18.54 5.28 -33.11
CA GLY C 96 18.21 6.34 -32.17
C GLY C 96 19.12 6.44 -30.97
N VAL C 97 20.21 5.67 -30.97
CA VAL C 97 21.15 5.68 -29.85
C VAL C 97 22.56 6.18 -30.20
N ASN C 98 23.43 6.24 -29.20
CA ASN C 98 24.80 6.71 -29.37
C ASN C 98 25.47 6.10 -30.58
N ASN C 99 26.30 5.10 -30.35
CA ASN C 99 27.02 4.44 -31.43
C ASN C 99 27.80 3.28 -30.82
N GLU C 100 28.26 3.46 -29.59
CA GLU C 100 29.01 2.41 -28.93
C GLU C 100 28.19 1.80 -27.82
N ILE C 101 26.88 1.98 -27.88
CA ILE C 101 25.99 1.42 -26.88
C ILE C 101 24.77 0.68 -27.45
N LYS C 102 24.57 0.76 -28.75
CA LYS C 102 23.42 0.08 -29.35
C LYS C 102 23.59 -1.43 -29.37
N GLY C 103 22.47 -2.14 -29.23
CA GLY C 103 22.51 -3.57 -29.20
C GLY C 103 23.22 -4.00 -27.93
N LYS C 104 23.51 -3.04 -27.06
CA LYS C 104 24.20 -3.36 -25.81
C LYS C 104 23.20 -3.37 -24.68
N LYS C 105 23.50 -4.11 -23.61
CA LYS C 105 22.58 -4.21 -22.50
C LYS C 105 23.12 -4.30 -21.08
N LEU C 106 22.22 -4.16 -20.11
CA LEU C 106 22.52 -4.24 -18.69
C LEU C 106 21.53 -5.20 -18.00
N SER C 107 21.75 -5.47 -16.72
CA SER C 107 20.87 -6.37 -15.99
C SER C 107 20.59 -5.91 -14.58
N LEU C 108 19.45 -6.35 -14.07
CA LEU C 108 19.00 -6.05 -12.73
C LEU C 108 18.74 -7.44 -12.21
N TRP C 109 19.26 -7.75 -11.03
CA TRP C 109 19.02 -9.06 -10.46
C TRP C 109 18.89 -8.84 -8.98
N ALA C 110 18.32 -9.80 -8.29
CA ALA C 110 18.14 -9.62 -6.87
C ALA C 110 18.75 -10.76 -6.09
N ARG C 111 18.68 -10.63 -4.78
CA ARG C 111 19.23 -11.64 -3.90
C ARG C 111 18.31 -11.82 -2.71
N ARG C 112 18.13 -13.07 -2.31
CA ARG C 112 17.30 -13.39 -1.17
C ARG C 112 17.87 -12.76 0.08
N GLU C 113 17.07 -11.94 0.77
CA GLU C 113 17.54 -11.37 2.01
C GLU C 113 16.96 -12.21 3.12
N ASN C 114 16.00 -13.05 2.75
CA ASN C 114 15.29 -13.93 3.68
C ASN C 114 14.14 -13.11 4.24
N GLY C 115 12.99 -13.21 3.59
CA GLY C 115 11.83 -12.44 4.02
C GLY C 115 11.65 -11.25 3.09
N SER C 116 12.70 -10.96 2.33
CA SER C 116 12.71 -9.86 1.38
C SER C 116 13.93 -10.06 0.48
N VAL C 117 14.08 -9.20 -0.53
CA VAL C 117 15.22 -9.29 -1.42
C VAL C 117 15.82 -7.91 -1.64
N LYS C 118 17.07 -7.88 -2.11
CA LYS C 118 17.73 -6.62 -2.42
C LYS C 118 18.11 -6.64 -3.90
N TRP C 119 17.92 -5.52 -4.58
CA TRP C 119 18.24 -5.44 -6.00
C TRP C 119 19.57 -4.80 -6.36
N PHE C 120 20.14 -5.29 -7.46
CA PHE C 120 21.41 -4.80 -7.95
C PHE C 120 21.19 -4.33 -9.37
N CYS C 121 22.09 -3.49 -9.86
CA CYS C 121 22.00 -2.96 -11.22
C CYS C 121 23.41 -2.87 -11.76
N GLY C 122 23.64 -3.42 -12.95
CA GLY C 122 24.96 -3.37 -13.52
C GLY C 122 25.05 -3.97 -14.90
N GLN C 123 26.23 -4.46 -15.26
CA GLN C 123 26.46 -5.07 -16.56
C GLN C 123 25.87 -6.47 -16.59
N PRO C 124 25.29 -6.87 -17.73
CA PRO C 124 24.65 -8.18 -17.95
C PRO C 124 25.17 -9.31 -17.09
N VAL C 125 24.24 -10.09 -16.55
CA VAL C 125 24.60 -11.21 -15.72
C VAL C 125 23.66 -12.39 -15.98
N THR C 126 24.10 -13.60 -15.65
CA THR C 126 23.28 -14.79 -15.86
C THR C 126 23.02 -15.39 -14.49
N ARG C 127 21.88 -16.02 -14.27
CA ARG C 127 21.68 -16.63 -12.97
C ARG C 127 22.16 -18.07 -12.98
N THR C 128 22.91 -18.44 -11.96
CA THR C 128 23.44 -19.78 -11.83
C THR C 128 22.47 -20.55 -10.95
N ASP C 129 22.42 -20.20 -9.68
CA ASP C 129 21.51 -20.83 -8.74
C ASP C 129 20.61 -19.74 -8.13
N ASP C 130 19.64 -20.14 -7.30
CA ASP C 130 18.71 -19.16 -6.76
C ASP C 130 19.32 -18.00 -5.99
N ASP C 131 20.60 -18.11 -5.69
CA ASP C 131 21.25 -17.03 -4.96
C ASP C 131 22.63 -16.70 -5.54
N THR C 132 22.79 -16.91 -6.84
CA THR C 132 24.06 -16.65 -7.47
C THR C 132 23.92 -16.43 -8.96
N VAL C 133 24.54 -15.36 -9.45
CA VAL C 133 24.54 -15.00 -10.87
C VAL C 133 25.99 -14.81 -11.27
N ALA C 134 26.25 -14.61 -12.56
CA ALA C 134 27.63 -14.40 -13.02
C ALA C 134 27.64 -13.59 -14.29
N ASP C 135 28.77 -12.94 -14.55
CA ASP C 135 28.93 -12.10 -15.71
C ASP C 135 28.51 -12.81 -16.97
N ALA C 136 27.61 -12.20 -17.72
CA ALA C 136 27.19 -12.76 -18.98
C ALA C 136 28.26 -12.26 -19.94
N LYS C 137 29.52 -12.55 -19.62
CA LYS C 137 30.65 -12.13 -20.44
C LYS C 137 30.45 -12.58 -21.88
N ASP C 138 30.37 -11.63 -22.80
CA ASP C 138 30.15 -11.97 -24.20
C ASP C 138 30.51 -10.83 -25.15
N GLY C 139 30.63 -9.62 -24.62
CA GLY C 139 31.00 -8.47 -25.43
C GLY C 139 29.93 -7.45 -25.76
N LYS C 140 28.69 -7.69 -25.34
CA LYS C 140 27.61 -6.75 -25.64
C LYS C 140 27.16 -5.93 -24.40
N GLU C 141 27.99 -5.91 -23.37
CA GLU C 141 27.66 -5.15 -22.16
C GLU C 141 27.85 -3.66 -22.37
N ILE C 142 26.94 -2.86 -21.84
CA ILE C 142 27.08 -1.41 -21.94
C ILE C 142 28.31 -1.06 -21.11
N ASP C 143 29.20 -0.30 -21.74
CA ASP C 143 30.46 0.14 -21.15
C ASP C 143 30.31 0.91 -19.85
N THR C 144 31.14 0.57 -18.87
CA THR C 144 31.06 1.24 -17.57
C THR C 144 30.88 2.75 -17.65
N LYS C 145 31.54 3.40 -18.60
CA LYS C 145 31.43 4.85 -18.69
C LYS C 145 30.01 5.34 -18.92
N HIS C 146 29.15 4.50 -19.49
CA HIS C 146 27.77 4.91 -19.77
C HIS C 146 26.80 4.57 -18.66
N LEU C 147 27.28 3.90 -17.63
CA LEU C 147 26.41 3.50 -16.53
C LEU C 147 26.45 4.45 -15.34
N PRO C 148 25.27 4.79 -14.80
CA PRO C 148 25.13 5.66 -13.64
C PRO C 148 26.01 5.16 -12.50
N SER C 149 26.16 5.98 -11.48
CA SER C 149 26.94 5.61 -10.31
C SER C 149 26.12 4.58 -9.52
N THR C 150 24.81 4.61 -9.70
CA THR C 150 23.91 3.71 -9.01
C THR C 150 23.79 2.37 -9.73
N CYS C 151 24.49 2.18 -10.84
CA CYS C 151 24.38 0.92 -11.55
C CYS C 151 25.74 0.39 -11.91
N ARG C 152 26.63 0.37 -10.92
CA ARG C 152 27.99 -0.12 -11.11
C ARG C 152 28.16 -1.44 -10.38
N ASP C 153 27.08 -2.15 -10.08
CA ASP C 153 27.17 -3.41 -9.34
C ASP C 153 27.83 -4.60 -10.07
N ASN C 154 28.67 -5.33 -9.34
CA ASN C 154 29.36 -6.52 -9.83
C ASN C 154 28.55 -7.79 -9.56
N PHE C 155 28.79 -8.81 -10.37
CA PHE C 155 28.07 -10.07 -10.25
C PHE C 155 28.03 -10.58 -8.80
N ASP C 156 29.07 -10.31 -8.02
CA ASP C 156 29.08 -10.81 -6.64
C ASP C 156 28.76 -9.77 -5.56
N ALA C 157 28.11 -8.69 -5.94
CA ALA C 157 27.73 -7.67 -4.98
C ALA C 157 26.78 -8.30 -3.97
N LYS C 158 26.90 -7.94 -2.70
CA LYS C 158 25.98 -8.48 -1.72
C LYS C 158 25.36 -7.31 -0.98
N MEA D 1 42.47 38.44 -33.21
CA MEA D 1 41.82 38.82 -34.50
C MEA D 1 40.45 38.18 -34.70
O MEA D 1 39.59 38.75 -35.36
N THR D 2 40.23 37.00 -34.10
CA THR D 2 39.02 36.20 -34.37
C THR D 2 38.43 35.38 -33.22
N LEU D 3 39.10 34.28 -32.89
CA LEU D 3 38.48 33.12 -32.24
C LEU D 3 38.12 33.33 -30.75
N ILE D 4 36.93 33.87 -30.50
CA ILE D 4 36.48 34.07 -29.13
C ILE D 4 35.17 33.34 -28.82
N GLU D 5 34.48 32.87 -29.86
CA GLU D 5 33.22 32.14 -29.72
C GLU D 5 33.45 30.77 -29.11
N LEU D 6 34.55 30.12 -29.49
CA LEU D 6 34.94 28.83 -28.94
C LEU D 6 35.47 28.96 -27.52
N MET D 7 36.20 30.06 -27.27
CA MET D 7 36.83 30.32 -25.98
C MET D 7 35.83 30.72 -24.89
N ILE D 8 34.83 31.53 -25.24
CA ILE D 8 33.81 31.95 -24.29
C ILE D 8 32.80 30.85 -24.00
N VAL D 9 32.37 30.13 -25.04
CA VAL D 9 31.40 29.06 -24.89
C VAL D 9 31.95 27.81 -24.17
N ILE D 10 33.26 27.61 -24.21
CA ILE D 10 33.89 26.57 -23.39
C ILE D 10 34.02 27.03 -21.93
N ALA D 11 34.04 28.35 -21.75
CA ALA D 11 34.18 28.96 -20.43
C ALA D 11 32.85 29.34 -19.79
N ILE D 12 31.77 29.29 -20.57
CA ILE D 12 30.42 29.45 -20.01
C ILE D 12 29.84 28.12 -19.55
N VAL D 13 30.25 27.03 -20.20
CA VAL D 13 29.86 25.67 -19.81
C VAL D 13 30.65 25.27 -18.56
N GLY D 14 31.88 25.77 -18.46
CA GLY D 14 32.71 25.57 -17.27
C GLY D 14 32.12 26.24 -16.05
N ILE D 15 31.69 27.49 -16.20
CA ILE D 15 31.05 28.22 -15.10
C ILE D 15 29.60 27.77 -14.87
N LEU D 16 28.98 27.19 -15.90
CA LEU D 16 27.64 26.63 -15.79
C LEU D 16 27.66 25.40 -14.89
N ALA D 17 28.73 24.62 -14.99
CA ALA D 17 28.94 23.44 -14.14
C ALA D 17 29.20 23.84 -12.69
N ALA D 18 29.88 24.97 -12.50
CA ALA D 18 30.16 25.50 -11.17
C ALA D 18 28.92 26.04 -10.48
N VAL D 19 27.98 26.56 -11.28
CA VAL D 19 26.69 27.03 -10.77
C VAL D 19 25.73 25.84 -10.56
N ALA D 20 25.84 24.84 -11.43
CA ALA D 20 25.04 23.62 -11.32
C ALA D 20 25.62 22.64 -10.28
N LEU D 21 26.79 22.98 -9.73
CA LEU D 21 27.48 22.12 -8.78
C LEU D 21 26.79 22.05 -7.40
N PRO D 22 26.49 23.20 -6.77
CA PRO D 22 25.82 23.18 -5.45
C PRO D 22 24.35 22.74 -5.52
N ALA D 23 23.70 22.94 -6.66
CA ALA D 23 22.30 22.51 -6.84
C ALA D 23 22.19 20.99 -6.88
N TYR D 24 23.08 20.35 -7.62
CA TYR D 24 23.14 18.89 -7.73
C TYR D 24 23.71 18.28 -6.45
N GLN D 25 24.64 19.00 -5.81
CA GLN D 25 25.18 18.61 -4.50
C GLN D 25 24.16 18.79 -3.38
N ASP D 26 23.20 19.69 -3.57
CA ASP D 26 22.15 19.46 -2.17
C ASP D 26 20.99 18.61 -2.62
N TYR D 27 20.66 18.69 -3.91
CA TYR D 27 19.58 17.89 -4.44
C TYR D 27 20.02 16.46 -4.18
N THR D 28 21.31 16.25 -4.41
CA THR D 28 21.90 14.94 -4.23
C THR D 28 21.85 14.46 -2.80
N ALA D 29 22.35 15.26 -1.86
CA ALA D 29 22.35 14.89 -0.45
C ALA D 29 20.94 14.68 0.05
N ARG D 30 20.07 15.60 -0.33
CA ARG D 30 18.67 15.58 0.06
C ARG D 30 18.04 14.30 -0.44
N ALA D 31 18.65 13.72 -1.47
CA ALA D 31 18.15 12.47 -2.06
C ALA D 31 18.65 11.26 -1.27
N GLN D 32 19.89 11.35 -0.79
CA GLN D 32 20.53 10.29 -0.01
C GLN D 32 19.96 10.21 1.40
N VAL D 33 19.32 11.29 1.84
CA VAL D 33 18.72 11.33 3.17
C VAL D 33 17.31 10.78 3.07
N SER D 34 16.66 11.05 1.94
CA SER D 34 15.30 10.57 1.75
C SER D 34 15.23 9.06 1.81
N GLU D 35 16.38 8.42 1.70
CA GLU D 35 16.43 6.96 1.74
C GLU D 35 16.69 6.49 3.14
N ALA D 36 17.52 7.22 3.87
CA ALA D 36 17.80 6.86 5.23
C ALA D 36 16.44 6.82 5.90
N ILE D 37 15.56 7.69 5.42
CA ILE D 37 14.21 7.78 5.96
C ILE D 37 13.38 6.57 5.57
N LEU D 38 13.57 6.07 4.36
CA LEU D 38 12.78 4.93 3.90
C LEU D 38 13.26 3.66 4.59
N LEU D 39 14.55 3.64 4.90
CA LEU D 39 15.12 2.47 5.56
C LEU D 39 14.72 2.48 7.03
N ALA D 40 14.52 3.67 7.56
CA ALA D 40 14.12 3.82 8.95
C ALA D 40 12.68 3.35 9.07
N GLU D 41 11.85 3.77 8.13
CA GLU D 41 10.45 3.39 8.14
C GLU D 41 10.35 1.91 7.78
N GLY D 42 9.14 1.36 7.74
CA GLY D 42 8.99 -0.05 7.38
C GLY D 42 9.49 -0.93 8.51
N GLN D 43 9.99 -0.24 9.53
CA GLN D 43 10.49 -0.87 10.72
C GLN D 43 9.61 -0.29 11.81
N LYS D 44 8.66 0.52 11.37
CA LYS D 44 7.71 1.13 12.27
C LYS D 44 6.77 0.01 12.62
N SER D 45 6.45 -0.81 11.64
CA SER D 45 5.55 -1.95 11.82
C SER D 45 5.98 -2.81 12.99
N ALA D 46 7.21 -3.31 12.95
CA ALA D 46 7.70 -4.13 14.03
C ALA D 46 7.55 -3.39 15.37
N VAL D 47 8.10 -2.18 15.41
CA VAL D 47 8.04 -1.38 16.63
C VAL D 47 6.63 -1.08 17.12
N THR D 48 5.72 -0.77 16.20
CA THR D 48 4.36 -0.48 16.58
C THR D 48 3.72 -1.72 17.20
N GLU D 49 3.81 -2.82 16.49
CA GLU D 49 3.22 -4.04 16.98
C GLU D 49 3.81 -4.37 18.35
N TYR D 50 5.15 -4.40 18.46
CA TYR D 50 5.74 -4.72 19.75
C TYR D 50 5.15 -3.87 20.87
N TYR D 51 5.03 -2.56 20.65
CA TYR D 51 4.46 -1.68 21.67
C TYR D 51 2.98 -1.98 22.01
N LEU D 52 2.13 -2.05 20.99
CA LEU D 52 0.72 -2.33 21.21
C LEU D 52 0.47 -3.71 21.84
N ASN D 53 1.27 -4.69 21.47
CA ASN D 53 1.08 -6.03 22.04
C ASN D 53 1.60 -6.12 23.48
N HIS D 54 2.66 -5.39 23.81
CA HIS D 54 3.22 -5.47 25.15
C HIS D 54 3.14 -4.23 26.03
N GLY D 55 2.95 -3.07 25.42
CA GLY D 55 2.88 -1.86 26.22
C GLY D 55 4.24 -1.33 26.63
N LYS D 56 5.29 -1.90 26.04
CA LYS D 56 6.67 -1.49 26.30
C LYS D 56 7.35 -1.35 24.94
N TRP D 57 8.21 -0.34 24.78
CA TRP D 57 8.89 -0.13 23.51
C TRP D 57 10.00 -1.15 23.34
N PRO D 58 10.20 -1.66 22.11
CA PRO D 58 11.26 -2.65 21.89
C PRO D 58 12.63 -2.08 22.22
N GLU D 59 13.36 -2.76 23.11
CA GLU D 59 14.68 -2.28 23.52
C GLU D 59 15.71 -2.21 22.41
N ASN D 60 15.70 -3.20 21.52
CA ASN D 60 16.64 -3.24 20.42
C ASN D 60 16.06 -3.98 19.22
N ASN D 61 16.80 -4.01 18.12
CA ASN D 61 16.33 -4.66 16.90
C ASN D 61 15.75 -6.05 17.10
N THR D 62 16.45 -6.88 17.86
CA THR D 62 16.02 -8.25 18.11
C THR D 62 14.69 -8.26 18.82
N SER D 63 14.52 -7.37 19.79
CA SER D 63 13.25 -7.29 20.49
C SER D 63 12.16 -6.95 19.49
N ALA D 64 12.43 -5.97 18.62
CA ALA D 64 11.44 -5.56 17.62
C ALA D 64 11.22 -6.64 16.58
N GLY D 65 12.10 -7.62 16.56
CA GLY D 65 11.97 -8.69 15.61
C GLY D 65 12.45 -8.25 14.24
N VAL D 66 13.68 -7.75 14.20
CA VAL D 66 14.28 -7.30 12.94
C VAL D 66 15.74 -7.69 12.98
N ALA D 67 16.38 -7.68 11.82
CA ALA D 67 17.79 -8.04 11.72
C ALA D 67 18.48 -7.70 13.02
N SER D 68 18.68 -8.72 13.86
CA SER D 68 19.29 -8.55 15.16
C SER D 68 20.53 -7.67 15.12
N SER D 69 21.08 -7.47 13.92
CA SER D 69 22.28 -6.68 13.76
C SER D 69 21.99 -5.34 13.07
N PRO D 70 22.22 -4.20 13.76
CA PRO D 70 21.97 -2.88 13.17
C PRO D 70 22.54 -2.77 11.77
N THR D 71 23.78 -3.22 11.63
CA THR D 71 24.50 -3.20 10.37
C THR D 71 23.84 -4.05 9.29
N ASP D 72 22.86 -4.84 9.67
CA ASP D 72 22.18 -5.67 8.69
C ASP D 72 21.02 -4.90 8.04
N ILE D 73 20.78 -3.68 8.54
CA ILE D 73 19.71 -2.84 8.01
C ILE D 73 20.33 -1.59 7.37
N LYS D 74 21.39 -1.82 6.58
CA LYS D 74 22.08 -0.75 5.91
C LYS D 74 21.64 -0.61 4.47
N GLY D 75 22.22 0.39 3.80
CA GLY D 75 21.91 0.65 2.42
C GLY D 75 23.11 1.21 1.69
N LYS D 76 22.84 1.94 0.61
CA LYS D 76 23.87 2.55 -0.21
C LYS D 76 24.48 3.74 0.52
N TYR D 77 23.62 4.56 1.11
CA TYR D 77 24.04 5.74 1.83
C TYR D 77 23.82 5.51 3.32
N VAL D 78 23.15 4.41 3.63
CA VAL D 78 22.84 4.08 5.00
C VAL D 78 23.79 3.02 5.53
N LYS D 79 24.51 3.38 6.58
CA LYS D 79 25.46 2.46 7.19
C LYS D 79 24.73 1.52 8.15
N GLU D 80 23.49 1.87 8.50
CA GLU D 80 22.68 1.05 9.41
C GLU D 80 21.39 1.70 9.91
N VAL D 81 20.69 0.96 10.75
CA VAL D 81 19.44 1.39 11.34
C VAL D 81 19.28 0.59 12.63
N GLU D 82 19.30 1.31 13.75
CA GLU D 82 19.19 0.70 15.07
C GLU D 82 17.92 1.12 15.79
N VAL D 83 17.31 0.17 16.47
CA VAL D 83 16.12 0.41 17.25
C VAL D 83 16.60 0.46 18.68
N LYS D 84 16.39 1.60 19.31
CA LYS D 84 16.80 1.77 20.70
C LYS D 84 15.61 2.29 21.50
N ASN D 85 14.92 1.37 22.17
CA ASN D 85 13.73 1.66 22.96
C ASN D 85 12.62 2.27 22.12
N GLY D 86 12.31 1.61 21.00
CA GLY D 86 11.26 2.10 20.11
C GLY D 86 11.71 3.18 19.14
N VAL D 87 12.81 3.86 19.46
CA VAL D 87 13.35 4.91 18.60
C VAL D 87 14.18 4.24 17.53
N VAL D 88 13.91 4.56 16.26
CA VAL D 88 14.67 3.97 15.18
C VAL D 88 15.53 5.05 14.55
N THR D 89 16.84 4.88 14.65
CA THR D 89 17.80 5.83 14.11
C THR D 89 18.50 5.30 12.87
N ALA D 90 18.68 6.14 11.86
CA ALA D 90 19.33 5.69 10.63
C ALA D 90 20.64 6.45 10.45
N THR D 91 21.74 5.70 10.28
CA THR D 91 23.04 6.32 10.08
C THR D 91 23.45 6.36 8.62
N MET D 92 24.02 7.49 8.22
CA MET D 92 24.47 7.68 6.85
C MET D 92 25.87 7.08 6.71
N LEU D 93 26.06 6.30 5.66
CA LEU D 93 27.34 5.66 5.39
C LEU D 93 28.44 6.73 5.37
N SER D 94 29.64 6.34 4.97
CA SER D 94 30.75 7.28 4.89
C SER D 94 31.20 7.37 3.43
N SER D 95 30.80 6.37 2.65
CA SER D 95 31.15 6.33 1.23
C SER D 95 29.91 6.33 0.34
N GLY D 96 29.92 7.19 -0.67
CA GLY D 96 28.81 7.29 -1.59
C GLY D 96 27.80 8.37 -1.27
N VAL D 97 28.12 9.22 -0.30
CA VAL D 97 27.22 10.29 0.10
C VAL D 97 27.75 11.71 -0.13
N ASN D 98 26.95 12.71 0.18
CA ASN D 98 27.31 14.11 0.01
C ASN D 98 28.71 14.41 0.51
N ASN D 99 28.79 15.00 1.70
CA ASN D 99 30.06 15.35 2.29
C ASN D 99 29.79 15.92 3.68
N GLU D 100 28.66 16.58 3.83
CA GLU D 100 28.31 17.14 5.12
C GLU D 100 27.16 16.38 5.73
N ILE D 101 26.94 15.16 5.25
CA ILE D 101 25.87 14.34 5.79
C ILE D 101 26.29 12.90 6.14
N LYS D 102 27.51 12.52 5.77
CA LYS D 102 27.97 11.16 6.06
C LYS D 102 28.23 10.94 7.54
N GLY D 103 27.97 9.73 7.99
CA GLY D 103 28.15 9.41 9.39
C GLY D 103 27.12 10.18 10.19
N LYS D 104 26.19 10.83 9.49
CA LYS D 104 25.16 11.60 10.18
C LYS D 104 23.86 10.82 10.17
N LYS D 105 23.00 11.10 11.15
CA LYS D 105 21.76 10.36 11.24
C LYS D 105 20.49 11.09 11.71
N LEU D 106 19.36 10.40 11.55
CA LEU D 106 18.05 10.89 11.96
C LEU D 106 17.32 9.82 12.79
N SER D 107 16.15 10.15 13.34
CA SER D 107 15.41 9.21 14.13
C SER D 107 13.92 9.28 13.89
N LEU D 108 13.27 8.16 14.15
CA LEU D 108 11.83 8.01 14.02
C LEU D 108 11.47 7.50 15.38
N TRP D 109 10.47 8.09 16.01
CA TRP D 109 10.06 7.64 17.32
C TRP D 109 8.57 7.81 17.35
N ALA D 110 7.93 7.13 18.27
CA ALA D 110 6.49 7.22 18.33
C ALA D 110 6.00 7.63 19.70
N ARG D 111 4.70 7.81 19.80
CA ARG D 111 4.09 8.22 21.03
C ARG D 111 2.79 7.48 21.22
N ARG D 112 2.54 7.06 22.46
CA ARG D 112 1.32 6.37 22.80
C ARG D 112 0.12 7.27 22.55
N GLU D 113 -0.81 6.82 21.72
CA GLU D 113 -2.01 7.59 21.49
C GLU D 113 -3.08 7.01 22.38
N ASN D 114 -2.79 5.82 22.91
CA ASN D 114 -3.70 5.08 23.76
C ASN D 114 -4.59 4.27 22.83
N GLY D 115 -4.17 3.04 22.55
CA GLY D 115 -4.92 2.19 21.65
C GLY D 115 -4.22 2.17 20.29
N SER D 116 -3.32 3.12 20.10
CA SER D 116 -2.54 3.25 18.88
C SER D 116 -1.40 4.23 19.17
N VAL D 117 -0.53 4.43 18.20
CA VAL D 117 0.58 5.36 18.37
C VAL D 117 0.71 6.24 17.13
N LYS D 118 1.41 7.37 17.29
CA LYS D 118 1.65 8.26 16.18
C LYS D 118 3.18 8.39 16.01
N TRP D 119 3.64 8.38 14.76
CA TRP D 119 5.07 8.48 14.50
C TRP D 119 5.59 9.86 14.12
N PHE D 120 6.83 10.11 14.49
CA PHE D 120 7.48 11.37 14.21
C PHE D 120 8.76 11.05 13.46
N CYS D 121 9.28 12.05 12.77
CA CYS D 121 10.51 11.88 11.98
C CYS D 121 11.30 13.17 12.10
N GLY D 122 12.58 13.06 12.47
CA GLY D 122 13.39 14.25 12.60
C GLY D 122 14.83 13.97 12.94
N GLN D 123 15.48 14.92 13.61
CA GLN D 123 16.87 14.79 14.00
C GLN D 123 16.98 13.87 15.20
N PRO D 124 18.02 13.04 15.26
CA PRO D 124 18.30 12.07 16.34
C PRO D 124 17.72 12.42 17.68
N VAL D 125 17.13 11.42 18.33
CA VAL D 125 16.55 11.62 19.64
C VAL D 125 16.79 10.39 20.52
N THR D 126 16.72 10.57 21.83
CA THR D 126 16.93 9.45 22.75
C THR D 126 15.64 9.28 23.52
N ARG D 127 15.30 8.05 23.92
CA ARG D 127 14.08 7.91 24.70
C ARG D 127 14.39 8.02 26.19
N THR D 128 13.59 8.80 26.89
CA THR D 128 13.76 9.00 28.31
C THR D 128 12.83 8.02 29.00
N ASP D 129 11.53 8.26 28.88
CA ASP D 129 10.53 7.37 29.46
C ASP D 129 9.62 6.87 28.33
N ASP D 130 8.68 5.99 28.65
CA ASP D 130 7.82 5.41 27.61
C ASP D 130 7.05 6.41 26.77
N ASP D 131 7.02 7.66 27.20
CA ASP D 131 6.29 8.66 26.45
C ASP D 131 7.06 9.97 26.34
N THR D 132 8.38 9.87 26.34
CA THR D 132 9.21 11.05 26.24
C THR D 132 10.61 10.73 25.73
N VAL D 133 11.05 11.52 24.75
CA VAL D 133 12.37 11.38 24.15
C VAL D 133 13.02 12.77 24.20
N ALA D 134 14.29 12.85 23.83
CA ALA D 134 14.98 14.15 23.85
C ALA D 134 16.09 14.16 22.83
N ASP D 135 16.47 15.36 22.42
CA ASP D 135 17.52 15.55 21.43
C ASP D 135 18.76 14.78 21.79
N ALA D 136 19.22 13.95 20.87
CA ALA D 136 20.44 13.20 21.09
C ALA D 136 21.50 14.20 20.67
N LYS D 137 21.49 15.39 21.28
CA LYS D 137 22.44 16.45 20.97
C LYS D 137 23.87 15.92 21.09
N ASP D 138 24.61 15.93 19.99
CA ASP D 138 25.96 15.42 20.02
C ASP D 138 26.81 15.89 18.84
N GLY D 139 26.14 16.40 17.81
CA GLY D 139 26.84 16.90 16.64
C GLY D 139 26.81 16.08 15.35
N LYS D 140 26.19 14.90 15.39
CA LYS D 140 26.14 14.05 14.20
C LYS D 140 24.73 14.02 13.54
N GLU D 141 23.89 14.99 13.89
CA GLU D 141 22.55 15.03 13.31
C GLU D 141 22.58 15.56 11.89
N ILE D 142 21.77 14.97 11.02
CA ILE D 142 21.70 15.44 9.65
C ILE D 142 21.08 16.84 9.72
N ASP D 143 21.75 17.78 9.08
CA ASP D 143 21.37 19.19 9.03
C ASP D 143 19.96 19.44 8.51
N THR D 144 19.23 20.29 9.20
CA THR D 144 17.85 20.59 8.78
C THR D 144 17.68 20.78 7.26
N LYS D 145 18.63 21.42 6.61
CA LYS D 145 18.50 21.66 5.18
C LYS D 145 18.38 20.39 4.36
N HIS D 146 18.89 19.27 4.87
CA HIS D 146 18.82 18.01 4.14
C HIS D 146 17.61 17.17 4.45
N LEU D 147 16.79 17.62 5.39
CA LEU D 147 15.62 16.87 5.77
C LEU D 147 14.33 17.32 5.10
N PRO D 148 13.53 16.36 4.62
CA PRO D 148 12.25 16.62 3.96
C PRO D 148 11.40 17.53 4.84
N SER D 149 10.32 18.02 4.27
CA SER D 149 9.38 18.87 5.01
C SER D 149 8.60 17.96 5.97
N THR D 150 8.52 16.67 5.61
CA THR D 150 7.80 15.70 6.42
C THR D 150 8.66 15.14 7.53
N CYS D 151 9.90 15.60 7.67
CA CYS D 151 10.75 15.05 8.72
C CYS D 151 11.45 16.18 9.46
N ARG D 152 10.66 17.17 9.86
CA ARG D 152 11.18 18.33 10.60
C ARG D 152 10.69 18.27 12.03
N ASP D 153 10.28 17.10 12.53
CA ASP D 153 9.77 17.01 13.90
C ASP D 153 10.77 17.23 15.05
N ASN D 154 10.32 17.96 16.05
CA ASN D 154 11.11 18.25 17.26
C ASN D 154 10.86 17.21 18.35
N PHE D 155 11.84 17.05 19.23
CA PHE D 155 11.76 16.08 20.30
C PHE D 155 10.42 16.13 21.05
N ASP D 156 9.82 17.32 21.16
CA ASP D 156 8.55 17.42 21.89
C ASP D 156 7.30 17.54 21.03
N ALA D 157 7.40 17.12 19.78
CA ALA D 157 6.24 17.17 18.90
C ALA D 157 5.17 16.25 19.47
N LYS D 158 3.91 16.66 19.39
CA LYS D 158 2.84 15.81 19.89
C LYS D 158 1.85 15.60 18.77
N MEA E 1 30.01 38.26 -27.27
CA MEA E 1 31.09 37.53 -28.00
C MEA E 1 31.10 36.03 -27.72
O MEA E 1 31.49 35.24 -28.59
N THR E 2 30.63 35.63 -26.54
CA THR E 2 30.79 34.24 -26.08
C THR E 2 29.66 33.64 -25.22
N LEU E 3 29.63 34.05 -23.95
CA LEU E 3 29.03 33.27 -22.86
C LEU E 3 27.51 33.22 -22.87
N ILE E 4 26.94 32.25 -23.60
CA ILE E 4 25.49 32.08 -23.64
C ILE E 4 25.04 30.69 -23.16
N GLU E 5 25.99 29.77 -23.05
CA GLU E 5 25.71 28.40 -22.61
C GLU E 5 25.35 28.37 -21.12
N LEU E 6 26.04 29.22 -20.33
CA LEU E 6 25.76 29.34 -18.90
C LEU E 6 24.45 30.11 -18.67
N MET E 7 24.20 31.11 -19.52
CA MET E 7 23.03 31.98 -19.39
C MET E 7 21.72 31.30 -19.79
N ILE E 8 21.77 30.49 -20.85
CA ILE E 8 20.58 29.77 -21.31
C ILE E 8 20.26 28.57 -20.40
N VAL E 9 21.29 27.82 -20.00
CA VAL E 9 21.10 26.64 -19.16
C VAL E 9 20.69 26.98 -17.71
N ILE E 10 21.01 28.18 -17.24
CA ILE E 10 20.49 28.65 -15.96
C ILE E 10 19.03 29.11 -16.12
N ALA E 11 18.66 29.49 -17.33
CA ALA E 11 17.32 29.99 -17.64
C ALA E 11 16.39 28.90 -18.18
N ILE E 12 16.94 27.73 -18.51
CA ILE E 12 16.11 26.58 -18.85
C ILE E 12 15.75 25.77 -17.62
N VAL E 13 16.61 25.78 -16.61
CA VAL E 13 16.35 25.14 -15.33
C VAL E 13 15.35 25.98 -14.53
N GLY E 14 15.41 27.30 -14.73
CA GLY E 14 14.46 28.23 -14.14
C GLY E 14 13.05 28.03 -14.69
N ILE E 15 12.93 27.90 -16.01
CA ILE E 15 11.64 27.64 -16.64
C ILE E 15 11.21 26.18 -16.49
N LEU E 16 12.16 25.29 -16.26
CA LEU E 16 11.87 23.88 -15.99
C LEU E 16 11.18 23.73 -14.63
N ALA E 17 11.60 24.55 -13.67
CA ALA E 17 10.98 24.58 -12.35
C ALA E 17 9.56 25.15 -12.41
N ALA E 18 9.36 26.12 -13.30
CA ALA E 18 8.05 26.73 -13.52
C ALA E 18 7.06 25.77 -14.17
N VAL E 19 7.57 24.89 -15.02
CA VAL E 19 6.76 23.85 -15.66
C VAL E 19 6.54 22.67 -14.69
N ALA E 20 7.55 22.39 -13.86
CA ALA E 20 7.45 21.35 -12.85
C ALA E 20 6.70 21.82 -11.60
N LEU E 21 6.35 23.10 -11.56
CA LEU E 21 5.67 23.71 -10.42
C LEU E 21 4.21 23.24 -10.26
N PRO E 22 3.38 23.33 -11.30
CA PRO E 22 1.98 22.89 -11.19
C PRO E 22 1.82 21.38 -11.09
N ALA E 23 2.76 20.62 -11.63
CA ALA E 23 2.73 19.15 -11.57
C ALA E 23 2.96 18.66 -10.14
N TYR E 24 3.95 19.24 -9.47
CA TYR E 24 4.27 18.92 -8.07
C TYR E 24 3.22 19.52 -7.13
N GLN E 25 2.68 20.68 -7.50
CA GLN E 25 1.56 21.30 -6.78
C GLN E 25 0.26 20.54 -6.97
N ASP E 26 0.13 19.82 -8.06
CA ASP E 26 -1.40 18.98 -7.81
C ASP E 26 -1.06 17.59 -7.34
N TYR E 27 0.11 17.09 -7.73
CA TYR E 27 0.52 15.77 -7.28
C TYR E 27 0.57 15.89 -5.78
N THR E 28 1.06 17.03 -5.33
CA THR E 28 1.20 17.31 -3.92
C THR E 28 -0.15 17.35 -3.20
N ALA E 29 -1.06 18.18 -3.70
CA ALA E 29 -2.39 18.31 -3.08
C ALA E 29 -3.13 16.99 -3.10
N ARG E 30 -3.06 16.32 -4.24
CA ARG E 30 -3.69 15.03 -4.44
C ARG E 30 -3.15 14.04 -3.46
N ALA E 31 -1.95 14.32 -2.94
CA ALA E 31 -1.30 13.45 -1.96
C ALA E 31 -1.80 13.75 -0.55
N GLN E 32 -2.04 15.02 -0.28
CA GLN E 32 -2.52 15.50 1.01
C GLN E 32 -3.99 15.15 1.22
N VAL E 33 -4.69 14.88 0.13
CA VAL E 33 -6.10 14.52 0.20
C VAL E 33 -6.20 13.03 0.41
N SER E 34 -5.28 12.29 -0.19
CA SER E 34 -5.28 10.84 -0.08
C SER E 34 -5.14 10.40 1.37
N GLU E 35 -4.71 11.33 2.22
CA GLU E 35 -4.56 11.03 3.63
C GLU E 35 -5.79 11.38 4.40
N ALA E 36 -6.43 12.47 4.02
CA ALA E 36 -7.65 12.86 4.67
C ALA E 36 -8.56 11.65 4.53
N ILE E 37 -8.40 10.95 3.42
CA ILE E 37 -9.19 9.78 3.14
C ILE E 37 -8.80 8.61 4.05
N LEU E 38 -7.51 8.48 4.34
CA LEU E 38 -7.08 7.37 5.18
C LEU E 38 -7.46 7.62 6.62
N LEU E 39 -7.51 8.90 7.00
CA LEU E 39 -7.88 9.26 8.35
C LEU E 39 -9.38 9.11 8.52
N ALA E 40 -10.11 9.29 7.43
CA ALA E 40 -11.55 9.17 7.47
C ALA E 40 -11.90 7.69 7.62
N GLU E 41 -11.20 6.85 6.86
CA GLU E 41 -11.42 5.42 6.93
C GLU E 41 -10.88 4.91 8.26
N GLY E 42 -10.99 3.61 8.50
CA GLY E 42 -10.48 3.06 9.76
C GLY E 42 -11.36 3.50 10.92
N GLN E 43 -12.34 4.31 10.56
CA GLN E 43 -13.32 4.81 11.49
C GLN E 43 -14.62 4.29 10.94
N LYS E 44 -14.50 3.50 9.88
CA LYS E 44 -15.64 2.89 9.24
C LYS E 44 -16.02 1.77 10.18
N SER E 45 -15.01 1.10 10.71
CA SER E 45 -15.19 0.00 11.65
C SER E 45 -16.13 0.38 12.77
N ALA E 46 -15.78 1.42 13.51
CA ALA E 46 -16.61 1.85 14.62
C ALA E 46 -18.04 2.11 14.11
N VAL E 47 -18.16 2.93 13.09
CA VAL E 47 -19.46 3.26 12.53
C VAL E 47 -20.26 2.07 12.02
N THR E 48 -19.59 1.14 11.36
CA THR E 48 -20.26 -0.04 10.85
C THR E 48 -20.81 -0.87 12.01
N GLU E 49 -19.94 -1.16 12.96
CA GLU E 49 -20.37 -1.95 14.09
C GLU E 49 -21.53 -1.24 14.79
N TYR E 50 -21.37 0.04 15.13
CA TYR E 50 -22.46 0.73 15.79
C TYR E 50 -23.78 0.55 15.06
N TYR E 51 -23.78 0.72 13.74
CA TYR E 51 -25.00 0.56 12.96
C TYR E 51 -25.58 -0.87 12.98
N LEU E 52 -24.74 -1.87 12.67
CA LEU E 52 -25.20 -3.26 12.68
C LEU E 52 -25.66 -3.73 14.05
N ASN E 53 -25.00 -3.28 15.11
CA ASN E 53 -25.41 -3.69 16.45
C ASN E 53 -26.69 -3.00 16.92
N HIS E 54 -26.92 -1.75 16.50
CA HIS E 54 -28.09 -1.03 16.96
C HIS E 54 -29.14 -0.66 15.91
N GLY E 55 -28.75 -0.65 14.64
CA GLY E 55 -29.71 -0.29 13.61
C GLY E 55 -29.91 1.20 13.48
N LYS E 56 -29.06 1.98 14.15
CA LYS E 56 -29.10 3.44 14.10
C LYS E 56 -27.66 3.90 13.87
N TRP E 57 -27.48 4.95 13.06
CA TRP E 57 -26.14 5.47 12.78
C TRP E 57 -25.62 6.24 13.96
N PRO E 58 -24.32 6.11 14.26
CA PRO E 58 -23.76 6.85 15.41
C PRO E 58 -23.89 8.36 15.22
N GLU E 59 -24.52 9.02 16.19
CA GLU E 59 -24.73 10.47 16.10
C GLU E 59 -23.46 11.30 16.05
N ASN E 60 -22.47 10.90 16.83
CA ASN E 60 -21.20 11.63 16.89
C ASN E 60 -20.05 10.70 17.24
N ASN E 61 -18.82 11.23 17.22
CA ASN E 61 -17.64 10.42 17.53
C ASN E 61 -17.75 9.55 18.77
N THR E 62 -18.23 10.14 19.86
CA THR E 62 -18.37 9.43 21.12
C THR E 62 -19.32 8.25 20.97
N SER E 63 -20.41 8.47 20.26
CA SER E 63 -21.35 7.39 20.03
C SER E 63 -20.64 6.27 19.28
N ALA E 64 -19.89 6.64 18.25
CA ALA E 64 -19.17 5.64 17.46
C ALA E 64 -18.05 5.00 18.25
N GLY E 65 -17.73 5.59 19.38
CA GLY E 65 -16.67 5.05 20.21
C GLY E 65 -15.32 5.41 19.63
N VAL E 66 -15.10 6.70 19.42
CA VAL E 66 -13.83 7.19 18.88
C VAL E 66 -13.53 8.50 19.58
N ALA E 67 -12.28 8.93 19.50
CA ALA E 67 -11.85 10.18 20.14
C ALA E 67 -13.04 11.13 20.21
N SER E 68 -13.65 11.18 21.37
CA SER E 68 -14.83 12.02 21.58
C SER E 68 -14.67 13.41 21.00
N SER E 69 -13.43 13.80 20.71
CA SER E 69 -13.15 15.12 20.19
C SER E 69 -12.72 15.07 18.71
N PRO E 70 -13.51 15.68 17.80
CA PRO E 70 -13.18 15.67 16.37
C PRO E 70 -11.71 16.03 16.13
N THR E 71 -11.28 17.08 16.81
CA THR E 71 -9.91 17.58 16.72
C THR E 71 -8.88 16.57 17.19
N ASP E 72 -9.33 15.48 17.80
CA ASP E 72 -8.39 14.49 18.26
C ASP E 72 -8.10 13.47 17.16
N ILE E 73 -8.79 13.62 16.03
CA ILE E 73 -8.61 12.72 14.89
C ILE E 73 -8.04 13.52 13.71
N LYS E 74 -7.05 14.35 14.02
CA LYS E 74 -6.41 15.18 13.02
C LYS E 74 -5.11 14.57 12.52
N GLY E 75 -4.50 15.26 11.57
CA GLY E 75 -3.24 14.81 11.00
C GLY E 75 -2.38 15.99 10.59
N LYS E 76 -1.50 15.74 9.64
CA LYS E 76 -0.58 16.75 9.13
C LYS E 76 -1.34 17.74 8.24
N TYR E 77 -2.19 17.21 7.39
CA TYR E 77 -2.98 18.02 6.48
C TYR E 77 -4.43 17.98 6.92
N VAL E 78 -4.71 17.11 7.89
CA VAL E 78 -6.06 16.96 8.39
C VAL E 78 -6.23 17.67 9.71
N LYS E 79 -7.15 18.62 9.72
CA LYS E 79 -7.44 19.40 10.92
C LYS E 79 -8.39 18.62 11.83
N GLU E 80 -9.02 17.58 11.29
CA GLU E 80 -9.94 16.75 12.06
C GLU E 80 -10.77 15.75 11.24
N VAL E 81 -11.61 15.02 11.96
CA VAL E 81 -12.50 14.02 11.39
C VAL E 81 -13.66 13.88 12.36
N GLU E 82 -14.85 14.25 11.88
CA GLU E 82 -16.06 14.20 12.68
C GLU E 82 -17.06 13.21 12.12
N VAL E 83 -17.71 12.49 13.03
CA VAL E 83 -18.73 11.53 12.68
C VAL E 83 -20.03 12.22 13.00
N LYS E 84 -20.85 12.40 11.98
CA LYS E 84 -22.14 13.05 12.16
C LYS E 84 -23.22 12.17 11.55
N ASN E 85 -23.88 11.39 12.41
CA ASN E 85 -24.92 10.44 12.02
C ASN E 85 -24.40 9.41 11.03
N GLY E 86 -23.29 8.77 11.39
CA GLY E 86 -22.69 7.75 10.53
C GLY E 86 -21.83 8.30 9.41
N VAL E 87 -22.02 9.56 9.06
CA VAL E 87 -21.23 10.20 8.01
C VAL E 87 -19.92 10.65 8.64
N VAL E 88 -18.79 10.29 8.05
CA VAL E 88 -17.51 10.70 8.58
C VAL E 88 -16.88 11.68 7.61
N THR E 89 -16.69 12.91 8.08
CA THR E 89 -16.13 13.99 7.28
C THR E 89 -14.71 14.33 7.72
N ALA E 90 -13.81 14.55 6.76
CA ALA E 90 -12.43 14.89 7.11
C ALA E 90 -12.11 16.29 6.64
N THR E 91 -11.62 17.12 7.56
CA THR E 91 -11.26 18.50 7.22
C THR E 91 -9.77 18.67 7.01
N MET E 92 -9.43 19.42 5.96
CA MET E 92 -8.05 19.69 5.63
C MET E 92 -7.55 20.86 6.48
N LEU E 93 -6.39 20.68 7.09
CA LEU E 93 -5.78 21.71 7.92
C LEU E 93 -5.70 23.02 7.13
N SER E 94 -5.02 24.01 7.70
CA SER E 94 -4.85 25.29 7.03
C SER E 94 -3.37 25.52 6.77
N SER E 95 -2.54 24.76 7.50
CA SER E 95 -1.09 24.87 7.37
C SER E 95 -0.47 23.54 6.92
N GLY E 96 0.39 23.61 5.91
CA GLY E 96 1.05 22.42 5.41
C GLY E 96 0.39 21.78 4.21
N VAL E 97 -0.62 22.45 3.64
CA VAL E 97 -1.33 21.90 2.49
C VAL E 97 -1.19 22.75 1.21
N ASN E 98 -1.80 22.27 0.13
CA ASN E 98 -1.75 22.93 -1.16
C ASN E 98 -2.01 24.42 -1.05
N ASN E 99 -3.24 24.82 -1.39
CA ASN E 99 -3.61 26.23 -1.34
C ASN E 99 -5.09 26.32 -1.68
N GLU E 100 -5.55 25.43 -2.54
CA GLU E 100 -6.95 25.44 -2.92
C GLU E 100 -7.66 24.25 -2.32
N ILE E 101 -7.06 23.66 -1.29
CA ILE E 101 -7.69 22.51 -0.64
C ILE E 101 -7.73 22.61 0.89
N LYS E 102 -7.08 23.63 1.46
CA LYS E 102 -7.08 23.77 2.91
C LYS E 102 -8.43 24.21 3.45
N GLY E 103 -8.76 23.72 4.64
CA GLY E 103 -10.04 24.04 5.24
C GLY E 103 -11.12 23.36 4.43
N LYS E 104 -10.72 22.53 3.47
CA LYS E 104 -11.69 21.84 2.64
C LYS E 104 -11.83 20.40 3.09
N LYS E 105 -12.99 19.81 2.82
CA LYS E 105 -13.21 18.44 3.28
C LYS E 105 -14.01 17.48 2.39
N LEU E 106 -13.99 16.21 2.77
CA LEU E 106 -14.71 15.14 2.10
C LEU E 106 -15.50 14.31 3.11
N SER E 107 -16.31 13.36 2.63
CA SER E 107 -17.10 12.54 3.52
C SER E 107 -17.16 11.09 3.09
N LEU E 108 -17.38 10.24 4.07
CA LEU E 108 -17.51 8.82 3.88
C LEU E 108 -18.83 8.55 4.54
N TRP E 109 -19.72 7.84 3.85
CA TRP E 109 -21.01 7.53 4.43
C TRP E 109 -21.35 6.16 3.97
N ALA E 110 -22.28 5.51 4.65
CA ALA E 110 -22.62 4.17 4.25
C ALA E 110 -24.10 4.02 4.01
N ARG E 111 -24.48 2.84 3.56
CA ARG E 111 -25.86 2.55 3.27
C ARG E 111 -26.20 1.15 3.73
N ARG E 112 -27.39 1.01 4.30
CA ARG E 112 -27.85 -0.28 4.77
C ARG E 112 -27.97 -1.25 3.60
N GLU E 113 -27.28 -2.38 3.67
CA GLU E 113 -27.40 -3.37 2.62
C GLU E 113 -28.40 -4.40 3.11
N ASN E 114 -28.67 -4.34 4.41
CA ASN E 114 -29.58 -5.26 5.08
C ASN E 114 -28.74 -6.45 5.49
N GLY E 115 -28.21 -6.39 6.71
CA GLY E 115 -27.35 -7.46 7.20
C GLY E 115 -25.91 -7.02 7.13
N SER E 116 -25.68 -5.95 6.37
CA SER E 116 -24.36 -5.36 6.20
C SER E 116 -24.56 -3.99 5.56
N VAL E 117 -23.48 -3.24 5.38
CA VAL E 117 -23.55 -1.93 4.76
C VAL E 117 -22.46 -1.78 3.71
N LYS E 118 -22.62 -0.81 2.82
CA LYS E 118 -21.63 -0.52 1.81
C LYS E 118 -21.18 0.94 1.98
N TRP E 119 -19.88 1.18 1.87
CA TRP E 119 -19.36 2.52 2.04
C TRP E 119 -19.07 3.31 0.76
N PHE E 120 -19.24 4.62 0.86
CA PHE E 120 -19.01 5.51 -0.26
C PHE E 120 -18.00 6.54 0.19
N CYS E 121 -17.36 7.17 -0.78
CA CYS E 121 -16.33 8.18 -0.50
C CYS E 121 -16.48 9.28 -1.54
N GLY E 122 -16.57 10.52 -1.09
CA GLY E 122 -16.72 11.61 -2.03
C GLY E 122 -16.72 12.98 -1.39
N GLN E 123 -17.38 13.93 -2.03
CA GLN E 123 -17.46 15.30 -1.53
C GLN E 123 -18.49 15.36 -0.41
N PRO E 124 -18.21 16.17 0.63
CA PRO E 124 -19.06 16.36 1.81
C PRO E 124 -20.53 16.11 1.60
N VAL E 125 -21.15 15.39 2.55
CA VAL E 125 -22.56 15.09 2.47
C VAL E 125 -23.18 15.16 3.87
N THR E 126 -24.50 15.33 3.92
CA THR E 126 -25.20 15.41 5.20
C THR E 126 -26.17 14.24 5.23
N ARG E 127 -26.45 13.68 6.39
CA ARG E 127 -27.42 12.60 6.41
C ARG E 127 -28.82 13.15 6.66
N THR E 128 -29.77 12.70 5.84
CA THR E 128 -31.14 13.12 5.97
C THR E 128 -31.85 12.10 6.81
N ASP E 129 -32.04 10.90 6.29
CA ASP E 129 -32.66 9.82 7.04
C ASP E 129 -31.68 8.64 7.10
N ASP E 130 -32.05 7.58 7.80
CA ASP E 130 -31.12 6.46 7.97
C ASP E 130 -30.59 5.82 6.69
N ASP E 131 -31.20 6.17 5.57
CA ASP E 131 -30.75 5.60 4.32
C ASP E 131 -30.67 6.65 3.22
N THR E 132 -30.40 7.89 3.60
CA THR E 132 -30.31 8.96 2.62
C THR E 132 -29.49 10.14 3.14
N VAL E 133 -28.57 10.60 2.31
CA VAL E 133 -27.72 11.73 2.61
C VAL E 133 -27.83 12.70 1.44
N ALA E 134 -27.24 13.88 1.56
CA ALA E 134 -27.30 14.87 0.48
C ALA E 134 -26.10 15.78 0.52
N ASP E 135 -25.80 16.37 -0.63
CA ASP E 135 -24.67 17.26 -0.75
C ASP E 135 -24.67 18.31 0.32
N ALA E 136 -23.57 18.41 1.05
CA ALA E 136 -23.43 19.43 2.06
C ALA E 136 -22.95 20.63 1.27
N LYS E 137 -23.71 20.99 0.24
CA LYS E 137 -23.38 22.13 -0.63
C LYS E 137 -23.14 23.38 0.21
N ASP E 138 -21.94 23.92 0.17
CA ASP E 138 -21.63 25.09 0.95
C ASP E 138 -20.39 25.83 0.46
N GLY E 139 -19.57 25.15 -0.36
CA GLY E 139 -18.37 25.76 -0.90
C GLY E 139 -17.03 25.33 -0.35
N LYS E 140 -17.02 24.46 0.65
CA LYS E 140 -15.75 24.01 1.23
C LYS E 140 -15.38 22.55 0.83
N GLU E 141 -16.03 22.04 -0.21
CA GLU E 141 -15.73 20.69 -0.65
C GLU E 141 -14.42 20.62 -1.42
N ILE E 142 -13.64 19.56 -1.19
CA ILE E 142 -12.39 19.39 -1.90
C ILE E 142 -12.79 19.16 -3.36
N ASP E 143 -12.17 19.94 -4.24
CA ASP E 143 -12.39 19.91 -5.68
C ASP E 143 -12.20 18.55 -6.32
N THR E 144 -13.12 18.16 -7.18
CA THR E 144 -13.02 16.86 -7.83
C THR E 144 -11.61 16.50 -8.33
N LYS E 145 -10.89 17.47 -8.85
CA LYS E 145 -9.56 17.17 -9.37
C LYS E 145 -8.61 16.62 -8.33
N HIS E 146 -8.84 16.91 -7.05
CA HIS E 146 -7.97 16.43 -5.99
C HIS E 146 -8.39 15.10 -5.40
N LEU E 147 -9.52 14.57 -5.84
CA LEU E 147 -10.02 13.33 -5.30
C LEU E 147 -9.68 12.10 -6.15
N PRO E 148 -9.24 11.03 -5.48
CA PRO E 148 -8.87 9.77 -6.14
C PRO E 148 -10.03 9.30 -7.02
N SER E 149 -9.76 8.31 -7.85
CA SER E 149 -10.77 7.74 -8.72
C SER E 149 -11.73 6.92 -7.83
N THR E 150 -11.22 6.47 -6.70
CA THR E 150 -12.01 5.67 -5.77
C THR E 150 -12.84 6.52 -4.84
N CYS E 151 -12.79 7.84 -4.98
CA CYS E 151 -13.58 8.69 -4.09
C CYS E 151 -14.31 9.75 -4.88
N ARG E 152 -14.99 9.30 -5.93
CA ARG E 152 -15.77 10.19 -6.78
C ARG E 152 -17.25 9.94 -6.57
N ASP E 153 -17.65 9.34 -5.46
CA ASP E 153 -19.06 9.03 -5.22
C ASP E 153 -20.02 10.23 -5.01
N ASN E 154 -21.19 10.14 -5.63
CA ASN E 154 -22.24 11.16 -5.51
C ASN E 154 -23.20 10.83 -4.36
N PHE E 155 -23.84 11.86 -3.84
CA PHE E 155 -24.76 11.72 -2.73
C PHE E 155 -25.75 10.56 -2.94
N ASP E 156 -26.15 10.30 -4.18
CA ASP E 156 -27.12 9.23 -4.42
C ASP E 156 -26.54 7.93 -4.96
N ALA E 157 -25.25 7.71 -4.77
CA ALA E 157 -24.63 6.48 -5.23
C ALA E 157 -25.26 5.32 -4.49
N LYS E 158 -25.48 4.20 -5.17
CA LYS E 158 -26.05 3.06 -4.48
C LYS E 158 -25.14 1.87 -4.72
N ILE F 69 81.85 26.34 -66.51
CA ILE F 69 80.57 27.01 -66.84
C ILE F 69 80.83 28.52 -66.97
N PRO F 70 80.43 29.22 -68.05
CA PRO F 70 80.32 30.68 -67.99
C PRO F 70 78.87 31.19 -67.86
N GLY F 71 78.71 32.43 -67.42
CA GLY F 71 77.43 33.12 -67.33
C GLY F 71 77.58 34.65 -67.36
N PHE F 72 76.87 35.27 -68.30
CA PHE F 72 76.78 36.72 -68.47
C PHE F 72 75.32 37.13 -68.68
N GLY F 73 74.94 38.26 -68.12
CA GLY F 73 73.62 38.86 -68.33
C GLY F 73 73.63 39.84 -69.50
N GLY F 74 72.43 40.18 -69.95
CA GLY F 74 72.26 41.25 -70.91
C GLY F 74 72.46 42.62 -70.27
N VAL F 75 71.87 43.61 -70.91
CA VAL F 75 71.78 44.96 -70.37
C VAL F 75 70.32 45.36 -70.10
N GLU F 76 70.11 46.44 -69.33
CA GLU F 76 68.77 46.89 -68.96
C GLU F 76 67.90 47.22 -70.20
N GLY F 77 66.58 47.18 -70.03
CA GLY F 77 65.67 47.57 -71.12
C GLY F 77 65.87 49.03 -71.57
N LYS F 78 66.12 49.93 -70.59
CA LYS F 78 66.49 51.34 -70.79
C LYS F 78 67.73 51.59 -71.59
N ASP F 79 68.67 50.76 -71.25
CA ASP F 79 69.96 50.96 -71.81
C ASP F 79 70.11 50.39 -73.25
N ILE F 80 69.42 49.26 -73.54
CA ILE F 80 69.25 48.81 -74.94
C ILE F 80 68.50 49.85 -75.74
N LEU F 81 67.46 50.43 -75.11
CA LEU F 81 66.69 51.40 -75.79
C LEU F 81 67.48 52.59 -76.32
N VAL F 82 68.24 53.19 -75.41
CA VAL F 82 68.98 54.43 -75.70
C VAL F 82 69.94 54.16 -76.82
N PHE F 83 70.59 53.02 -76.73
CA PHE F 83 71.61 52.74 -77.67
C PHE F 83 71.11 52.29 -79.06
N THR F 84 70.05 51.50 -79.11
CA THR F 84 69.44 51.18 -80.40
C THR F 84 68.84 52.42 -81.08
N ARG F 85 68.22 53.33 -80.32
CA ARG F 85 67.70 54.59 -80.86
C ARG F 85 68.80 55.41 -81.48
N GLN F 86 69.84 55.66 -80.70
CA GLN F 86 70.89 56.50 -81.15
C GLN F 86 71.67 55.87 -82.34
N PHE F 87 71.73 54.53 -82.51
CA PHE F 87 72.31 53.93 -83.74
C PHE F 87 71.50 54.01 -84.98
N ALA F 88 70.23 53.73 -84.80
CA ALA F 88 69.28 53.93 -85.85
C ALA F 88 69.33 55.37 -86.36
N THR F 89 69.45 56.32 -85.44
CA THR F 89 69.50 57.71 -85.80
C THR F 89 70.76 58.04 -86.60
N MET F 90 71.93 57.63 -86.11
CA MET F 90 73.18 57.94 -86.80
C MET F 90 73.33 57.24 -88.14
N ILE F 91 72.97 55.96 -88.20
CA ILE F 91 73.03 55.21 -89.44
C ILE F 91 72.08 55.81 -90.47
N ASP F 92 70.87 56.22 -90.07
CA ASP F 92 69.93 56.80 -91.04
C ASP F 92 70.42 58.19 -91.49
N ALA F 93 71.36 58.80 -90.74
CA ALA F 93 72.04 60.03 -91.13
C ALA F 93 73.10 59.86 -92.23
N GLY F 94 73.39 58.66 -92.65
CA GLY F 94 74.44 58.41 -93.63
C GLY F 94 75.86 58.51 -93.05
N LEU F 95 76.07 58.53 -91.73
CA LEU F 95 77.42 58.30 -91.22
C LEU F 95 77.85 56.86 -91.51
N PRO F 96 79.17 56.61 -91.67
CA PRO F 96 79.69 55.26 -91.75
C PRO F 96 79.35 54.48 -90.48
N LEU F 97 79.06 53.18 -90.63
CA LEU F 97 78.64 52.35 -89.50
C LEU F 97 79.64 52.35 -88.33
N VAL F 98 80.94 52.28 -88.63
CA VAL F 98 82.00 52.34 -87.64
C VAL F 98 81.95 53.69 -86.90
N GLN F 99 81.76 54.80 -87.63
CA GLN F 99 81.67 56.12 -86.99
C GLN F 99 80.40 56.24 -86.15
N CYS F 100 79.28 55.65 -86.59
CA CYS F 100 78.07 55.57 -85.76
C CYS F 100 78.40 54.88 -84.44
N LEU F 101 79.00 53.68 -84.52
CA LEU F 101 79.45 52.90 -83.36
C LEU F 101 80.35 53.65 -82.40
N ASP F 102 81.30 54.40 -82.93
CA ASP F 102 82.23 55.19 -82.13
C ASP F 102 81.51 56.25 -81.32
N ILE F 103 80.58 56.92 -81.98
CA ILE F 103 79.86 58.02 -81.39
C ILE F 103 79.02 57.54 -80.21
N LEU F 104 78.22 56.50 -80.39
CA LEU F 104 77.40 56.06 -79.27
C LEU F 104 78.19 55.50 -78.11
N ALA F 105 79.28 54.80 -78.40
CA ALA F 105 80.20 54.43 -77.34
C ALA F 105 80.68 55.68 -76.60
N SER F 106 81.17 56.69 -77.33
CA SER F 106 81.78 57.88 -76.73
C SER F 106 80.79 58.78 -76.01
N GLN F 107 79.48 58.64 -76.29
CA GLN F 107 78.41 59.35 -75.59
C GLN F 107 77.76 58.59 -74.44
N MET F 108 78.20 57.38 -74.19
CA MET F 108 77.60 56.52 -73.19
C MET F 108 78.02 56.88 -71.76
N ASP F 109 77.06 56.79 -70.84
CA ASP F 109 77.27 56.96 -69.39
C ASP F 109 77.62 55.72 -68.53
N ASN F 110 77.19 54.51 -68.89
CA ASN F 110 77.45 53.25 -68.14
C ASN F 110 78.86 52.68 -68.62
N PRO F 111 79.91 52.09 -67.93
CA PRO F 111 81.02 51.62 -68.78
C PRO F 111 80.61 50.45 -69.66
N SER F 112 79.73 49.56 -69.19
CA SER F 112 79.58 48.27 -69.88
C SER F 112 79.12 48.51 -71.31
N PHE F 113 78.28 49.53 -71.52
CA PHE F 113 77.93 49.93 -72.87
C PHE F 113 79.04 50.50 -73.68
N LYS F 114 79.76 51.50 -73.15
CA LYS F 114 80.88 52.04 -73.92
C LYS F 114 81.89 50.94 -74.24
N LYS F 115 82.17 50.06 -73.25
CA LYS F 115 83.10 48.97 -73.47
C LYS F 115 82.60 48.04 -74.58
N VAL F 116 81.35 47.55 -74.53
CA VAL F 116 80.92 46.62 -75.59
C VAL F 116 81.11 47.35 -76.92
N LEU F 117 80.58 48.55 -77.03
CA LEU F 117 80.42 49.16 -78.33
C LEU F 117 81.71 49.49 -79.05
N PHE F 118 82.76 49.66 -78.25
CA PHE F 118 84.10 49.61 -78.79
C PHE F 118 84.46 48.24 -79.40
N ALA F 119 84.15 47.14 -78.71
CA ALA F 119 84.33 45.77 -79.24
C ALA F 119 83.46 45.43 -80.46
N ILE F 120 82.17 45.82 -80.51
CA ILE F 120 81.34 45.67 -81.72
C ILE F 120 81.96 46.45 -82.87
N LYS F 121 82.39 47.69 -82.64
CA LYS F 121 83.06 48.52 -83.64
C LYS F 121 84.38 47.92 -84.11
N SER F 122 85.14 47.30 -83.22
CA SER F 122 86.40 46.64 -83.56
C SER F 122 86.20 45.50 -84.57
N LYS F 123 85.12 44.73 -84.44
CA LYS F 123 84.75 43.73 -85.46
C LYS F 123 84.27 44.32 -86.77
N VAL F 124 83.49 45.40 -86.71
CA VAL F 124 83.03 46.11 -87.93
C VAL F 124 84.23 46.68 -88.70
N GLU F 125 85.26 47.21 -88.05
CA GLU F 125 86.46 47.70 -88.75
C GLU F 125 87.35 46.58 -89.33
N GLN F 126 87.25 45.34 -88.82
CA GLN F 126 87.81 44.16 -89.50
C GLN F 126 86.99 43.72 -90.73
N GLY F 127 85.84 44.34 -90.97
CA GLY F 127 85.01 44.18 -92.16
C GLY F 127 83.74 43.36 -91.94
N SER F 128 83.51 42.82 -90.73
CA SER F 128 82.31 42.05 -90.44
C SER F 128 81.06 42.93 -90.49
N THR F 129 79.93 42.31 -90.81
CA THR F 129 78.62 42.95 -90.70
C THR F 129 78.34 43.35 -89.26
N PHE F 130 77.44 44.32 -89.06
CA PHE F 130 76.96 44.65 -87.74
C PHE F 130 76.31 43.44 -87.06
N ALA F 131 75.51 42.64 -87.79
CA ALA F 131 74.90 41.43 -87.24
C ALA F 131 75.93 40.44 -86.68
N ASP F 132 76.98 40.17 -87.45
CA ASP F 132 78.11 39.34 -87.02
C ASP F 132 78.99 39.96 -85.93
N ALA F 133 79.07 41.28 -85.86
CA ALA F 133 79.77 41.95 -84.78
C ALA F 133 79.00 41.92 -83.44
N LEU F 134 77.68 42.07 -83.49
CA LEU F 134 76.82 41.92 -82.32
C LEU F 134 76.76 40.49 -81.78
N LYS F 135 77.02 39.50 -82.65
CA LYS F 135 77.19 38.09 -82.29
C LYS F 135 78.22 37.86 -81.20
N GLU F 136 79.17 38.79 -80.97
CA GLU F 136 80.11 38.71 -79.83
C GLU F 136 79.46 38.97 -78.46
N HIS F 137 78.22 39.45 -78.48
CA HIS F 137 77.42 39.71 -77.29
C HIS F 137 76.03 39.07 -77.42
N PRO F 138 75.92 37.74 -77.56
CA PRO F 138 74.64 37.04 -77.74
C PRO F 138 73.78 37.10 -76.46
N LYS F 139 74.41 37.32 -75.31
CA LYS F 139 73.72 37.55 -74.03
C LYS F 139 73.04 38.93 -73.94
N VAL F 140 73.38 39.86 -74.82
CA VAL F 140 72.83 41.22 -74.88
C VAL F 140 71.89 41.39 -76.09
N PHE F 141 72.34 41.00 -77.28
CA PHE F 141 71.54 41.05 -78.52
C PHE F 141 71.18 39.61 -78.86
N ASP F 142 69.90 39.27 -78.65
CA ASP F 142 69.43 37.90 -78.86
C ASP F 142 69.39 37.57 -80.36
N GLU F 143 69.13 36.31 -80.64
CA GLU F 143 69.07 35.78 -82.02
C GLU F 143 68.08 36.54 -82.90
N LEU F 144 66.94 36.94 -82.33
CA LEU F 144 65.93 37.70 -83.05
C LEU F 144 66.41 39.10 -83.40
N TYR F 145 67.05 39.82 -82.44
CA TYR F 145 67.73 41.05 -82.79
C TYR F 145 68.75 40.89 -83.88
N VAL F 146 69.75 39.98 -83.75
CA VAL F 146 70.77 39.91 -84.80
C VAL F 146 70.03 39.63 -86.11
N GLN F 147 69.13 38.64 -86.17
CA GLN F 147 68.52 38.30 -87.45
C GLN F 147 67.83 39.50 -88.08
N LEU F 148 67.14 40.35 -87.31
CA LEU F 148 66.62 41.61 -87.84
C LEU F 148 67.72 42.46 -88.44
N CYS F 149 68.84 42.67 -87.72
CA CYS F 149 69.95 43.41 -88.30
C CYS F 149 70.42 42.76 -89.62
N ALA F 150 70.70 41.47 -89.58
CA ALA F 150 71.27 40.74 -90.70
C ALA F 150 70.30 40.75 -91.90
N ALA F 151 68.99 40.70 -91.65
CA ALA F 151 67.99 40.82 -92.69
C ALA F 151 68.05 42.20 -93.34
N GLY F 152 68.21 43.24 -92.53
CA GLY F 152 68.45 44.58 -93.04
C GLY F 152 69.72 44.72 -93.86
N GLU F 153 70.83 44.15 -93.40
CA GLU F 153 72.09 44.16 -94.13
C GLU F 153 72.05 43.37 -95.45
N VAL F 154 71.37 42.22 -95.48
CA VAL F 154 71.25 41.38 -96.70
C VAL F 154 70.38 42.06 -97.75
N GLY F 155 69.33 42.79 -97.35
CA GLY F 155 68.36 43.41 -98.28
C GLY F 155 68.66 44.86 -98.65
N GLY F 156 69.72 45.45 -98.09
CA GLY F 156 70.03 46.88 -98.28
C GLY F 156 69.14 47.85 -97.49
N ILE F 157 68.54 47.39 -96.38
CA ILE F 157 67.58 48.15 -95.53
C ILE F 157 68.06 48.27 -94.07
N LEU F 158 69.38 48.28 -93.82
CA LEU F 158 69.90 48.35 -92.45
C LEU F 158 69.32 49.55 -91.67
N ASP F 159 69.20 50.71 -92.33
CA ASP F 159 68.60 51.92 -91.79
C ASP F 159 67.15 51.73 -91.28
N ALA F 160 66.28 51.14 -92.10
CA ALA F 160 64.88 50.96 -91.70
C ALA F 160 64.66 49.81 -90.70
N ILE F 161 65.48 48.76 -90.72
CA ILE F 161 65.44 47.74 -89.66
C ILE F 161 66.02 48.25 -88.34
N LEU F 162 67.00 49.15 -88.35
CA LEU F 162 67.43 49.77 -87.11
C LEU F 162 66.39 50.71 -86.52
N ASN F 163 65.66 51.44 -87.36
CA ASN F 163 64.53 52.25 -86.91
C ASN F 163 63.44 51.39 -86.26
N ARG F 164 63.16 50.24 -86.87
CA ARG F 164 62.24 49.24 -86.35
C ARG F 164 62.70 48.68 -85.01
N LEU F 165 63.97 48.32 -84.92
CA LEU F 165 64.57 47.85 -83.68
C LEU F 165 64.55 48.93 -82.61
N ALA F 166 64.78 50.20 -82.92
CA ALA F 166 64.72 51.29 -81.95
C ALA F 166 63.31 51.47 -81.40
N ALA F 167 62.30 51.47 -82.28
CA ALA F 167 60.90 51.48 -81.87
C ALA F 167 60.55 50.26 -81.00
N TYR F 168 61.01 49.07 -81.38
CA TYR F 168 60.90 47.84 -80.58
C TYR F 168 61.46 47.90 -79.17
N ARG F 169 62.71 48.36 -79.06
CA ARG F 169 63.39 48.56 -77.79
C ARG F 169 62.67 49.59 -76.92
N GLU F 170 62.00 50.58 -77.55
CA GLU F 170 61.29 51.64 -76.80
C GLU F 170 59.98 51.18 -76.23
N LYS F 171 59.28 50.43 -77.06
CA LYS F 171 58.10 49.72 -76.62
C LYS F 171 58.43 48.69 -75.55
N ASN F 172 59.55 47.97 -75.65
CA ASN F 172 59.95 46.99 -74.64
C ASN F 172 60.24 47.63 -73.28
N GLU F 173 61.07 48.66 -73.23
CA GLU F 173 61.32 49.36 -71.97
C GLU F 173 60.07 49.96 -71.36
N LYS F 174 59.27 50.70 -72.16
CA LYS F 174 58.03 51.25 -71.62
C LYS F 174 57.17 50.13 -71.07
N LEU F 175 56.99 49.03 -71.82
CA LEU F 175 56.15 47.95 -71.29
C LEU F 175 56.70 47.36 -70.00
N LYS F 176 58.05 47.23 -69.88
CA LYS F 176 58.64 46.77 -68.62
C LYS F 176 58.34 47.65 -67.44
N SER F 177 58.60 48.96 -67.54
CA SER F 177 58.41 49.85 -66.38
C SER F 177 57.01 49.72 -65.87
N LYS F 178 56.12 49.60 -66.83
CA LYS F 178 54.77 49.88 -66.62
C LYS F 178 54.00 48.60 -66.11
N VAL F 179 54.39 47.31 -66.33
CA VAL F 179 53.87 46.22 -65.43
C VAL F 179 54.37 46.41 -64.02
N LYS F 180 55.70 46.58 -63.93
CA LYS F 180 56.40 46.44 -62.67
C LYS F 180 56.04 47.55 -61.69
N SER F 181 55.69 48.70 -62.24
CA SER F 181 55.58 49.91 -61.46
C SER F 181 54.37 49.72 -60.48
N ALA F 182 54.49 50.26 -59.26
CA ALA F 182 53.67 49.94 -58.06
C ALA F 182 53.77 48.50 -57.55
N LEU F 191 57.87 33.06 -69.99
CA LEU F 191 57.46 33.96 -68.88
C LEU F 191 58.70 34.76 -68.42
N VAL F 192 58.77 36.10 -68.57
CA VAL F 192 59.74 36.90 -67.76
C VAL F 192 59.15 37.25 -66.38
N ALA F 193 59.66 38.33 -65.79
CA ALA F 193 59.12 39.07 -64.66
C ALA F 193 57.73 39.67 -64.95
N ILE F 194 57.50 40.31 -66.09
CA ILE F 194 56.18 40.86 -66.49
C ILE F 194 55.12 39.77 -66.59
N GLY F 195 55.44 38.67 -67.27
CA GLY F 195 54.52 37.54 -67.40
C GLY F 195 54.20 36.91 -66.03
N VAL F 196 55.24 36.57 -65.24
CA VAL F 196 55.05 35.97 -63.91
C VAL F 196 54.30 36.93 -62.98
N THR F 197 54.67 38.22 -62.93
CA THR F 197 53.96 39.22 -62.12
C THR F 197 52.53 39.39 -62.66
N ALA F 198 52.25 39.26 -63.96
CA ALA F 198 50.91 39.51 -64.51
C ALA F 198 49.93 38.34 -64.32
N VAL F 199 50.38 37.09 -64.44
CA VAL F 199 49.61 35.94 -63.92
C VAL F 199 49.38 36.20 -62.46
N LEU F 200 50.47 36.53 -61.73
CA LEU F 200 50.40 36.54 -60.30
C LEU F 200 49.43 37.61 -59.85
N LEU F 201 49.42 38.82 -60.43
CA LEU F 201 48.43 39.84 -60.05
C LEU F 201 47.01 39.50 -60.54
N LEU F 202 46.85 38.98 -61.75
CA LEU F 202 45.52 38.73 -62.34
C LEU F 202 44.69 37.73 -61.52
N LYS F 203 45.25 36.58 -61.16
CA LYS F 203 44.74 35.80 -60.02
C LYS F 203 45.64 35.97 -58.78
N VAL F 204 45.21 36.88 -57.91
CA VAL F 204 45.60 36.95 -56.47
C VAL F 204 44.37 37.05 -55.62
N THR F 205 43.63 38.08 -55.98
CA THR F 205 42.32 38.33 -55.47
C THR F 205 41.36 37.20 -55.72
N PRO F 206 41.08 36.83 -56.98
CA PRO F 206 40.10 35.77 -57.19
C PRO F 206 40.44 34.47 -56.45
N VAL F 207 41.73 34.23 -56.20
CA VAL F 207 42.14 33.14 -55.31
C VAL F 207 41.74 33.45 -53.86
N PHE F 208 42.05 34.62 -53.32
CA PHE F 208 41.57 35.05 -52.00
C PHE F 208 40.09 34.78 -51.79
N GLU F 209 39.38 35.25 -52.75
CA GLU F 209 37.98 35.09 -52.81
C GLU F 209 37.47 33.64 -52.70
N LYS F 210 37.96 32.76 -53.60
CA LYS F 210 37.62 31.35 -53.57
C LYS F 210 37.98 30.69 -52.25
N MET F 211 39.00 31.19 -51.60
CA MET F 211 39.50 30.65 -50.37
C MET F 211 38.76 31.17 -49.12
N PHE F 212 38.23 32.42 -49.12
CA PHE F 212 37.27 32.79 -48.08
C PHE F 212 35.95 32.05 -48.23
N ALA F 213 35.51 31.86 -49.48
CA ALA F 213 34.28 31.15 -49.77
C ALA F 213 34.40 29.62 -49.61
N ASP F 214 35.60 29.12 -49.32
CA ASP F 214 35.89 27.72 -48.99
C ASP F 214 36.14 27.47 -47.50
N PHE F 215 36.22 28.54 -46.68
CA PHE F 215 36.13 28.44 -45.23
C PHE F 215 34.72 27.92 -44.89
N GLY F 216 34.58 26.60 -44.83
CA GLY F 216 33.37 25.92 -44.38
C GLY F 216 32.14 26.12 -45.28
N SER F 217 30.96 26.04 -44.66
CA SER F 217 29.65 26.17 -45.31
C SER F 217 28.83 27.25 -44.61
N GLU F 218 27.65 27.57 -45.16
CA GLU F 218 26.69 28.55 -44.60
C GLU F 218 27.30 29.94 -44.34
N LEU F 219 28.16 30.40 -45.24
CA LEU F 219 28.63 31.79 -45.31
C LEU F 219 27.48 32.79 -45.66
N PRO F 220 27.82 34.02 -46.09
CA PRO F 220 26.90 34.94 -46.76
C PRO F 220 26.69 34.72 -48.25
N GLY F 221 25.43 34.55 -48.65
CA GLY F 221 25.11 34.11 -50.03
C GLY F 221 25.37 32.64 -50.52
N PRO F 222 25.85 31.62 -49.76
CA PRO F 222 26.21 30.26 -50.28
C PRO F 222 25.08 29.36 -50.86
N THR F 223 25.24 28.05 -50.75
CA THR F 223 24.23 27.10 -50.30
C THR F 223 24.82 26.04 -49.38
N GLN F 224 23.97 25.39 -48.59
CA GLN F 224 24.19 24.01 -48.17
C GLN F 224 24.69 23.10 -49.32
N MET F 225 25.67 22.27 -48.96
CA MET F 225 26.22 21.27 -49.87
C MET F 225 25.25 20.20 -50.37
N ILE F 226 24.17 19.85 -49.63
CA ILE F 226 23.28 18.79 -50.12
C ILE F 226 22.46 19.26 -51.33
N VAL F 227 22.35 20.56 -51.71
CA VAL F 227 21.59 20.79 -52.95
C VAL F 227 22.19 19.94 -54.06
N ASN F 228 21.42 19.81 -55.13
CA ASN F 228 21.99 19.32 -56.37
C ASN F 228 23.08 20.27 -56.87
N PHE F 229 24.19 19.69 -57.36
CA PHE F 229 25.34 20.50 -57.79
C PHE F 229 24.98 21.62 -58.75
N SER F 230 24.18 21.33 -59.80
CA SER F 230 23.91 22.35 -60.80
C SER F 230 23.26 23.59 -60.19
N HIS F 231 22.27 23.40 -59.31
CA HIS F 231 21.65 24.53 -58.64
C HIS F 231 22.65 25.24 -57.73
N MET F 232 23.49 24.50 -56.99
CA MET F 232 24.47 25.16 -56.10
C MET F 232 25.37 26.06 -56.93
N ALA F 233 25.90 25.53 -58.02
CA ALA F 233 26.82 26.27 -58.87
C ALA F 233 26.13 27.49 -59.50
N GLN F 234 24.89 27.35 -59.98
CA GLN F 234 24.15 28.48 -60.53
C GLN F 234 23.85 29.56 -59.51
N GLU F 235 23.50 29.26 -58.25
CA GLU F 235 23.27 30.33 -57.29
C GLU F 235 24.55 31.12 -57.04
N TYR F 236 25.68 30.41 -56.85
CA TYR F 236 26.95 31.11 -56.69
C TYR F 236 27.41 31.92 -57.88
N PHE F 237 26.88 31.64 -59.06
CA PHE F 237 27.12 32.44 -60.26
C PHE F 237 27.41 33.93 -60.01
N PHE F 238 26.74 34.52 -59.01
CA PHE F 238 27.13 35.81 -58.44
C PHE F 238 28.64 35.94 -58.18
N HIS F 239 29.20 35.09 -57.32
CA HIS F 239 30.59 35.06 -57.03
C HIS F 239 31.50 34.62 -58.19
N VAL F 240 31.17 33.58 -58.94
CA VAL F 240 31.90 33.30 -60.19
C VAL F 240 32.01 34.55 -61.09
N ALA F 241 30.94 35.35 -61.16
CA ALA F 241 30.87 36.60 -61.91
C ALA F 241 31.73 37.73 -61.33
N GLY F 242 31.66 37.96 -60.02
CA GLY F 242 32.48 38.94 -59.34
C GLY F 242 34.00 38.64 -59.47
N SER F 243 34.39 37.34 -59.48
CA SER F 243 35.76 36.90 -59.82
C SER F 243 36.16 37.21 -61.27
N ILE F 244 35.35 36.81 -62.26
CA ILE F 244 35.66 37.14 -63.66
C ILE F 244 35.80 38.64 -63.83
N VAL F 245 34.87 39.45 -63.30
CA VAL F 245 34.96 40.91 -63.42
C VAL F 245 36.28 41.36 -62.82
N ALA F 246 36.69 40.77 -61.69
CA ALA F 246 37.97 41.09 -61.11
C ALA F 246 39.17 40.84 -61.98
N VAL F 247 39.06 39.71 -62.66
CA VAL F 247 40.03 39.37 -63.66
C VAL F 247 40.03 40.41 -64.79
N VAL F 248 38.90 40.64 -65.45
CA VAL F 248 38.80 41.57 -66.59
C VAL F 248 39.43 42.90 -66.25
N MET F 249 39.13 43.41 -65.07
CA MET F 249 39.70 44.65 -64.59
C MET F 249 41.23 44.64 -64.55
N SER F 250 41.84 43.71 -63.82
CA SER F 250 43.29 43.63 -63.75
C SER F 250 43.93 43.35 -65.11
N PHE F 251 43.24 42.63 -66.01
CA PHE F 251 43.66 42.54 -67.40
C PHE F 251 43.64 43.87 -68.12
N THR F 252 42.60 44.69 -67.91
CA THR F 252 42.46 46.02 -68.54
C THR F 252 43.57 46.90 -68.06
N TRP F 253 43.76 47.01 -66.75
CA TRP F 253 44.90 47.74 -66.26
C TRP F 253 46.23 47.20 -66.82
N SER F 254 46.42 45.91 -67.08
CA SER F 254 47.71 45.46 -67.63
C SER F 254 47.86 45.65 -69.15
N TYR F 255 46.77 45.54 -69.92
CA TYR F 255 46.75 45.78 -71.36
C TYR F 255 46.85 47.27 -71.76
N ARG F 256 45.84 48.05 -71.36
CA ARG F 256 45.96 49.51 -71.28
C ARG F 256 46.84 49.64 -70.12
N GLN F 257 47.60 50.72 -70.09
CA GLN F 257 48.70 50.64 -69.22
C GLN F 257 49.34 49.31 -69.66
N PRO F 258 50.56 49.55 -70.08
CA PRO F 258 51.35 48.61 -70.90
C PRO F 258 50.66 47.31 -71.17
N LEU F 269 34.20 73.82 -85.31
CA LEU F 269 35.22 72.98 -84.65
C LEU F 269 36.59 73.35 -85.19
N PHE F 270 37.56 73.60 -84.31
CA PHE F 270 38.94 73.84 -84.72
C PHE F 270 39.69 72.52 -84.95
N MET F 271 39.65 72.01 -86.18
CA MET F 271 40.30 70.75 -86.55
C MET F 271 41.78 70.65 -86.15
N PRO F 272 42.62 71.69 -86.33
CA PRO F 272 44.04 71.62 -85.95
C PRO F 272 44.26 71.41 -84.44
N VAL F 273 43.38 71.96 -83.58
CA VAL F 273 43.41 71.75 -82.12
C VAL F 273 43.27 70.26 -81.76
N PHE F 274 42.69 69.44 -82.63
CA PHE F 274 42.45 68.01 -82.38
C PHE F 274 43.57 67.06 -82.76
N GLY F 275 44.59 67.54 -83.48
CA GLY F 275 45.68 66.69 -83.94
C GLY F 275 46.66 66.37 -82.79
N PRO F 276 47.16 65.14 -82.59
CA PRO F 276 48.23 64.95 -81.62
C PRO F 276 49.48 65.74 -82.01
N VAL F 277 49.86 66.69 -81.16
CA VAL F 277 51.14 67.41 -81.26
C VAL F 277 52.27 66.66 -80.54
N LEU F 278 53.48 67.23 -80.61
CA LEU F 278 54.66 66.76 -79.91
C LEU F 278 54.38 66.46 -78.43
N ARG F 279 54.85 65.32 -77.95
CA ARG F 279 54.86 64.99 -76.52
C ARG F 279 56.24 65.13 -75.91
N LYS F 280 56.32 64.82 -74.61
CA LYS F 280 57.59 64.61 -73.87
C LYS F 280 58.51 63.60 -74.52
N VAL F 281 57.95 62.45 -74.95
CA VAL F 281 58.72 61.37 -75.62
C VAL F 281 59.36 61.91 -76.88
N ALA F 282 58.56 62.53 -77.72
CA ALA F 282 59.02 63.01 -78.99
C ALA F 282 60.10 64.12 -78.83
N VAL F 283 60.01 64.99 -77.82
CA VAL F 283 61.06 66.01 -77.49
C VAL F 283 62.32 65.32 -76.98
N ALA F 284 62.19 64.30 -76.14
CA ALA F 284 63.33 63.54 -75.60
C ALA F 284 64.11 62.83 -76.72
N ARG F 285 63.38 62.20 -77.65
CA ARG F 285 63.98 61.57 -78.83
C ARG F 285 64.71 62.54 -79.74
N PHE F 286 64.03 63.63 -80.12
CA PHE F 286 64.65 64.75 -80.83
C PHE F 286 65.96 65.25 -80.23
N THR F 287 65.91 65.53 -78.93
CA THR F 287 67.06 66.08 -78.19
C THR F 287 68.19 65.08 -78.14
N ARG F 288 67.88 63.79 -77.91
CA ARG F 288 68.89 62.74 -77.89
C ARG F 288 69.56 62.59 -79.24
N THR F 289 68.77 62.55 -80.31
CA THR F 289 69.24 62.45 -81.69
C THR F 289 70.18 63.60 -82.02
N LEU F 290 69.79 64.84 -81.70
CA LEU F 290 70.60 66.00 -82.00
C LEU F 290 71.87 66.06 -81.16
N GLY F 291 71.77 65.79 -79.85
CA GLY F 291 72.90 65.67 -78.91
C GLY F 291 73.91 64.65 -79.39
N THR F 292 73.35 63.60 -79.96
CA THR F 292 74.10 62.51 -80.53
C THR F 292 74.85 62.98 -81.80
N MET F 293 74.20 63.51 -82.82
CA MET F 293 74.86 63.93 -84.06
C MET F 293 75.82 65.11 -83.86
N ILE F 294 75.51 66.03 -82.94
CA ILE F 294 76.45 67.12 -82.65
C ILE F 294 77.70 66.62 -81.91
N SER F 295 77.56 65.76 -80.89
CA SER F 295 78.71 65.21 -80.15
C SER F 295 79.65 64.42 -81.05
N SER F 296 79.08 63.83 -82.10
CA SER F 296 79.85 63.11 -83.10
C SER F 296 80.66 63.94 -84.07
N GLY F 297 80.23 65.18 -84.28
CA GLY F 297 80.93 66.15 -85.09
C GLY F 297 80.16 66.69 -86.30
N VAL F 298 78.94 66.20 -86.57
CA VAL F 298 78.08 66.68 -87.67
C VAL F 298 77.74 68.18 -87.40
N PRO F 299 77.59 69.13 -88.37
CA PRO F 299 77.08 70.46 -88.00
C PRO F 299 75.61 70.41 -87.58
N ILE F 300 75.13 71.51 -87.01
CA ILE F 300 73.70 71.67 -86.69
C ILE F 300 72.81 71.41 -87.90
N LEU F 301 73.12 72.01 -89.06
CA LEU F 301 72.24 71.90 -90.22
C LEU F 301 72.19 70.52 -90.84
N ASP F 302 73.32 69.81 -90.86
CA ASP F 302 73.35 68.41 -91.29
C ASP F 302 72.53 67.53 -90.32
N ALA F 303 72.66 67.76 -89.00
CA ALA F 303 71.88 67.01 -88.01
C ALA F 303 70.36 67.26 -88.15
N LEU F 304 69.95 68.50 -88.39
CA LEU F 304 68.55 68.85 -88.56
C LEU F 304 67.95 68.24 -89.82
N ASP F 305 68.71 68.17 -90.93
CA ASP F 305 68.21 67.57 -92.18
C ASP F 305 67.96 66.06 -92.03
N VAL F 306 68.82 65.38 -91.27
CA VAL F 306 68.64 63.97 -90.94
C VAL F 306 67.43 63.83 -90.02
N THR F 307 67.37 64.65 -88.97
CA THR F 307 66.33 64.53 -87.94
C THR F 307 64.96 64.79 -88.53
N ALA F 308 64.83 65.78 -89.43
CA ALA F 308 63.57 66.14 -90.08
C ALA F 308 63.02 65.00 -90.97
N LYS F 309 63.83 63.99 -91.30
CA LYS F 309 63.42 62.78 -92.00
C LYS F 309 63.11 61.59 -91.09
N THR F 310 63.52 61.65 -89.82
CA THR F 310 63.41 60.56 -88.84
C THR F 310 62.53 60.91 -87.64
N ALA F 311 61.77 62.01 -87.73
CA ALA F 311 60.83 62.40 -86.69
C ALA F 311 59.46 61.75 -86.93
N GLY F 312 58.92 61.09 -85.89
CA GLY F 312 57.71 60.27 -86.08
C GLY F 312 56.40 61.07 -86.05
N ASN F 313 56.31 62.02 -85.14
CA ASN F 313 55.13 62.87 -85.02
C ASN F 313 55.09 63.89 -86.17
N ARG F 314 54.00 63.90 -86.95
CA ARG F 314 53.86 64.76 -88.14
C ARG F 314 53.92 66.26 -87.83
N THR F 315 53.29 66.68 -86.74
CA THR F 315 53.30 68.11 -86.37
C THR F 315 54.70 68.58 -85.97
N VAL F 316 55.49 67.69 -85.39
CA VAL F 316 56.89 67.96 -85.00
C VAL F 316 57.76 67.98 -86.20
N GLU F 317 57.54 67.06 -87.12
CA GLU F 317 58.22 67.07 -88.40
C GLU F 317 58.00 68.41 -89.12
N ASP F 318 56.77 68.92 -89.11
CA ASP F 318 56.44 70.23 -89.65
C ASP F 318 57.10 71.39 -88.90
N ALA F 319 57.15 71.28 -87.56
CA ALA F 319 57.91 72.18 -86.71
C ALA F 319 59.41 72.19 -87.07
N ILE F 320 60.04 71.02 -87.17
CA ILE F 320 61.48 70.85 -87.39
C ILE F 320 61.88 71.28 -88.80
N ILE F 321 61.04 71.05 -89.82
CA ILE F 321 61.27 71.56 -91.17
C ILE F 321 61.30 73.10 -91.14
N TYR F 322 60.43 73.71 -90.36
CA TYR F 322 60.43 75.16 -90.15
C TYR F 322 61.62 75.69 -89.38
N VAL F 323 62.07 74.96 -88.37
CA VAL F 323 63.30 75.31 -87.65
C VAL F 323 64.52 75.23 -88.57
N ARG F 324 64.64 74.16 -89.36
CA ARG F 324 65.76 73.99 -90.28
C ARG F 324 65.76 75.02 -91.40
N GLY F 325 64.58 75.31 -91.96
CA GLY F 325 64.42 76.37 -92.97
C GLY F 325 64.84 77.73 -92.43
N LYS F 326 64.42 78.07 -91.21
CA LYS F 326 64.83 79.32 -90.53
C LYS F 326 66.34 79.41 -90.30
N ILE F 327 66.96 78.34 -89.81
CA ILE F 327 68.42 78.31 -89.55
C ILE F 327 69.20 78.41 -90.85
N ALA F 328 68.80 77.65 -91.89
CA ALA F 328 69.47 77.69 -93.18
C ALA F 328 69.40 79.08 -93.82
N GLU F 329 68.37 79.87 -93.52
CA GLU F 329 68.26 81.27 -93.95
C GLU F 329 69.13 82.27 -93.16
N GLY F 330 69.76 81.83 -92.05
CA GLY F 330 70.66 82.67 -91.25
C GLY F 330 70.07 83.13 -89.92
N LYS F 331 68.85 82.73 -89.55
CA LYS F 331 68.31 82.95 -88.21
C LYS F 331 69.04 82.07 -87.17
N ASN F 332 69.17 82.56 -85.93
CA ASN F 332 69.90 81.89 -84.84
C ASN F 332 69.12 80.77 -84.20
N ILE F 333 69.66 79.55 -84.04
CA ILE F 333 68.94 78.31 -83.64
C ILE F 333 67.92 78.49 -82.52
N ALA F 334 68.24 79.21 -81.44
CA ALA F 334 67.40 79.51 -80.30
C ALA F 334 66.16 80.35 -80.68
N GLY F 335 66.31 81.27 -81.62
CA GLY F 335 65.23 82.02 -82.27
C GLY F 335 64.28 81.19 -83.17
N PRO F 336 64.71 80.28 -84.10
CA PRO F 336 63.83 79.29 -84.67
C PRO F 336 63.09 78.40 -83.64
N LEU F 337 63.75 78.01 -82.55
CA LEU F 337 63.06 77.21 -81.54
C LEU F 337 62.00 78.00 -80.77
N ALA F 338 62.30 79.26 -80.44
CA ALA F 338 61.46 80.09 -79.56
C ALA F 338 60.06 80.37 -80.13
N GLU F 339 59.87 80.10 -81.42
CA GLU F 339 58.60 80.26 -82.11
C GLU F 339 57.63 79.12 -81.82
N THR F 340 58.12 78.03 -81.25
CA THR F 340 57.38 76.80 -81.07
C THR F 340 57.27 76.46 -79.60
N LYS F 341 56.02 76.25 -79.16
CA LYS F 341 55.69 76.09 -77.74
C LYS F 341 56.36 74.90 -77.06
N VAL F 342 56.61 73.86 -77.83
CA VAL F 342 57.20 72.62 -77.31
C VAL F 342 58.58 72.81 -76.68
N PHE F 343 59.33 73.85 -77.01
CA PHE F 343 60.62 74.14 -76.41
C PHE F 343 60.40 75.12 -75.22
N PRO F 344 60.58 74.74 -73.93
CA PRO F 344 60.43 75.70 -72.86
C PRO F 344 61.40 76.89 -72.95
N SER F 345 61.16 77.91 -72.13
CA SER F 345 62.05 79.08 -71.98
C SER F 345 63.45 78.68 -71.57
N MET F 346 63.57 77.67 -70.69
CA MET F 346 64.84 77.12 -70.27
C MET F 346 65.60 76.40 -71.36
N VAL F 347 64.89 75.60 -72.15
CA VAL F 347 65.47 74.95 -73.31
C VAL F 347 66.05 75.97 -74.26
N VAL F 348 65.26 76.97 -74.64
CA VAL F 348 65.70 78.00 -75.58
C VAL F 348 66.86 78.79 -75.00
N GLN F 349 66.77 79.17 -73.72
CA GLN F 349 67.79 79.97 -73.08
C GLN F 349 69.12 79.21 -72.97
N MET F 350 69.05 77.91 -72.70
CA MET F 350 70.18 76.98 -72.67
C MET F 350 70.78 76.76 -74.05
N ILE F 351 69.97 76.49 -75.07
CA ILE F 351 70.43 76.45 -76.46
C ILE F 351 71.09 77.77 -76.87
N GLY F 352 70.53 78.90 -76.46
CA GLY F 352 71.04 80.24 -76.79
C GLY F 352 72.42 80.51 -76.20
N VAL F 353 72.68 79.96 -75.01
CA VAL F 353 74.05 79.89 -74.49
C VAL F 353 74.94 79.03 -75.36
N GLY F 354 74.49 77.80 -75.69
CA GLY F 354 75.26 76.84 -76.46
C GLY F 354 75.73 77.38 -77.82
N GLU F 355 74.92 78.24 -78.46
CA GLU F 355 75.27 78.91 -79.72
C GLU F 355 76.49 79.82 -79.58
N ALA F 356 76.56 80.58 -78.49
CA ALA F 356 77.64 81.53 -78.25
C ALA F 356 78.90 80.87 -77.69
N THR F 357 78.80 79.58 -77.32
CA THR F 357 79.84 78.85 -76.61
C THR F 357 80.50 77.74 -77.35
N GLY F 358 79.97 77.41 -78.53
CA GLY F 358 80.44 76.24 -79.26
C GLY F 358 80.31 74.96 -78.42
N ALA F 359 79.33 74.89 -77.52
CA ALA F 359 79.09 73.73 -76.64
C ALA F 359 77.65 73.19 -76.80
N MET F 360 77.04 73.39 -77.97
CA MET F 360 75.70 72.89 -78.24
C MET F 360 75.58 71.38 -78.06
N ASP F 361 76.61 70.60 -78.43
CA ASP F 361 76.67 69.13 -78.29
C ASP F 361 76.28 68.68 -76.94
N THR F 362 76.90 69.40 -76.03
CA THR F 362 76.76 68.93 -74.73
C THR F 362 75.52 69.58 -74.12
N MET F 363 75.23 70.86 -74.35
CA MET F 363 73.95 71.41 -73.93
C MET F 363 72.77 70.51 -74.27
N LEU F 364 72.80 69.95 -75.49
CA LEU F 364 71.81 69.01 -75.96
C LEU F 364 71.90 67.67 -75.25
N ASN F 365 73.09 67.15 -74.95
CA ASN F 365 73.25 65.90 -74.21
C ASN F 365 72.66 65.97 -72.78
N LYS F 366 72.84 67.09 -72.10
CA LYS F 366 72.30 67.32 -70.74
C LYS F 366 70.81 67.60 -70.74
N ILE F 367 70.33 68.39 -71.69
CA ILE F 367 68.91 68.54 -71.96
C ILE F 367 68.31 67.14 -72.20
N ALA F 368 68.90 66.31 -73.06
CA ALA F 368 68.29 65.03 -73.44
C ALA F 368 68.20 64.04 -72.27
N ASP F 369 69.25 63.99 -71.45
CA ASP F 369 69.28 63.16 -70.24
C ASP F 369 68.24 63.60 -69.21
N PHE F 370 68.11 64.93 -69.03
CA PHE F 370 67.06 65.51 -68.20
C PHE F 370 65.65 65.10 -68.66
N TYR F 371 65.40 65.17 -69.96
CA TYR F 371 64.13 64.76 -70.56
C TYR F 371 63.81 63.29 -70.50
N ASP F 372 64.78 62.45 -70.81
CA ASP F 372 64.72 60.99 -70.72
C ASP F 372 64.37 60.49 -69.30
N ASP F 373 64.87 61.20 -68.29
CA ASP F 373 64.57 60.91 -66.90
C ASP F 373 63.22 61.43 -66.38
N GLU F 374 62.83 62.62 -66.86
CA GLU F 374 61.48 63.16 -66.71
C GLU F 374 60.43 62.21 -67.36
N VAL F 375 60.74 61.66 -68.54
CA VAL F 375 59.90 60.74 -69.30
C VAL F 375 59.67 59.48 -68.49
N ASP F 376 60.72 58.88 -67.96
CA ASP F 376 60.65 57.59 -67.28
C ASP F 376 60.10 57.62 -65.85
N ALA F 377 60.19 58.77 -65.21
CA ALA F 377 59.36 59.11 -64.04
C ALA F 377 57.86 59.14 -64.40
N ALA F 378 57.48 60.02 -65.33
CA ALA F 378 56.15 60.02 -65.88
C ALA F 378 55.92 58.69 -66.61
N ALA F 384 53.71 57.61 -63.65
CA ALA F 384 53.38 57.38 -62.23
C ALA F 384 51.88 57.21 -62.00
N MET F 385 50.94 57.68 -62.85
CA MET F 385 49.48 57.45 -62.69
C MET F 385 49.00 56.09 -63.23
N ILE F 386 49.81 55.50 -64.11
CA ILE F 386 49.76 54.14 -64.65
C ILE F 386 49.99 53.05 -63.57
N GLU F 387 50.33 53.44 -62.38
CA GLU F 387 50.48 52.49 -61.30
C GLU F 387 49.56 52.66 -60.11
N PRO F 388 49.23 53.90 -59.79
CA PRO F 388 48.21 54.25 -58.83
C PRO F 388 46.83 53.85 -59.31
N VAL F 389 46.44 54.11 -60.57
CA VAL F 389 45.11 53.70 -61.05
C VAL F 389 45.02 52.13 -61.04
N LEU F 390 46.13 51.34 -60.98
CA LEU F 390 46.12 49.84 -61.03
C LEU F 390 45.52 49.37 -59.77
N MET F 391 46.13 49.92 -58.74
CA MET F 391 45.89 49.62 -57.38
C MET F 391 44.49 50.06 -57.01
N VAL F 392 43.98 51.12 -57.65
CA VAL F 392 42.60 51.59 -57.42
C VAL F 392 41.64 50.50 -57.84
N PHE F 393 41.82 50.01 -59.05
CA PHE F 393 41.06 48.89 -59.54
C PHE F 393 41.44 47.53 -58.97
N LEU F 394 42.63 47.40 -58.40
CA LEU F 394 43.10 46.15 -57.84
C LEU F 394 42.23 45.80 -56.63
N GLY F 395 42.44 46.54 -55.54
CA GLY F 395 41.73 46.31 -54.29
C GLY F 395 40.25 46.70 -54.37
N GLY F 396 39.91 47.69 -55.20
CA GLY F 396 38.52 48.10 -55.40
C GLY F 396 37.63 47.01 -55.95
N VAL F 397 38.16 46.21 -56.88
CA VAL F 397 37.43 45.09 -57.39
C VAL F 397 37.37 43.96 -56.35
N VAL F 398 38.49 43.63 -55.71
CA VAL F 398 38.54 42.60 -54.67
C VAL F 398 37.49 42.82 -53.61
N GLY F 399 37.43 44.07 -53.16
CA GLY F 399 36.52 44.49 -52.11
C GLY F 399 35.08 44.44 -52.61
N GLY F 400 34.84 44.76 -53.87
CA GLY F 400 33.52 44.65 -54.49
C GLY F 400 32.99 43.24 -54.56
N PHE F 401 33.85 42.25 -54.80
CA PHE F 401 33.48 40.85 -54.71
C PHE F 401 33.01 40.42 -53.33
N LEU F 402 33.86 40.69 -52.34
CA LEU F 402 33.62 40.30 -50.96
C LEU F 402 32.34 40.93 -50.44
N ILE F 403 32.11 42.19 -50.80
CA ILE F 403 30.88 42.88 -50.45
C ILE F 403 29.68 42.28 -51.14
N GLY F 404 29.89 41.93 -52.40
CA GLY F 404 28.86 41.38 -53.24
C GLY F 404 28.15 40.19 -52.60
N MET F 405 28.88 39.16 -52.15
CA MET F 405 28.21 37.96 -51.60
C MET F 405 27.71 38.10 -50.21
N TYR F 406 28.47 38.83 -49.40
CA TYR F 406 27.99 39.11 -48.09
C TYR F 406 26.59 39.66 -48.03
N LEU F 407 26.36 40.63 -48.91
CA LEU F 407 25.05 41.21 -49.01
C LEU F 407 24.09 40.12 -49.50
N ILE G 69 36.07 94.15 -49.06
CA ILE G 69 36.98 93.04 -48.66
C ILE G 69 38.19 93.05 -49.60
N PRO G 70 39.46 93.04 -49.15
CA PRO G 70 40.57 92.64 -50.02
C PRO G 70 41.09 91.22 -49.76
N GLY G 71 41.79 90.65 -50.73
CA GLY G 71 42.45 89.35 -50.63
C GLY G 71 43.63 89.21 -51.60
N PHE G 72 44.80 88.89 -51.05
CA PHE G 72 46.04 88.62 -51.78
C PHE G 72 46.69 87.37 -51.22
N GLY G 73 47.28 86.56 -52.11
CA GLY G 73 48.06 85.38 -51.73
C GLY G 73 49.53 85.72 -51.58
N GLY G 74 50.26 84.81 -50.93
CA GLY G 74 51.71 84.87 -50.89
C GLY G 74 52.33 84.51 -52.24
N VAL G 75 53.58 84.09 -52.15
CA VAL G 75 54.30 83.52 -53.26
C VAL G 75 54.65 82.05 -53.03
N GLU G 76 55.04 81.32 -54.08
CA GLU G 76 55.35 79.90 -53.97
C GLU G 76 56.51 79.62 -52.99
N GLY G 77 56.56 78.39 -52.46
CA GLY G 77 57.67 78.01 -51.58
C GLY G 77 59.05 78.10 -52.28
N LYS G 78 59.10 77.73 -53.57
CA LYS G 78 60.25 77.86 -54.47
C LYS G 78 60.76 79.26 -54.67
N ASP G 79 59.77 80.09 -54.81
CA ASP G 79 60.08 81.43 -55.15
C ASP G 79 60.51 82.31 -53.94
N ILE G 80 59.93 82.05 -52.77
CA ILE G 80 60.47 82.59 -51.51
C ILE G 80 61.88 82.08 -51.28
N LEU G 81 62.09 80.80 -51.56
CA LEU G 81 63.38 80.24 -51.35
C LEU G 81 64.50 80.95 -52.10
N VAL G 82 64.30 81.09 -53.40
CA VAL G 82 65.30 81.63 -54.30
C VAL G 82 65.66 83.03 -53.85
N PHE G 83 64.63 83.78 -53.52
CA PHE G 83 64.84 85.14 -53.21
C PHE G 83 65.43 85.39 -51.81
N THR G 84 65.01 84.63 -50.81
CA THR G 84 65.65 84.73 -49.49
C THR G 84 67.11 84.28 -49.54
N ARG G 85 67.44 83.21 -50.30
CA ARG G 85 68.83 82.77 -50.47
C ARG G 85 69.67 83.85 -51.08
N GLN G 86 69.22 84.37 -52.20
CA GLN G 86 70.01 85.34 -52.91
C GLN G 86 70.13 86.67 -52.11
N PHE G 87 69.20 87.05 -51.21
CA PHE G 87 69.42 88.21 -50.31
C PHE G 87 70.37 88.02 -49.19
N ALA G 88 70.23 86.88 -48.55
CA ALA G 88 71.18 86.47 -47.56
C ALA G 88 72.59 86.48 -48.13
N THR G 89 72.73 86.00 -49.36
CA THR G 89 74.03 85.94 -50.01
C THR G 89 74.58 87.34 -50.26
N MET G 90 73.79 88.23 -50.86
CA MET G 90 74.28 89.57 -51.17
C MET G 90 74.56 90.42 -49.95
N ILE G 91 73.66 90.35 -48.97
CA ILE G 91 73.83 91.11 -47.72
C ILE G 91 75.08 90.63 -46.99
N ASP G 92 75.32 89.31 -46.94
CA ASP G 92 76.51 88.80 -46.24
C ASP G 92 77.79 89.17 -47.02
N ALA G 93 77.65 89.54 -48.30
CA ALA G 93 78.74 90.08 -49.12
C ALA G 93 79.14 91.52 -48.80
N GLY G 94 78.43 92.20 -47.91
CA GLY G 94 78.70 93.60 -47.62
C GLY G 94 78.20 94.57 -48.69
N LEU G 95 77.36 94.16 -49.66
CA LEU G 95 76.67 95.17 -50.47
C LEU G 95 75.68 95.95 -49.61
N PRO G 96 75.40 97.23 -49.95
CA PRO G 96 74.32 97.97 -49.31
C PRO G 96 72.99 97.25 -49.49
N LEU G 97 72.12 97.31 -48.49
CA LEU G 97 70.84 96.59 -48.52
C LEU G 97 69.97 96.97 -49.72
N VAL G 98 69.92 98.25 -50.08
CA VAL G 98 69.19 98.72 -51.26
C VAL G 98 69.78 98.11 -52.52
N GLN G 99 71.12 98.04 -52.66
CA GLN G 99 71.76 97.45 -53.82
C GLN G 99 71.52 95.93 -53.86
N CYS G 100 71.51 95.25 -52.72
CA CYS G 100 71.11 93.86 -52.63
C CYS G 100 69.71 93.69 -53.23
N LEU G 101 68.74 94.46 -52.73
CA LEU G 101 67.35 94.50 -53.19
C LEU G 101 67.19 94.72 -54.69
N ASP G 102 67.96 95.64 -55.25
CA ASP G 102 67.92 95.96 -56.66
C ASP G 102 68.34 94.76 -57.50
N ILE G 103 69.41 94.12 -57.06
CA ILE G 103 70.00 93.03 -57.77
C ILE G 103 69.03 91.85 -57.86
N LEU G 104 68.44 91.42 -56.74
CA LEU G 104 67.54 90.29 -56.83
C LEU G 104 66.28 90.57 -57.62
N ALA G 105 65.75 91.79 -57.49
CA ALA G 105 64.68 92.22 -58.36
C ALA G 105 65.11 92.06 -59.83
N SER G 106 66.27 92.63 -60.19
CA SER G 106 66.73 92.67 -61.58
C SER G 106 67.11 91.30 -62.16
N GLN G 107 67.38 90.32 -61.30
CA GLN G 107 67.66 88.93 -61.70
C GLN G 107 66.46 88.00 -61.68
N MET G 108 65.29 88.51 -61.29
CA MET G 108 64.10 87.69 -61.14
C MET G 108 63.44 87.37 -62.49
N ASP G 109 62.92 86.13 -62.59
CA ASP G 109 62.13 85.64 -63.73
C ASP G 109 60.58 85.81 -63.69
N ASN G 110 59.94 85.81 -62.52
CA ASN G 110 58.47 85.95 -62.35
C ASN G 110 58.12 87.50 -62.33
N PRO G 111 57.08 88.23 -62.92
CA PRO G 111 57.08 89.66 -62.58
C PRO G 111 56.78 89.92 -61.12
N SER G 112 55.94 89.10 -60.48
CA SER G 112 55.40 89.52 -59.18
C SER G 112 56.53 89.71 -58.18
N PHE G 113 57.57 88.87 -58.30
CA PHE G 113 58.76 89.08 -57.50
C PHE G 113 59.55 90.32 -57.82
N LYS G 114 59.88 90.52 -59.10
CA LYS G 114 60.62 91.74 -59.46
C LYS G 114 59.82 92.97 -59.03
N LYS G 115 58.50 92.95 -59.26
CA LYS G 115 57.64 94.07 -58.88
C LYS G 115 57.69 94.28 -57.38
N VAL G 116 57.46 93.26 -56.54
CA VAL G 116 57.47 93.54 -55.08
C VAL G 116 58.82 94.15 -54.75
N LEU G 117 59.91 93.51 -55.17
CA LEU G 117 61.20 93.84 -54.63
C LEU G 117 61.70 95.22 -54.96
N PHE G 118 61.20 95.75 -56.05
CA PHE G 118 61.30 97.16 -56.29
C PHE G 118 60.55 98.02 -55.22
N ALA G 119 59.32 97.65 -54.84
CA ALA G 119 58.56 98.28 -53.76
C ALA G 119 59.20 98.14 -52.35
N ILE G 120 59.71 96.96 -51.98
CA ILE G 120 60.47 96.78 -50.73
C ILE G 120 61.70 97.70 -50.74
N LYS G 121 62.45 97.72 -51.84
CA LYS G 121 63.61 98.61 -52.00
C LYS G 121 63.25 100.09 -51.94
N SER G 122 62.10 100.47 -52.49
CA SER G 122 61.62 101.85 -52.44
C SER G 122 61.39 102.34 -51.01
N LYS G 123 60.88 101.48 -50.12
CA LYS G 123 60.79 101.79 -48.68
C LYS G 123 62.15 101.85 -47.98
N VAL G 124 63.04 100.92 -48.31
CA VAL G 124 64.41 100.92 -47.74
C VAL G 124 65.16 102.21 -48.13
N GLU G 125 65.00 102.74 -49.36
CA GLU G 125 65.64 104.01 -49.75
C GLU G 125 65.01 105.26 -49.09
N GLN G 126 63.76 105.17 -48.61
CA GLN G 126 63.18 106.18 -47.72
C GLN G 126 63.73 106.09 -46.29
N GLY G 127 64.53 105.07 -45.97
CA GLY G 127 65.27 104.91 -44.72
C GLY G 127 64.68 103.84 -43.79
N SER G 128 63.55 103.21 -44.15
CA SER G 128 62.95 102.18 -43.31
C SER G 128 63.84 100.93 -43.24
N THR G 129 63.73 100.20 -42.15
CA THR G 129 64.35 98.88 -42.01
C THR G 129 63.81 97.92 -43.06
N PHE G 130 64.56 96.86 -43.36
CA PHE G 130 64.06 95.79 -44.19
C PHE G 130 62.80 95.16 -43.60
N ALA G 131 62.76 94.92 -42.29
CA ALA G 131 61.59 94.37 -41.62
C ALA G 131 60.32 95.22 -41.86
N ASP G 132 60.44 96.53 -41.67
CA ASP G 132 59.36 97.49 -41.94
C ASP G 132 59.03 97.66 -43.44
N ALA G 133 59.99 97.45 -44.33
CA ALA G 133 59.73 97.46 -45.77
C ALA G 133 58.99 96.20 -46.24
N LEU G 134 59.34 95.03 -45.70
CA LEU G 134 58.62 93.80 -45.98
C LEU G 134 57.19 93.78 -45.43
N LYS G 135 56.94 94.57 -44.39
CA LYS G 135 55.59 94.82 -43.85
C LYS G 135 54.59 95.29 -44.89
N GLU G 136 55.02 95.85 -46.02
CA GLU G 136 54.11 96.18 -47.15
C GLU G 136 53.56 94.96 -47.89
N HIS G 137 54.13 93.78 -47.62
CA HIS G 137 53.71 92.51 -48.17
C HIS G 137 53.50 91.46 -47.07
N PRO G 138 52.58 91.70 -46.12
CA PRO G 138 52.33 90.78 -45.00
C PRO G 138 51.72 89.45 -45.45
N LYS G 139 51.08 89.45 -46.63
CA LYS G 139 50.57 88.24 -47.28
C LYS G 139 51.66 87.34 -47.87
N VAL G 140 52.89 87.86 -48.01
CA VAL G 140 54.06 87.13 -48.55
C VAL G 140 55.08 86.82 -47.44
N PHE G 141 55.45 87.81 -46.63
CA PHE G 141 56.37 87.65 -45.51
C PHE G 141 55.53 87.74 -44.25
N ASP G 142 55.32 86.60 -43.60
CA ASP G 142 54.47 86.54 -42.41
C ASP G 142 55.15 87.22 -41.21
N GLU G 143 54.39 87.36 -40.12
CA GLU G 143 54.85 88.02 -38.91
C GLU G 143 56.12 87.40 -38.33
N LEU G 144 56.24 86.07 -38.42
CA LEU G 144 57.42 85.35 -37.96
C LEU G 144 58.65 85.68 -38.81
N TYR G 145 58.52 85.68 -40.15
CA TYR G 145 59.58 86.18 -41.01
C TYR G 145 59.99 87.60 -40.66
N VAL G 146 59.05 88.59 -40.64
CA VAL G 146 59.51 89.97 -40.38
C VAL G 146 60.21 89.94 -39.03
N GLN G 147 59.62 89.37 -37.98
CA GLN G 147 60.24 89.46 -36.66
C GLN G 147 61.66 88.92 -36.66
N LEU G 148 61.93 87.80 -37.36
CA LEU G 148 63.31 87.34 -37.53
C LEU G 148 64.17 88.42 -38.20
N CYS G 149 63.72 89.04 -39.29
CA CYS G 149 64.49 90.14 -39.88
C CYS G 149 64.73 91.25 -38.83
N ALA G 150 63.66 91.71 -38.21
CA ALA G 150 63.73 92.85 -37.30
C ALA G 150 64.61 92.53 -36.09
N ALA G 151 64.62 91.28 -35.62
CA ALA G 151 65.50 90.83 -34.55
C ALA G 151 66.97 90.92 -34.99
N GLY G 152 67.24 90.51 -36.23
CA GLY G 152 68.56 90.68 -36.82
C GLY G 152 68.98 92.15 -36.97
N GLU G 153 68.09 93.02 -37.41
CA GLU G 153 68.36 94.45 -37.53
C GLU G 153 68.59 95.14 -36.17
N VAL G 154 67.82 94.78 -35.15
CA VAL G 154 67.94 95.36 -33.79
C VAL G 154 69.25 94.93 -33.11
N GLY G 155 69.71 93.71 -33.35
CA GLY G 155 70.90 93.16 -32.68
C GLY G 155 72.20 93.30 -33.46
N GLY G 156 72.17 93.87 -34.68
CA GLY G 156 73.33 93.97 -35.55
C GLY G 156 73.72 92.65 -36.24
N ILE G 157 72.78 91.71 -36.40
CA ILE G 157 72.98 90.37 -36.98
C ILE G 157 72.09 90.12 -38.23
N LEU G 158 71.74 91.16 -39.01
CA LEU G 158 70.88 91.00 -40.18
C LEU G 158 71.40 89.92 -41.15
N ASP G 159 72.71 89.88 -41.36
CA ASP G 159 73.41 88.88 -42.17
C ASP G 159 73.17 87.42 -41.72
N ALA G 160 73.34 87.13 -40.43
CA ALA G 160 73.17 85.77 -39.93
C ALA G 160 71.69 85.34 -39.80
N ILE G 161 70.77 86.27 -39.52
CA ILE G 161 69.34 85.96 -39.57
C ILE G 161 68.82 85.80 -41.00
N LEU G 162 69.37 86.49 -41.99
CA LEU G 162 69.02 86.19 -43.38
C LEU G 162 69.54 84.86 -43.84
N ASN G 163 70.73 84.45 -43.42
CA ASN G 163 71.23 83.09 -43.67
C ASN G 163 70.33 82.02 -43.08
N ARG G 164 69.86 82.26 -41.86
CA ARG G 164 68.90 81.41 -41.16
C ARG G 164 67.58 81.32 -41.90
N LEU G 165 67.05 82.46 -42.34
CA LEU G 165 65.84 82.54 -43.10
C LEU G 165 66.00 81.84 -44.46
N ALA G 166 67.15 81.94 -45.12
CA ALA G 166 67.39 81.25 -46.40
C ALA G 166 67.40 79.73 -46.22
N ALA G 167 68.09 79.25 -45.17
CA ALA G 167 68.04 77.84 -44.81
C ALA G 167 66.62 77.37 -44.47
N TYR G 168 65.87 78.17 -43.71
CA TYR G 168 64.46 77.95 -43.43
C TYR G 168 63.54 77.81 -44.64
N ARG G 169 63.64 78.76 -45.57
CA ARG G 169 62.91 78.76 -46.82
C ARG G 169 63.27 77.55 -47.68
N GLU G 170 64.52 77.06 -47.57
CA GLU G 170 64.97 75.91 -48.38
C GLU G 170 64.45 74.59 -47.87
N LYS G 171 64.49 74.49 -46.55
CA LYS G 171 63.86 73.39 -45.86
C LYS G 171 62.35 73.40 -46.07
N ASN G 172 61.69 74.56 -46.09
CA ASN G 172 60.25 74.64 -46.34
C ASN G 172 59.86 74.19 -47.74
N GLU G 173 60.49 74.69 -48.78
CA GLU G 173 60.22 74.24 -50.14
C GLU G 173 60.48 72.75 -50.32
N LYS G 174 61.65 72.26 -49.89
CA LYS G 174 61.94 70.83 -50.02
C LYS G 174 60.87 70.03 -49.29
N LEU G 175 60.51 70.42 -48.05
CA LEU G 175 59.47 69.66 -47.35
C LEU G 175 58.14 69.68 -48.09
N LYS G 176 57.76 70.82 -48.70
CA LYS G 176 56.53 70.88 -49.50
C LYS G 176 56.54 69.93 -50.68
N SER G 177 57.57 69.96 -51.53
CA SER G 177 57.55 69.10 -52.73
C SER G 177 57.35 67.66 -52.35
N LYS G 178 57.96 67.35 -51.24
CA LYS G 178 58.26 66.02 -50.92
C LYS G 178 57.07 65.36 -50.13
N VAL G 179 56.16 66.05 -49.38
CA VAL G 179 54.83 65.39 -49.05
C VAL G 179 54.04 65.18 -50.32
N LYS G 180 53.92 66.28 -51.07
CA LYS G 180 52.92 66.35 -52.14
C LYS G 180 53.23 65.39 -53.28
N SER G 181 54.51 65.12 -53.47
CA SER G 181 54.96 64.45 -54.66
C SER G 181 54.38 63.00 -54.62
N ALA G 182 54.02 62.44 -55.80
CA ALA G 182 53.16 61.26 -56.01
C ALA G 182 51.72 61.39 -55.50
N LEU G 191 43.35 63.17 -49.94
CA LEU G 191 44.22 62.19 -50.66
C LEU G 191 44.46 62.72 -52.09
N VAL G 192 45.71 63.07 -52.50
CA VAL G 192 46.02 63.17 -53.96
C VAL G 192 46.39 61.79 -54.54
N ALA G 193 47.15 61.82 -55.64
CA ALA G 193 47.91 60.72 -56.22
C ALA G 193 48.98 60.16 -55.27
N ILE G 194 49.78 61.00 -54.61
CA ILE G 194 50.82 60.56 -53.63
C ILE G 194 50.19 59.82 -52.46
N GLY G 195 49.13 60.37 -51.87
CA GLY G 195 48.41 59.73 -50.77
C GLY G 195 47.78 58.40 -51.19
N VAL G 196 47.02 58.38 -52.30
CA VAL G 196 46.39 57.16 -52.80
C VAL G 196 47.44 56.11 -53.18
N THR G 197 48.49 56.48 -53.91
CA THR G 197 49.59 55.58 -54.29
C THR G 197 50.31 55.12 -53.00
N ALA G 198 50.43 55.93 -51.93
CA ALA G 198 51.20 55.54 -50.74
C ALA G 198 50.45 54.61 -49.79
N VAL G 199 49.14 54.82 -49.58
CA VAL G 199 48.27 53.77 -48.99
C VAL G 199 48.44 52.54 -49.85
N LEU G 200 48.27 52.71 -51.16
CA LEU G 200 48.15 51.56 -52.03
C LEU G 200 49.44 50.78 -52.00
N LEU G 201 50.64 51.38 -52.03
CA LEU G 201 51.89 50.62 -51.92
C LEU G 201 52.13 50.07 -50.51
N LEU G 202 51.83 50.82 -49.46
CA LEU G 202 52.15 50.41 -48.09
C LEU G 202 51.43 49.12 -47.68
N LYS G 203 50.10 49.03 -47.91
CA LYS G 203 49.44 47.72 -48.00
C LYS G 203 49.14 47.35 -49.46
N VAL G 204 50.04 46.55 -50.03
CA VAL G 204 49.81 45.68 -51.23
C VAL G 204 50.24 44.29 -50.93
N THR G 205 51.51 44.24 -50.56
CA THR G 205 52.14 43.07 -50.06
C THR G 205 51.45 42.50 -48.85
N PRO G 206 51.34 43.24 -47.74
CA PRO G 206 50.75 42.64 -46.55
C PRO G 206 49.33 42.10 -46.80
N VAL G 207 48.63 42.66 -47.78
CA VAL G 207 47.39 42.07 -48.29
C VAL G 207 47.65 40.76 -49.02
N PHE G 208 48.57 40.70 -49.98
CA PHE G 208 48.93 39.44 -50.68
C PHE G 208 49.21 38.30 -49.71
N GLU G 209 49.99 38.66 -48.75
CA GLU G 209 50.34 37.84 -47.65
C GLU G 209 49.18 37.25 -46.86
N LYS G 210 48.30 38.11 -46.32
CA LYS G 210 47.07 37.67 -45.67
C LYS G 210 46.20 36.85 -46.62
N MET G 211 46.30 37.09 -47.93
CA MET G 211 45.58 36.35 -48.95
C MET G 211 46.11 34.92 -49.15
N PHE G 212 47.43 34.74 -49.22
CA PHE G 212 47.99 33.40 -49.35
C PHE G 212 47.82 32.62 -48.04
N ALA G 213 47.89 33.29 -46.89
CA ALA G 213 47.67 32.65 -45.59
C ALA G 213 46.20 32.38 -45.25
N ASP G 214 45.27 32.85 -46.08
CA ASP G 214 43.82 32.60 -45.97
C ASP G 214 43.28 31.59 -46.98
N PHE G 215 44.16 31.21 -47.88
CA PHE G 215 43.92 30.07 -48.69
C PHE G 215 44.00 28.83 -47.77
N GLY G 216 42.87 28.55 -47.12
CA GLY G 216 42.63 27.41 -46.27
C GLY G 216 43.37 27.29 -44.95
N SER G 217 43.58 26.03 -44.60
CA SER G 217 44.24 25.60 -43.38
C SER G 217 45.43 24.70 -43.68
N GLU G 218 46.20 24.44 -42.63
CA GLU G 218 47.38 23.57 -42.66
C GLU G 218 48.43 23.97 -43.72
N LEU G 219 48.64 25.26 -43.91
CA LEU G 219 49.77 25.86 -44.65
C LEU G 219 51.16 25.59 -44.00
N PRO G 220 52.23 26.33 -44.36
CA PRO G 220 53.50 26.40 -43.64
C PRO G 220 53.51 27.31 -42.43
N GLY G 221 53.83 26.78 -41.26
CA GLY G 221 53.70 27.55 -40.02
C GLY G 221 52.29 27.87 -39.40
N PRO G 222 51.09 27.45 -39.87
CA PRO G 222 49.76 27.87 -39.33
C PRO G 222 49.39 27.49 -37.88
N THR G 223 48.10 27.31 -37.61
CA THR G 223 47.53 26.18 -36.86
C THR G 223 46.24 25.69 -37.50
N GLN G 224 45.84 24.47 -37.18
CA GLN G 224 44.43 24.09 -37.12
C GLN G 224 43.54 25.14 -36.45
N MET G 225 42.38 25.37 -37.07
CA MET G 225 41.35 26.26 -36.55
C MET G 225 40.78 25.88 -35.18
N ILE G 226 40.74 24.59 -34.78
CA ILE G 226 40.12 24.26 -33.48
C ILE G 226 40.98 24.75 -32.31
N VAL G 227 42.28 25.15 -32.44
CA VAL G 227 42.89 25.67 -31.20
C VAL G 227 42.01 26.77 -30.63
N ASN G 228 42.28 27.09 -29.37
CA ASN G 228 41.78 28.33 -28.82
C ASN G 228 42.33 29.53 -29.59
N PHE G 229 41.44 30.52 -29.86
CA PHE G 229 41.83 31.68 -30.67
C PHE G 229 43.11 32.36 -30.19
N SER G 230 43.25 32.62 -28.87
CA SER G 230 44.41 33.37 -28.40
C SER G 230 45.71 32.68 -28.75
N HIS G 231 45.80 31.35 -28.55
CA HIS G 231 46.99 30.61 -28.95
C HIS G 231 47.19 30.65 -30.44
N MET G 232 46.12 30.49 -31.25
CA MET G 232 46.29 30.51 -32.71
C MET G 232 46.90 31.85 -33.12
N ALA G 233 46.33 32.95 -32.62
CA ALA G 233 46.80 34.27 -32.98
C ALA G 233 48.24 34.51 -32.52
N GLN G 234 48.60 34.07 -31.30
CA GLN G 234 49.97 34.20 -30.83
C GLN G 234 50.98 33.39 -31.63
N GLU G 235 50.68 32.17 -32.08
CA GLU G 235 51.64 31.43 -32.89
C GLU G 235 51.90 32.16 -34.21
N TYR G 236 50.81 32.61 -34.87
CA TYR G 236 51.00 33.39 -36.09
C TYR G 236 51.73 34.69 -35.94
N PHE G 237 51.78 35.25 -34.73
CA PHE G 237 52.58 36.41 -34.42
C PHE G 237 53.82 36.63 -35.29
N PHE G 238 54.50 35.54 -35.65
CA PHE G 238 55.49 35.52 -36.72
C PHE G 238 55.06 36.28 -37.99
N HIS G 239 53.98 35.84 -38.62
CA HIS G 239 53.42 36.48 -39.79
C HIS G 239 52.82 37.88 -39.52
N VAL G 240 52.05 38.09 -38.47
CA VAL G 240 51.67 39.48 -38.09
C VAL G 240 52.89 40.43 -38.02
N ALA G 241 54.04 39.92 -37.52
CA ALA G 241 55.29 40.63 -37.41
C ALA G 241 55.97 40.89 -38.76
N GLY G 242 56.06 39.87 -39.62
CA GLY G 242 56.61 40.01 -40.95
C GLY G 242 55.81 41.01 -41.83
N SER G 243 54.47 41.07 -41.65
CA SER G 243 53.62 42.12 -42.24
C SER G 243 53.92 43.52 -41.72
N ILE G 244 53.95 43.73 -40.39
CA ILE G 244 54.30 45.05 -39.83
C ILE G 244 55.67 45.48 -40.35
N VAL G 245 56.68 44.61 -40.30
CA VAL G 245 58.02 44.97 -40.79
C VAL G 245 57.91 45.40 -42.24
N ALA G 246 57.08 44.71 -43.04
CA ALA G 246 56.87 45.11 -44.42
C ALA G 246 56.30 46.47 -44.59
N VAL G 247 55.37 46.78 -43.71
CA VAL G 247 54.82 48.10 -43.65
C VAL G 247 55.91 49.11 -43.28
N VAL G 248 56.60 48.95 -42.16
CA VAL G 248 57.62 49.91 -41.68
C VAL G 248 58.60 50.21 -42.80
N MET G 249 59.05 49.19 -43.51
CA MET G 249 59.96 49.36 -44.63
C MET G 249 59.39 50.29 -45.72
N SER G 250 58.23 49.97 -46.29
CA SER G 250 57.64 50.81 -47.33
C SER G 250 57.30 52.22 -46.81
N PHE G 251 56.98 52.37 -45.51
CA PHE G 251 56.89 53.69 -44.89
C PHE G 251 58.23 54.43 -44.88
N THR G 252 59.33 53.74 -44.59
CA THR G 252 60.68 54.33 -44.54
C THR G 252 61.06 54.78 -45.90
N TRP G 253 60.94 53.91 -46.90
CA TRP G 253 61.16 54.35 -48.26
C TRP G 253 60.25 55.53 -48.65
N SER G 254 59.02 55.66 -48.17
CA SER G 254 58.21 56.82 -48.58
C SER G 254 58.49 58.10 -47.78
N TYR G 255 58.86 58.00 -46.51
CA TYR G 255 59.26 59.12 -45.67
C TYR G 255 60.65 59.71 -45.98
N ARG G 256 61.70 58.89 -45.79
CA ARG G 256 62.99 59.11 -46.43
C ARG G 256 62.68 58.79 -47.81
N GLN G 257 63.42 59.39 -48.73
CA GLN G 257 62.85 59.42 -50.01
C GLN G 257 61.44 59.96 -49.75
N PRO G 258 61.26 61.08 -50.41
CA PRO G 258 60.21 62.06 -50.13
C PRO G 258 59.26 61.64 -49.03
N LEU G 269 91.32 51.72 -43.97
CA LEU G 269 90.12 52.49 -44.36
C LEU G 269 90.55 53.86 -44.87
N PHE G 270 90.05 54.28 -46.02
CA PHE G 270 90.28 55.62 -46.54
C PHE G 270 89.30 56.63 -45.93
N MET G 271 89.67 57.23 -44.81
CA MET G 271 88.83 58.20 -44.10
C MET G 271 88.29 59.36 -44.97
N PRO G 272 89.08 59.98 -45.86
CA PRO G 272 88.57 61.05 -46.74
C PRO G 272 87.44 60.62 -47.68
N VAL G 273 87.47 59.37 -48.15
CA VAL G 273 86.39 58.79 -49.00
C VAL G 273 85.05 58.79 -48.26
N PHE G 274 85.04 58.82 -46.92
CA PHE G 274 83.82 58.76 -46.11
C PHE G 274 83.15 60.10 -45.80
N GLY G 275 83.82 61.22 -46.10
CA GLY G 275 83.29 62.54 -45.77
C GLY G 275 82.19 62.94 -46.77
N PRO G 276 81.04 63.53 -46.37
CA PRO G 276 80.14 64.07 -47.38
C PRO G 276 80.82 65.20 -48.19
N VAL G 277 80.96 64.97 -49.49
CA VAL G 277 81.38 66.00 -50.46
C VAL G 277 80.19 66.82 -50.96
N LEU G 278 80.50 67.80 -51.82
CA LEU G 278 79.53 68.62 -52.54
C LEU G 278 78.42 67.78 -53.19
N ARG G 279 77.17 68.20 -53.02
CA ARG G 279 76.04 67.62 -53.75
C ARG G 279 75.56 68.54 -54.87
N LYS G 280 74.49 68.10 -55.56
CA LYS G 280 73.70 68.91 -56.49
C LYS G 280 73.17 70.21 -55.87
N VAL G 281 72.65 70.13 -54.63
CA VAL G 281 72.12 71.30 -53.90
C VAL G 281 73.21 72.32 -53.70
N ALA G 282 74.33 71.87 -53.15
CA ALA G 282 75.43 72.73 -52.84
C ALA G 282 76.03 73.41 -54.10
N VAL G 283 76.08 72.72 -55.27
CA VAL G 283 76.51 73.30 -56.58
C VAL G 283 75.48 74.31 -57.06
N ALA G 284 74.18 74.01 -56.93
CA ALA G 284 73.11 74.92 -57.33
C ALA G 284 73.13 76.24 -56.54
N ARG G 285 73.34 76.13 -55.22
CA ARG G 285 73.49 77.30 -54.32
C ARG G 285 74.69 78.14 -54.68
N PHE G 286 75.86 77.52 -54.78
CA PHE G 286 77.07 78.17 -55.29
C PHE G 286 76.89 78.95 -56.59
N THR G 287 76.32 78.29 -57.57
CA THR G 287 76.11 78.85 -58.90
C THR G 287 75.14 80.01 -58.84
N ARG G 288 74.05 79.89 -58.07
CA ARG G 288 73.08 80.97 -57.91
C ARG G 288 73.70 82.17 -57.24
N THR G 289 74.45 81.96 -56.16
CA THR G 289 75.16 83.01 -55.42
C THR G 289 76.13 83.75 -56.33
N LEU G 290 76.93 83.03 -57.13
CA LEU G 290 77.90 83.66 -58.01
C LEU G 290 77.22 84.39 -59.18
N GLY G 291 76.23 83.76 -59.82
CA GLY G 291 75.38 84.38 -60.85
C GLY G 291 74.74 85.68 -60.39
N THR G 292 74.38 85.63 -59.12
CA THR G 292 73.79 86.73 -58.45
C THR G 292 74.81 87.88 -58.24
N MET G 293 75.96 87.64 -57.61
CA MET G 293 76.94 88.71 -57.36
C MET G 293 77.60 89.22 -58.65
N ILE G 294 77.78 88.39 -59.66
CA ILE G 294 78.29 88.86 -60.95
C ILE G 294 77.26 89.73 -61.69
N SER G 295 75.99 89.32 -61.77
CA SER G 295 74.94 90.11 -62.44
C SER G 295 74.77 91.48 -61.80
N SER G 296 75.04 91.55 -60.50
CA SER G 296 74.98 92.81 -59.76
C SER G 296 76.11 93.79 -60.01
N GLY G 297 77.26 93.27 -60.42
CA GLY G 297 78.41 94.05 -60.83
C GLY G 297 79.69 93.81 -60.02
N VAL G 298 79.66 92.98 -58.97
CA VAL G 298 80.83 92.60 -58.17
C VAL G 298 81.87 91.91 -59.10
N PRO G 299 83.23 92.02 -58.97
CA PRO G 299 84.10 91.16 -59.80
C PRO G 299 84.02 89.70 -59.36
N ILE G 300 84.58 88.81 -60.18
CA ILE G 300 84.71 87.39 -59.84
C ILE G 300 85.40 87.19 -58.49
N LEU G 301 86.53 87.86 -58.24
CA LEU G 301 87.30 87.62 -57.02
C LEU G 301 86.62 88.12 -55.75
N ASP G 302 85.93 89.25 -55.83
CA ASP G 302 85.11 89.72 -54.71
C ASP G 302 83.94 88.74 -54.43
N ALA G 303 83.29 88.23 -55.49
CA ALA G 303 82.22 87.25 -55.31
C ALA G 303 82.71 85.94 -54.68
N LEU G 304 83.88 85.46 -55.10
CA LEU G 304 84.46 84.22 -54.56
C LEU G 304 84.87 84.38 -53.09
N ASP G 305 85.38 85.54 -52.67
CA ASP G 305 85.77 85.77 -51.28
C ASP G 305 84.55 85.78 -50.34
N VAL G 306 83.42 86.31 -50.82
CA VAL G 306 82.16 86.28 -50.08
C VAL G 306 81.66 84.84 -50.03
N THR G 307 81.65 84.17 -51.20
CA THR G 307 81.08 82.83 -51.31
C THR G 307 81.85 81.84 -50.45
N ALA G 308 83.18 81.92 -50.43
CA ALA G 308 84.04 81.05 -49.63
C ALA G 308 83.79 81.16 -48.14
N LYS G 309 83.11 82.21 -47.66
CA LYS G 309 82.68 82.40 -46.27
C LYS G 309 81.24 81.94 -46.00
N THR G 310 80.44 81.74 -47.06
CA THR G 310 79.00 81.40 -46.96
C THR G 310 78.66 80.03 -47.57
N ALA G 311 79.66 79.20 -47.82
CA ALA G 311 79.47 77.85 -48.31
C ALA G 311 79.31 76.87 -47.14
N GLY G 312 78.24 76.07 -47.15
CA GLY G 312 77.91 75.24 -45.97
C GLY G 312 78.69 73.93 -45.89
N ASN G 313 78.88 73.27 -47.03
CA ASN G 313 79.62 72.02 -47.08
C ASN G 313 81.13 72.31 -46.92
N ARG G 314 81.79 71.68 -45.93
CA ARG G 314 83.21 71.93 -45.63
C ARG G 314 84.16 71.58 -46.76
N THR G 315 83.90 70.46 -47.43
CA THR G 315 84.77 70.02 -48.55
C THR G 315 84.68 70.99 -49.73
N VAL G 316 83.52 71.59 -49.94
CA VAL G 316 83.28 72.60 -50.99
C VAL G 316 83.92 73.89 -50.62
N GLU G 317 83.81 74.27 -49.36
CA GLU G 317 84.51 75.44 -48.85
C GLU G 317 86.02 75.31 -49.11
N ASP G 318 86.58 74.12 -48.85
CA ASP G 318 87.99 73.83 -49.15
C ASP G 318 88.31 73.86 -50.65
N ALA G 319 87.38 73.33 -51.47
CA ALA G 319 87.44 73.45 -52.93
C ALA G 319 87.45 74.93 -53.38
N ILE G 320 86.52 75.74 -52.88
CA ILE G 320 86.32 77.13 -53.30
C ILE G 320 87.47 78.02 -52.83
N ILE G 321 88.04 77.78 -51.65
CA ILE G 321 89.24 78.48 -51.18
C ILE G 321 90.40 78.22 -52.14
N TYR G 322 90.52 76.98 -52.64
CA TYR G 322 91.51 76.63 -53.66
C TYR G 322 91.27 77.23 -55.02
N VAL G 323 90.01 77.33 -55.43
CA VAL G 323 89.64 78.01 -56.67
C VAL G 323 89.98 79.50 -56.59
N ARG G 324 89.62 80.15 -55.48
CA ARG G 324 89.89 81.58 -55.29
C ARG G 324 91.39 81.87 -55.20
N GLY G 325 92.14 81.04 -54.47
CA GLY G 325 93.59 81.14 -54.38
C GLY G 325 94.25 81.02 -55.75
N LYS G 326 93.81 80.04 -56.57
CA LYS G 326 94.30 79.87 -57.95
C LYS G 326 94.01 81.08 -58.84
N ILE G 327 92.78 81.60 -58.79
CA ILE G 327 92.38 82.75 -59.61
C ILE G 327 93.14 84.01 -59.19
N ALA G 328 93.27 84.26 -57.87
CA ALA G 328 94.01 85.40 -57.37
C ALA G 328 95.49 85.38 -57.76
N GLU G 329 96.06 84.19 -57.99
CA GLU G 329 97.42 84.00 -58.48
C GLU G 329 97.56 84.25 -60.01
N GLY G 330 96.46 84.40 -60.75
CA GLY G 330 96.46 84.67 -62.19
C GLY G 330 96.09 83.48 -63.07
N LYS G 331 95.72 82.32 -62.50
CA LYS G 331 95.15 81.21 -63.25
C LYS G 331 93.72 81.56 -63.72
N ASN G 332 93.30 81.03 -64.90
CA ASN G 332 92.00 81.32 -65.53
C ASN G 332 90.85 80.56 -64.89
N ILE G 333 89.74 81.18 -64.50
CA ILE G 333 88.64 80.62 -63.68
C ILE G 333 88.24 79.19 -64.06
N ALA G 334 88.09 78.87 -65.33
CA ALA G 334 87.73 77.56 -65.88
C ALA G 334 88.78 76.49 -65.57
N GLY G 335 90.07 76.86 -65.59
CA GLY G 335 91.19 76.06 -65.12
C GLY G 335 91.25 75.79 -63.60
N PRO G 336 91.07 76.73 -62.65
CA PRO G 336 90.78 76.41 -61.26
C PRO G 336 89.58 75.47 -61.07
N LEU G 337 88.50 75.64 -61.83
CA LEU G 337 87.35 74.73 -61.68
C LEU G 337 87.65 73.33 -62.18
N ALA G 338 88.36 73.20 -63.29
CA ALA G 338 88.59 71.92 -63.99
C ALA G 338 89.35 70.90 -63.16
N GLU G 339 89.97 71.34 -62.07
CA GLU G 339 90.72 70.51 -61.13
C GLU G 339 89.80 69.75 -60.18
N THR G 340 88.53 70.13 -60.13
CA THR G 340 87.59 69.63 -59.14
C THR G 340 86.42 68.94 -59.84
N LYS G 341 86.18 67.70 -59.42
CA LYS G 341 85.22 66.79 -60.08
C LYS G 341 83.79 67.31 -60.12
N VAL G 342 83.42 68.08 -59.09
CA VAL G 342 82.06 68.60 -58.95
C VAL G 342 81.61 69.48 -60.10
N PHE G 343 82.51 70.10 -60.86
CA PHE G 343 82.17 70.90 -62.03
C PHE G 343 82.22 70.01 -63.28
N PRO G 344 81.10 69.67 -63.96
CA PRO G 344 81.20 68.85 -65.18
C PRO G 344 82.06 69.52 -66.26
N SER G 345 82.41 68.74 -67.30
CA SER G 345 83.16 69.24 -68.49
C SER G 345 82.55 70.46 -69.12
N MET G 346 81.23 70.49 -69.03
CA MET G 346 80.48 71.59 -69.57
C MET G 346 80.33 72.79 -68.75
N VAL G 347 80.08 72.58 -67.49
CA VAL G 347 80.17 73.72 -66.62
C VAL G 347 81.48 74.44 -66.87
N VAL G 348 82.58 73.68 -66.99
CA VAL G 348 83.88 74.27 -67.24
C VAL G 348 83.96 74.88 -68.64
N GLN G 349 83.48 74.20 -69.67
CA GLN G 349 83.53 74.68 -71.06
C GLN G 349 82.69 75.95 -71.24
N MET G 350 81.55 75.98 -70.57
CA MET G 350 80.64 77.11 -70.54
C MET G 350 81.23 78.29 -69.79
N ILE G 351 81.78 78.07 -68.60
CA ILE G 351 82.54 79.10 -67.88
C ILE G 351 83.70 79.62 -68.72
N GLY G 352 84.41 78.74 -69.43
CA GLY G 352 85.55 79.08 -70.30
C GLY G 352 85.16 79.98 -71.47
N VAL G 353 83.96 79.79 -72.00
CA VAL G 353 83.40 80.74 -72.96
C VAL G 353 83.09 82.06 -72.28
N GLY G 354 82.48 82.04 -71.09
CA GLY G 354 82.13 83.25 -70.34
C GLY G 354 83.31 84.17 -70.03
N GLU G 355 84.49 83.59 -69.75
CA GLU G 355 85.73 84.32 -69.50
C GLU G 355 86.16 85.16 -70.70
N ALA G 356 86.02 84.62 -71.91
CA ALA G 356 86.48 85.26 -73.13
C ALA G 356 85.45 86.25 -73.71
N THR G 357 84.22 86.23 -73.21
CA THR G 357 83.09 86.98 -73.78
C THR G 357 82.64 88.12 -72.90
N GLY G 358 83.13 88.20 -71.66
CA GLY G 358 82.62 89.11 -70.64
C GLY G 358 81.15 88.90 -70.30
N ALA G 359 80.68 87.65 -70.37
CA ALA G 359 79.28 87.27 -70.09
C ALA G 359 79.15 86.19 -69.00
N MET G 360 80.13 86.13 -68.08
CA MET G 360 80.10 85.17 -66.97
C MET G 360 78.82 85.26 -66.14
N ASP G 361 78.25 86.46 -65.96
CA ASP G 361 76.96 86.68 -65.29
C ASP G 361 75.83 85.91 -65.93
N THR G 362 75.73 86.02 -67.26
CA THR G 362 74.69 85.37 -68.03
C THR G 362 74.91 83.87 -68.00
N MET G 363 76.16 83.43 -68.19
CA MET G 363 76.52 82.04 -68.12
C MET G 363 76.14 81.40 -66.78
N LEU G 364 76.52 82.03 -65.68
CA LEU G 364 76.29 81.52 -64.36
C LEU G 364 74.80 81.52 -64.02
N ASN G 365 74.04 82.52 -64.44
CA ASN G 365 72.60 82.57 -64.22
C ASN G 365 71.85 81.40 -64.88
N LYS G 366 72.28 81.02 -66.08
CA LYS G 366 71.67 79.91 -66.82
C LYS G 366 72.10 78.54 -66.38
N ILE G 367 73.38 78.41 -66.03
CA ILE G 367 73.89 77.26 -65.29
C ILE G 367 73.05 77.11 -64.01
N ALA G 368 72.87 78.16 -63.20
CA ALA G 368 72.21 78.05 -61.90
C ALA G 368 70.76 77.61 -62.03
N ASP G 369 70.06 78.15 -63.02
CA ASP G 369 68.66 77.84 -63.19
C ASP G 369 68.49 76.42 -63.76
N PHE G 370 69.39 75.97 -64.64
CA PHE G 370 69.48 74.57 -65.04
C PHE G 370 69.64 73.61 -63.85
N TYR G 371 70.56 73.96 -62.93
CA TYR G 371 70.80 73.17 -61.72
C TYR G 371 69.67 73.14 -60.71
N ASP G 372 69.07 74.30 -60.44
CA ASP G 372 67.90 74.47 -59.58
C ASP G 372 66.68 73.63 -60.05
N ASP G 373 66.54 73.48 -61.35
CA ASP G 373 65.48 72.67 -61.94
C ASP G 373 65.77 71.15 -61.97
N GLU G 374 67.03 70.79 -62.21
CA GLU G 374 67.56 69.43 -62.00
C GLU G 374 67.40 68.98 -60.54
N VAL G 375 67.65 69.90 -59.59
CA VAL G 375 67.54 69.66 -58.15
C VAL G 375 66.10 69.33 -57.79
N ASP G 376 65.16 70.14 -58.25
CA ASP G 376 63.75 70.02 -57.89
C ASP G 376 62.97 68.90 -58.55
N ALA G 377 63.43 68.46 -59.74
CA ALA G 377 63.10 67.17 -60.32
C ALA G 377 63.57 66.00 -59.42
N ALA G 378 64.87 65.91 -59.19
CA ALA G 378 65.41 64.98 -58.22
C ALA G 378 64.88 65.36 -56.83
N ALA G 384 66.95 59.28 -59.44
CA ALA G 384 66.69 57.94 -60.01
C ALA G 384 67.03 56.81 -59.06
N MET G 385 67.88 56.94 -58.01
CA MET G 385 68.16 55.88 -57.00
C MET G 385 67.13 55.79 -55.86
N ILE G 386 66.40 56.89 -55.67
CA ILE G 386 65.20 57.06 -54.85
C ILE G 386 64.00 56.22 -55.30
N GLU G 387 64.11 55.57 -56.44
CA GLU G 387 63.04 54.70 -56.89
C GLU G 387 63.40 53.24 -57.05
N PRO G 388 64.64 52.95 -57.45
CA PRO G 388 65.21 51.65 -57.46
C PRO G 388 65.37 51.09 -56.05
N VAL G 389 65.90 51.87 -55.09
CA VAL G 389 66.05 51.33 -53.72
C VAL G 389 64.62 51.05 -53.12
N LEU G 390 63.48 51.57 -53.66
CA LEU G 390 62.09 51.39 -53.11
C LEU G 390 61.73 49.98 -53.33
N MET G 391 61.91 49.65 -54.60
CA MET G 391 61.58 48.41 -55.19
C MET G 391 62.43 47.32 -54.58
N VAL G 392 63.67 47.64 -54.21
CA VAL G 392 64.57 46.68 -53.54
C VAL G 392 63.94 46.23 -52.23
N PHE G 393 63.55 47.21 -51.41
CA PHE G 393 62.84 46.96 -50.20
C PHE G 393 61.39 46.54 -50.37
N LEU G 394 60.79 46.83 -51.52
CA LEU G 394 59.39 46.52 -51.76
C LEU G 394 59.24 45.00 -51.81
N GLY G 395 59.73 44.41 -52.89
CA GLY G 395 59.63 42.96 -53.11
C GLY G 395 60.51 42.17 -52.15
N GLY G 396 61.65 42.72 -51.73
CA GLY G 396 62.55 42.06 -50.78
C GLY G 396 61.91 41.78 -49.43
N VAL G 397 61.09 42.71 -48.95
CA VAL G 397 60.35 42.48 -47.73
C VAL G 397 59.21 41.49 -47.95
N VAL G 398 58.43 41.65 -49.03
CA VAL G 398 57.35 40.72 -49.38
C VAL G 398 57.81 39.28 -49.40
N GLY G 399 58.94 39.09 -50.06
CA GLY G 399 59.54 37.79 -50.23
C GLY G 399 60.06 37.25 -48.89
N GLY G 400 60.57 38.13 -48.02
CA GLY G 400 61.01 37.77 -46.68
C GLY G 400 59.89 37.26 -45.79
N PHE G 401 58.69 37.85 -45.92
CA PHE G 401 57.52 37.33 -45.24
C PHE G 401 57.12 35.92 -45.66
N LEU G 402 56.97 35.73 -46.97
CA LEU G 402 56.56 34.47 -47.57
C LEU G 402 57.53 33.35 -47.20
N ILE G 403 58.83 33.66 -47.22
CA ILE G 403 59.86 32.70 -46.81
C ILE G 403 59.81 32.45 -45.31
N GLY G 404 59.52 33.50 -44.55
CA GLY G 404 59.47 33.44 -43.10
C GLY G 404 58.55 32.33 -42.61
N MET G 405 57.27 32.31 -43.06
CA MET G 405 56.35 31.25 -42.58
C MET G 405 56.56 29.96 -43.26
N TYR G 406 57.04 30.03 -44.50
CA TYR G 406 57.34 28.82 -45.16
C TYR G 406 58.19 27.88 -44.35
N LEU G 407 59.27 28.47 -43.85
CA LEU G 407 60.21 27.75 -43.06
C LEU G 407 59.55 27.38 -41.73
N MET H 1 31.48 85.68 -117.57
CA MET H 1 30.22 86.18 -117.04
C MET H 1 30.02 85.71 -115.61
N MET H 2 29.48 86.61 -114.78
CA MET H 2 29.26 86.34 -113.37
C MET H 2 27.81 85.92 -113.15
N ILE H 3 27.63 84.75 -112.54
CA ILE H 3 26.30 84.22 -112.23
C ILE H 3 26.18 84.20 -110.71
N ARG H 4 25.37 85.09 -110.16
CA ARG H 4 25.21 85.22 -108.72
C ARG H 4 23.78 84.88 -108.30
N ILE H 5 23.66 84.34 -107.09
CA ILE H 5 22.36 83.92 -106.57
C ILE H 5 22.24 84.21 -105.08
N ASN H 6 21.56 85.31 -104.74
CA ASN H 6 21.24 85.61 -103.35
C ASN H 6 20.00 84.87 -102.88
N LEU H 7 19.96 83.55 -103.04
CA LEU H 7 18.80 82.77 -102.59
C LEU H 7 19.15 81.80 -101.45
N LEU H 8 18.40 81.93 -100.36
CA LEU H 8 18.67 81.46 -99.00
C LEU H 8 20.05 81.90 -98.40
N PRO H 9 20.26 83.21 -98.46
CA PRO H 9 20.69 83.97 -97.28
C PRO H 9 19.67 85.03 -96.94
N VAL H 10 20.02 85.90 -96.00
CA VAL H 10 19.89 85.59 -94.58
C VAL H 10 18.67 86.01 -93.74
N ARG H 11 18.06 87.19 -93.86
CA ARG H 11 16.85 87.37 -93.06
C ARG H 11 15.80 86.40 -93.53
N ALA H 12 15.89 85.96 -94.81
CA ALA H 12 15.14 84.80 -95.25
C ALA H 12 15.57 83.54 -94.54
N VAL H 13 16.89 83.31 -94.45
CA VAL H 13 17.42 82.12 -93.78
C VAL H 13 16.93 82.12 -92.34
N LYS H 14 17.46 83.04 -91.54
CA LYS H 14 17.23 83.02 -90.11
C LYS H 14 15.77 83.32 -89.76
N LYS H 15 14.96 83.82 -90.70
CA LYS H 15 13.54 83.93 -90.39
C LYS H 15 12.80 82.65 -90.72
N ARG H 16 13.29 81.86 -91.68
CA ARG H 16 12.79 80.51 -91.84
C ARG H 16 13.22 79.64 -90.66
N GLU H 17 14.41 79.91 -90.11
CA GLU H 17 14.92 79.17 -88.96
C GLU H 17 14.13 79.51 -87.70
N MET H 18 14.00 80.81 -87.38
CA MET H 18 13.12 81.20 -86.27
C MET H 18 11.72 80.64 -86.48
N GLY H 19 11.23 80.70 -87.72
CA GLY H 19 9.95 80.09 -88.02
C GLY H 19 9.88 78.61 -87.68
N ARG H 20 10.99 77.89 -87.89
CA ARG H 20 11.01 76.48 -87.53
C ARG H 20 11.02 76.29 -86.01
N GLN H 21 11.90 77.03 -85.32
CA GLN H 21 12.07 76.85 -83.88
C GLN H 21 10.78 77.17 -83.12
N VAL H 22 10.12 78.27 -83.45
CA VAL H 22 8.88 78.62 -82.78
C VAL H 22 7.86 77.49 -82.90
N LEU H 23 7.79 76.86 -84.09
CA LEU H 23 6.86 75.77 -84.29
C LEU H 23 7.26 74.51 -83.53
N VAL H 24 8.56 74.22 -83.45
CA VAL H 24 9.01 73.09 -82.64
C VAL H 24 8.62 73.30 -81.18
N LEU H 25 8.82 74.51 -80.66
CA LEU H 25 8.39 74.82 -79.30
C LEU H 25 6.90 74.61 -79.12
N PHE H 26 6.10 75.10 -80.07
CA PHE H 26 4.66 74.83 -80.06
C PHE H 26 4.39 73.33 -79.93
N ALA H 27 5.05 72.53 -80.78
CA ALA H 27 4.82 71.09 -80.77
C ALA H 27 5.15 70.47 -79.42
N VAL H 28 6.29 70.87 -78.83
CA VAL H 28 6.67 70.31 -77.54
C VAL H 28 5.64 70.65 -76.47
N VAL H 29 5.27 71.93 -76.37
CA VAL H 29 4.28 72.34 -75.38
C VAL H 29 2.99 71.56 -75.55
N LEU H 30 2.55 71.39 -76.80
CA LEU H 30 1.27 70.71 -77.03
C LEU H 30 1.36 69.22 -76.74
N ILE H 31 2.53 68.60 -76.94
CA ILE H 31 2.69 67.20 -76.57
C ILE H 31 2.65 67.04 -75.05
N GLY H 32 3.35 67.91 -74.33
CA GLY H 32 3.28 67.86 -72.88
C GLY H 32 1.86 68.04 -72.34
N ALA H 33 1.19 69.12 -72.77
CA ALA H 33 -0.20 69.32 -72.36
C ALA H 33 -1.05 68.11 -72.72
N GLY H 34 -0.80 67.50 -73.87
CA GLY H 34 -1.47 66.25 -74.21
C GLY H 34 -1.28 65.20 -73.14
N VAL H 35 -0.02 64.89 -72.82
CA VAL H 35 0.27 63.89 -71.80
C VAL H 35 -0.48 64.19 -70.50
N ALA H 36 -0.53 65.47 -70.11
CA ALA H 36 -1.30 65.84 -68.93
C ALA H 36 -2.77 65.46 -69.08
N ASN H 37 -3.42 65.93 -70.15
CA ASN H 37 -4.81 65.56 -70.41
C ASN H 37 -5.02 64.06 -70.28
N TYR H 38 -4.11 63.28 -70.86
CA TYR H 38 -4.11 61.83 -70.65
C TYR H 38 -4.12 61.50 -69.17
N LEU H 39 -2.94 61.45 -68.53
CA LEU H 39 -2.84 61.00 -67.13
C LEU H 39 -4.07 61.37 -66.32
N TRP H 40 -4.58 62.58 -66.49
CA TRP H 40 -5.89 62.94 -65.95
C TRP H 40 -6.95 61.91 -66.34
N TYR H 41 -7.09 61.61 -67.65
CA TYR H 41 -8.13 60.68 -68.08
C TYR H 41 -8.03 59.33 -67.34
N ASP H 42 -6.82 58.91 -66.98
CA ASP H 42 -6.65 57.61 -66.34
C ASP H 42 -7.08 57.67 -64.88
N ASP H 43 -6.64 58.70 -64.15
CA ASP H 43 -7.14 58.85 -62.79
C ASP H 43 -8.65 58.94 -62.76
N ARG H 44 -9.26 59.53 -63.80
CA ARG H 44 -10.71 59.64 -63.85
C ARG H 44 -11.38 58.30 -64.11
N GLN H 45 -10.79 57.46 -64.97
CA GLN H 45 -11.37 56.14 -65.18
C GLN H 45 -11.25 55.27 -63.93
N SER H 46 -10.11 55.37 -63.23
CA SER H 46 -9.99 54.68 -61.94
C SER H 46 -11.07 55.12 -60.97
N GLU H 47 -11.27 56.43 -60.81
CA GLU H 47 -12.33 56.91 -59.92
C GLU H 47 -13.68 56.37 -60.35
N LEU H 48 -13.95 56.36 -61.67
CA LEU H 48 -15.21 55.81 -62.17
C LEU H 48 -15.41 54.36 -61.77
N GLU H 49 -14.35 53.55 -61.85
CA GLU H 49 -14.48 52.14 -61.47
C GLU H 49 -14.74 52.00 -59.97
N ALA H 50 -14.03 52.76 -59.15
CA ALA H 50 -14.31 52.73 -57.71
C ALA H 50 -15.76 53.10 -57.43
N HIS H 51 -16.26 54.14 -58.10
CA HIS H 51 -17.62 54.62 -57.84
C HIS H 51 -18.66 53.61 -58.31
N GLN H 52 -18.42 52.95 -59.45
CA GLN H 52 -19.33 51.91 -59.90
C GLN H 52 -19.32 50.70 -58.95
N ALA H 53 -18.15 50.38 -58.37
CA ALA H 53 -18.12 49.40 -57.30
C ALA H 53 -19.03 49.82 -56.14
N GLY H 54 -18.93 51.09 -55.72
CA GLY H 54 -19.81 51.57 -54.67
C GLY H 54 -21.28 51.47 -55.03
N VAL H 55 -21.63 51.82 -56.28
CA VAL H 55 -23.03 51.73 -56.71
C VAL H 55 -23.51 50.28 -56.65
N ALA H 56 -22.66 49.33 -57.06
CA ALA H 56 -23.00 47.93 -56.88
C ALA H 56 -23.23 47.61 -55.40
N SER H 57 -22.39 48.14 -54.51
CA SER H 57 -22.63 47.99 -53.08
C SER H 57 -23.95 48.60 -52.64
N THR H 58 -24.50 49.57 -53.37
CA THR H 58 -25.87 49.99 -53.07
C THR H 58 -26.87 48.94 -53.54
N LYS H 59 -26.83 48.61 -54.84
CA LYS H 59 -27.83 47.72 -55.41
C LYS H 59 -27.87 46.36 -54.72
N ALA H 60 -26.80 45.97 -54.02
CA ALA H 60 -26.82 44.72 -53.27
C ALA H 60 -27.73 44.84 -52.04
N ARG H 61 -27.35 45.72 -51.12
CA ARG H 61 -28.05 45.85 -49.84
C ARG H 61 -29.46 46.41 -50.00
N ILE H 62 -29.72 47.23 -51.02
CA ILE H 62 -31.09 47.65 -51.28
C ILE H 62 -31.96 46.43 -51.58
N ALA H 63 -31.45 45.50 -52.40
CA ALA H 63 -32.15 44.25 -52.62
C ALA H 63 -32.32 43.46 -51.33
N GLU H 64 -31.24 43.35 -50.54
CA GLU H 64 -31.35 42.76 -49.21
C GLU H 64 -32.55 43.31 -48.45
N LEU H 65 -32.75 44.63 -48.52
CA LEU H 65 -33.75 45.29 -47.70
C LEU H 65 -35.15 45.15 -48.26
N GLU H 66 -35.28 45.15 -49.60
CA GLU H 66 -36.56 44.83 -50.21
C GLU H 66 -37.00 43.42 -49.83
N LYS H 67 -36.04 42.51 -49.68
CA LYS H 67 -36.39 41.16 -49.26
C LYS H 67 -36.77 41.13 -47.77
N ILE H 68 -35.97 41.77 -46.93
CA ILE H 68 -36.24 41.73 -45.49
C ILE H 68 -37.56 42.42 -45.17
N ILE H 69 -37.90 43.49 -45.90
CA ILE H 69 -39.18 44.16 -45.67
C ILE H 69 -40.31 43.37 -46.30
N GLY H 70 -40.05 42.70 -47.43
CA GLY H 70 -41.02 41.75 -47.93
C GLY H 70 -41.41 40.73 -46.86
N GLU H 71 -40.41 40.22 -46.15
CA GLU H 71 -40.68 39.39 -44.99
C GLU H 71 -41.55 40.17 -44.00
N VAL H 72 -41.05 41.30 -43.50
CA VAL H 72 -41.72 42.01 -42.40
C VAL H 72 -43.20 42.27 -42.71
N LYS H 73 -43.54 42.44 -43.99
CA LYS H 73 -44.94 42.65 -44.34
C LYS H 73 -45.71 41.33 -44.41
N ASN H 74 -45.18 40.36 -45.19
CA ASN H 74 -45.73 39.00 -45.17
C ASN H 74 -46.07 38.59 -43.74
N ILE H 75 -45.13 38.82 -42.84
CA ILE H 75 -45.29 38.75 -41.39
C ILE H 75 -46.53 39.49 -40.93
N ASN H 76 -46.46 40.82 -40.99
CA ASN H 76 -47.38 41.65 -40.21
C ASN H 76 -48.84 41.40 -40.58
N THR H 77 -49.10 40.97 -41.82
CA THR H 77 -50.50 40.76 -42.19
C THR H 77 -51.05 39.44 -41.66
N ARG H 78 -50.20 38.42 -41.52
CA ARG H 78 -50.64 37.13 -41.00
C ARG H 78 -50.87 37.17 -39.49
N LYS H 79 -50.16 38.03 -38.77
CA LYS H 79 -50.31 38.12 -37.32
C LYS H 79 -51.73 38.52 -36.93
N ALA H 80 -52.29 39.52 -37.61
CA ALA H 80 -53.64 40.00 -37.29
C ALA H 80 -54.70 38.94 -37.54
N GLU H 81 -54.52 38.09 -38.56
CA GLU H 81 -55.45 36.96 -38.71
C GLU H 81 -55.23 35.92 -37.62
N VAL H 82 -54.01 35.83 -37.09
CA VAL H 82 -53.76 34.85 -36.05
C VAL H 82 -54.41 35.25 -34.72
N GLU H 83 -54.12 36.46 -34.24
CA GLU H 83 -54.77 36.96 -33.02
C GLU H 83 -56.28 36.70 -33.06
N LYS H 84 -56.88 36.90 -34.23
CA LYS H 84 -58.33 36.80 -34.38
C LYS H 84 -58.79 35.34 -34.38
N LYS H 85 -58.23 34.52 -35.28
CA LYS H 85 -58.51 33.08 -35.29
C LYS H 85 -58.36 32.48 -33.90
N LEU H 86 -57.30 32.85 -33.19
CA LEU H 86 -57.08 32.35 -31.84
C LEU H 86 -58.17 32.83 -30.89
N ALA H 87 -58.45 34.14 -30.84
CA ALA H 87 -59.48 34.62 -29.94
C ALA H 87 -60.78 33.85 -30.14
N VAL H 88 -61.08 33.50 -31.40
CA VAL H 88 -62.13 32.53 -31.68
C VAL H 88 -61.84 31.21 -30.95
N LEU H 89 -60.61 30.69 -31.07
CA LEU H 89 -60.30 29.40 -30.48
C LEU H 89 -60.47 29.39 -28.96
N ASP H 90 -60.10 30.50 -28.29
CA ASP H 90 -60.25 30.61 -26.85
C ASP H 90 -61.69 30.87 -26.44
N ALA H 91 -62.52 31.40 -27.34
CA ALA H 91 -63.96 31.40 -27.08
C ALA H 91 -64.52 29.99 -27.20
N LEU H 92 -63.98 29.19 -28.13
CA LEU H 92 -64.52 27.87 -28.38
C LEU H 92 -64.10 26.87 -27.31
N ARG H 93 -62.87 26.96 -26.81
CA ARG H 93 -62.46 26.12 -25.68
C ARG H 93 -63.35 26.38 -24.46
N LYS H 94 -63.78 27.63 -24.29
CA LYS H 94 -64.81 27.94 -23.30
C LYS H 94 -66.16 27.41 -23.75
N GLY H 95 -66.35 27.22 -25.05
CA GLY H 95 -67.57 26.63 -25.57
C GLY H 95 -67.61 25.12 -25.50
N ARG H 96 -66.51 24.47 -25.14
CA ARG H 96 -66.47 23.04 -24.85
C ARG H 96 -66.28 22.76 -23.37
N SER H 97 -65.61 23.64 -22.64
CA SER H 97 -65.66 23.57 -21.18
C SER H 97 -67.06 23.89 -20.68
N GLY H 98 -67.73 24.83 -21.34
CA GLY H 98 -69.07 25.25 -21.01
C GLY H 98 -70.02 24.10 -20.70
N PRO H 99 -70.43 23.37 -21.74
CA PRO H 99 -71.40 22.27 -21.56
C PRO H 99 -71.00 21.25 -20.49
N VAL H 100 -69.91 21.51 -19.78
CA VAL H 100 -69.44 20.60 -18.75
C VAL H 100 -69.14 21.37 -17.47
N ARG H 101 -68.80 22.65 -17.58
CA ARG H 101 -68.16 23.30 -16.44
C ARG H 101 -69.16 23.91 -15.46
N MET H 102 -69.47 25.21 -15.59
CA MET H 102 -70.15 25.83 -14.46
C MET H 102 -71.36 26.70 -14.83
N MET H 103 -71.20 27.72 -15.65
CA MET H 103 -72.30 28.66 -15.88
C MET H 103 -73.46 28.06 -16.67
N ASP H 104 -73.31 26.85 -17.20
CA ASP H 104 -73.90 26.54 -18.49
C ASP H 104 -75.18 25.72 -18.45
N ALA H 105 -75.58 25.17 -17.31
CA ALA H 105 -76.89 24.55 -17.23
C ALA H 105 -77.84 25.37 -16.37
N LEU H 106 -77.30 26.09 -15.40
CA LEU H 106 -78.09 26.85 -14.45
C LEU H 106 -78.32 28.27 -15.00
N ALA H 107 -79.49 28.91 -14.80
CA ALA H 107 -80.38 28.88 -13.61
C ALA H 107 -79.57 29.52 -12.48
N SER H 108 -79.24 30.79 -12.71
CA SER H 108 -78.38 31.61 -11.85
C SER H 108 -76.98 31.00 -11.79
N ALA H 109 -75.97 31.81 -12.09
CA ALA H 109 -74.59 31.32 -12.17
C ALA H 109 -73.94 31.15 -10.80
N THR H 110 -74.60 30.46 -9.88
CA THR H 110 -74.08 30.26 -8.55
C THR H 110 -73.73 28.79 -8.31
N PRO H 111 -72.59 28.50 -7.67
CA PRO H 111 -72.01 27.17 -7.48
C PRO H 111 -72.67 26.35 -6.37
N LYS H 112 -72.53 25.02 -6.38
CA LYS H 112 -71.80 24.29 -7.41
C LYS H 112 -72.69 24.05 -8.64
N LYS H 113 -72.10 24.17 -9.82
CA LYS H 113 -72.86 24.34 -11.06
C LYS H 113 -72.24 23.51 -12.16
N VAL H 114 -73.01 22.61 -12.78
CA VAL H 114 -72.55 21.63 -13.79
C VAL H 114 -71.25 20.88 -13.43
N TRP H 115 -70.40 21.57 -12.68
CA TRP H 115 -69.66 21.14 -11.47
C TRP H 115 -68.93 19.82 -11.19
N VAL H 116 -68.96 19.59 -9.87
CA VAL H 116 -68.25 18.60 -9.06
C VAL H 116 -69.21 17.44 -8.79
N LYS H 117 -68.67 16.24 -8.59
CA LYS H 117 -69.52 15.05 -8.66
C LYS H 117 -70.07 14.58 -7.31
N THR H 118 -69.28 13.84 -6.53
CA THR H 118 -69.83 13.13 -5.37
C THR H 118 -69.36 13.74 -4.06
N PHE H 119 -70.21 13.62 -3.03
CA PHE H 119 -69.91 14.09 -1.68
C PHE H 119 -70.27 12.98 -0.69
N SER H 120 -69.36 12.70 0.24
CA SER H 120 -69.57 11.64 1.23
C SER H 120 -68.77 11.98 2.48
N GLU H 121 -69.44 12.01 3.62
CA GLU H 121 -68.86 12.47 4.87
C GLU H 121 -68.88 11.38 5.92
N ASN H 122 -68.27 11.70 7.08
CA ASN H 122 -68.28 10.81 8.23
C ASN H 122 -68.19 11.58 9.55
N ASN H 123 -68.64 12.83 9.57
CA ASN H 123 -68.64 13.70 10.74
C ASN H 123 -67.25 13.98 11.30
N ASN H 124 -66.21 13.64 10.55
CA ASN H 124 -64.84 14.04 10.91
C ASN H 124 -64.11 14.50 9.65
N ALA H 125 -64.38 13.83 8.53
CA ALA H 125 -63.81 14.21 7.25
C ALA H 125 -64.83 13.99 6.15
N VAL H 126 -64.65 14.71 5.05
CA VAL H 126 -65.46 14.54 3.85
C VAL H 126 -64.54 14.10 2.72
N SER H 127 -64.94 13.05 2.01
CA SER H 127 -64.16 12.51 0.89
C SER H 127 -64.94 12.81 -0.38
N ILE H 128 -64.58 13.89 -1.05
CA ILE H 128 -65.36 14.40 -2.16
C ILE H 128 -64.84 13.85 -3.47
N ASP H 129 -65.60 14.08 -4.54
CA ASP H 129 -65.28 13.61 -5.88
C ASP H 129 -65.79 14.67 -6.84
N GLY H 130 -64.93 15.14 -7.77
CA GLY H 130 -65.23 16.36 -8.48
C GLY H 130 -64.66 16.45 -9.87
N SER H 131 -64.80 17.65 -10.43
CA SER H 131 -64.40 18.01 -11.78
C SER H 131 -64.30 19.53 -11.86
N ALA H 132 -63.24 20.02 -12.49
CA ALA H 132 -62.99 21.45 -12.58
C ALA H 132 -62.58 21.81 -14.00
N VAL H 133 -62.36 23.11 -14.24
CA VAL H 133 -62.18 23.56 -15.62
C VAL H 133 -60.80 23.19 -16.14
N SER H 134 -59.78 23.25 -15.31
CA SER H 134 -58.40 23.13 -15.78
C SER H 134 -57.47 23.06 -14.58
N HIS H 135 -56.19 23.32 -14.84
CA HIS H 135 -55.16 23.42 -13.83
C HIS H 135 -55.31 24.72 -13.03
N ASP H 136 -56.37 25.46 -13.29
CA ASP H 136 -56.58 26.79 -12.73
C ASP H 136 -57.68 26.83 -11.68
N GLU H 137 -58.91 26.47 -12.05
CA GLU H 137 -60.00 26.47 -11.10
C GLU H 137 -59.88 25.36 -10.07
N VAL H 138 -59.23 24.24 -10.43
CA VAL H 138 -58.92 23.26 -9.40
C VAL H 138 -57.80 23.78 -8.52
N ALA H 139 -56.95 24.68 -9.05
CA ALA H 139 -55.94 25.32 -8.23
C ALA H 139 -56.55 26.42 -7.36
N GLU H 140 -57.52 27.15 -7.89
CA GLU H 140 -58.25 28.11 -7.07
C GLU H 140 -58.99 27.40 -5.95
N PHE H 141 -59.67 26.30 -6.27
CA PHE H 141 -60.42 25.54 -5.27
C PHE H 141 -59.49 24.94 -4.23
N MET H 142 -58.38 24.33 -4.68
CA MET H 142 -57.45 23.70 -3.74
C MET H 142 -56.76 24.75 -2.87
N ARG H 143 -56.50 25.94 -3.43
CA ARG H 143 -55.93 27.01 -2.62
C ARG H 143 -56.91 27.49 -1.57
N GLY H 144 -58.19 27.62 -1.95
CA GLY H 144 -59.20 28.07 -0.99
C GLY H 144 -59.34 27.18 0.23
N LEU H 145 -58.75 25.98 0.20
CA LEU H 145 -58.82 25.06 1.33
C LEU H 145 -57.49 25.00 2.08
N ASN H 146 -56.64 24.07 1.70
CA ASN H 146 -55.42 23.78 2.45
C ASN H 146 -54.50 22.92 1.61
N GLY H 147 -53.26 22.78 2.09
CA GLY H 147 -52.19 22.04 1.44
C GLY H 147 -51.28 21.43 2.49
N VAL H 148 -51.05 20.12 2.40
CA VAL H 148 -50.56 19.35 3.54
C VAL H 148 -49.53 18.33 3.07
N VAL H 149 -48.53 18.08 3.93
CA VAL H 149 -47.60 16.95 3.73
C VAL H 149 -48.17 15.79 4.55
N TRP H 150 -48.80 14.84 3.86
CA TRP H 150 -49.37 13.68 4.53
C TRP H 150 -48.36 12.56 4.62
N THR H 151 -48.44 11.77 5.71
CA THR H 151 -47.40 10.76 5.91
C THR H 151 -48.04 9.39 6.21
N PRO H 152 -48.13 8.89 7.48
CA PRO H 152 -48.40 7.45 7.63
C PRO H 152 -49.87 7.11 7.41
N LYS H 153 -50.16 6.53 6.25
CA LYS H 153 -51.55 6.25 5.90
C LYS H 153 -51.98 4.89 6.42
N GLY H 154 -53.20 4.81 6.93
CA GLY H 154 -53.78 3.56 7.36
C GLY H 154 -54.75 3.00 6.34
N MET H 155 -54.60 1.72 6.01
CA MET H 155 -55.47 1.08 5.03
C MET H 155 -56.68 0.48 5.74
N GLY H 156 -57.87 0.73 5.21
CA GLY H 156 -59.10 0.28 5.84
C GLY H 156 -60.05 -0.33 4.84
N ARG H 157 -61.03 -1.07 5.37
CA ARG H 157 -61.92 -1.89 4.57
C ARG H 157 -62.80 -1.10 3.62
N LEU H 158 -62.85 0.23 3.79
CA LEU H 158 -63.56 1.07 2.83
C LEU H 158 -62.78 1.24 1.53
N VAL H 159 -61.44 1.30 1.61
CA VAL H 159 -60.62 1.36 0.41
C VAL H 159 -60.91 0.17 -0.49
N ASP H 160 -60.89 -1.03 0.07
CA ASP H 160 -61.15 -2.23 -0.72
C ASP H 160 -62.58 -2.27 -1.23
N ARG H 161 -63.53 -1.76 -0.44
CA ARG H 161 -64.89 -1.61 -0.94
C ARG H 161 -64.98 -0.65 -2.11
N ARG H 162 -64.03 0.29 -2.22
CA ARG H 162 -63.93 1.08 -3.44
C ARG H 162 -63.30 0.28 -4.57
N ARG H 163 -62.28 -0.52 -4.25
CA ARG H 163 -61.71 -1.43 -5.26
C ARG H 163 -62.70 -2.51 -5.66
N ASP H 164 -63.55 -2.94 -4.72
CA ASP H 164 -64.61 -3.90 -5.01
C ASP H 164 -65.77 -3.32 -5.80
N SER H 165 -65.87 -1.98 -5.89
CA SER H 165 -67.00 -1.27 -6.48
C SER H 165 -68.20 -1.39 -5.55
N LYS H 166 -67.99 -2.00 -4.37
CA LYS H 166 -69.12 -2.32 -3.51
C LYS H 166 -69.74 -1.08 -2.86
N THR H 167 -69.01 0.03 -2.77
CA THR H 167 -69.56 1.32 -2.34
C THR H 167 -69.54 2.25 -3.56
N ALA H 168 -70.72 2.69 -3.96
CA ALA H 168 -70.88 3.27 -5.29
C ALA H 168 -70.22 4.64 -5.37
N ARG H 169 -69.17 4.69 -6.20
CA ARG H 169 -68.38 5.89 -6.53
C ARG H 169 -67.68 6.13 -8.27
N VAL H 170 -66.86 7.17 -8.68
CA VAL H 170 -66.17 7.24 -9.97
C VAL H 170 -64.72 6.78 -9.85
N GLU H 171 -64.48 5.47 -9.98
CA GLU H 171 -63.16 4.85 -9.81
C GLU H 171 -62.12 5.30 -10.86
N MET H 172 -62.31 6.49 -11.45
CA MET H 172 -61.20 7.38 -11.77
C MET H 172 -60.39 7.76 -10.54
N LEU H 173 -60.99 7.63 -9.37
CA LEU H 173 -60.48 8.20 -8.12
C LEU H 173 -59.49 7.28 -7.42
N THR H 174 -58.44 7.88 -6.86
CA THR H 174 -57.68 7.21 -5.82
C THR H 174 -58.57 6.98 -4.61
N SER H 175 -58.10 6.15 -3.67
CA SER H 175 -58.96 5.71 -2.58
C SER H 175 -58.69 6.47 -1.30
N ASP H 176 -58.83 5.78 -0.16
CA ASP H 176 -58.33 6.20 1.15
C ASP H 176 -59.11 7.34 1.79
N ALA H 177 -58.94 7.48 3.11
CA ALA H 177 -59.52 8.55 3.92
C ALA H 177 -59.05 8.47 5.37
N THR H 178 -57.80 8.04 5.59
CA THR H 178 -57.26 7.88 6.93
C THR H 178 -55.76 8.07 6.88
N ILE H 179 -55.24 9.07 7.59
CA ILE H 179 -53.82 9.40 7.53
C ILE H 179 -53.49 10.42 8.62
N GLU H 180 -52.28 10.97 8.58
CA GLU H 180 -51.80 11.98 9.52
C GLU H 180 -51.18 13.11 8.70
N GLU H 181 -51.58 14.35 9.00
CA GLU H 181 -51.40 15.48 8.10
C GLU H 181 -50.50 16.54 8.73
N PHE H 182 -49.61 17.13 7.92
CA PHE H 182 -48.78 18.27 8.32
C PHE H 182 -49.01 19.43 7.37
N PRO H 183 -49.26 20.63 7.88
CA PRO H 183 -49.64 21.74 6.99
C PRO H 183 -48.46 22.28 6.19
N GLU H 184 -48.69 22.45 4.89
CA GLU H 184 -47.79 23.16 4.01
C GLU H 184 -48.27 24.58 3.76
N ALA H 185 -49.45 24.73 3.15
CA ALA H 185 -50.06 26.05 3.00
C ALA H 185 -51.51 25.95 3.44
N GLN H 186 -52.12 27.09 3.69
CA GLN H 186 -53.46 27.12 4.24
C GLN H 186 -54.15 28.39 3.80
N VAL H 187 -55.48 28.35 3.68
CA VAL H 187 -56.25 29.56 3.39
C VAL H 187 -57.55 29.58 4.19
N SER H 188 -58.23 28.45 4.26
CA SER H 188 -59.41 28.37 5.13
C SER H 188 -58.97 27.94 6.51
N PRO H 189 -59.11 28.78 7.55
CA PRO H 189 -58.78 28.31 8.91
C PRO H 189 -59.72 27.22 9.37
N PHE H 190 -60.73 26.90 8.57
CA PHE H 190 -61.71 25.93 9.01
C PHE H 190 -61.51 24.59 8.32
N PHE H 191 -60.62 24.52 7.35
CA PHE H 191 -60.50 23.33 6.52
C PHE H 191 -59.06 22.85 6.51
N LYS H 192 -58.89 21.55 6.77
CA LYS H 192 -57.63 20.84 6.62
C LYS H 192 -57.82 19.85 5.48
N ASN H 193 -57.48 20.29 4.27
CA ASN H 193 -57.42 19.38 3.13
C ASN H 193 -56.19 18.51 3.23
N ILE H 194 -56.34 17.21 2.97
CA ILE H 194 -55.18 16.33 3.09
C ILE H 194 -54.29 16.44 1.86
N ASP H 195 -54.90 16.52 0.67
CA ASP H 195 -54.20 16.63 -0.61
C ASP H 195 -55.20 16.51 -1.76
N LEU H 196 -54.87 17.08 -2.91
CA LEU H 196 -55.58 16.76 -4.15
C LEU H 196 -55.22 15.33 -4.48
N GLN H 197 -56.08 14.41 -4.04
CA GLN H 197 -55.75 12.98 -4.12
C GLN H 197 -55.51 12.54 -5.57
N THR H 198 -56.28 13.07 -6.52
CA THR H 198 -55.96 12.79 -7.91
C THR H 198 -56.60 13.83 -8.82
N ALA H 199 -56.15 13.85 -10.08
CA ALA H 199 -56.70 14.73 -11.09
C ALA H 199 -56.27 14.27 -12.47
N LYS H 200 -57.24 14.08 -13.36
CA LYS H 200 -57.04 13.57 -14.71
C LYS H 200 -57.96 14.32 -15.65
N GLN H 201 -57.39 14.98 -16.66
CA GLN H 201 -58.17 15.71 -17.65
C GLN H 201 -58.82 14.72 -18.60
N VAL H 202 -60.14 14.57 -18.50
CA VAL H 202 -60.91 13.63 -19.31
C VAL H 202 -61.36 14.35 -20.58
N GLY H 203 -60.92 13.86 -21.74
CA GLY H 203 -61.17 14.57 -22.99
C GLY H 203 -62.50 14.27 -23.63
N GLY H 204 -62.93 13.01 -23.62
CA GLY H 204 -64.17 12.64 -24.28
C GLY H 204 -63.94 11.91 -25.58
N ALA H 205 -64.91 12.04 -26.48
CA ALA H 205 -64.86 11.33 -27.75
C ALA H 205 -65.71 12.08 -28.76
N GLN H 206 -65.89 11.47 -29.95
CA GLN H 206 -66.69 12.07 -31.00
C GLN H 206 -68.16 12.15 -30.63
N VAL H 207 -68.60 11.37 -29.64
CA VAL H 207 -69.98 11.48 -29.17
C VAL H 207 -70.19 12.70 -28.28
N GLY H 208 -69.13 13.25 -27.69
CA GLY H 208 -69.27 14.42 -26.86
C GLY H 208 -68.08 14.73 -25.98
N VAL H 209 -68.08 15.92 -25.40
CA VAL H 209 -66.97 16.40 -24.58
C VAL H 209 -67.26 16.30 -23.09
N PRO H 210 -66.19 16.20 -22.28
CA PRO H 210 -66.11 16.97 -21.04
C PRO H 210 -64.89 17.89 -21.03
N ILE H 211 -63.73 17.35 -21.46
CA ILE H 211 -62.47 18.08 -21.61
C ILE H 211 -61.95 18.58 -20.25
N LEU H 212 -62.81 18.58 -19.24
CA LEU H 212 -62.45 19.15 -17.95
C LEU H 212 -61.45 18.25 -17.22
N VAL H 213 -61.03 18.69 -16.04
CA VAL H 213 -60.11 17.93 -15.20
C VAL H 213 -60.91 17.29 -14.07
N GLU H 214 -61.15 15.99 -14.20
CA GLU H 214 -61.72 15.22 -13.11
C GLU H 214 -60.75 15.21 -11.94
N PHE H 215 -61.25 15.20 -10.71
CA PHE H 215 -60.34 15.21 -9.57
C PHE H 215 -60.98 14.58 -8.34
N LYS H 216 -60.15 14.34 -7.32
CA LYS H 216 -60.60 13.87 -6.03
C LYS H 216 -59.75 14.45 -4.91
N ILE H 217 -60.44 14.84 -3.82
CA ILE H 217 -59.91 15.49 -2.64
C ILE H 217 -60.59 14.90 -1.41
N THR H 218 -59.85 14.82 -0.31
CA THR H 218 -60.40 14.49 1.00
C THR H 218 -59.95 15.55 2.00
N MET H 219 -60.88 15.98 2.85
CA MET H 219 -60.65 17.13 3.71
C MET H 219 -61.39 16.96 5.03
N THR H 220 -60.66 17.03 6.14
CA THR H 220 -61.30 17.14 7.45
C THR H 220 -61.50 18.61 7.79
N SER H 221 -62.74 18.99 8.11
CA SER H 221 -63.18 20.37 8.33
C SER H 221 -62.61 20.92 9.65
N ASN H 222 -63.42 21.70 10.38
CA ASN H 222 -63.01 22.11 11.74
C ASN H 222 -64.24 22.21 12.65
N TYR H 223 -64.01 21.96 13.94
CA TYR H 223 -65.09 21.87 14.91
C TYR H 223 -65.00 20.59 15.74
N MET I 1 9.93 100.47 -86.80
CA MET I 1 11.06 99.71 -87.33
C MET I 1 10.50 98.71 -88.34
N ASP I 2 10.36 99.23 -89.56
CA ASP I 2 9.23 99.10 -90.48
C ASP I 2 8.94 97.73 -91.07
N LYS I 3 9.99 97.05 -91.51
CA LYS I 3 9.77 95.90 -92.37
C LYS I 3 8.98 94.83 -91.64
N TYR I 4 8.71 95.09 -90.35
CA TYR I 4 8.10 94.11 -89.47
C TYR I 4 6.58 94.31 -89.34
N LEU I 5 6.05 95.55 -89.58
CA LEU I 5 4.60 95.59 -89.83
C LEU I 5 4.32 95.25 -91.27
N ASP I 6 5.35 95.32 -92.11
CA ASP I 6 5.07 94.75 -93.41
C ASP I 6 4.97 93.23 -93.30
N GLN I 7 5.86 92.62 -92.50
CA GLN I 7 5.78 91.18 -92.32
C GLN I 7 4.59 90.78 -91.48
N PHE I 8 4.18 91.65 -90.54
CA PHE I 8 3.07 91.32 -89.64
C PHE I 8 1.72 91.48 -90.34
N VAL I 9 1.66 92.36 -91.35
CA VAL I 9 0.47 92.47 -92.18
C VAL I 9 0.41 91.41 -93.26
N LYS I 10 1.56 90.85 -93.66
CA LYS I 10 1.61 89.85 -94.73
C LYS I 10 1.31 88.40 -94.32
N ALA I 11 2.38 87.63 -94.10
CA ALA I 11 2.39 86.17 -93.86
C ALA I 11 2.62 85.41 -95.17
N PRO I 12 3.25 84.22 -95.05
CA PRO I 12 2.92 82.91 -95.67
C PRO I 12 3.32 81.67 -94.77
N PRO I 13 4.45 80.90 -94.97
CA PRO I 13 4.56 79.64 -94.21
C PRO I 13 4.66 79.83 -92.70
N ALA I 14 5.47 80.80 -92.27
CA ALA I 14 5.68 81.00 -90.84
C ALA I 14 4.38 81.28 -90.11
N ILE I 15 3.47 82.01 -90.75
CA ILE I 15 2.24 82.43 -90.09
C ILE I 15 1.11 81.44 -90.35
N LYS I 16 1.15 80.69 -91.46
CA LYS I 16 0.26 79.56 -91.60
C LYS I 16 0.54 78.52 -90.52
N PHE I 17 1.82 78.17 -90.35
CA PHE I 17 2.22 77.31 -89.23
C PHE I 17 1.81 77.93 -87.90
N GLY I 18 2.06 79.23 -87.71
CA GLY I 18 1.67 79.87 -86.46
C GLY I 18 0.19 79.72 -86.17
N GLY I 19 -0.65 80.06 -87.15
CA GLY I 19 -2.09 79.93 -86.96
C GLY I 19 -2.52 78.51 -86.66
N LEU I 20 -1.99 77.53 -87.39
CA LEU I 20 -2.22 76.14 -87.02
C LEU I 20 -1.88 75.89 -85.56
N ALA I 21 -0.80 76.49 -85.07
CA ALA I 21 -0.35 76.25 -83.71
C ALA I 21 -1.27 76.87 -82.68
N PHE I 22 -1.71 78.12 -82.91
CA PHE I 22 -2.67 78.73 -81.99
C PHE I 22 -3.98 77.95 -81.97
N VAL I 23 -4.39 77.42 -83.13
CA VAL I 23 -5.61 76.63 -83.18
C VAL I 23 -5.47 75.36 -82.35
N VAL I 24 -4.36 74.62 -82.53
CA VAL I 24 -4.21 73.37 -81.79
C VAL I 24 -4.06 73.65 -80.29
N GLY I 25 -3.45 74.79 -79.94
CA GLY I 25 -3.42 75.19 -78.55
C GLY I 25 -4.80 75.43 -77.97
N ALA I 26 -5.65 76.15 -78.72
CA ALA I 26 -7.03 76.35 -78.29
C ALA I 26 -7.76 75.03 -78.13
N LEU I 27 -7.60 74.11 -79.09
CA LEU I 27 -8.30 72.83 -79.01
C LEU I 27 -7.83 72.01 -77.82
N THR I 28 -6.54 72.06 -77.49
CA THR I 28 -6.06 71.34 -76.32
C THR I 28 -6.57 71.96 -75.02
N ALA I 29 -6.62 73.30 -74.94
CA ALA I 29 -7.32 73.92 -73.82
C ALA I 29 -8.75 73.41 -73.70
N ALA I 30 -9.45 73.30 -74.83
CA ALA I 30 -10.84 72.86 -74.82
C ALA I 30 -10.96 71.42 -74.32
N ASN I 31 -10.11 70.51 -74.81
CA ASN I 31 -10.26 69.11 -74.39
C ASN I 31 -9.80 68.91 -72.95
N PHE I 32 -8.84 69.71 -72.48
CA PHE I 32 -8.46 69.61 -71.07
C PHE I 32 -9.59 70.11 -70.17
N PHE I 33 -10.28 71.18 -70.56
CA PHE I 33 -11.46 71.57 -69.80
C PHE I 33 -12.53 70.48 -69.87
N MET I 34 -12.69 69.86 -71.04
CA MET I 34 -13.67 68.80 -71.24
C MET I 34 -13.26 67.47 -70.62
N VAL I 35 -12.07 67.38 -70.02
CA VAL I 35 -11.78 66.26 -69.13
C VAL I 35 -11.78 66.70 -67.67
N ILE I 36 -11.71 68.01 -67.39
CA ILE I 36 -11.84 68.46 -66.01
C ILE I 36 -13.30 68.41 -65.57
N GLN I 37 -14.23 68.76 -66.47
CA GLN I 37 -15.64 68.76 -66.09
C GLN I 37 -16.17 67.36 -65.73
N PRO I 38 -15.89 66.29 -66.48
CA PRO I 38 -16.35 64.97 -66.05
C PRO I 38 -15.78 64.55 -64.70
N THR I 39 -14.65 65.13 -64.30
CA THR I 39 -14.15 64.91 -62.95
C THR I 39 -15.14 65.42 -61.91
N GLU I 40 -15.51 66.70 -62.03
CA GLU I 40 -16.44 67.29 -61.08
C GLU I 40 -17.78 66.55 -61.08
N GLU I 41 -18.33 66.31 -62.27
CA GLU I 41 -19.56 65.53 -62.36
C GLU I 41 -19.41 64.18 -61.68
N GLU I 42 -18.23 63.56 -61.81
CA GLU I 42 -18.00 62.24 -61.28
C GLU I 42 -17.94 62.24 -59.76
N ILE I 43 -17.26 63.23 -59.18
CA ILE I 43 -17.27 63.40 -57.74
C ILE I 43 -18.69 63.62 -57.24
N GLY I 44 -19.49 64.36 -58.02
CA GLY I 44 -20.89 64.53 -57.65
C GLY I 44 -21.65 63.23 -57.59
N TRP I 45 -21.56 62.40 -58.65
CA TRP I 45 -22.24 61.11 -58.63
C TRP I 45 -21.73 60.25 -57.48
N ALA I 46 -20.45 60.38 -57.12
CA ALA I 46 -19.96 59.70 -55.92
C ALA I 46 -20.72 60.14 -54.68
N VAL I 47 -20.81 61.46 -54.47
CA VAL I 47 -21.50 61.98 -53.29
C VAL I 47 -22.95 61.54 -53.25
N ALA I 48 -23.61 61.41 -54.42
CA ALA I 48 -24.98 60.91 -54.42
C ALA I 48 -25.03 59.43 -54.03
N GLU I 49 -24.24 58.61 -54.73
CA GLU I 49 -24.27 57.17 -54.50
C GLU I 49 -23.99 56.82 -53.04
N ARG I 50 -22.96 57.43 -52.46
CA ARG I 50 -22.65 57.17 -51.06
C ARG I 50 -23.82 57.54 -50.16
N ARG I 51 -24.51 58.65 -50.45
CA ARG I 51 -25.70 59.01 -49.70
C ARG I 51 -26.81 57.99 -49.87
N LYS I 52 -26.82 57.24 -50.97
CA LYS I 52 -27.78 56.14 -51.08
C LYS I 52 -27.35 54.93 -50.26
N LEU I 53 -26.05 54.59 -50.29
CA LEU I 53 -25.51 53.56 -49.41
C LEU I 53 -25.92 53.80 -47.96
N ASP I 54 -25.72 55.03 -47.47
CA ASP I 54 -25.90 55.31 -46.06
C ASP I 54 -27.36 55.29 -45.62
N LEU I 55 -28.30 55.66 -46.51
CA LEU I 55 -29.71 55.54 -46.18
C LEU I 55 -30.18 54.09 -46.22
N GLU I 56 -29.70 53.33 -47.21
CA GLU I 56 -30.00 51.91 -47.26
C GLU I 56 -29.52 51.20 -45.98
N LEU I 57 -28.34 51.59 -45.48
CA LEU I 57 -27.88 51.01 -44.22
C LEU I 57 -28.84 51.33 -43.07
N ALA I 58 -29.54 52.47 -43.13
CA ALA I 58 -30.59 52.73 -42.14
C ALA I 58 -31.75 51.76 -42.32
N ASP I 59 -32.19 51.57 -43.57
CA ASP I 59 -33.29 50.64 -43.82
C ASP I 59 -32.95 49.23 -43.34
N LYS I 60 -31.70 48.78 -43.47
CA LYS I 60 -31.36 47.42 -43.08
C LYS I 60 -31.55 47.20 -41.58
N SER I 61 -31.07 48.13 -40.76
CA SER I 61 -31.27 48.00 -39.32
C SER I 61 -32.74 48.11 -38.95
N GLU I 62 -33.47 49.04 -39.57
CA GLU I 62 -34.89 49.16 -39.29
C GLU I 62 -35.62 47.85 -39.53
N ILE I 63 -35.41 47.25 -40.70
CA ILE I 63 -36.20 46.07 -41.04
C ILE I 63 -35.69 44.83 -40.30
N ALA I 64 -34.41 44.79 -39.95
CA ALA I 64 -33.92 43.70 -39.11
C ALA I 64 -34.58 43.76 -37.73
N GLN I 65 -34.69 44.95 -37.16
CA GLN I 65 -35.40 45.10 -35.89
C GLN I 65 -36.86 44.69 -36.01
N ASN I 66 -37.51 45.07 -37.13
CA ASN I 66 -38.89 44.64 -37.33
C ASN I 66 -38.99 43.11 -37.45
N LEU I 67 -37.99 42.47 -38.06
CA LEU I 67 -37.93 41.02 -38.08
C LEU I 67 -37.86 40.44 -36.68
N ASN I 68 -36.95 40.95 -35.85
CA ASN I 68 -36.85 40.47 -34.48
C ASN I 68 -38.17 40.61 -33.74
N GLU I 69 -38.84 41.75 -33.90
CA GLU I 69 -40.13 41.93 -33.25
C GLU I 69 -41.17 40.93 -33.79
N ARG I 70 -41.14 40.64 -35.09
CA ARG I 70 -41.91 39.50 -35.56
C ARG I 70 -41.62 38.29 -34.71
N ARG I 71 -40.45 37.66 -34.95
CA ARG I 71 -40.09 36.39 -34.33
C ARG I 71 -40.64 36.36 -32.91
N ARG I 72 -40.29 37.41 -32.15
CA ARG I 72 -40.76 37.60 -30.79
C ARG I 72 -42.26 37.36 -30.67
N GLU I 73 -43.06 37.92 -31.58
CA GLU I 73 -44.49 37.76 -31.35
C GLU I 73 -45.19 36.74 -32.27
N MET I 74 -44.90 36.77 -33.56
CA MET I 74 -45.43 35.76 -34.47
C MET I 74 -45.16 34.35 -33.98
N ASP I 75 -43.95 34.07 -33.48
CA ASP I 75 -43.81 32.78 -32.85
C ASP I 75 -44.83 32.62 -31.73
N VAL I 76 -44.82 33.51 -30.73
CA VAL I 76 -45.67 33.33 -29.54
C VAL I 76 -47.11 33.00 -29.92
N LEU I 77 -47.66 33.70 -30.92
CA LEU I 77 -49.00 33.32 -31.35
C LEU I 77 -49.00 32.01 -32.13
N GLU I 78 -47.85 31.56 -32.64
CA GLU I 78 -47.78 30.23 -33.25
C GLU I 78 -48.03 29.19 -32.16
N GLN I 79 -47.92 29.61 -30.90
CA GLN I 79 -48.42 28.86 -29.76
C GLN I 79 -49.87 29.14 -29.45
N LYS I 80 -50.29 30.40 -29.48
CA LYS I 80 -51.68 30.71 -29.11
C LYS I 80 -52.68 29.98 -30.01
N LEU I 81 -52.93 30.49 -31.21
CA LEU I 81 -53.64 29.65 -32.17
C LEU I 81 -52.58 28.73 -32.68
N SER I 82 -51.98 29.29 -33.71
CA SER I 82 -50.71 28.94 -34.28
C SER I 82 -50.61 30.07 -35.28
N GLU I 83 -49.65 30.13 -36.21
CA GLU I 83 -49.62 31.38 -36.93
C GLU I 83 -49.70 31.26 -38.43
N ALA I 84 -48.64 31.62 -39.11
CA ALA I 84 -48.64 31.63 -40.57
C ALA I 84 -48.75 30.23 -41.12
N LEU I 85 -48.15 30.06 -42.29
CA LEU I 85 -47.56 28.80 -42.59
C LEU I 85 -46.25 28.86 -41.84
N THR I 86 -45.29 29.58 -42.42
CA THR I 86 -43.90 29.38 -42.04
C THR I 86 -42.95 30.16 -42.96
N GLU I 87 -41.80 30.52 -42.41
CA GLU I 87 -40.54 30.46 -43.14
C GLU I 87 -39.85 29.27 -42.49
N LEU I 88 -40.25 29.10 -41.23
CA LEU I 88 -39.58 28.37 -40.17
C LEU I 88 -38.34 27.58 -40.44
N PRO I 89 -37.30 27.88 -39.66
CA PRO I 89 -36.33 26.85 -39.36
C PRO I 89 -36.99 25.88 -38.38
N GLU I 90 -37.41 26.40 -37.22
CA GLU I 90 -37.82 25.63 -36.02
C GLU I 90 -36.94 24.38 -35.76
N GLN I 91 -36.21 23.93 -36.79
CA GLN I 91 -35.04 23.09 -36.61
C GLN I 91 -34.07 23.70 -35.61
N ARG I 92 -34.08 25.01 -35.46
CA ARG I 92 -33.30 25.72 -34.44
C ARG I 92 -34.20 26.28 -33.34
N ASP I 93 -35.32 25.60 -33.08
CA ASP I 93 -36.25 26.04 -32.04
C ASP I 93 -36.91 24.88 -31.31
N ILE I 94 -36.51 23.63 -31.55
CA ILE I 94 -37.09 22.50 -30.84
C ILE I 94 -36.20 22.06 -29.69
N GLU I 95 -34.90 21.91 -29.96
CA GLU I 95 -33.98 21.52 -28.90
C GLU I 95 -33.89 22.58 -27.82
N GLU I 96 -34.05 23.85 -28.20
CA GLU I 96 -34.11 24.91 -27.20
C GLU I 96 -35.40 24.83 -26.41
N LEU I 97 -36.48 24.32 -27.03
CA LEU I 97 -37.72 24.11 -26.30
C LEU I 97 -37.56 23.01 -25.25
N LEU I 98 -36.95 21.89 -25.64
CA LEU I 98 -36.67 20.83 -24.67
C LEU I 98 -35.76 21.33 -23.56
N ALA I 99 -34.71 22.07 -23.92
CA ALA I 99 -33.78 22.59 -22.92
C ALA I 99 -34.49 23.52 -21.94
N GLN I 100 -35.28 24.46 -22.45
CA GLN I 100 -35.97 25.40 -21.56
C GLN I 100 -37.04 24.70 -20.72
N ILE I 101 -37.65 23.64 -21.25
CA ILE I 101 -38.56 22.84 -20.42
C ILE I 101 -37.79 22.21 -19.26
N ASN I 102 -36.59 21.69 -19.55
CA ASN I 102 -35.76 21.15 -18.48
C ASN I 102 -35.40 22.23 -17.46
N ASP I 103 -35.10 23.44 -17.92
CA ASP I 103 -34.70 24.50 -17.00
C ASP I 103 -35.85 24.94 -16.11
N ILE I 104 -37.03 25.20 -16.69
CA ILE I 104 -38.17 25.59 -15.87
C ILE I 104 -38.58 24.44 -14.95
N GLY I 105 -38.32 23.21 -15.36
CA GLY I 105 -38.55 22.10 -14.44
C GLY I 105 -37.58 22.11 -13.27
N LYS I 106 -36.32 22.43 -13.54
CA LYS I 106 -35.30 22.41 -12.49
C LYS I 106 -35.52 23.54 -11.49
N LYS I 107 -35.81 24.74 -11.98
CA LYS I 107 -36.02 25.87 -11.07
C LYS I 107 -37.35 25.78 -10.34
N SER I 108 -38.27 24.94 -10.80
CA SER I 108 -39.48 24.65 -10.04
C SER I 108 -39.30 23.52 -9.03
N GLY I 109 -38.13 22.88 -9.02
CA GLY I 109 -37.82 21.83 -8.08
C GLY I 109 -38.30 20.44 -8.46
N LEU I 110 -38.79 20.26 -9.69
CA LEU I 110 -39.34 18.98 -10.10
C LEU I 110 -38.26 18.07 -10.67
N GLU I 111 -38.41 16.77 -10.43
CA GLU I 111 -37.59 15.76 -11.08
C GLU I 111 -38.21 15.41 -12.42
N LEU I 112 -37.49 15.68 -13.50
CA LEU I 112 -37.96 15.40 -14.85
C LEU I 112 -37.72 13.92 -15.11
N SER I 113 -38.73 13.09 -14.85
CA SER I 113 -38.57 11.65 -14.99
C SER I 113 -38.55 11.19 -16.44
N SER I 114 -39.23 11.90 -17.33
CA SER I 114 -39.19 11.53 -18.75
C SER I 114 -39.72 12.66 -19.61
N VAL I 115 -39.00 12.99 -20.67
CA VAL I 115 -39.52 13.85 -21.73
C VAL I 115 -39.53 13.01 -23.01
N THR I 116 -40.68 12.94 -23.65
CA THR I 116 -40.85 12.10 -24.83
C THR I 116 -41.42 12.93 -25.97
N PRO I 117 -40.71 13.12 -27.07
CA PRO I 117 -41.31 13.82 -28.21
C PRO I 117 -42.46 13.02 -28.78
N GLY I 118 -43.11 13.56 -29.80
CA GLY I 118 -44.20 12.87 -30.48
C GLY I 118 -43.92 12.66 -31.95
N LYS I 119 -44.98 12.34 -32.68
CA LYS I 119 -44.96 12.35 -34.13
C LYS I 119 -45.67 13.60 -34.64
N GLU I 120 -45.18 14.13 -35.74
CA GLU I 120 -45.86 15.28 -36.33
C GLU I 120 -47.23 14.85 -36.84
N SER I 121 -48.23 15.70 -36.61
CA SER I 121 -49.60 15.39 -36.97
C SER I 121 -49.81 15.77 -38.43
N VAL I 122 -49.59 14.79 -39.30
CA VAL I 122 -49.66 15.02 -40.74
C VAL I 122 -51.04 15.47 -41.16
N GLY I 123 -52.07 15.07 -40.40
CA GLY I 123 -53.43 15.49 -40.67
C GLY I 123 -53.94 16.44 -39.60
N GLY I 124 -53.02 17.15 -38.95
CA GLY I 124 -53.41 18.10 -37.93
C GLY I 124 -53.41 19.52 -38.42
N GLY I 125 -53.35 19.70 -39.73
CA GLY I 125 -53.35 21.02 -40.32
C GLY I 125 -52.77 21.05 -41.71
N GLU I 126 -53.30 21.95 -42.56
CA GLU I 126 -52.80 22.07 -43.93
C GLU I 126 -51.53 22.91 -43.98
N PHE I 127 -51.40 23.88 -43.08
CA PHE I 127 -50.27 24.80 -43.09
C PHE I 127 -49.25 24.51 -42.00
N PHE I 128 -49.35 23.39 -41.31
CA PHE I 128 -48.47 23.14 -40.18
C PHE I 128 -48.54 21.68 -39.77
N ALA I 129 -47.37 21.13 -39.43
CA ALA I 129 -47.29 19.83 -38.79
C ALA I 129 -47.06 20.07 -37.29
N ARG I 130 -48.02 19.61 -36.48
CA ARG I 130 -47.90 19.75 -35.03
C ARG I 130 -47.05 18.61 -34.47
N ILE I 131 -45.99 18.95 -33.76
CA ILE I 131 -45.20 17.98 -33.01
C ILE I 131 -45.59 18.09 -31.54
N PRO I 132 -46.17 17.05 -30.95
CA PRO I 132 -46.47 17.09 -29.52
C PRO I 132 -45.32 16.53 -28.69
N ILE I 133 -45.19 17.06 -27.48
CA ILE I 133 -44.17 16.64 -26.55
C ILE I 133 -44.86 16.32 -25.23
N LYS I 134 -44.67 15.08 -24.76
CA LYS I 134 -45.24 14.62 -23.50
C LYS I 134 -44.17 14.69 -22.43
N MET I 135 -44.40 15.51 -21.41
CA MET I 135 -43.44 15.70 -20.33
C MET I 135 -43.96 15.05 -19.04
N THR I 136 -43.03 14.54 -18.25
CA THR I 136 -43.30 13.66 -17.12
C THR I 136 -42.37 14.08 -15.98
N VAL I 137 -42.91 14.86 -15.05
CA VAL I 137 -42.16 15.47 -13.96
C VAL I 137 -42.88 15.16 -12.65
N SER I 138 -42.12 15.04 -11.56
CA SER I 138 -42.71 14.67 -10.28
C SER I 138 -42.34 15.68 -9.20
N GLY I 139 -43.28 15.93 -8.29
CA GLY I 139 -43.00 16.84 -7.18
C GLY I 139 -44.27 17.19 -6.42
N ASN I 140 -44.34 18.44 -5.98
CA ASN I 140 -45.45 18.95 -5.19
C ASN I 140 -46.48 19.63 -6.09
N TYR I 141 -47.72 19.69 -5.60
CA TYR I 141 -48.79 20.33 -6.36
C TYR I 141 -48.46 21.78 -6.68
N HIS I 142 -47.94 22.53 -5.70
CA HIS I 142 -47.51 23.90 -5.93
C HIS I 142 -46.44 23.96 -7.01
N GLU I 143 -45.53 22.98 -7.02
CA GLU I 143 -44.42 22.99 -7.95
C GLU I 143 -44.85 22.59 -9.36
N ILE I 144 -45.88 21.75 -9.49
CA ILE I 144 -46.32 21.38 -10.83
C ILE I 144 -47.23 22.47 -11.42
N ALA I 145 -48.06 23.09 -10.60
CA ALA I 145 -48.76 24.30 -11.06
C ALA I 145 -47.76 25.36 -11.47
N LEU I 146 -46.65 25.48 -10.73
CA LEU I 146 -45.58 26.40 -11.09
C LEU I 146 -44.95 26.04 -12.43
N PHE I 147 -44.55 24.78 -12.60
CA PHE I 147 -43.98 24.32 -13.86
C PHE I 147 -44.90 24.63 -15.03
N LEU I 148 -46.19 24.32 -14.87
CA LEU I 148 -47.15 24.57 -15.93
C LEU I 148 -47.27 26.06 -16.25
N GLN I 149 -47.44 26.90 -15.22
CA GLN I 149 -47.60 28.33 -15.48
C GLN I 149 -46.35 28.93 -16.10
N GLU I 150 -45.16 28.42 -15.75
CA GLU I 150 -43.94 28.91 -16.38
C GLU I 150 -43.88 28.49 -17.84
N MET I 151 -44.27 27.25 -18.17
CA MET I 151 -44.28 26.86 -19.58
C MET I 151 -45.34 27.63 -20.35
N ALA I 152 -46.40 28.07 -19.67
CA ALA I 152 -47.45 28.88 -20.29
C ALA I 152 -47.09 30.36 -20.34
N ASN I 153 -45.99 30.77 -19.70
CA ASN I 153 -45.46 32.11 -19.83
C ASN I 153 -44.19 32.18 -20.66
N MET I 154 -43.85 31.10 -21.36
CA MET I 154 -42.60 31.06 -22.12
C MET I 154 -42.73 31.87 -23.41
N ARG I 155 -41.57 32.21 -24.00
CA ARG I 155 -41.49 32.92 -25.26
C ARG I 155 -41.51 31.98 -26.46
N ARG I 156 -41.81 30.71 -26.24
CA ARG I 156 -41.80 29.74 -27.33
C ARG I 156 -43.13 29.00 -27.37
N ILE I 157 -43.21 28.00 -28.25
CA ILE I 157 -44.48 27.58 -28.84
C ILE I 157 -44.96 26.29 -28.17
N VAL I 158 -44.99 26.31 -26.84
CA VAL I 158 -45.33 25.11 -26.10
C VAL I 158 -46.75 25.24 -25.54
N ASN I 159 -47.75 25.00 -26.39
CA ASN I 159 -49.15 25.09 -25.96
C ASN I 159 -49.53 23.87 -25.15
N VAL I 160 -49.53 24.01 -23.82
CA VAL I 160 -49.90 22.89 -22.96
C VAL I 160 -51.40 22.69 -23.00
N ASN I 161 -51.82 21.44 -23.07
CA ASN I 161 -53.25 21.13 -23.17
C ASN I 161 -53.66 20.10 -22.13
N ASN I 162 -53.77 18.83 -22.52
CA ASN I 162 -54.31 17.80 -21.64
C ASN I 162 -53.32 17.48 -20.52
N ILE I 163 -53.74 17.72 -19.27
CA ILE I 163 -52.87 17.57 -18.10
C ILE I 163 -53.34 16.38 -17.27
N LYS I 164 -52.39 15.70 -16.61
CA LYS I 164 -52.75 14.72 -15.58
C LYS I 164 -51.69 14.67 -14.49
N PHE I 165 -52.08 14.13 -13.33
CA PHE I 165 -51.14 13.85 -12.25
C PHE I 165 -51.83 13.01 -11.17
N ASP I 166 -51.01 12.28 -10.40
CA ASP I 166 -51.51 11.34 -9.40
C ASP I 166 -50.41 11.13 -8.34
N SER I 167 -50.76 10.41 -7.28
CA SER I 167 -49.84 10.15 -6.19
C SER I 167 -48.97 8.94 -6.54
N ALA I 168 -47.66 9.15 -6.61
CA ALA I 168 -46.76 8.15 -7.15
C ALA I 168 -46.39 7.07 -6.14
N LYS I 169 -46.75 7.26 -4.86
CA LYS I 169 -46.37 6.30 -3.81
C LYS I 169 -47.47 5.26 -3.67
N LEU I 170 -47.11 4.00 -3.87
CA LEU I 170 -48.02 2.88 -3.62
C LEU I 170 -48.68 2.99 -2.25
N LYS I 171 -47.92 2.68 -1.20
CA LYS I 171 -48.43 2.66 0.16
C LYS I 171 -48.96 4.01 0.61
N ASN I 172 -48.57 5.08 -0.09
CA ASN I 172 -48.89 6.45 0.30
C ASN I 172 -48.34 6.72 1.69
N GLU I 173 -47.01 6.82 1.81
CA GLU I 173 -46.36 7.13 3.07
C GLU I 173 -45.72 8.51 3.08
N LYS I 174 -45.55 9.14 1.92
CA LYS I 174 -45.11 10.52 1.83
C LYS I 174 -45.78 11.18 0.64
N VAL I 175 -45.94 12.50 0.71
CA VAL I 175 -46.58 13.23 -0.38
C VAL I 175 -45.64 13.28 -1.57
N VAL I 176 -46.18 12.97 -2.76
CA VAL I 176 -45.45 13.02 -4.01
C VAL I 176 -46.44 12.85 -5.16
N LEU I 177 -46.35 13.73 -6.16
CA LEU I 177 -47.26 13.73 -7.29
C LEU I 177 -46.47 13.59 -8.58
N GLN I 178 -46.61 12.42 -9.21
CA GLN I 178 -46.16 12.27 -10.60
C GLN I 178 -47.15 12.99 -11.51
N SER I 179 -46.62 13.80 -12.41
CA SER I 179 -47.41 14.64 -13.30
C SER I 179 -46.98 14.42 -14.74
N GLU I 180 -47.96 14.28 -15.62
CA GLU I 180 -47.73 14.12 -17.05
C GLU I 180 -48.53 15.19 -17.77
N PHE I 181 -47.84 16.14 -18.38
CA PHE I 181 -48.45 17.22 -19.14
C PHE I 181 -48.15 17.02 -20.62
N GLN I 182 -49.13 17.32 -21.47
CA GLN I 182 -48.95 17.26 -22.93
C GLN I 182 -48.88 18.68 -23.47
N ALA I 183 -47.85 18.96 -24.26
CA ALA I 183 -47.62 20.31 -24.77
C ALA I 183 -46.90 20.24 -26.11
N THR I 184 -47.43 20.98 -27.09
CA THR I 184 -47.05 20.78 -28.49
C THR I 184 -46.64 22.09 -29.14
N THR I 185 -45.76 22.00 -30.14
CA THR I 185 -45.40 23.13 -30.97
C THR I 185 -45.67 22.81 -32.42
N PHE I 186 -45.91 23.85 -33.22
CA PHE I 186 -46.43 23.63 -34.57
C PHE I 186 -45.41 23.99 -35.63
N ARG I 187 -44.60 23.02 -36.05
CA ARG I 187 -43.69 23.22 -37.18
C ARG I 187 -44.52 23.36 -38.46
N PHE I 188 -43.88 23.62 -39.60
CA PHE I 188 -44.62 23.69 -40.84
C PHE I 188 -44.83 22.31 -41.45
N VAL I 189 -45.49 22.25 -42.60
CA VAL I 189 -45.76 21.00 -43.28
C VAL I 189 -44.48 20.42 -43.90
N ALA J 37 14.01 71.84 -109.15
CA ALA J 37 13.37 70.85 -110.01
C ALA J 37 12.93 71.51 -111.32
N LYS J 38 13.20 70.90 -112.48
CA LYS J 38 13.16 71.61 -113.78
C LYS J 38 11.78 72.04 -114.19
N GLY J 39 11.52 73.34 -114.04
CA GLY J 39 10.61 74.04 -114.93
C GLY J 39 11.43 75.12 -115.62
N LYS J 40 10.88 75.73 -116.66
CA LYS J 40 11.44 77.02 -117.10
C LYS J 40 10.74 78.03 -116.20
N LEU J 41 11.50 78.73 -115.36
CA LEU J 41 10.92 79.58 -114.34
C LEU J 41 10.32 80.85 -114.97
N VAL J 42 10.28 81.96 -114.22
CA VAL J 42 9.93 83.24 -114.88
C VAL J 42 10.88 84.34 -114.41
N LEU J 43 10.63 85.55 -114.90
CA LEU J 43 11.47 86.69 -114.54
C LEU J 43 10.69 87.99 -114.43
N GLY J 44 10.68 88.56 -113.24
CA GLY J 44 10.17 89.91 -113.05
C GLY J 44 11.28 90.93 -112.93
N LEU J 45 10.93 92.20 -113.19
CA LEU J 45 11.80 93.33 -112.85
C LEU J 45 11.34 93.94 -111.53
N ASP J 46 11.73 93.25 -110.45
CA ASP J 46 11.19 93.53 -109.13
C ASP J 46 11.73 94.83 -108.54
N ILE J 47 12.93 95.26 -108.95
CA ILE J 47 13.53 96.48 -108.42
C ILE J 47 13.50 97.56 -109.49
N GLY J 48 12.43 97.54 -110.30
CA GLY J 48 12.23 98.58 -111.29
C GLY J 48 11.93 99.94 -110.71
N SER J 49 11.32 99.99 -109.53
CA SER J 49 10.98 101.24 -108.85
C SER J 49 10.01 102.09 -109.67
N THR J 50 10.33 102.31 -110.95
CA THR J 50 9.37 102.93 -111.85
C THR J 50 8.39 101.90 -112.39
N SER J 51 8.84 100.69 -112.65
CA SER J 51 7.99 99.71 -113.32
C SER J 51 8.37 98.28 -112.94
N ILE J 52 7.35 97.48 -112.64
CA ILE J 52 7.48 96.04 -112.49
C ILE J 52 7.23 95.41 -113.85
N LYS J 53 8.26 94.80 -114.42
CA LYS J 53 8.19 94.14 -115.72
C LYS J 53 8.48 92.66 -115.54
N MET J 54 7.94 91.82 -116.43
CA MET J 54 8.08 90.38 -116.33
C MET J 54 8.14 89.78 -117.73
N ILE J 55 8.94 88.72 -117.91
CA ILE J 55 9.17 88.14 -119.23
C ILE J 55 9.17 86.62 -119.14
N LEU J 56 8.53 85.97 -120.11
CA LEU J 56 8.55 84.52 -120.25
C LEU J 56 9.13 84.15 -121.59
N LEU J 57 10.37 83.66 -121.57
CA LEU J 57 10.98 82.95 -122.67
C LEU J 57 10.97 81.47 -122.34
N LYS J 58 10.62 80.66 -123.31
CA LYS J 58 10.88 79.23 -123.19
C LYS J 58 11.34 78.79 -124.56
N GLU J 59 11.38 77.47 -124.75
CA GLU J 59 11.80 76.93 -126.03
C GLU J 59 10.59 76.73 -126.94
N GLN J 60 10.51 77.54 -128.00
CA GLN J 60 9.41 77.47 -128.94
C GLN J 60 9.74 76.57 -130.13
N ARG J 61 8.87 75.60 -130.41
CA ARG J 61 9.07 74.65 -131.49
C ARG J 61 8.60 75.25 -132.81
N LYS J 62 9.42 75.12 -133.85
CA LYS J 62 9.00 75.43 -135.21
C LYS J 62 9.66 74.45 -136.18
N ARG J 63 8.84 73.72 -136.93
CA ARG J 63 9.27 72.81 -138.00
C ARG J 63 10.16 71.69 -137.45
N GLY J 64 9.82 71.22 -136.25
CA GLY J 64 10.64 70.23 -135.61
C GLY J 64 11.91 70.74 -134.95
N GLU J 65 12.23 72.02 -135.06
CA GLU J 65 13.34 72.62 -134.33
C GLU J 65 12.80 73.55 -133.25
N VAL J 66 13.59 73.72 -132.19
CA VAL J 66 13.21 74.53 -131.03
C VAL J 66 14.40 75.38 -130.63
N ILE J 67 14.14 76.41 -129.82
CA ILE J 67 15.17 77.29 -129.27
C ILE J 67 14.50 78.25 -128.30
N TYR J 68 15.30 78.81 -127.39
CA TYR J 68 14.86 79.90 -126.53
C TYR J 68 14.11 80.95 -127.35
N ALA J 69 12.93 81.32 -126.88
CA ALA J 69 12.07 82.21 -127.65
C ALA J 69 11.15 82.95 -126.70
N LEU J 70 10.93 84.23 -126.99
CA LEU J 70 10.02 85.04 -126.19
C LEU J 70 8.62 84.47 -126.26
N GLN J 71 8.02 84.23 -125.09
CA GLN J 71 6.64 83.78 -125.01
C GLN J 71 5.67 84.84 -124.52
N SER J 72 6.08 85.68 -123.58
CA SER J 72 5.23 86.78 -123.13
C SER J 72 6.08 87.85 -122.46
N PHE J 73 5.49 89.02 -122.26
CA PHE J 73 6.12 90.14 -121.57
C PHE J 73 5.04 91.08 -121.08
N GLY J 74 5.21 91.57 -119.86
CA GLY J 74 4.22 92.45 -119.26
C GLY J 74 4.90 93.52 -118.44
N MET J 75 4.22 94.66 -118.30
CA MET J 75 4.79 95.81 -117.62
C MET J 75 3.70 96.61 -116.94
N LYS J 76 3.94 96.96 -115.67
CA LYS J 76 3.01 97.79 -114.92
C LYS J 76 3.79 98.83 -114.13
N PRO J 77 3.37 100.09 -114.13
CA PRO J 77 4.05 101.10 -113.31
C PRO J 77 3.98 100.71 -111.84
N LEU J 78 5.14 100.72 -111.19
CA LEU J 78 5.18 100.30 -109.78
C LEU J 78 4.36 101.25 -108.91
N PRO J 79 3.35 100.78 -108.20
CA PRO J 79 2.71 101.61 -107.20
C PRO J 79 3.66 101.87 -106.04
N PRO J 80 3.96 103.12 -105.78
CA PRO J 80 4.95 103.45 -104.75
C PRO J 80 4.37 103.17 -103.37
N GLU J 81 5.21 103.36 -102.35
CA GLU J 81 5.05 102.77 -101.02
C GLU J 81 5.39 101.28 -101.05
N ALA J 82 5.46 100.67 -102.23
CA ALA J 82 5.98 99.31 -102.34
C ALA J 82 7.44 99.24 -101.98
N ILE J 83 8.27 100.11 -102.55
CA ILE J 83 9.72 100.07 -102.38
C ILE J 83 10.16 101.40 -101.78
N VAL J 84 10.99 101.32 -100.75
CA VAL J 84 11.64 102.46 -100.12
C VAL J 84 13.06 102.06 -99.78
N ASP J 85 14.03 102.88 -100.20
CA ASP J 85 15.44 102.67 -99.92
C ASP J 85 15.90 101.28 -100.35
N GLY J 86 15.26 100.73 -101.40
CA GLY J 86 15.65 99.44 -101.93
C GLY J 86 15.07 98.23 -101.23
N ALA J 87 14.26 98.42 -100.20
CA ALA J 87 13.60 97.32 -99.52
C ALA J 87 12.14 97.27 -99.94
N LEU J 88 11.63 96.06 -100.10
CA LEU J 88 10.21 95.88 -100.38
C LEU J 88 9.44 96.14 -99.10
N MET J 89 8.67 97.23 -99.07
CA MET J 89 8.10 97.70 -97.82
C MET J 89 6.58 97.87 -97.88
N ASN J 90 5.91 97.07 -98.72
CA ASN J 90 4.46 96.85 -98.79
C ASN J 90 4.35 95.53 -99.53
N SER J 91 4.88 94.47 -98.90
CA SER J 91 4.92 93.17 -99.54
C SER J 91 3.56 92.76 -100.07
N THR J 92 2.48 93.21 -99.42
CA THR J 92 1.13 92.87 -99.85
C THR J 92 0.80 93.48 -101.21
N ALA J 93 0.91 94.82 -101.31
CA ALA J 93 0.62 95.49 -102.57
C ALA J 93 1.50 94.97 -103.69
N ILE J 94 2.80 94.80 -103.44
CA ILE J 94 3.70 94.28 -104.46
C ILE J 94 3.23 92.89 -104.89
N VAL J 95 2.77 92.09 -103.93
CA VAL J 95 2.22 90.77 -104.26
C VAL J 95 1.08 90.91 -105.27
N GLN J 96 0.09 91.75 -104.97
CA GLN J 96 -1.04 91.89 -105.87
C GLN J 96 -0.60 92.41 -107.24
N ALA J 97 0.39 93.31 -107.27
CA ALA J 97 0.90 93.79 -108.56
C ALA J 97 1.52 92.67 -109.35
N VAL J 98 2.35 91.84 -108.71
CA VAL J 98 2.97 90.72 -109.41
C VAL J 98 1.91 89.75 -109.91
N GLN J 99 0.84 89.55 -109.15
CA GLN J 99 -0.27 88.72 -109.61
C GLN J 99 -0.89 89.32 -110.88
N ASP J 100 -1.09 90.64 -110.90
CA ASP J 100 -1.56 91.28 -112.13
C ASP J 100 -0.59 91.04 -113.28
N LEU J 101 0.72 91.04 -113.00
CA LEU J 101 1.70 90.73 -114.04
C LEU J 101 1.49 89.33 -114.58
N MET J 102 1.33 88.34 -113.70
CA MET J 102 1.14 86.97 -114.15
C MET J 102 -0.14 86.81 -114.95
N SER J 103 -1.20 87.55 -114.57
CA SER J 103 -2.46 87.43 -115.30
C SER J 103 -2.36 88.07 -116.68
N GLU J 104 -1.82 89.30 -116.75
CA GLU J 104 -1.58 89.94 -118.04
C GLU J 104 -0.69 89.06 -118.93
N LEU J 105 0.23 88.32 -118.32
CA LEU J 105 1.11 87.46 -119.10
C LEU J 105 0.38 86.25 -119.66
N LYS J 106 -0.65 85.78 -118.98
CA LYS J 106 -1.32 84.50 -119.30
C LYS J 106 -0.34 83.34 -119.20
N VAL J 107 0.52 83.36 -118.18
CA VAL J 107 1.55 82.36 -117.97
C VAL J 107 1.09 81.40 -116.87
N LYS J 108 1.33 80.11 -117.09
CA LYS J 108 1.04 79.11 -116.07
C LYS J 108 2.23 78.84 -115.15
N GLY J 109 3.42 79.30 -115.51
CA GLY J 109 4.59 79.04 -114.68
C GLY J 109 4.53 79.83 -113.39
N LYS J 110 5.01 79.20 -112.32
CA LYS J 110 4.99 79.80 -110.99
C LYS J 110 6.35 79.78 -110.30
N ASP J 111 7.42 79.52 -111.04
CA ASP J 111 8.78 79.67 -110.53
C ASP J 111 9.41 80.90 -111.17
N VAL J 112 10.31 81.54 -110.43
CA VAL J 112 10.81 82.87 -110.78
C VAL J 112 12.27 83.03 -110.35
N ALA J 113 13.03 83.73 -111.18
CA ALA J 113 14.26 84.38 -110.76
C ALA J 113 13.93 85.87 -110.64
N ILE J 114 14.61 86.56 -109.73
CA ILE J 114 14.42 88.01 -109.62
C ILE J 114 15.74 88.66 -109.23
N GLY J 115 15.70 89.95 -108.94
CA GLY J 115 16.90 90.68 -108.60
C GLY J 115 16.69 91.57 -107.40
N VAL J 116 17.81 91.87 -106.73
CA VAL J 116 17.78 92.79 -105.60
C VAL J 116 17.99 94.21 -106.11
N SER J 117 17.68 95.17 -105.23
CA SER J 117 17.90 96.57 -105.58
C SER J 117 19.39 96.89 -105.54
N GLY J 118 19.85 97.66 -106.53
CA GLY J 118 21.22 98.14 -106.50
C GLY J 118 21.55 98.93 -105.26
N HIS J 119 20.55 99.62 -104.69
CA HIS J 119 20.71 100.30 -103.40
C HIS J 119 20.72 99.32 -102.24
N SER J 120 20.35 98.07 -102.47
CA SER J 120 20.27 97.08 -101.41
C SER J 120 21.42 96.09 -101.42
N VAL J 121 22.33 96.20 -102.37
CA VAL J 121 23.43 95.25 -102.52
C VAL J 121 24.75 95.99 -102.57
N ILE J 122 25.72 95.46 -101.83
CA ILE J 122 27.12 95.86 -101.91
C ILE J 122 27.82 94.86 -102.82
N ILE J 123 28.37 95.34 -103.94
CA ILE J 123 29.16 94.52 -104.85
C ILE J 123 30.57 95.05 -104.86
N LYS J 124 31.54 94.19 -104.52
CA LYS J 124 32.92 94.62 -104.72
C LYS J 124 33.83 93.40 -104.81
N LYS J 125 35.00 93.62 -105.39
CA LYS J 125 35.99 92.58 -105.55
C LYS J 125 36.79 92.37 -104.26
N ILE J 126 37.42 91.20 -104.18
CA ILE J 126 38.11 90.72 -102.99
C ILE J 126 39.17 89.70 -103.41
N GLN J 127 40.37 89.88 -102.88
CA GLN J 127 41.52 89.02 -103.19
C GLN J 127 41.80 88.10 -102.01
N MET J 128 42.01 86.81 -102.29
CA MET J 128 42.15 85.77 -101.28
C MET J 128 43.19 84.73 -101.68
N PRO J 129 43.29 83.59 -100.97
CA PRO J 129 43.93 82.41 -101.58
C PRO J 129 42.91 81.31 -101.86
N ARG J 130 42.82 80.80 -103.08
CA ARG J 130 41.88 79.70 -103.26
C ARG J 130 42.38 78.44 -102.54
N MET J 131 41.42 77.62 -102.13
CA MET J 131 41.63 76.35 -101.42
C MET J 131 40.39 75.47 -101.48
N SER J 132 40.03 74.86 -100.35
CA SER J 132 38.77 74.12 -100.24
C SER J 132 37.60 75.08 -100.32
N GLN J 133 36.46 74.60 -100.82
CA GLN J 133 35.29 75.45 -101.00
C GLN J 133 34.78 75.99 -99.66
N ASP J 134 34.79 75.15 -98.61
CA ASP J 134 34.42 75.63 -97.28
C ASP J 134 35.40 76.69 -96.79
N GLU J 135 36.70 76.42 -96.92
CA GLU J 135 37.69 77.39 -96.48
C GLU J 135 37.59 78.69 -97.26
N LEU J 136 37.21 78.62 -98.55
CA LEU J 136 36.97 79.86 -99.29
C LEU J 136 35.75 80.59 -98.77
N GLU J 137 34.63 79.87 -98.59
CA GLU J 137 33.41 80.57 -98.18
C GLU J 137 33.59 81.23 -96.81
N GLU J 138 34.21 80.52 -95.87
CA GLU J 138 34.52 81.12 -94.58
C GLU J 138 35.47 82.31 -94.72
N SER J 139 36.57 82.14 -95.46
CA SER J 139 37.54 83.22 -95.60
C SER J 139 36.92 84.43 -96.29
N ILE J 140 36.01 84.16 -97.23
CA ILE J 140 35.27 85.21 -97.94
C ILE J 140 34.40 85.98 -96.96
N GLN J 141 33.64 85.27 -96.14
CA GLN J 141 32.81 85.92 -95.14
C GLN J 141 33.65 86.70 -94.16
N TRP J 142 34.86 86.20 -93.85
CA TRP J 142 35.75 86.88 -92.92
C TRP J 142 36.27 88.19 -93.47
N GLU J 143 36.67 88.19 -94.75
CA GLU J 143 37.14 89.44 -95.36
C GLU J 143 36.01 90.43 -95.58
N ALA J 144 34.87 89.97 -96.09
CA ALA J 144 33.76 90.88 -96.32
C ALA J 144 33.14 91.39 -95.01
N GLU J 145 33.34 90.67 -93.90
CA GLU J 145 32.91 91.19 -92.60
C GLU J 145 33.40 92.61 -92.41
N GLN J 146 34.67 92.85 -92.74
CA GLN J 146 35.23 94.19 -92.80
C GLN J 146 34.45 95.10 -93.75
N TYR J 147 33.96 94.56 -94.86
CA TYR J 147 33.30 95.29 -95.93
C TYR J 147 31.82 95.61 -95.67
N ILE J 148 31.23 95.15 -94.57
CA ILE J 148 29.78 95.30 -94.47
C ILE J 148 29.46 96.20 -93.28
N PRO J 149 28.82 97.36 -93.50
CA PRO J 149 28.43 98.22 -92.38
C PRO J 149 27.20 97.74 -91.60
N PHE J 150 26.80 96.47 -91.71
CA PHE J 150 25.72 95.89 -90.93
C PHE J 150 26.17 94.59 -90.29
N ASP J 151 25.46 94.16 -89.24
CA ASP J 151 25.66 92.82 -88.73
C ASP J 151 25.45 91.79 -89.82
N VAL J 152 25.87 90.55 -89.55
CA VAL J 152 25.55 89.45 -90.44
C VAL J 152 24.63 88.50 -89.67
N LYS J 153 23.32 88.56 -89.87
CA LYS J 153 22.55 89.61 -90.59
C LYS J 153 22.98 90.12 -91.99
N ASP J 154 23.57 89.28 -92.85
CA ASP J 154 23.95 89.74 -94.18
C ASP J 154 24.24 88.60 -95.15
N VAL J 155 23.80 88.82 -96.39
CA VAL J 155 23.85 87.89 -97.51
C VAL J 155 25.23 87.93 -98.14
N ASN J 156 25.88 86.77 -98.24
CA ASN J 156 27.15 86.70 -98.92
C ASN J 156 27.08 85.67 -100.04
N ILE J 157 27.44 86.09 -101.26
CA ILE J 157 27.59 85.19 -102.41
C ILE J 157 28.70 85.72 -103.30
N ASP J 158 29.63 84.83 -103.66
CA ASP J 158 30.79 85.24 -104.45
C ASP J 158 30.81 84.53 -105.79
N THR J 159 31.48 85.13 -106.76
CA THR J 159 31.91 84.38 -107.92
C THR J 159 33.30 84.85 -108.34
N GLN J 160 34.05 83.96 -108.97
CA GLN J 160 35.45 84.25 -109.25
C GLN J 160 35.60 84.96 -110.59
N ILE J 161 36.24 86.14 -110.55
CA ILE J 161 36.41 86.94 -111.76
C ILE J 161 37.23 86.24 -112.83
N LEU J 162 38.07 85.29 -112.44
CA LEU J 162 38.79 84.44 -113.37
C LEU J 162 38.45 83.00 -113.03
N ASP J 163 38.43 82.15 -114.05
CA ASP J 163 38.23 80.73 -113.81
C ASP J 163 39.20 80.27 -112.73
N GLY J 164 38.65 79.82 -111.61
CA GLY J 164 39.44 79.00 -110.72
C GLY J 164 40.23 77.95 -111.48
N GLY J 165 39.68 77.45 -112.58
CA GLY J 165 40.35 76.41 -113.36
C GLY J 165 41.66 76.84 -113.95
N GLY J 166 42.27 77.91 -113.43
CA GLY J 166 43.50 78.47 -113.96
C GLY J 166 44.68 78.62 -112.99
N ASN J 167 44.54 78.27 -111.71
CA ASN J 167 45.56 78.60 -110.72
C ASN J 167 45.74 77.53 -109.62
N ASP J 168 46.93 77.52 -109.02
CA ASP J 168 47.39 76.45 -108.16
C ASP J 168 47.12 76.75 -106.69
N ALA J 169 47.19 75.70 -105.86
CA ALA J 169 46.72 75.79 -104.47
C ALA J 169 47.48 76.86 -103.70
N THR J 170 46.70 77.69 -103.01
CA THR J 170 47.15 78.85 -102.24
C THR J 170 47.35 80.09 -103.13
N GLY J 171 47.24 79.97 -104.44
CA GLY J 171 47.57 81.13 -105.25
C GLY J 171 46.47 81.69 -106.10
N GLN J 172 46.52 83.01 -106.33
CA GLN J 172 45.73 83.71 -107.33
C GLN J 172 44.24 83.47 -107.18
N MET J 173 43.72 83.83 -106.00
CA MET J 173 42.28 83.89 -105.81
C MET J 173 41.76 85.29 -106.06
N ASP J 174 40.66 85.37 -106.80
CA ASP J 174 39.88 86.60 -106.90
C ASP J 174 38.42 86.21 -106.89
N VAL J 175 37.67 86.67 -105.87
CA VAL J 175 36.22 86.54 -105.90
C VAL J 175 35.65 87.94 -105.82
N LEU J 176 34.46 88.11 -106.39
CA LEU J 176 33.65 89.29 -106.17
C LEU J 176 32.49 88.89 -105.27
N LEU J 177 32.30 89.66 -104.21
CA LEU J 177 31.23 89.45 -103.24
C LEU J 177 30.06 90.38 -103.51
N VAL J 178 28.90 89.75 -103.63
CA VAL J 178 27.59 90.38 -103.51
C VAL J 178 27.09 90.14 -102.09
N ALA J 179 26.90 91.22 -101.34
CA ALA J 179 26.46 91.17 -99.95
C ALA J 179 25.19 92.01 -99.82
N ALA J 180 24.20 91.49 -99.10
CA ALA J 180 22.92 92.18 -99.04
C ALA J 180 22.36 92.09 -97.63
N LYS J 181 21.94 93.21 -97.07
CA LYS J 181 21.37 93.12 -95.73
C LYS J 181 20.11 92.26 -95.75
N LYS J 182 20.32 90.96 -95.55
CA LYS J 182 19.29 90.07 -95.01
C LYS J 182 17.86 90.22 -95.54
N ASP J 183 17.13 91.29 -95.15
CA ASP J 183 15.69 91.25 -95.40
C ASP J 183 15.22 92.20 -96.47
N MET J 184 16.14 92.88 -97.13
CA MET J 184 15.79 93.08 -98.51
C MET J 184 15.39 91.74 -99.10
N ILE J 185 16.23 90.71 -98.89
CA ILE J 185 15.94 89.38 -99.40
C ILE J 185 14.66 88.82 -98.78
N ASN J 186 14.49 88.96 -97.46
CA ASN J 186 13.23 88.54 -96.85
C ASN J 186 12.03 89.18 -97.55
N ASP J 187 11.93 90.52 -97.49
CA ASP J 187 10.83 91.24 -98.12
C ASP J 187 10.52 90.71 -99.52
N TYR J 188 11.56 90.52 -100.33
CA TYR J 188 11.33 90.01 -101.68
C TYR J 188 10.78 88.59 -101.65
N THR J 189 11.23 87.76 -100.70
CA THR J 189 10.75 86.38 -100.62
C THR J 189 9.30 86.33 -100.14
N THR J 190 8.90 87.26 -99.26
CA THR J 190 7.50 87.37 -98.90
C THR J 190 6.65 87.74 -100.10
N VAL J 191 7.06 88.80 -100.81
CA VAL J 191 6.38 89.19 -102.05
C VAL J 191 6.24 88.01 -102.99
N VAL J 192 7.32 87.26 -103.20
CA VAL J 192 7.28 86.14 -104.12
C VAL J 192 6.37 85.04 -103.58
N SER J 193 6.37 84.85 -102.26
CA SER J 193 5.62 83.75 -101.67
C SER J 193 4.12 83.95 -101.82
N GLU J 194 3.63 85.17 -101.57
CA GLU J 194 2.18 85.35 -101.63
C GLU J 194 1.70 85.63 -103.05
N ALA J 195 2.60 85.89 -103.99
CA ALA J 195 2.23 85.92 -105.40
C ALA J 195 2.09 84.51 -105.97
N GLY J 196 2.28 83.47 -105.16
CA GLY J 196 2.25 82.11 -105.65
C GLY J 196 3.50 81.69 -106.38
N LEU J 197 4.55 82.51 -106.36
CA LEU J 197 5.78 82.22 -107.06
C LEU J 197 6.78 81.54 -106.14
N ALA J 198 7.72 80.80 -106.73
CA ALA J 198 8.78 80.14 -106.00
C ALA J 198 10.12 80.60 -106.55
N PRO J 199 10.93 81.31 -105.76
CA PRO J 199 12.19 81.82 -106.30
C PRO J 199 13.26 80.74 -106.34
N VAL J 200 14.08 80.78 -107.38
CA VAL J 200 15.20 79.86 -107.50
C VAL J 200 16.54 80.59 -107.56
N VAL J 201 16.56 81.83 -108.05
CA VAL J 201 17.77 82.62 -108.14
C VAL J 201 17.42 84.06 -107.78
N VAL J 202 18.15 84.63 -106.83
CA VAL J 202 18.05 86.04 -106.52
C VAL J 202 19.36 86.68 -106.98
N ASP J 203 19.34 87.20 -108.20
CA ASP J 203 20.51 87.70 -108.90
C ASP J 203 20.64 89.21 -108.69
N VAL J 204 21.63 89.81 -109.34
CA VAL J 204 21.87 91.25 -109.25
C VAL J 204 21.77 91.85 -110.64
N ASP J 205 21.30 93.12 -110.70
CA ASP J 205 20.87 93.68 -111.97
C ASP J 205 22.04 94.05 -112.87
N ALA J 206 23.16 94.49 -112.29
CA ALA J 206 24.29 94.94 -113.10
C ALA J 206 24.88 93.82 -113.94
N PHE J 207 24.70 92.56 -113.52
CA PHE J 207 25.18 91.42 -114.28
C PHE J 207 24.05 90.70 -115.01
N ALA J 208 22.84 90.76 -114.46
CA ALA J 208 21.69 90.17 -115.14
C ALA J 208 21.39 90.92 -116.43
N VAL J 209 21.60 92.23 -116.44
CA VAL J 209 21.41 93.02 -117.65
C VAL J 209 22.37 92.61 -118.76
N GLN J 210 23.44 91.89 -118.41
CA GLN J 210 24.48 91.54 -119.36
C GLN J 210 24.20 90.24 -120.11
N ASN J 211 23.36 89.37 -119.57
CA ASN J 211 23.16 88.05 -120.18
C ASN J 211 22.63 88.16 -121.60
N MET J 212 21.97 89.27 -121.93
CA MET J 212 21.46 89.43 -123.29
C MET J 212 22.55 89.76 -124.27
N PHE J 213 23.58 90.44 -123.81
CA PHE J 213 24.69 90.79 -124.66
C PHE J 213 25.91 89.91 -124.41
N SER J 214 25.78 88.88 -123.57
CA SER J 214 26.95 88.09 -123.16
C SER J 214 27.55 87.35 -124.34
N VAL J 215 26.72 86.93 -125.28
CA VAL J 215 27.21 86.35 -126.53
C VAL J 215 27.96 87.40 -127.35
N ASN J 216 27.28 88.51 -127.69
CA ASN J 216 27.86 89.51 -128.55
C ASN J 216 29.10 90.12 -127.93
N TYR J 217 29.22 90.04 -126.60
CA TYR J 217 30.45 90.41 -125.93
C TYR J 217 31.48 89.30 -126.03
N ASP J 218 31.01 88.04 -125.99
CA ASP J 218 31.93 86.90 -125.98
C ASP J 218 32.65 86.73 -127.31
N VAL J 219 32.13 87.35 -128.37
CA VAL J 219 32.83 87.29 -129.67
C VAL J 219 34.02 88.24 -129.78
N PRO J 220 33.99 89.49 -129.19
CA PRO J 220 35.25 90.23 -129.05
C PRO J 220 35.84 90.14 -127.64
N GLU J 221 36.99 89.49 -127.49
CA GLU J 221 37.35 88.93 -126.18
C GLU J 221 38.60 89.55 -125.57
N ARG J 222 39.29 90.44 -126.29
CA ARG J 222 40.23 91.37 -125.68
C ARG J 222 39.71 92.80 -125.67
N GLU J 223 38.51 93.02 -126.16
CA GLU J 223 37.93 94.35 -126.25
C GLU J 223 37.31 94.75 -124.92
N THR J 224 37.63 95.96 -124.47
CA THR J 224 37.09 96.51 -123.26
C THR J 224 35.79 97.25 -123.59
N VAL J 225 34.69 96.80 -123.02
CA VAL J 225 33.37 97.35 -123.30
C VAL J 225 32.80 97.88 -122.00
N VAL J 226 32.09 99.01 -122.08
CA VAL J 226 31.35 99.51 -120.92
C VAL J 226 29.86 99.25 -121.15
N LEU J 227 29.15 98.96 -120.08
CA LEU J 227 27.70 98.80 -120.10
C LEU J 227 27.10 99.68 -119.02
N ILE J 228 26.30 100.66 -119.42
CA ILE J 228 25.58 101.53 -118.49
C ILE J 228 24.13 101.10 -118.47
N ASN J 229 23.59 100.90 -117.28
CA ASN J 229 22.15 100.72 -117.11
C ASN J 229 21.67 101.91 -116.28
N ALA J 230 21.11 102.89 -116.97
CA ALA J 230 20.51 104.06 -116.34
C ALA J 230 19.07 103.73 -115.99
N GLY J 231 18.82 103.45 -114.72
CA GLY J 231 17.50 103.14 -114.23
C GLY J 231 16.84 104.35 -113.58
N ALA J 232 15.80 104.07 -112.80
CA ALA J 232 15.08 105.11 -112.09
C ALA J 232 15.61 105.36 -110.68
N SER J 233 16.18 104.34 -110.05
CA SER J 233 16.73 104.48 -108.71
C SER J 233 18.26 104.54 -108.69
N VAL J 234 18.92 104.06 -109.74
CA VAL J 234 20.38 103.93 -109.72
C VAL J 234 20.86 103.82 -111.16
N VAL J 235 22.12 104.17 -111.38
CA VAL J 235 22.79 103.94 -112.66
C VAL J 235 23.97 103.03 -112.40
N ASN J 236 23.96 101.86 -113.02
CA ASN J 236 25.09 100.96 -112.86
C ASN J 236 26.03 101.05 -114.06
N ILE J 237 27.33 100.99 -113.76
CA ILE J 237 28.38 100.85 -114.76
C ILE J 237 29.06 99.52 -114.52
N ASN J 238 29.10 98.67 -115.53
CA ASN J 238 29.98 97.51 -115.46
C ASN J 238 30.85 97.46 -116.70
N ILE J 239 32.14 97.27 -116.49
CA ILE J 239 33.11 97.31 -117.57
C ILE J 239 33.84 95.99 -117.61
N ILE J 240 34.03 95.49 -118.84
CA ILE J 240 34.36 94.10 -119.11
C ILE J 240 35.48 94.06 -120.13
N SER J 241 36.22 92.95 -120.09
CA SER J 241 36.98 92.46 -121.23
C SER J 241 36.32 91.17 -121.65
N ASN J 242 35.67 91.19 -122.82
CA ASN J 242 34.83 90.11 -123.35
C ASN J 242 33.50 90.15 -122.59
N GLY J 243 32.92 89.01 -122.25
CA GLY J 243 31.86 88.96 -121.25
C GLY J 243 32.47 88.57 -119.92
N ALA J 244 33.66 89.10 -119.63
CA ALA J 244 34.31 88.89 -118.35
C ALA J 244 34.33 90.21 -117.61
N THR J 245 33.44 90.37 -116.64
CA THR J 245 33.35 91.60 -115.89
C THR J 245 34.69 91.93 -115.25
N VAL J 246 35.17 93.15 -115.48
CA VAL J 246 36.33 93.67 -114.78
C VAL J 246 35.93 94.45 -113.53
N PHE J 247 34.84 95.22 -113.61
CA PHE J 247 34.36 95.87 -112.39
C PHE J 247 32.96 96.44 -112.58
N THR J 248 32.37 96.84 -111.45
CA THR J 248 31.06 97.47 -111.42
C THR J 248 31.07 98.60 -110.40
N ARG J 249 30.24 99.61 -110.64
CA ARG J 249 30.11 100.77 -109.77
C ARG J 249 28.70 101.33 -109.92
N ASP J 250 28.07 101.65 -108.79
CA ASP J 250 26.67 102.06 -108.77
C ASP J 250 26.57 103.51 -108.31
N VAL J 251 25.84 104.31 -109.09
CA VAL J 251 25.70 105.74 -108.87
C VAL J 251 24.27 106.06 -108.49
N THR J 252 24.12 106.80 -107.39
CA THR J 252 22.80 107.14 -106.86
C THR J 252 21.94 107.90 -107.88
N ILE J 253 22.58 108.64 -108.78
CA ILE J 253 21.85 109.46 -109.75
C ILE J 253 21.14 108.57 -110.74
N GLY J 254 19.97 109.00 -111.19
CA GLY J 254 19.18 108.24 -112.15
C GLY J 254 18.13 109.12 -112.77
N GLY J 255 17.12 108.47 -113.36
CA GLY J 255 16.07 109.22 -114.04
C GLY J 255 15.13 109.92 -113.08
N ASN J 256 14.98 109.37 -111.88
CA ASN J 256 14.22 110.05 -110.83
C ASN J 256 14.78 111.45 -110.59
N GLN J 257 16.07 111.65 -110.84
CA GLN J 257 16.66 112.98 -110.68
C GLN J 257 16.16 113.94 -111.75
N PHE J 258 16.18 113.53 -113.02
CA PHE J 258 15.64 114.38 -114.08
C PHE J 258 14.18 114.71 -113.81
N THR J 259 13.36 113.69 -113.52
CA THR J 259 11.96 113.93 -113.22
C THR J 259 11.80 114.89 -112.05
N GLU J 260 12.60 114.70 -111.00
CA GLU J 260 12.49 115.54 -109.81
C GLU J 260 12.89 116.98 -110.09
N GLU J 261 13.87 117.21 -110.96
CA GLU J 261 14.22 118.57 -111.30
C GLU J 261 13.12 119.24 -112.12
N ILE J 262 12.53 118.52 -113.07
CA ILE J 262 11.39 119.06 -113.80
C ILE J 262 10.28 119.45 -112.83
N GLN J 263 9.97 118.55 -111.91
CA GLN J 263 8.95 118.81 -110.90
C GLN J 263 9.27 120.03 -110.06
N LYS J 264 10.53 120.15 -109.60
CA LYS J 264 10.95 121.33 -108.86
C LYS J 264 10.69 122.60 -109.66
N GLN J 265 11.16 122.64 -110.91
CA GLN J 265 11.17 123.88 -111.65
C GLN J 265 9.81 124.24 -112.24
N LEU J 266 8.82 123.35 -112.20
CA LEU J 266 7.50 123.73 -112.69
C LEU J 266 6.39 123.37 -111.70
N ASN J 267 6.71 123.33 -110.41
CA ASN J 267 5.89 122.77 -109.33
C ASN J 267 4.82 121.82 -109.85
N VAL J 268 5.27 120.69 -110.44
CA VAL J 268 4.44 119.65 -111.05
C VAL J 268 4.45 118.43 -110.12
N SER J 269 3.46 117.55 -110.28
CA SER J 269 3.51 116.25 -109.63
C SER J 269 4.56 115.37 -110.29
N TYR J 270 4.90 114.25 -109.68
CA TYR J 270 5.93 113.39 -110.24
C TYR J 270 5.48 112.78 -111.57
N GLU J 271 4.19 112.49 -111.69
CA GLU J 271 3.71 111.82 -112.90
C GLU J 271 3.74 112.77 -114.10
N GLU J 272 3.20 113.98 -113.95
CA GLU J 272 3.16 114.89 -115.08
C GLU J 272 4.56 115.40 -115.43
N ALA J 273 5.44 115.49 -114.43
CA ALA J 273 6.84 115.81 -114.71
C ALA J 273 7.52 114.67 -115.45
N GLU J 274 7.15 113.43 -115.12
CA GLU J 274 7.69 112.28 -115.82
C GLU J 274 7.24 112.25 -117.27
N ALA J 275 5.95 112.50 -117.52
CA ALA J 275 5.46 112.56 -118.89
C ALA J 275 6.08 113.72 -119.65
N LEU J 276 6.18 114.89 -119.00
CA LEU J 276 6.86 116.03 -119.63
C LEU J 276 8.30 115.66 -120.00
N LYS J 277 8.95 114.83 -119.18
CA LYS J 277 10.26 114.31 -119.54
C LYS J 277 10.16 113.45 -120.81
N ILE J 278 9.40 112.35 -120.74
CA ILE J 278 9.25 111.42 -121.85
C ILE J 278 8.83 112.14 -123.12
N GLY J 279 7.52 112.40 -123.24
CA GLY J 279 7.01 113.00 -124.44
C GLY J 279 7.50 114.42 -124.68
N GLY J 280 7.71 115.17 -123.59
CA GLY J 280 8.22 116.52 -123.75
C GLY J 280 9.57 116.58 -124.43
N ASN J 281 10.49 115.70 -124.07
CA ASN J 281 11.85 115.81 -124.57
C ASN J 281 12.05 115.22 -125.96
N GLY J 282 11.09 114.47 -126.50
CA GLY J 282 11.38 113.70 -127.70
C GLY J 282 10.46 113.87 -128.88
N ALA J 283 9.36 114.60 -128.73
CA ALA J 283 8.41 114.75 -129.81
C ALA J 283 9.00 115.56 -130.96
N ASP J 284 8.44 115.36 -132.16
CA ASP J 284 8.86 116.18 -133.30
C ASP J 284 8.40 117.63 -133.13
N ALA J 285 7.35 117.87 -132.36
CA ALA J 285 6.85 119.21 -132.11
C ALA J 285 7.43 119.84 -130.85
N ASP J 286 8.50 119.27 -130.30
CA ASP J 286 9.04 119.70 -129.02
C ASP J 286 10.00 120.88 -129.15
N ALA J 287 9.90 121.70 -130.20
CA ALA J 287 10.97 122.66 -130.49
C ALA J 287 11.02 123.79 -129.47
N VAL J 288 9.90 124.05 -128.79
CA VAL J 288 9.86 125.15 -127.84
C VAL J 288 10.16 124.69 -126.42
N VAL J 289 10.10 123.38 -126.16
CA VAL J 289 10.25 122.83 -124.82
C VAL J 289 11.64 122.30 -124.44
N PRO J 290 12.66 122.27 -125.32
CA PRO J 290 13.96 121.85 -124.83
C PRO J 290 14.73 123.00 -124.20
N GLN J 291 14.27 124.24 -124.38
CA GLN J 291 14.80 125.32 -123.55
C GLN J 291 14.20 125.26 -122.16
N ASP J 292 12.86 125.25 -122.07
CA ASP J 292 12.20 125.16 -120.77
C ASP J 292 12.62 123.92 -120.02
N VAL J 293 12.68 122.77 -120.70
CA VAL J 293 13.04 121.54 -119.98
C VAL J 293 14.55 121.41 -119.86
N GLU J 294 15.28 121.60 -120.96
CA GLU J 294 16.73 121.40 -120.94
C GLU J 294 17.42 122.32 -119.93
N ARG J 295 16.90 123.54 -119.77
CA ARG J 295 17.41 124.40 -118.71
C ARG J 295 17.10 123.84 -117.33
N VAL J 296 16.06 123.02 -117.23
CA VAL J 296 15.72 122.41 -115.95
C VAL J 296 16.64 121.23 -115.67
N LEU J 297 16.89 120.40 -116.68
CA LEU J 297 17.66 119.18 -116.53
C LEU J 297 19.14 119.36 -116.76
N SER J 298 19.59 120.60 -117.01
CA SER J 298 20.98 120.81 -117.41
C SER J 298 21.95 120.51 -116.26
N SER J 299 21.59 120.92 -115.04
CA SER J 299 22.39 120.54 -113.89
C SER J 299 22.54 119.02 -113.78
N VAL J 300 21.44 118.28 -113.92
CA VAL J 300 21.51 116.83 -113.84
C VAL J 300 22.37 116.27 -114.95
N ALA J 301 22.29 116.84 -116.15
CA ALA J 301 23.11 116.36 -117.26
C ALA J 301 24.59 116.55 -116.96
N GLU J 302 24.98 117.78 -116.59
CA GLU J 302 26.37 118.06 -116.23
C GLU J 302 26.85 117.11 -115.14
N GLN J 303 26.05 116.94 -114.10
CA GLN J 303 26.52 116.24 -112.91
C GLN J 303 26.53 114.72 -113.11
N VAL J 304 25.60 114.18 -113.90
CA VAL J 304 25.71 112.78 -114.34
C VAL J 304 26.99 112.57 -115.13
N ALA J 305 27.23 113.42 -116.14
CA ALA J 305 28.48 113.35 -116.89
C ALA J 305 29.69 113.41 -115.95
N GLY J 306 29.61 114.24 -114.91
CA GLY J 306 30.69 114.31 -113.94
C GLY J 306 30.85 113.01 -113.17
N GLU J 307 29.74 112.34 -112.86
CA GLU J 307 29.86 111.06 -112.17
C GLU J 307 30.43 109.98 -113.07
N ILE J 308 30.05 109.97 -114.35
CA ILE J 308 30.53 108.92 -115.23
C ILE J 308 32.01 109.11 -115.54
N GLN J 309 32.42 110.36 -115.82
CA GLN J 309 33.86 110.63 -115.96
C GLN J 309 34.57 110.23 -114.69
N ARG J 310 33.95 110.52 -113.55
CA ARG J 310 34.48 110.15 -112.24
C ARG J 310 34.80 108.66 -112.16
N SER J 311 33.80 107.80 -112.34
CA SER J 311 34.01 106.36 -112.27
C SER J 311 35.04 105.88 -113.30
N LEU J 312 34.91 106.33 -114.55
CA LEU J 312 35.84 105.91 -115.59
C LEU J 312 37.28 106.23 -115.21
N ASP J 313 37.53 107.44 -114.69
CA ASP J 313 38.88 107.79 -114.26
C ASP J 313 39.31 106.95 -113.07
N PHE J 314 38.37 106.60 -112.19
CA PHE J 314 38.74 105.78 -111.04
C PHE J 314 39.05 104.35 -111.43
N TYR J 315 38.67 103.92 -112.63
CA TYR J 315 39.07 102.59 -113.07
C TYR J 315 40.48 102.59 -113.66
N ALA J 316 40.74 103.48 -114.61
CA ALA J 316 41.96 103.46 -115.43
C ALA J 316 43.23 103.32 -114.60
N GLY J 317 43.39 102.18 -113.93
CA GLY J 317 44.48 101.95 -113.00
C GLY J 317 45.78 101.47 -113.63
N THR J 318 45.71 100.62 -114.65
CA THR J 318 46.89 99.93 -115.17
C THR J 318 47.37 100.42 -116.53
N ALA J 319 46.50 100.92 -117.39
CA ALA J 319 46.88 101.33 -118.74
C ALA J 319 46.85 102.86 -118.77
N ALA J 320 47.95 103.47 -118.34
CA ALA J 320 47.99 104.93 -118.24
C ALA J 320 48.09 105.60 -119.61
N ASP J 321 48.29 104.84 -120.67
CA ASP J 321 48.52 105.40 -121.99
C ASP J 321 47.54 104.89 -123.04
N SER J 322 46.41 104.33 -122.63
CA SER J 322 45.45 103.75 -123.56
C SER J 322 44.18 104.60 -123.61
N ASN J 323 43.24 104.15 -124.43
CA ASN J 323 41.92 104.77 -124.58
C ASN J 323 40.85 103.71 -124.46
N PHE J 324 39.60 104.14 -124.67
CA PHE J 324 38.44 103.26 -124.53
C PHE J 324 38.11 102.59 -125.87
N SER J 325 37.06 101.77 -125.86
CA SER J 325 36.57 101.14 -127.07
C SER J 325 35.09 101.46 -127.28
N LYS J 326 34.20 100.53 -126.91
CA LYS J 326 32.78 100.68 -127.20
C LYS J 326 31.94 100.28 -126.00
N VAL J 327 30.73 100.85 -125.95
CA VAL J 327 29.87 100.77 -124.77
C VAL J 327 28.41 100.78 -125.19
N TYR J 328 27.55 100.20 -124.35
CA TYR J 328 26.11 100.11 -124.59
C TYR J 328 25.32 100.70 -123.43
N LEU J 329 24.02 100.91 -123.69
CA LEU J 329 23.12 101.49 -122.71
C LEU J 329 21.86 100.65 -122.56
N SER J 330 21.33 100.65 -121.34
CA SER J 330 20.14 99.92 -120.95
C SER J 330 19.41 100.73 -119.89
N GLY J 331 18.18 100.35 -119.61
CA GLY J 331 17.38 101.13 -118.69
C GLY J 331 16.70 102.30 -119.40
N GLY J 332 15.53 102.68 -118.88
CA GLY J 332 14.74 103.70 -119.55
C GLY J 332 15.30 105.10 -119.42
N THR J 333 16.02 105.37 -118.32
CA THR J 333 16.67 106.67 -118.16
C THR J 333 17.62 106.96 -119.31
N ALA J 334 18.23 105.92 -119.89
CA ALA J 334 19.00 106.10 -121.12
C ALA J 334 18.20 106.78 -122.22
N LYS J 335 16.93 106.41 -122.41
CA LYS J 335 16.13 106.88 -123.54
C LYS J 335 15.84 108.37 -123.51
N ILE J 336 16.48 109.14 -122.64
CA ILE J 336 16.41 110.60 -122.70
C ILE J 336 16.90 111.03 -124.07
N PRO J 337 16.13 111.83 -124.81
CA PRO J 337 16.52 112.18 -126.17
C PRO J 337 17.89 112.85 -126.22
N ALA J 338 18.75 112.36 -127.13
CA ALA J 338 20.08 112.87 -127.41
C ALA J 338 21.09 112.54 -126.32
N LEU J 339 20.64 111.88 -125.23
CA LEU J 339 21.55 111.58 -124.13
C LEU J 339 22.69 110.67 -124.59
N PHE J 340 22.44 109.85 -125.61
CA PHE J 340 23.49 108.94 -126.08
C PHE J 340 24.61 109.70 -126.78
N LYS J 341 24.24 110.66 -127.64
CA LYS J 341 25.23 111.50 -128.28
C LYS J 341 26.01 112.32 -127.24
N THR J 342 25.31 112.79 -126.21
CA THR J 342 25.94 113.59 -125.16
C THR J 342 26.97 112.76 -124.39
N ILE J 343 26.58 111.56 -123.95
CA ILE J 343 27.53 110.70 -123.25
C ILE J 343 28.67 110.30 -124.17
N GLU J 344 28.37 110.14 -125.47
CA GLU J 344 29.40 109.75 -126.42
C GLU J 344 30.47 110.83 -126.56
N ALA J 345 30.05 112.07 -126.72
CA ALA J 345 31.02 113.15 -126.89
C ALA J 345 31.68 113.51 -125.57
N ARG J 346 30.99 113.32 -124.45
CA ARG J 346 31.47 113.77 -123.14
C ARG J 346 32.42 112.78 -122.49
N THR J 347 32.19 111.47 -122.64
CA THR J 347 33.04 110.46 -122.04
C THR J 347 34.13 109.96 -122.96
N GLY J 348 34.14 110.37 -124.22
CA GLY J 348 35.15 109.89 -125.15
C GLY J 348 35.01 108.43 -125.51
N VAL J 349 33.79 107.89 -125.41
CA VAL J 349 33.51 106.51 -125.81
C VAL J 349 32.25 106.46 -126.67
N PRO J 350 32.21 105.63 -127.73
CA PRO J 350 30.94 105.39 -128.43
C PRO J 350 29.90 104.64 -127.59
N VAL J 351 28.84 105.36 -127.21
CA VAL J 351 27.77 104.85 -126.37
C VAL J 351 26.57 104.57 -127.27
N GLU J 352 26.15 103.30 -127.34
CA GLU J 352 25.07 102.91 -128.22
C GLU J 352 23.99 102.14 -127.48
N ILE J 353 22.74 102.43 -127.87
CA ILE J 353 21.63 101.57 -127.49
C ILE J 353 21.85 100.19 -128.10
N LEU J 354 21.28 99.18 -127.44
CA LEU J 354 21.38 97.83 -127.97
C LEU J 354 20.05 97.12 -127.77
N ASN J 355 19.74 96.23 -128.70
CA ASN J 355 18.54 95.43 -128.61
C ASN J 355 18.86 94.13 -127.90
N PRO J 356 18.46 93.94 -126.63
CA PRO J 356 18.64 92.62 -126.02
C PRO J 356 17.98 91.51 -126.81
N PHE J 357 16.68 91.65 -127.12
CA PHE J 357 15.86 90.58 -127.67
C PHE J 357 16.49 89.85 -128.84
N ARG J 358 17.65 90.29 -129.34
CA ARG J 358 18.34 89.56 -130.40
C ARG J 358 18.85 88.20 -129.92
N LYS J 359 18.99 88.01 -128.61
CA LYS J 359 19.45 86.76 -128.03
C LYS J 359 18.39 85.67 -128.04
N ILE J 360 17.14 86.02 -128.28
CA ILE J 360 16.02 85.10 -128.16
C ILE J 360 15.23 85.12 -129.46
N GLU J 361 14.62 83.98 -129.78
CA GLU J 361 13.76 83.89 -130.95
C GLU J 361 12.48 84.68 -130.71
N VAL J 362 12.04 85.45 -131.70
CA VAL J 362 10.83 86.27 -131.59
C VAL J 362 9.93 85.94 -132.76
N ASP J 363 8.74 85.40 -132.46
CA ASP J 363 7.75 85.10 -133.48
C ASP J 363 7.12 86.41 -133.95
N ASN J 364 7.29 86.73 -135.23
CA ASN J 364 6.78 88.00 -135.75
C ASN J 364 5.25 88.04 -135.74
N ARG J 365 4.60 86.89 -135.68
CA ARG J 365 3.14 86.87 -135.65
C ARG J 365 2.58 87.19 -134.27
N LYS J 366 3.43 87.12 -133.24
CA LYS J 366 2.99 87.41 -131.88
C LYS J 366 3.59 88.69 -131.31
N PHE J 367 4.67 89.19 -131.91
CA PHE J 367 5.34 90.38 -131.40
C PHE J 367 5.82 91.25 -132.55
N ASP J 368 5.61 92.55 -132.43
CA ASP J 368 6.13 93.51 -133.40
C ASP J 368 7.59 93.77 -133.07
N PRO J 369 8.52 93.55 -134.01
CA PRO J 369 9.93 93.87 -133.74
C PRO J 369 10.15 95.34 -133.41
N ALA J 370 9.33 96.24 -133.94
CA ALA J 370 9.52 97.66 -133.68
C ALA J 370 9.27 98.01 -132.22
N PHE J 371 8.09 97.66 -131.70
CA PHE J 371 7.78 97.92 -130.30
C PHE J 371 8.74 97.20 -129.37
N VAL J 372 9.04 95.93 -129.66
CA VAL J 372 10.04 95.18 -128.91
C VAL J 372 11.33 95.99 -128.80
N MET J 373 11.79 96.52 -129.95
CA MET J 373 12.96 97.39 -129.94
C MET J 373 12.74 98.63 -129.08
N ASP J 374 11.51 99.17 -129.08
CA ASP J 374 11.25 100.41 -128.35
C ASP J 374 11.37 100.21 -126.85
N VAL J 375 10.84 99.09 -126.34
CA VAL J 375 10.87 98.79 -124.92
C VAL J 375 12.09 97.95 -124.54
N ALA J 376 13.01 97.72 -125.47
CA ALA J 376 14.20 96.94 -125.16
C ALA J 376 15.01 97.48 -123.99
N PRO J 377 15.38 98.77 -123.92
CA PRO J 377 16.24 99.21 -122.80
C PRO J 377 15.64 98.98 -121.43
N MET J 378 14.35 99.24 -121.26
CA MET J 378 13.70 98.97 -119.98
C MET J 378 13.73 97.48 -119.67
N ALA J 379 13.58 96.65 -120.69
CA ALA J 379 13.39 95.22 -120.50
C ALA J 379 14.69 94.41 -120.48
N ALA J 380 15.85 95.06 -120.66
CA ALA J 380 17.12 94.33 -120.74
C ALA J 380 17.29 93.34 -119.58
N VAL J 381 17.18 93.82 -118.34
CA VAL J 381 17.29 92.93 -117.18
C VAL J 381 16.12 91.95 -117.15
N ALA J 382 14.92 92.47 -117.46
CA ALA J 382 13.66 91.73 -117.52
C ALA J 382 13.71 90.52 -118.42
N VAL J 383 14.62 90.48 -119.39
CA VAL J 383 14.91 89.23 -120.08
C VAL J 383 16.21 88.63 -119.57
N GLY J 384 16.99 89.43 -118.84
CA GLY J 384 18.27 89.02 -118.28
C GLY J 384 18.20 87.80 -117.39
N LEU J 385 17.66 88.01 -116.20
CA LEU J 385 17.52 86.87 -115.29
C LEU J 385 16.54 85.85 -115.87
N ALA J 386 15.90 86.21 -116.99
CA ALA J 386 14.98 85.34 -117.70
C ALA J 386 15.71 84.35 -118.61
N LEU J 387 16.88 84.71 -119.15
CA LEU J 387 17.75 83.67 -119.68
C LEU J 387 18.49 82.99 -118.55
N ARG J 388 18.53 83.62 -117.38
CA ARG J 388 19.04 82.89 -116.20
C ARG J 388 18.09 81.76 -115.80
N ARG J 389 16.79 81.88 -116.13
CA ARG J 389 15.81 80.92 -115.62
C ARG J 389 15.59 79.63 -116.42
N PRO J 390 15.90 79.55 -117.75
CA PRO J 390 15.87 78.22 -118.37
C PRO J 390 17.29 77.70 -118.49
N GLY J 391 18.18 78.28 -117.69
CA GLY J 391 19.59 77.93 -117.74
C GLY J 391 19.91 76.76 -116.83
N MET K 1 26.39 109.75 -97.16
CA MET K 1 25.54 110.32 -96.12
C MET K 1 25.57 109.46 -94.86
N MET K 2 25.59 110.13 -93.71
CA MET K 2 25.66 109.47 -92.42
C MET K 2 24.26 109.35 -91.82
N ILE K 3 23.86 108.13 -91.50
CA ILE K 3 22.56 107.86 -90.89
C ILE K 3 22.84 107.36 -89.47
N ARG K 4 22.53 108.19 -88.47
CA ARG K 4 22.80 107.87 -87.09
C ARG K 4 21.49 107.75 -86.29
N ILE K 5 21.52 106.89 -85.28
CA ILE K 5 20.32 106.65 -84.47
C ILE K 5 20.69 106.44 -83.01
N ASN K 6 20.53 107.49 -82.20
CA ASN K 6 20.69 107.37 -80.76
C ASN K 6 19.44 106.83 -80.07
N LEU K 7 18.92 105.70 -80.54
CA LEU K 7 17.74 105.11 -79.91
C LEU K 7 18.04 103.77 -79.23
N LEU K 8 17.69 103.71 -77.94
CA LEU K 8 18.12 102.76 -76.93
C LEU K 8 19.67 102.63 -76.78
N PRO K 9 20.30 103.78 -76.55
CA PRO K 9 21.19 103.96 -75.40
C PRO K 9 20.71 105.11 -74.53
N VAL K 10 21.54 105.52 -73.59
CA VAL K 10 21.70 104.79 -72.34
C VAL K 10 20.93 105.17 -71.05
N ARG K 11 20.74 106.43 -70.67
CA ARG K 11 19.90 106.62 -69.48
C ARG K 11 18.50 106.13 -69.79
N ALA K 12 18.12 106.14 -71.08
CA ALA K 12 16.93 105.40 -71.51
C ALA K 12 17.10 103.90 -71.30
N VAL K 13 18.25 103.36 -71.72
CA VAL K 13 18.52 101.92 -71.60
C VAL K 13 18.44 101.56 -70.13
N LYS K 14 19.42 102.01 -69.35
CA LYS K 14 19.58 101.58 -67.98
C LYS K 14 18.44 102.07 -67.08
N LYS K 15 17.63 103.03 -67.55
CA LYS K 15 16.45 103.38 -66.75
C LYS K 15 15.27 102.47 -67.10
N ARG K 16 15.22 101.97 -68.34
CA ARG K 16 14.27 100.89 -68.63
C ARG K 16 14.69 99.60 -67.91
N GLU K 17 16.00 99.39 -67.77
CA GLU K 17 16.50 98.22 -67.07
C GLU K 17 16.23 98.30 -65.57
N MET K 18 16.61 99.41 -64.93
CA MET K 18 16.23 99.60 -63.54
C MET K 18 14.72 99.50 -63.37
N GLY K 19 13.96 100.07 -64.31
CA GLY K 19 12.52 99.92 -64.30
C GLY K 19 12.08 98.47 -64.31
N ARG K 20 12.78 97.63 -65.06
CA ARG K 20 12.45 96.20 -65.09
C ARG K 20 12.78 95.53 -63.76
N GLN K 21 14.00 95.77 -63.24
CA GLN K 21 14.46 95.09 -62.04
C GLN K 21 13.59 95.43 -60.84
N VAL K 22 13.26 96.71 -60.66
CA VAL K 22 12.42 97.10 -59.53
C VAL K 22 11.09 96.34 -59.57
N LEU K 23 10.51 96.18 -60.76
CA LEU K 23 9.26 95.46 -60.90
C LEU K 23 9.41 93.97 -60.64
N VAL K 24 10.52 93.37 -61.08
CA VAL K 24 10.77 91.96 -60.78
C VAL K 24 10.85 91.75 -59.27
N LEU K 25 11.56 92.65 -58.57
CA LEU K 25 11.63 92.58 -57.11
C LEU K 25 10.24 92.69 -56.49
N PHE K 26 9.43 93.64 -56.96
CA PHE K 26 8.04 93.72 -56.52
C PHE K 26 7.34 92.37 -56.69
N ALA K 27 7.46 91.76 -57.87
CA ALA K 27 6.78 90.49 -58.14
C ALA K 27 7.22 89.41 -57.16
N VAL K 28 8.54 89.31 -56.92
CA VAL K 28 9.04 88.28 -56.01
C VAL K 28 8.49 88.48 -54.61
N VAL K 29 8.59 89.71 -54.09
CA VAL K 29 8.08 89.99 -52.74
C VAL K 29 6.60 89.64 -52.64
N LEU K 30 5.83 89.99 -53.67
CA LEU K 30 4.39 89.75 -53.61
C LEU K 30 4.05 88.26 -53.74
N ILE K 31 4.86 87.49 -54.46
CA ILE K 31 4.64 86.05 -54.52
C ILE K 31 4.93 85.42 -53.17
N GLY K 32 6.05 85.81 -52.53
CA GLY K 32 6.35 85.31 -51.21
C GLY K 32 5.25 85.62 -50.19
N ALA K 33 4.88 86.90 -50.10
CA ALA K 33 3.79 87.28 -49.21
C ALA K 33 2.53 86.50 -49.52
N GLY K 34 2.26 86.27 -50.81
CA GLY K 34 1.16 85.39 -51.18
C GLY K 34 1.25 84.03 -50.52
N VAL K 35 2.38 83.34 -50.74
CA VAL K 35 2.58 82.01 -50.15
C VAL K 35 2.34 82.04 -48.64
N ALA K 36 2.80 83.10 -47.97
CA ALA K 36 2.53 83.23 -46.54
C ALA K 36 1.03 83.27 -46.27
N ASN K 37 0.32 84.21 -46.91
CA ASN K 37 -1.14 84.28 -46.75
C ASN K 37 -1.78 82.92 -46.93
N TYR K 38 -1.36 82.18 -47.95
CA TYR K 38 -1.79 80.80 -48.11
C TYR K 38 -1.52 80.01 -46.84
N LEU K 39 -0.29 79.48 -46.67
CA LEU K 39 0.01 78.58 -45.55
C LEU K 39 -0.79 78.92 -44.30
N TRP K 40 -0.89 80.21 -43.99
CA TRP K 40 -1.83 80.67 -42.97
C TRP K 40 -3.24 80.11 -43.21
N TYR K 41 -3.79 80.30 -44.42
CA TYR K 41 -5.16 79.83 -44.68
C TYR K 41 -5.33 78.34 -44.36
N ASP K 42 -4.26 77.54 -44.55
CA ASP K 42 -4.37 76.11 -44.34
C ASP K 42 -4.36 75.78 -42.86
N ASP K 43 -3.44 76.39 -42.10
CA ASP K 43 -3.49 76.18 -40.65
C ASP K 43 -4.85 76.61 -40.08
N ARG K 44 -5.46 77.62 -40.68
CA ARG K 44 -6.76 78.10 -40.21
C ARG K 44 -7.87 77.11 -40.53
N GLN K 45 -7.84 76.48 -41.71
CA GLN K 45 -8.85 75.48 -42.03
C GLN K 45 -8.69 74.25 -41.14
N SER K 46 -7.45 73.84 -40.86
CA SER K 46 -7.24 72.75 -39.91
C SER K 46 -7.83 73.09 -38.55
N GLU K 47 -7.54 74.28 -38.02
CA GLU K 47 -8.12 74.68 -36.74
C GLU K 47 -9.65 74.64 -36.80
N LEU K 48 -10.23 75.13 -37.90
CA LEU K 48 -11.68 75.10 -38.06
C LEU K 48 -12.23 73.68 -37.99
N GLU K 49 -11.54 72.72 -38.61
CA GLU K 49 -12.03 71.34 -38.56
C GLU K 49 -11.93 70.77 -37.14
N ALA K 50 -10.82 71.03 -36.45
CA ALA K 50 -10.72 70.59 -35.06
C ALA K 50 -11.85 71.17 -34.22
N HIS K 51 -12.13 72.46 -34.41
CA HIS K 51 -13.15 73.14 -33.59
C HIS K 51 -14.55 72.61 -33.91
N GLN K 52 -14.83 72.33 -35.19
CA GLN K 52 -16.12 71.74 -35.53
C GLN K 52 -16.25 70.33 -34.96
N ALA K 53 -15.15 69.57 -34.91
CA ALA K 53 -15.17 68.30 -34.17
C ALA K 53 -15.56 68.52 -32.72
N GLY K 54 -14.95 69.51 -32.07
CA GLY K 54 -15.33 69.82 -30.70
C GLY K 54 -16.80 70.19 -30.55
N VAL K 55 -17.32 71.00 -31.47
CA VAL K 55 -18.74 71.39 -31.41
C VAL K 55 -19.62 70.16 -31.54
N ALA K 56 -19.27 69.23 -32.43
CA ALA K 56 -19.99 67.97 -32.49
C ALA K 56 -19.93 67.25 -31.14
N SER K 57 -18.76 67.24 -30.51
CA SER K 57 -18.65 66.69 -29.16
C SER K 57 -19.56 67.40 -28.16
N THR K 58 -19.92 68.67 -28.40
CA THR K 58 -20.96 69.28 -27.56
C THR K 58 -22.32 68.70 -27.90
N LYS K 59 -22.73 68.81 -29.16
CA LYS K 59 -24.07 68.43 -29.56
C LYS K 59 -24.37 66.97 -29.25
N ALA K 60 -23.35 66.12 -29.07
CA ALA K 60 -23.59 64.75 -28.67
C ALA K 60 -24.05 64.66 -27.22
N ARG K 61 -23.19 65.07 -26.30
CA ARG K 61 -23.47 64.93 -24.88
C ARG K 61 -24.60 65.83 -24.40
N ILE K 62 -24.83 66.97 -25.04
CA ILE K 62 -26.00 67.77 -24.70
C ILE K 62 -27.27 66.96 -24.98
N ALA K 63 -27.31 66.26 -26.11
CA ALA K 63 -28.43 65.35 -26.39
C ALA K 63 -28.50 64.25 -25.34
N GLU K 64 -27.36 63.64 -25.01
CA GLU K 64 -27.31 62.67 -23.91
C GLU K 64 -28.02 63.20 -22.69
N LEU K 65 -27.80 64.48 -22.36
CA LEU K 65 -28.29 65.06 -21.12
C LEU K 65 -29.74 65.44 -21.18
N GLU K 66 -30.20 65.91 -22.34
CA GLU K 66 -31.63 66.12 -22.54
C GLU K 66 -32.39 64.82 -22.39
N LYS K 67 -31.78 63.70 -22.80
CA LYS K 67 -32.43 62.41 -22.62
C LYS K 67 -32.41 61.98 -21.15
N ILE K 68 -31.25 62.10 -20.49
CA ILE K 68 -31.15 61.65 -19.11
C ILE K 68 -32.04 62.48 -18.20
N ILE K 69 -32.18 63.78 -18.50
CA ILE K 69 -33.07 64.63 -17.69
C ILE K 69 -34.52 64.39 -18.06
N GLY K 70 -34.80 64.08 -19.34
CA GLY K 70 -36.12 63.60 -19.68
C GLY K 70 -36.52 62.41 -18.83
N GLU K 71 -35.60 61.47 -18.65
CA GLU K 71 -35.82 60.39 -17.69
C GLU K 71 -36.10 60.99 -16.32
N VAL K 72 -35.15 61.73 -15.75
CA VAL K 72 -35.25 62.17 -14.36
C VAL K 72 -36.58 62.86 -14.07
N LYS K 73 -37.16 63.52 -15.07
CA LYS K 73 -38.47 64.16 -14.87
C LYS K 73 -39.61 63.16 -14.99
N ASN K 74 -39.65 62.40 -16.10
CA ASN K 74 -40.59 61.29 -16.23
C ASN K 74 -40.67 60.52 -14.92
N ILE K 75 -39.52 60.19 -14.37
CA ILE K 75 -39.31 59.69 -13.02
C ILE K 75 -40.08 60.52 -12.00
N ASN K 76 -39.60 61.74 -11.74
CA ASN K 76 -39.95 62.45 -10.53
C ASN K 76 -41.45 62.69 -10.42
N THR K 77 -42.15 62.77 -11.55
CA THR K 77 -43.58 63.03 -11.46
C THR K 77 -44.38 61.77 -11.12
N ARG K 78 -43.91 60.60 -11.53
CA ARG K 78 -44.59 59.35 -11.21
C ARG K 78 -44.41 58.94 -9.75
N LYS K 79 -43.29 59.32 -9.14
CA LYS K 79 -43.03 58.96 -7.75
C LYS K 79 -44.10 59.53 -6.81
N ALA K 80 -44.46 60.81 -7.01
CA ALA K 80 -45.45 61.45 -6.15
C ALA K 80 -46.82 60.82 -6.26
N GLU K 81 -47.22 60.35 -7.45
CA GLU K 81 -48.46 59.60 -7.53
C GLU K 81 -48.32 58.23 -6.87
N VAL K 82 -47.10 57.70 -6.82
CA VAL K 82 -46.92 56.39 -6.20
C VAL K 82 -47.03 56.46 -4.68
N GLU K 83 -46.26 57.33 -4.04
CA GLU K 83 -46.37 57.52 -2.59
C GLU K 83 -47.83 57.65 -2.18
N LYS K 84 -48.62 58.36 -2.99
CA LYS K 84 -50.01 58.66 -2.66
C LYS K 84 -50.90 57.44 -2.85
N LYS K 85 -50.90 56.86 -4.06
CA LYS K 85 -51.62 55.61 -4.31
C LYS K 85 -51.32 54.57 -3.24
N LEU K 86 -50.05 54.42 -2.88
CA LEU K 86 -49.67 53.47 -1.85
C LEU K 86 -50.27 53.84 -0.50
N ALA K 87 -50.08 55.08 -0.05
CA ALA K 87 -50.63 55.47 1.25
C ALA K 87 -52.12 55.14 1.32
N VAL K 88 -52.82 55.31 0.19
CA VAL K 88 -54.17 54.76 0.07
C VAL K 88 -54.15 53.25 0.31
N LEU K 89 -53.23 52.53 -0.34
CA LEU K 89 -53.21 51.07 -0.22
C LEU K 89 -52.99 50.61 1.22
N ASP K 90 -52.12 51.30 1.96
CA ASP K 90 -51.85 50.97 3.35
C ASP K 90 -52.98 51.41 4.28
N ALA K 91 -53.78 52.39 3.88
CA ALA K 91 -55.01 52.64 4.60
C ALA K 91 -56.03 51.53 4.34
N LEU K 92 -56.03 50.98 3.13
CA LEU K 92 -57.03 49.97 2.76
C LEU K 92 -56.70 48.60 3.35
N ARG K 93 -55.41 48.23 3.40
CA ARG K 93 -55.03 46.99 4.09
C ARG K 93 -55.43 47.05 5.56
N LYS K 94 -55.38 48.23 6.18
CA LYS K 94 -55.96 48.42 7.50
C LYS K 94 -57.49 48.40 7.42
N GLY K 95 -58.05 48.71 6.26
CA GLY K 95 -59.49 48.63 6.06
C GLY K 95 -60.01 47.23 5.77
N ARG K 96 -59.11 46.26 5.56
CA ARG K 96 -59.47 44.85 5.48
C ARG K 96 -59.02 44.06 6.69
N SER K 97 -57.93 44.46 7.34
CA SER K 97 -57.61 43.93 8.66
C SER K 97 -58.67 44.38 9.67
N GLY K 98 -59.13 45.62 9.52
CA GLY K 98 -60.13 46.21 10.39
C GLY K 98 -61.30 45.28 10.71
N PRO K 99 -62.18 45.06 9.73
CA PRO K 99 -63.36 44.22 9.97
C PRO K 99 -63.07 42.84 10.56
N VAL K 100 -61.80 42.59 10.89
CA VAL K 100 -61.41 41.30 11.44
C VAL K 100 -60.56 41.50 12.69
N ARG K 101 -59.86 42.64 12.78
CA ARG K 101 -58.78 42.70 13.76
C ARG K 101 -59.24 43.18 15.12
N MET K 102 -59.13 44.47 15.44
CA MET K 102 -59.25 44.84 16.83
C MET K 102 -60.16 46.02 17.13
N MET K 103 -59.90 47.20 16.57
CA MET K 103 -60.65 48.39 16.97
C MET K 103 -62.09 48.37 16.50
N ASP K 104 -62.49 47.41 15.69
CA ASP K 104 -63.46 47.70 14.63
C ASP K 104 -64.89 47.24 14.92
N ALA K 105 -65.13 46.44 15.96
CA ALA K 105 -66.52 46.16 16.32
C ALA K 105 -66.89 46.84 17.62
N LEU K 106 -65.91 47.06 18.49
CA LEU K 106 -66.14 47.63 19.81
C LEU K 106 -66.02 49.16 19.73
N ALA K 107 -66.82 49.96 20.47
CA ALA K 107 -67.34 49.75 21.84
C ALA K 107 -66.11 49.76 22.75
N SER K 108 -65.45 50.91 22.73
CA SER K 108 -64.18 51.18 23.41
C SER K 108 -63.09 50.27 22.86
N ALA K 109 -61.98 50.87 22.43
CA ALA K 109 -60.92 50.14 21.77
C ALA K 109 -60.02 49.38 22.74
N THR K 110 -60.62 48.60 23.63
CA THR K 110 -59.87 47.84 24.62
C THR K 110 -59.97 46.34 24.37
N PRO K 111 -58.86 45.60 24.49
CA PRO K 111 -58.72 44.18 24.13
C PRO K 111 -59.31 43.22 25.18
N LYS K 112 -59.61 41.97 24.80
CA LYS K 112 -59.46 41.47 23.43
C LYS K 112 -60.65 41.88 22.57
N LYS K 113 -60.37 42.23 21.31
CA LYS K 113 -61.33 42.98 20.50
C LYS K 113 -61.32 42.44 19.08
N VAL K 114 -62.48 42.01 18.58
CA VAL K 114 -62.64 41.34 17.24
C VAL K 114 -61.60 40.22 16.96
N TRP K 115 -60.41 40.40 17.53
CA TRP K 115 -59.57 39.44 18.26
C TRP K 115 -59.27 37.97 17.95
N VAL K 116 -59.03 37.32 19.10
CA VAL K 116 -58.51 35.99 19.35
C VAL K 116 -59.69 35.06 19.64
N LYS K 117 -59.54 33.77 19.35
CA LYS K 117 -60.72 32.91 19.30
C LYS K 117 -61.02 32.16 20.59
N THR K 118 -60.35 31.04 20.86
CA THR K 118 -60.78 30.14 21.92
C THR K 118 -59.82 30.15 23.11
N PHE K 119 -60.37 29.90 24.30
CA PHE K 119 -59.60 29.81 25.54
C PHE K 119 -60.03 28.55 26.29
N SER K 120 -59.06 27.79 26.76
CA SER K 120 -59.34 26.54 27.48
C SER K 120 -58.18 26.24 28.41
N GLU K 121 -58.49 26.05 29.69
CA GLU K 121 -57.49 25.93 30.74
C GLU K 121 -57.60 24.58 31.45
N ASN K 122 -56.65 24.35 32.36
CA ASN K 122 -56.65 23.16 33.20
C ASN K 122 -55.98 23.40 34.55
N ASN K 123 -55.97 24.64 35.02
CA ASN K 123 -55.39 25.06 36.30
C ASN K 123 -53.90 24.79 36.40
N ASN K 124 -53.24 24.48 35.27
CA ASN K 124 -51.78 24.41 35.22
C ASN K 124 -51.29 25.08 33.94
N ALA K 125 -52.05 24.91 32.86
CA ALA K 125 -51.72 25.53 31.59
C ALA K 125 -53.00 25.94 30.90
N VAL K 126 -52.88 26.92 30.00
CA VAL K 126 -54.00 27.35 29.15
C VAL K 126 -53.58 27.10 27.71
N SER K 127 -54.47 26.48 26.94
CA SER K 127 -54.22 26.18 25.53
C SER K 127 -55.16 27.04 24.72
N ILE K 128 -54.65 28.17 24.24
CA ILE K 128 -55.48 29.20 23.63
C ILE K 128 -55.51 28.99 22.12
N ASP K 129 -56.41 29.73 21.46
CA ASP K 129 -56.61 29.67 20.03
C ASP K 129 -56.98 31.08 19.58
N GLY K 130 -56.29 31.62 18.56
CA GLY K 130 -56.34 33.04 18.31
C GLY K 130 -56.15 33.44 16.87
N SER K 131 -56.03 34.76 16.70
CA SER K 131 -55.89 35.44 15.42
C SER K 131 -55.32 36.84 15.68
N ALA K 132 -54.35 37.24 14.86
CA ALA K 132 -53.68 38.52 15.04
C ALA K 132 -53.56 39.23 13.70
N VAL K 133 -53.01 40.44 13.72
CA VAL K 133 -53.03 41.26 12.51
C VAL K 133 -52.04 40.77 11.48
N SER K 134 -50.86 40.31 11.91
CA SER K 134 -49.78 40.03 10.97
C SER K 134 -48.65 39.34 11.73
N HIS K 135 -47.48 39.37 11.11
CA HIS K 135 -46.23 38.90 11.71
C HIS K 135 -45.74 39.84 12.79
N ASP K 136 -46.53 40.87 13.10
CA ASP K 136 -46.14 41.94 14.00
C ASP K 136 -46.87 41.88 15.35
N GLU K 137 -48.20 41.97 15.34
CA GLU K 137 -48.96 41.91 16.59
C GLU K 137 -48.95 40.52 17.19
N VAL K 138 -48.81 39.47 16.39
CA VAL K 138 -48.58 38.16 16.98
C VAL K 138 -47.15 38.08 17.52
N ALA K 139 -46.24 38.88 16.95
CA ALA K 139 -44.89 38.97 17.51
C ALA K 139 -44.87 39.81 18.78
N GLU K 140 -45.65 40.90 18.81
CA GLU K 140 -45.79 41.67 20.02
C GLU K 140 -46.41 40.82 21.14
N PHE K 141 -47.47 40.08 20.81
CA PHE K 141 -48.14 39.24 21.79
C PHE K 141 -47.23 38.11 22.27
N MET K 142 -46.53 37.46 21.34
CA MET K 142 -45.66 36.35 21.73
C MET K 142 -44.46 36.86 22.52
N ARG K 143 -43.98 38.07 22.22
CA ARG K 143 -42.90 38.64 23.01
C ARG K 143 -43.37 38.96 24.42
N GLY K 144 -44.58 39.53 24.56
CA GLY K 144 -45.12 39.85 25.87
C GLY K 144 -45.21 38.66 26.81
N LEU K 145 -45.08 37.43 26.30
CA LEU K 145 -45.16 36.23 27.12
C LEU K 145 -43.77 35.63 27.33
N ASN K 146 -43.39 34.69 26.47
CA ASN K 146 -42.20 33.90 26.67
C ASN K 146 -41.85 33.17 25.38
N GLY K 147 -40.65 32.60 25.36
CA GLY K 147 -40.08 31.87 24.23
C GLY K 147 -39.18 30.76 24.72
N VAL K 148 -39.42 29.54 24.25
CA VAL K 148 -38.94 28.34 24.93
C VAL K 148 -38.45 27.32 23.91
N VAL K 149 -37.41 26.57 24.28
CA VAL K 149 -36.98 25.40 23.53
C VAL K 149 -37.67 24.20 24.17
N TRP K 150 -38.73 23.70 23.53
CA TRP K 150 -39.46 22.56 24.06
C TRP K 150 -38.88 21.26 23.52
N THR K 151 -38.93 20.20 24.35
CA THR K 151 -38.27 18.96 23.94
C THR K 151 -39.21 17.76 24.09
N PRO K 152 -39.14 16.91 25.16
CA PRO K 152 -39.81 15.61 25.04
C PRO K 152 -41.32 15.72 25.26
N LYS K 153 -42.07 15.64 24.17
CA LYS K 153 -43.52 15.82 24.26
C LYS K 153 -44.22 14.51 24.55
N GLY K 154 -45.23 14.56 25.41
CA GLY K 154 -46.05 13.40 25.70
C GLY K 154 -47.37 13.46 24.97
N MET K 155 -47.74 12.36 24.31
CA MET K 155 -48.99 12.30 23.57
C MET K 155 -50.11 11.81 24.49
N GLY K 156 -51.25 12.50 24.46
CA GLY K 156 -52.35 12.16 25.34
C GLY K 156 -53.67 12.14 24.61
N ARG K 157 -54.66 11.51 25.26
CA ARG K 157 -55.95 11.25 24.63
C ARG K 157 -56.72 12.52 24.27
N LEU K 158 -56.30 13.69 24.75
CA LEU K 158 -56.92 14.94 24.33
C LEU K 158 -56.49 15.34 22.92
N VAL K 159 -55.24 15.06 22.56
CA VAL K 159 -54.77 15.30 21.20
C VAL K 159 -55.65 14.59 20.19
N ASP K 160 -55.88 13.29 20.39
CA ASP K 160 -56.71 12.52 19.48
C ASP K 160 -58.16 12.98 19.51
N ARG K 161 -58.66 13.42 20.67
CA ARG K 161 -59.97 14.04 20.73
C ARG K 161 -60.03 15.33 19.91
N ARG K 162 -58.89 15.99 19.71
CA ARG K 162 -58.86 17.10 18.77
C ARG K 162 -58.84 16.59 17.32
N ARG K 163 -58.09 15.51 17.06
CA ARG K 163 -58.12 14.89 15.75
C ARG K 163 -59.48 14.26 15.46
N ASP K 164 -60.15 13.77 16.50
CA ASP K 164 -61.50 13.22 16.37
C ASP K 164 -62.57 14.29 16.19
N SER K 165 -62.25 15.57 16.46
CA SER K 165 -63.20 16.68 16.49
C SER K 165 -64.09 16.54 17.72
N LYS K 166 -63.81 15.55 18.56
CA LYS K 166 -64.71 15.24 19.67
C LYS K 166 -64.70 16.29 20.76
N THR K 167 -63.65 17.12 20.85
CA THR K 167 -63.63 18.28 21.74
C THR K 167 -63.61 19.52 20.86
N ALA K 168 -64.65 20.34 21.00
CA ALA K 168 -64.95 21.34 19.99
C ALA K 168 -63.92 22.47 20.02
N ARG K 169 -63.16 22.55 18.92
CA ARG K 169 -62.13 23.57 18.63
C ARG K 169 -61.86 24.20 16.88
N VAL K 170 -60.88 25.08 16.48
CA VAL K 170 -60.57 25.42 15.08
C VAL K 170 -59.36 24.62 14.58
N GLU K 171 -59.59 23.40 14.06
CA GLU K 171 -58.55 22.47 13.62
C GLU K 171 -57.73 22.98 12.42
N MET K 172 -57.67 24.31 12.24
CA MET K 172 -56.45 24.98 11.78
C MET K 172 -55.27 24.72 12.71
N LEU K 173 -55.56 24.36 13.96
CA LEU K 173 -54.60 24.35 15.04
C LEU K 173 -53.82 23.04 15.12
N THR K 174 -52.52 23.15 15.42
CA THR K 174 -51.78 22.02 15.94
C THR K 174 -52.36 21.61 17.30
N SER K 175 -51.95 20.44 17.77
CA SER K 175 -52.60 19.87 18.95
C SER K 175 -51.78 20.09 20.21
N ASP K 176 -51.84 19.11 21.13
CA ASP K 176 -50.91 18.94 22.25
C ASP K 176 -51.08 19.96 23.38
N ALA K 177 -50.55 19.61 24.55
CA ALA K 177 -50.52 20.45 25.74
C ALA K 177 -49.74 19.79 26.87
N THR K 178 -48.70 19.03 26.54
CA THR K 178 -47.91 18.31 27.55
C THR K 178 -46.50 18.15 27.02
N ILE K 179 -45.52 18.72 27.74
CA ILE K 179 -44.14 18.71 27.28
C ILE K 179 -43.23 19.18 28.40
N GLU K 180 -41.95 19.41 28.08
CA GLU K 180 -40.95 19.93 29.00
C GLU K 180 -40.22 21.08 28.33
N GLU K 181 -40.11 22.20 29.03
CA GLU K 181 -39.79 23.49 28.42
C GLU K 181 -38.47 24.04 28.95
N PHE K 182 -37.68 24.64 28.05
CA PHE K 182 -36.45 25.36 28.40
C PHE K 182 -36.52 26.79 27.90
N PRO K 183 -36.22 27.78 28.74
CA PRO K 183 -36.44 29.17 28.32
C PRO K 183 -35.40 29.65 27.33
N GLU K 184 -35.89 30.28 26.27
CA GLU K 184 -35.05 31.02 25.32
C GLU K 184 -35.10 32.51 25.59
N ALA K 185 -36.27 33.13 25.50
CA ALA K 185 -36.43 34.52 25.88
C ALA K 185 -37.67 34.63 26.75
N GLN K 186 -37.78 35.73 27.46
CA GLN K 186 -38.87 35.89 28.42
C GLN K 186 -39.19 37.37 28.57
N VAL K 187 -40.45 37.68 28.91
CA VAL K 187 -40.82 39.07 29.19
C VAL K 187 -41.79 39.12 30.38
N SER K 188 -42.76 38.23 30.40
CA SER K 188 -43.64 38.15 31.57
C SER K 188 -43.02 37.19 32.58
N PRO K 189 -42.61 37.64 33.77
CA PRO K 189 -42.12 36.69 34.77
C PRO K 189 -43.21 35.76 35.24
N PHE K 190 -44.43 35.97 34.80
CA PHE K 190 -45.54 35.17 35.30
C PHE K 190 -45.96 34.13 34.29
N PHE K 191 -45.42 34.17 33.08
CA PHE K 191 -45.91 33.33 32.00
C PHE K 191 -44.78 32.55 31.38
N LYS K 192 -44.98 31.25 31.24
CA LYS K 192 -44.10 30.35 30.51
C LYS K 192 -44.88 29.86 29.30
N ASN K 193 -44.74 30.59 28.18
CA ASN K 193 -45.27 30.13 26.91
C ASN K 193 -44.40 29.00 26.37
N ILE K 194 -45.04 27.94 25.87
CA ILE K 194 -44.24 26.82 25.38
C ILE K 194 -43.71 27.12 23.98
N ASP K 195 -44.54 27.73 23.12
CA ASP K 195 -44.21 28.10 21.76
C ASP K 195 -45.44 28.59 21.02
N LEU K 196 -45.25 29.42 20.00
CA LEU K 196 -46.32 29.70 19.04
C LEU K 196 -46.55 28.41 18.26
N GLN K 197 -47.52 27.62 18.74
CA GLN K 197 -47.70 26.28 18.21
C GLN K 197 -48.00 26.30 16.72
N THR K 198 -48.77 27.28 16.24
CA THR K 198 -48.92 27.41 14.80
C THR K 198 -49.41 28.81 14.43
N ALA K 199 -49.30 29.13 13.14
CA ALA K 199 -49.77 30.41 12.63
C ALA K 199 -49.88 30.35 11.11
N LYS K 200 -51.07 30.69 10.60
CA LYS K 200 -51.38 30.63 9.18
C LYS K 200 -52.22 31.84 8.82
N GLN K 201 -51.75 32.63 7.86
CA GLN K 201 -52.48 33.81 7.41
C GLN K 201 -53.64 33.39 6.52
N VAL K 202 -54.86 33.52 7.04
CA VAL K 202 -56.07 33.11 6.34
C VAL K 202 -56.58 34.30 5.51
N GLY K 203 -56.62 34.13 4.19
CA GLY K 203 -56.94 35.25 3.31
C GLY K 203 -58.42 35.51 3.11
N GLY K 204 -59.21 34.44 2.97
CA GLY K 204 -60.62 34.62 2.71
C GLY K 204 -60.99 34.32 1.27
N ALA K 205 -62.07 34.97 0.81
CA ALA K 205 -62.58 34.73 -0.53
C ALA K 205 -63.37 35.96 -0.99
N GLN K 206 -64.03 35.83 -2.14
CA GLN K 206 -64.83 36.91 -2.69
C GLN K 206 -66.05 37.21 -1.83
N VAL K 207 -66.45 36.28 -0.95
CA VAL K 207 -67.55 36.54 -0.04
C VAL K 207 -67.12 37.41 1.13
N GLY K 208 -65.82 37.47 1.44
CA GLY K 208 -65.36 38.30 2.53
C GLY K 208 -63.95 38.01 3.00
N VAL K 209 -63.40 38.90 3.81
CA VAL K 209 -62.02 38.81 4.29
C VAL K 209 -61.94 38.29 5.71
N PRO K 210 -60.80 37.69 6.06
CA PRO K 210 -60.16 37.96 7.35
C PRO K 210 -58.73 38.51 7.15
N ILE K 211 -57.97 37.89 6.26
CA ILE K 211 -56.63 38.31 5.86
C ILE K 211 -55.65 38.19 7.03
N LEU K 212 -56.17 38.07 8.24
CA LEU K 212 -55.33 38.06 9.42
C LEU K 212 -54.53 36.77 9.53
N VAL K 213 -53.69 36.69 10.57
CA VAL K 213 -52.88 35.49 10.83
C VAL K 213 -53.53 34.72 11.97
N GLU K 214 -54.22 33.64 11.63
CA GLU K 214 -54.70 32.70 12.63
C GLU K 214 -53.52 32.07 13.35
N PHE K 215 -53.67 31.77 14.64
CA PHE K 215 -52.54 31.20 15.37
C PHE K 215 -53.02 30.37 16.55
N LYS K 216 -52.08 29.61 17.13
CA LYS K 216 -52.32 28.85 18.36
C LYS K 216 -51.06 28.82 19.22
N ILE K 217 -51.29 28.99 20.54
CA ILE K 217 -50.29 29.05 21.58
C ILE K 217 -50.79 28.27 22.80
N THR K 218 -49.87 27.66 23.52
CA THR K 218 -50.13 27.06 24.81
C THR K 218 -49.12 27.59 25.83
N MET K 219 -49.60 27.91 27.03
CA MET K 219 -48.80 28.63 28.00
C MET K 219 -49.18 28.22 29.41
N THR K 220 -48.22 27.75 30.19
CA THR K 220 -48.43 27.56 31.62
C THR K 220 -48.03 28.84 32.36
N SER K 221 -48.97 29.37 33.16
CA SER K 221 -48.86 30.66 33.85
C SER K 221 -47.83 30.60 34.98
N ASN K 222 -48.13 31.25 36.11
CA ASN K 222 -47.28 31.08 37.30
C ASN K 222 -48.13 31.16 38.58
N TYR K 223 -47.67 30.45 39.61
CA TYR K 223 -48.42 30.30 40.84
C TYR K 223 -48.54 28.84 41.25
N MET L 1 19.47 118.14 -58.28
CA MET L 1 20.13 117.37 -59.33
C MET L 1 19.03 116.93 -60.31
N ASP L 2 18.80 117.81 -61.28
CA ASP L 2 17.47 118.27 -61.71
C ASP L 2 16.61 117.28 -62.47
N LYS L 3 17.23 116.55 -63.40
CA LYS L 3 16.43 115.85 -64.38
C LYS L 3 15.55 114.82 -63.71
N TYR L 4 15.70 114.70 -62.37
CA TYR L 4 15.06 113.65 -61.61
C TYR L 4 13.77 114.15 -60.92
N LEU L 5 13.64 115.47 -60.65
CA LEU L 5 12.27 115.94 -60.38
C LEU L 5 11.55 116.17 -61.67
N ASP L 6 12.29 116.28 -62.76
CA ASP L 6 11.51 116.24 -63.99
C ASP L 6 10.95 114.84 -64.23
N GLN L 7 11.75 113.82 -63.94
CA GLN L 7 11.26 112.45 -64.11
C GLN L 7 10.26 112.09 -63.02
N PHE L 8 10.41 112.67 -61.83
CA PHE L 8 9.52 112.34 -60.72
C PHE L 8 8.18 113.03 -60.85
N VAL L 9 8.15 114.18 -61.53
CA VAL L 9 6.88 114.85 -61.86
C VAL L 9 6.21 114.24 -63.08
N LYS L 10 6.97 113.59 -63.96
CA LYS L 10 6.42 113.03 -65.19
C LYS L 10 5.77 111.63 -65.07
N ALA L 11 6.55 110.60 -65.41
CA ALA L 11 6.15 109.19 -65.55
C ALA L 11 5.78 108.86 -66.99
N PRO L 12 5.99 107.58 -67.40
CA PRO L 12 5.10 106.68 -68.17
C PRO L 12 5.29 105.15 -67.77
N PRO L 13 6.01 104.25 -68.53
CA PRO L 13 5.90 102.82 -68.19
C PRO L 13 6.44 102.48 -66.80
N ALA L 14 7.60 103.03 -66.45
CA ALA L 14 8.23 102.69 -65.17
C ALA L 14 7.31 103.00 -64.00
N ILE L 15 6.58 104.11 -64.10
CA ILE L 15 5.76 104.56 -62.98
C ILE L 15 4.33 104.00 -63.06
N LYS L 16 3.85 103.68 -64.27
CA LYS L 16 2.62 102.90 -64.36
C LYS L 16 2.82 101.52 -63.73
N PHE L 17 3.91 100.85 -64.10
CA PHE L 17 4.29 99.61 -63.43
C PHE L 17 4.45 99.81 -61.92
N GLY L 18 5.15 100.88 -61.52
CA GLY L 18 5.33 101.14 -60.10
C GLY L 18 4.01 101.26 -59.36
N GLY L 19 3.10 102.10 -59.89
CA GLY L 19 1.80 102.26 -59.26
C GLY L 19 1.01 100.96 -59.17
N LEU L 20 1.00 100.18 -60.26
CA LEU L 20 0.42 98.84 -60.18
C LEU L 20 1.02 98.05 -59.02
N ALA L 21 2.34 98.18 -58.81
CA ALA L 21 3.01 97.40 -57.78
C ALA L 21 2.64 97.85 -56.38
N PHE L 22 2.59 99.16 -56.15
CA PHE L 22 2.16 99.65 -54.84
C PHE L 22 0.72 99.25 -54.55
N VAL L 23 -0.13 99.24 -55.59
CA VAL L 23 -1.52 98.81 -55.42
C VAL L 23 -1.59 97.34 -55.02
N VAL L 24 -0.87 96.47 -55.73
CA VAL L 24 -0.95 95.04 -55.40
C VAL L 24 -0.34 94.78 -54.03
N GLY L 25 0.67 95.56 -53.65
CA GLY L 25 1.19 95.45 -52.29
C GLY L 25 0.16 95.81 -51.25
N ALA L 26 -0.56 96.91 -51.47
CA ALA L 26 -1.65 97.27 -50.56
C ALA L 26 -2.70 96.18 -50.48
N LEU L 27 -3.11 95.62 -51.62
CA LEU L 27 -4.14 94.59 -51.62
C LEU L 27 -3.67 93.33 -50.90
N THR L 28 -2.39 92.98 -51.03
CA THR L 28 -1.89 91.82 -50.30
C THR L 28 -1.83 92.07 -48.80
N ALA L 29 -1.42 93.28 -48.39
CA ALA L 29 -1.56 93.64 -46.99
C ALA L 29 -3.00 93.46 -46.51
N ALA L 30 -3.96 93.91 -47.32
CA ALA L 30 -5.36 93.83 -46.95
C ALA L 30 -5.83 92.39 -46.79
N ASN L 31 -5.47 91.52 -47.74
CA ASN L 31 -5.96 90.13 -47.65
C ASN L 31 -5.23 89.37 -46.55
N PHE L 32 -3.98 89.71 -46.26
CA PHE L 32 -3.31 89.07 -45.13
C PHE L 32 -3.94 89.48 -43.80
N PHE L 33 -4.32 90.75 -43.66
CA PHE L 33 -5.07 91.13 -42.48
C PHE L 33 -6.42 90.42 -42.44
N MET L 34 -7.06 90.27 -43.60
CA MET L 34 -8.35 89.60 -43.70
C MET L 34 -8.26 88.08 -43.60
N VAL L 35 -7.05 87.52 -43.48
CA VAL L 35 -6.93 86.14 -43.04
C VAL L 35 -6.40 86.05 -41.60
N ILE L 36 -5.84 87.14 -41.07
CA ILE L 36 -5.46 87.12 -39.66
C ILE L 36 -6.69 87.29 -38.77
N GLN L 37 -7.65 88.12 -39.18
CA GLN L 37 -8.83 88.32 -38.36
C GLN L 37 -9.69 87.06 -38.18
N PRO L 38 -9.97 86.26 -39.22
CA PRO L 38 -10.71 85.01 -38.99
C PRO L 38 -9.99 84.05 -38.06
N THR L 39 -8.67 84.17 -37.95
CA THR L 39 -7.93 83.42 -36.93
C THR L 39 -8.40 83.77 -35.54
N GLU L 40 -8.35 85.07 -35.20
CA GLU L 40 -8.77 85.51 -33.87
C GLU L 40 -10.22 85.15 -33.61
N GLU L 41 -11.10 85.46 -34.56
CA GLU L 41 -12.50 85.06 -34.41
C GLU L 41 -12.64 83.56 -34.16
N GLU L 42 -11.80 82.77 -34.84
CA GLU L 42 -11.89 81.32 -34.75
C GLU L 42 -11.44 80.81 -33.39
N ILE L 43 -10.35 81.38 -32.86
CA ILE L 43 -9.93 81.05 -31.50
C ILE L 43 -11.03 81.42 -30.52
N GLY L 44 -11.71 82.53 -30.76
CA GLY L 44 -12.83 82.90 -29.91
C GLY L 44 -13.94 81.87 -29.91
N TRP L 45 -14.40 81.45 -31.10
CA TRP L 45 -15.43 80.42 -31.16
C TRP L 45 -14.96 79.12 -30.50
N ALA L 46 -13.67 78.83 -30.58
CA ALA L 46 -13.12 77.70 -29.83
C ALA L 46 -13.35 77.86 -28.33
N VAL L 47 -12.96 79.03 -27.79
CA VAL L 47 -13.11 79.27 -26.35
C VAL L 47 -14.58 79.20 -25.93
N ALA L 48 -15.50 79.61 -26.79
CA ALA L 48 -16.93 79.49 -26.46
C ALA L 48 -17.35 78.03 -26.44
N GLU L 49 -17.08 77.31 -27.54
CA GLU L 49 -17.51 75.92 -27.68
C GLU L 49 -17.00 75.06 -26.52
N ARG L 50 -15.71 75.18 -26.21
CA ARG L 50 -15.15 74.41 -25.10
C ARG L 50 -15.88 74.72 -23.78
N ARG L 51 -16.21 75.99 -23.56
CA ARG L 51 -16.98 76.36 -22.37
C ARG L 51 -18.38 75.75 -22.40
N LYS L 52 -18.91 75.43 -23.58
CA LYS L 52 -20.17 74.68 -23.61
C LYS L 52 -19.96 73.20 -23.30
N LEU L 53 -18.90 72.60 -23.86
CA LEU L 53 -18.52 71.24 -23.49
C LEU L 53 -18.44 71.08 -21.98
N ASP L 54 -17.73 71.98 -21.31
CA ASP L 54 -17.44 71.81 -19.89
C ASP L 54 -18.67 72.01 -19.00
N LEU L 55 -19.62 72.85 -19.40
CA LEU L 55 -20.87 72.96 -18.65
C LEU L 55 -21.77 71.76 -18.87
N GLU L 56 -21.84 71.28 -20.12
CA GLU L 56 -22.60 70.07 -20.40
C GLU L 56 -22.07 68.89 -19.58
N LEU L 57 -20.74 68.80 -19.43
CA LEU L 57 -20.19 67.75 -18.58
C LEU L 57 -20.65 67.89 -17.13
N ALA L 58 -20.94 69.11 -16.67
CA ALA L 58 -21.55 69.26 -15.35
C ALA L 58 -22.97 68.71 -15.35
N ASP L 59 -23.75 69.05 -16.38
CA ASP L 59 -25.12 68.54 -16.46
C ASP L 59 -25.16 67.01 -16.47
N LYS L 60 -24.19 66.37 -17.14
CA LYS L 60 -24.23 64.91 -17.22
C LYS L 60 -24.09 64.26 -15.85
N SER L 61 -23.14 64.72 -15.03
CA SER L 61 -22.99 64.17 -13.70
C SER L 61 -24.21 64.50 -12.83
N GLU L 62 -24.72 65.72 -12.92
CA GLU L 62 -25.90 66.08 -12.15
C GLU L 62 -27.06 65.12 -12.44
N ILE L 63 -27.36 64.92 -13.72
CA ILE L 63 -28.55 64.13 -14.05
C ILE L 63 -28.31 62.64 -13.84
N ALA L 64 -27.06 62.18 -13.98
CA ALA L 64 -26.76 60.80 -13.63
C ALA L 64 -26.99 60.54 -12.14
N GLN L 65 -26.55 61.48 -11.29
CA GLN L 65 -26.82 61.35 -9.87
C GLN L 65 -28.31 61.37 -9.58
N ASN L 66 -29.06 62.24 -10.27
CA ASN L 66 -30.52 62.23 -10.10
C ASN L 66 -31.13 60.90 -10.55
N LEU L 67 -30.59 60.28 -11.59
CA LEU L 67 -31.02 58.94 -11.98
C LEU L 67 -30.79 57.94 -10.87
N ASN L 68 -29.58 57.91 -10.30
CA ASN L 68 -29.30 57.00 -9.20
C ASN L 68 -30.27 57.19 -8.05
N GLU L 69 -30.54 58.45 -7.68
CA GLU L 69 -31.50 58.71 -6.62
C GLU L 69 -32.89 58.22 -6.98
N ARG L 70 -33.30 58.37 -8.26
CA ARG L 70 -34.50 57.66 -8.69
C ARG L 70 -34.39 56.20 -8.30
N ARG L 71 -33.61 55.44 -9.07
CA ARG L 71 -33.53 53.98 -8.93
C ARG L 71 -33.68 53.61 -7.47
N ARG L 72 -32.82 54.23 -6.66
CA ARG L 72 -32.85 54.07 -5.21
C ARG L 72 -34.26 54.18 -4.64
N GLU L 73 -35.03 55.18 -5.07
CA GLU L 73 -36.33 55.28 -4.40
C GLU L 73 -37.53 54.82 -5.24
N MET L 74 -37.57 55.20 -6.52
CA MET L 74 -38.62 54.71 -7.40
C MET L 74 -38.73 53.19 -7.37
N ASP L 75 -37.59 52.48 -7.41
CA ASP L 75 -37.72 51.06 -7.19
C ASP L 75 -38.42 50.78 -5.86
N VAL L 76 -37.85 51.26 -4.74
CA VAL L 76 -38.38 50.91 -3.42
C VAL L 76 -39.90 51.06 -3.35
N LEU L 77 -40.43 52.16 -3.89
CA LEU L 77 -41.87 52.28 -3.91
C LEU L 77 -42.51 51.32 -4.91
N GLU L 78 -41.76 50.82 -5.91
CA GLU L 78 -42.29 49.79 -6.80
C GLU L 78 -42.56 48.54 -5.98
N GLN L 79 -42.00 48.47 -4.78
CA GLN L 79 -42.39 47.53 -3.74
C GLN L 79 -43.55 48.03 -2.91
N LYS L 80 -43.53 49.30 -2.50
CA LYS L 80 -44.59 49.79 -1.61
C LYS L 80 -45.97 49.65 -2.26
N LEU L 81 -46.36 50.56 -3.15
CA LEU L 81 -47.54 50.30 -3.98
C LEU L 81 -47.04 49.36 -5.02
N SER L 82 -46.66 50.03 -6.09
CA SER L 82 -45.67 49.63 -7.07
C SER L 82 -45.34 51.01 -7.64
N GLU L 83 -44.78 51.19 -8.85
CA GLU L 83 -44.42 52.55 -9.24
C GLU L 83 -44.98 52.85 -10.64
N ALA L 84 -44.15 53.27 -11.55
CA ALA L 84 -44.60 53.75 -12.86
C ALA L 84 -45.22 52.64 -13.68
N LEU L 85 -45.01 52.73 -14.98
CA LEU L 85 -44.93 51.52 -15.75
C LEU L 85 -43.52 51.04 -15.48
N THR L 86 -42.57 51.66 -16.17
CA THR L 86 -41.26 51.03 -16.33
C THR L 86 -40.38 51.82 -17.31
N GLU L 87 -39.08 51.69 -17.11
CA GLU L 87 -38.13 51.58 -18.22
C GLU L 87 -37.74 50.13 -18.15
N LEU L 88 -37.83 49.65 -16.92
CA LEU L 88 -37.19 48.47 -16.35
C LEU L 88 -36.37 47.54 -17.22
N PRO L 89 -35.13 47.32 -16.78
CA PRO L 89 -34.52 46.04 -17.09
C PRO L 89 -35.19 44.99 -16.21
N GLU L 90 -35.11 45.18 -14.90
CA GLU L 90 -35.41 44.17 -13.85
C GLU L 90 -34.96 42.74 -14.21
N GLN L 91 -34.71 42.50 -15.51
CA GLN L 91 -33.88 41.40 -15.94
C GLN L 91 -32.54 41.39 -15.22
N ARG L 92 -32.07 42.55 -14.76
CA ARG L 92 -30.87 42.67 -13.93
C ARG L 92 -31.22 43.03 -12.49
N ASP L 93 -32.39 42.58 -12.03
CA ASP L 93 -32.84 42.87 -10.67
C ASP L 93 -33.63 41.72 -10.06
N ILE L 94 -33.74 40.56 -10.72
CA ILE L 94 -34.46 39.43 -10.14
C ILE L 94 -33.49 38.44 -9.50
N GLU L 95 -32.43 38.08 -10.24
CA GLU L 95 -31.45 37.16 -9.69
C GLU L 95 -30.74 37.76 -8.48
N GLU L 96 -30.57 39.08 -8.47
CA GLU L 96 -30.03 39.74 -7.28
C GLU L 96 -31.02 39.70 -6.13
N LEU L 97 -32.32 39.69 -6.45
CA LEU L 97 -33.34 39.55 -5.42
C LEU L 97 -33.28 38.16 -4.78
N LEU L 98 -33.20 37.12 -5.62
CA LEU L 98 -33.04 35.77 -5.08
C LEU L 98 -31.76 35.64 -4.27
N ALA L 99 -30.65 36.19 -4.77
CA ALA L 99 -29.38 36.11 -4.06
C ALA L 99 -29.46 36.81 -2.71
N GLN L 100 -30.02 38.02 -2.66
CA GLN L 100 -30.10 38.74 -1.40
C GLN L 100 -31.09 38.08 -0.44
N ILE L 101 -32.14 37.43 -0.95
CA ILE L 101 -33.02 36.63 -0.10
C ILE L 101 -32.22 35.50 0.54
N ASN L 102 -31.38 34.84 -0.25
CA ASN L 102 -30.52 33.79 0.31
C ASN L 102 -29.58 34.35 1.36
N ASP L 103 -29.03 35.55 1.13
CA ASP L 103 -28.08 36.11 2.09
C ASP L 103 -28.76 36.49 3.40
N ILE L 104 -29.89 37.20 3.33
CA ILE L 104 -30.59 37.56 4.57
C ILE L 104 -31.10 36.30 5.27
N GLY L 105 -31.39 35.24 4.51
CA GLY L 105 -31.72 33.98 5.15
C GLY L 105 -30.54 33.38 5.89
N LYS L 106 -29.35 33.46 5.29
CA LYS L 106 -28.16 32.85 5.89
C LYS L 106 -27.73 33.61 7.15
N LYS L 107 -27.73 34.93 7.09
CA LYS L 107 -27.32 35.71 8.26
C LYS L 107 -28.37 35.70 9.36
N SER L 108 -29.61 35.30 9.05
CA SER L 108 -30.61 35.08 10.08
C SER L 108 -30.55 33.67 10.66
N GLY L 109 -29.69 32.80 10.12
CA GLY L 109 -29.52 31.46 10.62
C GLY L 109 -30.50 30.43 10.10
N LEU L 110 -31.31 30.79 9.11
CA LEU L 110 -32.34 29.89 8.60
C LEU L 110 -31.81 28.98 7.50
N GLU L 111 -32.31 27.76 7.46
CA GLU L 111 -32.06 26.85 6.36
C GLU L 111 -33.08 27.12 5.27
N LEU L 112 -32.60 27.57 4.10
CA LEU L 112 -33.48 27.85 2.97
C LEU L 112 -33.80 26.53 2.29
N SER L 113 -34.93 25.93 2.67
CA SER L 113 -35.28 24.61 2.14
C SER L 113 -35.79 24.67 0.71
N SER L 114 -36.41 25.78 0.30
CA SER L 114 -36.85 25.90 -1.08
C SER L 114 -37.18 27.34 -1.40
N VAL L 115 -36.69 27.82 -2.54
CA VAL L 115 -37.16 29.08 -3.13
C VAL L 115 -37.77 28.74 -4.49
N THR L 116 -39.01 29.16 -4.70
CA THR L 116 -39.73 28.83 -5.90
C THR L 116 -40.26 30.09 -6.54
N PRO L 117 -39.84 30.47 -7.75
CA PRO L 117 -40.45 31.62 -8.40
C PRO L 117 -41.91 31.35 -8.73
N GLY L 118 -42.59 32.33 -9.30
CA GLY L 118 -43.98 32.18 -9.70
C GLY L 118 -44.17 32.42 -11.18
N LYS L 119 -45.42 32.62 -11.57
CA LYS L 119 -45.77 33.09 -12.89
C LYS L 119 -46.14 34.56 -12.80
N GLU L 120 -45.80 35.31 -13.85
CA GLU L 120 -46.20 36.71 -13.88
C GLU L 120 -47.72 36.80 -13.97
N SER L 121 -48.28 37.74 -13.22
CA SER L 121 -49.72 37.90 -13.14
C SER L 121 -50.17 38.78 -14.30
N VAL L 122 -50.51 38.12 -15.42
CA VAL L 122 -50.87 38.83 -16.64
C VAL L 122 -52.09 39.71 -16.44
N GLY L 123 -52.95 39.32 -15.50
CA GLY L 123 -54.12 40.11 -15.17
C GLY L 123 -54.01 40.75 -13.80
N GLY L 124 -52.77 40.97 -13.36
CA GLY L 124 -52.55 41.58 -12.06
C GLY L 124 -52.21 43.05 -12.16
N GLY L 125 -52.44 43.64 -13.34
CA GLY L 125 -52.15 45.04 -13.56
C GLY L 125 -51.97 45.39 -15.01
N GLU L 126 -52.38 46.61 -15.38
CA GLU L 126 -52.24 47.07 -16.75
C GLU L 126 -50.82 47.55 -17.05
N PHE L 127 -50.15 48.11 -16.04
CA PHE L 127 -48.82 48.69 -16.21
C PHE L 127 -47.71 47.82 -15.64
N PHE L 128 -48.00 46.58 -15.25
CA PHE L 128 -46.99 45.78 -14.57
C PHE L 128 -47.42 44.33 -14.53
N ALA L 129 -46.46 43.44 -14.77
CA ALA L 129 -46.64 42.01 -14.52
C ALA L 129 -45.98 41.69 -13.18
N ARG L 130 -46.78 41.23 -12.23
CA ARG L 130 -46.25 40.84 -10.93
C ARG L 130 -45.72 39.42 -10.97
N ILE L 131 -44.46 39.25 -10.61
CA ILE L 131 -43.86 37.92 -10.44
C ILE L 131 -43.81 37.63 -8.94
N PRO L 132 -44.52 36.62 -8.45
CA PRO L 132 -44.42 36.26 -7.04
C PRO L 132 -43.34 35.20 -6.82
N ILE L 133 -42.74 35.26 -5.64
CA ILE L 133 -41.70 34.32 -5.24
C ILE L 133 -42.11 33.74 -3.88
N LYS L 134 -42.21 32.42 -3.82
CA LYS L 134 -42.57 31.73 -2.59
C LYS L 134 -41.29 31.17 -1.96
N MET L 135 -40.97 31.63 -0.76
CA MET L 135 -39.76 31.23 -0.06
C MET L 135 -40.12 30.34 1.13
N THR L 136 -39.23 29.39 1.40
CA THR L 136 -39.49 28.28 2.32
C THR L 136 -38.21 28.06 3.12
N VAL L 137 -38.20 28.59 4.35
CA VAL L 137 -37.04 28.62 5.23
C VAL L 137 -37.46 28.07 6.58
N SER L 138 -36.54 27.42 7.30
CA SER L 138 -36.86 26.79 8.57
C SER L 138 -35.92 27.27 9.66
N GLY L 139 -36.46 27.42 10.87
CA GLY L 139 -35.63 27.81 12.00
C GLY L 139 -36.48 28.18 13.22
N ASN L 140 -36.01 29.20 13.94
CA ASN L 140 -36.65 29.66 15.16
C ASN L 140 -37.60 30.82 14.85
N TYR L 141 -38.58 31.02 15.74
CA TYR L 141 -39.54 32.10 15.58
C TYR L 141 -38.85 33.46 15.51
N HIS L 142 -37.88 33.69 16.41
CA HIS L 142 -37.11 34.92 16.39
C HIS L 142 -36.39 35.08 15.04
N GLU L 143 -35.87 33.99 14.50
CA GLU L 143 -35.10 34.03 13.27
C GLU L 143 -35.98 34.23 12.04
N ILE L 144 -37.24 33.76 12.07
CA ILE L 144 -38.10 33.96 10.92
C ILE L 144 -38.71 35.35 10.96
N ALA L 145 -39.06 35.85 12.14
CA ALA L 145 -39.42 37.26 12.25
C ALA L 145 -38.27 38.15 11.78
N LEU L 146 -37.03 37.74 12.11
CA LEU L 146 -35.85 38.45 11.65
C LEU L 146 -35.74 38.43 10.12
N PHE L 147 -35.82 37.24 9.52
CA PHE L 147 -35.78 37.09 8.07
C PHE L 147 -36.81 37.98 7.40
N LEU L 148 -38.05 37.96 7.92
CA LEU L 148 -39.12 38.77 7.33
C LEU L 148 -38.81 40.25 7.44
N GLN L 149 -38.43 40.72 8.64
CA GLN L 149 -38.17 42.15 8.80
C GLN L 149 -37.00 42.61 7.96
N GLU L 150 -36.00 41.75 7.75
CA GLU L 150 -34.89 42.11 6.87
C GLU L 150 -35.35 42.20 5.42
N MET L 151 -36.19 41.27 4.97
CA MET L 151 -36.69 41.37 3.59
C MET L 151 -37.60 42.59 3.44
N ALA L 152 -38.24 43.02 4.53
CA ALA L 152 -39.09 44.20 4.52
C ALA L 152 -38.30 45.49 4.70
N ASN L 153 -37.01 45.40 5.01
CA ASN L 153 -36.11 46.54 5.04
C ASN L 153 -35.14 46.57 3.86
N MET L 154 -35.36 45.74 2.84
CA MET L 154 -34.43 45.66 1.72
C MET L 154 -34.63 46.86 0.79
N ARG L 155 -33.61 47.09 -0.06
CA ARG L 155 -33.63 48.15 -1.06
C ARG L 155 -34.25 47.69 -2.37
N ARG L 156 -34.90 46.52 -2.38
CA ARG L 156 -35.47 45.99 -3.60
C ARG L 156 -36.94 45.64 -3.35
N ILE L 157 -37.56 45.04 -4.38
CA ILE L 157 -39.00 45.14 -4.58
C ILE L 157 -39.68 43.87 -4.11
N VAL L 158 -39.38 43.45 -2.90
CA VAL L 158 -39.89 42.18 -2.39
C VAL L 158 -40.98 42.46 -1.37
N ASN L 159 -42.20 42.75 -1.86
CA ASN L 159 -43.33 43.02 -0.98
C ASN L 159 -43.87 41.72 -0.39
N VAL L 160 -43.48 41.41 0.84
CA VAL L 160 -43.95 40.19 1.48
C VAL L 160 -45.40 40.37 1.92
N ASN L 161 -46.22 39.35 1.69
CA ASN L 161 -47.64 39.43 2.02
C ASN L 161 -48.09 38.26 2.87
N ASN L 162 -48.69 37.25 2.24
CA ASN L 162 -49.30 36.14 2.97
C ASN L 162 -48.22 35.24 3.57
N ILE L 163 -48.20 35.15 4.90
CA ILE L 163 -47.17 34.42 5.63
C ILE L 163 -47.77 33.16 6.26
N LYS L 164 -46.97 32.10 6.37
CA LYS L 164 -47.34 30.95 7.20
C LYS L 164 -46.11 30.31 7.82
N PHE L 165 -46.33 29.51 8.87
CA PHE L 165 -45.31 28.67 9.47
C PHE L 165 -45.93 27.71 10.48
N ASP L 166 -45.23 26.60 10.71
CA ASP L 166 -45.72 25.53 11.57
C ASP L 166 -44.53 24.74 12.10
N SER L 167 -44.82 23.80 13.02
CA SER L 167 -43.78 22.99 13.63
C SER L 167 -43.48 21.79 12.73
N ALA L 168 -42.23 21.70 12.26
CA ALA L 168 -41.88 20.75 11.22
C ALA L 168 -41.64 19.34 11.76
N LYS L 169 -41.57 19.17 13.08
CA LYS L 169 -41.27 17.88 13.68
C LYS L 169 -42.58 17.13 13.94
N LEU L 170 -42.71 15.96 13.33
CA LEU L 170 -43.84 15.06 13.60
C LEU L 170 -44.06 14.87 15.09
N LYS L 171 -43.20 14.06 15.71
CA LYS L 171 -43.33 13.71 17.11
C LYS L 171 -43.25 14.91 18.03
N ASN L 172 -42.73 16.04 17.52
CA ASN L 172 -42.47 17.23 18.32
C ASN L 172 -41.51 16.89 19.45
N GLU L 173 -40.25 16.63 19.12
CA GLU L 173 -39.23 16.35 20.13
C GLU L 173 -38.20 17.45 20.25
N LYS L 174 -38.13 18.38 19.29
CA LYS L 174 -37.29 19.57 19.39
C LYS L 174 -38.00 20.72 18.70
N VAL L 175 -37.70 21.94 19.14
CA VAL L 175 -38.32 23.11 18.54
C VAL L 175 -37.76 23.33 17.14
N VAL L 176 -38.65 23.57 16.18
CA VAL L 176 -38.29 23.85 14.80
C VAL L 176 -39.54 24.32 14.06
N LEU L 177 -39.42 25.42 13.33
CA LEU L 177 -40.54 26.02 12.62
C LEU L 177 -40.20 26.12 11.13
N GLN L 178 -40.87 25.31 10.32
CA GLN L 178 -40.87 25.52 8.88
C GLN L 178 -41.75 26.71 8.57
N SER L 179 -41.25 27.62 7.75
CA SER L 179 -41.92 28.86 7.42
C SER L 179 -41.97 29.05 5.92
N GLU L 180 -43.13 29.44 5.41
CA GLU L 180 -43.34 29.71 4.00
C GLU L 180 -43.92 31.12 3.88
N PHE L 181 -43.12 32.02 3.31
CA PHE L 181 -43.52 33.41 3.10
C PHE L 181 -43.69 33.64 1.60
N GLN L 182 -44.70 34.43 1.23
CA GLN L 182 -44.94 34.81 -0.16
C GLN L 182 -44.54 36.27 -0.34
N ALA L 183 -43.71 36.55 -1.35
CA ALA L 183 -43.19 37.89 -1.56
C ALA L 183 -42.91 38.11 -3.04
N THR L 184 -43.40 39.23 -3.57
CA THR L 184 -43.48 39.43 -5.02
C THR L 184 -42.84 40.74 -5.44
N THR L 185 -42.33 40.77 -6.66
CA THR L 185 -41.83 42.00 -7.27
C THR L 185 -42.57 42.25 -8.58
N PHE L 186 -42.65 43.53 -8.97
CA PHE L 186 -43.54 43.88 -10.07
C PHE L 186 -42.76 44.33 -11.30
N ARG L 187 -42.44 43.39 -12.19
CA ARG L 187 -41.85 43.73 -13.48
C ARG L 187 -42.87 44.48 -14.32
N PHE L 188 -42.49 44.94 -15.51
CA PHE L 188 -43.48 45.60 -16.37
C PHE L 188 -44.28 44.58 -17.19
N VAL L 189 -45.18 45.07 -18.02
CA VAL L 189 -46.01 44.20 -18.84
C VAL L 189 -45.20 43.60 -19.98
N ALA M 37 8.13 98.40 -86.87
CA ALA M 37 7.00 97.94 -87.67
C ALA M 37 6.48 99.08 -88.55
N LYS M 38 6.22 98.85 -89.84
CA LYS M 38 6.08 99.93 -90.83
C LYS M 38 4.85 100.79 -90.63
N GLY M 39 5.09 101.98 -90.10
CA GLY M 39 4.27 103.15 -90.42
C GLY M 39 5.20 104.16 -91.07
N LYS M 40 4.64 105.19 -91.68
CA LYS M 40 5.44 106.38 -91.96
C LYS M 40 5.36 107.18 -90.66
N LEU M 41 6.50 107.37 -89.99
CA LEU M 41 6.51 107.94 -88.65
C LEU M 41 6.21 109.44 -88.71
N VAL M 42 6.74 110.22 -87.75
CA VAL M 42 6.67 111.69 -87.93
C VAL M 42 8.01 112.32 -87.56
N LEU M 43 8.06 113.65 -87.64
CA LEU M 43 9.28 114.37 -87.32
C LEU M 43 9.02 115.71 -86.64
N GLY M 44 9.51 115.84 -85.42
CA GLY M 44 9.54 117.12 -84.75
C GLY M 44 10.91 117.75 -84.78
N LEU M 45 10.95 119.07 -84.60
CA LEU M 45 12.19 119.80 -84.29
C LEU M 45 12.31 120.03 -82.79
N ASP M 46 12.72 118.95 -82.11
CA ASP M 46 12.65 118.89 -80.66
C ASP M 46 13.72 119.76 -80.00
N ILE M 47 14.84 120.00 -80.67
CA ILE M 47 15.93 120.80 -80.11
C ILE M 47 15.97 122.16 -80.80
N GLY M 48 14.79 122.65 -81.19
CA GLY M 48 14.70 123.98 -81.77
C GLY M 48 15.02 125.10 -80.80
N SER M 49 14.77 124.90 -79.50
CA SER M 49 15.04 125.90 -78.47
C SER M 49 14.24 127.17 -78.69
N THR M 50 14.28 127.72 -79.90
CA THR M 50 13.37 128.81 -80.24
C THR M 50 12.00 128.28 -80.64
N SER M 51 11.95 127.14 -81.33
CA SER M 51 10.68 126.67 -81.88
C SER M 51 10.66 125.16 -82.01
N ILE M 52 9.55 124.57 -81.58
CA ILE M 52 9.23 123.17 -81.84
C ILE M 52 8.45 123.11 -83.14
N LYS M 53 9.04 122.49 -84.16
CA LYS M 53 8.43 122.33 -85.47
C LYS M 53 8.26 120.86 -85.76
N MET M 54 7.28 120.51 -86.59
CA MET M 54 6.95 119.12 -86.89
C MET M 54 6.44 119.03 -88.33
N ILE M 55 6.79 117.94 -89.02
CA ILE M 55 6.48 117.78 -90.45
C ILE M 55 5.99 116.36 -90.73
N LEU M 56 4.95 116.24 -91.54
CA LEU M 56 4.46 114.96 -92.02
C LEU M 56 4.53 114.94 -93.54
N LEU M 57 5.50 114.18 -94.05
CA LEU M 57 5.54 113.75 -95.44
C LEU M 57 5.14 112.29 -95.49
N LYS M 58 4.30 111.96 -96.44
CA LYS M 58 4.10 110.55 -96.76
C LYS M 58 4.02 110.49 -98.27
N GLU M 59 3.58 109.35 -98.79
CA GLU M 59 3.46 109.17 -100.22
C GLU M 59 2.07 109.57 -100.68
N GLN M 60 1.98 110.67 -101.42
CA GLN M 60 0.71 111.19 -101.91
C GLN M 60 0.42 110.68 -103.32
N ARG M 61 -0.77 110.10 -103.50
CA ARG M 61 -1.16 109.54 -104.79
C ARG M 61 -1.74 110.63 -105.68
N LYS M 62 -1.30 110.66 -106.94
CA LYS M 62 -1.93 111.49 -107.96
C LYS M 62 -1.89 110.76 -109.30
N ARG M 63 -3.07 110.55 -109.88
CA ARG M 63 -3.25 109.96 -111.22
C ARG M 63 -2.67 108.55 -111.28
N GLY M 64 -2.83 107.80 -110.20
CA GLY M 64 -2.24 106.48 -110.13
C GLY M 64 -0.75 106.43 -109.86
N GLU M 65 -0.07 107.57 -109.74
CA GLU M 65 1.33 107.62 -109.32
C GLU M 65 1.42 108.23 -107.93
N VAL M 66 2.46 107.85 -107.19
CA VAL M 66 2.67 108.29 -105.82
C VAL M 66 4.14 108.66 -105.65
N ILE M 67 4.45 109.40 -104.58
CA ILE M 67 5.80 109.79 -104.22
C ILE M 67 5.75 110.49 -102.88
N TYR M 68 6.90 110.52 -102.20
CA TYR M 68 7.08 111.34 -101.00
C TYR M 68 6.54 112.74 -101.24
N ALA M 69 5.71 113.20 -100.32
CA ALA M 69 5.02 114.47 -100.51
C ALA M 69 4.67 115.05 -99.16
N LEU M 70 4.81 116.37 -99.04
CA LEU M 70 4.45 117.06 -97.81
C LEU M 70 2.96 116.89 -97.52
N GLN M 71 2.64 116.42 -96.31
CA GLN M 71 1.26 116.31 -95.87
C GLN M 71 0.85 117.34 -94.84
N SER M 72 1.74 117.70 -93.92
CA SER M 72 1.44 118.76 -92.96
C SER M 72 2.74 119.30 -92.38
N PHE M 73 2.63 120.46 -91.73
CA PHE M 73 3.75 121.10 -91.05
C PHE M 73 3.20 122.05 -90.00
N GLY M 74 3.82 122.06 -88.83
CA GLY M 74 3.37 122.89 -87.74
C GLY M 74 4.55 123.44 -86.96
N MET M 75 4.34 124.60 -86.33
CA MET M 75 5.41 125.29 -85.64
C MET M 75 4.84 126.06 -84.45
N LYS M 76 5.49 125.91 -83.30
CA LYS M 76 5.12 126.62 -82.09
C LYS M 76 6.38 127.13 -81.39
N PRO M 77 6.40 128.38 -80.95
CA PRO M 77 7.56 128.87 -80.19
C PRO M 77 7.75 128.05 -78.92
N LEU M 78 8.96 127.56 -78.72
CA LEU M 78 9.23 126.71 -77.57
C LEU M 78 9.02 127.48 -76.27
N PRO M 79 8.12 127.05 -75.40
CA PRO M 79 8.06 127.63 -74.06
C PRO M 79 9.31 127.26 -73.27
N PRO M 80 10.07 128.25 -72.84
CA PRO M 80 11.33 127.98 -72.16
C PRO M 80 11.08 127.40 -70.78
N GLU M 81 12.16 127.03 -70.08
CA GLU M 81 12.16 126.10 -68.96
C GLU M 81 11.98 124.68 -69.48
N ALA M 82 11.53 124.49 -70.71
CA ALA M 82 11.53 123.16 -71.32
C ALA M 82 12.94 122.62 -71.51
N ILE M 83 13.83 123.42 -72.10
CA ILE M 83 15.17 122.98 -72.45
C ILE M 83 16.16 123.89 -71.74
N VAL M 84 17.15 123.28 -71.10
CA VAL M 84 18.28 123.97 -70.49
C VAL M 84 19.53 123.16 -70.75
N ASP M 85 20.58 123.82 -71.26
CA ASP M 85 21.87 123.19 -71.54
C ASP M 85 21.71 121.96 -72.44
N GLY M 86 20.68 121.96 -73.30
CA GLY M 86 20.47 120.87 -74.23
C GLY M 86 19.74 119.66 -73.68
N ALA M 87 19.34 119.68 -72.42
CA ALA M 87 18.54 118.61 -71.84
C ALA M 87 17.09 119.05 -71.74
N LEU M 88 16.19 118.11 -72.00
CA LEU M 88 14.76 118.38 -71.81
C LEU M 88 14.48 118.37 -70.32
N MET M 89 14.14 119.53 -69.77
CA MET M 89 14.09 119.69 -68.31
C MET M 89 12.75 120.22 -67.82
N ASN M 90 11.67 119.93 -68.55
CA ASN M 90 10.26 120.09 -68.17
C ASN M 90 9.53 119.16 -69.11
N SER M 91 9.84 117.85 -68.99
CA SER M 91 9.29 116.86 -69.89
C SER M 91 7.78 116.99 -70.00
N THR M 92 7.11 117.43 -68.94
CA THR M 92 5.65 117.58 -68.95
C THR M 92 5.21 118.67 -69.93
N ALA M 93 5.71 119.90 -69.73
CA ALA M 93 5.36 121.00 -70.61
C ALA M 93 5.69 120.70 -72.07
N ILE M 94 6.89 120.15 -72.32
CA ILE M 94 7.26 119.79 -73.68
C ILE M 94 6.29 118.78 -74.25
N VAL M 95 5.85 117.83 -73.41
CA VAL M 95 4.82 116.88 -73.82
C VAL M 95 3.59 117.60 -74.33
N GLN M 96 3.03 118.50 -73.50
CA GLN M 96 1.82 119.20 -73.92
C GLN M 96 2.04 120.01 -75.19
N ALA M 97 3.23 120.61 -75.33
CA ALA M 97 3.51 121.37 -76.54
C ALA M 97 3.52 120.45 -77.77
N VAL M 98 4.16 119.29 -77.66
CA VAL M 98 4.19 118.35 -78.78
C VAL M 98 2.77 117.88 -79.11
N GLN M 99 1.93 117.70 -78.09
CA GLN M 99 0.53 117.36 -78.34
C GLN M 99 -0.17 118.46 -79.13
N ASP M 100 0.08 119.72 -78.76
CA ASP M 100 -0.45 120.83 -79.56
C ASP M 100 0.06 120.76 -81.01
N LEU M 101 1.31 120.36 -81.19
CA LEU M 101 1.85 120.19 -82.54
C LEU M 101 1.05 119.13 -83.31
N MET M 102 0.82 117.98 -82.69
CA MET M 102 0.08 116.92 -83.36
C MET M 102 -1.35 117.35 -83.68
N SER M 103 -1.96 118.14 -82.80
CA SER M 103 -3.33 118.58 -83.06
C SER M 103 -3.39 119.59 -84.20
N GLU M 104 -2.52 120.61 -84.15
CA GLU M 104 -2.43 121.56 -85.25
C GLU M 104 -2.13 120.85 -86.57
N LEU M 105 -1.37 119.76 -86.52
CA LEU M 105 -1.05 119.02 -87.72
C LEU M 105 -2.25 118.27 -88.29
N LYS M 106 -3.17 117.85 -87.42
CA LYS M 106 -4.27 116.96 -87.79
C LYS M 106 -3.74 115.62 -88.32
N VAL M 107 -2.70 115.11 -87.68
CA VAL M 107 -2.04 113.87 -88.08
C VAL M 107 -2.48 112.75 -87.16
N LYS M 108 -2.74 111.57 -87.75
CA LYS M 108 -3.07 110.39 -86.96
C LYS M 108 -1.84 109.57 -86.60
N GLY M 109 -0.70 109.83 -87.23
CA GLY M 109 0.49 109.04 -86.94
C GLY M 109 1.03 109.35 -85.55
N LYS M 110 1.54 108.31 -84.89
CA LYS M 110 2.05 108.42 -83.54
C LYS M 110 3.46 107.85 -83.39
N ASP M 111 4.16 107.60 -84.47
CA ASP M 111 5.57 107.25 -84.44
C ASP M 111 6.39 108.44 -84.94
N VAL M 112 7.61 108.57 -84.42
CA VAL M 112 8.40 109.78 -84.59
C VAL M 112 9.88 109.45 -84.66
N ALA M 113 10.59 110.18 -85.51
CA ALA M 113 12.03 110.36 -85.40
C ALA M 113 12.25 111.74 -84.81
N ILE M 114 13.33 111.92 -84.05
CA ILE M 114 13.66 113.25 -83.54
C ILE M 114 15.17 113.41 -83.49
N GLY M 115 15.63 114.50 -82.89
CA GLY M 115 17.06 114.78 -82.83
C GLY M 115 17.46 115.23 -81.44
N VAL M 116 18.74 115.02 -81.14
CA VAL M 116 19.31 115.49 -79.89
C VAL M 116 19.84 116.92 -80.07
N SER M 117 20.09 117.59 -78.94
CA SER M 117 20.66 118.92 -79.00
C SER M 117 22.12 118.85 -79.39
N GLY M 118 22.54 119.76 -80.27
CA GLY M 118 23.95 119.88 -80.59
C GLY M 118 24.83 120.12 -79.38
N HIS M 119 24.30 120.80 -78.36
CA HIS M 119 25.00 120.95 -77.09
C HIS M 119 24.97 119.67 -76.27
N SER M 120 24.17 118.69 -76.65
CA SER M 120 24.04 117.46 -75.89
C SER M 120 24.76 116.28 -76.54
N VAL M 121 25.40 116.48 -77.69
CA VAL M 121 26.03 115.40 -78.43
C VAL M 121 27.47 115.78 -78.74
N ILE M 122 28.37 114.83 -78.53
CA ILE M 122 29.75 114.90 -78.99
C ILE M 122 29.84 114.11 -80.30
N ILE M 123 30.20 114.79 -81.39
CA ILE M 123 30.41 114.16 -82.68
C ILE M 123 31.88 114.31 -83.04
N LYS M 124 32.57 113.20 -83.28
CA LYS M 124 33.91 113.32 -83.82
C LYS M 124 34.30 112.03 -84.50
N LYS M 125 35.31 112.14 -85.38
CA LYS M 125 35.82 111.00 -86.12
C LYS M 125 36.80 110.20 -85.27
N ILE M 126 37.02 108.96 -85.69
CA ILE M 126 37.79 107.97 -84.95
C ILE M 126 38.32 106.92 -85.94
N GLN M 127 39.61 106.62 -85.83
CA GLN M 127 40.29 105.68 -86.72
C GLN M 127 40.55 104.38 -85.96
N MET M 128 40.25 103.24 -86.61
CA MET M 128 40.29 101.92 -85.98
C MET M 128 40.79 100.85 -86.96
N PRO M 129 40.69 99.57 -86.62
CA PRO M 129 40.73 98.53 -87.67
C PRO M 129 39.38 97.86 -87.85
N ARG M 130 38.81 97.82 -89.05
CA ARG M 130 37.55 97.09 -89.15
C ARG M 130 37.79 95.60 -88.96
N MET M 131 36.73 94.92 -88.47
CA MET M 131 36.71 93.49 -88.21
C MET M 131 35.27 92.99 -88.05
N SER M 132 35.04 92.14 -87.04
CA SER M 132 33.68 91.73 -86.70
C SER M 132 32.91 92.91 -86.12
N GLN M 133 31.59 92.89 -86.31
CA GLN M 133 30.76 94.01 -85.88
C GLN M 133 30.80 94.18 -84.35
N ASP M 134 30.81 93.06 -83.60
CA ASP M 134 30.97 93.16 -82.15
C ASP M 134 32.34 93.73 -81.79
N GLU M 135 33.39 93.22 -82.42
CA GLU M 135 34.73 93.73 -82.12
C GLU M 135 34.85 95.20 -82.48
N LEU M 136 34.16 95.65 -83.53
CA LEU M 136 34.16 97.07 -83.83
C LEU M 136 33.41 97.86 -82.77
N GLU M 137 32.21 97.41 -82.39
CA GLU M 137 31.44 98.20 -81.44
C GLU M 137 32.17 98.31 -80.10
N GLU M 138 32.74 97.20 -79.61
CA GLU M 138 33.54 97.25 -78.41
C GLU M 138 34.76 98.16 -78.58
N SER M 139 35.51 97.99 -79.67
CA SER M 139 36.71 98.80 -79.86
C SER M 139 36.36 100.27 -79.98
N ILE M 140 35.22 100.56 -80.59
CA ILE M 140 34.71 101.92 -80.73
C ILE M 140 34.43 102.51 -79.36
N GLN M 141 33.70 101.76 -78.53
CA GLN M 141 33.41 102.22 -77.18
C GLN M 141 34.69 102.42 -76.38
N TRP M 142 35.70 101.57 -76.64
CA TRP M 142 36.97 101.67 -75.93
C TRP M 142 37.72 102.95 -76.30
N GLU M 143 37.77 103.27 -77.60
CA GLU M 143 38.45 104.50 -78.01
C GLU M 143 37.69 105.74 -77.59
N ALA M 144 36.36 105.76 -77.76
CA ALA M 144 35.60 106.93 -77.37
C ALA M 144 35.53 107.11 -75.86
N GLU M 145 35.76 106.03 -75.09
CA GLU M 145 35.86 106.18 -73.63
C GLU M 145 36.82 107.30 -73.29
N GLN M 146 37.98 107.33 -73.96
CA GLN M 146 38.91 108.44 -73.89
C GLN M 146 38.26 109.77 -74.27
N TYR M 147 37.35 109.75 -75.24
CA TYR M 147 36.72 110.94 -75.80
C TYR M 147 35.55 111.49 -74.98
N ILE M 148 35.13 110.85 -73.90
CA ILE M 148 33.89 111.29 -73.28
C ILE M 148 34.21 111.79 -71.87
N PRO M 149 33.94 113.08 -71.57
CA PRO M 149 34.15 113.58 -70.21
C PRO M 149 33.08 113.18 -69.21
N PHE M 150 32.27 112.14 -69.47
CA PHE M 150 31.29 111.61 -68.53
C PHE M 150 31.45 110.10 -68.41
N ASP M 151 30.93 109.54 -67.32
CA ASP M 151 30.80 108.09 -67.25
C ASP M 151 29.99 107.55 -68.42
N VAL M 152 30.05 106.24 -68.61
CA VAL M 152 29.16 105.59 -69.57
C VAL M 152 28.22 104.70 -68.80
N LYS M 153 26.99 105.13 -68.51
CA LYS M 153 26.45 106.50 -68.65
C LYS M 153 26.64 107.33 -69.95
N ASP M 154 26.69 106.71 -71.13
CA ASP M 154 26.85 107.48 -72.36
C ASP M 154 26.49 106.70 -73.61
N VAL M 155 25.84 107.40 -74.53
CA VAL M 155 25.30 106.91 -75.79
C VAL M 155 26.39 106.84 -76.83
N ASN M 156 26.59 105.67 -77.42
CA ASN M 156 27.55 105.52 -78.50
C ASN M 156 26.87 104.96 -79.73
N ILE M 157 27.02 105.67 -80.86
CA ILE M 157 26.56 105.20 -82.17
C ILE M 157 27.53 105.70 -83.24
N ASP M 158 27.98 104.79 -84.09
CA ASP M 158 28.97 105.16 -85.11
C ASP M 158 28.41 104.95 -86.50
N THR M 159 28.98 105.67 -87.46
CA THR M 159 28.83 105.25 -88.85
C THR M 159 30.14 105.50 -89.60
N GLN M 160 30.37 104.72 -90.64
CA GLN M 160 31.66 104.73 -91.30
C GLN M 160 31.69 105.80 -92.39
N ILE M 161 32.67 106.71 -92.29
CA ILE M 161 32.77 107.81 -93.25
C ILE M 161 33.01 107.33 -94.68
N LEU M 162 33.57 106.13 -94.84
CA LEU M 162 33.70 105.50 -96.14
C LEU M 162 33.02 104.15 -96.06
N ASP M 163 32.45 103.72 -97.18
CA ASP M 163 31.87 102.38 -97.24
C ASP M 163 32.88 101.38 -96.70
N GLY M 164 32.52 100.72 -95.61
CA GLY M 164 33.21 99.49 -95.26
C GLY M 164 33.39 98.60 -96.48
N GLY M 165 32.43 98.64 -97.41
CA GLY M 165 32.51 97.80 -98.59
C GLY M 165 33.69 98.07 -99.48
N GLY M 166 34.72 98.74 -98.95
CA GLY M 166 35.88 99.13 -99.72
C GLY M 166 37.26 98.67 -99.21
N ASN M 167 37.34 97.96 -98.08
CA ASN M 167 38.65 97.69 -97.46
C ASN M 167 38.73 96.31 -96.78
N ASP M 168 39.97 95.82 -96.65
CA ASP M 168 40.25 94.45 -96.27
C ASP M 168 40.48 94.31 -94.77
N ALA M 169 40.42 93.06 -94.29
CA ALA M 169 40.37 92.77 -92.86
C ALA M 169 41.61 93.33 -92.16
N THR M 170 41.35 94.05 -91.07
CA THR M 170 42.33 94.75 -90.24
C THR M 170 42.70 96.12 -90.81
N GLY M 171 42.21 96.47 -92.00
CA GLY M 171 42.69 97.72 -92.56
C GLY M 171 41.65 98.79 -92.82
N GLN M 172 42.08 100.05 -92.73
CA GLN M 172 41.33 101.20 -93.21
C GLN M 172 39.93 101.29 -92.60
N MET M 173 39.87 101.35 -91.27
CA MET M 173 38.63 101.67 -90.60
C MET M 173 38.55 103.16 -90.31
N ASP M 174 37.39 103.74 -90.58
CA ASP M 174 37.06 105.08 -90.12
C ASP M 174 35.60 105.06 -89.69
N VAL M 175 35.34 105.31 -88.41
CA VAL M 175 33.97 105.55 -87.97
C VAL M 175 33.93 106.94 -87.36
N LEU M 176 32.75 107.56 -87.42
CA LEU M 176 32.46 108.76 -86.67
C LEU M 176 31.51 108.37 -85.56
N LEU M 177 31.85 108.77 -84.34
CA LEU M 177 31.06 108.50 -83.16
C LEU M 177 30.23 109.72 -82.77
N VAL M 178 28.94 109.46 -82.63
CA VAL M 178 27.98 110.30 -81.92
C VAL M 178 27.81 109.72 -80.52
N ALA M 179 28.19 110.51 -79.52
CA ALA M 179 28.13 110.12 -78.11
C ALA M 179 27.27 111.13 -77.36
N ALA M 180 26.40 110.65 -76.49
CA ALA M 180 25.47 111.57 -75.83
C ALA M 180 25.28 111.14 -74.38
N LYS M 181 25.42 112.08 -73.46
CA LYS M 181 25.21 111.69 -72.07
C LYS M 181 23.78 111.21 -71.86
N LYS M 182 23.59 109.90 -72.06
CA LYS M 182 22.51 109.14 -71.44
C LYS M 182 21.11 109.81 -71.39
N ASP M 183 20.89 110.82 -70.53
CA ASP M 183 19.51 111.21 -70.27
C ASP M 183 19.13 112.54 -70.86
N MET M 184 20.02 113.16 -71.61
CA MET M 184 19.40 113.89 -72.69
C MET M 184 18.45 112.95 -73.41
N ILE M 185 18.93 111.75 -73.76
CA ILE M 185 18.11 110.76 -74.44
C ILE M 185 16.91 110.35 -73.59
N ASN M 186 17.15 110.07 -72.29
CA ASN M 186 16.01 109.79 -71.40
C ASN M 186 14.96 110.89 -71.48
N ASP M 187 15.32 112.11 -71.06
CA ASP M 187 14.39 113.25 -71.08
C ASP M 187 13.58 113.30 -72.37
N TYR M 188 14.25 113.14 -73.52
CA TYR M 188 13.53 113.18 -74.78
C TYR M 188 12.57 112.00 -74.92
N THR M 189 12.96 110.83 -74.41
CA THR M 189 12.09 109.65 -74.49
C THR M 189 10.89 109.78 -73.58
N THR M 190 11.05 110.43 -72.42
CA THR M 190 9.90 110.74 -71.58
C THR M 190 8.94 111.68 -72.30
N VAL M 191 9.48 112.79 -72.83
CA VAL M 191 8.67 113.72 -73.62
C VAL M 191 7.91 112.98 -74.72
N VAL M 192 8.60 112.12 -75.46
CA VAL M 192 7.96 111.40 -76.55
C VAL M 192 6.91 110.43 -76.01
N SER M 193 7.19 109.82 -74.86
CA SER M 193 6.30 108.79 -74.34
C SER M 193 4.96 109.38 -73.91
N GLU M 194 4.98 110.52 -73.22
CA GLU M 194 3.70 111.05 -72.73
C GLU M 194 2.98 111.89 -73.79
N ALA M 195 3.66 112.23 -74.89
CA ALA M 195 2.97 112.80 -76.04
C ALA M 195 2.23 111.75 -76.86
N GLY M 196 2.27 110.49 -76.44
CA GLY M 196 1.67 109.41 -77.20
C GLY M 196 2.49 108.97 -78.39
N LEU M 197 3.71 109.47 -78.53
CA LEU M 197 4.56 109.14 -79.65
C LEU M 197 5.48 107.98 -79.32
N ALA M 198 5.94 107.29 -80.36
CA ALA M 198 6.88 106.19 -80.21
C ALA M 198 8.12 106.47 -81.06
N PRO M 199 9.28 106.67 -80.46
CA PRO M 199 10.46 107.02 -81.25
C PRO M 199 11.07 105.79 -81.90
N VAL M 200 11.56 105.98 -83.13
CA VAL M 200 12.25 104.92 -83.84
C VAL M 200 13.69 105.30 -84.18
N VAL M 201 13.99 106.59 -84.33
CA VAL M 201 15.33 107.06 -84.65
C VAL M 201 15.57 108.33 -83.85
N VAL M 202 16.66 108.36 -83.10
CA VAL M 202 17.12 109.57 -82.44
C VAL M 202 18.39 110.00 -83.16
N ASP M 203 18.23 110.88 -84.14
CA ASP M 203 19.29 111.29 -85.05
C ASP M 203 19.95 112.58 -84.54
N VAL M 204 20.88 113.11 -85.32
CA VAL M 204 21.59 114.33 -84.97
C VAL M 204 21.34 115.38 -86.06
N ASP M 205 21.31 116.65 -85.65
CA ASP M 205 20.78 117.69 -86.51
C ASP M 205 21.73 118.04 -87.64
N ALA M 206 23.05 118.00 -87.39
CA ALA M 206 24.01 118.41 -88.40
C ALA M 206 23.97 117.53 -89.64
N PHE M 207 23.50 116.29 -89.50
CA PHE M 207 23.37 115.38 -90.63
C PHE M 207 21.92 115.22 -91.08
N ALA M 208 20.98 115.38 -90.16
CA ALA M 208 19.57 115.34 -90.52
C ALA M 208 19.21 116.52 -91.41
N VAL M 209 19.82 117.68 -91.17
CA VAL M 209 19.60 118.85 -92.02
C VAL M 209 20.06 118.60 -93.45
N GLN M 210 20.89 117.59 -93.66
CA GLN M 210 21.47 117.34 -94.98
C GLN M 210 20.61 116.46 -95.87
N ASN M 211 19.69 115.68 -95.31
CA ASN M 211 18.93 114.72 -96.11
C ASN M 211 18.11 115.42 -97.20
N MET M 212 17.79 116.70 -97.01
CA MET M 212 17.04 117.42 -98.01
C MET M 212 17.88 117.79 -99.20
N PHE M 213 19.16 118.02 -98.97
CA PHE M 213 20.07 118.36 -100.05
C PHE M 213 20.94 117.18 -100.44
N SER M 214 20.72 115.99 -99.89
CA SER M 214 21.62 114.87 -100.10
C SER M 214 21.62 114.43 -101.56
N VAL M 215 20.49 114.55 -102.24
CA VAL M 215 20.42 114.32 -103.68
C VAL M 215 21.23 115.37 -104.42
N ASN M 216 20.90 116.65 -104.23
CA ASN M 216 21.53 117.73 -104.96
C ASN M 216 23.02 117.79 -104.68
N TYR M 217 23.44 117.24 -103.54
CA TYR M 217 24.85 117.06 -103.26
C TYR M 217 25.40 115.84 -103.98
N ASP M 218 24.58 114.79 -104.08
CA ASP M 218 25.04 113.53 -104.66
C ASP M 218 25.31 113.65 -106.15
N VAL M 219 24.75 114.68 -106.80
CA VAL M 219 25.02 114.90 -108.22
C VAL M 219 26.40 115.51 -108.49
N PRO M 220 26.94 116.48 -107.66
CA PRO M 220 28.38 116.82 -107.79
C PRO M 220 29.23 116.13 -106.72
N GLU M 221 30.10 115.21 -107.13
CA GLU M 221 30.58 114.18 -106.20
C GLU M 221 32.08 114.25 -105.93
N ARG M 222 32.81 115.14 -106.60
CA ARG M 222 34.13 115.56 -106.13
C ARG M 222 34.13 116.99 -105.61
N GLU M 223 32.98 117.65 -105.60
CA GLU M 223 32.87 119.02 -105.15
C GLU M 223 32.78 119.09 -103.64
N THR M 224 33.57 119.97 -103.06
CA THR M 224 33.57 120.20 -101.62
C THR M 224 32.56 121.29 -101.31
N VAL M 225 31.54 120.95 -100.52
CA VAL M 225 30.45 121.85 -100.19
C VAL M 225 30.44 122.05 -98.68
N VAL M 226 30.15 123.27 -98.24
CA VAL M 226 29.93 123.52 -96.82
C VAL M 226 28.43 123.71 -96.59
N LEU M 227 27.96 123.25 -95.44
CA LEU M 227 26.59 123.46 -95.01
C LEU M 227 26.62 124.04 -93.60
N ILE M 228 26.10 125.27 -93.46
CA ILE M 228 25.96 125.91 -92.16
C ILE M 228 24.50 125.86 -91.75
N ASN M 229 24.24 125.42 -90.53
CA ASN M 229 22.92 125.53 -89.92
C ASN M 229 23.09 126.45 -88.72
N ALA M 230 22.72 127.71 -88.92
CA ALA M 230 22.73 128.71 -87.86
C ALA M 230 21.39 128.63 -87.13
N GLY M 231 21.40 128.01 -85.96
CA GLY M 231 20.23 127.89 -85.13
C GLY M 231 20.19 128.92 -84.03
N ALA M 232 19.35 128.65 -83.02
CA ALA M 232 19.23 129.55 -81.88
C ALA M 232 20.14 129.18 -80.73
N SER M 233 20.49 127.90 -80.59
CA SER M 233 21.38 127.46 -79.54
C SER M 233 22.78 127.16 -80.02
N VAL M 234 22.96 126.89 -81.31
CA VAL M 234 24.24 126.43 -81.83
C VAL M 234 24.29 126.68 -83.33
N VAL M 235 25.50 126.79 -83.88
CA VAL M 235 25.71 126.85 -85.33
C VAL M 235 26.54 125.65 -85.72
N ASN M 236 26.00 124.79 -86.56
CA ASN M 236 26.78 123.65 -87.02
C ASN M 236 27.35 123.90 -88.40
N ILE M 237 28.59 123.44 -88.59
CA ILE M 237 29.24 123.40 -89.88
C ILE M 237 29.49 121.95 -90.22
N ASN M 238 28.99 121.50 -91.36
CA ASN M 238 29.42 120.21 -91.88
C ASN M 238 29.89 120.37 -93.31
N ILE M 239 31.06 119.82 -93.61
CA ILE M 239 31.66 119.99 -94.91
C ILE M 239 31.88 118.62 -95.52
N ILE M 240 31.58 118.53 -96.82
CA ILE M 240 31.36 117.28 -97.52
C ILE M 240 32.11 117.30 -98.84
N SER M 241 32.43 116.11 -99.32
CA SER M 241 32.68 115.86 -100.72
C SER M 241 31.54 114.97 -101.19
N ASN M 242 30.66 115.53 -102.02
CA ASN M 242 29.40 114.91 -102.48
C ASN M 242 28.40 115.00 -101.33
N GLY M 243 27.58 113.99 -101.09
CA GLY M 243 26.88 113.87 -99.84
C GLY M 243 27.63 112.93 -98.92
N ALA M 244 28.96 113.02 -98.94
CA ALA M 244 29.81 112.25 -98.05
C ALA M 244 30.45 113.22 -97.08
N THR M 245 29.94 113.25 -95.86
CA THR M 245 30.46 114.16 -94.84
C THR M 245 31.95 113.93 -94.63
N VAL M 246 32.72 115.02 -94.75
CA VAL M 246 34.11 114.98 -94.37
C VAL M 246 34.32 115.39 -92.91
N PHE M 247 33.56 116.36 -92.40
CA PHE M 247 33.65 116.67 -90.98
C PHE M 247 32.53 117.59 -90.53
N THR M 248 32.41 117.72 -89.21
CA THR M 248 31.43 118.58 -88.58
C THR M 248 32.07 119.28 -87.39
N ARG M 249 31.59 120.47 -87.08
CA ARG M 249 32.06 121.27 -85.96
C ARG M 249 30.92 122.17 -85.49
N ASP M 250 30.74 122.23 -84.17
CA ASP M 250 29.61 122.93 -83.57
C ASP M 250 30.10 124.13 -82.77
N VAL M 251 29.51 125.28 -83.04
CA VAL M 251 29.92 126.56 -82.44
C VAL M 251 28.80 127.05 -81.53
N THR M 252 29.19 127.41 -80.30
CA THR M 252 28.24 127.85 -79.28
C THR M 252 27.45 129.08 -79.73
N ILE M 253 28.04 129.90 -80.60
CA ILE M 253 27.40 131.15 -81.03
C ILE M 253 26.20 130.83 -81.90
N GLY M 254 25.17 131.66 -81.79
CA GLY M 254 23.96 131.46 -82.58
C GLY M 254 23.13 132.72 -82.58
N GLY M 255 21.85 132.55 -82.93
CA GLY M 255 20.95 133.70 -83.01
C GLY M 255 20.59 134.25 -81.65
N ASN M 256 20.56 133.39 -80.64
CA ASN M 256 20.38 133.84 -79.26
C ASN M 256 21.39 134.90 -78.89
N GLN M 257 22.58 134.87 -79.51
CA GLN M 257 23.58 135.90 -79.26
C GLN M 257 23.17 137.25 -79.82
N PHE M 258 22.73 137.28 -81.08
CA PHE M 258 22.25 138.54 -81.65
C PHE M 258 21.09 139.09 -80.83
N THR M 259 20.09 138.26 -80.54
CA THR M 259 18.97 138.71 -79.72
C THR M 259 19.44 139.24 -78.37
N GLU M 260 20.38 138.54 -77.74
CA GLU M 260 20.85 138.93 -76.42
C GLU M 260 21.62 140.25 -76.46
N GLU M 261 22.35 140.51 -77.54
CA GLU M 261 23.03 141.79 -77.64
C GLU M 261 22.04 142.93 -77.84
N ILE M 262 21.03 142.72 -78.68
CA ILE M 262 19.97 143.73 -78.83
C ILE M 262 19.35 144.03 -77.46
N GLN M 263 19.00 142.96 -76.74
CA GLN M 263 18.42 143.11 -75.41
C GLN M 263 19.33 143.88 -74.47
N LYS M 264 20.62 143.54 -74.46
CA LYS M 264 21.59 144.28 -73.64
C LYS M 264 21.57 145.75 -73.98
N GLN M 265 21.67 146.09 -75.26
CA GLN M 265 21.90 147.47 -75.63
C GLN M 265 20.63 148.31 -75.61
N LEU M 266 19.45 147.72 -75.45
CA LEU M 266 18.25 148.54 -75.35
C LEU M 266 17.37 148.15 -74.17
N ASN M 267 17.99 147.61 -73.11
CA ASN M 267 17.33 146.93 -71.99
C ASN M 267 15.92 146.48 -72.32
N VAL M 268 15.81 145.54 -73.28
CA VAL M 268 14.56 144.99 -73.80
C VAL M 268 14.40 143.57 -73.26
N SER M 269 13.18 143.05 -73.29
CA SER M 269 12.96 141.63 -73.01
C SER M 269 13.46 140.80 -74.19
N TYR M 270 13.56 139.49 -74.01
CA TYR M 270 14.08 138.65 -75.09
C TYR M 270 13.12 138.64 -76.29
N GLU M 271 11.82 138.72 -76.02
CA GLU M 271 10.86 138.63 -77.12
C GLU M 271 10.89 139.87 -77.99
N GLU M 272 10.83 141.05 -77.38
CA GLU M 272 10.80 142.27 -78.18
C GLU M 272 12.15 142.52 -78.85
N ALA M 273 13.24 142.07 -78.22
CA ALA M 273 14.55 142.13 -78.87
C ALA M 273 14.61 141.17 -80.06
N GLU M 274 13.95 140.01 -79.93
CA GLU M 274 13.88 139.06 -81.03
C GLU M 274 13.09 139.62 -82.20
N ALA M 275 11.93 140.23 -81.92
CA ALA M 275 11.15 140.87 -82.99
C ALA M 275 11.90 142.04 -83.61
N LEU M 276 12.55 142.86 -82.77
CA LEU M 276 13.38 143.94 -83.30
C LEU M 276 14.46 143.39 -84.22
N LYS M 277 15.00 142.21 -83.89
CA LYS M 277 15.92 141.54 -84.80
C LYS M 277 15.24 141.20 -86.11
N ILE M 278 14.20 140.36 -86.06
CA ILE M 278 13.47 139.90 -87.24
C ILE M 278 13.00 141.08 -88.07
N GLY M 279 11.88 141.67 -87.68
CA GLY M 279 11.29 142.74 -88.45
C GLY M 279 12.15 144.00 -88.49
N GLY M 280 12.85 144.28 -87.39
CA GLY M 280 13.72 145.44 -87.39
C GLY M 280 14.79 145.41 -88.45
N ASN M 281 15.43 144.26 -88.65
CA ASN M 281 16.59 144.21 -89.55
C ASN M 281 16.22 144.08 -91.02
N GLY M 282 14.96 143.80 -91.36
CA GLY M 282 14.66 143.43 -92.73
C GLY M 282 13.58 144.19 -93.45
N ALA M 283 12.87 145.07 -92.76
CA ALA M 283 11.76 145.79 -93.38
C ALA M 283 12.28 146.77 -94.43
N ASP M 284 11.39 147.12 -95.38
CA ASP M 284 11.75 148.14 -96.35
C ASP M 284 11.85 149.51 -95.71
N ALA M 285 11.17 149.72 -94.58
CA ALA M 285 11.21 150.99 -93.86
C ALA M 285 12.27 151.01 -92.77
N ASP M 286 13.19 150.05 -92.78
CA ASP M 286 14.16 149.90 -91.70
C ASP M 286 15.38 150.79 -91.85
N ALA M 287 15.29 151.92 -92.56
CA ALA M 287 16.51 152.63 -92.97
C ALA M 287 17.18 153.31 -91.78
N VAL M 288 16.42 153.59 -90.73
CA VAL M 288 16.99 154.30 -89.58
C VAL M 288 17.47 153.33 -88.51
N VAL M 289 17.07 152.06 -88.57
CA VAL M 289 17.35 151.08 -87.53
C VAL M 289 18.54 150.15 -87.80
N PRO M 290 19.23 150.17 -88.95
CA PRO M 290 20.42 149.31 -89.04
C PRO M 290 21.64 149.97 -88.46
N GLN M 291 21.59 151.28 -88.17
CA GLN M 291 22.63 151.86 -87.34
C GLN M 291 22.42 151.49 -85.88
N ASP M 292 21.23 151.78 -85.35
CA ASP M 292 20.93 151.43 -83.96
C ASP M 292 21.09 149.93 -83.72
N VAL M 293 20.60 149.09 -84.63
CA VAL M 293 20.71 147.65 -84.40
C VAL M 293 22.07 147.13 -84.83
N GLU M 294 22.52 147.50 -86.04
CA GLU M 294 23.77 146.97 -86.57
C GLU M 294 24.96 147.32 -85.67
N ARG M 295 24.93 148.50 -85.04
CA ARG M 295 25.95 148.82 -84.05
C ARG M 295 25.84 147.92 -82.83
N VAL M 296 24.64 147.37 -82.58
CA VAL M 296 24.46 146.47 -81.44
C VAL M 296 24.99 145.09 -81.79
N LEU M 297 24.67 144.60 -82.99
CA LEU M 297 25.01 143.25 -83.42
C LEU M 297 26.38 143.16 -84.08
N SER M 298 27.12 144.27 -84.17
CA SER M 298 28.35 144.26 -84.95
C SER M 298 29.43 143.38 -84.31
N SER M 299 29.55 143.43 -82.99
CA SER M 299 30.45 142.51 -82.30
C SER M 299 30.12 141.06 -82.62
N VAL M 300 28.84 140.69 -82.56
CA VAL M 300 28.45 139.32 -82.85
C VAL M 300 28.76 138.97 -84.30
N ALA M 301 28.57 139.92 -85.21
CA ALA M 301 28.87 139.65 -86.62
C ALA M 301 30.36 139.37 -86.81
N GLU M 302 31.21 140.27 -86.31
CA GLU M 302 32.65 140.08 -86.38
C GLU M 302 33.07 138.74 -85.80
N GLN M 303 32.55 138.43 -84.62
CA GLN M 303 33.04 137.29 -83.86
C GLN M 303 32.52 135.97 -84.41
N VAL M 304 31.29 135.95 -84.95
CA VAL M 304 30.82 134.81 -85.73
C VAL M 304 31.72 134.58 -86.93
N ALA M 305 31.95 135.63 -87.72
CA ALA M 305 32.88 135.52 -88.85
C ALA M 305 34.23 134.96 -88.40
N GLY M 306 34.69 135.39 -87.23
CA GLY M 306 35.94 134.89 -86.69
C GLY M 306 35.85 133.42 -86.37
N GLU M 307 34.71 132.96 -85.86
CA GLU M 307 34.58 131.53 -85.58
C GLU M 307 34.53 130.70 -86.86
N ILE M 308 33.84 131.21 -87.89
CA ILE M 308 33.72 130.43 -89.10
C ILE M 308 35.04 130.36 -89.84
N GLN M 309 35.76 131.49 -89.95
CA GLN M 309 37.11 131.45 -90.50
C GLN M 309 37.97 130.49 -89.67
N ARG M 310 37.78 130.52 -88.36
CA ARG M 310 38.48 129.64 -87.43
C ARG M 310 38.30 128.17 -87.84
N SER M 311 37.07 127.68 -87.88
CA SER M 311 36.82 126.28 -88.22
C SER M 311 37.32 125.95 -89.63
N LEU M 312 37.02 126.81 -90.61
CA LEU M 312 37.47 126.54 -91.97
C LEU M 312 38.99 126.38 -92.04
N ASP M 313 39.73 127.25 -91.37
CA ASP M 313 41.19 127.12 -91.35
C ASP M 313 41.61 125.85 -90.62
N PHE M 314 40.86 125.45 -89.59
CA PHE M 314 41.23 124.24 -88.86
C PHE M 314 40.95 122.99 -89.67
N TYR M 315 40.14 123.08 -90.73
CA TYR M 315 39.97 121.92 -91.59
C TYR M 315 41.10 121.78 -92.60
N ALA M 316 41.39 122.85 -93.36
CA ALA M 316 42.28 122.81 -94.51
C ALA M 316 43.61 122.12 -94.23
N GLY M 317 43.54 120.82 -93.95
CA GLY M 317 44.69 120.04 -93.53
C GLY M 317 45.56 119.49 -94.66
N THR M 318 44.96 119.08 -95.77
CA THR M 318 45.68 118.35 -96.81
C THR M 318 45.94 119.13 -98.09
N ALA M 319 45.07 120.08 -98.45
CA ALA M 319 45.21 120.81 -99.71
C ALA M 319 45.67 122.22 -99.37
N ALA M 320 46.99 122.38 -99.21
CA ALA M 320 47.52 123.67 -98.78
C ALA M 320 47.49 124.71 -99.88
N ASP M 321 47.15 124.32 -101.11
CA ASP M 321 47.20 125.22 -102.25
C ASP M 321 45.87 125.33 -102.99
N SER M 322 44.76 124.95 -102.36
CA SER M 322 43.48 124.96 -103.02
C SER M 322 42.58 126.04 -102.43
N ASN M 323 41.36 126.12 -102.96
CA ASN M 323 40.34 127.05 -102.50
C ASN M 323 39.03 126.29 -102.27
N PHE M 324 37.98 127.05 -101.93
CA PHE M 324 36.68 126.48 -101.63
C PHE M 324 35.82 126.38 -102.89
N SER M 325 34.60 125.87 -102.72
CA SER M 325 33.64 125.81 -103.80
C SER M 325 32.35 126.52 -103.41
N LYS M 326 31.33 125.76 -103.00
CA LYS M 326 30.01 126.33 -102.73
C LYS M 326 29.42 125.76 -101.45
N VAL M 327 28.51 126.55 -100.85
CA VAL M 327 28.01 126.29 -99.51
C VAL M 327 26.57 126.79 -99.39
N TYR M 328 25.83 126.18 -98.47
CA TYR M 328 24.43 126.51 -98.22
C TYR M 328 24.18 126.85 -96.76
N LEU M 329 23.02 127.44 -96.50
CA LEU M 329 22.63 127.86 -95.15
C LEU M 329 21.25 127.34 -94.78
N SER M 330 21.08 127.05 -93.51
CA SER M 330 19.86 126.54 -92.92
C SER M 330 19.73 127.11 -91.51
N GLY M 331 18.55 126.94 -90.93
CA GLY M 331 18.32 127.55 -89.63
C GLY M 331 17.91 129.01 -89.76
N GLY M 332 17.10 129.46 -88.80
CA GLY M 332 16.53 130.80 -88.88
C GLY M 332 17.53 131.90 -88.62
N THR M 333 18.57 131.62 -87.80
CA THR M 333 19.62 132.60 -87.58
C THR M 333 20.29 133.02 -88.88
N ALA M 334 20.35 132.13 -89.85
CA ALA M 334 20.80 132.50 -91.19
C ALA M 334 20.01 133.69 -91.75
N LYS M 335 18.68 133.70 -91.59
CA LYS M 335 17.81 134.69 -92.22
C LYS M 335 18.05 136.12 -91.74
N ILE M 336 19.12 136.38 -90.97
CA ILE M 336 19.50 137.75 -90.65
C ILE M 336 19.73 138.49 -91.96
N PRO M 337 19.10 139.64 -92.18
CA PRO M 337 19.24 140.33 -93.47
C PRO M 337 20.69 140.63 -93.82
N ALA M 338 21.07 140.28 -95.05
CA ALA M 338 22.38 140.52 -95.64
C ALA M 338 23.47 139.62 -95.07
N LEU M 339 23.13 138.77 -94.10
CA LEU M 339 24.14 137.92 -93.48
C LEU M 339 24.76 136.97 -94.51
N PHE M 340 24.01 136.62 -95.55
CA PHE M 340 24.54 135.69 -96.55
C PHE M 340 25.62 136.35 -97.39
N LYS M 341 25.38 137.61 -97.80
CA LYS M 341 26.41 138.35 -98.53
C LYS M 341 27.64 138.58 -97.65
N THR M 342 27.42 138.83 -96.36
CA THR M 342 28.52 139.06 -95.44
C THR M 342 29.38 137.81 -95.28
N ILE M 343 28.75 136.66 -95.04
CA ILE M 343 29.50 135.41 -94.93
C ILE M 343 30.18 135.09 -96.26
N GLU M 344 29.53 135.43 -97.38
CA GLU M 344 30.09 135.16 -98.69
C GLU M 344 31.38 135.93 -98.92
N ALA M 345 31.36 137.23 -98.61
CA ALA M 345 32.55 138.04 -98.84
C ALA M 345 33.62 137.78 -97.78
N ARG M 346 33.20 137.39 -96.57
CA ARG M 346 34.13 137.25 -95.45
C ARG M 346 34.84 135.90 -95.42
N THR M 347 34.15 134.83 -95.80
CA THR M 347 34.75 133.50 -95.78
C THR M 347 35.35 133.09 -97.11
N GLY M 348 35.16 133.88 -98.15
CA GLY M 348 35.70 133.52 -99.46
C GLY M 348 35.00 132.33 -100.10
N VAL M 349 33.73 132.09 -99.72
CA VAL M 349 32.93 131.03 -100.32
C VAL M 349 31.54 131.56 -100.68
N PRO M 350 30.97 131.16 -101.83
CA PRO M 350 29.55 131.47 -102.08
C PRO M 350 28.58 130.76 -101.14
N VAL M 351 27.95 131.54 -100.27
CA VAL M 351 27.01 131.05 -99.27
C VAL M 351 25.61 131.37 -99.74
N GLU M 352 24.80 130.33 -99.95
CA GLU M 352 23.46 130.52 -100.50
C GLU M 352 22.41 129.83 -99.64
N ILE M 353 21.28 130.50 -99.49
CA ILE M 353 20.07 129.86 -98.97
C ILE M 353 19.67 128.75 -99.92
N LEU M 354 18.98 127.74 -99.38
CA LEU M 354 18.50 126.66 -100.22
C LEU M 354 17.12 126.26 -99.75
N ASN M 355 16.30 125.82 -100.70
CA ASN M 355 14.96 125.34 -100.41
C ASN M 355 15.02 123.85 -100.19
N PRO M 356 14.92 123.35 -98.95
CA PRO M 356 14.81 121.90 -98.76
C PRO M 356 13.64 121.30 -99.52
N PHE M 357 12.43 121.84 -99.33
CA PHE M 357 11.18 121.23 -99.81
C PHE M 357 11.23 120.81 -101.27
N ARG M 358 12.30 121.10 -102.01
CA ARG M 358 12.41 120.62 -103.38
C ARG M 358 12.56 119.10 -103.45
N LYS M 359 12.97 118.47 -102.35
CA LYS M 359 13.12 117.01 -102.27
C LYS M 359 11.80 116.28 -102.19
N ILE M 360 10.71 116.97 -101.90
CA ILE M 360 9.42 116.35 -101.62
C ILE M 360 8.37 116.98 -102.54
N GLU M 361 7.37 116.20 -102.89
CA GLU M 361 6.26 116.71 -103.68
C GLU M 361 5.40 117.63 -102.83
N VAL M 362 5.01 118.77 -103.41
CA VAL M 362 4.21 119.76 -102.69
C VAL M 362 2.98 120.08 -103.52
N ASP M 363 1.80 119.76 -102.97
CA ASP M 363 0.53 120.05 -103.64
C ASP M 363 0.27 121.56 -103.52
N ASN M 364 0.20 122.23 -104.67
CA ASN M 364 0.01 123.68 -104.66
C ASN M 364 -1.35 124.08 -104.13
N ARG M 365 -2.31 123.16 -104.12
CA ARG M 365 -3.64 123.48 -103.61
C ARG M 365 -3.68 123.44 -102.08
N LYS M 366 -2.68 122.83 -101.45
CA LYS M 366 -2.63 122.76 -99.99
C LYS M 366 -1.52 123.61 -99.38
N PHE M 367 -0.53 124.01 -100.17
CA PHE M 367 0.61 124.76 -99.65
C PHE M 367 1.02 125.82 -100.65
N ASP M 368 1.29 127.02 -100.15
CA ASP M 368 1.83 128.10 -100.97
C ASP M 368 3.33 127.88 -101.12
N PRO M 369 3.86 127.77 -102.34
CA PRO M 369 5.31 127.64 -102.50
C PRO M 369 6.09 128.82 -101.91
N ALA M 370 5.50 130.02 -101.91
CA ALA M 370 6.20 131.20 -101.40
C ALA M 370 6.46 131.08 -99.90
N PHE M 371 5.40 130.86 -99.11
CA PHE M 371 5.56 130.71 -97.67
C PHE M 371 6.44 129.52 -97.32
N VAL M 372 6.22 128.38 -98.00
CA VAL M 372 7.09 127.22 -97.83
C VAL M 372 8.55 127.62 -97.98
N MET M 373 8.85 128.38 -99.04
CA MET M 373 10.20 128.89 -99.23
C MET M 373 10.62 129.79 -98.08
N ASP M 374 9.68 130.58 -97.54
CA ASP M 374 10.04 131.53 -96.49
C ASP M 374 10.46 130.81 -95.21
N VAL M 375 9.75 129.75 -94.83
CA VAL M 375 10.04 129.00 -93.63
C VAL M 375 10.97 127.82 -93.90
N ALA M 376 11.49 127.70 -95.12
CA ALA M 376 12.41 126.60 -95.43
C ALA M 376 13.62 126.51 -94.52
N PRO M 377 14.39 127.59 -94.26
CA PRO M 377 15.61 127.43 -93.44
C PRO M 377 15.33 126.90 -92.05
N MET M 378 14.30 127.40 -91.38
CA MET M 378 13.94 126.87 -90.06
C MET M 378 13.55 125.41 -90.14
N ALA M 379 12.89 125.00 -91.22
CA ALA M 379 12.29 123.67 -91.34
C ALA M 379 13.22 122.64 -91.95
N ALA M 380 14.44 123.01 -92.36
CA ALA M 380 15.34 122.07 -93.04
C ALA M 380 15.47 120.74 -92.28
N VAL M 381 15.83 120.80 -91.01
CA VAL M 381 15.94 119.57 -90.20
C VAL M 381 14.57 118.95 -90.01
N ALA M 382 13.57 119.80 -89.76
CA ALA M 382 12.16 119.45 -89.55
C ALA M 382 11.59 118.62 -90.69
N VAL M 383 12.16 118.69 -91.89
CA VAL M 383 11.83 117.71 -92.91
C VAL M 383 12.94 116.69 -93.04
N GLY M 384 14.11 117.00 -92.45
CA GLY M 384 15.28 116.14 -92.48
C GLY M 384 15.04 114.74 -91.95
N LEU M 385 14.93 114.66 -90.62
CA LEU M 385 14.66 113.36 -90.03
C LEU M 385 13.29 112.85 -90.46
N ALA M 386 12.53 113.70 -91.16
CA ALA M 386 11.23 113.36 -91.72
C ALA M 386 11.34 112.57 -93.00
N LEU M 387 12.37 112.82 -93.82
CA LEU M 387 12.69 111.84 -94.86
C LEU M 387 13.43 110.67 -94.26
N ARG M 388 13.98 110.84 -93.04
CA ARG M 388 14.49 109.67 -92.34
C ARG M 388 13.37 108.72 -91.92
N ARG M 389 12.15 109.24 -91.75
CA ARG M 389 11.06 108.43 -91.18
C ARG M 389 10.24 107.56 -92.15
N PRO M 390 10.16 107.86 -93.46
CA PRO M 390 9.55 106.86 -94.33
C PRO M 390 10.63 106.10 -95.05
N GLY M 391 11.85 106.14 -94.50
CA GLY M 391 12.99 105.51 -95.10
C GLY M 391 13.12 104.06 -94.67
N MET N 1 34.84 126.18 -71.08
CA MET N 1 34.52 126.55 -69.70
C MET N 1 34.59 125.36 -68.77
N MET N 2 35.12 125.58 -67.58
CA MET N 2 35.30 124.53 -66.59
C MET N 2 34.14 124.56 -65.60
N ILE N 3 33.47 123.43 -65.46
CA ILE N 3 32.35 123.28 -64.52
C ILE N 3 32.80 122.29 -63.46
N ARG N 4 33.04 122.79 -62.25
CA ARG N 4 33.53 121.98 -61.15
C ARG N 4 32.52 121.91 -60.01
N ILE N 5 32.51 120.78 -59.30
CA ILE N 5 31.56 120.57 -58.23
C ILE N 5 32.20 119.81 -57.07
N ASN N 6 32.60 120.54 -56.03
CA ASN N 6 33.08 119.93 -54.80
C ASN N 6 31.94 119.50 -53.88
N LEU N 7 30.98 118.74 -54.40
CA LEU N 7 29.86 118.27 -53.57
C LEU N 7 29.88 116.75 -53.37
N LEU N 8 29.87 116.35 -52.10
CA LEU N 8 30.22 115.04 -51.56
C LEU N 8 31.62 114.52 -51.99
N PRO N 9 32.63 115.34 -51.72
CA PRO N 9 33.78 114.91 -50.92
C PRO N 9 33.95 115.80 -49.69
N VAL N 10 35.09 115.67 -49.03
CA VAL N 10 35.31 114.54 -48.12
C VAL N 10 35.06 114.64 -46.60
N ARG N 11 35.39 115.71 -45.88
CA ARG N 11 35.00 115.69 -44.46
C ARG N 11 33.49 115.67 -44.39
N ALA N 12 32.81 116.20 -45.43
CA ALA N 12 31.38 115.95 -45.59
C ALA N 12 31.10 114.47 -45.83
N VAL N 13 31.86 113.84 -46.74
CA VAL N 13 31.66 112.43 -47.05
C VAL N 13 31.85 111.63 -45.78
N LYS N 14 33.10 111.56 -45.30
CA LYS N 14 33.45 110.66 -44.20
C LYS N 14 32.80 111.08 -42.89
N LYS N 15 32.25 112.30 -42.80
CA LYS N 15 31.50 112.63 -41.59
C LYS N 15 30.04 112.20 -41.72
N ARG N 16 29.51 112.16 -42.95
CA ARG N 16 28.23 111.49 -43.15
C ARG N 16 28.37 109.99 -42.96
N GLU N 17 29.53 109.44 -43.32
CA GLU N 17 29.78 108.01 -43.14
C GLU N 17 29.94 107.66 -41.67
N MET N 18 30.82 108.37 -40.95
CA MET N 18 30.89 108.18 -39.50
C MET N 18 29.52 108.38 -38.86
N GLY N 19 28.79 109.40 -39.32
CA GLY N 19 27.43 109.59 -38.85
C GLY N 19 26.54 108.38 -39.06
N ARG N 20 26.72 107.68 -40.19
CA ARG N 20 25.93 106.47 -40.44
C ARG N 20 26.36 105.33 -39.51
N GLN N 21 27.68 105.11 -39.41
CA GLN N 21 28.19 103.96 -38.63
C GLN N 21 27.82 104.08 -37.15
N VAL N 22 27.99 105.27 -36.57
CA VAL N 22 27.63 105.45 -35.17
C VAL N 22 26.17 105.09 -34.93
N LEU N 23 25.29 105.47 -35.86
CA LEU N 23 23.86 105.15 -35.72
C LEU N 23 23.58 103.66 -35.91
N VAL N 24 24.28 103.00 -36.83
CA VAL N 24 24.12 101.56 -36.97
C VAL N 24 24.52 100.86 -35.67
N LEU N 25 25.64 101.28 -35.07
CA LEU N 25 26.04 100.72 -33.79
C LEU N 25 24.98 100.93 -32.72
N PHE N 26 24.43 102.15 -32.65
CA PHE N 26 23.31 102.39 -31.75
C PHE N 26 22.19 101.39 -31.98
N ALA N 27 21.79 101.20 -33.24
CA ALA N 27 20.70 100.29 -33.57
C ALA N 27 20.99 98.87 -33.09
N VAL N 28 22.22 98.39 -33.34
CA VAL N 28 22.57 97.03 -32.94
C VAL N 28 22.49 96.87 -31.42
N VAL N 29 23.12 97.80 -30.69
CA VAL N 29 23.10 97.72 -29.23
C VAL N 29 21.66 97.72 -28.73
N LEU N 30 20.80 98.57 -29.31
CA LEU N 30 19.43 98.67 -28.81
C LEU N 30 18.61 97.43 -29.17
N ILE N 31 18.91 96.78 -30.29
CA ILE N 31 18.22 95.53 -30.62
C ILE N 31 18.64 94.43 -29.65
N GLY N 32 19.93 94.32 -29.35
CA GLY N 32 20.37 93.35 -28.37
C GLY N 32 19.75 93.55 -27.00
N ALA N 33 19.85 94.79 -26.47
CA ALA N 33 19.20 95.10 -25.20
C ALA N 33 17.72 94.78 -25.25
N GLY N 34 17.07 95.06 -26.39
CA GLY N 34 15.69 94.65 -26.56
C GLY N 34 15.49 93.16 -26.32
N VAL N 35 16.23 92.33 -27.07
CA VAL N 35 16.14 90.88 -26.92
C VAL N 35 16.32 90.47 -25.46
N ALA N 36 17.26 91.09 -24.75
CA ALA N 36 17.42 90.80 -23.33
C ALA N 36 16.13 91.11 -22.55
N ASN N 37 15.63 92.34 -22.66
CA ASN N 37 14.37 92.70 -22.01
C ASN N 37 13.30 91.67 -22.28
N TYR N 38 13.19 91.23 -23.53
CA TYR N 38 12.30 90.11 -23.87
C TYR N 38 12.61 88.92 -23.00
N LEU N 39 13.59 88.09 -23.39
CA LEU N 39 13.86 86.82 -22.70
C LEU N 39 13.57 86.91 -21.19
N TRP N 40 13.97 88.02 -20.56
CA TRP N 40 13.53 88.31 -19.20
C TRP N 40 12.01 88.21 -19.08
N TYR N 41 11.25 88.91 -19.95
CA TYR N 41 9.79 88.89 -19.83
C TYR N 41 9.23 87.47 -19.84
N ASP N 42 9.89 86.55 -20.57
CA ASP N 42 9.38 85.19 -20.68
C ASP N 42 9.66 84.40 -19.42
N ASP N 43 10.89 84.49 -18.90
CA ASP N 43 11.14 83.83 -17.61
C ASP N 43 10.20 84.35 -16.53
N ARG N 44 9.82 85.63 -16.62
CA ARG N 44 8.91 86.20 -15.63
C ARG N 44 7.49 85.67 -15.78
N GLN N 45 7.02 85.48 -17.02
CA GLN N 45 5.69 84.91 -17.20
C GLN N 45 5.65 83.45 -16.75
N SER N 46 6.72 82.70 -17.02
CA SER N 46 6.81 81.34 -16.48
C SER N 46 6.73 81.33 -14.96
N GLU N 47 7.52 82.19 -14.31
CA GLU N 47 7.44 82.26 -12.85
C GLU N 47 6.03 82.60 -12.38
N LEU N 48 5.38 83.55 -13.07
CA LEU N 48 4.00 83.91 -12.71
C LEU N 48 3.06 82.71 -12.81
N GLU N 49 3.21 81.89 -13.84
CA GLU N 49 2.33 80.72 -13.96
C GLU N 49 2.59 79.72 -12.85
N ALA N 50 3.87 79.46 -12.53
CA ALA N 50 4.16 78.57 -11.41
C ALA N 50 3.56 79.09 -10.12
N HIS N 51 3.66 80.40 -9.88
CA HIS N 51 3.17 80.98 -8.64
C HIS N 51 1.65 80.94 -8.57
N GLN N 52 0.97 81.17 -9.70
CA GLN N 52 -0.48 81.05 -9.72
C GLN N 52 -0.92 79.60 -9.50
N ALA N 53 -0.15 78.63 -10.01
CA ALA N 53 -0.40 77.24 -9.65
C ALA N 53 -0.31 77.05 -8.14
N GLY N 54 0.74 77.60 -7.51
CA GLY N 54 0.84 77.51 -6.06
C GLY N 54 -0.33 78.14 -5.33
N VAL N 55 -0.78 79.31 -5.80
CA VAL N 55 -1.92 79.99 -5.17
C VAL N 55 -3.17 79.11 -5.27
N ALA N 56 -3.38 78.48 -6.43
CA ALA N 56 -4.46 77.51 -6.54
C ALA N 56 -4.30 76.39 -5.51
N SER N 57 -3.07 75.90 -5.33
CA SER N 57 -2.80 74.92 -4.29
C SER N 57 -3.14 75.45 -2.89
N THR N 58 -3.11 76.78 -2.67
CA THR N 58 -3.65 77.30 -1.41
C THR N 58 -5.17 77.20 -1.39
N LYS N 59 -5.82 77.82 -2.38
CA LYS N 59 -7.27 77.91 -2.36
C LYS N 59 -7.95 76.55 -2.34
N ALA N 60 -7.24 75.49 -2.73
CA ALA N 60 -7.82 74.15 -2.63
C ALA N 60 -7.89 73.70 -1.16
N ARG N 61 -6.73 73.57 -0.52
CA ARG N 61 -6.67 73.03 0.83
C ARG N 61 -7.29 73.96 1.87
N ILE N 62 -7.28 75.28 1.64
CA ILE N 62 -8.01 76.16 2.55
C ILE N 62 -9.49 75.82 2.52
N ALA N 63 -10.05 75.56 1.35
CA ALA N 63 -11.43 75.08 1.26
C ALA N 63 -11.59 73.75 1.98
N GLU N 64 -10.66 72.81 1.72
CA GLU N 64 -10.66 71.55 2.48
C GLU N 64 -10.82 71.80 3.97
N LEU N 65 -10.12 72.81 4.49
CA LEU N 65 -10.05 73.03 5.93
C LEU N 65 -11.27 73.75 6.46
N GLU N 66 -11.83 74.67 5.67
CA GLU N 66 -13.10 75.27 6.03
C GLU N 66 -14.19 74.20 6.12
N LYS N 67 -14.10 73.18 5.27
CA LYS N 67 -15.07 72.08 5.34
C LYS N 67 -14.81 71.21 6.56
N ILE N 68 -13.56 70.83 6.80
CA ILE N 68 -13.25 69.93 7.91
C ILE N 68 -13.55 70.61 9.24
N ILE N 69 -13.34 71.92 9.33
CA ILE N 69 -13.67 72.63 10.57
C ILE N 69 -15.16 72.88 10.67
N GLY N 70 -15.84 73.08 9.53
CA GLY N 70 -17.29 73.07 9.55
C GLY N 70 -17.82 71.80 10.18
N GLU N 71 -17.24 70.66 9.80
CA GLU N 71 -17.55 69.41 10.49
C GLU N 71 -17.27 69.57 11.98
N VAL N 72 -16.00 69.83 12.35
CA VAL N 72 -15.59 69.80 13.75
C VAL N 72 -16.52 70.65 14.63
N LYS N 73 -17.08 71.72 14.09
CA LYS N 73 -18.01 72.54 14.86
C LYS N 73 -19.41 71.93 14.91
N ASN N 74 -19.97 71.62 13.72
CA ASN N 74 -21.23 70.87 13.66
C ASN N 74 -21.22 69.75 14.70
N ILE N 75 -20.13 69.00 14.72
CA ILE N 75 -19.75 68.06 15.76
C ILE N 75 -19.93 68.64 17.15
N ASN N 76 -19.02 69.56 17.51
CA ASN N 76 -18.81 69.90 18.91
C ASN N 76 -20.06 70.42 19.57
N THR N 77 -20.96 71.04 18.80
CA THR N 77 -22.16 71.59 19.43
C THR N 77 -23.20 70.51 19.72
N ARG N 78 -23.26 69.46 18.90
CA ARG N 78 -24.22 68.38 19.12
C ARG N 78 -23.81 67.49 20.29
N LYS N 79 -22.51 67.36 20.55
CA LYS N 79 -22.03 66.51 21.65
C LYS N 79 -22.57 66.97 23.00
N ALA N 80 -22.54 68.29 23.25
CA ALA N 80 -23.01 68.83 24.52
C ALA N 80 -24.50 68.60 24.74
N GLU N 81 -25.32 68.67 23.69
CA GLU N 81 -26.72 68.29 23.85
C GLU N 81 -26.86 66.79 24.07
N VAL N 82 -25.91 66.00 23.58
CA VAL N 82 -26.01 64.56 23.75
C VAL N 82 -25.71 64.15 25.19
N GLU N 83 -24.55 64.55 25.72
CA GLU N 83 -24.22 64.27 27.12
C GLU N 83 -25.41 64.59 28.03
N LYS N 84 -26.10 65.70 27.74
CA LYS N 84 -27.18 66.18 28.58
C LYS N 84 -28.44 65.35 28.42
N LYS N 85 -28.93 65.21 27.17
CA LYS N 85 -30.06 64.33 26.89
C LYS N 85 -29.87 62.96 27.52
N LEU N 86 -28.66 62.40 27.37
CA LEU N 86 -28.37 61.10 27.95
C LEU N 86 -28.44 61.12 29.46
N ALA N 87 -27.74 62.07 30.12
CA ALA N 87 -27.79 62.13 31.58
C ALA N 87 -29.23 62.15 32.06
N VAL N 88 -30.10 62.84 31.33
CA VAL N 88 -31.54 62.70 31.54
C VAL N 88 -31.96 61.24 31.39
N LEU N 89 -31.53 60.58 30.31
CA LEU N 89 -31.96 59.20 30.07
C LEU N 89 -31.52 58.25 31.18
N ASP N 90 -30.32 58.44 31.73
CA ASP N 90 -29.83 57.61 32.82
C ASP N 90 -30.46 57.97 34.15
N ALA N 91 -30.99 59.19 34.30
CA ALA N 91 -31.85 59.46 35.44
C ALA N 91 -33.20 58.77 35.28
N LEU N 92 -33.69 58.67 34.04
CA LEU N 92 -35.02 58.10 33.81
C LEU N 92 -35.02 56.58 33.91
N ARG N 93 -33.95 55.93 33.42
CA ARG N 93 -33.83 54.49 33.62
C ARG N 93 -33.81 54.13 35.11
N LYS N 94 -33.21 55.00 35.92
CA LYS N 94 -33.34 54.88 37.37
C LYS N 94 -34.76 55.24 37.83
N GLY N 95 -35.47 56.03 37.03
CA GLY N 95 -36.85 56.37 37.33
C GLY N 95 -37.85 55.31 36.90
N ARG N 96 -37.41 54.28 36.18
CA ARG N 96 -38.22 53.10 35.88
C ARG N 96 -37.76 51.88 36.63
N SER N 97 -36.46 51.77 36.95
CA SER N 97 -36.02 50.78 37.91
C SER N 97 -36.57 51.10 39.29
N GLY N 98 -36.62 52.39 39.63
CA GLY N 98 -37.12 52.87 40.89
C GLY N 98 -38.40 52.20 41.36
N PRO N 99 -39.52 52.51 40.72
CA PRO N 99 -40.82 51.96 41.14
C PRO N 99 -40.85 50.43 41.23
N VAL N 100 -39.70 49.79 41.05
CA VAL N 100 -39.62 48.35 41.11
C VAL N 100 -38.46 47.92 41.99
N ARG N 101 -37.43 48.75 42.11
CA ARG N 101 -36.17 48.24 42.65
C ARG N 101 -36.08 48.32 44.16
N MET N 102 -35.48 49.38 44.72
CA MET N 102 -35.11 49.28 46.11
C MET N 102 -35.48 50.48 46.98
N MET N 103 -34.99 51.68 46.66
CA MET N 103 -35.19 52.81 47.57
C MET N 103 -36.63 53.29 47.64
N ASP N 104 -37.52 52.78 46.79
CA ASP N 104 -38.58 53.61 46.24
C ASP N 104 -39.95 53.44 46.88
N ALA N 105 -40.16 52.43 47.72
CA ALA N 105 -41.42 52.38 48.45
C ALA N 105 -41.21 52.66 49.93
N LEU N 106 -40.02 52.35 50.44
CA LEU N 106 -39.71 52.46 51.85
C LEU N 106 -39.12 53.87 52.12
N ALA N 107 -39.41 54.54 53.26
CA ALA N 107 -39.61 54.01 54.62
C ALA N 107 -38.25 53.42 55.02
N SER N 108 -37.28 54.34 55.08
CA SER N 108 -35.85 54.06 55.29
C SER N 108 -35.30 53.14 54.20
N ALA N 109 -34.20 53.58 53.59
CA ALA N 109 -33.62 52.89 52.43
C ALA N 109 -32.81 51.66 52.85
N THR N 110 -33.39 50.79 53.67
CA THR N 110 -32.70 49.59 54.12
C THR N 110 -33.36 48.34 53.56
N PRO N 111 -32.56 47.35 53.11
CA PRO N 111 -32.98 46.14 52.41
C PRO N 111 -33.55 45.05 53.32
N LYS N 112 -34.34 44.11 52.79
CA LYS N 112 -34.72 44.07 51.37
C LYS N 112 -35.89 45.01 51.09
N LYS N 113 -35.85 45.68 49.95
CA LYS N 113 -36.68 46.86 49.71
C LYS N 113 -37.22 46.83 48.29
N VAL N 114 -38.53 46.88 48.12
CA VAL N 114 -39.23 46.74 46.81
C VAL N 114 -38.73 45.57 45.93
N TRP N 115 -37.45 45.28 46.07
CA TRP N 115 -36.81 43.95 46.22
C TRP N 115 -37.09 42.64 45.49
N VAL N 116 -36.79 41.61 46.29
CA VAL N 116 -36.69 40.18 46.02
C VAL N 116 -37.98 39.52 46.46
N LYS N 117 -38.35 38.40 45.84
CA LYS N 117 -39.71 37.92 45.98
C LYS N 117 -39.91 36.87 47.09
N THR N 118 -39.59 35.60 46.83
CA THR N 118 -40.01 34.52 47.73
C THR N 118 -38.83 33.91 48.47
N PHE N 119 -39.10 33.43 49.68
CA PHE N 119 -38.12 32.75 50.53
C PHE N 119 -38.74 31.46 51.06
N SER N 120 -37.98 30.36 50.96
CA SER N 120 -38.46 29.05 51.41
C SER N 120 -37.27 28.20 51.79
N GLU N 121 -37.27 27.67 53.01
CA GLU N 121 -36.14 26.99 53.60
C GLU N 121 -36.50 25.54 53.95
N ASN N 122 -35.47 24.81 54.40
CA ASN N 122 -35.64 23.44 54.87
C ASN N 122 -34.60 23.07 55.93
N ASN N 123 -34.05 24.06 56.65
CA ASN N 123 -33.08 23.87 57.72
C ASN N 123 -31.79 23.22 57.23
N ASN N 124 -31.57 23.18 55.91
CA ASN N 124 -30.30 22.78 55.35
C ASN N 124 -29.96 23.68 54.17
N ALA N 125 -30.97 24.07 53.40
CA ALA N 125 -30.80 24.98 52.29
C ALA N 125 -32.02 25.89 52.20
N VAL N 126 -31.82 27.05 51.58
CA VAL N 126 -32.89 27.99 51.30
C VAL N 126 -32.98 28.15 49.78
N SER N 127 -34.18 28.04 49.23
CA SER N 127 -34.41 28.17 47.80
C SER N 127 -35.20 29.45 47.59
N ILE N 128 -34.49 30.52 47.26
CA ILE N 128 -35.06 31.85 47.23
C ILE N 128 -35.54 32.18 45.83
N ASP N 129 -36.28 33.29 45.72
CA ASP N 129 -36.86 33.75 44.46
C ASP N 129 -36.83 35.27 44.52
N GLY N 130 -36.30 35.93 43.49
CA GLY N 130 -35.95 37.33 43.62
C GLY N 130 -36.00 38.13 42.34
N SER N 131 -35.51 39.36 42.47
CA SER N 131 -35.49 40.37 41.42
C SER N 131 -34.45 41.43 41.79
N ALA N 132 -33.64 41.83 40.83
CA ALA N 132 -32.57 42.79 41.06
C ALA N 132 -32.57 43.85 39.97
N VAL N 133 -31.66 44.83 40.10
CA VAL N 133 -31.74 45.98 39.21
C VAL N 133 -31.25 45.63 37.80
N SER N 134 -30.23 44.81 37.68
CA SER N 134 -29.58 44.60 36.40
C SER N 134 -28.57 43.47 36.54
N HIS N 135 -27.65 43.41 35.58
CA HIS N 135 -26.52 42.48 35.58
C HIS N 135 -25.49 42.89 36.62
N ASP N 136 -25.81 43.90 37.42
CA ASP N 136 -24.86 44.48 38.37
C ASP N 136 -25.20 44.16 39.81
N GLU N 137 -26.38 44.56 40.30
CA GLU N 137 -26.77 44.27 41.67
C GLU N 137 -27.05 42.79 41.88
N VAL N 138 -27.49 42.07 40.85
CA VAL N 138 -27.55 40.62 40.99
C VAL N 138 -26.15 40.04 40.98
N ALA N 139 -25.19 40.74 40.35
CA ALA N 139 -23.80 40.32 40.41
C ALA N 139 -23.18 40.66 41.75
N GLU N 140 -23.53 41.83 42.31
CA GLU N 140 -23.09 42.17 43.66
C GLU N 140 -23.64 41.17 44.67
N PHE N 141 -24.93 40.86 44.56
CA PHE N 141 -25.57 39.91 45.47
C PHE N 141 -24.99 38.51 45.32
N MET N 142 -24.80 38.06 44.08
CA MET N 142 -24.27 36.71 43.87
C MET N 142 -22.81 36.62 44.31
N ARG N 143 -22.05 37.72 44.15
CA ARG N 143 -20.69 37.73 44.64
C ARG N 143 -20.65 37.67 46.16
N GLY N 144 -21.54 38.42 46.83
CA GLY N 144 -21.58 38.41 48.29
C GLY N 144 -21.81 37.04 48.89
N LEU N 145 -22.22 36.06 48.08
CA LEU N 145 -22.47 34.71 48.57
C LEU N 145 -21.36 33.75 48.15
N ASN N 146 -21.55 33.09 47.01
CA ASN N 146 -20.66 32.01 46.59
C ASN N 146 -20.91 31.70 45.12
N GLY N 147 -20.01 30.90 44.55
CA GLY N 147 -20.02 30.48 43.16
C GLY N 147 -19.44 29.09 43.03
N VAL N 148 -20.18 28.18 42.38
CA VAL N 148 -19.96 26.74 42.56
C VAL N 148 -20.10 26.05 41.21
N VAL N 149 -19.31 25.00 41.01
CA VAL N 149 -19.50 24.06 39.89
C VAL N 149 -20.35 22.92 40.43
N TRP N 150 -21.63 22.92 40.10
CA TRP N 150 -22.53 21.88 40.55
C TRP N 150 -22.58 20.73 39.55
N THR N 151 -22.76 19.50 40.06
CA THR N 151 -22.66 18.35 39.16
C THR N 151 -23.87 17.43 39.33
N PRO N 152 -23.82 16.28 40.08
CA PRO N 152 -24.88 15.28 39.90
C PRO N 152 -26.16 15.67 40.62
N LYS N 153 -27.16 16.14 39.87
CA LYS N 153 -28.38 16.61 40.50
C LYS N 153 -29.37 15.47 40.68
N GLY N 154 -30.06 15.48 41.82
CA GLY N 154 -31.10 14.52 42.09
C GLY N 154 -32.48 15.13 41.89
N MET N 155 -33.34 14.42 41.15
CA MET N 155 -34.69 14.91 40.89
C MET N 155 -35.64 14.41 41.99
N GLY N 156 -36.45 15.32 42.51
CA GLY N 156 -37.33 14.98 43.62
C GLY N 156 -38.73 15.53 43.41
N ARG N 157 -39.67 14.99 44.17
CA ARG N 157 -41.09 15.24 43.99
C ARG N 157 -41.48 16.69 44.22
N LEU N 158 -40.59 17.49 44.80
CA LEU N 158 -40.85 18.92 44.93
C LEU N 158 -40.69 19.65 43.59
N VAL N 159 -39.73 19.22 42.77
CA VAL N 159 -39.57 19.80 41.44
C VAL N 159 -40.87 19.68 40.65
N ASP N 160 -41.45 18.48 40.60
CA ASP N 160 -42.68 18.28 39.87
C ASP N 160 -43.84 19.04 40.50
N ARG N 161 -43.85 19.16 41.83
CA ARG N 161 -44.84 20.02 42.48
C ARG N 161 -44.68 21.47 42.08
N ARG N 162 -43.48 21.89 41.67
CA ARG N 162 -43.33 23.20 41.06
C ARG N 162 -43.85 23.20 39.62
N ARG N 163 -43.58 22.14 38.87
CA ARG N 163 -44.16 22.00 37.53
C ARG N 163 -45.66 21.84 37.59
N ASP N 164 -46.18 21.21 38.65
CA ASP N 164 -47.61 21.07 38.85
C ASP N 164 -48.28 22.36 39.31
N SER N 165 -47.49 23.35 39.75
CA SER N 165 -48.00 24.59 40.37
C SER N 165 -48.54 24.27 41.76
N LYS N 166 -48.38 23.02 42.19
CA LYS N 166 -49.03 22.58 43.42
C LYS N 166 -48.40 23.18 44.67
N THR N 167 -47.15 23.65 44.60
CA THR N 167 -46.52 24.42 45.67
C THR N 167 -46.32 25.85 45.17
N ALA N 168 -46.96 26.79 45.85
CA ALA N 168 -47.16 28.11 45.28
C ALA N 168 -45.85 28.88 45.22
N ARG N 169 -45.42 29.14 43.97
CA ARG N 169 -44.22 29.93 43.62
C ARG N 169 -44.23 31.03 42.08
N VAL N 170 -43.15 31.73 41.59
CA VAL N 170 -43.11 32.42 40.30
C VAL N 170 -42.39 31.58 39.23
N GLU N 171 -43.15 30.69 38.55
CA GLU N 171 -42.62 29.74 37.57
C GLU N 171 -42.01 30.42 36.32
N MET N 172 -41.56 31.67 36.46
CA MET N 172 -40.36 32.15 35.78
C MET N 172 -39.13 31.32 36.17
N LEU N 173 -39.18 30.65 37.31
CA LEU N 173 -38.04 30.05 37.96
C LEU N 173 -37.74 28.65 37.45
N THR N 174 -36.45 28.35 37.31
CA THR N 174 -36.00 26.97 37.26
C THR N 174 -36.31 26.28 38.58
N SER N 175 -36.21 24.96 38.60
CA SER N 175 -36.69 24.21 39.76
C SER N 175 -35.55 23.78 40.67
N ASP N 176 -35.68 22.61 41.28
CA ASP N 176 -34.61 21.86 41.95
C ASP N 176 -34.14 22.45 43.28
N ALA N 177 -33.47 21.63 44.07
CA ALA N 177 -32.86 22.00 45.35
C ALA N 177 -32.08 20.84 45.95
N THR N 178 -31.46 20.01 45.11
CA THR N 178 -30.73 18.83 45.58
C THR N 178 -29.63 18.53 44.59
N ILE N 179 -28.37 18.57 45.03
CA ILE N 179 -27.23 18.39 44.14
C ILE N 179 -25.96 18.24 44.96
N GLU N 180 -24.81 18.26 44.30
CA GLU N 180 -23.49 18.18 44.92
C GLU N 180 -22.63 19.29 44.34
N GLU N 181 -21.97 20.06 45.20
CA GLU N 181 -21.43 21.37 44.85
C GLU N 181 -19.91 21.38 45.01
N PHE N 182 -19.22 22.04 44.06
CA PHE N 182 -17.79 22.29 44.13
C PHE N 182 -17.50 23.79 44.05
N PRO N 183 -16.69 24.35 44.95
CA PRO N 183 -16.54 25.80 44.98
C PRO N 183 -15.69 26.32 43.84
N GLU N 184 -16.21 27.37 43.19
CA GLU N 184 -15.45 28.15 42.23
C GLU N 184 -14.93 29.44 42.85
N ALA N 185 -15.82 30.31 43.30
CA ALA N 185 -15.41 31.50 44.05
C ALA N 185 -16.28 31.59 45.28
N GLN N 186 -15.84 32.40 46.24
CA GLN N 186 -16.53 32.48 47.52
C GLN N 186 -16.30 33.86 48.12
N VAL N 187 -17.26 34.32 48.93
CA VAL N 187 -17.07 35.58 49.66
C VAL N 187 -17.63 35.47 51.06
N SER N 188 -18.81 34.88 51.22
CA SER N 188 -19.32 34.62 52.55
C SER N 188 -18.81 33.26 53.02
N PRO N 189 -18.00 33.19 54.08
CA PRO N 189 -17.60 31.87 54.59
C PRO N 189 -18.78 31.12 55.17
N PHE N 190 -19.94 31.75 55.24
CA PHE N 190 -21.07 31.11 55.87
C PHE N 190 -22.06 30.59 54.85
N PHE N 191 -21.86 30.91 53.57
CA PHE N 191 -22.86 30.62 52.56
C PHE N 191 -22.25 29.84 51.41
N LYS N 192 -22.89 28.74 51.05
CA LYS N 192 -22.56 27.96 49.87
C LYS N 192 -23.74 28.09 48.91
N ASN N 193 -23.67 29.08 48.03
CA ASN N 193 -24.64 29.22 46.95
C ASN N 193 -24.34 28.16 45.89
N ILE N 194 -25.40 27.51 45.39
CA ILE N 194 -25.16 26.46 44.41
C ILE N 194 -24.94 27.07 43.03
N ASP N 195 -25.72 28.10 42.68
CA ASP N 195 -25.64 28.81 41.41
C ASP N 195 -26.79 29.80 41.29
N LEU N 196 -26.60 30.85 40.50
CA LEU N 196 -27.73 31.68 40.05
C LEU N 196 -28.56 30.81 39.12
N GLN N 197 -29.58 30.16 39.69
CA GLN N 197 -30.33 29.15 38.95
C GLN N 197 -30.97 29.73 37.70
N THR N 198 -31.47 30.96 37.76
CA THR N 198 -31.94 31.60 36.54
C THR N 198 -32.01 33.10 36.71
N ALA N 199 -32.14 33.81 35.58
CA ALA N 199 -32.29 35.26 35.58
C ALA N 199 -32.79 35.73 34.23
N LYS N 200 -33.89 36.48 34.25
CA LYS N 200 -34.57 36.98 33.05
C LYS N 200 -35.02 38.41 33.30
N GLN N 201 -34.57 39.33 32.45
CA GLN N 201 -34.97 40.73 32.58
C GLN N 201 -36.39 40.91 32.07
N VAL N 202 -37.32 41.14 32.99
CA VAL N 202 -38.74 41.29 32.67
C VAL N 202 -39.02 42.76 32.39
N GLY N 203 -39.46 43.06 31.16
CA GLY N 203 -39.60 44.45 30.73
C GLY N 203 -40.93 45.10 31.12
N GLY N 204 -42.02 44.37 31.01
CA GLY N 204 -43.32 44.94 31.29
C GLY N 204 -44.13 45.24 30.04
N ALA N 205 -45.00 46.23 30.15
CA ALA N 205 -45.89 46.58 29.05
C ALA N 205 -46.32 48.03 29.19
N GLN N 206 -47.25 48.45 28.34
CA GLN N 206 -47.78 49.81 28.39
C GLN N 206 -48.57 50.08 29.66
N VAL N 207 -49.01 49.04 30.36
CA VAL N 207 -49.69 49.24 31.63
C VAL N 207 -48.72 49.53 32.76
N GLY N 208 -47.45 49.17 32.60
CA GLY N 208 -46.47 49.47 33.63
C GLY N 208 -45.15 48.72 33.51
N VAL N 209 -44.16 49.15 34.28
CA VAL N 209 -42.82 48.58 34.22
C VAL N 209 -42.54 47.61 35.36
N PRO N 210 -41.62 46.68 35.14
CA PRO N 210 -40.61 46.36 36.16
C PRO N 210 -39.19 46.57 35.62
N ILE N 211 -38.94 46.13 34.39
CA ILE N 211 -37.67 46.33 33.68
C ILE N 211 -36.52 45.60 34.38
N LEU N 212 -36.72 45.21 35.63
CA LEU N 212 -35.65 44.62 36.41
C LEU N 212 -35.32 43.21 35.92
N VAL N 213 -34.33 42.60 36.57
CA VAL N 213 -33.91 41.23 36.24
C VAL N 213 -34.47 40.30 37.31
N GLU N 214 -35.53 39.58 36.97
CA GLU N 214 -36.02 38.51 37.82
C GLU N 214 -34.96 37.42 37.92
N PHE N 215 -34.87 36.75 39.07
CA PHE N 215 -33.84 35.73 39.21
C PHE N 215 -34.24 34.69 40.25
N LYS N 216 -33.49 33.58 40.27
CA LYS N 216 -33.64 32.54 41.28
C LYS N 216 -32.29 31.93 41.63
N ILE N 217 -32.10 31.70 42.94
CA ILE N 217 -30.90 31.19 43.57
C ILE N 217 -31.31 30.18 44.64
N THR N 218 -30.48 29.17 44.85
CA THR N 218 -30.59 28.25 45.97
C THR N 218 -29.24 28.16 46.66
N MET N 219 -29.25 28.17 48.00
CA MET N 219 -28.04 28.32 48.78
C MET N 219 -28.18 27.57 50.10
N THR N 220 -27.25 26.65 50.37
CA THR N 220 -27.14 26.05 51.69
C THR N 220 -26.17 26.89 52.53
N SER N 221 -26.64 27.33 53.71
CA SER N 221 -25.94 28.26 54.60
C SER N 221 -24.74 27.58 55.27
N ASN N 222 -24.51 27.87 56.55
CA ASN N 222 -23.48 27.12 57.30
C ASN N 222 -23.90 26.98 58.77
N TYR N 223 -23.45 25.87 59.37
CA TYR N 223 -23.87 25.52 60.73
C TYR N 223 -24.35 24.07 60.78
N MET O 1 41.24 122.62 -31.37
CA MET O 1 41.32 122.10 -32.74
C MET O 1 39.92 122.27 -33.36
N ASP O 2 39.74 123.47 -33.89
CA ASP O 2 38.57 124.35 -33.77
C ASP O 2 37.26 123.89 -34.40
N LYS O 3 37.36 123.40 -35.64
CA LYS O 3 36.15 123.25 -36.43
C LYS O 3 35.20 122.29 -35.76
N TYR O 4 35.63 121.71 -34.63
CA TYR O 4 34.91 120.65 -33.97
C TYR O 4 34.07 121.18 -32.78
N LEU O 5 34.45 122.33 -32.17
CA LEU O 5 33.43 122.99 -31.34
C LEU O 5 32.51 123.80 -32.22
N ASP O 6 32.93 124.09 -33.44
CA ASP O 6 31.91 124.64 -34.30
C ASP O 6 30.89 123.57 -34.66
N GLN O 7 31.36 122.35 -34.92
CA GLN O 7 30.42 121.27 -35.23
C GLN O 7 29.67 120.82 -33.99
N PHE O 8 30.30 120.93 -32.82
CA PHE O 8 29.68 120.46 -31.59
C PHE O 8 28.64 121.45 -31.08
N VAL O 9 28.81 122.74 -31.40
CA VAL O 9 27.79 123.75 -31.11
C VAL O 9 26.67 123.75 -32.14
N LYS O 10 26.93 123.28 -33.36
CA LYS O 10 25.92 123.28 -34.42
C LYS O 10 24.91 122.13 -34.43
N ALA O 11 25.19 121.12 -35.26
CA ALA O 11 24.34 119.97 -35.58
C ALA O 11 23.52 120.24 -36.85
N PRO O 12 23.18 119.16 -37.59
CA PRO O 12 21.90 118.79 -38.20
C PRO O 12 21.66 117.22 -38.28
N PRO O 13 21.83 116.48 -39.44
CA PRO O 13 21.34 115.08 -39.43
C PRO O 13 22.08 114.19 -38.43
N ALA O 14 23.40 114.30 -38.37
CA ALA O 14 24.19 113.41 -37.52
C ALA O 14 23.77 113.54 -36.06
N ILE O 15 23.42 114.75 -35.63
CA ILE O 15 23.12 114.98 -34.22
C ILE O 15 21.62 114.83 -33.95
N LYS O 16 20.77 115.06 -34.95
CA LYS O 16 19.37 114.65 -34.80
C LYS O 16 19.26 113.14 -34.63
N PHE O 17 19.94 112.39 -35.50
CA PHE O 17 20.05 110.95 -35.32
C PHE O 17 20.65 110.61 -33.97
N GLY O 18 21.73 111.28 -33.58
CA GLY O 18 22.35 111.01 -32.29
C GLY O 18 21.37 111.19 -31.14
N GLY O 19 20.68 112.33 -31.11
CA GLY O 19 19.72 112.58 -30.05
C GLY O 19 18.61 111.55 -30.01
N LEU O 20 18.05 111.19 -31.18
CA LEU O 20 17.11 110.08 -31.24
C LEU O 20 17.70 108.84 -30.59
N ALA O 21 18.99 108.58 -30.81
CA ALA O 21 19.61 107.36 -30.30
C ALA O 21 19.77 107.40 -28.78
N PHE O 22 20.22 108.54 -28.23
CA PHE O 22 20.32 108.64 -26.78
C PHE O 22 18.95 108.51 -26.13
N VAL O 23 17.91 109.06 -26.79
CA VAL O 23 16.56 108.94 -26.25
C VAL O 23 16.12 107.48 -26.22
N VAL O 24 16.30 106.75 -27.32
CA VAL O 24 15.85 105.36 -27.34
C VAL O 24 16.67 104.52 -26.37
N GLY O 25 17.94 104.86 -26.18
CA GLY O 25 18.72 104.19 -25.15
C GLY O 25 18.17 104.42 -23.76
N ALA O 26 17.81 105.67 -23.44
CA ALA O 26 17.18 105.96 -22.17
C ALA O 26 15.88 105.17 -21.99
N LEU O 27 15.04 105.14 -23.03
CA LEU O 27 13.77 104.44 -22.93
C LEU O 27 13.96 102.95 -22.73
N THR O 28 14.99 102.36 -23.37
CA THR O 28 15.24 100.94 -23.16
C THR O 28 15.77 100.67 -21.77
N ALA O 29 16.64 101.53 -21.23
CA ALA O 29 16.99 101.44 -19.82
C ALA O 29 15.75 101.45 -18.95
N ALA O 30 14.81 102.36 -19.24
CA ALA O 30 13.60 102.48 -18.44
C ALA O 30 12.75 101.22 -18.49
N ASN O 31 12.54 100.65 -19.69
CA ASN O 31 11.67 99.48 -19.77
C ASN O 31 12.36 98.24 -19.21
N PHE O 32 13.69 98.16 -19.29
CA PHE O 32 14.38 97.05 -18.65
C PHE O 32 14.27 97.14 -17.13
N PHE O 33 14.39 98.34 -16.56
CA PHE O 33 14.13 98.47 -15.13
C PHE O 33 12.68 98.13 -14.81
N MET O 34 11.75 98.53 -15.68
CA MET O 34 10.33 98.25 -15.49
C MET O 34 9.95 96.81 -15.79
N VAL O 35 10.89 95.97 -16.24
CA VAL O 35 10.66 94.53 -16.21
C VAL O 35 11.48 93.86 -15.11
N ILE O 36 12.47 94.54 -14.55
CA ILE O 36 13.18 93.97 -13.41
C ILE O 36 12.35 94.11 -12.13
N GLN O 37 11.64 95.24 -11.98
CA GLN O 37 10.84 95.43 -10.77
C GLN O 37 9.69 94.42 -10.64
N PRO O 38 8.91 94.10 -11.68
CA PRO O 38 7.88 93.05 -11.50
C PRO O 38 8.46 91.70 -11.14
N THR O 39 9.74 91.46 -11.46
CA THR O 39 10.41 90.26 -10.98
C THR O 39 10.47 90.23 -9.46
N GLU O 40 11.02 91.29 -8.86
CA GLU O 40 11.13 91.36 -7.41
C GLU O 40 9.76 91.28 -6.76
N GLU O 41 8.80 92.09 -7.24
CA GLU O 41 7.44 92.01 -6.73
C GLU O 41 6.90 90.58 -6.82
N GLU O 42 7.23 89.89 -7.91
CA GLU O 42 6.70 88.55 -8.15
C GLU O 42 7.29 87.53 -7.18
N ILE O 43 8.60 87.62 -6.94
CA ILE O 43 9.22 86.76 -5.93
C ILE O 43 8.59 87.04 -4.57
N GLY O 44 8.27 88.30 -4.30
CA GLY O 44 7.59 88.63 -3.05
C GLY O 44 6.24 87.93 -2.91
N TRP O 45 5.39 88.05 -3.94
CA TRP O 45 4.09 87.37 -3.89
C TRP O 45 4.27 85.87 -3.76
N ALA O 46 5.33 85.31 -4.35
CA ALA O 46 5.65 83.91 -4.13
C ALA O 46 5.87 83.62 -2.65
N VAL O 47 6.75 84.40 -2.02
CA VAL O 47 7.06 84.19 -0.60
C VAL O 47 5.81 84.32 0.27
N ALA O 48 4.89 85.21 -0.10
CA ALA O 48 3.65 85.32 0.67
C ALA O 48 2.78 84.08 0.47
N GLU O 49 2.51 83.73 -0.79
CA GLU O 49 1.62 82.60 -1.09
C GLU O 49 2.11 81.31 -0.43
N ARG O 50 3.40 81.01 -0.56
CA ARG O 50 3.93 79.81 0.08
C ARG O 50 3.72 79.83 1.58
N ARG O 51 3.89 81.00 2.21
CA ARG O 51 3.61 81.12 3.64
C ARG O 51 2.13 80.90 3.95
N LYS O 52 1.25 81.12 2.98
CA LYS O 52 -0.16 80.75 3.21
C LYS O 52 -0.37 79.24 3.06
N LEU O 53 0.25 78.63 2.05
CA LEU O 53 0.26 77.18 1.92
C LEU O 53 0.65 76.50 3.23
N ASP O 54 1.76 76.95 3.81
CA ASP O 54 2.34 76.26 4.96
C ASP O 54 1.52 76.42 6.23
N LEU O 55 0.82 77.54 6.41
CA LEU O 55 -0.08 77.70 7.55
C LEU O 55 -1.36 76.90 7.35
N GLU O 56 -1.89 76.88 6.13
CA GLU O 56 -3.05 76.04 5.84
C GLU O 56 -2.74 74.57 6.11
N LEU O 57 -1.52 74.12 5.78
CA LEU O 57 -1.15 72.75 6.11
C LEU O 57 -1.16 72.51 7.62
N ALA O 58 -0.90 73.54 8.42
CA ALA O 58 -1.07 73.39 9.87
C ALA O 58 -2.54 73.22 10.23
N ASP O 59 -3.40 74.06 9.64
CA ASP O 59 -4.84 73.94 9.92
C ASP O 59 -5.38 72.55 9.55
N LYS O 60 -4.87 71.95 8.45
CA LYS O 60 -5.41 70.66 8.04
C LYS O 60 -5.14 69.57 9.09
N SER O 61 -3.92 69.51 9.61
CA SER O 61 -3.62 68.52 10.65
C SER O 61 -4.39 68.82 11.92
N GLU O 62 -4.49 70.09 12.30
CA GLU O 62 -5.25 70.44 13.50
C GLU O 62 -6.68 69.94 13.40
N ILE O 63 -7.36 70.24 12.29
CA ILE O 63 -8.78 69.91 12.22
C ILE O 63 -8.99 68.43 11.96
N ALA O 64 -8.04 67.75 11.31
CA ALA O 64 -8.14 66.31 11.17
C ALA O 64 -8.04 65.63 12.54
N GLN O 65 -7.12 66.11 13.39
CA GLN O 65 -7.04 65.58 14.75
C GLN O 65 -8.33 65.86 15.53
N ASN O 66 -8.90 67.06 15.36
CA ASN O 66 -10.19 67.33 16.02
C ASN O 66 -11.29 66.42 15.51
N LEU O 67 -11.27 66.06 14.21
CA LEU O 67 -12.19 65.07 13.69
C LEU O 67 -12.03 63.72 14.38
N ASN O 68 -10.79 63.23 14.48
CA ASN O 68 -10.55 61.96 15.15
C ASN O 68 -11.07 61.99 16.58
N GLU O 69 -10.83 63.09 17.30
CA GLU O 69 -11.33 63.19 18.67
C GLU O 69 -12.85 63.19 18.69
N ARG O 70 -13.50 63.84 17.71
CA ARG O 70 -14.93 63.63 17.54
C ARG O 70 -15.22 62.14 17.52
N ARG O 71 -14.95 61.51 16.37
CA ARG O 71 -15.33 60.12 16.13
C ARG O 71 -15.20 59.32 17.41
N ARG O 72 -14.01 59.43 18.00
CA ARG O 72 -13.72 58.81 19.29
C ARG O 72 -14.82 59.05 20.32
N GLU O 73 -15.31 60.28 20.43
CA GLU O 73 -16.29 60.46 21.51
C GLU O 73 -17.74 60.60 21.04
N MET O 74 -17.99 61.38 19.99
CA MET O 74 -19.33 61.47 19.43
C MET O 74 -19.91 60.10 19.12
N ASP O 75 -19.12 59.20 18.53
CA ASP O 75 -19.64 57.85 18.42
C ASP O 75 -20.02 57.33 19.81
N VAL O 76 -19.07 57.26 20.74
CA VAL O 76 -19.31 56.62 22.05
C VAL O 76 -20.63 57.09 22.67
N LEU O 77 -20.90 58.40 22.62
CA LEU O 77 -22.18 58.86 23.12
C LEU O 77 -23.33 58.46 22.19
N GLU O 78 -23.06 58.17 20.91
CA GLU O 78 -24.12 57.64 20.04
C GLU O 78 -24.58 56.29 20.58
N GLN O 79 -23.76 55.70 21.46
CA GLN O 79 -24.18 54.59 22.31
C GLN O 79 -24.85 55.04 23.59
N LYS O 80 -24.31 56.07 24.26
CA LYS O 80 -24.89 56.47 25.54
C LYS O 80 -26.36 56.88 25.39
N LEU O 81 -26.63 58.09 24.93
CA LEU O 81 -28.00 58.39 24.52
C LEU O 81 -28.12 57.77 23.18
N SER O 82 -27.82 58.66 22.24
CA SER O 82 -27.31 58.39 20.91
C SER O 82 -26.71 59.75 20.60
N GLU O 83 -26.46 60.19 19.36
CA GLU O 83 -25.77 61.48 19.21
C GLU O 83 -26.54 62.35 18.23
N ALA O 84 -25.88 62.85 17.19
CA ALA O 84 -26.47 63.83 16.28
C ALA O 84 -27.61 63.22 15.48
N LEU O 85 -27.72 63.67 14.25
CA LEU O 85 -28.24 62.81 13.24
C LEU O 85 -27.04 61.94 12.89
N THR O 86 -26.14 62.52 12.08
CA THR O 86 -25.21 61.68 11.33
C THR O 86 -24.41 62.53 10.33
N GLU O 87 -23.21 62.04 10.04
CA GLU O 87 -22.67 62.09 8.68
C GLU O 87 -22.76 60.63 8.25
N LEU O 88 -22.69 59.81 9.29
CA LEU O 88 -22.35 58.39 9.30
C LEU O 88 -22.14 57.64 8.02
N PRO O 89 -20.97 56.99 7.94
CA PRO O 89 -20.90 55.79 7.13
C PRO O 89 -21.63 54.70 7.91
N GLU O 90 -21.16 54.42 9.12
CA GLU O 90 -21.49 53.22 9.94
C GLU O 90 -21.65 51.93 9.10
N GLN O 91 -21.83 52.07 7.79
CA GLN O 91 -21.55 51.01 6.84
C GLN O 91 -20.13 50.46 7.03
N ARG O 92 -19.22 51.26 7.57
CA ARG O 92 -17.88 50.81 7.95
C ARG O 92 -17.72 50.74 9.46
N ASP O 93 -18.81 50.46 10.17
CA ASP O 93 -18.77 50.37 11.62
C ASP O 93 -19.71 49.30 12.18
N ILE O 94 -20.36 48.49 11.34
CA ILE O 94 -21.24 47.44 11.83
C ILE O 94 -20.51 46.10 11.84
N GLU O 95 -19.85 45.76 10.73
CA GLU O 95 -19.12 44.50 10.67
C GLU O 95 -17.97 44.48 11.67
N GLU O 96 -17.37 45.65 11.94
CA GLU O 96 -16.36 45.72 12.99
C GLU O 96 -16.99 45.54 14.37
N LEU O 97 -18.25 45.95 14.52
CA LEU O 97 -18.97 45.72 15.78
C LEU O 97 -19.21 44.22 16.00
N LEU O 98 -19.68 43.53 14.96
CA LEU O 98 -19.84 42.09 15.05
C LEU O 98 -18.51 41.40 15.33
N ALA O 99 -17.45 41.80 14.63
CA ALA O 99 -16.14 41.20 14.82
C ALA O 99 -15.64 41.40 16.25
N GLN O 100 -15.74 42.63 16.77
CA GLN O 100 -15.26 42.89 18.13
C GLN O 100 -16.13 42.20 19.17
N ILE O 101 -17.42 42.03 18.90
CA ILE O 101 -18.26 41.22 19.79
C ILE O 101 -17.75 39.78 19.82
N ASN O 102 -17.39 39.24 18.66
CA ASN O 102 -16.81 37.91 18.62
C ASN O 102 -15.50 37.84 19.40
N ASP O 103 -14.68 38.88 19.28
CA ASP O 103 -13.38 38.87 19.96
C ASP O 103 -13.54 38.93 21.48
N ILE O 104 -14.35 39.87 21.97
CA ILE O 104 -14.56 39.95 23.42
C ILE O 104 -15.26 38.69 23.93
N GLY O 105 -16.05 38.04 23.09
CA GLY O 105 -16.60 36.75 23.47
C GLY O 105 -15.54 35.68 23.60
N LYS O 106 -14.58 35.67 22.66
CA LYS O 106 -13.55 34.64 22.66
C LYS O 106 -12.59 34.81 23.83
N LYS O 107 -12.17 36.05 24.10
CA LYS O 107 -11.24 36.27 25.20
C LYS O 107 -11.92 36.15 26.57
N SER O 108 -13.26 36.17 26.61
CA SER O 108 -13.97 35.86 27.84
C SER O 108 -14.23 34.36 28.00
N GLY O 109 -13.88 33.56 27.01
CA GLY O 109 -14.03 32.11 27.08
C GLY O 109 -15.39 31.59 26.69
N LEU O 110 -16.27 32.43 26.16
CA LEU O 110 -17.63 32.01 25.84
C LEU O 110 -17.72 31.42 24.44
N GLU O 111 -18.59 30.43 24.28
CA GLU O 111 -18.93 29.90 22.96
C GLU O 111 -20.05 30.77 22.39
N LEU O 112 -19.77 31.44 21.28
CA LEU O 112 -20.78 32.29 20.62
C LEU O 112 -21.66 31.38 19.79
N SER O 113 -22.79 30.97 20.38
CA SER O 113 -23.67 30.02 19.71
C SER O 113 -24.49 30.67 18.60
N SER O 114 -24.80 31.96 18.70
CA SER O 114 -25.51 32.64 17.62
C SER O 114 -25.42 34.14 17.78
N VAL O 115 -25.11 34.84 16.71
CA VAL O 115 -25.28 36.29 16.64
C VAL O 115 -26.28 36.58 15.53
N THR O 116 -27.32 37.32 15.86
CA THR O 116 -28.41 37.59 14.93
C THR O 116 -28.65 39.08 14.85
N PRO O 117 -28.45 39.71 13.70
CA PRO O 117 -28.79 41.14 13.58
C PRO O 117 -30.30 41.32 13.72
N GLY O 118 -30.73 42.57 13.67
CA GLY O 118 -32.14 42.90 13.75
C GLY O 118 -32.63 43.65 12.52
N LYS O 119 -33.79 44.25 12.64
CA LYS O 119 -34.29 45.22 11.68
C LYS O 119 -34.13 46.62 12.24
N GLU O 120 -33.84 47.56 11.36
CA GLU O 120 -33.76 48.94 11.80
C GLU O 120 -35.12 49.42 12.25
N SER O 121 -35.14 50.16 13.36
CA SER O 121 -36.39 50.62 13.96
C SER O 121 -36.80 51.91 13.27
N VAL O 122 -37.61 51.75 12.21
CA VAL O 122 -38.01 52.89 11.39
C VAL O 122 -38.79 53.91 12.21
N GLY O 123 -39.46 53.46 13.27
CA GLY O 123 -40.18 54.36 14.16
C GLY O 123 -39.51 54.45 15.51
N GLY O 124 -38.21 54.21 15.55
CA GLY O 124 -37.48 54.29 16.79
C GLY O 124 -36.71 55.59 16.94
N GLY O 125 -37.03 56.56 16.09
CA GLY O 125 -36.37 57.86 16.14
C GLY O 125 -36.47 58.62 14.84
N GLU O 126 -36.52 59.95 14.93
CA GLU O 126 -36.60 60.79 13.74
C GLU O 126 -35.23 60.98 13.11
N PHE O 127 -34.18 61.02 13.93
CA PHE O 127 -32.83 61.28 13.46
C PHE O 127 -31.95 60.04 13.40
N PHE O 128 -32.52 58.84 13.55
CA PHE O 128 -31.68 57.66 13.62
C PHE O 128 -32.54 56.41 13.45
N ALA O 129 -32.02 55.44 12.70
CA ALA O 129 -32.59 54.10 12.64
C ALA O 129 -31.75 53.22 13.55
N ARG O 130 -32.39 52.66 14.59
CA ARG O 130 -31.71 51.76 15.50
C ARG O 130 -31.69 50.35 14.93
N ILE O 131 -30.50 49.77 14.79
CA ILE O 131 -30.35 48.37 14.42
C ILE O 131 -30.01 47.59 15.69
N PRO O 132 -30.87 46.68 16.14
CA PRO O 132 -30.53 45.84 17.29
C PRO O 132 -29.85 44.56 16.88
N ILE O 133 -28.97 44.08 17.76
CA ILE O 133 -28.23 42.84 17.53
C ILE O 133 -28.44 41.96 18.77
N LYS O 134 -28.96 40.76 18.55
CA LYS O 134 -29.19 39.80 19.62
C LYS O 134 -28.06 38.79 19.61
N MET O 135 -27.30 38.74 20.71
CA MET O 135 -26.15 37.85 20.84
C MET O 135 -26.47 36.73 21.81
N THR O 136 -25.90 35.56 21.53
CA THR O 136 -26.26 34.30 22.18
C THR O 136 -24.97 33.53 22.43
N VAL O 137 -24.47 33.62 23.66
CA VAL O 137 -23.18 33.08 24.07
C VAL O 137 -23.39 32.22 25.31
N SER O 138 -22.59 31.18 25.48
CA SER O 138 -22.76 30.27 26.61
C SER O 138 -21.47 30.12 27.40
N GLY O 139 -21.60 29.98 28.71
CA GLY O 139 -20.42 29.77 29.55
C GLY O 139 -20.76 29.90 31.03
N ASN O 140 -19.82 30.48 31.77
CA ASN O 140 -19.94 30.66 33.21
C ASN O 140 -20.50 32.04 33.54
N TYR O 141 -21.10 32.15 34.73
CA TYR O 141 -21.67 33.43 35.17
C TYR O 141 -20.61 34.52 35.19
N HIS O 142 -19.43 34.21 35.74
CA HIS O 142 -18.32 35.16 35.74
C HIS O 142 -17.95 35.58 34.32
N GLU O 143 -17.99 34.63 33.38
CA GLU O 143 -17.59 34.90 32.01
C GLU O 143 -18.65 35.70 31.26
N ILE O 144 -19.93 35.55 31.60
CA ILE O 144 -20.94 36.32 30.89
C ILE O 144 -21.03 37.73 31.47
N ALA O 145 -20.88 37.88 32.79
CA ALA O 145 -20.72 39.22 33.35
C ALA O 145 -19.50 39.90 32.74
N LEU O 146 -18.43 39.14 32.51
CA LEU O 146 -17.24 39.66 31.86
C LEU O 146 -17.54 40.12 30.43
N PHE O 147 -18.16 39.24 29.63
CA PHE O 147 -18.53 39.59 28.27
C PHE O 147 -19.35 40.86 28.22
N LEU O 148 -20.35 40.96 29.11
CA LEU O 148 -21.21 42.14 29.14
C LEU O 148 -20.42 43.39 29.49
N GLN O 149 -19.62 43.34 30.56
CA GLN O 149 -18.89 44.52 30.97
C GLN O 149 -17.87 44.96 29.90
N GLU O 150 -17.29 44.00 29.17
CA GLU O 150 -16.39 44.36 28.08
C GLU O 150 -17.14 45.03 26.94
N MET O 151 -18.34 44.52 26.59
CA MET O 151 -19.11 45.20 25.54
C MET O 151 -19.58 46.57 26.01
N ALA O 152 -19.75 46.75 27.31
CA ALA O 152 -20.13 48.04 27.88
C ALA O 152 -18.94 48.97 28.09
N ASN O 153 -17.72 48.47 27.90
CA ASN O 153 -16.52 49.30 27.90
C ASN O 153 -15.94 49.49 26.50
N MET O 154 -16.67 49.12 25.46
CA MET O 154 -16.14 49.21 24.11
C MET O 154 -16.16 50.65 23.61
N ARG O 155 -15.37 50.90 22.55
CA ARG O 155 -15.30 52.20 21.90
C ARG O 155 -16.36 52.36 20.81
N ARG O 156 -17.32 51.46 20.74
CA ARG O 156 -18.34 51.51 19.70
C ARG O 156 -19.72 51.45 20.35
N ILE O 157 -20.74 51.38 19.49
CA ILE O 157 -22.07 51.88 19.82
C ILE O 157 -23.00 50.72 20.16
N VAL O 158 -22.54 49.87 21.06
CA VAL O 158 -23.29 48.66 21.39
C VAL O 158 -23.93 48.83 22.76
N ASN O 159 -25.07 49.55 22.81
CA ASN O 159 -25.78 49.77 24.05
C ASN O 159 -26.55 48.51 24.45
N VAL O 160 -25.98 47.73 25.38
CA VAL O 160 -26.65 46.52 25.83
C VAL O 160 -27.79 46.88 26.76
N ASN O 161 -28.93 46.21 26.59
CA ASN O 161 -30.11 46.52 27.38
C ASN O 161 -30.69 45.26 28.03
N ASN O 162 -31.73 44.69 27.42
CA ASN O 162 -32.45 43.58 28.03
C ASN O 162 -31.61 42.31 27.99
N ILE O 163 -31.28 41.78 29.17
CA ILE O 163 -30.39 40.62 29.30
C ILE O 163 -31.18 39.42 29.77
N LYS O 164 -30.77 38.21 29.35
CA LYS O 164 -31.28 36.98 29.95
C LYS O 164 -30.22 35.90 29.93
N PHE O 165 -30.41 34.88 30.78
CA PHE O 165 -29.60 33.67 30.76
C PHE O 165 -30.22 32.60 31.66
N ASP O 166 -29.88 31.34 31.38
CA ASP O 166 -30.46 30.20 32.06
C ASP O 166 -29.51 29.02 31.95
N SER O 167 -29.83 27.93 32.64
CA SER O 167 -28.99 26.73 32.66
C SER O 167 -29.35 25.87 31.44
N ALA O 168 -28.36 25.65 30.57
CA ALA O 168 -28.62 25.04 29.29
C ALA O 168 -28.72 23.52 29.35
N LYS O 169 -28.38 22.91 30.48
CA LYS O 169 -28.38 21.45 30.61
C LYS O 169 -29.74 20.99 31.11
N LEU O 170 -30.41 20.15 30.32
CA LEU O 170 -31.65 19.52 30.73
C LEU O 170 -31.53 18.90 32.12
N LYS O 171 -30.86 17.75 32.18
CA LYS O 171 -30.73 16.99 33.42
C LYS O 171 -30.03 17.78 34.52
N ASN O 172 -29.32 18.84 34.15
CA ASN O 172 -28.48 19.61 35.08
C ASN O 172 -27.44 18.70 35.69
N GLU O 173 -26.46 18.28 34.91
CA GLU O 173 -25.37 17.44 35.40
C GLU O 173 -24.03 18.17 35.43
N LYS O 174 -23.92 19.32 34.76
CA LYS O 174 -22.74 20.17 34.84
C LYS O 174 -23.19 21.62 34.74
N VAL O 175 -22.39 22.52 35.32
CA VAL O 175 -22.74 23.94 35.27
C VAL O 175 -22.51 24.47 33.87
N VAL O 176 -23.49 25.21 33.35
CA VAL O 176 -23.42 25.85 32.04
C VAL O 176 -24.60 26.81 31.91
N LEU O 177 -24.32 28.04 31.48
CA LEU O 177 -25.33 29.08 31.36
C LEU O 177 -25.36 29.59 29.93
N GLN O 178 -26.44 29.26 29.21
CA GLN O 178 -26.73 29.93 27.96
C GLN O 178 -27.24 31.33 28.26
N SER O 179 -26.69 32.32 27.57
CA SER O 179 -26.97 33.72 27.80
C SER O 179 -27.34 34.40 26.49
N GLU O 180 -28.40 35.20 26.52
CA GLU O 180 -28.87 35.96 25.37
C GLU O 180 -28.96 37.42 25.80
N PHE O 181 -28.09 38.25 25.23
CA PHE O 181 -28.05 39.68 25.50
C PHE O 181 -28.52 40.43 24.26
N GLN O 182 -29.27 41.51 24.46
CA GLN O 182 -29.72 42.38 23.37
C GLN O 182 -28.92 43.68 23.42
N ALA O 183 -28.34 44.06 22.30
CA ALA O 183 -27.48 45.24 22.25
C ALA O 183 -27.53 45.87 20.86
N THR O 184 -27.74 47.19 20.82
CA THR O 184 -28.12 47.85 19.58
C THR O 184 -27.22 49.05 19.30
N THR O 185 -27.05 49.36 18.01
CA THR O 185 -26.37 50.57 17.59
C THR O 185 -27.28 51.40 16.71
N PHE O 186 -27.04 52.71 16.69
CA PHE O 186 -28.01 53.62 16.09
C PHE O 186 -27.48 54.24 14.80
N ARG O 187 -27.72 53.61 13.66
CA ARG O 187 -27.40 54.21 12.37
C ARG O 187 -28.31 55.41 12.14
N PHE O 188 -28.11 56.14 11.04
CA PHE O 188 -29.02 57.25 10.74
C PHE O 188 -30.27 56.79 10.04
N VAL O 189 -31.16 57.73 9.70
CA VAL O 189 -32.40 57.39 9.03
C VAL O 189 -32.16 57.02 7.57
N ALA P 37 17.15 116.70 -58.21
CA ALA P 37 15.77 116.81 -58.66
C ALA P 37 15.44 118.27 -59.01
N LYS P 38 14.81 118.55 -60.17
CA LYS P 38 14.78 119.89 -60.75
C LYS P 38 13.99 120.90 -59.94
N GLY P 39 14.74 121.76 -59.25
CA GLY P 39 14.29 123.11 -58.98
C GLY P 39 15.29 124.05 -59.64
N LYS P 40 14.96 125.32 -59.76
CA LYS P 40 16.01 126.31 -60.00
C LYS P 40 16.54 126.63 -58.61
N LEU P 41 17.80 126.31 -58.34
CA LEU P 41 18.35 126.38 -56.99
C LEU P 41 18.55 127.85 -56.59
N VAL P 42 19.52 128.12 -55.70
CA VAL P 42 19.89 129.53 -55.48
C VAL P 42 21.41 129.67 -55.46
N LEU P 43 21.87 130.90 -55.21
CA LEU P 43 23.31 131.17 -55.18
C LEU P 43 23.67 132.22 -54.15
N GLY P 44 24.48 131.83 -53.18
CA GLY P 44 25.09 132.78 -52.27
C GLY P 44 26.55 133.04 -52.61
N LEU P 45 27.05 134.18 -52.13
CA LEU P 45 28.49 134.45 -52.12
C LEU P 45 29.07 134.13 -50.74
N ASP P 46 29.26 132.83 -50.52
CA ASP P 46 29.56 132.32 -49.19
C ASP P 46 30.97 132.64 -48.74
N ILE P 47 31.91 132.81 -49.69
CA ILE P 47 33.29 133.10 -49.34
C ILE P 47 33.60 134.56 -49.67
N GLY P 48 32.59 135.42 -49.50
CA GLY P 48 32.79 136.84 -49.67
C GLY P 48 33.69 137.47 -48.64
N SER P 49 33.75 136.92 -47.42
CA SER P 49 34.59 137.43 -46.34
C SER P 49 34.20 138.85 -45.95
N THR P 50 34.11 139.74 -46.93
CA THR P 50 33.56 141.06 -46.67
C THR P 50 32.03 141.04 -46.69
N SER P 51 31.43 140.24 -47.57
CA SER P 51 30.00 140.28 -47.76
C SER P 51 29.45 138.95 -48.22
N ILE P 52 28.34 138.53 -47.60
CA ILE P 52 27.54 137.41 -48.06
C ILE P 52 26.48 137.97 -48.99
N LYS P 53 26.55 137.60 -50.26
CA LYS P 53 25.61 138.04 -51.29
C LYS P 53 24.89 136.82 -51.85
N MET P 54 23.68 137.01 -52.34
CA MET P 54 22.84 135.92 -52.85
C MET P 54 21.99 136.43 -54.00
N ILE P 55 21.76 135.58 -55.02
CA ILE P 55 21.06 135.98 -56.23
C ILE P 55 20.10 134.89 -56.66
N LEU P 56 18.90 135.31 -57.08
CA LEU P 56 17.91 134.40 -57.65
C LEU P 56 17.57 134.86 -59.06
N LEU P 57 18.08 134.12 -60.04
CA LEU P 57 17.62 134.17 -61.42
C LEU P 57 16.76 132.95 -61.68
N LYS P 58 15.65 133.16 -62.35
CA LYS P 58 14.93 132.03 -62.91
C LYS P 58 14.45 132.48 -64.27
N GLU P 59 13.54 131.71 -64.86
CA GLU P 59 13.01 132.06 -66.16
C GLU P 59 11.75 132.91 -66.00
N GLN P 60 11.85 134.18 -66.38
CA GLN P 60 10.73 135.11 -66.27
C GLN P 60 9.93 135.18 -67.57
N ARG P 61 8.63 134.98 -67.48
CA ARG P 61 7.75 134.99 -68.65
C ARG P 61 7.36 136.43 -68.98
N LYS P 62 7.45 136.76 -70.28
CA LYS P 62 6.88 138.01 -70.79
C LYS P 62 6.34 137.77 -72.19
N ARG P 63 5.04 138.04 -72.36
CA ARG P 63 4.35 137.99 -73.65
C ARG P 63 4.40 136.59 -74.26
N GLY P 64 4.29 135.59 -73.40
CA GLY P 64 4.41 134.22 -73.85
C GLY P 64 5.82 133.73 -74.13
N GLU P 65 6.83 134.57 -73.99
CA GLU P 65 8.24 134.16 -74.07
C GLU P 65 8.88 134.23 -72.69
N VAL P 66 9.88 133.40 -72.47
CA VAL P 66 10.58 133.29 -71.19
C VAL P 66 12.07 133.24 -71.45
N ILE P 67 12.86 133.48 -70.40
CA ILE P 67 14.32 133.39 -70.45
C ILE P 67 14.85 133.60 -69.04
N TYR P 68 16.08 133.14 -68.80
CA TYR P 68 16.81 133.44 -67.58
C TYR P 68 16.71 134.93 -67.27
N ALA P 69 16.35 135.24 -66.04
CA ALA P 69 16.08 136.63 -65.67
C ALA P 69 16.30 136.79 -64.19
N LEU P 70 16.90 137.92 -63.81
CA LEU P 70 17.10 138.23 -62.40
C LEU P 70 15.77 138.33 -61.68
N GLN P 71 15.64 137.58 -60.59
CA GLN P 71 14.45 137.66 -59.73
C GLN P 71 14.68 138.36 -58.41
N SER P 72 15.85 138.18 -57.79
CA SER P 72 16.16 138.90 -56.57
C SER P 72 17.67 138.90 -56.35
N PHE P 73 18.12 139.76 -55.44
CA PHE P 73 19.52 139.85 -55.05
C PHE P 73 19.60 140.51 -53.68
N GLY P 74 20.46 139.98 -52.83
CA GLY P 74 20.61 140.50 -51.48
C GLY P 74 22.05 140.47 -51.05
N MET P 75 22.40 141.36 -50.13
CA MET P 75 23.78 141.52 -49.69
C MET P 75 23.82 141.95 -48.23
N LYS P 76 24.66 141.28 -47.45
CA LYS P 76 24.87 141.62 -46.06
C LYS P 76 26.35 141.55 -45.72
N PRO P 77 26.89 142.55 -45.03
CA PRO P 77 28.30 142.48 -44.62
C PRO P 77 28.53 141.26 -43.74
N LEU P 78 29.53 140.46 -44.09
CA LEU P 78 29.79 139.24 -43.32
C LEU P 78 30.18 139.56 -41.89
N PRO P 79 29.45 139.09 -40.89
CA PRO P 79 29.92 139.18 -39.52
C PRO P 79 31.14 138.29 -39.32
N PRO P 80 32.26 138.88 -38.95
CA PRO P 80 33.50 138.11 -38.82
C PRO P 80 33.43 137.19 -37.63
N GLU P 81 34.47 136.37 -37.46
CA GLU P 81 34.45 135.14 -36.67
C GLU P 81 33.69 134.05 -37.41
N ALA P 82 32.91 134.39 -38.43
CA ALA P 82 32.32 133.38 -39.29
C ALA P 82 33.37 132.62 -40.07
N ILE P 83 34.29 133.34 -40.72
CA ILE P 83 35.28 132.74 -41.61
C ILE P 83 36.66 133.11 -41.09
N VAL P 84 37.53 132.10 -40.99
CA VAL P 84 38.94 132.27 -40.64
C VAL P 84 39.75 131.31 -41.52
N ASP P 85 40.78 131.84 -42.18
CA ASP P 85 41.66 131.06 -43.03
C ASP P 85 40.90 130.27 -44.08
N GLY P 86 39.75 130.78 -44.51
CA GLY P 86 38.97 130.14 -45.55
C GLY P 86 38.04 129.04 -45.09
N ALA P 87 38.00 128.74 -43.80
CA ALA P 87 37.08 127.75 -43.27
C ALA P 87 35.92 128.46 -42.57
N LEU P 88 34.73 127.90 -42.72
CA LEU P 88 33.57 128.41 -42.00
C LEU P 88 33.69 127.97 -40.55
N MET P 89 33.90 128.94 -39.65
CA MET P 89 34.27 128.61 -38.28
C MET P 89 33.35 129.25 -37.24
N ASN P 90 32.10 129.48 -37.60
CA ASN P 90 30.97 129.83 -36.73
C ASN P 90 29.75 129.46 -37.58
N SER P 91 29.65 128.16 -37.87
CA SER P 91 28.58 127.68 -38.74
C SER P 91 27.22 128.18 -38.30
N THR P 92 27.03 128.40 -37.00
CA THR P 92 25.76 128.89 -36.48
C THR P 92 25.46 130.31 -36.95
N ALA P 93 26.37 131.25 -36.65
CA ALA P 93 26.18 132.63 -37.07
C ALA P 93 26.02 132.75 -38.57
N ILE P 94 26.86 132.05 -39.34
CA ILE P 94 26.73 132.09 -40.79
C ILE P 94 25.37 131.58 -41.21
N VAL P 95 24.87 130.54 -40.52
CA VAL P 95 23.52 130.04 -40.80
C VAL P 95 22.51 131.16 -40.66
N GLN P 96 22.50 131.85 -39.50
CA GLN P 96 21.52 132.91 -39.29
C GLN P 96 21.67 134.02 -40.32
N ALA P 97 22.90 134.35 -40.71
CA ALA P 97 23.10 135.36 -41.74
C ALA P 97 22.49 134.93 -43.06
N VAL P 98 22.73 133.68 -43.48
CA VAL P 98 22.16 133.19 -44.72
C VAL P 98 20.63 133.20 -44.65
N GLN P 99 20.07 132.89 -43.48
CA GLN P 99 18.61 132.99 -43.31
C GLN P 99 18.15 134.42 -43.53
N ASP P 100 18.87 135.40 -42.97
CA ASP P 100 18.55 136.80 -43.25
C ASP P 100 18.62 137.09 -44.74
N LEU P 101 19.59 136.49 -45.44
CA LEU P 101 19.66 136.66 -46.89
C LEU P 101 18.41 136.14 -47.57
N MET P 102 17.97 134.93 -47.21
CA MET P 102 16.78 134.36 -47.83
C MET P 102 15.54 135.19 -47.53
N SER P 103 15.45 135.77 -46.32
CA SER P 103 14.29 136.58 -45.98
C SER P 103 14.28 137.90 -46.75
N GLU P 104 15.42 138.60 -46.76
CA GLU P 104 15.53 139.82 -47.57
C GLU P 104 15.24 139.53 -49.04
N LEU P 105 15.58 138.33 -49.51
CA LEU P 105 15.32 137.99 -50.90
C LEU P 105 13.84 137.76 -51.18
N LYS P 106 13.09 137.31 -50.17
CA LYS P 106 11.70 136.88 -50.35
C LYS P 106 11.61 135.71 -51.32
N VAL P 107 12.55 134.78 -51.23
CA VAL P 107 12.64 133.63 -52.11
C VAL P 107 12.12 132.40 -51.40
N LYS P 108 11.34 131.58 -52.13
CA LYS P 108 10.85 130.32 -51.59
C LYS P 108 11.80 129.16 -51.88
N GLY P 109 12.76 129.34 -52.78
CA GLY P 109 13.66 128.25 -53.11
C GLY P 109 14.61 127.94 -51.96
N LYS P 110 14.90 126.65 -51.78
CA LYS P 110 15.75 126.18 -50.70
C LYS P 110 16.88 125.28 -51.17
N ASP P 111 17.16 125.25 -52.47
CA ASP P 111 18.34 124.59 -53.00
C ASP P 111 19.34 125.65 -53.46
N VAL P 112 20.62 125.31 -53.38
CA VAL P 112 21.69 126.29 -53.50
C VAL P 112 22.91 125.65 -54.15
N ALA P 113 23.60 126.43 -55.00
CA ALA P 113 24.99 126.22 -55.33
C ALA P 113 25.79 127.24 -54.55
N ILE P 114 27.02 126.90 -54.17
CA ILE P 114 27.89 127.87 -53.50
C ILE P 114 29.32 127.64 -53.93
N GLY P 115 30.26 128.33 -53.29
CA GLY P 115 31.66 128.23 -53.66
C GLY P 115 32.54 128.09 -52.44
N VAL P 116 33.71 127.50 -52.65
CA VAL P 116 34.70 127.39 -51.59
C VAL P 116 35.60 128.62 -51.59
N SER P 117 36.33 128.79 -50.50
CA SER P 117 37.27 129.90 -50.41
C SER P 117 38.49 129.62 -51.29
N GLY P 118 38.94 130.66 -52.00
CA GLY P 118 40.18 130.53 -52.75
C GLY P 118 41.36 130.15 -51.89
N HIS P 119 41.36 130.55 -50.62
CA HIS P 119 42.36 130.10 -49.67
C HIS P 119 42.14 128.67 -49.23
N SER P 120 40.99 128.09 -49.54
CA SER P 120 40.67 126.74 -49.10
C SER P 120 40.77 125.70 -50.21
N VAL P 121 41.13 126.12 -51.43
CA VAL P 121 41.16 125.23 -52.58
C VAL P 121 42.51 125.34 -53.26
N ILE P 122 43.07 124.19 -53.62
CA ILE P 122 44.23 124.09 -54.49
C ILE P 122 43.72 123.78 -55.90
N ILE P 123 43.99 124.67 -56.84
CA ILE P 123 43.65 124.48 -58.24
C ILE P 123 44.94 124.38 -59.03
N LYS P 124 45.14 123.28 -59.74
CA LYS P 124 46.26 123.26 -60.68
C LYS P 124 46.03 122.22 -61.74
N LYS P 125 46.75 122.37 -62.85
CA LYS P 125 46.65 121.45 -63.97
C LYS P 125 47.51 120.22 -63.73
N ILE P 126 47.19 119.16 -64.49
CA ILE P 126 47.76 117.83 -64.32
C ILE P 126 47.64 117.08 -65.65
N GLN P 127 48.74 116.47 -66.06
CA GLN P 127 48.83 115.74 -67.33
C GLN P 127 48.83 114.23 -67.05
N MET P 128 48.02 113.48 -67.80
CA MET P 128 47.79 112.06 -67.56
C MET P 128 47.65 111.29 -68.88
N PRO P 129 47.22 110.02 -68.85
CA PRO P 129 46.65 109.42 -70.06
C PRO P 129 45.16 109.17 -69.93
N ARG P 130 44.32 109.68 -70.83
CA ARG P 130 42.92 109.34 -70.67
C ARG P 130 42.68 107.86 -70.94
N MET P 131 41.63 107.33 -70.29
CA MET P 131 41.20 105.93 -70.39
C MET P 131 39.77 105.76 -69.87
N SER P 132 39.54 104.72 -69.08
CA SER P 132 38.26 104.54 -68.40
C SER P 132 38.10 105.61 -67.34
N GLN P 133 36.84 105.97 -67.06
CA GLN P 133 36.56 107.03 -66.10
C GLN P 133 37.05 106.67 -64.71
N ASP P 134 36.88 105.41 -64.29
CA ASP P 134 37.43 104.98 -63.01
C ASP P 134 38.95 105.05 -63.00
N GLU P 135 39.59 104.55 -64.06
CA GLU P 135 41.04 104.60 -64.13
C GLU P 135 41.55 106.04 -64.14
N LEU P 136 40.79 106.96 -64.76
CA LEU P 136 41.19 108.36 -64.69
C LEU P 136 41.03 108.90 -63.27
N GLU P 137 39.89 108.65 -62.63
CA GLU P 137 39.69 109.23 -61.30
C GLU P 137 40.73 108.72 -60.31
N GLU P 138 41.00 107.41 -60.34
CA GLU P 138 42.07 106.87 -59.50
C GLU P 138 43.42 107.47 -59.85
N SER P 139 43.78 107.50 -61.14
CA SER P 139 45.08 108.02 -61.53
C SER P 139 45.22 109.49 -61.17
N ILE P 140 44.11 110.23 -61.26
CA ILE P 140 44.05 111.64 -60.89
C ILE P 140 44.34 111.79 -59.40
N GLN P 141 43.65 111.00 -58.59
CA GLN P 141 43.89 111.05 -57.14
C GLN P 141 45.32 110.66 -56.81
N TRP P 142 45.90 109.74 -57.59
CA TRP P 142 47.26 109.28 -57.36
C TRP P 142 48.27 110.39 -57.64
N GLU P 143 48.09 111.11 -58.76
CA GLU P 143 49.00 112.21 -59.07
C GLU P 143 48.82 113.39 -58.13
N ALA P 144 47.58 113.78 -57.84
CA ALA P 144 47.36 114.89 -56.93
C ALA P 144 47.74 114.57 -55.50
N GLU P 145 47.81 113.28 -55.13
CA GLU P 145 48.33 112.90 -53.81
C GLU P 145 49.65 113.59 -53.55
N GLN P 146 50.54 113.56 -54.55
CA GLN P 146 51.77 114.35 -54.54
C GLN P 146 51.51 115.83 -54.34
N TYR P 147 50.43 116.35 -54.91
CA TYR P 147 50.09 117.77 -54.93
C TYR P 147 49.42 118.28 -53.65
N ILE P 148 49.11 117.43 -52.68
CA ILE P 148 48.28 117.92 -51.58
C ILE P 148 49.09 117.85 -50.29
N PRO P 149 49.34 118.98 -49.61
CA PRO P 149 50.05 118.94 -48.33
C PRO P 149 49.20 118.49 -47.15
N PHE P 150 48.06 117.82 -47.36
CA PHE P 150 47.24 117.26 -46.30
C PHE P 150 46.92 115.79 -46.61
N ASP P 151 46.53 115.04 -45.58
CA ASP P 151 45.97 113.72 -45.81
C ASP P 151 44.76 113.82 -46.74
N VAL P 152 44.33 112.67 -47.24
CA VAL P 152 43.06 112.61 -47.97
C VAL P 152 42.11 111.74 -47.15
N LYS P 153 41.21 112.35 -46.37
CA LYS P 153 41.13 113.76 -45.99
C LYS P 153 41.25 114.91 -47.03
N ASP P 154 40.79 114.72 -48.27
CA ASP P 154 40.86 115.80 -49.24
C ASP P 154 39.96 115.58 -50.46
N VAL P 155 39.37 116.68 -50.90
CA VAL P 155 38.38 116.77 -51.97
C VAL P 155 39.10 116.79 -53.31
N ASN P 156 38.74 115.87 -54.19
CA ASN P 156 39.29 115.87 -55.53
C ASN P 156 38.17 115.93 -56.56
N ILE P 157 38.25 116.91 -57.47
CA ILE P 157 37.35 117.03 -58.61
C ILE P 157 38.11 117.61 -59.79
N ASP P 158 38.02 116.96 -60.95
CA ASP P 158 38.77 117.40 -62.12
C ASP P 158 37.83 117.79 -63.25
N THR P 159 38.34 118.63 -64.15
CA THR P 159 37.72 118.76 -65.46
C THR P 159 38.80 118.92 -66.51
N GLN P 160 38.49 118.50 -67.73
CA GLN P 160 39.50 118.42 -68.76
C GLN P 160 39.60 119.74 -69.51
N ILE P 161 40.81 120.32 -69.54
CA ILE P 161 41.01 121.62 -70.18
C ILE P 161 40.71 121.59 -71.67
N LEU P 162 40.79 120.43 -72.30
CA LEU P 162 40.37 120.24 -73.68
C LEU P 162 39.32 119.14 -73.69
N ASP P 163 38.38 119.25 -74.63
CA ASP P 163 37.40 118.19 -74.79
C ASP P 163 38.14 116.86 -74.90
N GLY P 164 37.88 115.98 -73.94
CA GLY P 164 38.17 114.58 -74.16
C GLY P 164 37.73 114.12 -75.53
N GLY P 165 36.65 114.70 -76.06
CA GLY P 165 36.13 114.29 -77.35
C GLY P 165 37.08 114.56 -78.49
N GLY P 166 38.36 114.76 -78.21
CA GLY P 166 39.36 115.09 -79.21
C GLY P 166 40.59 114.18 -79.32
N ASN P 167 40.72 113.14 -78.51
CA ASN P 167 41.97 112.38 -78.45
C ASN P 167 41.78 110.88 -78.19
N ASP P 168 42.78 110.09 -78.61
CA ASP P 168 42.68 108.65 -78.70
C ASP P 168 43.23 107.97 -77.45
N ALA P 169 42.89 106.68 -77.30
CA ALA P 169 43.12 105.95 -76.04
C ALA P 169 44.61 105.94 -75.70
N THR P 170 44.89 106.30 -74.43
CA THR P 170 46.23 106.43 -73.85
C THR P 170 46.85 107.79 -74.17
N GLY P 171 46.23 108.62 -74.99
CA GLY P 171 46.92 109.83 -75.37
C GLY P 171 46.26 111.13 -75.00
N GLN P 172 47.08 112.16 -74.76
CA GLN P 172 46.65 113.55 -74.66
C GLN P 172 45.57 113.75 -73.60
N MET P 173 45.88 113.38 -72.38
CA MET P 173 45.02 113.75 -71.25
C MET P 173 45.51 115.03 -70.60
N ASP P 174 44.56 115.92 -70.31
CA ASP P 174 44.83 117.07 -69.44
C ASP P 174 43.60 117.26 -68.57
N VAL P 175 43.76 117.13 -67.26
CA VAL P 175 42.72 117.52 -66.33
C VAL P 175 43.28 118.60 -65.43
N LEU P 176 42.40 119.46 -64.95
CA LEU P 176 42.72 120.38 -63.86
C LEU P 176 42.01 119.88 -62.62
N LEU P 177 42.77 119.75 -61.54
CA LEU P 177 42.26 119.31 -60.25
C LEU P 177 42.01 120.49 -59.32
N VAL P 178 40.79 120.51 -58.82
CA VAL P 178 40.37 121.26 -57.64
C VAL P 178 40.38 120.31 -56.46
N ALA P 179 41.24 120.62 -55.48
CA ALA P 179 41.41 119.81 -54.28
C ALA P 179 41.16 120.68 -53.07
N ALA P 180 40.44 120.17 -52.09
CA ALA P 180 40.05 121.00 -50.95
C ALA P 180 40.11 120.18 -49.68
N LYS P 181 40.78 120.69 -48.66
CA LYS P 181 40.83 119.93 -47.42
C LYS P 181 39.42 119.75 -46.85
N LYS P 182 38.76 118.68 -47.29
CA LYS P 182 37.70 118.03 -46.53
C LYS P 182 36.65 118.95 -45.85
N ASP P 183 37.01 119.64 -44.76
CA ASP P 183 35.94 120.25 -43.95
C ASP P 183 35.87 121.74 -44.03
N MET P 184 36.70 122.35 -44.86
CA MET P 184 36.10 123.51 -45.46
C MET P 184 34.74 123.11 -46.03
N ILE P 185 34.70 122.02 -46.79
CA ILE P 185 33.45 121.53 -47.37
C ILE P 185 32.45 121.16 -46.28
N ASN P 186 32.90 120.43 -45.25
CA ASN P 186 32.00 120.14 -44.13
C ASN P 186 31.39 121.42 -43.57
N ASP P 187 32.22 122.31 -43.02
CA ASP P 187 31.75 123.57 -42.45
C ASP P 187 30.69 124.23 -43.32
N TYR P 188 30.96 124.33 -44.63
CA TYR P 188 29.99 124.94 -45.54
C TYR P 188 28.70 124.13 -45.60
N THR P 189 28.80 122.79 -45.56
CA THR P 189 27.61 121.97 -45.62
C THR P 189 26.78 122.06 -44.35
N THR P 190 27.43 122.23 -43.20
CA THR P 190 26.71 122.50 -41.97
C THR P 190 25.96 123.83 -42.07
N VAL P 191 26.67 124.89 -42.47
CA VAL P 191 26.04 126.19 -42.68
C VAL P 191 24.83 126.05 -43.60
N VAL P 192 24.99 125.35 -44.72
CA VAL P 192 23.89 125.21 -45.66
C VAL P 192 22.76 124.38 -45.04
N SER P 193 23.10 123.38 -44.24
CA SER P 193 22.09 122.48 -43.70
C SER P 193 21.18 123.19 -42.72
N GLU P 194 21.74 124.01 -41.82
CA GLU P 194 20.87 124.63 -40.82
C GLU P 194 20.23 125.91 -41.33
N ALA P 195 20.67 126.42 -42.48
CA ALA P 195 19.93 127.49 -43.15
C ALA P 195 18.72 126.97 -43.89
N GLY P 196 18.45 125.67 -43.82
CA GLY P 196 17.35 125.08 -44.58
C GLY P 196 17.65 124.87 -46.05
N LEU P 197 18.89 125.10 -46.47
CA LEU P 197 19.28 124.97 -47.86
C LEU P 197 19.81 123.57 -48.15
N ALA P 198 19.73 123.18 -49.42
CA ALA P 198 20.26 121.90 -49.87
C ALA P 198 21.26 122.16 -50.99
N PRO P 199 22.55 121.86 -50.80
CA PRO P 199 23.53 122.17 -51.84
C PRO P 199 23.51 121.12 -52.94
N VAL P 200 23.70 121.58 -54.17
CA VAL P 200 23.81 120.68 -55.31
C VAL P 200 25.15 120.81 -56.02
N VAL P 201 25.80 121.96 -55.95
CA VAL P 201 27.11 122.18 -56.58
C VAL P 201 27.94 123.02 -55.63
N VAL P 202 29.14 122.54 -55.32
CA VAL P 202 30.12 123.33 -54.58
C VAL P 202 31.24 123.65 -55.55
N ASP P 203 31.12 124.83 -56.19
CA ASP P 203 31.99 125.26 -57.27
C ASP P 203 33.13 126.11 -56.72
N VAL P 204 33.96 126.63 -57.62
CA VAL P 204 35.10 127.47 -57.26
C VAL P 204 34.93 128.84 -57.91
N ASP P 205 35.42 129.88 -57.22
CA ASP P 205 35.06 131.24 -57.58
C ASP P 205 35.75 131.71 -58.85
N ALA P 206 36.99 131.27 -59.07
CA ALA P 206 37.75 131.77 -60.22
C ALA P 206 37.10 131.38 -61.54
N PHE P 207 36.31 130.31 -61.56
CA PHE P 207 35.61 129.87 -62.76
C PHE P 207 34.13 130.23 -62.71
N ALA P 208 33.55 130.28 -61.51
CA ALA P 208 32.17 130.70 -61.36
C ALA P 208 32.00 132.16 -61.77
N VAL P 209 32.99 132.99 -61.49
CA VAL P 209 32.96 134.39 -61.89
C VAL P 209 32.92 134.54 -63.41
N GLN P 210 33.29 133.48 -64.14
CA GLN P 210 33.41 133.55 -65.60
C GLN P 210 32.10 133.25 -66.32
N ASN P 211 31.16 132.57 -65.67
CA ASN P 211 29.95 132.14 -66.37
C ASN P 211 29.16 133.32 -66.92
N MET P 212 29.33 134.50 -66.32
CA MET P 212 28.61 135.68 -66.81
C MET P 212 29.20 136.20 -68.09
N PHE P 213 30.50 136.04 -68.27
CA PHE P 213 31.17 136.49 -69.46
C PHE P 213 31.48 135.34 -70.41
N SER P 214 31.01 134.12 -70.11
CA SER P 214 31.42 132.95 -70.88
C SER P 214 30.92 133.03 -72.32
N VAL P 215 29.75 133.65 -72.50
CA VAL P 215 29.25 133.92 -73.85
C VAL P 215 30.13 134.94 -74.55
N ASN P 216 30.29 136.13 -73.96
CA ASN P 216 31.03 137.20 -74.59
C ASN P 216 32.48 136.81 -74.82
N TYR P 217 32.97 135.84 -74.05
CA TYR P 217 34.28 135.25 -74.33
C TYR P 217 34.19 134.24 -75.46
N ASP P 218 33.07 133.50 -75.53
CA ASP P 218 32.94 132.44 -76.51
C ASP P 218 32.83 132.98 -77.93
N VAL P 219 32.49 134.26 -78.08
CA VAL P 219 32.45 134.87 -79.43
C VAL P 219 33.83 135.20 -79.98
N PRO P 220 34.86 135.68 -79.17
CA PRO P 220 36.24 135.68 -79.70
C PRO P 220 37.06 134.50 -79.19
N GLU P 221 37.45 133.59 -80.09
CA GLU P 221 37.79 132.23 -79.66
C GLU P 221 39.25 131.86 -79.90
N ARG P 222 40.04 132.72 -80.55
CA ARG P 222 41.49 132.64 -80.48
C ARG P 222 42.09 133.77 -79.66
N GLU P 223 41.26 134.64 -79.09
CA GLU P 223 41.72 135.77 -78.32
C GLU P 223 42.04 135.36 -76.90
N THR P 224 43.20 135.78 -76.43
CA THR P 224 43.66 135.52 -75.07
C THR P 224 43.16 136.66 -74.18
N VAL P 225 42.33 136.31 -73.20
CA VAL P 225 41.72 137.29 -72.30
C VAL P 225 42.15 136.97 -70.88
N VAL P 226 42.40 138.01 -70.09
CA VAL P 226 42.65 137.82 -68.66
C VAL P 226 41.41 138.27 -67.89
N LEU P 227 41.12 137.58 -66.79
CA LEU P 227 40.05 137.96 -65.89
C LEU P 227 40.62 138.01 -64.48
N ILE P 228 40.59 139.21 -63.88
CA ILE P 228 41.01 139.40 -62.50
C ILE P 228 39.77 139.56 -61.64
N ASN P 229 39.71 138.81 -60.55
CA ASN P 229 38.70 139.02 -59.52
C ASN P 229 39.46 139.43 -58.26
N ALA P 230 39.49 140.74 -58.01
CA ALA P 230 40.08 141.30 -56.82
C ALA P 230 39.04 141.30 -55.71
N GLY P 231 39.14 140.34 -54.80
CA GLY P 231 38.24 140.23 -53.68
C GLY P 231 38.83 140.81 -52.41
N ALA P 232 38.23 140.44 -51.27
CA ALA P 232 38.70 140.91 -49.98
C ALA P 232 39.70 139.97 -49.34
N SER P 233 39.64 138.68 -49.64
CA SER P 233 40.58 137.71 -49.09
C SER P 233 41.64 137.26 -50.09
N VAL P 234 41.39 137.42 -51.39
CA VAL P 234 42.27 136.85 -52.41
C VAL P 234 42.00 137.58 -53.72
N VAL P 235 43.00 137.57 -54.60
CA VAL P 235 42.83 138.06 -55.97
C VAL P 235 43.10 136.89 -56.91
N ASN P 236 42.11 136.51 -57.69
CA ASN P 236 42.33 135.44 -58.65
C ASN P 236 42.59 136.00 -60.04
N ILE P 237 43.51 135.34 -60.74
CA ILE P 237 43.76 135.58 -62.15
C ILE P 237 43.42 134.30 -62.90
N ASN P 238 42.53 134.39 -63.88
CA ASN P 238 42.38 133.28 -64.81
C ASN P 238 42.48 133.79 -66.22
N ILE P 239 43.29 133.11 -67.02
CA ILE P 239 43.57 133.55 -68.37
C ILE P 239 43.16 132.45 -69.34
N ILE P 240 42.53 132.87 -70.43
CA ILE P 240 41.74 132.01 -71.29
C ILE P 240 42.09 132.30 -72.74
N SER P 241 41.86 131.29 -73.57
CA SER P 241 41.65 131.46 -74.99
C SER P 241 40.20 131.08 -75.24
N ASN P 242 39.37 132.07 -75.57
CA ASN P 242 37.90 131.95 -75.70
C ASN P 242 37.32 131.89 -74.28
N GLY P 243 36.31 131.08 -74.04
CA GLY P 243 35.94 130.72 -72.68
C GLY P 243 36.56 129.38 -72.34
N ALA P 244 37.79 129.16 -72.78
CA ALA P 244 38.55 127.97 -72.45
C ALA P 244 39.69 128.37 -71.56
N THR P 245 39.55 128.12 -70.25
CA THR P 245 40.58 128.50 -69.30
C THR P 245 41.91 127.86 -69.68
N VAL P 246 42.95 128.69 -69.76
CA VAL P 246 44.31 128.21 -69.92
C VAL P 246 45.00 128.04 -68.57
N PHE P 247 44.75 128.96 -67.62
CA PHE P 247 45.29 128.74 -66.29
C PHE P 247 44.68 129.70 -65.28
N THR P 248 44.95 129.41 -64.00
CA THR P 248 44.51 130.23 -62.88
C THR P 248 45.63 130.32 -61.86
N ARG P 249 45.65 131.42 -61.11
CA ARG P 249 46.63 131.67 -60.07
C ARG P 249 46.02 132.60 -59.03
N ASP P 250 46.21 132.27 -57.76
CA ASP P 250 45.56 132.97 -56.67
C ASP P 250 46.61 133.69 -55.81
N VAL P 251 46.37 134.97 -55.58
CA VAL P 251 47.30 135.85 -54.87
C VAL P 251 46.69 136.26 -53.53
N THR P 252 47.48 136.09 -52.47
CA THR P 252 47.01 136.38 -51.11
C THR P 252 46.58 137.83 -50.96
N ILE P 253 47.16 138.74 -51.75
CA ILE P 253 46.89 140.16 -51.62
C ILE P 253 45.46 140.44 -52.08
N GLY P 254 44.82 141.40 -51.42
CA GLY P 254 43.45 141.77 -51.78
C GLY P 254 43.11 143.11 -51.19
N GLY P 255 41.80 143.38 -51.11
CA GLY P 255 41.34 144.67 -50.59
C GLY P 255 41.54 144.81 -49.10
N ASN P 256 41.49 143.68 -48.38
CA ASN P 256 41.83 143.69 -46.96
C ASN P 256 43.19 144.30 -46.72
N GLN P 257 44.09 144.20 -47.69
CA GLN P 257 45.41 144.82 -47.56
C GLN P 257 45.34 146.33 -47.61
N PHE P 258 44.63 146.90 -48.59
CA PHE P 258 44.44 148.33 -48.64
C PHE P 258 43.79 148.85 -47.36
N THR P 259 42.68 148.21 -46.96
CA THR P 259 42.01 148.62 -45.73
C THR P 259 42.96 148.54 -44.53
N GLU P 260 43.75 147.48 -44.46
CA GLU P 260 44.64 147.29 -43.32
C GLU P 260 45.76 148.33 -43.30
N GLU P 261 46.24 148.75 -44.47
CA GLU P 261 47.25 149.79 -44.48
C GLU P 261 46.68 151.13 -44.06
N ILE P 262 45.46 151.46 -44.52
CA ILE P 262 44.79 152.67 -44.04
C ILE P 262 44.68 152.65 -42.53
N GLN P 263 44.20 151.52 -42.00
CA GLN P 263 44.05 151.35 -40.56
C GLN P 263 45.38 151.52 -39.83
N LYS P 264 46.45 150.90 -40.35
CA LYS P 264 47.77 151.08 -39.75
C LYS P 264 48.16 152.54 -39.70
N GLN P 265 48.03 153.25 -40.81
CA GLN P 265 48.58 154.59 -40.90
C GLN P 265 47.72 155.66 -40.24
N LEU P 266 46.49 155.34 -39.84
CA LEU P 266 45.69 156.33 -39.14
C LEU P 266 45.07 155.79 -37.87
N ASN P 267 45.72 154.80 -37.24
CA ASN P 267 45.19 153.96 -36.16
C ASN P 267 43.67 153.99 -36.08
N VAL P 268 43.01 153.49 -37.15
CA VAL P 268 41.58 153.45 -37.33
C VAL P 268 41.10 152.01 -37.12
N SER P 269 39.81 151.82 -36.85
CA SER P 269 39.22 150.49 -36.87
C SER P 269 39.11 150.00 -38.31
N TYR P 270 38.81 148.72 -38.50
CA TYR P 270 38.73 148.19 -39.87
C TYR P 270 37.56 148.80 -40.62
N GLU P 271 36.46 149.08 -39.92
CA GLU P 271 35.28 149.59 -40.60
C GLU P 271 35.49 151.01 -41.11
N GLU P 272 35.97 151.91 -40.25
CA GLU P 272 36.14 153.30 -40.68
C GLU P 272 37.28 153.42 -41.68
N ALA P 273 38.29 152.55 -41.59
CA ALA P 273 39.33 152.50 -42.62
C ALA P 273 38.76 152.01 -43.94
N GLU P 274 37.82 151.07 -43.88
CA GLU P 274 37.17 150.57 -45.09
C GLU P 274 36.33 151.67 -45.74
N ALA P 275 35.55 152.40 -44.95
CA ALA P 275 34.77 153.51 -45.49
C ALA P 275 35.68 154.61 -46.03
N LEU P 276 36.75 154.94 -45.30
CA LEU P 276 37.73 155.91 -45.81
C LEU P 276 38.30 155.45 -47.14
N LYS P 277 38.48 154.14 -47.32
CA LYS P 277 38.87 153.61 -48.61
C LYS P 277 37.80 153.90 -49.65
N ILE P 278 36.60 153.35 -49.46
CA ILE P 278 35.48 153.50 -50.39
C ILE P 278 35.23 154.95 -50.70
N GLY P 279 34.49 155.63 -49.81
CA GLY P 279 34.11 157.00 -50.06
C GLY P 279 35.29 157.95 -50.08
N GLY P 280 36.31 157.69 -49.26
CA GLY P 280 37.48 158.54 -49.27
C GLY P 280 38.17 158.62 -50.61
N ASN P 281 38.33 157.48 -51.29
CA ASN P 281 39.13 157.46 -52.51
C ASN P 281 38.38 157.92 -53.75
N GLY P 282 37.06 158.06 -53.70
CA GLY P 282 36.32 158.25 -54.94
C GLY P 282 35.39 159.45 -55.04
N ALA P 283 35.21 160.19 -53.95
CA ALA P 283 34.28 161.31 -53.96
C ALA P 283 34.79 162.43 -54.86
N ASP P 284 33.87 163.27 -55.33
CA ASP P 284 34.27 164.44 -56.09
C ASP P 284 34.99 165.46 -55.20
N ALA P 285 34.71 165.44 -53.91
CA ALA P 285 35.35 166.34 -52.96
C ALA P 285 36.61 165.76 -52.32
N ASP P 286 37.13 164.66 -52.87
CA ASP P 286 38.24 163.94 -52.27
C ASP P 286 39.60 164.52 -52.60
N ALA P 287 39.70 165.81 -52.96
CA ALA P 287 40.93 166.31 -53.56
C ALA P 287 42.08 166.39 -52.56
N VAL P 288 41.74 166.46 -51.27
CA VAL P 288 42.77 166.60 -50.25
C VAL P 288 43.18 165.24 -49.67
N VAL P 289 42.38 164.21 -49.89
CA VAL P 289 42.59 162.89 -49.28
C VAL P 289 43.29 161.86 -50.16
N PRO P 290 43.65 162.09 -51.43
CA PRO P 290 44.41 161.06 -52.13
C PRO P 290 45.89 161.18 -51.86
N GLN P 291 46.34 162.29 -51.26
CA GLN P 291 47.70 162.31 -50.73
C GLN P 291 47.76 161.53 -49.42
N ASP P 292 46.90 161.90 -48.46
CA ASP P 292 46.88 161.18 -47.18
C ASP P 292 46.60 159.70 -47.38
N VAL P 293 45.64 159.36 -48.25
CA VAL P 293 45.31 157.93 -48.42
C VAL P 293 46.28 157.28 -49.41
N GLU P 294 46.50 157.92 -50.56
CA GLU P 294 47.33 157.31 -51.60
C GLU P 294 48.76 157.05 -51.10
N ARG P 295 49.28 157.93 -50.24
CA ARG P 295 50.56 157.65 -49.60
C ARG P 295 50.48 156.45 -48.68
N VAL P 296 49.28 156.16 -48.17
CA VAL P 296 49.11 155.00 -47.30
C VAL P 296 49.05 153.71 -48.13
N LEU P 297 48.30 153.75 -49.22
CA LEU P 297 48.06 152.59 -50.06
C LEU P 297 49.10 152.39 -51.15
N SER P 298 50.11 153.25 -51.22
CA SER P 298 51.03 153.22 -52.35
C SER P 298 51.88 151.96 -52.35
N SER P 299 52.35 151.53 -51.17
CA SER P 299 53.04 150.25 -51.08
C SER P 299 52.18 149.11 -51.61
N VAL P 300 50.91 149.06 -51.20
CA VAL P 300 50.04 147.99 -51.66
C VAL P 300 49.84 148.07 -53.17
N ALA P 301 49.74 149.29 -53.71
CA ALA P 301 49.57 149.43 -55.15
C ALA P 301 50.78 148.90 -55.90
N GLU P 302 51.98 149.37 -55.52
CA GLU P 302 53.21 148.87 -56.13
C GLU P 302 53.30 147.36 -56.06
N GLN P 303 53.04 146.79 -54.88
CA GLN P 303 53.30 145.38 -54.64
C GLN P 303 52.24 144.48 -55.28
N VAL P 304 50.98 144.94 -55.35
CA VAL P 304 49.98 144.25 -56.17
C VAL P 304 50.42 144.22 -57.63
N ALA P 305 50.76 145.39 -58.18
CA ALA P 305 51.29 145.45 -59.55
C ALA P 305 52.46 144.48 -59.72
N GLY P 306 53.33 144.39 -58.72
CA GLY P 306 54.42 143.45 -58.78
C GLY P 306 53.96 142.01 -58.82
N GLU P 307 52.89 141.70 -58.08
CA GLU P 307 52.38 140.33 -58.12
C GLU P 307 51.73 140.01 -59.45
N ILE P 308 51.02 140.97 -60.03
CA ILE P 308 50.32 140.69 -61.28
C ILE P 308 51.32 140.57 -62.43
N GLN P 309 52.32 141.47 -62.50
CA GLN P 309 53.39 141.28 -63.46
C GLN P 309 54.07 139.94 -63.25
N ARG P 310 54.25 139.58 -61.97
CA ARG P 310 54.83 138.30 -61.59
C ARG P 310 54.09 137.13 -62.26
N SER P 311 52.79 136.98 -61.97
CA SER P 311 52.01 135.89 -62.54
C SER P 311 52.01 135.92 -64.07
N LEU P 312 51.77 137.11 -64.66
CA LEU P 312 51.74 137.21 -66.11
C LEU P 312 53.04 136.72 -66.73
N ASP P 313 54.18 137.13 -66.16
CA ASP P 313 55.47 136.65 -66.68
C ASP P 313 55.63 135.15 -66.47
N PHE P 314 55.08 134.62 -65.37
CA PHE P 314 55.20 133.20 -65.12
C PHE P 314 54.32 132.38 -66.06
N TYR P 315 53.35 133.01 -66.73
CA TYR P 315 52.59 132.27 -67.74
C TYR P 315 53.33 132.21 -69.07
N ALA P 316 53.74 133.37 -69.60
CA ALA P 316 54.24 133.51 -70.96
C ALA P 316 55.29 132.46 -71.32
N GLY P 317 54.89 131.20 -71.36
CA GLY P 317 55.79 130.08 -71.58
C GLY P 317 56.11 129.76 -73.01
N THR P 318 55.14 129.89 -73.92
CA THR P 318 55.29 129.39 -75.28
C THR P 318 55.45 130.47 -76.35
N ALA P 319 54.89 131.65 -76.15
CA ALA P 319 54.93 132.71 -77.17
C ALA P 319 55.90 133.78 -76.68
N ALA P 320 57.19 133.57 -76.94
CA ALA P 320 58.20 134.47 -76.41
C ALA P 320 58.23 135.79 -77.15
N ASP P 321 57.48 135.92 -78.25
CA ASP P 321 57.53 137.10 -79.10
C ASP P 321 56.17 137.76 -79.29
N SER P 322 55.20 137.47 -78.42
CA SER P 322 53.85 138.00 -78.58
C SER P 322 53.54 139.01 -77.48
N ASN P 323 52.33 139.54 -77.52
CA ASN P 323 51.82 140.48 -76.53
C ASN P 323 50.44 140.02 -76.06
N PHE P 324 49.82 140.84 -75.22
CA PHE P 324 48.53 140.53 -74.63
C PHE P 324 47.39 141.06 -75.50
N SER P 325 46.15 140.82 -75.05
CA SER P 325 44.99 141.35 -75.72
C SER P 325 44.14 142.17 -74.76
N LYS P 326 43.07 141.59 -74.20
CA LYS P 326 42.12 142.33 -73.39
C LYS P 326 41.73 141.52 -72.15
N VAL P 327 41.32 142.26 -71.11
CA VAL P 327 41.12 141.69 -69.79
C VAL P 327 40.01 142.44 -69.06
N TYR P 328 39.36 141.77 -68.11
CA TYR P 328 38.26 142.32 -67.34
C TYR P 328 38.53 142.20 -65.84
N LEU P 329 37.73 142.92 -65.06
CA LEU P 329 37.85 142.96 -63.60
C LEU P 329 36.52 142.69 -62.92
N SER P 330 36.61 142.04 -61.77
CA SER P 330 35.47 141.65 -60.95
C SER P 330 35.90 141.74 -59.48
N GLY P 331 34.93 141.68 -58.60
CA GLY P 331 35.24 141.87 -57.19
C GLY P 331 35.32 143.33 -56.81
N GLY P 332 34.96 143.61 -55.56
CA GLY P 332 34.88 145.00 -55.13
C GLY P 332 36.21 145.68 -54.97
N THR P 333 37.26 144.92 -54.64
CA THR P 333 38.60 145.49 -54.55
C THR P 333 39.01 146.15 -55.87
N ALA P 334 38.53 145.63 -57.00
CA ALA P 334 38.72 146.32 -58.27
C ALA P 334 38.24 147.77 -58.22
N LYS P 335 37.09 148.05 -57.61
CA LYS P 335 36.46 149.36 -57.65
C LYS P 335 37.26 150.45 -56.95
N ILE P 336 38.51 150.18 -56.55
CA ILE P 336 39.39 151.24 -56.06
C ILE P 336 39.50 152.29 -57.16
N PRO P 337 39.25 153.56 -56.86
CA PRO P 337 39.27 154.58 -57.92
C PRO P 337 40.61 154.64 -58.65
N ALA P 338 40.51 154.64 -59.99
CA ALA P 338 41.64 154.75 -60.92
C ALA P 338 42.48 153.48 -60.99
N LEU P 339 42.14 152.47 -60.19
CA LEU P 339 42.93 151.24 -60.19
C LEU P 339 42.93 150.56 -61.55
N PHE P 340 41.87 150.77 -62.33
CA PHE P 340 41.79 150.12 -63.64
C PHE P 340 42.78 150.76 -64.62
N LYS P 341 42.86 152.09 -64.61
CA LYS P 341 43.85 152.77 -65.43
C LYS P 341 45.26 152.40 -65.00
N THR P 342 45.48 152.25 -63.70
CA THR P 342 46.80 151.89 -63.18
C THR P 342 47.22 150.50 -63.65
N ILE P 343 46.33 149.52 -63.48
CA ILE P 343 46.63 148.16 -63.94
C ILE P 343 46.80 148.14 -65.46
N GLU P 344 46.03 148.99 -66.16
CA GLU P 344 46.12 149.04 -67.62
C GLU P 344 47.49 149.52 -68.07
N ALA P 345 47.98 150.61 -67.48
CA ALA P 345 49.27 151.15 -67.90
C ALA P 345 50.41 150.30 -67.37
N ARG P 346 50.22 149.65 -66.22
CA ARG P 346 51.31 148.94 -65.55
C ARG P 346 51.53 147.52 -66.09
N THR P 347 50.45 146.82 -66.45
CA THR P 347 50.56 145.46 -66.95
C THR P 347 50.64 145.39 -68.48
N GLY P 348 50.46 146.50 -69.17
CA GLY P 348 50.49 146.48 -70.63
C GLY P 348 49.30 145.77 -71.25
N VAL P 349 48.17 145.72 -70.53
CA VAL P 349 46.93 145.14 -71.06
C VAL P 349 45.75 146.07 -70.78
N PRO P 350 44.81 146.22 -71.73
CA PRO P 350 43.56 146.92 -71.40
C PRO P 350 42.67 146.19 -70.39
N VAL P 351 42.59 146.76 -69.19
CA VAL P 351 41.83 146.19 -68.08
C VAL P 351 40.53 146.97 -67.95
N GLU P 352 39.40 146.29 -68.12
CA GLU P 352 38.11 146.96 -68.10
C GLU P 352 37.15 146.29 -67.13
N ILE P 353 36.37 147.13 -66.45
CA ILE P 353 35.20 146.65 -65.72
C ILE P 353 34.23 146.04 -66.71
N LEU P 354 33.42 145.10 -66.23
CA LEU P 354 32.42 144.50 -67.08
C LEU P 354 31.14 144.31 -66.28
N ASN P 355 30.01 144.41 -66.97
CA ASN P 355 28.71 144.20 -66.36
C ASN P 355 28.33 142.74 -66.56
N PRO P 356 28.39 141.90 -65.50
CA PRO P 356 27.86 140.54 -65.66
C PRO P 356 26.41 140.52 -66.08
N PHE P 357 25.54 141.23 -65.36
CA PHE P 357 24.08 141.12 -65.52
C PHE P 357 23.61 141.21 -66.97
N ARG P 358 24.49 141.47 -67.93
CA ARG P 358 24.09 141.46 -69.34
C ARG P 358 23.70 140.06 -69.81
N LYS P 359 24.14 139.02 -69.10
CA LYS P 359 23.84 137.63 -69.43
C LYS P 359 22.41 137.23 -69.09
N ILE P 360 21.72 138.03 -68.29
CA ILE P 360 20.42 137.68 -67.74
C ILE P 360 19.44 138.80 -68.06
N GLU P 361 18.18 138.44 -68.23
CA GLU P 361 17.12 139.43 -68.44
C GLU P 361 16.88 140.21 -67.15
N VAL P 362 16.74 141.52 -67.26
CA VAL P 362 16.52 142.38 -66.10
C VAL P 362 15.28 143.24 -66.36
N ASP P 363 14.26 143.04 -65.54
CA ASP P 363 13.03 143.82 -65.64
C ASP P 363 13.30 145.22 -65.08
N ASN P 364 13.17 146.23 -65.94
CA ASN P 364 13.48 147.60 -65.52
C ASN P 364 12.52 148.11 -64.47
N ARG P 365 11.33 147.50 -64.36
CA ARG P 365 10.36 147.92 -63.35
C ARG P 365 10.69 147.38 -61.98
N LYS P 366 11.58 146.39 -61.87
CA LYS P 366 11.97 145.83 -60.59
C LYS P 366 13.41 146.14 -60.21
N PHE P 367 14.24 146.54 -61.17
CA PHE P 367 15.65 146.79 -60.90
C PHE P 367 16.12 147.99 -61.71
N ASP P 368 16.88 148.85 -61.05
CA ASP P 368 17.52 149.99 -61.72
C ASP P 368 18.77 149.48 -62.42
N PRO P 369 18.90 149.66 -63.73
CA PRO P 369 20.15 149.26 -64.41
C PRO P 369 21.39 149.96 -63.86
N ALA P 370 21.24 151.20 -63.36
CA ALA P 370 22.39 151.92 -62.86
C ALA P 370 22.97 151.27 -61.62
N PHE P 371 22.15 151.06 -60.59
CA PHE P 371 22.61 150.41 -59.37
C PHE P 371 23.12 149.00 -59.65
N VAL P 372 22.37 148.23 -60.46
CA VAL P 372 22.82 146.91 -60.88
C VAL P 372 24.24 146.98 -61.42
N MET P 373 24.49 147.95 -62.30
CA MET P 373 25.84 148.17 -62.82
C MET P 373 26.81 148.51 -61.70
N ASP P 374 26.35 149.27 -60.69
CA ASP P 374 27.25 149.71 -59.63
C ASP P 374 27.73 148.53 -58.78
N VAL P 375 26.83 147.61 -58.46
CA VAL P 375 27.16 146.44 -57.64
C VAL P 375 27.56 145.24 -58.49
N ALA P 376 27.68 145.42 -59.81
CA ALA P 376 28.07 144.30 -60.66
C ALA P 376 29.38 143.63 -60.27
N PRO P 377 30.50 144.35 -60.05
CA PRO P 377 31.76 143.64 -59.75
C PRO P 377 31.69 142.76 -58.52
N MET P 378 31.09 143.24 -57.44
CA MET P 378 30.93 142.41 -56.25
C MET P 378 30.07 141.18 -56.55
N ALA P 379 29.06 141.32 -57.40
CA ALA P 379 28.06 140.29 -57.62
C ALA P 379 28.40 139.34 -58.74
N ALA P 380 29.53 139.52 -59.43
CA ALA P 380 29.87 138.68 -60.59
C ALA P 380 29.75 137.19 -60.27
N VAL P 381 30.42 136.72 -59.22
CA VAL P 381 30.33 135.32 -58.82
C VAL P 381 28.92 135.00 -58.32
N ALA P 382 28.35 135.93 -57.55
CA ALA P 382 27.01 135.87 -56.97
C ALA P 382 25.92 135.63 -58.00
N VAL P 383 26.16 135.96 -59.26
CA VAL P 383 25.28 135.48 -60.31
C VAL P 383 25.93 134.33 -61.06
N GLY P 384 27.24 134.13 -60.85
CA GLY P 384 28.01 133.08 -61.49
C GLY P 384 27.48 131.69 -61.26
N LEU P 385 27.69 131.20 -60.04
CA LEU P 385 27.17 129.88 -59.72
C LEU P 385 25.65 129.88 -59.77
N ALA P 386 25.06 131.07 -59.94
CA ALA P 386 23.62 131.24 -60.08
C ALA P 386 23.14 130.93 -61.48
N LEU P 387 23.94 131.18 -62.52
CA LEU P 387 23.65 130.55 -63.80
C LEU P 387 24.09 129.10 -63.79
N ARG P 388 24.96 128.73 -62.83
CA ARG P 388 25.22 127.31 -62.65
C ARG P 388 24.00 126.57 -62.11
N ARG P 389 23.10 127.28 -61.42
CA ARG P 389 22.00 126.61 -60.72
C ARG P 389 20.73 126.32 -61.52
N PRO P 390 20.41 127.05 -62.62
CA PRO P 390 19.30 126.57 -63.45
C PRO P 390 19.86 125.85 -64.66
N GLY P 391 21.11 125.42 -64.55
CA GLY P 391 21.79 124.78 -65.65
C GLY P 391 21.56 123.29 -65.65
N MET Q 1 54.57 130.58 -46.32
CA MET Q 1 54.75 130.55 -44.88
C MET Q 1 54.66 129.12 -44.34
N MET Q 2 55.53 128.81 -43.38
CA MET Q 2 55.60 127.48 -42.79
C MET Q 2 54.81 127.45 -41.49
N ILE Q 3 53.86 126.53 -41.41
CA ILE Q 3 53.03 126.34 -40.21
C ILE Q 3 53.39 124.99 -39.63
N ARG Q 4 54.10 124.99 -38.49
CA ARG Q 4 54.56 123.77 -37.87
C ARG Q 4 53.88 123.57 -36.50
N ILE Q 5 53.71 122.30 -36.13
CA ILE Q 5 53.04 121.98 -34.87
C ILE Q 5 53.68 120.75 -34.23
N ASN Q 6 54.55 120.98 -33.24
CA ASN Q 6 55.09 119.89 -32.43
C ASN Q 6 54.15 119.47 -31.32
N LEU Q 7 52.90 119.17 -31.64
CA LEU Q 7 51.94 118.73 -30.62
C LEU Q 7 51.50 117.28 -30.81
N LEU Q 8 51.68 116.49 -29.74
CA LEU Q 8 51.71 115.03 -29.68
C LEU Q 8 52.72 114.36 -30.66
N PRO Q 9 53.97 114.81 -30.56
CA PRO Q 9 55.10 113.90 -30.38
C PRO Q 9 55.83 114.22 -29.09
N VAL Q 10 56.99 113.61 -28.92
CA VAL Q 10 57.07 112.23 -28.43
C VAL Q 10 57.27 111.88 -26.94
N ARG Q 11 58.10 112.55 -26.14
CA ARG Q 11 58.10 112.16 -24.73
C ARG Q 11 56.73 112.47 -24.14
N ALA Q 12 56.03 113.45 -24.73
CA ALA Q 12 54.60 113.61 -24.44
C ALA Q 12 53.81 112.40 -24.92
N VAL Q 13 54.06 111.95 -26.16
CA VAL Q 13 53.34 110.81 -26.73
C VAL Q 13 53.58 109.61 -25.82
N LYS Q 14 54.80 109.09 -25.83
CA LYS Q 14 55.11 107.84 -25.17
C LYS Q 14 54.99 107.94 -23.65
N LYS Q 15 54.92 109.16 -23.09
CA LYS Q 15 54.64 109.23 -21.65
C LYS Q 15 53.15 109.22 -21.37
N ARG Q 16 52.34 109.71 -22.32
CA ARG Q 16 50.90 109.47 -22.23
C ARG Q 16 50.59 108.00 -22.46
N GLU Q 17 51.37 107.34 -23.32
CA GLU Q 17 51.18 105.92 -23.59
C GLU Q 17 51.60 105.07 -22.39
N MET Q 18 52.80 105.28 -21.86
CA MET Q 18 53.18 104.61 -20.63
C MET Q 18 52.16 104.90 -19.53
N GLY Q 19 51.71 106.15 -19.44
CA GLY Q 19 50.65 106.50 -18.51
C GLY Q 19 49.40 105.67 -18.69
N ARG Q 20 49.04 105.36 -19.94
CA ARG Q 20 47.87 104.52 -20.19
C ARG Q 20 48.14 103.08 -19.76
N GLN Q 21 49.28 102.52 -20.18
CA GLN Q 21 49.56 101.11 -19.92
C GLN Q 21 49.64 100.81 -18.42
N VAL Q 22 50.33 101.67 -17.66
CA VAL Q 22 50.42 101.46 -16.22
C VAL Q 22 49.04 101.39 -15.59
N LEU Q 23 48.12 102.24 -16.04
CA LEU Q 23 46.76 102.25 -15.52
C LEU Q 23 45.97 101.02 -15.94
N VAL Q 24 46.16 100.55 -17.18
CA VAL Q 24 45.50 99.32 -17.61
C VAL Q 24 45.96 98.15 -16.73
N LEU Q 25 47.27 98.07 -16.46
CA LEU Q 25 47.80 97.03 -15.57
C LEU Q 25 47.16 97.13 -14.19
N PHE Q 26 47.09 98.34 -13.65
CA PHE Q 26 46.37 98.55 -12.39
C PHE Q 26 44.96 97.97 -12.46
N ALA Q 27 44.22 98.29 -13.51
CA ALA Q 27 42.85 97.83 -13.64
C ALA Q 27 42.77 96.31 -13.66
N VAL Q 28 43.66 95.66 -14.42
CA VAL Q 28 43.64 94.21 -14.50
C VAL Q 28 43.91 93.58 -13.14
N VAL Q 29 44.97 94.04 -12.46
CA VAL Q 29 45.30 93.49 -11.14
C VAL Q 29 44.11 93.66 -10.19
N LEU Q 30 43.47 94.82 -10.22
CA LEU Q 30 42.38 95.07 -9.29
C LEU Q 30 41.13 94.26 -9.63
N ILE Q 31 40.90 93.96 -10.91
CA ILE Q 31 39.79 93.09 -11.27
C ILE Q 31 40.05 91.67 -10.79
N GLY Q 32 41.27 91.17 -10.99
CA GLY Q 32 41.62 89.85 -10.48
C GLY Q 32 41.46 89.74 -8.98
N ALA Q 33 42.09 90.66 -8.24
CA ALA Q 33 41.94 90.67 -6.78
C ALA Q 33 40.46 90.75 -6.39
N GLY Q 34 39.68 91.53 -7.14
CA GLY Q 34 38.24 91.53 -6.92
C GLY Q 34 37.64 90.14 -7.00
N VAL Q 35 37.86 89.45 -8.13
CA VAL Q 35 37.33 88.11 -8.32
C VAL Q 35 37.72 87.21 -7.15
N ALA Q 36 38.97 87.33 -6.67
CA ALA Q 36 39.38 86.56 -5.51
C ALA Q 36 38.50 86.87 -4.29
N ASN Q 37 38.42 88.16 -3.93
CA ASN Q 37 37.56 88.57 -2.81
C ASN Q 37 36.17 87.96 -2.94
N TYR Q 38 35.61 88.01 -4.15
CA TYR Q 38 34.36 87.31 -4.41
C TYR Q 38 34.47 85.84 -4.01
N LEU Q 39 34.99 84.99 -4.91
CA LEU Q 39 35.01 83.54 -4.67
C LEU Q 39 35.15 83.19 -3.19
N TRP Q 40 36.04 83.89 -2.49
CA TRP Q 40 36.09 83.82 -1.03
C TRP Q 40 34.70 84.04 -0.42
N TYR Q 41 34.02 85.15 -0.79
CA TYR Q 41 32.71 85.44 -0.19
C TYR Q 41 31.74 84.27 -0.35
N ASP Q 42 31.86 83.52 -1.45
CA ASP Q 42 30.91 82.44 -1.71
C ASP Q 42 31.22 81.23 -0.85
N ASP Q 43 32.51 80.85 -0.78
CA ASP Q 43 32.86 79.76 0.14
C ASP Q 43 32.45 80.10 1.57
N ARG Q 44 32.49 81.39 1.93
CA ARG Q 44 32.11 81.80 3.28
C ARG Q 44 30.60 81.70 3.50
N GLN Q 45 29.80 82.04 2.49
CA GLN Q 45 28.35 81.90 2.64
C GLN Q 45 27.96 80.42 2.71
N SER Q 46 28.62 79.57 1.93
CA SER Q 46 28.39 78.13 2.05
C SER Q 46 28.69 77.64 3.46
N GLU Q 47 29.86 78.01 4.00
CA GLU Q 47 30.20 77.62 5.36
C GLU Q 47 29.14 78.11 6.35
N LEU Q 48 28.69 79.35 6.19
CA LEU Q 48 27.64 79.89 7.05
C LEU Q 48 26.37 79.06 7.00
N GLU Q 49 25.97 78.60 5.82
CA GLU Q 49 24.76 77.79 5.73
C GLU Q 49 24.95 76.44 6.40
N ALA Q 50 26.11 75.80 6.19
CA ALA Q 50 26.38 74.54 6.90
C ALA Q 50 26.33 74.74 8.41
N HIS Q 51 26.91 75.84 8.90
CA HIS Q 51 26.97 76.07 10.34
C HIS Q 51 25.58 76.36 10.91
N GLN Q 52 24.76 77.10 10.17
CA GLN Q 52 23.39 77.34 10.62
C GLN Q 52 22.58 76.04 10.62
N ALA Q 53 22.83 75.15 9.67
CA ALA Q 53 22.24 73.81 9.75
C ALA Q 53 22.64 73.12 11.05
N GLY Q 54 23.93 73.17 11.38
CA GLY Q 54 24.38 72.58 12.64
C GLY Q 54 23.70 73.20 13.86
N VAL Q 55 23.56 74.52 13.87
CA VAL Q 55 22.89 75.20 14.99
C VAL Q 55 21.45 74.73 15.12
N ALA Q 56 20.76 74.58 13.98
CA ALA Q 56 19.44 73.99 14.02
C ALA Q 56 19.48 72.59 14.63
N SER Q 57 20.48 71.79 14.25
CA SER Q 57 20.67 70.49 14.88
C SER Q 57 20.90 70.59 16.39
N THR Q 58 21.40 71.72 16.89
CA THR Q 58 21.41 71.91 18.34
C THR Q 58 20.01 72.17 18.86
N LYS Q 59 19.36 73.22 18.34
CA LYS Q 59 18.07 73.64 18.87
C LYS Q 59 17.02 72.54 18.79
N ALA Q 60 17.21 71.53 17.94
CA ALA Q 60 16.27 70.41 17.92
C ALA Q 60 16.44 69.53 19.15
N ARG Q 61 17.62 68.93 19.32
CA ARG Q 61 17.84 67.97 20.39
C ARG Q 61 17.85 68.63 21.77
N ILE Q 62 18.23 69.90 21.87
CA ILE Q 62 18.09 70.59 23.16
C ILE Q 62 16.62 70.62 23.56
N ALA Q 63 15.72 70.91 22.62
CA ALA Q 63 14.29 70.83 22.90
C ALA Q 63 13.89 69.41 23.29
N GLU Q 64 14.36 68.41 22.52
CA GLU Q 64 14.15 67.02 22.89
C GLU Q 64 14.47 66.79 24.36
N LEU Q 65 15.57 67.37 24.84
CA LEU Q 65 16.08 67.08 26.18
C LEU Q 65 15.33 67.85 27.25
N GLU Q 66 14.92 69.09 26.95
CA GLU Q 66 14.05 69.82 27.85
C GLU Q 66 12.74 69.06 28.04
N LYS Q 67 12.26 68.39 26.99
CA LYS Q 67 11.04 67.59 27.13
C LYS Q 67 11.30 66.33 27.94
N ILE Q 68 12.38 65.61 27.64
CA ILE Q 68 12.65 64.35 28.33
C ILE Q 68 12.93 64.60 29.81
N ILE Q 69 13.58 65.72 30.13
CA ILE Q 69 13.83 66.03 31.53
C ILE Q 69 12.58 66.58 32.20
N GLY Q 70 11.75 67.30 31.44
CA GLY Q 70 10.43 67.62 31.96
C GLY Q 70 9.68 66.38 32.40
N GLU Q 71 9.75 65.33 31.59
CA GLU Q 71 9.23 64.04 32.02
C GLU Q 71 9.92 63.62 33.30
N VAL Q 72 11.25 63.45 33.27
CA VAL Q 72 11.97 62.86 34.40
C VAL Q 72 11.63 63.55 35.72
N LYS Q 73 11.33 64.85 35.67
CA LYS Q 73 10.95 65.55 36.90
C LYS Q 73 9.50 65.31 37.27
N ASN Q 74 8.57 65.56 36.31
CA ASN Q 74 7.17 65.18 36.51
C ASN Q 74 7.08 63.81 37.18
N ILE Q 75 7.83 62.85 36.64
CA ILE Q 75 8.13 61.56 37.23
C ILE Q 75 8.51 61.68 38.68
N ASN Q 76 9.73 62.19 38.93
CA ASN Q 76 10.40 61.99 40.20
C ASN Q 76 9.60 62.54 41.36
N THR Q 77 8.78 63.57 41.12
CA THR Q 77 8.03 64.14 42.24
C THR Q 77 6.80 63.32 42.59
N ARG Q 78 6.20 62.64 41.62
CA ARG Q 78 5.03 61.79 41.89
C ARG Q 78 5.40 60.49 42.59
N LYS Q 79 6.62 59.99 42.36
CA LYS Q 79 7.05 58.74 42.98
C LYS Q 79 7.06 58.84 44.50
N ALA Q 80 7.60 59.95 45.03
CA ALA Q 80 7.67 60.13 46.49
C ALA Q 80 6.29 60.21 47.14
N GLU Q 81 5.30 60.78 46.45
CA GLU Q 81 3.94 60.73 47.00
C GLU Q 81 3.37 59.31 46.89
N VAL Q 82 3.83 58.53 45.91
CA VAL Q 82 3.32 57.18 45.78
C VAL Q 82 3.83 56.27 46.89
N GLU Q 83 5.16 56.19 47.07
CA GLU Q 83 5.73 55.41 48.16
C GLU Q 83 5.00 55.68 49.47
N LYS Q 84 4.66 56.94 49.71
CA LYS Q 84 4.04 57.36 50.96
C LYS Q 84 2.58 56.95 51.05
N LYS Q 85 1.77 57.35 50.05
CA LYS Q 85 0.38 56.90 49.97
C LYS Q 85 0.27 55.40 50.13
N LEU Q 86 1.15 54.64 49.47
CA LEU Q 86 1.15 53.20 49.57
C LEU Q 86 1.48 52.75 50.98
N ALA Q 87 2.59 53.23 51.56
CA ALA Q 87 2.93 52.81 52.92
C ALA Q 87 1.75 53.01 53.86
N VAL Q 88 0.99 54.09 53.65
CA VAL Q 88 -0.30 54.22 54.30
C VAL Q 88 -1.20 53.04 53.96
N LEU Q 89 -1.30 52.69 52.67
CA LEU Q 89 -2.20 51.61 52.26
C LEU Q 89 -1.84 50.27 52.89
N ASP Q 90 -0.54 49.97 53.03
CA ASP Q 90 -0.08 48.74 53.65
C ASP Q 90 -0.21 48.78 55.17
N ALA Q 91 -0.24 49.97 55.77
CA ALA Q 91 -0.64 50.05 57.17
C ALA Q 91 -2.14 49.79 57.32
N LEU Q 92 -2.94 50.22 56.34
CA LEU Q 92 -4.39 50.09 56.45
C LEU Q 92 -4.86 48.67 56.16
N ARG Q 93 -4.23 47.98 55.21
CA ARG Q 93 -4.54 46.56 54.99
C ARG Q 93 -4.26 45.75 56.25
N LYS Q 94 -3.22 46.13 57.00
CA LYS Q 94 -3.01 45.57 58.33
C LYS Q 94 -4.05 46.08 59.32
N GLY Q 95 -4.65 47.24 59.03
CA GLY Q 95 -5.73 47.77 59.85
C GLY Q 95 -7.09 47.18 59.55
N ARG Q 96 -7.20 46.38 58.50
CA ARG Q 96 -8.40 45.59 58.21
C ARG Q 96 -8.20 44.11 58.45
N SER Q 97 -6.97 43.60 58.27
CA SER Q 97 -6.65 42.27 58.75
C SER Q 97 -6.69 42.24 60.27
N GLY Q 98 -6.23 43.33 60.90
CA GLY Q 98 -6.20 43.46 62.33
C GLY Q 98 -7.46 43.00 63.03
N PRO Q 99 -8.55 43.76 62.92
CA PRO Q 99 -9.81 43.41 63.60
C PRO Q 99 -10.30 41.99 63.34
N VAL Q 100 -9.52 41.21 62.61
CA VAL Q 100 -9.90 39.84 62.30
C VAL Q 100 -8.75 38.88 62.60
N ARG Q 101 -7.51 39.37 62.56
CA ARG Q 101 -6.40 38.43 62.49
C ARG Q 101 -5.91 37.98 63.85
N MET Q 102 -4.88 38.62 64.40
CA MET Q 102 -4.22 37.97 65.53
C MET Q 102 -3.93 38.88 66.73
N MET Q 103 -3.18 39.96 66.57
CA MET Q 103 -2.75 40.74 67.73
C MET Q 103 -3.89 41.49 68.41
N ASP Q 104 -5.09 41.51 67.81
CA ASP Q 104 -5.92 42.71 67.88
C ASP Q 104 -7.07 42.67 68.88
N ALA Q 105 -7.37 41.51 69.47
CA ALA Q 105 -8.35 41.52 70.56
C ALA Q 105 -7.68 41.24 71.89
N LEU Q 106 -6.57 40.51 71.87
CA LEU Q 106 -5.89 40.08 73.07
C LEU Q 106 -4.83 41.12 73.45
N ALA Q 107 -4.58 41.43 74.75
CA ALA Q 107 -4.58 40.54 75.93
C ALA Q 107 -3.43 39.55 75.68
N SER Q 108 -2.23 40.14 75.64
CA SER Q 108 -0.98 39.48 75.27
C SER Q 108 -1.05 38.88 73.87
N ALA Q 109 -0.06 39.22 73.04
CA ALA Q 109 -0.06 38.83 71.63
C ALA Q 109 0.38 37.39 71.43
N THR Q 110 -0.21 36.45 72.17
CA THR Q 110 0.14 35.05 72.06
C THR Q 110 -1.02 34.24 71.47
N PRO Q 111 -0.72 33.30 70.55
CA PRO Q 111 -1.69 32.52 69.76
C PRO Q 111 -2.33 31.37 70.53
N LYS Q 112 -3.49 30.87 70.09
CA LYS Q 112 -4.21 31.39 68.91
C LYS Q 112 -5.04 32.61 69.29
N LYS Q 113 -5.07 33.60 68.39
CA LYS Q 113 -5.51 34.94 68.75
C LYS Q 113 -6.37 35.51 67.63
N VAL Q 114 -7.60 35.92 67.95
CA VAL Q 114 -8.61 36.39 66.95
C VAL Q 114 -8.76 35.51 65.70
N TRP Q 115 -7.65 34.88 65.32
CA TRP Q 115 -7.47 33.48 64.92
C TRP Q 115 -8.35 32.58 64.05
N VAL Q 116 -8.20 31.31 64.41
CA VAL Q 116 -8.65 30.07 63.80
C VAL Q 116 -9.93 29.61 64.49
N LYS Q 117 -10.78 28.89 63.77
CA LYS Q 117 -12.15 28.72 64.25
C LYS Q 117 -12.39 27.45 65.06
N THR Q 118 -12.58 26.30 64.41
CA THR Q 118 -13.08 25.11 65.11
C THR Q 118 -12.01 24.03 65.24
N PHE Q 119 -12.11 23.25 66.31
CA PHE Q 119 -11.22 22.12 66.58
C PHE Q 119 -12.06 20.92 66.96
N SER Q 120 -11.76 19.77 66.36
CA SER Q 120 -12.51 18.53 66.61
C SER Q 120 -11.60 17.35 66.35
N GLU Q 121 -11.48 16.47 67.34
CA GLU Q 121 -10.53 15.37 67.31
C GLU Q 121 -11.22 14.02 67.40
N ASN Q 122 -10.42 12.96 67.29
CA ASN Q 122 -10.91 11.59 67.44
C ASN Q 122 -9.82 10.65 67.95
N ASN Q 123 -8.82 11.17 68.67
CA ASN Q 123 -7.71 10.43 69.26
C ASN Q 123 -6.85 9.72 68.21
N ASN Q 124 -7.02 10.04 66.93
CA ASN Q 124 -6.13 9.56 65.88
C ASN Q 124 -5.82 10.70 64.93
N ALA Q 125 -6.82 11.55 64.67
CA ALA Q 125 -6.65 12.72 63.81
C ALA Q 125 -7.48 13.87 64.36
N VAL Q 126 -7.07 15.08 64.02
CA VAL Q 126 -7.83 16.28 64.35
C VAL Q 126 -8.24 16.95 63.04
N SER Q 127 -9.51 17.31 62.94
CA SER Q 127 -10.04 17.96 61.73
C SER Q 127 -10.39 19.40 62.12
N ILE Q 128 -9.48 20.31 61.84
CA ILE Q 128 -9.57 21.67 62.33
C ILE Q 128 -10.27 22.55 61.29
N ASP Q 129 -10.60 23.77 61.71
CA ASP Q 129 -11.30 24.75 60.88
C ASP Q 129 -10.77 26.10 61.30
N GLY Q 130 -10.33 26.92 60.33
CA GLY Q 130 -9.51 28.07 60.67
C GLY Q 130 -9.63 29.24 59.72
N SER Q 131 -8.75 30.21 59.96
CA SER Q 131 -8.67 31.49 59.25
C SER Q 131 -7.29 32.07 59.49
N ALA Q 132 -6.66 32.58 58.43
CA ALA Q 132 -5.32 33.12 58.51
C ALA Q 132 -5.25 34.45 57.78
N VAL Q 133 -4.07 35.09 57.81
CA VAL Q 133 -3.98 36.46 57.30
C VAL Q 133 -4.01 36.49 55.79
N SER Q 134 -3.38 35.53 55.12
CA SER Q 134 -3.19 35.62 53.68
C SER Q 134 -2.61 34.30 53.19
N HIS Q 135 -2.03 34.34 51.99
CA HIS Q 135 -1.32 33.23 51.39
C HIS Q 135 0.02 33.02 52.08
N ASP Q 136 0.28 33.75 53.15
CA ASP Q 136 1.57 33.74 53.83
C ASP Q 136 1.52 33.06 55.18
N GLU Q 137 0.70 33.54 56.12
CA GLU Q 137 0.61 32.91 57.43
C GLU Q 137 -0.09 31.55 57.37
N VAL Q 138 -0.98 31.34 56.41
CA VAL Q 138 -1.47 29.98 56.20
C VAL Q 138 -0.38 29.13 55.57
N ALA Q 139 0.54 29.75 54.84
CA ALA Q 139 1.69 29.01 54.32
C ALA Q 139 2.72 28.74 55.41
N GLU Q 140 2.92 29.70 56.31
CA GLU Q 140 3.77 29.47 57.48
C GLU Q 140 3.21 28.35 58.34
N PHE Q 141 1.89 28.40 58.60
CA PHE Q 141 1.24 27.39 59.42
C PHE Q 141 1.28 26.02 58.75
N MET Q 142 0.99 25.96 57.46
CA MET Q 142 0.98 24.69 56.76
C MET Q 142 2.39 24.12 56.63
N ARG Q 143 3.39 24.99 56.50
CA ARG Q 143 4.77 24.51 56.48
C ARG Q 143 5.17 23.95 57.83
N GLY Q 144 4.78 24.62 58.92
CA GLY Q 144 5.11 24.14 60.25
C GLY Q 144 4.60 22.74 60.56
N LEU Q 145 3.70 22.20 59.72
CA LEU Q 145 3.16 20.87 59.92
C LEU Q 145 3.75 19.88 58.93
N ASN Q 146 3.07 19.70 57.80
CA ASN Q 146 3.42 18.65 56.85
C ASN Q 146 2.71 18.90 55.53
N GLY Q 147 3.12 18.15 54.52
CA GLY Q 147 2.62 18.22 53.15
C GLY Q 147 2.66 16.86 52.50
N VAL Q 148 1.53 16.42 51.96
CA VAL Q 148 1.31 15.00 51.69
C VAL Q 148 0.60 14.84 50.35
N VAL Q 149 0.92 13.76 49.64
CA VAL Q 149 0.16 13.32 48.47
C VAL Q 149 -0.84 12.29 48.97
N TRP Q 150 -2.10 12.72 49.10
CA TRP Q 150 -3.15 11.82 49.57
C TRP Q 150 -3.81 11.11 48.40
N THR Q 151 -4.24 9.86 48.64
CA THR Q 151 -4.77 9.08 47.51
C THR Q 151 -6.13 8.47 47.86
N PRO Q 152 -6.26 7.16 48.23
CA PRO Q 152 -7.61 6.56 48.19
C PRO Q 152 -8.46 6.97 49.38
N LYS Q 153 -9.40 7.87 49.16
CA LYS Q 153 -10.20 8.40 50.25
C LYS Q 153 -11.43 7.53 50.49
N GLY Q 154 -11.75 7.32 51.76
CA GLY Q 154 -12.95 6.60 52.13
C GLY Q 154 -14.06 7.54 52.57
N MET Q 155 -15.26 7.34 52.03
CA MET Q 155 -16.39 8.20 52.37
C MET Q 155 -17.13 7.61 53.56
N GLY Q 156 -17.44 8.45 54.54
CA GLY Q 156 -18.08 7.98 55.76
C GLY Q 156 -19.24 8.87 56.17
N ARG Q 157 -20.07 8.33 57.06
CA ARG Q 157 -21.32 8.98 57.43
C ARG Q 157 -21.13 10.31 58.14
N LEU Q 158 -19.91 10.66 58.56
CA LEU Q 158 -19.66 11.99 59.10
C LEU Q 158 -19.61 13.05 58.02
N VAL Q 159 -19.10 12.71 56.83
CA VAL Q 159 -19.10 13.63 55.70
C VAL Q 159 -20.52 14.09 55.40
N ASP Q 160 -21.45 13.14 55.27
CA ASP Q 160 -22.83 13.49 54.98
C ASP Q 160 -23.48 14.24 56.13
N ARG Q 161 -23.10 13.92 57.37
CA ARG Q 161 -23.56 14.72 58.51
C ARG Q 161 -23.04 16.16 58.44
N ARG Q 162 -21.91 16.39 57.75
CA ARG Q 162 -21.51 17.75 57.46
C ARG Q 162 -22.34 18.35 56.33
N ARG Q 163 -22.64 17.55 55.30
CA ARG Q 163 -23.55 18.02 54.26
C ARG Q 163 -24.96 18.21 54.78
N ASP Q 164 -25.36 17.40 55.76
CA ASP Q 164 -26.66 17.54 56.41
C ASP Q 164 -26.73 18.73 57.36
N SER Q 165 -25.59 19.31 57.74
CA SER Q 165 -25.47 20.34 58.77
C SER Q 165 -25.71 19.72 60.14
N LYS Q 166 -25.87 18.40 60.18
CA LYS Q 166 -26.29 17.74 61.41
C LYS Q 166 -25.20 17.72 62.48
N THR Q 167 -23.93 17.89 62.10
CA THR Q 167 -22.83 18.09 63.04
C THR Q 167 -22.32 19.51 62.85
N ALA Q 168 -22.41 20.30 63.92
CA ALA Q 168 -22.32 21.74 63.78
C ALA Q 168 -20.88 22.16 63.47
N ARG Q 169 -20.72 22.70 62.26
CA ARG Q 169 -19.46 23.27 61.71
C ARG Q 169 -19.50 24.77 60.58
N VAL Q 170 -18.41 25.32 59.94
CA VAL Q 170 -18.48 26.37 58.91
C VAL Q 170 -18.38 25.79 57.51
N GLU Q 171 -19.53 25.38 56.93
CA GLU Q 171 -19.61 24.72 55.62
C GLU Q 171 -19.16 25.60 54.45
N MET Q 172 -18.30 26.60 54.72
CA MET Q 172 -17.22 26.97 53.81
C MET Q 172 -16.27 25.81 53.54
N LEU Q 173 -16.26 24.82 54.44
CA LEU Q 173 -15.25 23.79 54.50
C LEU Q 173 -15.55 22.61 53.59
N THR Q 174 -14.52 22.08 52.94
CA THR Q 174 -14.59 20.73 52.41
C THR Q 174 -14.75 19.74 53.57
N SER Q 175 -15.08 18.50 53.22
CA SER Q 175 -15.46 17.53 54.24
C SER Q 175 -14.33 16.58 54.58
N ASP Q 176 -14.68 15.34 54.92
CA ASP Q 176 -13.78 14.18 54.97
C ASP Q 176 -12.82 14.18 56.16
N ALA Q 177 -12.27 12.99 56.46
CA ALA Q 177 -11.28 12.77 57.50
C ALA Q 177 -10.79 11.33 57.50
N THR Q 178 -10.71 10.70 56.32
CA THR Q 178 -10.31 9.29 56.21
C THR Q 178 -9.66 9.08 54.85
N ILE Q 179 -8.38 8.69 54.85
CA ILE Q 179 -7.64 8.55 53.60
C ILE Q 179 -6.31 7.84 53.88
N GLU Q 180 -5.43 7.80 52.88
CA GLU Q 180 -4.11 7.22 52.98
C GLU Q 180 -3.11 8.23 52.42
N GLU Q 181 -2.04 8.48 53.18
CA GLU Q 181 -1.21 9.66 52.98
C GLU Q 181 0.22 9.27 52.61
N PHE Q 182 0.83 10.03 51.67
CA PHE Q 182 2.23 9.89 51.30
C PHE Q 182 2.95 11.22 51.49
N PRO Q 183 4.10 11.24 52.16
CA PRO Q 183 4.72 12.53 52.49
C PRO Q 183 5.37 13.18 51.28
N GLU Q 184 5.09 14.47 51.13
CA GLU Q 184 5.78 15.33 50.19
C GLU Q 184 6.83 16.18 50.89
N ALA Q 185 6.43 17.04 51.81
CA ALA Q 185 7.37 17.77 52.63
C ALA Q 185 6.93 17.66 54.07
N GLN Q 186 7.84 17.97 54.99
CA GLN Q 186 7.56 17.79 56.40
C GLN Q 186 8.38 18.79 57.20
N VAL Q 187 7.88 19.18 58.38
CA VAL Q 187 8.63 20.04 59.28
C VAL Q 187 8.45 19.61 60.72
N SER Q 188 7.23 19.30 61.12
CA SER Q 188 7.01 18.74 62.45
C SER Q 188 7.15 17.22 62.37
N PRO Q 189 8.14 16.62 63.03
CA PRO Q 189 8.20 15.15 63.05
C PRO Q 189 7.03 14.54 63.80
N PHE Q 190 6.20 15.37 64.40
CA PHE Q 190 5.12 14.85 65.22
C PHE Q 190 3.78 14.95 64.50
N PHE Q 191 3.75 15.61 63.34
CA PHE Q 191 2.49 15.91 62.70
C PHE Q 191 2.51 15.43 61.26
N LYS Q 192 1.46 14.70 60.89
CA LYS Q 192 1.20 14.30 59.51
C LYS Q 192 -0.08 15.02 59.08
N ASN Q 193 0.10 16.20 58.49
CA ASN Q 193 -1.02 16.90 57.88
C ASN Q 193 -1.37 16.21 56.56
N ILE Q 194 -2.68 16.03 56.31
CA ILE Q 194 -3.05 15.35 55.08
C ILE Q 194 -3.01 16.31 53.90
N ASP Q 195 -3.46 17.55 54.10
CA ASP Q 195 -3.48 18.60 53.08
C ASP Q 195 -4.23 19.82 53.60
N LEU Q 196 -3.93 21.00 53.08
CA LEU Q 196 -4.79 22.17 53.26
C LEU Q 196 -6.08 21.87 52.49
N GLN Q 197 -7.06 21.33 53.20
CA GLN Q 197 -8.26 20.83 52.53
C GLN Q 197 -8.98 21.92 51.76
N THR Q 198 -9.03 23.15 52.29
CA THR Q 198 -9.55 24.24 51.48
C THR Q 198 -9.08 25.58 52.03
N ALA Q 199 -9.26 26.63 51.22
CA ALA Q 199 -8.92 27.98 51.63
C ALA Q 199 -9.57 28.98 50.68
N LYS Q 200 -10.32 29.93 51.26
CA LYS Q 200 -11.07 30.92 50.52
C LYS Q 200 -10.97 32.26 51.24
N GLN Q 201 -10.46 33.27 50.54
CA GLN Q 201 -10.33 34.61 51.14
C GLN Q 201 -11.71 35.27 51.20
N VAL Q 202 -12.24 35.40 52.41
CA VAL Q 202 -13.56 35.98 52.63
C VAL Q 202 -13.42 37.48 52.83
N GLY Q 203 -14.03 38.27 51.93
CA GLY Q 203 -13.81 39.71 51.93
C GLY Q 203 -14.70 40.48 52.89
N GLY Q 204 -15.98 40.11 52.98
CA GLY Q 204 -16.90 40.84 53.83
C GLY Q 204 -17.84 41.72 53.04
N ALA Q 205 -18.29 42.80 53.67
CA ALA Q 205 -19.26 43.69 53.06
C ALA Q 205 -19.15 45.06 53.70
N GLN Q 206 -20.08 45.95 53.34
CA GLN Q 206 -20.11 47.30 53.88
C GLN Q 206 -20.40 47.32 55.38
N VAL Q 207 -20.97 46.24 55.91
CA VAL Q 207 -21.20 46.16 57.35
C VAL Q 207 -19.92 45.84 58.11
N GLY Q 208 -18.92 45.25 57.45
CA GLY Q 208 -17.68 44.95 58.13
C GLY Q 208 -16.76 44.00 57.38
N VAL Q 209 -15.51 43.91 57.84
CA VAL Q 209 -14.50 43.08 57.19
C VAL Q 209 -14.26 41.76 57.90
N PRO Q 210 -13.78 40.76 57.16
CA PRO Q 210 -12.72 39.89 57.66
C PRO Q 210 -11.49 39.94 56.74
N ILE Q 211 -11.72 39.87 55.43
CA ILE Q 211 -10.68 40.00 54.39
C ILE Q 211 -9.69 38.83 54.46
N LEU Q 212 -9.69 38.10 55.58
CA LEU Q 212 -8.70 37.06 55.78
C LEU Q 212 -8.99 35.84 54.88
N VAL Q 213 -8.12 34.84 54.98
CA VAL Q 213 -8.28 33.61 54.21
C VAL Q 213 -8.81 32.53 55.15
N GLU Q 214 -10.09 32.24 55.02
CA GLU Q 214 -10.68 31.09 55.72
C GLU Q 214 -10.04 29.82 55.18
N PHE Q 215 -9.88 28.81 56.03
CA PHE Q 215 -9.25 27.58 55.55
C PHE Q 215 -9.69 26.38 56.38
N LYS Q 216 -9.36 25.18 55.89
CA LYS Q 216 -9.58 23.93 56.59
C LYS Q 216 -8.46 22.94 56.30
N ILE Q 217 -8.03 22.26 57.38
CA ILE Q 217 -6.95 21.29 57.42
C ILE Q 217 -7.37 20.12 58.30
N THR Q 218 -6.89 18.92 57.95
CA THR Q 218 -7.00 17.74 58.79
C THR Q 218 -5.63 17.11 58.93
N MET Q 219 -5.30 16.69 60.16
CA MET Q 219 -3.95 16.28 60.49
C MET Q 219 -3.99 15.18 61.54
N THR Q 220 -3.37 14.03 61.24
CA THR Q 220 -3.12 13.03 62.26
C THR Q 220 -1.75 13.29 62.90
N SER Q 221 -1.73 13.41 64.24
CA SER Q 221 -0.57 13.80 65.04
C SER Q 221 0.48 12.68 65.06
N ASN Q 222 1.12 12.46 66.22
CA ASN Q 222 2.00 11.30 66.37
C ASN Q 222 1.94 10.77 67.81
N TYR Q 223 2.14 9.46 67.94
CA TYR Q 223 1.98 8.79 69.23
C TYR Q 223 1.09 7.56 69.10
N MET R 1 69.39 112.68 -13.30
CA MET R 1 68.94 112.65 -14.69
C MET R 1 67.58 113.34 -14.73
N ASP R 2 67.66 114.65 -14.93
CA ASP R 2 66.92 115.67 -14.16
C ASP R 2 65.43 115.77 -14.40
N LYS R 3 65.03 115.71 -15.67
CA LYS R 3 63.68 116.14 -16.00
C LYS R 3 62.66 115.26 -15.30
N TYR R 4 63.16 114.25 -14.56
CA TYR R 4 62.32 113.24 -13.97
C TYR R 4 62.05 113.52 -12.49
N LEU R 5 62.91 114.28 -11.78
CA LEU R 5 62.42 114.85 -10.51
C LEU R 5 61.62 116.10 -10.80
N ASP R 6 61.79 116.66 -11.99
CA ASP R 6 60.82 117.70 -12.28
C ASP R 6 59.44 117.08 -12.51
N GLN R 7 59.40 115.93 -13.20
CA GLN R 7 58.12 115.28 -13.43
C GLN R 7 57.61 114.63 -12.16
N PHE R 8 58.51 114.18 -11.29
CA PHE R 8 58.10 113.50 -10.06
C PHE R 8 57.61 114.48 -9.01
N VAL R 9 58.11 115.73 -9.05
CA VAL R 9 57.59 116.79 -8.20
C VAL R 9 56.32 117.40 -8.74
N LYS R 10 56.07 117.31 -10.05
CA LYS R 10 54.89 117.90 -10.67
C LYS R 10 53.60 117.09 -10.61
N ALA R 11 53.31 116.37 -11.70
CA ALA R 11 52.06 115.63 -11.98
C ALA R 11 51.09 116.49 -12.79
N PRO R 12 50.25 115.83 -13.61
CA PRO R 12 48.80 115.99 -13.81
C PRO R 12 48.05 114.64 -14.17
N PRO R 13 47.66 114.30 -15.47
CA PRO R 13 46.77 113.14 -15.62
C PRO R 13 47.40 111.82 -15.19
N ALA R 14 48.65 111.58 -15.57
CA ALA R 14 49.30 110.31 -15.27
C ALA R 14 49.33 110.04 -13.77
N ILE R 15 49.52 111.09 -12.97
CA ILE R 15 49.68 110.91 -11.53
C ILE R 15 48.34 111.04 -10.81
N LYS R 16 47.38 111.77 -11.37
CA LYS R 16 46.01 111.69 -10.85
C LYS R 16 45.47 110.28 -11.03
N PHE R 17 45.62 109.71 -12.23
CA PHE R 17 45.29 108.30 -12.46
C PHE R 17 46.06 107.41 -11.50
N GLY R 18 47.38 107.64 -11.37
CA GLY R 18 48.18 106.83 -10.46
C GLY R 18 47.65 106.83 -9.05
N GLY R 19 47.40 108.03 -8.51
CA GLY R 19 46.87 108.13 -7.16
C GLY R 19 45.52 107.44 -6.99
N LEU R 20 44.61 107.64 -7.94
CA LEU R 20 43.38 106.86 -7.94
C LEU R 20 43.67 105.36 -7.86
N ALA R 21 44.71 104.90 -8.56
CA ALA R 21 45.00 103.48 -8.60
C ALA R 21 45.56 102.97 -7.27
N PHE R 22 46.47 103.72 -6.65
CA PHE R 22 46.97 103.32 -5.34
C PHE R 22 45.85 103.30 -4.31
N VAL R 23 44.91 104.25 -4.42
CA VAL R 23 43.78 104.30 -3.51
C VAL R 23 42.91 103.05 -3.67
N VAL R 24 42.55 102.71 -4.93
CA VAL R 24 41.68 101.55 -5.12
C VAL R 24 42.39 100.26 -4.72
N GLY R 25 43.71 100.21 -4.90
CA GLY R 25 44.47 99.08 -4.39
C GLY R 25 44.40 98.96 -2.88
N ALA R 26 44.57 100.09 -2.17
CA ALA R 26 44.41 100.07 -0.73
C ALA R 26 43.02 99.60 -0.30
N LEU R 27 41.98 100.11 -0.98
CA LEU R 27 40.62 99.74 -0.60
C LEU R 27 40.36 98.26 -0.86
N THR R 28 40.93 97.70 -1.93
CA THR R 28 40.76 96.27 -2.18
C THR R 28 41.51 95.43 -1.15
N ALA R 29 42.71 95.84 -0.76
CA ALA R 29 43.37 95.21 0.38
C ALA R 29 42.46 95.22 1.61
N ALA R 30 41.83 96.37 1.88
CA ALA R 30 40.97 96.50 3.04
C ALA R 30 39.77 95.57 2.99
N ASN R 31 39.10 95.49 1.83
CA ASN R 31 37.90 94.65 1.78
C ASN R 31 38.26 93.17 1.75
N PHE R 32 39.43 92.82 1.21
CA PHE R 32 39.86 91.42 1.29
C PHE R 32 40.19 91.03 2.73
N PHE R 33 40.81 91.91 3.49
CA PHE R 33 40.99 91.62 4.91
C PHE R 33 39.64 91.54 5.62
N MET R 34 38.71 92.41 5.24
CA MET R 34 37.37 92.43 5.83
C MET R 34 36.47 91.29 5.34
N VAL R 35 36.95 90.46 4.41
CA VAL R 35 36.28 89.19 4.16
C VAL R 35 37.07 88.02 4.72
N ILE R 36 38.35 88.22 5.05
CA ILE R 36 39.10 87.16 5.71
C ILE R 36 38.71 87.06 7.19
N GLN R 37 38.47 88.20 7.84
CA GLN R 37 38.11 88.17 9.25
C GLN R 37 36.78 87.47 9.53
N PRO R 38 35.69 87.70 8.77
CA PRO R 38 34.47 86.93 9.02
C PRO R 38 34.65 85.44 8.83
N THR R 39 35.65 85.03 8.06
CA THR R 39 35.99 83.61 7.97
C THR R 39 36.42 83.08 9.32
N GLU R 40 37.43 83.71 9.93
CA GLU R 40 37.91 83.28 11.23
C GLU R 40 36.80 83.31 12.28
N GLU R 41 36.08 84.43 12.36
CA GLU R 41 34.94 84.50 13.27
C GLU R 41 33.96 83.36 13.03
N GLU R 42 33.76 83.01 11.76
CA GLU R 42 32.77 81.99 11.40
C GLU R 42 33.23 80.60 11.84
N ILE R 43 34.50 80.28 11.62
CA ILE R 43 35.05 79.03 12.13
C ILE R 43 34.92 78.98 13.65
N GLY R 44 35.11 80.12 14.31
CA GLY R 44 34.91 80.16 15.75
C GLY R 44 33.50 79.80 16.16
N TRP R 45 32.50 80.45 15.55
CA TRP R 45 31.11 80.12 15.87
C TRP R 45 30.81 78.65 15.57
N ALA R 46 31.44 78.10 14.53
CA ALA R 46 31.33 76.66 14.29
C ALA R 46 31.82 75.86 15.48
N VAL R 47 33.04 76.16 15.97
CA VAL R 47 33.62 75.42 17.09
C VAL R 47 32.74 75.55 18.34
N ALA R 48 32.10 76.69 18.54
CA ALA R 48 31.19 76.84 19.67
C ALA R 48 29.95 75.97 19.49
N GLU R 49 29.27 76.13 18.36
CA GLU R 49 28.02 75.41 18.11
C GLU R 49 28.21 73.90 18.24
N ARG R 50 29.26 73.36 17.61
CA ARG R 50 29.51 71.93 17.72
C ARG R 50 29.70 71.50 19.16
N ARG R 51 30.40 72.32 19.96
CA ARG R 51 30.55 72.03 21.37
C ARG R 51 29.22 72.06 22.11
N LYS R 52 28.24 72.80 21.59
CA LYS R 52 26.90 72.71 22.18
C LYS R 52 26.17 71.44 21.75
N LEU R 53 26.28 71.07 20.48
CA LEU R 53 25.77 69.78 20.01
C LEU R 53 26.25 68.64 20.90
N ASP R 54 27.56 68.59 21.16
CA ASP R 54 28.15 67.44 21.84
C ASP R 54 27.77 67.37 23.32
N LEU R 55 27.55 68.50 23.98
CA LEU R 55 27.07 68.48 25.36
C LEU R 55 25.60 68.10 25.43
N GLU R 56 24.80 68.62 24.50
CA GLU R 56 23.40 68.22 24.42
C GLU R 56 23.27 66.71 24.21
N LEU R 57 24.14 66.13 23.39
CA LEU R 57 24.12 64.68 23.23
C LEU R 57 24.42 63.96 24.54
N ALA R 58 25.19 64.57 25.44
CA ALA R 58 25.36 64.00 26.77
C ALA R 58 24.05 64.07 27.56
N ASP R 59 23.40 65.24 27.52
CA ASP R 59 22.13 65.37 28.23
C ASP R 59 21.10 64.36 27.75
N LYS R 60 21.06 64.04 26.44
CA LYS R 60 20.06 63.12 25.93
C LYS R 60 20.21 61.72 26.54
N SER R 61 21.44 61.21 26.58
CA SER R 61 21.65 59.89 27.18
C SER R 61 21.37 59.92 28.67
N GLU R 62 21.80 60.98 29.36
CA GLU R 62 21.53 61.08 30.79
C GLU R 62 20.03 61.00 31.07
N ILE R 63 19.23 61.80 30.37
CA ILE R 63 17.82 61.85 30.71
C ILE R 63 17.08 60.63 30.19
N ALA R 64 17.55 60.02 29.10
CA ALA R 64 16.95 58.75 28.67
C ALA R 64 17.16 57.66 29.72
N GLN R 65 18.38 57.60 30.29
CA GLN R 65 18.62 56.65 31.36
C GLN R 65 17.75 56.95 32.58
N ASN R 66 17.57 58.24 32.92
CA ASN R 66 16.67 58.57 34.02
C ASN R 66 15.23 58.16 33.71
N LEU R 67 14.80 58.26 32.44
CA LEU R 67 13.50 57.74 32.05
C LEU R 67 13.39 56.25 32.29
N ASN R 68 14.39 55.48 31.84
CA ASN R 68 14.36 54.04 32.06
C ASN R 68 14.26 53.71 33.55
N GLU R 69 15.03 54.42 34.38
CA GLU R 69 14.94 54.18 35.81
C GLU R 69 13.56 54.53 36.35
N ARG R 70 12.93 55.60 35.85
CA ARG R 70 11.53 55.79 36.14
C ARG R 70 10.77 54.52 35.85
N ARG R 71 10.52 54.25 34.57
CA ARG R 71 9.66 53.15 34.13
C ARG R 71 9.84 51.98 35.07
N ARG R 72 11.11 51.59 35.23
CA ARG R 72 11.50 50.53 36.15
C ARG R 72 10.84 50.67 37.51
N GLU R 73 10.82 51.87 38.08
CA GLU R 73 10.27 51.91 39.43
C GLU R 73 8.87 52.54 39.54
N MET R 74 8.64 53.65 38.87
CA MET R 74 7.31 54.24 38.83
C MET R 74 6.25 53.23 38.41
N ASP R 75 6.53 52.42 37.41
CA ASP R 75 5.59 51.35 37.16
C ASP R 75 5.42 50.50 38.42
N VAL R 76 6.50 49.90 38.93
CA VAL R 76 6.39 48.95 40.04
C VAL R 76 5.51 49.49 41.17
N LEU R 77 5.69 50.77 41.52
CA LEU R 77 4.80 51.32 42.53
C LEU R 77 3.39 51.56 41.98
N GLU R 78 3.22 51.61 40.64
CA GLU R 78 1.87 51.67 40.08
C GLU R 78 1.15 50.37 40.40
N GLN R 79 1.92 49.35 40.81
CA GLN R 79 1.40 48.15 41.44
C GLN R 79 1.25 48.29 42.95
N LYS R 80 2.24 48.86 43.62
CA LYS R 80 2.18 48.95 45.09
C LYS R 80 0.94 49.72 45.55
N LEU R 81 0.98 51.05 45.52
CA LEU R 81 -0.27 51.77 45.67
C LEU R 81 -0.89 51.67 44.32
N SER R 82 -0.48 52.68 43.57
CA SER R 82 -0.54 52.80 42.13
C SER R 82 0.24 54.08 41.99
N GLU R 83 0.35 54.73 40.84
CA GLU R 83 1.30 55.83 40.89
C GLU R 83 0.74 57.17 40.45
N ALA R 84 1.23 57.68 39.34
CA ALA R 84 0.84 59.01 38.90
C ALA R 84 -0.62 59.04 38.48
N LEU R 85 -0.90 59.90 37.53
CA LEU R 85 -1.93 59.58 36.59
C LEU R 85 -1.24 58.64 35.63
N THR R 86 -0.43 59.21 34.75
CA THR R 86 -0.05 58.49 33.53
C THR R 86 0.70 59.40 32.57
N GLU R 87 1.55 58.77 31.76
CA GLU R 87 1.71 59.14 30.36
C GLU R 87 1.05 57.97 29.65
N LEU R 88 1.11 56.87 30.38
CA LEU R 88 0.97 55.49 29.93
C LEU R 88 0.57 55.17 28.50
N PRO R 89 1.41 54.33 27.87
CA PRO R 89 0.87 53.49 26.83
C PRO R 89 0.04 52.40 27.52
N GLU R 90 0.70 51.62 28.39
CA GLU R 90 0.21 50.35 28.96
C GLU R 90 -0.57 49.48 27.94
N GLN R 91 -1.02 50.09 26.85
CA GLN R 91 -1.35 49.36 25.63
C GLN R 91 -0.21 48.46 25.19
N ARG R 92 1.04 48.79 25.56
CA ARG R 92 2.20 47.96 25.34
C ARG R 92 2.72 47.35 26.63
N ASP R 93 1.81 47.11 27.58
CA ASP R 93 2.19 46.54 28.87
C ASP R 93 1.13 45.60 29.44
N ILE R 94 0.06 45.30 28.71
CA ILE R 94 -0.96 44.37 29.19
C ILE R 94 -0.74 42.97 28.63
N GLU R 95 -0.53 42.87 27.32
CA GLU R 95 -0.29 41.57 26.72
C GLU R 95 1.00 40.96 27.22
N GLU R 96 1.99 41.79 27.54
CA GLU R 96 3.21 41.28 28.17
C GLU R 96 2.94 40.81 29.59
N LEU R 97 1.95 41.42 30.26
CA LEU R 97 1.55 40.96 31.59
C LEU R 97 0.90 39.59 31.51
N LEU R 98 -0.02 39.40 30.56
CA LEU R 98 -0.62 38.08 30.35
C LEU R 98 0.45 37.04 29.99
N ALA R 99 1.36 37.41 29.09
CA ALA R 99 2.40 36.48 28.67
C ALA R 99 3.29 36.08 29.85
N GLN R 100 3.73 37.06 30.64
CA GLN R 100 4.60 36.73 31.77
C GLN R 100 3.85 35.96 32.86
N ILE R 101 2.55 36.20 33.01
CA ILE R 101 1.75 35.36 33.91
C ILE R 101 1.77 33.92 33.43
N ASN R 102 1.61 33.72 32.11
CA ASN R 102 1.68 32.37 31.56
C ASN R 102 3.05 31.75 31.80
N ASP R 103 4.13 32.54 31.66
CA ASP R 103 5.47 32.00 31.84
C ASP R 103 5.72 31.60 33.28
N ILE R 104 5.42 32.48 34.24
CA ILE R 104 5.62 32.13 35.64
C ILE R 104 4.72 30.97 36.03
N GLY R 105 3.57 30.84 35.38
CA GLY R 105 2.74 29.66 35.61
C GLY R 105 3.40 28.39 35.10
N LYS R 106 4.02 28.47 33.93
CA LYS R 106 4.62 27.29 33.32
C LYS R 106 5.85 26.83 34.10
N LYS R 107 6.71 27.78 34.50
CA LYS R 107 7.90 27.39 35.25
C LYS R 107 7.60 26.99 36.68
N SER R 108 6.40 27.31 37.18
CA SER R 108 5.96 26.79 38.47
C SER R 108 5.29 25.43 38.34
N GLY R 109 5.09 24.93 37.12
CA GLY R 109 4.49 23.64 36.90
C GLY R 109 2.98 23.59 36.89
N LEU R 110 2.32 24.75 36.90
CA LEU R 110 0.86 24.79 36.98
C LEU R 110 0.24 24.74 35.59
N GLU R 111 -0.92 24.09 35.51
CA GLU R 111 -1.74 24.12 34.31
C GLU R 111 -2.63 25.36 34.37
N LEU R 112 -2.44 26.29 33.43
CA LEU R 112 -3.24 27.51 33.37
C LEU R 112 -4.57 27.16 32.71
N SER R 113 -5.57 26.86 33.53
CA SER R 113 -6.85 26.42 32.99
C SER R 113 -7.67 27.57 32.42
N SER R 114 -7.50 28.80 32.93
CA SER R 114 -8.21 29.93 32.35
C SER R 114 -7.59 31.23 32.84
N VAL R 115 -7.36 32.16 31.92
CA VAL R 115 -7.05 33.54 32.26
C VAL R 115 -8.16 34.41 31.66
N THR R 116 -8.77 35.22 32.50
CA THR R 116 -9.91 36.03 32.09
C THR R 116 -9.66 37.48 32.46
N PRO R 117 -9.57 38.39 31.49
CA PRO R 117 -9.45 39.81 31.86
C PRO R 117 -10.72 40.30 32.53
N GLY R 118 -10.72 41.56 32.94
CA GLY R 118 -11.88 42.16 33.57
C GLY R 118 -12.38 43.36 32.81
N LYS R 119 -13.22 44.15 33.47
CA LYS R 119 -13.60 45.47 32.99
C LYS R 119 -12.85 46.52 33.78
N GLU R 120 -12.51 47.61 33.11
CA GLU R 120 -11.87 48.70 33.82
C GLU R 120 -12.84 49.30 34.81
N SER R 121 -12.34 49.63 36.00
CA SER R 121 -13.16 50.14 37.08
C SER R 121 -13.29 51.65 36.90
N VAL R 122 -14.34 52.05 36.19
CA VAL R 122 -14.56 53.44 35.85
C VAL R 122 -14.72 54.29 37.11
N GLY R 123 -15.21 53.69 38.19
CA GLY R 123 -15.34 54.38 39.45
C GLY R 123 -14.37 53.86 40.48
N GLY R 124 -13.24 53.33 40.02
CA GLY R 124 -12.23 52.82 40.91
C GLY R 124 -11.07 53.78 41.09
N GLY R 125 -11.26 55.02 40.67
CA GLY R 125 -10.23 56.03 40.79
C GLY R 125 -10.39 57.18 39.83
N GLU R 126 -9.99 58.38 40.26
CA GLU R 126 -10.09 59.55 39.40
C GLU R 126 -8.94 59.62 38.41
N PHE R 127 -7.76 59.13 38.81
CA PHE R 127 -6.57 59.21 37.98
C PHE R 127 -6.20 57.90 37.31
N PHE R 128 -7.06 56.89 37.36
CA PHE R 128 -6.67 55.58 36.86
C PHE R 128 -7.90 54.70 36.70
N ALA R 129 -7.92 53.94 35.61
CA ALA R 129 -8.90 52.87 35.43
C ALA R 129 -8.20 51.55 35.75
N ARG R 130 -8.69 50.86 36.77
CA ARG R 130 -8.13 49.57 37.14
C ARG R 130 -8.73 48.47 36.29
N ILE R 131 -7.87 47.71 35.62
CA ILE R 131 -8.29 46.52 34.89
C ILE R 131 -7.91 45.30 35.74
N PRO R 132 -8.88 44.51 36.22
CA PRO R 132 -8.55 43.30 36.96
C PRO R 132 -8.44 42.10 36.03
N ILE R 133 -7.58 41.16 36.41
CA ILE R 133 -7.37 39.93 35.66
C ILE R 133 -7.54 38.77 36.64
N LYS R 134 -8.44 37.87 36.33
CA LYS R 134 -8.71 36.69 37.15
C LYS R 134 -8.00 35.50 36.52
N MET R 135 -7.05 34.92 37.24
CA MET R 135 -6.26 33.80 36.75
C MET R 135 -6.67 32.52 37.48
N THR R 136 -6.60 31.40 36.75
CA THR R 136 -7.18 30.12 37.16
C THR R 136 -6.18 29.03 36.75
N VAL R 137 -5.39 28.59 37.72
CA VAL R 137 -4.29 27.65 37.52
C VAL R 137 -4.45 26.52 38.52
N SER R 138 -4.01 25.32 38.15
CA SER R 138 -4.18 24.15 39.01
C SER R 138 -2.84 23.45 39.24
N GLY R 139 -2.68 22.91 40.45
CA GLY R 139 -1.45 22.17 40.76
C GLY R 139 -1.35 21.89 42.25
N ASN R 140 -0.11 21.95 42.75
CA ASN R 140 0.20 21.66 44.14
C ASN R 140 0.23 22.94 44.96
N TYR R 141 0.02 22.79 46.28
CA TYR R 141 0.04 23.95 47.17
C TYR R 141 1.36 24.69 47.10
N HIS R 142 2.48 23.96 47.11
CA HIS R 142 3.80 24.55 46.96
C HIS R 142 3.90 25.33 45.65
N GLU R 143 3.31 24.78 44.59
CA GLU R 143 3.42 25.38 43.27
C GLU R 143 2.54 26.61 43.12
N ILE R 144 1.41 26.66 43.84
CA ILE R 144 0.55 27.84 43.73
C ILE R 144 1.08 28.96 44.63
N ALA R 145 1.60 28.62 45.81
CA ALA R 145 2.33 29.62 46.58
C ALA R 145 3.51 30.16 45.79
N LEU R 146 4.17 29.28 45.03
CA LEU R 146 5.26 29.70 44.15
C LEU R 146 4.77 30.66 43.07
N PHE R 147 3.72 30.27 42.35
CA PHE R 147 3.14 31.12 41.31
C PHE R 147 2.78 32.50 41.87
N LEU R 148 2.15 32.53 43.03
CA LEU R 148 1.76 33.80 43.64
C LEU R 148 2.97 34.64 43.99
N GLN R 149 3.96 34.04 44.67
CA GLN R 149 5.12 34.83 45.08
C GLN R 149 5.91 35.33 43.87
N GLU R 150 5.94 34.57 42.78
CA GLU R 150 6.59 35.04 41.57
C GLU R 150 5.84 36.22 40.95
N MET R 151 4.50 36.14 40.91
CA MET R 151 3.75 37.29 40.38
C MET R 151 3.89 38.50 41.30
N ALA R 152 4.14 38.27 42.59
CA ALA R 152 4.34 39.34 43.54
C ALA R 152 5.78 39.85 43.56
N ASN R 153 6.69 39.17 42.85
CA ASN R 153 8.05 39.65 42.63
C ASN R 153 8.28 40.15 41.22
N MET R 154 7.23 40.33 40.42
CA MET R 154 7.40 40.72 39.04
C MET R 154 7.73 42.22 38.93
N ARG R 155 8.24 42.62 37.77
CA ARG R 155 8.58 44.00 37.45
C ARG R 155 7.38 44.76 36.87
N ARG R 156 6.19 44.17 36.92
CA ARG R 156 5.01 44.81 36.33
C ARG R 156 3.91 44.87 37.38
N ILE R 157 2.73 45.32 36.93
CA ILE R 157 1.77 45.99 37.81
C ILE R 157 0.64 45.04 38.17
N VAL R 158 1.02 43.85 38.62
CA VAL R 158 0.02 42.82 38.88
C VAL R 158 -0.17 42.66 40.39
N ASN R 159 -0.95 43.57 40.98
CA ASN R 159 -1.20 43.53 42.41
C ASN R 159 -2.21 42.43 42.74
N VAL R 160 -1.72 41.28 43.19
CA VAL R 160 -2.60 40.17 43.54
C VAL R 160 -3.29 40.47 44.86
N ASN R 161 -4.58 40.17 44.93
CA ASN R 161 -5.35 40.47 46.15
C ASN R 161 -6.13 39.25 46.62
N ASN R 162 -7.42 39.18 46.28
CA ASN R 162 -8.28 38.14 46.81
C ASN R 162 -7.94 36.78 46.19
N ILE R 163 -7.51 35.82 47.02
CA ILE R 163 -7.05 34.52 46.56
C ILE R 163 -8.04 33.44 46.96
N LYS R 164 -8.17 32.40 46.15
CA LYS R 164 -8.88 31.19 46.57
C LYS R 164 -8.27 29.94 45.93
N PHE R 165 -8.57 28.78 46.52
CA PHE R 165 -8.22 27.49 45.94
C PHE R 165 -8.91 26.37 46.71
N ASP R 166 -9.08 25.24 46.04
CA ASP R 166 -9.81 24.10 46.57
C ASP R 166 -9.35 22.83 45.86
N SER R 167 -9.83 21.68 46.35
CA SER R 167 -9.46 20.38 45.78
C SER R 167 -10.37 20.09 44.59
N ALA R 168 -9.76 19.94 43.41
CA ALA R 168 -10.54 19.86 42.18
C ALA R 168 -11.11 18.48 41.91
N LYS R 169 -10.70 17.47 42.68
CA LYS R 169 -11.14 16.10 42.44
C LYS R 169 -12.41 15.83 43.26
N LEU R 170 -13.49 15.48 42.56
CA LEU R 170 -14.73 15.06 43.20
C LEU R 170 -14.47 14.01 44.26
N LYS R 171 -14.21 12.77 43.83
CA LYS R 171 -14.02 11.64 44.73
C LYS R 171 -12.84 11.83 45.67
N ASN R 172 -11.95 12.76 45.34
CA ASN R 172 -10.71 12.96 46.09
C ASN R 172 -9.88 11.68 46.08
N GLU R 173 -9.33 11.32 44.92
CA GLU R 173 -8.49 10.14 44.80
C GLU R 173 -7.03 10.48 44.54
N LYS R 174 -6.73 11.72 44.17
CA LYS R 174 -5.35 12.20 44.06
C LYS R 174 -5.31 13.66 44.45
N VAL R 175 -4.15 14.10 44.93
CA VAL R 175 -4.01 15.50 45.34
C VAL R 175 -3.98 16.39 44.12
N VAL R 176 -4.77 17.47 44.17
CA VAL R 176 -4.83 18.47 43.11
C VAL R 176 -5.61 19.67 43.62
N LEU R 177 -5.08 20.86 43.42
CA LEU R 177 -5.69 22.09 43.92
C LEU R 177 -5.91 23.04 42.75
N GLN R 178 -7.19 23.24 42.39
CA GLN R 178 -7.56 24.33 41.51
C GLN R 178 -7.49 25.64 42.30
N SER R 179 -6.84 26.64 41.71
CA SER R 179 -6.58 27.90 42.37
C SER R 179 -7.03 29.05 41.46
N GLU R 180 -7.73 30.01 42.05
CA GLU R 180 -8.20 31.20 41.35
C GLU R 180 -7.68 32.42 42.12
N PHE R 181 -6.77 33.15 41.50
CA PHE R 181 -6.20 34.37 42.08
C PHE R 181 -6.69 35.57 41.29
N GLN R 182 -6.98 36.67 42.00
CA GLN R 182 -7.38 37.93 41.36
C GLN R 182 -6.22 38.91 41.46
N ALA R 183 -5.85 39.50 40.33
CA ALA R 183 -4.69 40.39 40.27
C ALA R 183 -4.90 41.44 39.17
N THR R 184 -4.66 42.70 39.53
CA THR R 184 -5.11 43.82 38.69
C THR R 184 -3.97 44.78 38.41
N THR R 185 -4.05 45.45 37.27
CA THR R 185 -3.13 46.54 36.93
C THR R 185 -3.92 47.81 36.65
N PHE R 186 -3.27 48.95 36.87
CA PHE R 186 -4.02 50.21 36.87
C PHE R 186 -3.65 51.08 35.67
N ARG R 187 -4.38 50.93 34.57
CA ARG R 187 -4.22 51.84 33.42
C ARG R 187 -4.70 53.23 33.82
N PHE R 188 -4.58 54.20 32.92
CA PHE R 188 -5.11 55.53 33.24
C PHE R 188 -6.59 55.64 32.91
N VAL R 189 -7.16 56.81 33.14
CA VAL R 189 -8.59 57.03 32.88
C VAL R 189 -8.86 57.11 31.37
N ALA S 37 38.67 121.82 -30.88
CA ALA S 37 37.34 122.40 -30.78
C ALA S 37 37.43 123.92 -30.64
N LYS S 38 36.64 124.70 -31.40
CA LYS S 38 36.91 126.14 -31.59
C LYS S 38 36.73 126.97 -30.35
N GLY S 39 37.87 127.36 -29.76
CA GLY S 39 37.97 128.60 -29.04
C GLY S 39 39.01 129.44 -29.76
N LYS S 40 39.11 130.73 -29.45
CA LYS S 40 40.32 131.46 -29.79
C LYS S 40 41.26 131.17 -28.62
N LEU S 41 42.37 130.48 -28.90
CA LEU S 41 43.23 129.98 -27.83
C LEU S 41 44.00 131.14 -27.18
N VAL S 42 45.20 130.87 -26.65
CA VAL S 42 46.06 132.00 -26.23
C VAL S 42 47.49 131.76 -26.70
N LEU S 43 48.38 132.70 -26.34
CA LEU S 43 49.78 132.59 -26.73
C LEU S 43 50.73 133.13 -25.66
N GLY S 44 51.57 132.25 -25.15
CA GLY S 44 52.69 132.67 -24.31
C GLY S 44 53.99 132.69 -25.05
N LEU S 45 54.95 133.45 -24.52
CA LEU S 45 56.36 133.36 -24.94
C LEU S 45 57.13 132.48 -23.95
N ASP S 46 56.93 131.17 -24.14
CA ASP S 46 57.37 130.19 -23.15
C ASP S 46 58.88 130.00 -23.16
N ILE S 47 59.54 130.25 -24.29
CA ILE S 47 61.00 130.08 -24.38
C ILE S 47 61.66 131.45 -24.44
N GLY S 48 61.06 132.41 -23.73
CA GLY S 48 61.66 133.73 -23.60
C GLY S 48 62.96 133.75 -22.82
N SER S 49 63.14 132.83 -21.88
CA SER S 49 64.34 132.73 -21.05
C SER S 49 64.57 133.99 -20.22
N THR S 50 64.52 135.16 -20.87
CA THR S 50 64.51 136.40 -20.12
C THR S 50 63.11 136.75 -19.63
N SER S 51 62.09 136.45 -20.42
CA SER S 51 60.74 136.90 -20.08
C SER S 51 59.69 135.95 -20.64
N ILE S 52 58.71 135.63 -19.80
CA ILE S 52 57.49 134.95 -20.21
C ILE S 52 56.47 136.02 -20.56
N LYS S 53 56.09 136.09 -21.83
CA LYS S 53 55.11 137.04 -22.34
C LYS S 53 53.92 136.28 -22.89
N MET S 54 52.75 136.91 -22.87
CA MET S 54 51.50 136.28 -23.32
C MET S 54 50.60 137.32 -23.95
N ILE S 55 49.85 136.93 -24.99
CA ILE S 55 49.04 137.87 -25.76
C ILE S 55 47.69 137.24 -26.09
N LEU S 56 46.63 138.04 -25.96
CA LEU S 56 45.29 137.64 -26.36
C LEU S 56 44.77 138.60 -27.41
N LEU S 57 44.74 138.13 -28.65
CA LEU S 57 43.99 138.74 -29.73
C LEU S 57 42.75 137.92 -29.97
N LYS S 58 41.63 138.58 -30.15
CA LYS S 58 40.46 137.90 -30.67
C LYS S 58 39.82 138.89 -31.64
N GLU S 59 38.59 138.59 -32.05
CA GLU S 59 37.88 139.46 -32.97
C GLU S 59 37.06 140.48 -32.19
N GLN S 60 37.47 141.74 -32.26
CA GLN S 60 36.79 142.83 -31.56
C GLN S 60 35.75 143.50 -32.45
N ARG S 61 34.52 143.59 -31.97
CA ARG S 61 33.43 144.20 -32.72
C ARG S 61 33.46 145.71 -32.55
N LYS S 62 33.31 146.43 -33.67
CA LYS S 62 33.07 147.86 -33.65
C LYS S 62 32.14 148.25 -34.78
N ARG S 63 31.01 148.86 -34.44
CA ARG S 63 30.03 149.40 -35.40
C ARG S 63 29.46 148.31 -36.29
N GLY S 64 29.25 147.14 -35.72
CA GLY S 64 28.80 146.00 -36.49
C GLY S 64 29.86 145.32 -37.35
N GLU S 65 31.09 145.80 -37.37
CA GLU S 65 32.21 145.11 -38.01
C GLU S 65 33.16 144.58 -36.96
N VAL S 66 33.87 143.50 -37.31
CA VAL S 66 34.79 142.83 -36.40
C VAL S 66 36.07 142.50 -37.17
N ILE S 67 37.13 142.20 -36.44
CA ILE S 67 38.42 141.79 -37.00
C ILE S 67 39.34 141.40 -35.84
N TYR S 68 40.36 140.60 -36.16
CA TYR S 68 41.43 140.30 -35.23
C TYR S 68 41.92 141.58 -34.56
N ALA S 69 42.00 141.55 -33.24
CA ALA S 69 42.30 142.75 -32.49
C ALA S 69 42.94 142.36 -31.16
N LEU S 70 43.94 143.13 -30.75
CA LEU S 70 44.60 142.90 -29.47
C LEU S 70 43.60 143.06 -28.33
N GLN S 71 43.52 142.05 -27.47
CA GLN S 71 42.67 142.12 -26.28
C GLN S 71 43.46 142.26 -24.99
N SER S 72 44.62 141.61 -24.86
CA SER S 72 45.45 141.79 -23.68
C SER S 72 46.88 141.37 -24.01
N PHE S 73 47.80 141.75 -23.13
CA PHE S 73 49.20 141.38 -23.22
C PHE S 73 49.84 141.51 -21.84
N GLY S 74 50.68 140.54 -21.50
CA GLY S 74 51.31 140.53 -20.21
C GLY S 74 52.73 140.02 -20.31
N MET S 75 53.58 140.45 -19.38
CA MET S 75 54.98 140.12 -19.42
C MET S 75 55.54 140.02 -18.01
N LYS S 76 56.28 138.95 -17.74
CA LYS S 76 56.94 138.76 -16.46
C LYS S 76 58.35 138.24 -16.69
N PRO S 77 59.36 138.79 -16.00
CA PRO S 77 60.71 138.25 -16.13
C PRO S 77 60.75 136.80 -15.69
N LEU S 78 61.32 135.95 -16.54
CA LEU S 78 61.34 134.52 -16.24
C LEU S 78 62.17 134.26 -14.99
N PRO S 79 61.60 133.66 -13.94
CA PRO S 79 62.43 133.18 -12.84
C PRO S 79 63.29 132.02 -13.29
N PRO S 80 64.60 132.16 -13.19
CA PRO S 80 65.51 131.13 -13.69
C PRO S 80 65.44 129.90 -12.80
N GLU S 81 66.16 128.86 -13.19
CA GLU S 81 65.96 127.48 -12.77
C GLU S 81 64.71 126.91 -13.44
N ALA S 82 63.85 127.74 -14.03
CA ALA S 82 62.76 127.23 -14.85
C ALA S 82 63.28 126.56 -16.11
N ILE S 83 64.17 127.21 -16.84
CA ILE S 83 64.66 126.73 -18.12
C ILE S 83 66.17 126.55 -18.03
N VAL S 84 66.66 125.40 -18.49
CA VAL S 84 68.07 125.10 -18.61
C VAL S 84 68.28 124.33 -19.90
N ASP S 85 69.22 124.80 -20.73
CA ASP S 85 69.56 124.15 -22.00
C ASP S 85 68.33 123.96 -22.89
N GLY S 86 67.34 124.84 -22.76
CA GLY S 86 66.15 124.79 -23.59
C GLY S 86 65.07 123.85 -23.12
N ALA S 87 65.26 123.15 -22.01
CA ALA S 87 64.23 122.29 -21.45
C ALA S 87 63.59 122.98 -20.25
N LEU S 88 62.29 122.79 -20.11
CA LEU S 88 61.58 123.30 -18.93
C LEU S 88 61.93 122.39 -17.77
N MET S 89 62.67 122.93 -16.79
CA MET S 89 63.26 122.09 -15.76
C MET S 89 62.89 122.55 -14.34
N ASN S 90 61.72 123.16 -14.18
CA ASN S 90 61.04 123.46 -12.92
C ASN S 90 59.59 123.69 -13.37
N SER S 91 58.99 122.62 -13.90
CA SER S 91 57.64 122.73 -14.45
C SER S 91 56.68 123.36 -13.46
N THR S 92 56.92 123.17 -12.16
CA THR S 92 56.05 123.74 -11.14
C THR S 92 56.13 125.27 -11.12
N ALA S 93 57.33 125.81 -10.92
CA ALA S 93 57.51 127.26 -10.91
C ALA S 93 57.01 127.90 -12.19
N ILE S 94 57.35 127.33 -13.34
CA ILE S 94 56.88 127.87 -14.62
C ILE S 94 55.36 127.86 -14.65
N VAL S 95 54.74 126.81 -14.11
CA VAL S 95 53.29 126.75 -14.01
C VAL S 95 52.76 127.97 -13.27
N GLN S 96 53.28 128.21 -12.06
CA GLN S 96 52.78 129.34 -11.27
C GLN S 96 53.03 130.67 -11.99
N ALA S 97 54.15 130.79 -12.69
CA ALA S 97 54.40 132.02 -13.44
C ALA S 97 53.36 132.21 -14.54
N VAL S 98 53.06 131.15 -15.30
CA VAL S 98 52.06 131.24 -16.35
C VAL S 98 50.70 131.59 -15.76
N GLN S 99 50.39 131.05 -14.58
CA GLN S 99 49.15 131.44 -13.91
C GLN S 99 49.13 132.93 -13.60
N ASP S 100 50.24 133.47 -13.11
CA ASP S 100 50.34 134.91 -12.91
C ASP S 100 50.13 135.66 -14.22
N LEU S 101 50.62 135.11 -15.33
CA LEU S 101 50.37 135.73 -16.64
C LEU S 101 48.89 135.76 -16.95
N MET S 102 48.19 134.64 -16.75
CA MET S 102 46.76 134.61 -17.06
C MET S 102 45.97 135.56 -16.16
N SER S 103 46.40 135.71 -14.89
CA SER S 103 45.69 136.61 -13.99
C SER S 103 45.92 138.07 -14.37
N GLU S 104 47.19 138.45 -14.60
CA GLU S 104 47.48 139.80 -15.07
C GLU S 104 46.74 140.10 -16.38
N LEU S 105 46.54 139.08 -17.21
CA LEU S 105 45.84 139.29 -18.47
C LEU S 105 44.35 139.52 -18.27
N LYS S 106 43.76 138.95 -17.21
CA LYS S 106 42.32 138.94 -17.00
C LYS S 106 41.61 138.22 -18.15
N VAL S 107 42.19 137.11 -18.59
CA VAL S 107 41.67 136.34 -19.71
C VAL S 107 40.97 135.10 -19.18
N LYS S 108 39.81 134.78 -19.77
CA LYS S 108 39.10 133.56 -19.42
C LYS S 108 39.50 132.37 -20.28
N GLY S 109 40.20 132.60 -21.38
CA GLY S 109 40.58 131.51 -22.25
C GLY S 109 41.63 130.62 -21.61
N LYS S 110 41.52 129.32 -21.86
CA LYS S 110 42.42 128.33 -21.28
C LYS S 110 43.04 127.40 -22.31
N ASP S 111 42.94 127.74 -23.59
CA ASP S 111 43.67 127.03 -24.64
C ASP S 111 44.81 127.91 -25.13
N VAL S 112 45.88 127.27 -25.58
CA VAL S 112 47.15 127.96 -25.83
C VAL S 112 47.89 127.30 -26.99
N ALA S 113 48.54 128.13 -27.80
CA ALA S 113 49.65 127.73 -28.65
C ALA S 113 50.92 128.21 -27.95
N ILE S 114 52.02 127.49 -28.12
CA ILE S 114 53.30 127.94 -27.57
C ILE S 114 54.41 127.54 -28.51
N GLY S 115 55.65 127.74 -28.07
CA GLY S 115 56.80 127.44 -28.92
C GLY S 115 57.87 126.71 -28.14
N VAL S 116 58.69 125.95 -28.87
CA VAL S 116 59.82 125.27 -28.28
C VAL S 116 61.04 126.18 -28.28
N SER S 117 62.05 125.81 -27.51
CA SER S 117 63.29 126.57 -27.49
C SER S 117 64.07 126.32 -28.76
N GLY S 118 64.64 127.39 -29.32
CA GLY S 118 65.54 127.25 -30.45
C GLY S 118 66.71 126.33 -30.17
N HIS S 119 67.16 126.27 -28.92
CA HIS S 119 68.18 125.31 -28.50
C HIS S 119 67.62 123.91 -28.37
N SER S 120 66.30 123.75 -28.40
CA SER S 120 65.68 122.45 -28.22
C SER S 120 65.16 121.85 -29.51
N VAL S 121 65.29 122.55 -30.64
CA VAL S 121 64.74 122.11 -31.91
C VAL S 121 65.84 122.11 -32.96
N ILE S 122 65.88 121.05 -33.75
CA ILE S 122 66.68 120.97 -34.97
C ILE S 122 65.75 121.28 -36.14
N ILE S 123 66.06 122.34 -36.88
CA ILE S 123 65.31 122.70 -38.07
C ILE S 123 66.26 122.58 -39.26
N LYS S 124 65.89 121.77 -40.24
CA LYS S 124 66.68 121.78 -41.48
C LYS S 124 65.84 121.23 -42.62
N LYS S 125 66.26 121.58 -43.84
CA LYS S 125 65.60 121.13 -45.04
C LYS S 125 66.03 119.71 -45.42
N ILE S 126 65.21 119.09 -46.24
CA ILE S 126 65.33 117.68 -46.61
C ILE S 126 64.64 117.46 -47.95
N GLN S 127 65.33 116.77 -48.87
CA GLN S 127 64.85 116.50 -50.21
C GLN S 127 64.43 115.04 -50.32
N MET S 128 63.25 114.79 -50.91
CA MET S 128 62.64 113.46 -50.95
C MET S 128 61.93 113.23 -52.28
N PRO S 129 61.14 112.17 -52.42
CA PRO S 129 60.11 112.15 -53.47
C PRO S 129 58.70 112.23 -52.89
N ARG S 130 57.87 113.18 -53.31
CA ARG S 130 56.52 113.16 -52.76
C ARG S 130 55.76 111.94 -53.29
N MET S 131 54.79 111.49 -52.48
CA MET S 131 53.93 110.35 -52.75
C MET S 131 52.70 110.36 -51.83
N SER S 132 52.35 109.19 -51.28
CA SER S 132 51.30 109.11 -50.27
C SER S 132 51.77 109.78 -49.00
N GLN S 133 50.81 110.31 -48.23
CA GLN S 133 51.15 111.04 -47.01
C GLN S 133 51.84 110.13 -45.99
N ASP S 134 51.37 108.87 -45.86
CA ASP S 134 52.06 107.92 -44.98
C ASP S 134 53.48 107.63 -45.47
N GLU S 135 53.62 107.38 -46.78
CA GLU S 135 54.95 107.11 -47.33
C GLU S 135 55.87 108.30 -47.17
N LEU S 136 55.33 109.52 -47.24
CA LEU S 136 56.16 110.69 -46.97
C LEU S 136 56.56 110.76 -45.50
N GLU S 137 55.61 110.58 -44.59
CA GLU S 137 55.95 110.71 -43.18
C GLU S 137 56.98 109.68 -42.75
N GLU S 138 56.79 108.43 -43.19
CA GLU S 138 57.80 107.40 -42.92
C GLU S 138 59.14 107.75 -43.57
N SER S 139 59.14 108.12 -44.85
CA SER S 139 60.41 108.41 -45.52
C SER S 139 61.10 109.61 -44.88
N ILE S 140 60.31 110.57 -44.42
CA ILE S 140 60.81 111.75 -43.71
C ILE S 140 61.50 111.33 -42.43
N GLN S 141 60.82 110.50 -41.64
CA GLN S 141 61.42 110.00 -40.40
C GLN S 141 62.69 109.21 -40.68
N TRP S 142 62.70 108.49 -41.81
CA TRP S 142 63.87 107.68 -42.17
C TRP S 142 65.06 108.55 -42.51
N GLU S 143 64.85 109.62 -43.29
CA GLU S 143 65.97 110.51 -43.63
C GLU S 143 66.43 111.31 -42.42
N ALA S 144 65.50 111.86 -41.63
CA ALA S 144 65.90 112.65 -40.47
C ALA S 144 66.51 111.78 -39.37
N GLU S 145 66.23 110.46 -39.37
CA GLU S 145 66.92 109.57 -38.44
C GLU S 145 68.41 109.79 -38.49
N GLN S 146 68.95 109.89 -39.71
CA GLN S 146 70.33 110.31 -39.94
C GLN S 146 70.64 111.66 -39.31
N TYR S 147 69.68 112.59 -39.33
CA TYR S 147 69.84 113.97 -38.89
C TYR S 147 69.71 114.17 -37.37
N ILE S 148 69.41 113.14 -36.59
CA ILE S 148 69.09 113.41 -35.19
C ILE S 148 70.14 112.74 -34.31
N PRO S 149 70.91 113.49 -33.52
CA PRO S 149 71.87 112.86 -32.60
C PRO S 149 71.25 112.27 -31.34
N PHE S 150 69.94 111.98 -31.31
CA PHE S 150 69.28 111.30 -30.20
C PHE S 150 68.44 110.16 -30.72
N ASP S 151 68.10 109.22 -29.84
CA ASP S 151 67.10 108.22 -30.18
C ASP S 151 65.79 108.90 -30.57
N VAL S 152 64.89 108.12 -31.17
CA VAL S 152 63.53 108.59 -31.41
C VAL S 152 62.59 107.77 -30.56
N LYS S 153 62.18 108.26 -29.39
CA LYS S 153 62.67 109.45 -28.67
C LYS S 153 62.88 110.82 -29.38
N ASP S 154 62.07 111.16 -30.40
CA ASP S 154 62.24 112.45 -31.05
C ASP S 154 61.04 112.86 -31.89
N VAL S 155 60.75 114.16 -31.83
CA VAL S 155 59.62 114.83 -32.45
C VAL S 155 59.93 115.12 -33.90
N ASN S 156 59.07 114.66 -34.80
CA ASN S 156 59.24 114.97 -36.21
C ASN S 156 57.97 115.63 -36.75
N ILE S 157 58.13 116.81 -37.35
CA ILE S 157 57.05 117.50 -38.07
C ILE S 157 57.64 118.25 -39.25
N ASP S 158 57.05 118.05 -40.43
CA ASP S 158 57.57 118.67 -41.64
C ASP S 158 56.56 119.62 -42.25
N THR S 159 57.06 120.56 -43.04
CA THR S 159 56.20 121.26 -43.98
C THR S 159 56.97 121.50 -45.27
N GLN S 160 56.24 121.59 -46.38
CA GLN S 160 56.87 121.63 -47.68
C GLN S 160 57.20 123.07 -48.07
N ILE S 161 58.47 123.32 -48.37
CA ILE S 161 58.93 124.66 -48.72
C ILE S 161 58.27 125.20 -49.97
N LEU S 162 57.79 124.32 -50.85
CA LEU S 162 57.00 124.71 -52.00
C LEU S 162 55.68 123.96 -51.92
N ASP S 163 54.62 124.59 -52.43
CA ASP S 163 53.34 123.90 -52.50
C ASP S 163 53.55 122.55 -53.16
N GLY S 164 53.27 121.48 -52.42
CA GLY S 164 53.03 120.21 -53.05
C GLY S 164 52.14 120.35 -54.26
N GLY S 165 51.19 121.31 -54.22
CA GLY S 165 50.26 121.49 -55.32
C GLY S 165 50.91 121.88 -56.61
N GLY S 166 52.22 121.67 -56.75
CA GLY S 166 52.98 122.08 -57.92
C GLY S 166 53.77 120.99 -58.66
N ASN S 167 53.76 119.73 -58.22
CA ASN S 167 54.67 118.72 -58.77
C ASN S 167 54.06 117.31 -58.84
N ASP S 168 54.61 116.50 -59.75
CA ASP S 168 54.03 115.23 -60.15
C ASP S 168 54.63 114.07 -59.36
N ALA S 169 53.92 112.92 -59.41
CA ALA S 169 54.24 111.79 -58.53
C ALA S 169 55.66 111.31 -58.72
N THR S 170 56.35 111.15 -57.60
CA THR S 170 57.76 110.78 -57.47
C THR S 170 58.70 111.97 -57.66
N GLY S 171 58.19 113.15 -57.99
CA GLY S 171 59.13 114.22 -58.29
C GLY S 171 59.04 115.44 -57.40
N GLN S 172 60.19 116.10 -57.23
CA GLN S 172 60.28 117.45 -56.65
C GLN S 172 59.63 117.55 -55.28
N MET S 173 60.10 116.72 -54.36
CA MET S 173 59.73 116.88 -52.95
C MET S 173 60.75 117.73 -52.21
N ASP S 174 60.26 118.67 -51.42
CA ASP S 174 61.10 119.37 -50.45
C ASP S 174 60.27 119.54 -49.19
N VAL S 175 60.72 118.94 -48.08
CA VAL S 175 60.13 119.24 -46.78
C VAL S 175 61.22 119.80 -45.90
N LEU S 176 60.83 120.63 -44.95
CA LEU S 176 61.70 121.04 -43.86
C LEU S 176 61.21 120.34 -42.61
N LEU S 177 62.13 119.69 -41.91
CA LEU S 177 61.85 118.98 -40.68
C LEU S 177 62.25 119.80 -39.46
N VAL S 178 61.27 119.95 -38.57
CA VAL S 178 61.43 120.35 -37.20
C VAL S 178 61.44 119.08 -36.34
N ALA S 179 62.56 118.83 -35.67
CA ALA S 179 62.77 117.66 -34.84
C ALA S 179 63.14 118.12 -33.45
N ALA S 180 62.55 117.49 -32.43
CA ALA S 180 62.78 117.96 -31.06
C ALA S 180 62.89 116.77 -30.13
N LYS S 181 63.92 116.75 -29.30
CA LYS S 181 64.03 115.64 -28.38
C LYS S 181 62.84 115.62 -27.43
N LYS S 182 61.78 114.94 -27.86
CA LYS S 182 60.79 114.34 -26.97
C LYS S 182 60.32 115.20 -25.76
N ASP S 183 61.14 115.39 -24.73
CA ASP S 183 60.57 115.92 -23.48
C ASP S 183 60.98 117.34 -23.17
N MET S 184 61.71 117.96 -24.06
CA MET S 184 61.41 119.37 -24.13
C MET S 184 59.89 119.51 -24.26
N ILE S 185 59.30 118.78 -25.22
CA ILE S 185 57.86 118.82 -25.42
C ILE S 185 57.11 118.34 -24.19
N ASN S 186 57.54 117.23 -23.58
CA ASN S 186 56.92 116.81 -22.32
C ASN S 186 56.91 117.93 -21.29
N ASP S 187 58.11 118.38 -20.88
CA ASP S 187 58.23 119.44 -19.88
C ASP S 187 57.26 120.60 -20.16
N TYR S 188 57.20 121.04 -21.42
CA TYR S 188 56.30 122.13 -21.76
C TYR S 188 54.84 121.72 -21.58
N THR S 189 54.50 120.47 -21.89
CA THR S 189 53.12 120.00 -21.74
C THR S 189 52.73 119.86 -20.28
N THR S 190 53.68 119.49 -19.42
CA THR S 190 53.42 119.50 -17.98
C THR S 190 53.15 120.92 -17.50
N VAL S 191 54.04 121.85 -17.85
CA VAL S 191 53.83 123.26 -17.52
C VAL S 191 52.45 123.72 -17.96
N VAL S 192 52.08 123.41 -19.20
CA VAL S 192 50.80 123.86 -19.72
C VAL S 192 49.66 123.17 -18.97
N SER S 193 49.84 121.90 -18.60
CA SER S 193 48.76 121.15 -17.98
C SER S 193 48.42 121.69 -16.61
N GLU S 194 49.43 122.00 -15.79
CA GLU S 194 49.10 122.44 -14.43
C GLU S 194 48.80 123.93 -14.37
N ALA S 195 49.08 124.68 -15.44
CA ALA S 195 48.59 126.04 -15.54
C ALA S 195 47.12 126.10 -15.92
N GLY S 196 46.46 124.96 -16.09
CA GLY S 196 45.09 124.92 -16.53
C GLY S 196 44.91 125.15 -18.02
N LEU S 197 46.00 125.20 -18.77
CA LEU S 197 45.95 125.46 -20.20
C LEU S 197 45.92 124.15 -20.99
N ALA S 198 45.39 124.22 -22.20
CA ALA S 198 45.35 123.08 -23.10
C ALA S 198 46.04 123.46 -24.40
N PRO S 199 47.16 122.82 -24.74
CA PRO S 199 47.89 123.21 -25.94
C PRO S 199 47.25 122.61 -27.19
N VAL S 200 47.27 123.41 -28.26
CA VAL S 200 46.77 122.93 -29.55
C VAL S 200 47.86 122.96 -30.62
N VAL S 201 48.85 123.84 -30.50
CA VAL S 201 49.94 123.94 -31.46
C VAL S 201 51.22 124.20 -30.69
N VAL S 202 52.23 123.38 -30.93
CA VAL S 202 53.56 123.63 -30.41
C VAL S 202 54.44 123.99 -31.59
N ASP S 203 54.56 125.29 -31.86
CA ASP S 203 55.21 125.84 -33.03
C ASP S 203 56.67 126.18 -32.72
N VAL S 204 57.37 126.75 -33.69
CA VAL S 204 58.76 127.13 -33.54
C VAL S 204 58.90 128.63 -33.75
N ASP S 205 59.85 129.24 -33.05
CA ASP S 205 59.88 130.68 -32.91
C ASP S 205 60.34 131.38 -34.19
N ALA S 206 61.26 130.75 -34.92
CA ALA S 206 61.83 131.41 -36.11
C ALA S 206 60.77 131.64 -37.19
N PHE S 207 59.70 130.86 -37.18
CA PHE S 207 58.61 131.02 -38.13
C PHE S 207 57.39 131.68 -37.51
N ALA S 208 57.20 131.47 -36.19
CA ALA S 208 56.11 132.13 -35.50
C ALA S 208 56.32 133.64 -35.45
N VAL S 209 57.58 134.06 -35.33
CA VAL S 209 57.90 135.49 -35.35
C VAL S 209 57.52 136.13 -36.68
N GLN S 210 57.33 135.32 -37.73
CA GLN S 210 57.08 135.83 -39.07
C GLN S 210 55.61 136.11 -39.36
N ASN S 211 54.69 135.49 -38.61
CA ASN S 211 53.27 135.62 -38.94
C ASN S 211 52.80 137.07 -38.87
N MET S 212 53.49 137.91 -38.12
CA MET S 212 53.11 139.31 -38.02
C MET S 212 53.49 140.08 -39.26
N PHE S 213 54.56 139.68 -39.91
CA PHE S 213 55.01 140.34 -41.11
C PHE S 213 54.68 139.52 -42.36
N SER S 214 53.94 138.41 -42.22
CA SER S 214 53.73 137.51 -43.35
C SER S 214 52.92 138.18 -44.45
N VAL S 215 52.01 139.08 -44.09
CA VAL S 215 51.30 139.88 -45.06
C VAL S 215 52.26 140.84 -45.77
N ASN S 216 52.95 141.69 -44.99
CA ASN S 216 53.81 142.71 -45.55
C ASN S 216 54.94 142.09 -46.35
N TYR S 217 55.27 140.83 -46.06
CA TYR S 217 56.20 140.08 -46.89
C TYR S 217 55.49 139.55 -48.13
N ASP S 218 54.21 139.16 -47.99
CA ASP S 218 53.49 138.54 -49.10
C ASP S 218 53.21 139.53 -50.22
N VAL S 219 53.29 140.84 -49.93
CA VAL S 219 53.10 141.84 -50.98
C VAL S 219 54.33 142.00 -51.89
N PRO S 220 55.62 141.94 -51.40
CA PRO S 220 56.75 141.79 -52.34
C PRO S 220 57.24 140.35 -52.45
N GLU S 221 57.07 139.73 -53.62
CA GLU S 221 57.05 138.26 -53.66
C GLU S 221 58.18 137.66 -54.47
N ARG S 222 59.02 138.48 -55.12
CA ARG S 222 60.32 138.04 -55.58
C ARG S 222 61.45 138.65 -54.76
N GLU S 223 61.12 139.46 -53.76
CA GLU S 223 62.12 140.12 -52.94
C GLU S 223 62.64 139.20 -51.85
N THR S 224 63.96 139.17 -51.73
CA THR S 224 64.62 138.37 -50.71
C THR S 224 64.78 139.22 -49.45
N VAL S 225 64.16 138.79 -48.37
CA VAL S 225 64.15 139.52 -47.12
C VAL S 225 64.81 138.66 -46.04
N VAL S 226 65.57 139.28 -45.16
CA VAL S 226 66.10 138.59 -43.99
C VAL S 226 65.32 139.03 -42.76
N LEU S 227 65.12 138.11 -41.83
CA LEU S 227 64.49 138.40 -40.55
C LEU S 227 65.39 137.85 -39.45
N ILE S 228 65.90 138.75 -38.61
CA ILE S 228 66.71 138.38 -37.45
C ILE S 228 65.85 138.53 -36.22
N ASN S 229 65.82 137.49 -35.38
CA ASN S 229 65.24 137.58 -34.04
C ASN S 229 66.38 137.37 -33.07
N ALA S 230 66.90 138.47 -32.53
CA ALA S 230 67.94 138.44 -31.51
C ALA S 230 67.26 138.33 -30.15
N GLY S 231 67.28 137.13 -29.59
CA GLY S 231 66.71 136.87 -28.29
C GLY S 231 67.76 136.85 -27.20
N ALA S 232 67.39 136.26 -26.06
CA ALA S 232 68.30 136.15 -24.93
C ALA S 232 69.06 134.84 -24.91
N SER S 233 68.51 133.78 -25.48
CA SER S 233 69.19 132.49 -25.53
C SER S 233 69.75 132.17 -26.92
N VAL S 234 69.25 132.80 -27.97
CA VAL S 234 69.60 132.41 -29.33
C VAL S 234 69.26 133.57 -30.26
N VAL S 235 69.93 133.63 -31.40
CA VAL S 235 69.59 134.56 -32.47
C VAL S 235 69.22 133.73 -33.69
N ASN S 236 67.99 133.88 -34.16
CA ASN S 236 67.59 133.16 -35.36
C ASN S 236 67.66 134.07 -36.58
N ILE S 237 68.10 133.50 -37.69
CA ILE S 237 68.05 134.12 -39.00
C ILE S 237 67.13 133.28 -39.87
N ASN S 238 66.10 133.89 -40.43
CA ASN S 238 65.36 133.22 -41.49
C ASN S 238 65.25 134.13 -42.68
N ILE S 239 65.56 133.58 -43.85
CA ILE S 239 65.61 134.37 -45.07
C ILE S 239 64.64 133.77 -46.07
N ILE S 240 63.91 134.67 -46.75
CA ILE S 240 62.70 134.36 -47.47
C ILE S 240 62.74 135.01 -48.84
N SER S 241 61.99 134.43 -49.75
CA SER S 241 61.49 135.11 -50.93
C SER S 241 59.98 135.17 -50.76
N ASN S 242 59.47 136.39 -50.53
CA ASN S 242 58.06 136.66 -50.18
C ASN S 242 57.89 136.28 -48.71
N GLY S 243 56.75 135.69 -48.33
CA GLY S 243 56.65 135.00 -47.06
C GLY S 243 56.86 133.52 -47.28
N ALA S 244 57.80 133.18 -48.16
CA ALA S 244 58.18 131.80 -48.41
C ALA S 244 59.59 131.60 -47.88
N THR S 245 59.70 130.98 -46.72
CA THR S 245 61.01 130.75 -46.11
C THR S 245 61.91 129.99 -47.06
N VAL S 246 63.10 130.53 -47.29
CA VAL S 246 64.15 129.84 -48.01
C VAL S 246 65.06 129.06 -47.06
N PHE S 247 65.38 129.65 -45.91
CA PHE S 247 66.16 128.88 -44.92
C PHE S 247 66.16 129.56 -43.57
N THR S 248 66.64 128.82 -42.57
CA THR S 248 66.79 129.30 -41.21
C THR S 248 68.10 128.77 -40.64
N ARG S 249 68.67 129.53 -39.70
CA ARG S 249 69.91 129.19 -39.03
C ARG S 249 69.92 129.84 -37.66
N ASP S 250 70.31 129.07 -36.65
CA ASP S 250 70.24 129.50 -35.25
C ASP S 250 71.64 129.62 -34.67
N VAL S 251 71.91 130.78 -34.06
CA VAL S 251 73.21 131.12 -33.53
C VAL S 251 73.14 131.20 -32.01
N THR S 252 74.07 130.50 -31.35
CA THR S 252 74.09 130.43 -29.89
C THR S 252 74.22 131.81 -29.25
N ILE S 253 74.84 132.76 -29.95
CA ILE S 253 75.08 134.09 -29.39
C ILE S 253 73.77 134.83 -29.26
N GLY S 254 73.66 135.65 -28.21
CA GLY S 254 72.45 136.41 -27.98
C GLY S 254 72.71 137.53 -27.00
N GLY S 255 71.62 138.06 -26.42
CA GLY S 255 71.76 139.16 -25.49
C GLY S 255 72.36 138.76 -24.17
N ASN S 256 72.15 137.50 -23.77
CA ASN S 256 72.81 136.96 -22.59
C ASN S 256 74.32 137.12 -22.69
N GLN S 257 74.86 137.14 -23.91
CA GLN S 257 76.30 137.34 -24.08
C GLN S 257 76.70 138.77 -23.75
N PHE S 258 75.99 139.76 -24.26
CA PHE S 258 76.28 141.14 -23.90
C PHE S 258 76.17 141.34 -22.39
N THR S 259 75.06 140.88 -21.80
CA THR S 259 74.91 141.00 -20.35
C THR S 259 76.04 140.31 -19.61
N GLU S 260 76.46 139.14 -20.09
CA GLU S 260 77.49 138.38 -19.39
C GLU S 260 78.85 139.06 -19.49
N GLU S 261 79.15 139.70 -20.61
CA GLU S 261 80.40 140.44 -20.70
C GLU S 261 80.37 141.67 -19.78
N ILE S 262 79.25 142.40 -19.77
CA ILE S 262 79.11 143.51 -18.84
C ILE S 262 79.34 143.04 -17.42
N GLN S 263 78.79 141.86 -17.09
CA GLN S 263 78.97 141.30 -15.76
C GLN S 263 80.43 140.94 -15.48
N LYS S 264 81.10 140.34 -16.47
CA LYS S 264 82.51 139.98 -16.29
C LYS S 264 83.36 141.20 -16.01
N GLN S 265 83.19 142.26 -16.81
CA GLN S 265 84.14 143.36 -16.75
C GLN S 265 83.90 144.33 -15.60
N LEU S 266 82.86 144.12 -14.79
CA LEU S 266 82.59 145.00 -13.67
C LEU S 266 82.13 144.24 -12.43
N ASN S 267 82.54 142.97 -12.32
CA ASN S 267 82.01 141.99 -11.37
C ASN S 267 80.64 142.36 -10.80
N VAL S 268 79.64 142.39 -11.70
CA VAL S 268 78.25 142.75 -11.40
C VAL S 268 77.40 141.48 -11.40
N SER S 269 76.24 141.53 -10.76
CA SER S 269 75.26 140.45 -10.90
C SER S 269 74.62 140.52 -12.29
N TYR S 270 73.89 139.47 -12.67
CA TYR S 270 73.29 139.45 -14.00
C TYR S 270 72.23 140.53 -14.14
N GLU S 271 71.51 140.82 -13.05
CA GLU S 271 70.41 141.79 -13.15
C GLU S 271 70.95 143.21 -13.34
N GLU S 272 71.89 143.63 -12.51
CA GLU S 272 72.40 145.00 -12.61
C GLU S 272 73.21 145.17 -13.90
N ALA S 273 73.87 144.11 -14.36
CA ALA S 273 74.54 144.17 -15.66
C ALA S 273 73.52 144.28 -16.79
N GLU S 274 72.37 143.63 -16.64
CA GLU S 274 71.31 143.73 -17.63
C GLU S 274 70.74 145.14 -17.68
N ALA S 275 70.47 145.73 -16.51
CA ALA S 275 69.99 147.11 -16.48
C ALA S 275 71.03 148.08 -17.01
N LEU S 276 72.30 147.89 -16.64
CA LEU S 276 73.38 148.70 -17.19
C LEU S 276 73.41 148.60 -18.70
N LYS S 277 73.11 147.41 -19.24
CA LYS S 277 72.95 147.26 -20.68
C LYS S 277 71.80 148.13 -21.20
N ILE S 278 70.58 147.84 -20.74
CA ILE S 278 69.37 148.54 -21.17
C ILE S 278 69.54 150.05 -21.01
N GLY S 279 69.32 150.55 -19.79
CA GLY S 279 69.37 151.97 -19.56
C GLY S 279 70.74 152.57 -19.74
N GLY S 280 71.79 151.82 -19.41
CA GLY S 280 73.14 152.33 -19.61
C GLY S 280 73.43 152.68 -21.05
N ASN S 281 73.04 151.82 -22.00
CA ASN S 281 73.45 152.02 -23.39
C ASN S 281 72.59 153.03 -24.15
N GLY S 282 71.46 153.46 -23.61
CA GLY S 282 70.53 154.20 -24.43
C GLY S 282 70.05 155.55 -23.92
N ALA S 283 70.40 155.91 -22.69
CA ALA S 283 69.92 157.15 -22.12
C ALA S 283 70.52 158.35 -22.84
N ASP S 284 69.83 159.50 -22.76
CA ASP S 284 70.39 160.73 -23.29
C ASP S 284 71.60 161.20 -22.49
N ALA S 285 71.68 160.80 -21.22
CA ALA S 285 72.80 161.18 -20.37
C ALA S 285 73.91 160.14 -20.35
N ASP S 286 73.91 159.20 -21.30
CA ASP S 286 74.82 158.07 -21.29
C ASP S 286 76.17 158.37 -21.94
N ALA S 287 76.57 159.65 -21.97
CA ALA S 287 77.70 160.03 -22.83
C ALA S 287 79.02 159.50 -22.28
N VAL S 288 79.08 159.22 -20.98
CA VAL S 288 80.32 158.76 -20.38
C VAL S 288 80.40 157.25 -20.32
N VAL S 289 79.27 156.55 -20.50
CA VAL S 289 79.20 155.10 -20.33
C VAL S 289 79.27 154.27 -21.61
N PRO S 290 79.34 154.83 -22.83
CA PRO S 290 79.53 153.94 -23.98
C PRO S 290 80.99 153.61 -24.21
N GLN S 291 81.92 154.32 -23.55
CA GLN S 291 83.28 153.83 -23.54
C GLN S 291 83.42 152.68 -22.55
N ASP S 292 83.01 152.90 -21.29
CA ASP S 292 83.07 151.84 -20.30
C ASP S 292 82.29 150.61 -20.73
N VAL S 293 81.08 150.81 -21.29
CA VAL S 293 80.28 149.64 -21.67
C VAL S 293 80.68 149.15 -23.05
N GLU S 294 80.80 150.05 -24.03
CA GLU S 294 81.09 149.65 -25.41
C GLU S 294 82.44 148.91 -25.49
N ARG S 295 83.41 149.30 -24.67
CA ARG S 295 84.66 148.54 -24.61
C ARG S 295 84.41 147.15 -24.02
N VAL S 296 83.37 146.99 -23.22
CA VAL S 296 83.05 145.69 -22.66
C VAL S 296 82.37 144.81 -23.69
N LEU S 297 81.43 145.39 -24.43
CA LEU S 297 80.61 144.65 -25.39
C LEU S 297 81.21 144.59 -26.78
N SER S 298 82.39 145.16 -26.98
CA SER S 298 82.93 145.29 -28.33
C SER S 298 83.30 143.93 -28.93
N SER S 299 83.88 143.05 -28.11
CA SER S 299 84.12 141.69 -28.58
C SER S 299 82.82 141.02 -29.04
N VAL S 300 81.76 141.14 -28.24
CA VAL S 300 80.49 140.51 -28.62
C VAL S 300 79.95 141.13 -29.91
N ALA S 301 80.12 142.45 -30.07
CA ALA S 301 79.64 143.10 -31.29
C ALA S 301 80.39 142.57 -32.52
N GLU S 302 81.72 142.59 -32.47
CA GLU S 302 82.54 142.06 -33.56
C GLU S 302 82.13 140.62 -33.89
N GLN S 303 82.01 139.79 -32.87
CA GLN S 303 81.85 138.35 -33.07
C GLN S 303 80.42 138.00 -33.52
N VAL S 304 79.41 138.72 -33.03
CA VAL S 304 78.07 138.60 -33.59
C VAL S 304 78.08 138.95 -35.08
N ALA S 305 78.64 140.13 -35.43
CA ALA S 305 78.78 140.50 -36.83
C ALA S 305 79.48 139.40 -37.63
N GLY S 306 80.51 138.78 -37.03
CA GLY S 306 81.18 137.68 -37.70
C GLY S 306 80.28 136.49 -37.91
N GLU S 307 79.39 136.20 -36.94
CA GLU S 307 78.47 135.10 -37.13
C GLU S 307 77.43 135.41 -38.20
N ILE S 308 76.95 136.64 -38.25
CA ILE S 308 75.90 136.96 -39.23
C ILE S 308 76.48 137.00 -40.63
N GLN S 309 77.66 137.59 -40.82
CA GLN S 309 78.33 137.50 -42.10
C GLN S 309 78.57 136.05 -42.46
N ARG S 310 78.94 135.25 -41.46
CA ARG S 310 79.14 133.82 -41.62
C ARG S 310 77.92 133.15 -42.25
N SER S 311 76.76 133.23 -41.58
CA SER S 311 75.55 132.59 -42.10
C SER S 311 75.17 133.13 -43.48
N LEU S 312 75.19 134.46 -43.64
CA LEU S 312 74.82 135.04 -44.94
C LEU S 312 75.70 134.50 -46.06
N ASP S 313 77.01 134.41 -45.83
CA ASP S 313 77.89 133.85 -46.85
C ASP S 313 77.60 132.37 -47.08
N PHE S 314 77.20 131.65 -46.02
CA PHE S 314 76.92 130.23 -46.19
C PHE S 314 75.61 130.01 -46.93
N TYR S 315 74.76 131.03 -47.06
CA TYR S 315 73.57 130.87 -47.89
C TYR S 315 73.88 131.08 -49.36
N ALA S 316 74.50 132.21 -49.70
CA ALA S 316 74.66 132.68 -51.09
C ALA S 316 75.18 131.60 -52.03
N GLY S 317 74.39 130.55 -52.22
CA GLY S 317 74.78 129.38 -53.00
C GLY S 317 74.60 129.49 -54.50
N THR S 318 73.53 130.14 -54.95
CA THR S 318 73.14 130.10 -56.36
C THR S 318 73.38 131.40 -57.12
N ALA S 319 73.30 132.55 -56.46
CA ALA S 319 73.42 133.84 -57.15
C ALA S 319 74.78 134.43 -56.77
N ALA S 320 75.82 134.01 -57.50
CA ALA S 320 77.17 134.42 -57.16
C ALA S 320 77.44 135.88 -57.52
N ASP S 321 76.52 136.53 -58.23
CA ASP S 321 76.73 137.88 -58.73
C ASP S 321 75.66 138.87 -58.28
N SER S 322 74.90 138.55 -57.24
CA SER S 322 73.82 139.40 -56.78
C SER S 322 74.15 140.03 -55.44
N ASN S 323 73.21 140.81 -54.93
CA ASN S 323 73.30 141.46 -53.63
C ASN S 323 72.02 141.21 -52.84
N PHE S 324 71.94 141.82 -51.67
CA PHE S 324 70.81 141.65 -50.77
C PHE S 324 69.73 142.69 -51.05
N SER S 325 68.64 142.62 -50.26
CA SER S 325 67.58 143.60 -50.34
C SER S 325 67.32 144.22 -48.99
N LYS S 326 66.30 143.76 -48.26
CA LYS S 326 65.88 144.39 -47.01
C LYS S 326 65.58 143.34 -45.95
N VAL S 327 65.71 143.77 -44.69
CA VAL S 327 65.69 142.86 -43.55
C VAL S 327 65.11 143.57 -42.33
N TYR S 328 64.55 142.78 -41.42
CA TYR S 328 63.91 143.28 -40.20
C TYR S 328 64.51 142.63 -38.96
N LEU S 329 64.21 143.22 -37.81
CA LEU S 329 64.70 142.73 -36.53
C LEU S 329 63.58 142.58 -35.51
N SER S 330 63.73 141.59 -34.65
CA SER S 330 62.79 141.23 -33.61
C SER S 330 63.59 140.73 -32.40
N GLY S 331 62.91 140.59 -31.28
CA GLY S 331 63.61 140.22 -30.06
C GLY S 331 64.26 141.42 -29.39
N GLY S 332 64.36 141.35 -28.07
CA GLY S 332 64.83 142.49 -27.31
C GLY S 332 66.31 142.75 -27.46
N THR S 333 67.10 141.70 -27.70
CA THR S 333 68.53 141.88 -27.94
C THR S 333 68.79 142.82 -29.12
N ALA S 334 67.89 142.83 -30.10
CA ALA S 334 67.96 143.83 -31.15
C ALA S 334 68.01 145.25 -30.60
N LYS S 335 67.21 145.58 -29.59
CA LYS S 335 67.06 146.95 -29.09
C LYS S 335 68.32 147.51 -28.46
N ILE S 336 69.47 146.85 -28.60
CA ILE S 336 70.74 147.44 -28.20
C ILE S 336 70.91 148.74 -28.99
N PRO S 337 71.18 149.87 -28.32
CA PRO S 337 71.25 151.15 -29.04
C PRO S 337 72.30 151.12 -30.15
N ALA S 338 71.87 151.59 -31.33
CA ALA S 338 72.69 151.73 -32.53
C ALA S 338 73.02 150.39 -33.19
N LEU S 339 72.59 149.29 -32.60
CA LEU S 339 72.91 147.98 -33.15
C LEU S 339 72.34 147.81 -34.56
N PHE S 340 71.23 148.50 -34.85
CA PHE S 340 70.63 148.37 -36.17
C PHE S 340 71.48 149.04 -37.24
N LYS S 341 72.00 150.24 -36.95
CA LYS S 341 72.91 150.89 -37.86
C LYS S 341 74.18 150.08 -38.06
N THR S 342 74.67 149.46 -36.97
CA THR S 342 75.87 148.65 -37.04
C THR S 342 75.68 147.43 -37.94
N ILE S 343 74.59 146.69 -37.73
CA ILE S 343 74.32 145.54 -38.57
C ILE S 343 74.07 145.99 -40.01
N GLU S 344 73.47 147.16 -40.20
CA GLU S 344 73.19 147.67 -41.53
C GLU S 344 74.48 147.94 -42.29
N ALA S 345 75.43 148.62 -41.66
CA ALA S 345 76.67 148.95 -42.35
C ALA S 345 77.58 147.73 -42.47
N ARG S 346 77.48 146.81 -41.51
CA ARG S 346 78.41 145.67 -41.45
C ARG S 346 78.01 144.51 -42.35
N THR S 347 76.71 144.25 -42.48
CA THR S 347 76.23 143.14 -43.31
C THR S 347 75.89 143.55 -44.74
N GLY S 348 75.91 144.85 -45.03
CA GLY S 348 75.55 145.30 -46.37
C GLY S 348 74.09 145.14 -46.70
N VAL S 349 73.23 145.13 -45.68
CA VAL S 349 71.77 145.06 -45.87
C VAL S 349 71.08 146.09 -44.99
N PRO S 350 70.02 146.76 -45.49
CA PRO S 350 69.19 147.60 -44.60
C PRO S 350 68.41 146.80 -43.56
N VAL S 351 68.84 146.93 -42.29
CA VAL S 351 68.24 146.23 -41.16
C VAL S 351 67.35 147.21 -40.41
N GLU S 352 66.05 146.91 -40.34
CA GLU S 352 65.10 147.82 -39.73
C GLU S 352 64.25 147.10 -38.68
N ILE S 353 63.99 147.83 -37.59
CA ILE S 353 62.97 147.43 -36.64
C ILE S 353 61.62 147.43 -37.36
N LEU S 354 60.71 146.60 -36.87
CA LEU S 354 59.38 146.58 -37.45
C LEU S 354 58.36 146.44 -36.33
N ASN S 355 57.19 147.02 -36.55
CA ASN S 355 56.10 146.93 -35.60
C ASN S 355 55.22 145.75 -35.99
N PRO S 356 55.28 144.62 -35.27
CA PRO S 356 54.31 143.55 -35.55
C PRO S 356 52.87 144.01 -35.45
N PHE S 357 52.49 144.63 -34.32
CA PHE S 357 51.10 144.93 -33.99
C PHE S 357 50.31 145.59 -35.12
N ARG S 358 50.96 145.95 -36.24
CA ARG S 358 50.23 146.50 -37.38
C ARG S 358 49.30 145.46 -38.01
N LYS S 359 49.54 144.18 -37.78
CA LYS S 359 48.73 143.10 -38.31
C LYS S 359 47.38 142.95 -37.60
N ILE S 360 47.22 143.57 -36.44
CA ILE S 360 46.06 143.38 -35.59
C ILE S 360 45.46 144.73 -35.27
N GLU S 361 44.14 144.76 -35.08
CA GLU S 361 43.46 145.99 -34.68
C GLU S 361 43.81 146.33 -33.23
N VAL S 362 44.09 147.60 -32.97
CA VAL S 362 44.47 148.05 -31.63
C VAL S 362 43.56 149.21 -31.24
N ASP S 363 42.77 148.99 -30.19
CA ASP S 363 41.89 150.04 -29.67
C ASP S 363 42.74 151.06 -28.92
N ASN S 364 42.73 152.31 -29.41
CA ASN S 364 43.56 153.34 -28.81
C ASN S 364 43.12 153.69 -27.40
N ARG S 365 41.87 153.38 -27.05
CA ARG S 365 41.39 153.65 -25.70
C ARG S 365 41.86 152.63 -24.69
N LYS S 366 42.37 151.48 -25.14
CA LYS S 366 42.87 150.45 -24.24
C LYS S 366 44.37 150.26 -24.31
N PHE S 367 45.02 150.76 -25.37
CA PHE S 367 46.45 150.56 -25.55
C PHE S 367 47.08 151.81 -26.16
N ASP S 368 48.21 152.22 -25.61
CA ASP S 368 48.98 153.31 -26.17
C ASP S 368 49.79 152.79 -27.35
N PRO S 369 49.62 153.35 -28.55
CA PRO S 369 50.46 152.92 -29.68
C PRO S 369 51.94 153.09 -29.44
N ALA S 370 52.34 154.09 -28.64
CA ALA S 370 53.76 154.32 -28.40
C ALA S 370 54.41 153.17 -27.63
N PHE S 371 53.83 152.83 -26.46
CA PHE S 371 54.36 151.72 -25.67
C PHE S 371 54.29 150.40 -26.44
N VAL S 372 53.15 150.16 -27.09
CA VAL S 372 53.01 148.97 -27.95
C VAL S 372 54.19 148.89 -28.91
N MET S 373 54.51 150.01 -29.57
CA MET S 373 55.68 150.07 -30.44
C MET S 373 56.96 149.78 -29.67
N ASP S 374 57.06 150.25 -28.42
CA ASP S 374 58.29 150.08 -27.66
C ASP S 374 58.56 148.61 -27.34
N VAL S 375 57.52 147.88 -26.96
CA VAL S 375 57.65 146.46 -26.61
C VAL S 375 57.39 145.55 -27.81
N ALA S 376 57.23 146.12 -29.00
CA ALA S 376 57.00 145.29 -30.18
C ALA S 376 58.08 144.24 -30.43
N PRO S 377 59.38 144.55 -30.44
CA PRO S 377 60.37 143.51 -30.78
C PRO S 377 60.34 142.32 -29.85
N MET S 378 60.22 142.54 -28.54
CA MET S 378 60.11 141.44 -27.61
C MET S 378 58.85 140.60 -27.87
N ALA S 379 57.77 141.26 -28.26
CA ALA S 379 56.47 140.62 -28.37
C ALA S 379 56.17 140.04 -29.75
N ALA S 380 57.09 140.17 -30.71
CA ALA S 380 56.82 139.70 -32.08
C ALA S 380 56.30 138.27 -32.11
N VAL S 381 57.04 137.34 -31.50
CA VAL S 381 56.60 135.93 -31.44
C VAL S 381 55.33 135.82 -30.59
N ALA S 382 55.31 136.54 -29.46
CA ALA S 382 54.23 136.61 -28.50
C ALA S 382 52.90 136.99 -29.12
N VAL S 383 52.89 137.65 -30.27
CA VAL S 383 51.67 137.77 -31.03
C VAL S 383 51.70 136.80 -32.22
N GLY S 384 52.87 136.25 -32.52
CA GLY S 384 53.08 135.32 -33.61
C GLY S 384 52.19 134.09 -33.56
N LEU S 385 52.54 133.20 -32.64
CA LEU S 385 51.71 132.01 -32.49
C LEU S 385 50.31 132.39 -32.01
N ALA S 386 50.12 133.66 -31.68
CA ALA S 386 48.83 134.20 -31.28
C ALA S 386 47.93 134.50 -32.46
N LEU S 387 48.49 134.87 -33.62
CA LEU S 387 47.68 134.80 -34.83
C LEU S 387 47.62 133.36 -35.33
N ARG S 388 48.53 132.52 -34.84
CA ARG S 388 48.36 131.09 -35.10
C ARG S 388 47.14 130.52 -34.38
N ARG S 389 46.73 131.15 -33.27
CA ARG S 389 45.68 130.56 -32.42
C ARG S 389 44.22 130.87 -32.78
N PRO S 390 43.88 131.97 -33.49
CA PRO S 390 42.51 132.06 -33.98
C PRO S 390 42.47 131.68 -35.44
N GLY S 391 43.51 130.96 -35.88
CA GLY S 391 43.64 130.57 -37.27
C GLY S 391 42.93 129.26 -37.55
N MET T 1 80.30 121.77 -29.52
CA MET T 1 80.82 121.22 -28.27
C MET T 1 80.41 119.77 -28.10
N MET T 2 81.34 118.95 -27.61
CA MET T 2 81.13 117.53 -27.41
C MET T 2 80.73 117.26 -25.97
N ILE T 3 79.59 116.61 -25.78
CA ILE T 3 79.08 116.24 -24.47
C ILE T 3 79.12 114.72 -24.39
N ARG T 4 80.05 114.19 -23.59
CA ARG T 4 80.21 112.75 -23.47
C ARG T 4 79.90 112.28 -22.06
N ILE T 5 79.42 111.04 -21.96
CA ILE T 5 79.02 110.48 -20.67
C ILE T 5 79.36 109.00 -20.60
N ASN T 6 80.48 108.68 -19.94
CA ASN T 6 80.83 107.29 -19.66
C ASN T 6 80.12 106.75 -18.42
N LEU T 7 78.80 106.89 -18.36
CA LEU T 7 78.04 106.36 -17.21
C LEU T 7 77.12 105.20 -17.58
N LEU T 8 77.30 104.09 -16.87
CA LEU T 8 76.87 102.73 -17.17
C LEU T 8 77.31 102.19 -18.56
N PRO T 9 78.62 102.29 -18.80
CA PRO T 9 79.40 101.14 -19.24
C PRO T 9 80.50 100.82 -18.24
N VAL T 10 81.41 99.93 -18.63
CA VAL T 10 81.15 98.49 -18.54
C VAL T 10 81.61 97.64 -17.35
N ARG T 11 82.78 97.79 -16.74
CA ARG T 11 83.01 96.96 -15.55
C ARG T 11 82.02 97.37 -14.48
N ALA T 12 81.55 98.62 -14.53
CA ALA T 12 80.38 99.01 -13.75
C ALA T 12 79.13 98.26 -14.21
N VAL T 13 78.90 98.20 -15.52
CA VAL T 13 77.73 97.51 -16.06
C VAL T 13 77.79 96.06 -15.61
N LYS T 14 78.73 95.30 -16.17
CA LYS T 14 78.77 93.86 -15.97
C LYS T 14 79.08 93.48 -14.52
N LYS T 15 79.56 94.42 -13.70
CA LYS T 15 79.70 94.08 -12.29
C LYS T 15 78.41 94.34 -11.52
N ARG T 16 77.59 95.28 -11.99
CA ARG T 16 76.23 95.38 -11.47
C ARG T 16 75.40 94.18 -11.92
N GLU T 17 75.68 93.68 -13.14
CA GLU T 17 74.98 92.51 -13.65
C GLU T 17 75.38 91.24 -12.91
N MET T 18 76.68 90.97 -12.80
CA MET T 18 77.12 89.85 -11.96
C MET T 18 76.57 90.00 -10.54
N GLY T 19 76.59 91.23 -10.01
CA GLY T 19 75.98 91.48 -8.72
C GLY T 19 74.52 91.08 -8.65
N ARG T 20 73.77 91.30 -9.73
CA ARG T 20 72.37 90.88 -9.77
C ARG T 20 72.25 89.36 -9.82
N GLN T 21 73.00 88.73 -10.72
CA GLN T 21 72.86 87.28 -10.92
C GLN T 21 73.22 86.50 -9.67
N VAL T 22 74.32 86.86 -9.01
CA VAL T 22 74.71 86.17 -7.77
C VAL T 22 73.59 86.22 -6.75
N LEU T 23 72.92 87.37 -6.64
CA LEU T 23 71.81 87.52 -5.69
C LEU T 23 70.58 86.73 -6.11
N VAL T 24 70.29 86.66 -7.41
CA VAL T 24 69.19 85.83 -7.86
C VAL T 24 69.44 84.37 -7.51
N LEU T 25 70.68 83.90 -7.73
CA LEU T 25 71.03 82.54 -7.35
C LEU T 25 70.85 82.32 -5.86
N PHE T 26 71.31 83.26 -5.04
CA PHE T 26 71.05 83.19 -3.60
C PHE T 26 69.57 83.02 -3.33
N ALA T 27 68.73 83.84 -3.95
CA ALA T 27 67.29 83.78 -3.72
C ALA T 27 66.72 82.42 -4.07
N VAL T 28 67.13 81.87 -5.22
CA VAL T 28 66.61 80.57 -5.64
C VAL T 28 67.00 79.49 -4.64
N VAL T 29 68.29 79.43 -4.28
CA VAL T 29 68.74 78.42 -3.33
C VAL T 29 67.97 78.54 -2.02
N LEU T 30 67.75 79.76 -1.54
CA LEU T 30 67.08 79.94 -0.26
C LEU T 30 65.59 79.60 -0.34
N ILE T 31 64.97 79.80 -1.50
CA ILE T 31 63.57 79.39 -1.65
C ILE T 31 63.47 77.86 -1.65
N GLY T 32 64.36 77.19 -2.37
CA GLY T 32 64.36 75.74 -2.35
C GLY T 32 64.58 75.17 -0.96
N ALA T 33 65.64 75.63 -0.28
CA ALA T 33 65.87 75.19 1.10
C ALA T 33 64.66 75.47 1.98
N GLY T 34 64.01 76.62 1.76
CA GLY T 34 62.76 76.89 2.45
C GLY T 34 61.74 75.79 2.24
N VAL T 35 61.43 75.48 0.98
CA VAL T 35 60.46 74.43 0.67
C VAL T 35 60.82 73.13 1.38
N ALA T 36 62.11 72.79 1.40
CA ALA T 36 62.53 71.61 2.14
C ALA T 36 62.15 71.70 3.61
N ASN T 37 62.59 72.78 4.30
CA ASN T 37 62.23 72.98 5.70
C ASN T 37 60.74 72.79 5.91
N TYR T 38 59.93 73.36 5.02
CA TYR T 38 58.50 73.11 5.03
C TYR T 38 58.22 71.61 5.00
N LEU T 39 58.18 71.00 3.81
CA LEU T 39 57.78 69.60 3.67
C LEU T 39 58.18 68.76 4.88
N TRP T 40 59.40 68.96 5.39
CA TRP T 40 59.79 68.41 6.67
C TRP T 40 58.75 68.73 7.76
N TYR T 41 58.41 70.02 7.92
CA TYR T 41 57.46 70.39 8.99
C TYR T 41 56.15 69.61 8.89
N ASP T 42 55.73 69.26 7.67
CA ASP T 42 54.46 68.58 7.49
C ASP T 42 54.57 67.11 7.88
N ASP T 43 55.63 66.44 7.42
CA ASP T 43 55.83 65.06 7.87
C ASP T 43 55.93 65.00 9.40
N ARG T 44 56.48 66.05 10.02
CA ARG T 44 56.61 66.06 11.47
C ARG T 44 55.27 66.25 12.16
N GLN T 45 54.39 67.09 11.60
CA GLN T 45 53.07 67.25 12.20
C GLN T 45 52.24 65.97 12.05
N SER T 46 52.36 65.29 10.90
CA SER T 46 51.71 64.00 10.74
C SER T 46 52.20 63.00 11.80
N GLU T 47 53.52 62.89 11.98
CA GLU T 47 54.04 62.00 13.01
C GLU T 47 53.49 62.38 14.38
N LEU T 48 53.45 63.67 14.69
CA LEU T 48 52.88 64.12 15.97
C LEU T 48 51.44 63.67 16.15
N GLU T 49 50.63 63.74 15.11
CA GLU T 49 49.24 63.31 15.24
C GLU T 49 49.15 61.80 15.46
N ALA T 50 49.94 61.02 14.73
CA ALA T 50 49.95 59.58 14.96
C ALA T 50 50.36 59.27 16.40
N HIS T 51 51.37 59.97 16.92
CA HIS T 51 51.87 59.69 18.26
C HIS T 51 50.85 60.10 19.32
N GLN T 52 50.16 61.22 19.11
CA GLN T 52 49.10 61.60 20.05
C GLN T 52 47.94 60.62 20.02
N ALA T 53 47.63 60.06 18.84
CA ALA T 53 46.68 58.94 18.79
C ALA T 53 47.15 57.79 19.67
N GLY T 54 48.43 57.41 19.54
CA GLY T 54 48.96 56.36 20.40
C GLY T 54 48.86 56.68 21.88
N VAL T 55 49.17 57.92 22.27
CA VAL T 55 49.07 58.32 23.67
C VAL T 55 47.64 58.19 24.15
N ALA T 56 46.67 58.60 23.33
CA ALA T 56 45.28 58.35 23.67
C ALA T 56 45.02 56.86 23.88
N SER T 57 45.57 56.01 23.00
CA SER T 57 45.47 54.57 23.19
C SER T 57 46.10 54.12 24.51
N THR T 58 47.06 54.87 25.06
CA THR T 58 47.50 54.55 26.43
C THR T 58 46.44 54.95 27.44
N LYS T 59 46.06 56.24 27.44
CA LYS T 59 45.16 56.75 28.47
C LYS T 59 43.83 56.02 28.49
N ALA T 60 43.45 55.33 27.42
CA ALA T 60 42.23 54.53 27.43
C ALA T 60 42.40 53.28 28.29
N ARG T 61 43.33 52.40 27.89
CA ARG T 61 43.49 51.12 28.56
C ARG T 61 44.07 51.26 29.97
N ILE T 62 44.86 52.30 30.24
CA ILE T 62 45.28 52.53 31.62
C ILE T 62 44.06 52.78 32.50
N ALA T 63 43.09 53.56 32.02
CA ALA T 63 41.84 53.73 32.74
C ALA T 63 41.10 52.40 32.88
N GLU T 64 41.02 51.64 31.78
CA GLU T 64 40.47 50.29 31.87
C GLU T 64 41.05 49.52 33.04
N LEU T 65 42.36 49.63 33.23
CA LEU T 65 43.08 48.81 34.20
C LEU T 65 42.92 49.33 35.62
N GLU T 66 42.87 50.65 35.79
CA GLU T 66 42.55 51.23 37.08
C GLU T 66 41.16 50.78 37.52
N LYS T 67 40.24 50.62 36.57
CA LYS T 67 38.91 50.14 36.91
C LYS T 67 38.93 48.66 37.26
N ILE T 68 39.61 47.85 36.43
CA ILE T 68 39.62 46.41 36.67
C ILE T 68 40.34 46.08 37.98
N ILE T 69 41.37 46.84 38.32
CA ILE T 69 42.07 46.60 39.58
C ILE T 69 41.26 47.17 40.74
N GLY T 70 40.55 48.28 40.52
CA GLY T 70 39.59 48.72 41.51
C GLY T 70 38.62 47.61 41.87
N GLU T 71 38.12 46.90 40.86
CA GLU T 71 37.34 45.70 41.11
C GLU T 71 38.17 44.73 41.95
N VAL T 72 39.31 44.27 41.42
CA VAL T 72 40.06 43.19 42.05
C VAL T 72 40.33 43.46 43.53
N LYS T 73 40.45 44.74 43.92
CA LYS T 73 40.66 45.07 45.32
C LYS T 73 39.35 45.07 46.10
N ASN T 74 38.35 45.83 45.61
CA ASN T 74 37.00 45.74 46.16
C ASN T 74 36.64 44.30 46.48
N ILE T 75 36.89 43.42 45.51
CA ILE T 75 36.87 41.98 45.63
C ILE T 75 37.64 41.50 46.84
N ASN T 76 38.98 41.61 46.78
CA ASN T 76 39.84 40.84 47.67
C ASN T 76 39.58 41.17 49.13
N THR T 77 39.11 42.38 49.44
CA THR T 77 38.90 42.70 50.84
C THR T 77 37.61 42.11 51.38
N ARG T 78 36.58 41.96 50.54
CA ARG T 78 35.32 41.38 50.98
C ARG T 78 35.41 39.86 51.17
N LYS T 79 36.30 39.19 50.43
CA LYS T 79 36.44 37.75 50.54
C LYS T 79 36.87 37.33 51.95
N ALA T 80 37.85 38.04 52.52
CA ALA T 80 38.35 37.71 53.85
C ALA T 80 37.29 37.89 54.93
N GLU T 81 36.40 38.88 54.79
CA GLU T 81 35.29 38.96 55.73
C GLU T 81 34.28 37.84 55.49
N VAL T 82 34.20 37.34 54.26
CA VAL T 82 33.25 36.27 53.99
C VAL T 82 33.71 34.95 54.60
N GLU T 83 34.93 34.50 54.29
CA GLU T 83 35.48 33.29 54.90
C GLU T 83 35.23 33.28 56.40
N LYS T 84 35.39 34.44 57.04
CA LYS T 84 35.30 34.56 58.49
C LYS T 84 33.85 34.49 58.97
N LYS T 85 32.99 35.38 58.44
CA LYS T 85 31.56 35.32 58.73
C LYS T 85 31.00 33.92 58.55
N LEU T 86 31.39 33.25 57.47
CA LEU T 86 30.94 31.89 57.22
C LEU T 86 31.46 30.93 58.27
N ALA T 87 32.77 30.92 58.53
CA ALA T 87 33.30 30.01 59.55
C ALA T 87 32.53 30.15 60.86
N VAL T 88 32.14 31.38 61.19
CA VAL T 88 31.17 31.60 62.26
C VAL T 88 29.88 30.84 61.96
N LEU T 89 29.34 30.98 60.74
CA LEU T 89 28.06 30.33 60.42
C LEU T 89 28.12 28.81 60.55
N ASP T 90 29.24 28.20 60.15
CA ASP T 90 29.42 26.75 60.27
C ASP T 90 29.69 26.32 61.69
N ALA T 91 30.21 27.21 62.54
CA ALA T 91 30.23 26.92 63.97
C ALA T 91 28.82 26.98 64.55
N LEU T 92 27.98 27.89 64.04
CA LEU T 92 26.65 28.07 64.61
C LEU T 92 25.69 26.98 64.16
N ARG T 93 25.78 26.52 62.91
CA ARG T 93 24.98 25.37 62.50
C ARG T 93 25.30 24.14 63.33
N LYS T 94 26.57 23.99 63.75
CA LYS T 94 26.91 23.00 64.75
C LYS T 94 26.38 23.38 66.13
N GLY T 95 26.14 24.68 66.35
CA GLY T 95 25.55 25.14 67.59
C GLY T 95 24.04 25.02 67.64
N ARG T 96 23.39 24.67 66.53
CA ARG T 96 21.98 24.32 66.50
C ARG T 96 21.75 22.84 66.28
N SER T 97 22.64 22.15 65.58
CA SER T 97 22.63 20.70 65.58
C SER T 97 22.97 20.17 66.97
N GLY T 98 23.90 20.85 67.64
CA GLY T 98 24.34 20.50 68.98
C GLY T 98 23.22 20.13 69.92
N PRO T 99 22.45 21.12 70.37
CA PRO T 99 21.36 20.86 71.34
C PRO T 99 20.38 19.78 70.93
N VAL T 100 20.67 19.12 69.82
CA VAL T 100 19.79 18.06 69.32
C VAL T 100 20.61 16.81 68.97
N ARG T 101 21.88 17.00 68.62
CA ARG T 101 22.58 15.90 67.97
C ARG T 101 23.27 14.96 68.94
N MET T 102 24.57 15.14 69.20
CA MET T 102 25.19 13.99 69.85
C MET T 102 26.04 14.32 71.08
N MET T 103 27.03 15.20 70.95
CA MET T 103 27.97 15.41 72.04
C MET T 103 27.34 16.15 73.23
N ASP T 104 26.12 16.64 73.09
CA ASP T 104 25.77 17.90 73.73
C ASP T 104 24.97 17.80 75.02
N ALA T 105 24.46 16.63 75.39
CA ALA T 105 23.86 16.50 76.70
C ALA T 105 24.71 15.64 77.62
N LEU T 106 25.47 14.72 77.05
CA LEU T 106 26.27 13.77 77.80
C LEU T 106 27.67 14.36 78.04
N ALA T 107 28.33 14.16 79.20
CA ALA T 107 28.35 12.95 80.05
C ALA T 107 29.01 11.86 79.22
N SER T 108 30.28 12.15 78.88
CA SER T 108 31.12 11.34 77.98
C SER T 108 30.51 11.29 76.60
N ALA T 109 31.29 11.64 75.58
CA ALA T 109 30.79 11.75 74.21
C ALA T 109 30.67 10.39 73.52
N THR T 110 30.01 9.43 74.17
CA THR T 110 29.84 8.10 73.61
C THR T 110 28.38 7.82 73.27
N PRO T 111 28.11 7.20 72.12
CA PRO T 111 26.77 6.97 71.54
C PRO T 111 26.00 5.81 72.18
N LYS T 112 24.67 5.79 72.06
CA LYS T 112 23.90 6.82 71.36
C LYS T 112 23.63 8.01 72.28
N LYS T 113 23.68 9.20 71.71
CA LYS T 113 23.82 10.42 72.51
C LYS T 113 22.95 11.52 71.93
N VAL T 114 22.04 12.08 72.73
CA VAL T 114 21.02 13.07 72.30
C VAL T 114 20.28 12.71 70.99
N TRP T 115 20.98 12.01 70.12
CA TRP T 115 20.59 10.81 69.35
C TRP T 115 19.27 10.50 68.64
N VAL T 116 19.09 9.17 68.63
CA VAL T 116 18.12 8.35 67.91
C VAL T 116 16.97 8.01 68.86
N LYS T 117 15.78 7.78 68.33
CA LYS T 117 14.61 7.78 69.19
C LYS T 117 14.19 6.41 69.71
N THR T 118 13.47 5.62 68.91
CA THR T 118 12.80 4.42 69.43
C THR T 118 13.45 3.15 68.91
N PHE T 119 13.38 2.09 69.74
CA PHE T 119 13.89 0.77 69.41
C PHE T 119 12.82 -0.27 69.75
N SER T 120 12.57 -1.19 68.82
CA SER T 120 11.56 -2.22 69.01
C SER T 120 11.92 -3.43 68.17
N GLU T 121 12.00 -4.59 68.81
CA GLU T 121 12.51 -5.80 68.20
C GLU T 121 11.45 -6.90 68.20
N ASN T 122 11.80 -8.03 67.56
CA ASN T 122 10.95 -9.21 67.54
C ASN T 122 11.77 -10.50 67.41
N ASN T 123 13.03 -10.49 67.84
CA ASN T 123 13.95 -11.63 67.81
C ASN T 123 14.22 -12.14 66.41
N ASN T 124 13.85 -11.37 65.38
CA ASN T 124 14.24 -11.68 64.01
C ASN T 124 14.65 -10.39 63.31
N ALA T 125 13.95 -9.29 63.62
CA ALA T 125 14.27 -7.99 63.06
C ALA T 125 14.03 -6.93 64.13
N VAL T 126 14.71 -5.80 63.97
CA VAL T 126 14.50 -4.62 64.82
C VAL T 126 14.01 -3.49 63.93
N SER T 127 12.94 -2.82 64.35
CA SER T 127 12.36 -1.71 63.60
C SER T 127 12.61 -0.45 64.42
N ILE T 128 13.67 0.27 64.07
CA ILE T 128 14.15 1.37 64.88
C ILE T 128 13.55 2.68 64.38
N ASP T 129 13.74 3.74 65.17
CA ASP T 129 13.22 5.06 64.89
C ASP T 129 14.25 6.05 65.42
N GLY T 130 14.67 7.02 64.59
CA GLY T 130 15.87 7.76 64.90
C GLY T 130 15.90 9.17 64.34
N SER T 131 17.09 9.76 64.50
CA SER T 131 17.40 11.14 64.13
C SER T 131 18.91 11.28 64.02
N ALA T 132 19.37 11.95 62.96
CA ALA T 132 20.80 12.09 62.70
C ALA T 132 21.10 13.54 62.34
N VAL T 133 22.38 13.84 62.13
CA VAL T 133 22.78 15.24 61.97
C VAL T 133 22.37 15.77 60.60
N SER T 134 22.47 14.97 59.56
CA SER T 134 22.30 15.48 58.20
C SER T 134 22.27 14.30 57.23
N HIS T 135 22.50 14.61 55.96
CA HIS T 135 22.65 13.62 54.90
C HIS T 135 23.96 12.88 55.01
N ASP T 136 24.72 13.13 56.08
CA ASP T 136 26.06 12.60 56.26
C ASP T 136 26.14 11.53 57.33
N GLU T 137 25.78 11.86 58.58
CA GLU T 137 25.83 10.88 59.65
C GLU T 137 24.75 9.82 59.51
N VAL T 138 23.61 10.15 58.88
CA VAL T 138 22.68 9.10 58.54
C VAL T 138 23.22 8.26 57.39
N ALA T 139 24.08 8.85 56.55
CA ALA T 139 24.76 8.09 55.51
C ALA T 139 25.88 7.23 56.10
N GLU T 140 26.61 7.77 57.08
CA GLU T 140 27.60 6.97 57.78
C GLU T 140 26.93 5.79 58.49
N PHE T 141 25.83 6.06 59.19
CA PHE T 141 25.11 5.01 59.92
C PHE T 141 24.53 3.98 58.96
N MET T 142 23.91 4.43 57.88
CA MET T 142 23.30 3.49 56.94
C MET T 142 24.37 2.68 56.20
N ARG T 143 25.54 3.28 55.95
CA ARG T 143 26.63 2.54 55.35
C ARG T 143 27.16 1.47 56.30
N GLY T 144 27.30 1.82 57.58
CA GLY T 144 27.78 0.86 58.56
C GLY T 144 26.95 -0.40 58.67
N LEU T 145 25.74 -0.39 58.10
CA LEU T 145 24.86 -1.55 58.14
C LEU T 145 24.82 -2.27 56.80
N ASN T 146 23.85 -1.90 55.96
CA ASN T 146 23.58 -2.63 54.73
C ASN T 146 22.68 -1.80 53.83
N GLY T 147 22.55 -2.25 52.58
CA GLY T 147 21.77 -1.61 51.54
C GLY T 147 21.19 -2.64 50.60
N VAL T 148 19.88 -2.61 50.39
CA VAL T 148 19.14 -3.76 49.89
C VAL T 148 18.11 -3.29 48.87
N VAL T 149 17.87 -4.13 47.86
CA VAL T 149 16.74 -3.96 46.94
C VAL T 149 15.61 -4.83 47.49
N TRP T 150 14.64 -4.19 48.15
CA TRP T 150 13.51 -4.93 48.72
C TRP T 150 12.38 -5.03 47.71
N THR T 151 11.64 -6.14 47.76
CA THR T 151 10.62 -6.36 46.74
C THR T 151 9.27 -6.71 47.38
N PRO T 152 8.81 -8.01 47.45
CA PRO T 152 7.38 -8.22 47.72
C PRO T 152 7.05 -8.04 49.19
N LYS T 153 6.43 -6.91 49.53
CA LYS T 153 6.16 -6.61 50.92
C LYS T 153 4.82 -7.20 51.35
N GLY T 154 4.77 -7.74 52.56
CA GLY T 154 3.54 -8.24 53.14
C GLY T 154 2.95 -7.26 54.14
N MET T 155 1.66 -6.96 54.01
CA MET T 155 0.99 -6.04 54.91
C MET T 155 0.43 -6.80 56.11
N GLY T 156 0.68 -6.28 57.30
CA GLY T 156 0.27 -6.96 58.52
C GLY T 156 -0.40 -6.02 59.50
N ARG T 157 -1.11 -6.61 60.46
CA ARG T 157 -1.94 -5.85 61.39
C ARG T 157 -1.15 -4.90 62.29
N LEU T 158 0.18 -5.01 62.33
CA LEU T 158 0.99 -4.03 63.05
C LEU T 158 1.10 -2.71 62.31
N VAL T 159 1.15 -2.76 60.98
CA VAL T 159 1.16 -1.55 60.17
C VAL T 159 -0.05 -0.69 60.50
N ASP T 160 -1.25 -1.29 60.47
CA ASP T 160 -2.47 -0.55 60.76
C ASP T 160 -2.51 -0.08 62.21
N ARG T 161 -1.96 -0.88 63.14
CA ARG T 161 -1.82 -0.42 64.51
C ARG T 161 -0.90 0.78 64.61
N ARG T 162 0.02 0.95 63.66
CA ARG T 162 0.77 2.21 63.59
C ARG T 162 -0.08 3.33 63.00
N ARG T 163 -0.87 3.01 61.97
CA ARG T 163 -1.82 3.99 61.44
C ARG T 163 -2.91 4.33 62.45
N ASP T 164 -3.29 3.35 63.28
CA ASP T 164 -4.26 3.58 64.35
C ASP T 164 -3.68 4.36 65.52
N SER T 165 -2.36 4.50 65.62
CA SER T 165 -1.66 5.08 66.76
C SER T 165 -1.73 4.12 67.93
N LYS T 166 -2.29 2.92 67.71
CA LYS T 166 -2.57 2.02 68.81
C LYS T 166 -1.32 1.39 69.40
N THR T 167 -0.20 1.38 68.66
CA THR T 167 1.11 0.98 69.19
C THR T 167 1.99 2.22 69.18
N ALA T 168 2.43 2.61 70.38
CA ALA T 168 2.96 3.95 70.57
C ALA T 168 4.32 4.10 69.89
N ARG T 169 4.33 4.96 68.87
CA ARG T 169 5.52 5.36 68.08
C ARG T 169 5.69 7.12 67.43
N VAL T 170 6.70 7.58 66.61
CA VAL T 170 6.71 8.90 65.96
C VAL T 170 6.25 8.80 64.50
N GLU T 171 4.93 8.90 64.27
CA GLU T 171 4.30 8.74 62.95
C GLU T 171 4.70 9.82 61.94
N MET T 172 5.87 10.45 62.13
CA MET T 172 6.74 10.84 61.03
C MET T 172 7.16 9.63 60.18
N LEU T 173 7.08 8.44 60.75
CA LEU T 173 7.68 7.24 60.21
C LEU T 173 6.78 6.53 59.20
N THR T 174 7.39 6.01 58.14
CA THR T 174 6.75 4.97 57.35
C THR T 174 6.57 3.73 58.21
N SER T 175 5.78 2.78 57.72
CA SER T 175 5.37 1.65 58.56
C SER T 175 6.18 0.40 58.25
N ASP T 176 5.54 -0.76 58.36
CA ASP T 176 6.00 -2.05 57.83
C ASP T 176 7.17 -2.67 58.57
N ALA T 177 7.35 -3.98 58.37
CA ALA T 177 8.46 -4.75 58.92
C ALA T 177 8.42 -6.20 58.41
N THR T 178 7.99 -6.39 57.16
CA THR T 178 7.87 -7.74 56.59
C THR T 178 8.05 -7.63 55.08
N ILE T 179 9.08 -8.29 54.54
CA ILE T 179 9.38 -8.18 53.12
C ILE T 179 10.43 -9.24 52.75
N GLU T 180 10.96 -9.15 51.54
CA GLU T 180 12.01 -10.03 51.03
C GLU T 180 13.10 -9.15 50.43
N GLU T 181 14.36 -9.42 50.80
CA GLU T 181 15.45 -8.47 50.62
C GLU T 181 16.52 -9.05 49.71
N PHE T 182 17.07 -8.19 48.84
CA PHE T 182 18.22 -8.51 47.99
C PHE T 182 19.36 -7.54 48.23
N PRO T 183 20.58 -8.01 48.45
CA PRO T 183 21.65 -7.09 48.85
C PRO T 183 22.15 -6.24 47.69
N GLU T 184 22.27 -4.95 47.96
CA GLU T 184 22.95 -4.01 47.07
C GLU T 184 24.36 -3.72 47.54
N ALA T 185 24.50 -3.15 48.73
CA ALA T 185 25.82 -2.97 49.33
C ALA T 185 25.74 -3.44 50.77
N GLN T 186 26.91 -3.67 51.36
CA GLN T 186 26.96 -4.24 52.70
C GLN T 186 28.23 -3.78 53.39
N VAL T 187 28.19 -3.70 54.72
CA VAL T 187 29.40 -3.38 55.49
C VAL T 187 29.46 -4.21 56.76
N SER T 188 28.34 -4.35 57.45
CA SER T 188 28.31 -5.25 58.61
C SER T 188 27.92 -6.63 58.12
N PRO T 189 28.80 -7.64 58.24
CA PRO T 189 28.38 -9.01 57.87
C PRO T 189 27.30 -9.53 58.81
N PHE T 190 26.97 -8.78 59.84
CA PHE T 190 26.03 -9.28 60.83
C PHE T 190 24.67 -8.63 60.65
N PHE T 191 24.55 -7.64 59.79
CA PHE T 191 23.34 -6.85 59.70
C PHE T 191 22.82 -6.82 58.27
N LYS T 192 21.55 -7.11 58.11
CA LYS T 192 20.82 -6.97 56.86
C LYS T 192 19.79 -5.87 57.08
N ASN T 193 20.18 -4.64 56.77
CA ASN T 193 19.24 -3.52 56.74
C ASN T 193 18.36 -3.63 55.51
N ILE T 194 17.05 -3.41 55.69
CA ILE T 194 16.17 -3.54 54.53
C ILE T 194 16.22 -2.28 53.67
N ASP T 195 16.26 -1.11 54.31
CA ASP T 195 16.32 0.20 53.65
C ASP T 195 16.16 1.31 54.68
N LEU T 196 16.70 2.49 54.38
CA LEU T 196 16.34 3.70 55.13
C LEU T 196 14.88 4.00 54.78
N GLN T 197 13.99 3.49 55.64
CA GLN T 197 12.56 3.53 55.33
C GLN T 197 12.06 4.96 55.13
N THR T 198 12.56 5.92 55.92
CA THR T 198 12.23 7.31 55.63
C THR T 198 13.24 8.24 56.30
N ALA T 199 13.21 9.51 55.87
CA ALA T 199 14.07 10.53 56.45
C ALA T 199 13.56 11.91 56.05
N LYS T 200 13.34 12.76 57.06
CA LYS T 200 12.79 14.10 56.89
C LYS T 200 13.51 15.05 57.83
N GLN T 201 14.12 16.09 57.28
CA GLN T 201 14.83 17.09 58.08
C GLN T 201 13.81 17.99 58.77
N VAL T 202 13.67 17.84 60.08
CA VAL T 202 12.71 18.60 60.88
C VAL T 202 13.39 19.87 61.36
N GLY T 203 12.86 21.03 60.95
CA GLY T 203 13.53 22.30 61.22
C GLY T 203 13.22 22.90 62.58
N GLY T 204 11.96 22.83 63.02
CA GLY T 204 11.58 23.43 64.28
C GLY T 204 10.80 24.72 64.09
N ALA T 205 10.91 25.60 65.08
CA ALA T 205 10.15 26.84 65.08
C ALA T 205 10.88 27.87 65.94
N GLN T 206 10.23 29.02 66.15
CA GLN T 206 10.78 30.07 66.98
C GLN T 206 10.90 29.67 68.44
N VAL T 207 10.16 28.63 68.86
CA VAL T 207 10.30 28.14 70.22
C VAL T 207 11.55 27.29 70.40
N GLY T 208 12.11 26.75 69.32
CA GLY T 208 13.31 25.95 69.43
C GLY T 208 13.64 25.11 68.21
N VAL T 209 14.87 24.58 68.18
CA VAL T 209 15.36 23.80 67.05
C VAL T 209 15.31 22.30 67.29
N PRO T 210 15.24 21.52 66.21
CA PRO T 210 16.05 20.32 66.10
C PRO T 210 16.95 20.37 64.86
N ILE T 211 16.39 20.80 63.72
CA ILE T 211 17.10 21.01 62.46
C ILE T 211 17.64 19.69 61.91
N LEU T 212 17.70 18.65 62.74
CA LEU T 212 18.29 17.40 62.34
C LEU T 212 17.40 16.66 61.32
N VAL T 213 17.89 15.51 60.87
CA VAL T 213 17.15 14.67 59.93
C VAL T 213 16.56 13.50 60.71
N GLU T 214 15.26 13.57 60.97
CA GLU T 214 14.53 12.43 61.51
C GLU T 214 14.56 11.29 60.50
N PHE T 215 14.59 10.05 60.98
CA PHE T 215 14.64 8.93 60.03
C PHE T 215 14.06 7.67 60.65
N LYS T 216 13.84 6.67 59.80
CA LYS T 216 13.42 5.34 60.21
C LYS T 216 14.04 4.26 59.33
N ILE T 217 14.48 3.18 60.00
CA ILE T 217 15.16 2.04 59.43
C ILE T 217 14.62 0.77 60.09
N THR T 218 14.58 -0.32 59.31
CA THR T 218 14.30 -1.64 59.84
C THR T 218 15.38 -2.60 59.34
N MET T 219 15.85 -3.46 60.24
CA MET T 219 17.04 -4.27 59.99
C MET T 219 16.92 -5.61 60.69
N THR T 220 17.03 -6.70 59.93
CA THR T 220 17.19 -8.02 60.53
C THR T 220 18.68 -8.32 60.70
N SER T 221 19.07 -8.65 61.94
CA SER T 221 20.47 -8.83 62.36
C SER T 221 21.06 -10.11 61.76
N ASN T 222 21.86 -10.84 62.53
CA ASN T 222 22.32 -12.17 62.10
C ASN T 222 22.46 -13.11 63.29
N TYR T 223 22.26 -14.40 63.03
CA TYR T 223 22.22 -15.40 64.09
C TYR T 223 20.98 -16.27 63.98
N MET U 1 96.38 91.00 -8.91
CA MET U 1 95.60 91.53 -10.02
C MET U 1 94.58 92.50 -9.42
N ASP U 2 95.03 93.75 -9.31
CA ASP U 2 94.90 94.60 -8.12
C ASP U 2 93.50 95.13 -7.81
N LYS U 3 92.79 95.57 -8.84
CA LYS U 3 91.62 96.40 -8.58
C LYS U 3 90.59 95.60 -7.80
N TYR U 4 90.90 94.32 -7.54
CA TYR U 4 89.96 93.39 -6.96
C TYR U 4 90.18 93.22 -5.44
N LEU U 5 91.41 93.48 -4.92
CA LEU U 5 91.45 93.71 -3.47
C LEU U 5 91.07 95.13 -3.15
N ASP U 6 91.10 96.00 -4.15
CA ASP U 6 90.48 97.26 -3.84
C ASP U 6 88.97 97.10 -3.73
N GLN U 7 88.38 96.29 -4.62
CA GLN U 7 86.94 96.07 -4.55
C GLN U 7 86.60 95.18 -3.36
N PHE U 8 87.49 94.27 -2.99
CA PHE U 8 87.20 93.33 -1.91
C PHE U 8 87.35 93.99 -0.55
N VAL U 9 88.20 95.03 -0.45
CA VAL U 9 88.30 95.84 0.76
C VAL U 9 87.19 96.88 0.85
N LYS U 10 86.61 97.28 -0.28
CA LYS U 10 85.57 98.31 -0.30
C LYS U 10 84.14 97.85 0.01
N ALA U 11 83.37 97.63 -1.06
CA ALA U 11 81.92 97.34 -1.07
C ALA U 11 81.10 98.62 -1.26
N PRO U 12 79.91 98.48 -1.88
CA PRO U 12 78.60 99.04 -1.53
C PRO U 12 77.38 98.11 -1.93
N PRO U 13 76.59 98.31 -3.05
CA PRO U 13 75.35 97.51 -3.17
C PRO U 13 75.61 96.01 -3.31
N ALA U 14 76.58 95.63 -4.14
CA ALA U 14 76.82 94.21 -4.39
C ALA U 14 77.15 93.47 -3.11
N ILE U 15 77.87 94.11 -2.20
CA ILE U 15 78.32 93.43 -0.99
C ILE U 15 77.33 93.62 0.16
N LYS U 16 76.55 94.71 0.15
CA LYS U 16 75.41 94.78 1.07
C LYS U 16 74.41 93.68 0.76
N PHE U 17 74.06 93.52 -0.51
CA PHE U 17 73.24 92.39 -0.94
C PHE U 17 73.90 91.07 -0.57
N GLY U 18 75.20 90.94 -0.83
CA GLY U 18 75.89 89.70 -0.49
C GLY U 18 75.78 89.36 0.98
N GLY U 19 76.07 90.33 1.85
CA GLY U 19 75.97 90.11 3.29
C GLY U 19 74.57 89.73 3.73
N LEU U 20 73.56 90.45 3.21
CA LEU U 20 72.18 90.03 3.46
C LEU U 20 71.99 88.56 3.07
N ALA U 21 72.59 88.13 1.96
CA ALA U 21 72.39 86.77 1.48
C ALA U 21 73.07 85.73 2.38
N PHE U 22 74.30 86.00 2.81
CA PHE U 22 74.96 85.08 3.74
C PHE U 22 74.20 85.00 5.05
N VAL U 23 73.63 86.13 5.50
CA VAL U 23 72.85 86.12 6.73
C VAL U 23 71.60 85.25 6.57
N VAL U 24 70.84 85.43 5.48
CA VAL U 24 69.62 84.64 5.32
C VAL U 24 69.96 83.16 5.13
N GLY U 25 71.10 82.87 4.51
CA GLY U 25 71.55 81.48 4.43
C GLY U 25 71.83 80.89 5.81
N ALA U 26 72.53 81.64 6.66
CA ALA U 26 72.76 81.18 8.02
C ALA U 26 71.44 80.95 8.76
N LEU U 27 70.49 81.88 8.64
CA LEU U 27 69.22 81.75 9.35
C LEU U 27 68.44 80.54 8.85
N THR U 28 68.50 80.24 7.55
CA THR U 28 67.82 79.05 7.04
C THR U 28 68.49 77.77 7.51
N ALA U 29 69.82 77.74 7.55
CA ALA U 29 70.49 76.63 8.22
C ALA U 29 69.98 76.45 9.64
N ALA U 30 69.85 77.56 10.38
CA ALA U 30 69.42 77.49 11.77
C ALA U 30 68.01 76.94 11.89
N ASN U 31 67.07 77.41 11.06
CA ASN U 31 65.70 76.95 11.22
C ASN U 31 65.53 75.51 10.72
N PHE U 32 66.34 75.09 9.73
CA PHE U 32 66.29 73.69 9.33
C PHE U 32 66.83 72.78 10.43
N PHE U 33 67.90 73.19 11.11
CA PHE U 33 68.32 72.42 12.28
C PHE U 33 67.25 72.41 13.36
N MET U 34 66.58 73.56 13.54
CA MET U 34 65.53 73.70 14.54
C MET U 34 64.21 73.03 14.13
N VAL U 35 64.14 72.47 12.92
CA VAL U 35 63.04 71.54 12.63
C VAL U 35 63.54 70.10 12.57
N ILE U 36 64.84 69.87 12.49
CA ILE U 36 65.36 68.50 12.58
C ILE U 36 65.35 68.02 14.03
N GLN U 37 65.67 68.91 14.97
CA GLN U 37 65.69 68.49 16.37
C GLN U 37 64.32 68.08 16.91
N PRO U 38 63.21 68.81 16.65
CA PRO U 38 61.90 68.30 17.12
C PRO U 38 61.53 66.95 16.52
N THR U 39 62.11 66.60 15.37
CA THR U 39 61.94 65.25 14.83
C THR U 39 62.50 64.21 15.79
N GLU U 40 63.78 64.36 16.15
CA GLU U 40 64.40 63.41 17.06
C GLU U 40 63.68 63.36 18.39
N GLU U 41 63.41 64.52 18.98
CA GLU U 41 62.63 64.55 20.23
C GLU U 41 61.31 63.82 20.06
N GLU U 42 60.67 63.97 18.89
CA GLU U 42 59.36 63.40 18.67
C GLU U 42 59.43 61.87 18.57
N ILE U 43 60.44 61.36 17.86
CA ILE U 43 60.65 59.91 17.83
C ILE U 43 60.90 59.39 19.24
N GLY U 44 61.61 60.17 20.05
CA GLY U 44 61.82 59.78 21.44
C GLY U 44 60.52 59.65 22.20
N TRP U 45 59.66 60.67 22.15
CA TRP U 45 58.38 60.59 22.83
C TRP U 45 57.55 59.43 22.32
N ALA U 46 57.68 59.11 21.03
CA ALA U 46 57.04 57.90 20.50
C ALA U 46 57.54 56.65 21.22
N VAL U 47 58.86 56.49 21.31
CA VAL U 47 59.42 55.31 21.95
C VAL U 47 59.00 55.22 23.42
N ALA U 48 58.84 56.35 24.09
CA ALA U 48 58.35 56.32 25.47
C ALA U 48 56.89 55.87 25.53
N GLU U 49 56.04 56.56 24.77
CA GLU U 49 54.60 56.28 24.80
C GLU U 49 54.31 54.82 24.48
N ARG U 50 54.93 54.29 23.42
CA ARG U 50 54.72 52.87 23.09
C ARG U 50 55.13 51.96 24.23
N ARG U 51 56.22 52.29 24.92
CA ARG U 51 56.64 51.51 26.08
C ARG U 51 55.62 51.62 27.22
N LYS U 52 54.83 52.69 27.25
CA LYS U 52 53.74 52.73 28.23
C LYS U 52 52.56 51.87 27.79
N LEU U 53 52.20 51.93 26.50
CA LEU U 53 51.20 51.03 25.94
C LEU U 53 51.49 49.58 26.31
N ASP U 54 52.74 49.14 26.08
CA ASP U 54 53.07 47.73 26.22
C ASP U 54 53.09 47.26 27.67
N LEU U 55 53.42 48.12 28.62
CA LEU U 55 53.33 47.76 30.03
C LEU U 55 51.88 47.73 30.51
N GLU U 56 51.08 48.72 30.07
CA GLU U 56 49.66 48.70 30.38
C GLU U 56 48.99 47.42 29.87
N LEU U 57 49.39 46.96 28.68
CA LEU U 57 48.86 45.68 28.20
C LEU U 57 49.23 44.53 29.11
N ALA U 58 50.37 44.61 29.82
CA ALA U 58 50.68 43.61 30.83
C ALA U 58 49.71 43.72 32.00
N ASP U 59 49.48 44.95 32.48
CA ASP U 59 48.55 45.14 33.59
C ASP U 59 47.15 44.62 33.26
N LYS U 60 46.70 44.76 32.00
CA LYS U 60 45.34 44.33 31.67
C LYS U 60 45.18 42.82 31.82
N SER U 61 46.13 42.04 31.32
CA SER U 61 46.06 40.59 31.47
C SER U 61 46.19 40.20 32.94
N GLU U 62 47.11 40.84 33.67
CA GLU U 62 47.25 40.52 35.09
C GLU U 62 45.94 40.69 35.84
N ILE U 63 45.29 41.85 35.66
CA ILE U 63 44.11 42.13 36.46
C ILE U 63 42.90 41.35 35.94
N ALA U 64 42.85 41.02 34.65
CA ALA U 64 41.79 40.15 34.16
C ALA U 64 41.90 38.77 34.78
N GLN U 65 43.12 38.24 34.86
CA GLN U 65 43.31 36.96 35.53
C GLN U 65 42.92 37.03 37.00
N ASN U 66 43.27 38.14 37.68
CA ASN U 66 42.84 38.30 39.07
C ASN U 66 41.31 38.36 39.18
N LEU U 67 40.64 38.97 38.21
CA LEU U 67 39.18 38.93 38.17
C LEU U 67 38.66 37.51 38.07
N ASN U 68 39.19 36.73 37.13
CA ASN U 68 38.75 35.34 36.99
C ASN U 68 38.94 34.58 38.30
N GLU U 69 40.09 34.76 38.96
CA GLU U 69 40.29 34.09 40.24
C GLU U 69 39.29 34.56 41.29
N ARG U 70 38.94 35.85 41.30
CA ARG U 70 37.79 36.26 42.09
C ARG U 70 36.62 35.37 41.78
N ARG U 71 35.97 35.62 40.63
CA ARG U 71 34.72 34.96 40.27
C ARG U 71 34.74 33.53 40.78
N ARG U 72 35.81 32.82 40.40
CA ARG U 72 36.06 31.45 40.83
C ARG U 72 35.85 31.29 42.33
N GLU U 73 36.38 32.20 43.15
CA GLU U 73 36.23 31.92 44.57
C GLU U 73 35.19 32.78 45.30
N MET U 74 35.17 34.09 45.04
CA MET U 74 34.14 34.94 45.61
C MET U 74 32.74 34.40 45.34
N ASP U 75 32.47 33.94 44.13
CA ASP U 75 31.21 33.25 43.97
C ASP U 75 31.09 32.10 44.96
N VAL U 76 32.01 31.14 44.92
CA VAL U 76 31.89 29.92 45.74
C VAL U 76 31.54 30.25 47.19
N LEU U 77 32.22 31.26 47.77
CA LEU U 77 31.84 31.65 49.12
C LEU U 77 30.50 32.38 49.15
N GLU U 78 30.02 32.90 48.02
CA GLU U 78 28.67 33.47 47.98
C GLU U 78 27.67 32.33 48.20
N GLN U 79 28.13 31.09 48.07
CA GLN U 79 27.44 29.90 48.53
C GLN U 79 27.74 29.57 49.98
N LYS U 80 29.01 29.64 50.39
CA LYS U 80 29.35 29.24 51.76
C LYS U 80 28.59 30.09 52.79
N LEU U 81 29.06 31.30 53.08
CA LEU U 81 28.19 32.22 53.81
C LEU U 81 27.24 32.71 52.76
N SER U 82 27.75 33.78 52.19
CA SER U 82 27.37 34.38 50.95
C SER U 82 28.47 35.41 50.85
N GLU U 83 28.49 36.36 49.92
CA GLU U 83 29.72 37.13 49.91
C GLU U 83 29.53 38.63 50.03
N ALA U 84 29.86 39.35 48.98
CA ALA U 84 29.83 40.80 49.02
C ALA U 84 28.41 41.30 49.15
N LEU U 85 28.19 42.47 48.59
CA LEU U 85 26.91 42.75 48.01
C LEU U 85 26.98 42.04 46.68
N THR U 86 27.67 42.66 45.74
CA THR U 86 27.48 42.31 44.33
C THR U 86 28.20 43.29 43.41
N GLU U 87 28.57 42.78 42.24
CA GLU U 87 28.48 43.54 41.00
C GLU U 87 27.31 42.87 40.29
N LEU U 88 27.20 41.60 40.67
CA LEU U 88 26.49 40.52 39.98
C LEU U 88 25.68 40.79 38.74
N PRO U 89 26.00 40.04 37.68
CA PRO U 89 24.97 39.74 36.71
C PRO U 89 24.04 38.71 37.36
N GLU U 90 24.60 37.57 37.75
CA GLU U 90 23.88 36.32 38.13
C GLU U 90 22.63 36.05 37.26
N GLN U 91 22.14 37.08 36.56
CA GLN U 91 21.29 36.90 35.39
C GLN U 91 21.92 35.94 34.39
N ARG U 92 23.25 35.83 34.39
CA ARG U 92 23.99 34.87 33.58
C ARG U 92 24.60 33.76 34.43
N ASP U 93 23.94 33.44 35.55
CA ASP U 93 24.42 32.40 36.46
C ASP U 93 23.29 31.61 37.11
N ILE U 94 22.04 31.82 36.73
CA ILE U 94 20.93 31.05 37.30
C ILE U 94 20.54 29.91 36.38
N GLU U 95 20.35 30.21 35.09
CA GLU U 95 19.99 29.16 34.14
C GLU U 95 21.09 28.13 34.01
N GLU U 96 22.34 28.55 34.16
CA GLU U 96 23.45 27.59 34.20
C GLU U 96 23.41 26.76 35.48
N LEU U 97 22.88 27.33 36.56
CA LEU U 97 22.71 26.56 37.80
C LEU U 97 21.65 25.48 37.62
N LEU U 98 20.51 25.84 37.02
CA LEU U 98 19.48 24.84 36.72
C LEU U 98 20.01 23.77 35.78
N ALA U 99 20.72 24.18 34.73
CA ALA U 99 21.28 23.23 33.77
C ALA U 99 22.25 22.26 34.44
N GLN U 100 23.17 22.79 35.26
CA GLN U 100 24.15 21.91 35.91
C GLN U 100 23.50 21.03 36.95
N ILE U 101 22.42 21.50 37.60
CA ILE U 101 21.66 20.63 38.49
C ILE U 101 21.07 19.46 37.70
N ASN U 102 20.52 19.76 36.52
CA ASN U 102 20.02 18.69 35.65
C ASN U 102 21.12 17.73 35.25
N ASP U 103 22.32 18.23 34.96
CA ASP U 103 23.41 17.37 34.52
C ASP U 103 23.87 16.45 35.65
N ILE U 104 24.14 17.02 36.84
CA ILE U 104 24.57 16.18 37.95
C ILE U 104 23.46 15.21 38.35
N GLY U 105 22.20 15.58 38.11
CA GLY U 105 21.13 14.63 38.32
C GLY U 105 21.18 13.48 37.33
N LYS U 106 21.47 13.79 36.07
CA LYS U 106 21.47 12.76 35.03
C LYS U 106 22.65 11.80 35.20
N LYS U 107 23.84 12.33 35.50
CA LYS U 107 25.00 11.46 35.67
C LYS U 107 24.95 10.69 36.98
N SER U 108 24.10 11.10 37.93
CA SER U 108 23.85 10.29 39.13
C SER U 108 22.77 9.25 38.91
N GLY U 109 22.11 9.25 37.75
CA GLY U 109 21.09 8.27 37.44
C GLY U 109 19.69 8.60 37.94
N LEU U 110 19.47 9.80 38.45
CA LEU U 110 18.18 10.16 39.02
C LEU U 110 17.24 10.72 37.98
N GLU U 111 15.96 10.43 38.14
CA GLU U 111 14.91 11.04 37.34
C GLU U 111 14.52 12.36 38.00
N LEU U 112 14.76 13.48 37.30
CA LEU U 112 14.42 14.81 37.82
C LEU U 112 12.93 15.02 37.58
N SER U 113 12.12 14.70 38.59
CA SER U 113 10.68 14.78 38.44
C SER U 113 10.15 16.22 38.48
N SER U 114 10.84 17.13 39.17
CA SER U 114 10.42 18.52 39.17
C SER U 114 11.53 19.40 39.71
N VAL U 115 11.82 20.51 39.02
CA VAL U 115 12.63 21.58 39.57
C VAL U 115 11.76 22.83 39.60
N THR U 116 11.67 23.44 40.78
CA THR U 116 10.80 24.58 40.98
C THR U 116 11.59 25.73 41.57
N PRO U 117 11.73 26.86 40.90
CA PRO U 117 12.40 28.00 41.52
C PRO U 117 11.58 28.52 42.69
N GLY U 118 12.09 29.54 43.37
CA GLY U 118 11.40 30.15 44.48
C GLY U 118 11.13 31.63 44.24
N LYS U 119 10.80 32.32 45.32
CA LYS U 119 10.75 33.77 45.33
C LYS U 119 11.98 34.30 46.05
N GLU U 120 12.48 35.44 45.58
CA GLU U 120 13.60 36.06 46.27
C GLU U 120 13.16 36.51 47.65
N SER U 121 14.04 36.28 48.63
CA SER U 121 13.74 36.59 50.03
C SER U 121 14.06 38.06 50.27
N VAL U 122 13.04 38.91 50.08
CA VAL U 122 13.23 40.35 50.19
C VAL U 122 13.67 40.74 51.58
N GLY U 123 13.31 39.94 52.59
CA GLY U 123 13.73 40.19 53.95
C GLY U 123 14.72 39.15 54.42
N GLY U 124 15.45 38.55 53.48
CA GLY U 124 16.44 37.55 53.83
C GLY U 124 17.84 38.09 53.83
N GLY U 125 17.97 39.41 53.81
CA GLY U 125 19.27 40.05 53.81
C GLY U 125 19.24 41.46 53.26
N GLU U 126 20.11 42.32 53.81
CA GLU U 126 20.20 43.70 53.35
C GLU U 126 21.01 43.82 52.07
N PHE U 127 22.02 42.96 51.91
CA PHE U 127 22.92 43.03 50.77
C PHE U 127 22.66 41.96 49.73
N PHE U 128 21.56 41.22 49.82
CA PHE U 128 21.35 40.10 48.91
C PHE U 128 19.91 39.64 48.98
N ALA U 129 19.36 39.32 47.81
CA ALA U 129 18.07 38.63 47.72
C ALA U 129 18.37 37.16 47.46
N ARG U 130 17.95 36.30 48.39
CA ARG U 130 18.13 34.86 48.23
C ARG U 130 17.01 34.28 47.39
N ILE U 131 17.37 33.61 46.30
CA ILE U 131 16.42 32.86 45.49
C ILE U 131 16.58 31.37 45.85
N PRO U 132 15.57 30.73 46.42
CA PRO U 132 15.66 29.29 46.69
C PRO U 132 15.13 28.48 45.53
N ILE U 133 15.70 27.30 45.35
CA ILE U 133 15.30 26.37 44.31
C ILE U 133 15.03 25.03 44.97
N LYS U 134 13.81 24.51 44.78
CA LYS U 134 13.41 23.23 45.32
C LYS U 134 13.49 22.18 44.22
N MET U 135 14.35 21.19 44.42
CA MET U 135 14.58 20.13 43.43
C MET U 135 13.98 18.83 43.92
N THR U 136 13.48 18.04 42.97
CA THR U 136 12.66 16.86 43.23
C THR U 136 13.10 15.77 42.26
N VAL U 137 13.92 14.86 42.76
CA VAL U 137 14.57 13.81 41.98
C VAL U 137 14.30 12.48 42.67
N SER U 138 14.22 11.39 41.89
CA SER U 138 13.90 10.09 42.44
C SER U 138 14.95 9.06 42.03
N GLY U 139 15.24 8.13 42.94
CA GLY U 139 16.18 7.06 42.63
C GLY U 139 16.56 6.28 43.87
N ASN U 140 17.84 5.88 43.92
CA ASN U 140 18.39 5.08 45.00
C ASN U 140 19.04 5.98 46.05
N TYR U 141 19.14 5.46 47.28
CA TYR U 141 19.76 6.21 48.37
C TYR U 141 21.19 6.60 48.03
N HIS U 142 21.97 5.66 47.48
CA HIS U 142 23.33 5.95 47.04
C HIS U 142 23.34 7.06 46.00
N GLU U 143 22.36 7.05 45.10
CA GLU U 143 22.31 8.02 44.01
C GLU U 143 21.87 9.40 44.49
N ILE U 144 21.04 9.47 45.53
CA ILE U 144 20.62 10.78 46.00
C ILE U 144 21.69 11.39 46.91
N ALA U 145 22.36 10.56 47.73
CA ALA U 145 23.54 11.05 48.42
C ALA U 145 24.59 11.54 47.42
N LEU U 146 24.72 10.83 46.30
CA LEU U 146 25.62 11.23 45.22
C LEU U 146 25.22 12.59 44.63
N PHE U 147 23.95 12.72 44.25
CA PHE U 147 23.43 13.98 43.72
C PHE U 147 23.69 15.14 44.66
N LEU U 148 23.42 14.93 45.95
CA LEU U 148 23.64 15.98 46.95
C LEU U 148 25.11 16.34 47.06
N GLN U 149 25.98 15.34 47.19
CA GLN U 149 27.41 15.65 47.35
C GLN U 149 27.98 16.33 46.10
N GLU U 150 27.48 15.98 44.92
CA GLU U 150 27.92 16.66 43.71
C GLU U 150 27.45 18.11 43.69
N MET U 151 26.21 18.38 44.09
CA MET U 151 25.76 19.77 44.15
C MET U 151 26.51 20.55 45.22
N ALA U 152 26.99 19.85 46.25
CA ALA U 152 27.79 20.47 47.31
C ALA U 152 29.26 20.60 46.94
N ASN U 153 29.68 19.99 45.83
CA ASN U 153 31.02 20.18 45.29
C ASN U 153 31.03 21.05 44.03
N MET U 154 29.92 21.72 43.72
CA MET U 154 29.85 22.52 42.50
C MET U 154 30.62 23.82 42.65
N ARG U 155 30.93 24.45 41.52
CA ARG U 155 31.59 25.74 41.45
C ARG U 155 30.61 26.91 41.52
N ARG U 156 29.35 26.64 41.83
CA ARG U 156 28.33 27.69 41.85
C ARG U 156 27.61 27.66 43.19
N ILE U 157 26.58 28.49 43.29
CA ILE U 157 26.15 29.04 44.58
C ILE U 157 24.90 28.32 45.05
N VAL U 158 24.96 27.00 45.06
CA VAL U 158 23.79 26.20 45.39
C VAL U 158 23.96 25.61 46.79
N ASN U 159 23.69 26.42 47.82
CA ASN U 159 23.82 25.97 49.19
C ASN U 159 22.62 25.09 49.56
N VAL U 160 22.82 23.77 49.53
CA VAL U 160 21.74 22.86 49.88
C VAL U 160 21.55 22.85 51.38
N ASN U 161 20.29 22.87 51.82
CA ASN U 161 19.99 22.92 53.26
C ASN U 161 19.01 21.83 53.66
N ASN U 162 17.73 22.17 53.78
CA ASN U 162 16.73 21.25 54.30
C ASN U 162 16.45 20.14 53.29
N ILE U 163 16.73 18.89 53.67
CA ILE U 163 16.61 17.74 52.78
C ILE U 163 15.46 16.86 53.24
N LYS U 164 14.79 16.19 52.28
CA LYS U 164 13.86 15.12 52.62
C LYS U 164 13.84 14.06 51.52
N PHE U 165 13.35 12.87 51.88
CA PHE U 165 13.09 11.80 50.93
C PHE U 165 12.29 10.68 51.59
N ASP U 166 11.59 9.91 50.77
CA ASP U 166 10.69 8.85 51.23
C ASP U 166 10.52 7.82 50.12
N SER U 167 9.83 6.74 50.45
CA SER U 167 9.59 5.65 49.49
C SER U 167 8.37 5.97 48.65
N ALA U 168 8.57 6.10 47.34
CA ALA U 168 7.53 6.62 46.47
C ALA U 168 6.49 5.57 46.08
N LYS U 169 6.72 4.30 46.40
CA LYS U 169 5.81 3.23 46.00
C LYS U 169 4.79 3.01 47.11
N LEU U 170 3.51 3.18 46.76
CA LEU U 170 2.41 2.87 47.67
C LEU U 170 2.58 1.49 48.29
N LYS U 171 2.29 0.45 47.51
CA LYS U 171 2.32 -0.92 47.99
C LYS U 171 3.70 -1.33 48.49
N ASN U 172 4.74 -0.60 48.13
CA ASN U 172 6.12 -0.95 48.41
C ASN U 172 6.45 -2.31 47.82
N GLU U 173 6.53 -2.38 46.49
CA GLU U 173 6.88 -3.62 45.81
C GLU U 173 8.26 -3.57 45.16
N LYS U 174 8.85 -2.38 45.01
CA LYS U 174 10.22 -2.23 44.54
C LYS U 174 10.83 -1.03 45.25
N VAL U 175 12.17 -1.06 45.40
CA VAL U 175 12.85 0.04 46.06
C VAL U 175 12.85 1.27 45.15
N VAL U 176 12.50 2.42 45.72
CA VAL U 176 12.49 3.70 45.02
C VAL U 176 12.30 4.80 46.05
N LEU U 177 13.15 5.84 45.97
CA LEU U 177 13.11 6.94 46.92
C LEU U 177 12.92 8.24 46.16
N GLN U 178 11.73 8.84 46.32
CA GLN U 178 11.53 10.22 45.91
C GLN U 178 12.22 11.14 46.92
N SER U 179 12.99 12.08 46.41
CA SER U 179 13.80 12.97 47.22
C SER U 179 13.54 14.41 46.82
N GLU U 180 13.37 15.27 47.83
CA GLU U 180 13.16 16.70 47.64
C GLU U 180 14.21 17.44 48.45
N PHE U 181 15.13 18.10 47.76
CA PHE U 181 16.18 18.88 48.39
C PHE U 181 15.93 20.36 48.13
N GLN U 182 16.21 21.19 49.13
CA GLN U 182 16.09 22.65 49.00
C GLN U 182 17.49 23.25 48.92
N ALA U 183 17.74 24.08 47.91
CA ALA U 183 19.06 24.63 47.68
C ALA U 183 18.94 25.99 47.00
N THR U 184 19.66 26.98 47.55
CA THR U 184 19.40 28.38 47.21
C THR U 184 20.68 29.09 46.80
N THR U 185 20.54 30.11 45.95
CA THR U 185 21.64 30.99 45.60
C THR U 185 21.27 32.43 45.91
N PHE U 186 22.28 33.25 46.16
CA PHE U 186 22.02 34.57 46.72
C PHE U 186 22.33 35.68 45.72
N ARG U 187 21.33 36.09 44.93
CA ARG U 187 21.48 37.25 44.05
C ARG U 187 21.59 38.50 44.91
N PHE U 188 21.81 39.67 44.29
CA PHE U 188 21.84 40.89 45.08
C PHE U 188 20.44 41.45 45.31
N VAL U 189 20.36 42.58 46.00
CA VAL U 189 19.07 43.20 46.30
C VAL U 189 18.46 43.84 45.05
N ALA V 37 66.92 112.40 -12.16
CA ALA V 37 65.91 113.20 -11.47
C ALA V 37 66.54 114.53 -11.01
N LYS V 38 65.89 115.68 -11.25
CA LYS V 38 66.54 116.99 -11.17
C LYS V 38 66.97 117.38 -9.79
N GLY V 39 68.28 117.28 -9.54
CA GLY V 39 68.97 118.16 -8.62
C GLY V 39 70.01 118.91 -9.43
N LYS V 40 70.59 119.96 -8.87
CA LYS V 40 71.85 120.46 -9.41
C LYS V 40 72.91 119.58 -8.75
N LEU V 41 73.63 118.80 -9.54
CA LEU V 41 74.52 117.77 -8.99
C LEU V 41 75.76 118.44 -8.38
N VAL V 42 76.90 117.72 -8.38
CA VAL V 42 78.17 118.42 -8.02
C VAL V 42 79.27 118.02 -9.00
N LEU V 43 80.47 118.54 -8.74
CA LEU V 43 81.60 118.25 -9.60
C LEU V 43 82.91 118.17 -8.83
N GLY V 44 83.54 117.00 -8.87
CA GLY V 44 84.90 116.84 -8.37
C GLY V 44 85.91 116.80 -9.50
N LEU V 45 87.16 117.10 -9.16
CA LEU V 45 88.31 116.82 -10.04
C LEU V 45 88.97 115.51 -9.62
N ASP V 46 88.31 114.42 -10.03
CA ASP V 46 88.64 113.09 -9.52
C ASP V 46 89.96 112.56 -10.10
N ILE V 47 90.36 113.01 -11.28
CA ILE V 47 91.59 112.55 -11.91
C ILE V 47 92.63 113.65 -11.85
N GLY V 48 92.60 114.44 -10.78
CA GLY V 48 93.60 115.46 -10.55
C GLY V 48 94.98 114.92 -10.28
N SER V 49 95.08 113.72 -9.70
CA SER V 49 96.36 113.08 -9.39
C SER V 49 97.18 113.90 -8.41
N THR V 50 97.36 115.19 -8.70
CA THR V 50 97.95 116.09 -7.72
C THR V 50 96.91 116.57 -6.71
N SER V 51 95.68 116.80 -7.14
CA SER V 51 94.69 117.41 -6.27
C SER V 51 93.28 116.99 -6.65
N ILE V 52 92.50 116.63 -5.63
CA ILE V 52 91.06 116.44 -5.75
C ILE V 52 90.39 117.77 -5.46
N LYS V 53 89.74 118.34 -6.47
CA LYS V 53 89.05 119.61 -6.36
C LYS V 53 87.56 119.38 -6.64
N MET V 54 86.71 120.23 -6.07
CA MET V 54 85.26 120.09 -6.20
C MET V 54 84.61 121.46 -6.21
N ILE V 55 83.54 121.63 -7.00
CA ILE V 55 82.91 122.93 -7.20
C ILE V 55 81.39 122.78 -7.18
N LEU V 56 80.72 123.71 -6.51
CA LEU V 56 79.27 123.79 -6.51
C LEU V 56 78.84 125.15 -7.06
N LEU V 57 78.34 125.13 -8.29
CA LEU V 57 77.59 126.22 -8.87
C LEU V 57 76.12 125.84 -8.86
N LYS V 58 75.28 126.77 -8.47
CA LYS V 58 73.85 126.61 -8.72
C LYS V 58 73.35 127.97 -9.14
N GLU V 59 72.04 128.12 -9.16
CA GLU V 59 71.43 129.39 -9.55
C GLU V 59 71.21 130.26 -8.31
N GLN V 60 71.99 131.33 -8.21
CA GLN V 60 71.90 132.26 -7.08
C GLN V 60 70.95 133.41 -7.38
N ARG V 61 69.98 133.63 -6.48
CA ARG V 61 68.99 134.68 -6.66
C ARG V 61 69.55 136.01 -6.15
N LYS V 62 69.37 137.07 -6.94
CA LYS V 62 69.63 138.43 -6.50
C LYS V 62 68.61 139.38 -7.12
N ARG V 63 67.88 140.09 -6.27
CA ARG V 63 66.92 141.12 -6.68
C ARG V 63 65.82 140.56 -7.56
N GLY V 64 65.38 139.34 -7.25
CA GLY V 64 64.40 138.68 -8.07
C GLY V 64 64.92 138.08 -9.37
N GLU V 65 66.21 138.24 -9.69
CA GLU V 65 66.82 137.57 -10.83
C GLU V 65 67.79 136.50 -10.34
N VAL V 66 67.99 135.46 -11.14
CA VAL V 66 68.84 134.33 -10.80
C VAL V 66 69.70 133.99 -12.01
N ILE V 67 70.76 133.22 -11.78
CA ILE V 67 71.65 132.73 -12.83
C ILE V 67 72.65 131.77 -12.19
N TYR V 68 73.24 130.90 -13.02
CA TYR V 68 74.37 130.07 -12.61
C TYR V 68 75.39 130.91 -11.86
N ALA V 69 75.79 130.41 -10.70
CA ALA V 69 76.65 131.19 -9.83
C ALA V 69 77.45 130.26 -8.93
N LEU V 70 78.72 130.59 -8.72
CA LEU V 70 79.56 129.80 -7.84
C LEU V 70 78.99 129.81 -6.42
N GLN V 71 78.81 128.62 -5.85
CA GLN V 71 78.37 128.48 -4.47
C GLN V 71 79.46 128.00 -3.53
N SER V 72 80.34 127.10 -3.97
CA SER V 72 81.46 126.67 -3.14
C SER V 72 82.53 126.05 -4.02
N PHE V 73 83.72 125.91 -3.44
CA PHE V 73 84.85 125.25 -4.10
C PHE V 73 85.83 124.78 -3.04
N GLY V 74 86.36 123.58 -3.24
CA GLY V 74 87.26 122.99 -2.28
C GLY V 74 88.36 122.22 -2.99
N MET V 75 89.51 122.11 -2.33
CA MET V 75 90.67 121.49 -2.93
C MET V 75 91.51 120.80 -1.85
N LYS V 76 91.91 119.56 -2.13
CA LYS V 76 92.76 118.81 -1.23
C LYS V 76 93.83 118.07 -2.05
N PRO V 77 95.09 118.12 -1.63
CA PRO V 77 96.12 117.35 -2.34
C PRO V 77 95.79 115.87 -2.32
N LEU V 78 95.81 115.25 -3.48
CA LEU V 78 95.44 113.83 -3.56
C LEU V 78 96.43 112.98 -2.78
N PRO V 79 95.99 112.22 -1.78
CA PRO V 79 96.86 111.22 -1.17
C PRO V 79 97.16 110.10 -2.15
N PRO V 80 98.42 109.90 -2.48
CA PRO V 80 98.77 108.91 -3.49
C PRO V 80 98.55 107.51 -2.96
N GLU V 81 98.76 106.51 -3.80
CA GLU V 81 98.23 105.16 -3.68
C GLU V 81 96.73 105.15 -4.01
N ALA V 82 96.07 106.31 -4.04
CA ALA V 82 94.70 106.38 -4.54
C ALA V 82 94.63 106.05 -6.03
N ILE V 83 95.47 106.68 -6.84
CA ILE V 83 95.43 106.54 -8.28
C ILE V 83 96.78 106.01 -8.76
N VAL V 84 96.72 104.99 -9.61
CA VAL V 84 97.89 104.43 -10.29
C VAL V 84 97.49 104.09 -11.72
N ASP V 85 98.28 104.58 -12.68
CA ASP V 85 98.06 104.32 -14.10
C ASP V 85 96.64 104.73 -14.53
N GLY V 86 96.07 105.73 -13.86
CA GLY V 86 94.76 106.23 -14.23
C GLY V 86 93.58 105.47 -13.66
N ALA V 87 93.81 104.42 -12.88
CA ALA V 87 92.75 103.69 -12.22
C ALA V 87 92.70 104.07 -10.75
N LEU V 88 91.49 104.16 -10.22
CA LEU V 88 91.30 104.42 -8.79
C LEU V 88 91.62 103.11 -8.07
N MET V 89 92.71 103.10 -7.30
CA MET V 89 93.23 101.86 -6.77
C MET V 89 93.42 101.88 -5.25
N ASN V 90 92.60 102.69 -4.56
CA ASN V 90 92.39 102.70 -3.10
C ASN V 90 91.04 103.39 -2.96
N SER V 91 90.02 102.74 -3.50
CA SER V 91 88.68 103.32 -3.51
C SER V 91 88.27 103.81 -2.13
N THR V 92 88.75 103.15 -1.07
CA THR V 92 88.41 103.53 0.29
C THR V 92 88.98 104.90 0.64
N ALA V 93 90.30 105.05 0.54
CA ALA V 93 90.94 106.32 0.85
C ALA V 93 90.37 107.46 0.01
N ILE V 94 90.20 107.23 -1.30
CA ILE V 94 89.62 108.25 -2.16
C ILE V 94 88.23 108.62 -1.68
N VAL V 95 87.46 107.62 -1.23
CA VAL V 95 86.15 107.88 -0.65
C VAL V 95 86.26 108.87 0.50
N GLN V 96 87.12 108.57 1.48
CA GLN V 96 87.24 109.46 2.63
C GLN V 96 87.69 110.85 2.22
N ALA V 97 88.59 110.94 1.23
CA ALA V 97 89.02 112.25 0.75
C ALA V 97 87.86 113.03 0.15
N VAL V 98 87.05 112.38 -0.68
CA VAL V 98 85.90 113.05 -1.28
C VAL V 98 84.92 113.50 -0.19
N GLN V 99 84.77 112.69 0.86
CA GLN V 99 83.93 113.10 1.98
C GLN V 99 84.48 114.37 2.63
N ASP V 100 85.80 114.44 2.83
CA ASP V 100 86.41 115.67 3.31
C ASP V 100 86.12 116.84 2.37
N LEU V 101 86.12 116.58 1.07
CA LEU V 101 85.76 117.64 0.12
C LEU V 101 84.34 118.13 0.35
N MET V 102 83.38 117.21 0.49
CA MET V 102 81.99 117.60 0.70
C MET V 102 81.83 118.36 2.02
N SER V 103 82.58 117.98 3.05
CA SER V 103 82.46 118.68 4.33
C SER V 103 83.05 120.08 4.26
N GLU V 104 84.27 120.21 3.72
CA GLU V 104 84.85 121.53 3.51
C GLU V 104 83.95 122.41 2.65
N LEU V 105 83.21 121.80 1.72
CA LEU V 105 82.32 122.56 0.86
C LEU V 105 81.09 123.07 1.61
N LYS V 106 80.65 122.33 2.63
CA LYS V 106 79.38 122.59 3.32
C LYS V 106 78.21 122.48 2.34
N VAL V 107 78.27 121.48 1.47
CA VAL V 107 77.24 121.26 0.45
C VAL V 107 76.34 120.13 0.88
N LYS V 108 75.04 120.29 0.66
CA LYS V 108 74.07 119.23 0.93
C LYS V 108 73.84 118.34 -0.28
N GLY V 109 74.27 118.75 -1.46
CA GLY V 109 74.03 117.95 -2.65
C GLY V 109 74.86 116.67 -2.64
N LYS V 110 74.27 115.59 -3.14
CA LYS V 110 74.92 114.29 -3.16
C LYS V 110 74.90 113.64 -4.54
N ASP V 111 74.60 114.38 -5.59
CA ASP V 111 74.76 113.92 -6.95
C ASP V 111 75.96 114.62 -7.59
N VAL V 112 76.62 113.93 -8.51
CA VAL V 112 77.93 114.34 -9.00
C VAL V 112 78.09 113.95 -10.47
N ALA V 113 78.75 114.83 -11.22
CA ALA V 113 79.41 114.48 -12.47
C ALA V 113 80.90 114.38 -12.16
N ILE V 114 81.63 113.52 -12.86
CA ILE V 114 83.07 113.47 -12.69
C ILE V 114 83.72 113.14 -14.02
N GLY V 115 85.03 112.89 -14.00
CA GLY V 115 85.75 112.61 -15.23
C GLY V 115 86.69 111.43 -15.06
N VAL V 116 87.00 110.80 -16.19
CA VAL V 116 87.96 109.70 -16.21
C VAL V 116 89.36 110.26 -16.40
N SER V 117 90.36 109.43 -16.14
CA SER V 117 91.74 109.82 -16.35
C SER V 117 92.04 109.83 -17.84
N GLY V 118 92.76 110.87 -18.29
CA GLY V 118 93.25 110.89 -19.66
C GLY V 118 94.08 109.69 -20.03
N HIS V 119 94.80 109.12 -19.05
CA HIS V 119 95.51 107.87 -19.26
C HIS V 119 94.58 106.67 -19.29
N SER V 120 93.33 106.83 -18.90
CA SER V 120 92.38 105.74 -18.83
C SER V 120 91.37 105.74 -19.97
N VAL V 121 91.45 106.72 -20.87
CA VAL V 121 90.47 106.86 -21.95
C VAL V 121 91.20 106.97 -23.28
N ILE V 122 90.69 106.24 -24.27
CA ILE V 122 91.08 106.38 -25.66
C ILE V 122 90.03 107.27 -26.34
N ILE V 123 90.47 108.41 -26.86
CA ILE V 123 89.61 109.32 -27.61
C ILE V 123 90.13 109.38 -29.03
N LYS V 124 89.28 109.04 -30.00
CA LYS V 124 89.68 109.28 -31.38
C LYS V 124 88.45 109.36 -32.26
N LYS V 125 88.64 109.97 -33.43
CA LYS V 125 87.57 110.12 -34.41
C LYS V 125 87.41 108.85 -35.24
N ILE V 126 86.23 108.74 -35.86
CA ILE V 126 85.80 107.55 -36.57
C ILE V 126 84.75 107.95 -37.61
N GLN V 127 84.92 107.47 -38.83
CA GLN V 127 84.05 107.78 -39.96
C GLN V 127 83.17 106.57 -40.27
N MET V 128 81.86 106.82 -40.45
CA MET V 128 80.86 105.77 -40.61
C MET V 128 79.80 106.16 -41.63
N PRO V 129 78.69 105.42 -41.73
CA PRO V 129 77.48 105.99 -42.35
C PRO V 129 76.38 106.21 -41.32
N ARG V 130 75.82 107.41 -41.18
CA ARG V 130 74.72 107.52 -40.24
C ARG V 130 73.51 106.77 -40.74
N MET V 131 72.69 106.30 -39.78
CA MET V 131 71.45 105.56 -40.01
C MET V 131 70.58 105.56 -38.75
N SER V 132 70.02 104.39 -38.42
CA SER V 132 69.29 104.23 -37.16
C SER V 132 70.27 104.31 -35.99
N GLN V 133 69.77 104.76 -34.85
CA GLN V 133 70.63 104.94 -33.68
C GLN V 133 71.22 103.61 -33.21
N ASP V 134 70.42 102.53 -33.23
CA ASP V 134 70.95 101.21 -32.90
C ASP V 134 72.02 100.78 -33.90
N GLU V 135 71.73 100.94 -35.20
CA GLU V 135 72.71 100.56 -36.21
C GLU V 135 73.98 101.38 -36.09
N LEU V 136 73.87 102.65 -35.69
CA LEU V 136 75.07 103.43 -35.45
C LEU V 136 75.84 102.91 -34.23
N GLU V 137 75.15 102.68 -33.12
CA GLU V 137 75.86 102.25 -31.91
C GLU V 137 76.57 100.92 -32.14
N GLU V 138 75.89 99.97 -32.77
CA GLU V 138 76.54 98.71 -33.12
C GLU V 138 77.70 98.92 -34.07
N SER V 139 77.50 99.68 -35.15
CA SER V 139 78.57 99.88 -36.13
C SER V 139 79.75 100.60 -35.49
N ILE V 140 79.46 101.51 -34.57
CA ILE V 140 80.49 102.23 -33.82
C ILE V 140 81.31 101.26 -32.99
N GLN V 141 80.62 100.40 -32.24
CA GLN V 141 81.32 99.40 -31.44
C GLN V 141 82.14 98.46 -32.32
N TRP V 142 81.63 98.18 -33.52
CA TRP V 142 82.33 97.28 -34.45
C TRP V 142 83.62 97.91 -34.95
N GLU V 143 83.58 99.19 -35.33
CA GLU V 143 84.79 99.86 -35.80
C GLU V 143 85.79 100.09 -34.67
N ALA V 144 85.32 100.54 -33.51
CA ALA V 144 86.24 100.78 -32.40
C ALA V 144 86.79 99.48 -31.81
N GLU V 145 86.11 98.35 -32.04
CA GLU V 145 86.68 97.06 -31.64
C GLU V 145 88.11 96.93 -32.15
N GLN V 146 88.31 97.29 -33.42
CA GLN V 146 89.65 97.43 -33.99
C GLN V 146 90.53 98.39 -33.20
N TYR V 147 89.95 99.46 -32.67
CA TYR V 147 90.66 100.54 -31.98
C TYR V 147 91.00 100.25 -30.53
N ILE V 148 90.59 99.12 -29.96
CA ILE V 148 90.75 98.99 -28.51
C ILE V 148 91.70 97.83 -28.24
N PRO V 149 92.85 98.07 -27.59
CA PRO V 149 93.75 96.98 -27.24
C PRO V 149 93.32 96.15 -26.03
N PHE V 150 92.05 96.20 -25.62
CA PHE V 150 91.50 95.37 -24.55
C PHE V 150 90.23 94.69 -25.01
N ASP V 151 89.84 93.62 -24.32
CA ASP V 151 88.52 93.05 -24.52
C ASP V 151 87.44 94.11 -24.27
N VAL V 152 86.23 93.80 -24.69
CA VAL V 152 85.09 94.64 -24.34
C VAL V 152 84.17 93.82 -23.43
N LYS V 153 84.26 93.98 -22.11
CA LYS V 153 85.27 94.72 -21.34
C LYS V 153 85.72 96.15 -21.73
N ASP V 154 84.85 96.99 -22.30
CA ASP V 154 85.26 98.35 -22.64
C ASP V 154 84.09 99.28 -22.89
N VAL V 155 84.27 100.51 -22.43
CA VAL V 155 83.30 101.60 -22.44
C VAL V 155 83.30 102.27 -23.79
N ASN V 156 82.13 102.35 -24.43
CA ASN V 156 82.03 103.06 -25.69
C ASN V 156 80.95 104.14 -25.58
N ILE V 157 81.33 105.38 -25.92
CA ILE V 157 80.39 106.50 -26.02
C ILE V 157 80.87 107.44 -27.11
N ASP V 158 79.96 107.79 -28.03
CA ASP V 158 80.34 108.63 -29.16
C ASP V 158 79.57 109.94 -29.14
N THR V 159 80.14 110.94 -29.81
CA THR V 159 79.34 112.10 -30.19
C THR V 159 79.78 112.56 -31.58
N GLN V 160 78.86 113.17 -32.31
CA GLN V 160 79.12 113.50 -33.70
C GLN V 160 79.79 114.87 -33.81
N ILE V 161 80.95 114.89 -34.46
CA ILE V 161 81.71 116.13 -34.61
C ILE V 161 80.96 117.20 -35.39
N LEU V 162 80.03 116.80 -36.24
CA LEU V 162 79.13 117.71 -36.92
C LEU V 162 77.71 117.31 -36.58
N ASP V 163 76.82 118.30 -36.51
CA ASP V 163 75.42 118.00 -36.32
C ASP V 163 74.99 116.94 -37.31
N GLY V 164 74.58 115.78 -36.79
CA GLY V 164 73.78 114.89 -37.60
C GLY V 164 72.71 115.62 -38.36
N GLY V 165 72.17 116.71 -37.77
CA GLY V 165 71.10 117.45 -38.41
C GLY V 165 71.49 118.10 -39.71
N GLY V 166 72.58 117.64 -40.33
CA GLY V 166 73.10 118.21 -41.56
C GLY V 166 73.27 117.28 -42.77
N ASN V 167 72.97 115.98 -42.66
CA ASN V 167 73.33 115.04 -43.72
C ASN V 167 72.30 113.91 -43.91
N ASP V 168 72.30 113.34 -45.12
CA ASP V 168 71.25 112.45 -45.58
C ASP V 168 71.62 110.98 -45.36
N ALA V 169 70.59 110.12 -45.45
CA ALA V 169 70.73 108.71 -45.02
C ALA V 169 71.82 108.01 -45.81
N THR V 170 72.69 107.32 -45.05
CA THR V 170 73.87 106.61 -45.52
C THR V 170 75.07 107.54 -45.72
N GLY V 171 74.91 108.86 -45.56
CA GLY V 171 76.03 109.71 -45.88
C GLY V 171 76.58 110.56 -44.76
N GLN V 172 77.89 110.82 -44.83
CA GLN V 172 78.56 111.84 -44.02
C GLN V 172 78.35 111.63 -42.52
N MET V 173 78.74 110.46 -42.04
CA MET V 173 78.81 110.23 -40.60
C MET V 173 80.21 110.52 -40.09
N ASP V 174 80.28 111.23 -38.97
CA ASP V 174 81.52 111.35 -38.20
C ASP V 174 81.14 111.29 -36.72
N VAL V 175 81.63 110.27 -36.03
CA VAL V 175 81.52 110.26 -34.57
C VAL V 175 82.93 110.22 -34.01
N LEU V 176 83.09 110.76 -32.82
CA LEU V 176 84.29 110.55 -32.02
C LEU V 176 83.93 109.63 -30.87
N LEU V 177 84.75 108.58 -30.72
CA LEU V 177 84.58 107.58 -29.69
C LEU V 177 85.51 107.84 -28.51
N VAL V 178 84.89 107.91 -27.33
CA VAL V 178 85.53 107.78 -26.04
C VAL V 178 85.34 106.35 -25.57
N ALA V 179 86.45 105.63 -25.42
CA ALA V 179 86.47 104.23 -25.01
C ALA V 179 87.32 104.10 -23.76
N ALA V 180 86.84 103.33 -22.78
CA ALA V 180 87.55 103.26 -21.51
C ALA V 180 87.49 101.85 -20.98
N LYS V 181 88.63 101.31 -20.59
CA LYS V 181 88.61 99.95 -20.05
C LYS V 181 87.77 99.90 -18.79
N LYS V 182 86.47 99.67 -18.99
CA LYS V 182 85.61 99.07 -17.98
C LYS V 182 85.76 99.56 -16.52
N ASP V 183 86.84 99.19 -15.81
CA ASP V 183 86.82 99.41 -14.36
C ASP V 183 87.72 100.50 -13.88
N MET V 184 88.37 101.20 -14.78
CA MET V 184 88.53 102.58 -14.40
C MET V 184 87.16 103.11 -13.97
N ILE V 185 86.14 102.89 -14.80
CA ILE V 185 84.79 103.34 -14.50
C ILE V 185 84.27 102.67 -13.23
N ASN V 186 84.46 101.35 -13.10
CA ASN V 186 84.07 100.70 -11.84
C ASN V 186 84.70 101.39 -10.64
N ASP V 187 86.03 101.36 -10.55
CA ASP V 187 86.75 101.99 -9.44
C ASP V 187 86.18 103.35 -9.08
N TYR V 188 85.95 104.19 -10.09
CA TYR V 188 85.39 105.52 -9.83
C TYR V 188 83.97 105.43 -9.27
N THR V 189 83.18 104.46 -9.74
CA THR V 189 81.81 104.31 -9.25
C THR V 189 81.79 103.79 -7.81
N THR V 190 82.74 102.94 -7.45
CA THR V 190 82.88 102.54 -6.05
C THR V 190 83.23 103.74 -5.18
N VAL V 191 84.25 104.49 -5.58
CA VAL V 191 84.60 105.72 -4.87
C VAL V 191 83.39 106.62 -4.69
N VAL V 192 82.64 106.83 -5.77
CA VAL V 192 81.47 107.71 -5.69
C VAL V 192 80.41 107.11 -4.78
N SER V 193 80.26 105.78 -4.81
CA SER V 193 79.19 105.14 -4.07
C SER V 193 79.41 105.26 -2.57
N GLU V 194 80.62 105.04 -2.09
CA GLU V 194 80.82 105.06 -0.65
C GLU V 194 81.05 106.48 -0.12
N ALA V 195 81.28 107.45 -1.01
CA ALA V 195 81.25 108.84 -0.60
C ALA V 195 79.83 109.37 -0.43
N GLY V 196 78.82 108.53 -0.63
CA GLY V 196 77.44 108.97 -0.58
C GLY V 196 76.98 109.71 -1.81
N LEU V 197 77.79 109.75 -2.86
CA LEU V 197 77.47 110.47 -4.08
C LEU V 197 76.80 109.55 -5.09
N ALA V 198 76.04 110.15 -6.00
CA ALA V 198 75.39 109.41 -7.09
C ALA V 198 75.82 110.02 -8.40
N PRO V 199 76.54 109.28 -9.25
CA PRO V 199 77.03 109.87 -10.50
C PRO V 199 75.93 109.89 -11.56
N VAL V 200 75.93 110.95 -12.35
CA VAL V 200 75.00 111.07 -13.46
C VAL V 200 75.71 111.20 -14.80
N VAL V 201 76.94 111.73 -14.82
CA VAL V 201 77.71 111.88 -16.04
C VAL V 201 79.16 111.56 -15.71
N VAL V 202 79.75 110.65 -16.48
CA VAL V 202 81.18 110.40 -16.39
C VAL V 202 81.79 110.91 -17.69
N ASP V 203 82.26 112.15 -17.64
CA ASP V 203 82.73 112.89 -18.80
C ASP V 203 84.25 112.75 -18.94
N VAL V 204 84.82 113.43 -19.93
CA VAL V 204 86.25 113.40 -20.18
C VAL V 204 86.80 114.81 -20.04
N ASP V 205 88.06 114.90 -19.59
CA ASP V 205 88.59 116.18 -19.13
C ASP V 205 88.91 117.13 -20.28
N ALA V 206 89.37 116.59 -21.42
CA ALA V 206 89.78 117.44 -22.53
C ALA V 206 88.62 118.26 -23.08
N PHE V 207 87.39 117.79 -22.91
CA PHE V 207 86.21 118.52 -23.35
C PHE V 207 85.48 119.20 -22.20
N ALA V 208 85.57 118.61 -21.00
CA ALA V 208 84.97 119.24 -19.83
C ALA V 208 85.67 120.55 -19.51
N VAL V 209 86.98 120.62 -19.73
CA VAL V 209 87.73 121.85 -19.51
C VAL V 209 87.26 122.96 -20.44
N GLN V 210 86.55 122.62 -21.52
CA GLN V 210 86.15 123.58 -22.52
C GLN V 210 84.84 124.27 -22.21
N ASN V 211 83.99 123.68 -21.38
CA ASN V 211 82.65 124.24 -21.16
C ASN V 211 82.71 125.66 -20.59
N MET V 212 83.81 126.01 -19.93
CA MET V 212 83.94 127.35 -19.38
C MET V 212 84.22 128.37 -20.46
N PHE V 213 84.90 127.97 -21.50
CA PHE V 213 85.22 128.86 -22.59
C PHE V 213 84.34 128.60 -23.80
N SER V 214 83.33 127.72 -23.69
CA SER V 214 82.55 127.33 -24.86
C SER V 214 81.76 128.49 -25.43
N VAL V 215 81.32 129.40 -24.57
CA VAL V 215 80.69 130.64 -25.02
C VAL V 215 81.70 131.51 -25.75
N ASN V 216 82.79 131.87 -25.07
CA ASN V 216 83.77 132.78 -25.64
C ASN V 216 84.39 132.22 -26.90
N TYR V 217 84.34 130.88 -27.05
CA TYR V 217 84.73 130.26 -28.31
C TYR V 217 83.60 130.35 -29.33
N ASP V 218 82.35 130.25 -28.86
CA ASP V 218 81.21 130.22 -29.75
C ASP V 218 80.99 131.55 -30.44
N VAL V 219 81.56 132.64 -29.89
CA VAL V 219 81.45 133.95 -30.54
C VAL V 219 82.38 134.11 -31.74
N PRO V 220 83.67 133.59 -31.75
CA PRO V 220 84.40 133.50 -33.04
C PRO V 220 84.35 132.09 -33.65
N GLU V 221 83.69 131.95 -34.80
CA GLU V 221 83.18 130.64 -35.19
C GLU V 221 83.82 130.08 -36.46
N ARG V 222 84.67 130.85 -37.14
CA ARG V 222 85.60 130.29 -38.10
C ARG V 222 87.04 130.32 -37.60
N GLU V 223 87.25 130.80 -36.38
CA GLU V 223 88.59 130.91 -35.82
C GLU V 223 89.04 129.59 -35.23
N THR V 224 90.26 129.19 -35.58
CA THR V 224 90.87 127.97 -35.07
C THR V 224 91.60 128.31 -33.78
N VAL V 225 91.17 127.69 -32.68
CA VAL V 225 91.73 127.95 -31.37
C VAL V 225 92.32 126.66 -30.82
N VAL V 226 93.45 126.76 -30.13
CA VAL V 226 94.00 125.60 -29.41
C VAL V 226 93.75 125.79 -27.93
N LEU V 227 93.50 124.68 -27.24
CA LEU V 227 93.36 124.68 -25.79
C LEU V 227 94.28 123.60 -25.23
N ILE V 228 95.24 124.02 -24.42
CA ILE V 228 96.15 123.11 -23.73
C ILE V 228 95.74 123.03 -22.27
N ASN V 229 95.60 121.82 -21.76
CA ASN V 229 95.44 121.61 -20.33
C ASN V 229 96.65 120.81 -19.89
N ALA V 230 97.62 121.52 -19.31
CA ALA V 230 98.82 120.92 -18.75
C ALA V 230 98.51 120.51 -17.31
N GLY V 231 98.28 119.23 -17.09
CA GLY V 231 98.01 118.69 -15.78
C GLY V 231 99.23 118.07 -15.15
N ALA V 232 99.00 117.25 -14.13
CA ALA V 232 100.07 116.56 -13.44
C ALA V 232 100.36 115.18 -14.00
N SER V 233 99.35 114.52 -14.59
CA SER V 233 99.54 113.20 -15.18
C SER V 233 99.59 113.23 -16.70
N VAL V 234 99.07 114.27 -17.34
CA VAL V 234 98.92 114.29 -18.78
C VAL V 234 98.75 115.74 -19.23
N VAL V 235 99.08 116.01 -20.48
CA VAL V 235 98.80 117.29 -21.12
C VAL V 235 97.89 117.04 -22.30
N ASN V 236 96.69 117.62 -22.27
CA ASN V 236 95.79 117.44 -23.40
C ASN V 236 95.84 118.67 -24.30
N ILE V 237 95.76 118.40 -25.60
CA ILE V 237 95.58 119.42 -26.63
C ILE V 237 94.25 119.16 -27.31
N ASN V 238 93.37 120.14 -27.31
CA ASN V 238 92.20 120.05 -28.18
C ASN V 238 92.10 121.30 -29.02
N ILE V 239 91.91 121.11 -30.31
CA ILE V 239 91.90 122.22 -31.25
C ILE V 239 90.56 122.24 -31.96
N ILE V 240 90.03 123.45 -32.12
CA ILE V 240 88.63 123.69 -32.43
C ILE V 240 88.53 124.73 -33.53
N SER V 241 87.43 124.68 -34.25
CA SER V 241 86.89 125.81 -34.98
C SER V 241 85.59 126.16 -34.30
N ASN V 242 85.57 127.31 -33.62
CA ASN V 242 84.47 127.78 -32.75
C ASN V 242 84.56 126.99 -31.45
N GLY V 243 83.44 126.59 -30.85
CA GLY V 243 83.44 125.57 -29.83
C GLY V 243 83.09 124.24 -30.46
N ALA V 244 83.62 124.00 -31.67
CA ALA V 244 83.44 122.73 -32.35
C ALA V 244 84.79 122.04 -32.41
N THR V 245 85.00 121.06 -31.54
CA THR V 245 86.26 120.35 -31.48
C THR V 245 86.59 119.75 -32.84
N VAL V 246 87.79 120.04 -33.32
CA VAL V 246 88.33 119.39 -34.51
C VAL V 246 89.16 118.17 -34.15
N PHE V 247 89.94 118.24 -33.06
CA PHE V 247 90.63 117.03 -32.62
C PHE V 247 91.22 117.21 -31.22
N THR V 248 91.67 116.08 -30.66
CA THR V 248 92.31 116.03 -29.36
C THR V 248 93.47 115.05 -29.41
N ARG V 249 94.47 115.31 -28.58
CA ARG V 249 95.66 114.48 -28.48
C ARG V 249 96.24 114.62 -27.07
N ASP V 250 96.59 113.48 -26.48
CA ASP V 250 97.03 113.44 -25.08
C ASP V 250 98.49 113.03 -25.00
N VAL V 251 99.27 113.82 -24.27
CA VAL V 251 100.72 113.65 -24.15
C VAL V 251 101.06 113.24 -22.72
N THR V 252 101.84 112.16 -22.61
CA THR V 252 102.21 111.61 -21.31
C THR V 252 102.94 112.63 -20.44
N ILE V 253 103.64 113.58 -21.05
CA ILE V 253 104.44 114.55 -20.32
C ILE V 253 103.52 115.50 -19.55
N GLY V 254 103.95 115.92 -18.38
CA GLY V 254 103.17 116.83 -17.57
C GLY V 254 104.03 117.47 -16.50
N GLY V 255 103.36 118.01 -15.48
CA GLY V 255 104.09 118.69 -14.41
C GLY V 255 104.84 117.73 -13.51
N ASN V 256 104.33 116.49 -13.37
CA ASN V 256 105.06 115.46 -12.66
C ASN V 256 106.46 115.28 -13.23
N GLN V 257 106.64 115.57 -14.51
CA GLN V 257 107.97 115.49 -15.12
C GLN V 257 108.89 116.58 -14.61
N PHE V 258 108.44 117.83 -14.59
CA PHE V 258 109.25 118.89 -14.03
C PHE V 258 109.61 118.60 -12.58
N THR V 259 108.61 118.26 -11.77
CA THR V 259 108.87 117.93 -10.36
C THR V 259 109.88 116.79 -10.25
N GLU V 260 109.72 115.76 -11.08
CA GLU V 260 110.60 114.59 -11.00
C GLU V 260 112.02 114.93 -11.40
N GLU V 261 112.20 115.84 -12.36
CA GLU V 261 113.56 116.24 -12.72
C GLU V 261 114.20 117.05 -11.60
N ILE V 262 113.45 117.97 -10.99
CA ILE V 262 113.98 118.68 -9.82
C ILE V 262 114.42 117.69 -8.74
N GLN V 263 113.55 116.73 -8.45
CA GLN V 263 113.86 115.71 -7.46
C GLN V 263 115.12 114.93 -7.82
N LYS V 264 115.23 114.50 -9.09
CA LYS V 264 116.44 113.82 -9.54
C LYS V 264 117.68 114.66 -9.28
N GLN V 265 117.66 115.91 -9.71
CA GLN V 265 118.88 116.70 -9.69
C GLN V 265 119.23 117.26 -8.33
N LEU V 266 118.35 117.17 -7.33
CA LEU V 266 118.73 117.64 -6.00
C LEU V 266 118.42 116.62 -4.93
N ASN V 267 118.41 115.32 -5.28
CA ASN V 267 117.90 114.21 -4.48
C ASN V 267 116.94 114.66 -3.39
N VAL V 268 115.80 115.22 -3.81
CA VAL V 268 114.74 115.77 -2.97
C VAL V 268 113.56 114.80 -2.98
N SER V 269 112.68 114.90 -1.98
CA SER V 269 111.41 114.20 -2.03
C SER V 269 110.50 114.86 -3.06
N TYR V 270 109.38 114.22 -3.41
CA TYR V 270 108.51 114.78 -4.42
C TYR V 270 107.85 116.07 -3.92
N GLU V 271 107.57 116.15 -2.63
CA GLU V 271 106.86 117.31 -2.11
C GLU V 271 107.76 118.55 -2.12
N GLU V 272 108.97 118.43 -1.59
CA GLU V 272 109.85 119.60 -1.53
C GLU V 272 110.33 120.00 -2.92
N ALA V 273 110.46 119.03 -3.84
CA ALA V 273 110.75 119.35 -5.23
C ALA V 273 109.58 120.07 -5.88
N GLU V 274 108.35 119.69 -5.50
CA GLU V 274 107.17 120.36 -6.02
C GLU V 274 107.09 121.79 -5.53
N ALA V 275 107.34 122.02 -4.24
CA ALA V 275 107.36 123.37 -3.70
C ALA V 275 108.49 124.20 -4.31
N LEU V 276 109.68 123.60 -4.45
CA LEU V 276 110.78 124.28 -5.12
C LEU V 276 110.39 124.68 -6.54
N LYS V 277 109.59 123.84 -7.21
CA LYS V 277 109.04 124.22 -8.51
C LYS V 277 108.14 125.44 -8.36
N ILE V 278 107.05 125.31 -7.60
CA ILE V 278 106.07 126.38 -7.41
C ILE V 278 106.76 127.67 -6.96
N GLY V 279 107.03 127.77 -5.66
CA GLY V 279 107.59 128.98 -5.12
C GLY V 279 108.99 129.27 -5.62
N GLY V 280 109.79 128.23 -5.86
CA GLY V 280 111.12 128.44 -6.37
C GLY V 280 111.14 129.17 -7.70
N ASN V 281 110.26 128.80 -8.63
CA ASN V 281 110.34 129.33 -9.98
C ASN V 281 109.70 130.71 -10.14
N GLY V 282 108.94 131.19 -9.16
CA GLY V 282 108.13 132.37 -9.40
C GLY V 282 108.27 133.54 -8.46
N ALA V 283 109.01 133.37 -7.38
CA ALA V 283 109.13 134.44 -6.39
C ALA V 283 109.89 135.63 -6.96
N ASP V 284 109.66 136.81 -6.36
CA ASP V 284 110.43 137.98 -6.75
C ASP V 284 111.89 137.86 -6.32
N ALA V 285 112.17 137.07 -5.29
CA ALA V 285 113.52 136.86 -4.81
C ALA V 285 114.18 135.64 -5.43
N ASP V 286 113.63 135.10 -6.51
CA ASP V 286 114.10 133.84 -7.09
C ASP V 286 115.26 134.04 -8.05
N ALA V 287 116.05 135.12 -7.93
CA ALA V 287 116.98 135.47 -9.00
C ALA V 287 118.15 134.49 -9.08
N VAL V 288 118.44 133.79 -7.99
CA VAL V 288 119.58 132.89 -7.97
C VAL V 288 119.17 131.46 -8.32
N VAL V 289 117.87 131.15 -8.25
CA VAL V 289 117.37 129.79 -8.43
C VAL V 289 116.83 129.43 -9.82
N PRO V 290 116.76 130.34 -10.81
CA PRO V 290 116.36 129.86 -12.14
C PRO V 290 117.52 129.30 -12.92
N GLN V 291 118.75 129.51 -12.47
CA GLN V 291 119.86 128.73 -13.03
C GLN V 291 119.85 127.32 -12.47
N ASP V 292 119.87 127.21 -11.13
CA ASP V 292 119.83 125.88 -10.51
C ASP V 292 118.60 125.10 -10.93
N VAL V 293 117.43 125.73 -10.97
CA VAL V 293 116.22 125.00 -11.33
C VAL V 293 116.08 124.90 -12.84
N GLU V 294 116.23 126.03 -13.55
CA GLU V 294 116.01 126.03 -15.00
C GLU V 294 116.96 125.08 -15.72
N ARG V 295 118.20 124.94 -15.21
CA ARG V 295 119.09 123.93 -15.77
C ARG V 295 118.58 122.53 -15.48
N VAL V 296 117.77 122.37 -14.43
CA VAL V 296 117.20 121.06 -14.13
C VAL V 296 116.03 120.75 -15.04
N LEU V 297 115.16 121.74 -15.25
CA LEU V 297 113.93 121.58 -16.02
C LEU V 297 114.11 121.84 -17.51
N SER V 298 115.33 122.16 -17.95
CA SER V 298 115.51 122.59 -19.33
C SER V 298 115.25 121.46 -20.32
N SER V 299 115.70 120.25 -20.00
CA SER V 299 115.35 119.10 -20.83
C SER V 299 113.84 118.95 -20.97
N VAL V 300 113.10 119.05 -19.86
CA VAL V 300 111.65 118.90 -19.91
C VAL V 300 111.04 120.01 -20.75
N ALA V 301 111.58 121.23 -20.64
CA ALA V 301 111.04 122.34 -21.42
C ALA V 301 111.24 122.09 -22.92
N GLU V 302 112.47 121.78 -23.33
CA GLU V 302 112.74 121.46 -24.72
C GLU V 302 111.84 120.35 -25.23
N GLN V 303 111.72 119.28 -24.46
CA GLN V 303 111.05 118.08 -24.94
C GLN V 303 109.52 118.23 -24.94
N VAL V 304 108.96 118.98 -23.98
CA VAL V 304 107.55 119.37 -24.06
C VAL V 304 107.31 120.17 -25.33
N ALA V 305 108.11 121.22 -25.55
CA ALA V 305 108.00 122.00 -26.78
C ALA V 305 108.08 121.10 -28.02
N GLY V 306 108.95 120.09 -27.97
CA GLY V 306 109.04 119.15 -29.07
C GLY V 306 107.77 118.35 -29.24
N GLU V 307 107.12 117.97 -28.13
CA GLU V 307 105.87 117.24 -28.25
C GLU V 307 104.76 118.12 -28.80
N ILE V 308 104.70 119.38 -28.38
CA ILE V 308 103.61 120.24 -28.83
C ILE V 308 103.78 120.60 -30.30
N GLN V 309 105.01 120.93 -30.72
CA GLN V 309 105.26 121.11 -32.15
C GLN V 309 104.90 119.85 -32.91
N ARG V 310 105.24 118.70 -32.31
CA ARG V 310 104.92 117.40 -32.87
C ARG V 310 103.43 117.27 -33.18
N SER V 311 102.57 117.40 -32.17
CA SER V 311 101.12 117.28 -32.37
C SER V 311 100.60 118.32 -33.36
N LEU V 312 101.01 119.58 -33.20
CA LEU V 312 100.53 120.63 -34.11
C LEU V 312 100.86 120.30 -35.55
N ASP V 313 102.09 119.84 -35.83
CA ASP V 313 102.45 119.45 -37.19
C ASP V 313 101.64 118.23 -37.65
N PHE V 314 101.31 117.33 -36.72
CA PHE V 314 100.54 116.15 -37.12
C PHE V 314 99.09 116.50 -37.41
N TYR V 315 98.63 117.67 -36.98
CA TYR V 315 97.27 118.08 -37.37
C TYR V 315 97.25 118.69 -38.77
N ALA V 316 98.10 119.69 -39.01
CA ALA V 316 98.03 120.54 -40.20
C ALA V 316 97.91 119.74 -41.50
N GLY V 317 96.80 119.03 -41.66
CA GLY V 317 96.58 118.13 -42.78
C GLY V 317 96.07 118.77 -44.05
N THR V 318 95.19 119.76 -43.94
CA THR V 318 94.47 120.28 -45.11
C THR V 318 94.91 121.67 -45.56
N ALA V 319 95.38 122.53 -44.67
CA ALA V 319 95.74 123.90 -45.01
C ALA V 319 97.27 123.99 -45.00
N ALA V 320 97.88 123.60 -46.12
CA ALA V 320 99.34 123.55 -46.17
C ALA V 320 99.97 124.94 -46.23
N ASP V 321 99.17 125.99 -46.41
CA ASP V 321 99.67 127.34 -46.61
C ASP V 321 99.13 128.34 -45.60
N SER V 322 98.60 127.88 -44.47
CA SER V 322 98.01 128.76 -43.49
C SER V 322 98.86 128.82 -42.22
N ASN V 323 98.39 129.59 -41.25
CA ASN V 323 99.02 129.73 -39.95
C ASN V 323 97.97 129.54 -38.85
N PHE V 324 98.41 129.73 -37.60
CA PHE V 324 97.54 129.54 -36.44
C PHE V 324 96.83 130.84 -36.07
N SER V 325 96.02 130.77 -35.01
CA SER V 325 95.35 131.94 -34.49
C SER V 325 95.68 132.12 -33.01
N LYS V 326 94.78 131.70 -32.12
CA LYS V 326 94.92 131.96 -30.70
C LYS V 326 94.58 130.72 -29.88
N VAL V 327 95.16 130.66 -28.67
CA VAL V 327 95.13 129.46 -27.85
C VAL V 327 95.15 129.85 -26.37
N TYR V 328 94.60 128.95 -25.54
CA TYR V 328 94.52 129.17 -24.09
C TYR V 328 95.15 128.01 -23.33
N LEU V 329 95.37 128.23 -22.04
CA LEU V 329 96.00 127.25 -21.16
C LEU V 329 95.18 127.04 -19.89
N SER V 330 95.22 125.81 -19.40
CA SER V 330 94.51 125.35 -18.22
C SER V 330 95.38 124.31 -17.52
N GLY V 331 95.00 123.98 -16.30
CA GLY V 331 95.84 123.07 -15.52
C GLY V 331 96.99 123.80 -14.85
N GLY V 332 97.39 123.28 -13.69
CA GLY V 332 98.39 123.96 -12.89
C GLY V 332 99.79 123.89 -13.46
N THR V 333 100.10 122.82 -14.21
CA THR V 333 101.39 122.73 -14.88
C THR V 333 101.63 123.91 -15.81
N ALA V 334 100.57 124.47 -16.39
CA ALA V 334 100.69 125.72 -17.12
C ALA V 334 101.34 126.83 -16.30
N LYS V 335 100.97 126.96 -15.03
CA LYS V 335 101.41 128.09 -14.19
C LYS V 335 102.91 128.11 -13.92
N ILE V 336 103.70 127.28 -14.59
CA ILE V 336 105.16 127.38 -14.53
C ILE V 336 105.53 128.79 -14.98
N PRO V 337 106.32 129.54 -14.21
CA PRO V 337 106.61 130.93 -14.58
C PRO V 337 107.28 131.03 -15.95
N ALA V 338 106.73 131.94 -16.76
CA ALA V 338 107.22 132.27 -18.10
C ALA V 338 106.92 131.20 -19.14
N LEU V 339 106.31 130.09 -18.71
CA LEU V 339 106.03 129.00 -19.64
C LEU V 339 105.11 129.45 -20.76
N PHE V 340 104.25 130.44 -20.49
CA PHE V 340 103.31 130.90 -21.50
C PHE V 340 104.04 131.66 -22.61
N LYS V 341 104.97 132.54 -22.23
CA LYS V 341 105.78 133.23 -23.22
C LYS V 341 106.63 132.24 -24.03
N THR V 342 107.14 131.21 -23.36
CA THR V 342 107.96 130.21 -24.03
C THR V 342 107.16 129.44 -25.06
N ILE V 343 105.98 128.95 -24.68
CA ILE V 343 105.13 128.23 -25.63
C ILE V 343 104.69 129.17 -26.75
N GLU V 344 104.48 130.45 -26.41
CA GLU V 344 104.05 131.43 -27.42
C GLU V 344 105.11 131.62 -28.49
N ALA V 345 106.36 131.81 -28.07
CA ALA V 345 107.42 132.05 -29.05
C ALA V 345 107.82 130.76 -29.75
N ARG V 346 107.67 129.61 -29.08
CA ARG V 346 108.16 128.35 -29.61
C ARG V 346 107.18 127.68 -30.57
N THR V 347 105.88 127.78 -30.31
CA THR V 347 104.89 127.16 -31.16
C THR V 347 104.34 128.09 -32.24
N GLY V 348 104.70 129.36 -32.21
CA GLY V 348 104.19 130.30 -33.19
C GLY V 348 102.71 130.61 -33.02
N VAL V 349 102.18 130.46 -31.81
CA VAL V 349 100.79 130.81 -31.51
C VAL V 349 100.71 131.62 -30.22
N PRO V 350 99.86 132.65 -30.15
CA PRO V 350 99.61 133.31 -28.86
C PRO V 350 98.90 132.42 -27.84
N VAL V 351 99.65 132.03 -26.81
CA VAL V 351 99.17 131.15 -25.74
C VAL V 351 98.87 132.01 -24.51
N GLU V 352 97.61 132.01 -24.09
CA GLU V 352 97.19 132.87 -22.98
C GLU V 352 96.46 132.08 -21.91
N ILE V 353 96.74 132.43 -20.65
CA ILE V 353 95.91 131.99 -19.54
C ILE V 353 94.50 132.55 -19.74
N LEU V 354 93.53 131.85 -19.17
CA LEU V 354 92.16 132.32 -19.25
C LEU V 354 91.48 132.07 -17.92
N ASN V 355 90.55 132.95 -17.59
CA ASN V 355 89.76 132.81 -16.37
C ASN V 355 88.48 132.07 -16.71
N PRO V 356 88.35 130.78 -16.34
CA PRO V 356 87.05 130.12 -16.51
C PRO V 356 85.93 130.85 -15.82
N PHE V 357 86.07 131.13 -14.53
CA PHE V 357 84.98 131.62 -13.67
C PHE V 357 84.19 132.79 -14.28
N ARG V 358 84.62 133.33 -15.42
CA ARG V 358 83.83 134.38 -16.07
C ARG V 358 82.49 133.86 -16.59
N LYS V 359 82.35 132.55 -16.76
CA LYS V 359 81.12 131.93 -17.23
C LYS V 359 80.03 131.88 -16.17
N ILE V 360 80.39 132.10 -14.90
CA ILE V 360 79.49 131.92 -13.78
C ILE V 360 79.46 133.20 -12.96
N GLU V 361 78.32 133.47 -12.33
CA GLU V 361 78.21 134.61 -11.43
C GLU V 361 79.00 134.36 -10.16
N VAL V 362 79.74 135.37 -9.71
CA VAL V 362 80.58 135.25 -8.52
C VAL V 362 80.22 136.39 -7.57
N ASP V 363 79.71 136.03 -6.39
CA ASP V 363 79.37 137.02 -5.37
C ASP V 363 80.67 137.51 -4.73
N ASN V 364 80.95 138.82 -4.87
CA ASN V 364 82.20 139.37 -4.36
C ASN V 364 82.26 139.32 -2.84
N ARG V 365 81.12 139.20 -2.17
CA ARG V 365 81.11 139.14 -0.71
C ARG V 365 81.48 137.75 -0.21
N LYS V 366 81.45 136.73 -1.08
CA LYS V 366 81.79 135.38 -0.67
C LYS V 366 83.09 134.88 -1.30
N PHE V 367 83.56 135.52 -2.36
CA PHE V 367 84.75 135.07 -3.06
C PHE V 367 85.57 136.26 -3.52
N ASP V 368 86.88 136.18 -3.32
CA ASP V 368 87.80 137.20 -3.82
C ASP V 368 88.06 136.92 -5.30
N PRO V 369 87.79 137.87 -6.20
CA PRO V 369 88.11 137.65 -7.61
C PRO V 369 89.58 137.38 -7.86
N ALA V 370 90.48 137.93 -7.03
CA ALA V 370 91.91 137.73 -7.25
C ALA V 370 92.31 136.27 -7.04
N PHE V 371 91.98 135.71 -5.87
CA PHE V 371 92.30 134.31 -5.60
C PHE V 371 91.61 133.38 -6.58
N VAL V 372 90.32 133.63 -6.86
CA VAL V 372 89.60 132.87 -7.87
C VAL V 372 90.40 132.84 -9.17
N MET V 373 90.88 134.00 -9.60
CA MET V 373 91.73 134.06 -10.78
C MET V 373 93.01 133.24 -10.59
N ASP V 374 93.56 133.24 -9.37
CA ASP V 374 94.82 132.54 -9.14
C ASP V 374 94.67 131.04 -9.30
N VAL V 375 93.58 130.47 -8.76
CA VAL V 375 93.33 129.04 -8.84
C VAL V 375 92.49 128.66 -10.06
N ALA V 376 92.23 129.61 -10.96
CA ALA V 376 91.44 129.31 -12.14
C ALA V 376 92.02 128.17 -13.00
N PRO V 377 93.31 128.16 -13.37
CA PRO V 377 93.78 127.09 -14.27
C PRO V 377 93.60 125.69 -13.70
N MET V 378 93.89 125.49 -12.41
CA MET V 378 93.66 124.19 -11.80
C MET V 378 92.20 123.82 -11.82
N ALA V 379 91.31 124.80 -11.64
CA ALA V 379 89.89 124.56 -11.45
C ALA V 379 89.08 124.55 -12.73
N ALA V 380 89.71 124.78 -13.90
CA ALA V 380 88.97 124.87 -15.15
C ALA V 380 88.01 123.68 -15.35
N VAL V 381 88.54 122.45 -15.27
CA VAL V 381 87.70 121.26 -15.40
C VAL V 381 86.72 121.18 -14.23
N ALA V 382 87.24 121.47 -13.02
CA ALA V 382 86.52 121.46 -11.76
C ALA V 382 85.28 122.33 -11.78
N VAL V 383 85.20 123.32 -12.66
CA VAL V 383 83.93 123.97 -12.91
C VAL V 383 83.33 123.47 -14.22
N GLY V 384 84.14 122.79 -15.03
CA GLY V 384 83.74 122.25 -16.32
C GLY V 384 82.54 121.32 -16.27
N LEU V 385 82.81 120.12 -15.76
CA LEU V 385 81.70 119.17 -15.64
C LEU V 385 80.67 119.68 -14.62
N ALA V 386 80.99 120.79 -13.96
CA ALA V 386 80.11 121.46 -13.01
C ALA V 386 79.09 122.33 -13.71
N LEU V 387 79.42 122.92 -14.86
CA LEU V 387 78.35 123.44 -15.71
C LEU V 387 77.70 122.31 -16.48
N ARG V 388 78.37 121.16 -16.56
CA ARG V 388 77.67 119.98 -17.09
C ARG V 388 76.57 119.51 -16.14
N ARG V 389 76.69 119.81 -14.84
CA ARG V 389 75.76 119.24 -13.86
C ARG V 389 74.45 120.00 -13.61
N PRO V 390 74.31 121.30 -13.88
CA PRO V 390 72.97 121.89 -13.83
C PRO V 390 72.44 122.02 -15.24
N GLY V 391 73.03 121.27 -16.16
CA GLY V 391 72.66 121.34 -17.56
C GLY V 391 71.52 120.41 -17.89
N MET W 1 105.12 102.11 -25.18
CA MET W 1 105.74 101.07 -24.36
C MET W 1 104.93 99.78 -24.41
N MET W 2 105.64 98.66 -24.47
CA MET W 2 105.03 97.34 -24.57
C MET W 2 104.94 96.71 -23.18
N ILE W 3 103.74 96.33 -22.78
CA ILE W 3 103.50 95.67 -21.50
C ILE W 3 103.05 94.25 -21.81
N ARG W 4 103.92 93.28 -21.53
CA ARG W 4 103.65 91.88 -21.83
C ARG W 4 103.56 91.05 -20.55
N ILE W 5 102.74 90.00 -20.60
CA ILE W 5 102.54 89.16 -19.42
C ILE W 5 102.38 87.70 -19.83
N ASN W 6 103.47 86.93 -19.69
CA ASN W 6 103.41 85.49 -19.88
C ASN W 6 102.89 84.75 -18.65
N LEU W 7 101.75 85.16 -18.12
CA LEU W 7 101.18 84.49 -16.94
C LEU W 7 99.86 83.77 -17.23
N LEU W 8 99.84 82.47 -16.91
CA LEU W 8 98.93 81.42 -17.35
C LEU W 8 98.83 81.26 -18.90
N PRO W 9 100.00 81.16 -19.51
CA PRO W 9 100.25 80.13 -20.51
C PRO W 9 101.34 79.19 -20.04
N VAL W 10 101.77 78.29 -20.92
CA VAL W 10 101.10 77.01 -21.10
C VAL W 10 101.54 75.72 -20.38
N ARG W 11 102.81 75.38 -20.19
CA ARG W 11 103.06 74.17 -19.40
C ARG W 11 102.57 74.44 -17.98
N ALA W 12 102.53 75.70 -17.57
CA ALA W 12 101.79 76.08 -16.36
C ALA W 12 100.30 75.83 -16.53
N VAL W 13 99.73 76.26 -17.65
CA VAL W 13 98.30 76.08 -17.92
C VAL W 13 98.00 74.60 -17.87
N LYS W 14 98.46 73.87 -18.88
CA LYS W 14 98.08 72.48 -19.06
C LYS W 14 98.61 71.58 -17.96
N LYS W 15 99.56 72.05 -17.14
CA LYS W 15 99.95 71.24 -15.99
C LYS W 15 99.04 71.53 -14.79
N ARG W 16 98.49 72.74 -14.70
CA ARG W 16 97.42 72.97 -13.74
C ARG W 16 96.16 72.22 -14.17
N GLU W 17 95.94 72.10 -15.48
CA GLU W 17 94.78 71.37 -15.99
C GLU W 17 94.92 69.87 -15.76
N MET W 18 96.05 69.28 -16.16
CA MET W 18 96.30 67.88 -15.82
C MET W 18 96.22 67.68 -14.31
N GLY W 19 96.77 68.62 -13.54
CA GLY W 19 96.62 68.56 -12.10
C GLY W 19 95.18 68.52 -11.63
N ARG W 20 94.29 69.25 -12.32
CA ARG W 20 92.88 69.22 -11.97
C ARG W 20 92.24 67.87 -12.33
N GLN W 21 92.50 67.40 -13.57
CA GLN W 21 91.85 66.18 -14.05
C GLN W 21 92.23 64.97 -13.22
N VAL W 22 93.53 64.83 -12.91
CA VAL W 22 93.97 63.69 -12.09
C VAL W 22 93.23 63.66 -10.76
N LEU W 23 93.02 64.84 -10.16
CA LEU W 23 92.31 64.92 -8.88
C LEU W 23 90.83 64.62 -9.03
N VAL W 24 90.20 65.06 -10.12
CA VAL W 24 88.81 64.71 -10.37
C VAL W 24 88.66 63.20 -10.49
N LEU W 25 89.57 62.55 -11.22
CA LEU W 25 89.55 61.10 -11.32
C LEU W 25 89.69 60.44 -9.96
N PHE W 26 90.63 60.93 -9.15
CA PHE W 26 90.74 60.46 -7.77
C PHE W 26 89.40 60.55 -7.05
N ALA W 27 88.75 61.72 -7.13
CA ALA W 27 87.47 61.92 -6.44
C ALA W 27 86.42 60.92 -6.90
N VAL W 28 86.32 60.70 -8.21
CA VAL W 28 85.32 59.77 -8.73
C VAL W 28 85.58 58.36 -8.22
N VAL W 29 86.82 57.89 -8.35
CA VAL W 29 87.14 56.55 -7.88
C VAL W 29 86.81 56.40 -6.39
N LEU W 30 87.14 57.41 -5.59
CA LEU W 30 86.91 57.31 -4.16
C LEU W 30 85.43 57.38 -3.80
N ILE W 31 84.63 58.09 -4.59
CA ILE W 31 83.19 58.09 -4.35
C ILE W 31 82.60 56.72 -4.68
N GLY W 32 83.01 56.14 -5.81
CA GLY W 32 82.54 54.80 -6.13
C GLY W 32 82.91 53.78 -5.08
N ALA W 33 84.19 53.71 -4.72
CA ALA W 33 84.61 52.80 -3.65
C ALA W 33 83.83 53.06 -2.37
N GLY W 34 83.56 54.32 -2.07
CA GLY W 34 82.68 54.64 -0.95
C GLY W 34 81.34 53.94 -1.05
N VAL W 35 80.63 54.16 -2.17
CA VAL W 35 79.33 53.53 -2.37
C VAL W 35 79.41 52.01 -2.17
N ALA W 36 80.49 51.40 -2.67
CA ALA W 36 80.67 49.97 -2.43
C ALA W 36 80.73 49.65 -0.93
N ASN W 37 81.66 50.31 -0.21
CA ASN W 37 81.75 50.12 1.24
C ASN W 37 80.39 50.22 1.90
N TYR W 38 79.62 51.24 1.50
CA TYR W 38 78.23 51.33 1.95
C TYR W 38 77.48 50.05 1.65
N LEU W 39 76.95 49.89 0.43
CA LEU W 39 76.08 48.74 0.11
C LEU W 39 76.48 47.48 0.87
N TRP W 40 77.79 47.21 0.95
CA TRP W 40 78.29 46.18 1.85
C TRP W 40 77.73 46.37 3.27
N TYR W 41 77.88 47.58 3.86
CA TYR W 41 77.42 47.78 5.23
C TYR W 41 75.94 47.40 5.41
N ASP W 42 75.14 47.60 4.36
CA ASP W 42 73.71 47.33 4.47
C ASP W 42 73.42 45.83 4.43
N ASP W 43 74.05 45.12 3.48
CA ASP W 43 73.90 43.67 3.50
C ASP W 43 74.37 43.08 4.83
N ARG W 44 75.36 43.70 5.45
CA ARG W 44 75.85 43.20 6.73
C ARG W 44 74.87 43.46 7.87
N GLN W 45 74.20 44.62 7.87
CA GLN W 45 73.21 44.88 8.89
C GLN W 45 72.00 43.95 8.73
N SER W 46 71.59 43.69 7.48
CA SER W 46 70.54 42.71 7.25
C SER W 46 70.93 41.34 7.81
N GLU W 47 72.13 40.87 7.49
CA GLU W 47 72.58 39.59 8.03
C GLU W 47 72.57 39.60 9.56
N LEU W 48 73.01 40.70 10.17
CA LEU W 48 72.99 40.82 11.62
C LEU W 48 71.57 40.69 12.18
N GLU W 49 70.58 41.30 11.52
CA GLU W 49 69.22 41.17 12.02
C GLU W 49 68.70 39.76 11.89
N ALA W 50 68.97 39.09 10.76
CA ALA W 50 68.58 37.69 10.63
C ALA W 50 69.21 36.84 11.72
N HIS W 51 70.49 37.07 12.01
CA HIS W 51 71.20 36.26 12.99
C HIS W 51 70.68 36.51 14.40
N GLN W 52 70.36 37.78 14.72
CA GLN W 52 69.76 38.06 16.02
C GLN W 52 68.38 37.44 16.15
N ALA W 53 67.61 37.39 15.06
CA ALA W 53 66.37 36.62 15.07
C ALA W 53 66.65 35.16 15.42
N GLY W 54 67.66 34.56 14.78
CA GLY W 54 68.02 33.19 15.12
C GLY W 54 68.40 33.01 16.58
N VAL W 55 69.19 33.95 17.12
CA VAL W 55 69.59 33.87 18.53
C VAL W 55 68.37 33.92 19.43
N ALA W 56 67.41 34.79 19.11
CA ALA W 56 66.15 34.78 19.84
C ALA W 56 65.48 33.42 19.75
N SER W 57 65.48 32.81 18.57
CA SER W 57 64.98 31.45 18.43
C SER W 57 65.73 30.44 19.30
N THR W 58 66.99 30.73 19.66
CA THR W 58 67.64 29.88 20.67
C THR W 58 67.06 30.16 22.04
N LYS W 59 67.14 31.42 22.48
CA LYS W 59 66.75 31.77 23.85
C LYS W 59 65.30 31.39 24.15
N ALA W 60 64.46 31.22 23.13
CA ALA W 60 63.09 30.77 23.38
C ALA W 60 63.06 29.30 23.80
N ARG W 61 63.50 28.42 22.90
CA ARG W 61 63.41 26.98 23.14
C ARG W 61 64.34 26.51 24.26
N ILE W 62 65.46 27.19 24.50
CA ILE W 62 66.28 26.84 25.66
C ILE W 62 65.48 27.06 26.94
N ALA W 63 64.74 28.17 27.01
CA ALA W 63 63.84 28.37 28.14
C ALA W 63 62.77 27.28 28.20
N GLU W 64 62.15 26.97 27.05
CA GLU W 64 61.23 25.84 26.98
C GLU W 64 61.81 24.61 27.66
N LEU W 65 63.09 24.34 27.42
CA LEU W 65 63.72 23.10 27.86
C LEU W 65 64.12 23.15 29.33
N GLU W 66 64.55 24.32 29.81
CA GLU W 66 64.77 24.49 31.23
C GLU W 66 63.48 24.25 32.01
N LYS W 67 62.34 24.65 31.41
CA LYS W 67 61.06 24.41 32.06
C LYS W 67 60.68 22.92 32.02
N ILE W 68 60.82 22.29 30.85
CA ILE W 68 60.42 20.90 30.70
C ILE W 68 61.30 20.00 31.56
N ILE W 69 62.59 20.33 31.70
CA ILE W 69 63.46 19.54 32.56
C ILE W 69 63.21 19.87 34.03
N GLY W 70 62.87 21.12 34.33
CA GLY W 70 62.40 21.42 35.66
C GLY W 70 61.24 20.52 36.06
N GLU W 71 60.30 20.32 35.14
CA GLU W 71 59.26 19.32 35.35
C GLU W 71 59.91 17.97 35.59
N VAL W 72 60.66 17.45 34.62
CA VAL W 72 61.15 16.07 34.68
C VAL W 72 61.86 15.78 35.99
N LYS W 73 62.49 16.78 36.60
CA LYS W 73 63.16 16.57 37.89
C LYS W 73 62.15 16.62 39.04
N ASN W 74 61.37 17.71 39.12
CA ASN W 74 60.26 17.77 40.06
C ASN W 74 59.53 16.43 40.12
N ILE W 75 59.21 15.89 38.95
CA ILE W 75 58.76 14.53 38.71
C ILE W 75 59.62 13.53 39.45
N ASN W 76 60.85 13.33 38.96
CA ASN W 76 61.62 12.13 39.27
C ASN W 76 61.86 11.99 40.77
N THR W 77 61.91 13.11 41.49
CA THR W 77 62.19 12.99 42.92
C THR W 77 60.95 12.58 43.72
N ARG W 78 59.75 12.97 43.27
CA ARG W 78 58.53 12.58 43.96
C ARG W 78 58.17 11.12 43.73
N LYS W 79 58.57 10.54 42.60
CA LYS W 79 58.25 9.14 42.31
C LYS W 79 58.87 8.20 43.33
N ALA W 80 60.14 8.43 43.68
CA ALA W 80 60.83 7.57 44.65
C ALA W 80 60.19 7.62 46.03
N GLU W 81 59.68 8.78 46.45
CA GLU W 81 58.93 8.81 47.70
C GLU W 81 57.58 8.10 47.56
N VAL W 82 57.03 8.07 46.35
CA VAL W 82 55.74 7.40 46.17
C VAL W 82 55.89 5.89 46.25
N GLU W 83 56.78 5.30 45.44
CA GLU W 83 57.04 3.86 45.52
C GLU W 83 57.19 3.41 46.97
N LYS W 84 57.88 4.22 47.77
CA LYS W 84 58.20 3.87 49.15
C LYS W 84 56.98 3.99 50.06
N LYS W 85 56.36 5.18 50.08
CA LYS W 85 55.12 5.37 50.83
C LYS W 85 54.11 4.27 50.52
N LEU W 86 53.96 3.94 49.24
CA LEU W 86 53.04 2.88 48.84
C LEU W 86 53.46 1.52 49.39
N ALA W 87 54.73 1.13 49.18
CA ALA W 87 55.17 -0.17 49.70
C ALA W 87 54.84 -0.29 51.19
N VAL W 88 54.98 0.82 51.92
CA VAL W 88 54.44 0.89 53.27
C VAL W 88 52.95 0.60 53.27
N LEU W 89 52.19 1.24 52.37
CA LEU W 89 50.74 1.07 52.36
C LEU W 89 50.33 -0.38 52.09
N ASP W 90 51.06 -1.08 51.20
CA ASP W 90 50.76 -2.47 50.90
C ASP W 90 51.23 -3.41 51.99
N ALA W 91 52.21 -2.99 52.80
CA ALA W 91 52.50 -3.72 54.02
C ALA W 91 51.38 -3.54 55.05
N LEU W 92 50.79 -2.34 55.08
CA LEU W 92 49.78 -2.04 56.10
C LEU W 92 48.43 -2.67 55.76
N ARG W 93 48.06 -2.70 54.48
CA ARG W 93 46.84 -3.42 54.09
C ARG W 93 46.95 -4.91 54.45
N LYS W 94 48.15 -5.47 54.37
CA LYS W 94 48.40 -6.80 54.92
C LYS W 94 48.39 -6.76 56.44
N GLY W 95 48.66 -5.61 57.04
CA GLY W 95 48.58 -5.45 58.48
C GLY W 95 47.19 -5.23 59.01
N ARG W 96 46.20 -5.03 58.14
CA ARG W 96 44.79 -5.00 58.50
C ARG W 96 44.04 -6.23 58.03
N SER W 97 44.45 -6.83 56.92
CA SER W 97 43.96 -8.16 56.59
C SER W 97 44.46 -9.18 57.60
N GLY W 98 45.70 -9.01 58.06
CA GLY W 98 46.33 -9.87 59.03
C GLY W 98 45.43 -10.26 60.20
N PRO W 99 45.16 -9.32 61.10
CA PRO W 99 44.35 -9.61 62.30
C PRO W 99 43.00 -10.24 61.98
N VAL W 100 42.74 -10.55 60.72
CA VAL W 100 41.48 -11.15 60.33
C VAL W 100 41.71 -12.36 59.44
N ARG W 101 42.84 -12.38 58.73
CA ARG W 101 42.93 -13.33 57.62
C ARG W 101 43.46 -14.70 58.04
N MET W 102 44.76 -14.96 57.91
CA MET W 102 45.17 -16.35 58.00
C MET W 102 46.39 -16.62 58.88
N MET W 103 47.54 -16.01 58.62
CA MET W 103 48.75 -16.38 59.35
C MET W 103 48.72 -15.96 60.82
N ASP W 104 47.74 -15.18 61.24
CA ASP W 104 48.00 -14.15 62.24
C ASP W 104 47.57 -14.49 63.66
N ALA W 105 46.80 -15.56 63.88
CA ALA W 105 46.55 -15.97 65.25
C ALA W 105 47.29 -17.26 65.59
N LEU W 106 47.53 -18.09 64.59
CA LEU W 106 48.14 -19.39 64.77
C LEU W 106 49.66 -19.26 64.65
N ALA W 107 50.50 -19.99 65.43
CA ALA W 107 50.35 -21.38 65.91
C ALA W 107 50.37 -22.25 64.66
N SER W 108 51.53 -22.18 63.98
CA SER W 108 51.80 -22.81 62.70
C SER W 108 50.87 -22.26 61.63
N ALA W 109 51.44 -21.78 60.52
CA ALA W 109 50.67 -21.12 59.49
C ALA W 109 49.94 -22.10 58.56
N THR W 110 49.19 -23.04 59.15
CA THR W 110 48.47 -24.03 58.38
C THR W 110 46.96 -23.82 58.50
N PRO W 111 46.21 -23.95 57.40
CA PRO W 111 44.77 -23.65 57.27
C PRO W 111 43.86 -24.74 57.83
N LYS W 112 42.61 -24.41 58.17
CA LYS W 112 42.06 -23.07 58.06
C LYS W 112 42.44 -22.21 59.27
N LYS W 113 42.74 -20.95 59.03
CA LYS W 113 43.48 -20.13 59.99
C LYS W 113 42.88 -18.73 60.03
N VAL W 114 42.44 -18.26 61.21
CA VAL W 114 41.73 -16.97 61.40
C VAL W 114 40.59 -16.70 60.38
N TRP W 115 40.79 -17.22 59.17
CA TRP W 115 39.83 -17.97 58.32
C TRP W 115 38.36 -17.71 58.05
N VAL W 116 37.75 -18.88 57.78
CA VAL W 116 36.42 -19.16 57.27
C VAL W 116 35.51 -19.52 58.44
N LYS W 117 34.22 -19.27 58.31
CA LYS W 117 33.36 -19.27 59.50
C LYS W 117 32.67 -20.60 59.78
N THR W 118 31.55 -20.89 59.11
CA THR W 118 30.69 -22.00 59.52
C THR W 118 30.72 -23.15 58.52
N PHE W 119 30.53 -24.37 59.04
CA PHE W 119 30.48 -25.59 58.25
C PHE W 119 29.26 -26.41 58.67
N SER W 120 28.49 -26.87 57.69
CA SER W 120 27.27 -27.64 57.97
C SER W 120 27.00 -28.56 56.79
N GLU W 121 26.85 -29.84 57.06
CA GLU W 121 26.76 -30.87 56.03
C GLU W 121 25.45 -31.63 56.13
N ASN W 122 25.24 -32.53 55.16
CA ASN W 122 24.08 -33.41 55.15
C ASN W 122 24.37 -34.73 54.45
N ASN W 123 25.64 -35.14 54.40
CA ASN W 123 26.08 -36.41 53.79
C ASN W 123 25.80 -36.48 52.30
N ASN W 124 25.46 -35.34 51.68
CA ASN W 124 25.36 -35.26 50.23
C ASN W 124 25.96 -33.94 49.76
N ALA W 125 25.76 -32.88 50.55
CA ALA W 125 26.35 -31.58 50.25
C ALA W 125 26.74 -30.91 51.55
N VAL W 126 27.69 -29.98 51.45
CA VAL W 126 28.10 -29.14 52.57
C VAL W 126 27.80 -27.69 52.20
N SER W 127 27.15 -26.98 53.11
CA SER W 127 26.79 -25.57 52.90
C SER W 127 27.64 -24.75 53.85
N ILE W 128 28.75 -24.22 53.35
CA ILE W 128 29.75 -23.59 54.19
C ILE W 128 29.51 -22.10 54.26
N ASP W 129 30.23 -21.44 55.16
CA ASP W 129 30.11 -20.01 55.41
C ASP W 129 31.51 -19.53 55.77
N GLY W 130 32.00 -18.47 55.10
CA GLY W 130 33.41 -18.17 55.15
C GLY W 130 33.77 -16.71 54.99
N SER W 131 35.08 -16.48 54.86
CA SER W 131 35.71 -15.18 54.76
C SER W 131 37.10 -15.38 54.17
N ALA W 132 37.47 -14.53 53.21
CA ALA W 132 38.76 -14.64 52.53
C ALA W 132 39.40 -13.27 52.43
N VAL W 133 40.62 -13.23 51.87
CA VAL W 133 41.39 -11.99 51.93
C VAL W 133 40.85 -10.95 50.96
N SER W 134 40.40 -11.36 49.79
CA SER W 134 40.07 -10.41 48.73
C SER W 134 39.41 -11.16 47.57
N HIS W 135 39.41 -10.51 46.42
CA HIS W 135 38.93 -11.10 45.17
C HIS W 135 39.92 -12.13 44.64
N ASP W 136 40.96 -12.42 45.42
CA ASP W 136 42.05 -13.28 44.99
C ASP W 136 42.05 -14.64 45.69
N GLU W 137 42.16 -14.67 47.01
CA GLU W 137 42.15 -15.94 47.73
C GLU W 137 40.78 -16.59 47.72
N VAL W 138 39.70 -15.82 47.62
CA VAL W 138 38.41 -16.46 47.38
C VAL W 138 38.34 -16.96 45.95
N ALA W 139 39.10 -16.35 45.04
CA ALA W 139 39.19 -16.86 43.67
C ALA W 139 40.09 -18.09 43.62
N GLU W 140 41.18 -18.10 44.39
CA GLU W 140 42.01 -19.30 44.48
C GLU W 140 41.20 -20.46 45.08
N PHE W 141 40.45 -20.18 46.16
CA PHE W 141 39.65 -21.21 46.80
C PHE W 141 38.54 -21.70 45.89
N MET W 142 37.84 -20.77 45.22
CA MET W 142 36.74 -21.18 44.35
C MET W 142 37.26 -21.93 43.13
N ARG W 143 38.46 -21.58 42.64
CA ARG W 143 39.05 -22.31 41.53
C ARG W 143 39.43 -23.72 41.97
N GLY W 144 40.00 -23.86 43.17
CA GLY W 144 40.38 -25.18 43.67
C GLY W 144 39.23 -26.17 43.75
N LEU W 145 37.98 -25.70 43.64
CA LEU W 145 36.82 -26.56 43.70
C LEU W 145 36.20 -26.77 42.33
N ASN W 146 35.23 -25.92 41.99
CA ASN W 146 34.43 -26.12 40.78
C ASN W 146 33.66 -24.84 40.48
N GLY W 147 33.07 -24.81 39.28
CA GLY W 147 32.31 -23.70 38.76
C GLY W 147 31.20 -24.20 37.84
N VAL W 148 29.97 -23.79 38.11
CA VAL W 148 28.79 -24.50 37.62
C VAL W 148 27.73 -23.50 37.17
N VAL W 149 26.99 -23.87 36.13
CA VAL W 149 25.77 -23.15 35.73
C VAL W 149 24.60 -23.86 36.41
N TRP W 150 24.10 -23.27 37.48
CA TRP W 150 22.99 -23.85 38.21
C TRP W 150 21.66 -23.35 37.66
N THR W 151 20.64 -24.22 37.69
CA THR W 151 19.38 -23.83 37.06
C THR W 151 18.19 -24.05 38.01
N PRO W 152 17.38 -25.15 37.91
CA PRO W 152 16.08 -25.10 38.60
C PRO W 152 16.21 -25.34 40.10
N LYS W 153 16.09 -24.28 40.89
CA LYS W 153 16.30 -24.39 42.33
C LYS W 153 15.00 -24.75 43.03
N GLY W 154 15.10 -25.64 44.02
CA GLY W 154 13.96 -25.99 44.84
C GLY W 154 14.00 -25.29 46.19
N MET W 155 12.88 -24.69 46.58
CA MET W 155 12.81 -23.98 47.85
C MET W 155 12.36 -24.94 48.94
N GLY W 156 13.06 -24.92 50.08
CA GLY W 156 12.77 -25.84 51.16
C GLY W 156 12.75 -25.14 52.50
N ARG W 157 12.16 -25.84 53.48
CA ARG W 157 11.87 -25.26 54.79
C ARG W 157 13.13 -24.86 55.57
N LEU W 158 14.30 -25.30 55.11
CA LEU W 158 15.54 -24.84 55.73
C LEU W 158 15.89 -23.41 55.33
N VAL W 159 15.58 -23.04 54.09
CA VAL W 159 15.78 -21.65 53.66
C VAL W 159 15.04 -20.69 54.57
N ASP W 160 13.75 -20.95 54.81
CA ASP W 160 12.95 -20.08 55.67
C ASP W 160 13.44 -20.13 57.11
N ARG W 161 13.92 -21.29 57.57
CA ARG W 161 14.54 -21.36 58.89
C ARG W 161 15.81 -20.50 58.96
N ARG W 162 16.45 -20.25 57.82
CA ARG W 162 17.53 -19.27 57.80
C ARG W 162 16.97 -17.84 57.82
N ARG W 163 15.88 -17.61 57.08
CA ARG W 163 15.20 -16.31 57.16
C ARG W 163 14.58 -16.09 58.53
N ASP W 164 14.13 -17.16 59.18
CA ASP W 164 13.59 -17.08 60.53
C ASP W 164 14.67 -16.89 61.59
N SER W 165 15.94 -17.11 61.25
CA SER W 165 17.07 -17.11 62.19
C SER W 165 16.98 -18.36 63.06
N LYS W 166 16.02 -19.24 62.75
CA LYS W 166 15.76 -20.38 63.64
C LYS W 166 16.85 -21.44 63.59
N THR W 167 17.67 -21.47 62.53
CA THR W 167 18.87 -22.32 62.47
C THR W 167 20.07 -21.39 62.47
N ALA W 168 20.91 -21.53 63.49
CA ALA W 168 21.88 -20.49 63.81
C ALA W 168 22.98 -20.45 62.76
N ARG W 169 23.01 -19.33 62.03
CA ARG W 169 24.02 -18.98 61.01
C ARG W 169 24.58 -17.19 60.78
N VAL W 170 25.44 -16.74 59.80
CA VAL W 170 25.72 -15.33 59.52
C VAL W 170 24.89 -14.82 58.33
N GLU W 171 23.67 -14.36 58.60
CA GLU W 171 22.71 -13.92 57.59
C GLU W 171 23.17 -12.68 56.78
N MET W 172 24.49 -12.45 56.70
CA MET W 172 25.12 -11.93 55.50
C MET W 172 24.89 -12.85 54.31
N LEU W 173 24.58 -14.11 54.56
CA LEU W 173 24.59 -15.17 53.57
C LEU W 173 23.29 -15.28 52.80
N THR W 174 23.40 -15.54 51.50
CA THR W 174 22.27 -16.08 50.75
C THR W 174 21.92 -17.46 51.30
N SER W 175 20.77 -17.97 50.89
CA SER W 175 20.25 -19.18 51.51
C SER W 175 20.49 -20.41 50.65
N ASP W 176 19.56 -21.37 50.70
CA ASP W 176 19.42 -22.46 49.75
C ASP W 176 20.47 -23.56 49.88
N ALA W 177 20.16 -24.73 49.31
CA ALA W 177 21.05 -25.90 49.25
C ALA W 177 20.42 -27.02 48.44
N THR W 178 19.64 -26.70 47.42
CA THR W 178 18.94 -27.70 46.61
C THR W 178 18.75 -27.16 45.21
N ILE W 179 19.33 -27.82 44.22
CA ILE W 179 19.29 -27.32 42.84
C ILE W 179 19.80 -28.41 41.90
N GLU W 180 20.01 -28.05 40.63
CA GLU W 180 20.54 -28.92 39.60
C GLU W 180 21.66 -28.19 38.87
N GLU W 181 22.82 -28.85 38.74
CA GLU W 181 24.08 -28.18 38.43
C GLU W 181 24.62 -28.65 37.09
N PHE W 182 25.19 -27.72 36.32
CA PHE W 182 25.90 -28.01 35.07
C PHE W 182 27.31 -27.46 35.14
N PRO W 183 28.33 -28.25 34.81
CA PRO W 183 29.71 -27.80 35.03
C PRO W 183 30.14 -26.75 34.01
N GLU W 184 30.75 -25.69 34.52
CA GLU W 184 31.44 -24.70 33.70
C GLU W 184 32.94 -24.92 33.73
N ALA W 185 33.57 -24.82 34.90
CA ALA W 185 34.97 -25.16 35.03
C ALA W 185 35.12 -26.06 36.26
N GLN W 186 36.25 -26.73 36.33
CA GLN W 186 36.46 -27.71 37.39
C GLN W 186 37.94 -27.82 37.70
N VAL W 187 38.28 -28.17 38.94
CA VAL W 187 39.67 -28.41 39.30
C VAL W 187 39.79 -29.62 40.23
N SER W 188 38.91 -29.71 41.22
CA SER W 188 38.87 -30.90 42.05
C SER W 188 37.94 -31.92 41.42
N PRO W 189 38.44 -33.08 40.98
CA PRO W 189 37.52 -34.11 40.47
C PRO W 189 36.61 -34.65 41.55
N PHE W 190 36.82 -34.22 42.79
CA PHE W 190 36.05 -34.78 43.88
C PHE W 190 34.98 -33.81 44.35
N PHE W 191 34.97 -32.59 43.83
CA PHE W 191 34.09 -31.55 44.36
C PHE W 191 33.27 -30.93 43.24
N LYS W 192 31.98 -30.86 43.46
CA LYS W 192 31.05 -30.13 42.61
C LYS W 192 30.52 -28.96 43.43
N ASN W 193 31.21 -27.82 43.32
CA ASN W 193 30.71 -26.58 43.89
C ASN W 193 29.56 -26.06 43.04
N ILE W 194 28.48 -25.61 43.70
CA ILE W 194 27.33 -25.14 42.92
C ILE W 194 27.58 -23.72 42.43
N ASP W 195 28.16 -22.86 43.28
CA ASP W 195 28.48 -21.47 42.97
C ASP W 195 28.96 -20.75 44.22
N LEU W 196 29.75 -19.69 44.05
CA LEU W 196 30.01 -18.76 45.14
C LEU W 196 28.70 -18.03 45.40
N GLN W 197 27.93 -18.56 46.37
CA GLN W 197 26.57 -18.08 46.58
C GLN W 197 26.54 -16.60 46.92
N THR W 198 27.51 -16.11 47.69
CA THR W 198 27.58 -14.66 47.87
C THR W 198 28.97 -14.27 48.35
N ALA W 199 29.25 -12.97 48.29
CA ALA W 199 30.52 -12.42 48.76
C ALA W 199 30.40 -10.91 48.91
N LYS W 200 30.74 -10.42 50.10
CA LYS W 200 30.63 -9.01 50.46
C LYS W 200 31.83 -8.62 51.30
N GLN W 201 32.59 -7.62 50.83
CA GLN W 201 33.76 -7.16 51.57
C GLN W 201 33.31 -6.31 52.76
N VAL W 202 33.48 -6.86 53.96
CA VAL W 202 33.05 -6.20 55.19
C VAL W 202 34.21 -5.34 55.71
N GLY W 203 34.00 -4.03 55.80
CA GLY W 203 35.09 -3.12 56.12
C GLY W 203 35.36 -2.94 57.61
N GLY W 204 34.30 -2.86 58.40
CA GLY W 204 34.48 -2.64 59.83
C GLY W 204 34.14 -1.22 60.24
N ALA W 205 34.78 -0.76 61.32
CA ALA W 205 34.49 0.56 61.86
C ALA W 205 35.70 1.03 62.66
N GLN W 206 35.54 2.17 63.34
CA GLN W 206 36.61 2.73 64.15
C GLN W 206 36.96 1.84 65.34
N VAL W 207 36.06 0.94 65.73
CA VAL W 207 36.37 0.00 66.81
C VAL W 207 37.27 -1.13 66.34
N GLY W 208 37.32 -1.40 65.03
CA GLY W 208 38.19 -2.44 64.53
C GLY W 208 37.90 -2.89 63.11
N VAL W 209 38.83 -3.65 62.54
CA VAL W 209 38.73 -4.09 61.15
C VAL W 209 38.26 -5.54 61.03
N PRO W 210 37.66 -5.88 59.88
CA PRO W 210 37.98 -7.14 59.21
C PRO W 210 38.50 -6.89 57.79
N ILE W 211 37.84 -5.98 57.05
CA ILE W 211 38.23 -5.54 55.72
C ILE W 211 38.15 -6.70 54.71
N LEU W 212 38.07 -7.93 55.20
CA LEU W 212 38.11 -9.08 54.32
C LEU W 212 36.80 -9.22 53.54
N VAL W 213 36.75 -10.23 52.67
CA VAL W 213 35.57 -10.52 51.87
C VAL W 213 34.84 -11.70 52.50
N GLU W 214 33.75 -11.42 53.20
CA GLU W 214 32.85 -12.46 53.67
C GLU W 214 32.25 -13.18 52.47
N PHE W 215 31.99 -14.48 52.58
CA PHE W 215 31.43 -15.19 51.44
C PHE W 215 30.66 -16.42 51.90
N LYS W 216 29.91 -17.01 50.95
CA LYS W 216 29.19 -18.26 51.15
C LYS W 216 29.18 -19.10 49.88
N ILE W 217 29.40 -20.41 50.08
CA ILE W 217 29.50 -21.42 49.05
C ILE W 217 28.76 -22.67 49.53
N THR W 218 28.16 -23.40 48.58
CA THR W 218 27.61 -24.72 48.83
C THR W 218 28.16 -25.68 47.79
N MET W 219 28.53 -26.88 48.23
CA MET W 219 29.29 -27.81 47.40
C MET W 219 28.92 -29.24 47.75
N THR W 220 28.47 -30.02 46.77
CA THR W 220 28.34 -31.46 46.93
C THR W 220 29.63 -32.14 46.51
N SER W 221 30.21 -32.94 47.43
CA SER W 221 31.52 -33.58 47.28
C SER W 221 31.50 -34.68 46.22
N ASN W 222 32.18 -35.80 46.48
CA ASN W 222 32.05 -36.97 45.60
C ASN W 222 32.19 -38.26 46.42
N TYR W 223 31.51 -39.30 45.94
CA TYR W 223 31.41 -40.56 46.67
C TYR W 223 29.97 -41.03 46.79
N MET X 1 114.97 63.38 -19.37
CA MET X 1 114.15 64.42 -19.99
C MET X 1 113.69 65.35 -18.86
N ASP X 2 114.57 66.31 -18.58
CA ASP X 2 115.01 66.77 -17.26
C ASP X 2 113.99 67.47 -16.37
N LYS X 3 113.24 68.39 -16.96
CA LYS X 3 112.49 69.33 -16.13
C LYS X 3 111.49 68.59 -15.27
N TYR X 4 111.41 67.26 -15.46
CA TYR X 4 110.42 66.43 -14.82
C TYR X 4 110.95 65.74 -13.56
N LEU X 5 112.28 65.51 -13.44
CA LEU X 5 112.77 65.22 -12.08
C LEU X 5 112.96 66.50 -11.32
N ASP X 6 113.03 67.62 -12.03
CA ASP X 6 112.95 68.83 -11.23
C ASP X 6 111.55 69.00 -10.65
N GLN X 7 110.53 68.69 -11.46
CA GLN X 7 109.16 68.80 -10.95
C GLN X 7 108.85 67.67 -9.98
N PHE X 8 109.47 66.51 -10.17
CA PHE X 8 109.18 65.36 -9.31
C PHE X 8 109.88 65.49 -7.96
N VAL X 9 111.01 66.20 -7.91
CA VAL X 9 111.68 66.51 -6.66
C VAL X 9 111.04 67.69 -5.94
N LYS X 10 110.35 68.58 -6.68
CA LYS X 10 109.74 69.76 -6.08
C LYS X 10 108.36 69.58 -5.43
N ALA X 11 107.31 69.91 -6.19
CA ALA X 11 105.90 69.99 -5.78
C ALA X 11 105.53 71.41 -5.36
N PRO X 12 104.24 71.78 -5.54
CA PRO X 12 103.31 72.48 -4.64
C PRO X 12 101.79 72.03 -4.81
N PRO X 13 100.86 72.79 -5.51
CA PRO X 13 99.45 72.39 -5.39
C PRO X 13 99.15 71.00 -5.97
N ALA X 14 99.69 70.70 -7.14
CA ALA X 14 99.39 69.43 -7.80
C ALA X 14 99.76 68.24 -6.92
N ILE X 15 100.87 68.36 -6.18
CA ILE X 15 101.36 67.24 -5.41
C ILE X 15 100.82 67.27 -3.98
N LYS X 16 100.47 68.44 -3.46
CA LYS X 16 99.69 68.47 -2.22
C LYS X 16 98.34 67.80 -2.42
N PHE X 17 97.64 68.17 -3.50
CA PHE X 17 96.42 67.47 -3.88
C PHE X 17 96.68 65.98 -4.08
N GLY X 18 97.75 65.64 -4.81
CA GLY X 18 98.07 64.24 -5.02
C GLY X 18 98.22 63.46 -3.73
N GLY X 19 99.04 64.00 -2.81
CA GLY X 19 99.24 63.34 -1.52
C GLY X 19 97.95 63.19 -0.74
N LEU X 20 97.14 64.24 -0.69
CA LEU X 20 95.80 64.10 -0.10
C LEU X 20 95.05 62.93 -0.72
N ALA X 21 95.18 62.76 -2.05
CA ALA X 21 94.42 61.72 -2.74
C ALA X 21 94.94 60.33 -2.40
N PHE X 22 96.25 60.13 -2.37
CA PHE X 22 96.79 58.83 -1.98
C PHE X 22 96.40 58.50 -0.54
N VAL X 23 96.37 59.52 0.33
CA VAL X 23 95.96 59.29 1.71
C VAL X 23 94.51 58.83 1.79
N VAL X 24 93.61 59.54 1.10
CA VAL X 24 92.20 59.16 1.18
C VAL X 24 91.97 57.79 0.54
N GLY X 25 92.74 57.46 -0.49
CA GLY X 25 92.68 56.12 -1.05
C GLY X 25 93.10 55.06 -0.04
N ALA X 26 94.19 55.30 0.67
CA ALA X 26 94.61 54.37 1.74
C ALA X 26 93.52 54.22 2.79
N LEU X 27 92.93 55.34 3.23
CA LEU X 27 91.91 55.28 4.27
C LEU X 27 90.68 54.52 3.80
N THR X 28 90.30 54.66 2.53
CA THR X 28 89.16 53.91 2.02
C THR X 28 89.48 52.43 1.90
N ALA X 29 90.69 52.07 1.48
CA ALA X 29 91.12 50.67 1.57
C ALA X 29 90.95 50.16 3.00
N ALA X 30 91.39 50.96 3.98
CA ALA X 30 91.32 50.54 5.38
C ALA X 30 89.89 50.32 5.84
N ASN X 31 88.98 51.25 5.53
CA ASN X 31 87.62 51.09 6.02
C ASN X 31 86.87 49.99 5.27
N PHE X 32 87.22 49.74 4.01
CA PHE X 32 86.61 48.62 3.32
C PHE X 32 87.07 47.29 3.91
N PHE X 33 88.36 47.18 4.27
CA PHE X 33 88.79 45.99 4.99
C PHE X 33 88.09 45.89 6.35
N MET X 34 87.90 47.03 7.01
CA MET X 34 87.24 47.07 8.31
C MET X 34 85.73 46.91 8.22
N VAL X 35 85.16 46.80 7.02
CA VAL X 35 83.79 46.32 6.90
C VAL X 35 83.75 44.90 6.36
N ILE X 36 84.85 44.42 5.77
CA ILE X 36 84.89 43.03 5.35
C ILE X 36 85.10 42.10 6.55
N GLN X 37 85.92 42.52 7.51
CA GLN X 37 86.16 41.67 8.68
C GLN X 37 84.92 41.44 9.54
N PRO X 38 84.08 42.44 9.85
CA PRO X 38 82.85 42.13 10.59
C PRO X 38 81.92 41.19 9.86
N THR X 39 82.03 41.12 8.53
CA THR X 39 81.30 40.10 7.78
C THR X 39 81.72 38.70 8.21
N GLU X 40 83.02 38.42 8.13
CA GLU X 40 83.52 37.10 8.51
C GLU X 40 83.18 36.79 9.96
N GLU X 41 83.46 37.71 10.87
CA GLU X 41 83.09 37.52 12.26
C GLU X 41 81.60 37.22 12.40
N GLU X 42 80.78 37.88 11.59
CA GLU X 42 79.33 37.74 11.68
C GLU X 42 78.87 36.37 11.21
N ILE X 43 79.43 35.89 10.10
CA ILE X 43 79.16 34.53 9.65
C ILE X 43 79.57 33.53 10.72
N GLY X 44 80.68 33.80 11.40
CA GLY X 44 81.09 32.94 12.49
C GLY X 44 80.07 32.88 13.61
N TRP X 45 79.61 34.03 14.10
CA TRP X 45 78.58 34.03 15.14
C TRP X 45 77.32 33.34 14.68
N ALA X 46 77.00 33.44 13.38
CA ALA X 46 75.89 32.66 12.82
C ALA X 46 76.12 31.17 13.01
N VAL X 47 77.29 30.67 12.60
CA VAL X 47 77.59 29.25 12.71
C VAL X 47 77.54 28.78 14.16
N ALA X 48 77.94 29.63 15.10
CA ALA X 48 77.84 29.26 16.51
C ALA X 48 76.38 29.18 16.96
N GLU X 49 75.63 30.26 16.72
CA GLU X 49 74.24 30.33 17.17
C GLU X 49 73.42 29.16 16.64
N ARG X 50 73.53 28.88 15.34
CA ARG X 50 72.80 27.76 14.76
C ARG X 50 73.17 26.44 15.44
N ARG X 51 74.44 26.26 15.76
CA ARG X 51 74.87 25.06 16.49
C ARG X 51 74.26 25.03 17.90
N LYS X 52 73.90 26.19 18.46
CA LYS X 52 73.18 26.15 19.73
C LYS X 52 71.71 25.79 19.53
N LEU X 53 71.07 26.37 18.49
CA LEU X 53 69.72 25.96 18.11
C LEU X 53 69.61 24.43 18.00
N ASP X 54 70.53 23.82 17.26
CA ASP X 54 70.42 22.41 16.93
C ASP X 54 70.65 21.49 18.14
N LEU X 55 71.49 21.89 19.09
CA LEU X 55 71.65 21.11 20.31
C LEU X 55 70.44 21.27 21.24
N GLU X 56 69.93 22.50 21.34
CA GLU X 56 68.70 22.71 22.11
C GLU X 56 67.55 21.88 21.57
N LEU X 57 67.45 21.75 20.24
CA LEU X 57 66.43 20.87 19.67
C LEU X 57 66.62 19.43 20.10
N ALA X 58 67.86 19.01 20.37
CA ALA X 58 68.06 17.68 20.94
C ALA X 58 67.53 17.62 22.36
N ASP X 59 67.85 18.64 23.17
CA ASP X 59 67.34 18.67 24.54
C ASP X 59 65.82 18.63 24.60
N LYS X 60 65.14 19.28 23.65
CA LYS X 60 63.67 19.32 23.70
C LYS X 60 63.08 17.92 23.54
N SER X 61 63.56 17.15 22.56
CA SER X 61 63.05 15.80 22.38
C SER X 61 63.42 14.91 23.56
N GLU X 62 64.64 15.04 24.08
CA GLU X 62 65.05 14.25 25.24
C GLU X 62 64.09 14.47 26.40
N ILE X 63 63.85 15.74 26.75
CA ILE X 63 63.06 16.00 27.94
C ILE X 63 61.58 15.75 27.71
N ALA X 64 61.10 15.90 26.47
CA ALA X 64 59.72 15.51 26.18
C ALA X 64 59.52 14.01 26.37
N GLN X 65 60.49 13.22 25.90
CA GLN X 65 60.41 11.77 26.13
C GLN X 65 60.45 11.45 27.62
N ASN X 66 61.30 12.15 28.38
CA ASN X 66 61.31 11.94 29.83
C ASN X 66 59.98 12.31 30.47
N LEU X 67 59.32 13.36 29.96
CA LEU X 67 57.97 13.68 30.41
C LEU X 67 57.00 12.54 30.16
N ASN X 68 56.99 12.00 28.93
CA ASN X 68 56.10 10.89 28.63
C ASN X 68 56.35 9.72 29.56
N GLU X 69 57.62 9.39 29.82
CA GLU X 69 57.93 8.31 30.75
C GLU X 69 57.43 8.62 32.16
N ARG X 70 57.55 9.88 32.59
CA ARG X 70 56.84 10.26 33.81
C ARG X 70 55.39 9.83 33.71
N ARG X 71 54.59 10.59 32.95
CA ARG X 71 53.15 10.40 32.89
C ARG X 71 52.83 8.92 33.00
N ARG X 72 53.48 8.15 32.12
CA ARG X 72 53.37 6.70 32.11
C ARG X 72 53.50 6.09 33.50
N GLU X 73 54.49 6.54 34.27
CA GLU X 73 54.62 5.85 35.55
C GLU X 73 54.15 6.63 36.78
N MET X 74 54.49 7.92 36.86
CA MET X 74 53.97 8.76 37.94
C MET X 74 52.47 8.68 38.04
N ASP X 75 51.76 8.71 36.92
CA ASP X 75 50.33 8.44 37.04
C ASP X 75 50.12 7.09 37.71
N VAL X 76 50.63 6.01 37.12
CA VAL X 76 50.33 4.65 37.62
C VAL X 76 50.50 4.56 39.14
N LEU X 77 51.58 5.13 39.66
CA LEU X 77 51.71 5.13 41.11
C LEU X 77 50.74 6.10 41.78
N GLU X 78 50.19 7.06 41.04
CA GLU X 78 49.14 7.91 41.60
C GLU X 78 47.92 7.04 41.88
N GLN X 79 47.90 5.84 41.29
CA GLN X 79 46.99 4.76 41.67
C GLN X 79 47.52 3.90 42.80
N LYS X 80 48.80 3.53 42.76
CA LYS X 80 49.33 2.64 43.79
C LYS X 80 49.18 3.24 45.19
N LEU X 81 50.08 4.14 45.57
CA LEU X 81 49.77 4.95 46.76
C LEU X 81 48.80 5.97 46.26
N SER X 82 49.47 7.02 45.82
CA SER X 82 49.00 8.07 44.96
C SER X 82 50.32 8.78 44.75
N GLU X 83 50.40 9.95 44.14
CA GLU X 83 51.78 10.37 43.88
C GLU X 83 52.13 11.75 44.41
N ALA X 84 52.39 12.67 43.52
CA ALA X 84 52.84 13.99 43.92
C ALA X 84 51.75 14.74 44.65
N LEU X 85 51.79 16.05 44.49
CA LEU X 85 50.56 16.80 44.48
C LEU X 85 50.06 16.56 43.07
N THR X 86 50.65 17.29 42.11
CA THR X 86 50.00 17.48 40.83
C THR X 86 50.74 18.50 39.97
N GLU X 87 50.62 18.34 38.66
CA GLU X 87 50.46 19.47 37.75
C GLU X 87 49.00 19.36 37.36
N LEU X 88 48.57 18.10 37.43
CA LEU X 88 47.40 17.51 36.78
C LEU X 88 46.43 18.36 36.00
N PRO X 89 46.21 17.95 34.75
CA PRO X 89 44.93 18.24 34.15
C PRO X 89 43.91 17.31 34.81
N GLU X 90 44.14 15.99 34.69
CA GLU X 90 43.19 14.90 34.98
C GLU X 90 41.73 15.23 34.55
N GLN X 91 41.45 16.52 34.34
CA GLN X 91 40.32 16.94 33.53
C GLN X 91 40.33 16.26 32.17
N ARG X 92 41.50 15.84 31.68
CA ARG X 92 41.63 15.05 30.46
C ARG X 92 42.05 13.62 30.77
N ASP X 93 41.63 13.11 31.94
CA ASP X 93 41.97 11.76 32.33
C ASP X 93 40.85 11.08 33.12
N ILE X 94 39.67 11.69 33.26
CA ILE X 94 38.57 11.06 33.97
C ILE X 94 37.60 10.41 33.00
N GLU X 95 37.20 11.15 31.95
CA GLU X 95 36.28 10.59 30.97
C GLU X 95 36.92 9.43 30.23
N GLU X 96 38.24 9.47 30.04
CA GLU X 96 38.93 8.33 29.46
C GLU X 96 38.95 7.15 30.43
N LEU X 97 38.94 7.44 31.73
CA LEU X 97 38.85 6.36 32.72
C LEU X 97 37.48 5.69 32.67
N LEU X 98 36.40 6.49 32.60
CA LEU X 98 35.07 5.91 32.45
C LEU X 98 34.96 5.12 31.15
N ALA X 99 35.48 5.67 30.05
CA ALA X 99 35.42 4.99 28.76
C ALA X 99 36.17 3.66 28.80
N GLN X 100 37.38 3.65 29.35
CA GLN X 100 38.15 2.41 29.39
C GLN X 100 37.54 1.40 30.36
N ILE X 101 36.88 1.88 31.43
CA ILE X 101 36.13 0.96 32.29
C ILE X 101 35.01 0.31 31.49
N ASN X 102 34.30 1.09 30.67
CA ASN X 102 33.27 0.52 29.81
C ASN X 102 33.87 -0.50 28.84
N ASP X 103 35.04 -0.21 28.28
CA ASP X 103 35.64 -1.11 27.30
C ASP X 103 36.06 -2.43 27.95
N ILE X 104 36.78 -2.37 29.07
CA ILE X 104 37.18 -3.61 29.74
C ILE X 104 35.96 -4.36 30.24
N GLY X 105 34.88 -3.65 30.55
CA GLY X 105 33.64 -4.34 30.87
C GLY X 105 33.06 -5.07 29.67
N LYS X 106 33.09 -4.44 28.50
CA LYS X 106 32.51 -5.03 27.31
C LYS X 106 33.31 -6.25 26.84
N LYS X 107 34.63 -6.14 26.83
CA LYS X 107 35.44 -7.27 26.38
C LYS X 107 35.49 -8.40 27.41
N SER X 108 35.09 -8.14 28.65
CA SER X 108 34.90 -9.21 29.63
C SER X 108 33.52 -9.84 29.56
N GLY X 109 32.63 -9.30 28.73
CA GLY X 109 31.30 -9.85 28.56
C GLY X 109 30.26 -9.38 29.56
N LEU X 110 30.59 -8.41 30.39
CA LEU X 110 29.68 -7.97 31.44
C LEU X 110 28.73 -6.88 30.94
N GLU X 111 27.51 -6.90 31.46
CA GLU X 111 26.56 -5.82 31.23
C GLU X 111 26.81 -4.75 32.29
N LEU X 112 27.20 -3.55 31.84
CA LEU X 112 27.46 -2.43 32.75
C LEU X 112 26.12 -1.81 33.10
N SER X 113 25.55 -2.24 34.22
CA SER X 113 24.21 -1.78 34.60
C SER X 113 24.22 -0.36 35.15
N SER X 114 25.32 0.08 35.76
CA SER X 114 25.39 1.46 36.24
C SER X 114 26.83 1.83 36.57
N VAL X 115 27.27 2.99 36.11
CA VAL X 115 28.50 3.60 36.58
C VAL X 115 28.12 4.93 37.22
N THR X 116 28.55 5.13 38.47
CA THR X 116 28.18 6.30 39.22
C THR X 116 29.43 6.97 39.77
N PRO X 117 29.74 8.20 39.37
CA PRO X 117 30.88 8.88 39.98
C PRO X 117 30.61 9.16 41.46
N GLY X 118 31.57 9.75 42.13
CA GLY X 118 31.44 10.10 43.53
C GLY X 118 31.61 11.59 43.77
N LYS X 119 31.81 11.95 45.02
CA LYS X 119 32.25 13.27 45.40
C LYS X 119 33.73 13.23 45.76
N GLU X 120 34.43 14.31 45.44
CA GLU X 120 35.82 14.38 45.83
C GLU X 120 35.93 14.44 47.34
N SER X 121 36.90 13.71 47.88
CA SER X 121 37.08 13.61 49.33
C SER X 121 37.93 14.78 49.79
N VAL X 122 37.23 15.86 50.17
CA VAL X 122 37.90 17.10 50.54
C VAL X 122 38.79 16.89 51.75
N GLY X 123 38.46 15.92 52.60
CA GLY X 123 39.26 15.59 53.75
C GLY X 123 39.95 14.25 53.60
N GLY X 124 40.17 13.84 52.35
CA GLY X 124 40.83 12.58 52.08
C GLY X 124 42.29 12.75 51.73
N GLY X 125 42.83 13.93 52.00
CA GLY X 125 44.23 14.20 51.70
C GLY X 125 44.52 15.68 51.56
N GLU X 126 45.73 16.09 51.96
CA GLU X 126 46.14 17.48 51.85
C GLU X 126 46.60 17.82 50.43
N PHE X 127 47.19 16.85 49.73
CA PHE X 127 47.74 17.08 48.40
C PHE X 127 46.89 16.51 47.29
N PHE X 128 45.66 16.07 47.58
CA PHE X 128 44.88 15.39 46.55
C PHE X 128 43.43 15.29 47.00
N ALA X 129 42.52 15.51 46.05
CA ALA X 129 41.11 15.21 46.24
C ALA X 129 40.82 13.88 45.54
N ARG X 130 40.41 12.89 46.32
CA ARG X 130 40.06 11.58 45.77
C ARG X 130 38.63 11.59 45.25
N ILE X 131 38.47 11.25 43.98
CA ILE X 131 37.14 11.05 43.39
C ILE X 131 36.90 9.54 43.30
N PRO X 132 35.92 9.01 44.01
CA PRO X 132 35.60 7.58 43.87
C PRO X 132 34.55 7.35 42.80
N ILE X 133 34.64 6.19 42.17
CA ILE X 133 33.70 5.78 41.13
C ILE X 133 33.19 4.40 41.50
N LYS X 134 31.86 4.29 41.62
CA LYS X 134 31.22 3.02 41.95
C LYS X 134 30.67 2.41 40.66
N MET X 135 31.18 1.23 40.30
CA MET X 135 30.79 0.55 39.08
C MET X 135 29.94 -0.67 39.41
N THR X 136 28.99 -0.97 38.53
CA THR X 136 27.91 -1.93 38.76
C THR X 136 27.71 -2.70 37.47
N VAL X 137 28.29 -3.90 37.43
CA VAL X 137 28.33 -4.75 36.24
C VAL X 137 27.84 -6.14 36.63
N SER X 138 27.21 -6.85 35.69
CA SER X 138 26.63 -8.15 35.99
C SER X 138 27.14 -9.21 35.02
N GLY X 139 27.34 -10.42 35.52
CA GLY X 139 27.77 -11.52 34.65
C GLY X 139 28.18 -12.74 35.47
N ASN X 140 29.22 -13.41 34.98
CA ASN X 140 29.74 -14.63 35.58
C ASN X 140 30.90 -14.31 36.53
N TYR X 141 31.12 -15.21 37.48
CA TYR X 141 32.22 -15.04 38.44
C TYR X 141 33.56 -14.90 37.73
N HIS X 142 33.81 -15.76 36.74
CA HIS X 142 35.04 -15.68 35.95
C HIS X 142 35.15 -14.32 35.27
N GLU X 143 34.02 -13.79 34.78
CA GLU X 143 34.02 -12.53 34.04
C GLU X 143 34.18 -11.33 34.96
N ILE X 144 33.71 -11.41 36.21
CA ILE X 144 33.89 -10.27 37.11
C ILE X 144 35.29 -10.28 37.70
N ALA X 145 35.84 -11.45 38.02
CA ALA X 145 37.26 -11.53 38.36
C ALA X 145 38.11 -10.99 37.21
N LEU X 146 37.71 -11.29 35.97
CA LEU X 146 38.39 -10.78 34.79
C LEU X 146 38.31 -9.26 34.72
N PHE X 147 37.10 -8.71 34.83
CA PHE X 147 36.90 -7.26 34.82
C PHE X 147 37.76 -6.58 35.87
N LEU X 148 37.78 -7.13 37.09
CA LEU X 148 38.57 -6.55 38.17
C LEU X 148 40.06 -6.60 37.85
N GLN X 149 40.56 -7.76 37.44
CA GLN X 149 42.00 -7.86 37.16
C GLN X 149 42.42 -6.97 36.00
N GLU X 150 41.54 -6.78 35.02
CA GLU X 150 41.86 -5.86 33.93
C GLU X 150 41.91 -4.42 34.42
N MET X 151 40.96 -4.01 35.28
CA MET X 151 41.02 -2.65 35.82
C MET X 151 42.24 -2.48 36.73
N ALA X 152 42.72 -3.57 37.34
CA ALA X 152 43.90 -3.54 38.17
C ALA X 152 45.20 -3.66 37.36
N ASN X 153 45.09 -3.93 36.06
CA ASN X 153 46.24 -3.89 35.16
C ASN X 153 46.22 -2.69 34.23
N MET X 154 45.35 -1.71 34.48
CA MET X 154 45.22 -0.57 33.58
C MET X 154 46.39 0.40 33.78
N ARG X 155 46.58 1.28 32.79
CA ARG X 155 47.59 2.32 32.82
C ARG X 155 47.10 3.60 33.49
N ARG X 156 45.94 3.55 34.14
CA ARG X 156 45.37 4.74 34.76
C ARG X 156 45.04 4.44 36.22
N ILE X 157 44.41 5.41 36.87
CA ILE X 157 44.52 5.58 38.32
C ILE X 157 43.26 5.06 39.00
N VAL X 158 42.89 3.84 38.67
CA VAL X 158 41.65 3.27 39.16
C VAL X 158 41.97 2.23 40.24
N ASN X 159 42.26 2.70 41.46
CA ASN X 159 42.57 1.79 42.55
C ASN X 159 41.29 1.16 43.09
N VAL X 160 41.04 -0.08 42.68
CA VAL X 160 39.84 -0.78 43.15
C VAL X 160 40.06 -1.24 44.58
N ASN X 161 39.02 -1.08 45.41
CA ASN X 161 39.14 -1.43 46.82
C ASN X 161 37.99 -2.33 47.26
N ASN X 162 36.97 -1.76 47.89
CA ASN X 162 35.89 -2.55 48.49
C ASN X 162 35.01 -3.15 47.41
N ILE X 163 34.97 -4.48 47.34
CA ILE X 163 34.25 -5.21 46.29
C ILE X 163 33.02 -5.90 46.89
N LYS X 164 31.96 -6.04 46.09
CA LYS X 164 30.85 -6.91 46.46
C LYS X 164 30.21 -7.51 45.22
N PHE X 165 29.46 -8.60 45.43
CA PHE X 165 28.63 -9.20 44.39
C PHE X 165 27.71 -10.26 45.00
N ASP X 166 26.60 -10.53 44.30
CA ASP X 166 25.57 -11.43 44.77
C ASP X 166 24.79 -11.96 43.58
N SER X 167 23.88 -12.91 43.85
CA SER X 167 23.08 -13.53 42.80
C SER X 167 21.85 -12.66 42.53
N ALA X 168 21.74 -12.17 41.30
CA ALA X 168 20.74 -11.16 40.99
C ALA X 168 19.36 -11.74 40.74
N LYS X 169 19.23 -13.06 40.64
CA LYS X 169 17.95 -13.70 40.35
C LYS X 169 17.22 -14.02 41.65
N LEU X 170 16.03 -13.45 41.80
CA LEU X 170 15.16 -13.78 42.94
C LEU X 170 15.02 -15.28 43.11
N LYS X 171 14.22 -15.91 42.24
CA LYS X 171 13.92 -17.33 42.34
C LYS X 171 15.16 -18.19 42.22
N ASN X 172 16.26 -17.63 41.71
CA ASN X 172 17.48 -18.39 41.42
C ASN X 172 17.17 -19.51 40.44
N GLU X 173 16.89 -19.16 39.19
CA GLU X 173 16.63 -20.14 38.15
C GLU X 173 17.74 -20.20 37.10
N LYS X 174 18.62 -19.20 37.05
CA LYS X 174 19.79 -19.23 36.20
C LYS X 174 20.93 -18.52 36.91
N VAL X 175 22.17 -18.91 36.58
CA VAL X 175 23.32 -18.28 37.22
C VAL X 175 23.48 -16.87 36.69
N VAL X 176 23.70 -15.92 37.61
CA VAL X 176 23.93 -14.53 37.28
C VAL X 176 24.39 -13.80 38.54
N LEU X 177 25.46 -13.03 38.44
CA LEU X 177 26.04 -12.33 39.57
C LEU X 177 26.09 -10.83 39.27
N GLN X 178 25.25 -10.07 39.96
CA GLN X 178 25.41 -8.62 39.99
C GLN X 178 26.60 -8.27 40.89
N SER X 179 27.48 -7.42 40.39
CA SER X 179 28.72 -7.07 41.06
C SER X 179 28.84 -5.56 41.15
N GLU X 180 29.23 -5.07 42.32
CA GLU X 180 29.45 -3.65 42.56
C GLU X 180 30.86 -3.49 43.12
N PHE X 181 31.73 -2.87 42.34
CA PHE X 181 33.11 -2.62 42.73
C PHE X 181 33.30 -1.12 42.94
N GLN X 182 34.08 -0.76 43.95
CA GLN X 182 34.41 0.64 44.22
C GLN X 182 35.86 0.89 43.82
N ALA X 183 36.09 1.92 43.01
CA ALA X 183 37.42 2.20 42.49
C ALA X 183 37.59 3.69 42.24
N THR X 184 38.69 4.25 42.73
CA THR X 184 38.83 5.70 42.86
C THR X 184 40.13 6.18 42.21
N THR X 185 40.11 7.42 41.74
CA THR X 185 41.32 8.09 41.25
C THR X 185 41.52 9.39 42.00
N PHE X 186 42.79 9.82 42.08
CA PHE X 186 43.12 10.90 43.00
C PHE X 186 43.50 12.17 42.25
N ARG X 187 42.53 13.04 41.97
CA ARG X 187 42.82 14.35 41.41
C ARG X 187 43.55 15.19 42.45
N PHE X 188 43.96 16.41 42.10
CA PHE X 188 44.60 17.26 43.10
C PHE X 188 43.56 18.02 43.92
N VAL X 189 44.04 18.85 44.84
CA VAL X 189 43.14 19.62 45.70
C VAL X 189 42.48 20.76 44.93
N ALA Y 37 94.35 90.93 -7.09
CA ALA Y 37 93.86 91.69 -5.94
C ALA Y 37 94.97 92.60 -5.41
N LYS Y 38 94.69 93.88 -5.12
CA LYS Y 38 95.75 94.91 -4.96
C LYS Y 38 96.62 94.70 -3.75
N GLY Y 39 97.83 94.22 -4.00
CA GLY Y 39 98.98 94.56 -3.19
C GLY Y 39 99.97 95.27 -4.10
N LYS Y 40 100.99 95.91 -3.53
CA LYS Y 40 102.16 96.25 -4.34
C LYS Y 40 103.00 94.98 -4.32
N LEU Y 41 103.19 94.35 -5.47
CA LEU Y 41 103.81 93.03 -5.52
C LEU Y 41 105.32 93.13 -5.24
N VAL Y 42 106.12 92.22 -5.78
CA VAL Y 42 107.59 92.44 -5.73
C VAL Y 42 108.22 92.14 -7.08
N LEU Y 43 109.54 92.26 -7.14
CA LEU Y 43 110.26 92.00 -8.38
C LEU Y 43 111.63 91.37 -8.14
N GLY Y 44 111.79 90.15 -8.67
CA GLY Y 44 113.10 89.54 -8.72
C GLY Y 44 113.72 89.63 -10.11
N LEU Y 45 115.05 89.49 -10.15
CA LEU Y 45 115.77 89.26 -11.41
C LEU Y 45 116.05 87.76 -11.57
N ASP Y 46 115.00 87.05 -11.99
CA ASP Y 46 115.00 85.59 -11.96
C ASP Y 46 115.87 85.00 -13.05
N ILE Y 47 116.07 85.71 -14.16
CA ILE Y 47 116.89 85.19 -15.26
C ILE Y 47 118.21 85.95 -15.31
N GLY Y 48 118.71 86.32 -14.12
CA GLY Y 48 120.02 86.94 -14.01
C GLY Y 48 121.17 86.03 -14.38
N SER Y 49 121.01 84.72 -14.16
CA SER Y 49 122.05 83.73 -14.48
C SER Y 49 123.32 83.97 -13.67
N THR Y 50 123.82 85.20 -13.68
CA THR Y 50 124.90 85.56 -12.78
C THR Y 50 124.38 85.91 -11.39
N SER Y 51 123.22 86.55 -11.32
CA SER Y 51 122.74 87.05 -10.03
C SER Y 51 121.22 87.11 -10.00
N ILE Y 52 120.66 86.64 -8.88
CA ILE Y 52 119.26 86.84 -8.55
C ILE Y 52 119.15 88.12 -7.73
N LYS Y 53 118.49 89.13 -8.29
CA LYS Y 53 118.30 90.41 -7.65
C LYS Y 53 116.81 90.64 -7.45
N MET Y 54 116.45 91.44 -6.44
CA MET Y 54 115.05 91.69 -6.09
C MET Y 54 114.91 93.11 -5.56
N ILE Y 55 113.79 93.76 -5.87
CA ILE Y 55 113.59 95.17 -5.52
C ILE Y 55 112.17 95.38 -5.02
N LEU Y 56 112.03 96.17 -3.96
CA LEU Y 56 110.73 96.59 -3.44
C LEU Y 56 110.65 98.10 -3.47
N LEU Y 57 109.87 98.62 -4.41
CA LEU Y 57 109.40 99.99 -4.42
C LEU Y 57 107.94 99.98 -4.00
N LYS Y 58 107.57 100.90 -3.13
CA LYS Y 58 106.16 101.16 -2.92
C LYS Y 58 106.04 102.67 -2.80
N GLU Y 59 104.89 103.12 -2.33
CA GLU Y 59 104.66 104.55 -2.17
C GLU Y 59 105.06 104.98 -0.77
N GLN Y 60 106.15 105.76 -0.67
CA GLN Y 60 106.65 106.24 0.61
C GLN Y 60 106.09 107.63 0.94
N ARG Y 61 105.51 107.76 2.13
CA ARG Y 61 104.91 109.01 2.57
C ARG Y 61 105.98 109.93 3.16
N LYS Y 62 105.96 111.19 2.75
CA LYS Y 62 106.75 112.22 3.40
C LYS Y 62 105.98 113.54 3.40
N ARG Y 63 105.76 114.08 4.61
CA ARG Y 63 105.13 115.39 4.82
C ARG Y 63 103.70 115.42 4.25
N GLY Y 64 103.00 114.30 4.39
CA GLY Y 64 101.68 114.20 3.81
C GLY Y 64 101.62 113.97 2.31
N GLU Y 65 102.76 113.92 1.62
CA GLU Y 65 102.81 113.53 0.22
C GLU Y 65 103.47 112.17 0.08
N VAL Y 66 103.10 111.44 -0.98
CA VAL Y 66 103.59 110.09 -1.23
C VAL Y 66 103.96 109.98 -2.70
N ILE Y 67 104.73 108.94 -3.04
CA ILE Y 67 105.10 108.64 -4.42
C ILE Y 67 105.87 107.31 -4.41
N TYR Y 68 105.91 106.66 -5.58
CA TYR Y 68 106.76 105.50 -5.78
C TYR Y 68 108.16 105.78 -5.25
N ALA Y 69 108.67 104.86 -4.45
CA ALA Y 69 109.92 105.07 -3.77
C ALA Y 69 110.57 103.72 -3.46
N LEU Y 70 111.89 103.66 -3.62
CA LEU Y 70 112.63 102.45 -3.29
C LEU Y 70 112.47 102.12 -1.81
N GLN Y 71 112.06 100.88 -1.52
CA GLN Y 71 111.97 100.41 -0.15
C GLN Y 71 113.05 99.40 0.22
N SER Y 72 113.43 98.51 -0.70
CA SER Y 72 114.53 97.59 -0.44
C SER Y 72 115.07 97.07 -1.74
N PHE Y 73 116.26 96.45 -1.67
CA PHE Y 73 116.91 95.82 -2.81
C PHE Y 73 117.91 94.79 -2.29
N GLY Y 74 117.95 93.64 -2.95
CA GLY Y 74 118.82 92.56 -2.53
C GLY Y 74 119.39 91.85 -3.73
N MET Y 75 120.57 91.26 -3.55
CA MET Y 75 121.28 90.62 -4.64
C MET Y 75 122.08 89.44 -4.12
N LYS Y 76 121.97 88.30 -4.80
CA LYS Y 76 122.73 87.11 -4.47
C LYS Y 76 123.25 86.47 -5.74
N PRO Y 77 124.53 86.07 -5.79
CA PRO Y 77 125.03 85.36 -6.97
C PRO Y 77 124.25 84.07 -7.18
N LEU Y 78 123.76 83.88 -8.40
CA LEU Y 78 122.95 82.70 -8.69
C LEU Y 78 123.77 81.43 -8.52
N PRO Y 79 123.38 80.52 -7.65
CA PRO Y 79 124.00 79.19 -7.63
C PRO Y 79 123.65 78.43 -8.89
N PRO Y 80 124.65 78.05 -9.66
CA PRO Y 80 124.39 77.39 -10.95
C PRO Y 80 123.86 75.99 -10.72
N GLU Y 81 123.51 75.31 -11.82
CA GLU Y 81 122.62 74.17 -11.84
C GLU Y 81 121.18 74.62 -11.62
N ALA Y 82 120.95 75.84 -11.15
CA ALA Y 82 119.59 76.39 -11.13
C ALA Y 82 119.05 76.60 -12.52
N ILE Y 83 119.81 77.24 -13.40
CA ILE Y 83 119.35 77.61 -14.73
C ILE Y 83 120.28 76.96 -15.74
N VAL Y 84 119.68 76.33 -16.75
CA VAL Y 84 120.38 75.75 -17.90
C VAL Y 84 119.54 76.03 -19.14
N ASP Y 85 120.17 76.59 -20.17
CA ASP Y 85 119.52 76.89 -21.45
C ASP Y 85 118.27 77.73 -21.26
N GLY Y 86 118.24 78.56 -20.22
CA GLY Y 86 117.12 79.45 -19.97
C GLY Y 86 115.94 78.84 -19.24
N ALA Y 87 116.01 77.57 -18.86
CA ALA Y 87 114.97 76.94 -18.08
C ALA Y 87 115.43 76.80 -16.63
N LEU Y 88 114.49 77.00 -15.71
CA LEU Y 88 114.77 76.81 -14.29
C LEU Y 88 114.82 75.30 -14.06
N MET Y 89 116.01 74.78 -13.75
CA MET Y 89 116.21 73.34 -13.74
C MET Y 89 116.79 72.82 -12.41
N ASN Y 90 116.46 73.51 -11.31
CA ASN Y 90 116.66 73.09 -9.91
C ASN Y 90 115.70 74.00 -9.15
N SER Y 91 114.40 73.83 -9.45
CA SER Y 91 113.38 74.67 -8.86
C SER Y 91 113.52 74.76 -7.36
N THR Y 92 114.01 73.69 -6.72
CA THR Y 92 114.17 73.67 -5.27
C THR Y 92 115.23 74.67 -4.81
N ALA Y 93 116.46 74.54 -5.33
CA ALA Y 93 117.53 75.44 -4.95
C ALA Y 93 117.17 76.90 -5.25
N ILE Y 94 116.60 77.16 -6.43
CA ILE Y 94 116.19 78.52 -6.76
C ILE Y 94 115.16 79.02 -5.77
N VAL Y 95 114.26 78.14 -5.34
CA VAL Y 95 113.29 78.50 -4.30
C VAL Y 95 114.01 78.99 -3.06
N GLN Y 96 114.94 78.19 -2.53
CA GLN Y 96 115.64 78.59 -1.32
C GLN Y 96 116.41 79.90 -1.51
N ALA Y 97 117.00 80.09 -2.69
CA ALA Y 97 117.70 81.34 -2.96
C ALA Y 97 116.74 82.53 -2.92
N VAL Y 98 115.58 82.40 -3.55
CA VAL Y 98 114.60 83.48 -3.54
C VAL Y 98 114.13 83.76 -2.11
N GLN Y 99 113.99 82.71 -1.30
CA GLN Y 99 113.66 82.91 0.11
C GLN Y 99 114.74 83.73 0.81
N ASP Y 100 116.01 83.42 0.55
CA ASP Y 100 117.09 84.23 1.09
C ASP Y 100 116.97 85.68 0.62
N LEU Y 101 116.55 85.89 -0.63
CA LEU Y 101 116.32 87.24 -1.12
C LEU Y 101 115.26 87.95 -0.30
N MET Y 102 114.12 87.28 -0.06
CA MET Y 102 113.04 87.90 0.69
C MET Y 102 113.47 88.20 2.12
N SER Y 103 114.31 87.34 2.72
CA SER Y 103 114.74 87.58 4.08
C SER Y 103 115.72 88.74 4.16
N GLU Y 104 116.73 88.76 3.28
CA GLU Y 104 117.64 89.90 3.21
C GLU Y 104 116.88 91.19 2.95
N LEU Y 105 115.77 91.11 2.21
CA LEU Y 105 114.99 92.31 1.92
C LEU Y 105 114.23 92.81 3.14
N LYS Y 106 113.85 91.90 4.04
CA LYS Y 106 112.96 92.21 5.16
C LYS Y 106 111.61 92.71 4.66
N VAL Y 107 111.11 92.06 3.60
CA VAL Y 107 109.86 92.45 2.97
C VAL Y 107 108.76 91.48 3.39
N LYS Y 108 107.58 92.01 3.68
CA LYS Y 108 106.42 91.18 3.99
C LYS Y 108 105.60 90.82 2.76
N GLY Y 109 105.82 91.49 1.64
CA GLY Y 109 105.05 91.20 0.44
C GLY Y 109 105.39 89.84 -0.13
N LYS Y 110 104.37 89.15 -0.65
CA LYS Y 110 104.53 87.81 -1.20
C LYS Y 110 103.95 87.68 -2.60
N ASP Y 111 103.65 88.78 -3.27
CA ASP Y 111 103.29 88.77 -4.68
C ASP Y 111 104.45 89.33 -5.49
N VAL Y 112 104.59 88.86 -6.73
CA VAL Y 112 105.79 89.09 -7.52
C VAL Y 112 105.44 89.19 -9.00
N ALA Y 113 106.12 90.08 -9.71
CA ALA Y 113 106.29 90.00 -11.15
C ALA Y 113 107.70 89.48 -11.39
N ILE Y 114 107.90 88.74 -12.49
CA ILE Y 114 109.24 88.29 -12.84
C ILE Y 114 109.39 88.29 -14.35
N GLY Y 115 110.49 87.74 -14.83
CA GLY Y 115 110.75 87.73 -16.27
C GLY Y 115 111.26 86.38 -16.72
N VAL Y 116 111.04 86.10 -18.01
CA VAL Y 116 111.56 84.88 -18.61
C VAL Y 116 112.97 85.13 -19.14
N SER Y 117 113.66 84.03 -19.43
CA SER Y 117 115.00 84.14 -20.01
C SER Y 117 114.90 84.57 -21.47
N GLY Y 118 115.78 85.49 -21.87
CA GLY Y 118 115.87 85.86 -23.27
C GLY Y 118 116.14 84.69 -24.17
N HIS Y 119 116.86 83.67 -23.67
CA HIS Y 119 117.05 82.42 -24.40
C HIS Y 119 115.80 81.55 -24.40
N SER Y 120 114.81 81.89 -23.58
CA SER Y 120 113.62 81.08 -23.46
C SER Y 120 112.41 81.70 -24.15
N VAL Y 121 112.56 82.87 -24.76
CA VAL Y 121 111.46 83.59 -25.37
C VAL Y 121 111.80 83.95 -26.80
N ILE Y 122 110.85 83.74 -27.70
CA ILE Y 122 110.89 84.24 -29.06
C ILE Y 122 110.06 85.51 -29.11
N ILE Y 123 110.70 86.63 -29.45
CA ILE Y 123 110.01 87.91 -29.62
C ILE Y 123 110.14 88.31 -31.08
N LYS Y 124 109.01 88.52 -31.74
CA LYS Y 124 109.10 89.11 -33.08
C LYS Y 124 107.78 89.76 -33.45
N LYS Y 125 107.85 90.66 -34.42
CA LYS Y 125 106.68 91.37 -34.91
C LYS Y 125 105.91 90.53 -35.91
N ILE Y 126 104.65 90.90 -36.10
CA ILE Y 126 103.67 90.15 -36.89
C ILE Y 126 102.60 91.11 -37.37
N GLN Y 127 102.28 91.03 -38.66
CA GLN Y 127 101.29 91.90 -39.32
C GLN Y 127 100.02 91.10 -39.58
N MET Y 128 98.86 91.70 -39.25
CA MET Y 128 97.56 91.01 -39.30
C MET Y 128 96.47 91.97 -39.77
N PRO Y 129 95.19 91.59 -39.67
CA PRO Y 129 94.12 92.60 -39.66
C PRO Y 129 93.45 92.71 -38.30
N ARG Y 130 93.37 93.90 -37.70
CA ARG Y 130 92.66 93.95 -36.43
C ARG Y 130 91.17 93.71 -36.66
N MET Y 131 90.53 93.17 -35.63
CA MET Y 131 89.10 92.85 -35.58
C MET Y 131 88.63 92.63 -34.15
N SER Y 132 87.82 91.59 -33.93
CA SER Y 132 87.43 91.19 -32.58
C SER Y 132 88.64 90.65 -31.84
N GLN Y 133 88.62 90.81 -30.52
CA GLN Y 133 89.76 90.38 -29.70
C GLN Y 133 89.98 88.87 -29.79
N ASP Y 134 88.90 88.08 -29.81
CA ASP Y 134 89.04 86.64 -30.00
C ASP Y 134 89.61 86.32 -31.38
N GLU Y 135 89.07 86.96 -32.42
CA GLU Y 135 89.58 86.73 -33.77
C GLU Y 135 91.04 87.14 -33.90
N LEU Y 136 91.45 88.19 -33.18
CA LEU Y 136 92.87 88.54 -33.19
C LEU Y 136 93.70 87.49 -32.47
N GLU Y 137 93.28 87.06 -31.28
CA GLU Y 137 94.09 86.12 -30.53
C GLU Y 137 94.25 84.81 -31.30
N GLU Y 138 93.15 84.30 -31.88
CA GLU Y 138 93.24 83.11 -32.72
C GLU Y 138 94.13 83.34 -33.93
N SER Y 139 93.91 84.45 -34.66
CA SER Y 139 94.70 84.70 -35.86
C SER Y 139 96.18 84.86 -35.52
N ILE Y 140 96.45 85.47 -34.36
CA ILE Y 140 97.81 85.63 -33.86
C ILE Y 140 98.46 84.28 -33.61
N GLN Y 141 97.74 83.40 -32.90
CA GLN Y 141 98.26 82.06 -32.66
C GLN Y 141 98.47 81.30 -33.96
N TRP Y 142 97.61 81.56 -34.95
CA TRP Y 142 97.71 80.89 -36.24
C TRP Y 142 98.97 81.32 -37.00
N GLU Y 143 99.25 82.63 -37.02
CA GLU Y 143 100.45 83.10 -37.69
C GLU Y 143 101.72 82.71 -36.95
N ALA Y 144 101.74 82.84 -35.63
CA ALA Y 144 102.94 82.48 -34.88
C ALA Y 144 103.17 80.97 -34.85
N GLU Y 145 102.12 80.17 -35.10
CA GLU Y 145 102.31 78.72 -35.24
C GLU Y 145 103.44 78.44 -36.22
N GLN Y 146 103.43 79.14 -37.36
CA GLN Y 146 104.53 79.15 -38.30
C GLN Y 146 105.85 79.55 -37.65
N TYR Y 147 105.81 80.50 -36.72
CA TYR Y 147 106.99 81.09 -36.07
C TYR Y 147 107.57 80.26 -34.93
N ILE Y 148 106.98 79.14 -34.54
CA ILE Y 148 107.44 78.50 -33.32
C ILE Y 148 108.01 77.12 -33.67
N PRO Y 149 109.29 76.86 -33.43
CA PRO Y 149 109.85 75.53 -33.68
C PRO Y 149 109.50 74.48 -32.63
N PHE Y 150 108.45 74.69 -31.81
CA PHE Y 150 107.96 73.70 -30.86
C PHE Y 150 106.46 73.53 -31.00
N ASP Y 151 105.94 72.41 -30.50
CA ASP Y 151 104.50 72.28 -30.37
C ASP Y 151 103.93 73.41 -29.52
N VAL Y 152 102.61 73.56 -29.55
CA VAL Y 152 101.94 74.47 -28.64
C VAL Y 152 101.07 73.64 -27.71
N LYS Y 153 101.54 73.33 -26.49
CA LYS Y 153 102.91 73.51 -25.97
C LYS Y 153 103.69 74.84 -26.13
N ASP Y 154 103.02 76.00 -26.14
CA ASP Y 154 103.75 77.26 -26.27
C ASP Y 154 102.91 78.47 -25.87
N VAL Y 155 103.60 79.41 -25.22
CA VAL Y 155 103.07 80.63 -24.64
C VAL Y 155 102.95 81.69 -25.70
N ASN Y 156 101.76 82.25 -25.86
CA ASN Y 156 101.56 83.34 -26.79
C ASN Y 156 100.97 84.54 -26.07
N ILE Y 157 101.63 85.70 -26.20
CA ILE Y 157 101.11 86.98 -25.70
C ILE Y 157 101.58 88.10 -26.64
N ASP Y 158 100.63 88.92 -27.08
CA ASP Y 158 100.95 89.97 -28.04
C ASP Y 158 100.69 91.34 -27.44
N THR Y 159 101.36 92.35 -27.99
CA THR Y 159 100.91 93.72 -27.80
C THR Y 159 101.12 94.49 -29.09
N GLN Y 160 100.30 95.52 -29.29
CA GLN Y 160 100.28 96.20 -30.56
C GLN Y 160 101.30 97.34 -30.57
N ILE Y 161 102.21 97.31 -31.55
CA ILE Y 161 103.27 98.31 -31.65
C ILE Y 161 102.73 99.72 -31.85
N LEU Y 162 101.53 99.85 -32.39
CA LEU Y 162 100.85 101.13 -32.48
C LEU Y 162 99.51 100.97 -31.78
N ASP Y 163 99.04 102.07 -31.19
CA ASP Y 163 97.71 102.06 -30.59
C ASP Y 163 96.72 101.52 -31.61
N GLY Y 164 96.10 100.40 -31.28
CA GLY Y 164 94.88 100.03 -31.95
C GLY Y 164 93.95 101.20 -32.09
N GLY Y 165 93.97 102.12 -31.12
CA GLY Y 165 93.08 103.27 -31.15
C GLY Y 165 93.30 104.19 -32.31
N GLY Y 166 93.98 103.72 -33.36
CA GLY Y 166 94.34 104.53 -34.52
C GLY Y 166 93.88 104.04 -35.89
N ASN Y 167 93.21 102.89 -36.00
CA ASN Y 167 92.95 102.29 -37.31
C ASN Y 167 91.59 101.57 -37.41
N ASP Y 168 91.10 101.45 -38.64
CA ASP Y 168 89.74 101.03 -38.92
C ASP Y 168 89.65 99.53 -39.19
N ALA Y 169 88.41 99.01 -39.13
CA ALA Y 169 88.18 97.56 -39.13
C ALA Y 169 88.75 96.91 -40.38
N THR Y 170 89.51 95.83 -40.16
CA THR Y 170 90.23 95.06 -41.17
C THR Y 170 91.58 95.70 -41.53
N GLY Y 171 91.89 96.88 -41.01
CA GLY Y 171 93.11 97.51 -41.48
C GLY Y 171 94.18 97.77 -40.46
N GLN Y 172 95.43 97.74 -40.90
CA GLN Y 172 96.58 98.25 -40.14
C GLN Y 172 96.70 97.61 -38.77
N MET Y 173 96.81 96.28 -38.74
CA MET Y 173 97.17 95.58 -37.52
C MET Y 173 98.67 95.34 -37.46
N ASP Y 174 99.24 95.61 -36.29
CA ASP Y 174 100.61 95.18 -35.99
C ASP Y 174 100.62 94.72 -34.54
N VAL Y 175 100.92 93.44 -34.31
CA VAL Y 175 101.18 92.98 -32.97
C VAL Y 175 102.60 92.41 -32.94
N LEU Y 176 103.22 92.48 -31.78
CA LEU Y 176 104.45 91.75 -31.52
C LEU Y 176 104.11 90.61 -30.58
N LEU Y 177 104.55 89.41 -30.97
CA LEU Y 177 104.34 88.19 -30.20
C LEU Y 177 105.58 87.83 -29.40
N VAL Y 178 105.33 87.65 -28.11
CA VAL Y 178 106.20 86.95 -27.17
C VAL Y 178 105.68 85.52 -27.03
N ALA Y 179 106.50 84.55 -27.44
CA ALA Y 179 106.16 83.14 -27.41
C ALA Y 179 107.21 82.40 -26.59
N ALA Y 180 106.77 81.49 -25.73
CA ALA Y 180 107.72 80.84 -24.84
C ALA Y 180 107.34 79.38 -24.68
N LYS Y 181 108.31 78.49 -24.85
CA LYS Y 181 107.98 77.09 -24.68
C LYS Y 181 107.51 76.82 -23.24
N LYS Y 182 106.21 76.97 -23.05
CA LYS Y 182 105.48 76.30 -21.97
C LYS Y 182 106.17 76.23 -20.59
N ASP Y 183 107.20 75.41 -20.40
CA ASP Y 183 107.62 75.12 -19.02
C ASP Y 183 108.93 75.76 -18.63
N MET Y 184 109.52 76.54 -19.51
CA MET Y 184 110.20 77.63 -18.88
C MET Y 184 109.25 78.30 -17.90
N ILE Y 185 108.04 78.61 -18.36
CA ILE Y 185 107.03 79.23 -17.50
C ILE Y 185 106.66 78.33 -16.34
N ASN Y 186 106.43 77.03 -16.60
CA ASN Y 186 106.19 76.11 -15.49
C ASN Y 186 107.30 76.20 -14.44
N ASP Y 187 108.54 75.84 -14.82
CA ASP Y 187 109.67 75.87 -13.91
C ASP Y 187 109.68 77.14 -13.07
N TYR Y 188 109.49 78.29 -13.70
CA TYR Y 188 109.49 79.55 -12.95
C TYR Y 188 108.31 79.60 -11.97
N THR Y 189 107.15 79.07 -12.36
CA THR Y 189 105.98 79.10 -11.48
C THR Y 189 106.16 78.15 -10.30
N THR Y 190 106.85 77.02 -10.50
CA THR Y 190 107.19 76.16 -9.37
C THR Y 190 108.12 76.89 -8.41
N VAL Y 191 109.20 77.48 -8.94
CA VAL Y 191 110.11 78.28 -8.12
C VAL Y 191 109.33 79.32 -7.33
N VAL Y 192 108.44 80.05 -8.00
CA VAL Y 192 107.69 81.10 -7.31
C VAL Y 192 106.76 80.49 -6.27
N SER Y 193 106.19 79.33 -6.57
CA SER Y 193 105.19 78.74 -5.69
C SER Y 193 105.81 78.31 -4.36
N GLU Y 194 106.97 77.67 -4.41
CA GLU Y 194 107.52 77.17 -3.16
C GLU Y 194 108.33 78.24 -2.42
N ALA Y 195 108.62 79.36 -3.07
CA ALA Y 195 109.16 80.51 -2.35
C ALA Y 195 108.09 81.27 -1.59
N GLY Y 196 106.85 80.80 -1.63
CA GLY Y 196 105.75 81.51 -1.00
C GLY Y 196 105.25 82.70 -1.78
N LEU Y 197 105.74 82.89 -3.00
CA LEU Y 197 105.37 84.03 -3.82
C LEU Y 197 104.20 83.68 -4.74
N ALA Y 198 103.47 84.70 -5.16
CA ALA Y 198 102.36 84.55 -6.09
C ALA Y 198 102.61 85.43 -7.30
N PRO Y 199 102.82 84.87 -8.49
CA PRO Y 199 103.12 85.71 -9.65
C PRO Y 199 101.87 86.33 -10.23
N VAL Y 200 102.01 87.58 -10.69
CA VAL Y 200 100.92 88.27 -11.35
C VAL Y 200 101.26 88.66 -12.79
N VAL Y 201 102.55 88.86 -13.09
CA VAL Y 201 103.00 89.22 -14.42
C VAL Y 201 104.29 88.47 -14.70
N VAL Y 202 104.33 87.76 -15.82
CA VAL Y 202 105.57 87.16 -16.29
C VAL Y 202 105.95 87.92 -17.56
N ASP Y 203 106.80 88.93 -17.38
CA ASP Y 203 107.18 89.88 -18.41
C ASP Y 203 108.47 89.43 -19.09
N VAL Y 204 108.97 90.25 -20.02
CA VAL Y 204 110.20 89.97 -20.75
C VAL Y 204 111.20 91.09 -20.47
N ASP Y 205 112.49 90.72 -20.47
CA ASP Y 205 113.50 91.61 -19.92
C ASP Y 205 113.81 92.78 -20.85
N ALA Y 206 113.75 92.56 -22.17
CA ALA Y 206 114.13 93.61 -23.10
C ALA Y 206 113.20 94.82 -23.02
N PHE Y 207 111.97 94.62 -22.55
CA PHE Y 207 111.01 95.71 -22.38
C PHE Y 207 110.87 96.11 -20.92
N ALA Y 208 111.06 95.18 -20.01
CA ALA Y 208 111.02 95.50 -18.58
C ALA Y 208 112.17 96.43 -18.21
N VAL Y 209 113.33 96.24 -18.85
CA VAL Y 209 114.47 97.12 -18.61
C VAL Y 209 114.17 98.55 -19.03
N GLN Y 210 113.14 98.77 -19.84
CA GLN Y 210 112.84 100.08 -20.39
C GLN Y 210 111.94 100.92 -19.49
N ASN Y 211 111.18 100.30 -18.58
CA ASN Y 211 110.22 101.05 -17.79
C ASN Y 211 110.87 102.14 -16.96
N MET Y 212 112.16 101.98 -16.65
CA MET Y 212 112.85 103.00 -15.86
C MET Y 212 113.17 104.22 -16.69
N PHE Y 213 113.39 104.04 -17.98
CA PHE Y 213 113.68 105.15 -18.86
C PHE Y 213 112.49 105.52 -19.72
N SER Y 214 111.31 104.91 -19.48
CA SER Y 214 110.18 105.11 -20.38
C SER Y 214 109.69 106.54 -20.35
N VAL Y 215 109.81 107.19 -19.18
CA VAL Y 215 109.53 108.62 -19.08
C VAL Y 215 110.54 109.44 -19.89
N ASN Y 216 111.84 109.28 -19.56
CA ASN Y 216 112.88 110.07 -20.19
C ASN Y 216 112.93 109.83 -21.69
N TYR Y 217 112.42 108.68 -22.13
CA TYR Y 217 112.24 108.42 -23.55
C TYR Y 217 110.98 109.11 -24.06
N ASP Y 218 109.94 109.16 -23.24
CA ASP Y 218 108.65 109.70 -23.67
C ASP Y 218 108.71 111.20 -23.89
N VAL Y 219 109.73 111.87 -23.32
CA VAL Y 219 109.89 113.31 -23.57
C VAL Y 219 110.48 113.64 -24.94
N PRO Y 220 111.48 112.85 -25.51
CA PRO Y 220 111.79 113.03 -26.95
C PRO Y 220 111.13 111.96 -27.83
N GLU Y 221 110.19 112.37 -28.68
CA GLU Y 221 109.19 111.41 -29.18
C GLU Y 221 109.27 111.18 -30.68
N ARG Y 222 110.13 111.91 -31.40
CA ARG Y 222 110.54 111.48 -32.73
C ARG Y 222 111.98 111.01 -32.75
N GLU Y 223 112.65 111.00 -31.61
CA GLU Y 223 114.04 110.60 -31.52
C GLU Y 223 114.16 109.08 -31.47
N THR Y 224 115.07 108.55 -32.30
CA THR Y 224 115.34 107.13 -32.34
C THR Y 224 116.46 106.84 -31.33
N VAL Y 225 116.15 106.01 -30.35
CA VAL Y 225 117.08 105.68 -29.27
C VAL Y 225 117.32 104.18 -29.29
N VAL Y 226 118.56 103.77 -29.03
CA VAL Y 226 118.87 102.36 -28.84
C VAL Y 226 119.08 102.10 -27.36
N LEU Y 227 118.67 100.91 -26.92
CA LEU Y 227 118.91 100.46 -25.55
C LEU Y 227 119.54 99.08 -25.62
N ILE Y 228 120.77 98.96 -25.11
CA ILE Y 228 121.47 97.69 -25.02
C ILE Y 228 121.44 97.24 -23.58
N ASN Y 229 121.05 96.00 -23.35
CA ASN Y 229 121.19 95.36 -22.04
C ASN Y 229 122.15 94.20 -22.25
N ALA Y 230 123.41 94.44 -21.89
CA ALA Y 230 124.45 93.41 -21.93
C ALA Y 230 124.41 92.64 -20.62
N GLY Y 231 123.83 91.45 -20.65
CA GLY Y 231 123.75 90.59 -19.49
C GLY Y 231 124.82 89.52 -19.49
N ALA Y 232 124.60 88.49 -18.68
CA ALA Y 232 125.53 87.37 -18.59
C ALA Y 232 125.19 86.24 -19.53
N SER Y 233 123.91 86.06 -19.88
CA SER Y 233 123.51 85.01 -20.79
C SER Y 233 123.17 85.52 -22.19
N VAL Y 234 122.87 86.81 -22.34
CA VAL Y 234 122.37 87.34 -23.59
C VAL Y 234 122.58 88.85 -23.60
N VAL Y 235 122.64 89.44 -24.79
CA VAL Y 235 122.65 90.88 -24.96
C VAL Y 235 121.43 91.26 -25.77
N ASN Y 236 120.54 92.05 -25.19
CA ASN Y 236 119.38 92.48 -25.95
C ASN Y 236 119.59 93.89 -26.49
N ILE Y 237 119.10 94.09 -27.72
CA ILE Y 237 119.00 95.41 -28.34
C ILE Y 237 117.53 95.70 -28.57
N ASN Y 238 117.05 96.82 -28.03
CA ASN Y 238 115.74 97.30 -28.44
C ASN Y 238 115.85 98.74 -28.87
N ILE Y 239 115.28 99.04 -30.02
CA ILE Y 239 115.40 100.37 -30.61
C ILE Y 239 113.99 100.93 -30.79
N ILE Y 240 113.86 102.22 -30.46
CA ILE Y 240 112.59 102.87 -30.21
C ILE Y 240 112.56 104.21 -30.92
N SER Y 241 111.34 104.65 -31.21
CA SER Y 241 111.04 106.06 -31.43
C SER Y 241 110.15 106.46 -30.26
N ASN Y 242 110.69 107.29 -29.37
CA ASN Y 242 110.07 107.70 -28.09
C ASN Y 242 110.21 106.52 -27.13
N GLY Y 243 109.22 106.23 -26.31
CA GLY Y 243 109.14 104.95 -25.63
C GLY Y 243 108.23 104.02 -26.40
N ALA Y 244 108.31 104.08 -27.73
CA ALA Y 244 107.56 103.18 -28.60
C ALA Y 244 108.56 102.26 -29.28
N THR Y 245 108.65 101.02 -28.79
CA THR Y 245 109.58 100.06 -29.34
C THR Y 245 109.35 99.88 -30.83
N VAL Y 246 110.41 100.03 -31.62
CA VAL Y 246 110.38 99.71 -33.03
C VAL Y 246 110.82 98.26 -33.27
N PHE Y 247 111.83 97.78 -32.54
CA PHE Y 247 112.18 96.37 -32.67
C PHE Y 247 113.13 95.94 -31.56
N THR Y 248 113.31 94.62 -31.47
CA THR Y 248 114.22 93.99 -30.52
C THR Y 248 114.94 92.85 -31.21
N ARG Y 249 116.15 92.56 -30.72
CA ARG Y 249 116.98 91.49 -31.24
C ARG Y 249 117.91 91.01 -30.12
N ASP Y 250 118.02 89.70 -29.98
CA ASP Y 250 118.75 89.09 -28.88
C ASP Y 250 119.97 88.35 -29.40
N VAL Y 251 121.13 88.65 -28.81
CA VAL Y 251 122.41 88.11 -29.23
C VAL Y 251 122.96 87.18 -28.16
N THR Y 252 123.35 85.97 -28.58
CA THR Y 252 123.84 84.95 -27.66
C THR Y 252 125.06 85.42 -26.87
N ILE Y 253 125.84 86.33 -27.43
CA ILE Y 253 127.08 86.79 -26.81
C ILE Y 253 126.75 87.62 -25.58
N GLY Y 254 127.58 87.51 -24.55
CA GLY Y 254 127.38 88.26 -23.32
C GLY Y 254 128.64 88.29 -22.50
N GLY Y 255 128.47 88.60 -21.21
CA GLY Y 255 129.63 88.70 -20.33
C GLY Y 255 130.23 87.35 -19.99
N ASN Y 256 129.40 86.30 -19.99
CA ASN Y 256 129.91 84.94 -19.85
C ASN Y 256 130.97 84.64 -20.88
N GLN Y 257 130.90 85.29 -22.04
CA GLN Y 257 131.93 85.09 -23.07
C GLN Y 257 133.26 85.70 -22.66
N PHE Y 258 133.26 86.94 -22.19
CA PHE Y 258 134.49 87.55 -21.70
C PHE Y 258 135.10 86.72 -20.57
N THR Y 259 134.28 86.38 -19.57
CA THR Y 259 134.77 85.55 -18.48
C THR Y 259 135.34 84.22 -18.98
N GLU Y 260 134.64 83.60 -19.94
CA GLU Y 260 135.09 82.30 -20.45
C GLU Y 260 136.39 82.41 -21.22
N GLU Y 261 136.61 83.52 -21.93
CA GLU Y 261 137.88 83.68 -22.62
C GLU Y 261 139.01 83.90 -21.63
N ILE Y 262 138.79 84.71 -20.59
CA ILE Y 262 139.81 84.85 -19.55
C ILE Y 262 140.16 83.49 -18.97
N GLN Y 263 139.13 82.72 -18.62
CA GLN Y 263 139.32 81.38 -18.08
C GLN Y 263 140.11 80.49 -19.02
N LYS Y 264 139.77 80.50 -20.31
CA LYS Y 264 140.52 79.73 -21.30
C LYS Y 264 141.99 80.13 -21.30
N GLN Y 265 142.27 81.42 -21.36
CA GLN Y 265 143.64 81.85 -21.59
C GLN Y 265 144.50 81.82 -20.33
N LEU Y 266 143.92 81.61 -19.15
CA LEU Y 266 144.76 81.52 -17.96
C LEU Y 266 144.40 80.30 -17.11
N ASN Y 267 143.90 79.24 -17.75
CA ASN Y 267 143.28 78.08 -17.11
C ASN Y 267 142.82 78.35 -15.68
N VAL Y 268 141.86 79.27 -15.54
CA VAL Y 268 141.30 79.74 -14.28
C VAL Y 268 139.90 79.14 -14.12
N SER Y 269 139.39 79.11 -12.89
CA SER Y 269 137.98 78.79 -12.67
C SER Y 269 137.11 79.95 -13.14
N TYR Y 270 135.80 79.73 -13.23
CA TYR Y 270 134.92 80.79 -13.71
C TYR Y 270 134.88 81.95 -12.73
N GLU Y 271 134.97 81.65 -11.43
CA GLU Y 271 134.85 82.73 -10.44
C GLU Y 271 136.06 83.64 -10.46
N GLU Y 272 137.27 83.08 -10.41
CA GLU Y 272 138.47 83.92 -10.38
C GLU Y 272 138.67 84.63 -11.72
N ALA Y 273 138.24 84.01 -12.82
CA ALA Y 273 138.25 84.70 -14.11
C ALA Y 273 137.26 85.85 -14.13
N GLU Y 274 136.11 85.66 -13.46
CA GLU Y 274 135.11 86.72 -13.36
C GLU Y 274 135.65 87.90 -12.53
N ALA Y 275 136.29 87.61 -11.40
CA ALA Y 275 136.88 88.67 -10.59
C ALA Y 275 138.02 89.36 -11.34
N LEU Y 276 138.87 88.58 -12.01
CA LEU Y 276 139.92 89.16 -12.83
C LEU Y 276 139.33 90.09 -13.89
N LYS Y 277 138.16 89.73 -14.42
CA LYS Y 277 137.45 90.64 -15.32
C LYS Y 277 137.07 91.93 -14.59
N ILE Y 278 136.23 91.81 -13.56
CA ILE Y 278 135.74 92.95 -12.80
C ILE Y 278 136.90 93.81 -12.31
N GLY Y 279 137.51 93.40 -11.19
CA GLY Y 279 138.56 94.22 -10.60
C GLY Y 279 139.79 94.31 -11.46
N GLY Y 280 140.12 93.24 -12.20
CA GLY Y 280 141.27 93.30 -13.08
C GLY Y 280 141.18 94.40 -14.12
N ASN Y 281 140.03 94.57 -14.76
CA ASN Y 281 139.93 95.49 -15.88
C ASN Y 281 139.76 96.95 -15.47
N GLY Y 282 139.47 97.25 -14.20
CA GLY Y 282 139.06 98.60 -13.87
C GLY Y 282 139.81 99.32 -12.77
N ALA Y 283 140.71 98.64 -12.08
CA ALA Y 283 141.42 99.25 -10.98
C ALA Y 283 142.35 100.36 -11.47
N ASP Y 284 142.68 101.29 -10.56
CA ASP Y 284 143.66 102.31 -10.90
C ASP Y 284 145.06 101.71 -11.03
N ALA Y 285 145.32 100.58 -10.39
CA ALA Y 285 146.61 99.91 -10.46
C ALA Y 285 146.66 98.84 -11.55
N ASP Y 286 145.70 98.84 -12.47
CA ASP Y 286 145.57 97.78 -13.45
C ASP Y 286 146.44 97.98 -14.69
N ALA Y 287 147.52 98.75 -14.57
CA ALA Y 287 148.22 99.22 -15.77
C ALA Y 287 148.95 98.08 -16.48
N VAL Y 288 149.26 97.01 -15.76
CA VAL Y 288 150.01 95.91 -16.36
C VAL Y 288 149.08 94.81 -16.88
N VAL Y 289 147.82 94.81 -16.44
CA VAL Y 289 146.86 93.74 -16.76
C VAL Y 289 145.92 94.00 -17.93
N PRO Y 290 145.89 95.17 -18.59
CA PRO Y 290 145.02 95.27 -19.77
C PRO Y 290 145.69 94.74 -21.01
N GLN Y 291 147.00 94.49 -20.98
CA GLN Y 291 147.60 93.72 -22.06
C GLN Y 291 147.29 92.24 -21.87
N ASP Y 292 147.60 91.69 -20.71
CA ASP Y 292 147.29 90.28 -20.44
C ASP Y 292 145.82 89.99 -20.59
N VAL Y 293 144.95 90.87 -20.08
CA VAL Y 293 143.52 90.59 -20.16
C VAL Y 293 142.97 91.04 -21.51
N GLU Y 294 143.29 92.27 -21.93
CA GLU Y 294 142.73 92.80 -23.17
C GLU Y 294 143.09 91.95 -24.38
N ARG Y 295 144.30 91.36 -24.37
CA ARG Y 295 144.65 90.41 -25.43
C ARG Y 295 143.79 89.16 -25.34
N VAL Y 296 143.27 88.85 -24.15
CA VAL Y 296 142.41 87.69 -23.99
C VAL Y 296 141.01 87.99 -24.49
N LEU Y 297 140.48 89.17 -24.15
CA LEU Y 297 139.12 89.56 -24.46
C LEU Y 297 138.99 90.25 -25.81
N SER Y 298 140.08 90.40 -26.56
CA SER Y 298 140.04 91.22 -27.77
C SER Y 298 139.17 90.57 -28.85
N SER Y 299 139.27 89.25 -29.00
CA SER Y 299 138.37 88.56 -29.92
C SER Y 299 136.91 88.82 -29.56
N VAL Y 300 136.56 88.71 -28.28
CA VAL Y 300 135.17 88.94 -27.86
C VAL Y 300 134.76 90.38 -28.14
N ALA Y 301 135.69 91.32 -27.94
CA ALA Y 301 135.36 92.72 -28.20
C ALA Y 301 135.07 92.95 -29.69
N GLU Y 302 135.98 92.51 -30.54
CA GLU Y 302 135.77 92.61 -31.99
C GLU Y 302 134.46 91.99 -32.41
N GLN Y 303 134.19 90.78 -31.92
CA GLN Y 303 133.06 89.99 -32.42
C GLN Y 303 131.73 90.49 -31.86
N VAL Y 304 131.70 90.99 -30.61
CA VAL Y 304 130.52 91.70 -30.12
C VAL Y 304 130.25 92.91 -31.00
N ALA Y 305 131.26 93.76 -31.21
CA ALA Y 305 131.10 94.91 -32.11
C ALA Y 305 130.56 94.46 -33.47
N GLY Y 306 131.04 93.33 -33.97
CA GLY Y 306 130.53 92.81 -35.23
C GLY Y 306 129.07 92.42 -35.15
N GLU Y 307 128.64 91.88 -34.00
CA GLU Y 307 127.22 91.54 -33.87
C GLU Y 307 126.36 92.79 -33.76
N ILE Y 308 126.84 93.81 -33.06
CA ILE Y 308 126.01 94.99 -32.89
C ILE Y 308 125.90 95.78 -34.20
N GLN Y 309 127.02 95.93 -34.92
CA GLN Y 309 126.95 96.51 -36.26
C GLN Y 309 126.02 95.69 -37.13
N ARG Y 310 126.09 94.36 -36.98
CA ARG Y 310 125.24 93.43 -37.69
C ARG Y 310 123.75 93.78 -37.50
N SER Y 311 123.27 93.76 -36.25
CA SER Y 311 121.88 94.05 -35.98
C SER Y 311 121.48 95.45 -36.44
N LEU Y 312 122.31 96.46 -36.13
CA LEU Y 312 121.99 97.83 -36.54
C LEU Y 312 121.81 97.92 -38.05
N ASP Y 313 122.70 97.31 -38.83
CA ASP Y 313 122.55 97.31 -40.28
C ASP Y 313 121.30 96.56 -40.71
N PHE Y 314 120.95 95.49 -39.98
CA PHE Y 314 119.77 94.72 -40.36
C PHE Y 314 118.48 95.48 -40.04
N TYR Y 315 118.55 96.52 -39.21
CA TYR Y 315 117.36 97.35 -39.00
C TYR Y 315 117.17 98.37 -40.12
N ALA Y 316 118.21 99.17 -40.39
CA ALA Y 316 118.12 100.35 -41.24
C ALA Y 316 117.42 100.08 -42.58
N GLY Y 317 116.14 99.75 -42.51
CA GLY Y 317 115.36 99.34 -43.67
C GLY Y 317 114.78 100.46 -44.50
N THR Y 318 114.33 101.55 -43.86
CA THR Y 318 113.55 102.58 -44.54
C THR Y 318 114.28 103.89 -44.77
N ALA Y 319 115.23 104.27 -43.91
CA ALA Y 319 115.91 105.55 -44.02
C ALA Y 319 117.33 105.27 -44.50
N ALA Y 320 117.48 105.14 -45.82
CA ALA Y 320 118.77 104.78 -46.38
C ALA Y 320 119.78 105.92 -46.32
N ASP Y 321 119.35 107.12 -45.95
CA ASP Y 321 120.20 108.30 -45.98
C ASP Y 321 120.30 109.00 -44.64
N SER Y 322 119.96 108.34 -43.54
CA SER Y 322 119.95 108.96 -42.23
C SER Y 322 121.07 108.39 -41.36
N ASN Y 323 121.13 108.88 -40.13
CA ASN Y 323 122.10 108.43 -39.13
C ASN Y 323 121.36 108.14 -37.83
N PHE Y 324 122.13 107.80 -36.79
CA PHE Y 324 121.58 107.45 -35.50
C PHE Y 324 121.45 108.68 -34.61
N SER Y 325 120.96 108.46 -33.38
CA SER Y 325 120.87 109.52 -32.39
C SER Y 325 121.60 109.12 -31.11
N LYS Y 326 120.87 108.64 -30.10
CA LYS Y 326 121.46 108.37 -28.79
C LYS Y 326 120.95 107.05 -28.23
N VAL Y 327 121.77 106.47 -27.35
CA VAL Y 327 121.56 105.10 -26.88
C VAL Y 327 122.07 104.95 -25.45
N TYR Y 328 121.51 103.99 -24.72
CA TYR Y 328 121.86 103.72 -23.34
C TYR Y 328 122.26 102.27 -23.14
N LEU Y 329 122.87 102.00 -21.98
CA LEU Y 329 123.34 100.67 -21.64
C LEU Y 329 122.85 100.24 -20.26
N SER Y 330 122.60 98.95 -20.11
CA SER Y 330 122.12 98.31 -18.90
C SER Y 330 122.74 96.91 -18.82
N GLY Y 331 122.61 96.30 -17.66
CA GLY Y 331 123.27 95.02 -17.46
C GLY Y 331 124.72 95.19 -17.07
N GLY Y 332 125.22 94.22 -16.28
CA GLY Y 332 126.55 94.35 -15.73
C GLY Y 332 127.65 94.15 -16.75
N THR Y 333 127.40 93.35 -17.79
CA THR Y 333 128.38 93.18 -18.86
C THR Y 333 128.74 94.52 -19.50
N ALA Y 334 127.80 95.47 -19.54
CA ALA Y 334 128.14 96.82 -19.94
C ALA Y 334 129.31 97.41 -19.15
N LYS Y 335 129.35 97.21 -17.83
CA LYS Y 335 130.32 97.85 -16.95
C LYS Y 335 131.76 97.43 -17.22
N ILE Y 336 132.03 96.70 -18.30
CA ILE Y 336 133.41 96.43 -18.72
C ILE Y 336 134.09 97.78 -18.92
N PRO Y 337 135.25 98.02 -18.29
CA PRO Y 337 135.88 99.34 -18.40
C PRO Y 337 136.16 99.74 -19.84
N ALA Y 338 135.77 100.97 -20.18
CA ALA Y 338 135.97 101.60 -21.48
C ALA Y 338 135.08 101.03 -22.58
N LEU Y 339 134.28 100.02 -22.25
CA LEU Y 339 133.43 99.39 -23.27
C LEU Y 339 132.45 100.40 -23.86
N PHE Y 340 132.05 101.41 -23.07
CA PHE Y 340 131.10 102.39 -23.57
C PHE Y 340 131.72 103.27 -24.64
N LYS Y 341 132.95 103.73 -24.40
CA LYS Y 341 133.66 104.50 -25.41
C LYS Y 341 133.91 103.68 -26.67
N THR Y 342 134.21 102.38 -26.48
CA THR Y 342 134.46 101.50 -27.62
C THR Y 342 133.21 101.33 -28.47
N ILE Y 343 132.07 101.03 -27.84
CA ILE Y 343 130.83 100.89 -28.58
C ILE Y 343 130.44 102.23 -29.21
N GLU Y 344 130.75 103.33 -28.54
CA GLU Y 344 130.43 104.65 -29.07
C GLU Y 344 131.18 104.93 -30.35
N ALA Y 345 132.49 104.68 -30.35
CA ALA Y 345 133.29 104.96 -31.54
C ALA Y 345 133.05 103.93 -32.63
N ARG Y 346 132.71 102.70 -32.25
CA ARG Y 346 132.61 101.60 -33.20
C ARG Y 346 131.25 101.53 -33.90
N THR Y 347 130.16 101.86 -33.20
CA THR Y 347 128.83 101.80 -33.78
C THR Y 347 128.37 103.13 -34.35
N GLY Y 348 129.12 104.21 -34.13
CA GLY Y 348 128.70 105.50 -34.63
C GLY Y 348 127.50 106.08 -33.90
N VAL Y 349 127.29 105.67 -32.65
CA VAL Y 349 126.21 106.21 -31.82
C VAL Y 349 126.75 106.54 -30.43
N PRO Y 350 126.31 107.67 -29.83
CA PRO Y 350 126.63 107.90 -28.41
C PRO Y 350 125.96 106.91 -27.45
N VAL Y 351 126.78 106.04 -26.85
CA VAL Y 351 126.33 105.00 -25.94
C VAL Y 351 126.65 105.44 -24.52
N GLU Y 352 125.61 105.60 -23.69
CA GLU Y 352 125.79 106.11 -22.34
C GLU Y 352 125.14 105.21 -21.32
N ILE Y 353 125.83 105.05 -20.18
CA ILE Y 353 125.22 104.48 -18.99
C ILE Y 353 124.08 105.39 -18.55
N LEU Y 354 123.11 104.79 -17.88
CA LEU Y 354 122.00 105.57 -17.37
C LEU Y 354 121.63 105.06 -15.99
N ASN Y 355 121.16 105.97 -15.15
CA ASN Y 355 120.71 105.63 -13.81
C ASN Y 355 119.22 105.35 -13.86
N PRO Y 356 118.77 104.10 -13.79
CA PRO Y 356 117.33 103.85 -13.67
C PRO Y 356 116.71 104.56 -12.47
N PHE Y 357 117.27 104.34 -11.27
CA PHE Y 357 116.66 104.77 -10.01
C PHE Y 357 116.17 106.22 -10.01
N ARG Y 358 116.44 107.00 -11.06
CA ARG Y 358 115.90 108.35 -11.14
C ARG Y 358 114.38 108.36 -11.27
N LYS Y 359 113.78 107.26 -11.69
CA LYS Y 359 112.34 107.14 -11.85
C LYS Y 359 111.60 106.99 -10.52
N ILE Y 360 112.32 106.70 -9.44
CA ILE Y 360 111.72 106.36 -8.16
C ILE Y 360 112.34 107.27 -7.09
N GLU Y 361 111.55 107.57 -6.07
CA GLU Y 361 112.04 108.35 -4.94
C GLU Y 361 113.01 107.51 -4.12
N VAL Y 362 114.14 108.11 -3.71
CA VAL Y 362 115.16 107.42 -2.95
C VAL Y 362 115.45 108.22 -1.69
N ASP Y 363 115.16 107.64 -0.53
CA ASP Y 363 115.45 108.28 0.74
C ASP Y 363 116.95 108.21 0.99
N ASN Y 364 117.60 109.38 1.10
CA ASN Y 364 119.04 109.42 1.26
C ASN Y 364 119.47 108.87 2.61
N ARG Y 365 118.55 108.79 3.58
CA ARG Y 365 118.91 108.26 4.89
C ARG Y 365 118.92 106.74 4.89
N LYS Y 366 118.33 106.10 3.87
CA LYS Y 366 118.31 104.65 3.79
C LYS Y 366 119.17 104.10 2.66
N PHE Y 367 119.53 104.93 1.68
CA PHE Y 367 120.29 104.46 0.53
C PHE Y 367 121.31 105.51 0.12
N ASP Y 368 122.53 105.07 -0.16
CA ASP Y 368 123.56 105.94 -0.69
C ASP Y 368 123.33 106.12 -2.18
N PRO Y 369 123.17 107.35 -2.68
CA PRO Y 369 123.02 107.54 -4.12
C PRO Y 369 124.21 107.03 -4.92
N ALA Y 370 125.42 107.04 -4.35
CA ALA Y 370 126.60 106.59 -5.08
C ALA Y 370 126.54 105.10 -5.38
N PHE Y 371 126.35 104.27 -4.34
CA PHE Y 371 126.26 102.83 -4.53
C PHE Y 371 125.08 102.47 -5.41
N VAL Y 372 123.92 103.09 -5.16
CA VAL Y 372 122.74 102.91 -6.03
C VAL Y 372 123.13 103.12 -7.48
N MET Y 373 123.84 104.21 -7.76
CA MET Y 373 124.34 104.45 -9.11
C MET Y 373 125.28 103.34 -9.56
N ASP Y 374 126.09 102.80 -8.65
CA ASP Y 374 127.07 101.80 -9.04
C ASP Y 374 126.40 100.50 -9.49
N VAL Y 375 125.37 100.07 -8.78
CA VAL Y 375 124.65 98.84 -9.11
C VAL Y 375 123.45 99.11 -10.01
N ALA Y 376 123.29 100.33 -10.50
CA ALA Y 376 122.17 100.63 -11.39
C ALA Y 376 122.10 99.74 -12.64
N PRO Y 377 123.18 99.55 -13.41
CA PRO Y 377 123.03 98.76 -14.65
C PRO Y 377 122.55 97.33 -14.42
N MET Y 378 123.09 96.65 -13.40
CA MET Y 378 122.61 95.32 -13.07
C MET Y 378 121.14 95.33 -12.66
N ALA Y 379 120.71 96.38 -11.98
CA ALA Y 379 119.39 96.42 -11.36
C ALA Y 379 118.32 97.04 -12.27
N ALA Y 380 118.67 97.48 -13.48
CA ALA Y 380 117.69 98.15 -14.35
C ALA Y 380 116.40 97.36 -14.49
N VAL Y 381 116.49 96.08 -14.89
CA VAL Y 381 115.30 95.24 -15.01
C VAL Y 381 114.69 95.00 -13.63
N ALA Y 382 115.55 94.74 -12.64
CA ALA Y 382 115.22 94.49 -11.25
C ALA Y 382 114.37 95.58 -10.63
N VAL Y 383 114.39 96.79 -11.16
CA VAL Y 383 113.38 97.77 -10.80
C VAL Y 383 112.35 97.89 -11.90
N GLY Y 384 112.65 97.34 -13.08
CA GLY Y 384 111.79 97.37 -14.25
C GLY Y 384 110.41 96.78 -14.02
N LEU Y 385 110.38 95.46 -13.94
CA LEU Y 385 109.10 94.81 -13.67
C LEU Y 385 108.59 95.19 -12.27
N ALA Y 386 109.43 95.90 -11.51
CA ALA Y 386 109.07 96.40 -10.20
C ALA Y 386 108.25 97.68 -10.27
N LEU Y 387 108.45 98.52 -11.28
CA LEU Y 387 107.43 99.52 -11.57
C LEU Y 387 106.28 98.90 -12.31
N ARG Y 388 106.48 97.71 -12.89
CA ARG Y 388 105.33 96.97 -13.42
C ARG Y 388 104.41 96.50 -12.29
N ARG Y 389 104.95 96.31 -11.08
CA ARG Y 389 104.18 95.69 -10.01
C ARG Y 389 103.28 96.60 -9.15
N PRO Y 390 103.54 97.92 -9.03
CA PRO Y 390 102.51 98.74 -8.39
C PRO Y 390 101.71 99.46 -9.45
N GLY Y 391 101.76 98.94 -10.67
CA GLY Y 391 101.10 99.55 -11.80
C GLY Y 391 99.66 99.08 -11.94
N MET Z 1 122.40 76.87 -34.46
CA MET Z 1 122.83 75.50 -34.17
C MET Z 1 121.67 74.53 -34.27
N MET Z 2 121.93 73.36 -34.83
CA MET Z 2 120.91 72.34 -35.02
C MET Z 2 120.98 71.32 -33.89
N ILE Z 3 119.87 71.11 -33.21
CA ILE Z 3 119.75 70.15 -32.11
C ILE Z 3 118.81 69.05 -32.58
N ARG Z 4 119.35 67.88 -32.87
CA ARG Z 4 118.57 66.75 -33.38
C ARG Z 4 118.56 65.60 -32.38
N ILE Z 5 117.45 64.85 -32.40
CA ILE Z 5 117.28 63.74 -31.46
C ILE Z 5 116.57 62.58 -32.13
N ASN Z 6 117.33 61.57 -32.56
CA ASN Z 6 116.76 60.33 -33.07
C ASN Z 6 116.37 59.38 -31.94
N LEU Z 7 115.59 59.84 -30.97
CA LEU Z 7 115.16 58.96 -29.87
C LEU Z 7 113.65 58.71 -29.86
N LEU Z 8 113.30 57.42 -29.88
CA LEU Z 8 112.00 56.83 -30.21
C LEU Z 8 111.47 57.22 -31.61
N PRO Z 9 112.36 57.06 -32.57
CA PRO Z 9 112.01 56.40 -33.83
C PRO Z 9 112.77 55.10 -34.00
N VAL Z 10 112.64 54.48 -35.17
CA VAL Z 10 111.57 53.53 -35.42
C VAL Z 10 111.74 52.00 -35.23
N ARG Z 11 112.84 51.34 -35.58
CA ARG Z 11 112.87 49.91 -35.23
C ARG Z 11 112.87 49.79 -33.72
N ALA Z 12 113.35 50.83 -33.02
CA ALA Z 12 113.12 50.95 -31.58
C ALA Z 12 111.64 51.12 -31.28
N VAL Z 13 110.97 52.03 -32.01
CA VAL Z 13 109.54 52.28 -31.80
C VAL Z 13 108.78 50.99 -32.01
N LYS Z 14 108.71 50.55 -33.26
CA LYS Z 14 107.87 49.43 -33.64
C LYS Z 14 108.35 48.11 -33.03
N LYS Z 15 109.58 48.04 -32.49
CA LYS Z 15 109.94 46.84 -31.77
C LYS Z 15 109.53 46.91 -30.30
N ARG Z 16 109.45 48.12 -29.75
CA ARG Z 16 108.79 48.26 -28.45
C ARG Z 16 107.29 48.02 -28.59
N GLU Z 17 106.72 48.40 -29.73
CA GLU Z 17 105.30 48.17 -29.98
C GLU Z 17 104.99 46.70 -30.18
N MET Z 18 105.72 46.02 -31.08
CA MET Z 18 105.57 44.57 -31.18
C MET Z 18 105.82 43.90 -29.83
N GLY Z 19 106.82 44.38 -29.09
CA GLY Z 19 107.05 43.88 -27.75
C GLY Z 19 105.83 44.02 -26.85
N ARG Z 20 105.10 45.13 -26.99
CA ARG Z 20 103.89 45.31 -26.19
C ARG Z 20 102.79 44.36 -26.64
N GLN Z 21 102.54 44.27 -27.95
CA GLN Z 21 101.43 43.47 -28.46
C GLN Z 21 101.59 42.00 -28.13
N VAL Z 22 102.81 41.46 -28.32
CA VAL Z 22 103.04 40.05 -28.01
C VAL Z 22 102.71 39.76 -26.55
N LEU Z 23 103.06 40.68 -25.65
CA LEU Z 23 102.76 40.50 -24.24
C LEU Z 23 101.27 40.62 -23.93
N VAL Z 24 100.57 41.55 -24.61
CA VAL Z 24 99.12 41.63 -24.43
C VAL Z 24 98.47 40.32 -24.85
N LEU Z 25 98.89 39.76 -25.98
CA LEU Z 25 98.37 38.47 -26.43
C LEU Z 25 98.64 37.38 -25.39
N PHE Z 26 99.86 37.34 -24.86
CA PHE Z 26 100.16 36.43 -23.76
C PHE Z 26 99.15 36.59 -22.63
N ALA Z 27 98.92 37.83 -22.20
CA ALA Z 27 98.01 38.09 -21.08
C ALA Z 27 96.60 37.57 -21.38
N VAL Z 28 96.10 37.84 -22.59
CA VAL Z 28 94.76 37.39 -22.94
C VAL Z 28 94.66 35.87 -22.90
N VAL Z 29 95.60 35.19 -23.56
CA VAL Z 29 95.58 33.73 -23.57
C VAL Z 29 95.60 33.18 -22.15
N LEU Z 30 96.44 33.76 -21.29
CA LEU Z 30 96.57 33.25 -19.93
C LEU Z 30 95.33 33.54 -19.09
N ILE Z 31 94.64 34.64 -19.36
CA ILE Z 31 93.38 34.90 -18.64
C ILE Z 31 92.32 33.90 -19.07
N GLY Z 32 92.21 33.64 -20.38
CA GLY Z 32 91.27 32.64 -20.84
C GLY Z 32 91.54 31.26 -20.24
N ALA Z 33 92.77 30.78 -20.37
CA ALA Z 33 93.13 29.51 -19.77
C ALA Z 33 92.83 29.51 -18.28
N GLY Z 34 93.08 30.63 -17.60
CA GLY Z 34 92.67 30.75 -16.21
C GLY Z 34 91.20 30.46 -16.01
N VAL Z 35 90.33 31.19 -16.72
CA VAL Z 35 88.88 30.99 -16.62
C VAL Z 35 88.53 29.52 -16.84
N ALA Z 36 89.17 28.86 -17.80
CA ALA Z 36 88.93 27.43 -17.99
C ALA Z 36 89.27 26.64 -16.73
N ASN Z 37 90.51 26.78 -16.23
CA ASN Z 37 90.91 26.11 -15.00
C ASN Z 37 89.87 26.30 -13.90
N TYR Z 38 89.39 27.54 -13.75
CA TYR Z 38 88.28 27.82 -12.86
C TYR Z 38 87.10 26.91 -13.18
N LEU Z 39 86.24 27.30 -14.14
CA LEU Z 39 85.01 26.56 -14.41
C LEU Z 39 85.15 25.06 -14.17
N TRP Z 40 86.28 24.48 -14.60
CA TRP Z 40 86.63 23.12 -14.20
C TRP Z 40 86.55 22.95 -12.67
N TYR Z 41 87.22 23.83 -11.91
CA TYR Z 41 87.21 23.67 -10.44
C TYR Z 41 85.80 23.62 -9.88
N ASP Z 42 84.86 24.33 -10.50
CA ASP Z 42 83.50 24.38 -9.97
C ASP Z 42 82.75 23.09 -10.29
N ASP Z 43 82.84 22.62 -11.52
CA ASP Z 43 82.23 21.32 -11.80
C ASP Z 43 82.80 20.23 -10.90
N ARG Z 44 84.08 20.35 -10.53
CA ARG Z 44 84.69 19.35 -9.65
C ARG Z 44 84.17 19.46 -8.22
N GLN Z 45 83.94 20.67 -7.72
CA GLN Z 45 83.37 20.80 -6.38
C GLN Z 45 81.94 20.29 -6.34
N SER Z 46 81.15 20.56 -7.39
CA SER Z 46 79.82 19.98 -7.49
C SER Z 46 79.87 18.46 -7.45
N GLU Z 47 80.74 17.85 -8.25
CA GLU Z 47 80.86 16.39 -8.22
C GLU Z 47 81.24 15.90 -6.83
N LEU Z 48 82.16 16.60 -6.17
CA LEU Z 48 82.55 16.23 -4.80
C LEU Z 48 81.36 16.26 -3.85
N GLU Z 49 80.49 17.26 -3.96
CA GLU Z 49 79.34 17.32 -3.07
C GLU Z 49 78.37 16.18 -3.35
N ALA Z 50 78.11 15.89 -4.63
CA ALA Z 50 77.27 14.75 -4.95
C ALA Z 50 77.84 13.45 -4.38
N HIS Z 51 79.16 13.27 -4.51
CA HIS Z 51 79.78 12.03 -4.05
C HIS Z 51 79.75 11.92 -2.52
N GLN Z 52 79.96 13.04 -1.82
CA GLN Z 52 79.84 13.01 -0.37
C GLN Z 52 78.41 12.73 0.08
N ALA Z 53 77.42 13.23 -0.67
CA ALA Z 53 76.04 12.81 -0.43
C ALA Z 53 75.90 11.30 -0.56
N GLY Z 54 76.46 10.72 -1.62
CA GLY Z 54 76.42 9.27 -1.76
C GLY Z 54 77.09 8.54 -0.61
N VAL Z 55 78.26 9.03 -0.16
CA VAL Z 55 78.96 8.40 0.96
C VAL Z 55 78.09 8.44 2.22
N ALA Z 56 77.42 9.56 2.45
CA ALA Z 56 76.45 9.61 3.55
C ALA Z 56 75.38 8.55 3.37
N SER Z 57 74.88 8.38 2.15
CA SER Z 57 73.94 7.30 1.86
C SER Z 57 74.52 5.92 2.15
N THR Z 58 75.85 5.76 2.12
CA THR Z 58 76.42 4.50 2.61
C THR Z 58 76.35 4.44 4.13
N LYS Z 59 76.93 5.43 4.80
CA LYS Z 59 77.04 5.39 6.25
C LYS Z 59 75.68 5.28 6.94
N ALA Z 60 74.60 5.66 6.25
CA ALA Z 60 73.28 5.49 6.83
C ALA Z 60 72.88 4.01 6.88
N ARG Z 61 72.76 3.40 5.70
CA ARG Z 61 72.27 2.03 5.61
C ARG Z 61 73.24 1.01 6.19
N ILE Z 62 74.54 1.29 6.17
CA ILE Z 62 75.47 0.40 6.87
C ILE Z 62 75.14 0.36 8.36
N ALA Z 63 74.85 1.52 8.95
CA ALA Z 63 74.38 1.56 10.33
C ALA Z 63 73.07 0.79 10.48
N GLU Z 64 72.11 1.03 9.58
CA GLU Z 64 70.89 0.24 9.56
C GLU Z 64 71.19 -1.26 9.68
N LEU Z 65 72.21 -1.72 8.96
CA LEU Z 65 72.49 -3.15 8.85
C LEU Z 65 73.23 -3.69 10.05
N GLU Z 66 74.13 -2.88 10.62
CA GLU Z 66 74.75 -3.24 11.88
C GLU Z 66 73.70 -3.41 12.97
N LYS Z 67 72.65 -2.59 12.92
CA LYS Z 67 71.57 -2.73 13.89
C LYS Z 67 70.73 -3.98 13.62
N ILE Z 68 70.34 -4.19 12.35
CA ILE Z 68 69.49 -5.32 12.02
C ILE Z 68 70.22 -6.64 12.29
N ILE Z 69 71.53 -6.68 12.06
CA ILE Z 69 72.29 -7.90 12.35
C ILE Z 69 72.54 -8.02 13.84
N GLY Z 70 72.72 -6.90 14.54
CA GLY Z 70 72.72 -6.96 15.98
C GLY Z 70 71.48 -7.64 16.52
N GLU Z 71 70.32 -7.30 15.96
CA GLU Z 71 69.11 -8.03 16.27
C GLU Z 71 69.31 -9.50 15.93
N VAL Z 72 69.58 -9.83 14.67
CA VAL Z 72 69.59 -11.23 14.22
C VAL Z 72 70.48 -12.10 15.10
N LYS Z 73 71.54 -11.52 15.68
CA LYS Z 73 72.39 -12.30 16.58
C LYS Z 73 71.79 -12.40 17.98
N ASN Z 74 71.46 -11.25 18.58
CA ASN Z 74 70.71 -11.25 19.84
C ASN Z 74 69.63 -12.32 19.81
N ILE Z 75 68.87 -12.35 18.72
CA ILE Z 75 67.95 -13.41 18.33
C ILE Z 75 68.59 -14.78 18.45
N ASN Z 76 69.52 -15.08 17.54
CA ASN Z 76 69.90 -16.47 17.29
C ASN Z 76 70.46 -17.13 18.53
N THR Z 77 71.06 -16.36 19.45
CA THR Z 77 71.64 -17.01 20.62
C THR Z 77 70.58 -17.36 21.67
N ARG Z 78 69.51 -16.58 21.76
CA ARG Z 78 68.44 -16.86 22.71
C ARG Z 78 67.58 -18.05 22.28
N LYS Z 79 67.47 -18.29 20.97
CA LYS Z 79 66.64 -19.40 20.47
C LYS Z 79 67.16 -20.75 20.98
N ALA Z 80 68.48 -20.95 20.91
CA ALA Z 80 69.08 -22.22 21.35
C ALA Z 80 68.87 -22.48 22.83
N GLU Z 81 68.88 -21.44 23.66
CA GLU Z 81 68.53 -21.65 25.07
C GLU Z 81 67.04 -21.93 25.23
N VAL Z 82 66.21 -21.43 24.31
CA VAL Z 82 64.79 -21.68 24.43
C VAL Z 82 64.44 -23.12 24.09
N GLU Z 83 64.85 -23.60 22.90
CA GLU Z 83 64.63 -25.01 22.54
C GLU Z 83 65.00 -25.93 23.70
N LYS Z 84 66.09 -25.62 24.39
CA LYS Z 84 66.63 -26.48 25.43
C LYS Z 84 65.78 -26.37 26.72
N LYS Z 85 65.62 -25.15 27.23
CA LYS Z 85 64.73 -24.93 28.38
C LYS Z 85 63.38 -25.59 28.18
N LEU Z 86 62.81 -25.45 26.99
CA LEU Z 86 61.53 -26.06 26.68
C LEU Z 86 61.61 -27.58 26.72
N ALA Z 87 62.57 -28.17 25.99
CA ALA Z 87 62.69 -29.63 26.01
C ALA Z 87 62.74 -30.15 27.44
N VAL Z 88 63.41 -29.42 28.32
CA VAL Z 88 63.29 -29.67 29.75
C VAL Z 88 61.83 -29.59 30.19
N LEU Z 89 61.12 -28.51 29.79
CA LEU Z 89 59.74 -28.33 30.23
C LEU Z 89 58.82 -29.47 29.78
N ASP Z 90 59.02 -29.98 28.56
CA ASP Z 90 58.23 -31.09 28.04
C ASP Z 90 58.64 -32.42 28.65
N ALA Z 91 59.87 -32.54 29.16
CA ALA Z 91 60.20 -33.68 29.98
C ALA Z 91 59.51 -33.59 31.35
N LEU Z 92 59.37 -32.37 31.86
CA LEU Z 92 58.81 -32.19 33.20
C LEU Z 92 57.29 -32.34 33.21
N ARG Z 93 56.61 -31.86 32.17
CA ARG Z 93 55.17 -32.11 32.07
C ARG Z 93 54.87 -33.60 32.00
N LYS Z 94 55.76 -34.37 31.37
CA LYS Z 94 55.70 -35.82 31.47
C LYS Z 94 56.09 -36.30 32.85
N GLY Z 95 56.87 -35.50 33.59
CA GLY Z 95 57.22 -35.82 34.97
C GLY Z 95 56.15 -35.46 35.98
N ARG Z 96 55.09 -34.75 35.56
CA ARG Z 96 53.92 -34.52 36.39
C ARG Z 96 52.71 -35.31 35.92
N SER Z 97 52.61 -35.59 34.62
CA SER Z 97 51.64 -36.58 34.16
C SER Z 97 52.02 -37.97 34.67
N GLY Z 98 53.32 -38.24 34.71
CA GLY Z 98 53.85 -39.51 35.17
C GLY Z 98 53.21 -40.04 36.43
N PRO Z 99 53.52 -39.41 37.58
CA PRO Z 99 52.99 -39.89 38.86
C PRO Z 99 51.47 -40.04 38.91
N VAL Z 100 50.81 -39.85 37.77
CA VAL Z 100 49.36 -39.96 37.70
C VAL Z 100 48.95 -40.83 36.52
N ARG Z 101 49.79 -40.88 35.48
CA ARG Z 101 49.28 -41.41 34.21
C ARG Z 101 49.42 -42.91 34.08
N MET Z 102 50.49 -43.41 33.45
CA MET Z 102 50.43 -44.81 33.06
C MET Z 102 51.68 -45.64 33.39
N MET Z 103 52.85 -45.27 32.90
CA MET Z 103 54.02 -46.13 33.06
C MET Z 103 54.51 -46.23 34.50
N ASP Z 104 53.97 -45.42 35.41
CA ASP Z 104 54.80 -44.87 36.47
C ASP Z 104 54.66 -45.54 37.84
N ALA Z 105 53.69 -46.43 38.04
CA ALA Z 105 53.67 -47.19 39.28
C ALA Z 105 54.00 -48.65 39.02
N LEU Z 106 53.70 -49.13 37.82
CA LEU Z 106 53.87 -50.54 37.47
C LEU Z 106 55.27 -50.74 36.86
N ALA Z 107 55.98 -51.86 37.12
CA ALA Z 107 55.51 -53.26 37.28
C ALA Z 107 54.93 -53.64 35.92
N SER Z 108 55.83 -53.64 34.93
CA SER Z 108 55.54 -53.82 33.51
C SER Z 108 54.59 -52.75 33.00
N ALA Z 109 54.99 -52.09 31.91
CA ALA Z 109 54.25 -50.95 31.37
C ALA Z 109 53.03 -51.38 30.56
N THR Z 110 52.19 -52.25 31.12
CA THR Z 110 51.02 -52.74 30.43
C THR Z 110 49.74 -52.24 31.10
N PRO Z 111 48.74 -51.81 30.33
CA PRO Z 111 47.49 -51.15 30.79
C PRO Z 111 46.45 -52.12 31.35
N LYS Z 112 45.51 -51.64 32.16
CA LYS Z 112 45.42 -50.24 32.57
C LYS Z 112 46.35 -49.96 33.73
N LYS Z 113 46.99 -48.78 33.72
CA LYS Z 113 48.16 -48.54 34.55
C LYS Z 113 48.09 -47.12 35.12
N VAL Z 114 48.14 -46.99 36.44
CA VAL Z 114 47.96 -45.70 37.18
C VAL Z 114 46.76 -44.85 36.70
N TRP Z 115 46.46 -44.97 35.42
CA TRP Z 115 45.13 -45.14 34.79
C TRP Z 115 43.80 -44.46 35.11
N VAL Z 116 42.80 -45.30 34.80
CA VAL Z 116 41.37 -45.08 34.72
C VAL Z 116 40.72 -45.58 36.01
N LYS Z 117 39.59 -45.00 36.39
CA LYS Z 117 39.11 -45.20 37.76
C LYS Z 117 38.12 -46.35 37.93
N THR Z 118 36.83 -46.13 37.64
CA THR Z 118 35.79 -47.07 38.03
C THR Z 118 35.20 -47.81 36.84
N PHE Z 119 34.75 -49.04 37.09
CA PHE Z 119 34.10 -49.88 36.09
C PHE Z 119 32.84 -50.48 36.69
N SER Z 120 31.73 -50.41 35.96
CA SER Z 120 30.45 -50.91 36.43
C SER Z 120 29.59 -51.29 35.24
N GLU Z 121 29.11 -52.53 35.23
CA GLU Z 121 28.43 -53.11 34.07
C GLU Z 121 27.01 -53.52 34.43
N ASN Z 122 26.28 -53.97 33.40
CA ASN Z 122 24.94 -54.50 33.58
C ASN Z 122 24.59 -55.55 32.52
N ASN Z 123 25.59 -56.21 31.94
CA ASN Z 123 25.43 -57.26 30.94
C ASN Z 123 24.76 -56.76 29.66
N ASN Z 124 24.67 -55.45 29.49
CA ASN Z 124 24.23 -54.86 28.22
C ASN Z 124 25.10 -53.65 27.91
N ALA Z 125 25.46 -52.89 28.95
CA ALA Z 125 26.34 -51.74 28.80
C ALA Z 125 27.26 -51.65 30.01
N VAL Z 126 28.39 -50.99 29.81
CA VAL Z 126 29.32 -50.69 30.89
C VAL Z 126 29.44 -49.18 31.00
N SER Z 127 29.31 -48.67 32.23
CA SER Z 127 29.39 -47.24 32.50
C SER Z 127 30.67 -47.00 33.28
N ILE Z 128 31.72 -46.61 32.56
CA ILE Z 128 33.05 -46.55 33.13
C ILE Z 128 33.34 -45.15 33.64
N ASP Z 129 34.44 -45.01 34.37
CA ASP Z 129 34.87 -43.76 34.97
C ASP Z 129 36.39 -43.76 34.94
N GLY Z 130 37.01 -42.69 34.43
CA GLY Z 130 38.41 -42.77 34.06
C GLY Z 130 39.16 -41.46 34.14
N SER Z 131 40.39 -41.53 33.63
CA SER Z 131 41.37 -40.45 33.63
C SER Z 131 42.42 -40.76 32.58
N ALA Z 132 42.79 -39.75 31.78
CA ALA Z 132 43.75 -39.94 30.71
C ALA Z 132 44.76 -38.79 30.73
N VAL Z 133 45.73 -38.87 29.81
CA VAL Z 133 46.86 -37.94 29.89
C VAL Z 133 46.46 -36.54 29.45
N SER Z 134 45.61 -36.42 28.43
CA SER Z 134 45.35 -35.12 27.82
C SER Z 134 44.21 -35.27 26.82
N HIS Z 135 44.12 -34.30 25.92
CA HIS Z 135 43.19 -34.30 24.81
C HIS Z 135 43.61 -35.31 23.74
N ASP Z 136 44.65 -36.08 24.02
CA ASP Z 136 45.26 -36.98 23.05
C ASP Z 136 45.00 -38.44 23.36
N GLU Z 137 45.42 -38.93 24.52
CA GLU Z 137 45.19 -40.33 24.87
C GLU Z 137 43.73 -40.61 25.18
N VAL Z 138 42.96 -39.61 25.63
CA VAL Z 138 41.52 -39.80 25.70
C VAL Z 138 40.93 -39.78 24.31
N ALA Z 139 41.59 -39.10 23.37
CA ALA Z 139 41.16 -39.13 21.97
C ALA Z 139 41.55 -40.45 21.32
N GLU Z 140 42.74 -40.97 21.64
CA GLU Z 140 43.12 -42.29 21.16
C GLU Z 140 42.17 -43.36 21.69
N PHE Z 141 41.86 -43.29 23.00
CA PHE Z 141 40.95 -44.25 23.62
C PHE Z 141 39.54 -44.14 23.05
N MET Z 142 39.05 -42.91 22.90
CA MET Z 142 37.69 -42.74 22.38
C MET Z 142 37.60 -43.13 20.92
N ARG Z 143 38.68 -42.92 20.16
CA ARG Z 143 38.70 -43.38 18.77
C ARG Z 143 38.69 -44.90 18.70
N GLY Z 144 39.48 -45.55 19.55
CA GLY Z 144 39.51 -47.02 19.56
C GLY Z 144 38.17 -47.67 19.79
N LEU Z 145 37.17 -46.92 20.23
CA LEU Z 145 35.84 -47.45 20.48
C LEU Z 145 34.86 -47.03 19.39
N ASN Z 146 34.16 -45.92 19.60
CA ASN Z 146 33.06 -45.52 18.75
C ASN Z 146 32.69 -44.07 19.03
N GLY Z 147 31.86 -43.51 18.16
CA GLY Z 147 31.39 -42.14 18.21
C GLY Z 147 29.99 -42.04 17.64
N VAL Z 148 29.07 -41.45 18.41
CA VAL Z 148 27.64 -41.67 18.20
C VAL Z 148 26.90 -40.36 18.39
N VAL Z 149 25.83 -40.17 17.60
CA VAL Z 149 24.86 -39.10 17.83
C VAL Z 149 23.74 -39.69 18.68
N TRP Z 150 23.75 -39.39 19.97
CA TRP Z 150 22.73 -39.91 20.87
C TRP Z 150 21.55 -38.95 20.95
N THR Z 151 20.34 -39.51 21.11
CA THR Z 151 19.16 -38.66 21.06
C THR Z 151 18.25 -38.89 22.28
N PRO Z 152 17.12 -39.68 22.21
CA PRO Z 152 16.14 -39.55 23.29
C PRO Z 152 16.56 -40.29 24.55
N LYS Z 153 17.01 -39.56 25.55
CA LYS Z 153 17.52 -40.19 26.76
C LYS Z 153 16.40 -40.44 27.76
N GLY Z 154 16.45 -41.61 28.42
CA GLY Z 154 15.51 -41.93 29.47
C GLY Z 154 16.12 -41.75 30.83
N MET Z 155 15.41 -41.06 31.72
CA MET Z 155 15.89 -40.82 33.07
C MET Z 155 15.44 -41.95 33.99
N GLY Z 156 16.38 -42.47 34.79
CA GLY Z 156 16.09 -43.60 35.64
C GLY Z 156 16.65 -43.41 37.04
N ARG Z 157 16.14 -44.23 37.97
CA ARG Z 157 16.39 -44.07 39.39
C ARG Z 157 17.87 -44.26 39.76
N LEU Z 158 18.67 -44.78 38.84
CA LEU Z 158 20.12 -44.86 39.09
C LEU Z 158 20.79 -43.50 38.95
N VAL Z 159 20.32 -42.67 38.03
CA VAL Z 159 20.84 -41.31 37.89
C VAL Z 159 20.72 -40.56 39.21
N ASP Z 160 19.52 -40.58 39.80
CA ASP Z 160 19.30 -39.88 41.06
C ASP Z 160 20.09 -40.51 42.19
N ARG Z 161 20.27 -41.84 42.18
CA ARG Z 161 21.16 -42.48 43.13
C ARG Z 161 22.59 -42.02 42.97
N ARG Z 162 22.98 -41.56 41.78
CA ARG Z 162 24.27 -40.91 41.63
C ARG Z 162 24.23 -39.48 42.18
N ARG Z 163 23.13 -38.76 41.95
CA ARG Z 163 22.96 -37.45 42.55
C ARG Z 163 22.82 -37.55 44.07
N ASP Z 164 22.23 -38.64 44.56
CA ASP Z 164 22.11 -38.89 45.99
C ASP Z 164 23.42 -39.32 46.63
N SER Z 165 24.42 -39.71 45.83
CA SER Z 165 25.68 -40.29 46.30
C SER Z 165 25.42 -41.70 46.81
N LYS Z 166 24.19 -42.18 46.66
CA LYS Z 166 23.79 -43.44 47.27
C LYS Z 166 24.43 -44.66 46.60
N THR Z 167 24.89 -44.52 45.36
CA THR Z 167 25.68 -45.56 44.68
C THR Z 167 27.09 -44.99 44.49
N ALA Z 168 28.07 -45.66 45.10
CA ALA Z 168 29.36 -45.04 45.31
C ALA Z 168 30.12 -44.92 43.99
N ARG Z 169 30.33 -43.67 43.59
CA ARG Z 169 31.09 -43.24 42.39
C ARG Z 169 32.13 -41.67 42.43
N VAL Z 170 32.81 -41.13 41.36
CA VAL Z 170 33.46 -39.81 41.34
C VAL Z 170 32.57 -38.76 40.66
N GLU Z 171 31.66 -38.13 41.44
CA GLU Z 171 30.67 -37.17 40.95
C GLU Z 171 31.29 -35.88 40.36
N MET Z 172 32.55 -35.96 39.91
CA MET Z 172 33.00 -35.24 38.72
C MET Z 172 32.18 -35.62 37.49
N LEU Z 173 31.55 -36.79 37.52
CA LEU Z 173 30.96 -37.43 36.37
C LEU Z 173 29.54 -36.96 36.08
N THR Z 174 29.22 -36.80 34.80
CA THR Z 174 27.83 -36.78 34.38
C THR Z 174 27.20 -38.14 34.65
N SER Z 175 25.87 -38.21 34.56
CA SER Z 175 25.16 -39.39 35.02
C SER Z 175 24.76 -40.29 33.85
N ASP Z 176 23.61 -40.96 33.99
CA ASP Z 176 22.88 -41.63 32.90
C ASP Z 176 23.52 -42.91 32.40
N ALA Z 177 22.71 -43.73 31.71
CA ALA Z 177 23.12 -44.97 31.07
C ALA Z 177 21.97 -45.59 30.28
N THR Z 178 21.11 -44.76 29.69
CA THR Z 178 19.94 -45.26 28.96
C THR Z 178 19.59 -44.24 27.88
N ILE Z 179 19.65 -44.66 26.62
CA ILE Z 179 19.42 -43.74 25.50
C ILE Z 179 19.29 -44.54 24.20
N GLU Z 180 19.27 -43.84 23.06
CA GLU Z 180 19.20 -44.42 21.73
C GLU Z 180 20.28 -43.78 20.88
N GLU Z 181 21.07 -44.61 20.21
CA GLU Z 181 22.36 -44.20 19.65
C GLU Z 181 22.37 -44.32 18.13
N PHE Z 182 22.99 -43.33 17.46
CA PHE Z 182 23.22 -43.35 16.02
C PHE Z 182 24.70 -43.20 15.74
N PRO Z 183 25.30 -44.06 14.89
CA PRO Z 183 26.75 -44.03 14.73
C PRO Z 183 27.22 -42.85 13.91
N GLU Z 184 28.25 -42.18 14.42
CA GLU Z 184 28.98 -41.18 13.68
C GLU Z 184 30.29 -41.74 13.14
N ALA Z 185 31.19 -42.19 14.01
CA ALA Z 185 32.39 -42.87 13.56
C ALA Z 185 32.55 -44.12 14.41
N GLN Z 186 33.38 -45.04 13.94
CA GLN Z 186 33.51 -46.32 14.59
C GLN Z 186 34.91 -46.88 14.34
N VAL Z 187 35.41 -47.70 15.26
CA VAL Z 187 36.70 -48.36 15.05
C VAL Z 187 36.64 -49.80 15.57
N SER Z 188 36.07 -50.00 16.75
CA SER Z 188 35.86 -51.36 17.23
C SER Z 188 34.51 -51.86 16.72
N PRO Z 189 34.47 -52.89 15.87
CA PRO Z 189 33.17 -53.45 15.48
C PRO Z 189 32.45 -54.08 16.65
N PHE Z 190 33.10 -54.15 17.79
CA PHE Z 190 32.49 -54.84 18.93
C PHE Z 190 31.95 -53.86 19.95
N PHE Z 191 32.21 -52.58 19.77
CA PHE Z 191 31.90 -51.60 20.81
C PHE Z 191 31.06 -50.46 20.22
N LYS Z 192 29.97 -50.16 20.88
CA LYS Z 192 29.13 -49.01 20.60
C LYS Z 192 29.25 -48.07 21.80
N ASN Z 193 30.21 -47.15 21.74
CA ASN Z 193 30.31 -46.09 22.73
C ASN Z 193 29.22 -45.07 22.48
N ILE Z 194 28.55 -44.62 23.55
CA ILE Z 194 27.48 -43.66 23.35
C ILE Z 194 28.03 -42.26 23.17
N ASP Z 195 29.06 -41.90 23.94
CA ASP Z 195 29.72 -40.59 23.89
C ASP Z 195 30.71 -40.46 25.03
N LEU Z 196 31.74 -39.63 24.86
CA LEU Z 196 32.56 -39.20 25.98
C LEU Z 196 31.67 -38.31 26.85
N GLN Z 197 31.04 -38.94 27.86
CA GLN Z 197 30.02 -38.25 28.63
C GLN Z 197 30.55 -36.99 29.31
N THR Z 198 31.80 -37.03 29.80
CA THR Z 198 32.39 -35.78 30.29
C THR Z 198 33.91 -35.92 30.34
N ALA Z 199 34.57 -34.77 30.50
CA ALA Z 199 36.02 -34.72 30.63
C ALA Z 199 36.44 -33.36 31.17
N LYS Z 200 37.21 -33.39 32.25
CA LYS Z 200 37.67 -32.19 32.96
C LYS Z 200 39.11 -32.39 33.39
N GLN Z 201 40.00 -31.51 32.96
CA GLN Z 201 41.41 -31.60 33.34
C GLN Z 201 41.58 -31.12 34.77
N VAL Z 202 41.85 -32.05 35.68
CA VAL Z 202 42.00 -31.75 37.11
C VAL Z 202 43.47 -31.43 37.39
N GLY Z 203 43.73 -30.20 37.86
CA GLY Z 203 45.10 -29.73 37.99
C GLY Z 203 45.77 -30.13 39.29
N GLY Z 204 45.05 -30.07 40.40
CA GLY Z 204 45.64 -30.37 41.69
C GLY Z 204 45.90 -29.13 42.51
N ALA Z 205 46.91 -29.22 43.39
CA ALA Z 205 47.22 -28.13 44.30
C ALA Z 205 48.68 -28.25 44.72
N GLN Z 206 49.08 -27.40 45.67
CA GLN Z 206 50.45 -27.40 46.17
C GLN Z 206 50.78 -28.68 46.93
N VAL Z 207 49.76 -29.43 47.36
CA VAL Z 207 50.02 -30.72 48.02
C VAL Z 207 50.35 -31.80 47.00
N GLY Z 208 49.97 -31.63 45.73
CA GLY Z 208 50.29 -32.63 44.73
C GLY Z 208 49.53 -32.49 43.43
N VAL Z 209 49.97 -33.22 42.41
CA VAL Z 209 49.38 -33.15 41.08
C VAL Z 209 48.45 -34.32 40.78
N PRO Z 210 47.50 -34.10 39.86
CA PRO Z 210 47.20 -35.11 38.84
C PRO Z 210 47.40 -34.53 37.43
N ILE Z 211 46.90 -33.31 37.21
CA ILE Z 211 47.06 -32.55 35.97
C ILE Z 211 46.36 -33.25 34.80
N LEU Z 212 46.01 -34.52 34.97
CA LEU Z 212 45.44 -35.30 33.88
C LEU Z 212 44.00 -34.84 33.58
N VAL Z 213 43.41 -35.49 32.58
CA VAL Z 213 42.03 -35.19 32.19
C VAL Z 213 41.14 -36.32 32.72
N GLU Z 214 40.42 -36.03 33.79
CA GLU Z 214 39.39 -36.93 34.28
C GLU Z 214 38.30 -37.05 33.22
N PHE Z 215 37.65 -38.21 33.11
CA PHE Z 215 36.63 -38.36 32.08
C PHE Z 215 35.63 -39.45 32.47
N LYS Z 216 34.53 -39.49 31.72
CA LYS Z 216 33.52 -40.54 31.85
C LYS Z 216 32.91 -40.88 30.50
N ILE Z 217 32.72 -42.19 30.29
CA ILE Z 217 32.22 -42.80 29.07
C ILE Z 217 31.27 -43.93 29.46
N THR Z 218 30.24 -44.14 28.63
CA THR Z 218 29.37 -45.30 28.72
C THR Z 218 29.29 -45.96 27.35
N MET Z 219 29.35 -47.30 27.34
CA MET Z 219 29.52 -48.04 26.11
C MET Z 219 28.81 -49.39 26.21
N THR Z 220 27.89 -49.66 25.29
CA THR Z 220 27.35 -51.00 25.14
C THR Z 220 28.20 -51.79 24.14
N SER Z 221 28.68 -52.96 24.58
CA SER Z 221 29.64 -53.80 23.84
C SER Z 221 28.98 -54.45 22.63
N ASN Z 222 29.30 -55.73 22.36
CA ASN Z 222 28.58 -56.47 21.32
C ASN Z 222 28.49 -57.95 21.70
N TYR Z 223 27.41 -58.59 21.26
CA TYR Z 223 27.10 -59.96 21.65
C TYR Z 223 25.67 -60.08 22.14
N MET AA 1 120.20 37.23 -41.88
CA MET AA 1 119.62 38.58 -41.91
C MET AA 1 119.80 39.17 -40.50
N ASP AA 2 120.98 39.75 -40.31
CA ASP AA 2 121.87 39.62 -39.16
C ASP AA 2 121.41 40.21 -37.83
N LYS AA 3 120.87 41.42 -37.88
CA LYS AA 3 120.71 42.18 -36.65
C LYS AA 3 119.78 41.45 -35.71
N TYR AA 4 119.23 40.33 -36.17
CA TYR AA 4 118.21 39.60 -35.45
C TYR AA 4 118.79 38.41 -34.66
N LEU AA 5 119.95 37.85 -35.06
CA LEU AA 5 120.65 37.02 -34.07
C LEU AA 5 121.44 37.90 -33.13
N ASP AA 6 121.68 39.15 -33.53
CA ASP AA 6 122.22 39.99 -32.48
C ASP AA 6 121.14 40.29 -31.44
N GLN AA 7 119.90 40.51 -31.89
CA GLN AA 7 118.83 40.76 -30.94
C GLN AA 7 118.43 39.49 -30.22
N PHE AA 8 118.57 38.34 -30.88
CA PHE AA 8 118.14 37.07 -30.28
C PHE AA 8 119.16 36.58 -29.27
N VAL AA 9 120.44 36.95 -29.45
CA VAL AA 9 121.47 36.67 -28.45
C VAL AA 9 121.45 37.67 -27.30
N LYS AA 10 120.92 38.87 -27.52
CA LYS AA 10 120.91 39.91 -26.48
C LYS AA 10 119.77 39.85 -25.46
N ALA AA 11 118.72 40.64 -25.71
CA ALA AA 11 117.56 40.91 -24.84
C ALA AA 11 117.81 42.16 -23.99
N PRO AA 12 116.70 42.86 -23.63
CA PRO AA 12 116.32 43.42 -22.31
C PRO AA 12 114.75 43.43 -22.07
N PRO AA 13 113.96 44.57 -22.20
CA PRO AA 13 112.58 44.49 -21.70
C PRO AA 13 111.71 43.49 -22.45
N ALA AA 14 111.81 43.47 -23.79
CA ALA AA 14 110.94 42.61 -24.59
C ALA AA 14 111.12 41.14 -24.20
N ILE AA 15 112.36 40.75 -23.88
CA ILE AA 15 112.65 39.34 -23.61
C ILE AA 15 112.52 39.03 -22.12
N LYS AA 16 112.71 40.01 -21.25
CA LYS AA 16 112.33 39.80 -19.85
C LYS AA 16 110.83 39.58 -19.73
N PHE AA 17 110.04 40.43 -20.38
CA PHE AA 17 108.60 40.22 -20.48
C PHE AA 17 108.31 38.85 -21.11
N GLY AA 18 108.98 38.53 -22.22
CA GLY AA 18 108.76 37.24 -22.86
C GLY AA 18 108.99 36.07 -21.92
N GLY AA 19 110.13 36.06 -21.24
CA GLY AA 19 110.43 34.99 -20.30
C GLY AA 19 109.40 34.89 -19.18
N LEU AA 20 109.02 36.03 -18.60
CA LEU AA 20 107.91 36.02 -17.64
C LEU AA 20 106.68 35.34 -18.24
N ALA AA 21 106.41 35.59 -19.52
CA ALA AA 21 105.21 35.04 -20.15
C ALA AA 21 105.29 33.54 -20.35
N PHE AA 22 106.44 33.05 -20.82
CA PHE AA 22 106.61 31.60 -20.96
C PHE AA 22 106.51 30.91 -19.60
N VAL AA 23 107.04 31.56 -18.56
CA VAL AA 23 106.96 30.99 -17.22
C VAL AA 23 105.50 30.89 -16.76
N VAL AA 24 104.73 31.97 -16.91
CA VAL AA 24 103.34 31.94 -16.44
C VAL AA 24 102.53 30.95 -17.28
N GLY AA 25 102.86 30.81 -18.56
CA GLY AA 25 102.23 29.77 -19.36
C GLY AA 25 102.52 28.38 -18.85
N ALA AA 26 103.77 28.10 -18.51
CA ALA AA 26 104.12 26.81 -17.92
C ALA AA 26 103.35 26.58 -16.62
N LEU AA 27 103.29 27.60 -15.75
CA LEU AA 27 102.61 27.43 -14.47
C LEU AA 27 101.12 27.18 -14.66
N THR AA 28 100.50 27.83 -15.65
CA THR AA 28 99.09 27.58 -15.91
C THR AA 28 98.86 26.18 -16.47
N ALA AA 29 99.73 25.71 -17.36
CA ALA AA 29 99.69 24.31 -17.75
C ALA AA 29 99.74 23.39 -16.52
N ALA AA 30 100.65 23.70 -15.59
CA ALA AA 30 100.82 22.88 -14.40
C ALA AA 30 99.55 22.86 -13.54
N ASN AA 31 98.94 24.03 -13.30
CA ASN AA 31 97.78 24.04 -12.41
C ASN AA 31 96.55 23.45 -13.11
N PHE AA 32 96.46 23.57 -14.43
CA PHE AA 32 95.37 22.90 -15.13
C PHE AA 32 95.51 21.38 -15.06
N PHE AA 33 96.73 20.86 -15.21
CA PHE AA 33 96.92 19.44 -14.99
C PHE AA 33 96.59 19.06 -13.54
N MET AA 34 96.97 19.93 -12.60
CA MET AA 34 96.71 19.69 -11.18
C MET AA 34 95.26 19.93 -10.78
N VAL AA 35 94.40 20.37 -11.71
CA VAL AA 35 92.96 20.29 -11.46
C VAL AA 35 92.33 19.17 -12.29
N ILE AA 36 93.02 18.67 -13.31
CA ILE AA 36 92.49 17.53 -14.04
C ILE AA 36 92.69 16.24 -13.25
N GLN AA 37 93.82 16.11 -12.55
CA GLN AA 37 94.07 14.89 -11.78
C GLN AA 37 93.07 14.69 -10.64
N PRO AA 38 92.72 15.70 -9.82
CA PRO AA 38 91.69 15.46 -8.79
C PRO AA 38 90.35 15.06 -9.37
N THR AA 39 90.08 15.40 -10.64
CA THR AA 39 88.90 14.90 -11.31
C THR AA 39 88.93 13.38 -11.41
N GLU AA 40 90.00 12.84 -11.99
CA GLU AA 40 90.12 11.38 -12.12
C GLU AA 40 90.07 10.70 -10.77
N GLU AA 41 90.87 11.18 -9.82
CA GLU AA 41 90.82 10.63 -8.46
C GLU AA 41 89.41 10.66 -7.91
N GLU AA 42 88.67 11.73 -8.21
CA GLU AA 42 87.33 11.91 -7.65
C GLU AA 42 86.33 10.92 -8.26
N ILE AA 43 86.41 10.73 -9.58
CA ILE AA 43 85.60 9.70 -10.22
C ILE AA 43 85.92 8.33 -9.63
N GLY AA 44 87.20 8.09 -9.33
CA GLY AA 44 87.58 6.85 -8.68
C GLY AA 44 86.90 6.65 -7.34
N TRP AA 45 86.99 7.66 -6.45
CA TRP AA 45 86.33 7.55 -5.15
C TRP AA 45 84.82 7.37 -5.31
N ALA AA 46 84.23 7.97 -6.36
CA ALA AA 46 82.84 7.70 -6.67
C ALA AA 46 82.60 6.21 -6.94
N VAL AA 47 83.41 5.64 -7.83
CA VAL AA 47 83.24 4.22 -8.18
C VAL AA 47 83.42 3.32 -6.95
N ALA AA 48 84.30 3.69 -6.03
CA ALA AA 48 84.44 2.91 -4.80
C ALA AA 48 83.20 3.04 -3.92
N GLU AA 49 82.81 4.27 -3.62
CA GLU AA 49 81.68 4.51 -2.72
C GLU AA 49 80.41 3.82 -3.21
N ARG AA 50 80.09 3.96 -4.49
CA ARG AA 50 78.91 3.31 -5.03
C ARG AA 50 78.99 1.79 -4.86
N ARG AA 51 80.18 1.21 -5.05
CA ARG AA 51 80.35 -0.22 -4.81
C ARG AA 51 80.16 -0.57 -3.34
N LYS AA 52 80.35 0.38 -2.43
CA LYS AA 52 80.00 0.11 -1.04
C LYS AA 52 78.50 0.19 -0.80
N LEU AA 53 77.84 1.19 -1.39
CA LEU AA 53 76.38 1.27 -1.38
C LEU AA 53 75.75 -0.04 -1.81
N ASP AA 54 76.21 -0.58 -2.94
CA ASP AA 54 75.55 -1.74 -3.54
C ASP AA 54 75.77 -3.04 -2.75
N LEU AA 55 76.91 -3.18 -2.06
CA LEU AA 55 77.11 -4.34 -1.20
C LEU AA 55 76.31 -4.21 0.09
N GLU AA 56 76.26 -3.00 0.66
CA GLU AA 56 75.42 -2.77 1.83
C GLU AA 56 73.96 -3.09 1.53
N LEU AA 57 73.48 -2.74 0.33
CA LEU AA 57 72.13 -3.11 -0.05
C LEU AA 57 71.94 -4.62 -0.08
N ALA AA 58 72.99 -5.39 -0.36
CA ALA AA 58 72.90 -6.85 -0.23
C ALA AA 58 72.75 -7.24 1.23
N ASP AA 59 73.58 -6.65 2.10
CA ASP AA 59 73.49 -6.96 3.53
C ASP AA 59 72.10 -6.65 4.09
N LYS AA 60 71.45 -5.58 3.62
CA LYS AA 60 70.14 -5.23 4.18
C LYS AA 60 69.10 -6.30 3.89
N SER AA 61 69.04 -6.79 2.66
CA SER AA 61 68.09 -7.86 2.34
C SER AA 61 68.43 -9.14 3.08
N GLU AA 62 69.73 -9.49 3.16
CA GLU AA 62 70.12 -10.69 3.88
C GLU AA 62 69.63 -10.64 5.32
N ILE AA 63 69.91 -9.54 6.02
CA ILE AA 63 69.58 -9.52 7.44
C ILE AA 63 68.09 -9.31 7.67
N ALA AA 64 67.38 -8.66 6.75
CA ALA AA 64 65.93 -8.59 6.86
C ALA AA 64 65.31 -9.97 6.73
N GLN AA 65 65.80 -10.78 5.80
CA GLN AA 65 65.32 -12.15 5.68
C GLN AA 65 65.65 -12.95 6.94
N ASN AA 66 66.84 -12.77 7.51
CA ASN AA 66 67.15 -13.44 8.77
C ASN AA 66 66.23 -12.99 9.90
N LEU AA 67 65.82 -11.71 9.91
CA LEU AA 67 64.82 -11.24 10.86
C LEU AA 67 63.51 -11.98 10.69
N ASN AA 68 63.01 -12.06 9.45
CA ASN AA 68 61.76 -12.78 9.21
C ASN AA 68 61.84 -14.22 9.69
N GLU AA 69 62.96 -14.90 9.41
CA GLU AA 69 63.12 -16.26 9.89
C GLU AA 69 63.13 -16.32 11.41
N ARG AA 70 63.76 -15.35 12.07
CA ARG AA 70 63.55 -15.23 13.51
C ARG AA 70 62.07 -15.25 13.81
N ARG AA 71 61.39 -14.12 13.59
CA ARG AA 71 60.00 -13.93 13.97
C ARG AA 71 59.25 -15.25 13.82
N ARG AA 72 59.37 -15.82 12.62
CA ARG AA 72 58.79 -17.11 12.30
C ARG AA 72 59.07 -18.15 13.37
N GLU AA 73 60.31 -18.24 13.84
CA GLU AA 73 60.54 -19.32 14.79
C GLU AA 73 60.68 -18.90 16.26
N MET AA 74 61.43 -17.83 16.52
CA MET AA 74 61.51 -17.29 17.88
C MET AA 74 60.14 -17.05 18.47
N ASP AA 75 59.21 -16.48 17.70
CA ASP AA 75 57.87 -16.44 18.24
C ASP AA 75 57.39 -17.84 18.59
N VAL AA 76 57.35 -18.76 17.62
CA VAL AA 76 56.76 -20.09 17.85
C VAL AA 76 57.28 -20.72 19.14
N LEU AA 77 58.59 -20.63 19.39
CA LEU AA 77 59.07 -21.14 20.66
C LEU AA 77 58.68 -20.25 21.84
N GLU AA 78 58.30 -18.98 21.58
CA GLU AA 78 57.76 -18.15 22.66
C GLU AA 78 56.44 -18.75 23.11
N GLN AA 79 55.88 -19.65 22.30
CA GLN AA 79 54.80 -20.55 22.69
C GLN AA 79 55.29 -21.83 23.33
N LYS AA 80 56.33 -22.46 22.77
CA LYS AA 80 56.77 -23.73 23.30
C LYS AA 80 57.20 -23.60 24.78
N LEU AA 81 58.41 -23.12 25.04
CA LEU AA 81 58.70 -22.71 26.42
C LEU AA 81 58.03 -21.39 26.54
N SER AA 82 58.86 -20.44 26.16
CA SER AA 82 58.55 -19.09 25.79
C SER AA 82 59.93 -18.68 25.32
N GLU AA 83 60.23 -17.42 25.01
CA GLU AA 83 61.55 -17.27 24.42
C GLU AA 83 62.46 -16.27 25.12
N ALA AA 84 62.78 -15.19 24.43
CA ALA AA 84 63.72 -14.23 24.96
C ALA AA 84 63.16 -13.53 26.18
N LEU AA 85 63.58 -12.29 26.33
CA LEU AA 85 62.70 -11.32 26.92
C LEU AA 85 61.81 -10.94 25.76
N THR AA 86 62.35 -10.10 24.87
CA THR AA 86 61.48 -9.35 23.96
C THR AA 86 62.28 -8.31 23.18
N GLU AA 87 61.77 -7.99 21.99
CA GLU AA 87 61.76 -6.63 21.49
C GLU AA 87 60.30 -6.24 21.60
N LEU AA 88 59.52 -7.32 21.51
CA LEU AA 88 58.10 -7.37 21.19
C LEU AA 88 57.29 -6.11 21.02
N PRO AA 89 56.64 -6.02 19.85
CA PRO AA 89 55.41 -5.26 19.81
C PRO AA 89 54.35 -6.09 20.54
N GLU AA 90 54.11 -7.31 20.03
CA GLU AA 90 52.95 -8.17 20.36
C GLU AA 90 51.63 -7.39 20.54
N GLN AA 91 51.72 -6.07 20.77
CA GLN AA 91 50.63 -5.15 20.50
C GLN AA 91 50.06 -5.33 19.11
N ARG AA 92 50.87 -5.83 18.16
CA ARG AA 92 50.43 -6.17 16.82
C ARG AA 92 50.41 -7.68 16.62
N ASP AA 93 50.16 -8.43 17.69
CA ASP AA 93 50.13 -9.88 17.62
C ASP AA 93 49.09 -10.50 18.55
N ILE AA 94 48.26 -9.71 19.22
CA ILE AA 94 47.22 -10.26 20.10
C ILE AA 94 45.88 -10.30 19.39
N GLU AA 95 45.50 -9.18 18.76
CA GLU AA 95 44.23 -9.15 18.04
C GLU AA 95 44.23 -10.12 16.87
N GLU AA 96 45.41 -10.34 16.26
CA GLU AA 96 45.51 -11.35 15.21
C GLU AA 96 45.39 -12.75 15.80
N LEU AA 97 45.81 -12.92 17.06
CA LEU AA 97 45.63 -14.21 17.74
C LEU AA 97 44.15 -14.48 17.99
N LEU AA 98 43.42 -13.48 18.50
CA LEU AA 98 41.97 -13.63 18.67
C LEU AA 98 41.28 -13.91 17.33
N ALA AA 99 41.66 -13.16 16.30
CA ALA AA 99 41.05 -13.34 14.99
C ALA AA 99 41.30 -14.75 14.45
N GLN AA 100 42.55 -15.23 14.52
CA GLN AA 100 42.85 -16.56 14.01
C GLN AA 100 42.20 -17.65 14.85
N ILE AA 101 42.04 -17.42 16.15
CA ILE AA 101 41.27 -18.36 16.98
C ILE AA 101 39.84 -18.43 16.47
N ASN AA 102 39.24 -17.28 16.16
CA ASN AA 102 37.90 -17.27 15.58
C ASN AA 102 37.86 -18.01 14.25
N ASP AA 103 38.88 -17.84 13.42
CA ASP AA 103 38.88 -18.49 12.11
C ASP AA 103 39.00 -20.00 12.23
N ILE AA 104 39.96 -20.49 13.02
CA ILE AA 104 40.10 -21.93 13.20
C ILE AA 104 38.87 -22.51 13.88
N GLY AA 105 38.19 -21.71 14.71
CA GLY AA 105 36.92 -22.16 15.26
C GLY AA 105 35.84 -22.29 14.20
N LYS AA 106 35.79 -21.33 13.27
CA LYS AA 106 34.75 -21.34 12.25
C LYS AA 106 34.96 -22.48 11.25
N LYS AA 107 36.20 -22.69 10.82
CA LYS AA 107 36.45 -23.77 9.86
C LYS AA 107 36.39 -25.15 10.50
N SER AA 108 36.43 -25.23 11.83
CA SER AA 108 36.16 -26.49 12.52
C SER AA 108 34.68 -26.72 12.78
N GLY AA 109 33.83 -25.73 12.46
CA GLY AA 109 32.39 -25.87 12.63
C GLY AA 109 31.87 -25.53 14.00
N LEU AA 110 32.69 -24.99 14.89
CA LEU AA 110 32.28 -24.72 16.26
C LEU AA 110 31.64 -23.34 16.39
N GLU AA 111 30.66 -23.25 17.27
CA GLU AA 111 30.09 -21.96 17.66
C GLU AA 111 30.94 -21.38 18.78
N LEU AA 112 31.57 -20.24 18.53
CA LEU AA 112 32.40 -19.57 19.54
C LEU AA 112 31.48 -18.80 20.46
N SER AA 113 31.09 -19.44 21.58
CA SER AA 113 30.13 -18.82 22.48
C SER AA 113 30.75 -17.71 23.32
N SER AA 114 32.05 -17.77 23.61
CA SER AA 114 32.68 -16.69 24.36
C SER AA 114 34.19 -16.80 24.25
N VAL AA 115 34.86 -15.68 23.96
CA VAL AA 115 36.30 -15.57 24.11
C VAL AA 115 36.55 -14.48 25.15
N THR AA 116 37.32 -14.81 26.18
CA THR AA 116 37.56 -13.91 27.28
C THR AA 116 39.05 -13.77 27.50
N PRO AA 117 39.64 -12.58 27.33
CA PRO AA 117 41.07 -12.43 27.66
C PRO AA 117 41.27 -12.61 29.16
N GLY AA 118 42.53 -12.52 29.59
CA GLY AA 118 42.87 -12.62 31.00
C GLY AA 118 43.59 -11.38 31.49
N LYS AA 119 44.20 -11.52 32.65
CA LYS AA 119 45.13 -10.52 33.18
C LYS AA 119 46.55 -11.03 32.98
N GLU AA 120 47.46 -10.10 32.72
CA GLU AA 120 48.85 -10.50 32.61
C GLU AA 120 49.35 -10.98 33.96
N SER AA 121 50.14 -12.05 33.94
CA SER AA 121 50.64 -12.67 35.16
C SER AA 121 51.90 -11.94 35.58
N VAL AA 122 51.72 -10.93 36.42
CA VAL AA 122 52.83 -10.07 36.84
C VAL AA 122 53.89 -10.87 37.58
N GLY AA 123 53.48 -11.96 38.22
CA GLY AA 123 54.41 -12.83 38.92
C GLY AA 123 54.54 -14.16 38.22
N GLY AA 124 54.30 -14.17 36.91
CA GLY AA 124 54.41 -15.40 36.15
C GLY AA 124 55.71 -15.47 35.37
N GLY AA 125 56.66 -14.60 35.70
CA GLY AA 125 57.94 -14.58 35.03
C GLY AA 125 58.66 -13.26 35.15
N GLU AA 126 59.99 -13.31 35.20
CA GLU AA 126 60.78 -12.09 35.30
C GLU AA 126 60.95 -11.42 33.94
N PHE AA 127 60.99 -12.21 32.87
CA PHE AA 127 61.24 -11.69 31.52
C PHE AA 127 59.98 -11.65 30.66
N PHE AA 128 58.80 -11.86 31.24
CA PHE AA 128 57.60 -11.96 30.41
C PHE AA 128 56.37 -11.85 31.29
N ALA AA 129 55.37 -11.13 30.79
CA ALA AA 129 54.03 -11.12 31.37
C ALA AA 129 53.16 -12.05 30.52
N ARG AA 130 52.66 -13.12 31.13
CA ARG AA 130 51.78 -14.04 30.43
C ARG AA 130 50.35 -13.53 30.45
N ILE AA 131 49.75 -13.37 29.27
CA ILE AA 131 48.34 -13.05 29.14
C ILE AA 131 47.61 -14.34 28.78
N PRO AA 132 46.71 -14.84 29.63
CA PRO AA 132 45.92 -16.02 29.27
C PRO AA 132 44.62 -15.63 28.60
N ILE AA 133 44.16 -16.50 27.71
CA ILE AA 133 42.91 -16.31 26.99
C ILE AA 133 42.08 -17.57 27.18
N LYS AA 134 40.87 -17.41 27.70
CA LYS AA 134 39.95 -18.52 27.91
C LYS AA 134 38.93 -18.53 26.79
N MET AA 135 38.91 -19.60 26.00
CA MET AA 135 38.02 -19.73 24.86
C MET AA 135 36.94 -20.76 25.16
N THR AA 136 35.76 -20.50 24.62
CA THR AA 136 34.53 -21.21 24.97
C THR AA 136 33.75 -21.45 23.67
N VAL AA 137 33.87 -22.67 23.15
CA VAL AA 137 33.33 -23.06 21.85
C VAL AA 137 32.53 -24.34 22.04
N SER AA 138 31.48 -24.53 21.23
CA SER AA 138 30.60 -25.68 21.39
C SER AA 138 30.48 -26.45 20.08
N GLY AA 139 30.39 -27.77 20.17
CA GLY AA 139 30.20 -28.58 18.97
C GLY AA 139 30.39 -30.06 19.28
N ASN AA 140 30.99 -30.76 18.31
CA ASN AA 140 31.22 -32.19 18.39
C ASN AA 140 32.62 -32.49 18.93
N TYR AA 141 32.77 -33.69 19.51
CA TYR AA 141 34.07 -34.09 20.05
C TYR AA 141 35.15 -34.05 18.97
N HIS AA 142 34.85 -34.57 17.79
CA HIS AA 142 35.79 -34.51 16.66
C HIS AA 142 36.14 -33.07 16.34
N GLU AA 143 35.17 -32.16 16.42
CA GLU AA 143 35.39 -30.78 16.04
C GLU AA 143 36.17 -30.02 17.10
N ILE AA 144 36.04 -30.40 18.37
CA ILE AA 144 36.80 -29.70 19.40
C ILE AA 144 38.23 -30.22 19.47
N ALA AA 145 38.42 -31.54 19.28
CA ALA AA 145 39.78 -32.04 19.09
C ALA AA 145 40.43 -31.37 17.88
N LEU AA 146 39.65 -31.15 16.83
CA LEU AA 146 40.14 -30.45 15.64
C LEU AA 146 40.54 -29.01 15.97
N PHE AA 147 39.66 -28.26 16.62
CA PHE AA 147 39.95 -26.89 17.03
C PHE AA 147 41.22 -26.82 17.85
N LEU AA 148 41.37 -27.73 18.82
CA LEU AA 148 42.55 -27.75 19.67
C LEU AA 148 43.81 -28.03 18.86
N GLN AA 149 43.78 -29.08 18.03
CA GLN AA 149 44.99 -29.42 17.27
C GLN AA 149 45.37 -28.32 16.28
N GLU AA 150 44.38 -27.60 15.73
CA GLU AA 150 44.69 -26.49 14.86
C GLU AA 150 45.33 -25.34 15.63
N MET AA 151 44.81 -25.03 16.84
CA MET AA 151 45.46 -23.99 17.63
C MET AA 151 46.86 -24.41 18.08
N ALA AA 152 47.08 -25.72 18.21
CA ALA AA 152 48.39 -26.25 18.57
C ALA AA 152 49.32 -26.39 17.37
N ASN AA 153 48.81 -26.19 16.16
CA ASN AA 153 49.62 -26.13 14.95
C ASN AA 153 49.76 -24.71 14.40
N MET AA 154 49.35 -23.69 15.16
CA MET AA 154 49.38 -22.33 14.67
C MET AA 154 50.81 -21.78 14.68
N ARG AA 155 51.02 -20.70 13.92
CA ARG AA 155 52.28 -20.00 13.86
C ARG AA 155 52.42 -18.92 14.94
N ARG AA 156 51.52 -18.92 15.92
CA ARG AA 156 51.55 -17.90 16.97
C ARG AA 156 51.53 -18.58 18.33
N ILE AA 157 51.44 -17.76 19.37
CA ILE AA 157 51.97 -18.10 20.69
C ILE AA 157 50.84 -18.51 21.61
N VAL AA 158 50.01 -19.43 21.14
CA VAL AA 158 48.82 -19.82 21.89
C VAL AA 158 49.05 -21.20 22.50
N ASN AA 159 49.77 -21.25 23.62
CA ASN AA 159 50.04 -22.51 24.30
C ASN AA 159 48.81 -22.97 25.07
N VAL AA 160 48.06 -23.90 24.49
CA VAL AA 160 46.87 -24.41 25.15
C VAL AA 160 47.27 -25.37 26.26
N ASN AA 161 46.61 -25.25 27.41
CA ASN AA 161 46.95 -26.06 28.57
C ASN AA 161 45.73 -26.77 29.14
N ASN AA 162 45.14 -26.20 30.21
CA ASN AA 162 44.06 -26.87 30.92
C ASN AA 162 42.79 -26.85 30.08
N ILE AA 163 42.29 -28.05 29.73
CA ILE AA 163 41.13 -28.20 28.85
C ILE AA 163 39.96 -28.74 29.65
N LYS AA 164 38.73 -28.34 29.25
CA LYS AA 164 37.53 -29.00 29.76
C LYS AA 164 36.43 -28.99 28.70
N PHE AA 165 35.44 -29.88 28.89
CA PHE AA 165 34.23 -29.88 28.08
C PHE AA 165 33.20 -30.84 28.69
N ASP AA 166 31.93 -30.60 28.37
CA ASP AA 166 30.82 -31.34 28.94
C ASP AA 166 29.62 -31.23 28.00
N SER AA 167 28.56 -31.98 28.32
CA SER AA 167 27.36 -32.01 27.50
C SER AA 167 26.46 -30.84 27.88
N ALA AA 168 26.20 -29.95 26.92
CA ALA AA 168 25.54 -28.70 27.22
C ALA AA 168 24.03 -28.81 27.33
N LYS AA 169 23.46 -29.97 26.97
CA LYS AA 169 22.01 -30.14 26.98
C LYS AA 169 21.58 -30.70 28.33
N LEU AA 170 20.72 -29.95 29.02
CA LEU AA 170 20.11 -30.42 30.27
C LEU AA 170 19.54 -31.82 30.12
N LYS AA 171 18.38 -31.92 29.44
CA LYS AA 171 17.67 -33.18 29.29
C LYS AA 171 18.49 -34.23 28.55
N ASN AA 172 19.54 -33.80 27.85
CA ASN AA 172 20.33 -34.67 26.98
C ASN AA 172 19.43 -35.30 25.93
N GLU AA 173 18.97 -34.50 24.97
CA GLU AA 173 18.14 -34.99 23.88
C GLU AA 173 18.86 -34.97 22.54
N LYS AA 174 19.98 -34.25 22.42
CA LYS AA 174 20.82 -34.28 21.25
C LYS AA 174 22.27 -34.13 21.68
N VAL AA 175 23.19 -34.65 20.87
CA VAL AA 175 24.60 -34.57 21.19
C VAL AA 175 25.08 -33.13 21.00
N VAL AA 176 25.81 -32.63 21.99
CA VAL AA 176 26.40 -31.29 21.94
C VAL AA 176 27.37 -31.16 23.12
N LEU AA 177 28.57 -30.67 22.84
CA LEU AA 177 29.62 -30.54 23.84
C LEU AA 177 30.07 -29.09 23.90
N GLN AA 178 29.74 -28.41 25.00
CA GLN AA 178 30.37 -27.14 25.33
C GLN AA 178 31.78 -27.41 25.82
N SER AA 179 32.73 -26.67 25.27
CA SER AA 179 34.15 -26.86 25.54
C SER AA 179 34.78 -25.53 25.93
N GLU AA 180 35.59 -25.57 26.99
CA GLU AA 180 36.32 -24.40 27.48
C GLU AA 180 37.80 -24.77 27.54
N PHE AA 181 38.59 -24.16 26.68
CA PHE AA 181 40.03 -24.38 26.62
C PHE AA 181 40.74 -23.12 27.11
N GLN AA 182 41.84 -23.30 27.85
CA GLN AA 182 42.66 -22.19 28.32
C GLN AA 182 43.96 -22.18 27.52
N ALA AA 183 44.30 -21.02 26.96
CA ALA AA 183 45.47 -20.90 26.09
C ALA AA 183 46.04 -19.50 26.17
N THR AA 184 47.36 -19.42 26.38
CA THR AA 184 47.99 -18.17 26.78
C THR AA 184 49.16 -17.82 25.87
N THR AA 185 49.43 -16.52 25.75
CA THR AA 185 50.61 -16.03 25.05
C THR AA 185 51.43 -15.14 25.98
N PHE AA 186 52.73 -15.07 25.73
CA PHE AA 186 53.63 -14.46 26.71
C PHE AA 186 54.20 -13.14 26.20
N ARG AA 187 53.52 -12.03 26.48
CA ARG AA 187 54.08 -10.72 26.19
C ARG AA 187 55.28 -10.47 27.09
N PHE AA 188 55.97 -9.33 26.92
CA PHE AA 188 57.07 -9.03 27.82
C PHE AA 188 56.60 -8.37 29.10
N VAL AA 189 57.53 -8.03 29.98
CA VAL AA 189 57.19 -7.40 31.26
C VAL AA 189 56.76 -5.94 31.05
N ALA BA 37 113.56 63.22 -17.02
CA ALA BA 37 113.67 63.63 -15.63
C ALA BA 37 115.12 64.02 -15.32
N LYS BA 38 115.36 65.17 -14.65
CA LYS BA 38 116.68 65.79 -14.62
C LYS BA 38 117.72 65.01 -13.87
N GLY BA 39 118.60 64.36 -14.62
CA GLY BA 39 119.97 64.13 -14.21
C GLY BA 39 120.87 64.86 -15.20
N LYS BA 40 122.15 65.01 -14.88
CA LYS BA 40 123.11 65.32 -15.93
C LYS BA 40 123.47 63.95 -16.49
N LEU BA 41 123.15 63.71 -17.76
CA LEU BA 41 123.27 62.37 -18.34
C LEU BA 41 124.75 62.03 -18.57
N VAL BA 42 125.04 61.17 -19.56
CA VAL BA 42 126.46 61.02 -19.96
C VAL BA 42 126.58 61.04 -21.47
N LEU BA 43 127.81 60.86 -21.95
CA LEU BA 43 128.07 60.87 -23.39
C LEU BA 43 129.16 59.89 -23.80
N GLY BA 44 128.79 58.92 -24.62
CA GLY BA 44 129.76 58.06 -25.27
C GLY BA 44 129.99 58.45 -26.71
N LEU BA 45 131.15 58.03 -27.25
CA LEU BA 45 131.41 58.06 -28.69
C LEU BA 45 131.13 56.69 -29.29
N ASP BA 46 129.83 56.42 -29.48
CA ASP BA 46 129.37 55.08 -29.80
C ASP BA 46 129.69 54.68 -31.25
N ILE BA 47 129.82 55.66 -32.15
CA ILE BA 47 130.11 55.36 -33.55
C ILE BA 47 131.56 55.75 -33.86
N GLY BA 48 132.43 55.58 -32.86
CA GLY BA 48 133.85 55.82 -33.06
C GLY BA 48 134.50 54.83 -34.01
N SER BA 49 133.99 53.60 -34.08
CA SER BA 49 134.53 52.55 -34.95
C SER BA 49 135.97 52.20 -34.60
N THR BA 50 136.82 53.21 -34.48
CA THR BA 50 138.16 52.98 -33.95
C THR BA 50 138.14 52.97 -32.43
N SER BA 51 137.33 53.81 -31.80
CA SER BA 51 137.38 53.95 -30.35
C SER BA 51 136.03 54.36 -29.78
N ILE BA 52 135.65 53.69 -28.70
CA ILE BA 52 134.52 54.09 -27.87
C ILE BA 52 135.06 55.01 -26.78
N LYS BA 53 134.64 56.27 -26.82
CA LYS BA 53 135.05 57.28 -25.86
C LYS BA 53 133.81 57.78 -25.12
N MET BA 54 134.01 58.25 -23.88
CA MET BA 54 132.90 58.70 -23.03
C MET BA 54 133.38 59.85 -22.15
N ILE BA 55 132.50 60.81 -21.89
CA ILE BA 55 132.86 62.03 -21.17
C ILE BA 55 131.76 62.40 -20.17
N LEU BA 56 132.17 62.79 -18.97
CA LEU BA 56 131.26 63.30 -17.96
C LEU BA 56 131.67 64.73 -17.59
N LEU BA 57 130.89 65.68 -18.06
CA LEU BA 57 130.90 67.06 -17.58
C LEU BA 57 129.68 67.26 -16.70
N LYS BA 58 129.87 67.89 -15.57
CA LYS BA 58 128.73 68.39 -14.83
C LYS BA 58 129.14 69.76 -14.31
N GLU BA 59 128.36 70.28 -13.37
CA GLU BA 59 128.66 71.59 -12.81
C GLU BA 59 129.53 71.43 -11.57
N GLN BA 60 130.79 71.86 -11.67
CA GLN BA 60 131.73 71.75 -10.57
C GLN BA 60 131.76 73.04 -9.74
N ARG BA 61 131.58 72.91 -8.42
CA ARG BA 61 131.56 74.05 -7.52
C ARG BA 61 132.98 74.43 -7.14
N LYS BA 62 133.27 75.74 -7.19
CA LYS BA 62 134.50 76.28 -6.62
C LYS BA 62 134.22 77.66 -6.03
N ARG BA 63 134.50 77.80 -4.74
CA ARG BA 63 134.41 79.08 -4.02
C ARG BA 63 132.98 79.63 -4.04
N GLY BA 64 132.01 78.73 -3.94
CA GLY BA 64 130.63 79.13 -4.03
C GLY BA 64 130.12 79.43 -5.43
N GLU BA 65 130.96 79.35 -6.46
CA GLU BA 65 130.52 79.45 -7.85
C GLU BA 65 130.64 78.09 -8.53
N VAL BA 66 129.80 77.87 -9.54
CA VAL BA 66 129.73 76.60 -10.26
C VAL BA 66 129.65 76.90 -11.75
N ILE BA 67 129.93 75.88 -12.57
CA ILE BA 67 129.82 75.97 -14.02
C ILE BA 67 130.09 74.58 -14.60
N TYR BA 68 129.61 74.36 -15.82
CA TYR BA 68 129.96 73.17 -16.59
C TYR BA 68 131.45 72.91 -16.52
N ALA BA 69 131.81 71.68 -16.19
CA ALA BA 69 133.21 71.36 -15.94
C ALA BA 69 133.43 69.88 -16.20
N LEU BA 70 134.57 69.56 -16.82
CA LEU BA 70 134.93 68.17 -17.06
C LEU BA 70 135.07 67.42 -15.74
N GLN BA 71 134.36 66.29 -15.63
CA GLN BA 71 134.47 65.42 -14.48
C GLN BA 71 135.23 64.13 -14.75
N SER BA 72 135.05 63.53 -15.93
CA SER BA 72 135.81 62.34 -16.28
C SER BA 72 135.80 62.17 -17.80
N PHE BA 73 136.70 61.30 -18.27
CA PHE BA 73 136.78 60.95 -19.68
C PHE BA 73 137.50 59.61 -19.80
N GLY BA 74 136.99 58.76 -20.69
CA GLY BA 74 137.55 57.43 -20.87
C GLY BA 74 137.52 57.04 -22.32
N MET BA 75 138.44 56.16 -22.70
CA MET BA 75 138.59 55.77 -24.09
C MET BA 75 139.08 54.33 -24.18
N LYS BA 76 138.42 53.54 -25.04
CA LYS BA 76 138.82 52.17 -25.27
C LYS BA 76 138.76 51.88 -26.77
N PRO BA 77 139.77 51.23 -27.34
CA PRO BA 77 139.69 50.86 -28.75
C PRO BA 77 138.50 49.93 -29.00
N LEU BA 78 137.69 50.28 -29.99
CA LEU BA 78 136.49 49.48 -30.25
C LEU BA 78 136.87 48.07 -30.69
N PRO BA 79 136.43 47.03 -29.97
CA PRO BA 79 136.58 45.68 -30.49
C PRO BA 79 135.69 45.48 -31.70
N PRO BA 80 136.28 45.15 -32.84
CA PRO BA 80 135.50 45.04 -34.08
C PRO BA 80 134.61 43.81 -34.03
N GLU BA 81 133.79 43.64 -35.06
CA GLU BA 81 132.59 42.80 -35.06
C GLU BA 81 131.49 43.48 -34.27
N ALA BA 82 131.80 44.50 -33.46
CA ALA BA 82 130.76 45.31 -32.83
C ALA BA 82 129.96 46.09 -33.86
N ILE BA 83 130.65 46.79 -34.76
CA ILE BA 83 130.01 47.68 -35.74
C ILE BA 83 130.38 47.20 -37.13
N VAL BA 84 129.36 47.10 -38.00
CA VAL BA 84 129.53 46.79 -39.41
C VAL BA 84 128.54 47.64 -40.19
N ASP BA 85 129.04 48.35 -41.20
CA ASP BA 85 128.21 49.20 -42.07
C ASP BA 85 127.39 50.20 -41.26
N GLY BA 86 127.91 50.62 -40.10
CA GLY BA 86 127.24 51.61 -39.28
C GLY BA 86 126.16 51.09 -38.37
N ALA BA 87 125.90 49.79 -38.36
CA ALA BA 87 124.94 49.21 -37.44
C ALA BA 87 125.68 48.50 -36.32
N LEU BA 88 125.13 48.59 -35.11
CA LEU BA 88 125.68 47.87 -33.97
C LEU BA 88 125.30 46.41 -34.13
N MET BA 89 126.30 45.55 -34.37
CA MET BA 89 126.01 44.18 -34.78
C MET BA 89 126.70 43.14 -33.89
N ASN BA 90 126.93 43.48 -32.63
CA ASN BA 90 127.32 42.58 -31.53
C ASN BA 90 126.93 43.38 -30.28
N SER BA 91 125.61 43.63 -30.15
CA SER BA 91 125.11 44.45 -29.07
C SER BA 91 125.66 43.99 -27.72
N THR BA 92 125.92 42.69 -27.57
CA THR BA 92 126.43 42.16 -26.32
C THR BA 92 127.84 42.68 -26.02
N ALA BA 93 128.78 42.43 -26.94
CA ALA BA 93 130.15 42.89 -26.76
C ALA BA 93 130.22 44.40 -26.55
N ILE BA 94 129.48 45.17 -27.36
CA ILE BA 94 129.47 46.61 -27.20
C ILE BA 94 128.96 46.98 -25.83
N VAL BA 95 127.95 46.25 -25.33
CA VAL BA 95 127.45 46.46 -23.98
C VAL BA 95 128.59 46.33 -22.97
N GLN BA 96 129.31 45.20 -23.01
CA GLN BA 96 130.39 45.01 -22.05
C GLN BA 96 131.46 46.08 -22.17
N ALA BA 97 131.76 46.51 -23.40
CA ALA BA 97 132.74 47.58 -23.58
C ALA BA 97 132.27 48.88 -22.93
N VAL BA 98 131.00 49.24 -23.14
CA VAL BA 98 130.47 50.46 -22.54
C VAL BA 98 130.49 50.35 -21.01
N GLN BA 99 130.23 49.15 -20.48
CA GLN BA 99 130.36 48.95 -19.04
C GLN BA 99 131.78 49.20 -18.56
N ASP BA 100 132.78 48.70 -19.32
CA ASP BA 100 134.17 49.03 -19.00
C ASP BA 100 134.41 50.53 -19.04
N LEU BA 101 133.77 51.23 -19.98
CA LEU BA 101 133.88 52.69 -20.01
C LEU BA 101 133.35 53.32 -18.74
N MET BA 102 132.16 52.89 -18.30
CA MET BA 102 131.58 53.46 -17.09
C MET BA 102 132.44 53.17 -15.86
N SER BA 103 133.06 51.98 -15.81
CA SER BA 103 133.89 51.64 -14.67
C SER BA 103 135.18 52.45 -14.65
N GLU BA 104 135.88 52.52 -15.79
CA GLU BA 104 137.06 53.37 -15.89
C GLU BA 104 136.73 54.81 -15.56
N LEU BA 105 135.50 55.25 -15.88
CA LEU BA 105 135.11 56.62 -15.58
C LEU BA 105 134.90 56.86 -14.09
N LYS BA 106 134.48 55.82 -13.36
CA LYS BA 106 134.06 55.94 -11.96
C LYS BA 106 132.86 56.88 -11.84
N VAL BA 107 131.93 56.76 -12.77
CA VAL BA 107 130.74 57.62 -12.84
C VAL BA 107 129.54 56.84 -12.31
N LYS BA 108 128.71 57.52 -11.52
CA LYS BA 108 127.47 56.93 -11.03
C LYS BA 108 126.29 57.19 -11.96
N GLY BA 109 126.43 58.12 -12.90
CA GLY BA 109 125.32 58.43 -13.78
C GLY BA 109 125.04 57.30 -14.75
N LYS BA 110 123.75 57.09 -15.04
CA LYS BA 110 123.32 56.01 -15.92
C LYS BA 110 122.39 56.49 -17.02
N ASP BA 111 122.31 57.78 -17.26
CA ASP BA 111 121.62 58.32 -18.42
C ASP BA 111 122.64 58.83 -19.43
N VAL BA 112 122.31 58.78 -20.71
CA VAL BA 112 123.26 58.97 -21.78
C VAL BA 112 122.59 59.63 -22.99
N ALA BA 113 123.34 60.51 -23.64
CA ALA BA 113 123.10 60.89 -25.03
C ALA BA 113 124.14 60.16 -25.86
N ILE BA 114 123.80 59.81 -27.10
CA ILE BA 114 124.78 59.19 -27.99
C ILE BA 114 124.53 59.65 -29.41
N GLY BA 115 125.24 59.05 -30.36
CA GLY BA 115 125.10 59.45 -31.75
C GLY BA 115 125.00 58.26 -32.66
N VAL BA 116 124.39 58.47 -33.82
CA VAL BA 116 124.31 57.43 -34.84
C VAL BA 116 125.53 57.50 -35.75
N SER BA 117 125.74 56.44 -36.52
CA SER BA 117 126.84 56.41 -37.46
C SER BA 117 126.51 57.32 -38.65
N GLY BA 118 127.51 58.09 -39.10
CA GLY BA 118 127.36 58.86 -40.31
C GLY BA 118 126.99 58.01 -41.51
N HIS BA 119 127.44 56.76 -41.55
CA HIS BA 119 127.01 55.81 -42.58
C HIS BA 119 125.59 55.32 -42.36
N SER BA 120 125.02 55.58 -41.19
CA SER BA 120 123.69 55.09 -40.87
C SER BA 120 122.62 56.17 -40.94
N VAL BA 121 122.98 57.40 -41.26
CA VAL BA 121 122.06 58.52 -41.26
C VAL BA 121 122.13 59.24 -42.59
N ILE BA 122 120.96 59.56 -43.13
CA ILE BA 122 120.81 60.46 -44.27
C ILE BA 122 120.47 61.84 -43.71
N ILE BA 123 121.32 62.83 -43.97
CA ILE BA 123 121.07 64.21 -43.59
C ILE BA 123 120.94 65.03 -44.86
N LYS BA 124 119.81 65.72 -45.03
CA LYS BA 124 119.74 66.67 -46.12
C LYS BA 124 118.66 67.69 -45.85
N LYS BA 125 118.77 68.82 -46.54
CA LYS BA 125 117.82 69.91 -46.41
C LYS BA 125 116.58 69.64 -47.26
N ILE BA 126 115.51 70.35 -46.93
CA ILE BA 126 114.18 70.15 -47.48
C ILE BA 126 113.38 71.44 -47.32
N GLN BA 127 112.74 71.87 -48.40
CA GLN BA 127 111.96 73.11 -48.45
C GLN BA 127 110.47 72.77 -48.45
N MET BA 128 109.70 73.48 -47.60
CA MET BA 128 108.29 73.18 -47.37
C MET BA 128 107.47 74.46 -47.19
N PRO BA 129 106.21 74.38 -46.75
CA PRO BA 129 105.57 75.55 -46.14
C PRO BA 129 105.35 75.36 -44.65
N ARG BA 130 105.82 76.27 -43.80
CA ARG BA 130 105.50 76.06 -42.39
C ARG BA 130 104.02 76.28 -42.14
N MET BA 131 103.52 75.58 -41.11
CA MET BA 131 102.13 75.62 -40.66
C MET BA 131 101.99 75.05 -39.24
N SER BA 132 100.97 74.22 -39.02
CA SER BA 132 100.84 73.51 -37.76
C SER BA 132 101.95 72.48 -37.64
N GLN BA 133 102.33 72.18 -36.38
CA GLN BA 133 103.43 71.25 -36.14
C GLN BA 133 103.12 69.86 -36.67
N ASP BA 134 101.87 69.39 -36.50
CA ASP BA 134 101.47 68.11 -37.08
C ASP BA 134 101.53 68.14 -38.60
N GLU BA 135 100.99 69.20 -39.20
CA GLU BA 135 101.03 69.31 -40.65
C GLU BA 135 102.46 69.38 -41.16
N LEU BA 136 103.36 70.01 -40.41
CA LEU BA 136 104.76 70.00 -40.82
C LEU BA 136 105.36 68.60 -40.70
N GLU BA 137 105.14 67.91 -39.58
CA GLU BA 137 105.76 66.61 -39.40
C GLU BA 137 105.28 65.63 -40.47
N GLU BA 138 103.97 65.63 -40.74
CA GLU BA 138 103.45 64.79 -41.82
C GLU BA 138 104.02 65.20 -43.17
N SER BA 139 104.00 66.50 -43.49
CA SER BA 139 104.49 66.94 -44.80
C SER BA 139 105.98 66.63 -44.95
N ILE BA 140 106.72 66.73 -43.84
CA ILE BA 140 108.14 66.40 -43.81
C ILE BA 140 108.34 64.93 -44.14
N GLN BA 141 107.58 64.06 -43.46
CA GLN BA 141 107.68 62.63 -43.73
C GLN BA 141 107.30 62.32 -45.17
N TRP BA 142 106.34 63.09 -45.72
CA TRP BA 142 105.89 62.87 -47.09
C TRP BA 142 106.97 63.23 -48.10
N GLU BA 143 107.66 64.36 -47.90
CA GLU BA 143 108.73 64.74 -48.81
C GLU BA 143 109.95 63.83 -48.66
N ALA BA 144 110.36 63.52 -47.43
CA ALA BA 144 111.51 62.65 -47.25
C ALA BA 144 111.24 61.21 -47.66
N GLU BA 145 109.95 60.81 -47.73
CA GLU BA 145 109.62 59.48 -48.27
C GLU BA 145 110.30 59.28 -49.61
N GLN BA 146 110.23 60.31 -50.47
CA GLN BA 146 111.00 60.37 -51.71
C GLN BA 146 112.49 60.21 -51.48
N TYR BA 147 113.01 60.77 -50.38
CA TYR BA 147 114.43 60.82 -50.05
C TYR BA 147 114.99 59.55 -49.42
N ILE BA 148 114.18 58.54 -49.13
CA ILE BA 148 114.71 57.44 -48.34
C ILE BA 148 114.68 56.16 -49.18
N PRO BA 149 115.83 55.55 -49.46
CA PRO BA 149 115.84 54.27 -50.19
C PRO BA 149 115.44 53.05 -49.38
N PHE BA 150 114.77 53.21 -48.23
CA PHE BA 150 114.25 52.11 -47.43
C PHE BA 150 112.78 52.36 -47.08
N ASP BA 151 112.07 51.29 -46.72
CA ASP BA 151 110.75 51.46 -46.14
C ASP BA 151 110.82 52.36 -44.90
N VAL BA 152 109.66 52.82 -44.45
CA VAL BA 152 109.59 53.50 -43.17
C VAL BA 152 108.76 52.63 -42.23
N LYS BA 153 109.40 51.85 -41.36
CA LYS BA 153 110.83 51.52 -41.30
C LYS BA 153 111.94 52.60 -41.40
N ASP BA 154 111.70 53.82 -40.90
CA ASP BA 154 112.75 54.84 -40.96
C ASP BA 154 112.49 56.01 -40.03
N VAL BA 155 113.59 56.49 -39.45
CA VAL BA 155 113.65 57.54 -38.44
C VAL BA 155 113.61 58.89 -39.11
N ASN BA 156 112.66 59.73 -38.70
CA ASN BA 156 112.61 61.09 -39.23
C ASN BA 156 112.64 62.08 -38.08
N ILE BA 157 113.60 63.02 -38.14
CA ILE BA 157 113.67 64.16 -37.21
C ILE BA 157 114.21 65.37 -37.95
N ASP BA 158 113.51 66.49 -37.82
CA ASP BA 158 113.91 67.70 -38.55
C ASP BA 158 114.27 68.81 -37.59
N THR BA 159 115.07 69.76 -38.08
CA THR BA 159 115.16 71.05 -37.41
C THR BA 159 115.27 72.14 -38.47
N GLN BA 160 114.80 73.33 -38.13
CA GLN BA 160 114.69 74.40 -39.11
C GLN BA 160 115.99 75.19 -39.19
N ILE BA 161 116.54 75.28 -40.41
CA ILE BA 161 117.81 75.97 -40.61
C ILE BA 161 117.74 77.45 -40.28
N LEU BA 162 116.54 78.04 -40.32
CA LEU BA 162 116.31 79.39 -39.86
C LEU BA 162 115.24 79.34 -38.80
N ASP BA 163 115.31 80.25 -37.84
CA ASP BA 163 114.25 80.36 -36.85
C ASP BA 163 112.91 80.43 -37.56
N GLY BA 164 112.07 79.43 -37.32
CA GLY BA 164 110.66 79.61 -37.61
C GLY BA 164 110.17 80.96 -37.13
N GLY BA 165 110.72 81.47 -36.03
CA GLY BA 165 110.29 82.73 -35.48
C GLY BA 165 110.49 83.91 -36.39
N GLY BA 166 110.69 83.67 -37.69
CA GLY BA 166 110.98 84.71 -38.67
C GLY BA 166 110.06 84.82 -39.88
N ASN BA 167 109.04 83.97 -40.03
CA ASN BA 167 108.28 83.91 -41.27
C ASN BA 167 106.78 83.60 -41.07
N ASP BA 168 105.97 84.02 -42.06
CA ASP BA 168 104.52 84.05 -41.94
C ASP BA 168 103.89 82.79 -42.52
N ALA BA 169 102.61 82.58 -42.16
CA ALA BA 169 101.94 81.31 -42.44
C ALA BA 169 101.91 81.00 -43.92
N THR BA 170 102.31 79.77 -44.24
CA THR BA 170 102.46 79.21 -45.59
C THR BA 170 103.79 79.61 -46.22
N GLY BA 171 104.60 80.44 -45.58
CA GLY BA 171 105.79 80.88 -46.28
C GLY BA 171 107.11 80.54 -45.63
N GLN BA 172 108.14 80.36 -46.48
CA GLN BA 172 109.54 80.29 -46.06
C GLN BA 172 109.79 79.23 -45.00
N MET BA 173 109.46 77.98 -45.34
CA MET BA 173 109.87 76.86 -44.52
C MET BA 173 111.17 76.26 -45.03
N ASP BA 174 112.09 75.99 -44.10
CA ASP BA 174 113.26 75.17 -44.40
C ASP BA 174 113.49 74.27 -43.20
N VAL BA 175 113.40 72.96 -43.41
CA VAL BA 175 113.84 72.01 -42.38
C VAL BA 175 114.95 71.17 -42.98
N LEU BA 176 115.84 70.69 -42.12
CA LEU BA 176 116.78 69.66 -42.48
C LEU BA 176 116.34 68.38 -41.79
N LEU BA 177 116.25 67.31 -42.58
CA LEU BA 177 115.85 66.00 -42.11
C LEU BA 177 117.06 65.10 -41.89
N VAL BA 178 117.12 64.57 -40.67
CA VAL BA 178 117.92 63.41 -40.29
C VAL BA 178 117.01 62.20 -40.33
N ALA BA 179 117.34 61.25 -41.21
CA ALA BA 179 116.57 60.03 -41.41
C ALA BA 179 117.50 58.84 -41.21
N ALA BA 180 117.02 57.82 -40.50
CA ALA BA 180 117.89 56.71 -40.15
C ALA BA 180 117.11 55.41 -40.24
N LYS BA 181 117.66 54.43 -40.94
CA LYS BA 181 116.94 53.16 -41.01
C LYS BA 181 116.80 52.55 -39.62
N LYS BA 182 115.72 52.94 -38.95
CA LYS BA 182 115.11 52.13 -37.88
C LYS BA 182 116.06 51.45 -36.88
N ASP BA 183 116.79 50.39 -37.26
CA ASP BA 183 117.43 49.58 -36.21
C ASP BA 183 118.92 49.72 -36.16
N MET BA 184 119.49 50.59 -36.97
CA MET BA 184 120.64 51.22 -36.37
C MET BA 184 120.24 51.72 -34.99
N ILE BA 185 119.11 52.45 -34.92
CA ILE BA 185 118.62 52.98 -33.65
C ILE BA 185 118.29 51.85 -32.68
N ASN BA 186 117.59 50.80 -33.15
CA ASN BA 186 117.35 49.65 -32.28
C ASN BA 186 118.66 49.12 -31.69
N ASP BA 187 119.57 48.63 -32.54
CA ASP BA 187 120.85 48.09 -32.10
C ASP BA 187 121.49 48.96 -31.02
N TYR BA 188 121.53 50.28 -31.26
CA TYR BA 188 122.12 51.18 -30.28
C TYR BA 188 121.32 51.19 -28.98
N THR BA 189 119.99 51.10 -29.06
CA THR BA 189 119.17 51.10 -27.86
C THR BA 189 119.32 49.81 -27.07
N THR BA 190 119.52 48.67 -27.75
CA THR BA 190 119.85 47.44 -27.06
C THR BA 190 121.17 47.57 -26.32
N VAL BA 191 122.22 48.02 -27.04
CA VAL BA 191 123.51 48.27 -26.41
C VAL BA 191 123.36 49.15 -25.17
N VAL BA 192 122.61 50.24 -25.29
CA VAL BA 192 122.45 51.15 -24.18
C VAL BA 192 121.66 50.48 -23.05
N SER BA 193 120.68 49.65 -23.41
CA SER BA 193 119.81 49.05 -22.40
C SER BA 193 120.56 48.07 -21.52
N GLU BA 194 121.40 47.22 -22.11
CA GLU BA 194 122.07 46.22 -21.28
C GLU BA 194 123.34 46.76 -20.64
N ALA BA 195 123.80 47.94 -21.05
CA ALA BA 195 124.85 48.62 -20.31
C ALA BA 195 124.33 49.32 -19.06
N GLY BA 196 123.03 49.20 -18.79
CA GLY BA 196 122.42 49.89 -17.67
C GLY BA 196 122.16 51.36 -17.93
N LEU BA 197 122.35 51.83 -19.15
CA LEU BA 197 122.17 53.22 -19.49
C LEU BA 197 120.76 53.48 -20.01
N ALA BA 198 120.32 54.73 -19.90
CA ALA BA 198 119.03 55.15 -20.41
C ALA BA 198 119.24 56.30 -21.37
N PRO BA 199 118.93 56.13 -22.66
CA PRO BA 199 119.19 57.20 -23.62
C PRO BA 199 118.11 58.27 -23.57
N VAL BA 200 118.53 59.52 -23.74
CA VAL BA 200 117.58 60.63 -23.80
C VAL BA 200 117.67 61.37 -25.12
N VAL BA 201 118.82 61.37 -25.78
CA VAL BA 201 119.00 62.04 -27.07
C VAL BA 201 119.86 61.14 -27.94
N VAL BA 202 119.38 60.85 -29.14
CA VAL BA 202 120.19 60.16 -30.14
C VAL BA 202 120.47 61.18 -31.24
N ASP BA 203 121.61 61.85 -31.12
CA ASP BA 203 122.00 62.97 -31.97
C ASP BA 203 122.86 62.49 -33.12
N VAL BA 204 123.34 63.42 -33.94
CA VAL BA 204 124.18 63.12 -35.09
C VAL BA 204 125.53 63.81 -34.92
N ASP BA 205 126.58 63.17 -35.44
CA ASP BA 205 127.94 63.57 -35.07
C ASP BA 205 128.36 64.87 -35.75
N ALA BA 206 127.89 65.12 -36.97
CA ALA BA 206 128.34 66.30 -37.70
C ALA BA 206 127.92 67.59 -37.02
N PHE BA 207 126.85 67.55 -36.22
CA PHE BA 207 126.39 68.71 -35.47
C PHE BA 207 126.75 68.64 -34.00
N ALA BA 208 126.86 67.42 -33.46
CA ALA BA 208 127.29 67.26 -32.08
C ALA BA 208 128.73 67.71 -31.90
N VAL BA 209 129.57 67.48 -32.93
CA VAL BA 209 130.96 67.93 -32.89
C VAL BA 209 131.04 69.46 -32.81
N GLN BA 210 129.96 70.15 -33.17
CA GLN BA 210 129.97 71.61 -33.24
C GLN BA 210 129.66 72.29 -31.91
N ASN BA 211 129.01 71.60 -30.97
CA ASN BA 211 128.57 72.25 -29.75
C ASN BA 211 129.74 72.82 -28.95
N MET BA 212 130.94 72.27 -29.15
CA MET BA 212 132.10 72.78 -28.43
C MET BA 212 132.58 74.10 -28.99
N PHE BA 213 132.40 74.29 -30.28
CA PHE BA 213 132.79 75.53 -30.93
C PHE BA 213 131.61 76.44 -31.20
N SER BA 214 130.41 76.08 -30.73
CA SER BA 214 129.21 76.83 -31.10
C SER BA 214 129.25 78.25 -30.56
N VAL BA 215 129.86 78.43 -29.40
CA VAL BA 215 130.09 79.77 -28.87
C VAL BA 215 131.07 80.53 -29.75
N ASN BA 216 132.28 79.98 -29.92
CA ASN BA 216 133.32 80.67 -30.66
C ASN BA 216 132.91 80.93 -32.09
N TYR BA 217 131.96 80.14 -32.61
CA TYR BA 217 131.35 80.43 -33.89
C TYR BA 217 130.31 81.51 -33.77
N ASP BA 218 129.59 81.53 -32.64
CA ASP BA 218 128.47 82.47 -32.47
C ASP BA 218 128.97 83.91 -32.33
N VAL BA 219 130.25 84.09 -32.01
CA VAL BA 219 130.81 85.45 -31.94
C VAL BA 219 131.11 86.07 -33.30
N PRO BA 220 131.60 85.30 -34.34
CA PRO BA 220 131.57 85.86 -35.70
C PRO BA 220 130.40 85.33 -36.54
N GLU BA 221 129.46 86.20 -36.90
CA GLU BA 221 128.12 85.73 -37.23
C GLU BA 221 127.72 86.00 -38.69
N ARG BA 222 128.56 86.70 -39.46
CA ARG BA 222 128.45 86.66 -40.92
C ARG BA 222 129.61 85.90 -41.55
N GLU BA 223 130.50 85.34 -40.73
CA GLU BA 223 131.66 84.63 -41.23
C GLU BA 223 131.29 83.19 -41.59
N THR BA 224 131.72 82.78 -42.77
CA THR BA 224 131.51 81.43 -43.24
C THR BA 224 132.68 80.55 -42.79
N VAL BA 225 132.37 79.55 -41.98
CA VAL BA 225 133.39 78.67 -41.40
C VAL BA 225 133.12 77.25 -41.87
N VAL BA 226 134.19 76.50 -42.14
CA VAL BA 226 134.04 75.08 -42.43
C VAL BA 226 134.54 74.30 -41.22
N LEU BA 227 133.89 73.16 -40.95
CA LEU BA 227 134.30 72.24 -39.90
C LEU BA 227 134.41 70.86 -40.51
N ILE BA 228 135.61 70.29 -40.51
CA ILE BA 228 135.87 68.94 -40.97
C ILE BA 228 136.06 68.05 -39.75
N ASN BA 229 135.35 66.93 -39.72
CA ASN BA 229 135.62 65.88 -38.74
C ASN BA 229 136.06 64.66 -39.52
N ALA BA 230 137.37 64.46 -39.58
CA ALA BA 230 137.97 63.30 -40.21
C ALA BA 230 138.02 62.16 -39.19
N GLY BA 231 137.09 61.23 -39.31
CA GLY BA 231 137.03 60.07 -38.44
C GLY BA 231 137.66 58.85 -39.07
N ALA BA 232 137.33 57.69 -38.49
CA ALA BA 232 137.84 56.43 -39.00
C ALA BA 232 136.91 55.77 -40.01
N SER BA 233 135.61 56.03 -39.94
CA SER BA 233 134.66 55.47 -40.88
C SER BA 233 134.17 56.47 -41.90
N VAL BA 234 134.27 57.77 -41.63
CA VAL BA 234 133.66 58.79 -42.47
C VAL BA 234 134.35 60.12 -42.18
N VAL BA 235 134.30 61.03 -43.14
CA VAL BA 235 134.73 62.41 -42.95
C VAL BA 235 133.54 63.31 -43.19
N ASN BA 236 133.13 64.06 -42.16
CA ASN BA 236 132.02 64.97 -42.36
C ASN BA 236 132.53 66.39 -42.58
N ILE BA 237 131.84 67.10 -43.48
CA ILE BA 237 132.03 68.52 -43.69
C ILE BA 237 130.72 69.21 -43.32
N ASN BA 238 130.79 70.17 -42.40
CA ASN BA 238 129.64 71.05 -42.22
C ASN BA 238 130.11 72.49 -42.29
N ILE BA 239 129.39 73.29 -43.07
CA ILE BA 239 129.78 74.66 -43.32
C ILE BA 239 128.65 75.57 -42.87
N ILE BA 240 129.03 76.66 -42.22
CA ILE BA 240 128.15 77.47 -41.39
C ILE BA 240 128.38 78.93 -41.71
N SER BA 241 127.35 79.72 -41.45
CA SER BA 241 127.48 81.15 -41.20
C SER BA 241 127.09 81.35 -39.75
N ASN BA 242 128.09 81.68 -38.92
CA ASN BA 242 127.97 81.78 -37.45
C ASN BA 242 127.97 80.34 -36.91
N GLY BA 243 127.18 80.04 -35.90
CA GLY BA 243 126.87 78.67 -35.55
C GLY BA 243 125.54 78.29 -36.17
N ALA BA 244 125.29 78.76 -37.39
CA ALA BA 244 124.09 78.40 -38.14
C ALA BA 244 124.53 77.55 -39.32
N THR BA 245 124.33 76.24 -39.20
CA THR BA 245 124.72 75.32 -40.27
C THR BA 245 124.06 75.71 -41.57
N VAL BA 246 124.87 75.85 -42.62
CA VAL BA 246 124.38 76.03 -43.97
C VAL BA 246 124.25 74.69 -44.69
N PHE BA 247 125.20 73.78 -44.48
CA PHE BA 247 125.03 72.44 -45.06
C PHE BA 247 126.03 71.45 -44.48
N THR BA 248 125.79 70.18 -44.78
CA THR BA 248 126.65 69.08 -44.38
C THR BA 248 126.76 68.09 -45.52
N ARG BA 249 127.89 67.38 -45.57
CA ARG BA 249 128.17 66.37 -46.58
C ARG BA 249 129.14 65.36 -46.00
N ASP BA 250 128.85 64.08 -46.22
CA ASP BA 250 129.60 62.99 -45.62
C ASP BA 250 130.33 62.20 -46.69
N VAL BA 251 131.64 62.00 -46.48
CA VAL BA 251 132.52 61.34 -47.43
C VAL BA 251 132.98 60.01 -46.86
N THR BA 252 132.83 58.96 -47.67
CA THR BA 252 133.19 57.60 -47.25
C THR BA 252 134.66 57.49 -46.83
N ILE BA 253 135.52 58.33 -47.40
CA ILE BA 253 136.95 58.24 -47.13
C ILE BA 253 137.24 58.68 -45.70
N GLY BA 254 138.22 58.04 -45.08
CA GLY BA 254 138.59 58.37 -43.72
C GLY BA 254 139.96 57.82 -43.40
N GLY BA 255 140.24 57.71 -42.09
CA GLY BA 255 141.55 57.24 -41.67
C GLY BA 255 141.74 55.75 -41.90
N ASN BA 256 140.64 54.99 -41.86
CA ASN BA 256 140.69 53.58 -42.23
C ASN BA 256 141.30 53.41 -43.61
N GLN BA 257 141.16 54.40 -44.49
CA GLN BA 257 141.76 54.31 -45.81
C GLN BA 257 143.28 54.42 -45.74
N PHE BA 258 143.80 55.41 -45.02
CA PHE BA 258 145.26 55.51 -44.85
C PHE BA 258 145.82 54.23 -44.23
N THR BA 259 145.21 53.77 -43.12
CA THR BA 259 145.67 52.54 -42.49
C THR BA 259 145.62 51.37 -43.47
N GLU BA 260 144.54 51.27 -44.25
CA GLU BA 260 144.40 50.15 -45.18
C GLU BA 260 145.42 50.20 -46.30
N GLU BA 261 145.80 51.40 -46.75
CA GLU BA 261 146.83 51.48 -47.78
C GLU BA 261 148.19 51.08 -47.22
N ILE BA 262 148.52 51.52 -46.00
CA ILE BA 262 149.75 51.08 -45.36
C ILE BA 262 149.77 49.55 -45.28
N GLN BA 263 148.67 48.98 -44.80
CA GLN BA 263 148.56 47.53 -44.69
C GLN BA 263 148.74 46.84 -46.04
N LYS BA 264 148.09 47.36 -47.09
CA LYS BA 264 148.28 46.81 -48.43
C LYS BA 264 149.75 46.81 -48.83
N GLN BA 265 150.41 47.96 -48.68
CA GLN BA 265 151.74 48.11 -49.25
C GLN BA 265 152.83 47.46 -48.41
N LEU BA 266 152.54 47.02 -47.19
CA LEU BA 266 153.58 46.34 -46.41
C LEU BA 266 153.07 45.03 -45.82
N ASN BA 267 152.10 44.39 -46.48
CA ASN BA 267 151.31 43.26 -45.97
C ASN BA 267 151.37 43.15 -44.44
N VAL BA 268 150.82 44.16 -43.76
CA VAL BA 268 150.78 44.30 -42.31
C VAL BA 268 149.36 44.04 -41.84
N SER BA 269 149.20 43.71 -40.56
CA SER BA 269 147.87 43.70 -39.96
C SER BA 269 147.36 45.13 -39.79
N TYR BA 270 146.07 45.26 -39.49
CA TYR BA 270 145.48 46.58 -39.36
C TYR BA 270 146.07 47.33 -38.17
N GLU BA 271 146.39 46.62 -37.10
CA GLU BA 271 146.88 47.29 -35.90
C GLU BA 271 148.28 47.84 -36.11
N GLU BA 272 149.20 47.03 -36.62
CA GLU BA 272 150.57 47.51 -36.80
C GLU BA 272 150.66 48.55 -37.91
N ALA BA 273 149.77 48.45 -38.92
CA ALA BA 273 149.69 49.50 -39.92
C ALA BA 273 149.15 50.79 -39.32
N GLU BA 274 148.22 50.67 -38.37
CA GLU BA 274 147.69 51.85 -37.69
C GLU BA 274 148.76 52.52 -36.83
N ALA BA 275 149.53 51.73 -36.09
CA ALA BA 275 150.64 52.29 -35.30
C ALA BA 275 151.70 52.90 -36.21
N LEU BA 276 152.04 52.21 -37.30
CA LEU BA 276 152.99 52.77 -38.27
C LEU BA 276 152.48 54.10 -38.81
N LYS BA 277 151.16 54.23 -38.97
CA LYS BA 277 150.58 55.52 -39.33
C LYS BA 277 150.84 56.55 -38.22
N ILE BA 278 150.30 56.29 -37.03
CA ILE BA 278 150.43 57.20 -35.89
C ILE BA 278 151.88 57.56 -35.63
N GLY BA 279 152.60 56.68 -34.93
CA GLY BA 279 153.97 56.97 -34.56
C GLY BA 279 154.90 57.05 -35.74
N GLY BA 280 154.66 56.25 -36.78
CA GLY BA 280 155.50 56.32 -37.95
C GLY BA 280 155.52 57.68 -38.61
N ASN BA 281 154.36 58.32 -38.74
CA ASN BA 281 154.29 59.56 -39.51
C ASN BA 281 154.70 60.80 -38.73
N GLY BA 282 154.87 60.71 -37.41
CA GLY BA 282 155.02 61.93 -36.63
C GLY BA 282 156.22 62.06 -35.73
N ALA BA 283 157.00 60.99 -35.57
CA ALA BA 283 158.12 61.02 -34.65
C ALA BA 283 159.20 61.97 -35.16
N ASP BA 284 160.03 62.45 -34.23
CA ASP BA 284 161.18 63.26 -34.62
C ASP BA 284 162.22 62.43 -35.36
N ALA BA 285 162.25 61.12 -35.13
CA ALA BA 285 163.19 60.23 -35.81
C ALA BA 285 162.60 59.60 -37.06
N ASP BA 286 161.50 60.13 -37.58
CA ASP BA 286 160.77 59.52 -38.68
C ASP BA 286 161.32 59.91 -40.05
N ALA BA 287 162.59 60.32 -40.13
CA ALA BA 287 163.07 60.97 -41.35
C ALA BA 287 163.18 60.00 -42.51
N VAL BA 288 163.30 58.71 -42.23
CA VAL BA 288 163.46 57.72 -43.29
C VAL BA 288 162.12 57.11 -43.70
N VAL BA 289 161.09 57.27 -42.88
CA VAL BA 289 159.80 56.62 -43.10
C VAL BA 289 158.72 57.47 -43.78
N PRO BA 290 158.91 58.76 -44.09
CA PRO BA 290 157.85 59.44 -44.84
C PRO BA 290 157.96 59.21 -46.32
N GLN BA 291 159.09 58.67 -46.80
CA GLN BA 291 159.09 58.17 -48.17
C GLN BA 291 158.38 56.84 -48.25
N ASP BA 292 158.79 55.87 -47.43
CA ASP BA 292 158.12 54.57 -47.42
C ASP BA 292 156.63 54.70 -47.12
N VAL BA 293 156.27 55.54 -46.15
CA VAL BA 293 154.85 55.66 -45.81
C VAL BA 293 154.15 56.64 -46.73
N GLU BA 294 154.74 57.81 -46.93
CA GLU BA 294 154.08 58.86 -47.74
C GLU BA 294 153.84 58.38 -49.17
N ARG BA 295 154.74 57.57 -49.71
CA ARG BA 295 154.47 56.96 -51.02
C ARG BA 295 153.30 55.99 -50.94
N VAL BA 296 153.04 55.44 -49.76
CA VAL BA 296 151.91 54.52 -49.60
C VAL BA 296 150.60 55.30 -49.51
N LEU BA 297 150.60 56.38 -48.73
CA LEU BA 297 149.41 57.16 -48.45
C LEU BA 297 149.17 58.27 -49.47
N SER BA 298 150.02 58.39 -50.48
CA SER BA 298 149.94 59.55 -51.37
C SER BA 298 148.67 59.53 -52.21
N SER BA 299 148.28 58.35 -52.70
CA SER BA 299 147.00 58.23 -53.39
C SER BA 299 145.85 58.70 -52.51
N VAL BA 300 145.82 58.25 -51.25
CA VAL BA 300 144.74 58.65 -50.35
C VAL BA 300 144.78 60.15 -50.11
N ALA BA 301 145.97 60.74 -50.02
CA ALA BA 301 146.06 62.18 -49.80
C ALA BA 301 145.49 62.95 -50.99
N GLU BA 302 145.96 62.61 -52.21
CA GLU BA 302 145.43 63.23 -53.41
C GLU BA 302 143.92 63.11 -53.50
N GLN BA 303 143.41 61.90 -53.26
CA GLN BA 303 142.01 61.62 -53.51
C GLN BA 303 141.09 62.20 -52.42
N VAL BA 304 141.55 62.25 -51.17
CA VAL BA 304 140.85 63.02 -50.14
C VAL BA 304 140.76 64.48 -50.54
N ALA BA 305 141.91 65.09 -50.89
CA ALA BA 305 141.90 66.47 -51.38
C ALA BA 305 140.92 66.64 -52.53
N GLY BA 306 140.86 65.66 -53.43
CA GLY BA 306 139.90 65.72 -54.52
C GLY BA 306 138.47 65.68 -54.03
N GLU BA 307 138.19 64.90 -52.98
CA GLU BA 307 136.84 64.89 -52.45
C GLU BA 307 136.47 66.19 -51.77
N ILE BA 308 137.42 66.79 -51.05
CA ILE BA 308 137.11 68.01 -50.32
C ILE BA 308 136.93 69.17 -51.28
N GLN BA 309 137.82 69.30 -52.28
CA GLN BA 309 137.59 70.29 -53.34
C GLN BA 309 136.25 70.04 -54.01
N ARG BA 310 135.93 68.76 -54.22
CA ARG BA 310 134.66 68.35 -54.79
C ARG BA 310 133.48 68.94 -54.02
N SER BA 311 133.35 68.63 -52.74
CA SER BA 311 132.24 69.14 -51.93
C SER BA 311 132.22 70.67 -51.88
N LEU BA 312 133.39 71.29 -51.65
CA LEU BA 312 133.43 72.75 -51.58
C LEU BA 312 132.91 73.38 -52.86
N ASP BA 313 133.33 72.86 -54.02
CA ASP BA 313 132.82 73.38 -55.28
C ASP BA 313 131.33 73.12 -55.43
N PHE BA 314 130.85 71.99 -54.92
CA PHE BA 314 129.43 71.70 -55.03
C PHE BA 314 128.59 72.59 -54.12
N TYR BA 315 129.20 73.25 -53.14
CA TYR BA 315 128.44 74.21 -52.34
C TYR BA 315 128.33 75.56 -53.04
N ALA BA 316 129.45 76.13 -53.45
CA ALA BA 316 129.54 77.52 -53.92
C ALA BA 316 128.47 77.87 -54.96
N GLY BA 317 127.22 77.85 -54.54
CA GLY BA 317 126.08 78.05 -55.42
C GLY BA 317 125.70 79.49 -55.70
N THR BA 318 125.81 80.36 -54.71
CA THR BA 318 125.26 81.71 -54.81
C THR BA 318 126.29 82.81 -54.96
N ALA BA 319 127.50 82.66 -54.41
CA ALA BA 319 128.51 83.71 -54.44
C ALA BA 319 129.58 83.28 -55.42
N ALA BA 320 129.35 83.57 -56.71
CA ALA BA 320 130.26 83.11 -57.74
C ALA BA 320 131.57 83.89 -57.75
N ASP BA 321 131.65 84.98 -56.99
CA ASP BA 321 132.81 85.86 -57.02
C ASP BA 321 133.48 86.04 -55.66
N SER BA 322 133.22 85.15 -54.71
CA SER BA 322 133.76 85.28 -53.36
C SER BA 322 134.81 84.21 -53.10
N ASN BA 323 135.35 84.24 -51.88
CA ASN BA 323 136.33 83.27 -51.42
C ASN BA 323 135.91 82.74 -50.05
N PHE BA 324 136.76 81.91 -49.45
CA PHE BA 324 136.47 81.29 -48.18
C PHE BA 324 136.99 82.15 -47.02
N SER BA 325 136.78 81.66 -45.80
CA SER BA 325 137.31 82.31 -44.61
C SER BA 325 138.16 81.36 -43.80
N LYS BA 326 137.60 80.76 -42.74
CA LYS BA 326 138.38 79.95 -41.82
C LYS BA 326 137.63 78.67 -41.45
N VAL BA 327 138.41 77.65 -41.08
CA VAL BA 327 137.88 76.29 -40.91
C VAL BA 327 138.68 75.57 -39.81
N TYR BA 328 138.04 74.58 -39.19
CA TYR BA 328 138.63 73.80 -38.12
C TYR BA 328 138.56 72.31 -38.43
N LEU BA 329 139.32 71.53 -37.65
CA LEU BA 329 139.40 70.09 -37.82
C LEU BA 329 139.17 69.37 -36.50
N SER BA 330 138.57 68.19 -36.60
CA SER BA 330 138.22 67.32 -35.49
C SER BA 330 138.36 65.88 -35.96
N GLY BA 331 138.33 64.95 -35.01
CA GLY BA 331 138.57 63.56 -35.36
C GLY BA 331 140.05 63.25 -35.46
N GLY BA 332 140.38 61.99 -35.15
CA GLY BA 332 141.77 61.61 -35.08
C GLY BA 332 142.45 61.51 -36.42
N THR BA 333 141.69 61.18 -37.47
CA THR BA 333 142.25 61.15 -38.82
C THR BA 333 142.85 62.49 -39.21
N ALA BA 334 142.31 63.60 -38.70
CA ALA BA 334 142.95 64.89 -38.85
C ALA BA 334 144.40 64.89 -38.38
N LYS BA 335 144.71 64.26 -37.25
CA LYS BA 335 146.03 64.32 -36.64
C LYS BA 335 147.14 63.69 -37.46
N ILE BA 336 146.87 63.31 -38.72
CA ILE BA 336 147.93 62.90 -39.62
C ILE BA 336 148.94 64.03 -39.72
N PRO BA 337 150.23 63.77 -39.49
CA PRO BA 337 151.21 64.86 -39.48
C PRO BA 337 151.23 65.63 -40.79
N ALA BA 338 151.18 66.97 -40.67
CA ALA BA 338 151.24 67.93 -41.77
C ALA BA 338 149.97 67.97 -42.60
N LEU BA 339 148.99 67.13 -42.28
CA LEU BA 339 147.75 67.09 -43.06
C LEU BA 339 147.04 68.44 -43.01
N PHE BA 340 147.21 69.20 -41.93
CA PHE BA 340 146.53 70.49 -41.80
C PHE BA 340 147.12 71.50 -42.78
N LYS BA 341 148.45 71.55 -42.88
CA LYS BA 341 149.09 72.42 -43.86
C LYS BA 341 148.71 72.02 -45.27
N THR BA 342 148.61 70.71 -45.53
CA THR BA 342 148.27 70.22 -46.85
C THR BA 342 146.85 70.64 -47.25
N ILE BA 343 145.88 70.42 -46.34
CA ILE BA 343 144.51 70.84 -46.63
C ILE BA 343 144.44 72.36 -46.75
N GLU BA 344 145.26 73.07 -45.98
CA GLU BA 344 145.25 74.53 -46.03
C GLU BA 344 145.71 75.04 -47.38
N ALA BA 345 146.81 74.49 -47.90
CA ALA BA 345 147.33 74.96 -49.18
C ALA BA 345 146.49 74.43 -50.34
N ARG BA 346 145.87 73.26 -50.17
CA ARG BA 346 145.17 72.59 -51.26
C ARG BA 346 143.75 73.09 -51.46
N THR BA 347 143.04 73.40 -50.36
CA THR BA 347 141.66 73.86 -50.46
C THR BA 347 141.53 75.37 -50.49
N GLY BA 348 142.62 76.11 -50.30
CA GLY BA 348 142.54 77.56 -50.29
C GLY BA 348 141.83 78.12 -49.08
N VAL BA 349 141.82 77.38 -47.97
CA VAL BA 349 141.23 77.84 -46.72
C VAL BA 349 142.17 77.57 -45.55
N PRO BA 350 142.30 78.50 -44.58
CA PRO BA 350 143.04 78.17 -43.35
C PRO BA 350 142.34 77.11 -42.48
N VAL BA 351 142.96 75.92 -42.44
CA VAL BA 351 142.44 74.77 -41.70
C VAL BA 351 143.23 74.64 -40.41
N GLU BA 352 142.56 74.76 -39.27
CA GLU BA 352 143.24 74.72 -37.99
C GLU BA 352 142.61 73.72 -37.05
N ILE BA 353 143.48 73.03 -36.29
CA ILE BA 353 143.04 72.25 -35.15
C ILE BA 353 142.40 73.21 -34.14
N LEU BA 354 141.50 72.68 -33.33
CA LEU BA 354 140.87 73.48 -32.30
C LEU BA 354 140.73 72.63 -31.04
N ASN BA 355 140.82 73.31 -29.90
CA ASN BA 355 140.64 72.65 -28.62
C ASN BA 355 139.18 72.78 -28.22
N PRO BA 356 138.38 71.70 -28.30
CA PRO BA 356 137.01 71.78 -27.76
C PRO BA 356 136.99 72.17 -26.29
N PHE BA 357 137.74 71.45 -25.45
CA PHE BA 357 137.64 71.57 -23.98
C PHE BA 357 137.68 73.01 -23.46
N ARG BA 358 137.89 74.00 -24.33
CA ARG BA 358 137.84 75.40 -23.89
C ARG BA 358 136.42 75.80 -23.48
N LYS BA 359 135.40 75.08 -23.93
CA LYS BA 359 134.01 75.36 -23.60
C LYS BA 359 133.63 74.95 -22.18
N ILE BA 360 134.48 74.17 -21.52
CA ILE BA 360 134.16 73.58 -20.23
C ILE BA 360 135.28 73.91 -19.25
N GLU BA 361 134.92 74.02 -17.98
CA GLU BA 361 135.91 74.25 -16.94
C GLU BA 361 136.73 72.98 -16.73
N VAL BA 362 138.05 73.13 -16.60
CA VAL BA 362 138.95 72.00 -16.42
C VAL BA 362 139.80 72.26 -15.18
N ASP BA 363 139.65 71.41 -14.18
CA ASP BA 363 140.44 71.50 -12.95
C ASP BA 363 141.85 71.01 -13.25
N ASN BA 364 142.84 71.89 -13.11
CA ASN BA 364 144.21 71.53 -13.45
C ASN BA 364 144.77 70.47 -12.51
N ARG BA 365 144.18 70.32 -11.32
CA ARG BA 365 144.64 69.30 -10.38
C ARG BA 365 144.15 67.91 -10.74
N LYS BA 366 143.16 67.80 -11.63
CA LYS BA 366 142.64 66.50 -12.04
C LYS BA 366 142.94 66.17 -13.50
N PHE BA 367 143.30 67.16 -14.31
CA PHE BA 367 143.55 66.94 -15.73
C PHE BA 367 144.71 67.80 -16.19
N ASP BA 368 145.59 67.20 -16.97
CA ASP BA 368 146.69 67.93 -17.60
C ASP BA 368 146.15 68.64 -18.83
N PRO BA 369 146.28 69.97 -18.93
CA PRO BA 369 145.84 70.66 -20.15
C PRO BA 369 146.56 70.17 -21.40
N ALA BA 370 147.81 69.71 -21.29
CA ALA BA 370 148.55 69.26 -22.46
C ALA BA 370 147.93 68.01 -23.07
N PHE BA 371 147.76 66.96 -22.27
CA PHE BA 371 147.15 65.73 -22.76
C PHE BA 371 145.72 65.97 -23.24
N VAL BA 372 144.94 66.73 -22.46
CA VAL BA 372 143.60 67.11 -22.88
C VAL BA 372 143.64 67.70 -24.29
N MET BA 373 144.58 68.62 -24.53
CA MET BA 373 144.76 69.17 -25.86
C MET BA 373 145.14 68.09 -26.87
N ASP BA 374 145.94 67.10 -26.45
CA ASP BA 374 146.40 66.08 -27.38
C ASP BA 374 145.25 65.21 -27.87
N VAL BA 375 144.34 64.82 -26.97
CA VAL BA 375 143.21 63.97 -27.32
C VAL BA 375 141.97 64.79 -27.67
N ALA BA 376 142.10 66.12 -27.77
CA ALA BA 376 140.95 66.95 -28.12
C ALA BA 376 140.28 66.56 -29.44
N PRO BA 377 141.00 66.39 -30.57
CA PRO BA 377 140.29 66.11 -31.83
C PRO BA 377 139.45 64.84 -31.79
N MET BA 378 139.97 63.76 -31.22
CA MET BA 378 139.19 62.54 -31.08
C MET BA 378 137.96 62.77 -30.21
N ALA BA 379 138.08 63.59 -29.17
CA ALA BA 379 137.06 63.75 -28.16
C ALA BA 379 136.05 64.86 -28.47
N ALA BA 380 136.20 65.58 -29.58
CA ALA BA 380 135.32 66.70 -29.88
C ALA BA 380 133.83 66.34 -29.75
N VAL BA 381 133.40 65.28 -30.45
CA VAL BA 381 132.01 64.83 -30.35
C VAL BA 381 131.73 64.29 -28.96
N ALA BA 382 132.69 63.53 -28.41
CA ALA BA 382 132.66 62.92 -27.09
C ALA BA 382 132.40 63.91 -25.98
N VAL BA 383 132.68 65.18 -26.18
CA VAL BA 383 132.17 66.20 -25.27
C VAL BA 383 130.99 66.92 -25.89
N GLY BA 384 130.79 66.74 -27.20
CA GLY BA 384 129.71 67.35 -27.95
C GLY BA 384 128.32 67.07 -27.41
N LEU BA 385 127.89 65.83 -27.64
CA LEU BA 385 126.58 65.45 -27.12
C LEU BA 385 126.60 65.46 -25.60
N ALA BA 386 127.78 65.66 -25.01
CA ALA BA 386 127.96 65.77 -23.58
C ALA BA 386 127.61 67.15 -23.06
N LEU BA 387 127.81 68.21 -23.84
CA LEU BA 387 127.13 69.46 -23.50
C LEU BA 387 125.68 69.41 -23.93
N ARG BA 388 125.34 68.46 -24.82
CA ARG BA 388 123.93 68.24 -25.08
C ARG BA 388 123.21 67.64 -23.86
N ARG BA 389 123.95 66.94 -22.99
CA ARG BA 389 123.32 66.20 -21.90
C ARG BA 389 123.02 66.96 -20.59
N PRO BA 390 123.71 68.08 -20.26
CA PRO BA 390 123.22 68.85 -19.13
C PRO BA 390 122.45 70.05 -19.65
N GLY BA 391 122.01 69.96 -20.90
CA GLY BA 391 121.32 71.05 -21.54
C GLY BA 391 119.82 71.00 -21.29
N MET CA 1 127.49 52.80 -54.88
CA MET CA 1 127.52 51.36 -55.10
C MET CA 1 126.11 50.77 -55.01
N MET CA 2 125.82 49.83 -55.90
CA MET CA 2 124.51 49.20 -55.97
C MET CA 2 124.53 47.88 -55.21
N ILE CA 3 123.63 47.73 -54.25
CA ILE CA 3 123.49 46.51 -53.46
C ILE CA 3 122.15 45.89 -53.82
N ARG CA 4 122.18 44.78 -54.55
CA ARG CA 4 120.98 44.11 -55.02
C ARG CA 4 120.84 42.72 -54.39
N ILE CA 5 119.60 42.31 -54.21
CA ILE CA 5 119.32 41.02 -53.57
C ILE CA 5 118.11 40.35 -54.20
N ASN CA 6 118.37 39.40 -55.10
CA ASN CA 6 117.31 38.56 -55.67
C ASN CA 6 116.93 37.41 -54.75
N LEU CA 7 116.63 37.69 -53.48
CA LEU CA 7 116.23 36.62 -52.55
C LEU CA 7 114.78 36.75 -52.09
N LEU CA 8 114.03 35.67 -52.28
CA LEU CA 8 112.57 35.54 -52.30
C LEU CA 8 111.85 36.51 -53.29
N PRO CA 9 112.31 36.47 -54.53
CA PRO CA 9 111.40 36.31 -55.67
C PRO CA 9 111.74 35.04 -56.44
N VAL CA 10 111.13 34.87 -57.60
CA VAL CA 10 109.77 34.34 -57.67
C VAL CA 10 109.48 32.84 -57.91
N ARG CA 11 110.16 32.08 -58.78
CA ARG CA 11 109.82 30.67 -58.81
C ARG CA 11 110.16 30.06 -57.46
N ALA CA 12 111.12 30.66 -56.74
CA ALA CA 12 111.31 30.34 -55.33
C ALA CA 12 110.10 30.76 -54.51
N VAL CA 13 109.61 31.98 -54.72
CA VAL CA 13 108.45 32.49 -53.98
C VAL CA 13 107.28 31.55 -54.23
N LYS CA 14 106.76 31.58 -55.45
CA LYS CA 14 105.52 30.87 -55.76
C LYS CA 14 105.68 29.36 -55.69
N LYS CA 15 106.91 28.84 -55.65
CA LYS CA 15 107.04 27.40 -55.41
C LYS CA 15 107.06 27.09 -53.92
N ARG CA 16 107.52 28.01 -53.09
CA ARG CA 16 107.30 27.88 -51.66
C ARG CA 16 105.82 28.06 -51.33
N GLU CA 17 105.13 28.91 -52.08
CA GLU CA 17 103.70 29.12 -51.87
C GLU CA 17 102.89 27.91 -52.30
N MET CA 18 103.11 27.41 -53.52
CA MET CA 18 102.46 26.16 -53.92
C MET CA 18 102.82 25.05 -52.94
N GLY CA 19 104.08 25.01 -52.49
CA GLY CA 19 104.46 24.05 -51.47
C GLY CA 19 103.64 24.16 -50.21
N ARG CA 20 103.29 25.39 -49.81
CA ARG CA 20 102.46 25.59 -48.64
C ARG CA 20 101.02 25.12 -48.90
N GLN CA 21 100.44 25.54 -50.02
CA GLN CA 21 99.04 25.24 -50.30
C GLN CA 21 98.80 23.74 -50.42
N VAL CA 22 99.66 23.03 -51.14
CA VAL CA 22 99.51 21.58 -51.27
C VAL CA 22 99.47 20.91 -49.90
N LEU CA 23 100.32 21.37 -48.98
CA LEU CA 23 100.36 20.80 -47.63
C LEU CA 23 99.13 21.16 -46.82
N VAL CA 24 98.61 22.39 -46.97
CA VAL CA 24 97.37 22.75 -46.30
C VAL CA 24 96.23 21.85 -46.77
N LEU CA 25 96.15 21.61 -48.09
CA LEU CA 25 95.14 20.70 -48.62
C LEU CA 25 95.29 19.31 -48.02
N PHE CA 26 96.53 18.80 -47.97
CA PHE CA 26 96.78 17.54 -47.29
C PHE CA 26 96.21 17.54 -45.87
N ALA CA 27 96.51 18.59 -45.11
CA ALA CA 27 96.05 18.67 -43.73
C ALA CA 27 94.54 18.64 -43.64
N VAL CA 28 93.85 19.39 -44.50
CA VAL CA 28 92.39 19.42 -44.46
C VAL CA 28 91.82 18.05 -44.76
N VAL CA 29 92.28 17.41 -45.84
CA VAL CA 29 91.78 16.09 -46.20
C VAL CA 29 92.00 15.11 -45.06
N LEU CA 30 93.17 15.16 -44.41
CA LEU CA 30 93.47 14.21 -43.35
C LEU CA 30 92.65 14.48 -42.09
N ILE CA 31 92.30 15.75 -41.83
CA ILE CA 31 91.44 16.05 -40.70
C ILE CA 31 90.02 15.52 -40.96
N GLY CA 32 89.50 15.74 -42.17
CA GLY CA 32 88.20 15.20 -42.50
C GLY CA 32 88.14 13.69 -42.39
N ALA CA 33 89.09 13.00 -43.05
CA ALA CA 33 89.16 11.54 -42.93
C ALA CA 33 89.26 11.12 -41.47
N GLY CA 34 90.02 11.86 -40.67
CA GLY CA 34 90.04 11.61 -39.24
C GLY CA 34 88.66 11.62 -38.63
N VAL CA 35 87.93 12.73 -38.82
CA VAL CA 35 86.58 12.86 -38.27
C VAL CA 35 85.71 11.67 -38.68
N ALA CA 36 85.84 11.23 -39.94
CA ALA CA 36 85.10 10.05 -40.38
C ALA CA 36 85.48 8.83 -39.54
N ASN CA 37 86.78 8.51 -39.48
CA ASN CA 37 87.24 7.39 -38.65
C ASN CA 37 86.64 7.44 -37.26
N TYR CA 38 86.64 8.64 -36.66
CA TYR CA 38 85.95 8.85 -35.40
C TYR CA 38 84.49 8.41 -35.51
N LEU CA 39 83.60 9.28 -35.99
CA LEU CA 39 82.16 9.00 -36.00
C LEU CA 39 81.87 7.51 -36.18
N TRP CA 40 82.59 6.86 -37.10
CA TRP CA 40 82.57 5.40 -37.18
C TRP CA 40 82.83 4.76 -35.81
N TYR CA 41 83.93 5.15 -35.14
CA TYR CA 41 84.25 4.52 -33.84
C TYR CA 41 83.08 4.61 -32.85
N ASP CA 42 82.30 5.69 -32.93
CA ASP CA 42 81.21 5.89 -31.98
C ASP CA 42 80.04 4.99 -32.30
N ASP CA 43 79.64 4.93 -33.58
CA ASP CA 43 78.59 3.99 -33.94
C ASP CA 43 78.99 2.56 -33.58
N ARG CA 44 80.28 2.25 -33.64
CA ARG CA 44 80.74 0.91 -33.29
C ARG CA 44 80.66 0.65 -31.80
N GLN CA 45 80.98 1.64 -30.97
CA GLN CA 45 80.85 1.45 -29.53
C GLN CA 45 79.38 1.31 -29.12
N SER CA 46 78.49 2.09 -29.76
CA SER CA 46 77.07 1.91 -29.52
C SER CA 46 76.63 0.49 -29.86
N GLU CA 47 77.01 -0.01 -31.04
CA GLU CA 47 76.65 -1.37 -31.41
C GLU CA 47 77.19 -2.37 -30.39
N LEU CA 48 78.44 -2.17 -29.93
CA LEU CA 48 79.01 -3.05 -28.91
C LEU CA 48 78.18 -3.06 -27.63
N GLU CA 49 77.70 -1.90 -27.20
CA GLU CA 49 76.90 -1.87 -25.98
C GLU CA 49 75.57 -2.60 -26.18
N ALA CA 50 74.90 -2.38 -27.32
CA ALA CA 50 73.68 -3.11 -27.60
C ALA CA 50 73.93 -4.62 -27.59
N HIS CA 51 75.03 -5.06 -28.20
CA HIS CA 51 75.31 -6.48 -28.29
C HIS CA 51 75.64 -7.08 -26.93
N GLN CA 52 76.37 -6.34 -26.09
CA GLN CA 52 76.63 -6.82 -24.73
C GLN CA 52 75.35 -6.88 -23.91
N ALA CA 53 74.41 -5.96 -24.13
CA ALA CA 53 73.09 -6.09 -23.53
C ALA CA 53 72.44 -7.40 -23.96
N GLY CA 54 72.49 -7.71 -25.27
CA GLY CA 54 71.94 -8.97 -25.73
C GLY CA 54 72.61 -10.19 -25.10
N VAL CA 55 73.94 -10.15 -24.97
CA VAL CA 55 74.65 -11.27 -24.34
C VAL CA 55 74.21 -11.44 -22.90
N ALA CA 56 74.02 -10.34 -22.17
CA ALA CA 56 73.44 -10.43 -20.85
C ALA CA 56 72.07 -11.09 -20.89
N SER CA 57 71.24 -10.71 -21.87
CA SER CA 57 69.97 -11.39 -22.06
C SER CA 57 70.12 -12.88 -22.34
N THR CA 58 71.26 -13.33 -22.87
CA THR CA 58 71.50 -14.77 -22.92
C THR CA 58 71.80 -15.32 -21.52
N LYS CA 59 72.83 -14.78 -20.88
CA LYS CA 59 73.28 -15.32 -19.61
C LYS CA 59 72.19 -15.32 -18.54
N ALA CA 60 71.16 -14.50 -18.70
CA ALA CA 60 70.04 -14.54 -17.76
C ALA CA 60 69.21 -15.81 -17.94
N ARG CA 61 68.59 -15.95 -19.12
CA ARG CA 61 67.68 -17.05 -19.37
C ARG CA 61 68.38 -18.40 -19.42
N ILE CA 62 69.65 -18.46 -19.81
CA ILE CA 62 70.38 -19.72 -19.70
C ILE CA 62 70.46 -20.17 -18.25
N ALA CA 63 70.72 -19.23 -17.33
CA ALA CA 63 70.65 -19.55 -15.91
C ALA CA 63 69.25 -20.00 -15.50
N GLU CA 64 68.23 -19.26 -15.95
CA GLU CA 64 66.85 -19.68 -15.73
C GLU CA 64 66.67 -21.15 -16.09
N LEU CA 65 67.26 -21.58 -17.20
CA LEU CA 65 67.02 -22.91 -17.74
C LEU CA 65 67.83 -23.97 -17.03
N GLU CA 66 69.05 -23.64 -16.63
CA GLU CA 66 69.82 -24.54 -15.78
C GLU CA 66 69.10 -24.80 -14.47
N LYS CA 67 68.39 -23.79 -13.97
CA LYS CA 67 67.60 -23.98 -12.75
C LYS CA 67 66.36 -24.83 -13.02
N ILE CA 68 65.63 -24.51 -14.08
CA ILE CA 68 64.40 -25.25 -14.36
C ILE CA 68 64.69 -26.71 -14.68
N ILE CA 69 65.81 -26.98 -15.35
CA ILE CA 69 66.18 -28.37 -15.64
C ILE CA 69 66.75 -29.04 -14.40
N GLY CA 70 67.46 -28.28 -13.56
CA GLY CA 70 67.82 -28.81 -12.25
C GLY CA 70 66.59 -29.32 -11.51
N GLU CA 71 65.51 -28.55 -11.54
CA GLU CA 71 64.25 -29.04 -11.03
C GLU CA 71 63.87 -30.32 -11.75
N VAL CA 72 63.68 -30.25 -13.07
CA VAL CA 72 63.12 -31.39 -13.82
C VAL CA 72 63.86 -32.69 -13.53
N LYS CA 73 65.16 -32.60 -13.23
CA LYS CA 73 65.92 -33.81 -12.90
C LYS CA 73 65.70 -34.22 -11.45
N ASN CA 74 65.92 -33.29 -10.51
CA ASN CA 74 65.56 -33.53 -9.11
C ASN CA 74 64.22 -34.25 -9.02
N ILE CA 75 63.24 -33.74 -9.74
CA ILE CA 75 61.97 -34.36 -10.04
C ILE CA 75 62.14 -35.80 -10.47
N ASN CA 76 62.64 -35.99 -11.69
CA ASN CA 76 62.48 -37.26 -12.40
C ASN CA 76 63.08 -38.42 -11.63
N THR CA 77 64.11 -38.16 -10.82
CA THR CA 77 64.72 -39.28 -10.10
C THR CA 77 63.92 -39.69 -8.88
N ARG CA 78 63.22 -38.76 -8.23
CA ARG CA 78 62.40 -39.08 -7.07
C ARG CA 78 61.12 -39.82 -7.45
N LYS CA 79 60.60 -39.58 -8.66
CA LYS CA 79 59.36 -40.24 -9.10
C LYS CA 79 59.52 -41.75 -9.15
N ALA CA 80 60.64 -42.23 -9.71
CA ALA CA 80 60.88 -43.67 -9.82
C ALA CA 80 61.00 -44.35 -8.46
N GLU CA 81 61.54 -43.68 -7.45
CA GLU CA 81 61.51 -44.26 -6.11
C GLU CA 81 60.11 -44.22 -5.52
N VAL CA 82 59.29 -43.26 -5.95
CA VAL CA 82 57.94 -43.19 -5.42
C VAL CA 82 57.06 -44.31 -5.96
N GLU CA 83 56.98 -44.46 -7.29
CA GLU CA 83 56.23 -45.57 -7.88
C GLU CA 83 56.56 -46.89 -7.19
N LYS CA 84 57.84 -47.08 -6.86
CA LYS CA 84 58.31 -48.34 -6.28
C LYS CA 84 57.90 -48.47 -4.82
N LYS CA 85 58.28 -47.49 -3.99
CA LYS CA 85 57.84 -47.47 -2.59
C LYS CA 85 56.34 -47.68 -2.47
N LEU CA 86 55.57 -47.01 -3.33
CA LEU CA 86 54.12 -47.16 -3.32
C LEU CA 86 53.71 -48.59 -3.68
N ALA CA 87 54.21 -49.12 -4.81
CA ALA CA 87 53.84 -50.48 -5.18
C ALA CA 87 54.07 -51.45 -4.03
N VAL CA 88 55.16 -51.23 -3.28
CA VAL CA 88 55.32 -51.91 -2.00
C VAL CA 88 54.14 -51.63 -1.09
N LEU CA 89 53.74 -50.35 -0.94
CA LEU CA 89 52.66 -50.00 -0.03
C LEU CA 89 51.35 -50.68 -0.40
N ASP CA 90 51.05 -50.81 -1.70
CA ASP CA 90 49.83 -51.45 -2.16
C ASP CA 90 49.92 -52.96 -2.07
N ALA CA 91 51.13 -53.52 -2.06
CA ALA CA 91 51.27 -54.92 -1.70
C ALA CA 91 51.03 -55.12 -0.21
N LEU CA 92 51.43 -54.15 0.62
CA LEU CA 92 51.32 -54.30 2.06
C LEU CA 92 49.89 -54.08 2.55
N ARG CA 93 49.16 -53.13 1.96
CA ARG CA 93 47.74 -52.98 2.29
C ARG CA 93 46.97 -54.25 1.97
N LYS CA 94 47.37 -54.97 0.91
CA LYS CA 94 46.85 -56.31 0.67
C LYS CA 94 47.41 -57.30 1.69
N GLY CA 95 48.56 -56.99 2.28
CA GLY CA 95 49.13 -57.82 3.33
C GLY CA 95 48.54 -57.57 4.70
N ARG CA 96 47.70 -56.55 4.86
CA ARG CA 96 46.92 -56.34 6.06
C ARG CA 96 45.45 -56.61 5.87
N SER CA 97 44.93 -56.42 4.65
CA SER CA 97 43.61 -56.94 4.33
C SER CA 97 43.63 -58.46 4.33
N GLY CA 98 44.73 -59.03 3.85
CA GLY CA 98 44.92 -60.47 3.78
C GLY CA 98 44.48 -61.21 5.03
N PRO CA 99 45.26 -61.10 6.11
CA PRO CA 99 44.95 -61.84 7.35
C PRO CA 99 43.53 -61.63 7.86
N VAL CA 100 42.71 -60.92 7.11
CA VAL CA 100 41.34 -60.66 7.51
C VAL CA 100 40.38 -60.97 6.36
N ARG CA 101 40.85 -60.87 5.11
CA ARG CA 101 39.90 -60.80 4.02
C ARG CA 101 39.49 -62.17 3.49
N MET CA 102 40.14 -62.68 2.44
CA MET CA 102 39.53 -63.81 1.75
C MET CA 102 40.47 -64.97 1.43
N MET CA 103 41.54 -64.74 0.68
CA MET CA 103 42.36 -65.86 0.21
C MET CA 103 43.15 -66.54 1.33
N ASP CA 104 43.16 -65.99 2.53
CA ASP CA 104 44.36 -66.02 3.35
C ASP CA 104 44.36 -67.06 4.47
N ALA CA 105 43.24 -67.70 4.78
CA ALA CA 105 43.29 -68.80 5.72
C ALA CA 105 43.05 -70.13 5.03
N LEU CA 106 42.30 -70.11 3.93
CA LEU CA 106 41.92 -71.31 3.21
C LEU CA 106 42.97 -71.62 2.13
N ALA CA 107 43.32 -72.89 1.84
CA ALA CA 107 42.48 -74.11 1.81
C ALA CA 107 41.48 -73.88 0.67
N SER CA 108 42.06 -73.75 -0.52
CA SER CA 108 41.36 -73.41 -1.77
C SER CA 108 40.72 -72.03 -1.65
N ALA CA 109 41.02 -71.16 -2.61
CA ALA CA 109 40.57 -69.77 -2.55
C ALA CA 109 39.11 -69.60 -2.98
N THR CA 110 38.21 -70.39 -2.40
CA THR CA 110 36.80 -70.32 -2.74
C THR CA 110 35.97 -69.79 -1.57
N PRO CA 111 35.00 -68.90 -1.83
CA PRO CA 111 34.22 -68.17 -0.83
C PRO CA 111 33.09 -68.99 -0.20
N LYS CA 112 32.59 -68.59 0.97
CA LYS CA 112 33.07 -67.42 1.72
C LYS CA 112 34.32 -67.77 2.53
N LYS CA 113 35.27 -66.84 2.58
CA LYS CA 113 36.63 -67.17 2.99
C LYS CA 113 37.17 -66.05 3.87
N VAL CA 114 37.60 -66.37 5.09
CA VAL CA 114 38.05 -65.40 6.13
C VAL CA 114 37.11 -64.19 6.32
N TRP CA 115 36.47 -63.80 5.23
CA TRP CA 115 35.05 -63.44 5.06
C TRP CA 115 34.14 -62.62 5.97
N VAL CA 116 32.87 -63.04 5.83
CA VAL CA 116 31.61 -62.47 6.30
C VAL CA 116 31.19 -63.21 7.57
N LYS CA 117 30.46 -62.55 8.45
CA LYS CA 117 30.31 -63.07 9.80
C LYS CA 117 29.07 -63.94 10.03
N THR CA 118 27.90 -63.33 10.24
CA THR CA 118 26.75 -64.08 10.74
C THR CA 118 25.67 -64.21 9.68
N PHE CA 119 24.92 -65.32 9.76
CA PHE CA 119 23.79 -65.61 8.86
C PHE CA 119 22.60 -66.05 9.71
N SER CA 120 21.44 -65.48 9.43
CA SER CA 120 20.22 -65.81 10.19
C SER CA 120 19.02 -65.55 9.30
N GLU CA 121 18.16 -66.57 9.15
CA GLU CA 121 17.06 -66.56 8.21
C GLU CA 121 15.73 -66.72 8.92
N ASN CA 122 14.66 -66.61 8.12
CA ASN CA 122 13.29 -66.84 8.62
C ASN CA 122 12.37 -67.36 7.52
N ASN CA 123 12.92 -68.01 6.49
CA ASN CA 123 12.17 -68.61 5.38
C ASN CA 123 11.40 -67.58 4.57
N ASN CA 124 11.71 -66.29 4.76
CA ASN CA 124 11.18 -65.23 3.91
C ASN CA 124 12.28 -64.23 3.62
N ALA CA 125 13.12 -63.96 4.62
CA ALA CA 125 14.25 -63.06 4.46
C ALA CA 125 15.43 -63.60 5.26
N VAL CA 126 16.63 -63.20 4.86
CA VAL CA 126 17.85 -63.50 5.58
C VAL CA 126 18.47 -62.18 6.02
N SER CA 127 18.84 -62.09 7.30
CA SER CA 127 19.45 -60.88 7.86
C SER CA 127 20.90 -61.24 8.18
N ILE CA 128 21.80 -60.89 7.27
CA ILE CA 128 23.17 -61.34 7.34
C ILE CA 128 24.03 -60.29 8.05
N ASP CA 129 25.26 -60.67 8.36
CA ASP CA 129 26.21 -59.82 9.07
C ASP CA 129 27.58 -60.17 8.52
N GLY CA 130 28.36 -59.17 8.09
CA GLY CA 130 29.51 -59.45 7.27
C GLY CA 130 30.65 -58.46 7.39
N SER CA 131 31.62 -58.64 6.51
CA SER CA 131 32.86 -57.89 6.43
C SER CA 131 33.45 -58.07 5.03
N ALA CA 132 33.91 -56.97 4.43
CA ALA CA 132 34.45 -57.00 3.08
C ALA CA 132 35.75 -56.21 3.03
N VAL CA 133 36.37 -56.19 1.84
CA VAL CA 133 37.72 -55.63 1.76
C VAL CA 133 37.70 -54.12 1.83
N SER CA 134 36.70 -53.48 1.22
CA SER CA 134 36.74 -52.03 1.07
C SER CA 134 35.40 -51.57 0.51
N HIS CA 135 35.40 -50.36 -0.04
CA HIS CA 135 34.26 -49.77 -0.73
C HIS CA 135 34.05 -50.44 -2.08
N ASP CA 136 34.82 -51.47 -2.38
CA ASP CA 136 34.83 -52.13 -3.68
C ASP CA 136 34.19 -53.50 -3.66
N GLU CA 137 34.72 -54.44 -2.87
CA GLU CA 137 34.13 -55.77 -2.81
C GLU CA 137 32.79 -55.78 -2.10
N VAL CA 138 32.54 -54.85 -1.18
CA VAL CA 138 31.18 -54.70 -0.68
C VAL CA 138 30.30 -54.08 -1.73
N ALA CA 139 30.88 -53.30 -2.65
CA ALA CA 139 30.11 -52.77 -3.77
C ALA CA 139 29.88 -53.85 -4.82
N GLU CA 140 30.87 -54.71 -5.06
CA GLU CA 140 30.67 -55.86 -5.94
C GLU CA 140 29.58 -56.77 -5.38
N PHE CA 141 29.65 -57.07 -4.08
CA PHE CA 141 28.68 -57.95 -3.44
C PHE CA 141 27.29 -57.33 -3.45
N MET CA 142 27.20 -56.03 -3.12
CA MET CA 142 25.89 -55.38 -3.08
C MET CA 142 25.30 -55.24 -4.48
N ARG CA 143 26.16 -55.05 -5.49
CA ARG CA 143 25.68 -55.02 -6.86
C ARG CA 143 25.15 -56.38 -7.30
N GLY CA 144 25.87 -57.45 -6.94
CA GLY CA 144 25.43 -58.79 -7.30
C GLY CA 144 24.04 -59.16 -6.79
N LEU CA 145 23.49 -58.37 -5.87
CA LEU CA 145 22.16 -58.63 -5.32
C LEU CA 145 21.13 -57.66 -5.87
N ASN CA 146 20.92 -56.55 -5.16
CA ASN CA 146 19.84 -55.64 -5.48
C ASN CA 146 20.04 -54.32 -4.73
N GLY CA 147 19.25 -53.33 -5.11
CA GLY CA 147 19.29 -51.98 -4.58
C GLY CA 147 17.90 -51.37 -4.59
N VAL CA 148 17.44 -50.87 -3.44
CA VAL CA 148 16.03 -50.66 -3.20
C VAL CA 148 15.82 -49.35 -2.45
N VAL CA 149 14.71 -48.67 -2.76
CA VAL CA 149 14.24 -47.53 -1.96
C VAL CA 149 13.23 -48.10 -0.95
N TRP CA 150 13.68 -48.25 0.29
CA TRP CA 150 12.81 -48.78 1.34
C TRP CA 150 12.07 -47.66 2.04
N THR CA 151 10.83 -47.94 2.47
CA THR CA 151 10.02 -46.86 3.04
C THR CA 151 9.43 -47.27 4.40
N PRO CA 152 8.14 -47.69 4.53
CA PRO CA 152 7.55 -47.70 5.88
C PRO CA 152 8.01 -48.90 6.69
N LYS CA 153 8.91 -48.67 7.64
CA LYS CA 153 9.49 -49.77 8.40
C LYS CA 153 8.64 -50.07 9.63
N GLY CA 154 8.47 -51.35 9.92
CA GLY CA 154 7.79 -51.78 11.12
C GLY CA 154 8.75 -52.21 12.21
N MET CA 155 8.56 -51.71 13.42
CA MET CA 155 9.41 -52.05 14.54
C MET CA 155 8.88 -53.28 15.26
N GLY CA 156 9.76 -54.24 15.53
CA GLY CA 156 9.34 -55.49 16.14
C GLY CA 156 10.27 -55.90 17.26
N ARG CA 157 9.77 -56.83 18.08
CA ARG CA 157 10.43 -57.22 19.33
C ARG CA 157 11.80 -57.86 19.12
N LEU CA 158 12.13 -58.23 17.88
CA LEU CA 158 13.47 -58.72 17.59
C LEU CA 158 14.50 -57.60 17.56
N VAL CA 159 14.11 -56.42 17.08
CA VAL CA 159 15.00 -55.25 17.10
C VAL CA 159 15.46 -54.97 18.53
N ASP CA 160 14.52 -54.90 19.48
CA ASP CA 160 14.87 -54.63 20.86
C ASP CA 160 15.68 -55.77 21.47
N ARG CA 161 15.39 -57.02 21.06
CA ARG CA 161 16.24 -58.14 21.48
C ARG CA 161 17.66 -57.99 20.95
N ARG CA 162 17.85 -57.28 19.84
CA ARG CA 162 19.20 -56.93 19.43
C ARG CA 162 19.77 -55.80 20.28
N ARG CA 163 18.95 -54.81 20.62
CA ARG CA 163 19.37 -53.77 21.56
C ARG CA 163 19.60 -54.32 22.95
N ASP CA 164 18.82 -55.34 23.34
CA ASP CA 164 19.01 -56.01 24.61
C ASP CA 164 20.22 -56.93 24.64
N SER CA 165 20.81 -57.26 23.48
CA SER CA 165 21.88 -58.23 23.34
C SER CA 165 21.30 -59.64 23.55
N LYS CA 166 19.98 -59.73 23.71
CA LYS CA 166 19.38 -61.00 24.10
C LYS CA 166 19.39 -62.03 22.99
N THR CA 167 19.53 -61.61 21.73
CA THR CA 167 19.75 -62.52 20.60
C THR CA 167 21.16 -62.27 20.08
N ALA CA 168 21.99 -63.31 20.14
CA ALA CA 168 23.42 -63.12 20.03
C ALA CA 168 23.82 -62.75 18.60
N ARG CA 169 24.31 -61.52 18.48
CA ARG CA 169 24.84 -60.92 17.23
C ARG CA 169 26.31 -59.73 17.28
N VAL CA 170 26.84 -59.05 16.20
CA VAL CA 170 27.85 -57.99 16.29
C VAL CA 170 27.20 -56.60 16.24
N GLU CA 171 26.79 -56.07 17.40
CA GLU CA 171 26.07 -54.79 17.52
C GLU CA 171 26.91 -53.57 17.08
N MET CA 172 27.92 -53.78 16.22
CA MET CA 172 28.24 -52.83 15.16
C MET CA 172 27.06 -52.58 14.24
N LEU CA 173 26.11 -53.50 14.20
CA LEU CA 173 25.07 -53.58 13.19
C LEU CA 173 23.87 -52.73 13.54
N THR CA 174 23.30 -52.07 12.52
CA THR CA 174 21.92 -51.59 12.62
C THR CA 174 20.98 -52.79 12.76
N SER CA 175 19.73 -52.49 13.11
CA SER CA 175 18.82 -53.56 13.48
C SER CA 175 17.85 -53.91 12.34
N ASP CA 176 16.63 -54.28 12.70
CA ASP CA 176 15.47 -54.36 11.81
C ASP CA 176 15.49 -55.53 10.82
N ALA CA 177 14.32 -55.85 10.27
CA ALA CA 177 14.13 -56.88 9.25
C ALA CA 177 12.67 -56.91 8.77
N THR CA 178 12.01 -55.76 8.74
CA THR CA 178 10.60 -55.69 8.35
C THR CA 178 10.33 -54.32 7.73
N ILE CA 179 9.92 -54.30 6.46
CA ILE CA 179 9.73 -53.04 5.75
C ILE CA 179 9.02 -53.31 4.43
N GLU CA 180 8.94 -52.28 3.58
CA GLU CA 180 8.35 -52.38 2.25
C GLU CA 180 9.32 -51.76 1.26
N GLU CA 181 9.60 -52.47 0.16
CA GLU CA 181 10.76 -52.21 -0.67
C GLU CA 181 10.34 -51.82 -2.09
N PHE CA 182 11.06 -50.84 -2.67
CA PHE CA 182 10.90 -50.44 -4.07
C PHE CA 182 12.22 -50.56 -4.80
N PRO CA 183 12.25 -51.20 -5.96
CA PRO CA 183 13.54 -51.47 -6.61
C PRO CA 183 14.16 -50.22 -7.23
N GLU CA 184 15.44 -50.02 -6.95
CA GLU CA 184 16.26 -49.03 -7.64
C GLU CA 184 17.12 -49.67 -8.71
N ALA CA 185 18.01 -50.58 -8.34
CA ALA CA 185 18.77 -51.35 -9.31
C ALA CA 185 18.72 -52.81 -8.90
N GLN CA 186 19.05 -53.69 -9.84
CA GLN CA 186 18.92 -55.11 -9.60
C GLN CA 186 19.95 -55.86 -10.44
N VAL CA 187 20.37 -57.02 -9.96
CA VAL CA 187 21.27 -57.87 -10.76
C VAL CA 187 20.89 -59.34 -10.61
N SER CA 188 20.60 -59.77 -9.40
CA SER CA 188 20.09 -61.13 -9.21
C SER CA 188 18.57 -61.10 -9.34
N PRO CA 189 17.98 -61.76 -10.34
CA PRO CA 189 16.50 -61.83 -10.39
C PRO CA 189 15.95 -62.62 -9.24
N PHE CA 190 16.81 -63.22 -8.43
CA PHE CA 190 16.32 -64.09 -7.36
C PHE CA 190 16.40 -63.39 -6.01
N PHE CA 191 17.03 -62.23 -5.94
CA PHE CA 191 17.32 -61.59 -4.67
C PHE CA 191 16.78 -60.18 -4.64
N LYS CA 192 16.05 -59.86 -3.59
CA LYS CA 192 15.60 -58.51 -3.29
C LYS CA 192 16.32 -58.09 -2.01
N ASN CA 193 17.47 -57.45 -2.17
CA ASN CA 193 18.16 -56.84 -1.06
C ASN CA 193 17.44 -55.55 -0.66
N ILE CA 194 17.26 -55.35 0.65
CA ILE CA 194 16.53 -54.15 1.07
C ILE CA 194 17.45 -52.93 1.05
N ASP CA 195 18.71 -53.10 1.49
CA ASP CA 195 19.71 -52.05 1.52
C ASP CA 195 20.96 -52.55 2.26
N LEU CA 196 22.12 -51.97 1.95
CA LEU CA 196 23.30 -52.14 2.80
C LEU CA 196 23.00 -51.41 4.10
N GLN CA 197 22.48 -52.16 5.07
CA GLN CA 197 21.97 -51.54 6.30
C GLN CA 197 23.04 -50.75 7.03
N THR CA 198 24.29 -51.24 7.04
CA THR CA 198 25.36 -50.41 7.58
C THR CA 198 26.70 -50.89 7.08
N ALA CA 199 27.72 -50.05 7.28
CA ALA CA 199 29.10 -50.40 6.91
C ALA CA 199 30.06 -49.43 7.58
N LYS CA 200 31.04 -49.99 8.30
CA LYS CA 200 32.02 -49.24 9.07
C LYS CA 200 33.37 -49.91 8.94
N GLN CA 201 34.37 -49.17 8.43
CA GLN CA 201 35.71 -49.71 8.28
C GLN CA 201 36.39 -49.78 9.65
N VAL CA 202 36.57 -50.99 10.15
CA VAL CA 202 37.16 -51.24 11.46
C VAL CA 202 38.68 -51.37 11.29
N GLY CA 203 39.44 -50.46 11.92
CA GLY CA 203 40.87 -50.40 11.69
C GLY CA 203 41.69 -51.35 12.54
N GLY CA 204 41.34 -51.50 13.82
CA GLY CA 204 42.10 -52.35 14.71
C GLY CA 204 42.96 -51.54 15.67
N ALA CA 205 44.06 -52.15 16.09
CA ALA CA 205 44.94 -51.54 17.08
C ALA CA 205 46.34 -52.12 16.93
N GLN CA 206 47.22 -51.75 17.86
CA GLN CA 206 48.59 -52.25 17.86
C GLN CA 206 48.66 -53.74 18.12
N VAL CA 207 47.61 -54.34 18.68
CA VAL CA 207 47.59 -55.77 18.88
C VAL CA 207 47.27 -56.51 17.59
N GLY CA 208 46.66 -55.85 16.60
CA GLY CA 208 46.36 -56.51 15.34
C GLY CA 208 45.39 -55.77 14.46
N VAL CA 209 45.29 -56.20 13.20
CA VAL CA 209 44.44 -55.55 12.21
C VAL CA 209 43.14 -56.31 11.98
N PRO CA 210 42.11 -55.58 11.52
CA PRO CA 210 41.25 -56.10 10.45
C PRO CA 210 41.25 -55.15 9.25
N ILE CA 211 41.14 -53.84 9.50
CA ILE CA 211 41.22 -52.78 8.50
C ILE CA 211 40.05 -52.86 7.52
N LEU CA 212 39.36 -54.00 7.49
CA LEU CA 212 38.31 -54.22 6.50
C LEU CA 212 37.07 -53.37 6.84
N VAL CA 213 36.07 -53.47 5.97
CA VAL CA 213 34.81 -52.75 6.16
C VAL CA 213 33.76 -53.75 6.67
N GLU CA 214 33.48 -53.67 7.96
CA GLU CA 214 32.37 -54.42 8.53
C GLU CA 214 31.06 -53.91 7.92
N PHE CA 215 30.08 -54.79 7.75
CA PHE CA 215 28.83 -54.34 7.15
C PHE CA 215 27.67 -55.23 7.58
N LYS CA 216 26.46 -54.77 7.26
CA LYS CA 216 25.23 -55.52 7.47
C LYS CA 216 24.21 -55.24 6.38
N ILE CA 217 23.57 -56.33 5.93
CA ILE CA 217 22.60 -56.37 4.85
C ILE CA 217 21.46 -57.31 5.26
N THR CA 218 20.24 -56.98 4.80
CA THR CA 218 19.10 -57.87 4.90
C THR CA 218 18.46 -58.01 3.53
N MET CA 219 18.08 -59.23 3.17
CA MET CA 219 17.67 -59.55 1.81
C MET CA 219 16.61 -60.64 1.82
N THR CA 220 15.45 -60.37 1.23
CA THR CA 220 14.48 -61.42 0.97
C THR CA 220 14.74 -62.01 -0.42
N SER CA 221 14.91 -63.34 -0.47
CA SER CA 221 15.32 -64.09 -1.66
C SER CA 221 14.20 -64.13 -2.70
N ASN CA 222 14.01 -65.27 -3.36
CA ASN CA 222 12.83 -65.45 -4.24
C ASN CA 222 12.37 -66.91 -4.22
N TYR CA 223 11.06 -67.08 -4.41
CA TYR CA 223 10.44 -68.38 -4.28
C TYR CA 223 9.22 -68.33 -3.37
N MET DA 1 110.65 19.56 -70.41
CA MET DA 1 110.56 20.93 -69.92
C MET DA 1 111.26 20.97 -68.55
N ASP DA 2 112.58 21.16 -68.64
CA ASP DA 2 113.65 20.45 -67.93
C ASP DA 2 113.75 20.65 -66.42
N LYS DA 3 113.64 21.91 -66.00
CA LYS DA 3 114.05 22.24 -64.65
C LYS DA 3 113.22 21.47 -63.64
N TYR DA 4 112.23 20.71 -64.15
CA TYR DA 4 111.24 20.06 -63.32
C TYR DA 4 111.58 18.58 -63.08
N LEU DA 5 112.37 17.92 -63.98
CA LEU DA 5 112.98 16.67 -63.52
C LEU DA 5 114.22 16.98 -62.72
N ASP DA 6 114.75 18.19 -62.87
CA ASP DA 6 115.78 18.50 -61.89
C ASP DA 6 115.17 18.67 -60.52
N GLN DA 7 114.00 19.32 -60.44
CA GLN DA 7 113.34 19.49 -59.15
C GLN DA 7 112.75 18.18 -58.66
N PHE DA 8 112.32 17.32 -59.59
CA PHE DA 8 111.68 16.06 -59.21
C PHE DA 8 112.71 15.03 -58.76
N VAL DA 9 113.95 15.13 -59.26
CA VAL DA 9 115.05 14.30 -58.77
C VAL DA 9 115.65 14.83 -57.49
N LYS DA 10 115.51 16.13 -57.22
CA LYS DA 10 116.10 16.74 -56.03
C LYS DA 10 115.31 16.61 -54.72
N ALA DA 11 114.55 17.67 -54.40
CA ALA DA 11 113.81 17.90 -53.14
C ALA DA 11 114.65 18.71 -52.15
N PRO DA 12 113.97 19.48 -51.28
CA PRO DA 12 114.14 19.65 -49.82
C PRO DA 12 112.78 19.95 -49.05
N PRO DA 13 112.40 21.21 -48.63
CA PRO DA 13 111.24 21.31 -47.72
C PRO DA 13 109.93 20.85 -48.36
N ALA DA 14 109.67 21.25 -49.60
CA ALA DA 14 108.40 20.92 -50.25
C ALA DA 14 108.19 19.41 -50.31
N ILE DA 15 109.25 18.65 -50.53
CA ILE DA 15 109.13 17.22 -50.73
C ILE DA 15 109.29 16.46 -49.41
N LYS DA 16 110.02 17.03 -48.44
CA LYS DA 16 109.97 16.48 -47.08
C LYS DA 16 108.55 16.58 -46.52
N PHE DA 17 107.95 17.76 -46.64
CA PHE DA 17 106.54 17.92 -46.29
C PHE DA 17 105.67 16.96 -47.08
N GLY DA 18 105.90 16.88 -48.40
CA GLY DA 18 105.10 15.96 -49.22
C GLY DA 18 105.17 14.53 -48.73
N GLY DA 19 106.39 14.03 -48.50
CA GLY DA 19 106.54 12.67 -48.01
C GLY DA 19 105.87 12.44 -46.67
N LEU DA 20 106.03 13.38 -45.73
CA LEU DA 20 105.27 13.32 -44.48
C LEU DA 20 103.78 13.18 -44.77
N ALA DA 21 103.28 13.90 -45.78
CA ALA DA 21 101.85 13.90 -46.06
C ALA DA 21 101.38 12.56 -46.65
N PHE DA 22 102.15 11.99 -47.59
CA PHE DA 22 101.79 10.68 -48.11
C PHE DA 22 101.83 9.63 -47.02
N VAL DA 23 102.78 9.75 -46.10
CA VAL DA 23 102.86 8.80 -44.98
C VAL DA 23 101.63 8.91 -44.09
N VAL DA 24 101.25 10.13 -43.70
CA VAL DA 24 100.09 10.27 -42.82
C VAL DA 24 98.81 9.84 -43.53
N GLY DA 25 98.74 10.04 -44.85
CA GLY DA 25 97.61 9.51 -45.61
C GLY DA 25 97.55 8.01 -45.58
N ALA DA 26 98.70 7.34 -45.76
CA ALA DA 26 98.73 5.89 -45.66
C ALA DA 26 98.30 5.42 -44.27
N LEU DA 27 98.79 6.08 -43.21
CA LEU DA 27 98.45 5.66 -41.86
C LEU DA 27 96.96 5.86 -41.58
N THR DA 28 96.36 6.92 -42.12
CA THR DA 28 94.92 7.11 -41.93
C THR DA 28 94.11 6.06 -42.70
N ALA DA 29 94.53 5.73 -43.91
CA ALA DA 29 93.92 4.58 -44.59
C ALA DA 29 94.00 3.34 -43.72
N ALA DA 30 95.16 3.09 -43.11
CA ALA DA 30 95.34 1.90 -42.29
C ALA DA 30 94.41 1.90 -41.07
N ASN DA 31 94.30 3.03 -40.36
CA ASN DA 31 93.48 3.02 -39.16
C ASN DA 31 91.99 3.01 -39.51
N PHE DA 32 91.60 3.57 -40.66
CA PHE DA 32 90.21 3.45 -41.07
C PHE DA 32 89.86 2.00 -41.43
N PHE DA 33 90.77 1.29 -42.10
CA PHE DA 33 90.54 -0.13 -42.31
C PHE DA 33 90.49 -0.88 -40.97
N MET DA 34 91.36 -0.49 -40.04
CA MET DA 34 91.41 -1.11 -38.72
C MET DA 34 90.26 -0.69 -37.80
N VAL DA 35 89.39 0.22 -38.24
CA VAL DA 35 88.12 0.40 -37.55
C VAL DA 35 86.96 -0.17 -38.35
N ILE DA 36 87.16 -0.47 -39.64
CA ILE DA 36 86.11 -1.15 -40.40
C ILE DA 36 86.08 -2.63 -40.05
N GLN DA 37 87.24 -3.25 -39.84
CA GLN DA 37 87.26 -4.68 -39.52
C GLN DA 37 86.59 -5.01 -38.18
N PRO DA 38 86.81 -4.28 -37.08
CA PRO DA 38 86.05 -4.58 -35.86
C PRO DA 38 84.55 -4.44 -36.01
N THR DA 39 84.11 -3.65 -36.99
CA THR DA 39 82.68 -3.61 -37.32
C THR DA 39 82.19 -4.97 -37.77
N GLU DA 40 82.84 -5.53 -38.80
CA GLU DA 40 82.45 -6.83 -39.32
C GLU DA 40 82.52 -7.90 -38.24
N GLU DA 41 83.66 -7.96 -37.52
CA GLU DA 41 83.78 -8.90 -36.42
C GLU DA 41 82.64 -8.73 -35.42
N GLU DA 42 82.24 -7.47 -35.18
CA GLU DA 42 81.22 -7.19 -34.18
C GLU DA 42 79.84 -7.66 -34.63
N ILE DA 43 79.50 -7.42 -35.90
CA ILE DA 43 78.27 -7.95 -36.46
C ILE DA 43 78.27 -9.47 -36.36
N GLY DA 44 79.44 -10.08 -36.57
CA GLY DA 44 79.52 -11.53 -36.42
C GLY DA 44 79.19 -12.00 -35.01
N TRP DA 45 79.83 -11.38 -34.00
CA TRP DA 45 79.53 -11.75 -32.62
C TRP DA 45 78.05 -11.52 -32.29
N ALA DA 46 77.45 -10.49 -32.90
CA ALA DA 46 76.01 -10.29 -32.76
C ALA DA 46 75.24 -11.51 -33.28
N VAL DA 47 75.55 -11.93 -34.51
CA VAL DA 47 74.85 -13.07 -35.11
C VAL DA 47 75.03 -14.34 -34.28
N ALA DA 48 76.19 -14.51 -33.64
CA ALA DA 48 76.38 -15.67 -32.77
C ALA DA 48 75.52 -15.56 -31.52
N GLU DA 49 75.65 -14.43 -30.81
CA GLU DA 49 74.93 -14.25 -29.55
C GLU DA 49 73.43 -14.42 -29.72
N ARG DA 50 72.85 -13.78 -30.74
CA ARG DA 50 71.43 -13.93 -30.99
C ARG DA 50 71.04 -15.39 -31.22
N ARG DA 51 71.89 -16.14 -31.95
CA ARG DA 51 71.64 -17.56 -32.14
C ARG DA 51 71.72 -18.33 -30.82
N LYS DA 52 72.44 -17.81 -29.82
CA LYS DA 52 72.39 -18.44 -28.51
C LYS DA 52 71.11 -18.07 -27.76
N LEU DA 53 70.68 -16.81 -27.83
CA LEU DA 53 69.39 -16.40 -27.29
C LEU DA 53 68.28 -17.32 -27.79
N ASP DA 54 68.22 -17.54 -29.10
CA ASP DA 54 67.10 -18.25 -29.71
C ASP DA 54 67.08 -19.74 -29.37
N LEU DA 55 68.24 -20.37 -29.17
CA LEU DA 55 68.26 -21.76 -28.73
C LEU DA 55 67.90 -21.88 -27.26
N GLU DA 56 68.41 -20.95 -26.43
CA GLU DA 56 68.02 -20.93 -25.03
C GLU DA 56 66.50 -20.78 -24.88
N LEU DA 57 65.87 -19.95 -25.73
CA LEU DA 57 64.42 -19.85 -25.69
C LEU DA 57 63.75 -21.18 -26.01
N ALA DA 58 64.39 -22.03 -26.83
CA ALA DA 58 63.86 -23.38 -27.02
C ALA DA 58 63.97 -24.19 -25.74
N ASP DA 59 65.14 -24.14 -25.08
CA ASP DA 59 65.31 -24.87 -23.83
C ASP DA 59 64.29 -24.45 -22.78
N LYS DA 60 63.94 -23.16 -22.71
CA LYS DA 60 63.00 -22.71 -21.69
C LYS DA 60 61.63 -23.36 -21.84
N SER DA 61 61.10 -23.39 -23.07
CA SER DA 61 59.81 -24.03 -23.28
C SER DA 61 59.90 -25.53 -23.04
N GLU DA 62 60.98 -26.17 -23.50
CA GLU DA 62 61.13 -27.60 -23.27
C GLU DA 62 61.07 -27.92 -21.78
N ILE DA 63 61.85 -27.22 -20.96
CA ILE DA 63 61.94 -27.58 -19.56
C ILE DA 63 60.70 -27.12 -18.80
N ALA DA 64 60.03 -26.05 -19.24
CA ALA DA 64 58.77 -25.68 -18.61
C ALA DA 64 57.72 -26.77 -18.85
N GLN DA 65 57.67 -27.31 -20.07
CA GLN DA 65 56.74 -28.41 -20.34
C GLN DA 65 57.10 -29.63 -19.49
N ASN DA 66 58.40 -29.93 -19.35
CA ASN DA 66 58.78 -31.03 -18.47
C ASN DA 66 58.37 -30.78 -17.02
N LEU DA 67 58.43 -29.52 -16.57
CA LEU DA 67 57.92 -29.17 -15.24
C LEU DA 67 56.43 -29.48 -15.12
N ASN DA 68 55.63 -29.02 -16.10
CA ASN DA 68 54.20 -29.31 -16.07
C ASN DA 68 53.93 -30.81 -16.00
N GLU DA 69 54.65 -31.59 -16.80
CA GLU DA 69 54.47 -33.04 -16.76
C GLU DA 69 54.86 -33.60 -15.39
N ARG DA 70 55.92 -33.07 -14.77
CA ARG DA 70 56.13 -33.39 -13.36
C ARG DA 70 54.86 -33.17 -12.59
N ARG DA 71 54.55 -31.90 -12.30
CA ARG DA 71 53.44 -31.53 -11.42
C ARG DA 71 52.29 -32.50 -11.61
N ARG DA 72 51.91 -32.65 -12.89
CA ARG DA 72 50.87 -33.59 -13.29
C ARG DA 72 51.07 -34.96 -12.67
N GLU DA 73 52.29 -35.49 -12.67
CA GLU DA 73 52.38 -36.85 -12.16
C GLU DA 73 53.03 -36.98 -10.78
N MET DA 74 54.12 -36.27 -10.53
CA MET DA 74 54.72 -36.25 -9.19
C MET DA 74 53.70 -35.90 -8.13
N ASP DA 75 52.84 -34.90 -8.38
CA ASP DA 75 51.77 -34.73 -7.42
C ASP DA 75 50.98 -36.02 -7.27
N VAL DA 76 50.40 -36.52 -8.36
CA VAL DA 76 49.48 -37.67 -8.27
C VAL DA 76 50.07 -38.80 -7.42
N LEU DA 77 51.36 -39.11 -7.63
CA LEU DA 77 51.96 -40.11 -6.76
C LEU DA 77 52.19 -39.59 -5.34
N GLU DA 78 52.19 -38.26 -5.14
CA GLU DA 78 52.25 -37.73 -3.77
C GLU DA 78 50.97 -38.12 -3.05
N GLN DA 79 49.95 -38.54 -3.82
CA GLN DA 79 48.78 -39.23 -3.31
C GLN DA 79 48.98 -40.73 -3.20
N LYS DA 80 49.56 -41.36 -4.22
CA LYS DA 80 49.70 -42.81 -4.19
C LYS DA 80 50.50 -43.29 -2.98
N LEU DA 81 51.83 -43.22 -3.02
CA LEU DA 81 52.58 -43.36 -1.79
C LEU DA 81 52.42 -42.03 -1.13
N SER DA 82 53.40 -41.23 -1.53
CA SER DA 82 53.47 -39.81 -1.43
C SER DA 82 54.74 -39.60 -2.22
N GLU DA 83 55.35 -38.42 -2.30
CA GLU DA 83 56.43 -38.40 -3.26
C GLU DA 83 57.77 -37.93 -2.70
N ALA DA 84 58.24 -36.79 -3.17
CA ALA DA 84 59.55 -36.31 -2.77
C ALA DA 84 59.58 -35.93 -1.31
N LEU DA 85 60.40 -34.95 -1.02
CA LEU DA 85 60.07 -34.06 0.05
C LEU DA 85 59.08 -33.11 -0.61
N THR DA 86 59.62 -32.18 -1.40
CA THR DA 86 58.84 -30.99 -1.75
C THR DA 86 59.71 -29.96 -2.47
N GLU DA 87 59.04 -29.17 -3.30
CA GLU DA 87 59.36 -27.75 -3.42
C GLU DA 87 58.18 -27.10 -2.73
N LEU DA 88 57.09 -27.87 -2.81
CA LEU DA 88 55.70 -27.47 -2.63
C LEU DA 88 55.34 -26.07 -2.21
N PRO DA 89 54.47 -25.44 -3.02
CA PRO DA 89 53.60 -24.45 -2.44
C PRO DA 89 52.55 -25.20 -1.63
N GLU DA 90 51.80 -26.09 -2.29
CA GLU DA 90 50.54 -26.71 -1.81
C GLU DA 90 49.65 -25.75 -1.01
N GLN DA 91 50.22 -24.64 -0.53
CA GLN DA 91 49.46 -23.46 -0.15
C GLN DA 91 48.53 -23.02 -1.28
N ARG DA 92 48.86 -23.35 -2.53
CA ARG DA 92 48.00 -23.12 -3.69
C ARG DA 92 47.44 -24.43 -4.23
N ASP DA 93 47.24 -25.41 -3.35
CA ASP DA 93 46.72 -26.71 -3.75
C ASP DA 93 45.81 -27.34 -2.71
N ILE DA 94 45.49 -26.64 -1.61
CA ILE DA 94 44.58 -27.20 -0.60
C ILE DA 94 43.17 -26.68 -0.79
N GLU DA 95 43.02 -25.36 -0.97
CA GLU DA 95 41.70 -24.79 -1.18
C GLU DA 95 41.09 -25.29 -2.48
N GLU DA 96 41.92 -25.56 -3.48
CA GLU DA 96 41.42 -26.17 -4.71
C GLU DA 96 41.01 -27.62 -4.47
N LEU DA 97 41.65 -28.28 -3.51
CA LEU DA 97 41.24 -29.63 -3.15
C LEU DA 97 39.87 -29.63 -2.48
N LEU DA 98 39.67 -28.71 -1.53
CA LEU DA 98 38.34 -28.57 -0.91
C LEU DA 98 37.29 -28.21 -1.95
N ALA DA 99 37.60 -27.28 -2.85
CA ALA DA 99 36.65 -26.86 -3.88
C ALA DA 99 36.29 -28.03 -4.79
N GLN DA 100 37.29 -28.79 -5.25
CA GLN DA 100 37.00 -29.90 -6.15
C GLN DA 100 36.27 -31.03 -5.43
N ILE DA 101 36.52 -31.21 -4.13
CA ILE DA 101 35.72 -32.16 -3.35
C ILE DA 101 34.26 -31.73 -3.34
N ASN DA 102 34.03 -30.43 -3.14
CA ASN DA 102 32.66 -29.91 -3.20
C ASN DA 102 32.03 -30.14 -4.57
N ASP DA 103 32.82 -29.95 -5.64
CA ASP DA 103 32.26 -30.11 -6.98
C ASP DA 103 31.91 -31.56 -7.27
N ILE DA 104 32.82 -32.49 -7.00
CA ILE DA 104 32.53 -33.90 -7.24
C ILE DA 104 31.39 -34.36 -6.33
N GLY DA 105 31.25 -33.75 -5.17
CA GLY DA 105 30.09 -34.04 -4.34
C GLY DA 105 28.80 -33.55 -4.96
N LYS DA 106 28.82 -32.36 -5.56
CA LYS DA 106 27.61 -31.78 -6.13
C LYS DA 106 27.17 -32.55 -7.38
N LYS DA 107 28.12 -32.90 -8.25
CA LYS DA 107 27.76 -33.61 -9.47
C LYS DA 107 27.41 -35.07 -9.19
N SER DA 108 27.76 -35.59 -8.02
CA SER DA 108 27.28 -36.91 -7.60
C SER DA 108 25.93 -36.85 -6.91
N GLY DA 109 25.39 -35.66 -6.67
CA GLY DA 109 24.09 -35.49 -6.07
C GLY DA 109 24.07 -35.52 -4.56
N LEU DA 110 25.23 -35.51 -3.90
CA LEU DA 110 25.28 -35.62 -2.45
C LEU DA 110 25.18 -34.26 -1.78
N GLU DA 111 24.55 -34.23 -0.62
CA GLU DA 111 24.55 -33.04 0.23
C GLU DA 111 25.80 -33.09 1.11
N LEU DA 112 26.69 -32.11 0.93
CA LEU DA 112 27.92 -32.03 1.72
C LEU DA 112 27.56 -31.42 3.06
N SER DA 113 27.29 -32.28 4.05
CA SER DA 113 26.85 -31.79 5.36
C SER DA 113 27.99 -31.20 6.17
N SER DA 114 29.22 -31.65 5.98
CA SER DA 114 30.35 -31.05 6.69
C SER DA 114 31.66 -31.47 6.06
N VAL DA 115 32.55 -30.51 5.83
CA VAL DA 115 33.94 -30.81 5.51
C VAL DA 115 34.79 -30.20 6.62
N THR DA 116 35.65 -31.03 7.21
CA THR DA 116 36.44 -30.62 8.35
C THR DA 116 37.91 -30.93 8.07
N PRO DA 117 38.78 -29.94 8.00
CA PRO DA 117 40.21 -30.23 7.86
C PRO DA 117 40.73 -30.94 9.10
N GLY DA 118 42.00 -31.29 9.08
CA GLY DA 118 42.64 -31.93 10.22
C GLY DA 118 43.82 -31.13 10.73
N LYS DA 119 44.64 -31.79 11.54
CA LYS DA 119 45.94 -31.28 11.93
C LYS DA 119 47.02 -32.00 11.15
N GLU DA 120 48.07 -31.28 10.82
CA GLU DA 120 49.19 -31.93 10.15
C GLU DA 120 49.84 -32.93 11.09
N SER DA 121 50.20 -34.09 10.55
CA SER DA 121 50.76 -35.17 11.34
C SER DA 121 52.26 -34.95 11.46
N VAL DA 122 52.64 -34.25 12.53
CA VAL DA 122 54.03 -33.87 12.74
C VAL DA 122 54.92 -35.10 12.86
N GLY DA 123 54.36 -36.21 13.32
CA GLY DA 123 55.10 -37.45 13.43
C GLY DA 123 54.61 -38.47 12.42
N GLY DA 124 54.05 -38.00 11.32
CA GLY DA 124 53.56 -38.89 10.28
C GLY DA 124 54.51 -39.00 9.12
N GLY DA 125 55.74 -38.54 9.30
CA GLY DA 125 56.74 -38.60 8.25
C GLY DA 125 57.86 -37.60 8.44
N GLU DA 126 59.07 -37.97 8.02
CA GLU DA 126 60.22 -37.08 8.13
C GLU DA 126 60.24 -36.06 7.01
N PHE DA 127 59.75 -36.44 5.82
CA PHE DA 127 59.79 -35.57 4.65
C PHE DA 127 58.44 -34.95 4.31
N PHE DA 128 57.45 -35.06 5.18
CA PHE DA 128 56.12 -34.59 4.81
C PHE DA 128 55.25 -34.50 6.06
N ALA DA 129 54.45 -33.44 6.12
CA ALA DA 129 53.38 -33.31 7.11
C ALA DA 129 52.07 -33.67 6.41
N ARG DA 130 51.42 -34.73 6.88
CA ARG DA 130 50.13 -35.13 6.32
C ARG DA 130 49.02 -34.33 6.95
N ILE DA 131 48.23 -33.67 6.11
CA ILE DA 131 47.00 -32.99 6.56
C ILE DA 131 45.82 -33.88 6.17
N PRO DA 132 45.07 -34.41 7.13
CA PRO DA 132 43.87 -35.19 6.79
C PRO DA 132 42.64 -34.30 6.72
N ILE DA 133 41.70 -34.69 5.87
CA ILE DA 133 40.45 -33.98 5.68
C ILE DA 133 39.33 -35.00 5.83
N LYS DA 134 38.42 -34.75 6.76
CA LYS DA 134 37.28 -35.61 7.00
C LYS DA 134 36.05 -35.01 6.32
N MET DA 135 35.49 -35.73 5.36
CA MET DA 135 34.34 -35.26 4.60
C MET DA 135 33.10 -36.04 4.99
N THR DA 136 31.96 -35.36 4.96
CA THR DA 136 30.70 -35.82 5.53
C THR DA 136 29.59 -35.43 4.56
N VAL DA 137 29.17 -36.40 3.75
CA VAL DA 137 28.21 -36.20 2.66
C VAL DA 137 27.12 -37.24 2.81
N SER DA 138 25.90 -36.90 2.38
CA SER DA 138 24.76 -37.81 2.54
C SER DA 138 24.07 -38.03 1.21
N GLY DA 139 23.57 -39.25 1.01
CA GLY DA 139 22.82 -39.55 -0.21
C GLY DA 139 22.59 -41.06 -0.36
N ASN DA 140 22.66 -41.52 -1.60
CA ASN DA 140 22.42 -42.91 -1.96
C ASN DA 140 23.73 -43.68 -2.01
N TYR DA 141 23.63 -45.00 -1.83
CA TYR DA 141 24.82 -45.86 -1.88
C TYR DA 141 25.54 -45.72 -3.22
N HIS DA 142 24.79 -45.73 -4.32
CA HIS DA 142 25.38 -45.53 -5.65
C HIS DA 142 26.10 -44.18 -5.72
N GLU DA 143 25.52 -43.16 -5.09
CA GLU DA 143 26.09 -41.82 -5.18
C GLU DA 143 27.31 -41.66 -4.30
N ILE DA 144 27.39 -42.39 -3.19
CA ILE DA 144 28.58 -42.27 -2.35
C ILE DA 144 29.72 -43.11 -2.90
N ALA DA 145 29.42 -44.30 -3.46
CA ALA DA 145 30.44 -45.01 -4.22
C ALA DA 145 30.94 -44.17 -5.38
N LEU DA 146 30.03 -43.42 -6.01
CA LEU DA 146 30.41 -42.50 -7.08
C LEU DA 146 31.33 -41.40 -6.57
N PHE DA 147 30.93 -40.72 -5.50
CA PHE DA 147 31.75 -39.67 -4.90
C PHE DA 147 33.14 -40.18 -4.57
N LEU DA 148 33.22 -41.36 -3.96
CA LEU DA 148 34.51 -41.93 -3.60
C LEU DA 148 35.36 -42.23 -4.83
N GLN DA 149 34.78 -42.90 -5.83
CA GLN DA 149 35.56 -43.24 -7.02
C GLN DA 149 36.02 -42.00 -7.78
N GLU DA 150 35.21 -40.94 -7.76
CA GLU DA 150 35.64 -39.69 -8.39
C GLU DA 150 36.79 -39.04 -7.63
N MET DA 151 36.73 -39.05 -6.29
CA MET DA 151 37.87 -38.50 -5.54
C MET DA 151 39.11 -39.37 -5.72
N ALA DA 152 38.93 -40.66 -5.99
CA ALA DA 152 40.03 -41.58 -6.24
C ALA DA 152 40.52 -41.52 -7.68
N ASN DA 153 39.81 -40.82 -8.56
CA ASN DA 153 40.27 -40.56 -9.91
C ASN DA 153 40.71 -39.10 -10.12
N MET DA 154 40.87 -38.34 -9.04
CA MET DA 154 41.22 -36.93 -9.18
C MET DA 154 42.70 -36.77 -9.52
N ARG DA 155 43.05 -35.58 -10.01
CA ARG DA 155 44.42 -35.21 -10.35
C ARG DA 155 45.17 -34.64 -9.15
N ARG DA 156 44.60 -34.74 -7.94
CA ARG DA 156 45.22 -34.16 -6.76
C ARG DA 156 45.33 -35.22 -5.69
N ILE DA 157 45.79 -34.79 -4.50
CA ILE DA 157 46.49 -35.67 -3.57
C ILE DA 157 45.56 -36.09 -2.44
N VAL DA 158 44.38 -36.57 -2.81
CA VAL DA 158 43.37 -36.90 -1.82
C VAL DA 158 43.28 -38.42 -1.67
N ASN DA 159 44.21 -39.00 -0.91
CA ASN DA 159 44.22 -40.44 -0.70
C ASN DA 159 43.15 -40.83 0.31
N VAL DA 160 42.01 -41.32 -0.18
CA VAL DA 160 40.93 -41.71 0.70
C VAL DA 160 41.28 -43.05 1.35
N ASN DA 161 41.00 -43.17 2.65
CA ASN DA 161 41.35 -44.37 3.38
C ASN DA 161 40.15 -44.91 4.16
N ASN DA 162 40.07 -44.62 5.46
CA ASN DA 162 39.05 -45.21 6.32
C ASN DA 162 37.68 -44.62 6.00
N ILE DA 163 36.75 -45.47 5.56
CA ILE DA 163 35.43 -45.05 5.12
C ILE DA 163 34.38 -45.52 6.11
N LYS DA 164 33.29 -44.75 6.26
CA LYS DA 164 32.12 -45.23 6.98
C LYS DA 164 30.85 -44.62 6.40
N PHE DA 165 29.71 -45.26 6.69
CA PHE DA 165 28.39 -44.72 6.38
C PHE DA 165 27.30 -45.54 7.04
N ASP DA 166 26.15 -44.92 7.25
CA ASP DA 166 25.03 -45.52 7.97
C ASP DA 166 23.74 -44.84 7.54
N SER DA 167 22.62 -45.38 8.02
CA SER DA 167 21.29 -44.85 7.67
C SER DA 167 20.96 -43.70 8.61
N ALA DA 168 20.77 -42.50 8.04
CA ALA DA 168 20.65 -41.30 8.84
C ALA DA 168 19.27 -41.09 9.43
N LYS DA 169 18.28 -41.89 9.02
CA LYS DA 169 16.91 -41.71 9.48
C LYS DA 169 16.68 -42.56 10.72
N LEU DA 170 16.32 -41.91 11.83
CA LEU DA 170 15.93 -42.60 13.05
C LEU DA 170 14.91 -43.70 12.77
N LYS DA 171 13.67 -43.30 12.53
CA LYS DA 171 12.56 -44.22 12.33
C LYS DA 171 12.78 -45.13 11.14
N ASN DA 172 13.69 -44.76 10.23
CA ASN DA 172 13.90 -45.46 8.97
C ASN DA 172 12.60 -45.47 8.17
N GLU DA 173 12.20 -44.31 7.65
CA GLU DA 173 11.01 -44.21 6.82
C GLU DA 173 11.33 -43.90 5.36
N LYS DA 174 12.56 -43.48 5.06
CA LYS DA 174 13.01 -43.31 3.68
C LYS DA 174 14.50 -43.65 3.62
N VAL DA 175 14.95 -44.09 2.44
CA VAL DA 175 16.35 -44.45 2.27
C VAL DA 175 17.19 -43.19 2.29
N VAL DA 176 18.28 -43.22 3.06
CA VAL DA 176 19.24 -42.12 3.14
C VAL DA 176 20.47 -42.62 3.90
N LEU DA 177 21.65 -42.37 3.35
CA LEU DA 177 22.91 -42.82 3.93
C LEU DA 177 23.81 -41.62 4.19
N GLN DA 178 24.00 -41.30 5.47
CA GLN DA 178 25.08 -40.39 5.85
C GLN DA 178 26.40 -41.13 5.75
N SER DA 179 27.37 -40.50 5.11
CA SER DA 179 28.67 -41.09 4.82
C SER DA 179 29.77 -40.15 5.28
N GLU DA 180 30.77 -40.73 5.95
CA GLU DA 180 31.93 -40.00 6.43
C GLU DA 180 33.17 -40.70 5.89
N PHE DA 181 33.88 -40.04 4.98
CA PHE DA 181 35.10 -40.56 4.39
C PHE DA 181 36.28 -39.75 4.89
N GLN DA 182 37.41 -40.41 5.16
CA GLN DA 182 38.64 -39.75 5.55
C GLN DA 182 39.62 -39.78 4.39
N ALA DA 183 40.18 -38.61 4.04
CA ALA DA 183 41.05 -38.50 2.88
C ALA DA 183 42.05 -37.37 3.10
N THR DA 184 43.33 -37.67 2.85
CA THR DA 184 44.41 -36.81 3.31
C THR DA 184 45.36 -36.46 2.17
N THR DA 185 45.99 -35.30 2.27
CA THR DA 185 47.06 -34.90 1.35
C THR DA 185 48.32 -34.59 2.13
N PHE DA 186 49.47 -34.75 1.47
CA PHE DA 186 50.73 -34.73 2.20
C PHE DA 186 51.55 -33.49 1.86
N ARG DA 187 51.38 -32.41 2.62
CA ARG DA 187 52.23 -31.23 2.48
C ARG DA 187 53.64 -31.59 2.95
N PHE DA 188 54.59 -30.66 2.84
CA PHE DA 188 55.93 -30.94 3.35
C PHE DA 188 56.04 -30.65 4.83
N VAL DA 189 57.21 -30.85 5.39
CA VAL DA 189 57.45 -30.61 6.82
C VAL DA 189 57.48 -29.11 7.12
N ALA EA 37 119.45 36.65 -39.32
CA ALA EA 37 120.04 36.53 -37.98
C ALA EA 37 121.57 36.45 -38.09
N LYS EA 38 122.33 37.21 -37.29
CA LYS EA 38 123.75 37.46 -37.57
C LYS EA 38 124.63 36.25 -37.43
N GLY EA 39 125.03 35.71 -38.58
CA GLY EA 39 126.31 35.04 -38.72
C GLY EA 39 127.11 35.81 -39.75
N LYS EA 40 128.39 35.55 -39.86
CA LYS EA 40 129.10 35.96 -41.07
C LYS EA 40 128.84 34.80 -42.04
N LEU EA 41 128.14 35.08 -43.14
CA LEU EA 41 127.67 34.02 -44.03
C LEU EA 41 128.84 33.44 -44.82
N VAL EA 42 128.58 32.92 -46.02
CA VAL EA 42 129.71 32.57 -46.91
C VAL EA 42 129.44 33.06 -48.33
N LEU EA 43 130.38 32.76 -49.23
CA LEU EA 43 130.25 33.18 -50.61
C LEU EA 43 130.82 32.17 -51.60
N GLY EA 44 129.96 31.64 -52.45
CA GLY EA 44 130.40 30.84 -53.58
C GLY EA 44 130.37 31.63 -54.88
N LEU EA 45 131.14 31.14 -55.85
CA LEU EA 45 131.02 31.60 -57.24
C LEU EA 45 130.17 30.60 -58.03
N ASP EA 46 128.85 30.73 -57.81
CA ASP EA 46 127.91 29.71 -58.27
C ASP EA 46 127.70 29.76 -59.79
N ILE EA 47 127.90 30.91 -60.42
CA ILE EA 47 127.72 31.04 -61.86
C ILE EA 47 129.08 31.15 -62.54
N GLY EA 48 130.07 30.47 -61.98
CA GLY EA 48 131.38 30.42 -62.59
C GLY EA 48 131.42 29.67 -63.91
N SER EA 49 130.53 28.68 -64.10
CA SER EA 49 130.45 27.89 -65.32
C SER EA 49 131.74 27.12 -65.58
N THR EA 50 132.88 27.81 -65.53
CA THR EA 50 134.15 27.11 -65.55
C THR EA 50 134.53 26.59 -64.16
N SER EA 51 134.22 27.34 -63.12
CA SER EA 51 134.68 26.98 -61.79
C SER EA 51 133.74 27.48 -60.71
N ILE EA 52 133.45 26.60 -59.76
CA ILE EA 52 132.76 26.96 -58.52
C ILE EA 52 133.83 27.31 -57.50
N LYS EA 53 133.85 28.58 -57.08
CA LYS EA 53 134.81 29.09 -56.11
C LYS EA 53 134.04 29.59 -54.89
N MET EA 54 134.68 29.57 -53.72
CA MET EA 54 134.04 29.94 -52.46
C MET EA 54 135.07 30.59 -51.55
N ILE EA 55 134.66 31.61 -50.78
CA ILE EA 55 135.56 32.39 -49.95
C ILE EA 55 134.94 32.66 -48.59
N LEU EA 56 135.75 32.52 -47.54
CA LEU EA 56 135.35 32.87 -46.18
C LEU EA 56 136.28 33.94 -45.65
N LEU EA 57 135.76 35.17 -45.58
CA LEU EA 57 136.34 36.26 -44.81
C LEU EA 57 135.52 36.43 -43.55
N LYS EA 58 136.19 36.59 -42.43
CA LYS EA 58 135.51 37.07 -41.25
C LYS EA 58 136.46 38.06 -40.59
N GLU EA 59 136.16 38.42 -39.35
CA GLU EA 59 137.01 39.35 -38.63
C GLU EA 59 138.06 38.59 -37.84
N GLN EA 60 139.31 38.72 -38.25
CA GLN EA 60 140.43 38.04 -37.59
C GLN EA 60 141.08 38.93 -36.54
N ARG EA 61 141.21 38.40 -35.33
CA ARG EA 61 141.80 39.15 -34.22
C ARG EA 61 143.31 39.05 -34.26
N LYS EA 62 143.99 40.19 -34.09
CA LYS EA 62 145.43 40.21 -33.87
C LYS EA 62 145.78 41.34 -32.91
N ARG EA 63 146.41 40.98 -31.79
CA ARG EA 63 146.93 41.93 -30.79
C ARG EA 63 145.81 42.77 -30.20
N GLY EA 64 144.66 42.15 -29.99
CA GLY EA 64 143.50 42.88 -29.51
C GLY EA 64 142.79 43.73 -30.53
N GLU EA 65 143.25 43.79 -31.78
CA GLU EA 65 142.53 44.45 -32.86
C GLU EA 65 142.02 43.41 -33.85
N VAL EA 66 140.93 43.73 -34.53
CA VAL EA 66 140.28 42.83 -35.47
C VAL EA 66 139.91 43.61 -36.72
N ILE EA 67 139.62 42.89 -37.81
CA ILE EA 67 139.19 43.47 -39.07
C ILE EA 67 138.82 42.33 -40.01
N TYR EA 68 138.01 42.66 -41.02
CA TYR EA 68 137.74 41.73 -42.12
C TYR EA 68 139.03 41.13 -42.62
N ALA EA 69 139.05 39.80 -42.75
CA ALA EA 69 140.27 39.10 -43.08
C ALA EA 69 139.92 37.78 -43.75
N LEU EA 70 140.69 37.43 -44.77
CA LEU EA 70 140.51 36.16 -45.45
C LEU EA 70 140.72 35.01 -44.48
N GLN EA 71 139.74 34.10 -44.41
CA GLN EA 71 139.86 32.90 -43.61
C GLN EA 71 140.03 31.63 -44.43
N SER EA 72 139.38 31.51 -45.58
CA SER EA 72 139.60 30.36 -46.45
C SER EA 72 139.14 30.71 -47.87
N PHE EA 73 139.55 29.86 -48.81
CA PHE EA 73 139.16 29.98 -50.20
C PHE EA 73 139.34 28.63 -50.88
N GLY EA 74 138.37 28.27 -51.72
CA GLY EA 74 138.40 26.98 -52.39
C GLY EA 74 137.88 27.11 -53.80
N MET EA 75 138.33 26.22 -54.67
CA MET EA 75 137.99 26.29 -56.08
C MET EA 75 137.93 24.89 -56.67
N LYS EA 76 136.87 24.60 -57.41
CA LYS EA 76 136.71 23.33 -58.11
C LYS EA 76 136.18 23.57 -59.50
N PRO EA 77 136.74 22.93 -60.52
CA PRO EA 77 136.19 23.08 -61.87
C PRO EA 77 134.75 22.59 -61.91
N LEU EA 78 133.85 23.43 -62.45
CA LEU EA 78 132.45 23.07 -62.47
C LEU EA 78 132.21 21.83 -63.33
N PRO EA 79 131.67 20.76 -62.79
CA PRO EA 79 131.22 19.65 -63.64
C PRO EA 79 130.03 20.09 -64.47
N PRO EA 80 130.17 20.03 -65.78
CA PRO EA 80 129.11 20.51 -66.68
C PRO EA 80 127.91 19.58 -66.62
N GLU EA 81 126.85 19.95 -67.32
CA GLU EA 81 125.49 19.47 -67.11
C GLU EA 81 124.90 20.09 -65.84
N ALA EA 82 125.72 20.68 -64.98
CA ALA EA 82 125.20 21.46 -63.86
C ALA EA 82 124.47 22.71 -64.34
N ILE EA 83 125.09 23.48 -65.22
CA ILE EA 83 124.56 24.76 -65.67
C ILE EA 83 124.38 24.70 -67.17
N VAL EA 84 123.21 25.13 -67.64
CA VAL EA 84 122.89 25.28 -69.05
C VAL EA 84 122.06 26.55 -69.22
N ASP EA 85 122.48 27.42 -70.14
CA ASP EA 85 121.79 28.67 -70.45
C ASP EA 85 121.58 29.51 -69.19
N GLY EA 86 122.49 29.39 -68.21
CA GLY EA 86 122.41 30.19 -67.00
C GLY EA 86 121.49 29.66 -65.91
N ALA EA 87 120.83 28.53 -66.14
CA ALA EA 87 120.00 27.90 -65.11
C ALA EA 87 120.74 26.72 -64.52
N LEU EA 88 120.57 26.54 -63.21
CA LEU EA 88 121.13 25.36 -62.54
C LEU EA 88 120.26 24.17 -62.91
N MET EA 89 120.83 23.24 -63.67
CA MET EA 89 120.02 22.19 -64.28
C MET EA 89 120.53 20.77 -63.96
N ASN EA 90 121.17 20.62 -62.80
CA ASN EA 90 121.51 19.35 -62.15
C ASN EA 90 121.75 19.76 -60.70
N SER EA 91 120.66 20.25 -60.07
CA SER EA 91 120.76 20.77 -58.72
C SER EA 91 121.44 19.77 -57.79
N THR EA 92 121.29 18.47 -58.05
CA THR EA 92 121.91 17.45 -57.21
C THR EA 92 123.43 17.49 -57.31
N ALA EA 93 123.97 17.35 -58.52
CA ALA EA 93 125.41 17.39 -58.71
C ALA EA 93 126.02 18.67 -58.19
N ILE EA 94 125.39 19.82 -58.49
CA ILE EA 94 125.90 21.10 -57.99
C ILE EA 94 125.90 21.09 -56.47
N VAL EA 95 124.88 20.49 -55.86
CA VAL EA 95 124.84 20.36 -54.41
C VAL EA 95 126.09 19.64 -53.91
N GLN EA 96 126.37 18.45 -54.47
CA GLN EA 96 127.53 17.70 -54.00
C GLN EA 96 128.82 18.48 -54.23
N ALA EA 97 128.92 19.21 -55.34
CA ALA EA 97 130.11 20.01 -55.58
C ALA EA 97 130.28 21.09 -54.52
N VAL EA 98 129.19 21.79 -54.19
CA VAL EA 98 129.26 22.83 -53.16
C VAL EA 98 129.64 22.22 -51.82
N GLN EA 99 129.14 21.01 -51.53
CA GLN EA 99 129.56 20.31 -50.31
C GLN EA 99 131.06 20.06 -50.31
N ASP EA 100 131.61 19.62 -51.45
CA ASP EA 100 133.06 19.48 -51.57
C ASP EA 100 133.76 20.81 -51.32
N LEU EA 101 133.17 21.91 -51.78
CA LEU EA 101 133.74 23.23 -51.51
C LEU EA 101 133.79 23.51 -50.01
N MET EA 102 132.68 23.25 -49.30
CA MET EA 102 132.64 23.50 -47.87
C MET EA 102 133.64 22.62 -47.12
N SER EA 103 133.83 21.39 -47.59
CA SER EA 103 134.76 20.50 -46.90
C SER EA 103 136.21 20.94 -47.14
N GLU EA 104 136.57 21.20 -48.40
CA GLU EA 104 137.91 21.74 -48.68
C GLU EA 104 138.15 23.03 -47.91
N LEU EA 105 137.10 23.83 -47.69
CA LEU EA 105 137.28 25.08 -46.95
C LEU EA 105 137.53 24.84 -45.47
N LYS EA 106 137.01 23.74 -44.91
CA LYS EA 106 137.01 23.50 -43.47
C LYS EA 106 136.26 24.59 -42.72
N VAL EA 107 135.14 25.02 -43.29
CA VAL EA 107 134.32 26.10 -42.72
C VAL EA 107 133.11 25.50 -42.03
N LYS EA 108 132.78 26.04 -40.86
CA LYS EA 108 131.58 25.63 -40.14
C LYS EA 108 130.36 26.47 -40.51
N GLY EA 109 130.54 27.59 -41.18
CA GLY EA 109 129.42 28.43 -41.53
C GLY EA 109 128.54 27.79 -42.59
N LYS EA 110 127.23 27.99 -42.46
CA LYS EA 110 126.26 27.39 -43.37
C LYS EA 110 125.28 28.41 -43.94
N ASP EA 111 125.57 29.70 -43.83
CA ASP EA 111 124.83 30.74 -44.51
C ASP EA 111 125.68 31.30 -45.65
N VAL EA 112 125.01 31.74 -46.71
CA VAL EA 112 125.67 32.05 -47.97
C VAL EA 112 124.98 33.21 -48.67
N ALA EA 113 125.77 34.06 -49.31
CA ALA EA 113 125.32 34.92 -50.39
C ALA EA 113 125.82 34.28 -51.68
N ILE EA 114 125.08 34.45 -52.77
CA ILE EA 114 125.54 33.95 -54.06
C ILE EA 114 125.10 34.90 -55.16
N GLY EA 115 125.29 34.51 -56.41
CA GLY EA 115 124.95 35.36 -57.53
C GLY EA 115 124.23 34.59 -58.62
N VAL EA 116 123.45 35.31 -59.41
CA VAL EA 116 122.78 34.72 -60.56
C VAL EA 116 123.69 34.79 -61.78
N SER EA 117 123.33 34.03 -62.80
CA SER EA 117 124.08 34.07 -64.04
C SER EA 117 123.78 35.36 -64.80
N GLY EA 118 124.83 35.97 -65.36
CA GLY EA 118 124.62 37.11 -66.23
C GLY EA 118 123.71 36.84 -67.39
N HIS EA 119 123.69 35.59 -67.88
CA HIS EA 119 122.73 35.17 -68.90
C HIS EA 119 121.34 34.97 -68.33
N SER EA 120 121.19 34.96 -67.01
CA SER EA 120 119.91 34.72 -66.38
C SER EA 120 119.27 35.97 -65.82
N VAL EA 121 119.93 37.12 -65.95
CA VAL EA 121 119.45 38.37 -65.35
C VAL EA 121 119.41 39.45 -66.42
N ILE EA 122 118.30 40.20 -66.42
CA ILE EA 122 118.18 41.43 -67.19
C ILE EA 122 118.45 42.60 -66.24
N ILE EA 123 119.48 43.38 -66.53
CA ILE EA 123 119.82 44.57 -65.76
C ILE EA 123 119.64 45.77 -66.68
N LYS EA 124 118.79 46.72 -66.28
CA LYS EA 124 118.76 47.97 -67.03
C LYS EA 124 118.18 49.07 -66.15
N LYS EA 125 118.47 50.30 -66.55
CA LYS EA 125 117.99 51.47 -65.84
C LYS EA 125 116.56 51.80 -66.25
N ILE EA 126 115.91 52.59 -65.40
CA ILE EA 126 114.49 52.91 -65.50
C ILE EA 126 114.23 54.22 -64.77
N GLN EA 127 113.50 55.13 -65.44
CA GLN EA 127 113.18 56.45 -64.92
C GLN EA 127 111.72 56.50 -64.49
N MET EA 128 111.47 57.05 -63.29
CA MET EA 128 110.15 57.03 -62.67
C MET EA 128 109.87 58.33 -61.91
N PRO EA 129 108.81 58.40 -61.11
CA PRO EA 129 108.77 59.44 -60.05
C PRO EA 129 108.88 58.82 -58.66
N ARG EA 130 109.83 59.25 -57.83
CA ARG EA 130 109.84 58.67 -56.50
C ARG EA 130 108.61 59.13 -55.71
N MET EA 131 108.20 58.27 -54.77
CA MET EA 131 107.06 58.48 -53.88
C MET EA 131 107.11 57.53 -52.68
N SER EA 132 105.97 56.94 -52.33
CA SER EA 132 105.93 55.90 -51.31
C SER EA 132 106.64 54.65 -51.82
N GLN EA 133 107.21 53.88 -50.89
CA GLN EA 133 107.97 52.70 -51.26
C GLN EA 133 107.09 51.66 -51.97
N ASP EA 134 105.85 51.48 -51.50
CA ASP EA 134 104.92 50.59 -52.20
C ASP EA 134 104.59 51.10 -53.60
N GLU EA 135 104.30 52.40 -53.70
CA GLU EA 135 103.99 52.97 -55.01
C GLU EA 135 105.19 52.88 -55.95
N LEU EA 136 106.41 52.98 -55.42
CA LEU EA 136 107.58 52.78 -56.27
C LEU EA 136 107.69 51.32 -56.71
N GLU EA 137 107.55 50.38 -55.78
CA GLU EA 137 107.73 48.98 -56.15
C GLU EA 137 106.71 48.56 -57.19
N GLU EA 138 105.45 48.94 -56.98
CA GLU EA 138 104.43 48.66 -57.99
C GLU EA 138 104.73 49.34 -59.31
N SER EA 139 105.05 50.64 -59.29
CA SER EA 139 105.31 51.36 -60.53
C SER EA 139 106.53 50.78 -61.25
N ILE EA 140 107.51 50.33 -60.48
CA ILE EA 140 108.71 49.68 -61.02
C ILE EA 140 108.33 48.41 -61.73
N GLN EA 141 107.53 47.56 -61.07
CA GLN EA 141 107.08 46.33 -61.69
C GLN EA 141 106.26 46.61 -62.94
N TRP EA 142 105.50 47.72 -62.93
CA TRP EA 142 104.66 48.08 -64.07
C TRP EA 142 105.52 48.48 -65.27
N GLU EA 143 106.55 49.30 -65.05
CA GLU EA 143 107.42 49.69 -66.16
C GLU EA 143 108.27 48.52 -66.66
N ALA EA 144 108.85 47.73 -65.75
CA ALA EA 144 109.67 46.60 -66.19
C ALA EA 144 108.84 45.50 -66.82
N GLU EA 145 107.53 45.44 -66.54
CA GLU EA 145 106.65 44.49 -67.23
C GLU EA 145 106.87 44.59 -68.74
N GLN EA 146 106.92 45.83 -69.25
CA GLN EA 146 107.31 46.11 -70.61
C GLN EA 146 108.68 45.53 -70.96
N TYR EA 147 109.62 45.57 -69.99
CA TYR EA 147 111.01 45.17 -70.18
C TYR EA 147 111.26 43.67 -70.10
N ILE EA 148 110.27 42.84 -69.80
CA ILE EA 148 110.60 41.45 -69.53
C ILE EA 148 109.95 40.57 -70.59
N PRO EA 149 110.72 39.83 -71.39
CA PRO EA 149 110.11 38.91 -72.37
C PRO EA 149 109.57 37.62 -71.78
N PHE EA 150 109.31 37.54 -70.47
CA PHE EA 150 108.67 36.39 -69.83
C PHE EA 150 107.51 36.85 -68.96
N ASP EA 151 106.61 35.92 -68.65
CA ASP EA 151 105.61 36.19 -67.62
C ASP EA 151 106.28 36.59 -66.31
N VAL EA 152 105.49 37.12 -65.39
CA VAL EA 152 105.97 37.35 -64.03
C VAL EA 152 105.18 36.44 -63.11
N LYS EA 153 105.72 35.28 -62.72
CA LYS EA 153 106.93 34.62 -63.24
C LYS EA 153 108.27 35.38 -63.45
N ASP EA 154 108.58 36.39 -62.62
CA ASP EA 154 109.84 37.11 -62.79
C ASP EA 154 110.24 37.93 -61.57
N VAL EA 155 111.54 37.90 -61.29
CA VAL EA 155 112.21 38.51 -60.14
C VAL EA 155 112.44 39.98 -60.42
N ASN EA 156 111.95 40.84 -59.53
CA ASN EA 156 112.21 42.26 -59.65
C ASN EA 156 112.86 42.79 -58.39
N ILE EA 157 114.02 43.44 -58.55
CA ILE EA 157 114.69 44.15 -57.46
C ILE EA 157 115.39 45.38 -58.02
N ASP EA 158 115.16 46.53 -57.39
CA ASP EA 158 115.73 47.78 -57.90
C ASP EA 158 116.66 48.39 -56.87
N THR EA 159 117.57 49.23 -57.37
CA THR EA 159 118.25 50.17 -56.48
C THR EA 159 118.43 51.49 -57.22
N GLN EA 160 118.48 52.58 -56.46
CA GLN EA 160 118.48 53.91 -57.06
C GLN EA 160 119.90 54.35 -57.38
N ILE EA 161 120.12 54.69 -58.66
CA ILE EA 161 121.45 55.10 -59.12
C ILE EA 161 121.95 56.36 -58.43
N LEU EA 162 121.05 57.18 -57.92
CA LEU EA 162 121.39 58.33 -57.10
C LEU EA 162 120.67 58.19 -55.78
N ASP EA 163 121.28 58.69 -54.71
CA ASP EA 163 120.61 58.71 -53.42
C ASP EA 163 119.24 59.32 -53.59
N GLY EA 164 118.20 58.53 -53.33
CA GLY EA 164 116.91 59.12 -53.06
C GLY EA 164 117.01 60.31 -52.13
N GLY EA 165 117.97 60.28 -51.21
CA GLY EA 165 118.12 61.36 -50.25
C GLY EA 165 118.47 62.69 -50.86
N GLY EA 166 118.24 62.85 -52.17
CA GLY EA 166 118.59 64.05 -52.91
C GLY EA 166 117.47 64.77 -53.67
N ASN EA 167 116.24 64.28 -53.66
CA ASN EA 167 115.20 64.82 -54.54
C ASN EA 167 113.80 64.82 -53.92
N ASP EA 168 112.94 65.71 -54.43
CA ASP EA 168 111.67 66.04 -53.83
C ASP EA 168 110.53 65.23 -54.44
N ALA EA 169 109.38 65.23 -53.73
CA ALA EA 169 108.29 64.32 -54.05
C ALA EA 169 107.78 64.53 -55.47
N THR EA 170 107.66 63.42 -56.19
CA THR EA 170 107.27 63.32 -57.60
C THR EA 170 108.45 63.58 -58.54
N GLY EA 171 109.62 63.94 -58.03
CA GLY EA 171 110.67 64.29 -58.96
C GLY EA 171 111.92 63.45 -58.92
N GLN EA 172 112.58 63.33 -60.07
CA GLN EA 172 113.94 62.80 -60.19
C GLN EA 172 114.10 61.41 -59.58
N MET EA 173 113.30 60.47 -60.07
CA MET EA 173 113.51 59.07 -59.74
C MET EA 173 114.38 58.39 -60.78
N ASP EA 174 115.35 57.62 -60.32
CA ASP EA 174 116.08 56.70 -61.20
C ASP EA 174 116.31 55.42 -60.39
N VAL EA 175 115.74 54.31 -60.87
CA VAL EA 175 116.09 53.01 -60.31
C VAL EA 175 116.67 52.17 -61.44
N LEU EA 176 117.54 51.24 -61.08
CA LEU EA 176 117.98 50.19 -61.97
C LEU EA 176 117.34 48.90 -61.51
N LEU EA 177 116.70 48.20 -62.45
CA LEU EA 177 116.02 46.94 -62.20
C LEU EA 177 116.89 45.77 -62.63
N VAL EA 178 117.08 44.86 -61.67
CA VAL EA 178 117.53 43.50 -61.88
C VAL EA 178 116.30 42.61 -61.90
N ALA EA 179 116.06 41.96 -63.05
CA ALA EA 179 114.91 41.09 -63.25
C ALA EA 179 115.42 39.72 -63.67
N ALA EA 180 114.83 38.67 -63.11
CA ALA EA 180 115.35 37.32 -63.37
C ALA EA 180 114.19 36.35 -63.49
N LYS EA 181 114.19 35.56 -64.55
CA LYS EA 181 113.11 34.59 -64.68
C LYS EA 181 113.14 33.61 -63.50
N LYS EA 182 112.45 33.99 -62.43
CA LYS EA 182 111.90 33.04 -61.46
C LYS EA 182 112.80 31.87 -61.02
N ASP EA 183 113.02 30.86 -61.88
CA ASP EA 183 113.60 29.62 -61.34
C ASP EA 183 115.03 29.37 -61.77
N MET EA 184 115.62 30.30 -62.49
CA MET EA 184 117.02 30.41 -62.19
C MET EA 184 117.17 30.51 -60.67
N ILE EA 185 116.41 31.42 -60.06
CA ILE EA 185 116.46 31.59 -58.60
C ILE EA 185 116.03 30.32 -57.88
N ASN EA 186 114.94 29.68 -58.32
CA ASN EA 186 114.57 28.40 -57.73
C ASN EA 186 115.73 27.41 -57.76
N ASP EA 187 116.18 27.03 -58.96
CA ASP EA 187 117.28 26.09 -59.13
C ASP EA 187 118.42 26.38 -58.16
N TYR EA 188 118.83 27.66 -58.08
CA TYR EA 188 119.92 28.01 -57.16
C TYR EA 188 119.53 27.77 -55.71
N THR EA 189 118.26 28.03 -55.36
CA THR EA 189 117.82 27.83 -53.98
C THR EA 189 117.73 26.35 -53.62
N THR EA 190 117.39 25.50 -54.59
CA THR EA 190 117.45 24.06 -54.38
C THR EA 190 118.89 23.63 -54.13
N VAL EA 191 119.80 24.03 -55.01
CA VAL EA 191 121.22 23.75 -54.83
C VAL EA 191 121.68 24.18 -53.44
N VAL EA 192 121.33 25.39 -53.03
CA VAL EA 192 121.76 25.89 -51.74
C VAL EA 192 121.12 25.08 -50.61
N SER EA 193 119.87 24.67 -50.80
CA SER EA 193 119.13 24.00 -49.73
C SER EA 193 119.73 22.64 -49.43
N GLU EA 194 120.07 21.86 -50.46
CA GLU EA 194 120.55 20.52 -50.18
C GLU EA 194 122.05 20.49 -49.89
N ALA EA 195 122.75 21.60 -50.14
CA ALA EA 195 124.12 21.73 -49.66
C ALA EA 195 124.18 22.08 -48.19
N GLY EA 196 123.04 22.19 -47.52
CA GLY EA 196 123.00 22.59 -46.13
C GLY EA 196 123.17 24.08 -45.92
N LEU EA 197 123.18 24.87 -46.98
CA LEU EA 197 123.39 26.30 -46.90
C LEU EA 197 122.05 27.04 -46.83
N ALA EA 198 122.10 28.24 -46.28
CA ALA EA 198 120.93 29.11 -46.19
C ALA EA 198 121.24 30.43 -46.86
N PRO EA 199 120.59 30.77 -47.97
CA PRO EA 199 120.93 32.01 -48.67
C PRO EA 199 120.30 33.22 -48.00
N VAL EA 200 121.04 34.32 -47.99
CA VAL EA 200 120.53 35.57 -47.45
C VAL EA 200 120.51 36.68 -48.51
N VAL EA 201 121.38 36.61 -49.51
CA VAL EA 201 121.44 37.60 -50.58
C VAL EA 201 121.71 36.88 -51.88
N VAL EA 202 120.87 37.11 -52.88
CA VAL EA 202 121.13 36.62 -54.22
C VAL EA 202 121.43 37.86 -55.07
N ASP EA 203 122.73 38.16 -55.20
CA ASP EA 203 123.23 39.38 -55.82
C ASP EA 203 123.55 39.11 -57.29
N VAL EA 204 124.09 40.12 -57.96
CA VAL EA 204 124.45 40.03 -59.37
C VAL EA 204 125.95 40.29 -59.50
N ASP EA 205 126.58 39.63 -60.49
CA ASP EA 205 128.03 39.56 -60.53
C ASP EA 205 128.67 40.87 -60.97
N ALA EA 206 128.01 41.60 -61.87
CA ALA EA 206 128.62 42.83 -62.40
C ALA EA 206 128.83 43.88 -61.32
N PHE EA 207 128.04 43.82 -60.23
CA PHE EA 207 128.19 44.75 -59.13
C PHE EA 207 128.88 44.11 -57.93
N ALA EA 208 128.71 42.79 -57.77
CA ALA EA 208 129.41 42.09 -56.70
C ALA EA 208 130.92 42.11 -56.93
N VAL EA 209 131.35 42.03 -58.20
CA VAL EA 209 132.76 42.11 -58.53
C VAL EA 209 133.35 43.45 -58.13
N GLN EA 210 132.51 44.47 -57.89
CA GLN EA 210 132.98 45.82 -57.61
C GLN EA 210 133.26 46.08 -56.15
N ASN EA 211 132.68 45.29 -55.23
CA ASN EA 211 132.80 45.57 -53.81
C ASN EA 211 134.26 45.56 -53.35
N MET EA 212 135.12 44.84 -54.08
CA MET EA 212 136.53 44.80 -53.70
C MET EA 212 137.25 46.07 -54.06
N PHE EA 213 136.82 46.72 -55.12
CA PHE EA 213 137.42 47.98 -55.53
C PHE EA 213 136.56 49.18 -55.17
N SER EA 214 135.48 48.98 -54.42
CA SER EA 214 134.53 50.06 -54.16
C SER EA 214 135.17 51.17 -53.35
N VAL EA 215 136.08 50.81 -52.45
CA VAL EA 215 136.87 51.79 -51.72
C VAL EA 215 137.79 52.56 -52.67
N ASN EA 216 138.66 51.82 -53.38
CA ASN EA 216 139.65 52.45 -54.25
C ASN EA 216 138.99 53.26 -55.34
N TYR EA 217 137.74 52.93 -55.67
CA TYR EA 217 136.95 53.76 -56.56
C TYR EA 217 136.39 54.97 -55.82
N ASP EA 218 136.01 54.78 -54.55
CA ASP EA 218 135.36 55.84 -53.79
C ASP EA 218 136.31 56.98 -53.49
N VAL EA 219 137.63 56.74 -53.59
CA VAL EA 219 138.59 57.84 -53.38
C VAL EA 219 138.70 58.77 -54.58
N PRO EA 220 138.65 58.31 -55.89
CA PRO EA 220 138.46 59.29 -56.99
C PRO EA 220 137.01 59.35 -57.46
N GLU EA 221 136.34 60.50 -57.26
CA GLU EA 221 134.88 60.48 -57.22
C GLU EA 221 134.24 61.30 -58.33
N ARG EA 222 135.02 62.00 -59.15
CA ARG EA 222 134.55 62.47 -60.45
C ARG EA 222 135.19 61.71 -61.60
N GLU EA 223 136.03 60.73 -61.30
CA GLU EA 223 136.72 59.96 -62.31
C GLU EA 223 135.83 58.86 -62.86
N THR EA 224 135.78 58.77 -64.19
CA THR EA 224 135.02 57.73 -64.87
C THR EA 224 135.92 56.52 -65.07
N VAL EA 225 135.52 55.40 -64.48
CA VAL EA 225 136.31 54.17 -64.51
C VAL EA 225 135.48 53.09 -65.18
N VAL EA 226 136.13 52.25 -65.98
CA VAL EA 226 135.47 51.07 -66.53
C VAL EA 226 135.97 49.83 -65.78
N LEU EA 227 135.07 48.87 -65.60
CA LEU EA 227 135.42 47.58 -65.01
C LEU EA 227 134.91 46.49 -65.94
N ILE EA 228 135.83 45.69 -66.47
CA ILE EA 228 135.48 44.55 -67.30
C ILE EA 228 135.68 43.29 -66.48
N ASN EA 229 134.69 42.42 -66.47
CA ASN EA 229 134.83 41.07 -65.92
C ASN EA 229 134.64 40.11 -67.09
N ALA EA 230 135.75 39.64 -67.63
CA ALA EA 230 135.75 38.64 -68.69
C ALA EA 230 135.69 37.27 -68.05
N GLY EA 231 134.50 36.66 -68.07
CA GLY EA 231 134.29 35.34 -67.54
C GLY EA 231 134.31 34.28 -68.62
N ALA EA 232 133.77 33.10 -68.27
CA ALA EA 232 133.69 32.00 -69.20
C ALA EA 232 132.38 31.95 -69.97
N SER EA 233 131.30 32.47 -69.39
CA SER EA 233 130.01 32.49 -70.05
C SER EA 233 129.62 33.87 -70.57
N VAL EA 234 130.23 34.94 -70.05
CA VAL EA 234 129.79 36.29 -70.36
C VAL EA 234 130.92 37.24 -70.00
N VAL EA 235 130.93 38.41 -70.65
CA VAL EA 235 131.82 39.50 -70.29
C VAL EA 235 130.96 40.69 -69.88
N ASN EA 236 131.10 41.13 -68.63
CA ASN EA 236 130.34 42.29 -68.21
C ASN EA 236 131.21 43.54 -68.23
N ILE EA 237 130.59 44.64 -68.65
CA ILE EA 237 131.16 45.98 -68.56
C ILE EA 237 130.30 46.78 -67.61
N ASN EA 238 130.90 47.34 -66.57
CA ASN EA 238 130.20 48.35 -65.80
C ASN EA 238 131.07 49.58 -65.68
N ILE EA 239 130.48 50.73 -65.95
CA ILE EA 239 131.22 51.99 -65.98
C ILE EA 239 130.60 52.93 -64.97
N ILE EA 240 131.47 53.63 -64.25
CA ILE EA 240 131.15 54.30 -63.00
C ILE EA 240 131.76 55.69 -63.01
N SER EA 241 131.14 56.56 -62.23
CA SER EA 241 131.78 57.76 -61.71
C SER EA 241 131.88 57.54 -60.21
N ASN EA 242 133.10 57.34 -59.71
CA ASN EA 242 133.40 56.97 -58.32
C ASN EA 242 133.07 55.48 -58.17
N GLY EA 243 132.52 55.06 -57.04
CA GLY EA 243 131.87 53.75 -56.97
C GLY EA 243 130.38 53.93 -57.16
N ALA EA 244 129.99 54.82 -58.07
CA ALA EA 244 128.59 55.03 -58.43
C ALA EA 244 128.40 54.54 -59.86
N THR EA 245 127.82 53.35 -59.99
CA THR EA 245 127.62 52.77 -61.31
C THR EA 245 126.80 53.71 -62.19
N VAL EA 246 127.33 53.99 -63.38
CA VAL EA 246 126.59 54.72 -64.40
C VAL EA 246 125.85 53.77 -65.32
N PHE EA 247 126.47 52.63 -65.69
CA PHE EA 247 125.73 51.65 -66.47
C PHE EA 247 126.46 50.32 -66.52
N THR EA 248 125.75 49.31 -67.03
CA THR EA 248 126.28 47.97 -67.21
C THR EA 248 125.76 47.41 -68.53
N ARG EA 249 126.55 46.52 -69.12
CA ARG EA 249 126.21 45.87 -70.38
C ARG EA 249 126.92 44.52 -70.44
N ASP EA 250 126.17 43.50 -70.85
CA ASP EA 250 126.66 42.12 -70.81
C ASP EA 250 126.79 41.58 -72.23
N VAL EA 251 127.96 41.02 -72.53
CA VAL EA 251 128.31 40.53 -73.86
C VAL EA 251 128.45 39.02 -73.81
N THR EA 252 127.76 38.35 -74.76
CA THR EA 252 127.75 36.89 -74.82
C THR EA 252 129.15 36.31 -74.97
N ILE EA 253 130.06 37.06 -75.57
CA ILE EA 253 131.41 36.56 -75.84
C ILE EA 253 132.16 36.42 -74.54
N GLY EA 254 133.02 35.40 -74.46
CA GLY EA 254 133.81 35.16 -73.27
C GLY EA 254 134.97 34.23 -73.58
N GLY EA 255 135.52 33.64 -72.53
CA GLY EA 255 136.66 32.75 -72.70
C GLY EA 255 136.29 31.42 -73.33
N ASN EA 256 135.05 30.97 -73.10
CA ASN EA 256 134.54 29.80 -73.79
C ASN EA 256 134.69 29.94 -75.30
N GLN EA 257 134.65 31.17 -75.80
CA GLN EA 257 134.84 31.39 -77.24
C GLN EA 257 136.27 31.12 -77.67
N PHE EA 258 137.26 31.65 -76.95
CA PHE EA 258 138.65 31.34 -77.27
C PHE EA 258 138.90 29.84 -77.22
N THR EA 259 138.49 29.20 -76.11
CA THR EA 259 138.66 27.76 -75.99
C THR EA 259 137.98 27.02 -77.15
N GLU EA 260 136.77 27.45 -77.51
CA GLU EA 260 136.04 26.76 -78.57
C GLU EA 260 136.69 26.94 -79.92
N GLU EA 261 137.31 28.09 -80.18
CA GLU EA 261 138.01 28.26 -81.44
C GLU EA 261 139.27 27.40 -81.49
N ILE EA 262 140.02 27.32 -80.39
CA ILE EA 262 141.16 26.41 -80.34
C ILE EA 262 140.71 24.99 -80.64
N GLN EA 263 139.64 24.57 -79.97
CA GLN EA 263 139.08 23.23 -80.18
C GLN EA 263 138.69 23.00 -81.64
N LYS EA 264 138.00 23.97 -82.24
CA LYS EA 264 137.65 23.87 -83.66
C LYS EA 264 138.88 23.66 -84.52
N GLN EA 265 139.89 24.50 -84.33
CA GLN EA 265 141.01 24.51 -85.27
C GLN EA 265 142.01 23.39 -85.03
N LEU EA 266 141.90 22.65 -83.93
CA LEU EA 266 142.83 21.53 -83.75
C LEU EA 266 142.09 20.24 -83.35
N ASN EA 267 140.82 20.11 -83.78
CA ASN EA 267 139.88 19.10 -83.31
C ASN EA 267 140.27 18.48 -81.98
N VAL EA 268 140.29 19.32 -80.92
CA VAL EA 268 140.67 18.97 -79.56
C VAL EA 268 139.41 18.90 -78.70
N SER EA 269 139.49 18.23 -77.56
CA SER EA 269 138.42 18.30 -76.57
C SER EA 269 138.44 19.68 -75.90
N TYR EA 270 137.39 20.00 -75.14
CA TYR EA 270 137.33 21.32 -74.52
C TYR EA 270 138.42 21.48 -73.46
N GLU EA 271 138.76 20.39 -72.77
CA GLU EA 271 139.73 20.49 -71.68
C GLU EA 271 141.14 20.74 -72.22
N GLU EA 272 141.58 19.95 -73.20
CA GLU EA 272 142.93 20.13 -73.71
C GLU EA 272 143.06 21.42 -74.49
N ALA EA 273 141.97 21.88 -75.12
CA ALA EA 273 141.98 23.18 -75.76
C ALA EA 273 142.06 24.30 -74.72
N GLU EA 274 141.42 24.09 -73.57
CA GLU EA 274 141.50 25.06 -72.48
C GLU EA 274 142.91 25.15 -71.92
N ALA EA 275 143.55 23.99 -71.69
CA ALA EA 275 144.93 23.99 -71.21
C ALA EA 275 145.87 24.59 -72.26
N LEU EA 276 145.68 24.24 -73.53
CA LEU EA 276 146.47 24.85 -74.60
C LEU EA 276 146.31 26.36 -74.59
N LYS EA 277 145.11 26.84 -74.27
CA LYS EA 277 144.91 28.28 -74.07
C LYS EA 277 145.76 28.79 -72.92
N ILE EA 278 145.51 28.29 -71.71
CA ILE EA 278 146.20 28.71 -70.49
C ILE EA 278 147.71 28.61 -70.68
N GLY EA 279 148.25 27.41 -70.49
CA GLY EA 279 149.69 27.23 -70.55
C GLY EA 279 150.26 27.47 -71.93
N GLY EA 280 149.51 27.14 -72.98
CA GLY EA 280 150.00 27.39 -74.32
C GLY EA 280 150.30 28.86 -74.59
N ASN EA 281 149.41 29.75 -74.17
CA ASN EA 281 149.55 31.16 -74.53
C ASN EA 281 150.54 31.94 -73.67
N GLY EA 282 151.00 31.39 -72.55
CA GLY EA 282 151.73 32.21 -71.61
C GLY EA 282 153.09 31.74 -71.16
N ALA EA 283 153.50 30.53 -71.54
CA ALA EA 283 154.77 29.99 -71.09
C ALA EA 283 155.93 30.77 -71.68
N ASP EA 284 157.08 30.71 -71.00
CA ASP EA 284 158.29 31.30 -71.56
C ASP EA 284 158.77 30.54 -72.79
N ALA EA 285 158.43 29.27 -72.90
CA ALA EA 285 158.82 28.45 -74.05
C ALA EA 285 157.77 28.43 -75.15
N ASP EA 286 156.80 29.34 -75.10
CA ASP EA 286 155.66 29.33 -76.01
C ASP EA 286 155.95 30.01 -77.34
N ALA EA 287 157.21 30.11 -77.77
CA ALA EA 287 157.54 31.00 -78.88
C ALA EA 287 157.02 30.47 -80.22
N VAL EA 288 156.78 29.17 -80.30
CA VAL EA 288 156.33 28.58 -81.55
C VAL EA 288 154.81 28.47 -81.62
N VAL EA 289 154.14 28.58 -80.48
CA VAL EA 289 152.69 28.36 -80.39
C VAL EA 289 151.81 29.62 -80.43
N PRO EA 290 152.33 30.86 -80.46
CA PRO EA 290 151.39 31.98 -80.61
C PRO EA 290 151.05 32.24 -82.06
N GLN EA 291 151.77 31.63 -83.01
CA GLN EA 291 151.28 31.62 -84.38
C GLN EA 291 150.16 30.61 -84.53
N ASP EA 292 150.42 29.35 -84.15
CA ASP EA 292 149.39 28.32 -84.23
C ASP EA 292 148.16 28.69 -83.42
N VAL EA 293 148.34 29.22 -82.21
CA VAL EA 293 147.18 29.54 -81.39
C VAL EA 293 146.63 30.91 -81.76
N GLU EA 294 147.49 31.92 -81.85
CA GLU EA 294 147.03 33.29 -82.11
C GLU EA 294 146.28 33.39 -83.44
N ARG EA 295 146.70 32.61 -84.44
CA ARG EA 295 145.92 32.55 -85.68
C ARG EA 295 144.57 31.92 -85.45
N VAL EA 296 144.46 31.08 -84.41
CA VAL EA 296 143.17 30.46 -84.10
C VAL EA 296 142.26 31.44 -83.38
N LEU EA 297 142.81 32.17 -82.42
CA LEU EA 297 142.05 33.07 -81.57
C LEU EA 297 141.93 34.48 -82.14
N SER EA 298 142.49 34.74 -83.32
CA SER EA 298 142.56 36.10 -83.82
C SER EA 298 141.18 36.65 -84.15
N SER EA 299 140.32 35.83 -84.76
CA SER EA 299 138.94 36.25 -84.98
C SER EA 299 138.27 36.65 -83.67
N VAL EA 300 138.42 35.84 -82.62
CA VAL EA 300 137.80 36.16 -81.34
C VAL EA 300 138.38 37.44 -80.77
N ALA EA 301 139.69 37.67 -80.96
CA ALA EA 301 140.29 38.89 -80.44
C ALA EA 301 139.72 40.12 -81.15
N GLU EA 302 139.73 40.12 -82.48
CA GLU EA 302 139.15 41.20 -83.26
C GLU EA 302 137.71 41.47 -82.84
N GLN EA 303 136.92 40.40 -82.74
CA GLN EA 303 135.48 40.56 -82.56
C GLN EA 303 135.11 40.95 -81.12
N VAL EA 304 135.87 40.47 -80.12
CA VAL EA 304 135.74 41.00 -78.77
C VAL EA 304 136.04 42.49 -78.76
N ALA EA 305 137.19 42.89 -79.30
CA ALA EA 305 137.50 44.31 -79.42
C ALA EA 305 136.38 45.08 -80.09
N GLY EA 306 135.77 44.49 -81.11
CA GLY EA 306 134.65 45.13 -81.77
C GLY EA 306 133.45 45.28 -80.84
N GLU EA 307 133.21 44.28 -79.98
CA GLU EA 307 132.11 44.41 -79.04
C GLU EA 307 132.39 45.47 -77.99
N ILE EA 308 133.62 45.55 -77.51
CA ILE EA 308 133.92 46.50 -76.45
C ILE EA 308 133.90 47.93 -76.98
N GLN EA 309 134.48 48.16 -78.15
CA GLN EA 309 134.33 49.46 -78.80
C GLN EA 309 132.86 49.77 -79.01
N ARG EA 310 132.10 48.75 -79.40
CA ARG EA 310 130.66 48.87 -79.59
C ARG EA 310 129.96 49.44 -78.35
N SER EA 311 130.09 48.74 -77.21
CA SER EA 311 129.45 49.21 -75.98
C SER EA 311 129.95 50.60 -75.56
N LEU EA 312 131.27 50.80 -75.58
CA LEU EA 312 131.81 52.10 -75.20
C LEU EA 312 131.21 53.24 -76.03
N ASP EA 313 131.12 53.04 -77.35
CA ASP EA 313 130.50 54.06 -78.20
C ASP EA 313 129.03 54.22 -77.88
N PHE EA 314 128.35 53.14 -77.51
CA PHE EA 314 126.93 53.23 -77.21
C PHE EA 314 126.69 53.94 -75.88
N TYR EA 315 127.71 54.08 -75.04
CA TYR EA 315 127.54 54.88 -73.83
C TYR EA 315 127.69 56.37 -74.10
N ALA EA 316 128.80 56.76 -74.72
CA ALA EA 316 129.22 58.16 -74.83
C ALA EA 316 128.10 59.09 -75.32
N GLY EA 317 127.05 59.22 -74.52
CA GLY EA 317 125.86 59.96 -74.89
C GLY EA 317 125.91 61.45 -74.67
N THR EA 318 126.56 61.90 -73.59
CA THR EA 318 126.47 63.30 -73.18
C THR EA 318 127.74 64.11 -73.39
N ALA EA 319 128.91 63.50 -73.35
CA ALA EA 319 130.18 64.23 -73.46
C ALA EA 319 130.76 63.91 -74.83
N ALA EA 320 130.31 64.65 -75.84
CA ALA EA 320 130.72 64.36 -77.21
C ALA EA 320 132.16 64.78 -77.48
N ASP EA 321 132.80 65.49 -76.55
CA ASP EA 321 134.13 66.04 -76.77
C ASP EA 321 135.14 65.60 -75.71
N SER EA 322 134.87 64.53 -74.98
CA SER EA 322 135.74 64.08 -73.91
C SER EA 322 136.42 62.77 -74.29
N ASN EA 323 137.23 62.26 -73.36
CA ASN EA 323 137.93 60.99 -73.50
C ASN EA 323 137.70 60.16 -72.24
N PHE EA 324 138.38 59.00 -72.19
CA PHE EA 324 138.23 58.08 -71.08
C PHE EA 324 139.28 58.36 -70.00
N SER EA 325 139.24 57.55 -68.93
CA SER EA 325 140.23 57.64 -67.88
C SER EA 325 140.92 56.29 -67.67
N LYS EA 326 140.48 55.53 -66.66
CA LYS EA 326 141.16 54.30 -66.29
C LYS EA 326 140.15 53.19 -66.00
N VAL EA 327 140.62 51.95 -66.17
CA VAL EA 327 139.75 50.78 -66.17
C VAL EA 327 140.51 49.57 -65.62
N TYR EA 328 139.76 48.60 -65.08
CA TYR EA 328 140.32 47.40 -64.48
C TYR EA 328 139.69 46.15 -65.10
N LEU EA 329 140.33 45.01 -64.84
CA LEU EA 329 139.89 43.73 -65.38
C LEU EA 329 139.78 42.68 -64.27
N SER EA 330 138.82 41.78 -64.44
CA SER EA 330 138.51 40.70 -63.52
C SER EA 330 138.04 39.50 -64.34
N GLY EA 331 137.96 38.36 -63.69
CA GLY EA 331 137.63 37.14 -64.43
C GLY EA 331 138.84 36.54 -65.09
N GLY EA 332 138.82 35.21 -65.22
CA GLY EA 332 139.98 34.51 -65.73
C GLY EA 332 140.22 34.70 -67.22
N THR EA 333 139.15 34.93 -67.99
CA THR EA 333 139.31 35.22 -69.41
C THR EA 333 140.20 36.44 -69.65
N ALA EA 334 140.19 37.40 -68.73
CA ALA EA 334 141.15 38.48 -68.78
C ALA EA 334 142.59 37.99 -68.85
N LYS EA 335 142.96 36.96 -68.08
CA LYS EA 335 144.34 36.51 -67.95
C LYS EA 335 144.93 35.94 -69.24
N ILE EA 336 144.25 36.08 -70.38
CA ILE EA 336 144.83 35.74 -71.67
C ILE EA 336 146.10 36.57 -71.82
N PRO EA 337 147.25 35.96 -72.11
CA PRO EA 337 148.50 36.72 -72.18
C PRO EA 337 148.43 37.86 -73.19
N ALA EA 338 148.86 39.04 -72.74
CA ALA EA 338 148.94 40.27 -73.53
C ALA EA 338 147.58 40.88 -73.84
N LEU EA 339 146.50 40.24 -73.41
CA LEU EA 339 145.17 40.76 -73.71
C LEU EA 339 144.96 42.15 -73.10
N PHE EA 340 145.64 42.43 -71.99
CA PHE EA 340 145.48 43.73 -71.34
C PHE EA 340 146.09 44.85 -72.17
N LYS EA 341 147.30 44.61 -72.71
CA LYS EA 341 147.92 45.57 -73.60
C LYS EA 341 147.09 45.76 -74.86
N THR EA 342 146.50 44.67 -75.37
CA THR EA 342 145.68 44.75 -76.57
C THR EA 342 144.44 45.59 -76.34
N ILE EA 343 143.71 45.33 -75.25
CA ILE EA 343 142.52 46.13 -74.94
C ILE EA 343 142.92 47.57 -74.67
N GLU EA 344 144.09 47.77 -74.07
CA GLU EA 344 144.56 49.12 -73.76
C GLU EA 344 144.79 49.93 -75.03
N ALA EA 345 145.49 49.34 -76.00
CA ALA EA 345 145.78 50.08 -77.23
C ALA EA 345 144.55 50.17 -78.12
N ARG EA 346 143.65 49.19 -78.05
CA ARG EA 346 142.52 49.10 -78.96
C ARG EA 346 141.33 49.95 -78.52
N THR EA 347 141.07 50.05 -77.22
CA THR EA 347 139.95 50.82 -76.72
C THR EA 347 140.30 52.24 -76.34
N GLY EA 348 141.59 52.59 -76.36
CA GLY EA 348 142.00 53.94 -75.97
C GLY EA 348 141.83 54.22 -74.49
N VAL EA 349 141.87 53.18 -73.66
CA VAL EA 349 141.81 53.33 -72.21
C VAL EA 349 142.87 52.48 -71.54
N PRO EA 350 143.54 52.96 -70.48
CA PRO EA 350 144.42 52.08 -69.69
C PRO EA 350 143.67 50.99 -68.93
N VAL EA 351 143.85 49.75 -69.38
CA VAL EA 351 143.18 48.58 -68.81
C VAL EA 351 144.19 47.83 -67.95
N GLU EA 352 143.91 47.73 -66.65
CA GLU EA 352 144.85 47.11 -65.72
C GLU EA 352 144.19 46.02 -64.90
N ILE EA 353 144.95 44.95 -64.67
CA ILE EA 353 144.60 43.97 -63.67
C ILE EA 353 144.58 44.65 -62.30
N LEU EA 354 143.78 44.11 -61.39
CA LEU EA 354 143.75 44.65 -60.05
C LEU EA 354 143.66 43.50 -59.06
N ASN EA 355 144.25 43.71 -57.89
CA ASN EA 355 144.20 42.73 -56.82
C ASN EA 355 143.02 43.06 -55.93
N PRO EA 356 141.91 42.29 -55.99
CA PRO EA 356 140.84 42.50 -55.01
C PRO EA 356 141.32 42.38 -53.58
N PHE EA 357 141.98 41.27 -53.23
CA PHE EA 357 142.31 40.92 -51.85
C PHE EA 357 142.94 42.05 -51.04
N ARG EA 358 143.25 43.19 -51.66
CA ARG EA 358 143.76 44.33 -50.91
C ARG EA 358 142.72 44.91 -49.96
N LYS EA 359 141.44 44.63 -50.19
CA LYS EA 359 140.34 45.11 -49.35
C LYS EA 359 140.24 44.36 -48.03
N ILE EA 360 140.91 43.21 -47.91
CA ILE EA 360 140.75 42.32 -46.76
C ILE EA 360 142.13 42.04 -46.18
N GLU EA 361 142.17 41.81 -44.87
CA GLU EA 361 143.42 41.44 -44.21
C GLU EA 361 143.80 40.02 -44.61
N VAL EA 362 145.08 39.81 -44.90
CA VAL EA 362 145.58 38.50 -45.32
C VAL EA 362 146.75 38.13 -44.43
N ASP EA 363 146.59 37.05 -43.67
CA ASP EA 363 147.66 36.54 -42.81
C ASP EA 363 148.71 35.86 -43.68
N ASN EA 364 149.92 36.38 -43.67
CA ASN EA 364 150.96 35.84 -44.53
C ASN EA 364 151.37 34.43 -44.12
N ARG EA 365 151.06 34.04 -42.88
CA ARG EA 365 151.42 32.69 -42.44
C ARG EA 365 150.43 31.65 -42.94
N LYS EA 366 149.26 32.09 -43.42
CA LYS EA 366 148.25 31.16 -43.93
C LYS EA 366 148.05 31.27 -45.43
N PHE EA 367 148.50 32.36 -46.06
CA PHE EA 367 148.29 32.57 -47.48
C PHE EA 367 149.51 33.23 -48.09
N ASP EA 368 149.91 32.73 -49.25
CA ASP EA 368 150.99 33.35 -50.02
C ASP EA 368 150.41 34.53 -50.79
N PRO EA 369 150.94 35.74 -50.60
CA PRO EA 369 150.46 36.89 -51.39
C PRO EA 369 150.62 36.68 -52.89
N ALA EA 370 151.64 35.93 -53.32
CA ALA EA 370 151.87 35.74 -54.75
C ALA EA 370 150.74 34.94 -55.39
N PHE EA 371 150.45 33.75 -54.86
CA PHE EA 371 149.36 32.93 -55.40
C PHE EA 371 148.02 33.65 -55.29
N VAL EA 372 147.76 34.27 -54.13
CA VAL EA 372 146.55 35.08 -53.96
C VAL EA 372 146.42 36.07 -55.11
N MET EA 373 147.52 36.77 -55.43
CA MET EA 373 147.52 37.68 -56.57
C MET EA 373 147.25 36.93 -57.87
N ASP EA 374 147.76 35.70 -57.99
CA ASP EA 374 147.61 34.96 -59.25
C ASP EA 374 146.15 34.60 -59.51
N VAL EA 375 145.44 34.16 -58.48
CA VAL EA 375 144.04 33.76 -58.61
C VAL EA 375 143.09 34.92 -58.31
N ALA EA 376 143.61 36.13 -58.12
CA ALA EA 376 142.75 37.27 -57.85
C ALA EA 376 141.68 37.52 -58.92
N PRO EA 377 141.98 37.57 -60.22
CA PRO EA 377 140.92 37.90 -61.19
C PRO EA 377 139.76 36.93 -61.17
N MET EA 378 140.03 35.62 -61.10
CA MET EA 378 138.95 34.64 -61.00
C MET EA 378 138.13 34.86 -59.73
N ALA EA 379 138.78 35.24 -58.63
CA ALA EA 379 138.15 35.28 -57.33
C ALA EA 379 137.52 36.64 -56.99
N ALA EA 380 137.61 37.63 -57.88
CA ALA EA 380 137.10 38.97 -57.57
C ALA EA 380 135.66 38.93 -57.05
N VAL EA 381 134.74 38.30 -57.79
CA VAL EA 381 133.36 38.19 -57.34
C VAL EA 381 133.28 37.30 -56.09
N ALA EA 382 134.05 36.20 -56.11
CA ALA EA 382 134.15 35.20 -55.05
C ALA EA 382 134.53 35.80 -53.72
N VAL EA 383 135.15 36.98 -53.69
CA VAL EA 383 135.25 37.72 -52.44
C VAL EA 383 134.25 38.86 -52.43
N GLY EA 384 133.67 39.18 -53.59
CA GLY EA 384 132.69 40.24 -53.76
C GLY EA 384 131.49 40.13 -52.87
N LEU EA 385 130.62 39.18 -53.23
CA LEU EA 385 129.43 38.96 -52.40
C LEU EA 385 129.85 38.47 -51.01
N ALA EA 386 131.14 38.17 -50.84
CA ALA EA 386 131.71 37.76 -49.57
C ALA EA 386 131.97 38.93 -48.65
N LEU EA 387 132.31 40.11 -49.16
CA LEU EA 387 132.19 41.30 -48.33
C LEU EA 387 130.74 41.73 -48.24
N ARG EA 388 129.89 41.25 -49.16
CA ARG EA 388 128.47 41.45 -48.96
C ARG EA 388 127.94 40.67 -47.76
N ARG EA 389 128.61 39.57 -47.38
CA ARG EA 389 128.05 38.69 -46.35
C ARG EA 389 128.37 39.02 -44.89
N PRO EA 390 129.44 39.76 -44.53
CA PRO EA 390 129.54 40.22 -43.15
C PRO EA 390 129.10 41.66 -43.08
N GLY EA 391 128.35 42.10 -44.09
CA GLY EA 391 127.91 43.48 -44.18
C GLY EA 391 126.60 43.69 -43.45
N MET FA 1 119.04 36.37 -80.95
CA MET FA 1 118.53 35.12 -81.51
C MET FA 1 117.09 34.89 -81.09
N MET FA 2 116.29 34.39 -82.02
CA MET FA 2 114.87 34.14 -81.80
C MET FA 2 114.65 32.67 -81.43
N ILE FA 3 114.02 32.44 -80.29
CA ILE FA 3 113.70 31.09 -79.82
C ILE FA 3 112.19 30.96 -79.84
N ARG FA 4 111.67 30.18 -80.78
CA ARG FA 4 110.24 30.01 -80.96
C ARG FA 4 109.82 28.56 -80.67
N ILE FA 5 108.59 28.42 -80.18
CA ILE FA 5 108.10 27.09 -79.81
C ILE FA 5 106.60 26.98 -80.14
N ASN FA 6 106.30 26.34 -81.28
CA ASN FA 6 104.92 26.01 -81.62
C ASN FA 6 104.43 24.74 -80.93
N LEU FA 7 104.57 24.65 -79.62
CA LEU FA 7 104.11 23.47 -78.89
C LEU FA 7 102.95 23.77 -77.94
N LEU FA 8 101.86 23.02 -78.13
CA LEU FA 8 100.49 23.25 -77.67
C LEU FA 8 99.89 24.63 -78.09
N PRO FA 9 99.98 24.89 -79.39
CA PRO FA 9 98.84 25.35 -80.17
C PRO FA 9 98.50 24.36 -81.26
N VAL FA 10 97.59 24.74 -82.15
CA VAL FA 10 96.16 24.59 -81.89
C VAL FA 10 95.35 23.36 -82.37
N ARG FA 11 95.51 22.81 -83.56
CA ARG FA 11 94.72 21.60 -83.82
C ARG FA 11 95.18 20.52 -82.86
N ALA FA 12 96.44 20.60 -82.39
CA ALA FA 12 96.87 19.80 -81.24
C ALA FA 12 96.11 20.19 -79.99
N VAL FA 13 96.00 21.50 -79.72
CA VAL FA 13 95.30 21.99 -78.53
C VAL FA 13 93.87 21.49 -78.58
N LYS FA 14 93.08 22.03 -79.50
CA LYS FA 14 91.65 21.79 -79.54
C LYS FA 14 91.32 20.35 -79.90
N LYS FA 15 92.29 19.56 -80.39
CA LYS FA 15 91.99 18.14 -80.56
C LYS FA 15 92.28 17.35 -79.30
N ARG FA 16 93.23 17.83 -78.48
CA ARG FA 16 93.36 17.28 -77.13
C ARG FA 16 92.15 17.67 -76.28
N GLU FA 17 91.60 18.87 -76.52
CA GLU FA 17 90.43 19.32 -75.80
C GLU FA 17 89.18 18.55 -76.21
N MET FA 18 88.90 18.46 -77.51
CA MET FA 18 87.81 17.59 -77.95
C MET FA 18 88.01 16.17 -77.45
N GLY FA 19 89.26 15.68 -77.49
CA GLY FA 19 89.56 14.38 -76.92
C GLY FA 19 89.17 14.27 -75.46
N ARG FA 20 89.37 15.34 -74.69
CA ARG FA 20 88.96 15.32 -73.28
C ARG FA 20 87.44 15.32 -73.14
N GLN FA 21 86.76 16.21 -73.86
CA GLN FA 21 85.32 16.35 -73.71
C GLN FA 21 84.57 15.08 -74.09
N VAL FA 22 84.95 14.47 -75.22
CA VAL FA 22 84.30 13.22 -75.63
C VAL FA 22 84.40 12.16 -74.53
N LEU FA 23 85.57 12.08 -73.88
CA LEU FA 23 85.76 11.12 -72.80
C LEU FA 23 84.95 11.47 -71.55
N VAL FA 24 84.85 12.76 -71.22
CA VAL FA 24 84.01 13.15 -70.10
C VAL FA 24 82.56 12.76 -70.36
N LEU FA 25 82.07 12.99 -71.58
CA LEU FA 25 80.71 12.57 -71.93
C LEU FA 25 80.55 11.06 -71.79
N PHE FA 26 81.53 10.29 -72.29
CA PHE FA 26 81.51 8.85 -72.06
C PHE FA 26 81.36 8.53 -70.58
N ALA FA 27 82.16 9.16 -69.73
CA ALA FA 27 82.14 8.88 -68.30
C ALA FA 27 80.76 9.17 -67.71
N VAL FA 28 80.17 10.31 -68.08
CA VAL FA 28 78.86 10.67 -67.54
C VAL FA 28 77.81 9.65 -67.95
N VAL FA 29 77.75 9.32 -69.24
CA VAL FA 29 76.77 8.34 -69.71
C VAL FA 29 76.95 7.02 -68.97
N LEU FA 30 78.19 6.58 -68.78
CA LEU FA 30 78.42 5.29 -68.15
C LEU FA 30 78.09 5.32 -66.66
N ILE FA 31 78.25 6.47 -66.00
CA ILE FA 31 77.84 6.57 -64.60
C ILE FA 31 76.33 6.51 -64.48
N GLY FA 32 75.62 7.23 -65.36
CA GLY FA 32 74.17 7.16 -65.34
C GLY FA 32 73.65 5.75 -65.58
N ALA FA 33 74.12 5.11 -66.67
CA ALA FA 33 73.73 3.73 -66.93
C ALA FA 33 74.06 2.83 -65.75
N GLY FA 34 75.21 3.07 -65.10
CA GLY FA 34 75.51 2.36 -63.88
C GLY FA 34 74.42 2.50 -62.84
N VAL FA 35 74.06 3.74 -62.49
CA VAL FA 35 73.01 4.00 -61.50
C VAL FA 35 71.73 3.25 -61.88
N ALA FA 36 71.38 3.24 -63.16
CA ALA FA 36 70.22 2.47 -63.59
C ALA FA 36 70.36 0.99 -63.25
N ASN FA 37 71.46 0.37 -63.72
CA ASN FA 37 71.72 -1.04 -63.39
C ASN FA 37 71.56 -1.30 -61.90
N TYR FA 38 72.11 -0.41 -61.08
CA TYR FA 38 71.86 -0.47 -59.64
C TYR FA 38 70.37 -0.50 -59.35
N LEU FA 39 69.72 0.67 -59.28
CA LEU FA 39 68.31 0.75 -58.86
C LEU FA 39 67.51 -0.49 -59.29
N TRP FA 40 67.73 -0.94 -60.52
CA TRP FA 40 67.20 -2.24 -60.94
C TRP FA 40 67.58 -3.34 -59.94
N TYR FA 41 68.88 -3.47 -59.60
CA TYR FA 41 69.30 -4.55 -58.70
C TYR FA 41 68.52 -4.51 -57.37
N ASP FA 42 68.14 -3.32 -56.91
CA ASP FA 42 67.46 -3.20 -55.63
C ASP FA 42 66.01 -3.63 -55.74
N ASP FA 43 65.31 -3.17 -56.78
CA ASP FA 43 63.95 -3.67 -56.98
C ASP FA 43 63.94 -5.18 -57.12
N ARG FA 44 65.01 -5.76 -57.70
CA ARG FA 44 65.06 -7.20 -57.87
C ARG FA 44 65.30 -7.92 -56.54
N GLN FA 45 66.12 -7.36 -55.66
CA GLN FA 45 66.31 -7.97 -54.36
C GLN FA 45 65.03 -7.90 -53.52
N SER FA 46 64.32 -6.77 -53.60
CA SER FA 46 63.02 -6.67 -52.94
C SER FA 46 62.07 -7.76 -53.43
N GLU FA 47 61.95 -7.90 -54.76
CA GLU FA 47 61.09 -8.95 -55.30
C GLU FA 47 61.52 -10.33 -54.80
N LEU FA 48 62.83 -10.59 -54.76
CA LEU FA 48 63.33 -11.86 -54.25
C LEU FA 48 62.90 -12.10 -52.81
N GLU FA 49 62.94 -11.07 -51.96
CA GLU FA 49 62.53 -11.26 -50.58
C GLU FA 49 61.03 -11.54 -50.47
N ALA FA 50 60.22 -10.81 -51.24
CA ALA FA 50 58.79 -11.10 -51.25
C ALA FA 50 58.53 -12.54 -51.68
N HIS FA 51 59.23 -13.00 -52.72
CA HIS FA 51 58.99 -14.34 -53.25
C HIS FA 51 59.45 -15.41 -52.27
N GLN FA 52 60.57 -15.18 -51.57
CA GLN FA 52 60.99 -16.13 -50.54
C GLN FA 52 60.02 -16.17 -49.38
N ALA FA 53 59.42 -15.02 -49.03
CA ALA FA 53 58.32 -15.03 -48.07
C ALA FA 53 57.19 -15.93 -48.56
N GLY FA 54 56.79 -15.79 -49.83
CA GLY FA 54 55.77 -16.67 -50.37
C GLY FA 54 56.15 -18.14 -50.31
N VAL FA 55 57.40 -18.47 -50.64
CA VAL FA 55 57.84 -19.86 -50.58
C VAL FA 55 57.75 -20.39 -49.17
N ALA FA 56 58.13 -19.58 -48.18
CA ALA FA 56 57.91 -19.97 -46.79
C ALA FA 56 56.43 -20.23 -46.52
N SER FA 57 55.54 -19.37 -47.05
CA SER FA 57 54.12 -19.62 -46.95
C SER FA 57 53.70 -20.94 -47.60
N THR FA 58 54.46 -21.44 -48.58
CA THR FA 58 54.19 -22.79 -49.05
C THR FA 58 54.64 -23.82 -48.03
N LYS FA 59 55.93 -23.79 -47.66
CA LYS FA 59 56.49 -24.82 -46.79
C LYS FA 59 55.77 -24.91 -45.45
N ALA FA 60 55.04 -23.86 -45.04
CA ALA FA 60 54.26 -23.94 -43.82
C ALA FA 60 53.04 -24.84 -44.00
N ARG FA 61 52.14 -24.44 -44.90
CA ARG FA 61 50.88 -25.15 -45.07
C ARG FA 61 51.06 -26.54 -45.68
N ILE FA 62 52.10 -26.76 -46.49
CA ILE FA 62 52.39 -28.11 -46.94
C ILE FA 62 52.67 -29.01 -45.75
N ALA FA 63 53.45 -28.53 -44.79
CA ALA FA 63 53.66 -29.28 -43.56
C ALA FA 63 52.34 -29.49 -42.82
N GLU FA 64 51.54 -28.42 -42.68
CA GLU FA 64 50.20 -28.57 -42.13
C GLU FA 64 49.46 -29.75 -42.74
N LEU FA 65 49.57 -29.91 -44.06
CA LEU FA 65 48.77 -30.89 -44.79
C LEU FA 65 49.35 -32.28 -44.67
N GLU FA 66 50.68 -32.40 -44.65
CA GLU FA 66 51.30 -33.68 -44.36
C GLU FA 66 50.89 -34.18 -42.98
N LYS FA 67 50.71 -33.26 -42.03
CA LYS FA 67 50.25 -33.66 -40.71
C LYS FA 67 48.77 -34.05 -40.72
N ILE FA 68 47.93 -33.23 -41.36
CA ILE FA 68 46.49 -33.52 -41.38
C ILE FA 68 46.20 -34.83 -42.12
N ILE FA 69 46.97 -35.12 -43.18
CA ILE FA 69 46.77 -36.37 -43.90
C ILE FA 69 47.39 -37.53 -43.14
N GLY FA 70 48.50 -37.28 -42.42
CA GLY FA 70 48.98 -38.29 -41.49
C GLY FA 70 47.90 -38.70 -40.52
N GLU FA 71 47.16 -37.73 -40.00
CA GLU FA 71 45.98 -38.06 -39.21
C GLU FA 71 45.03 -38.90 -40.05
N VAL FA 72 44.54 -38.36 -41.17
CA VAL FA 72 43.47 -39.02 -41.93
C VAL FA 72 43.80 -40.48 -42.23
N LYS FA 73 45.08 -40.81 -42.39
CA LYS FA 73 45.45 -42.19 -42.64
C LYS FA 73 45.49 -43.01 -41.34
N ASN FA 74 46.24 -42.51 -40.34
CA ASN FA 74 46.19 -43.11 -39.00
C ASN FA 74 44.77 -43.48 -38.63
N ILE FA 75 43.86 -42.54 -38.83
CA ILE FA 75 42.42 -42.71 -38.83
C ILE FA 75 41.99 -43.93 -39.61
N ASN FA 76 42.08 -43.82 -40.94
CA ASN FA 76 41.34 -44.70 -41.84
C ASN FA 76 41.70 -46.16 -41.62
N THR FA 77 42.92 -46.44 -41.17
CA THR FA 77 43.30 -47.83 -41.00
C THR FA 77 42.75 -48.43 -39.71
N ARG FA 78 42.58 -47.62 -38.67
CA ARG FA 78 42.02 -48.11 -37.40
C ARG FA 78 40.52 -48.36 -37.49
N LYS FA 79 39.81 -47.62 -38.35
CA LYS FA 79 38.37 -47.78 -38.49
C LYS FA 79 38.01 -49.19 -38.95
N ALA FA 80 38.72 -49.71 -39.96
CA ALA FA 80 38.44 -51.04 -40.48
C ALA FA 80 38.67 -52.14 -39.45
N GLU FA 81 39.65 -51.99 -38.57
CA GLU FA 81 39.77 -52.95 -37.48
C GLU FA 81 38.66 -52.78 -36.46
N VAL FA 82 38.12 -51.57 -36.34
CA VAL FA 82 37.04 -51.36 -35.37
C VAL FA 82 35.75 -52.01 -35.84
N GLU FA 83 35.29 -51.68 -37.05
CA GLU FA 83 34.08 -52.32 -37.60
C GLU FA 83 34.13 -53.84 -37.39
N LYS FA 84 35.31 -54.42 -37.58
CA LYS FA 84 35.48 -55.86 -37.52
C LYS FA 84 35.44 -56.38 -36.09
N LYS FA 85 36.32 -55.85 -35.22
CA LYS FA 85 36.29 -56.17 -33.79
C LYS FA 85 34.88 -56.06 -33.23
N LEU FA 86 34.17 -55.00 -33.58
CA LEU FA 86 32.81 -54.81 -33.11
C LEU FA 86 31.89 -55.88 -33.65
N ALA FA 87 31.88 -56.11 -34.97
CA ALA FA 87 31.00 -57.15 -35.52
C ALA FA 87 31.18 -58.46 -34.78
N VAL FA 88 32.44 -58.76 -34.41
CA VAL FA 88 32.70 -59.85 -33.48
C VAL FA 88 31.95 -59.62 -32.16
N LEU FA 89 32.04 -58.40 -31.60
CA LEU FA 89 31.40 -58.13 -30.31
C LEU FA 89 29.88 -58.32 -30.35
N ASP FA 90 29.24 -57.92 -31.45
CA ASP FA 90 27.81 -58.07 -31.62
C ASP FA 90 27.41 -59.51 -31.94
N ALA FA 91 28.33 -60.31 -32.49
CA ALA FA 91 28.09 -61.75 -32.54
C ALA FA 91 28.19 -62.37 -31.14
N LEU FA 92 29.08 -61.84 -30.30
CA LEU FA 92 29.31 -62.44 -28.98
C LEU FA 92 28.21 -62.06 -28.00
N ARG FA 93 27.70 -60.82 -28.06
CA ARG FA 93 26.55 -60.46 -27.24
C ARG FA 93 25.34 -61.35 -27.57
N LYS FA 94 25.20 -61.74 -28.84
CA LYS FA 94 24.23 -62.77 -29.20
C LYS FA 94 24.67 -64.14 -28.71
N GLY FA 95 25.98 -64.32 -28.50
CA GLY FA 95 26.49 -65.55 -27.93
C GLY FA 95 26.38 -65.65 -26.43
N ARG FA 96 26.00 -64.57 -25.75
CA ARG FA 96 25.67 -64.58 -24.34
C ARG FA 96 24.17 -64.43 -24.08
N SER FA 97 23.46 -63.73 -24.96
CA SER FA 97 22.01 -63.78 -24.93
C SER FA 97 21.53 -65.18 -25.30
N GLY FA 98 22.22 -65.81 -26.25
CA GLY FA 98 21.90 -67.13 -26.73
C GLY FA 98 21.59 -68.13 -25.63
N PRO FA 99 22.61 -68.56 -24.88
CA PRO FA 99 22.40 -69.57 -23.83
C PRO FA 99 21.31 -69.22 -22.82
N VAL FA 100 20.60 -68.13 -23.06
CA VAL FA 100 19.54 -67.69 -22.16
C VAL FA 100 18.27 -67.38 -22.94
N ARG FA 101 18.42 -66.99 -24.22
CA ARG FA 101 17.29 -66.34 -24.87
C ARG FA 101 16.34 -67.32 -25.54
N MET FA 102 16.49 -67.59 -26.84
CA MET FA 102 15.39 -68.26 -27.53
C MET FA 102 15.79 -69.42 -28.42
N MET FA 103 16.65 -69.23 -29.42
CA MET FA 103 16.90 -70.28 -30.39
C MET FA 103 17.68 -71.46 -29.81
N ASP FA 104 18.19 -71.35 -28.58
CA ASP FA 104 19.48 -71.94 -28.26
C ASP FA 104 19.43 -73.26 -27.49
N ALA FA 105 18.28 -73.67 -26.98
CA ALA FA 105 18.20 -75.01 -26.41
C ALA FA 105 17.37 -75.94 -27.28
N LEU FA 106 16.41 -75.38 -28.02
CA LEU FA 106 15.49 -76.15 -28.83
C LEU FA 106 16.08 -76.32 -30.24
N ALA FA 107 15.90 -77.47 -30.93
CA ALA FA 107 14.73 -78.37 -30.97
C ALA FA 107 13.60 -77.55 -31.59
N SER FA 108 13.87 -77.18 -32.85
CA SER FA 108 13.02 -76.29 -33.66
C SER FA 108 12.92 -74.92 -33.00
N ALA FA 109 13.23 -73.87 -33.77
CA ALA FA 109 13.29 -72.52 -33.23
C ALA FA 109 11.91 -71.88 -33.07
N THR FA 110 10.99 -72.58 -32.43
CA THR FA 110 9.63 -72.08 -32.24
C THR FA 110 9.36 -71.78 -30.77
N PRO FA 111 8.70 -70.65 -30.46
CA PRO FA 111 8.47 -70.13 -29.11
C PRO FA 111 7.34 -70.82 -28.35
N LYS FA 112 7.32 -70.73 -27.02
CA LYS FA 112 8.33 -70.03 -26.22
C LYS FA 112 9.56 -70.90 -25.99
N LYS FA 113 10.74 -70.29 -26.05
CA LYS FA 113 11.98 -71.05 -26.22
C LYS FA 113 13.06 -70.43 -25.33
N VAL FA 114 13.66 -71.25 -24.45
CA VAL FA 114 14.65 -70.80 -23.43
C VAL FA 114 14.24 -69.53 -22.65
N TRP FA 115 13.50 -68.67 -23.32
CA TRP FA 115 12.29 -67.96 -22.90
C TRP FA 115 11.95 -67.29 -21.56
N VAL FA 116 10.63 -67.33 -21.37
CA VAL FA 116 9.80 -66.67 -20.37
C VAL FA 116 9.50 -67.67 -19.25
N LYS FA 117 9.26 -67.18 -18.04
CA LYS FA 117 9.31 -68.06 -16.88
C LYS FA 117 7.96 -68.65 -16.47
N THR FA 118 7.14 -67.89 -15.72
CA THR FA 118 5.97 -68.46 -15.06
C THR FA 118 4.67 -67.99 -15.68
N PHE FA 119 3.65 -68.84 -15.63
CA PHE FA 119 2.31 -68.55 -16.12
C PHE FA 119 1.30 -68.95 -15.05
N SER FA 120 0.35 -68.06 -14.76
CA SER FA 120 -0.66 -68.32 -13.75
C SER FA 120 -1.91 -67.52 -14.08
N GLU FA 121 -3.05 -68.19 -14.16
CA GLU FA 121 -4.29 -67.61 -14.65
C GLU FA 121 -5.37 -67.69 -13.58
N ASN FA 122 -6.52 -67.07 -13.90
CA ASN FA 122 -7.71 -67.12 -13.05
C ASN FA 122 -9.00 -67.02 -13.87
N ASN FA 123 -8.97 -67.41 -15.14
CA ASN FA 123 -10.13 -67.41 -16.04
C ASN FA 123 -10.70 -66.01 -16.26
N ASN FA 124 -9.96 -64.97 -15.88
CA ASN FA 124 -10.31 -63.60 -16.22
C ASN FA 124 -9.06 -62.84 -16.62
N ALA FA 125 -7.95 -63.13 -15.94
CA ALA FA 125 -6.66 -62.52 -16.25
C ALA FA 125 -5.56 -63.55 -16.04
N VAL FA 126 -4.45 -63.33 -16.73
CA VAL FA 126 -3.24 -64.15 -16.56
C VAL FA 126 -2.14 -63.23 -16.06
N SER FA 127 -1.45 -63.65 -15.01
CA SER FA 127 -0.35 -62.88 -14.41
C SER FA 127 0.93 -63.64 -14.70
N ILE FA 128 1.62 -63.24 -15.75
CA ILE FA 128 2.75 -63.99 -16.26
C ILE FA 128 4.05 -63.47 -15.66
N ASP FA 129 5.13 -64.21 -15.88
CA ASP FA 129 6.46 -63.90 -15.36
C ASP FA 129 7.45 -64.36 -16.42
N GLY FA 130 8.37 -63.49 -16.83
CA GLY FA 130 9.11 -63.73 -18.04
C GLY FA 130 10.51 -63.14 -18.07
N SER FA 131 11.10 -63.24 -19.27
CA SER FA 131 12.46 -62.82 -19.58
C SER FA 131 12.58 -62.66 -21.09
N ALA FA 132 13.21 -61.56 -21.52
CA ALA FA 132 13.33 -61.27 -22.95
C ALA FA 132 14.76 -60.84 -23.25
N VAL FA 133 15.03 -60.58 -24.53
CA VAL FA 133 16.42 -60.36 -24.94
C VAL FA 133 16.91 -58.99 -24.51
N SER FA 134 16.07 -57.97 -24.55
CA SER FA 134 16.53 -56.59 -24.36
C SER FA 134 15.32 -55.68 -24.29
N HIS FA 135 15.58 -54.39 -24.50
CA HIS FA 135 14.56 -53.36 -24.60
C HIS FA 135 13.80 -53.47 -25.92
N ASP FA 136 14.09 -54.51 -26.69
CA ASP FA 136 13.55 -54.67 -28.04
C ASP FA 136 12.52 -55.78 -28.14
N GLU FA 137 12.90 -57.02 -27.82
CA GLU FA 137 11.94 -58.13 -27.89
C GLU FA 137 10.89 -58.05 -26.79
N VAL FA 138 11.22 -57.44 -25.65
CA VAL FA 138 10.16 -57.16 -24.68
C VAL FA 138 9.28 -56.03 -25.19
N ALA FA 139 9.83 -55.16 -26.03
CA ALA FA 139 9.02 -54.12 -26.67
C ALA FA 139 8.19 -54.71 -27.81
N GLU FA 140 8.74 -55.64 -28.56
CA GLU FA 140 7.96 -56.35 -29.57
C GLU FA 140 6.81 -57.12 -28.92
N PHE FA 141 7.12 -57.84 -27.83
CA PHE FA 141 6.11 -58.62 -27.13
C PHE FA 141 5.04 -57.72 -26.51
N MET FA 142 5.47 -56.63 -25.86
CA MET FA 142 4.50 -55.75 -25.22
C MET FA 142 3.65 -55.02 -26.26
N ARG FA 143 4.23 -54.71 -27.42
CA ARG FA 143 3.45 -54.10 -28.51
C ARG FA 143 2.42 -55.08 -29.04
N GLY FA 144 2.82 -56.35 -29.22
CA GLY FA 144 1.89 -57.36 -29.72
C GLY FA 144 0.64 -57.53 -28.87
N LEU FA 145 0.64 -56.99 -27.65
CA LEU FA 145 -0.52 -57.10 -26.76
C LEU FA 145 -1.28 -55.78 -26.68
N ASN FA 146 -0.93 -54.96 -25.70
CA ASN FA 146 -1.71 -53.76 -25.39
C ASN FA 146 -0.89 -52.85 -24.48
N GLY FA 147 -1.39 -51.64 -24.30
CA GLY FA 147 -0.78 -50.59 -23.51
C GLY FA 147 -1.84 -49.71 -22.89
N VAL FA 148 -1.79 -49.52 -21.57
CA VAL FA 148 -2.96 -49.07 -20.82
C VAL FA 148 -2.53 -48.07 -19.76
N VAL FA 149 -3.39 -47.10 -19.48
CA VAL FA 149 -3.24 -46.20 -18.33
C VAL FA 149 -4.08 -46.81 -17.21
N TRP FA 150 -3.42 -47.47 -16.27
CA TRP FA 150 -4.10 -48.10 -15.15
C TRP FA 150 -4.23 -47.12 -13.98
N THR FA 151 -5.34 -47.23 -13.24
CA THR FA 151 -5.59 -46.25 -12.19
C THR FA 151 -5.91 -46.92 -10.85
N PRO FA 152 -7.20 -47.05 -10.38
CA PRO FA 152 -7.38 -47.37 -8.96
C PRO FA 152 -7.14 -48.85 -8.67
N LYS FA 153 -6.00 -49.16 -8.07
CA LYS FA 153 -5.64 -50.55 -7.83
C LYS FA 153 -6.20 -51.04 -6.50
N GLY FA 154 -6.70 -52.27 -6.49
CA GLY FA 154 -7.16 -52.89 -5.26
C GLY FA 154 -6.14 -53.87 -4.71
N MET FA 155 -5.85 -53.76 -3.42
CA MET FA 155 -4.88 -54.65 -2.79
C MET FA 155 -5.60 -55.88 -2.25
N GLY FA 156 -5.03 -57.06 -2.53
CA GLY FA 156 -5.66 -58.31 -2.14
C GLY FA 156 -4.67 -59.27 -1.53
N ARG FA 157 -5.22 -60.27 -0.84
CA ARG FA 157 -4.43 -61.20 -0.03
C ARG FA 157 -3.45 -62.04 -0.84
N LEU FA 158 -3.58 -62.04 -2.16
CA LEU FA 158 -2.59 -62.71 -3.00
C LEU FA 158 -1.30 -61.92 -3.11
N VAL FA 159 -1.39 -60.59 -3.13
CA VAL FA 159 -0.20 -59.74 -3.13
C VAL FA 159 0.68 -60.06 -1.93
N ASP FA 160 0.08 -60.09 -0.74
CA ASP FA 160 0.85 -60.39 0.47
C ASP FA 160 1.37 -61.82 0.47
N ARG FA 161 0.59 -62.75 -0.09
CA ARG FA 161 1.10 -64.11 -0.27
C ARG FA 161 2.31 -64.15 -1.21
N ARG FA 162 2.43 -63.16 -2.11
CA ARG FA 162 3.68 -63.03 -2.86
C ARG FA 162 4.78 -62.42 -2.01
N ARG FA 163 4.43 -61.42 -1.17
CA ARG FA 163 5.40 -60.89 -0.23
C ARG FA 163 5.78 -61.91 0.82
N ASP FA 164 4.84 -62.78 1.20
CA ASP FA 164 5.12 -63.86 2.13
C ASP FA 164 5.93 -65.00 1.52
N SER FA 165 6.07 -65.05 0.19
CA SER FA 165 6.68 -66.15 -0.54
C SER FA 165 5.76 -67.37 -0.49
N LYS FA 166 4.57 -67.19 0.09
CA LYS FA 166 3.70 -68.34 0.35
C LYS FA 166 3.09 -68.91 -0.93
N THR FA 167 3.03 -68.15 -2.02
CA THR FA 167 2.64 -68.66 -3.34
C THR FA 167 3.88 -68.59 -4.22
N ALA FA 168 4.30 -69.76 -4.70
CA ALA FA 168 5.64 -69.88 -5.25
C ALA FA 168 5.76 -69.17 -6.59
N ARG FA 169 6.58 -68.12 -6.58
CA ARG FA 169 6.93 -67.27 -7.75
C ARG FA 169 8.67 -66.56 -7.92
N VAL FA 170 9.09 -65.69 -8.91
CA VAL FA 170 10.39 -65.00 -8.92
C VAL FA 170 10.24 -63.55 -8.42
N GLU FA 171 10.33 -63.36 -7.10
CA GLU FA 171 10.13 -62.07 -6.43
C GLU FA 171 11.18 -61.00 -6.81
N MET FA 172 11.81 -61.14 -7.99
CA MET FA 172 12.14 -60.00 -8.85
C MET FA 172 10.91 -59.19 -9.22
N LEU FA 173 9.75 -59.80 -9.15
CA LEU FA 173 8.51 -59.28 -9.72
C LEU FA 173 7.78 -58.33 -8.79
N THR FA 174 7.22 -57.27 -9.37
CA THR FA 174 6.15 -56.55 -8.70
C THR FA 174 4.94 -57.45 -8.54
N SER FA 175 3.99 -57.01 -7.71
CA SER FA 175 2.89 -57.90 -7.32
C SER FA 175 1.62 -57.61 -8.12
N ASP FA 176 0.47 -57.79 -7.47
CA ASP FA 176 -0.83 -57.29 -7.90
C ASP FA 176 -1.44 -58.03 -9.08
N ALA FA 177 -2.76 -57.87 -9.26
CA ALA FA 177 -3.53 -58.42 -10.36
C ALA FA 177 -4.99 -57.96 -10.30
N THR FA 178 -5.22 -56.73 -9.84
CA THR FA 178 -6.59 -56.21 -9.69
C THR FA 178 -6.54 -54.70 -9.82
N ILE FA 179 -7.23 -54.16 -10.83
CA ILE FA 179 -7.18 -52.73 -11.11
C ILE FA 179 -8.25 -52.36 -12.13
N GLU FA 180 -8.20 -51.13 -12.64
CA GLU FA 180 -9.11 -50.62 -13.66
C GLU FA 180 -8.28 -49.96 -14.74
N GLU FA 181 -8.54 -50.32 -16.00
CA GLU FA 181 -7.60 -50.09 -17.10
C GLU FA 181 -8.22 -49.16 -18.14
N PHE FA 182 -7.40 -48.24 -18.68
CA PHE FA 182 -7.77 -47.37 -19.80
C PHE FA 182 -6.80 -47.56 -20.95
N PRO FA 183 -7.27 -47.76 -22.17
CA PRO FA 183 -6.35 -48.09 -23.27
C PRO FA 183 -5.55 -46.89 -23.74
N GLU FA 184 -4.25 -47.11 -23.87
CA GLU FA 184 -3.35 -46.17 -24.54
C GLU FA 184 -3.06 -46.60 -25.97
N ALA FA 185 -2.44 -47.77 -26.15
CA ALA FA 185 -2.25 -48.32 -27.48
C ALA FA 185 -2.67 -49.77 -27.44
N GLN FA 186 -2.89 -50.35 -28.61
CA GLN FA 186 -3.42 -51.70 -28.69
C GLN FA 186 -2.94 -52.34 -29.99
N VAL FA 187 -2.82 -53.67 -29.99
CA VAL FA 187 -2.48 -54.38 -31.22
C VAL FA 187 -3.28 -55.68 -31.31
N SER FA 188 -3.36 -56.42 -30.22
CA SER FA 188 -4.22 -57.60 -30.19
C SER FA 188 -5.63 -57.18 -29.78
N PRO FA 189 -6.64 -57.31 -30.65
CA PRO FA 189 -8.02 -57.01 -30.21
C PRO FA 189 -8.49 -57.98 -29.16
N PHE FA 190 -7.70 -59.00 -28.86
CA PHE FA 190 -8.14 -60.03 -27.94
C PHE FA 190 -7.51 -59.87 -26.58
N PHE FA 191 -6.54 -58.96 -26.45
CA PHE FA 191 -5.73 -58.88 -25.23
C PHE FA 191 -5.76 -57.46 -24.69
N LYS FA 192 -6.05 -57.35 -23.40
CA LYS FA 192 -5.94 -56.11 -22.65
C LYS FA 192 -4.81 -56.32 -21.63
N ASN FA 193 -3.60 -55.95 -22.03
CA ASN FA 193 -2.48 -55.93 -21.08
C ASN FA 193 -2.61 -54.72 -20.18
N ILE FA 194 -2.39 -54.91 -18.88
CA ILE FA 194 -2.54 -53.80 -17.96
C ILE FA 194 -1.32 -52.88 -18.01
N ASP FA 195 -0.12 -53.48 -18.08
CA ASP FA 195 1.16 -52.77 -18.13
C ASP FA 195 2.31 -53.76 -18.01
N LEU FA 196 3.48 -53.40 -18.55
CA LEU FA 196 4.71 -54.12 -18.22
C LEU FA 196 5.01 -53.81 -16.75
N GLN FA 197 4.55 -54.70 -15.87
CA GLN FA 197 4.59 -54.43 -14.44
C GLN FA 197 6.01 -54.19 -13.96
N THR FA 198 6.99 -54.93 -14.48
CA THR FA 198 8.38 -54.60 -14.16
C THR FA 198 9.31 -55.20 -15.19
N ALA FA 199 10.57 -54.74 -15.16
CA ALA FA 199 11.61 -55.25 -16.05
C ALA FA 199 12.97 -54.81 -15.53
N LYS FA 200 13.86 -55.79 -15.35
CA LYS FA 200 15.19 -55.59 -14.81
C LYS FA 200 16.17 -56.48 -15.56
N GLN FA 201 17.19 -55.87 -16.16
CA GLN FA 201 18.20 -56.62 -16.90
C GLN FA 201 19.15 -57.30 -15.90
N VAL FA 202 19.04 -58.62 -15.81
CA VAL FA 202 19.84 -59.42 -14.88
C VAL FA 202 21.13 -59.84 -15.58
N GLY FA 203 22.27 -59.39 -15.04
CA GLY FA 203 23.53 -59.60 -15.73
C GLY FA 203 24.19 -60.95 -15.46
N GLY FA 204 24.14 -61.42 -14.22
CA GLY FA 204 24.80 -62.66 -13.88
C GLY FA 204 26.08 -62.45 -13.10
N ALA FA 205 27.00 -63.41 -13.24
CA ALA FA 205 28.25 -63.38 -12.50
C ALA FA 205 29.30 -64.19 -13.26
N GLN FA 206 30.46 -64.37 -12.61
CA GLN FA 206 31.54 -65.15 -13.21
C GLN FA 206 31.19 -66.61 -13.36
N VAL FA 207 30.17 -67.09 -12.63
CA VAL FA 207 29.73 -68.47 -12.79
C VAL FA 207 28.87 -68.65 -14.03
N GLY FA 208 28.28 -67.57 -14.56
CA GLY FA 208 27.49 -67.68 -15.76
C GLY FA 208 26.60 -66.49 -16.06
N VAL FA 209 26.06 -66.44 -17.26
CA VAL FA 209 25.23 -65.33 -17.71
C VAL FA 209 23.74 -65.62 -17.66
N PRO FA 210 22.93 -64.57 -17.55
CA PRO FA 210 21.71 -64.48 -18.35
C PRO FA 210 21.71 -63.22 -19.23
N ILE FA 211 22.11 -62.08 -18.64
CA ILE FA 211 22.26 -60.79 -19.32
C ILE FA 211 20.92 -60.27 -19.84
N LEU FA 212 19.91 -61.14 -19.89
CA LEU FA 212 18.63 -60.77 -20.47
C LEU FA 212 17.88 -59.81 -19.56
N VAL FA 213 16.70 -59.39 -20.02
CA VAL FA 213 15.83 -58.50 -19.25
C VAL FA 213 14.70 -59.33 -18.67
N GLU FA 214 14.79 -59.61 -17.37
CA GLU FA 214 13.68 -60.23 -16.66
C GLU FA 214 12.51 -59.26 -16.64
N PHE FA 215 11.28 -59.77 -16.67
CA PHE FA 215 10.13 -58.86 -16.69
C PHE FA 215 8.89 -59.55 -16.12
N LYS FA 216 7.87 -58.74 -15.88
CA LYS FA 216 6.55 -59.21 -15.44
C LYS FA 216 5.45 -58.35 -16.03
N ILE FA 217 4.39 -59.04 -16.48
CA ILE FA 217 3.21 -58.50 -17.14
C ILE FA 217 1.98 -59.22 -16.60
N THR FA 218 0.86 -58.49 -16.53
CA THR FA 218 -0.45 -59.07 -16.26
C THR FA 218 -1.43 -58.59 -17.32
N MET FA 219 -2.26 -59.50 -17.80
CA MET FA 219 -3.08 -59.23 -18.97
C MET FA 219 -4.40 -59.98 -18.86
N THR FA 220 -5.52 -59.27 -18.94
CA THR FA 220 -6.82 -59.91 -19.10
C THR FA 220 -7.12 -60.06 -20.59
N SER FA 221 -7.41 -61.30 -21.02
CA SER FA 221 -7.60 -61.68 -22.42
C SER FA 221 -8.90 -61.11 -22.99
N ASN FA 222 -9.61 -61.90 -23.80
CA ASN FA 222 -10.96 -61.49 -24.23
C ASN FA 222 -11.86 -62.72 -24.41
N TYR FA 223 -13.15 -62.50 -24.18
CA TYR FA 223 -14.12 -63.60 -24.16
C TYR FA 223 -14.97 -63.56 -22.90
N MET GA 1 88.89 15.09 -97.30
CA MET GA 1 89.38 16.20 -96.50
C MET GA 1 90.38 15.61 -95.50
N ASP GA 2 91.63 15.56 -95.97
CA ASP GA 2 92.52 14.40 -95.87
C ASP GA 2 93.07 14.06 -94.49
N LYS GA 3 93.48 15.09 -93.76
CA LYS GA 3 94.33 14.83 -92.60
C LYS GA 3 93.57 14.00 -91.59
N TYR GA 4 92.29 13.70 -91.89
CA TYR GA 4 91.40 13.06 -90.96
C TYR GA 4 91.28 11.55 -91.22
N LEU GA 5 91.55 11.06 -92.46
CA LEU GA 5 91.82 9.62 -92.55
C LEU GA 5 93.25 9.35 -92.18
N ASP GA 6 94.09 10.39 -92.20
CA ASP GA 6 95.37 10.10 -91.59
C ASP GA 6 95.23 9.95 -90.08
N GLN GA 7 94.40 10.79 -89.47
CA GLN GA 7 94.19 10.67 -88.03
C GLN GA 7 93.34 9.44 -87.70
N PHE GA 8 92.44 9.06 -88.61
CA PHE GA 8 91.54 7.94 -88.34
C PHE GA 8 92.25 6.61 -88.53
N VAL GA 9 93.29 6.58 -89.38
CA VAL GA 9 94.14 5.41 -89.52
C VAL GA 9 95.20 5.32 -88.43
N LYS GA 10 95.56 6.45 -87.82
CA LYS GA 10 96.60 6.48 -86.79
C LYS GA 10 96.17 6.11 -85.37
N ALA GA 11 95.90 7.15 -84.56
CA ALA GA 11 95.63 7.11 -83.11
C ALA GA 11 96.91 7.33 -82.31
N PRO GA 12 96.76 7.91 -81.10
CA PRO GA 12 97.35 7.54 -79.80
C PRO GA 12 96.41 7.88 -78.56
N PRO GA 13 96.58 8.99 -77.74
CA PRO GA 13 95.79 9.05 -76.49
C PRO GA 13 94.29 9.14 -76.73
N ALA GA 14 93.87 9.98 -77.68
CA ALA GA 14 92.44 10.19 -77.90
C ALA GA 14 91.73 8.88 -78.25
N ILE GA 15 92.40 8.01 -79.00
CA ILE GA 15 91.76 6.79 -79.49
C ILE GA 15 92.01 5.63 -78.52
N LYS GA 16 93.10 5.66 -77.76
CA LYS GA 16 93.22 4.71 -76.65
C LYS GA 16 92.11 4.96 -75.62
N PHE GA 17 91.91 6.22 -75.23
CA PHE GA 17 90.78 6.59 -74.40
C PHE GA 17 89.46 6.18 -75.05
N GLY GA 18 89.30 6.48 -76.35
CA GLY GA 18 88.08 6.09 -77.04
C GLY GA 18 87.79 4.61 -76.95
N GLY GA 19 88.79 3.79 -77.28
CA GLY GA 19 88.62 2.35 -77.22
C GLY GA 19 88.27 1.86 -75.83
N LEU GA 20 88.97 2.36 -74.81
CA LEU GA 20 88.58 2.08 -73.43
C LEU GA 20 87.10 2.39 -73.21
N ALA GA 21 86.63 3.50 -73.78
CA ALA GA 21 85.25 3.93 -73.56
C ALA GA 21 84.24 3.02 -74.25
N PHE GA 22 84.51 2.63 -75.50
CA PHE GA 22 83.62 1.69 -76.17
C PHE GA 22 83.59 0.35 -75.45
N VAL GA 23 84.74 -0.07 -74.90
CA VAL GA 23 84.78 -1.32 -74.15
C VAL GA 23 83.92 -1.23 -72.90
N VAL GA 24 84.07 -0.15 -72.11
CA VAL GA 24 83.29 -0.05 -70.88
C VAL GA 24 81.80 0.10 -71.20
N GLY GA 25 81.47 0.73 -72.32
CA GLY GA 25 80.09 0.77 -72.75
C GLY GA 25 79.54 -0.61 -73.06
N ALA GA 26 80.32 -1.42 -73.79
CA ALA GA 26 79.91 -2.79 -74.05
C ALA GA 26 79.71 -3.57 -72.75
N LEU GA 27 80.64 -3.44 -71.81
CA LEU GA 27 80.54 -4.19 -70.56
C LEU GA 27 79.33 -3.76 -69.74
N THR GA 28 78.98 -2.46 -69.77
CA THR GA 28 77.79 -2.02 -69.06
C THR GA 28 76.51 -2.52 -69.74
N ALA GA 29 76.47 -2.53 -71.07
CA ALA GA 29 75.38 -3.21 -71.75
C ALA GA 29 75.26 -4.66 -71.28
N ALA GA 30 76.39 -5.35 -71.18
CA ALA GA 30 76.38 -6.75 -70.79
C ALA GA 30 75.84 -6.93 -69.37
N ASN GA 31 76.29 -6.11 -68.41
CA ASN GA 31 75.85 -6.32 -67.04
C ASN GA 31 74.40 -5.88 -66.85
N PHE GA 32 73.94 -4.89 -67.63
CA PHE GA 32 72.52 -4.54 -67.56
C PHE GA 32 71.64 -5.65 -68.11
N PHE GA 33 72.07 -6.30 -69.20
CA PHE GA 33 71.33 -7.47 -69.65
C PHE GA 33 71.39 -8.59 -68.60
N MET GA 34 72.54 -8.75 -67.96
CA MET GA 34 72.72 -9.76 -66.93
C MET GA 34 72.06 -9.40 -65.60
N VAL GA 35 71.44 -8.22 -65.48
CA VAL GA 35 70.52 -7.99 -64.38
C VAL GA 35 69.08 -7.99 -64.86
N ILE GA 36 68.83 -7.87 -66.16
CA ILE GA 36 67.47 -8.00 -66.66
C ILE GA 36 67.04 -9.46 -66.68
N GLN GA 37 67.95 -10.36 -67.04
CA GLN GA 37 67.59 -11.78 -67.09
C GLN GA 37 67.20 -12.36 -65.73
N PRO GA 38 67.93 -12.12 -64.63
CA PRO GA 38 67.45 -12.63 -63.33
C PRO GA 38 66.09 -12.09 -62.93
N THR GA 39 65.69 -10.93 -63.47
CA THR GA 39 64.33 -10.45 -63.28
C THR GA 39 63.32 -11.44 -63.85
N GLU GA 40 63.47 -11.75 -65.14
CA GLU GA 40 62.55 -12.67 -65.79
C GLU GA 40 62.55 -14.03 -65.09
N GLU GA 41 63.74 -14.59 -64.85
CA GLU GA 41 63.82 -15.84 -64.10
C GLU GA 41 63.10 -15.75 -62.77
N GLU GA 42 63.21 -14.59 -62.11
CA GLU GA 42 62.64 -14.42 -60.78
C GLU GA 42 61.11 -14.37 -60.83
N ILE GA 43 60.56 -13.65 -61.82
CA ILE GA 43 59.12 -13.67 -62.02
C ILE GA 43 58.64 -15.09 -62.30
N GLY GA 44 59.44 -15.86 -63.04
CA GLY GA 44 59.11 -17.25 -63.28
C GLY GA 44 59.01 -18.06 -62.00
N TRP GA 45 60.04 -17.99 -61.16
CA TRP GA 45 60.00 -18.71 -59.89
C TRP GA 45 58.83 -18.25 -59.03
N ALA GA 46 58.45 -16.97 -59.12
CA ALA GA 46 57.24 -16.50 -58.46
C ALA GA 46 56.01 -17.27 -58.97
N VAL GA 47 55.84 -17.32 -60.29
CA VAL GA 47 54.67 -17.99 -60.86
C VAL GA 47 54.63 -19.47 -60.47
N ALA GA 48 55.80 -20.10 -60.34
CA ALA GA 48 55.82 -21.50 -59.89
C ALA GA 48 55.39 -21.61 -58.43
N GLU GA 49 56.05 -20.84 -57.56
CA GLU GA 49 55.79 -20.92 -56.13
C GLU GA 49 54.32 -20.67 -55.82
N ARG GA 50 53.75 -19.61 -56.39
CA ARG GA 50 52.33 -19.33 -56.16
C ARG GA 50 51.45 -20.50 -56.59
N ARG GA 51 51.79 -21.14 -57.72
CA ARG GA 51 51.05 -22.32 -58.14
C ARG GA 51 51.21 -23.48 -57.16
N LYS GA 52 52.29 -23.50 -56.38
CA LYS GA 52 52.38 -24.50 -55.32
C LYS GA 52 51.52 -24.12 -54.12
N LEU GA 53 51.54 -22.83 -53.73
CA LEU GA 53 50.62 -22.34 -52.71
C LEU GA 53 49.18 -22.75 -53.00
N ASP GA 54 48.72 -22.51 -54.22
CA ASP GA 54 47.32 -22.69 -54.56
C ASP GA 54 46.89 -24.16 -54.61
N LEU GA 55 47.80 -25.07 -54.98
CA LEU GA 55 47.48 -26.49 -54.91
C LEU GA 55 47.49 -27.01 -53.48
N GLU GA 56 48.45 -26.55 -52.69
CA GLU GA 56 48.47 -26.91 -51.26
C GLU GA 56 47.18 -26.46 -50.58
N LEU GA 57 46.67 -25.27 -50.93
CA LEU GA 57 45.38 -24.85 -50.37
C LEU GA 57 44.25 -25.80 -50.77
N ALA GA 58 44.36 -26.46 -51.92
CA ALA GA 58 43.38 -27.51 -52.24
C ALA GA 58 43.54 -28.70 -51.31
N ASP GA 59 44.79 -29.14 -51.11
CA ASP GA 59 45.03 -30.26 -50.21
C ASP GA 59 44.51 -29.99 -48.80
N LYS GA 60 44.62 -28.75 -48.31
CA LYS GA 60 44.19 -28.46 -46.94
C LYS GA 60 42.69 -28.68 -46.77
N SER GA 61 41.88 -28.17 -47.71
CA SER GA 61 40.45 -28.38 -47.62
C SER GA 61 40.09 -29.84 -47.78
N GLU GA 62 40.75 -30.53 -48.72
CA GLU GA 62 40.48 -31.95 -48.92
C GLU GA 62 40.70 -32.73 -47.61
N ILE GA 63 41.85 -32.54 -46.97
CA ILE GA 63 42.17 -33.36 -45.81
C ILE GA 63 41.39 -32.91 -44.59
N ALA GA 64 41.02 -31.63 -44.52
CA ALA GA 64 40.15 -31.19 -43.44
C ALA GA 64 38.78 -31.85 -43.55
N GLN GA 65 38.24 -31.93 -44.76
CA GLN GA 65 36.98 -32.64 -44.96
C GLN GA 65 37.11 -34.12 -44.60
N ASN GA 66 38.23 -34.75 -44.98
CA ASN GA 66 38.45 -36.14 -44.58
C ASN GA 66 38.53 -36.29 -43.07
N LEU GA 67 39.11 -35.30 -42.37
CA LEU GA 67 39.10 -35.30 -40.91
C LEU GA 67 37.67 -35.27 -40.37
N ASN GA 68 36.84 -34.35 -40.88
CA ASN GA 68 35.46 -34.28 -40.42
C ASN GA 68 34.75 -35.60 -40.63
N GLU GA 69 34.94 -36.23 -41.80
CA GLU GA 69 34.31 -37.52 -42.03
C GLU GA 69 34.83 -38.58 -41.07
N ARG GA 70 36.12 -38.55 -40.72
CA ARG GA 70 36.57 -39.36 -39.60
C ARG GA 70 35.68 -39.11 -38.41
N ARG GA 71 35.89 -37.97 -37.73
CA ARG GA 71 35.23 -37.66 -36.47
C ARG GA 71 33.82 -38.22 -36.50
N ARG GA 72 33.09 -37.84 -37.55
CA ARG GA 72 31.74 -38.32 -37.79
C ARG GA 72 31.62 -39.83 -37.62
N GLU GA 73 32.57 -40.60 -38.18
CA GLU GA 73 32.34 -42.04 -38.06
C GLU GA 73 33.23 -42.76 -37.05
N MET GA 74 34.53 -42.45 -37.04
CA MET GA 74 35.42 -43.01 -36.03
C MET GA 74 34.89 -42.80 -34.62
N ASP GA 75 34.37 -41.62 -34.32
CA ASP GA 75 33.70 -41.52 -33.04
C ASP GA 75 32.58 -42.55 -32.94
N VAL GA 76 31.61 -42.52 -33.85
CA VAL GA 76 30.43 -43.39 -33.75
C VAL GA 76 30.81 -44.83 -33.45
N LEU GA 77 31.83 -45.36 -34.14
CA LEU GA 77 32.27 -46.70 -33.79
C LEU GA 77 33.01 -46.73 -32.47
N GLU GA 78 33.50 -45.60 -31.96
CA GLU GA 78 34.08 -45.57 -30.62
C GLU GA 78 32.97 -45.87 -29.62
N GLN GA 79 31.72 -45.76 -30.07
CA GLN GA 79 30.55 -46.30 -29.36
C GLN GA 79 30.26 -47.74 -29.70
N LYS GA 80 30.34 -48.11 -30.98
CA LYS GA 80 29.99 -49.49 -31.35
C LYS GA 80 30.88 -50.51 -30.63
N LEU GA 81 32.09 -50.74 -31.11
CA LEU GA 81 33.04 -51.46 -30.28
C LEU GA 81 33.51 -50.43 -29.31
N SER GA 82 34.55 -49.80 -29.81
CA SER GA 82 35.11 -48.54 -29.41
C SER GA 82 36.13 -48.39 -30.51
N GLU GA 83 37.05 -47.43 -30.50
CA GLU GA 83 37.80 -47.34 -31.74
C GLU GA 83 39.31 -47.42 -31.57
N ALA GA 84 39.99 -46.33 -31.88
CA ALA GA 84 41.43 -46.33 -31.86
C ALA GA 84 41.96 -46.48 -30.44
N LEU GA 85 43.10 -45.87 -30.23
CA LEU GA 85 43.37 -45.32 -28.94
C LEU GA 85 42.61 -44.02 -28.97
N THR GA 86 43.20 -43.03 -29.65
CA THR GA 86 42.79 -41.65 -29.41
C THR GA 86 43.74 -40.67 -30.11
N GLU GA 87 43.18 -39.51 -30.46
CA GLU GA 87 43.90 -38.25 -30.33
C GLU GA 87 43.22 -37.60 -29.14
N LEU GA 88 41.96 -38.02 -29.02
CA LEU GA 88 40.86 -37.39 -28.29
C LEU GA 88 41.09 -36.17 -27.45
N PRO GA 89 40.31 -35.13 -27.73
CA PRO GA 89 39.99 -34.19 -26.67
C PRO GA 89 38.98 -34.91 -25.75
N GLU GA 90 37.85 -35.32 -26.31
CA GLU GA 90 36.63 -35.76 -25.59
C GLU GA 90 36.33 -34.93 -24.32
N GLN GA 91 37.34 -34.21 -23.81
CA GLN GA 91 37.12 -33.07 -22.94
C GLN GA 91 36.14 -32.09 -23.53
N ARG GA 92 36.01 -32.05 -24.86
CA ARG GA 92 35.01 -31.26 -25.56
C ARG GA 92 33.93 -32.15 -26.19
N ASP GA 93 33.65 -33.29 -25.55
CA ASP GA 93 32.64 -34.22 -26.05
C ASP GA 93 31.89 -34.92 -24.93
N ILE GA 94 32.10 -34.57 -23.67
CA ILE GA 94 31.36 -35.21 -22.57
C ILE GA 94 30.19 -34.33 -22.14
N GLU GA 95 30.44 -33.04 -21.93
CA GLU GA 95 29.37 -32.14 -21.53
C GLU GA 95 28.32 -32.02 -22.62
N GLU GA 96 28.73 -32.13 -23.89
CA GLU GA 96 27.77 -32.16 -24.98
C GLU GA 96 26.97 -33.46 -24.97
N LEU GA 97 27.59 -34.54 -24.47
CA LEU GA 97 26.87 -35.81 -24.33
C LEU GA 97 25.80 -35.70 -23.25
N LEU GA 98 26.15 -35.12 -22.10
CA LEU GA 98 25.15 -34.88 -21.05
C LEU GA 98 24.04 -33.97 -21.55
N ALA GA 99 24.40 -32.89 -22.25
CA ALA GA 99 23.41 -31.95 -22.76
C ALA GA 99 22.46 -32.62 -23.74
N GLN GA 100 23.00 -33.39 -24.69
CA GLN GA 100 22.14 -34.05 -25.68
C GLN GA 100 21.30 -35.15 -25.05
N ILE GA 101 21.81 -35.81 -24.00
CA ILE GA 101 20.97 -36.74 -23.24
C ILE GA 101 19.79 -36.01 -22.62
N ASN GA 102 20.04 -34.83 -22.05
CA ASN GA 102 18.96 -34.02 -21.51
C ASN GA 102 17.96 -33.63 -22.59
N ASP GA 103 18.45 -33.29 -23.79
CA ASP GA 103 17.56 -32.85 -24.86
C ASP GA 103 16.68 -34.00 -25.35
N ILE GA 104 17.28 -35.16 -25.65
CA ILE GA 104 16.49 -36.29 -26.10
C ILE GA 104 15.54 -36.75 -25.00
N GLY GA 105 15.92 -36.54 -23.74
CA GLY GA 105 14.98 -36.81 -22.66
C GLY GA 105 13.80 -35.86 -22.67
N LYS GA 106 14.06 -34.58 -22.93
CA LYS GA 106 13.00 -33.58 -22.91
C LYS GA 106 12.03 -33.75 -24.07
N LYS GA 107 12.56 -34.00 -25.28
CA LYS GA 107 11.67 -34.17 -26.42
C LYS GA 107 10.95 -35.51 -26.41
N SER GA 108 11.41 -36.46 -25.58
CA SER GA 108 10.65 -37.69 -25.36
C SER GA 108 9.61 -37.55 -24.26
N GLY GA 109 9.58 -36.41 -23.57
CA GLY GA 109 8.60 -36.15 -22.53
C GLY GA 109 8.96 -36.68 -21.16
N LEU GA 110 10.18 -37.15 -20.97
CA LEU GA 110 10.56 -37.75 -19.69
C LEU GA 110 11.10 -36.70 -18.73
N GLU GA 111 10.82 -36.91 -17.44
CA GLU GA 111 11.43 -36.11 -16.38
C GLU GA 111 12.77 -36.73 -16.03
N LEU GA 112 13.85 -35.99 -16.25
CA LEU GA 112 15.20 -36.47 -15.93
C LEU GA 112 15.42 -36.27 -14.44
N SER GA 113 15.15 -37.31 -13.66
CA SER GA 113 15.24 -37.20 -12.21
C SER GA 113 16.68 -37.19 -11.71
N SER GA 114 17.61 -37.84 -12.43
CA SER GA 114 19.00 -37.79 -12.01
C SER GA 114 19.90 -38.28 -13.14
N VAL GA 115 20.97 -37.54 -13.42
CA VAL GA 115 22.06 -38.01 -14.25
C VAL GA 115 23.31 -38.04 -13.39
N THR GA 116 23.97 -39.20 -13.35
CA THR GA 116 25.12 -39.37 -12.48
C THR GA 116 26.28 -39.91 -13.30
N PRO GA 117 27.39 -39.18 -13.43
CA PRO GA 117 28.54 -39.74 -14.12
C PRO GA 117 29.12 -40.92 -13.34
N GLY GA 118 30.15 -41.55 -13.88
CA GLY GA 118 30.81 -42.65 -13.22
C GLY GA 118 32.28 -42.37 -12.97
N LYS GA 119 33.01 -43.42 -12.67
CA LYS GA 119 34.47 -43.40 -12.63
C LYS GA 119 35.01 -44.05 -13.89
N GLU GA 120 36.13 -43.54 -14.38
CA GLU GA 120 36.75 -44.17 -15.53
C GLU GA 120 37.26 -45.54 -15.14
N SER GA 121 37.06 -46.51 -16.03
CA SER GA 121 37.42 -47.90 -15.76
C SER GA 121 38.89 -48.08 -16.11
N VAL GA 122 39.74 -47.89 -15.09
CA VAL GA 122 41.19 -47.94 -15.30
C VAL GA 122 41.63 -49.30 -15.78
N GLY GA 123 40.87 -50.35 -15.44
CA GLY GA 123 41.16 -51.68 -15.90
C GLY GA 123 40.13 -52.17 -16.89
N GLY GA 124 39.48 -51.24 -17.59
CA GLY GA 124 38.48 -51.60 -18.57
C GLY GA 124 39.01 -51.54 -19.98
N GLY GA 125 40.33 -51.47 -20.13
CA GLY GA 125 40.96 -51.41 -21.44
C GLY GA 125 42.35 -50.82 -21.40
N GLU GA 126 43.22 -51.31 -22.30
CA GLU GA 126 44.58 -50.80 -22.38
C GLU GA 126 44.64 -49.49 -23.16
N PHE GA 127 43.77 -49.34 -24.15
CA PHE GA 127 43.80 -48.17 -25.02
C PHE GA 127 42.69 -47.18 -24.73
N PHE GA 128 41.96 -47.32 -23.62
CA PHE GA 128 40.81 -46.46 -23.38
C PHE GA 128 40.37 -46.59 -21.93
N ALA GA 129 40.01 -45.45 -21.35
CA ALA GA 129 39.33 -45.41 -20.06
C ALA GA 129 37.84 -45.19 -20.33
N ARG GA 130 37.03 -46.17 -19.93
CA ARG GA 130 35.58 -46.06 -20.10
C ARG GA 130 34.99 -45.27 -18.95
N ILE GA 131 34.27 -44.19 -19.28
CA ILE GA 131 33.50 -43.44 -18.29
C ILE GA 131 32.03 -43.84 -18.46
N PRO GA 132 31.41 -44.46 -17.45
CA PRO GA 132 29.99 -44.78 -17.54
C PRO GA 132 29.14 -43.66 -16.97
N ILE GA 133 27.94 -43.52 -17.53
CA ILE GA 133 26.99 -42.51 -17.09
C ILE GA 133 25.67 -43.23 -16.83
N LYS GA 134 25.16 -43.09 -15.60
CA LYS GA 134 23.90 -43.69 -15.20
C LYS GA 134 22.81 -42.62 -15.25
N MET GA 135 21.82 -42.83 -16.10
CA MET GA 135 20.73 -41.88 -16.29
C MET GA 135 19.45 -42.43 -15.69
N THR GA 136 18.62 -41.53 -15.17
CA THR GA 136 17.47 -41.85 -14.33
C THR GA 136 16.35 -40.91 -14.74
N VAL GA 137 15.44 -41.42 -15.56
CA VAL GA 137 14.36 -40.66 -16.18
C VAL GA 137 13.05 -41.41 -15.93
N SER GA 138 11.95 -40.67 -15.81
CA SER GA 138 10.66 -41.27 -15.50
C SER GA 138 9.60 -40.87 -16.52
N GLY GA 139 8.71 -41.81 -16.83
CA GLY GA 139 7.62 -41.51 -17.76
C GLY GA 139 6.88 -42.77 -18.17
N ASN GA 140 6.47 -42.80 -19.44
CA ASN GA 140 5.71 -43.90 -20.01
C ASN GA 140 6.64 -44.89 -20.70
N TYR GA 141 6.16 -46.14 -20.82
CA TYR GA 141 6.94 -47.18 -21.48
C TYR GA 141 7.30 -46.79 -22.91
N HIS GA 142 6.34 -46.26 -23.65
CA HIS GA 142 6.60 -45.77 -25.00
C HIS GA 142 7.68 -44.69 -25.00
N GLU GA 143 7.64 -43.82 -23.98
CA GLU GA 143 8.57 -42.70 -23.93
C GLU GA 143 9.97 -43.13 -23.51
N ILE GA 144 10.09 -44.20 -22.71
CA ILE GA 144 11.42 -44.64 -22.32
C ILE GA 144 12.04 -45.49 -23.42
N ALA GA 145 11.25 -46.32 -24.10
CA ALA GA 145 11.74 -46.96 -25.31
C ALA GA 145 12.17 -45.92 -26.33
N LEU GA 146 11.42 -44.82 -26.42
CA LEU GA 146 11.80 -43.71 -27.29
C LEU GA 146 13.13 -43.09 -26.89
N PHE GA 147 13.26 -42.73 -25.61
CA PHE GA 147 14.50 -42.16 -25.09
C PHE GA 147 15.68 -43.06 -25.40
N LEU GA 148 15.53 -44.37 -25.15
CA LEU GA 148 16.61 -45.31 -25.41
C LEU GA 148 16.96 -45.36 -26.88
N GLN GA 149 15.97 -45.51 -27.76
CA GLN GA 149 16.27 -45.62 -29.19
C GLN GA 149 16.89 -44.34 -29.73
N GLU GA 150 16.50 -43.18 -29.19
CA GLU GA 150 17.15 -41.93 -29.60
C GLU GA 150 18.60 -41.87 -29.15
N MET GA 151 18.88 -42.30 -27.91
CA MET GA 151 20.29 -42.32 -27.49
C MET GA 151 21.09 -43.34 -28.28
N ALA GA 152 20.43 -44.39 -28.78
CA ALA GA 152 21.08 -45.40 -29.60
C ALA GA 152 21.17 -45.00 -31.07
N ASN GA 153 20.52 -43.89 -31.45
CA ASN GA 153 20.68 -43.32 -32.78
C ASN GA 153 21.50 -42.03 -32.76
N MET GA 154 22.18 -41.71 -31.66
CA MET GA 154 22.92 -40.47 -31.56
C MET GA 154 24.23 -40.56 -32.34
N ARG GA 155 24.81 -39.39 -32.62
CA ARG GA 155 26.10 -39.26 -33.30
C ARG GA 155 27.27 -39.31 -32.33
N ARG GA 156 27.03 -39.66 -31.07
CA ARG GA 156 28.08 -39.67 -30.07
C ARG GA 156 28.12 -41.03 -29.38
N ILE GA 157 28.97 -41.14 -28.36
CA ILE GA 157 29.56 -42.41 -27.97
C ILE GA 157 28.86 -42.94 -26.72
N VAL GA 158 27.55 -43.00 -26.77
CA VAL GA 158 26.77 -43.38 -25.60
C VAL GA 158 26.23 -44.80 -25.81
N ASN GA 159 27.08 -45.80 -25.57
CA ASN GA 159 26.67 -47.19 -25.73
C ASN GA 159 25.83 -47.62 -24.54
N VAL GA 160 24.50 -47.63 -24.71
CA VAL GA 160 23.62 -48.04 -23.64
C VAL GA 160 23.67 -49.56 -23.49
N ASN GA 161 23.71 -50.03 -22.25
CA ASN GA 161 23.81 -51.45 -21.99
C ASN GA 161 22.75 -51.93 -21.01
N ASN GA 162 23.11 -52.06 -19.73
CA ASN GA 162 22.20 -52.65 -18.75
C ASN GA 162 21.07 -51.69 -18.42
N ILE GA 163 19.83 -52.10 -18.70
CA ILE GA 163 18.65 -51.25 -18.56
C ILE GA 163 17.80 -51.78 -17.40
N LYS GA 164 17.10 -50.86 -16.71
CA LYS GA 164 16.05 -51.26 -15.78
C LYS GA 164 14.95 -50.21 -15.72
N PHE GA 165 13.78 -50.62 -15.22
CA PHE GA 165 12.68 -49.71 -14.92
C PHE GA 165 11.59 -50.43 -14.15
N ASP GA 166 10.80 -49.66 -13.41
CA ASP GA 166 9.78 -50.19 -12.52
C ASP GA 166 8.71 -49.11 -12.30
N SER GA 167 7.63 -49.49 -11.61
CA SER GA 167 6.51 -48.59 -11.35
C SER GA 167 6.83 -47.78 -10.10
N ALA GA 168 6.90 -46.45 -10.27
CA ALA GA 168 7.40 -45.59 -9.20
C ALA GA 168 6.35 -45.27 -8.16
N LYS GA 169 5.09 -45.62 -8.38
CA LYS GA 169 4.01 -45.29 -7.45
C LYS GA 169 3.85 -46.43 -6.45
N LEU GA 170 4.01 -46.11 -5.16
CA LEU GA 170 3.74 -47.06 -4.08
C LEU GA 170 2.39 -47.73 -4.26
N LYS GA 171 1.32 -46.99 -3.94
CA LYS GA 171 -0.03 -47.52 -3.97
C LYS GA 171 -0.43 -48.00 -5.36
N ASN GA 172 0.28 -47.57 -6.40
CA ASN GA 172 -0.08 -47.84 -7.78
C ASN GA 172 -1.46 -47.28 -8.08
N GLU GA 173 -1.59 -45.96 -8.13
CA GLU GA 173 -2.85 -45.31 -8.45
C GLU GA 173 -2.83 -44.63 -9.81
N LYS GA 174 -1.66 -44.42 -10.40
CA LYS GA 174 -1.53 -43.92 -11.77
C LYS GA 174 -0.32 -44.56 -12.41
N VAL GA 175 -0.35 -44.67 -13.74
CA VAL GA 175 0.76 -45.28 -14.46
C VAL GA 175 1.95 -44.33 -14.44
N VAL GA 176 3.12 -44.88 -14.12
CA VAL GA 176 4.38 -44.12 -14.11
C VAL GA 176 5.53 -45.10 -13.96
N LEU GA 177 6.55 -44.97 -14.80
CA LEU GA 177 7.68 -45.88 -14.80
C LEU GA 177 8.96 -45.08 -14.59
N GLN GA 178 9.57 -45.25 -13.42
CA GLN GA 178 10.95 -44.81 -13.23
C GLN GA 178 11.88 -45.75 -13.94
N SER GA 179 12.81 -45.20 -14.71
CA SER GA 179 13.72 -45.95 -15.55
C SER GA 179 15.15 -45.50 -15.29
N GLU GA 180 16.04 -46.48 -15.16
CA GLU GA 180 17.46 -46.25 -14.95
C GLU GA 180 18.22 -47.01 -16.03
N PHE GA 181 18.84 -46.27 -16.94
CA PHE GA 181 19.64 -46.84 -18.02
C PHE GA 181 21.10 -46.54 -17.77
N GLN GA 182 21.99 -47.49 -18.08
CA GLN GA 182 23.43 -47.31 -17.98
C GLN GA 182 24.02 -47.18 -19.38
N ALA GA 183 24.80 -46.13 -19.60
CA ALA GA 183 25.34 -45.85 -20.92
C ALA GA 183 26.67 -45.13 -20.80
N THR GA 184 27.67 -45.62 -21.53
CA THR GA 184 29.06 -45.23 -21.28
C THR GA 184 29.74 -44.76 -22.56
N THR GA 185 30.72 -43.89 -22.40
CA THR GA 185 31.58 -43.46 -23.50
C THR GA 185 33.04 -43.74 -23.15
N PHE GA 186 33.86 -43.94 -24.18
CA PHE GA 186 35.21 -44.45 -23.94
C PHE GA 186 36.28 -43.41 -24.24
N ARG GA 187 36.65 -42.62 -23.22
CA ARG GA 187 37.78 -41.71 -23.36
C ARG GA 187 39.07 -42.52 -23.51
N PHE GA 188 40.20 -41.85 -23.71
CA PHE GA 188 41.46 -42.59 -23.77
C PHE GA 188 42.03 -42.84 -22.39
N VAL GA 189 43.20 -43.49 -22.33
CA VAL GA 189 43.84 -43.81 -21.06
C VAL GA 189 44.43 -42.54 -20.43
N ALA HA 37 110.43 18.35 -67.96
CA ALA HA 37 111.27 17.67 -66.98
C ALA HA 37 112.60 17.27 -67.62
N LYS HA 38 113.75 17.52 -66.98
CA LYS HA 38 115.06 17.51 -67.65
C LYS HA 38 115.49 16.15 -68.12
N GLY HA 39 115.38 15.94 -69.42
CA GLY HA 39 116.29 15.08 -70.14
C GLY HA 39 117.01 15.94 -71.18
N LYS HA 40 118.07 15.42 -71.78
CA LYS HA 40 118.53 16.03 -73.03
C LYS HA 40 117.67 15.36 -74.09
N LEU HA 41 116.84 16.14 -74.79
CA LEU HA 41 115.84 15.58 -75.68
C LEU HA 41 116.51 15.02 -76.95
N VAL HA 42 115.79 15.02 -78.08
CA VAL HA 42 116.50 14.72 -79.36
C VAL HA 42 116.04 15.70 -80.44
N LEU HA 43 116.56 15.51 -81.64
CA LEU HA 43 116.23 16.38 -82.76
C LEU HA 43 116.16 15.64 -84.09
N GLY HA 44 114.98 15.65 -84.69
CA GLY HA 44 114.83 15.19 -86.06
C GLY HA 44 114.74 16.34 -87.04
N LEU HA 45 115.03 16.04 -88.31
CA LEU HA 45 114.71 16.94 -89.42
C LEU HA 45 113.40 16.49 -90.09
N ASP HA 46 112.31 16.85 -89.41
CA ASP HA 46 111.00 16.30 -89.75
C ASP HA 46 110.44 16.88 -91.04
N ILE HA 47 110.85 18.11 -91.41
CA ILE HA 47 110.34 18.74 -92.63
C ILE HA 47 111.45 18.75 -93.68
N GLY HA 48 112.27 17.71 -93.67
CA GLY HA 48 113.28 17.55 -94.69
C GLY HA 48 112.74 17.30 -96.08
N SER HA 49 111.56 16.67 -96.18
CA SER HA 49 110.92 16.36 -97.46
C SER HA 49 111.77 15.44 -98.32
N THR HA 50 113.05 15.79 -98.49
CA THR HA 50 113.97 14.86 -99.13
C THR HA 50 114.50 13.82 -98.12
N SER HA 51 114.73 14.24 -96.88
CA SER HA 51 115.38 13.36 -95.92
C SER HA 51 114.95 13.69 -94.49
N ILE HA 52 114.64 12.65 -93.73
CA ILE HA 52 114.45 12.72 -92.29
C ILE HA 52 115.81 12.45 -91.64
N LYS HA 53 116.35 13.47 -90.97
CA LYS HA 53 117.63 13.38 -90.29
C LYS HA 53 117.41 13.62 -88.80
N MET HA 54 118.28 13.06 -87.96
CA MET HA 54 118.15 13.14 -86.51
C MET HA 54 119.53 13.19 -85.87
N ILE HA 55 119.67 13.96 -84.79
CA ILE HA 55 120.98 14.18 -84.16
C ILE HA 55 120.84 14.12 -82.64
N LEU HA 56 121.80 13.47 -82.00
CA LEU HA 56 121.90 13.43 -80.55
C LEU HA 56 123.23 14.02 -80.12
N LEU HA 57 123.19 15.24 -79.59
CA LEU HA 57 124.26 15.83 -78.83
C LEU HA 57 123.89 15.77 -77.36
N LYS HA 58 124.85 15.39 -76.53
CA LYS HA 58 124.68 15.60 -75.11
C LYS HA 58 126.03 16.06 -74.60
N GLU HA 59 126.19 16.05 -73.29
CA GLU HA 59 127.46 16.46 -72.69
C GLU HA 59 128.37 15.26 -72.51
N GLN HA 60 129.46 15.22 -73.30
CA GLN HA 60 130.41 14.12 -73.25
C GLN HA 60 131.56 14.43 -72.29
N ARG HA 61 131.82 13.52 -71.35
CA ARG HA 61 132.88 13.70 -70.38
C ARG HA 61 134.22 13.25 -70.95
N LYS HA 62 135.25 14.09 -70.76
CA LYS HA 62 136.62 13.69 -71.05
C LYS HA 62 137.55 14.32 -70.02
N ARG HA 63 138.30 13.47 -69.31
CA ARG HA 63 139.33 13.90 -68.35
C ARG HA 63 138.75 14.74 -67.23
N GLY HA 64 137.55 14.36 -66.79
CA GLY HA 64 136.86 15.14 -65.78
C GLY HA 64 136.22 16.43 -66.26
N GLU HA 65 136.35 16.79 -67.53
CA GLU HA 65 135.63 17.92 -68.11
C GLU HA 65 134.57 17.41 -69.09
N VAL HA 66 133.50 18.19 -69.26
CA VAL HA 66 132.37 17.83 -70.10
C VAL HA 66 131.99 19.04 -70.93
N ILE HA 67 131.21 18.81 -71.99
CA ILE HA 67 130.67 19.87 -72.85
C ILE HA 67 129.73 19.22 -73.86
N TYR HA 68 128.83 20.03 -74.41
CA TYR HA 68 128.00 19.63 -75.53
C TYR HA 68 128.86 18.94 -76.58
N ALA HA 69 128.40 17.76 -77.01
CA ALA HA 69 129.21 16.94 -77.92
C ALA HA 69 128.29 16.04 -78.72
N LEU HA 70 128.61 15.87 -79.99
CA LEU HA 70 127.85 14.98 -80.85
C LEU HA 70 127.92 13.55 -80.33
N GLN HA 71 126.75 12.94 -80.15
CA GLN HA 71 126.67 11.55 -79.75
C GLN HA 71 126.21 10.62 -80.86
N SER HA 72 125.29 11.04 -81.71
CA SER HA 72 124.87 10.23 -82.85
C SER HA 72 124.21 11.11 -83.90
N PHE HA 73 124.06 10.56 -85.10
CA PHE HA 73 123.40 11.23 -86.21
C PHE HA 73 122.94 10.17 -87.20
N GLY HA 74 121.73 10.35 -87.72
CA GLY HA 74 121.16 9.39 -88.65
C GLY HA 74 120.36 10.10 -89.71
N MET HA 75 120.26 9.46 -90.88
CA MET HA 75 119.61 10.07 -92.02
C MET HA 75 118.96 8.99 -92.89
N LYS HA 76 117.70 9.23 -93.26
CA LYS HA 76 116.98 8.34 -94.14
C LYS HA 76 116.20 9.15 -95.17
N PRO HA 77 116.24 8.76 -96.44
CA PRO HA 77 115.44 9.48 -97.44
C PRO HA 77 113.97 9.39 -97.10
N LEU HA 78 113.30 10.54 -97.08
CA LEU HA 78 111.89 10.54 -96.70
C LEU HA 78 111.05 9.76 -97.71
N PRO HA 79 110.34 8.72 -97.29
CA PRO HA 79 109.36 8.09 -98.17
C PRO HA 79 108.20 9.05 -98.42
N PRO HA 80 107.97 9.40 -99.67
CA PRO HA 80 106.94 10.39 -100.00
C PRO HA 80 105.56 9.80 -99.76
N GLU HA 81 104.53 10.62 -99.95
CA GLU HA 81 103.19 10.43 -99.41
C GLU HA 81 103.19 10.72 -97.92
N ALA HA 82 104.35 10.77 -97.26
CA ALA HA 82 104.42 11.24 -95.88
C ALA HA 82 104.03 12.71 -95.77
N ILE HA 83 104.63 13.56 -96.59
CA ILE HA 83 104.43 15.00 -96.51
C ILE HA 83 103.87 15.49 -97.83
N VAL HA 84 102.83 16.32 -97.75
CA VAL HA 84 102.23 16.99 -98.89
C VAL HA 84 101.85 18.40 -98.46
N ASP HA 85 102.29 19.40 -99.23
CA ASP HA 85 101.98 20.80 -98.96
C ASP HA 85 102.39 21.21 -97.55
N GLY HA 86 103.42 20.57 -96.99
CA GLY HA 86 103.92 20.91 -95.67
C GLY HA 86 103.19 20.29 -94.50
N ALA HA 87 102.17 19.47 -94.75
CA ALA HA 87 101.47 18.77 -93.70
C ALA HA 87 101.90 17.30 -93.69
N LEU HA 88 102.03 16.74 -92.49
CA LEU HA 88 102.33 15.32 -92.35
C LEU HA 88 101.06 14.57 -92.67
N MET HA 89 101.06 13.83 -93.79
CA MET HA 89 99.83 13.26 -94.32
C MET HA 89 99.92 11.75 -94.54
N ASN HA 90 100.74 11.08 -93.75
CA ASN HA 90 100.81 9.61 -93.57
C ASN HA 90 101.53 9.45 -92.24
N SER HA 91 100.86 9.94 -91.18
CA SER HA 91 101.45 9.94 -89.86
C SER HA 91 101.99 8.57 -89.48
N THR HA 92 101.37 7.50 -90.00
CA THR HA 92 101.81 6.14 -89.68
C THR HA 92 103.19 5.85 -90.28
N ALA HA 93 103.31 6.01 -91.60
CA ALA HA 93 104.60 5.76 -92.26
C ALA HA 93 105.71 6.62 -91.68
N ILE HA 94 105.43 7.92 -91.47
CA ILE HA 94 106.43 8.79 -90.88
C ILE HA 94 106.82 8.29 -89.51
N VAL HA 95 105.85 7.79 -88.73
CA VAL HA 95 106.15 7.19 -87.44
C VAL HA 95 107.17 6.08 -87.60
N GLN HA 96 106.90 5.11 -88.47
CA GLN HA 96 107.82 4.00 -88.63
C GLN HA 96 109.19 4.47 -89.09
N ALA HA 97 109.23 5.48 -89.96
CA ALA HA 97 110.53 6.02 -90.39
C ALA HA 97 111.30 6.62 -89.22
N VAL HA 98 110.63 7.41 -88.39
CA VAL HA 98 111.29 8.00 -87.22
C VAL HA 98 111.78 6.90 -86.28
N GLN HA 99 111.01 5.82 -86.14
CA GLN HA 99 111.47 4.68 -85.34
C GLN HA 99 112.76 4.09 -85.91
N ASP HA 100 112.82 3.94 -87.25
CA ASP HA 100 114.06 3.52 -87.88
C ASP HA 100 115.20 4.48 -87.57
N LEU HA 101 114.90 5.78 -87.53
CA LEU HA 101 115.93 6.76 -87.16
C LEU HA 101 116.44 6.50 -85.75
N MET HA 102 115.53 6.30 -84.78
CA MET HA 102 115.94 6.07 -83.41
C MET HA 102 116.75 4.79 -83.29
N SER HA 103 116.40 3.76 -84.06
CA SER HA 103 117.15 2.50 -83.98
C SER HA 103 118.53 2.63 -84.58
N GLU HA 104 118.63 3.22 -85.79
CA GLU HA 104 119.94 3.49 -86.37
C GLU HA 104 120.79 4.35 -85.46
N LEU HA 105 120.16 5.25 -84.70
CA LEU HA 105 120.91 6.11 -83.78
C LEU HA 105 121.44 5.34 -82.58
N LYS HA 106 120.75 4.27 -82.16
CA LYS HA 106 121.04 3.57 -80.91
C LYS HA 106 120.91 4.50 -79.71
N VAL HA 107 119.88 5.34 -79.74
CA VAL HA 107 119.64 6.33 -78.69
C VAL HA 107 118.52 5.85 -77.78
N LYS HA 108 118.70 6.04 -76.47
CA LYS HA 108 117.65 5.71 -75.51
C LYS HA 108 116.72 6.87 -75.23
N GLY HA 109 117.09 8.09 -75.64
CA GLY HA 109 116.23 9.23 -75.36
C GLY HA 109 114.96 9.19 -76.19
N LYS HA 110 113.87 9.65 -75.57
CA LYS HA 110 112.56 9.63 -76.20
C LYS HA 110 111.86 10.98 -76.15
N ASP HA 111 112.57 12.05 -75.83
CA ASP HA 111 112.05 13.40 -75.95
C ASP HA 111 112.72 14.09 -77.13
N VAL HA 112 111.99 15.00 -77.76
CA VAL HA 112 112.38 15.55 -79.07
C VAL HA 112 111.94 17.00 -79.18
N ALA HA 113 112.77 17.80 -79.83
CA ALA HA 113 112.36 19.05 -80.45
C ALA HA 113 112.28 18.78 -81.95
N ILE HA 114 111.38 19.46 -82.64
CA ILE HA 114 111.31 19.33 -84.10
C ILE HA 114 110.93 20.67 -84.71
N GLY HA 115 110.67 20.67 -86.00
CA GLY HA 115 110.34 21.91 -86.70
C GLY HA 115 109.17 21.72 -87.63
N VAL HA 116 108.49 22.83 -87.90
CA VAL HA 116 107.39 22.84 -88.86
C VAL HA 116 107.93 23.09 -90.26
N SER HA 117 107.09 22.82 -91.25
CA SER HA 117 107.46 23.08 -92.64
C SER HA 117 107.42 24.59 -92.90
N GLY HA 118 108.43 25.08 -93.62
CA GLY HA 118 108.40 26.47 -94.07
C GLY HA 118 107.18 26.81 -94.87
N HIS HA 119 106.63 25.83 -95.62
CA HIS HA 119 105.36 26.01 -96.31
C HIS HA 119 104.18 25.98 -95.37
N SER HA 120 104.37 25.56 -94.13
CA SER HA 120 103.29 25.43 -93.17
C SER HA 120 103.26 26.54 -92.14
N VAL HA 121 104.20 27.48 -92.20
CA VAL HA 121 104.33 28.53 -91.20
C VAL HA 121 104.37 29.89 -91.89
N ILE HA 122 103.61 30.83 -91.35
CA ILE HA 122 103.70 32.25 -91.70
C ILE HA 122 104.57 32.92 -90.64
N ILE HA 123 105.69 33.49 -91.08
CA ILE HA 123 106.58 34.25 -90.20
C ILE HA 123 106.58 35.70 -90.68
N LYS HA 124 106.22 36.62 -89.81
CA LYS HA 124 106.40 38.02 -90.17
C LYS HA 124 106.46 38.88 -88.92
N LYS HA 125 107.03 40.07 -89.08
CA LYS HA 125 107.15 41.02 -87.99
C LYS HA 125 105.85 41.80 -87.80
N ILE HA 126 105.73 42.39 -86.61
CA ILE HA 126 104.53 43.05 -86.14
C ILE HA 126 104.90 44.07 -85.07
N GLN HA 127 104.36 45.28 -85.21
CA GLN HA 127 104.65 46.40 -84.31
C GLN HA 127 103.44 46.64 -83.41
N MET HA 128 103.69 46.80 -82.10
CA MET HA 128 102.64 46.89 -81.09
C MET HA 128 103.01 47.90 -79.99
N PRO HA 129 102.28 47.94 -78.89
CA PRO HA 129 102.84 48.55 -77.67
C PRO HA 129 103.11 47.50 -76.58
N ARG HA 130 104.32 47.39 -76.05
CA ARG HA 130 104.47 46.42 -74.98
C ARG HA 130 103.72 46.86 -73.74
N MET HA 131 103.30 45.87 -72.95
CA MET HA 131 102.55 46.03 -71.70
C MET HA 131 102.60 44.76 -70.86
N SER HA 132 101.45 44.37 -70.29
CA SER HA 132 101.35 43.09 -69.60
C SER HA 132 101.45 41.95 -70.61
N GLN HA 133 101.95 40.80 -70.14
CA GLN HA 133 102.17 39.67 -71.03
C GLN HA 133 100.85 39.16 -71.61
N ASP HA 134 99.77 39.13 -70.81
CA ASP HA 134 98.46 38.77 -71.35
C ASP HA 134 97.98 39.78 -72.38
N GLU HA 135 98.10 41.07 -72.06
CA GLU HA 135 97.68 42.10 -73.00
C GLU HA 135 98.50 42.04 -74.29
N LEU HA 136 99.78 41.68 -74.20
CA LEU HA 136 100.56 41.49 -75.42
C LEU HA 136 100.07 40.28 -76.21
N GLU HA 137 99.88 39.15 -75.54
CA GLU HA 137 99.49 37.95 -76.28
C GLU HA 137 98.15 38.14 -76.98
N GLU HA 138 97.18 38.73 -76.27
CA GLU HA 138 95.90 39.04 -76.89
C GLU HA 138 96.07 40.04 -78.04
N SER HA 139 96.79 41.14 -77.81
CA SER HA 139 96.94 42.14 -78.85
C SER HA 139 97.67 41.57 -80.06
N ILE HA 140 98.62 40.67 -79.81
CA ILE HA 140 99.36 39.97 -80.86
C ILE HA 140 98.41 39.13 -81.69
N GLN HA 141 97.58 38.33 -81.02
CA GLN HA 141 96.61 37.51 -81.73
C GLN HA 141 95.63 38.38 -82.52
N TRP HA 142 95.30 39.55 -81.98
CA TRP HA 142 94.37 40.46 -82.64
C TRP HA 142 94.97 41.02 -83.93
N GLU HA 143 96.24 41.45 -83.88
CA GLU HA 143 96.87 41.97 -85.09
C GLU HA 143 97.14 40.87 -86.12
N ALA HA 144 97.64 39.72 -85.68
CA ALA HA 144 97.91 38.65 -86.63
C ALA HA 144 96.63 38.03 -87.19
N GLU HA 145 95.49 38.20 -86.49
CA GLU HA 145 94.21 37.77 -87.06
C GLU HA 145 94.05 38.31 -88.48
N GLN HA 146 94.37 39.59 -88.65
CA GLN HA 146 94.47 40.20 -89.97
C GLN HA 146 95.43 39.47 -90.88
N TYR HA 147 96.55 38.97 -90.32
CA TYR HA 147 97.63 38.34 -91.06
C TYR HA 147 97.39 36.88 -91.44
N ILE HA 148 96.29 36.26 -91.03
CA ILE HA 148 96.21 34.81 -91.23
C ILE HA 148 95.05 34.52 -92.18
N PRO HA 149 95.30 33.93 -93.34
CA PRO HA 149 94.21 33.55 -94.25
C PRO HA 149 93.44 32.30 -93.84
N PHE HA 150 93.51 31.86 -92.58
CA PHE HA 150 92.72 30.74 -92.06
C PHE HA 150 92.04 31.15 -90.76
N ASP HA 151 91.00 30.41 -90.38
CA ASP HA 151 90.44 30.56 -89.05
C ASP HA 151 91.52 30.33 -88.00
N VAL HA 152 91.21 30.70 -86.76
CA VAL HA 152 92.07 30.34 -85.64
C VAL HA 152 91.28 29.39 -84.75
N LYS HA 153 91.50 28.08 -84.87
CA LYS HA 153 92.25 27.36 -85.90
C LYS HA 153 93.67 27.81 -86.36
N ASP HA 154 94.49 28.39 -85.48
CA ASP HA 154 95.83 28.79 -85.89
C ASP HA 154 96.77 29.04 -84.72
N VAL HA 155 98.01 28.63 -84.92
CA VAL HA 155 99.10 28.65 -83.96
C VAL HA 155 99.73 30.03 -83.93
N ASN HA 156 99.80 30.64 -82.75
CA ASN HA 156 100.46 31.92 -82.62
C ASN HA 156 101.55 31.82 -81.56
N ILE HA 157 102.78 32.20 -81.94
CA ILE HA 157 103.91 32.32 -81.00
C ILE HA 157 104.80 33.47 -81.46
N ASP HA 158 105.13 34.37 -80.53
CA ASP HA 158 105.92 35.55 -80.89
C ASP HA 158 107.24 35.55 -80.13
N THR HA 159 108.21 36.26 -80.69
CA THR HA 159 109.36 36.68 -79.89
C THR HA 159 109.77 38.08 -80.31
N GLN HA 160 110.37 38.81 -79.37
CA GLN HA 160 110.64 40.22 -79.59
C GLN HA 160 111.98 40.41 -80.27
N ILE HA 161 111.98 41.09 -81.42
CA ILE HA 161 113.21 41.29 -82.19
C ILE HA 161 114.25 42.09 -81.43
N LEU HA 162 113.83 42.90 -80.47
CA LEU HA 162 114.73 43.59 -79.56
C LEU HA 162 114.35 43.19 -78.14
N ASP HA 163 115.36 43.15 -77.27
CA ASP HA 163 115.08 42.90 -75.86
C ASP HA 163 113.99 43.86 -75.39
N GLY HA 164 112.85 43.28 -75.00
CA GLY HA 164 111.93 44.03 -74.17
C GLY HA 164 112.66 44.78 -73.08
N GLY HA 165 113.76 44.22 -72.57
CA GLY HA 165 114.50 44.86 -71.49
C GLY HA 165 115.08 46.20 -71.85
N GLY HA 166 114.59 46.82 -72.91
CA GLY HA 166 115.12 48.09 -73.41
C GLY HA 166 114.15 49.26 -73.55
N ASN HA 167 112.86 49.11 -73.23
CA ASN HA 167 111.87 50.13 -73.56
C ASN HA 167 110.75 50.26 -72.52
N ASP HA 168 110.13 51.45 -72.48
CA ASP HA 168 109.24 51.85 -71.41
C ASP HA 168 107.77 51.58 -71.76
N ALA HA 169 106.92 51.60 -70.73
CA ALA HA 169 105.54 51.14 -70.86
C ALA HA 169 104.79 51.92 -71.93
N THR HA 170 104.13 51.17 -72.81
CA THR HA 170 103.38 51.65 -73.98
C THR HA 170 104.30 51.92 -75.18
N GLY HA 171 105.61 51.79 -75.02
CA GLY HA 171 106.44 52.18 -76.14
C GLY HA 171 107.32 51.10 -76.74
N GLN HA 172 107.58 51.22 -78.04
CA GLN HA 172 108.61 50.45 -78.74
C GLN HA 172 108.46 48.95 -78.56
N MET HA 173 107.31 48.44 -78.97
CA MET HA 173 107.13 46.99 -79.08
C MET HA 173 107.42 46.52 -80.50
N ASP HA 174 108.17 45.42 -80.59
CA ASP HA 174 108.31 44.71 -81.86
C ASP HA 174 108.31 43.22 -81.51
N VAL HA 175 107.30 42.49 -82.02
CA VAL HA 175 107.35 41.04 -81.94
C VAL HA 175 107.31 40.51 -83.38
N LEU HA 176 107.89 39.34 -83.56
CA LEU HA 176 107.71 38.57 -84.78
C LEU HA 176 106.82 37.39 -84.45
N LEU HA 177 105.77 37.21 -85.25
CA LEU HA 177 104.82 36.14 -85.10
C LEU HA 177 105.11 35.00 -86.07
N VAL HA 178 105.22 33.81 -85.49
CA VAL HA 178 105.14 32.53 -86.16
C VAL HA 178 103.72 32.01 -85.97
N ALA HA 179 103.00 31.86 -87.07
CA ALA HA 179 101.62 31.40 -87.09
C ALA HA 179 101.52 30.17 -87.96
N ALA HA 180 100.79 29.15 -87.51
CA ALA HA 180 100.76 27.89 -88.25
C ALA HA 180 99.36 27.31 -88.20
N LYS HA 181 98.82 26.93 -89.35
CA LYS HA 181 97.49 26.35 -89.32
C LYS HA 181 97.50 25.06 -88.51
N LYS HA 182 97.27 25.21 -87.21
CA LYS HA 182 96.72 24.16 -86.36
C LYS HA 182 97.26 22.72 -86.56
N ASP HA 183 96.91 22.04 -87.66
CA ASP HA 183 97.17 20.58 -87.67
C ASP HA 183 98.27 20.17 -88.60
N MET HA 184 98.94 21.11 -89.24
CA MET HA 184 100.33 20.79 -89.41
C MET HA 184 100.88 20.35 -88.06
N ILE HA 185 100.65 21.14 -87.02
CA ILE HA 185 101.12 20.82 -85.68
C ILE HA 185 100.50 19.52 -85.19
N ASN HA 186 99.18 19.34 -85.36
CA ASN HA 186 98.58 18.05 -85.01
C ASN HA 186 99.30 16.89 -85.68
N ASP HA 187 99.28 16.84 -87.01
CA ASP HA 187 99.93 15.77 -87.76
C ASP HA 187 101.32 15.45 -87.21
N TYR HA 188 102.12 16.49 -86.96
CA TYR HA 188 103.46 16.25 -86.42
C TYR HA 188 103.40 15.64 -85.02
N THR HA 189 102.42 16.07 -84.20
CA THR HA 189 102.31 15.53 -82.85
C THR HA 189 101.84 14.08 -82.86
N THR HA 190 100.99 13.71 -83.82
CA THR HA 190 100.64 12.30 -83.99
C THR HA 190 101.87 11.48 -84.36
N VAL HA 191 102.61 11.94 -85.38
CA VAL HA 191 103.84 11.28 -85.77
C VAL HA 191 104.77 11.11 -84.56
N VAL HA 192 104.94 12.16 -83.78
CA VAL HA 192 105.84 12.09 -82.63
C VAL HA 192 105.27 11.13 -81.58
N SER HA 193 103.95 11.11 -81.42
CA SER HA 193 103.34 10.32 -80.36
C SER HA 193 103.51 8.83 -80.62
N GLU HA 194 103.30 8.38 -81.86
CA GLU HA 194 103.38 6.94 -82.10
C GLU HA 194 104.80 6.48 -82.35
N ALA HA 195 105.74 7.40 -82.55
CA ALA HA 195 107.15 7.04 -82.55
C ALA HA 195 107.70 6.85 -81.15
N GLY HA 196 106.87 7.00 -80.12
CA GLY HA 196 107.32 6.93 -78.75
C GLY HA 196 108.02 8.17 -78.26
N LEU HA 197 108.01 9.24 -79.04
CA LEU HA 197 108.69 10.48 -78.69
C LEU HA 197 107.73 11.44 -78.00
N ALA HA 198 108.31 12.35 -77.21
CA ALA HA 198 107.54 13.38 -76.53
C ALA HA 198 108.10 14.74 -76.93
N PRO HA 199 107.32 15.57 -77.63
CA PRO HA 199 107.85 16.86 -78.08
C PRO HA 199 107.85 17.88 -76.97
N VAL HA 200 108.89 18.71 -76.95
CA VAL HA 200 108.97 19.80 -75.98
C VAL HA 200 109.04 21.17 -76.67
N VAL HA 201 109.57 21.24 -77.90
CA VAL HA 201 109.67 22.48 -78.64
C VAL HA 201 109.35 22.18 -80.09
N VAL HA 202 108.40 22.93 -80.65
CA VAL HA 202 108.13 22.87 -82.09
C VAL HA 202 108.60 24.20 -82.66
N ASP HA 203 109.83 24.21 -83.15
CA ASP HA 203 110.52 25.41 -83.59
C ASP HA 203 110.37 25.59 -85.10
N VAL HA 204 111.01 26.60 -85.65
CA VAL HA 204 110.96 26.90 -87.09
C VAL HA 204 112.36 26.83 -87.65
N ASP HA 205 112.46 26.41 -88.92
CA ASP HA 205 113.75 26.01 -89.47
C ASP HA 205 114.65 27.20 -89.77
N ALA HA 206 114.07 28.33 -90.18
CA ALA HA 206 114.88 29.47 -90.58
C ALA HA 206 115.69 30.04 -89.42
N PHE HA 207 115.23 29.81 -88.18
CA PHE HA 207 115.96 30.25 -87.00
C PHE HA 207 116.68 29.11 -86.30
N ALA HA 208 116.14 27.89 -86.42
CA ALA HA 208 116.82 26.73 -85.86
C ALA HA 208 118.14 26.47 -86.57
N VAL HA 209 118.17 26.72 -87.88
CA VAL HA 209 119.40 26.57 -88.65
C VAL HA 209 120.49 27.52 -88.16
N GLN HA 210 120.11 28.57 -87.42
CA GLN HA 210 121.05 29.60 -87.01
C GLN HA 210 121.77 29.29 -85.71
N ASN HA 211 121.21 28.40 -84.87
CA ASN HA 211 121.78 28.17 -83.54
C ASN HA 211 123.22 27.66 -83.64
N MET HA 212 123.59 27.04 -84.76
CA MET HA 212 124.94 26.54 -84.91
C MET HA 212 125.92 27.65 -85.17
N PHE HA 213 125.48 28.70 -85.83
CA PHE HA 213 126.32 29.83 -86.11
C PHE HA 213 126.03 31.01 -85.20
N SER HA 214 125.17 30.84 -84.19
CA SER HA 214 124.72 31.98 -83.38
C SER HA 214 125.88 32.57 -82.58
N VAL HA 215 126.82 31.73 -82.17
CA VAL HA 215 128.05 32.21 -81.54
C VAL HA 215 128.89 33.00 -82.54
N ASN HA 216 129.26 32.36 -83.66
CA ASN HA 216 130.16 32.99 -84.63
C ASN HA 216 129.54 34.25 -85.21
N TYR HA 217 128.20 34.35 -85.15
CA TYR HA 217 127.53 35.59 -85.49
C TYR HA 217 127.59 36.57 -84.34
N ASP HA 218 127.52 36.06 -83.11
CA ASP HA 218 127.47 36.94 -81.94
C ASP HA 218 128.78 37.66 -81.71
N VAL HA 219 129.88 37.17 -82.31
CA VAL HA 219 131.16 37.87 -82.19
C VAL HA 219 131.28 39.10 -83.09
N PRO HA 220 130.73 39.11 -84.36
CA PRO HA 220 130.59 40.41 -85.06
C PRO HA 220 129.18 40.97 -84.98
N GLU HA 221 128.99 42.11 -84.30
CA GLU HA 221 127.67 42.43 -83.76
C GLU HA 221 127.07 43.70 -84.36
N ARG HA 222 127.81 44.42 -85.20
CA ARG HA 222 127.20 45.39 -86.11
C ARG HA 222 127.23 44.92 -87.56
N GLU HA 223 127.75 43.73 -87.81
CA GLU HA 223 127.87 43.21 -89.16
C GLU HA 223 126.55 42.58 -89.61
N THR HA 224 126.15 42.95 -90.82
CA THR HA 224 124.94 42.41 -91.42
C THR HA 224 125.31 41.15 -92.20
N VAL HA 225 124.74 40.03 -91.80
CA VAL HA 225 125.04 38.73 -92.38
C VAL HA 225 123.76 38.16 -92.97
N VAL HA 226 123.88 37.51 -94.14
CA VAL HA 226 122.74 36.77 -94.68
C VAL HA 226 122.99 35.28 -94.47
N LEU HA 227 121.90 34.55 -94.24
CA LEU HA 227 121.95 33.09 -94.13
C LEU HA 227 120.89 32.52 -95.05
N ILE HA 228 121.33 31.75 -96.06
CA ILE HA 228 120.44 31.05 -96.97
C ILE HA 228 120.41 29.59 -96.60
N ASN HA 229 119.22 29.02 -96.45
CA ASN HA 229 119.06 27.58 -96.32
C ASN HA 229 118.27 27.14 -97.56
N ALA HA 230 118.99 26.62 -98.54
CA ALA HA 230 118.39 26.07 -99.75
C ALA HA 230 118.04 24.60 -99.47
N GLY HA 231 116.77 24.34 -99.23
CA GLY HA 231 116.29 23.00 -99.00
C GLY HA 231 115.68 22.38 -100.23
N ALA HA 232 114.90 21.32 -100.02
CA ALA HA 232 114.22 20.64 -101.10
C ALA HA 232 112.81 21.16 -101.36
N SER HA 233 112.14 21.69 -100.34
CA SER HA 233 110.81 22.24 -100.50
C SER HA 233 110.78 23.76 -100.50
N VAL HA 234 111.80 24.43 -99.97
CA VAL HA 234 111.77 25.87 -99.79
C VAL HA 234 113.20 26.36 -99.62
N VAL HA 235 113.42 27.62 -99.92
CA VAL HA 235 114.69 28.30 -99.64
C VAL HA 235 114.39 29.44 -98.69
N ASN HA 236 114.99 29.40 -97.50
CA ASN HA 236 114.78 30.50 -96.57
C ASN HA 236 115.98 31.46 -96.60
N ILE HA 237 115.66 32.74 -96.49
CA ILE HA 237 116.65 33.79 -96.29
C ILE HA 237 116.37 34.43 -94.94
N ASN HA 238 117.36 34.45 -94.06
CA ASN HA 238 117.25 35.28 -92.88
C ASN HA 238 118.48 36.16 -92.77
N ILE HA 239 118.25 37.45 -92.54
CA ILE HA 239 119.32 38.42 -92.52
C ILE HA 239 119.32 39.10 -91.16
N ILE HA 240 120.53 39.29 -90.63
CA ILE HA 240 120.77 39.57 -89.23
C ILE HA 240 121.78 40.70 -89.11
N SER HA 241 121.70 41.39 -87.98
CA SER HA 241 122.81 42.14 -87.44
C SER HA 241 123.21 41.44 -86.16
N ASN HA 242 124.39 40.80 -86.17
CA ASN HA 242 124.90 39.93 -85.10
C ASN HA 242 124.15 38.60 -85.21
N GLY HA 243 123.79 37.96 -84.11
CA GLY HA 243 122.80 36.91 -84.13
C GLY HA 243 121.44 37.48 -83.75
N ALA HA 244 121.16 38.68 -84.23
CA ALA HA 244 119.86 39.32 -84.03
C ALA HA 244 119.16 39.39 -85.38
N THR HA 245 118.21 38.48 -85.59
CA THR HA 245 117.49 38.44 -86.85
C THR HA 245 116.84 39.78 -87.15
N VAL HA 246 117.10 40.31 -88.34
CA VAL HA 246 116.42 41.49 -88.83
C VAL HA 246 115.19 41.10 -89.66
N PHE HA 247 115.29 40.04 -90.47
CA PHE HA 247 114.09 39.57 -91.16
C PHE HA 247 114.31 38.20 -91.78
N THR HA 248 113.20 37.61 -92.24
CA THR HA 248 113.20 36.32 -92.91
C THR HA 248 112.21 36.37 -94.06
N ARG HA 249 112.48 35.57 -95.09
CA ARG HA 249 111.65 35.47 -96.28
C ARG HA 249 111.83 34.09 -96.89
N ASP HA 250 110.71 33.46 -97.25
CA ASP HA 250 110.72 32.08 -97.72
C ASP HA 250 110.29 32.02 -99.18
N VAL HA 251 111.10 31.33 -99.99
CA VAL HA 251 110.92 31.25 -101.43
C VAL HA 251 110.56 29.82 -101.81
N THR HA 252 109.48 29.68 -102.58
CA THR HA 252 108.97 28.37 -102.99
C THR HA 252 110.01 27.56 -103.75
N ILE HA 253 110.93 28.23 -104.43
CA ILE HA 253 111.92 27.55 -105.26
C ILE HA 253 112.90 26.81 -104.37
N GLY HA 254 113.36 25.64 -104.84
CA GLY HA 254 114.31 24.85 -104.08
C GLY HA 254 114.98 23.83 -104.97
N GLY HA 255 115.55 22.81 -104.33
CA GLY HA 255 116.27 21.79 -105.09
C GLY HA 255 115.33 20.87 -105.86
N ASN HA 256 114.12 20.68 -105.34
CA ASN HA 256 113.09 19.96 -106.08
C ASN HA 256 112.89 20.55 -107.47
N GLN HA 257 113.13 21.86 -107.62
CA GLN HA 257 113.01 22.47 -108.93
C GLN HA 257 114.11 22.04 -109.89
N PHE HA 258 115.36 22.05 -109.43
CA PHE HA 258 116.45 21.56 -110.26
C PHE HA 258 116.21 20.09 -110.65
N THR HA 259 115.89 19.25 -109.67
CA THR HA 259 115.60 17.85 -109.96
C THR HA 259 114.45 17.72 -110.95
N GLU HA 260 113.42 18.53 -110.79
CA GLU HA 260 112.24 18.42 -111.66
C GLU HA 260 112.54 18.86 -113.09
N GLU HA 261 113.41 19.87 -113.26
CA GLU HA 261 113.79 20.24 -114.62
C GLU HA 261 114.64 19.16 -115.25
N ILE HA 262 115.60 18.60 -114.50
CA ILE HA 262 116.37 17.47 -115.02
C ILE HA 262 115.45 16.35 -115.45
N GLN HA 263 114.42 16.09 -114.66
CA GLN HA 263 113.46 15.05 -114.99
C GLN HA 263 112.67 15.39 -116.24
N LYS HA 264 112.24 16.65 -116.38
CA LYS HA 264 111.50 17.07 -117.57
C LYS HA 264 112.31 16.87 -118.83
N GLN HA 265 113.57 17.33 -118.82
CA GLN HA 265 114.32 17.39 -120.07
C GLN HA 265 114.92 16.06 -120.49
N LEU HA 266 114.75 14.99 -119.71
CA LEU HA 266 115.31 13.70 -120.09
C LEU HA 266 114.35 12.56 -119.75
N ASN HA 267 113.05 12.85 -119.72
CA ASN HA 267 111.98 11.99 -119.16
C ASN HA 267 112.52 10.91 -118.22
N VAL HA 268 113.07 11.35 -117.07
CA VAL HA 268 113.67 10.52 -116.05
C VAL HA 268 112.71 10.47 -114.85
N SER HA 269 112.86 9.46 -113.99
CA SER HA 269 112.17 9.46 -112.71
C SER HA 269 112.80 10.49 -111.78
N TYR HA 270 112.15 10.77 -110.66
CA TYR HA 270 112.68 11.79 -109.75
C TYR HA 270 113.99 11.32 -109.12
N GLU HA 271 114.12 10.01 -108.86
CA GLU HA 271 115.31 9.52 -108.19
C GLU HA 271 116.54 9.60 -109.10
N GLU HA 272 116.43 9.09 -110.33
CA GLU HA 272 117.59 9.11 -111.22
C GLU HA 272 117.93 10.53 -111.66
N ALA HA 273 116.93 11.40 -111.75
CA ALA HA 273 117.20 12.81 -112.01
C ALA HA 273 117.90 13.45 -110.83
N GLU HA 274 117.55 13.03 -109.61
CA GLU HA 274 118.21 13.54 -108.42
C GLU HA 274 119.67 13.10 -108.37
N ALA HA 275 119.92 11.82 -108.66
CA ALA HA 275 121.31 11.34 -108.70
C ALA HA 275 122.09 12.01 -109.82
N LEU HA 276 121.48 12.16 -111.01
CA LEU HA 276 122.12 12.89 -112.09
C LEU HA 276 122.48 14.30 -111.66
N LYS HA 277 121.62 14.93 -110.85
CA LYS HA 277 121.96 16.21 -110.25
C LYS HA 277 123.20 16.10 -109.38
N ILE HA 278 123.11 15.29 -108.30
CA ILE HA 278 124.20 15.12 -107.34
C ILE HA 278 125.49 14.74 -108.05
N GLY HA 279 125.64 13.45 -108.36
CA GLY HA 279 126.86 12.97 -108.95
C GLY HA 279 127.12 13.51 -110.33
N GLY HA 280 126.05 13.73 -111.11
CA GLY HA 280 126.24 14.29 -112.43
C GLY HA 280 126.92 15.64 -112.42
N ASN HA 281 126.52 16.53 -111.52
CA ASN HA 281 127.01 17.90 -111.57
C ASN HA 281 128.38 18.10 -110.94
N GLY HA 282 128.91 17.11 -110.21
CA GLY HA 282 130.08 17.38 -109.39
C GLY HA 282 131.28 16.48 -109.57
N ALA HA 283 131.15 15.41 -110.35
CA ALA HA 283 132.25 14.47 -110.51
C ALA HA 283 133.42 15.11 -111.25
N ASP HA 284 134.61 14.54 -111.05
CA ASP HA 284 135.76 14.99 -111.82
C ASP HA 284 135.65 14.60 -113.28
N ALA HA 285 134.88 13.55 -113.58
CA ALA HA 285 134.68 13.09 -114.94
C ALA HA 285 133.43 13.69 -115.59
N ASP HA 286 132.86 14.73 -114.99
CA ASP HA 286 131.59 15.28 -115.44
C ASP HA 286 131.73 16.27 -116.58
N ALA HA 287 132.80 16.22 -117.38
CA ALA HA 287 133.10 17.33 -118.29
C ALA HA 287 132.12 17.40 -119.44
N VAL HA 288 131.46 16.30 -119.76
CA VAL HA 288 130.54 16.27 -120.89
C VAL HA 288 129.10 16.55 -120.45
N VAL HA 289 128.81 16.45 -119.15
CA VAL HA 289 127.45 16.56 -118.63
C VAL HA 289 127.05 17.92 -118.07
N PRO HA 290 127.92 18.94 -117.98
CA PRO HA 290 127.40 20.24 -117.52
C PRO HA 290 126.79 21.03 -118.66
N GLN HA 291 127.01 20.62 -119.92
CA GLN HA 291 126.20 21.19 -120.99
C GLN HA 291 124.81 20.57 -120.99
N ASP HA 292 124.74 19.24 -121.04
CA ASP HA 292 123.45 18.56 -121.01
C ASP HA 292 122.66 18.92 -119.77
N VAL HA 293 123.31 18.95 -118.60
CA VAL HA 293 122.56 19.25 -117.37
C VAL HA 293 122.42 20.75 -117.19
N GLU HA 294 123.51 21.51 -117.32
CA GLU HA 294 123.48 22.95 -117.08
C GLU HA 294 122.48 23.65 -118.00
N ARG HA 295 122.35 23.17 -119.25
CA ARG HA 295 121.32 23.71 -120.12
C ARG HA 295 119.93 23.37 -119.59
N VAL HA 296 119.82 22.30 -118.81
CA VAL HA 296 118.51 21.93 -118.24
C VAL HA 296 118.20 22.80 -117.04
N LEU HA 297 119.18 23.02 -116.19
CA LEU HA 297 119.01 23.75 -114.93
C LEU HA 297 119.22 25.25 -115.08
N SER HA 298 119.51 25.74 -116.28
CA SER HA 298 119.89 27.14 -116.42
C SER HA 298 118.72 28.08 -116.13
N SER HA 299 117.52 27.72 -116.58
CA SER HA 299 116.35 28.52 -116.20
C SER HA 299 116.21 28.60 -114.69
N VAL HA 300 116.34 27.48 -113.98
CA VAL HA 300 116.21 27.49 -112.53
C VAL HA 300 117.30 28.35 -111.91
N ALA HA 301 118.51 28.30 -112.46
CA ALA HA 301 119.60 29.10 -111.91
C ALA HA 301 119.30 30.59 -112.06
N GLU HA 302 118.96 31.02 -113.27
CA GLU HA 302 118.59 32.41 -113.51
C GLU HA 302 117.47 32.86 -112.58
N GLN HA 303 116.43 32.05 -112.47
CA GLN HA 303 115.21 32.46 -111.78
C GLN HA 303 115.38 32.43 -110.26
N VAL HA 304 116.17 31.49 -109.73
CA VAL HA 304 116.57 31.55 -108.32
C VAL HA 304 117.33 32.84 -108.05
N ALA HA 305 118.38 33.11 -108.85
CA ALA HA 305 119.10 34.37 -108.72
C ALA HA 305 118.15 35.57 -108.76
N GLY HA 306 117.14 35.51 -109.62
CA GLY HA 306 116.16 36.57 -109.67
C GLY HA 306 115.36 36.69 -108.39
N GLU HA 307 115.03 35.54 -107.77
CA GLU HA 307 114.31 35.61 -106.51
C GLU HA 307 115.18 36.16 -105.39
N ILE HA 308 116.45 35.79 -105.36
CA ILE HA 308 117.31 36.24 -104.27
C ILE HA 308 117.62 37.72 -104.39
N GLN HA 309 117.92 38.19 -105.62
CA GLN HA 309 118.05 39.63 -105.83
C GLN HA 309 116.76 40.32 -105.45
N ARG HA 310 115.63 39.70 -105.79
CA ARG HA 310 114.31 40.21 -105.44
C ARG HA 310 114.19 40.48 -103.94
N SER HA 311 114.36 39.44 -103.11
CA SER HA 311 114.24 39.61 -101.66
C SER HA 311 115.26 40.62 -101.12
N LEU HA 312 116.52 40.51 -101.55
CA LEU HA 312 117.53 41.45 -101.06
C LEU HA 312 117.15 42.89 -101.34
N ASP HA 313 116.67 43.17 -102.55
CA ASP HA 313 116.23 44.54 -102.87
C ASP HA 313 115.02 44.92 -102.04
N PHE HA 314 114.14 43.96 -101.73
CA PHE HA 314 112.96 44.29 -100.95
C PHE HA 314 113.31 44.56 -99.48
N TYR HA 315 114.50 44.16 -99.05
CA TYR HA 315 114.91 44.53 -97.69
C TYR HA 315 115.47 45.95 -97.63
N ALA HA 316 116.46 46.24 -98.48
CA ALA HA 316 117.26 47.47 -98.39
C ALA HA 316 116.42 48.73 -98.23
N GLY HA 317 115.71 48.84 -97.10
CA GLY HA 317 114.77 49.91 -96.86
C GLY HA 317 115.36 51.20 -96.32
N THR HA 318 116.38 51.11 -95.45
CA THR HA 318 116.86 52.26 -94.71
C THR HA 318 118.22 52.78 -95.14
N ALA HA 319 119.11 51.92 -95.65
CA ALA HA 319 120.46 52.33 -96.01
C ALA HA 319 120.54 52.36 -97.52
N ALA HA 320 120.11 53.48 -98.11
CA ALA HA 320 120.05 53.57 -99.56
C ALA HA 320 121.42 53.71 -100.21
N ASP HA 321 122.47 53.89 -99.41
CA ASP HA 321 123.80 54.16 -99.92
C ASP HA 321 124.85 53.16 -99.42
N SER HA 322 124.44 52.00 -98.92
CA SER HA 322 125.36 51.04 -98.35
C SER HA 322 125.45 49.80 -99.24
N ASN HA 323 126.25 48.84 -98.79
CA ASN HA 323 126.43 47.56 -99.47
C ASN HA 323 126.30 46.44 -98.44
N PHE HA 324 126.53 45.21 -98.91
CA PHE HA 324 126.39 44.02 -98.09
C PHE HA 324 127.70 43.68 -97.39
N SER HA 325 127.68 42.60 -96.61
CA SER HA 325 128.89 42.10 -95.97
C SER HA 325 129.12 40.63 -96.32
N LYS HA 326 128.73 39.71 -95.45
CA LYS HA 326 129.04 38.29 -95.63
C LYS HA 326 127.84 37.43 -95.29
N VAL HA 327 127.82 36.24 -95.91
CA VAL HA 327 126.64 35.37 -95.89
C VAL HA 327 127.08 33.91 -95.95
N TYR HA 328 126.22 33.02 -95.42
CA TYR HA 328 126.48 31.59 -95.38
C TYR HA 328 125.35 30.81 -96.02
N LEU HA 329 125.62 29.52 -96.28
CA LEU HA 329 124.66 28.63 -96.92
C LEU HA 329 124.50 27.34 -96.13
N SER HA 330 123.30 26.80 -96.17
CA SER HA 330 122.89 25.58 -95.50
C SER HA 330 121.86 24.87 -96.36
N GLY HA 331 121.58 23.63 -96.02
CA GLY HA 331 120.70 22.83 -96.87
C GLY HA 331 121.44 22.22 -98.04
N GLY HA 332 120.95 21.06 -98.47
CA GLY HA 332 121.64 20.31 -99.50
C GLY HA 332 121.54 20.92 -100.88
N THR HA 333 120.45 21.63 -101.16
CA THR HA 333 120.32 22.34 -102.44
C THR HA 333 121.47 23.31 -102.66
N ALA HA 334 122.01 23.89 -101.59
CA ALA HA 334 123.23 24.67 -101.70
C ALA HA 334 124.37 23.90 -102.38
N LYS HA 335 124.55 22.62 -102.05
CA LYS HA 335 125.70 21.85 -102.53
C LYS HA 335 125.71 21.61 -104.02
N ILE HA 336 124.85 22.27 -104.79
CA ILE HA 336 124.95 22.25 -106.25
C ILE HA 336 126.34 22.76 -106.62
N PRO HA 337 127.10 22.04 -107.43
CA PRO HA 337 128.47 22.45 -107.73
C PRO HA 337 128.52 23.85 -108.36
N ALA HA 338 129.40 24.69 -107.81
CA ALA HA 338 129.69 26.05 -108.26
C ALA HA 338 128.57 27.03 -107.93
N LEU HA 339 127.48 26.55 -107.32
CA LEU HA 339 126.37 27.44 -107.01
C LEU HA 339 126.79 28.55 -106.05
N PHE HA 340 127.79 28.29 -105.21
CA PHE HA 340 128.23 29.30 -104.25
C PHE HA 340 128.94 30.45 -104.95
N LYS HA 341 129.82 30.13 -105.90
CA LYS HA 341 130.47 31.16 -106.70
C LYS HA 341 129.44 31.95 -107.51
N THR HA 342 128.44 31.26 -108.03
CA THR HA 342 127.41 31.91 -108.83
C THR HA 342 126.60 32.90 -107.99
N ILE HA 343 126.14 32.46 -106.82
CA ILE HA 343 125.40 33.38 -105.93
C ILE HA 343 126.30 34.51 -105.47
N GLU HA 344 127.59 34.21 -105.29
CA GLU HA 344 128.54 35.24 -104.83
C GLU HA 344 128.68 36.35 -105.87
N ALA HA 345 128.87 35.96 -107.13
CA ALA HA 345 129.07 36.98 -108.17
C ALA HA 345 127.75 37.65 -108.54
N ARG HA 346 126.63 36.93 -108.40
CA ARG HA 346 125.34 37.42 -108.86
C ARG HA 346 124.65 38.33 -107.85
N THR HA 347 124.77 38.05 -106.56
CA THR HA 347 124.13 38.85 -105.53
C THR HA 347 125.02 39.95 -104.97
N GLY HA 348 126.30 39.97 -105.35
CA GLY HA 348 127.21 40.98 -104.81
C GLY HA 348 127.53 40.78 -103.34
N VAL HA 349 127.43 39.55 -102.84
CA VAL HA 349 127.80 39.22 -101.47
C VAL HA 349 128.66 37.96 -101.44
N PRO HA 350 129.71 37.91 -100.59
CA PRO HA 350 130.41 36.63 -100.37
C PRO HA 350 129.56 35.56 -99.69
N VAL HA 351 129.20 34.54 -100.46
CA VAL HA 351 128.37 33.43 -100.00
C VAL HA 351 129.27 32.23 -99.74
N GLU HA 352 129.30 31.76 -98.50
CA GLU HA 352 130.20 30.68 -98.11
C GLU HA 352 129.45 29.56 -97.40
N ILE HA 353 129.85 28.34 -97.72
CA ILE HA 353 129.46 27.18 -96.91
C ILE HA 353 130.02 27.36 -95.52
N LEU HA 354 129.35 26.74 -94.55
CA LEU HA 354 129.83 26.81 -93.18
C LEU HA 354 129.64 25.45 -92.53
N ASN HA 355 130.55 25.12 -91.62
CA ASN HA 355 130.45 23.89 -90.86
C ASN HA 355 129.70 24.16 -89.57
N PRO HA 356 128.44 23.74 -89.43
CA PRO HA 356 127.78 23.86 -88.12
C PRO HA 356 128.55 23.16 -87.01
N PHE HA 357 128.88 21.89 -87.20
CA PHE HA 357 129.41 21.03 -86.14
C PHE HA 357 130.56 21.65 -85.35
N ARG HA 358 131.06 22.82 -85.75
CA ARG HA 358 132.09 23.50 -84.96
C ARG HA 358 131.57 23.95 -83.60
N LYS HA 359 130.25 24.07 -83.44
CA LYS HA 359 129.62 24.48 -82.19
C LYS HA 359 129.63 23.39 -81.14
N ILE HA 360 129.89 22.15 -81.52
CA ILE HA 360 129.76 20.99 -80.65
C ILE HA 360 131.06 20.22 -80.66
N GLU HA 361 131.36 19.56 -79.54
CA GLU HA 361 132.54 18.71 -79.45
C GLU HA 361 132.33 17.46 -80.28
N VAL HA 362 133.35 17.06 -81.05
CA VAL HA 362 133.26 15.88 -81.91
C VAL HA 362 134.44 14.97 -81.59
N ASP HA 363 134.14 13.77 -81.09
CA ASP HA 363 135.16 12.78 -80.81
C ASP HA 363 135.66 12.19 -82.12
N ASN HA 364 136.95 12.38 -82.41
CA ASN HA 364 137.51 11.92 -83.67
C ASN HA 364 137.51 10.41 -83.77
N ARG HA 365 137.43 9.71 -82.64
CA ARG HA 365 137.42 8.25 -82.68
C ARG HA 365 136.04 7.70 -83.05
N LYS HA 366 135.01 8.52 -82.98
CA LYS HA 366 133.66 8.09 -83.33
C LYS HA 366 133.13 8.72 -84.60
N PHE HA 367 133.72 9.83 -85.05
CA PHE HA 367 133.23 10.54 -86.23
C PHE HA 367 134.41 11.06 -87.03
N ASP HA 368 134.32 10.89 -88.35
CA ASP HA 368 135.30 11.45 -89.26
C ASP HA 368 134.97 12.93 -89.48
N PRO HA 369 135.90 13.85 -89.20
CA PRO HA 369 135.62 15.27 -89.48
C PRO HA 369 135.32 15.54 -90.95
N ALA HA 370 135.89 14.76 -91.86
CA ALA HA 370 135.67 15.00 -93.29
C ALA HA 370 134.22 14.75 -93.68
N PHE HA 371 133.70 13.55 -93.38
CA PHE HA 371 132.31 13.23 -93.70
C PHE HA 371 131.35 14.17 -92.97
N VAL HA 372 131.61 14.42 -91.68
CA VAL HA 372 130.82 15.39 -90.92
C VAL HA 372 130.73 16.70 -91.68
N MET HA 373 131.88 17.19 -92.17
CA MET HA 373 131.89 18.39 -92.99
C MET HA 373 131.06 18.21 -94.26
N ASP HA 374 131.09 17.00 -94.85
CA ASP HA 374 130.40 16.78 -96.11
C ASP HA 374 128.89 16.88 -95.94
N VAL HA 375 128.35 16.31 -94.86
CA VAL HA 375 126.92 16.32 -94.59
C VAL HA 375 126.51 17.50 -93.73
N ALA HA 376 127.43 18.42 -93.44
CA ALA HA 376 127.08 19.58 -92.62
C ALA HA 376 125.92 20.40 -93.15
N PRO HA 377 125.87 20.81 -94.44
CA PRO HA 377 124.77 21.68 -94.87
C PRO HA 377 123.40 21.06 -94.70
N MET HA 378 123.24 19.77 -95.02
CA MET HA 378 121.96 19.10 -94.80
C MET HA 378 121.61 19.08 -93.32
N ALA HA 379 122.61 18.91 -92.47
CA ALA HA 379 122.39 18.67 -91.04
C ALA HA 379 122.34 19.93 -90.20
N ALA HA 380 122.52 21.12 -90.80
CA ALA HA 380 122.57 22.37 -90.03
C ALA HA 380 121.39 22.49 -89.06
N VAL HA 381 120.16 22.38 -89.57
CA VAL HA 381 118.97 22.45 -88.71
C VAL HA 381 118.93 21.25 -87.78
N ALA HA 382 119.26 20.06 -88.32
CA ALA HA 382 119.31 18.78 -87.64
C ALA HA 382 120.18 18.80 -86.40
N VAL HA 383 121.14 19.72 -86.30
CA VAL HA 383 121.79 19.95 -85.04
C VAL HA 383 121.26 21.23 -84.39
N GLY HA 384 120.53 22.04 -85.18
CA GLY HA 384 119.96 23.29 -84.74
C GLY HA 384 119.04 23.18 -83.55
N LEU HA 385 117.86 22.64 -83.81
CA LEU HA 385 116.92 22.44 -82.70
C LEU HA 385 117.49 21.44 -81.70
N ALA HA 386 118.61 20.80 -82.06
CA ALA HA 386 119.32 19.87 -81.20
C ALA HA 386 120.18 20.57 -80.17
N LEU HA 387 120.72 21.75 -80.47
CA LEU HA 387 121.23 22.59 -79.39
C LEU HA 387 120.08 23.30 -78.71
N ARG HA 388 118.91 23.35 -79.36
CA ARG HA 388 117.73 23.82 -78.65
C ARG HA 388 117.30 22.83 -77.56
N ARG HA 389 117.65 21.55 -77.71
CA ARG HA 389 117.12 20.52 -76.80
C ARG HA 389 117.89 20.27 -75.50
N PRO HA 390 119.20 20.58 -75.38
CA PRO HA 390 119.79 20.51 -74.05
C PRO HA 390 119.88 21.91 -73.47
N GLY HA 391 119.09 22.82 -74.03
CA GLY HA 391 119.12 24.21 -73.63
C GLY HA 391 118.17 24.47 -72.47
N MET IA 1 99.31 31.97 -105.71
CA MET IA 1 98.30 31.13 -106.34
C MET IA 1 97.01 31.12 -105.52
N MET IA 2 95.88 31.15 -106.22
CA MET IA 2 94.57 31.19 -105.59
C MET IA 2 93.99 29.78 -105.54
N ILE IA 3 93.64 29.34 -104.34
CA ILE IA 3 93.02 28.03 -104.13
C ILE IA 3 91.60 28.27 -103.66
N ARG IA 4 90.63 27.98 -104.52
CA ARG IA 4 89.23 28.22 -104.23
C ARG IA 4 88.44 26.92 -104.18
N ILE IA 5 87.40 26.90 -103.35
CA ILE IA 5 86.61 25.69 -103.17
C ILE IA 5 85.13 26.04 -102.99
N ASN IA 6 84.36 25.90 -104.06
CA ASN IA 6 82.91 26.04 -103.98
C ASN IA 6 82.23 24.77 -103.50
N LEU IA 7 82.66 24.22 -102.37
CA LEU IA 7 82.03 23.00 -101.84
C LEU IA 7 81.32 23.24 -100.51
N LEU IA 8 80.04 22.88 -100.49
CA LEU IA 8 78.98 23.25 -99.56
C LEU IA 8 78.77 24.80 -99.39
N PRO IA 9 78.62 25.45 -100.53
CA PRO IA 9 77.52 26.39 -100.73
C PRO IA 9 76.62 25.93 -101.87
N VAL IA 10 75.69 26.78 -102.27
CA VAL IA 10 74.41 26.90 -101.58
C VAL IA 10 73.14 26.12 -102.03
N ARG IA 11 72.79 25.97 -103.31
CA ARG IA 11 71.62 25.13 -103.56
C ARG IA 11 71.92 23.72 -103.11
N ALA IA 12 73.22 23.35 -103.09
CA ALA IA 12 73.64 22.14 -102.39
C ALA IA 12 73.40 22.26 -100.89
N VAL IA 13 73.80 23.39 -100.30
CA VAL IA 13 73.63 23.61 -98.85
C VAL IA 13 72.15 23.50 -98.53
N LYS IA 14 71.39 24.49 -98.97
CA LYS IA 14 69.98 24.62 -98.57
C LYS IA 14 69.13 23.49 -99.13
N LYS IA 15 69.62 22.72 -100.11
CA LYS IA 15 68.84 21.54 -100.50
C LYS IA 15 69.18 20.34 -99.64
N ARG IA 16 70.40 20.27 -99.10
CA ARG IA 16 70.67 19.30 -98.05
C ARG IA 16 69.93 19.66 -96.77
N GLU IA 17 69.76 20.95 -96.52
CA GLU IA 17 69.02 21.42 -95.35
C GLU IA 17 67.53 21.13 -95.48
N MET IA 18 66.91 21.54 -96.59
CA MET IA 18 65.53 21.16 -96.83
C MET IA 18 65.38 19.64 -96.79
N GLY IA 19 66.34 18.93 -97.36
CA GLY IA 19 66.34 17.47 -97.26
C GLY IA 19 66.32 16.99 -95.83
N ARG IA 20 67.04 17.66 -94.93
CA ARG IA 20 67.03 17.27 -93.53
C ARG IA 20 65.68 17.57 -92.88
N GLN IA 21 65.16 18.79 -93.09
CA GLN IA 21 63.94 19.22 -92.43
C GLN IA 21 62.75 18.35 -92.82
N VAL IA 22 62.61 18.07 -94.12
CA VAL IA 22 61.50 17.23 -94.57
C VAL IA 22 61.53 15.87 -93.87
N LEU IA 23 62.72 15.31 -93.69
CA LEU IA 23 62.85 14.02 -93.01
C LEU IA 23 62.56 14.11 -91.52
N VAL IA 24 62.98 15.21 -90.88
CA VAL IA 24 62.62 15.40 -89.47
C VAL IA 24 61.11 15.46 -89.30
N LEU IA 25 60.43 16.20 -90.19
CA LEU IA 25 58.97 16.25 -90.15
C LEU IA 25 58.36 14.87 -90.32
N PHE IA 26 58.87 14.09 -91.29
CA PHE IA 26 58.44 12.70 -91.43
C PHE IA 26 58.58 11.95 -90.10
N ALA IA 27 59.74 12.06 -89.46
CA ALA IA 27 59.98 11.34 -88.21
C ALA IA 27 58.98 11.74 -87.14
N VAL IA 28 58.72 13.04 -87.00
CA VAL IA 28 57.79 13.49 -85.98
C VAL IA 28 56.39 12.93 -86.24
N VAL IA 29 55.90 13.09 -87.47
CA VAL IA 29 54.57 12.58 -87.79
C VAL IA 29 54.48 11.09 -87.50
N LEU IA 30 55.51 10.33 -87.86
CA LEU IA 30 55.47 8.88 -87.67
C LEU IA 30 55.57 8.49 -86.20
N ILE IA 31 56.26 9.28 -85.39
CA ILE IA 31 56.28 9.01 -83.95
C ILE IA 31 54.90 9.27 -83.34
N GLY IA 32 54.28 10.39 -83.71
CA GLY IA 32 52.93 10.65 -83.22
C GLY IA 32 51.94 9.57 -83.62
N ALA IA 33 51.88 9.24 -84.91
CA ALA IA 33 51.00 8.15 -85.35
C ALA IA 33 51.31 6.86 -84.60
N GLY IA 34 52.60 6.60 -84.35
CA GLY IA 34 52.96 5.47 -83.51
C GLY IA 34 52.27 5.51 -82.15
N VAL IA 35 52.46 6.62 -81.42
CA VAL IA 35 51.83 6.77 -80.10
C VAL IA 35 50.33 6.51 -80.18
N ALA IA 36 49.68 7.01 -81.23
CA ALA IA 36 48.25 6.73 -81.41
C ALA IA 36 47.99 5.22 -81.51
N ASN IA 37 48.67 4.55 -82.46
CA ASN IA 37 48.52 3.11 -82.59
C ASN IA 37 48.67 2.41 -81.25
N TYR IA 38 49.67 2.82 -80.47
CA TYR IA 38 49.80 2.35 -79.10
C TYR IA 38 48.51 2.57 -78.34
N LEU IA 39 48.31 3.78 -77.76
CA LEU IA 39 47.17 4.03 -76.88
C LEU IA 39 45.93 3.24 -77.29
N TRP IA 40 45.65 3.18 -78.59
CA TRP IA 40 44.65 2.25 -79.11
C TRP IA 40 44.90 0.82 -78.59
N TYR IA 41 46.12 0.29 -78.77
CA TYR IA 41 46.37 -1.09 -78.34
C TYR IA 41 46.02 -1.31 -76.87
N ASP IA 42 46.19 -0.29 -76.03
CA ASP IA 42 45.93 -0.44 -74.61
C ASP IA 42 44.44 -0.46 -74.32
N ASP IA 43 43.70 0.47 -74.90
CA ASP IA 43 42.24 0.40 -74.74
C ASP IA 43 41.70 -0.93 -75.24
N ARG IA 44 42.32 -1.51 -76.26
CA ARG IA 44 41.87 -2.79 -76.78
C ARG IA 44 42.18 -3.94 -75.83
N GLN IA 45 43.35 -3.92 -75.18
CA GLN IA 45 43.65 -4.96 -74.20
C GLN IA 45 42.73 -4.86 -72.98
N SER IA 46 42.43 -3.63 -72.54
CA SER IA 46 41.44 -3.47 -71.48
C SER IA 46 40.09 -4.06 -71.86
N GLU IA 47 39.60 -3.73 -73.06
CA GLU IA 47 38.34 -4.31 -73.52
C GLU IA 47 38.40 -5.83 -73.53
N LEU IA 48 39.53 -6.39 -74.01
CA LEU IA 48 39.69 -7.84 -74.02
C LEU IA 48 39.59 -8.45 -72.63
N GLU IA 49 40.19 -7.78 -71.62
CA GLU IA 49 40.10 -8.32 -70.27
C GLU IA 49 38.68 -8.26 -69.73
N ALA IA 50 37.98 -7.14 -69.97
CA ALA IA 50 36.58 -7.08 -69.56
C ALA IA 50 35.76 -8.19 -70.21
N HIS IA 51 35.98 -8.42 -71.51
CA HIS IA 51 35.20 -9.42 -72.23
C HIS IA 51 35.51 -10.83 -71.75
N GLN IA 52 36.78 -11.11 -71.44
CA GLN IA 52 37.12 -12.42 -70.89
C GLN IA 52 36.52 -12.60 -69.50
N ALA IA 53 36.44 -11.53 -68.71
CA ALA IA 53 35.67 -11.61 -67.47
C ALA IA 53 34.23 -11.99 -67.73
N GLY IA 54 33.60 -11.36 -68.72
CA GLY IA 54 32.23 -11.74 -69.07
C GLY IA 54 32.11 -13.19 -69.50
N VAL IA 55 33.06 -13.69 -70.30
CA VAL IA 55 33.02 -15.08 -70.75
C VAL IA 55 33.13 -16.01 -69.55
N ALA IA 56 33.99 -15.68 -68.58
CA ALA IA 56 34.02 -16.44 -67.35
C ALA IA 56 32.66 -16.43 -66.65
N SER IA 57 32.01 -15.27 -66.62
CA SER IA 57 30.65 -15.18 -66.11
C SER IA 57 29.68 -16.07 -66.88
N THR IA 58 29.95 -16.39 -68.15
CA THR IA 58 29.14 -17.41 -68.82
C THR IA 58 29.48 -18.79 -68.28
N LYS IA 59 30.75 -19.18 -68.37
CA LYS IA 59 31.14 -20.54 -68.03
C LYS IA 59 30.80 -20.89 -66.59
N ALA IA 60 30.59 -19.90 -65.72
CA ALA IA 60 30.17 -20.20 -64.35
C ALA IA 60 28.72 -20.68 -64.33
N ARG IA 61 27.79 -19.80 -64.73
CA ARG IA 61 26.37 -20.10 -64.64
C ARG IA 61 25.93 -21.21 -65.58
N ILE IA 62 26.60 -21.38 -66.73
CA ILE IA 62 26.29 -22.54 -67.56
C ILE IA 62 26.57 -23.83 -66.80
N ALA IA 63 27.68 -23.89 -66.07
CA ALA IA 63 27.93 -25.03 -65.20
C ALA IA 63 26.86 -25.15 -64.13
N GLU IA 64 26.51 -24.04 -63.48
CA GLU IA 64 25.38 -24.03 -62.54
C GLU IA 64 24.17 -24.74 -63.14
N LEU IA 65 23.90 -24.47 -64.41
CA LEU IA 65 22.66 -24.94 -65.03
C LEU IA 65 22.75 -26.38 -65.47
N GLU IA 66 23.92 -26.82 -65.92
CA GLU IA 66 24.15 -28.23 -66.18
C GLU IA 66 23.97 -29.05 -64.91
N LYS IA 67 24.34 -28.47 -63.76
CA LYS IA 67 24.14 -29.17 -62.50
C LYS IA 67 22.65 -29.18 -62.10
N ILE IA 68 21.99 -28.03 -62.20
CA ILE IA 68 20.59 -27.94 -61.79
C ILE IA 68 19.72 -28.82 -62.68
N ILE IA 69 20.05 -28.91 -63.97
CA ILE IA 69 19.27 -29.77 -64.86
C ILE IA 69 19.65 -31.23 -64.66
N GLY IA 70 20.92 -31.50 -64.33
CA GLY IA 70 21.27 -32.83 -63.89
C GLY IA 70 20.39 -33.29 -62.74
N GLU IA 71 20.17 -32.40 -61.78
CA GLU IA 71 19.19 -32.67 -60.74
C GLU IA 71 17.84 -32.94 -61.38
N VAL IA 72 17.28 -31.97 -62.10
CA VAL IA 72 15.90 -32.06 -62.58
C VAL IA 72 15.65 -33.38 -63.32
N LYS IA 73 16.67 -33.93 -63.98
CA LYS IA 73 16.49 -35.21 -64.66
C LYS IA 73 16.60 -36.38 -63.70
N ASN IA 74 17.69 -36.44 -62.93
CA ASN IA 74 17.80 -37.41 -61.83
C ASN IA 74 16.47 -37.54 -61.11
N ILE IA 75 15.90 -36.40 -60.75
CA ILE IA 75 14.53 -36.22 -60.28
C ILE IA 75 13.54 -36.97 -61.15
N ASN IA 76 13.32 -36.46 -62.37
CA ASN IA 76 12.13 -36.79 -63.13
C ASN IA 76 12.03 -38.29 -63.42
N THR IA 77 13.18 -38.97 -63.49
CA THR IA 77 13.11 -40.39 -63.81
C THR IA 77 12.74 -41.24 -62.59
N ARG IA 78 13.12 -40.80 -61.39
CA ARG IA 78 12.78 -41.53 -60.17
C ARG IA 78 11.30 -41.38 -59.79
N LYS IA 79 10.69 -40.25 -60.16
CA LYS IA 79 9.28 -40.01 -59.82
C LYS IA 79 8.37 -41.07 -60.46
N ALA IA 80 8.59 -41.38 -61.74
CA ALA IA 80 7.76 -42.35 -62.44
C ALA IA 80 7.88 -43.75 -61.85
N GLU IA 81 9.05 -44.14 -61.35
CA GLU IA 81 9.13 -45.41 -60.64
C GLU IA 81 8.43 -45.33 -59.29
N VAL IA 82 8.37 -44.13 -58.69
CA VAL IA 82 7.71 -44.01 -57.40
C VAL IA 82 6.19 -44.14 -57.54
N GLU IA 83 5.56 -43.33 -58.40
CA GLU IA 83 4.13 -43.45 -58.65
C GLU IA 83 3.73 -44.91 -58.83
N LYS IA 84 4.56 -45.67 -59.55
CA LYS IA 84 4.26 -47.05 -59.91
C LYS IA 84 4.42 -47.98 -58.72
N LYS IA 85 5.61 -47.98 -58.10
CA LYS IA 85 5.85 -48.75 -56.87
C LYS IA 85 4.75 -48.50 -55.85
N LEU IA 86 4.36 -47.24 -55.66
CA LEU IA 86 3.31 -46.90 -54.73
C LEU IA 86 1.97 -47.49 -55.16
N ALA IA 87 1.55 -47.27 -56.40
CA ALA IA 87 0.27 -47.82 -56.86
C ALA IA 87 0.20 -49.32 -56.57
N VAL IA 88 1.34 -50.01 -56.73
CA VAL IA 88 1.46 -51.37 -56.24
C VAL IA 88 1.18 -51.41 -54.73
N LEU IA 89 1.81 -50.51 -53.96
CA LEU IA 89 1.64 -50.55 -52.50
C LEU IA 89 0.19 -50.34 -52.07
N ASP IA 90 -0.55 -49.47 -52.77
CA ASP IA 90 -1.94 -49.21 -52.46
C ASP IA 90 -2.85 -50.33 -52.95
N ALA IA 91 -2.40 -51.09 -53.95
CA ALA IA 91 -3.11 -52.34 -54.27
C ALA IA 91 -2.87 -53.38 -53.19
N LEU IA 92 -1.67 -53.39 -52.60
CA LEU IA 92 -1.32 -54.41 -51.62
C LEU IA 92 -1.95 -54.15 -50.26
N ARG IA 93 -2.02 -52.88 -49.85
CA ARG IA 93 -2.74 -52.54 -48.62
C ARG IA 93 -4.21 -52.96 -48.71
N LYS IA 94 -4.79 -52.86 -49.92
CA LYS IA 94 -6.10 -53.45 -50.16
C LYS IA 94 -6.02 -54.97 -50.19
N GLY IA 95 -4.84 -55.52 -50.49
CA GLY IA 95 -4.63 -56.96 -50.45
C GLY IA 95 -4.37 -57.52 -49.07
N ARG IA 96 -4.20 -56.66 -48.06
CA ARG IA 96 -4.14 -57.07 -46.67
C ARG IA 96 -5.39 -56.66 -45.89
N SER IA 97 -6.03 -55.56 -46.27
CA SER IA 97 -7.36 -55.27 -45.76
C SER IA 97 -8.35 -56.33 -46.28
N GLY IA 98 -8.17 -56.74 -47.53
CA GLY IA 98 -9.01 -57.72 -48.16
C GLY IA 98 -9.34 -58.93 -47.30
N PRO IA 99 -8.36 -59.81 -47.08
CA PRO IA 99 -8.61 -61.03 -46.29
C PRO IA 99 -9.24 -60.78 -44.92
N VAL IA 100 -9.59 -59.53 -44.63
CA VAL IA 100 -10.18 -59.19 -43.36
C VAL IA 100 -11.43 -58.35 -43.55
N ARG IA 101 -11.50 -57.60 -44.66
CA ARG IA 101 -12.48 -56.53 -44.72
C ARG IA 101 -13.83 -56.97 -45.24
N MET IA 102 -14.11 -56.83 -46.53
CA MET IA 102 -15.50 -56.95 -46.94
C MET IA 102 -15.75 -57.82 -48.17
N MET IA 103 -15.17 -57.51 -49.32
CA MET IA 103 -15.53 -58.22 -50.54
C MET IA 103 -15.05 -59.66 -50.57
N ASP IA 104 -14.24 -60.08 -49.60
CA ASP IA 104 -13.18 -61.04 -49.89
C ASP IA 104 -13.46 -62.48 -49.49
N ALA IA 105 -14.52 -62.76 -48.73
CA ALA IA 105 -14.87 -64.16 -48.52
C ALA IA 105 -16.15 -64.51 -49.24
N LEU IA 106 -17.03 -63.54 -49.45
CA LEU IA 106 -18.33 -63.76 -50.06
C LEU IA 106 -18.22 -63.58 -51.58
N ALA IA 107 -18.92 -64.37 -52.42
CA ALA IA 107 -20.30 -64.90 -52.26
C ALA IA 107 -21.22 -63.68 -52.25
N SER IA 108 -21.18 -62.98 -53.40
CA SER IA 108 -21.86 -61.71 -53.63
C SER IA 108 -21.33 -60.64 -52.68
N ALA IA 109 -20.90 -59.51 -53.22
CA ALA IA 109 -20.27 -58.47 -52.42
C ALA IA 109 -21.27 -57.61 -51.67
N THR IA 110 -22.19 -58.25 -50.93
CA THR IA 110 -23.20 -57.53 -50.17
C THR IA 110 -22.98 -57.68 -48.67
N PRO IA 111 -23.14 -56.60 -47.89
CA PRO IA 111 -22.82 -56.50 -46.46
C PRO IA 111 -23.88 -57.13 -45.55
N LYS IA 112 -23.54 -57.49 -44.31
CA LYS IA 112 -22.19 -57.34 -43.76
C LYS IA 112 -21.30 -58.51 -44.19
N LYS IA 113 -20.03 -58.21 -44.50
CA LYS IA 113 -19.19 -59.13 -45.26
C LYS IA 113 -17.79 -59.12 -44.67
N VAL IA 114 -17.28 -60.29 -44.28
CA VAL IA 114 -15.97 -60.47 -43.58
C VAL IA 114 -15.73 -59.47 -42.42
N TRP IA 115 -16.29 -58.27 -42.58
CA TRP IA 115 -17.06 -57.48 -41.60
C TRP IA 115 -16.80 -57.23 -40.12
N VAL IA 116 -17.96 -57.02 -39.49
CA VAL IA 116 -18.25 -56.55 -38.15
C VAL IA 116 -18.56 -57.77 -37.27
N LYS IA 117 -18.31 -57.66 -35.97
CA LYS IA 117 -18.25 -58.86 -35.15
C LYS IA 117 -19.57 -59.21 -34.45
N THR IA 118 -19.87 -58.58 -33.31
CA THR IA 118 -20.95 -59.05 -32.45
C THR IA 118 -22.15 -58.10 -32.46
N PHE IA 119 -23.34 -58.67 -32.26
CA PHE IA 119 -24.59 -57.92 -32.17
C PHE IA 119 -25.36 -58.40 -30.96
N SER IA 120 -25.86 -57.46 -30.16
CA SER IA 120 -26.61 -57.80 -28.94
C SER IA 120 -27.56 -56.66 -28.63
N GLU IA 121 -28.84 -56.98 -28.48
CA GLU IA 121 -29.91 -55.99 -28.36
C GLU IA 121 -30.65 -56.16 -27.03
N ASN IA 122 -31.57 -55.23 -26.79
CA ASN IA 122 -32.45 -55.28 -25.61
C ASN IA 122 -33.80 -54.61 -25.88
N ASN IA 123 -34.24 -54.56 -27.14
CA ASN IA 123 -35.51 -53.98 -27.56
C ASN IA 123 -35.63 -52.49 -27.25
N ASN IA 124 -34.53 -51.84 -26.88
CA ASN IA 124 -34.49 -50.39 -26.76
C ASN IA 124 -33.20 -49.87 -27.37
N ALA IA 125 -32.11 -50.62 -27.20
CA ALA IA 125 -30.82 -50.25 -27.77
C ALA IA 125 -30.10 -51.52 -28.22
N VAL IA 126 -29.19 -51.36 -29.17
CA VAL IA 126 -28.32 -52.44 -29.61
C VAL IA 126 -26.88 -52.02 -29.32
N SER IA 127 -26.13 -52.92 -28.70
CA SER IA 127 -24.73 -52.67 -28.35
C SER IA 127 -23.87 -53.58 -29.23
N ILE IA 128 -23.38 -53.02 -30.33
CA ILE IA 128 -22.74 -53.81 -31.35
C ILE IA 128 -21.23 -53.84 -31.13
N ASP IA 129 -20.55 -54.69 -31.88
CA ASP IA 129 -19.10 -54.89 -31.78
C ASP IA 129 -18.63 -55.20 -33.20
N GLY IA 130 -17.60 -54.48 -33.68
CA GLY IA 130 -17.31 -54.48 -35.09
C GLY IA 130 -15.86 -54.26 -35.45
N SER IA 131 -15.66 -54.08 -36.76
CA SER IA 131 -14.36 -53.92 -37.40
C SER IA 131 -14.60 -53.30 -38.78
N ALA IA 132 -13.78 -52.31 -39.13
CA ALA IA 132 -13.93 -51.60 -40.39
C ALA IA 132 -12.57 -51.44 -41.05
N VAL IA 133 -12.56 -50.85 -42.25
CA VAL IA 133 -11.34 -50.84 -43.04
C VAL IA 133 -10.32 -49.84 -42.48
N SER IA 134 -10.78 -48.69 -41.99
CA SER IA 134 -9.86 -47.61 -41.64
C SER IA 134 -10.64 -46.51 -40.95
N HIS IA 135 -10.04 -45.33 -40.91
CA HIS IA 135 -10.65 -44.11 -40.41
C HIS IA 135 -11.72 -43.59 -41.37
N ASP IA 136 -11.99 -44.36 -42.42
CA ASP IA 136 -12.87 -43.93 -43.50
C ASP IA 136 -14.20 -44.67 -43.50
N GLU IA 137 -14.19 -46.00 -43.65
CA GLU IA 137 -15.43 -46.76 -43.65
C GLU IA 137 -16.07 -46.81 -42.28
N VAL IA 138 -15.29 -46.71 -41.20
CA VAL IA 138 -15.92 -46.52 -39.90
C VAL IA 138 -16.48 -45.12 -39.78
N ALA IA 139 -15.91 -44.16 -40.53
CA ALA IA 139 -16.47 -42.82 -40.58
C ALA IA 139 -17.71 -42.78 -41.47
N GLU IA 140 -17.70 -43.52 -42.57
CA GLU IA 140 -18.91 -43.65 -43.38
C GLU IA 140 -20.03 -44.31 -42.59
N PHE IA 141 -19.71 -45.39 -41.88
CA PHE IA 141 -20.71 -46.10 -41.08
C PHE IA 141 -21.22 -45.23 -39.94
N MET IA 142 -20.32 -44.54 -39.23
CA MET IA 142 -20.74 -43.71 -38.11
C MET IA 142 -21.54 -42.51 -38.59
N ARG IA 143 -21.21 -41.98 -39.77
CA ARG IA 143 -22.00 -40.89 -40.33
C ARG IA 143 -23.39 -41.36 -40.71
N GLY IA 144 -23.50 -42.55 -41.32
CA GLY IA 144 -24.79 -43.09 -41.69
C GLY IA 144 -25.76 -43.23 -40.53
N LEU IA 145 -25.29 -43.13 -39.29
CA LEU IA 145 -26.14 -43.26 -38.12
C LEU IA 145 -26.39 -41.91 -37.46
N ASN IA 146 -25.55 -41.56 -36.49
CA ASN IA 146 -25.78 -40.39 -35.66
C ASN IA 146 -24.51 -40.06 -34.89
N GLY IA 147 -24.52 -38.87 -34.28
CA GLY IA 147 -23.42 -38.33 -33.50
C GLY IA 147 -23.94 -37.47 -32.38
N VAL IA 148 -23.50 -37.75 -31.14
CA VAL IA 148 -24.22 -37.32 -29.95
C VAL IA 148 -23.22 -36.86 -28.90
N VAL IA 149 -23.63 -35.85 -28.12
CA VAL IA 149 -22.90 -35.46 -26.90
C VAL IA 149 -23.58 -36.19 -25.74
N TRP IA 150 -22.95 -37.26 -25.28
CA TRP IA 150 -23.50 -38.04 -24.17
C TRP IA 150 -23.00 -37.51 -22.84
N THR IA 151 -23.85 -37.59 -21.81
CA THR IA 151 -23.48 -36.97 -20.53
C THR IA 151 -23.65 -37.97 -19.38
N PRO IA 152 -24.75 -37.94 -18.54
CA PRO IA 152 -24.66 -38.65 -17.26
C PRO IA 152 -24.84 -40.15 -17.43
N LYS IA 153 -23.76 -40.90 -17.36
CA LYS IA 153 -23.83 -42.34 -17.59
C LYS IA 153 -24.15 -43.09 -16.30
N GLY IA 154 -24.99 -44.11 -16.43
CA GLY IA 154 -25.31 -44.97 -15.30
C GLY IA 154 -24.56 -46.29 -15.39
N MET IA 155 -23.93 -46.68 -14.29
CA MET IA 155 -23.18 -47.94 -14.25
C MET IA 155 -24.10 -49.07 -13.82
N GLY IA 156 -24.04 -50.19 -14.55
CA GLY IA 156 -24.92 -51.31 -14.28
C GLY IA 156 -24.19 -52.62 -14.30
N ARG IA 157 -24.83 -53.65 -13.73
CA ARG IA 157 -24.20 -54.94 -13.49
C ARG IA 157 -23.79 -55.67 -14.76
N LEU IA 158 -24.25 -55.21 -15.92
CA LEU IA 158 -23.79 -55.76 -17.18
C LEU IA 158 -22.38 -55.31 -17.53
N VAL IA 159 -22.03 -54.07 -17.19
CA VAL IA 159 -20.67 -53.57 -17.39
C VAL IA 159 -19.67 -54.47 -16.69
N ASP IA 160 -19.91 -54.75 -15.40
CA ASP IA 160 -19.01 -55.60 -14.64
C ASP IA 160 -19.01 -57.03 -15.15
N ARG IA 161 -20.16 -57.52 -15.64
CA ARG IA 161 -20.18 -58.82 -16.30
C ARG IA 161 -19.34 -58.83 -17.58
N ARG IA 162 -19.13 -57.66 -18.20
CA ARG IA 162 -18.15 -57.58 -19.27
C ARG IA 162 -16.74 -57.56 -18.72
N ARG IA 163 -16.50 -56.85 -17.62
CA ARG IA 163 -15.21 -56.89 -16.95
C ARG IA 163 -14.92 -58.27 -16.37
N ASP IA 164 -15.97 -58.97 -15.93
CA ASP IA 164 -15.83 -60.34 -15.44
C ASP IA 164 -15.62 -61.36 -16.54
N SER IA 165 -15.86 -61.00 -17.80
CA SER IA 165 -15.84 -61.91 -18.94
C SER IA 165 -17.07 -62.82 -18.88
N LYS IA 166 -17.95 -62.57 -17.90
CA LYS IA 166 -19.04 -63.50 -17.65
C LYS IA 166 -20.11 -63.46 -18.73
N THR IA 167 -20.19 -62.38 -19.51
CA THR IA 167 -21.05 -62.32 -20.69
C THR IA 167 -20.13 -62.25 -21.92
N ALA IA 168 -20.25 -63.27 -22.78
CA ALA IA 168 -19.21 -63.52 -23.76
C ALA IA 168 -19.22 -62.45 -24.85
N ARG IA 169 -18.13 -61.68 -24.86
CA ARG IA 169 -17.83 -60.61 -25.85
C ARG IA 169 -16.05 -60.31 -26.42
N VAL IA 170 -15.64 -59.29 -27.26
CA VAL IA 170 -14.23 -58.95 -27.55
C VAL IA 170 -13.77 -57.76 -26.68
N GLU IA 171 -13.29 -58.04 -25.47
CA GLU IA 171 -12.87 -57.03 -24.49
C GLU IA 171 -11.67 -56.18 -24.94
N MET IA 172 -11.45 -56.07 -26.25
CA MET IA 172 -10.98 -54.82 -26.87
C MET IA 172 -11.93 -53.67 -26.59
N LEU IA 173 -13.19 -53.97 -26.28
CA LEU IA 173 -14.28 -53.02 -26.26
C LEU IA 173 -14.40 -52.30 -24.93
N THR IA 174 -14.71 -51.00 -25.01
CA THR IA 174 -15.27 -50.30 -23.85
C THR IA 174 -16.63 -50.91 -23.51
N SER IA 175 -17.14 -50.54 -22.34
CA SER IA 175 -18.32 -51.23 -21.83
C SER IA 175 -19.59 -50.41 -22.03
N ASP IA 176 -20.53 -50.51 -21.10
CA ASP IA 176 -21.66 -49.61 -20.91
C ASP IA 176 -22.77 -49.75 -21.96
N ALA IA 177 -23.96 -49.23 -21.63
CA ALA IA 177 -25.12 -49.19 -22.50
C ALA IA 177 -26.28 -48.45 -21.85
N THR IA 178 -25.98 -47.43 -21.04
CA THR IA 178 -27.00 -46.68 -20.32
C THR IA 178 -26.50 -45.26 -20.10
N ILE IA 179 -27.21 -44.27 -20.65
CA ILE IA 179 -26.76 -42.88 -20.57
C ILE IA 179 -27.89 -41.96 -21.05
N GLU IA 180 -27.57 -40.68 -21.22
CA GLU IA 180 -28.49 -39.67 -21.72
C GLU IA 180 -27.80 -38.89 -22.83
N GLU IA 181 -28.47 -38.75 -23.96
CA GLU IA 181 -27.83 -38.38 -25.23
C GLU IA 181 -28.35 -37.05 -25.74
N PHE IA 182 -27.45 -36.23 -26.29
CA PHE IA 182 -27.79 -34.98 -26.97
C PHE IA 182 -27.25 -34.99 -28.39
N PRO IA 183 -28.06 -34.66 -29.39
CA PRO IA 183 -27.62 -34.81 -30.77
C PRO IA 183 -26.62 -33.75 -31.19
N GLU IA 184 -25.53 -34.22 -31.82
CA GLU IA 184 -24.58 -33.35 -32.50
C GLU IA 184 -24.82 -33.34 -34.00
N ALA IA 185 -24.68 -34.49 -34.66
CA ALA IA 185 -25.04 -34.60 -36.06
C ALA IA 185 -25.88 -35.84 -36.23
N GLN IA 186 -26.58 -35.92 -37.36
CA GLN IA 186 -27.52 -37.00 -37.58
C GLN IA 186 -27.62 -37.28 -39.08
N VAL IA 187 -27.94 -38.52 -39.44
CA VAL IA 187 -28.18 -38.85 -40.84
C VAL IA 187 -29.35 -39.83 -40.96
N SER IA 188 -29.40 -40.83 -40.11
CA SER IA 188 -30.56 -41.72 -40.09
C SER IA 188 -31.59 -41.14 -39.13
N PRO IA 189 -32.78 -40.73 -39.60
CA PRO IA 189 -33.81 -40.28 -38.67
C PRO IA 189 -34.30 -41.41 -37.78
N PHE IA 190 -33.83 -42.62 -38.03
CA PHE IA 190 -34.34 -43.76 -37.29
C PHE IA 190 -33.35 -44.22 -36.23
N PHE IA 191 -32.15 -43.66 -36.22
CA PHE IA 191 -31.09 -44.17 -35.38
C PHE IA 191 -30.49 -43.05 -34.53
N LYS IA 192 -30.40 -43.30 -33.24
CA LYS IA 192 -29.69 -42.45 -32.29
C LYS IA 192 -28.49 -43.24 -31.80
N ASN IA 193 -27.36 -43.06 -32.48
CA ASN IA 193 -26.10 -43.60 -32.02
C ASN IA 193 -25.60 -42.77 -30.84
N ILE IA 194 -25.11 -43.44 -29.80
CA ILE IA 194 -24.66 -42.68 -28.63
C ILE IA 194 -23.26 -42.13 -28.87
N ASP IA 195 -22.38 -42.93 -29.49
CA ASP IA 195 -21.00 -42.56 -29.81
C ASP IA 195 -20.24 -43.77 -30.33
N LEU IA 196 -19.20 -43.54 -31.13
CA LEU IA 196 -18.23 -44.59 -31.41
C LEU IA 196 -17.48 -44.86 -30.12
N GLN IA 197 -17.96 -45.87 -29.38
CA GLN IA 197 -17.47 -46.10 -28.03
C GLN IA 197 -15.97 -46.38 -28.01
N THR IA 198 -15.46 -47.10 -29.01
CA THR IA 198 -14.01 -47.25 -29.11
C THR IA 198 -13.62 -47.67 -30.51
N ALA IA 199 -12.32 -47.55 -30.80
CA ALA IA 199 -11.77 -47.97 -32.08
C ALA IA 199 -10.25 -48.06 -31.98
N LYS IA 200 -9.72 -49.23 -32.35
CA LYS IA 200 -8.30 -49.54 -32.27
C LYS IA 200 -7.89 -50.33 -33.50
N GLN IA 201 -6.92 -49.82 -34.25
CA GLN IA 201 -6.43 -50.50 -35.44
C GLN IA 201 -5.55 -51.66 -35.03
N VAL IA 202 -6.04 -52.88 -35.22
CA VAL IA 202 -5.34 -54.10 -34.84
C VAL IA 202 -4.48 -54.55 -36.02
N GLY IA 203 -3.15 -54.60 -35.82
CA GLY IA 203 -2.26 -54.86 -36.93
C GLY IA 203 -2.03 -56.33 -37.22
N GLY IA 204 -1.91 -57.17 -36.20
CA GLY IA 204 -1.64 -58.57 -36.41
C GLY IA 204 -0.19 -58.93 -36.09
N ALA IA 205 0.28 -59.98 -36.77
CA ALA IA 205 1.63 -60.49 -36.51
C ALA IA 205 2.12 -61.23 -37.75
N GLN IA 206 3.28 -61.88 -37.61
CA GLN IA 206 3.86 -62.64 -38.71
C GLN IA 206 3.02 -63.86 -39.07
N VAL IA 207 2.13 -64.29 -38.18
CA VAL IA 207 1.24 -65.39 -38.51
C VAL IA 207 0.08 -64.94 -39.39
N GLY IA 208 -0.23 -63.65 -39.40
CA GLY IA 208 -1.31 -63.16 -40.25
C GLY IA 208 -1.79 -61.77 -39.93
N VAL IA 209 -2.59 -61.19 -40.83
CA VAL IA 209 -3.09 -59.84 -40.69
C VAL IA 209 -4.52 -59.77 -40.21
N PRO IA 210 -4.91 -58.66 -39.58
CA PRO IA 210 -6.19 -58.02 -39.87
C PRO IA 210 -5.99 -56.58 -40.35
N ILE IA 211 -5.11 -55.83 -39.67
CA ILE IA 211 -4.71 -54.46 -40.04
C ILE IA 211 -5.91 -53.50 -39.92
N LEU IA 212 -7.12 -54.04 -39.84
CA LEU IA 212 -8.31 -53.21 -39.84
C LEU IA 212 -8.46 -52.45 -38.51
N VAL IA 213 -9.51 -51.63 -38.43
CA VAL IA 213 -9.80 -50.88 -37.22
C VAL IA 213 -10.96 -51.56 -36.51
N GLU IA 214 -10.64 -52.27 -35.44
CA GLU IA 214 -11.65 -52.81 -34.55
C GLU IA 214 -12.41 -51.65 -33.90
N PHE IA 215 -13.70 -51.82 -33.63
CA PHE IA 215 -14.45 -50.72 -33.04
C PHE IA 215 -15.65 -51.24 -32.27
N LYS IA 216 -16.26 -50.34 -31.49
CA LYS IA 216 -17.50 -50.60 -30.76
C LYS IA 216 -18.38 -49.36 -30.71
N ILE IA 217 -19.68 -49.60 -30.92
CA ILE IA 217 -20.74 -48.60 -30.98
C ILE IA 217 -21.97 -49.15 -30.25
N THR IA 218 -22.72 -48.24 -29.62
CA THR IA 218 -24.03 -48.55 -29.06
C THR IA 218 -25.03 -47.53 -29.58
N MET IA 219 -26.22 -48.01 -29.96
CA MET IA 219 -27.18 -47.20 -30.68
C MET IA 219 -28.60 -47.61 -30.31
N THR IA 220 -29.40 -46.66 -29.83
CA THR IA 220 -30.84 -46.89 -29.68
C THR IA 220 -31.54 -46.45 -30.97
N SER IA 221 -32.32 -47.38 -31.55
CA SER IA 221 -32.98 -47.23 -32.86
C SER IA 221 -34.12 -46.22 -32.79
N ASN IA 222 -35.23 -46.49 -33.48
CA ASN IA 222 -36.43 -45.66 -33.31
C ASN IA 222 -37.70 -46.51 -33.45
N TYR IA 223 -38.74 -46.08 -32.75
CA TYR IA 223 -39.97 -46.86 -32.67
C TYR IA 223 -40.42 -47.04 -31.22
N MET JA 1 60.73 25.03 -115.38
CA MET JA 1 61.74 25.66 -114.54
C MET JA 1 62.72 24.56 -114.12
N ASP JA 2 63.67 24.34 -115.01
CA ASP JA 2 64.18 23.05 -115.50
C ASP JA 2 64.93 22.15 -114.50
N LYS JA 3 65.83 22.76 -113.75
CA LYS JA 3 66.81 21.95 -113.02
C LYS JA 3 66.10 21.03 -112.05
N TYR JA 4 64.77 21.16 -111.95
CA TYR JA 4 63.98 20.47 -110.96
C TYR JA 4 63.31 19.21 -111.52
N LEU JA 5 63.08 19.11 -112.85
CA LEU JA 5 62.83 17.75 -113.38
C LEU JA 5 64.14 17.05 -113.60
N ASP JA 6 65.24 17.80 -113.66
CA ASP JA 6 66.47 17.04 -113.61
C ASP JA 6 66.67 16.44 -112.23
N GLN JA 7 66.35 17.20 -111.18
CA GLN JA 7 66.48 16.66 -109.83
C GLN JA 7 65.41 15.64 -109.54
N PHE JA 8 64.22 15.81 -110.14
CA PHE JA 8 63.11 14.90 -109.87
C PHE JA 8 63.27 13.57 -110.60
N VAL JA 9 63.98 13.59 -111.73
CA VAL JA 9 64.34 12.36 -112.44
C VAL JA 9 65.56 11.67 -111.83
N LYS JA 10 66.41 12.42 -111.13
CA LYS JA 10 67.62 11.86 -110.55
C LYS JA 10 67.48 11.16 -109.19
N ALA JA 11 67.79 11.90 -108.11
CA ALA JA 11 67.89 11.45 -106.72
C ALA JA 11 69.34 11.08 -106.37
N PRO JA 12 69.70 11.24 -105.08
CA PRO JA 12 70.45 10.34 -104.18
C PRO JA 12 70.02 10.46 -102.66
N PRO JA 13 70.75 11.16 -101.71
CA PRO JA 13 70.36 10.99 -100.30
C PRO JA 13 68.97 11.51 -99.97
N ALA JA 14 68.62 12.68 -100.48
CA ALA JA 14 67.33 13.28 -100.15
C ALA JA 14 66.18 12.38 -100.54
N ILE JA 15 66.31 11.67 -101.66
CA ILE JA 15 65.21 10.86 -102.17
C ILE JA 15 65.29 9.43 -101.66
N LYS JA 16 66.49 8.94 -101.33
CA LYS JA 16 66.57 7.69 -100.58
C LYS JA 16 65.91 7.82 -99.23
N PHE JA 17 66.24 8.89 -98.50
CA PHE JA 17 65.54 9.22 -97.27
C PHE JA 17 64.04 9.38 -97.51
N GLY JA 18 63.66 10.12 -98.56
CA GLY JA 18 62.24 10.29 -98.86
C GLY JA 18 61.53 8.96 -99.04
N GLY JA 19 62.08 8.10 -99.89
CA GLY JA 19 61.47 6.80 -100.12
C GLY JA 19 61.35 5.97 -98.85
N LEU JA 20 62.42 5.93 -98.04
CA LEU JA 20 62.31 5.31 -96.72
C LEU JA 20 61.13 5.87 -95.95
N ALA JA 21 60.91 7.19 -96.04
CA ALA JA 21 59.85 7.82 -95.25
C ALA JA 21 58.46 7.44 -95.76
N PHE JA 22 58.26 7.45 -97.08
CA PHE JA 22 56.97 7.02 -97.62
C PHE JA 22 56.70 5.57 -97.26
N VAL JA 23 57.75 4.73 -97.26
CA VAL JA 23 57.57 3.33 -96.90
C VAL JA 23 57.13 3.20 -95.43
N VAL JA 24 57.82 3.88 -94.52
CA VAL JA 24 57.46 3.76 -93.11
C VAL JA 24 56.07 4.34 -92.85
N GLY JA 25 55.69 5.39 -93.60
CA GLY JA 25 54.34 5.88 -93.52
C GLY JA 25 53.30 4.86 -93.94
N ALA JA 26 53.56 4.17 -95.06
CA ALA JA 26 52.67 3.09 -95.49
C ALA JA 26 52.57 2.00 -94.43
N LEU JA 27 53.70 1.59 -93.87
CA LEU JA 27 53.68 0.51 -92.87
C LEU JA 27 52.92 0.93 -91.62
N THR JA 28 53.03 2.20 -91.21
CA THR JA 28 52.27 2.66 -90.05
C THR JA 28 50.78 2.72 -90.35
N ALA JA 29 50.40 3.16 -91.54
CA ALA JA 29 49.00 3.02 -91.95
C ALA JA 29 48.53 1.58 -91.84
N ALA JA 30 49.38 0.64 -92.30
CA ALA JA 30 49.00 -0.77 -92.27
C ALA JA 30 48.81 -1.28 -90.84
N ASN JA 31 49.73 -0.95 -89.94
CA ASN JA 31 49.63 -1.49 -88.58
C ASN JA 31 48.50 -0.82 -87.80
N PHE JA 32 48.21 0.45 -88.12
CA PHE JA 32 47.06 1.09 -87.49
C PHE JA 32 45.75 0.46 -87.96
N PHE JA 33 45.63 0.13 -89.25
CA PHE JA 33 44.47 -0.61 -89.69
C PHE JA 33 44.42 -1.99 -89.02
N MET JA 34 45.58 -2.63 -88.87
CA MET JA 34 45.68 -3.94 -88.24
C MET JA 34 45.53 -3.89 -86.73
N VAL JA 35 45.40 -2.71 -86.13
CA VAL JA 35 44.92 -2.64 -84.75
C VAL JA 35 43.48 -2.14 -84.68
N ILE JA 36 42.96 -1.54 -85.76
CA ILE JA 36 41.55 -1.18 -85.78
C ILE JA 36 40.67 -2.40 -86.01
N GLN JA 37 41.11 -3.33 -86.85
CA GLN JA 37 40.31 -4.51 -87.12
C GLN JA 37 40.12 -5.42 -85.90
N PRO JA 38 41.14 -5.72 -85.09
CA PRO JA 38 40.87 -6.50 -83.86
C PRO JA 38 39.91 -5.83 -82.90
N THR JA 39 39.79 -4.51 -82.99
CA THR JA 39 38.76 -3.81 -82.23
C THR JA 39 37.37 -4.28 -82.64
N GLU JA 40 37.06 -4.17 -83.93
CA GLU JA 40 35.77 -4.59 -84.43
C GLU JA 40 35.50 -6.06 -84.13
N GLU JA 41 36.46 -6.93 -84.44
CA GLU JA 41 36.32 -8.34 -84.11
C GLU JA 41 36.03 -8.52 -82.61
N GLU JA 42 36.68 -7.71 -81.78
CA GLU JA 42 36.56 -7.86 -80.33
C GLU JA 42 35.17 -7.44 -79.84
N ILE JA 43 34.65 -6.33 -80.39
CA ILE JA 43 33.28 -5.94 -80.07
C ILE JA 43 32.32 -7.03 -80.52
N GLY JA 44 32.60 -7.68 -81.65
CA GLY JA 44 31.78 -8.78 -82.08
C GLY JA 44 31.75 -9.93 -81.08
N TRP JA 45 32.93 -10.39 -80.64
CA TRP JA 45 32.98 -11.45 -79.65
C TRP JA 45 32.28 -11.05 -78.36
N ALA JA 46 32.33 -9.76 -78.02
CA ALA JA 46 31.56 -9.26 -76.89
C ALA JA 46 30.07 -9.49 -77.10
N VAL JA 47 29.55 -9.07 -78.26
CA VAL JA 47 28.12 -9.22 -78.55
C VAL JA 47 27.71 -10.69 -78.53
N ALA JA 48 28.59 -11.59 -78.97
CA ALA JA 48 28.27 -13.02 -78.91
C ALA JA 48 28.22 -13.50 -77.45
N GLU JA 49 29.29 -13.25 -76.71
CA GLU JA 49 29.39 -13.73 -75.33
C GLU JA 49 28.22 -13.26 -74.48
N ARG JA 50 27.89 -11.96 -74.56
CA ARG JA 50 26.75 -11.45 -73.80
C ARG JA 50 25.46 -12.17 -74.17
N ARG JA 51 25.28 -12.46 -75.46
CA ARG JA 51 24.11 -13.23 -75.88
C ARG JA 51 24.13 -14.64 -75.33
N LYS JA 52 25.30 -15.18 -74.99
CA LYS JA 52 25.32 -16.46 -74.30
C LYS JA 52 24.97 -16.31 -72.81
N LEU JA 53 25.51 -15.27 -72.17
CA LEU JA 53 25.11 -14.94 -70.80
C LEU JA 53 23.59 -14.89 -70.67
N ASP JA 54 22.93 -14.14 -71.57
CA ASP JA 54 21.51 -13.88 -71.43
C ASP JA 54 20.63 -15.10 -71.68
N LEU JA 55 21.06 -16.02 -72.56
CA LEU JA 55 20.32 -17.27 -72.73
C LEU JA 55 20.53 -18.22 -71.56
N GLU JA 56 21.76 -18.29 -71.05
CA GLU JA 56 22.02 -19.08 -69.85
C GLU JA 56 21.17 -18.60 -68.68
N LEU JA 57 21.00 -17.28 -68.54
CA LEU JA 57 20.11 -16.77 -67.50
C LEU JA 57 18.68 -17.25 -67.69
N ALA JA 58 18.25 -17.50 -68.93
CA ALA JA 58 16.94 -18.11 -69.15
C ALA JA 58 16.95 -19.56 -68.64
N ASP JA 59 17.99 -20.31 -68.98
CA ASP JA 59 18.07 -21.70 -68.53
C ASP JA 59 18.04 -21.79 -67.01
N LYS JA 60 18.68 -20.84 -66.30
CA LYS JA 60 18.73 -20.93 -64.84
C LYS JA 60 17.33 -20.83 -64.22
N SER JA 61 16.53 -19.87 -64.68
CA SER JA 61 15.17 -19.75 -64.16
C SER JA 61 14.32 -20.95 -64.54
N GLU JA 62 14.46 -21.42 -65.79
CA GLU JA 62 13.70 -22.61 -66.21
C GLU JA 62 13.98 -23.79 -65.28
N ILE JA 63 15.26 -24.10 -65.06
CA ILE JA 63 15.57 -25.30 -64.31
C ILE JA 63 15.33 -25.11 -62.82
N ALA JA 64 15.43 -23.88 -62.31
CA ALA JA 64 15.06 -23.64 -60.92
C ALA JA 64 13.56 -23.88 -60.71
N GLN JA 65 12.73 -23.43 -61.66
CA GLN JA 65 11.30 -23.71 -61.58
C GLN JA 65 11.04 -25.21 -61.66
N ASN JA 66 11.76 -25.92 -62.53
CA ASN JA 66 11.59 -27.38 -62.58
C ASN JA 66 12.01 -28.04 -61.27
N LEU JA 67 13.03 -27.50 -60.59
CA LEU JA 67 13.40 -27.98 -59.27
C LEU JA 67 12.25 -27.80 -58.27
N ASN JA 68 11.68 -26.59 -58.23
CA ASN JA 68 10.55 -26.35 -57.33
C ASN JA 68 9.41 -27.32 -57.59
N GLU JA 69 9.09 -27.55 -58.87
CA GLU JA 69 8.04 -28.51 -59.18
C GLU JA 69 8.40 -29.93 -58.73
N ARG JA 70 9.69 -30.31 -58.86
CA ARG JA 70 10.11 -31.53 -58.19
C ARG JA 70 9.69 -31.48 -56.74
N ARG JA 71 10.42 -30.71 -55.93
CA ARG JA 71 10.25 -30.70 -54.47
C ARG JA 71 8.77 -30.87 -54.15
N ARG JA 72 7.97 -30.00 -54.77
CA ARG JA 72 6.52 -30.04 -54.65
C ARG JA 72 5.96 -31.45 -54.81
N GLU JA 73 6.43 -32.19 -55.82
CA GLU JA 73 5.78 -33.49 -55.99
C GLU JA 73 6.62 -34.70 -55.56
N MET JA 74 7.90 -34.72 -55.91
CA MET JA 74 8.79 -35.78 -55.43
C MET JA 74 8.73 -35.93 -53.92
N ASP JA 75 8.72 -34.82 -53.18
CA ASP JA 75 8.47 -35.00 -51.76
C ASP JA 75 7.14 -35.71 -51.55
N VAL JA 76 6.03 -35.15 -52.03
CA VAL JA 76 4.70 -35.70 -51.74
C VAL JA 76 4.65 -37.22 -51.95
N LEU JA 77 5.24 -37.70 -53.05
CA LEU JA 77 5.28 -39.14 -53.21
C LEU JA 77 6.29 -39.80 -52.27
N GLU JA 78 7.23 -39.03 -51.70
CA GLU JA 78 8.11 -39.59 -50.68
C GLU JA 78 7.26 -39.93 -49.45
N GLN JA 79 6.04 -39.39 -49.41
CA GLN JA 79 4.99 -39.83 -48.50
C GLN JA 79 4.17 -40.98 -49.06
N LYS JA 80 3.78 -40.92 -50.34
CA LYS JA 80 2.92 -41.96 -50.88
C LYS JA 80 3.59 -43.35 -50.78
N LEU JA 81 4.49 -43.68 -51.68
CA LEU JA 81 5.33 -44.85 -51.43
C LEU JA 81 6.35 -44.33 -50.46
N SER JA 82 7.37 -43.83 -51.12
CA SER JA 82 8.39 -42.95 -50.64
C SER JA 82 9.09 -42.68 -51.95
N GLU JA 83 10.24 -42.02 -52.03
CA GLU JA 83 10.63 -41.72 -53.39
C GLU JA 83 12.01 -42.19 -53.78
N ALA JA 84 12.92 -41.26 -54.02
CA ALA JA 84 14.24 -41.60 -54.51
C ALA JA 84 15.02 -42.32 -53.44
N LEU JA 85 16.33 -42.12 -53.48
CA LEU JA 85 17.07 -42.12 -52.26
C LEU JA 85 16.80 -40.73 -51.72
N THR JA 86 17.49 -39.73 -52.30
CA THR JA 86 17.63 -38.46 -51.61
C THR JA 86 18.62 -37.55 -52.34
N GLU JA 87 18.42 -36.25 -52.17
CA GLU JA 87 19.51 -35.30 -52.01
C GLU JA 87 19.40 -34.94 -50.54
N LEU JA 88 18.15 -35.07 -50.10
CA LEU JA 88 17.56 -34.49 -48.91
C LEU JA 88 18.38 -33.70 -47.93
N PRO JA 89 17.93 -32.46 -47.66
CA PRO JA 89 18.21 -31.89 -46.36
C PRO JA 89 17.30 -32.61 -45.37
N GLU JA 90 15.99 -32.53 -45.59
CA GLU JA 90 14.92 -32.88 -44.62
C GLU JA 90 15.25 -32.48 -43.16
N GLN JA 91 16.54 -32.23 -42.88
CA GLN JA 91 16.93 -31.43 -41.73
C GLN JA 91 16.20 -30.10 -41.70
N ARG JA 92 15.76 -29.60 -42.85
CA ARG JA 92 14.93 -28.41 -42.95
C ARG JA 92 13.49 -28.76 -43.36
N ASP JA 93 13.04 -29.94 -42.97
CA ASP JA 93 11.69 -30.39 -43.30
C ASP JA 93 11.06 -31.22 -42.20
N ILE JA 94 11.69 -31.37 -41.04
CA ILE JA 94 11.09 -32.13 -39.94
C ILE JA 94 10.41 -31.20 -38.94
N GLU JA 95 11.13 -30.16 -38.52
CA GLU JA 95 10.54 -29.21 -37.58
C GLU JA 95 9.35 -28.49 -38.18
N GLU JA 96 9.36 -28.27 -39.50
CA GLU JA 96 8.20 -27.72 -40.16
C GLU JA 96 7.05 -28.72 -40.20
N LEU JA 97 7.38 -30.02 -40.22
CA LEU JA 97 6.35 -31.05 -40.14
C LEU JA 97 5.69 -31.06 -38.77
N LEU JA 98 6.49 -30.99 -37.70
CA LEU JA 98 5.93 -30.89 -36.37
C LEU JA 98 5.08 -29.62 -36.22
N ALA JA 99 5.60 -28.50 -36.71
CA ALA JA 99 4.87 -27.24 -36.60
C ALA JA 99 3.53 -27.30 -37.34
N GLN JA 100 3.53 -27.82 -38.57
CA GLN JA 100 2.29 -27.89 -39.33
C GLN JA 100 1.31 -28.91 -38.73
N ILE JA 101 1.83 -29.97 -38.10
CA ILE JA 101 0.96 -30.88 -37.36
C ILE JA 101 0.28 -30.13 -36.22
N ASN JA 102 1.04 -29.31 -35.51
CA ASN JA 102 0.46 -28.49 -34.45
C ASN JA 102 -0.60 -27.54 -35.00
N ASP JA 103 -0.34 -26.95 -36.17
CA ASP JA 103 -1.29 -25.99 -36.73
C ASP JA 103 -2.58 -26.67 -37.15
N ILE JA 104 -2.48 -27.77 -37.91
CA ILE JA 104 -3.70 -28.47 -38.32
C ILE JA 104 -4.43 -29.03 -37.11
N GLY JA 105 -3.70 -29.34 -36.03
CA GLY JA 105 -4.37 -29.73 -34.81
C GLY JA 105 -5.13 -28.57 -34.18
N LYS JA 106 -4.54 -27.38 -34.20
CA LYS JA 106 -5.17 -26.22 -33.57
C LYS JA 106 -6.42 -25.77 -34.34
N LYS JA 107 -6.31 -25.72 -35.67
CA LYS JA 107 -7.47 -25.29 -36.46
C LYS JA 107 -8.56 -26.36 -36.52
N SER JA 108 -8.26 -27.60 -36.15
CA SER JA 108 -9.28 -28.61 -35.98
C SER JA 108 -9.90 -28.61 -34.59
N GLY JA 109 -9.39 -27.78 -33.68
CA GLY JA 109 -9.92 -27.67 -32.34
C GLY JA 109 -9.42 -28.68 -31.35
N LEU JA 110 -8.41 -29.47 -31.70
CA LEU JA 110 -7.93 -30.53 -30.82
C LEU JA 110 -6.85 -30.01 -29.88
N GLU JA 111 -6.84 -30.57 -28.67
CA GLU JA 111 -5.76 -30.33 -27.72
C GLU JA 111 -4.65 -31.33 -28.01
N LEU JA 112 -3.48 -30.84 -28.40
CA LEU JA 112 -2.33 -31.70 -28.69
C LEU JA 112 -1.68 -32.06 -27.36
N SER JA 113 -2.07 -33.20 -26.81
CA SER JA 113 -1.58 -33.60 -25.49
C SER JA 113 -0.14 -34.11 -25.53
N SER JA 114 0.31 -34.66 -26.65
CA SER JA 114 1.71 -35.09 -26.75
C SER JA 114 2.07 -35.37 -28.19
N VAL JA 115 3.21 -34.85 -28.63
CA VAL JA 115 3.84 -35.27 -29.88
C VAL JA 115 5.19 -35.88 -29.53
N THR JA 116 5.42 -37.09 -29.99
CA THR JA 116 6.63 -37.82 -29.65
C THR JA 116 7.30 -38.31 -30.93
N PRO JA 117 8.51 -37.86 -31.24
CA PRO JA 117 9.20 -38.42 -32.41
C PRO JA 117 9.53 -39.89 -32.17
N GLY JA 118 10.13 -40.52 -33.16
CA GLY JA 118 10.54 -41.91 -33.06
C GLY JA 118 12.04 -42.08 -33.26
N LYS JA 119 12.44 -43.32 -33.49
CA LYS JA 119 13.77 -43.64 -33.95
C LYS JA 119 13.74 -43.95 -35.43
N GLU JA 120 14.79 -43.59 -36.13
CA GLU JA 120 14.86 -43.93 -37.54
C GLU JA 120 14.97 -45.44 -37.69
N SER JA 121 14.25 -45.98 -38.67
CA SER JA 121 14.20 -47.42 -38.88
C SER JA 121 15.38 -47.82 -39.75
N VAL JA 122 16.47 -48.17 -39.07
CA VAL JA 122 17.73 -48.49 -39.76
C VAL JA 122 17.55 -49.69 -40.68
N GLY JA 123 16.61 -50.57 -40.36
CA GLY JA 123 16.32 -51.72 -41.20
C GLY JA 123 14.97 -51.59 -41.87
N GLY JA 124 14.52 -50.35 -42.06
CA GLY JA 124 13.24 -50.12 -42.69
C GLY JA 124 13.37 -49.72 -44.15
N GLY JA 125 14.56 -49.92 -44.71
CA GLY JA 125 14.81 -49.58 -46.09
C GLY JA 125 16.28 -49.38 -46.40
N GLU JA 126 16.68 -49.73 -47.63
CA GLU JA 126 18.07 -49.57 -48.04
C GLU JA 126 18.36 -48.13 -48.46
N PHE JA 127 17.36 -47.46 -49.03
CA PHE JA 127 17.53 -46.10 -49.54
C PHE JA 127 16.93 -45.02 -48.66
N PHE JA 128 16.51 -45.36 -47.43
CA PHE JA 128 15.80 -44.39 -46.62
C PHE JA 128 15.74 -44.87 -45.18
N ALA JA 129 15.92 -43.94 -44.25
CA ALA JA 129 15.64 -44.17 -42.85
C ALA JA 129 14.30 -43.54 -42.53
N ARG JA 130 13.34 -44.37 -42.13
CA ARG JA 130 12.02 -43.87 -41.76
C ARG JA 130 12.02 -43.38 -40.32
N ILE JA 131 11.64 -42.12 -40.11
CA ILE JA 131 11.43 -41.58 -38.76
C ILE JA 131 9.93 -41.55 -38.51
N PRO JA 132 9.42 -42.31 -37.54
CA PRO JA 132 8.00 -42.23 -37.21
C PRO JA 132 7.73 -41.19 -36.12
N ILE JA 133 6.55 -40.60 -36.18
CA ILE JA 133 6.11 -39.60 -35.22
C ILE JA 133 4.76 -40.04 -34.70
N LYS JA 134 4.65 -40.20 -33.39
CA LYS JA 134 3.41 -40.58 -32.74
C LYS JA 134 2.76 -39.33 -32.15
N MET JA 135 1.57 -39.01 -32.64
CA MET JA 135 0.85 -37.82 -32.21
C MET JA 135 -0.35 -38.22 -31.36
N THR JA 136 -0.68 -37.37 -30.39
CA THR JA 136 -1.62 -37.67 -29.31
C THR JA 136 -2.44 -36.41 -29.06
N VAL JA 137 -3.64 -36.39 -29.63
CA VAL JA 137 -4.53 -35.23 -29.64
C VAL JA 137 -5.90 -35.69 -29.14
N SER JA 138 -6.63 -34.80 -28.48
CA SER JA 138 -7.92 -35.15 -27.90
C SER JA 138 -9.01 -34.21 -28.38
N GLY JA 139 -10.22 -34.75 -28.57
CA GLY JA 139 -11.35 -33.92 -28.96
C GLY JA 139 -12.54 -34.76 -29.39
N ASN JA 140 -13.23 -34.27 -30.41
CA ASN JA 140 -14.44 -34.90 -30.93
C ASN JA 140 -14.10 -35.80 -32.11
N TYR JA 141 -14.97 -36.79 -32.36
CA TYR JA 141 -14.76 -37.71 -33.48
C TYR JA 141 -14.67 -36.96 -34.81
N HIS JA 142 -15.57 -36.00 -35.03
CA HIS JA 142 -15.52 -35.17 -36.22
C HIS JA 142 -14.19 -34.44 -36.32
N GLU JA 143 -13.67 -33.97 -35.18
CA GLU JA 143 -12.45 -33.18 -35.18
C GLU JA 143 -11.20 -34.05 -35.39
N ILE JA 144 -11.25 -35.31 -34.95
CA ILE JA 144 -10.08 -36.15 -35.16
C ILE JA 144 -10.07 -36.72 -36.58
N ALA JA 145 -11.24 -37.06 -37.13
CA ALA JA 145 -11.30 -37.36 -38.55
C ALA JA 145 -10.83 -36.17 -39.37
N LEU JA 146 -11.17 -34.96 -38.94
CA LEU JA 146 -10.70 -33.74 -39.58
C LEU JA 146 -9.18 -33.62 -39.52
N PHE JA 147 -8.62 -33.74 -38.32
CA PHE JA 147 -7.17 -33.69 -38.15
C PHE JA 147 -6.46 -34.70 -39.04
N LEU JA 148 -6.97 -35.94 -39.08
CA LEU JA 148 -6.35 -36.97 -39.90
C LEU JA 148 -6.43 -36.61 -41.38
N GLN JA 149 -7.62 -36.23 -41.87
CA GLN JA 149 -7.74 -35.92 -43.28
C GLN JA 149 -6.89 -34.72 -43.69
N GLU JA 150 -6.73 -33.75 -42.78
CA GLU JA 150 -5.85 -32.61 -43.08
C GLU JA 150 -4.39 -33.06 -43.15
N MET JA 151 -3.95 -33.93 -42.23
CA MET JA 151 -2.57 -34.41 -42.33
C MET JA 151 -2.38 -35.28 -43.57
N ALA JA 152 -3.45 -35.91 -44.05
CA ALA JA 152 -3.40 -36.72 -45.27
C ALA JA 152 -3.56 -35.88 -46.52
N ASN JA 153 -3.88 -34.59 -46.39
CA ASN JA 153 -3.88 -33.66 -47.51
C ASN JA 153 -2.71 -32.68 -47.47
N MET JA 154 -1.72 -32.92 -46.62
CA MET JA 154 -0.61 -31.99 -46.49
C MET JA 154 0.35 -32.13 -47.67
N ARG JA 155 1.20 -31.10 -47.84
CA ARG JA 155 2.23 -31.07 -48.86
C ARG JA 155 3.53 -31.69 -48.39
N ARG JA 156 3.51 -32.38 -47.25
CA ARG JA 156 4.73 -32.97 -46.70
C ARG JA 156 4.49 -34.45 -46.41
N ILE JA 157 5.49 -35.09 -45.80
CA ILE JA 157 5.71 -36.52 -45.96
C ILE JA 157 5.23 -37.25 -44.72
N VAL JA 158 4.00 -36.97 -44.32
CA VAL JA 158 3.46 -37.52 -43.09
C VAL JA 158 2.46 -38.62 -43.43
N ASN JA 159 2.96 -39.82 -43.75
CA ASN JA 159 2.09 -40.94 -44.09
C ASN JA 159 1.49 -41.54 -42.83
N VAL JA 160 0.24 -41.18 -42.53
CA VAL JA 160 -0.43 -41.70 -41.34
C VAL JA 160 -0.84 -43.14 -41.59
N ASN JA 161 -0.63 -43.99 -40.59
CA ASN JA 161 -0.94 -45.41 -40.75
C ASN JA 161 -1.81 -45.92 -39.60
N ASN JA 162 -1.20 -46.55 -38.59
CA ASN JA 162 -1.96 -47.20 -37.53
C ASN JA 162 -2.60 -46.16 -36.62
N ILE JA 163 -3.93 -46.15 -36.56
CA ILE JA 163 -4.69 -45.15 -35.81
C ILE JA 163 -5.34 -45.80 -34.59
N LYS JA 164 -5.50 -45.04 -33.51
CA LYS JA 164 -6.34 -45.47 -32.40
C LYS JA 164 -6.99 -44.27 -31.72
N PHE JA 165 -8.06 -44.53 -30.96
CA PHE JA 165 -8.69 -43.53 -30.10
C PHE JA 165 -9.72 -44.20 -29.19
N ASP JA 166 -9.99 -43.55 -28.06
CA ASP JA 166 -10.88 -44.08 -27.03
C ASP JA 166 -11.44 -42.92 -26.21
N SER JA 167 -12.37 -43.24 -25.31
CA SER JA 167 -13.01 -42.25 -24.48
C SER JA 167 -12.14 -41.98 -23.25
N ALA JA 168 -11.70 -40.74 -23.11
CA ALA JA 168 -10.69 -40.42 -22.10
C ALA JA 168 -11.26 -40.23 -20.71
N LYS JA 169 -12.59 -40.17 -20.57
CA LYS JA 169 -13.22 -39.93 -19.28
C LYS JA 169 -13.49 -41.27 -18.59
N LEU JA 170 -12.91 -41.44 -17.40
CA LEU JA 170 -13.18 -42.60 -16.56
C LEU JA 170 -14.68 -42.83 -16.41
N LYS JA 171 -15.33 -42.01 -15.59
CA LYS JA 171 -16.74 -42.17 -15.27
C LYS JA 171 -17.62 -42.05 -16.51
N ASN JA 172 -17.10 -41.48 -17.59
CA ASN JA 172 -17.87 -41.19 -18.80
C ASN JA 172 -19.02 -40.26 -18.45
N GLU JA 173 -18.70 -39.00 -18.15
CA GLU JA 173 -19.72 -38.00 -17.85
C GLU JA 173 -19.83 -36.92 -18.93
N LYS JA 174 -18.85 -36.82 -19.81
CA LYS JA 174 -18.92 -35.94 -20.97
C LYS JA 174 -18.19 -36.60 -22.14
N VAL JA 175 -18.60 -36.26 -23.35
CA VAL JA 175 -17.97 -36.83 -24.53
C VAL JA 175 -16.57 -36.26 -24.69
N VAL JA 176 -15.60 -37.13 -24.94
CA VAL JA 176 -14.21 -36.74 -25.18
C VAL JA 176 -13.45 -37.97 -25.67
N LEU JA 177 -12.70 -37.81 -26.75
CA LEU JA 177 -11.96 -38.89 -27.36
C LEU JA 177 -10.48 -38.54 -27.41
N GLN JA 178 -9.68 -39.23 -26.60
CA GLN JA 178 -8.24 -39.20 -26.78
C GLN JA 178 -7.87 -40.05 -27.99
N SER JA 179 -7.05 -39.50 -28.86
CA SER JA 179 -6.68 -40.13 -30.12
C SER JA 179 -5.16 -40.15 -30.26
N GLU JA 180 -4.64 -41.30 -30.69
CA GLU JA 180 -3.22 -41.49 -30.92
C GLU JA 180 -3.05 -42.00 -32.35
N PHE JA 181 -2.47 -41.17 -33.21
CA PHE JA 181 -2.21 -41.52 -34.59
C PHE JA 181 -0.71 -41.67 -34.79
N GLN JA 182 -0.31 -42.65 -35.61
CA GLN JA 182 1.09 -42.86 -35.97
C GLN JA 182 1.30 -42.41 -37.41
N ALA JA 183 2.31 -41.56 -37.62
CA ALA JA 183 2.55 -40.99 -38.95
C ALA JA 183 4.03 -40.69 -39.11
N THR JA 184 4.60 -41.13 -40.24
CA THR JA 184 6.05 -41.20 -40.40
C THR JA 184 6.48 -40.50 -41.68
N THR JA 185 7.72 -39.98 -41.66
CA THR JA 185 8.35 -39.43 -42.85
C THR JA 185 9.67 -40.14 -43.10
N PHE JA 186 10.09 -40.18 -44.36
CA PHE JA 186 11.21 -41.04 -44.73
C PHE JA 186 12.45 -40.24 -45.11
N ARG JA 187 13.31 -39.95 -44.13
CA ARG JA 187 14.60 -39.34 -44.42
C ARG JA 187 15.47 -40.32 -45.18
N PHE JA 188 16.68 -39.92 -45.60
CA PHE JA 188 17.56 -40.87 -46.26
C PHE JA 188 18.35 -41.70 -45.26
N VAL JA 189 19.21 -42.58 -45.76
CA VAL JA 189 20.02 -43.43 -44.90
C VAL JA 189 21.14 -42.63 -44.23
N ALA KA 37 88.91 13.22 -95.31
CA ALA KA 37 89.70 12.09 -94.87
C ALA KA 37 90.62 11.62 -96.01
N LYS KA 38 91.91 11.37 -95.74
CA LYS KA 38 92.93 11.28 -96.80
C LYS KA 38 92.75 10.08 -97.71
N GLY KA 39 92.26 10.35 -98.91
CA GLY KA 39 92.61 9.58 -100.09
C GLY KA 39 93.28 10.54 -101.05
N LYS KA 40 93.92 10.02 -102.10
CA LYS KA 40 94.22 10.88 -103.24
C LYS KA 40 92.96 10.82 -104.08
N LEU KA 41 92.28 11.95 -104.23
CA LEU KA 41 90.95 11.97 -104.84
C LEU KA 41 91.06 11.73 -106.35
N VAL KA 42 90.11 12.26 -107.13
CA VAL KA 42 90.32 12.26 -108.60
C VAL KA 42 89.96 13.61 -109.19
N LEU KA 43 90.06 13.71 -110.52
CA LEU KA 43 89.76 14.96 -111.20
C LEU KA 43 89.12 14.74 -112.56
N GLY KA 44 87.89 15.23 -112.71
CA GLY KA 44 87.26 15.29 -114.02
C GLY KA 44 87.29 16.69 -114.59
N LEU KA 45 87.14 16.76 -115.92
CA LEU KA 45 86.86 18.03 -116.61
C LEU KA 45 85.35 18.15 -116.87
N ASP KA 46 84.64 18.51 -115.79
CA ASP KA 46 83.19 18.43 -115.79
C ASP KA 46 82.54 19.52 -116.63
N ILE KA 47 83.20 20.67 -116.81
CA ILE KA 47 82.65 21.77 -117.58
C ILE KA 47 83.39 21.87 -118.91
N GLY KA 48 83.80 20.71 -119.45
CA GLY KA 48 84.41 20.67 -120.76
C GLY KA 48 83.47 21.02 -121.90
N SER KA 49 82.17 20.77 -121.73
CA SER KA 49 81.16 21.07 -122.75
C SER KA 49 81.42 20.30 -124.05
N THR KA 50 82.64 20.37 -124.56
CA THR KA 50 83.02 19.51 -125.66
C THR KA 50 83.42 18.12 -125.18
N SER KA 51 84.08 18.03 -124.03
CA SER KA 51 84.63 16.76 -123.59
C SER KA 51 84.71 16.68 -122.08
N ILE KA 52 84.29 15.55 -121.54
CA ILE KA 52 84.51 15.18 -120.14
C ILE KA 52 85.82 14.41 -120.07
N LYS KA 53 86.81 14.99 -119.41
CA LYS KA 53 88.13 14.38 -119.24
C LYS KA 53 88.38 14.16 -117.76
N MET KA 54 89.21 13.16 -117.43
CA MET KA 54 89.48 12.79 -116.05
C MET KA 54 90.92 12.31 -115.93
N ILE KA 55 91.58 12.61 -114.81
CA ILE KA 55 93.00 12.30 -114.63
C ILE KA 55 93.25 11.78 -113.22
N LEU KA 56 94.07 10.73 -113.12
CA LEU KA 56 94.51 10.20 -111.84
C LEU KA 56 96.03 10.28 -111.77
N LEU KA 57 96.52 11.23 -110.98
CA LEU KA 57 97.90 11.27 -110.51
C LEU KA 57 97.91 10.81 -109.07
N LYS KA 58 98.86 9.97 -108.73
CA LYS KA 58 99.15 9.73 -107.33
C LYS KA 58 100.66 9.66 -107.22
N GLU KA 59 101.14 9.19 -106.09
CA GLU KA 59 102.58 9.06 -105.88
C GLU KA 59 103.06 7.68 -106.32
N GLN KA 60 103.83 7.65 -107.40
CA GLN KA 60 104.35 6.41 -107.96
C GLN KA 60 105.74 6.10 -107.42
N ARG KA 61 105.92 4.91 -106.86
CA ARG KA 61 107.20 4.49 -106.30
C ARG KA 61 108.12 3.97 -107.39
N LYS KA 62 109.38 4.42 -107.37
CA LYS KA 62 110.43 3.83 -108.18
C LYS KA 62 111.75 3.85 -107.42
N ARG KA 63 112.33 2.66 -107.23
CA ARG KA 63 113.65 2.49 -106.62
C ARG KA 63 113.68 3.03 -105.19
N GLY KA 64 112.58 2.82 -104.47
CA GLY KA 64 112.47 3.36 -103.14
C GLY KA 64 112.17 4.85 -103.04
N GLU KA 65 112.09 5.56 -104.15
CA GLU KA 65 111.65 6.96 -104.17
C GLU KA 65 110.28 7.06 -104.82
N VAL KA 66 109.52 8.08 -104.41
CA VAL KA 66 108.16 8.30 -104.89
C VAL KA 66 107.99 9.78 -105.20
N ILE KA 67 106.93 10.09 -105.96
CA ILE KA 67 106.58 11.47 -106.30
C ILE KA 67 105.25 11.43 -107.05
N TYR KA 68 104.55 12.57 -107.05
CA TYR KA 68 103.38 12.76 -107.89
C TYR KA 68 103.66 12.28 -109.31
N ALA KA 69 102.76 11.46 -109.82
CA ALA KA 69 102.98 10.82 -111.10
C ALA KA 69 101.65 10.48 -111.74
N LEU KA 70 101.56 10.67 -113.06
CA LEU KA 70 100.37 10.32 -113.79
C LEU KA 70 100.09 8.82 -113.67
N GLN KA 71 98.86 8.48 -113.26
CA GLN KA 71 98.44 7.08 -113.20
C GLN KA 71 97.44 6.71 -114.28
N SER KA 72 96.52 7.61 -114.63
CA SER KA 72 95.59 7.33 -115.73
C SER KA 72 95.01 8.64 -116.23
N PHE KA 73 94.39 8.57 -117.42
CA PHE KA 73 93.71 9.70 -118.03
C PHE KA 73 92.69 9.18 -119.03
N GLY KA 74 91.52 9.79 -119.04
CA GLY KA 74 90.45 9.36 -119.93
C GLY KA 74 89.68 10.55 -120.45
N MET KA 75 89.09 10.37 -121.63
CA MET KA 75 88.40 11.46 -122.30
C MET KA 75 87.23 10.92 -123.11
N LYS KA 76 86.08 11.55 -122.97
CA LYS KA 76 84.89 11.20 -123.74
C LYS KA 76 84.19 12.46 -124.21
N PRO KA 77 83.78 12.53 -125.48
CA PRO KA 77 83.03 13.69 -125.94
C PRO KA 77 81.74 13.85 -125.15
N LEU KA 78 81.51 15.05 -124.63
CA LEU KA 78 80.33 15.26 -123.79
C LEU KA 78 79.05 15.07 -124.62
N PRO KA 79 78.18 14.15 -124.23
CA PRO KA 79 76.85 14.10 -124.85
C PRO KA 79 76.05 15.33 -124.45
N PRO KA 80 75.64 16.12 -125.43
CA PRO KA 80 74.93 17.37 -125.14
C PRO KA 80 73.55 17.07 -124.59
N GLU KA 81 72.83 18.13 -124.21
CA GLU KA 81 71.69 18.10 -123.31
C GLU KA 81 72.17 17.86 -121.87
N ALA KA 82 73.41 17.42 -121.67
CA ALA KA 82 73.96 17.38 -120.32
C ALA KA 82 74.12 18.77 -119.74
N ILE KA 83 74.74 19.69 -120.48
CA ILE KA 83 75.06 21.02 -119.99
C ILE KA 83 74.37 22.04 -120.89
N VAL KA 84 73.70 23.01 -120.26
CA VAL KA 84 73.09 24.15 -120.92
C VAL KA 84 73.32 25.37 -120.06
N ASP KA 85 73.85 26.45 -120.67
CA ASP KA 85 74.09 27.71 -119.99
C ASP KA 85 74.96 27.52 -118.74
N GLY KA 86 75.83 26.51 -118.75
CA GLY KA 86 76.73 26.27 -117.64
C GLY KA 86 76.17 25.48 -116.48
N ALA KA 87 74.91 25.05 -116.55
CA ALA KA 87 74.31 24.23 -115.52
C ALA KA 87 74.24 22.79 -116.01
N LEU KA 88 74.47 21.85 -115.10
CA LEU KA 88 74.31 20.44 -115.42
C LEU KA 88 72.82 20.15 -115.47
N MET KA 89 72.30 19.84 -116.65
CA MET KA 89 70.86 19.79 -116.84
C MET KA 89 70.38 18.46 -117.45
N ASN KA 90 71.11 17.38 -117.17
CA ASN KA 90 70.75 15.98 -117.38
C ASN KA 90 71.69 15.22 -116.45
N SER KA 91 71.51 15.48 -115.15
CA SER KA 91 72.39 14.90 -114.15
C SER KA 91 72.52 13.40 -114.33
N THR KA 92 71.48 12.73 -114.84
CA THR KA 92 71.52 11.29 -115.04
C THR KA 92 72.52 10.89 -116.11
N ALA KA 93 72.36 11.44 -117.32
CA ALA KA 93 73.27 11.14 -118.42
C ALA KA 93 74.71 11.47 -118.06
N ILE KA 94 74.93 12.65 -117.46
CA ILE KA 94 76.28 13.02 -117.06
C ILE KA 94 76.83 12.01 -116.06
N VAL KA 95 75.97 11.53 -115.16
CA VAL KA 95 76.37 10.48 -114.22
C VAL KA 95 76.91 9.27 -114.98
N GLN KA 96 76.12 8.74 -115.92
CA GLN KA 96 76.55 7.55 -116.65
C GLN KA 96 77.85 7.82 -117.42
N ALA KA 97 77.99 9.03 -117.98
CA ALA KA 97 79.23 9.35 -118.68
C ALA KA 97 80.43 9.34 -117.74
N VAL KA 98 80.29 9.94 -116.56
CA VAL KA 98 81.38 9.93 -115.59
C VAL KA 98 81.71 8.51 -115.16
N GLN KA 99 80.69 7.65 -115.03
CA GLN KA 99 80.94 6.24 -114.74
C GLN KA 99 81.78 5.59 -115.84
N ASP KA 100 81.44 5.88 -117.11
CA ASP KA 100 82.27 5.40 -118.21
C ASP KA 100 83.70 5.91 -118.09
N LEU KA 101 83.86 7.16 -117.64
CA LEU KA 101 85.20 7.69 -117.41
C LEU KA 101 85.96 6.88 -116.37
N MET KA 102 85.31 6.59 -115.24
CA MET KA 102 85.96 5.82 -114.18
C MET KA 102 86.31 4.41 -114.66
N SER KA 103 85.46 3.81 -115.49
CA SER KA 103 85.74 2.46 -115.97
C SER KA 103 86.89 2.46 -116.97
N GLU KA 104 86.86 3.36 -117.95
CA GLU KA 104 88.00 3.49 -118.87
C GLU KA 104 89.29 3.79 -118.11
N LEU KA 105 89.20 4.50 -116.98
CA LEU KA 105 90.39 4.81 -116.20
C LEU KA 105 90.94 3.58 -115.48
N LYS KA 106 90.07 2.63 -115.13
CA LYS KA 106 90.43 1.51 -114.27
C LYS KA 106 90.91 2.00 -112.90
N VAL KA 107 90.25 3.02 -112.36
CA VAL KA 107 90.61 3.63 -111.10
C VAL KA 107 89.67 3.14 -110.01
N LYS KA 108 90.23 2.85 -108.83
CA LYS KA 108 89.42 2.47 -107.68
C LYS KA 108 89.02 3.66 -106.82
N GLY KA 109 89.65 4.82 -107.03
CA GLY KA 109 89.32 5.98 -106.22
C GLY KA 109 87.94 6.51 -106.53
N LYS KA 110 87.25 6.98 -105.49
CA LYS KA 110 85.89 7.48 -105.63
C LYS KA 110 85.71 8.87 -105.01
N ASP KA 111 86.79 9.56 -104.70
CA ASP KA 111 86.73 10.97 -104.31
C ASP KA 111 87.25 11.83 -105.45
N VAL KA 112 86.73 13.05 -105.55
CA VAL KA 112 86.92 13.88 -106.73
C VAL KA 112 86.97 15.35 -106.34
N ALA KA 113 87.82 16.10 -107.01
CA ALA KA 113 87.70 17.55 -107.14
C ALA KA 113 87.15 17.80 -108.54
N ILE KA 114 86.38 18.89 -108.71
CA ILE KA 114 85.91 19.25 -110.03
C ILE KA 114 85.84 20.77 -110.14
N GLY KA 115 85.27 21.27 -111.22
CA GLY KA 115 85.20 22.69 -111.45
C GLY KA 115 83.83 23.12 -111.93
N VAL KA 116 83.51 24.38 -111.68
CA VAL KA 116 82.26 24.96 -112.17
C VAL KA 116 82.47 25.53 -113.57
N SER KA 117 81.36 25.80 -114.25
CA SER KA 117 81.44 26.42 -115.57
C SER KA 117 81.82 27.88 -115.43
N GLY KA 118 82.73 28.34 -116.31
CA GLY KA 118 83.04 29.76 -116.36
C GLY KA 118 81.82 30.63 -116.61
N HIS KA 119 80.83 30.11 -117.32
CA HIS KA 119 79.55 30.80 -117.48
C HIS KA 119 78.69 30.74 -116.23
N SER KA 120 79.06 29.89 -115.26
CA SER KA 120 78.28 29.72 -114.06
C SER KA 120 78.87 30.40 -112.84
N VAL KA 121 80.02 31.05 -112.99
CA VAL KA 121 80.74 31.66 -111.87
C VAL KA 121 81.04 33.12 -112.18
N ILE KA 122 80.80 33.98 -111.21
CA ILE KA 122 81.26 35.36 -111.22
C ILE KA 122 82.53 35.43 -110.40
N ILE KA 123 83.63 35.83 -111.03
CA ILE KA 123 84.92 36.03 -110.37
C ILE KA 123 85.26 37.50 -110.45
N LYS KA 124 85.45 38.15 -109.30
CA LYS KA 124 86.00 39.51 -109.37
C LYS KA 124 86.65 39.85 -108.04
N LYS KA 125 87.51 40.86 -108.10
CA LYS KA 125 88.21 41.35 -106.92
C LYS KA 125 87.34 42.30 -106.11
N ILE KA 126 87.72 42.47 -104.84
CA ILE KA 126 86.95 43.21 -103.86
C ILE KA 126 87.90 43.69 -102.76
N GLN KA 127 87.78 44.98 -102.41
CA GLN KA 127 88.63 45.62 -101.42
C GLN KA 127 87.83 45.83 -100.14
N MET KA 128 88.46 45.49 -98.99
CA MET KA 128 87.79 45.49 -97.69
C MET KA 128 88.73 45.95 -96.58
N PRO KA 129 88.37 45.81 -95.32
CA PRO KA 129 89.39 45.81 -94.25
C PRO KA 129 89.57 44.44 -93.62
N ARG KA 130 90.77 43.89 -93.57
CA ARG KA 130 90.86 42.60 -92.89
C ARG KA 130 90.64 42.78 -91.39
N MET KA 131 90.14 41.70 -90.77
CA MET KA 131 89.84 41.61 -89.34
C MET KA 131 89.67 40.16 -88.90
N SER KA 132 88.65 39.88 -88.09
CA SER KA 132 88.30 38.51 -87.73
C SER KA 132 87.78 37.79 -88.96
N GLN KA 133 87.98 36.47 -88.98
CA GLN KA 133 87.57 35.67 -90.13
C GLN KA 133 86.06 35.72 -90.34
N ASP KA 134 85.28 35.66 -89.25
CA ASP KA 134 83.82 35.82 -89.37
C ASP KA 134 83.46 37.20 -89.90
N GLU KA 135 84.06 38.25 -89.34
CA GLU KA 135 83.78 39.60 -89.81
C GLU KA 135 84.18 39.78 -91.27
N LEU KA 136 85.24 39.11 -91.71
CA LEU KA 136 85.58 39.16 -93.12
C LEU KA 136 84.54 38.43 -93.97
N GLU KA 137 84.17 37.23 -93.58
CA GLU KA 137 83.23 36.46 -94.41
C GLU KA 137 81.90 37.18 -94.53
N GLU KA 138 81.39 37.71 -93.42
CA GLU KA 138 80.18 38.51 -93.47
C GLU KA 138 80.35 39.75 -94.33
N SER KA 139 81.43 40.51 -94.10
CA SER KA 139 81.63 41.75 -94.86
C SER KA 139 81.79 41.45 -96.35
N ILE KA 140 82.42 40.32 -96.66
CA ILE KA 140 82.60 39.86 -98.03
C ILE KA 140 81.25 39.59 -98.67
N GLN KA 141 80.41 38.83 -97.96
CA GLN KA 141 79.07 38.55 -98.47
C GLN KA 141 78.27 39.83 -98.64
N TRP KA 142 78.50 40.80 -97.77
CA TRP KA 142 77.78 42.07 -97.83
C TRP KA 142 78.17 42.87 -99.06
N GLU KA 143 79.47 42.94 -99.36
CA GLU KA 143 79.91 43.67 -100.54
C GLU KA 143 79.53 42.95 -101.83
N ALA KA 144 79.71 41.63 -101.88
CA ALA KA 144 79.37 40.90 -103.09
C ALA KA 144 77.85 40.82 -103.31
N GLU KA 145 77.05 41.01 -102.25
CA GLU KA 145 75.61 41.11 -102.43
C GLU KA 145 75.28 42.10 -103.53
N GLN KA 146 75.94 43.26 -103.49
CA GLN KA 146 75.90 44.23 -104.57
C GLN KA 146 76.30 43.65 -105.91
N TYR KA 147 77.29 42.74 -105.90
CA TYR KA 147 77.90 42.15 -107.10
C TYR KA 147 77.10 40.99 -107.71
N ILE KA 148 76.00 40.55 -107.12
CA ILE KA 148 75.40 39.31 -107.61
C ILE KA 148 74.00 39.63 -108.15
N PRO KA 149 73.75 39.41 -109.44
CA PRO KA 149 72.39 39.63 -109.98
C PRO KA 149 71.39 38.54 -109.64
N PHE KA 150 71.64 37.69 -108.62
CA PHE KA 150 70.69 36.69 -108.15
C PHE KA 150 70.53 36.79 -106.64
N ASP KA 151 69.43 36.24 -106.13
CA ASP KA 151 69.32 36.06 -104.69
C ASP KA 151 70.49 35.25 -104.15
N VAL KA 152 70.65 35.26 -102.83
CA VAL KA 152 71.59 34.35 -102.19
C VAL KA 152 70.81 33.37 -101.35
N LYS KA 153 70.54 32.16 -101.84
CA LYS KA 153 70.73 31.68 -103.22
C LYS KA 153 72.03 31.90 -104.01
N ASP KA 154 73.21 31.94 -103.35
CA ASP KA 154 74.45 32.13 -104.08
C ASP KA 154 75.69 31.76 -103.28
N VAL KA 155 76.63 31.15 -103.99
CA VAL KA 155 77.88 30.59 -103.48
C VAL KA 155 78.90 31.70 -103.35
N ASN KA 156 79.47 31.85 -102.15
CA ASN KA 156 80.53 32.82 -101.94
C ASN KA 156 81.76 32.12 -101.38
N ILE KA 157 82.90 32.32 -102.05
CA ILE KA 157 84.20 31.85 -101.56
C ILE KA 157 85.27 32.83 -102.00
N ASP KA 158 86.10 33.28 -101.06
CA ASP KA 158 87.12 34.28 -101.36
C ASP KA 158 88.51 33.72 -101.13
N THR KA 159 89.49 34.33 -101.80
CA THR KA 159 90.87 34.17 -101.36
C THR KA 159 91.60 35.49 -101.54
N GLN KA 160 92.61 35.71 -100.72
CA GLN KA 160 93.27 37.01 -100.68
C GLN KA 160 94.39 37.08 -101.71
N ILE KA 161 94.31 38.09 -102.58
CA ILE KA 161 95.30 38.25 -103.65
C ILE KA 161 96.70 38.48 -103.13
N LEU KA 162 96.83 39.00 -101.91
CA LEU KA 162 98.10 39.12 -101.23
C LEU KA 162 97.99 38.38 -99.92
N ASP KA 163 99.12 37.81 -99.47
CA ASP KA 163 99.14 37.19 -98.16
C ASP KA 163 98.57 38.15 -97.13
N GLY KA 164 97.46 37.76 -96.52
CA GLY KA 164 97.09 38.40 -95.28
C GLY KA 164 98.26 38.56 -94.35
N GLY KA 165 99.22 37.61 -94.40
CA GLY KA 165 100.37 37.67 -93.52
C GLY KA 165 101.25 38.87 -93.72
N GLY KA 166 100.74 39.91 -94.38
CA GLY KA 166 101.50 41.11 -94.70
C GLY KA 166 100.96 42.45 -94.21
N ASN KA 167 99.82 42.51 -93.52
CA ASN KA 167 99.17 43.78 -93.22
C ASN KA 167 98.46 43.82 -91.86
N ASP KA 168 98.30 45.03 -91.33
CA ASP KA 168 97.89 45.26 -89.96
C ASP KA 168 96.38 45.48 -89.85
N ALA KA 169 95.87 45.36 -88.61
CA ALA KA 169 94.42 45.30 -88.38
C ALA KA 169 93.73 46.55 -88.89
N THR KA 170 92.65 46.31 -89.65
CA THR KA 170 91.83 47.31 -90.35
C THR KA 170 92.45 47.72 -91.68
N GLY KA 171 93.65 47.26 -92.03
CA GLY KA 171 94.24 47.79 -93.23
C GLY KA 171 94.53 46.80 -94.34
N GLN KA 172 94.47 47.27 -95.58
CA GLN KA 172 94.99 46.56 -96.75
C GLN KA 172 94.40 45.16 -96.90
N MET KA 173 93.09 45.10 -96.99
CA MET KA 173 92.43 43.86 -97.38
C MET KA 173 92.17 43.83 -98.88
N ASP KA 174 92.47 42.69 -99.49
CA ASP KA 174 92.04 42.41 -100.86
C ASP KA 174 91.63 40.94 -100.90
N VAL KA 175 90.36 40.67 -101.19
CA VAL KA 175 89.94 39.31 -101.50
C VAL KA 175 89.37 39.32 -102.90
N LEU KA 176 89.47 38.17 -103.55
CA LEU KA 176 88.74 37.91 -104.79
C LEU KA 176 87.63 36.93 -104.46
N LEU KA 177 86.42 37.28 -104.88
CA LEU KA 177 85.23 36.48 -104.67
C LEU KA 177 84.88 35.68 -105.92
N VAL KA 178 84.75 34.38 -105.72
CA VAL KA 178 84.08 33.44 -106.60
C VAL KA 178 82.66 33.25 -106.07
N ALA KA 179 81.67 33.64 -106.88
CA ALA KA 179 80.27 33.55 -106.52
C ALA KA 179 79.55 32.73 -107.58
N ALA KA 180 78.67 31.83 -107.17
CA ALA KA 180 78.04 30.93 -108.12
C ALA KA 180 76.58 30.72 -107.74
N LYS KA 181 75.69 30.88 -108.70
CA LYS KA 181 74.29 30.65 -108.36
C LYS KA 181 74.08 29.20 -107.94
N LYS KA 182 74.26 28.96 -106.64
CA LYS KA 182 73.62 27.84 -105.94
C LYS KA 182 73.60 26.47 -106.64
N ASP KA 183 72.77 26.29 -107.69
CA ASP KA 183 72.54 24.91 -108.14
C ASP KA 183 73.16 24.58 -109.46
N MET KA 184 73.91 25.50 -110.03
CA MET KA 184 75.02 24.93 -110.75
C MET KA 184 75.73 23.94 -109.83
N ILE KA 185 76.04 24.39 -108.59
CA ILE KA 185 76.71 23.53 -107.62
C ILE KA 185 75.84 22.32 -107.28
N ASN KA 186 74.54 22.53 -107.03
CA ASN KA 186 73.66 21.38 -106.81
C ASN KA 186 73.77 20.37 -107.94
N ASP KA 187 73.40 20.76 -109.16
CA ASP KA 187 73.45 19.88 -110.33
C ASP KA 187 74.75 19.09 -110.37
N TYR KA 188 75.88 19.76 -110.16
CA TYR KA 188 77.16 19.05 -110.20
C TYR KA 188 77.27 18.06 -109.05
N THR KA 189 76.73 18.40 -107.87
CA THR KA 189 76.79 17.48 -106.73
C THR KA 189 75.89 16.27 -106.93
N THR KA 190 74.74 16.45 -107.60
CA THR KA 190 73.93 15.30 -107.98
C THR KA 190 74.68 14.39 -108.93
N VAL KA 191 75.24 14.97 -110.00
CA VAL KA 191 76.06 14.20 -110.93
C VAL KA 191 77.14 13.43 -110.19
N VAL KA 192 77.85 14.10 -109.29
CA VAL KA 192 78.93 13.44 -108.58
C VAL KA 192 78.37 12.35 -107.66
N SER KA 193 77.20 12.59 -107.06
CA SER KA 193 76.66 11.66 -106.08
C SER KA 193 76.26 10.34 -106.73
N GLU KA 194 75.61 10.39 -107.90
CA GLU KA 194 75.15 9.13 -108.48
C GLU KA 194 76.23 8.45 -109.31
N ALA KA 195 77.33 9.15 -109.59
CA ALA KA 195 78.50 8.49 -110.16
C ALA KA 195 79.30 7.73 -109.11
N GLY KA 196 78.84 7.72 -107.86
CA GLY KA 196 79.59 7.09 -106.79
C GLY KA 196 80.75 7.90 -106.29
N LEU KA 197 80.89 9.13 -106.74
CA LEU KA 197 82.01 9.99 -106.35
C LEU KA 197 81.63 10.87 -105.16
N ALA KA 198 82.65 11.31 -104.43
CA ALA KA 198 82.47 12.21 -103.30
C ALA KA 198 83.31 13.44 -103.53
N PRO KA 199 82.70 14.62 -103.69
CA PRO KA 199 83.49 15.82 -103.97
C PRO KA 199 84.11 16.39 -102.71
N VAL KA 200 85.33 16.90 -102.85
CA VAL KA 200 86.01 17.55 -101.75
C VAL KA 200 86.35 19.01 -102.07
N VAL KA 201 86.53 19.35 -103.34
CA VAL KA 201 86.83 20.71 -103.75
C VAL KA 201 86.07 20.99 -105.04
N VAL KA 202 85.31 22.08 -105.05
CA VAL KA 202 84.68 22.57 -106.26
C VAL KA 202 85.39 23.87 -106.63
N ASP KA 203 86.40 23.75 -107.49
CA ASP KA 203 87.31 24.83 -107.83
C ASP KA 203 86.83 25.52 -109.11
N VAL KA 204 87.61 26.49 -109.59
CA VAL KA 204 87.29 27.24 -110.79
C VAL KA 204 88.40 27.03 -111.81
N ASP KA 205 88.03 27.05 -113.09
CA ASP KA 205 88.93 26.56 -114.14
C ASP KA 205 90.06 27.54 -114.42
N ALA KA 206 89.80 28.85 -114.33
CA ALA KA 206 90.80 29.84 -114.69
C ALA KA 206 92.02 29.76 -113.78
N PHE KA 207 91.85 29.25 -112.56
CA PHE KA 207 92.96 29.11 -111.62
C PHE KA 207 93.42 27.66 -111.51
N ALA KA 208 92.50 26.71 -111.72
CA ALA KA 208 92.88 25.30 -111.73
C ALA KA 208 93.81 25.00 -112.89
N VAL KA 209 93.59 25.65 -114.03
CA VAL KA 209 94.47 25.47 -115.19
C VAL KA 209 95.89 25.94 -114.89
N GLN KA 210 96.07 26.74 -113.84
CA GLN KA 210 97.38 27.31 -113.52
C GLN KA 210 98.26 26.43 -112.66
N ASN KA 211 97.67 25.47 -111.93
CA ASN KA 211 98.46 24.68 -110.99
C ASN KA 211 99.58 23.91 -111.68
N MET KA 212 99.42 23.63 -112.97
CA MET KA 212 100.45 22.90 -113.70
C MET KA 212 101.65 23.78 -114.00
N PHE KA 213 101.41 25.06 -114.18
CA PHE KA 213 102.48 25.99 -114.46
C PHE KA 213 102.82 26.83 -113.25
N SER KA 214 102.25 26.55 -112.08
CA SER KA 214 102.42 27.42 -110.92
C SER KA 214 103.87 27.42 -110.45
N VAL KA 215 104.56 26.30 -110.60
CA VAL KA 215 105.99 26.24 -110.33
C VAL KA 215 106.76 27.08 -111.33
N ASN KA 216 106.61 26.79 -112.63
CA ASN KA 216 107.37 27.47 -113.66
C ASN KA 216 107.07 28.96 -113.67
N TYR KA 217 105.91 29.35 -113.15
CA TYR KA 217 105.61 30.76 -112.92
C TYR KA 217 106.29 31.27 -111.66
N ASP KA 218 106.38 30.41 -110.63
CA ASP KA 218 106.92 30.83 -109.35
C ASP KA 218 108.40 31.11 -109.41
N VAL KA 219 109.09 30.59 -110.45
CA VAL KA 219 110.51 30.89 -110.62
C VAL KA 219 110.79 32.29 -111.18
N PRO KA 220 109.97 32.86 -112.15
CA PRO KA 220 110.09 34.31 -112.42
C PRO KA 220 109.01 35.12 -111.74
N GLU KA 221 109.39 35.97 -110.77
CA GLU KA 221 108.43 36.41 -109.76
C GLU KA 221 108.13 37.91 -109.79
N ARG KA 222 108.83 38.67 -110.63
CA ARG KA 222 108.36 40.00 -111.01
C ARG KA 222 107.87 40.05 -112.45
N GLU KA 223 107.88 38.92 -113.15
CA GLU KA 223 107.48 38.85 -114.53
C GLU KA 223 105.97 38.74 -114.65
N THR KA 224 105.40 39.57 -115.52
CA THR KA 224 103.97 39.57 -115.79
C THR KA 224 103.69 38.59 -116.92
N VAL KA 225 102.91 37.56 -116.63
CA VAL KA 225 102.61 36.51 -117.58
C VAL KA 225 101.11 36.48 -117.82
N VAL KA 226 100.71 36.23 -119.07
CA VAL KA 226 99.30 36.00 -119.36
C VAL KA 226 99.08 34.51 -119.60
N LEU KA 227 97.92 34.01 -119.19
CA LEU KA 227 97.51 32.65 -119.47
C LEU KA 227 96.12 32.68 -120.08
N ILE KA 228 96.02 32.20 -121.32
CA ILE KA 228 94.74 32.09 -122.01
C ILE KA 228 94.34 30.62 -122.03
N ASN KA 229 93.11 30.35 -121.62
CA ASN KA 229 92.51 29.02 -121.79
C ASN KA 229 91.34 29.21 -122.75
N ALA KA 230 91.57 28.88 -124.01
CA ALA KA 230 90.54 28.92 -125.04
C ALA KA 230 89.82 27.58 -125.02
N GLY KA 231 88.63 27.55 -124.44
CA GLY KA 231 87.82 26.37 -124.37
C GLY KA 231 86.75 26.35 -125.44
N ALA KA 232 85.74 25.50 -125.23
CA ALA KA 232 84.62 25.39 -126.15
C ALA KA 232 83.45 26.28 -125.78
N SER KA 233 83.27 26.59 -124.50
CA SER KA 233 82.19 27.45 -124.05
C SER KA 233 82.66 28.85 -123.68
N VAL KA 234 83.95 29.02 -123.38
CA VAL KA 234 84.44 30.30 -122.86
C VAL KA 234 85.95 30.37 -123.08
N VAL KA 235 86.49 31.59 -123.12
CA VAL KA 235 87.93 31.81 -123.14
C VAL KA 235 88.28 32.60 -121.90
N ASN KA 236 89.11 32.03 -121.04
CA ASN KA 236 89.52 32.77 -119.85
C ASN KA 236 90.91 33.37 -120.05
N ILE KA 237 91.08 34.59 -119.55
CA ILE KA 237 92.36 35.26 -119.44
C ILE KA 237 92.66 35.45 -117.97
N ASN KA 238 93.80 34.94 -117.51
CA ASN KA 238 94.27 35.34 -116.20
C ASN KA 238 95.70 35.82 -116.30
N ILE KA 239 95.98 36.97 -115.71
CA ILE KA 239 97.27 37.60 -115.82
C ILE KA 239 97.84 37.78 -114.42
N ILE KA 240 99.15 37.48 -114.32
CA ILE KA 240 99.81 37.23 -113.05
C ILE KA 240 101.13 37.98 -113.01
N SER KA 241 101.57 38.26 -111.80
CA SER KA 241 102.97 38.51 -111.50
C SER KA 241 103.43 37.35 -110.64
N ASN KA 242 104.28 36.49 -111.21
CA ASN KA 242 104.73 35.22 -110.63
C ASN KA 242 103.59 34.22 -110.78
N GLY KA 243 103.34 33.36 -109.81
CA GLY KA 243 102.09 32.62 -109.75
C GLY KA 243 101.15 33.34 -108.81
N ALA KA 244 101.15 34.67 -108.86
CA ALA KA 244 100.23 35.49 -108.08
C ALA KA 244 99.27 36.17 -109.05
N THR KA 245 98.06 35.63 -109.14
CA THR KA 245 97.07 36.18 -110.05
C THR KA 245 96.84 37.66 -109.76
N VAL KA 246 96.94 38.47 -110.81
CA VAL KA 246 96.57 39.87 -110.74
C VAL KA 246 95.12 40.07 -111.17
N PHE KA 247 94.66 39.35 -112.19
CA PHE KA 247 93.24 39.44 -112.52
C PHE KA 247 92.83 38.34 -113.49
N THR KA 248 91.51 38.21 -113.67
CA THR KA 248 90.91 37.26 -114.59
C THR KA 248 89.74 37.92 -115.28
N ARG KA 249 89.46 37.45 -116.51
CA ARG KA 249 88.36 37.96 -117.32
C ARG KA 249 87.92 36.85 -118.26
N ASP KA 250 86.61 36.66 -118.37
CA ASP KA 250 86.04 35.55 -119.13
C ASP KA 250 85.26 36.08 -120.32
N VAL KA 251 85.57 35.53 -121.50
CA VAL KA 251 85.00 35.97 -122.77
C VAL KA 251 84.11 34.88 -123.33
N THR KA 252 82.88 35.27 -123.70
CA THR KA 252 81.89 34.31 -124.20
C THR KA 252 82.38 33.58 -125.45
N ILE KA 253 83.27 34.20 -126.23
CA ILE KA 253 83.73 33.62 -127.48
C ILE KA 253 84.61 32.42 -127.19
N GLY KA 254 84.52 31.41 -128.05
CA GLY KA 254 85.32 30.20 -127.88
C GLY KA 254 85.37 29.41 -129.17
N GLY KA 255 85.73 28.13 -129.04
CA GLY KA 255 85.84 27.29 -130.22
C GLY KA 255 84.50 26.92 -130.82
N ASN KA 256 83.46 26.86 -129.98
CA ASN KA 256 82.10 26.68 -130.47
C ASN KA 256 81.75 27.73 -131.51
N GLN KA 257 82.36 28.92 -131.42
CA GLN KA 257 82.12 29.95 -132.41
C GLN KA 257 82.73 29.60 -133.76
N PHE KA 258 83.99 29.17 -133.79
CA PHE KA 258 84.59 28.74 -135.03
C PHE KA 258 83.80 27.60 -135.66
N THR KA 259 83.49 26.56 -134.87
CA THR KA 259 82.70 25.45 -135.38
C THR KA 259 81.37 25.93 -135.92
N GLU KA 260 80.70 26.84 -135.20
CA GLU KA 260 79.39 27.30 -135.61
C GLU KA 260 79.46 28.12 -136.90
N GLU KA 261 80.54 28.87 -137.11
CA GLU KA 261 80.67 29.61 -138.36
C GLU KA 261 80.91 28.66 -139.53
N ILE KA 262 81.75 27.65 -139.33
CA ILE KA 262 81.93 26.62 -140.37
C ILE KA 262 80.58 26.00 -140.73
N GLN KA 263 79.83 25.61 -139.71
CA GLN KA 263 78.52 25.02 -139.90
C GLN KA 263 77.58 25.95 -140.66
N LYS KA 264 77.54 27.23 -140.28
CA LYS KA 264 76.74 28.22 -141.00
C LYS KA 264 77.12 28.26 -142.48
N GLN KA 265 78.41 28.37 -142.77
CA GLN KA 265 78.81 28.65 -144.13
C GLN KA 265 78.82 27.42 -145.02
N LEU KA 266 78.67 26.22 -144.47
CA LEU KA 266 78.60 25.05 -145.34
C LEU KA 266 77.42 24.15 -145.00
N ASN KA 267 76.33 24.74 -144.47
CA ASN KA 267 75.20 24.04 -143.85
C ASN KA 267 75.53 22.61 -143.44
N VAL KA 268 76.47 22.48 -142.49
CA VAL KA 268 77.00 21.22 -141.97
C VAL KA 268 76.41 21.00 -140.56
N SER KA 269 76.43 19.76 -140.09
CA SER KA 269 76.13 19.49 -138.68
C SER KA 269 77.28 19.98 -137.81
N TYR KA 270 77.07 20.03 -136.50
CA TYR KA 270 78.12 20.52 -135.62
C TYR KA 270 79.32 19.58 -135.60
N GLU KA 271 79.07 18.28 -135.73
CA GLU KA 271 80.17 17.32 -135.65
C GLU KA 271 81.08 17.41 -136.87
N GLU KA 272 80.51 17.38 -138.07
CA GLU KA 272 81.33 17.41 -139.27
C GLU KA 272 81.99 18.77 -139.45
N ALA KA 273 81.35 19.84 -138.98
CA ALA KA 273 81.99 21.14 -138.97
C ALA KA 273 83.14 21.18 -137.98
N GLU KA 274 82.99 20.48 -136.86
CA GLU KA 274 84.07 20.39 -135.87
C GLU KA 274 85.26 19.63 -136.43
N ALA KA 275 85.01 18.49 -137.09
CA ALA KA 275 86.09 17.75 -137.72
C ALA KA 275 86.74 18.54 -138.85
N LEU KA 276 85.93 19.21 -139.67
CA LEU KA 276 86.47 20.08 -140.71
C LEU KA 276 87.37 21.15 -140.10
N LYS KA 277 87.00 21.65 -138.91
CA LYS KA 277 87.88 22.55 -138.18
C LYS KA 277 89.19 21.86 -137.83
N ILE KA 278 89.12 20.80 -137.02
CA ILE KA 278 90.30 20.07 -136.56
C ILE KA 278 91.17 19.65 -137.74
N GLY KA 279 90.80 18.54 -138.38
CA GLY KA 279 91.61 18.00 -139.45
C GLY KA 279 91.67 18.90 -140.66
N GLY KA 280 90.57 19.61 -140.96
CA GLY KA 280 90.59 20.51 -142.09
C GLY KA 280 91.65 21.59 -141.98
N ASN KA 281 91.80 22.20 -140.81
CA ASN KA 281 92.69 23.35 -140.69
C ASN KA 281 94.16 23.00 -140.55
N GLY KA 282 94.51 21.73 -140.30
CA GLY KA 282 95.87 21.44 -139.91
C GLY KA 282 96.63 20.38 -140.68
N ALA KA 283 95.96 19.69 -141.61
CA ALA KA 283 96.61 18.62 -142.35
C ALA KA 283 97.68 19.18 -143.28
N ASP KA 284 98.64 18.32 -143.62
CA ASP KA 284 99.64 18.71 -144.61
C ASP KA 284 99.03 18.87 -146.00
N ALA KA 285 97.91 18.18 -146.26
CA ALA KA 285 97.23 18.27 -147.55
C ALA KA 285 96.12 19.32 -147.56
N ASP KA 286 96.10 20.21 -146.57
CA ASP KA 286 95.01 21.16 -146.41
C ASP KA 286 95.18 22.41 -147.26
N ALA KA 287 95.93 22.37 -148.36
CA ALA KA 287 96.33 23.61 -149.03
C ALA KA 287 95.16 24.30 -149.72
N VAL KA 288 94.12 23.54 -150.05
CA VAL KA 288 92.99 24.11 -150.76
C VAL KA 288 91.88 24.55 -149.80
N VAL KA 289 91.91 24.09 -148.55
CA VAL KA 289 90.84 24.34 -147.59
C VAL KA 289 91.07 25.50 -146.60
N PRO KA 290 92.21 26.20 -146.57
CA PRO KA 290 92.28 27.35 -145.67
C PRO KA 290 91.70 28.60 -146.31
N GLN KA 291 91.44 28.59 -147.62
CA GLN KA 291 90.62 29.65 -148.18
C GLN KA 291 89.16 29.41 -147.86
N ASP KA 292 88.64 28.23 -148.21
CA ASP KA 292 87.25 27.91 -147.90
C ASP KA 292 86.97 28.02 -146.40
N VAL KA 293 87.87 27.50 -145.56
CA VAL KA 293 87.61 27.55 -144.12
C VAL KA 293 88.01 28.90 -143.54
N GLU KA 294 89.21 29.37 -143.87
CA GLU KA 294 89.71 30.61 -143.28
C GLU KA 294 88.81 31.80 -143.61
N ARG KA 295 88.22 31.80 -144.81
CA ARG KA 295 87.23 32.83 -145.11
C ARG KA 295 85.99 32.67 -144.24
N VAL KA 296 85.73 31.46 -143.76
CA VAL KA 296 84.58 31.24 -142.89
C VAL KA 296 84.87 31.71 -141.48
N LEU KA 297 86.07 31.40 -140.98
CA LEU KA 297 86.46 31.69 -139.60
C LEU KA 297 87.11 33.06 -139.44
N SER KA 298 87.22 33.84 -140.52
CA SER KA 298 87.99 35.08 -140.45
C SER KA 298 87.32 36.10 -139.55
N SER KA 299 85.98 36.22 -139.63
CA SER KA 299 85.27 37.08 -138.70
C SER KA 299 85.56 36.69 -137.25
N VAL KA 300 85.50 35.40 -136.93
CA VAL KA 300 85.75 34.96 -135.56
C VAL KA 300 87.18 35.29 -135.16
N ALA KA 301 88.13 35.14 -136.09
CA ALA KA 301 89.52 35.44 -135.77
C ALA KA 301 89.69 36.92 -135.44
N GLU KA 302 89.21 37.80 -136.33
CA GLU KA 302 89.27 39.24 -136.09
C GLU KA 302 88.64 39.60 -134.74
N GLN KA 303 87.45 39.06 -134.49
CA GLN KA 303 86.67 39.50 -133.34
C GLN KA 303 87.19 38.92 -132.02
N VAL KA 304 87.75 37.70 -132.04
CA VAL KA 304 88.48 37.20 -130.88
C VAL KA 304 89.67 38.10 -130.59
N ALA KA 305 90.50 38.38 -131.61
CA ALA KA 305 91.61 39.32 -131.43
C ALA KA 305 91.13 40.65 -130.86
N GLY KA 306 89.96 41.12 -131.31
CA GLY KA 306 89.41 42.34 -130.77
C GLY KA 306 89.04 42.20 -129.29
N GLU KA 307 88.54 41.03 -128.90
CA GLU KA 307 88.22 40.84 -127.49
C GLU KA 307 89.48 40.77 -126.64
N ILE KA 308 90.52 40.12 -127.13
CA ILE KA 308 91.72 39.96 -126.32
C ILE KA 308 92.45 41.30 -126.20
N GLN KA 309 92.57 42.05 -127.29
CA GLN KA 309 93.10 43.41 -127.19
C GLN KA 309 92.26 44.23 -126.23
N ARG KA 310 90.94 44.03 -126.31
CA ARG KA 310 89.99 44.68 -125.41
C ARG KA 310 90.36 44.46 -123.94
N SER KA 311 90.39 43.21 -123.49
CA SER KA 311 90.71 42.90 -122.10
C SER KA 311 92.10 43.41 -121.71
N LEU KA 312 93.11 43.16 -122.55
CA LEU KA 312 94.45 43.61 -122.23
C LEU KA 312 94.51 45.12 -122.01
N ASP KA 313 93.85 45.89 -122.88
CA ASP KA 313 93.80 47.33 -122.69
C ASP KA 313 93.05 47.71 -121.42
N PHE KA 314 92.01 46.93 -121.08
CA PHE KA 314 91.25 47.25 -119.88
C PHE KA 314 92.03 46.93 -118.61
N TYR KA 315 93.10 46.14 -118.71
CA TYR KA 315 93.93 45.93 -117.54
C TYR KA 315 94.92 47.07 -117.33
N ALA KA 316 95.70 47.40 -118.36
CA ALA KA 316 96.85 48.30 -118.27
C ALA KA 316 96.53 49.60 -117.53
N GLY KA 317 96.22 49.50 -116.24
CA GLY KA 317 95.78 50.60 -115.43
C GLY KA 317 96.88 51.47 -114.84
N THR KA 318 97.99 50.86 -114.41
CA THR KA 318 99.00 51.55 -113.63
C THR KA 318 100.29 51.86 -114.37
N ALA KA 319 100.69 51.03 -115.33
CA ALA KA 319 101.97 51.20 -116.03
C ALA KA 319 101.65 51.71 -117.43
N ALA KA 320 101.48 53.03 -117.54
CA ALA KA 320 101.08 53.60 -118.83
C ALA KA 320 102.21 53.61 -119.84
N ASP KA 321 103.43 53.28 -119.42
CA ASP KA 321 104.60 53.37 -120.29
C ASP KA 321 105.35 52.06 -120.43
N SER KA 322 104.73 50.93 -120.10
CA SER KA 322 105.40 49.64 -120.15
C SER KA 322 104.85 48.79 -121.28
N ASN KA 323 105.38 47.58 -121.39
CA ASN KA 323 104.96 46.58 -122.37
C ASN KA 323 104.72 45.25 -121.66
N PHE KA 324 104.42 44.23 -122.46
CA PHE KA 324 104.11 42.90 -121.94
C PHE KA 324 105.38 42.05 -121.85
N SER KA 325 105.20 40.80 -121.38
CA SER KA 325 106.29 39.85 -121.33
C SER KA 325 105.94 38.58 -122.09
N LYS KA 326 105.50 37.54 -121.39
CA LYS KA 326 105.28 36.24 -122.00
C LYS KA 326 103.98 35.61 -121.49
N VAL KA 327 103.42 34.73 -122.33
CA VAL KA 327 102.07 34.21 -122.12
C VAL KA 327 101.98 32.80 -122.67
N TYR KA 328 101.05 32.02 -122.12
CA TYR KA 328 100.83 30.62 -122.51
C TYR KA 328 99.37 30.38 -122.90
N LEU KA 329 99.13 29.24 -123.53
CA LEU KA 329 97.81 28.86 -124.00
C LEU KA 329 97.45 27.45 -123.54
N SER KA 330 96.16 27.25 -123.29
CA SER KA 330 95.57 26.01 -122.83
C SER KA 330 94.18 25.89 -123.45
N GLY KA 331 93.60 24.71 -123.34
CA GLY KA 331 92.33 24.48 -123.99
C GLY KA 331 92.49 24.13 -125.46
N GLY KA 332 91.56 23.33 -125.96
CA GLY KA 332 91.69 22.82 -127.32
C GLY KA 332 91.44 23.85 -128.39
N THR KA 333 90.60 24.86 -128.09
CA THR KA 333 90.39 25.94 -129.05
C THR KA 333 91.69 26.64 -129.40
N ALA KA 334 92.65 26.69 -128.48
CA ALA KA 334 93.99 27.15 -128.81
C ALA KA 334 94.59 26.41 -130.00
N LYS KA 335 94.44 25.09 -130.08
CA LYS KA 335 95.10 24.26 -131.08
C LYS KA 335 94.65 24.54 -132.51
N ILE KA 336 93.89 25.60 -132.74
CA ILE KA 336 93.59 26.05 -134.11
C ILE KA 336 94.93 26.31 -134.80
N PRO KA 337 95.18 25.74 -135.97
CA PRO KA 337 96.48 25.90 -136.61
C PRO KA 337 96.82 27.36 -136.85
N ALA KA 338 98.05 27.74 -136.46
CA ALA KA 338 98.64 29.07 -136.64
C ALA KA 338 98.03 30.12 -135.72
N LEU KA 339 97.04 29.73 -134.91
CA LEU KA 339 96.38 30.70 -134.04
C LEU KA 339 97.38 31.30 -133.04
N PHE KA 340 98.42 30.55 -132.69
CA PHE KA 340 99.40 31.06 -131.72
C PHE KA 340 100.23 32.17 -132.32
N LYS KA 341 100.69 31.98 -133.56
CA LYS KA 341 101.42 33.03 -134.26
C LYS KA 341 100.54 34.27 -134.46
N THR KA 342 99.25 34.05 -134.76
CA THR KA 342 98.33 35.15 -134.97
C THR KA 342 98.13 35.97 -133.69
N ILE KA 343 97.86 35.29 -132.57
CA ILE KA 343 97.72 36.00 -131.30
C ILE KA 343 99.04 36.67 -130.92
N GLU KA 344 100.16 36.04 -131.26
CA GLU KA 344 101.47 36.60 -130.93
C GLU KA 344 101.69 37.92 -131.65
N ALA KA 345 101.42 37.95 -132.95
CA ALA KA 345 101.66 39.17 -133.71
C ALA KA 345 100.59 40.22 -133.45
N ARG KA 346 99.37 39.77 -133.10
CA ARG KA 346 98.24 40.69 -132.96
C ARG KA 346 98.17 41.34 -131.59
N THR KA 347 98.52 40.63 -130.53
CA THR KA 347 98.46 41.17 -129.18
C THR KA 347 99.78 41.78 -128.72
N GLY KA 348 100.85 41.63 -129.49
CA GLY KA 348 102.13 42.15 -129.06
C GLY KA 348 102.75 41.42 -127.89
N VAL KA 349 102.38 40.14 -127.70
CA VAL KA 349 102.96 39.30 -126.66
C VAL KA 349 103.34 37.95 -127.22
N PRO KA 350 104.48 37.36 -126.82
CA PRO KA 350 104.76 35.96 -127.18
C PRO KA 350 103.82 34.95 -126.52
N VAL KA 351 102.97 34.35 -127.35
CA VAL KA 351 101.96 33.38 -126.91
C VAL KA 351 102.46 31.99 -127.27
N GLU KA 352 102.66 31.15 -126.27
CA GLU KA 352 103.21 29.83 -126.48
C GLU KA 352 102.34 28.74 -125.85
N ILE KA 353 102.23 27.63 -126.57
CA ILE KA 353 101.70 26.41 -125.99
C ILE KA 353 102.63 25.97 -124.87
N LEU KA 354 102.07 25.24 -123.90
CA LEU KA 354 102.88 24.73 -122.81
C LEU KA 354 102.42 23.33 -122.49
N ASN KA 355 103.37 22.50 -122.04
CA ASN KA 355 103.08 21.15 -121.62
C ASN KA 355 102.82 21.15 -120.13
N PRO KA 356 101.56 21.02 -119.67
CA PRO KA 356 101.34 20.86 -118.23
C PRO KA 356 102.09 19.67 -117.66
N PHE KA 357 101.92 18.48 -118.24
CA PHE KA 357 102.39 17.22 -117.67
C PHE KA 357 103.86 17.25 -117.20
N ARG KA 358 104.58 18.35 -117.43
CA ARG KA 358 105.94 18.46 -116.92
C ARG KA 358 105.97 18.54 -115.38
N LYS KA 359 104.85 18.91 -114.76
CA LYS KA 359 104.74 19.03 -113.32
C LYS KA 359 104.65 17.67 -112.62
N ILE KA 360 104.39 16.60 -113.36
CA ILE KA 360 104.11 15.30 -112.80
C ILE KA 360 105.04 14.28 -113.44
N GLU KA 361 105.38 13.24 -112.69
CA GLU KA 361 106.21 12.16 -113.22
C GLU KA 361 105.38 11.33 -114.21
N VAL KA 362 105.99 10.98 -115.33
CA VAL KA 362 105.31 10.22 -116.37
C VAL KA 362 106.16 9.00 -116.71
N ASP KA 363 105.62 7.81 -116.45
CA ASP KA 363 106.30 6.57 -116.77
C ASP KA 363 106.23 6.35 -118.28
N ASN KA 364 107.39 6.32 -118.93
CA ASN KA 364 107.42 6.19 -120.38
C ASN KA 364 106.91 4.83 -120.85
N ARG KA 365 106.89 3.84 -119.96
CA ARG KA 365 106.40 2.51 -120.34
C ARG KA 365 104.88 2.46 -120.34
N LYS KA 366 104.22 3.44 -119.71
CA LYS KA 366 102.76 3.47 -119.68
C LYS KA 366 102.16 4.60 -120.49
N PHE KA 367 102.95 5.62 -120.85
CA PHE KA 367 102.43 6.77 -121.58
C PHE KA 367 103.46 7.24 -122.59
N ASP KA 368 102.99 7.54 -123.80
CA ASP KA 368 103.84 8.12 -124.82
C ASP KA 368 103.96 9.62 -124.55
N PRO KA 369 105.17 10.15 -124.38
CA PRO KA 369 105.32 11.61 -124.21
C PRO KA 369 104.76 12.41 -125.37
N ALA KA 370 104.79 11.87 -126.60
CA ALA KA 370 104.30 12.61 -127.75
C ALA KA 370 102.80 12.85 -127.67
N PHE KA 371 102.02 11.78 -127.50
CA PHE KA 371 100.56 11.92 -127.40
C PHE KA 371 100.19 12.76 -126.18
N VAL KA 372 100.83 12.50 -125.03
CA VAL KA 372 100.62 13.32 -123.84
C VAL KA 372 100.78 14.80 -124.18
N MET KA 373 101.84 15.13 -124.91
CA MET KA 373 102.05 16.50 -125.37
C MET KA 373 100.91 16.95 -126.29
N ASP KA 374 100.39 16.03 -127.12
CA ASP KA 374 99.36 16.41 -128.07
C ASP KA 374 98.06 16.80 -127.38
N VAL KA 375 97.66 16.04 -126.36
CA VAL KA 375 96.43 16.30 -125.63
C VAL KA 375 96.67 17.18 -124.40
N ALA KA 376 97.88 17.72 -124.25
CA ALA KA 376 98.16 18.59 -123.10
C ALA KA 376 97.22 19.80 -122.99
N PRO KA 377 96.99 20.60 -124.05
CA PRO KA 377 96.15 21.80 -123.86
C PRO KA 377 94.75 21.50 -123.37
N MET KA 378 94.11 20.47 -123.93
CA MET KA 378 92.78 20.09 -123.45
C MET KA 378 92.83 19.65 -121.99
N ALA KA 379 93.90 18.98 -121.59
CA ALA KA 379 93.99 18.34 -120.29
C ALA KA 379 94.57 19.23 -119.20
N ALA KA 380 94.97 20.47 -119.52
CA ALA KA 380 95.62 21.33 -118.53
C ALA KA 380 94.84 21.41 -117.23
N VAL KA 381 93.54 21.77 -117.30
CA VAL KA 381 92.71 21.83 -116.10
C VAL KA 381 92.52 20.43 -115.52
N ALA KA 382 92.30 19.45 -116.41
CA ALA KA 382 92.09 18.04 -116.11
C ALA KA 382 93.21 17.44 -115.29
N VAL KA 383 94.41 18.03 -115.31
CA VAL KA 383 95.41 17.67 -114.31
C VAL KA 383 95.50 18.75 -113.25
N GLY KA 384 94.91 19.92 -113.52
CA GLY KA 384 94.90 21.07 -112.62
C GLY KA 384 94.34 20.77 -111.25
N LEU KA 385 93.01 20.64 -111.21
CA LEU KA 385 92.39 20.32 -109.93
C LEU KA 385 92.82 18.93 -109.46
N ALA KA 386 93.55 18.21 -110.32
CA ALA KA 386 94.11 16.91 -110.00
C ALA KA 386 95.38 17.00 -109.20
N LEU KA 387 96.19 18.05 -109.38
CA LEU KA 387 97.20 18.34 -108.36
C LEU KA 387 96.55 19.03 -107.17
N ARG KA 388 95.34 19.58 -107.36
CA ARG KA 388 94.60 20.05 -106.19
C ARG KA 388 94.16 18.88 -105.30
N ARG KA 389 94.02 17.68 -105.87
CA ARG KA 389 93.44 16.56 -105.10
C ARG KA 389 94.40 15.72 -104.25
N PRO KA 390 95.71 15.65 -104.50
CA PRO KA 390 96.57 15.01 -103.51
C PRO KA 390 97.26 16.08 -102.69
N GLY KA 391 96.69 17.28 -102.71
CA GLY KA 391 97.28 18.41 -102.01
C GLY KA 391 96.80 18.49 -100.58
N MET LA 1 73.58 40.78 -122.51
CA MET LA 1 72.22 40.47 -122.94
C MET LA 1 71.26 40.48 -121.76
N MET LA 2 70.07 41.01 -122.00
CA MET LA 2 69.05 41.14 -120.97
C MET LA 2 68.07 39.98 -121.06
N ILE LA 3 67.90 39.26 -119.96
CA ILE LA 3 66.98 38.13 -119.88
C ILE LA 3 65.88 38.53 -118.91
N ARG LA 4 64.68 38.79 -119.44
CA ARG LA 4 63.56 39.24 -118.63
C ARG LA 4 62.44 38.21 -118.62
N ILE LA 5 61.70 38.17 -117.52
CA ILE LA 5 60.63 37.19 -117.37
C ILE LA 5 59.45 37.80 -116.62
N ASN LA 6 58.41 38.21 -117.36
CA ASN LA 6 57.16 38.65 -116.77
C ASN LA 6 56.26 37.48 -116.40
N LEU LA 7 56.75 36.50 -115.65
CA LEU LA 7 55.93 35.37 -115.24
C LEU LA 7 55.69 35.31 -113.74
N LEU LA 8 54.42 35.26 -113.37
CA LEU LA 8 53.81 35.56 -112.07
C LEU LA 8 54.16 36.96 -111.48
N PRO LA 9 53.95 37.97 -112.31
CA PRO LA 9 53.23 39.16 -111.91
C PRO LA 9 51.94 39.32 -112.71
N VAL LA 10 51.28 40.45 -112.55
CA VAL LA 10 50.33 40.63 -111.46
C VAL LA 10 48.81 40.37 -111.63
N ARG LA 11 48.12 40.73 -112.71
CA ARG LA 11 46.71 40.33 -112.74
C ARG LA 11 46.65 38.82 -112.77
N ALA LA 12 47.70 38.16 -113.29
CA ALA LA 12 47.87 36.73 -113.09
C ALA LA 12 48.07 36.40 -111.61
N VAL LA 13 48.96 37.14 -110.94
CA VAL LA 13 49.24 36.90 -109.52
C VAL LA 13 47.95 37.05 -108.75
N LYS LA 14 47.45 38.29 -108.64
CA LYS LA 14 46.33 38.59 -107.77
C LYS LA 14 45.03 37.95 -108.25
N LYS LA 15 44.98 37.45 -109.50
CA LYS LA 15 43.79 36.70 -109.88
C LYS LA 15 43.92 35.22 -109.50
N ARG LA 16 45.15 34.71 -109.45
CA ARG LA 16 45.35 33.40 -108.82
C ARG LA 16 45.11 33.48 -107.31
N GLU LA 17 45.45 34.63 -106.72
CA GLU LA 17 45.23 34.83 -105.28
C GLU LA 17 43.76 34.97 -104.96
N MET LA 18 43.04 35.86 -105.66
CA MET LA 18 41.59 35.91 -105.50
C MET LA 18 40.97 34.54 -105.77
N GLY LA 19 41.45 33.85 -106.80
CA GLY LA 19 41.01 32.50 -107.06
C GLY LA 19 41.20 31.57 -105.87
N ARG LA 20 42.30 31.73 -105.14
CA ARG LA 20 42.53 30.90 -103.95
C ARG LA 20 41.56 31.29 -102.83
N GLN LA 21 41.44 32.59 -102.55
CA GLN LA 21 40.63 33.05 -101.42
C GLN LA 21 39.17 32.66 -101.59
N VAL LA 22 38.60 32.87 -102.78
CA VAL LA 22 37.21 32.51 -103.02
C VAL LA 22 36.98 31.04 -102.71
N LEU LA 23 37.93 30.17 -103.09
CA LEU LA 23 37.80 28.74 -102.84
C LEU LA 23 37.95 28.42 -101.36
N VAL LA 24 38.84 29.09 -100.64
CA VAL LA 24 38.95 28.89 -99.21
C VAL LA 24 37.64 29.25 -98.52
N LEU LA 25 37.03 30.37 -98.92
CA LEU LA 25 35.73 30.75 -98.37
C LEU LA 25 34.68 29.68 -98.65
N PHE LA 26 34.65 29.18 -99.89
CA PHE LA 26 33.77 28.06 -100.21
C PHE LA 26 33.98 26.90 -99.23
N ALA LA 27 35.25 26.51 -99.03
CA ALA LA 27 35.55 25.39 -98.15
C ALA LA 27 35.03 25.62 -96.73
N VAL LA 28 35.26 26.84 -96.21
CA VAL LA 28 34.82 27.13 -94.84
C VAL LA 28 33.30 27.03 -94.73
N VAL LA 29 32.58 27.70 -95.65
CA VAL LA 29 31.13 27.65 -95.61
C VAL LA 29 30.62 26.21 -95.68
N LEU LA 30 31.23 25.39 -96.54
CA LEU LA 30 30.76 24.02 -96.70
C LEU LA 30 31.10 23.16 -95.49
N ILE LA 31 32.19 23.45 -94.79
CA ILE LA 31 32.50 22.71 -93.56
C ILE LA 31 31.49 23.07 -92.47
N GLY LA 32 31.19 24.37 -92.33
CA GLY LA 32 30.18 24.77 -91.36
C GLY LA 32 28.82 24.14 -91.64
N ALA LA 33 28.32 24.27 -92.87
CA ALA LA 33 27.07 23.63 -93.23
C ALA LA 33 27.11 22.14 -92.97
N GLY LA 34 28.26 21.51 -93.25
CA GLY LA 34 28.44 20.11 -92.88
C GLY LA 34 28.17 19.87 -91.40
N VAL LA 35 28.88 20.60 -90.53
CA VAL LA 35 28.71 20.44 -89.08
C VAL LA 35 27.23 20.59 -88.71
N ALA LA 36 26.53 21.54 -89.32
CA ALA LA 36 25.10 21.68 -89.07
C ALA LA 36 24.35 20.40 -89.43
N ASN LA 37 24.50 19.93 -90.68
CA ASN LA 37 23.86 18.69 -91.10
C ASN LA 37 24.11 17.58 -90.10
N TYR LA 38 25.36 17.46 -89.63
CA TYR LA 38 25.67 16.54 -88.55
C TYR LA 38 24.76 16.80 -87.35
N LEU LA 39 25.13 17.75 -86.48
CA LEU LA 39 24.39 17.97 -85.23
C LEU LA 39 22.90 17.67 -85.37
N TRP LA 40 22.30 18.11 -86.47
CA TRP LA 40 20.96 17.67 -86.82
C TRP LA 40 20.84 16.14 -86.78
N TYR LA 41 21.73 15.42 -87.48
CA TYR LA 41 21.62 13.95 -87.51
C TYR LA 41 21.61 13.35 -86.11
N ASP LA 42 22.30 13.97 -85.15
CA ASP LA 42 22.39 13.42 -83.81
C ASP LA 42 21.10 13.66 -83.04
N ASP LA 43 20.57 14.89 -83.10
CA ASP LA 43 19.27 15.11 -82.47
C ASP LA 43 18.21 14.17 -83.05
N ARG LA 44 18.33 13.83 -84.34
CA ARG LA 44 17.37 12.94 -84.97
C ARG LA 44 17.52 11.50 -84.49
N GLN LA 45 18.76 11.04 -84.29
CA GLN LA 45 18.94 9.69 -83.75
C GLN LA 45 18.45 9.59 -82.31
N SER LA 46 18.68 10.64 -81.51
CA SER LA 46 18.12 10.67 -80.16
C SER LA 46 16.59 10.58 -80.19
N GLU LA 47 15.95 11.40 -81.03
CA GLU LA 47 14.50 11.31 -81.16
C GLU LA 47 14.06 9.91 -81.56
N LEU LA 48 14.77 9.29 -82.51
CA LEU LA 48 14.44 7.93 -82.93
C LEU LA 48 14.51 6.95 -81.78
N GLU LA 49 15.52 7.07 -80.91
CA GLU LA 49 15.62 6.15 -79.78
C GLU LA 49 14.48 6.37 -78.79
N ALA LA 50 14.15 7.63 -78.50
CA ALA LA 50 13.00 7.89 -77.63
C ALA LA 50 11.73 7.28 -78.20
N HIS LA 51 11.52 7.44 -79.52
CA HIS LA 51 10.29 6.96 -80.15
C HIS LA 51 10.25 5.43 -80.16
N GLN LA 52 11.39 4.77 -80.39
CA GLN LA 52 11.42 3.32 -80.31
C GLN LA 52 11.16 2.82 -78.89
N ALA LA 53 11.63 3.56 -77.88
CA ALA LA 53 11.24 3.26 -76.51
C ALA LA 53 9.72 3.34 -76.36
N GLY LA 54 9.10 4.39 -76.88
CA GLY LA 54 7.65 4.48 -76.83
C GLY LA 54 6.95 3.32 -77.52
N VAL LA 55 7.45 2.92 -78.70
CA VAL LA 55 6.85 1.80 -79.42
C VAL LA 55 6.94 0.53 -78.59
N ALA LA 56 8.09 0.31 -77.94
CA ALA LA 56 8.18 -0.81 -77.00
C ALA LA 56 7.13 -0.70 -75.90
N SER LA 57 6.92 0.51 -75.37
CA SER LA 57 5.84 0.72 -74.42
C SER LA 57 4.47 0.41 -75.00
N THR LA 58 4.29 0.47 -76.32
CA THR LA 58 3.05 -0.05 -76.90
C THR LA 58 3.04 -1.57 -76.86
N LYS LA 59 4.05 -2.20 -77.47
CA LYS LA 59 4.05 -3.65 -77.62
C LYS LA 59 3.99 -4.37 -76.28
N ALA LA 60 4.35 -3.70 -75.18
CA ALA LA 60 4.21 -4.32 -73.87
C ALA LA 60 2.74 -4.42 -73.46
N ARG LA 61 2.08 -3.28 -73.31
CA ARG LA 61 0.72 -3.25 -72.80
C ARG LA 61 -0.29 -3.83 -73.78
N ILE LA 62 -0.02 -3.78 -75.09
CA ILE LA 62 -0.90 -4.49 -76.02
C ILE LA 62 -0.88 -5.99 -75.73
N ALA LA 63 0.31 -6.54 -75.46
CA ALA LA 63 0.40 -7.93 -75.03
C ALA LA 63 -0.35 -8.15 -73.72
N GLU LA 64 -0.14 -7.26 -72.75
CA GLU LA 64 -0.92 -7.30 -71.51
C GLU LA 64 -2.41 -7.47 -71.81
N LEU LA 65 -2.91 -6.73 -72.80
CA LEU LA 65 -4.34 -6.66 -73.06
C LEU LA 65 -4.84 -7.87 -73.83
N GLU LA 66 -4.02 -8.39 -74.75
CA GLU LA 66 -4.35 -9.65 -75.41
C GLU LA 66 -4.47 -10.76 -74.39
N LYS LA 67 -3.63 -10.71 -73.34
CA LYS LA 67 -3.73 -11.72 -72.28
C LYS LA 67 -4.98 -11.50 -71.41
N ILE LA 68 -5.23 -10.26 -71.00
CA ILE LA 68 -6.37 -9.99 -70.13
C ILE LA 68 -7.68 -10.29 -70.85
N ILE LA 69 -7.74 -10.03 -72.16
CA ILE LA 69 -8.96 -10.33 -72.91
C ILE LA 69 -9.04 -11.83 -73.21
N GLY LA 70 -7.89 -12.48 -73.41
CA GLY LA 70 -7.90 -13.93 -73.45
C GLY LA 70 -8.55 -14.52 -72.22
N GLU LA 71 -8.21 -13.97 -71.05
CA GLU LA 71 -8.92 -14.34 -69.84
C GLU LA 71 -10.41 -14.06 -70.02
N VAL LA 72 -10.77 -12.79 -70.25
CA VAL LA 72 -12.18 -12.40 -70.24
C VAL LA 72 -13.04 -13.29 -71.14
N LYS LA 73 -12.45 -13.82 -72.22
CA LYS LA 73 -13.21 -14.72 -73.09
C LYS LA 73 -13.25 -16.14 -72.54
N ASN LA 74 -12.08 -16.70 -72.22
CA ASN LA 74 -12.03 -17.98 -71.50
C ASN LA 74 -13.09 -18.03 -70.41
N ILE LA 75 -13.15 -16.96 -69.62
CA ILE LA 75 -14.21 -16.62 -68.70
C ILE LA 75 -15.57 -16.79 -69.32
N ASN LA 76 -15.92 -15.86 -70.22
CA ASN LA 76 -17.32 -15.65 -70.58
C ASN LA 76 -17.96 -16.90 -71.17
N THR LA 77 -17.15 -17.77 -71.81
CA THR LA 77 -17.77 -18.95 -72.41
C THR LA 77 -18.07 -20.03 -71.38
N ARG LA 78 -17.27 -20.12 -70.31
CA ARG LA 78 -17.51 -21.11 -69.26
C ARG LA 78 -18.71 -20.75 -68.39
N LYS LA 79 -18.98 -19.45 -68.22
CA LYS LA 79 -20.10 -19.02 -67.38
C LYS LA 79 -21.44 -19.55 -67.90
N ALA LA 80 -21.66 -19.48 -69.22
CA ALA LA 80 -22.91 -19.94 -69.81
C ALA LA 80 -23.13 -21.44 -69.66
N GLU LA 81 -22.06 -22.24 -69.72
CA GLU LA 81 -22.22 -23.66 -69.39
C GLU LA 81 -22.48 -23.85 -67.91
N VAL LA 82 -22.01 -22.93 -67.08
CA VAL LA 82 -22.22 -23.08 -65.64
C VAL LA 82 -23.68 -22.81 -65.26
N GLU LA 83 -24.21 -21.64 -65.62
CA GLU LA 83 -25.62 -21.34 -65.37
C GLU LA 83 -26.50 -22.52 -65.76
N LYS LA 84 -26.18 -23.16 -66.88
CA LYS LA 84 -27.00 -24.24 -67.43
C LYS LA 84 -26.84 -25.53 -66.63
N LYS LA 85 -25.60 -26.01 -66.49
CA LYS LA 85 -25.33 -27.17 -65.64
C LYS LA 85 -25.98 -27.02 -64.27
N LEU LA 86 -25.88 -25.84 -63.67
CA LEU LA 86 -26.49 -25.60 -62.38
C LEU LA 86 -28.01 -25.68 -62.45
N ALA LA 87 -28.63 -24.95 -63.38
CA ALA LA 87 -30.10 -25.02 -63.48
C ALA LA 87 -30.57 -26.46 -63.56
N VAL LA 88 -29.80 -27.30 -64.27
CA VAL LA 88 -30.01 -28.74 -64.19
C VAL LA 88 -29.89 -29.22 -62.74
N LEU LA 89 -28.84 -28.80 -62.03
CA LEU LA 89 -28.62 -29.27 -60.65
C LEU LA 89 -29.77 -28.87 -59.73
N ASP LA 90 -30.34 -27.68 -59.90
CA ASP LA 90 -31.44 -27.22 -59.07
C ASP LA 90 -32.75 -27.87 -59.48
N ALA LA 91 -32.85 -28.34 -60.72
CA ALA LA 91 -33.98 -29.20 -61.06
C ALA LA 91 -33.83 -30.57 -60.42
N LEU LA 92 -32.59 -31.06 -60.30
CA LEU LA 92 -32.36 -32.40 -59.78
C LEU LA 92 -32.49 -32.45 -58.26
N ARG LA 93 -32.04 -31.42 -57.55
CA ARG LA 93 -32.28 -31.35 -56.11
C ARG LA 93 -33.77 -31.35 -55.80
N LYS LA 94 -34.57 -30.72 -56.66
CA LYS LA 94 -36.02 -30.88 -56.58
C LYS LA 94 -36.45 -32.28 -57.02
N GLY LA 95 -35.63 -32.95 -57.82
CA GLY LA 95 -35.90 -34.33 -58.20
C GLY LA 95 -35.50 -35.36 -57.17
N ARG LA 96 -34.80 -34.95 -56.10
CA ARG LA 96 -34.53 -35.80 -54.95
C ARG LA 96 -35.32 -35.39 -53.72
N SER LA 97 -35.65 -34.11 -53.59
CA SER LA 97 -36.65 -33.71 -52.60
C SER LA 97 -38.01 -34.26 -52.97
N GLY LA 98 -38.30 -34.27 -54.28
CA GLY LA 98 -39.55 -34.76 -54.81
C GLY LA 98 -40.02 -36.06 -54.19
N PRO LA 99 -39.37 -37.17 -54.54
CA PRO LA 99 -39.79 -38.50 -54.03
C PRO LA 99 -39.93 -38.57 -52.51
N VAL LA 100 -39.76 -37.44 -51.84
CA VAL LA 100 -39.86 -37.42 -50.39
C VAL LA 100 -40.78 -36.28 -49.93
N ARG LA 101 -40.87 -35.22 -50.75
CA ARG LA 101 -41.44 -33.99 -50.20
C ARG LA 101 -42.95 -33.91 -50.32
N MET LA 102 -43.48 -33.28 -51.36
CA MET LA 102 -44.89 -32.93 -51.29
C MET LA 102 -45.72 -33.26 -52.53
N MET LA 103 -45.38 -32.73 -53.70
CA MET LA 103 -46.25 -32.89 -54.86
C MET LA 103 -46.30 -34.32 -55.39
N ASP LA 104 -45.45 -35.21 -54.89
CA ASP LA 104 -44.87 -36.23 -55.75
C ASP LA 104 -45.50 -37.62 -55.64
N ALA LA 105 -46.36 -37.88 -54.66
CA ALA LA 105 -47.08 -39.14 -54.67
C ALA LA 105 -48.55 -38.93 -54.98
N LEU LA 106 -49.08 -37.76 -54.64
CA LEU LA 106 -50.49 -37.45 -54.78
C LEU LA 106 -50.72 -36.82 -56.17
N ALA LA 107 -51.84 -37.09 -56.88
CA ALA LA 107 -53.22 -37.31 -56.40
C ALA LA 107 -53.65 -35.97 -55.78
N SER LA 108 -53.67 -34.97 -56.66
CA SER LA 108 -53.94 -33.57 -56.34
C SER LA 108 -52.88 -33.03 -55.40
N ALA LA 109 -52.25 -31.92 -55.76
CA ALA LA 109 -51.13 -31.39 -55.01
C ALA LA 109 -51.57 -30.61 -53.76
N THR LA 110 -52.41 -31.23 -52.93
CA THR LA 110 -52.91 -30.58 -51.73
C THR LA 110 -52.38 -31.27 -50.48
N PRO LA 111 -51.96 -30.50 -49.45
CA PRO LA 111 -51.28 -30.96 -48.24
C PRO LA 111 -52.22 -31.59 -47.20
N LYS LA 112 -51.69 -32.40 -46.28
CA LYS LA 112 -50.28 -32.77 -46.21
C LYS LA 112 -49.97 -33.90 -47.19
N LYS LA 113 -48.80 -33.83 -47.82
CA LYS LA 113 -48.53 -34.61 -49.02
C LYS LA 113 -47.10 -35.13 -48.97
N VAL LA 114 -46.92 -36.45 -49.07
CA VAL LA 114 -45.60 -37.14 -48.92
C VAL LA 114 -44.77 -36.68 -47.71
N TRP LA 115 -44.92 -35.39 -47.37
CA TRP LA 115 -45.11 -34.81 -46.04
C TRP LA 115 -44.42 -35.14 -44.71
N VAL LA 116 -45.25 -34.89 -43.70
CA VAL LA 116 -45.02 -34.83 -42.26
C VAL LA 116 -45.47 -36.16 -41.65
N LYS LA 117 -44.86 -36.56 -40.53
CA LYS LA 117 -45.01 -37.94 -40.10
C LYS LA 117 -46.13 -38.17 -39.10
N THR LA 118 -45.91 -37.90 -37.81
CA THR LA 118 -46.83 -38.37 -36.76
C THR LA 118 -47.60 -37.22 -36.13
N PHE LA 119 -48.82 -37.51 -35.68
CA PHE LA 119 -49.69 -36.57 -35.00
C PHE LA 119 -50.25 -37.23 -33.74
N SER LA 120 -50.19 -36.51 -32.62
CA SER LA 120 -50.67 -37.05 -31.35
C SER LA 120 -51.09 -35.89 -30.46
N GLU LA 121 -52.33 -35.94 -29.97
CA GLU LA 121 -52.93 -34.82 -29.25
C GLU LA 121 -53.32 -35.24 -27.83
N ASN LA 122 -53.80 -34.24 -27.07
CA ASN LA 122 -54.31 -34.48 -25.72
C ASN LA 122 -55.38 -33.47 -25.33
N ASN LA 123 -56.08 -32.89 -26.31
CA ASN LA 123 -57.17 -31.93 -26.13
C ASN LA 123 -56.71 -30.64 -25.44
N ASN LA 124 -55.39 -30.41 -25.33
CA ASN LA 124 -54.86 -29.15 -24.88
C ASN LA 124 -53.66 -28.77 -25.75
N ALA LA 125 -52.87 -29.77 -26.15
CA ALA LA 125 -51.74 -29.54 -27.03
C ALA LA 125 -51.61 -30.73 -27.97
N VAL LA 126 -50.97 -30.48 -29.12
CA VAL LA 126 -50.64 -31.52 -30.08
C VAL LA 126 -49.12 -31.59 -30.20
N SER LA 127 -48.57 -32.79 -30.11
CA SER LA 127 -47.12 -33.00 -30.22
C SER LA 127 -46.88 -33.74 -31.52
N ILE LA 128 -46.52 -32.99 -32.56
CA ILE LA 128 -46.46 -33.51 -33.91
C ILE LA 128 -45.04 -33.97 -34.22
N ASP LA 129 -44.89 -34.66 -35.34
CA ASP LA 129 -43.62 -35.21 -35.79
C ASP LA 129 -43.64 -35.15 -37.30
N GLY LA 130 -42.59 -34.57 -37.93
CA GLY LA 130 -42.70 -34.17 -39.31
C GLY LA 130 -41.40 -34.19 -40.08
N SER LA 131 -41.49 -33.64 -41.30
CA SER LA 131 -40.42 -33.58 -42.28
C SER LA 131 -40.78 -32.51 -43.31
N ALA LA 132 -39.81 -31.68 -43.66
CA ALA LA 132 -40.04 -30.57 -44.59
C ALA LA 132 -38.91 -30.53 -45.62
N VAL LA 133 -39.02 -29.59 -46.56
CA VAL LA 133 -38.10 -29.62 -47.69
C VAL LA 133 -36.72 -29.13 -47.29
N SER LA 134 -36.62 -28.13 -46.42
CA SER LA 134 -35.35 -27.47 -46.16
C SER LA 134 -35.52 -26.52 -44.99
N HIS LA 135 -34.58 -25.59 -44.89
CA HIS LA 135 -34.62 -24.50 -43.92
C HIS LA 135 -35.66 -23.46 -44.30
N ASP LA 136 -36.43 -23.74 -45.36
CA ASP LA 136 -37.37 -22.79 -45.93
C ASP LA 136 -38.82 -23.15 -45.66
N GLU LA 137 -39.28 -24.31 -46.11
CA GLU LA 137 -40.66 -24.73 -45.87
C GLU LA 137 -40.91 -25.07 -44.42
N VAL LA 138 -39.89 -25.51 -43.68
CA VAL LA 138 -40.07 -25.63 -42.23
C VAL LA 138 -40.08 -24.25 -41.60
N ALA LA 139 -39.44 -23.27 -42.24
CA ALA LA 139 -39.52 -21.89 -41.78
C ALA LA 139 -40.86 -21.27 -42.14
N GLU LA 140 -41.38 -21.58 -43.33
CA GLU LA 140 -42.73 -21.15 -43.69
C GLU LA 140 -43.76 -21.74 -42.73
N PHE LA 141 -43.65 -23.04 -42.46
CA PHE LA 141 -44.58 -23.72 -41.57
C PHE LA 141 -44.48 -23.18 -40.15
N MET LA 142 -43.25 -23.01 -39.65
CA MET LA 142 -43.08 -22.53 -38.29
C MET LA 142 -43.53 -21.07 -38.15
N ARG LA 143 -43.35 -20.28 -39.22
CA ARG LA 143 -43.86 -18.91 -39.20
C ARG LA 143 -45.38 -18.89 -39.17
N GLY LA 144 -46.02 -19.75 -39.97
CA GLY LA 144 -47.47 -19.81 -40.00
C GLY LA 144 -48.11 -20.10 -38.65
N LEU LA 145 -47.32 -20.54 -37.67
CA LEU LA 145 -47.84 -20.84 -36.34
C LEU LA 145 -47.45 -19.76 -35.33
N ASN LA 146 -46.32 -19.95 -34.66
CA ASN LA 146 -45.95 -19.11 -33.54
C ASN LA 146 -44.49 -19.36 -33.19
N GLY LA 147 -43.95 -18.48 -32.34
CA GLY LA 147 -42.57 -18.50 -31.89
C GLY LA 147 -42.47 -17.96 -30.48
N VAL LA 148 -41.86 -18.73 -29.58
CA VAL LA 148 -42.06 -18.56 -28.14
C VAL LA 148 -40.74 -18.72 -27.41
N VAL LA 149 -40.57 -17.96 -26.33
CA VAL LA 149 -39.48 -18.18 -25.38
C VAL LA 149 -40.03 -19.07 -24.27
N TRP LA 150 -39.68 -20.35 -24.32
CA TRP LA 150 -40.16 -21.30 -23.32
C TRP LA 150 -39.19 -21.37 -22.14
N THR LA 151 -39.72 -21.59 -20.94
CA THR LA 151 -38.87 -21.54 -19.76
C THR LA 151 -39.06 -22.79 -18.89
N PRO LA 152 -39.82 -22.78 -17.75
CA PRO LA 152 -39.65 -23.87 -16.79
C PRO LA 152 -40.35 -25.15 -17.24
N LYS LA 153 -39.59 -26.11 -17.72
CA LYS LA 153 -40.18 -27.33 -18.26
C LYS LA 153 -40.39 -28.37 -17.16
N GLY LA 154 -41.53 -29.05 -17.23
CA GLY LA 154 -41.80 -30.15 -16.31
C GLY LA 154 -41.58 -31.49 -16.96
N MET LA 155 -40.85 -32.37 -16.27
CA MET LA 155 -40.57 -33.70 -16.80
C MET LA 155 -41.66 -34.67 -16.37
N GLY LA 156 -42.17 -35.46 -17.32
CA GLY LA 156 -43.26 -36.36 -17.04
C GLY LA 156 -43.02 -37.74 -17.62
N ARG LA 157 -43.80 -38.70 -17.11
CA ARG LA 157 -43.58 -40.12 -17.43
C ARG LA 157 -43.79 -40.44 -18.91
N LEU LA 158 -44.35 -39.53 -19.71
CA LEU LA 158 -44.43 -39.76 -21.14
C LEU LA 158 -43.09 -39.55 -21.83
N VAL LA 159 -42.28 -38.60 -21.34
CA VAL LA 159 -40.94 -38.40 -21.87
C VAL LA 159 -40.13 -39.70 -21.79
N ASP LA 160 -40.12 -40.32 -20.61
CA ASP LA 160 -39.38 -41.56 -20.43
C ASP LA 160 -39.98 -42.69 -21.24
N ARG LA 161 -41.30 -42.71 -21.40
CA ARG LA 161 -41.92 -43.68 -22.31
C ARG LA 161 -41.48 -43.46 -23.75
N ARG LA 162 -41.07 -42.24 -24.11
CA ARG LA 162 -40.43 -42.04 -25.40
C ARG LA 162 -38.99 -42.53 -25.38
N ARG LA 163 -38.26 -42.30 -24.28
CA ARG LA 163 -36.93 -42.87 -24.13
C ARG LA 163 -36.97 -44.39 -24.04
N ASP LA 164 -38.04 -44.93 -23.45
CA ASP LA 164 -38.23 -46.37 -23.36
C ASP LA 164 -38.66 -46.99 -24.69
N SER LA 165 -39.07 -46.18 -25.67
CA SER LA 165 -39.66 -46.64 -26.93
C SER LA 165 -41.05 -47.21 -26.67
N LYS LA 166 -41.52 -47.10 -25.43
CA LYS LA 166 -42.76 -47.77 -25.05
C LYS LA 166 -43.99 -47.13 -25.65
N THR LA 167 -43.92 -45.86 -26.08
CA THR LA 167 -44.98 -45.22 -26.85
C THR LA 167 -44.44 -44.96 -28.25
N ALA LA 168 -45.09 -45.58 -29.24
CA ALA LA 168 -44.47 -45.72 -30.55
C ALA LA 168 -44.41 -44.39 -31.27
N ARG LA 169 -43.17 -43.93 -31.48
CA ARG LA 169 -42.80 -42.71 -32.22
C ARG LA 169 -41.23 -42.66 -33.27
N VAL LA 170 -40.75 -41.54 -33.93
CA VAL LA 170 -39.43 -41.47 -34.58
C VAL LA 170 -38.40 -40.78 -33.68
N GLU LA 171 -37.74 -41.56 -32.81
CA GLU LA 171 -36.78 -41.06 -31.82
C GLU LA 171 -35.53 -40.41 -32.43
N MET LA 172 -35.62 -39.92 -33.67
CA MET LA 172 -34.95 -38.69 -34.09
C MET LA 172 -35.37 -37.50 -33.24
N LEU LA 173 -36.53 -37.59 -32.60
CA LEU LA 173 -37.21 -36.47 -31.97
C LEU LA 173 -36.74 -36.21 -30.55
N THR LA 174 -36.61 -34.93 -30.20
CA THR LA 174 -36.60 -34.55 -28.80
C THR LA 174 -37.95 -34.89 -28.16
N SER LA 175 -38.00 -34.83 -26.83
CA SER LA 175 -39.16 -35.35 -26.12
C SER LA 175 -40.10 -34.22 -25.69
N ASP LA 176 -40.75 -34.41 -24.54
CA ASP LA 176 -41.44 -33.38 -23.77
C ASP LA 176 -42.75 -32.91 -24.38
N ALA LA 177 -43.59 -32.26 -23.55
CA ALA LA 177 -44.86 -31.65 -23.93
C ALA LA 177 -45.50 -30.92 -22.76
N THR LA 178 -44.68 -30.32 -21.89
CA THR LA 178 -45.19 -29.64 -20.70
C THR LA 178 -44.20 -28.54 -20.32
N ILE LA 179 -44.67 -27.29 -20.34
CA ILE LA 179 -43.80 -26.15 -20.10
C ILE LA 179 -44.63 -24.88 -19.93
N GLU LA 180 -43.97 -23.73 -19.88
CA GLU LA 180 -44.61 -22.42 -19.77
C GLU LA 180 -44.01 -21.51 -20.83
N GLU LA 181 -44.86 -20.85 -21.60
CA GLU LA 181 -44.48 -20.24 -22.88
C GLU LA 181 -44.66 -18.73 -22.85
N PHE LA 182 -43.70 -18.01 -23.46
CA PHE LA 182 -43.78 -16.57 -23.65
C PHE LA 182 -43.66 -16.23 -25.14
N PRO LA 183 -44.55 -15.40 -25.68
CA PRO LA 183 -44.55 -15.20 -27.13
C PRO LA 183 -43.39 -14.33 -27.60
N GLU LA 184 -42.72 -14.80 -28.64
CA GLU LA 184 -41.75 -14.00 -29.37
C GLU LA 184 -42.34 -13.44 -30.66
N ALA LA 185 -42.76 -14.30 -31.58
CA ALA LA 185 -43.47 -13.86 -32.76
C ALA LA 185 -44.70 -14.74 -32.92
N GLN LA 186 -45.64 -14.28 -33.74
CA GLN LA 186 -46.91 -14.98 -33.87
C GLN LA 186 -47.47 -14.71 -35.26
N VAL LA 187 -48.26 -15.64 -35.78
CA VAL LA 187 -48.96 -15.43 -37.05
C VAL LA 187 -50.37 -15.99 -36.99
N SER LA 188 -50.52 -17.19 -36.45
CA SER LA 188 -51.85 -17.73 -36.24
C SER LA 188 -52.37 -17.27 -34.89
N PRO LA 189 -53.44 -16.47 -34.82
CA PRO LA 189 -53.99 -16.12 -33.50
C PRO LA 189 -54.57 -17.33 -32.80
N PHE LA 190 -54.62 -18.47 -33.48
CA PHE LA 190 -55.26 -19.64 -32.89
C PHE LA 190 -54.23 -20.63 -32.39
N PHE LA 191 -52.94 -20.41 -32.66
CA PHE LA 191 -51.93 -21.42 -32.37
C PHE LA 191 -50.81 -20.81 -31.54
N LYS LA 192 -50.47 -21.50 -30.46
CA LYS LA 192 -49.32 -21.19 -29.63
C LYS LA 192 -48.34 -22.36 -29.79
N ASN LA 193 -47.44 -22.23 -30.76
CA ASN LA 193 -46.35 -23.18 -30.89
C ASN LA 193 -45.33 -22.92 -29.80
N ILE LA 194 -44.83 -24.00 -29.17
CA ILE LA 194 -43.87 -23.79 -28.09
C ILE LA 194 -42.48 -23.53 -28.65
N ASP LA 195 -42.10 -24.27 -29.71
CA ASP LA 195 -40.80 -24.16 -30.38
C ASP LA 195 -40.65 -25.26 -31.41
N LEU LA 196 -39.83 -25.03 -32.43
CA LEU LA 196 -39.35 -26.13 -33.28
C LEU LA 196 -38.44 -26.99 -32.42
N GLN LA 197 -39.01 -28.03 -31.82
CA GLN LA 197 -38.30 -28.81 -30.82
C GLN LA 197 -37.03 -29.42 -31.38
N THR LA 198 -37.05 -29.87 -32.64
CA THR LA 198 -35.80 -30.31 -33.26
C THR LA 198 -35.94 -30.33 -34.77
N ALA LA 199 -34.80 -30.42 -35.45
CA ALA LA 199 -34.75 -30.51 -36.90
C ALA LA 199 -33.38 -31.00 -37.35
N LYS LA 200 -33.37 -32.06 -38.15
CA LYS LA 200 -32.16 -32.71 -38.64
C LYS LA 200 -32.36 -33.12 -40.08
N GLN LA 201 -31.50 -32.62 -40.98
CA GLN LA 201 -31.59 -32.97 -42.39
C GLN LA 201 -31.06 -34.38 -42.60
N VAL LA 202 -31.96 -35.31 -42.90
CA VAL LA 202 -31.62 -36.73 -43.09
C VAL LA 202 -31.29 -36.95 -44.56
N GLY LA 203 -30.05 -37.36 -44.84
CA GLY LA 203 -29.60 -37.45 -46.22
C GLY LA 203 -29.95 -38.75 -46.92
N GLY LA 204 -29.84 -39.88 -46.23
CA GLY LA 204 -30.11 -41.16 -46.85
C GLY LA 204 -28.83 -41.94 -47.14
N ALA LA 205 -28.91 -42.78 -48.17
CA ALA LA 205 -27.79 -43.64 -48.52
C ALA LA 205 -27.90 -44.02 -50.00
N GLN LA 206 -27.02 -44.94 -50.42
CA GLN LA 206 -27.03 -45.41 -51.80
C GLN LA 206 -28.28 -46.20 -52.14
N VAL LA 207 -29.01 -46.69 -51.13
CA VAL LA 207 -30.26 -47.38 -51.38
C VAL LA 207 -31.39 -46.40 -51.68
N GLY LA 208 -31.27 -45.13 -51.27
CA GLY LA 208 -32.30 -44.16 -51.56
C GLY LA 208 -32.20 -42.87 -50.76
N VAL LA 209 -32.97 -41.87 -51.17
CA VAL LA 209 -32.93 -40.55 -50.55
C VAL LA 209 -34.11 -40.32 -49.60
N PRO LA 210 -33.92 -39.43 -48.63
CA PRO LA 210 -34.95 -38.44 -48.30
C PRO LA 210 -34.43 -37.00 -48.46
N ILE LA 211 -33.21 -36.76 -47.97
CA ILE LA 211 -32.50 -35.48 -48.11
C ILE LA 211 -33.24 -34.36 -47.35
N LEU LA 212 -34.50 -34.59 -47.00
CA LEU LA 212 -35.30 -33.55 -46.40
C LEU LA 212 -34.85 -33.27 -44.95
N VAL LA 213 -35.52 -32.30 -44.33
CA VAL LA 213 -35.24 -31.93 -42.94
C VAL LA 213 -36.33 -32.52 -42.06
N GLU LA 214 -35.99 -33.61 -41.37
CA GLU LA 214 -36.86 -34.15 -40.35
C GLU LA 214 -37.01 -33.13 -39.23
N PHE LA 215 -38.18 -33.07 -38.58
CA PHE LA 215 -38.35 -32.09 -37.52
C PHE LA 215 -39.40 -32.53 -36.52
N LYS LA 216 -39.47 -31.81 -35.40
CA LYS LA 216 -40.50 -32.01 -34.38
C LYS LA 216 -40.88 -30.69 -33.74
N ILE LA 217 -42.20 -30.53 -33.54
CA ILE LA 217 -42.85 -29.35 -32.99
C ILE LA 217 -43.95 -29.80 -32.04
N THR LA 218 -44.18 -29.01 -30.99
CA THR LA 218 -45.34 -29.16 -30.11
C THR LA 218 -46.05 -27.82 -29.99
N MET LA 219 -47.37 -27.86 -30.04
CA MET LA 219 -48.16 -26.64 -30.17
C MET LA 219 -49.50 -26.82 -29.45
N THR LA 220 -49.79 -25.92 -28.51
CA THR LA 220 -51.14 -25.85 -27.95
C THR LA 220 -51.97 -24.85 -28.77
N SER LA 221 -53.13 -25.32 -29.26
CA SER LA 221 -54.00 -24.59 -30.18
C SER LA 221 -54.69 -23.42 -29.48
N ASN LA 222 -55.97 -23.19 -29.79
CA ASN LA 222 -56.76 -22.20 -29.03
C ASN LA 222 -58.23 -22.64 -28.94
N TYR LA 223 -58.85 -22.23 -27.83
CA TYR LA 223 -60.21 -22.68 -27.53
C TYR LA 223 -60.30 -23.22 -26.10
N MET MA 1 33.74 46.70 -119.77
CA MET MA 1 35.08 46.77 -119.22
C MET MA 1 35.73 45.39 -119.44
N ASP MA 2 36.34 45.27 -120.61
CA ASP MA 2 36.21 44.13 -121.52
C ASP MA 2 36.85 42.83 -121.10
N LYS MA 3 38.06 42.90 -120.56
CA LYS MA 3 38.86 41.69 -120.46
C LYS MA 3 38.17 40.68 -119.55
N TYR MA 4 37.03 41.10 -118.98
CA TYR MA 4 36.34 40.32 -117.97
C TYR MA 4 35.18 39.50 -118.56
N LEU MA 5 34.59 39.92 -119.71
CA LEU MA 5 33.80 38.91 -120.43
C LEU MA 5 34.70 38.02 -121.25
N ASP MA 6 35.93 38.47 -121.49
CA ASP MA 6 36.81 37.47 -122.05
C ASP MA 6 37.15 36.42 -121.01
N GLN MA 7 37.37 36.85 -119.77
CA GLN MA 7 37.66 35.88 -118.72
C GLN MA 7 36.42 35.10 -118.33
N PHE MA 8 35.24 35.72 -118.44
CA PHE MA 8 34.00 35.07 -118.02
C PHE MA 8 33.54 34.06 -119.07
N VAL MA 9 33.89 34.28 -120.34
CA VAL MA 9 33.64 33.30 -121.39
C VAL MA 9 34.67 32.19 -121.41
N LYS MA 10 35.87 32.44 -120.90
CA LYS MA 10 36.95 31.45 -120.91
C LYS MA 10 36.94 30.39 -119.80
N ALA MA 11 37.74 30.65 -118.75
CA ALA MA 11 38.04 29.74 -117.63
C ALA MA 11 39.32 28.95 -117.89
N PRO MA 12 40.04 28.60 -116.80
CA PRO MA 12 40.65 27.29 -116.46
C PRO MA 12 40.69 27.00 -114.90
N PRO MA 13 41.82 27.15 -114.12
CA PRO MA 13 41.78 26.62 -112.74
C PRO MA 13 40.76 27.31 -111.85
N ALA MA 14 40.69 28.64 -111.92
CA ALA MA 14 39.81 29.39 -111.03
C ALA MA 14 38.35 28.95 -111.20
N ILE MA 15 37.96 28.65 -112.44
CA ILE MA 15 36.57 28.34 -112.72
C ILE MA 15 36.31 26.84 -112.63
N LYS MA 16 37.32 26.01 -112.86
CA LYS MA 16 37.18 24.59 -112.51
C LYS MA 16 36.96 24.42 -111.01
N PHE MA 17 37.80 25.08 -110.21
CA PHE MA 17 37.58 25.14 -108.77
C PHE MA 17 36.21 25.71 -108.45
N GLY MA 18 35.84 26.82 -109.09
CA GLY MA 18 34.54 27.41 -108.84
C GLY MA 18 33.40 26.43 -109.07
N GLY MA 19 33.39 25.79 -110.24
CA GLY MA 19 32.37 24.82 -110.55
C GLY MA 19 32.31 23.67 -109.56
N LEU MA 20 33.47 23.12 -109.20
CA LEU MA 20 33.51 22.13 -108.12
C LEU MA 20 32.82 22.67 -106.87
N ALA MA 21 33.02 23.95 -106.57
CA ALA MA 21 32.48 24.53 -105.34
C ALA MA 21 30.96 24.68 -105.41
N PHE MA 22 30.43 25.17 -106.54
CA PHE MA 22 28.98 25.26 -106.69
C PHE MA 22 28.34 23.87 -106.63
N VAL MA 23 29.03 22.86 -107.18
CA VAL MA 23 28.50 21.50 -107.13
C VAL MA 23 28.44 21.01 -105.69
N VAL MA 24 29.53 21.17 -104.92
CA VAL MA 24 29.52 20.67 -103.54
C VAL MA 24 28.51 21.44 -102.70
N GLY MA 25 28.31 22.73 -103.00
CA GLY MA 25 27.26 23.48 -102.34
C GLY MA 25 25.88 22.93 -102.63
N ALA MA 26 25.60 22.61 -103.89
CA ALA MA 26 24.33 21.98 -104.24
C ALA MA 26 24.15 20.65 -103.50
N LEU MA 27 25.19 19.82 -103.48
CA LEU MA 27 25.09 18.51 -102.82
C LEU MA 27 24.84 18.65 -101.33
N THR MA 28 25.46 19.66 -100.70
CA THR MA 28 25.22 19.87 -99.26
C THR MA 28 23.80 20.37 -99.01
N ALA MA 29 23.30 21.27 -99.86
CA ALA MA 29 21.88 21.60 -99.79
C ALA MA 29 21.01 20.35 -99.87
N ALA MA 30 21.34 19.45 -100.80
CA ALA MA 30 20.55 18.24 -100.99
C ALA MA 30 20.59 17.35 -99.75
N ASN MA 31 21.76 17.13 -99.17
CA ASN MA 31 21.82 16.21 -98.02
C ASN MA 31 21.22 16.86 -96.77
N PHE MA 32 21.30 18.18 -96.65
CA PHE MA 32 20.61 18.82 -95.53
C PHE MA 32 19.10 18.71 -95.66
N PHE MA 33 18.57 18.86 -96.87
CA PHE MA 33 17.14 18.60 -97.05
C PHE MA 33 16.82 17.13 -96.76
N MET MA 34 17.71 16.22 -97.17
CA MET MA 34 17.53 14.80 -96.94
C MET MA 34 17.80 14.38 -95.51
N VAL MA 35 18.21 15.29 -94.63
CA VAL MA 35 18.16 15.00 -93.20
C VAL MA 35 17.02 15.77 -92.53
N ILE MA 36 16.47 16.79 -93.20
CA ILE MA 36 15.31 17.47 -92.64
C ILE MA 36 14.05 16.63 -92.84
N GLN MA 37 13.93 15.96 -94.00
CA GLN MA 37 12.74 15.16 -94.24
C GLN MA 37 12.58 13.98 -93.28
N PRO MA 38 13.62 13.19 -92.96
CA PRO MA 38 13.44 12.13 -91.96
C PRO MA 38 13.03 12.66 -90.59
N THR MA 39 13.32 13.92 -90.31
CA THR MA 39 12.81 14.55 -89.09
C THR MA 39 11.29 14.58 -89.11
N GLU MA 40 10.72 15.17 -90.15
CA GLU MA 40 9.27 15.27 -90.26
C GLU MA 40 8.62 13.90 -90.25
N GLU MA 41 9.14 12.97 -91.07
CA GLU MA 41 8.63 11.60 -91.05
C GLU MA 41 8.70 11.01 -89.65
N GLU MA 42 9.76 11.33 -88.92
CA GLU MA 42 9.96 10.75 -87.60
C GLU MA 42 8.97 11.29 -86.58
N ILE MA 43 8.72 12.60 -86.61
CA ILE MA 43 7.68 13.19 -85.78
C ILE MA 43 6.33 12.57 -86.11
N GLY MA 44 6.10 12.28 -87.39
CA GLY MA 44 4.87 11.59 -87.77
C GLY MA 44 4.73 10.23 -87.13
N TRP MA 45 5.76 9.39 -87.25
CA TRP MA 45 5.72 8.07 -86.62
C TRP MA 45 5.54 8.19 -85.11
N ALA MA 46 6.11 9.23 -84.50
CA ALA MA 46 5.85 9.49 -83.09
C ALA MA 46 4.36 9.70 -82.84
N VAL MA 47 3.73 10.59 -83.61
CA VAL MA 47 2.31 10.89 -83.42
C VAL MA 47 1.45 9.64 -83.63
N ALA MA 48 1.85 8.75 -84.54
CA ALA MA 48 1.12 7.50 -84.70
C ALA MA 48 1.27 6.60 -83.49
N GLU MA 49 2.52 6.32 -83.11
CA GLU MA 49 2.81 5.40 -82.01
C GLU MA 49 2.12 5.83 -80.73
N ARG MA 50 2.22 7.11 -80.38
CA ARG MA 50 1.54 7.60 -79.17
C ARG MA 50 0.04 7.37 -79.24
N ARG MA 51 -0.55 7.57 -80.42
CA ARG MA 51 -1.97 7.28 -80.59
C ARG MA 51 -2.28 5.81 -80.44
N LYS MA 52 -1.29 4.94 -80.66
CA LYS MA 52 -1.51 3.52 -80.34
C LYS MA 52 -1.41 3.25 -78.84
N LEU MA 53 -0.41 3.87 -78.18
CA LEU MA 53 -0.33 3.81 -76.72
C LEU MA 53 -1.66 4.17 -76.08
N ASP MA 54 -2.24 5.30 -76.49
CA ASP MA 54 -3.41 5.83 -75.81
C ASP MA 54 -4.67 5.01 -76.04
N LEU MA 55 -4.80 4.35 -77.19
CA LEU MA 55 -5.92 3.44 -77.41
C LEU MA 55 -5.75 2.14 -76.64
N GLU MA 56 -4.52 1.61 -76.62
CA GLU MA 56 -4.24 0.43 -75.81
C GLU MA 56 -4.57 0.69 -74.34
N LEU MA 57 -4.24 1.89 -73.84
CA LEU MA 57 -4.62 2.22 -72.46
C LEU MA 57 -6.13 2.18 -72.26
N ALA MA 58 -6.92 2.47 -73.31
CA ALA MA 58 -8.36 2.28 -73.20
C ALA MA 58 -8.71 0.80 -73.09
N ASP MA 59 -8.09 -0.03 -73.95
CA ASP MA 59 -8.35 -1.46 -73.89
C ASP MA 59 -8.02 -2.05 -72.51
N LYS MA 60 -6.95 -1.56 -71.86
CA LYS MA 60 -6.56 -2.13 -70.57
C LYS MA 60 -7.64 -1.92 -69.51
N SER MA 61 -8.17 -0.70 -69.42
CA SER MA 61 -9.24 -0.46 -68.45
C SER MA 61 -10.50 -1.23 -68.81
N GLU MA 62 -10.85 -1.28 -70.10
CA GLU MA 62 -12.03 -2.04 -70.50
C GLU MA 62 -11.92 -3.49 -70.04
N ILE MA 63 -10.81 -4.14 -70.35
CA ILE MA 63 -10.73 -5.57 -70.07
C ILE MA 63 -10.51 -5.83 -68.58
N ALA MA 64 -9.87 -4.90 -67.85
CA ALA MA 64 -9.78 -5.06 -66.41
C ALA MA 64 -11.16 -4.99 -65.77
N GLN MA 65 -12.01 -4.06 -66.24
CA GLN MA 65 -13.38 -4.02 -65.74
C GLN MA 65 -14.14 -5.29 -66.08
N ASN MA 66 -13.94 -5.82 -67.30
CA ASN MA 66 -14.57 -7.10 -67.64
C ASN MA 66 -14.07 -8.24 -66.75
N LEU MA 67 -12.79 -8.22 -66.36
CA LEU MA 67 -12.29 -9.18 -65.38
C LEU MA 67 -13.01 -9.06 -64.05
N ASN MA 68 -13.13 -7.84 -63.53
CA ASN MA 68 -13.84 -7.66 -62.26
C ASN MA 68 -15.27 -8.18 -62.35
N GLU MA 69 -15.96 -7.90 -63.45
CA GLU MA 69 -17.32 -8.42 -63.60
C GLU MA 69 -17.33 -9.95 -63.66
N ARG MA 70 -16.32 -10.56 -64.31
CA ARG MA 70 -16.16 -11.99 -64.14
C ARG MA 70 -16.16 -12.33 -62.67
N ARG MA 71 -15.03 -12.08 -61.99
CA ARG MA 71 -14.81 -12.50 -60.62
C ARG MA 71 -16.12 -12.42 -59.86
N ARG MA 72 -16.73 -11.22 -59.94
CA ARG MA 72 -18.03 -10.97 -59.34
C ARG MA 72 -19.04 -12.06 -59.64
N GLU MA 73 -19.12 -12.51 -60.89
CA GLU MA 73 -20.18 -13.49 -61.13
C GLU MA 73 -19.70 -14.94 -61.31
N MET MA 74 -18.63 -15.15 -62.06
CA MET MA 74 -18.04 -16.48 -62.19
C MET MA 74 -17.77 -17.10 -60.83
N ASP MA 75 -17.21 -16.34 -59.90
CA ASP MA 75 -17.14 -16.91 -58.57
C ASP MA 75 -18.53 -17.32 -58.09
N VAL MA 76 -19.48 -16.38 -58.01
CA VAL MA 76 -20.79 -16.67 -57.41
C VAL MA 76 -21.38 -17.97 -57.95
N LEU MA 77 -21.30 -18.18 -59.26
CA LEU MA 77 -21.78 -19.46 -59.79
C LEU MA 77 -20.85 -20.61 -59.40
N GLU MA 78 -19.58 -20.35 -59.07
CA GLU MA 78 -18.71 -21.40 -58.56
C GLU MA 78 -19.28 -21.91 -57.23
N GLN MA 79 -20.19 -21.13 -56.64
CA GLN MA 79 -21.06 -21.59 -55.56
C GLN MA 79 -22.32 -22.26 -56.08
N LYS MA 80 -22.97 -21.69 -57.10
CA LYS MA 80 -24.23 -22.27 -57.57
C LYS MA 80 -24.05 -23.72 -58.02
N LEU MA 81 -23.55 -23.94 -59.24
CA LEU MA 81 -23.14 -25.30 -59.59
C LEU MA 81 -21.80 -25.43 -58.91
N SER MA 82 -20.83 -25.17 -59.77
CA SER MA 82 -19.55 -24.59 -59.44
C SER MA 82 -19.24 -23.90 -60.75
N GLU MA 83 -17.96 -23.65 -61.15
CA GLU MA 83 -17.78 -22.93 -62.42
C GLU MA 83 -16.75 -23.65 -63.30
N ALA MA 84 -15.70 -22.96 -63.72
CA ALA MA 84 -14.77 -23.55 -64.71
C ALA MA 84 -13.98 -24.69 -64.14
N LEU MA 85 -12.73 -24.76 -64.55
CA LEU MA 85 -11.74 -25.29 -63.68
C LEU MA 85 -11.41 -24.12 -62.77
N THR MA 86 -10.60 -23.19 -63.29
CA THR MA 86 -9.89 -22.28 -62.42
C THR MA 86 -8.88 -21.44 -63.19
N GLU MA 87 -8.61 -20.26 -62.65
CA GLU MA 87 -7.25 -19.70 -62.64
C GLU MA 87 -6.86 -19.84 -61.18
N LEU MA 88 -7.93 -19.81 -60.39
CA LEU MA 88 -7.98 -19.52 -58.97
C LEU MA 88 -6.71 -19.32 -58.17
N PRO MA 89 -6.66 -18.18 -57.49
CA PRO MA 89 -5.88 -18.14 -56.26
C PRO MA 89 -6.68 -18.92 -55.21
N GLU MA 90 -7.91 -18.47 -54.94
CA GLU MA 90 -8.75 -18.86 -53.78
C GLU MA 90 -7.95 -19.05 -52.47
N GLN MA 91 -6.63 -19.22 -52.60
CA GLN MA 91 -5.71 -18.96 -51.50
C GLN MA 91 -5.93 -17.58 -50.90
N ARG MA 92 -6.47 -16.63 -51.67
CA ARG MA 92 -6.87 -15.31 -51.20
C ARG MA 92 -8.38 -15.17 -51.16
N ASP MA 93 -9.08 -16.28 -50.94
CA ASP MA 93 -10.54 -16.25 -50.88
C ASP MA 93 -11.11 -17.23 -49.87
N ILE MA 94 -10.29 -17.90 -49.06
CA ILE MA 94 -10.80 -18.82 -48.05
C ILE MA 94 -10.85 -18.15 -46.68
N GLU MA 95 -9.76 -17.49 -46.29
CA GLU MA 95 -9.74 -16.80 -45.01
C GLU MA 95 -10.75 -15.67 -44.97
N GLU MA 96 -10.99 -15.03 -46.12
CA GLU MA 96 -12.04 -14.03 -46.19
C GLU MA 96 -13.42 -14.67 -46.08
N LEU MA 97 -13.55 -15.93 -46.52
CA LEU MA 97 -14.81 -16.65 -46.35
C LEU MA 97 -15.06 -16.95 -44.88
N LEU MA 98 -14.04 -17.44 -44.17
CA LEU MA 98 -14.18 -17.65 -42.73
C LEU MA 98 -14.48 -16.35 -42.00
N ALA MA 99 -13.77 -15.27 -42.35
CA ALA MA 99 -14.00 -13.98 -41.71
C ALA MA 99 -15.42 -13.49 -41.93
N GLN MA 100 -15.92 -13.55 -43.18
CA GLN MA 100 -17.27 -13.07 -43.45
C GLN MA 100 -18.32 -13.97 -42.82
N ILE MA 101 -18.05 -15.27 -42.69
CA ILE MA 101 -18.94 -16.15 -41.94
C ILE MA 101 -19.03 -15.68 -40.49
N ASN MA 102 -17.88 -15.34 -39.90
CA ASN MA 102 -17.88 -14.81 -38.54
C ASN MA 102 -18.67 -13.51 -38.46
N ASP MA 103 -18.54 -12.64 -39.46
CA ASP MA 103 -19.23 -11.35 -39.42
C ASP MA 103 -20.74 -11.53 -39.53
N ILE MA 104 -21.21 -12.30 -40.50
CA ILE MA 104 -22.64 -12.54 -40.63
C ILE MA 104 -23.18 -13.27 -39.41
N GLY MA 105 -22.34 -14.08 -38.77
CA GLY MA 105 -22.76 -14.69 -37.51
C GLY MA 105 -22.92 -13.66 -36.41
N LYS MA 106 -21.99 -12.70 -36.34
CA LYS MA 106 -22.03 -11.70 -35.27
C LYS MA 106 -23.21 -10.74 -35.44
N LYS MA 107 -23.45 -10.29 -36.67
CA LYS MA 107 -24.55 -9.35 -36.89
C LYS MA 107 -25.91 -10.05 -36.83
N SER MA 108 -25.95 -11.38 -36.90
CA SER MA 108 -27.18 -12.13 -36.64
C SER MA 108 -27.38 -12.43 -35.16
N GLY MA 109 -26.41 -12.10 -34.32
CA GLY MA 109 -26.51 -12.30 -32.88
C GLY MA 109 -26.13 -13.69 -32.40
N LEU MA 110 -25.56 -14.53 -33.25
CA LEU MA 110 -25.25 -15.90 -32.88
C LEU MA 110 -23.86 -15.99 -32.26
N GLU MA 111 -23.71 -16.90 -31.29
CA GLU MA 111 -22.41 -17.25 -30.74
C GLU MA 111 -21.80 -18.34 -31.63
N LEU MA 112 -20.67 -18.03 -32.27
CA LEU MA 112 -19.98 -18.98 -33.13
C LEU MA 112 -19.17 -19.90 -32.23
N SER MA 113 -19.76 -21.05 -31.88
CA SER MA 113 -19.10 -21.96 -30.95
C SER MA 113 -17.97 -22.75 -31.59
N SER MA 114 -18.04 -22.99 -32.90
CA SER MA 114 -16.93 -23.68 -33.57
C SER MA 114 -17.06 -23.54 -35.07
N VAL MA 115 -15.96 -23.20 -35.73
CA VAL MA 115 -15.86 -23.31 -37.18
C VAL MA 115 -14.73 -24.29 -37.47
N THR MA 116 -15.04 -25.31 -38.26
CA THR MA 116 -14.09 -26.37 -38.54
C THR MA 116 -13.95 -26.56 -40.04
N PRO MA 117 -12.79 -26.33 -40.64
CA PRO MA 117 -12.64 -26.61 -42.06
C PRO MA 117 -12.76 -28.11 -42.32
N GLY MA 118 -12.66 -28.51 -43.58
CA GLY MA 118 -12.72 -29.91 -43.96
C GLY MA 118 -11.48 -30.34 -44.69
N LYS MA 119 -11.58 -31.50 -45.34
CA LYS MA 119 -10.58 -31.95 -46.30
C LYS MA 119 -11.10 -31.73 -47.70
N GLU MA 120 -10.20 -31.41 -48.61
CA GLU MA 120 -10.61 -31.28 -49.99
C GLU MA 120 -11.03 -32.64 -50.53
N SER MA 121 -12.12 -32.64 -51.30
CA SER MA 121 -12.69 -33.87 -51.83
C SER MA 121 -11.97 -34.23 -53.11
N VAL MA 122 -10.91 -35.03 -52.96
CA VAL MA 122 -10.06 -35.39 -54.08
C VAL MA 122 -10.84 -36.14 -55.15
N GLY MA 123 -11.90 -36.83 -54.76
CA GLY MA 123 -12.75 -37.53 -55.70
C GLY MA 123 -14.12 -36.87 -55.80
N GLY MA 124 -14.17 -35.57 -55.52
CA GLY MA 124 -15.43 -34.85 -55.61
C GLY MA 124 -15.54 -34.05 -56.88
N GLY MA 125 -14.68 -34.32 -57.85
CA GLY MA 125 -14.69 -33.61 -59.10
C GLY MA 125 -13.36 -33.67 -59.84
N GLU MA 126 -13.42 -33.68 -61.17
CA GLU MA 126 -12.21 -33.72 -61.98
C GLU MA 126 -11.59 -32.33 -62.11
N PHE MA 127 -12.42 -31.29 -62.12
CA PHE MA 127 -11.96 -29.93 -62.33
C PHE MA 127 -11.93 -29.10 -61.06
N PHE MA 128 -12.11 -29.70 -59.89
CA PHE MA 128 -12.23 -28.91 -58.68
C PHE MA 128 -12.08 -29.82 -57.46
N ALA MA 129 -11.36 -29.32 -56.46
CA ALA MA 129 -11.33 -29.94 -55.14
C ALA MA 129 -12.27 -29.14 -54.23
N ARG MA 130 -13.31 -29.81 -53.74
CA ARG MA 130 -14.25 -29.15 -52.83
C ARG MA 130 -13.71 -29.19 -51.41
N ILE MA 131 -13.60 -28.03 -50.79
CA ILE MA 131 -13.28 -27.92 -49.37
C ILE MA 131 -14.57 -27.63 -48.62
N PRO MA 132 -15.03 -28.52 -47.74
CA PRO MA 132 -16.21 -28.23 -46.93
C PRO MA 132 -15.83 -27.58 -45.61
N ILE MA 133 -16.73 -26.73 -45.13
CA ILE MA 133 -16.56 -26.03 -43.86
C ILE MA 133 -17.80 -26.29 -43.02
N LYS MA 134 -17.61 -26.84 -41.83
CA LYS MA 134 -18.70 -27.12 -40.91
C LYS MA 134 -18.73 -26.02 -39.85
N MET MA 135 -19.84 -25.27 -39.80
CA MET MA 135 -20.00 -24.16 -38.88
C MET MA 135 -21.01 -24.53 -37.80
N THR MA 136 -20.77 -24.00 -36.60
CA THR MA 136 -21.44 -24.41 -35.38
C THR MA 136 -21.72 -23.15 -34.57
N VAL MA 137 -22.96 -22.66 -34.67
CA VAL MA 137 -23.39 -21.39 -34.09
C VAL MA 137 -24.65 -21.65 -33.28
N SER MA 138 -24.86 -20.88 -32.21
CA SER MA 138 -26.00 -21.09 -31.33
C SER MA 138 -26.80 -19.82 -31.16
N GLY MA 139 -28.12 -19.96 -31.06
CA GLY MA 139 -28.98 -18.81 -30.82
C GLY MA 139 -30.45 -19.15 -31.02
N ASN MA 140 -31.19 -18.20 -31.58
CA ASN MA 140 -32.62 -18.32 -31.80
C ASN MA 140 -32.91 -18.84 -33.21
N TYR MA 141 -34.09 -19.45 -33.38
CA TYR MA 141 -34.48 -19.97 -34.68
C TYR MA 141 -34.50 -18.87 -35.74
N HIS MA 142 -35.06 -17.71 -35.40
CA HIS MA 142 -35.05 -16.57 -36.31
C HIS MA 142 -33.62 -16.18 -36.67
N GLU MA 143 -32.70 -16.25 -35.70
CA GLU MA 143 -31.33 -15.81 -35.93
C GLU MA 143 -30.54 -16.83 -36.74
N ILE MA 144 -30.88 -18.11 -36.64
CA ILE MA 144 -30.14 -19.10 -37.44
C ILE MA 144 -30.68 -19.14 -38.85
N ALA MA 145 -32.00 -19.00 -39.03
CA ALA MA 145 -32.53 -18.79 -40.38
C ALA MA 145 -31.91 -17.54 -41.01
N LEU MA 146 -31.72 -16.50 -40.20
CA LEU MA 146 -31.06 -15.28 -40.66
C LEU MA 146 -29.62 -15.55 -41.09
N PHE MA 147 -28.84 -16.20 -40.23
CA PHE MA 147 -27.46 -16.54 -40.54
C PHE MA 147 -27.37 -17.33 -41.84
N LEU MA 148 -28.25 -18.33 -42.00
CA LEU MA 148 -28.23 -19.15 -43.21
C LEU MA 148 -28.57 -18.32 -44.44
N GLN MA 149 -29.64 -17.53 -44.38
CA GLN MA 149 -30.02 -16.74 -45.56
C GLN MA 149 -28.95 -15.71 -45.92
N GLU MA 150 -28.26 -15.16 -44.93
CA GLU MA 150 -27.17 -14.24 -45.23
C GLU MA 150 -26.01 -14.95 -45.90
N MET MA 151 -25.65 -16.16 -45.42
CA MET MA 151 -24.58 -16.89 -46.10
C MET MA 151 -25.01 -17.32 -47.49
N ALA MA 152 -26.31 -17.50 -47.72
CA ALA MA 152 -26.84 -17.84 -49.03
C ALA MA 152 -27.04 -16.62 -49.92
N ASN MA 153 -26.87 -15.42 -49.38
CA ASN MA 153 -26.87 -14.19 -50.17
C ASN MA 153 -25.46 -13.59 -50.30
N MET MA 154 -24.42 -14.32 -49.92
CA MET MA 154 -23.07 -13.77 -49.95
C MET MA 154 -22.54 -13.73 -51.39
N ARG MA 155 -21.48 -12.94 -51.58
CA ARG MA 155 -20.79 -12.81 -52.86
C ARG MA 155 -19.69 -13.85 -53.03
N ARG MA 156 -19.64 -14.85 -52.15
CA ARG MA 156 -18.59 -15.85 -52.21
C ARG MA 156 -19.21 -17.24 -52.23
N ILE MA 157 -18.36 -18.26 -52.17
CA ILE MA 157 -18.66 -19.57 -52.73
C ILE MA 157 -19.03 -20.53 -51.62
N VAL MA 158 -19.95 -20.12 -50.77
CA VAL MA 158 -20.31 -20.92 -49.60
C VAL MA 158 -21.67 -21.57 -49.83
N ASN MA 159 -21.68 -22.67 -50.58
CA ASN MA 159 -22.91 -23.38 -50.86
C ASN MA 159 -23.34 -24.20 -49.64
N VAL MA 160 -24.29 -23.67 -48.87
CA VAL MA 160 -24.76 -24.39 -47.70
C VAL MA 160 -25.67 -25.52 -48.12
N ASN MA 161 -25.51 -26.68 -47.49
CA ASN MA 161 -26.29 -27.86 -47.86
C ASN MA 161 -26.95 -28.49 -46.64
N ASN MA 162 -26.35 -29.55 -46.09
CA ASN MA 162 -26.98 -30.32 -45.02
C ASN MA 162 -26.98 -29.51 -43.73
N ILE MA 163 -28.18 -29.21 -43.21
CA ILE MA 163 -28.35 -28.37 -42.03
C ILE MA 163 -28.84 -29.22 -40.86
N LYS MA 164 -28.46 -28.84 -39.64
CA LYS MA 164 -29.09 -29.39 -38.44
C LYS MA 164 -29.10 -28.37 -37.31
N PHE MA 165 -29.98 -28.62 -36.33
CA PHE MA 165 -30.00 -27.84 -35.09
C PHE MA 165 -30.92 -28.51 -34.08
N ASP MA 166 -30.67 -28.21 -32.79
CA ASP MA 166 -31.38 -28.85 -31.69
C ASP MA 166 -31.31 -27.93 -30.47
N SER MA 167 -32.03 -28.30 -29.42
CA SER MA 167 -32.07 -27.51 -28.19
C SER MA 167 -30.89 -27.88 -27.31
N ALA MA 168 -30.03 -26.89 -27.04
CA ALA MA 168 -28.75 -27.16 -26.40
C ALA MA 168 -28.86 -27.32 -24.88
N LYS MA 169 -30.01 -27.01 -24.29
CA LYS MA 169 -30.17 -27.06 -22.84
C LYS MA 169 -30.68 -28.45 -22.45
N LEU MA 170 -29.90 -29.13 -21.60
CA LEU MA 170 -30.31 -30.41 -21.03
C LEU MA 170 -31.72 -30.32 -20.44
N LYS MA 171 -31.83 -29.69 -19.27
CA LYS MA 171 -33.08 -29.61 -18.54
C LYS MA 171 -34.16 -28.88 -19.33
N ASN MA 172 -33.78 -28.13 -20.36
CA ASN MA 172 -34.68 -27.28 -21.13
C ASN MA 172 -35.35 -26.27 -20.19
N GLU MA 173 -34.57 -25.29 -19.71
CA GLU MA 173 -35.10 -24.25 -18.86
C GLU MA 173 -35.12 -22.89 -19.54
N LYS MA 174 -34.42 -22.73 -20.65
CA LYS MA 174 -34.50 -21.52 -21.47
C LYS MA 174 -34.34 -21.91 -22.93
N VAL MA 175 -34.92 -21.10 -23.82
CA VAL MA 175 -34.83 -21.38 -25.25
C VAL MA 175 -33.41 -21.12 -25.73
N VAL MA 176 -32.87 -22.08 -26.49
CA VAL MA 176 -31.55 -21.97 -27.09
C VAL MA 176 -31.38 -23.10 -28.09
N LEU MA 177 -30.91 -22.77 -29.29
CA LEU MA 177 -30.76 -23.74 -30.37
C LEU MA 177 -29.31 -23.75 -30.84
N GLN MA 178 -28.60 -24.83 -30.53
CA GLN MA 178 -27.31 -25.09 -31.19
C GLN MA 178 -27.58 -25.56 -32.61
N SER MA 179 -26.86 -24.96 -33.55
CA SER MA 179 -27.07 -25.20 -34.97
C SER MA 179 -25.73 -25.53 -35.63
N GLU MA 180 -25.74 -26.56 -36.46
CA GLU MA 180 -24.56 -26.98 -37.22
C GLU MA 180 -24.95 -27.02 -38.69
N PHE MA 181 -24.37 -26.12 -39.47
CA PHE MA 181 -24.60 -26.04 -40.91
C PHE MA 181 -23.34 -26.46 -41.63
N GLN MA 182 -23.50 -27.18 -42.74
CA GLN MA 182 -22.39 -27.58 -43.60
C GLN MA 182 -22.41 -26.75 -44.87
N ALA MA 183 -21.28 -26.14 -45.22
CA ALA MA 183 -21.21 -25.24 -46.36
C ALA MA 183 -19.80 -25.25 -46.94
N THR MA 184 -19.72 -25.42 -48.26
CA THR MA 184 -18.47 -25.77 -48.92
C THR MA 184 -18.16 -24.81 -50.07
N THR MA 185 -16.87 -24.63 -50.34
CA THR MA 185 -16.42 -23.89 -51.51
C THR MA 185 -15.50 -24.77 -52.36
N PHE MA 186 -15.47 -24.49 -53.65
CA PHE MA 186 -14.82 -25.41 -54.58
C PHE MA 186 -13.53 -24.84 -55.15
N ARG MA 187 -12.40 -25.11 -54.50
CA ARG MA 187 -11.10 -24.75 -55.05
C ARG MA 187 -10.83 -25.60 -56.29
N PHE MA 188 -9.71 -25.38 -56.97
CA PHE MA 188 -9.38 -26.24 -58.10
C PHE MA 188 -8.68 -27.51 -57.66
N VAL MA 189 -8.31 -28.35 -58.62
CA VAL MA 189 -7.64 -29.60 -58.32
C VAL MA 189 -6.18 -29.35 -57.90
N ALA NA 37 60.65 22.66 -114.03
CA ALA NA 37 61.12 21.28 -114.16
C ALA NA 37 61.51 21.00 -115.63
N LYS NA 38 62.68 20.39 -115.89
CA LYS NA 38 63.28 20.42 -117.22
C LYS NA 38 62.52 19.66 -118.28
N GLY NA 39 61.84 20.42 -119.14
CA GLY NA 39 61.61 20.03 -120.50
C GLY NA 39 62.28 21.07 -121.39
N LYS NA 40 62.44 20.79 -122.67
CA LYS NA 40 62.69 21.88 -123.61
C LYS NA 40 61.31 22.41 -123.95
N LEU NA 41 61.02 23.65 -123.58
CA LEU NA 41 59.67 24.19 -123.68
C LEU NA 41 59.30 24.44 -125.14
N VAL NA 42 58.42 25.41 -125.41
CA VAL NA 42 58.23 25.83 -126.81
C VAL NA 42 58.19 27.35 -126.89
N LEU NA 43 57.98 27.85 -128.12
CA LEU NA 43 57.93 29.29 -128.33
C LEU NA 43 56.93 29.70 -129.40
N GLY NA 44 55.93 30.48 -129.01
CA GLY NA 44 55.04 31.11 -129.95
C GLY NA 44 55.39 32.58 -130.15
N LEU NA 45 54.93 33.12 -131.29
CA LEU NA 45 54.92 34.58 -131.50
C LEU NA 45 53.51 35.12 -131.20
N ASP NA 46 53.26 35.26 -129.90
CA ASP NA 46 51.91 35.52 -129.42
C ASP NA 46 51.46 36.96 -129.69
N ILE NA 47 52.40 37.90 -129.81
CA ILE NA 47 52.05 39.30 -130.06
C ILE NA 47 52.42 39.65 -131.49
N GLY NA 48 52.27 38.68 -132.39
CA GLY NA 48 52.49 38.93 -133.81
C GLY NA 48 51.46 39.85 -134.43
N SER NA 49 50.23 39.87 -133.91
CA SER NA 49 49.14 40.72 -134.41
C SER NA 49 48.80 40.39 -135.86
N THR NA 50 49.81 40.33 -136.72
CA THR NA 50 49.59 39.82 -138.07
C THR NA 50 49.62 38.30 -138.11
N SER NA 51 50.49 37.69 -137.30
CA SER NA 51 50.67 36.24 -137.40
C SER NA 51 51.13 35.65 -136.07
N ILE NA 52 50.50 34.54 -135.71
CA ILE NA 52 50.94 33.69 -134.60
C ILE NA 52 51.89 32.65 -135.18
N LYS NA 53 53.15 32.73 -134.77
CA LYS NA 53 54.20 31.82 -135.22
C LYS NA 53 54.73 31.06 -134.00
N MET NA 54 55.24 29.85 -134.23
CA MET NA 54 55.72 28.99 -133.16
C MET NA 54 56.91 28.16 -133.67
N ILE NA 55 57.90 27.91 -132.80
CA ILE NA 55 59.13 27.24 -133.20
C ILE NA 55 59.54 26.23 -132.12
N LEU NA 56 59.98 25.06 -132.57
CA LEU NA 56 60.54 24.04 -131.70
C LEU NA 56 61.97 23.73 -132.13
N LEU NA 57 62.92 24.22 -131.34
CA LEU NA 57 64.30 23.78 -131.38
C LEU NA 57 64.53 22.88 -130.17
N LYS NA 58 65.22 21.78 -130.41
CA LYS NA 58 65.76 21.02 -129.29
C LYS NA 58 67.14 20.57 -129.73
N GLU NA 59 67.71 19.64 -128.98
CA GLU NA 59 69.03 19.13 -129.30
C GLU NA 59 68.90 17.91 -130.19
N GLN NA 60 69.31 18.06 -131.46
CA GLN NA 60 69.24 16.97 -132.43
C GLN NA 60 70.55 16.19 -132.50
N ARG NA 61 70.47 14.87 -132.35
CA ARG NA 61 71.64 14.00 -132.35
C ARG NA 61 72.03 13.67 -133.79
N LYS NA 62 73.32 13.78 -134.09
CA LYS NA 62 73.87 13.26 -135.33
C LYS NA 62 75.27 12.72 -135.10
N ARG NA 63 75.46 11.44 -135.41
CA ARG NA 63 76.77 10.76 -135.34
C ARG NA 63 77.33 10.77 -133.92
N GLY NA 64 76.45 10.61 -132.95
CA GLY NA 64 76.87 10.68 -131.57
C GLY NA 64 77.11 12.08 -131.02
N GLU NA 65 76.98 13.13 -131.83
CA GLU NA 65 77.04 14.51 -131.36
C GLU NA 65 75.66 15.14 -131.45
N VAL NA 66 75.40 16.12 -130.58
CA VAL NA 66 74.11 16.79 -130.49
C VAL NA 66 74.36 18.28 -130.37
N ILE NA 67 73.31 19.08 -130.62
CA ILE NA 67 73.35 20.53 -130.47
C ILE NA 67 71.93 21.06 -130.71
N TYR NA 68 71.67 22.26 -130.20
CA TYR NA 68 70.45 22.99 -130.51
C TYR NA 68 70.19 22.95 -132.01
N ALA NA 69 68.96 22.58 -132.37
CA ALA NA 69 68.63 22.36 -133.77
C ALA NA 69 67.15 22.58 -133.97
N LEU NA 70 66.80 23.21 -135.09
CA LEU NA 70 65.39 23.41 -135.43
C LEU NA 70 64.69 22.08 -135.59
N GLN NA 71 63.57 21.91 -134.88
CA GLN NA 71 62.74 20.72 -135.02
C GLN NA 71 61.44 20.97 -135.74
N SER NA 72 60.80 22.12 -135.53
CA SER NA 72 59.59 22.45 -136.28
C SER NA 72 59.36 23.95 -136.23
N PHE NA 73 58.46 24.43 -137.10
CA PHE NA 73 58.07 25.82 -137.15
C PHE NA 73 56.72 25.91 -137.84
N GLY NA 74 55.84 26.75 -137.31
CA GLY NA 74 54.50 26.90 -137.84
C GLY NA 74 54.06 28.34 -137.77
N MET NA 75 53.15 28.71 -138.68
CA MET NA 75 52.71 30.09 -138.79
C MET NA 75 51.27 30.14 -139.27
N LYS NA 76 50.45 30.95 -138.58
CA LYS NA 76 49.07 31.15 -138.96
C LYS NA 76 48.73 32.63 -138.85
N PRO NA 77 48.05 33.19 -139.84
CA PRO NA 77 47.63 34.60 -139.72
C PRO NA 77 46.71 34.78 -138.52
N LEU NA 78 47.02 35.76 -137.68
CA LEU NA 78 46.23 35.96 -136.47
C LEU NA 78 44.80 36.35 -136.83
N PRO NA 79 43.79 35.59 -136.40
CA PRO NA 79 42.42 36.06 -136.51
C PRO NA 79 42.19 37.24 -135.59
N PRO NA 80 41.82 38.38 -136.15
CA PRO NA 80 41.66 39.60 -135.34
C PRO NA 80 40.44 39.48 -134.45
N GLU NA 81 40.23 40.48 -133.59
CA GLU NA 81 39.42 40.42 -132.40
C GLU NA 81 40.15 39.62 -131.31
N ALA NA 82 41.18 38.86 -131.65
CA ALA NA 82 42.02 38.25 -130.63
C ALA NA 82 42.77 39.28 -129.82
N ILE NA 83 43.43 40.22 -130.49
CA ILE NA 83 44.29 41.20 -129.83
C ILE NA 83 43.76 42.59 -130.16
N VAL NA 84 43.64 43.42 -129.13
CA VAL NA 84 43.28 44.83 -129.25
C VAL NA 84 44.11 45.62 -128.25
N ASP NA 85 44.78 46.67 -128.73
CA ASP NA 85 45.60 47.53 -127.88
C ASP NA 85 46.64 46.75 -127.09
N GLY NA 86 47.09 45.62 -127.64
CA GLY NA 86 48.13 44.82 -127.00
C GLY NA 86 47.65 43.85 -125.95
N ALA NA 87 46.35 43.79 -125.68
CA ALA NA 87 45.80 42.82 -124.74
C ALA NA 87 45.13 41.70 -125.51
N LEU NA 88 45.27 40.48 -124.99
CA LEU NA 88 44.58 39.33 -125.57
C LEU NA 88 43.12 39.43 -125.16
N MET NA 89 42.25 39.67 -126.13
CA MET NA 89 40.87 40.02 -125.83
C MET NA 89 39.85 39.11 -126.53
N ASN NA 90 40.23 37.87 -126.80
CA ASN NA 90 39.38 36.74 -127.20
C ASN NA 90 40.23 35.52 -126.86
N SER NA 91 40.49 35.37 -125.56
CA SER NA 91 41.36 34.30 -125.09
C SER NA 91 40.94 32.95 -125.65
N THR NA 92 39.65 32.76 -125.92
CA THR NA 92 39.16 31.50 -126.46
C THR NA 92 39.66 31.26 -127.88
N ALA NA 93 39.38 32.20 -128.79
CA ALA NA 93 39.83 32.06 -130.17
C ALA NA 93 41.34 31.92 -130.26
N ILE NA 94 42.08 32.73 -129.51
CA ILE NA 94 43.54 32.63 -129.51
C ILE NA 94 43.95 31.25 -129.04
N VAL NA 95 43.25 30.70 -128.03
CA VAL NA 95 43.52 29.35 -127.58
C VAL NA 95 43.42 28.37 -128.74
N GLN NA 96 42.28 28.38 -129.45
CA GLN NA 96 42.11 27.44 -130.55
C GLN NA 96 43.17 27.63 -131.63
N ALA NA 97 43.55 28.88 -131.90
CA ALA NA 97 44.60 29.13 -132.88
C ALA NA 97 45.93 28.51 -132.44
N VAL NA 98 46.30 28.71 -131.16
CA VAL NA 98 47.54 28.12 -130.67
C VAL NA 98 47.48 26.60 -130.73
N GLN NA 99 46.31 26.02 -130.47
CA GLN NA 99 46.15 24.57 -130.63
C GLN NA 99 46.42 24.15 -132.07
N ASP NA 100 45.88 24.91 -133.04
CA ASP NA 100 46.20 24.65 -134.44
C ASP NA 100 47.70 24.74 -134.70
N LEU NA 101 48.37 25.68 -134.04
CA LEU NA 101 49.83 25.78 -134.17
C LEU NA 101 50.51 24.51 -133.67
N MET NA 102 50.11 24.03 -132.49
CA MET NA 102 50.72 22.82 -131.94
C MET NA 102 50.46 21.61 -132.83
N SER NA 103 49.27 21.54 -133.45
CA SER NA 103 48.96 20.40 -134.30
C SER NA 103 49.77 20.45 -135.60
N GLU NA 104 49.78 21.61 -136.27
CA GLU NA 104 50.62 21.77 -137.45
C GLU NA 104 52.09 21.48 -137.14
N LEU NA 105 52.53 21.78 -135.91
CA LEU NA 105 53.91 21.53 -135.54
C LEU NA 105 54.19 20.04 -135.37
N LYS NA 106 53.18 19.26 -134.97
CA LYS NA 106 53.36 17.86 -134.58
C LYS NA 106 54.32 17.74 -133.39
N VAL NA 107 54.18 18.65 -132.43
CA VAL NA 107 55.04 18.70 -131.26
C VAL NA 107 54.30 18.12 -130.06
N LYS NA 108 55.01 17.33 -129.26
CA LYS NA 108 54.44 16.80 -128.03
C LYS NA 108 54.69 17.70 -126.83
N GLY NA 109 55.58 18.68 -126.95
CA GLY NA 109 55.87 19.53 -125.82
C GLY NA 109 54.71 20.46 -125.50
N LYS NA 110 54.50 20.71 -124.21
CA LYS NA 110 53.40 21.53 -123.74
C LYS NA 110 53.84 22.63 -122.79
N ASP NA 111 55.14 22.91 -122.71
CA ASP NA 111 55.63 24.07 -122.00
C ASP NA 111 56.10 25.12 -123.00
N VAL NA 112 56.00 26.39 -122.62
CA VAL NA 112 56.15 27.50 -123.56
C VAL NA 112 56.77 28.70 -122.86
N ALA NA 113 57.62 29.42 -123.60
CA ALA NA 113 57.94 30.80 -123.32
C ALA NA 113 57.17 31.63 -124.33
N ILE NA 114 56.79 32.86 -123.96
CA ILE NA 114 56.13 33.74 -124.92
C ILE NA 114 56.53 35.17 -124.62
N GLY NA 115 55.91 36.12 -125.30
CA GLY NA 115 56.24 37.52 -125.13
C GLY NA 115 55.01 38.38 -125.00
N VAL NA 116 55.20 39.53 -124.36
CA VAL NA 116 54.13 40.51 -124.24
C VAL NA 116 54.15 41.45 -125.44
N SER NA 117 53.06 42.18 -125.62
CA SER NA 117 52.99 43.16 -126.69
C SER NA 117 53.86 44.37 -126.35
N GLY NA 118 54.59 44.87 -127.35
CA GLY NA 118 55.32 46.11 -127.16
C GLY NA 118 54.45 47.28 -126.75
N HIS NA 119 53.19 47.27 -127.19
CA HIS NA 119 52.22 48.25 -126.73
C HIS NA 119 51.73 47.98 -125.31
N SER NA 120 52.04 46.81 -124.77
CA SER NA 120 51.57 46.43 -123.45
C SER NA 120 52.66 46.51 -122.38
N VAL NA 121 53.88 46.89 -122.75
CA VAL NA 121 55.00 46.89 -121.83
C VAL NA 121 55.68 48.26 -121.87
N ILE NA 122 56.00 48.79 -120.70
CA ILE NA 122 56.86 49.95 -120.53
C ILE NA 122 58.25 49.44 -120.20
N ILE NA 123 59.22 49.75 -121.06
CA ILE NA 123 60.62 49.41 -120.83
C ILE NA 123 61.39 50.71 -120.68
N LYS NA 124 62.08 50.87 -119.55
CA LYS NA 124 62.99 52.00 -119.46
C LYS NA 124 64.04 51.74 -118.40
N LYS NA 125 65.15 52.46 -118.50
CA LYS NA 125 66.24 52.36 -117.56
C LYS NA 125 65.96 53.16 -116.29
N ILE NA 126 66.69 52.81 -115.24
CA ILE NA 126 66.49 53.34 -113.89
C ILE NA 126 67.79 53.19 -113.11
N GLN NA 127 68.19 54.28 -112.44
CA GLN NA 127 69.42 54.35 -111.67
C GLN NA 127 69.10 54.30 -110.18
N MET NA 128 69.85 53.46 -109.45
CA MET NA 128 69.58 53.18 -108.03
C MET NA 128 70.86 53.03 -107.24
N PRO NA 129 70.81 52.55 -105.99
CA PRO NA 129 72.02 51.97 -105.38
C PRO NA 129 71.88 50.47 -105.20
N ARG NA 130 72.81 49.66 -105.70
CA ARG NA 130 72.65 48.24 -105.42
C ARG NA 130 72.90 47.96 -103.93
N MET NA 131 72.24 46.89 -103.46
CA MET NA 131 72.31 46.40 -102.08
C MET NA 131 71.80 44.97 -101.98
N SER NA 132 70.98 44.69 -100.96
CA SER NA 132 70.31 43.40 -100.84
C SER NA 132 69.28 43.26 -101.95
N GLN NA 133 69.03 42.02 -102.36
CA GLN NA 133 68.09 41.77 -103.46
C GLN NA 133 66.68 42.23 -103.12
N ASP NA 134 66.23 42.01 -101.87
CA ASP NA 134 64.94 42.53 -101.45
C ASP NA 134 64.92 44.06 -101.47
N GLU NA 135 65.96 44.68 -100.92
CA GLU NA 135 66.01 46.14 -100.92
C GLU NA 135 66.06 46.69 -102.34
N LEU NA 136 66.70 45.98 -103.27
CA LEU NA 136 66.66 46.43 -104.66
C LEU NA 136 65.27 46.28 -105.24
N GLU NA 137 64.62 45.12 -105.05
CA GLU NA 137 63.32 44.92 -105.66
C GLU NA 137 62.30 45.94 -105.14
N GLU NA 138 62.30 46.17 -103.83
CA GLU NA 138 61.44 47.21 -103.28
C GLU NA 138 61.79 48.58 -103.81
N SER NA 139 63.07 48.95 -103.80
CA SER NA 139 63.47 50.28 -104.26
C SER NA 139 63.13 50.47 -105.74
N ILE NA 140 63.27 49.39 -106.51
CA ILE NA 140 62.92 49.38 -107.92
C ILE NA 140 61.45 49.65 -108.11
N GLN NA 141 60.61 48.93 -107.36
CA GLN NA 141 59.17 49.15 -107.44
C GLN NA 141 58.82 50.57 -107.01
N TRP NA 142 59.56 51.12 -106.05
CA TRP NA 142 59.31 52.47 -105.55
C TRP NA 142 59.61 53.51 -106.62
N GLU NA 143 60.75 53.37 -107.32
CA GLU NA 143 61.08 54.32 -108.37
C GLU NA 143 60.17 54.18 -109.57
N ALA NA 144 59.90 52.95 -110.02
CA ALA NA 144 59.02 52.77 -111.17
C ALA NA 144 57.58 53.13 -110.87
N GLU NA 145 57.18 53.13 -109.59
CA GLU NA 145 55.84 53.61 -109.23
C GLU NA 145 55.59 54.97 -109.87
N GLN NA 146 56.58 55.86 -109.78
CA GLN NA 146 56.58 57.11 -110.52
C GLN NA 146 56.42 56.92 -112.02
N TYR NA 147 57.01 55.86 -112.56
CA TYR NA 147 57.07 55.57 -114.00
C TYR NA 147 55.81 54.91 -114.57
N ILE NA 148 54.82 54.56 -113.75
CA ILE NA 148 53.74 53.74 -114.29
C ILE NA 148 52.44 54.54 -114.23
N PRO NA 149 51.80 54.82 -115.37
CA PRO NA 149 50.51 55.52 -115.34
C PRO NA 149 49.31 54.65 -114.95
N PHE NA 150 49.53 53.49 -114.32
CA PHE NA 150 48.46 52.64 -113.80
C PHE NA 150 48.73 52.26 -112.35
N ASP NA 151 47.68 51.85 -111.65
CA ASP NA 151 47.90 51.23 -110.35
C ASP NA 151 48.83 50.04 -110.45
N VAL NA 152 49.32 49.57 -109.31
CA VAL NA 152 50.05 48.31 -109.27
C VAL NA 152 49.22 47.31 -108.46
N LYS NA 153 48.46 46.43 -109.12
CA LYS NA 153 48.11 46.41 -110.54
C LYS NA 153 49.18 46.57 -111.66
N ASP NA 154 50.43 46.12 -111.45
CA ASP NA 154 51.44 46.24 -112.50
C ASP NA 154 52.64 45.34 -112.28
N VAL NA 155 53.12 44.79 -113.39
CA VAL NA 155 54.21 43.82 -113.49
C VAL NA 155 55.54 44.55 -113.45
N ASN NA 156 56.41 44.16 -112.52
CA ASN NA 156 57.73 44.73 -112.47
C ASN NA 156 58.77 43.61 -112.54
N ILE NA 157 59.71 43.73 -113.49
CA ILE NA 157 60.87 42.85 -113.60
C ILE NA 157 62.05 43.65 -114.14
N ASP NA 158 63.19 43.53 -113.45
CA ASP NA 158 64.35 44.32 -113.84
C ASP NA 158 65.50 43.40 -114.23
N THR NA 159 66.42 43.95 -115.03
CA THR NA 159 67.73 43.34 -115.14
C THR NA 159 68.79 44.43 -115.24
N GLN NA 160 69.99 44.12 -114.79
CA GLN NA 160 71.02 45.14 -114.66
C GLN NA 160 71.81 45.29 -115.96
N ILE NA 161 71.83 46.51 -116.49
CA ILE NA 161 72.51 46.78 -117.76
C ILE NA 161 74.00 46.49 -117.71
N LEU NA 162 74.59 46.53 -116.52
CA LEU NA 162 75.97 46.11 -116.31
C LEU NA 162 75.97 45.03 -115.25
N ASP NA 163 76.91 44.10 -115.37
CA ASP NA 163 77.06 43.09 -114.34
C ASP NA 163 77.13 43.77 -112.98
N GLY NA 164 76.14 43.47 -112.14
CA GLY NA 164 76.32 43.73 -110.73
C GLY NA 164 77.69 43.29 -110.25
N GLY NA 165 78.24 42.21 -110.85
CA GLY NA 165 79.53 41.70 -110.43
C GLY NA 165 80.67 42.66 -110.63
N GLY NA 166 80.38 43.95 -110.79
CA GLY NA 166 81.37 44.97 -111.06
C GLY NA 166 81.45 46.17 -110.11
N ASN NA 167 80.60 46.26 -109.08
CA ASN NA 167 80.51 47.47 -108.28
C ASN NA 167 80.23 47.23 -106.79
N ASP NA 168 80.62 48.20 -105.96
CA ASP NA 168 80.67 48.05 -104.52
C ASP NA 168 79.39 48.57 -103.85
N ALA NA 169 79.21 48.17 -102.58
CA ALA NA 169 77.94 48.37 -101.89
C ALA NA 169 77.57 49.85 -101.82
N THR NA 170 76.33 50.13 -102.19
CA THR NA 170 75.73 51.47 -102.31
C THR NA 170 76.08 52.15 -103.63
N GLY NA 171 76.92 51.56 -104.46
CA GLY NA 171 77.33 52.30 -105.63
C GLY NA 171 77.00 51.69 -106.97
N GLN NA 172 76.77 52.54 -107.97
CA GLN NA 172 76.71 52.16 -109.38
C GLN NA 172 75.68 51.08 -109.66
N MET NA 173 74.44 51.36 -109.30
CA MET NA 173 73.33 50.50 -109.72
C MET NA 173 72.71 51.04 -111.00
N ASP NA 174 72.46 50.13 -111.94
CA ASP NA 174 71.62 50.42 -113.10
C ASP NA 174 70.76 49.19 -113.36
N VAL NA 175 69.44 49.34 -113.25
CA VAL NA 175 68.53 48.30 -113.71
C VAL NA 175 67.66 48.89 -114.79
N LEU NA 176 67.21 48.05 -115.69
CA LEU NA 176 66.14 48.39 -116.62
C LEU NA 176 64.89 47.64 -116.19
N LEU NA 177 63.80 48.39 -116.07
CA LEU NA 177 62.51 47.86 -115.67
C LEU NA 177 61.62 47.64 -116.88
N VAL NA 178 61.12 46.41 -116.97
CA VAL NA 178 59.98 46.01 -117.76
C VAL NA 178 58.76 45.98 -116.85
N ALA NA 179 57.78 46.83 -117.14
CA ALA NA 179 56.56 46.97 -116.35
C ALA NA 179 55.38 46.74 -117.27
N ALA NA 180 54.38 45.98 -116.81
CA ALA NA 180 53.28 45.63 -117.68
C ALA NA 180 51.98 45.64 -116.89
N LYS NA 181 50.96 46.33 -117.41
CA LYS NA 181 49.71 46.33 -116.68
C LYS NA 181 49.15 44.91 -116.57
N LYS NA 182 49.57 44.23 -115.52
CA LYS NA 182 48.81 43.13 -114.92
C LYS NA 182 48.16 42.11 -115.89
N ASP NA 183 47.08 42.48 -116.60
CA ASP NA 183 46.30 41.43 -117.27
C ASP NA 183 46.42 41.41 -118.75
N MET NA 184 47.25 42.27 -119.31
CA MET NA 184 47.90 41.72 -120.48
C MET NA 184 48.46 40.35 -120.11
N ILE NA 185 49.19 40.28 -119.01
CA ILE NA 185 49.77 39.01 -118.55
C ILE NA 185 48.68 38.00 -118.24
N ASN NA 186 47.63 38.41 -117.51
CA ASN NA 186 46.51 37.50 -117.29
C ASN NA 186 45.99 36.92 -118.61
N ASP NA 187 45.46 37.77 -119.49
CA ASP NA 187 44.93 37.34 -120.77
C ASP NA 187 45.83 36.32 -121.45
N TYR NA 188 47.14 36.61 -121.49
CA TYR NA 188 48.07 35.67 -122.12
C TYR NA 188 48.12 34.35 -121.36
N THR NA 189 48.05 34.40 -120.02
CA THR NA 189 48.10 33.18 -119.23
C THR NA 189 46.83 32.35 -119.39
N THR NA 190 45.68 32.99 -119.57
CA THR NA 190 44.47 32.27 -119.90
C THR NA 190 44.60 31.57 -121.25
N VAL NA 191 45.03 32.32 -122.28
CA VAL NA 191 45.28 31.74 -123.58
C VAL NA 191 46.20 30.53 -123.47
N VAL NA 192 47.30 30.67 -122.73
CA VAL NA 192 48.25 29.58 -122.60
C VAL NA 192 47.62 28.42 -121.84
N SER NA 193 46.79 28.72 -120.86
CA SER NA 193 46.24 27.67 -120.00
C SER NA 193 45.29 26.77 -120.77
N GLU NA 194 44.41 27.36 -121.59
CA GLU NA 194 43.43 26.51 -122.26
C GLU NA 194 43.99 25.91 -123.55
N ALA NA 195 45.14 26.37 -124.02
CA ALA NA 195 45.84 25.69 -125.09
C ALA NA 195 46.58 24.46 -124.60
N GLY NA 196 46.49 24.15 -123.31
CA GLY NA 196 47.23 23.04 -122.74
C GLY NA 196 48.69 23.34 -122.49
N LEU NA 197 49.11 24.58 -122.65
CA LEU NA 197 50.50 24.97 -122.47
C LEU NA 197 50.74 25.47 -121.06
N ALA NA 198 52.00 25.39 -120.63
CA ALA NA 198 52.42 25.88 -119.33
C ALA NA 198 53.53 26.89 -119.52
N PRO NA 199 53.32 28.16 -119.18
CA PRO NA 199 54.36 29.16 -119.43
C PRO NA 199 55.43 29.12 -118.35
N VAL NA 200 56.67 29.35 -118.77
CA VAL NA 200 57.78 29.42 -117.84
C VAL NA 200 58.49 30.77 -117.89
N VAL NA 201 58.44 31.47 -119.02
CA VAL NA 201 59.05 32.77 -119.18
C VAL NA 201 58.12 33.64 -120.01
N VAL NA 202 57.79 34.82 -119.50
CA VAL NA 202 57.06 35.81 -120.27
C VAL NA 202 58.04 36.95 -120.53
N ASP NA 203 58.70 36.89 -121.69
CA ASP NA 203 59.79 37.77 -122.06
C ASP NA 203 59.25 38.95 -122.89
N VAL NA 204 60.15 39.80 -123.35
CA VAL NA 204 59.80 40.96 -124.16
C VAL NA 204 60.49 40.85 -125.51
N ASP NA 205 59.82 41.38 -126.55
CA ASP NA 205 60.22 41.06 -127.92
C ASP NA 205 61.49 41.79 -128.33
N ALA NA 206 61.69 43.01 -127.84
CA ALA NA 206 62.85 43.79 -128.28
C ALA NA 206 64.16 43.15 -127.88
N PHE NA 207 64.16 42.31 -126.83
CA PHE NA 207 65.36 41.61 -126.40
C PHE NA 207 65.33 40.14 -126.81
N ALA NA 208 64.14 39.56 -126.92
CA ALA NA 208 64.01 38.19 -127.38
C ALA NA 208 64.46 38.07 -128.83
N VAL NA 209 64.19 39.10 -129.65
CA VAL NA 209 64.63 39.12 -131.03
C VAL NA 209 66.15 39.10 -131.13
N GLN NA 210 66.85 39.44 -130.05
CA GLN NA 210 68.30 39.56 -130.07
C GLN NA 210 69.03 38.27 -129.80
N ASN NA 211 68.38 37.28 -129.17
CA ASN NA 211 69.08 36.06 -128.77
C ASN NA 211 69.66 35.32 -129.96
N MET NA 212 69.10 35.53 -131.16
CA MET NA 212 69.62 34.87 -132.34
C MET NA 212 70.91 35.48 -132.81
N PHE NA 213 71.07 36.78 -132.59
CA PHE NA 213 72.28 37.47 -132.98
C PHE NA 213 73.18 37.75 -131.80
N SER NA 214 72.86 37.23 -130.61
CA SER NA 214 73.59 37.61 -129.41
C SER NA 214 75.03 37.12 -129.47
N VAL NA 215 75.26 35.98 -130.12
CA VAL NA 215 76.60 35.50 -130.37
C VAL NA 215 77.33 36.43 -131.34
N ASN NA 216 76.76 36.62 -132.54
CA ASN NA 216 77.42 37.40 -133.58
C ASN NA 216 77.62 38.83 -133.12
N TYR NA 217 76.83 39.29 -132.15
CA TYR NA 217 77.07 40.58 -131.51
C TYR NA 217 78.18 40.46 -130.48
N ASP NA 218 78.24 39.33 -129.78
CA ASP NA 218 79.19 39.15 -128.69
C ASP NA 218 80.63 39.08 -129.19
N VAL NA 219 80.81 38.79 -130.50
CA VAL NA 219 82.17 38.79 -131.06
C VAL NA 219 82.72 40.18 -131.32
N PRO NA 220 81.92 41.22 -131.79
CA PRO NA 220 82.44 42.61 -131.73
C PRO NA 220 81.89 43.38 -130.54
N GLU NA 221 82.77 43.74 -129.59
CA GLU NA 221 82.29 44.03 -128.24
C GLU NA 221 82.51 45.47 -127.81
N ARG NA 222 83.17 46.29 -128.62
CA ARG NA 222 83.08 47.74 -128.49
C ARG NA 222 82.29 48.38 -129.61
N GLU NA 223 81.76 47.56 -130.52
CA GLU NA 223 81.00 48.07 -131.66
C GLU NA 223 79.57 48.37 -131.27
N THR NA 224 79.10 49.54 -131.67
CA THR NA 224 77.73 49.96 -131.42
C THR NA 224 76.87 49.50 -132.59
N VAL NA 225 75.90 48.66 -132.31
CA VAL NA 225 75.03 48.07 -133.33
C VAL NA 225 73.60 48.48 -133.04
N VAL NA 226 72.83 48.76 -134.09
CA VAL NA 226 71.40 48.98 -133.93
C VAL NA 226 70.65 47.75 -134.44
N LEU NA 227 69.54 47.44 -133.79
CA LEU NA 227 68.65 46.37 -134.23
C LEU NA 227 67.24 46.93 -134.30
N ILE NA 228 66.66 46.93 -135.51
CA ILE NA 228 65.29 47.35 -135.73
C ILE NA 228 64.45 46.11 -135.95
N ASN NA 229 63.33 46.02 -135.24
CA ASN NA 229 62.32 45.00 -135.51
C ASN NA 229 61.07 45.77 -135.93
N ALA NA 230 60.85 45.83 -137.24
CA ALA NA 230 59.66 46.45 -137.81
C ALA NA 230 58.57 45.39 -137.88
N GLY NA 231 57.63 45.45 -136.94
CA GLY NA 231 56.52 44.54 -136.89
C GLY NA 231 55.26 45.12 -137.49
N ALA NA 232 54.13 44.51 -137.16
CA ALA NA 232 52.84 44.98 -137.64
C ALA NA 232 52.16 45.95 -136.69
N SER NA 233 52.43 45.85 -135.39
CA SER NA 233 51.85 46.75 -134.41
C SER NA 233 52.82 47.79 -133.90
N VAL NA 234 54.13 47.57 -134.03
CA VAL NA 234 55.13 48.43 -133.41
C VAL NA 234 56.46 48.20 -134.11
N VAL NA 235 57.33 49.20 -134.05
CA VAL NA 235 58.72 49.07 -134.50
C VAL NA 235 59.61 49.31 -133.29
N ASN NA 236 60.40 48.30 -132.93
CA ASN NA 236 61.32 48.49 -131.82
C ASN NA 236 62.73 48.78 -132.34
N ILE NA 237 63.41 49.68 -131.63
CA ILE NA 237 64.82 49.96 -131.82
C ILE NA 237 65.53 49.57 -130.54
N ASN NA 238 66.52 48.70 -130.63
CA ASN NA 238 67.42 48.51 -129.50
C ASN NA 238 68.84 48.64 -129.97
N ILE NA 239 69.63 49.44 -129.25
CA ILE NA 239 70.99 49.75 -129.64
C ILE NA 239 71.92 49.31 -128.52
N ILE NA 240 73.03 48.70 -128.94
CA ILE NA 240 73.88 47.89 -128.09
C ILE NA 240 75.33 48.26 -128.32
N SER NA 241 76.14 48.00 -127.30
CA SER NA 241 77.56 47.81 -127.45
C SER NA 241 77.82 46.35 -127.11
N ASN NA 242 78.18 45.56 -128.13
CA ASN NA 242 78.33 44.09 -128.05
C ASN NA 242 76.91 43.49 -128.05
N GLY NA 243 76.65 42.46 -127.28
CA GLY NA 243 75.29 42.06 -126.97
C GLY NA 243 74.91 42.63 -125.62
N ALA NA 244 75.34 43.86 -125.34
CA ALA NA 244 74.97 44.56 -124.13
C ALA NA 244 74.07 45.72 -124.52
N THR NA 245 72.77 45.55 -124.31
CA THR NA 245 71.81 46.59 -124.67
C THR NA 245 72.15 47.89 -123.98
N VAL NA 246 72.24 48.96 -124.77
CA VAL NA 246 72.39 50.30 -124.24
C VAL NA 246 71.03 50.97 -124.09
N PHE NA 247 70.10 50.76 -125.02
CA PHE NA 247 68.75 51.28 -124.83
C PHE NA 247 67.77 50.69 -125.84
N THR NA 248 66.50 50.94 -125.57
CA THR NA 248 65.40 50.52 -126.43
C THR NA 248 64.36 51.63 -126.51
N ARG NA 249 63.66 51.69 -127.63
CA ARG NA 249 62.60 52.66 -127.87
C ARG NA 249 61.60 52.08 -128.85
N ASP NA 250 60.32 52.24 -128.54
CA ASP NA 250 59.24 51.62 -129.29
C ASP NA 250 58.41 52.68 -129.99
N VAL NA 251 58.21 52.49 -131.30
CA VAL NA 251 57.51 53.44 -132.16
C VAL NA 251 56.20 52.83 -132.62
N THR NA 252 55.11 53.61 -132.45
CA THR NA 252 53.77 53.14 -132.79
C THR NA 252 53.66 52.76 -134.27
N ILE NA 253 54.46 53.38 -135.13
CA ILE NA 253 54.38 53.16 -136.56
C ILE NA 253 54.86 51.75 -136.89
N GLY NA 254 54.24 51.13 -137.89
CA GLY NA 254 54.61 49.79 -138.29
C GLY NA 254 54.07 49.48 -139.66
N GLY NA 255 54.00 48.18 -139.97
CA GLY NA 255 53.54 47.76 -141.28
C GLY NA 255 52.04 47.95 -141.46
N ASN NA 256 51.29 47.86 -140.35
CA ASN NA 256 49.88 48.18 -140.38
C ASN NA 256 49.63 49.57 -140.96
N GLN NA 257 50.60 50.47 -140.80
CA GLN NA 257 50.46 51.81 -141.38
C GLN NA 257 50.56 51.79 -142.89
N PHE NA 258 51.56 51.11 -143.44
CA PHE NA 258 51.66 50.97 -144.88
C PHE NA 258 50.40 50.32 -145.45
N THR NA 259 49.98 49.20 -144.86
CA THR NA 259 48.77 48.53 -145.33
C THR NA 259 47.55 49.46 -145.24
N GLU NA 260 47.46 50.23 -144.17
CA GLU NA 260 46.30 51.10 -143.98
C GLU NA 260 46.29 52.24 -144.98
N GLU NA 261 47.45 52.78 -145.34
CA GLU NA 261 47.47 53.81 -146.38
C GLU NA 261 47.09 53.22 -147.73
N ILE NA 262 47.62 52.05 -148.06
CA ILE NA 262 47.23 51.37 -149.31
C ILE NA 262 45.72 51.20 -149.34
N GLN NA 263 45.14 50.82 -148.19
CA GLN NA 263 43.70 50.64 -148.10
C GLN NA 263 42.95 51.96 -148.28
N LYS NA 264 43.45 53.03 -147.66
CA LYS NA 264 42.81 54.33 -147.80
C LYS NA 264 42.78 54.78 -149.25
N GLN NA 265 43.91 54.69 -149.95
CA GLN NA 265 44.00 55.33 -151.25
C GLN NA 265 43.38 54.51 -152.38
N LEU NA 266 42.84 53.33 -152.10
CA LEU NA 266 42.22 52.51 -153.14
C LEU NA 266 40.96 51.83 -152.65
N ASN NA 267 40.29 52.42 -151.64
CA ASN NA 267 39.22 51.80 -150.84
C ASN NA 267 39.21 50.28 -150.94
N VAL NA 268 40.27 49.64 -150.41
CA VAL NA 268 40.48 48.21 -150.41
C VAL NA 268 40.25 47.67 -148.99
N SER NA 269 39.99 46.38 -148.86
CA SER NA 269 39.98 45.74 -147.55
C SER NA 269 41.40 45.62 -147.03
N TYR NA 270 41.57 45.28 -145.75
CA TYR NA 270 42.91 45.20 -145.19
C TYR NA 270 43.70 44.05 -145.81
N GLU NA 271 43.01 42.96 -146.16
CA GLU NA 271 43.73 41.79 -146.68
C GLU NA 271 44.27 42.06 -148.09
N GLU NA 272 43.43 42.57 -148.99
CA GLU NA 272 43.88 42.79 -150.35
C GLU NA 272 44.88 43.94 -150.41
N ALA NA 273 44.76 44.92 -149.51
CA ALA NA 273 45.77 45.96 -149.40
C ALA NA 273 47.09 45.40 -148.89
N GLU NA 274 47.02 44.42 -147.99
CA GLU NA 274 48.21 43.77 -147.49
C GLU NA 274 48.91 42.97 -148.59
N ALA NA 275 48.14 42.21 -149.38
CA ALA NA 275 48.72 41.48 -150.49
C ALA NA 275 49.29 42.43 -151.55
N LEU NA 276 48.56 43.50 -151.85
CA LEU NA 276 49.06 44.52 -152.77
C LEU NA 276 50.38 45.08 -152.26
N LYS NA 277 50.51 45.23 -150.94
CA LYS NA 277 51.80 45.60 -150.36
C LYS NA 277 52.86 44.54 -150.66
N ILE NA 278 52.66 43.32 -150.17
CA ILE NA 278 53.61 42.23 -150.33
C ILE NA 278 53.96 42.03 -151.79
N GLY NA 279 53.09 41.31 -152.52
CA GLY NA 279 53.38 40.99 -153.90
C GLY NA 279 53.41 42.19 -154.80
N GLY NA 280 52.57 43.19 -154.52
CA GLY NA 280 52.59 44.39 -155.33
C GLY NA 280 53.94 45.10 -155.34
N ASN NA 281 54.58 45.23 -154.19
CA ASN NA 281 55.78 46.03 -154.10
C ASN NA 281 57.06 45.31 -154.55
N GLY NA 282 57.02 44.00 -154.75
CA GLY NA 282 58.26 43.27 -154.93
C GLY NA 282 58.41 42.39 -156.16
N ALA NA 283 57.34 42.22 -156.93
CA ALA NA 283 57.40 41.34 -158.08
C ALA NA 283 58.32 41.90 -159.16
N ASP NA 284 58.82 41.01 -160.02
CA ASP NA 284 59.60 41.46 -161.16
C ASP NA 284 58.74 42.21 -162.17
N ALA NA 285 57.43 41.93 -162.20
CA ALA NA 285 56.51 42.59 -163.10
C ALA NA 285 55.84 43.81 -162.49
N ASP NA 286 56.36 44.30 -161.36
CA ASP NA 286 55.72 45.37 -160.62
C ASP NA 286 56.07 46.77 -161.14
N ALA NA 287 56.46 46.91 -162.40
CA ALA NA 287 57.06 48.17 -162.85
C ALA NA 287 56.05 49.30 -162.92
N VAL NA 288 54.76 48.96 -163.04
CA VAL NA 288 53.74 49.99 -163.16
C VAL NA 288 53.12 50.34 -161.81
N VAL NA 289 53.32 49.50 -160.79
CA VAL NA 289 52.68 49.66 -159.49
C VAL NA 289 53.51 50.33 -158.40
N PRO NA 290 54.79 50.69 -158.59
CA PRO NA 290 55.45 51.44 -157.52
C PRO NA 290 55.17 52.92 -157.59
N GLN NA 291 54.60 53.41 -158.70
CA GLN NA 291 54.06 54.75 -158.68
C GLN NA 291 52.73 54.77 -157.94
N ASP NA 292 51.78 53.93 -158.36
CA ASP NA 292 50.49 53.86 -157.69
C ASP NA 292 50.65 53.53 -156.21
N VAL NA 293 51.51 52.57 -155.87
CA VAL NA 293 51.66 52.20 -154.46
C VAL NA 293 52.61 53.14 -153.75
N GLU NA 294 53.78 53.40 -154.34
CA GLU NA 294 54.80 54.22 -153.68
C GLU NA 294 54.27 55.63 -153.39
N ARG NA 295 53.43 56.17 -154.26
CA ARG NA 295 52.79 57.44 -153.96
C ARG NA 295 51.83 57.30 -152.79
N VAL NA 296 51.32 56.09 -152.55
CA VAL NA 296 50.42 55.87 -151.42
C VAL NA 296 51.21 55.77 -150.12
N LEU NA 297 52.32 55.04 -150.16
CA LEU NA 297 53.13 54.76 -148.97
C LEU NA 297 54.20 55.80 -148.72
N SER NA 298 54.29 56.85 -149.54
CA SER NA 298 55.41 57.77 -149.44
C SER NA 298 55.37 58.58 -148.15
N SER NA 299 54.18 59.02 -147.74
CA SER NA 299 54.04 59.67 -146.45
C SER NA 299 54.55 58.77 -145.32
N VAL NA 300 54.15 57.49 -145.32
CA VAL NA 300 54.59 56.58 -144.27
C VAL NA 300 56.10 56.40 -144.32
N ALA NA 301 56.67 56.36 -145.52
CA ALA NA 301 58.12 56.21 -145.64
C ALA NA 301 58.85 57.40 -145.04
N GLU NA 302 58.47 58.60 -145.47
CA GLU NA 302 59.05 59.82 -144.92
C GLU NA 302 58.94 59.86 -143.40
N GLN NA 303 57.75 59.57 -142.89
CA GLN NA 303 57.46 59.78 -141.48
C GLN NA 303 58.09 58.70 -140.59
N VAL NA 304 58.19 57.45 -141.09
CA VAL NA 304 59.01 56.43 -140.42
C VAL NA 304 60.45 56.89 -140.35
N ALA NA 305 61.03 57.28 -141.49
CA ALA NA 305 62.39 57.82 -141.48
C ALA NA 305 62.54 58.95 -140.47
N GLY NA 306 61.53 59.80 -140.36
CA GLY NA 306 61.55 60.87 -139.39
C GLY NA 306 61.55 60.33 -137.97
N GLU NA 307 60.81 59.26 -137.72
CA GLU NA 307 60.82 58.70 -136.37
C GLU NA 307 62.15 58.06 -136.04
N ILE NA 308 62.77 57.38 -137.00
CA ILE NA 308 64.02 56.69 -136.72
C ILE NA 308 65.16 57.70 -136.52
N GLN NA 309 65.24 58.72 -137.38
CA GLN NA 309 66.19 59.80 -137.14
C GLN NA 309 65.92 60.42 -135.78
N ARG NA 310 64.64 60.58 -135.45
CA ARG NA 310 64.22 61.10 -134.16
C ARG NA 310 64.85 60.34 -133.00
N SER NA 311 64.58 59.03 -132.91
CA SER NA 311 65.13 58.22 -131.83
C SER NA 311 66.66 58.23 -131.82
N LEU NA 312 67.29 58.04 -133.00
CA LEU NA 312 68.74 58.02 -133.06
C LEU NA 312 69.34 59.31 -132.51
N ASP NA 313 68.77 60.47 -132.89
CA ASP NA 313 69.25 61.73 -132.35
C ASP NA 313 69.00 61.84 -130.86
N PHE NA 314 67.90 61.26 -130.38
CA PHE NA 314 67.61 61.33 -128.95
C PHE NA 314 68.54 60.43 -128.14
N TYR NA 315 69.23 59.49 -128.78
CA TYR NA 315 70.23 58.72 -128.05
C TYR NA 315 71.56 59.45 -127.93
N ALA NA 316 72.10 59.92 -129.05
CA ALA NA 316 73.47 60.43 -129.15
C ALA NA 316 73.80 61.45 -128.05
N GLY NA 317 73.80 61.00 -126.81
CA GLY NA 317 73.97 61.86 -125.65
C GLY NA 317 75.40 62.19 -125.28
N THR NA 318 76.32 61.23 -125.42
CA THR NA 318 77.67 61.37 -124.88
C THR NA 318 78.76 61.58 -125.92
N ALA NA 319 78.61 61.06 -127.13
CA ALA NA 319 79.65 61.15 -128.16
C ALA NA 319 79.17 62.15 -129.20
N ALA NA 320 79.42 63.43 -128.93
CA ALA NA 320 78.91 64.47 -129.82
C ALA NA 320 79.68 64.55 -131.13
N ASP NA 321 80.79 63.83 -131.24
CA ASP NA 321 81.66 63.92 -132.40
C ASP NA 321 81.87 62.59 -133.11
N SER NA 322 81.02 61.60 -132.87
CA SER NA 322 81.21 60.28 -133.44
C SER NA 322 80.13 59.99 -134.49
N ASN NA 323 80.20 58.80 -135.07
CA ASN NA 323 79.24 58.31 -136.05
C ASN NA 323 78.77 56.91 -135.65
N PHE NA 324 77.95 56.32 -136.52
CA PHE NA 324 77.38 55.01 -136.26
C PHE NA 324 78.27 53.90 -136.81
N SER NA 325 77.82 52.65 -136.63
CA SER NA 325 78.52 51.51 -137.20
C SER NA 325 77.59 50.69 -138.06
N LYS NA 326 77.03 49.60 -137.53
CA LYS NA 326 76.24 48.67 -138.32
C LYS NA 326 74.99 48.22 -137.57
N VAL NA 327 73.98 47.83 -138.35
CA VAL NA 327 72.63 47.61 -137.82
C VAL NA 327 71.94 46.52 -138.63
N TYR NA 328 70.98 45.84 -138.00
CA TYR NA 328 70.22 44.75 -138.61
C TYR NA 328 68.72 45.00 -138.52
N LEU NA 329 67.97 44.22 -139.29
CA LEU NA 329 66.52 44.34 -139.36
C LEU NA 329 65.85 42.98 -139.16
N SER NA 330 64.68 43.04 -138.54
CA SER NA 330 63.85 41.88 -138.22
C SER NA 330 62.39 42.30 -138.33
N GLY NA 331 61.51 41.32 -138.32
CA GLY NA 331 60.10 41.63 -138.54
C GLY NA 331 59.76 41.75 -140.01
N GLY NA 332 58.52 41.40 -140.34
CA GLY NA 332 58.12 41.35 -141.74
C GLY NA 332 57.97 42.72 -142.38
N THR NA 333 57.61 43.73 -141.58
CA THR NA 333 57.53 45.09 -142.11
C THR NA 333 58.85 45.54 -142.71
N ALA NA 334 59.98 45.05 -142.19
CA ALA NA 334 61.26 45.27 -142.84
C ALA NA 334 61.26 44.84 -144.30
N LYS NA 335 60.67 43.69 -144.63
CA LYS NA 335 60.75 43.12 -145.97
C LYS NA 335 60.07 43.95 -147.06
N ILE NA 336 59.65 45.18 -146.75
CA ILE NA 336 59.18 46.10 -147.78
C ILE NA 336 60.31 46.27 -148.80
N PRO NA 337 60.05 46.06 -150.09
CA PRO NA 337 61.13 46.12 -151.08
C PRO NA 337 61.85 47.46 -151.07
N ALA NA 338 63.18 47.38 -151.03
CA ALA NA 338 64.11 48.52 -151.08
C ALA NA 338 64.13 49.31 -149.78
N LEU NA 339 63.31 48.93 -148.80
CA LEU NA 339 63.26 49.68 -147.55
C LEU NA 339 64.62 49.67 -146.84
N PHE NA 340 65.40 48.61 -147.05
CA PHE NA 340 66.70 48.53 -146.38
C PHE NA 340 67.68 49.54 -146.96
N LYS NA 341 67.71 49.69 -148.28
CA LYS NA 341 68.54 50.70 -148.91
C LYS NA 341 68.09 52.10 -148.49
N THR NA 342 66.78 52.30 -148.37
CA THR NA 342 66.24 53.60 -147.98
C THR NA 342 66.66 53.96 -146.57
N ILE NA 343 66.49 53.04 -145.62
CA ILE NA 343 66.91 53.30 -144.24
C ILE NA 343 68.42 53.48 -144.18
N GLU NA 344 69.15 52.75 -145.03
CA GLU NA 344 70.61 52.85 -145.03
C GLU NA 344 71.06 54.24 -145.46
N ALA NA 345 70.49 54.76 -146.54
CA ALA NA 345 70.91 56.07 -147.03
C ALA NA 345 70.34 57.19 -146.15
N ARG NA 346 69.18 56.97 -145.54
CA ARG NA 346 68.49 58.01 -144.80
C ARG NA 346 68.99 58.18 -143.37
N THR NA 347 69.35 57.08 -142.69
CA THR NA 347 69.81 57.16 -141.32
C THR NA 347 71.33 57.24 -141.20
N GLY NA 348 72.05 57.11 -142.31
CA GLY NA 348 73.51 57.15 -142.24
C GLY NA 348 74.12 55.94 -141.56
N VAL NA 349 73.43 54.81 -141.57
CA VAL NA 349 73.93 53.55 -141.02
C VAL NA 349 73.70 52.41 -141.99
N PRO NA 350 74.65 51.47 -142.16
CA PRO NA 350 74.36 50.24 -142.92
C PRO NA 350 73.34 49.33 -142.24
N VAL NA 351 72.15 49.26 -142.84
CA VAL NA 351 71.03 48.46 -142.34
C VAL NA 351 70.94 47.20 -143.16
N GLU NA 352 71.10 46.05 -142.52
CA GLU NA 352 71.12 44.78 -143.23
C GLU NA 352 70.14 43.78 -142.62
N ILE NA 353 69.48 43.03 -143.51
CA ILE NA 353 68.75 41.84 -143.09
C ILE NA 353 69.75 40.85 -142.49
N LEU NA 354 69.25 40.00 -141.60
CA LEU NA 354 70.09 38.98 -141.01
C LEU NA 354 69.29 37.70 -140.89
N ASN NA 355 70.01 36.58 -141.01
CA ASN NA 355 69.40 35.27 -140.86
C ASN NA 355 69.55 34.84 -139.41
N PRO NA 356 68.49 34.87 -138.60
CA PRO NA 356 68.60 34.28 -137.25
C PRO NA 356 69.04 32.84 -137.27
N PHE NA 357 68.35 31.98 -138.04
CA PHE NA 357 68.51 30.53 -137.99
C PHE NA 357 69.97 30.06 -138.04
N ARG NA 358 70.93 30.96 -138.25
CA ARG NA 358 72.34 30.57 -138.21
C ARG NA 358 72.78 30.14 -136.81
N LYS NA 359 72.05 30.54 -135.78
CA LYS NA 359 72.35 30.19 -134.40
C LYS NA 359 72.00 28.74 -134.06
N ILE NA 360 71.22 28.07 -134.90
CA ILE NA 360 70.69 26.75 -134.62
C ILE NA 360 71.04 25.83 -135.76
N GLU NA 361 71.21 24.54 -135.44
CA GLU NA 361 71.46 23.54 -136.46
C GLU NA 361 70.20 23.30 -137.28
N VAL NA 362 70.34 23.21 -138.59
CA VAL NA 362 69.20 23.02 -139.49
C VAL NA 362 69.49 21.81 -140.38
N ASP NA 363 68.68 20.77 -140.24
CA ASP NA 363 68.82 19.58 -141.07
C ASP NA 363 68.30 19.90 -142.46
N ASN NA 364 69.17 19.81 -143.47
CA ASN NA 364 68.79 20.16 -144.82
C ASN NA 364 67.76 19.21 -145.40
N ARG NA 365 67.65 18.00 -144.83
CA ARG NA 365 66.67 17.04 -145.32
C ARG NA 365 65.27 17.35 -144.80
N LYS NA 366 65.14 18.19 -143.78
CA LYS NA 366 63.83 18.55 -143.25
C LYS NA 366 63.45 19.99 -143.51
N PHE NA 367 64.40 20.85 -143.85
CA PHE NA 367 64.13 22.26 -144.06
C PHE NA 367 64.96 22.78 -145.22
N ASP NA 368 64.32 23.56 -146.08
CA ASP NA 368 65.03 24.24 -147.17
C ASP NA 368 65.69 25.49 -146.60
N PRO NA 369 67.01 25.64 -146.73
CA PRO NA 369 67.66 26.87 -146.28
C PRO NA 369 67.12 28.13 -146.94
N ALA NA 370 66.66 28.02 -148.19
CA ALA NA 370 66.16 29.21 -148.90
C ALA NA 370 64.89 29.75 -148.25
N PHE NA 371 63.88 28.90 -148.10
CA PHE NA 371 62.63 29.33 -147.46
C PHE NA 371 62.86 29.79 -146.03
N VAL NA 372 63.66 29.03 -145.28
CA VAL NA 372 64.04 29.42 -143.92
C VAL NA 372 64.57 30.85 -143.94
N MET NA 373 65.47 31.15 -144.87
CA MET NA 373 65.98 32.50 -145.02
C MET NA 373 64.87 33.48 -145.37
N ASP NA 374 63.89 33.04 -146.16
CA ASP NA 374 62.83 33.95 -146.59
C ASP NA 374 61.95 34.38 -145.42
N VAL NA 375 61.60 33.44 -144.54
CA VAL NA 375 60.75 33.73 -143.40
C VAL NA 375 61.57 34.08 -142.15
N ALA NA 376 62.89 34.22 -142.29
CA ALA NA 376 63.71 34.58 -141.14
C ALA NA 376 63.29 35.86 -140.43
N PRO NA 377 63.07 36.99 -141.12
CA PRO NA 377 62.75 38.23 -140.37
C PRO NA 377 61.50 38.13 -139.52
N MET NA 378 60.43 37.52 -140.06
CA MET NA 378 59.22 37.32 -139.26
C MET NA 378 59.50 36.43 -138.05
N ALA NA 379 60.36 35.43 -138.22
CA ALA NA 379 60.56 34.40 -137.22
C ALA NA 379 61.66 34.72 -136.22
N ALA NA 380 62.34 35.86 -136.34
CA ALA NA 380 63.47 36.18 -135.45
C ALA NA 380 63.11 36.00 -133.98
N VAL NA 381 62.04 36.65 -133.52
CA VAL NA 381 61.61 36.50 -132.14
C VAL NA 381 61.12 35.07 -131.88
N ALA NA 382 60.37 34.53 -132.85
CA ALA NA 382 59.81 33.18 -132.85
C ALA NA 382 60.85 32.10 -132.62
N VAL NA 383 62.11 32.36 -132.91
CA VAL NA 383 63.16 31.47 -132.44
C VAL NA 383 63.87 32.08 -131.24
N GLY NA 384 63.64 33.38 -131.00
CA GLY NA 384 64.23 34.13 -129.91
C GLY NA 384 63.98 33.55 -128.54
N LEU NA 385 62.75 33.72 -128.08
CA LEU NA 385 62.40 33.15 -126.79
C LEU NA 385 62.46 31.63 -126.85
N ALA NA 386 62.67 31.08 -128.04
CA ALA NA 386 62.83 29.65 -128.26
C ALA NA 386 64.23 29.17 -127.94
N LEU NA 387 65.26 30.00 -128.12
CA LEU NA 387 66.53 29.70 -127.47
C LEU NA 387 66.47 30.09 -126.01
N ARG NA 388 65.50 30.92 -125.64
CA ARG NA 388 65.28 31.15 -124.21
C ARG NA 388 64.74 29.89 -123.54
N ARG NA 389 64.06 29.01 -124.28
CA ARG NA 389 63.36 27.88 -123.67
C ARG NA 389 64.18 26.60 -123.42
N PRO NA 390 65.29 26.31 -124.12
CA PRO NA 390 66.11 25.20 -123.66
C PRO NA 390 67.30 25.75 -122.90
N GLY NA 391 67.17 26.98 -122.42
CA GLY NA 391 68.25 27.64 -121.73
C GLY NA 391 68.22 27.36 -120.24
N MET OA 1 48.75 60.45 -126.86
CA MET OA 1 47.31 60.61 -126.86
C MET OA 1 46.74 60.46 -125.46
N MET OA 2 45.77 61.31 -125.14
CA MET OA 2 45.14 61.33 -123.82
C MET OA 2 43.85 60.52 -123.86
N ILE OA 3 43.74 59.54 -122.96
CA ILE OA 3 42.55 58.70 -122.84
C ILE OA 3 41.94 59.01 -121.49
N ARG OA 4 40.80 59.69 -121.49
CA ARG OA 4 40.13 60.11 -120.27
C ARG OA 4 38.77 59.42 -120.13
N ILE OA 5 38.37 59.19 -118.89
CA ILE OA 5 37.10 58.50 -118.62
C ILE OA 5 36.42 59.09 -117.38
N ASN OA 6 35.44 59.95 -117.61
CA ASN OA 6 34.59 60.46 -116.53
C ASN OA 6 33.48 59.48 -116.17
N LEU OA 7 33.81 58.22 -115.91
CA LEU OA 7 32.78 57.25 -115.52
C LEU OA 7 32.93 56.75 -114.08
N LEU OA 8 31.85 56.89 -113.32
CA LEU OA 8 31.75 56.87 -111.86
C LEU OA 8 32.70 57.86 -111.13
N PRO OA 9 32.61 59.12 -111.53
CA PRO OA 9 32.39 60.22 -110.59
C PRO OA 9 31.10 60.97 -110.92
N VAL OA 10 30.89 62.10 -110.27
CA VAL OA 10 30.38 62.12 -108.91
C VAL OA 10 28.88 62.29 -108.60
N ARG OA 11 28.08 63.14 -109.25
CA ARG OA 11 26.66 63.12 -108.89
C ARG OA 11 26.09 61.76 -109.27
N ALA OA 12 26.72 61.09 -110.25
CA ALA OA 12 26.45 59.67 -110.48
C ALA OA 12 26.90 58.83 -109.29
N VAL OA 13 28.13 59.08 -108.79
CA VAL OA 13 28.66 58.32 -107.67
C VAL OA 13 27.74 58.51 -106.48
N LYS OA 14 27.72 59.72 -105.92
CA LYS OA 14 27.02 59.97 -104.68
C LYS OA 14 25.51 59.85 -104.83
N LYS OA 15 24.98 59.81 -106.05
CA LYS OA 15 23.55 59.53 -106.18
C LYS OA 15 23.29 58.03 -106.23
N ARG OA 16 24.25 57.25 -106.72
CA ARG OA 16 24.16 55.80 -106.54
C ARG OA 16 24.36 55.45 -105.07
N GLU OA 17 25.20 56.21 -104.36
CA GLU OA 17 25.43 55.97 -102.95
C GLU OA 17 24.20 56.34 -102.12
N MET OA 18 23.67 57.54 -102.29
CA MET OA 18 22.41 57.88 -101.63
C MET OA 18 21.33 56.87 -101.99
N GLY OA 19 21.29 56.46 -103.27
CA GLY OA 19 20.37 55.41 -103.67
C GLY OA 19 20.54 54.13 -102.89
N ARG OA 20 21.78 53.77 -102.56
CA ARG OA 20 22.02 52.57 -101.76
C ARG OA 20 21.56 52.78 -100.31
N GLN OA 21 21.94 53.91 -99.70
CA GLN OA 21 21.65 54.14 -98.30
C GLN OA 21 20.15 54.19 -98.03
N VAL OA 22 19.40 54.91 -98.88
CA VAL OA 22 17.95 54.98 -98.70
C VAL OA 22 17.33 53.59 -98.70
N LEU OA 23 17.82 52.71 -99.58
CA LEU OA 23 17.31 51.34 -99.65
C LEU OA 23 17.71 50.52 -98.44
N VAL OA 24 18.92 50.70 -97.93
CA VAL OA 24 19.32 50.01 -96.70
C VAL OA 24 18.42 50.41 -95.55
N LEU OA 25 18.14 51.72 -95.43
CA LEU OA 25 17.22 52.19 -94.40
C LEU OA 25 15.84 51.55 -94.55
N PHE OA 26 15.33 51.51 -95.78
CA PHE OA 26 14.08 50.80 -96.04
C PHE OA 26 14.15 49.37 -95.51
N ALA OA 27 15.22 48.65 -95.84
CA ALA OA 27 15.35 47.25 -95.42
C ALA OA 27 15.33 47.13 -93.91
N VAL OA 28 16.07 48.00 -93.21
CA VAL OA 28 16.11 47.93 -91.75
C VAL OA 28 14.73 48.16 -91.16
N VAL OA 29 14.05 49.23 -91.58
CA VAL OA 29 12.72 49.52 -91.07
C VAL OA 29 11.78 48.35 -91.30
N LEU OA 30 11.85 47.74 -92.49
CA LEU OA 30 10.93 46.65 -92.80
C LEU OA 30 11.26 45.38 -92.03
N ILE OA 31 12.54 45.16 -91.70
CA ILE OA 31 12.88 44.01 -90.86
C ILE OA 31 12.36 44.22 -89.44
N GLY OA 32 12.54 45.42 -88.89
CA GLY OA 32 12.00 45.70 -87.58
C GLY OA 32 10.49 45.54 -87.51
N ALA OA 33 9.77 46.19 -88.43
CA ALA OA 33 8.32 46.02 -88.49
C ALA OA 33 7.95 44.55 -88.62
N GLY OA 34 8.72 43.80 -89.41
CA GLY OA 34 8.52 42.36 -89.48
C GLY OA 34 8.57 41.72 -88.11
N VAL OA 35 9.67 41.91 -87.38
CA VAL OA 35 9.82 41.34 -86.05
C VAL OA 35 8.63 41.70 -85.16
N ALA OA 36 8.15 42.95 -85.25
CA ALA OA 36 6.96 43.32 -84.49
C ALA OA 36 5.76 42.44 -84.87
N ASN OA 37 5.43 42.40 -86.17
CA ASN OA 37 4.35 41.55 -86.64
C ASN OA 37 4.46 40.14 -86.08
N TYR OA 38 5.67 39.59 -86.12
CA TYR OA 38 5.94 38.32 -85.45
C TYR OA 38 5.50 38.37 -84.00
N LEU OA 39 6.36 38.87 -83.09
CA LEU OA 39 6.09 38.83 -81.65
C LEU OA 39 4.60 38.95 -81.34
N TRP OA 40 3.91 39.85 -82.04
CA TRP OA 40 2.46 39.88 -82.00
C TRP OA 40 1.85 38.50 -82.28
N TYR OA 41 2.26 37.87 -83.41
CA TYR OA 41 1.67 36.56 -83.75
C TYR OA 41 1.81 35.55 -82.62
N ASP OA 42 2.90 35.65 -81.85
CA ASP OA 42 3.14 34.67 -80.78
C ASP OA 42 2.25 34.93 -79.59
N ASP OA 43 2.14 36.20 -79.16
CA ASP OA 43 1.20 36.50 -78.09
C ASP OA 43 -0.21 36.09 -78.49
N ARG OA 44 -0.55 36.18 -79.78
CA ARG OA 44 -1.88 35.80 -80.24
C ARG OA 44 -2.09 34.29 -80.20
N GLN OA 45 -1.07 33.50 -80.55
CA GLN OA 45 -1.20 32.05 -80.45
C GLN OA 45 -1.31 31.61 -79.00
N SER OA 46 -0.55 32.24 -78.10
CA SER OA 46 -0.71 31.96 -76.67
C SER OA 46 -2.13 32.24 -76.21
N GLU OA 47 -2.67 33.42 -76.56
CA GLU OA 47 -4.05 33.72 -76.18
C GLU OA 47 -5.01 32.67 -76.74
N LEU OA 48 -4.81 32.26 -78.00
CA LEU OA 48 -5.66 31.23 -78.59
C LEU OA 48 -5.62 29.93 -77.80
N GLU OA 49 -4.43 29.53 -77.33
CA GLU OA 49 -4.36 28.28 -76.56
C GLU OA 49 -5.07 28.43 -75.22
N ALA OA 50 -4.88 29.56 -74.54
CA ALA OA 50 -5.63 29.78 -73.29
C ALA OA 50 -7.14 29.72 -73.53
N HIS OA 51 -7.61 30.34 -74.61
CA HIS OA 51 -9.04 30.39 -74.88
C HIS OA 51 -9.58 29.01 -75.24
N GLN OA 52 -8.81 28.22 -76.00
CA GLN OA 52 -9.25 26.86 -76.29
C GLN OA 52 -9.28 26.00 -75.03
N ALA OA 53 -8.35 26.23 -74.10
CA ALA OA 53 -8.45 25.60 -72.78
C ALA OA 53 -9.77 25.96 -72.11
N GLY OA 54 -10.13 27.25 -72.12
CA GLY OA 54 -11.40 27.65 -71.55
C GLY OA 54 -12.59 26.99 -72.23
N VAL OA 55 -12.57 26.90 -73.56
CA VAL OA 55 -13.67 26.25 -74.28
C VAL OA 55 -13.79 24.80 -73.87
N ALA OA 56 -12.65 24.11 -73.72
CA ALA OA 56 -12.69 22.76 -73.17
C ALA OA 56 -13.34 22.73 -71.79
N SER OA 57 -12.99 23.72 -70.94
CA SER OA 57 -13.66 23.86 -69.66
C SER OA 57 -15.16 24.07 -69.79
N THR OA 58 -15.65 24.61 -70.91
CA THR OA 58 -17.08 24.61 -71.14
C THR OA 58 -17.58 23.21 -71.46
N LYS OA 59 -17.03 22.61 -72.52
CA LYS OA 59 -17.54 21.34 -72.99
C LYS OA 59 -17.48 20.24 -71.94
N ALA OA 60 -16.66 20.41 -70.90
CA ALA OA 60 -16.65 19.44 -69.81
C ALA OA 60 -17.92 19.56 -68.96
N ARG OA 61 -18.10 20.71 -68.32
CA ARG OA 61 -19.21 20.89 -67.39
C ARG OA 61 -20.56 20.91 -68.08
N ILE OA 62 -20.64 21.33 -69.34
CA ILE OA 62 -21.90 21.21 -70.06
C ILE OA 62 -22.30 19.74 -70.17
N ALA OA 63 -21.34 18.86 -70.46
CA ALA OA 63 -21.60 17.43 -70.44
C ALA OA 63 -22.02 16.97 -69.04
N GLU OA 64 -21.28 17.41 -68.01
CA GLU OA 64 -21.69 17.14 -66.63
C GLU OA 64 -23.17 17.44 -66.43
N LEU OA 65 -23.64 18.56 -66.99
CA LEU OA 65 -25.00 19.04 -66.72
C LEU OA 65 -26.03 18.32 -67.54
N GLU OA 66 -25.70 17.96 -68.77
CA GLU OA 66 -26.57 17.10 -69.56
C GLU OA 66 -26.78 15.76 -68.87
N LYS OA 67 -25.74 15.28 -68.18
CA LYS OA 67 -25.89 14.03 -67.43
C LYS OA 67 -26.73 14.23 -66.18
N ILE OA 68 -26.45 15.29 -65.41
CA ILE OA 68 -27.17 15.50 -64.16
C ILE OA 68 -28.65 15.79 -64.44
N ILE OA 69 -28.96 16.47 -65.54
CA ILE OA 69 -30.36 16.72 -65.89
C ILE OA 69 -30.99 15.48 -66.49
N GLY OA 70 -30.20 14.68 -67.22
CA GLY OA 70 -30.70 13.36 -67.61
C GLY OA 70 -31.17 12.58 -66.40
N GLU OA 71 -30.38 12.61 -65.33
CA GLU OA 71 -30.84 12.04 -64.07
C GLU OA 71 -32.15 12.71 -63.66
N VAL OA 72 -32.13 14.03 -63.44
CA VAL OA 72 -33.28 14.71 -62.86
C VAL OA 72 -34.58 14.40 -63.60
N LYS OA 73 -34.50 14.13 -64.90
CA LYS OA 73 -35.71 13.78 -65.65
C LYS OA 73 -36.06 12.31 -65.47
N ASN OA 74 -35.09 11.41 -65.72
CA ASN OA 74 -35.27 9.99 -65.40
C ASN OA 74 -35.98 9.84 -64.06
N ILE OA 75 -35.48 10.57 -63.06
CA ILE OA 75 -36.10 10.81 -61.77
C ILE OA 75 -37.57 11.18 -61.92
N ASN OA 76 -37.81 12.41 -62.39
CA ASN OA 76 -39.09 13.07 -62.20
C ASN OA 76 -40.23 12.27 -62.81
N THR OA 77 -39.95 11.50 -63.86
CA THR OA 77 -41.04 10.76 -64.49
C THR OA 77 -41.41 9.50 -63.72
N ARG OA 78 -40.44 8.88 -63.04
CA ARG OA 78 -40.72 7.68 -62.25
C ARG OA 78 -41.47 8.01 -60.95
N LYS OA 79 -41.26 9.21 -60.40
CA LYS OA 79 -41.91 9.59 -59.15
C LYS OA 79 -43.43 9.57 -59.29
N ALA OA 80 -43.94 10.13 -60.40
CA ALA OA 80 -45.39 10.21 -60.60
C ALA OA 80 -46.03 8.83 -60.76
N GLU OA 81 -45.34 7.86 -61.36
CA GLU OA 81 -45.86 6.50 -61.35
C GLU OA 81 -45.78 5.89 -59.95
N VAL OA 82 -44.83 6.35 -59.14
CA VAL OA 82 -44.72 5.78 -57.80
C VAL OA 82 -45.85 6.25 -56.89
N GLU OA 83 -46.05 7.57 -56.77
CA GLU OA 83 -47.18 8.09 -55.99
C GLU OA 83 -48.47 7.35 -56.32
N LYS OA 84 -48.66 7.06 -57.61
CA LYS OA 84 -49.89 6.45 -58.09
C LYS OA 84 -49.97 4.97 -57.73
N LYS OA 85 -48.97 4.19 -58.15
CA LYS OA 85 -48.89 2.78 -57.73
C LYS OA 85 -49.08 2.62 -56.24
N LEU OA 86 -48.44 3.48 -55.44
CA LEU OA 86 -48.59 3.41 -54.00
C LEU OA 86 -50.01 3.72 -53.57
N ALA OA 87 -50.59 4.84 -54.03
CA ALA OA 87 -51.96 5.16 -53.63
C ALA OA 87 -52.88 3.98 -53.89
N VAL OA 88 -52.65 3.27 -55.00
CA VAL OA 88 -53.28 1.97 -55.19
C VAL OA 88 -52.96 1.03 -54.03
N LEU OA 89 -51.67 0.93 -53.66
CA LEU OA 89 -51.28 -0.01 -52.60
C LEU OA 89 -51.96 0.30 -51.27
N ASP OA 90 -52.12 1.58 -50.92
CA ASP OA 90 -52.78 2.00 -49.69
C ASP OA 90 -54.28 1.86 -49.78
N ALA OA 91 -54.86 1.86 -50.99
CA ALA OA 91 -56.25 1.45 -51.12
C ALA OA 91 -56.40 -0.06 -50.91
N LEU OA 92 -55.40 -0.83 -51.34
CA LEU OA 92 -55.49 -2.28 -51.27
C LEU OA 92 -55.24 -2.81 -49.85
N ARG OA 93 -54.31 -2.20 -49.12
CA ARG OA 93 -54.14 -2.56 -47.72
C ARG OA 93 -55.41 -2.31 -46.92
N LYS OA 94 -56.17 -1.26 -47.28
CA LYS OA 94 -57.51 -1.09 -46.75
C LYS OA 94 -58.47 -2.12 -47.33
N GLY OA 95 -58.15 -2.67 -48.50
CA GLY OA 95 -58.94 -3.73 -49.08
C GLY OA 95 -58.65 -5.11 -48.54
N ARG OA 96 -57.61 -5.25 -47.71
CA ARG OA 96 -57.34 -6.47 -46.97
C ARG OA 96 -57.61 -6.32 -45.48
N SER OA 97 -57.46 -5.12 -44.93
CA SER OA 97 -57.98 -4.84 -43.60
C SER OA 97 -59.50 -4.90 -43.61
N GLY OA 98 -60.10 -4.41 -44.69
CA GLY OA 98 -61.54 -4.39 -44.86
C GLY OA 98 -62.23 -5.67 -44.46
N PRO OA 99 -62.08 -6.73 -45.26
CA PRO OA 99 -62.77 -8.00 -44.97
C PRO OA 99 -62.53 -8.55 -43.57
N VAL OA 100 -61.84 -7.78 -42.74
CA VAL OA 100 -61.55 -8.21 -41.39
C VAL OA 100 -61.90 -7.10 -40.39
N ARG OA 101 -61.85 -5.85 -40.83
CA ARG OA 101 -61.82 -4.78 -39.85
C ARG OA 101 -63.20 -4.30 -39.42
N MET OA 102 -63.74 -3.25 -40.04
CA MET OA 102 -64.89 -2.63 -39.40
C MET OA 102 -66.07 -2.32 -40.32
N MET OA 103 -65.89 -1.54 -41.37
CA MET OA 103 -67.03 -1.09 -42.16
C MET OA 103 -67.68 -2.21 -42.98
N ASP OA 104 -67.07 -3.39 -43.03
CA ASP OA 104 -67.10 -4.18 -44.25
C ASP OA 104 -68.08 -5.33 -44.27
N ALA OA 105 -68.70 -5.69 -43.15
CA ALA OA 105 -69.77 -6.67 -43.21
C ALA OA 105 -71.13 -6.04 -42.95
N LEU OA 106 -71.13 -4.95 -42.17
CA LEU OA 106 -72.36 -4.29 -41.76
C LEU OA 106 -72.72 -3.20 -42.78
N ALA OA 107 -74.00 -2.94 -43.11
CA ALA OA 107 -75.21 -2.98 -42.25
C ALA OA 107 -75.01 -1.86 -41.22
N SER OA 108 -74.93 -0.65 -41.77
CA SER OA 108 -74.63 0.59 -41.04
C SER OA 108 -73.24 0.51 -40.42
N ALA OA 109 -72.40 1.51 -40.71
CA ALA OA 109 -71.02 1.48 -40.27
C ALA OA 109 -70.84 1.88 -38.80
N THR OA 110 -71.60 1.25 -37.91
CA THR OA 110 -71.53 1.55 -36.49
C THR OA 110 -70.95 0.38 -35.70
N PRO OA 111 -70.06 0.65 -34.74
CA PRO OA 111 -69.28 -0.34 -33.97
C PRO OA 111 -70.08 -1.03 -32.86
N LYS OA 112 -69.63 -2.20 -32.40
CA LYS OA 112 -68.45 -2.89 -32.91
C LYS OA 112 -68.78 -3.68 -34.17
N LYS OA 113 -67.85 -3.67 -35.13
CA LYS OA 113 -68.18 -4.06 -36.50
C LYS OA 113 -67.03 -4.88 -37.07
N VAL OA 114 -67.32 -6.11 -37.54
CA VAL OA 114 -66.32 -7.09 -38.02
C VAL OA 114 -65.08 -7.27 -37.10
N TRP OA 115 -64.73 -6.18 -36.42
CA TRP OA 115 -64.36 -6.03 -35.00
C TRP OA 115 -63.50 -6.93 -34.12
N VAL OA 116 -63.91 -6.84 -32.86
CA VAL OA 116 -63.32 -7.32 -31.62
C VAL OA 116 -64.01 -8.63 -31.22
N LYS OA 117 -63.30 -9.50 -30.51
CA LYS OA 117 -63.77 -10.88 -30.40
C LYS OA 117 -64.62 -11.16 -29.16
N THR OA 118 -64.00 -11.40 -28.01
CA THR OA 118 -64.72 -11.95 -26.85
C THR OA 118 -64.88 -10.92 -25.74
N PHE OA 119 -65.97 -11.06 -24.98
CA PHE OA 119 -66.28 -10.20 -23.84
C PHE OA 119 -66.68 -11.09 -22.67
N SER OA 120 -66.11 -10.83 -21.50
CA SER OA 120 -66.39 -11.63 -20.30
C SER OA 120 -66.17 -10.76 -19.08
N GLU OA 121 -67.17 -10.68 -18.22
CA GLU OA 121 -67.19 -9.75 -17.08
C GLU OA 121 -67.31 -10.51 -15.77
N ASN OA 122 -67.23 -9.75 -14.67
CA ASN OA 122 -67.42 -10.28 -13.33
C ASN OA 122 -67.97 -9.23 -12.37
N ASN OA 123 -68.68 -8.23 -12.88
CA ASN OA 123 -69.30 -7.14 -12.11
C ASN OA 123 -68.28 -6.30 -11.33
N ASN OA 124 -66.99 -6.46 -11.63
CA ASN OA 124 -65.97 -5.57 -11.09
C ASN OA 124 -64.98 -5.21 -12.20
N ALA OA 125 -64.69 -6.17 -13.07
CA ALA OA 125 -63.81 -5.96 -14.21
C ALA OA 125 -64.32 -6.75 -15.40
N VAL OA 126 -63.95 -6.29 -16.59
CA VAL OA 126 -64.24 -7.01 -17.83
C VAL OA 126 -62.91 -7.37 -18.47
N SER OA 127 -62.77 -8.64 -18.88
CA SER OA 127 -61.56 -9.13 -19.51
C SER OA 127 -61.91 -9.44 -20.97
N ILE OA 128 -61.60 -8.50 -21.84
CA ILE OA 128 -62.06 -8.55 -23.21
C ILE OA 128 -61.01 -9.19 -24.09
N ASP OA 129 -61.38 -9.49 -25.33
CA ASP OA 129 -60.52 -10.14 -26.31
C ASP OA 129 -60.90 -9.57 -27.67
N GLY OA 130 -59.92 -9.09 -28.44
CA GLY OA 130 -60.24 -8.23 -29.57
C GLY OA 130 -59.25 -8.31 -30.72
N SER OA 131 -59.48 -7.39 -31.67
CA SER OA 131 -58.74 -7.25 -32.91
C SER OA 131 -58.97 -5.85 -33.46
N ALA OA 132 -57.90 -5.20 -33.91
CA ALA OA 132 -57.99 -3.84 -34.41
C ALA OA 132 -57.22 -3.72 -35.72
N VAL OA 133 -57.25 -2.53 -36.31
CA VAL OA 133 -56.71 -2.38 -37.66
C VAL OA 133 -55.18 -2.40 -37.65
N SER OA 134 -54.56 -1.80 -36.65
CA SER OA 134 -53.11 -1.58 -36.69
C SER OA 134 -52.66 -1.05 -35.34
N HIS OA 135 -51.47 -0.46 -35.34
CA HIS OA 135 -50.90 0.22 -34.18
C HIS OA 135 -51.61 1.55 -33.94
N ASP OA 136 -52.67 1.82 -34.70
CA ASP OA 136 -53.36 3.10 -34.66
C ASP OA 136 -54.73 3.02 -34.00
N GLU OA 137 -55.65 2.21 -34.54
CA GLU OA 137 -56.97 2.08 -33.95
C GLU OA 137 -56.95 1.34 -32.62
N VAL OA 138 -55.97 0.46 -32.41
CA VAL OA 138 -55.80 -0.09 -31.07
C VAL OA 138 -55.21 0.97 -30.16
N ALA OA 139 -54.46 1.93 -30.72
CA ALA OA 139 -53.98 3.05 -29.94
C ALA OA 139 -55.08 4.06 -29.66
N GLU OA 140 -55.96 4.28 -30.64
CA GLU OA 140 -57.14 5.12 -30.40
C GLU OA 140 -58.03 4.50 -29.32
N PHE OA 141 -58.27 3.19 -29.42
CA PHE OA 141 -59.11 2.49 -28.47
C PHE OA 141 -58.48 2.49 -27.08
N MET OA 142 -57.18 2.20 -27.00
CA MET OA 142 -56.52 2.15 -25.70
C MET OA 142 -56.42 3.55 -25.08
N ARG OA 143 -56.27 4.58 -25.92
CA ARG OA 143 -56.27 5.94 -25.39
C ARG OA 143 -57.65 6.31 -24.85
N GLY OA 144 -58.72 5.93 -25.56
CA GLY OA 144 -60.07 6.23 -25.11
C GLY OA 144 -60.39 5.67 -23.73
N LEU OA 145 -59.57 4.77 -23.21
CA LEU OA 145 -59.80 4.17 -21.90
C LEU OA 145 -58.84 4.74 -20.86
N ASN OA 146 -57.71 4.06 -20.68
CA ASN OA 146 -56.80 4.38 -19.58
C ASN OA 146 -55.45 3.69 -19.84
N GLY OA 147 -54.47 4.08 -19.03
CA GLY OA 147 -53.10 3.60 -19.10
C GLY OA 147 -52.48 3.59 -17.72
N VAL OA 148 -51.93 2.46 -17.30
CA VAL OA 148 -51.70 2.18 -15.88
C VAL OA 148 -50.36 1.48 -15.71
N VAL OA 149 -49.69 1.77 -14.60
CA VAL OA 149 -48.51 1.01 -14.16
C VAL OA 149 -49.04 -0.04 -13.18
N TRP OA 150 -49.15 -1.28 -13.65
CA TRP OA 150 -49.63 -2.37 -12.81
C TRP OA 150 -48.47 -3.04 -12.09
N THR OA 151 -48.73 -3.52 -10.87
CA THR OA 151 -47.63 -4.06 -10.08
C THR OA 151 -47.97 -5.46 -9.52
N PRO OA 152 -48.38 -5.64 -8.23
CA PRO OA 152 -48.34 -6.99 -7.68
C PRO OA 152 -49.51 -7.85 -8.15
N LYS OA 153 -49.25 -8.75 -9.09
CA LYS OA 153 -50.33 -9.54 -9.66
C LYS OA 153 -50.58 -10.80 -8.84
N GLY OA 154 -51.85 -11.15 -8.68
CA GLY OA 154 -52.23 -12.38 -8.02
C GLY OA 154 -52.63 -13.45 -9.01
N MET OA 155 -52.08 -14.65 -8.85
CA MET OA 155 -52.39 -15.76 -9.74
C MET OA 155 -53.58 -16.53 -9.21
N GLY OA 156 -54.54 -16.82 -10.09
CA GLY OA 156 -55.76 -17.48 -9.68
C GLY OA 156 -56.15 -18.59 -10.63
N ARG OA 157 -57.04 -19.46 -10.15
CA ARG OA 157 -57.39 -20.70 -10.83
C ARG OA 157 -58.06 -20.48 -12.19
N LEU OA 158 -58.47 -19.25 -12.48
CA LEU OA 158 -58.98 -18.95 -13.82
C LEU OA 158 -57.87 -18.84 -14.85
N VAL OA 159 -56.70 -18.33 -14.46
CA VAL OA 159 -55.54 -18.29 -15.35
C VAL OA 159 -55.22 -19.69 -15.86
N ASP OA 160 -55.11 -20.65 -14.94
CA ASP OA 160 -54.80 -22.02 -15.33
C ASP OA 160 -55.92 -22.66 -16.14
N ARG OA 161 -57.18 -22.30 -15.84
CA ARG OA 161 -58.29 -22.73 -16.68
C ARG OA 161 -58.18 -22.17 -18.08
N ARG OA 162 -57.51 -21.02 -18.26
CA ARG OA 162 -57.19 -20.57 -19.60
C ARG OA 162 -56.04 -21.36 -20.20
N ARG OA 163 -55.02 -21.69 -19.39
CA ARG OA 163 -53.94 -22.57 -19.86
C ARG OA 163 -54.46 -23.98 -20.11
N ASP OA 164 -55.46 -24.42 -19.34
CA ASP OA 164 -56.08 -25.72 -19.55
C ASP OA 164 -57.01 -25.75 -20.76
N SER OA 165 -57.38 -24.58 -21.31
CA SER OA 165 -58.38 -24.44 -22.37
C SER OA 165 -59.76 -24.72 -21.80
N LYS OA 166 -59.84 -24.93 -20.47
CA LYS OA 166 -61.09 -25.38 -19.87
C LYS OA 166 -62.16 -24.30 -19.84
N THR OA 167 -61.78 -23.02 -19.95
CA THR OA 167 -62.74 -21.92 -20.13
C THR OA 167 -62.52 -21.36 -21.53
N ALA OA 168 -63.56 -21.44 -22.35
CA ALA OA 168 -63.39 -21.28 -23.78
C ALA OA 168 -63.09 -19.84 -24.14
N ARG OA 169 -61.85 -19.65 -24.65
CA ARG OA 169 -61.31 -18.36 -25.14
C ARG OA 169 -60.13 -18.34 -26.62
N VAL OA 170 -59.49 -17.22 -27.13
CA VAL OA 170 -58.44 -17.25 -28.15
C VAL OA 170 -57.04 -17.15 -27.52
N GLU OA 171 -56.47 -18.31 -27.14
CA GLU OA 171 -55.18 -18.40 -26.44
C GLU OA 171 -53.99 -17.90 -27.27
N MET OA 172 -54.24 -17.02 -28.25
CA MET OA 172 -53.34 -15.92 -28.57
C MET OA 172 -53.11 -15.01 -27.37
N LEU OA 173 -54.03 -15.04 -26.40
CA LEU OA 173 -54.12 -14.06 -25.33
C LEU OA 173 -53.24 -14.41 -24.14
N THR OA 174 -52.62 -13.38 -23.56
CA THR OA 174 -52.13 -13.50 -22.19
C THR OA 174 -53.30 -13.70 -21.24
N SER OA 175 -52.99 -14.08 -20.00
CA SER OA 175 -54.03 -14.51 -19.09
C SER OA 175 -54.41 -13.41 -18.10
N ASP OA 176 -54.77 -13.81 -16.88
CA ASP OA 176 -54.86 -12.95 -15.70
C ASP OA 176 -56.05 -12.01 -15.69
N ALA OA 177 -56.39 -11.51 -14.49
CA ALA OA 177 -57.44 -10.52 -14.26
C ALA OA 177 -57.49 -10.10 -12.80
N THR OA 178 -56.33 -10.02 -12.14
CA THR OA 178 -56.26 -9.67 -10.72
C THR OA 178 -54.92 -9.02 -10.45
N ILE OA 179 -54.94 -7.76 -10.01
CA ILE OA 179 -53.70 -7.01 -9.81
C ILE OA 179 -54.00 -5.71 -9.06
N GLU OA 180 -53.01 -4.83 -8.97
CA GLU OA 180 -53.14 -3.51 -8.33
C GLU OA 180 -52.57 -2.48 -9.29
N GLU OA 181 -53.33 -1.41 -9.53
CA GLU OA 181 -53.10 -0.53 -10.68
C GLU OA 181 -52.76 0.89 -10.23
N PHE OA 182 -51.81 1.51 -10.93
CA PHE OA 182 -51.46 2.92 -10.74
C PHE OA 182 -51.62 3.69 -12.04
N PRO OA 183 -52.31 4.83 -12.04
CA PRO OA 183 -52.61 5.50 -13.31
C PRO OA 183 -51.39 6.18 -13.92
N GLU OA 184 -51.20 5.95 -15.20
CA GLU OA 184 -50.24 6.68 -16.01
C GLU OA 184 -50.92 7.76 -16.84
N ALA OA 185 -51.83 7.37 -17.74
CA ALA OA 185 -52.64 8.33 -18.46
C ALA OA 185 -54.08 7.88 -18.40
N GLN OA 186 -54.99 8.79 -18.71
CA GLN OA 186 -56.41 8.49 -18.57
C GLN OA 186 -57.19 9.33 -19.56
N VAL OA 187 -58.34 8.83 -19.99
CA VAL OA 187 -59.22 9.61 -20.86
C VAL OA 187 -60.68 9.41 -20.47
N SER OA 188 -61.07 8.17 -20.20
CA SER OA 188 -62.42 7.92 -19.70
C SER OA 188 -62.38 8.00 -18.18
N PRO OA 189 -63.08 8.97 -17.55
CA PRO OA 189 -63.12 8.98 -16.08
C PRO OA 189 -63.87 7.78 -15.54
N PHE OA 190 -64.45 6.98 -16.42
CA PHE OA 190 -65.27 5.87 -15.95
C PHE OA 190 -64.54 4.55 -16.08
N PHE OA 191 -63.37 4.54 -16.72
CA PHE OA 191 -62.70 3.29 -17.03
C PHE OA 191 -61.27 3.31 -16.53
N LYS OA 192 -60.91 2.25 -15.82
CA LYS OA 192 -59.54 1.98 -15.39
C LYS OA 192 -59.08 0.74 -16.14
N ASN OA 193 -58.47 0.95 -17.30
CA ASN OA 193 -57.81 -0.12 -18.03
C ASN OA 193 -56.52 -0.49 -17.33
N ILE OA 194 -56.26 -1.79 -17.18
CA ILE OA 194 -55.05 -2.19 -16.48
C ILE OA 194 -53.84 -2.10 -17.40
N ASP OA 195 -54.00 -2.51 -18.67
CA ASP OA 195 -52.96 -2.50 -19.69
C ASP OA 195 -53.44 -3.20 -20.94
N LEU OA 196 -52.88 -2.85 -22.10
CA LEU OA 196 -53.03 -3.67 -23.30
C LEU OA 196 -52.25 -4.96 -23.04
N GLN OA 197 -52.97 -5.97 -22.55
CA GLN OA 197 -52.31 -7.18 -22.07
C GLN OA 197 -51.50 -7.85 -23.17
N THR OA 198 -51.99 -7.86 -24.41
CA THR OA 198 -51.15 -8.34 -25.50
C THR OA 198 -51.68 -7.82 -26.84
N ALA OA 199 -50.83 -7.96 -27.86
CA ALA OA 199 -51.20 -7.56 -29.22
C ALA OA 199 -50.23 -8.18 -30.22
N LYS OA 200 -50.77 -8.89 -31.20
CA LYS OA 200 -50.00 -9.61 -32.21
C LYS OA 200 -50.69 -9.46 -33.56
N GLN OA 201 -49.98 -8.91 -34.53
CA GLN OA 201 -50.53 -8.74 -35.87
C GLN OA 201 -50.56 -10.09 -36.58
N VAL OA 202 -51.76 -10.63 -36.77
CA VAL OA 202 -51.96 -11.93 -37.40
C VAL OA 202 -52.11 -11.73 -38.90
N GLY OA 203 -51.20 -12.30 -39.69
CA GLY OA 203 -51.15 -12.04 -41.12
C GLY OA 203 -52.09 -12.90 -41.95
N GLY OA 204 -52.18 -14.19 -41.63
CA GLY OA 204 -53.00 -15.09 -42.42
C GLY OA 204 -52.17 -16.00 -43.30
N ALA OA 205 -52.78 -16.42 -44.41
CA ALA OA 205 -52.13 -17.36 -45.32
C ALA OA 205 -52.73 -17.19 -46.71
N GLN OA 206 -52.34 -18.09 -47.61
CA GLN OA 206 -52.85 -18.06 -48.98
C GLN OA 206 -54.34 -18.38 -49.04
N VAL OA 207 -54.89 -18.99 -48.00
CA VAL OA 207 -56.33 -19.24 -47.97
C VAL OA 207 -57.11 -17.98 -47.62
N GLY OA 208 -56.48 -16.99 -46.98
CA GLY OA 208 -57.18 -15.76 -46.65
C GLY OA 208 -56.46 -14.87 -45.66
N VAL OA 209 -56.94 -13.64 -45.52
CA VAL OA 209 -56.32 -12.65 -44.66
C VAL OA 209 -57.06 -12.47 -43.33
N PRO OA 210 -56.35 -12.01 -42.30
CA PRO OA 210 -56.89 -10.99 -41.41
C PRO OA 210 -55.99 -9.75 -41.39
N ILE OA 211 -54.67 -9.96 -41.30
CA ILE OA 211 -53.64 -8.92 -41.36
C ILE OA 211 -53.75 -7.97 -40.16
N LEU OA 212 -54.88 -8.00 -39.46
CA LEU OA 212 -55.12 -7.06 -38.38
C LEU OA 212 -54.25 -7.39 -37.17
N VAL OA 213 -54.38 -6.55 -36.13
CA VAL OA 213 -53.65 -6.75 -34.88
C VAL OA 213 -54.61 -7.32 -33.85
N GLU OA 214 -54.48 -8.62 -33.60
CA GLU OA 214 -55.19 -9.25 -32.50
C GLU OA 214 -54.70 -8.65 -31.18
N PHE OA 215 -55.58 -8.55 -30.19
CA PHE OA 215 -55.14 -7.94 -28.93
C PHE OA 215 -56.00 -8.44 -27.77
N LYS OA 216 -55.53 -8.14 -26.55
CA LYS OA 216 -56.27 -8.41 -25.33
C LYS OA 216 -56.02 -7.33 -24.29
N ILE OA 217 -57.11 -6.95 -23.62
CA ILE OA 217 -57.18 -5.89 -22.62
C ILE OA 217 -58.10 -6.36 -21.48
N THR OA 218 -57.77 -5.92 -20.27
CA THR OA 218 -58.65 -6.09 -19.11
C THR OA 218 -58.83 -4.74 -18.43
N MET OA 219 -60.05 -4.44 -18.03
CA MET OA 219 -60.42 -3.10 -17.58
C MET OA 219 -61.50 -3.18 -16.52
N THR OA 220 -61.24 -2.61 -15.34
CA THR OA 220 -62.29 -2.40 -14.35
C THR OA 220 -62.93 -1.04 -14.58
N SER OA 221 -64.26 -1.02 -14.73
CA SER OA 221 -65.07 0.15 -15.11
C SER OA 221 -65.13 1.15 -13.96
N ASN OA 222 -66.29 1.77 -13.74
CA ASN OA 222 -66.48 2.60 -12.55
C ASN OA 222 -67.94 2.51 -12.06
N TYR OA 223 -68.10 2.68 -10.74
CA TYR OA 223 -69.41 2.48 -10.11
C TYR OA 223 -69.30 1.55 -8.91
N MET PA 1 15.14 74.31 -109.33
CA MET PA 1 16.54 73.87 -109.26
C MET PA 1 16.61 72.53 -110.00
N ASP PA 2 16.84 72.67 -111.31
CA ASP PA 2 16.10 71.97 -112.37
C ASP PA 2 16.36 70.47 -112.52
N LYS PA 3 17.63 70.08 -112.43
CA LYS PA 3 17.99 68.75 -112.89
C LYS PA 3 17.26 67.70 -112.08
N TYR PA 4 16.50 68.15 -111.07
CA TYR PA 4 15.89 67.28 -110.10
C TYR PA 4 14.42 67.00 -110.44
N LEU PA 5 13.72 67.89 -111.19
CA LEU PA 5 12.48 67.39 -111.80
C LEU PA 5 12.80 66.65 -113.07
N ASP PA 6 14.00 66.85 -113.60
CA ASP PA 6 14.33 65.92 -114.66
C ASP PA 6 14.56 64.53 -114.08
N GLN PA 7 15.22 64.45 -112.93
CA GLN PA 7 15.45 63.15 -112.30
C GLN PA 7 14.16 62.60 -111.72
N PHE PA 8 13.27 63.48 -111.26
CA PHE PA 8 12.03 63.04 -110.62
C PHE PA 8 11.01 62.58 -111.65
N VAL PA 9 11.08 63.12 -112.87
CA VAL PA 9 10.26 62.63 -113.98
C VAL PA 9 10.83 61.38 -114.62
N LYS PA 10 12.14 61.15 -114.49
CA LYS PA 10 12.79 60.00 -115.12
C LYS PA 10 12.71 58.67 -114.36
N ALA PA 11 13.79 58.36 -113.62
CA ALA PA 11 14.06 57.10 -112.92
C ALA PA 11 14.90 56.16 -113.79
N PRO PA 12 15.71 55.30 -113.13
CA PRO PA 12 15.93 53.85 -113.35
C PRO PA 12 16.27 53.07 -112.01
N PRO PA 13 17.55 52.68 -111.65
CA PRO PA 13 17.69 51.75 -110.52
C PRO PA 13 17.22 52.32 -109.19
N ALA PA 14 17.58 53.58 -108.91
CA ALA PA 14 17.25 54.17 -107.62
C ALA PA 14 15.74 54.18 -107.39
N ILE PA 15 14.96 54.40 -108.44
CA ILE PA 15 13.51 54.54 -108.30
C ILE PA 15 12.81 53.19 -108.49
N LYS PA 16 13.41 52.27 -109.24
CA LYS PA 16 12.90 50.89 -109.22
C LYS PA 16 13.03 50.30 -107.82
N PHE PA 17 14.22 50.43 -107.23
CA PHE PA 17 14.41 50.07 -105.83
C PHE PA 17 13.43 50.80 -104.93
N GLY PA 18 13.29 52.12 -105.12
CA GLY PA 18 12.36 52.87 -104.30
C GLY PA 18 10.95 52.33 -104.36
N GLY PA 19 10.44 52.13 -105.58
CA GLY PA 19 9.09 51.59 -105.74
C GLY PA 19 8.93 50.23 -105.10
N LEU PA 20 9.90 49.33 -105.30
CA LEU PA 20 9.89 48.07 -104.57
C LEU PA 20 9.76 48.30 -103.06
N ALA PA 21 10.43 49.32 -102.55
CA ALA PA 21 10.43 49.57 -101.12
C ALA PA 21 9.09 50.09 -100.63
N PHE PA 22 8.49 51.03 -101.36
CA PHE PA 22 7.16 51.51 -100.97
C PHE PA 22 6.14 50.37 -101.03
N VAL PA 23 6.29 49.47 -102.01
CA VAL PA 23 5.38 48.33 -102.10
C VAL PA 23 5.52 47.42 -100.89
N VAL PA 24 6.77 47.06 -100.54
CA VAL PA 24 6.94 46.15 -99.41
C VAL PA 24 6.50 46.82 -98.11
N GLY PA 25 6.67 48.14 -98.00
CA GLY PA 25 6.12 48.84 -96.86
C GLY PA 25 4.61 48.76 -96.78
N ALA PA 26 3.93 48.95 -97.92
CA ALA PA 26 2.48 48.80 -97.94
C ALA PA 26 2.07 47.38 -97.54
N LEU PA 27 2.76 46.37 -98.07
CA LEU PA 27 2.40 44.98 -97.76
C LEU PA 27 2.61 44.67 -96.28
N THR PA 28 3.66 45.23 -95.67
CA THR PA 28 3.87 45.01 -94.24
C THR PA 28 2.82 45.72 -93.40
N ALA PA 29 2.43 46.94 -93.78
CA ALA PA 29 1.26 47.56 -93.15
C ALA PA 29 0.04 46.64 -93.23
N ALA PA 30 -0.18 46.05 -94.41
CA ALA PA 30 -1.35 45.19 -94.60
C ALA PA 30 -1.29 43.96 -93.71
N ASN PA 31 -0.14 43.29 -93.62
CA ASN PA 31 -0.10 42.06 -92.83
C ASN PA 31 -0.11 42.37 -91.34
N PHE PA 32 0.42 43.53 -90.92
CA PHE PA 32 0.29 43.90 -89.52
C PHE PA 32 -1.16 44.20 -89.15
N PHE PA 33 -1.91 44.86 -90.03
CA PHE PA 33 -3.33 45.02 -89.77
C PHE PA 33 -4.03 43.66 -89.75
N MET PA 34 -3.62 42.76 -90.65
CA MET PA 34 -4.20 41.42 -90.73
C MET PA 34 -3.73 40.48 -89.62
N VAL PA 35 -2.82 40.94 -88.75
CA VAL PA 35 -2.60 40.23 -87.49
C VAL PA 35 -3.20 40.97 -86.31
N ILE PA 36 -3.54 42.25 -86.47
CA ILE PA 36 -4.24 42.97 -85.40
C ILE PA 36 -5.71 42.56 -85.36
N GLN PA 37 -6.33 42.35 -86.53
CA GLN PA 37 -7.74 41.98 -86.55
C GLN PA 37 -8.02 40.62 -85.91
N PRO PA 38 -7.25 39.55 -86.16
CA PRO PA 38 -7.51 38.29 -85.43
C PRO PA 38 -7.36 38.42 -83.93
N THR PA 39 -6.60 39.41 -83.46
CA THR PA 39 -6.56 39.71 -82.03
C THR PA 39 -7.93 40.10 -81.52
N GLU PA 40 -8.53 41.12 -82.13
CA GLU PA 40 -9.84 41.58 -81.71
C GLU PA 40 -10.88 40.47 -81.81
N GLU PA 41 -10.92 39.78 -82.96
CA GLU PA 41 -11.82 38.64 -83.10
C GLU PA 41 -11.60 37.62 -81.99
N GLU PA 42 -10.34 37.41 -81.61
CA GLU PA 42 -10.00 36.40 -80.61
C GLU PA 42 -10.47 36.80 -79.22
N ILE PA 43 -10.27 38.06 -78.86
CA ILE PA 43 -10.81 38.56 -77.60
C ILE PA 43 -12.34 38.42 -77.60
N GLY PA 44 -12.97 38.64 -78.74
CA GLY PA 44 -14.41 38.43 -78.83
C GLY PA 44 -14.82 37.00 -78.53
N TRP PA 45 -14.18 36.04 -79.20
CA TRP PA 45 -14.49 34.63 -78.92
C TRP PA 45 -14.23 34.28 -77.47
N ALA PA 46 -13.22 34.90 -76.85
CA ALA PA 46 -13.01 34.74 -75.42
C ALA PA 46 -14.23 35.19 -74.63
N VAL PA 47 -14.71 36.41 -74.90
CA VAL PA 47 -15.85 36.95 -74.18
C VAL PA 47 -17.09 36.08 -74.37
N ALA PA 48 -17.25 35.47 -75.55
CA ALA PA 48 -18.39 34.56 -75.74
C ALA PA 48 -18.21 33.29 -74.92
N GLU PA 49 -17.07 32.62 -75.07
CA GLU PA 49 -16.83 31.35 -74.39
C GLU PA 49 -16.99 31.49 -72.89
N ARG PA 50 -16.39 32.52 -72.28
CA ARG PA 50 -16.54 32.72 -70.85
C ARG PA 50 -18.00 32.89 -70.45
N ARG PA 51 -18.78 33.60 -71.27
CA ARG PA 51 -20.20 33.73 -71.01
C ARG PA 51 -20.93 32.40 -71.11
N LYS PA 52 -20.37 31.43 -71.86
CA LYS PA 52 -20.95 30.10 -71.85
C LYS PA 52 -20.56 29.34 -70.58
N LEU PA 53 -19.29 29.44 -70.18
CA LEU PA 53 -18.85 28.88 -68.90
C LEU PA 53 -19.78 29.31 -67.77
N ASP PA 54 -20.05 30.62 -67.67
CA ASP PA 54 -20.76 31.16 -66.52
C ASP PA 54 -22.24 30.77 -66.50
N LEU PA 55 -22.87 30.58 -67.66
CA LEU PA 55 -24.25 30.10 -67.69
C LEU PA 55 -24.31 28.60 -67.36
N GLU PA 56 -23.36 27.83 -67.89
CA GLU PA 56 -23.28 26.43 -67.54
C GLU PA 56 -23.12 26.24 -66.03
N LEU PA 57 -22.31 27.10 -65.39
CA LEU PA 57 -22.19 27.02 -63.94
C LEU PA 57 -23.53 27.28 -63.25
N ALA PA 58 -24.42 28.08 -63.86
CA ALA PA 58 -25.76 28.21 -63.32
C ALA PA 58 -26.53 26.91 -63.46
N ASP PA 59 -26.46 26.28 -64.63
CA ASP PA 59 -27.15 25.01 -64.84
C ASP PA 59 -26.68 23.95 -63.85
N LYS PA 60 -25.39 23.92 -63.51
CA LYS PA 60 -24.89 22.88 -62.61
C LYS PA 60 -25.53 22.98 -61.22
N SER PA 61 -25.59 24.19 -60.66
CA SER PA 61 -26.23 24.35 -59.36
C SER PA 61 -27.72 24.05 -59.43
N GLU PA 62 -28.40 24.52 -60.50
CA GLU PA 62 -29.81 24.23 -60.65
C GLU PA 62 -30.08 22.73 -60.62
N ILE PA 63 -29.35 21.98 -61.44
CA ILE PA 63 -29.67 20.56 -61.55
C ILE PA 63 -29.17 19.77 -60.34
N ALA PA 64 -28.12 20.24 -59.68
CA ALA PA 64 -27.71 19.60 -58.42
C ALA PA 64 -28.79 19.77 -57.35
N GLN PA 65 -29.37 20.97 -57.27
CA GLN PA 65 -30.48 21.17 -56.34
C GLN PA 65 -31.68 20.29 -56.70
N ASN PA 66 -31.98 20.16 -58.00
CA ASN PA 66 -33.05 19.26 -58.40
C ASN PA 66 -32.74 17.81 -58.02
N LEU PA 67 -31.48 17.40 -58.11
CA LEU PA 67 -31.07 16.08 -57.63
C LEU PA 67 -31.36 15.92 -56.15
N ASN PA 68 -30.93 16.88 -55.33
CA ASN PA 68 -31.19 16.81 -53.90
C ASN PA 68 -32.69 16.69 -53.61
N GLU PA 69 -33.51 17.47 -54.32
CA GLU PA 69 -34.95 17.36 -54.12
C GLU PA 69 -35.48 15.99 -54.54
N ARG PA 70 -34.92 15.42 -55.62
CA ARG PA 70 -35.20 14.00 -55.86
C ARG PA 70 -34.94 13.21 -54.59
N ARG PA 71 -33.65 12.95 -54.31
CA ARG PA 71 -33.23 12.06 -53.24
C ARG PA 71 -34.21 12.19 -52.08
N ARG PA 72 -34.40 13.45 -51.65
CA ARG PA 72 -35.34 13.79 -50.60
C ARG PA 72 -36.69 13.12 -50.80
N GLU PA 73 -37.24 13.15 -52.02
CA GLU PA 73 -38.57 12.58 -52.11
C GLU PA 73 -38.67 11.21 -52.79
N MET PA 74 -37.94 11.02 -53.89
CA MET PA 74 -37.89 9.70 -54.51
C MET PA 74 -37.49 8.62 -53.52
N ASP PA 75 -36.49 8.87 -52.69
CA ASP PA 75 -36.26 7.90 -51.64
C ASP PA 75 -37.55 7.69 -50.83
N VAL PA 76 -38.08 8.74 -50.21
CA VAL PA 76 -39.22 8.60 -49.29
C VAL PA 76 -40.31 7.71 -49.89
N LEU PA 77 -40.64 7.93 -51.16
CA LEU PA 77 -41.62 7.05 -51.79
C LEU PA 77 -41.06 5.65 -52.04
N GLU PA 78 -39.72 5.49 -52.09
CA GLU PA 78 -39.15 4.15 -52.17
C GLU PA 78 -39.51 3.39 -50.90
N GLN PA 79 -39.94 4.11 -49.87
CA GLN PA 79 -40.60 3.54 -48.71
C GLN PA 79 -42.10 3.40 -48.89
N LYS PA 80 -42.75 4.41 -49.46
CA LYS PA 80 -44.21 4.34 -49.59
C LYS PA 80 -44.65 3.12 -50.41
N LEU PA 81 -44.57 3.19 -51.72
CA LEU PA 81 -44.71 1.97 -52.52
C LEU PA 81 -43.35 1.33 -52.43
N SER PA 82 -42.57 1.82 -53.38
CA SER PA 82 -41.14 1.74 -53.46
C SER PA 82 -41.02 2.68 -54.64
N GLU PA 83 -39.86 2.78 -55.35
CA GLU PA 83 -39.79 3.81 -56.40
C GLU PA 83 -39.39 3.22 -57.76
N ALA PA 84 -38.41 3.79 -58.41
CA ALA PA 84 -37.95 3.32 -59.74
C ALA PA 84 -37.42 1.92 -59.69
N LEU PA 85 -36.39 1.74 -60.47
CA LEU PA 85 -35.45 0.72 -60.14
C LEU PA 85 -34.53 1.41 -59.14
N THR PA 86 -33.59 2.20 -59.68
CA THR PA 86 -32.42 2.57 -58.91
C THR PA 86 -31.43 3.35 -59.76
N GLU PA 87 -30.65 4.19 -59.08
CA GLU PA 87 -29.24 4.37 -59.41
C GLU PA 87 -28.56 3.66 -58.25
N LEU PA 88 -29.31 3.68 -57.16
CA LEU PA 88 -28.90 3.48 -55.77
C LEU PA 88 -27.48 3.11 -55.43
N PRO PA 89 -26.88 3.91 -54.55
CA PRO PA 89 -25.85 3.35 -53.69
C PRO PA 89 -26.56 2.48 -52.66
N GLU PA 90 -27.46 3.10 -51.88
CA GLU PA 90 -28.05 2.56 -50.64
C GLU PA 90 -27.05 1.76 -49.77
N GLN PA 91 -25.94 1.35 -50.37
CA GLN PA 91 -24.74 1.00 -49.62
C GLN PA 91 -24.33 2.11 -48.67
N ARG PA 92 -24.71 3.36 -48.96
CA ARG PA 92 -24.51 4.49 -48.08
C ARG PA 92 -25.84 4.98 -47.49
N ASP PA 93 -26.78 4.06 -47.31
CA ASP PA 93 -28.09 4.40 -46.76
C ASP PA 93 -28.67 3.30 -45.88
N ILE PA 94 -27.92 2.23 -45.59
CA ILE PA 94 -28.44 1.17 -44.72
C ILE PA 94 -27.91 1.35 -43.29
N GLU PA 95 -26.60 1.56 -43.16
CA GLU PA 95 -26.04 1.76 -41.83
C GLU PA 95 -26.57 3.02 -41.18
N GLU PA 96 -26.88 4.04 -41.99
CA GLU PA 96 -27.53 5.24 -41.45
C GLU PA 96 -28.96 4.94 -41.03
N LEU PA 97 -29.60 3.96 -41.70
CA LEU PA 97 -30.94 3.54 -41.28
C LEU PA 97 -30.89 2.84 -39.93
N LEU PA 98 -29.95 1.92 -39.75
CA LEU PA 98 -29.77 1.27 -38.45
C LEU PA 98 -29.43 2.31 -37.37
N ALA PA 99 -28.53 3.24 -37.67
CA ALA PA 99 -28.15 4.26 -36.70
C ALA PA 99 -29.35 5.12 -36.30
N GLN PA 100 -30.13 5.58 -37.27
CA GLN PA 100 -31.27 6.43 -36.95
C GLN PA 100 -32.36 5.65 -36.23
N ILE PA 101 -32.50 4.35 -36.52
CA ILE PA 101 -33.42 3.51 -35.74
C ILE PA 101 -32.96 3.47 -34.28
N ASN PA 102 -31.66 3.33 -34.05
CA ASN PA 102 -31.13 3.37 -32.70
C ASN PA 102 -31.40 4.71 -32.03
N ASP PA 103 -31.26 5.81 -32.78
CA ASP PA 103 -31.46 7.13 -32.19
C ASP PA 103 -32.92 7.36 -31.82
N ILE PA 104 -33.84 7.08 -32.74
CA ILE PA 104 -35.26 7.26 -32.41
C ILE PA 104 -35.67 6.31 -31.30
N GLY PA 105 -35.01 5.15 -31.20
CA GLY PA 105 -35.27 4.28 -30.06
C GLY PA 105 -34.79 4.90 -28.75
N LYS PA 106 -33.62 5.53 -28.77
CA LYS PA 106 -33.05 6.10 -27.55
C LYS PA 106 -33.86 7.30 -27.08
N LYS PA 107 -34.24 8.19 -28.00
CA LYS PA 107 -35.00 9.37 -27.59
C LYS PA 107 -36.45 9.03 -27.25
N SER PA 108 -36.94 7.85 -27.62
CA SER PA 108 -38.23 7.37 -27.15
C SER PA 108 -38.13 6.65 -25.80
N GLY PA 109 -36.93 6.45 -25.29
CA GLY PA 109 -36.72 5.81 -24.00
C GLY PA 109 -36.71 4.30 -24.02
N LEU PA 110 -36.67 3.68 -25.20
CA LEU PA 110 -36.74 2.22 -25.29
C LEU PA 110 -35.35 1.61 -25.23
N GLU PA 111 -35.27 0.43 -24.62
CA GLU PA 111 -34.06 -0.38 -24.65
C GLU PA 111 -34.08 -1.22 -25.92
N LEU PA 112 -33.12 -0.99 -26.81
CA LEU PA 112 -33.03 -1.75 -28.07
C LEU PA 112 -32.36 -3.08 -27.75
N SER PA 113 -33.18 -4.10 -27.50
CA SER PA 113 -32.64 -5.40 -27.09
C SER PA 113 -32.03 -6.16 -28.26
N SER PA 114 -32.50 -5.95 -29.49
CA SER PA 114 -31.90 -6.62 -30.63
C SER PA 114 -32.36 -5.96 -31.92
N VAL PA 115 -31.41 -5.68 -32.82
CA VAL PA 115 -31.72 -5.34 -34.20
C VAL PA 115 -31.09 -6.40 -35.09
N THR PA 116 -31.91 -7.00 -35.95
CA THR PA 116 -31.46 -8.10 -36.78
C THR PA 116 -31.78 -7.79 -38.23
N PRO PA 117 -30.81 -7.66 -39.11
CA PRO PA 117 -31.13 -7.50 -40.53
C PRO PA 117 -31.78 -8.75 -41.08
N GLY PA 118 -32.16 -8.71 -42.35
CA GLY PA 118 -32.77 -9.86 -43.01
C GLY PA 118 -31.96 -10.31 -44.21
N LYS PA 119 -32.59 -11.12 -45.04
CA LYS PA 119 -32.08 -11.45 -46.36
C LYS PA 119 -32.85 -10.67 -47.40
N GLU PA 120 -32.14 -10.29 -48.47
CA GLU PA 120 -32.83 -9.61 -49.55
C GLU PA 120 -33.80 -10.57 -50.22
N SER PA 121 -34.99 -10.06 -50.55
CA SER PA 121 -36.05 -10.88 -51.13
C SER PA 121 -35.83 -10.95 -52.63
N VAL PA 122 -35.10 -11.99 -53.05
CA VAL PA 122 -34.72 -12.14 -54.45
C VAL PA 122 -35.95 -12.29 -55.33
N GLY PA 123 -37.04 -12.80 -54.77
CA GLY PA 123 -38.28 -12.93 -55.50
C GLY PA 123 -39.34 -11.98 -54.98
N GLY PA 124 -38.90 -10.87 -54.39
CA GLY PA 124 -39.82 -9.88 -53.87
C GLY PA 124 -39.98 -8.70 -54.79
N GLY PA 125 -39.53 -8.84 -56.02
CA GLY PA 125 -39.64 -7.76 -57.00
C GLY PA 125 -38.64 -7.89 -58.12
N GLU PA 126 -39.04 -7.45 -59.32
CA GLU PA 126 -38.15 -7.50 -60.48
C GLU PA 126 -37.17 -6.33 -60.48
N PHE PA 127 -37.59 -5.18 -59.96
CA PHE PA 127 -36.78 -3.97 -59.98
C PHE PA 127 -36.15 -3.64 -58.62
N PHE PA 128 -36.21 -4.54 -57.65
CA PHE PA 128 -35.74 -4.20 -56.32
C PHE PA 128 -35.60 -5.45 -55.48
N ALA PA 129 -34.53 -5.50 -54.69
CA ALA PA 129 -34.36 -6.51 -53.66
C ALA PA 129 -34.73 -5.86 -52.32
N ARG PA 130 -35.77 -6.39 -51.68
CA ARG PA 130 -36.18 -5.88 -50.37
C ARG PA 130 -35.34 -6.51 -49.28
N ILE PA 131 -34.70 -5.67 -48.47
CA ILE PA 131 -34.00 -6.12 -47.27
C ILE PA 131 -34.89 -5.80 -46.07
N PRO PA 132 -35.38 -6.79 -45.33
CA PRO PA 132 -36.15 -6.51 -44.12
C PRO PA 132 -35.26 -6.45 -42.89
N ILE PA 133 -35.67 -5.63 -41.94
CA ILE PA 133 -34.96 -5.46 -40.68
C ILE PA 133 -35.96 -5.67 -39.56
N LYS PA 134 -35.66 -6.61 -38.68
CA LYS PA 134 -36.51 -6.91 -37.53
C LYS PA 134 -35.91 -6.25 -36.29
N MET PA 135 -36.66 -5.33 -35.70
CA MET PA 135 -36.21 -4.57 -34.54
C MET PA 135 -36.97 -5.03 -33.29
N THR PA 136 -36.27 -5.00 -32.16
CA THR PA 136 -36.71 -5.62 -30.91
C THR PA 136 -36.33 -4.66 -29.78
N VAL PA 137 -37.33 -3.90 -29.33
CA VAL PA 137 -37.16 -2.83 -28.35
C VAL PA 137 -38.19 -3.04 -27.25
N SER PA 138 -37.85 -2.64 -26.02
CA SER PA 138 -38.73 -2.85 -24.88
C SER PA 138 -39.01 -1.56 -24.15
N GLY PA 139 -40.23 -1.41 -23.64
CA GLY PA 139 -40.56 -0.22 -22.86
C GLY PA 139 -42.07 -0.14 -22.61
N ASN PA 140 -42.57 1.09 -22.63
CA ASN PA 140 -43.97 1.39 -22.38
C ASN PA 140 -44.76 1.45 -23.68
N TYR PA 141 -46.08 1.22 -23.57
CA TYR PA 141 -46.94 1.27 -24.76
C TYR PA 141 -46.86 2.63 -25.44
N HIS PA 142 -46.91 3.72 -24.67
CA HIS PA 142 -46.75 5.05 -25.21
C HIS PA 142 -45.42 5.19 -25.95
N GLU PA 143 -44.37 4.59 -25.39
CA GLU PA 143 -43.03 4.74 -25.96
C GLU PA 143 -42.85 3.89 -27.22
N ILE PA 144 -43.56 2.77 -27.32
CA ILE PA 144 -43.42 1.96 -28.53
C ILE PA 144 -44.28 2.52 -29.65
N ALA PA 145 -45.48 3.01 -29.32
CA ALA PA 145 -46.24 3.78 -30.32
C ALA PA 145 -45.43 4.98 -30.80
N LEU PA 146 -44.71 5.62 -29.88
CA LEU PA 146 -43.83 6.73 -30.23
C LEU PA 146 -42.71 6.29 -31.17
N PHE PA 147 -41.99 5.22 -30.81
CA PHE PA 147 -40.93 4.69 -31.66
C PHE PA 147 -41.45 4.38 -33.06
N LEU PA 148 -42.61 3.73 -33.14
CA LEU PA 148 -43.17 3.38 -34.44
C LEU PA 148 -43.52 4.63 -35.24
N GLN PA 149 -44.22 5.58 -34.63
CA GLN PA 149 -44.61 6.77 -35.38
C GLN PA 149 -43.40 7.59 -35.83
N GLU PA 150 -42.33 7.59 -35.03
CA GLU PA 150 -41.12 8.28 -35.45
C GLU PA 150 -40.46 7.57 -36.63
N MET PA 151 -40.41 6.24 -36.61
CA MET PA 151 -39.84 5.53 -37.76
C MET PA 151 -40.73 5.70 -39.00
N ALA PA 152 -42.03 5.92 -38.79
CA ALA PA 152 -42.96 6.17 -39.89
C ALA PA 152 -42.97 7.62 -40.34
N ASN PA 153 -42.29 8.51 -39.61
CA ASN PA 153 -42.08 9.89 -40.04
C ASN PA 153 -40.65 10.16 -40.48
N MET PA 154 -39.84 9.11 -40.67
CA MET PA 154 -38.44 9.31 -41.03
C MET PA 154 -38.31 9.69 -42.51
N ARG PA 155 -37.14 10.24 -42.86
CA ARG PA 155 -36.79 10.61 -44.23
C ARG PA 155 -36.18 9.46 -45.00
N ARG PA 156 -36.24 8.25 -44.47
CA ARG PA 156 -35.62 7.10 -45.13
C ARG PA 156 -36.65 5.99 -45.25
N ILE PA 157 -36.18 4.83 -45.73
CA ILE PA 157 -37.03 3.88 -46.46
C ILE PA 157 -37.40 2.72 -45.55
N VAL PA 158 -37.88 3.04 -44.37
CA VAL PA 158 -38.16 2.01 -43.37
C VAL PA 158 -39.67 1.81 -43.28
N ASN PA 159 -40.24 1.05 -44.23
CA ASN PA 159 -41.67 0.78 -44.23
C ASN PA 159 -42.01 -0.27 -43.18
N VAL PA 160 -42.51 0.18 -42.02
CA VAL PA 160 -42.87 -0.75 -40.96
C VAL PA 160 -44.18 -1.42 -41.31
N ASN PA 161 -44.24 -2.74 -41.07
CA ASN PA 161 -45.43 -3.51 -41.43
C ASN PA 161 -45.93 -4.33 -40.25
N ASN PA 162 -45.58 -5.62 -40.21
CA ASN PA 162 -46.14 -6.52 -39.21
C ASN PA 162 -45.54 -6.22 -37.83
N ILE PA 163 -46.41 -5.83 -36.89
CA ILE PA 163 -45.98 -5.42 -35.55
C ILE PA 163 -46.41 -6.45 -34.52
N LYS PA 164 -45.63 -6.61 -33.45
CA LYS PA 164 -46.07 -7.37 -32.28
C LYS PA 164 -45.46 -6.80 -31.01
N PHE PA 165 -46.08 -7.15 -29.87
CA PHE PA 165 -45.54 -6.84 -28.56
C PHE PA 165 -46.33 -7.58 -27.48
N ASP PA 166 -45.69 -7.79 -26.33
CA ASP PA 166 -46.25 -8.56 -25.23
C ASP PA 166 -45.58 -8.14 -23.93
N SER PA 167 -46.08 -8.66 -22.81
CA SER PA 167 -45.56 -8.33 -21.49
C SER PA 167 -44.36 -9.24 -21.20
N ALA PA 168 -43.20 -8.63 -21.00
CA ALA PA 168 -41.96 -9.39 -20.92
C ALA PA 168 -41.72 -10.00 -19.55
N LYS PA 169 -42.52 -9.65 -18.55
CA LYS PA 169 -42.31 -10.13 -17.18
C LYS PA 169 -43.12 -11.42 -16.98
N LEU PA 170 -42.42 -12.51 -16.65
CA LEU PA 170 -43.07 -13.76 -16.29
C LEU PA 170 -44.17 -13.54 -15.26
N LYS PA 171 -43.76 -13.33 -14.00
CA LYS PA 171 -44.68 -13.20 -12.89
C LYS PA 171 -45.63 -12.02 -13.07
N ASN PA 172 -45.31 -11.08 -13.96
CA ASN PA 172 -46.04 -9.85 -14.13
C ASN PA 172 -46.07 -9.07 -12.82
N GLU PA 173 -44.94 -8.53 -12.40
CA GLU PA 173 -44.85 -7.73 -11.19
C GLU PA 173 -44.60 -6.25 -11.48
N LYS PA 174 -44.19 -5.90 -12.70
CA LYS PA 174 -44.08 -4.51 -13.11
C LYS PA 174 -44.44 -4.41 -14.60
N VAL PA 175 -44.92 -3.24 -15.00
CA VAL PA 175 -45.30 -3.05 -16.41
C VAL PA 175 -44.05 -3.00 -17.27
N VAL PA 176 -44.07 -3.73 -18.37
CA VAL PA 176 -42.98 -3.75 -19.34
C VAL PA 176 -43.46 -4.50 -20.58
N LEU PA 177 -43.23 -3.91 -21.75
CA LEU PA 177 -43.68 -4.48 -23.02
C LEU PA 177 -42.48 -4.67 -23.94
N GLN PA 178 -42.11 -5.92 -24.17
CA GLN PA 178 -41.21 -6.25 -25.26
C GLN PA 178 -41.96 -6.14 -26.57
N SER PA 179 -41.35 -5.45 -27.54
CA SER PA 179 -41.97 -5.15 -28.82
C SER PA 179 -41.03 -5.55 -29.95
N GLU PA 180 -41.59 -6.21 -30.95
CA GLU PA 180 -40.86 -6.64 -32.13
C GLU PA 180 -41.59 -6.09 -33.35
N PHE PA 181 -40.97 -5.15 -34.04
CA PHE PA 181 -41.52 -4.54 -35.24
C PHE PA 181 -40.70 -4.98 -36.45
N GLN PA 182 -41.37 -5.23 -37.57
CA GLN PA 182 -40.71 -5.57 -38.83
C GLN PA 182 -40.78 -4.39 -39.77
N ALA PA 183 -39.64 -3.98 -40.32
CA ALA PA 183 -39.57 -2.80 -41.17
C ALA PA 183 -38.45 -2.95 -42.18
N THR PA 184 -38.77 -2.68 -43.45
CA THR PA 184 -37.91 -3.07 -44.56
C THR PA 184 -37.61 -1.90 -45.47
N THR PA 185 -36.45 -1.94 -46.12
CA THR PA 185 -36.09 -0.99 -47.16
C THR PA 185 -35.76 -1.73 -48.44
N PHE PA 186 -35.95 -1.05 -49.58
CA PHE PA 186 -35.92 -1.75 -50.86
C PHE PA 186 -34.71 -1.34 -51.69
N ARG PA 187 -33.59 -2.06 -51.54
CA ARG PA 187 -32.44 -1.85 -52.39
C ARG PA 187 -32.78 -2.29 -53.82
N PHE PA 188 -31.87 -2.12 -54.78
CA PHE PA 188 -32.15 -2.61 -56.12
C PHE PA 188 -31.79 -4.08 -56.27
N VAL PA 189 -31.99 -4.61 -57.47
CA VAL PA 189 -31.71 -6.02 -57.72
C VAL PA 189 -30.20 -6.27 -57.78
N ALA QA 37 33.23 44.10 -119.09
CA ALA QA 37 33.17 42.78 -119.71
C ALA QA 37 33.07 42.94 -121.23
N LYS QA 38 33.86 42.18 -122.02
CA LYS QA 38 34.09 42.50 -123.44
C LYS QA 38 32.87 42.34 -124.31
N GLY QA 39 32.28 43.48 -124.67
CA GLY QA 39 31.60 43.63 -125.94
C GLY QA 39 32.33 44.71 -126.72
N LYS QA 40 32.04 44.85 -128.00
CA LYS QA 40 32.40 46.09 -128.69
C LYS QA 40 31.21 47.00 -128.39
N LEU QA 41 31.46 48.10 -127.67
CA LEU QA 41 30.38 48.93 -127.16
C LEU QA 41 29.74 49.74 -128.30
N VAL QA 42 29.19 50.92 -128.00
CA VAL QA 42 28.79 51.81 -129.11
C VAL QA 42 29.24 53.24 -128.81
N LEU QA 43 28.90 54.15 -129.72
CA LEU QA 43 29.27 55.55 -129.56
C LEU QA 43 28.22 56.51 -130.09
N GLY QA 44 27.67 57.32 -129.19
CA GLY QA 44 26.83 58.43 -129.60
C GLY QA 44 27.57 59.75 -129.54
N LEU QA 45 27.04 60.73 -130.29
CA LEU QA 45 27.44 62.14 -130.14
C LEU QA 45 26.42 62.87 -129.25
N ASP QA 46 26.57 62.62 -127.94
CA ASP QA 46 25.55 63.02 -126.97
C ASP QA 46 25.55 64.52 -126.73
N ILE QA 47 26.68 65.20 -126.93
CA ILE QA 47 26.74 66.65 -126.70
C ILE QA 47 26.84 67.37 -128.04
N GLY QA 48 26.16 66.80 -129.05
CA GLY QA 48 26.06 67.45 -130.34
C GLY QA 48 25.26 68.74 -130.34
N SER QA 49 24.29 68.87 -129.44
CA SER QA 49 23.46 70.06 -129.32
C SER QA 49 22.66 70.33 -130.60
N THR QA 50 23.34 70.33 -131.75
CA THR QA 50 22.62 70.36 -133.01
C THR QA 50 22.16 68.96 -133.42
N SER QA 51 22.94 67.94 -133.14
CA SER QA 51 22.62 66.61 -133.63
C SER QA 51 23.17 65.53 -132.73
N ILE QA 52 22.34 64.52 -132.45
CA ILE QA 52 22.74 63.29 -131.80
C ILE QA 52 23.13 62.30 -132.89
N LYS QA 53 24.40 61.94 -132.95
CA LYS QA 53 24.94 61.01 -133.93
C LYS QA 53 25.49 59.80 -133.19
N MET QA 54 25.50 58.64 -133.86
CA MET QA 54 25.93 57.39 -133.26
C MET QA 54 26.61 56.52 -134.32
N ILE QA 55 27.65 55.78 -133.93
CA ILE QA 55 28.45 55.00 -134.87
C ILE QA 55 28.77 53.63 -134.29
N LEU QA 56 28.67 52.60 -135.12
CA LEU QA 56 29.08 51.25 -134.77
C LEU QA 56 30.15 50.77 -135.72
N LEU QA 57 31.38 50.73 -135.22
CA LEU QA 57 32.49 50.02 -135.83
C LEU QA 57 32.71 48.74 -135.03
N LYS QA 58 32.92 47.65 -135.73
CA LYS QA 58 33.45 46.47 -135.09
C LYS QA 58 34.44 45.87 -136.07
N GLU QA 59 34.85 44.64 -135.80
CA GLU QA 59 35.80 43.97 -136.68
C GLU QA 59 35.06 43.18 -137.74
N GLN QA 60 35.16 43.64 -138.99
CA GLN QA 60 34.49 42.99 -140.11
C GLN QA 60 35.41 41.99 -140.80
N ARG QA 61 34.94 40.75 -140.96
CA ARG QA 61 35.71 39.69 -141.58
C ARG QA 61 35.59 39.76 -143.10
N LYS QA 62 36.73 39.66 -143.78
CA LYS QA 62 36.75 39.47 -145.23
C LYS QA 62 37.91 38.56 -145.62
N ARG QA 63 37.59 37.44 -146.28
CA ARG QA 63 38.57 36.51 -146.83
C ARG QA 63 39.44 35.91 -145.73
N GLY QA 64 38.83 35.65 -144.58
CA GLY QA 64 39.59 35.17 -143.45
C GLY QA 64 40.41 36.20 -142.70
N GLU QA 65 40.43 37.45 -143.14
CA GLU QA 65 41.05 38.54 -142.39
C GLU QA 65 39.98 39.48 -141.85
N VAL QA 66 40.28 40.14 -140.75
CA VAL QA 66 39.36 41.03 -140.05
C VAL QA 66 40.10 42.30 -139.67
N ILE QA 67 39.34 43.36 -139.35
CA ILE QA 67 39.89 44.62 -138.89
C ILE QA 67 38.72 45.52 -138.49
N TYR QA 68 39.01 46.51 -137.64
CA TYR QA 68 38.05 47.57 -137.34
C TYR QA 68 37.41 48.09 -138.62
N ALA QA 69 36.09 48.16 -138.61
CA ALA QA 69 35.36 48.50 -139.81
C ALA QA 69 34.03 49.11 -139.44
N LEU QA 70 33.62 50.13 -140.19
CA LEU QA 70 32.33 50.77 -139.97
C LEU QA 70 31.21 49.77 -140.20
N GLN QA 71 30.32 49.64 -139.21
CA GLN QA 71 29.14 48.79 -139.34
C GLN QA 71 27.84 49.56 -139.49
N SER QA 72 27.69 50.70 -138.80
CA SER QA 72 26.51 51.54 -138.98
C SER QA 72 26.81 52.94 -138.50
N PHE QA 73 25.93 53.87 -138.87
CA PHE QA 73 26.00 55.26 -138.44
C PHE QA 73 24.63 55.89 -138.59
N GLY QA 74 24.24 56.69 -137.60
CA GLY QA 74 22.94 57.31 -137.60
C GLY QA 74 23.02 58.71 -137.04
N MET QA 75 22.09 59.56 -137.46
CA MET QA 75 22.11 60.96 -137.08
C MET QA 75 20.68 61.50 -137.00
N LYS QA 76 20.39 62.21 -135.91
CA LYS QA 76 19.09 62.84 -135.73
C LYS QA 76 19.30 64.24 -135.16
N PRO QA 77 18.61 65.25 -135.69
CA PRO QA 77 18.72 66.59 -135.10
C PRO QA 77 18.25 66.57 -133.66
N LEU QA 78 19.07 67.11 -132.77
CA LEU QA 78 18.72 67.09 -131.35
C LEU QA 78 17.46 67.89 -131.08
N PRO QA 79 16.41 67.30 -130.53
CA PRO QA 79 15.28 68.09 -130.06
C PRO QA 79 15.69 68.92 -128.86
N PRO QA 80 15.58 70.23 -128.96
CA PRO QA 80 16.05 71.10 -127.87
C PRO QA 80 15.13 70.99 -126.67
N GLU QA 81 15.49 71.67 -125.59
CA GLU QA 81 15.03 71.41 -124.24
C GLU QA 81 15.70 70.16 -123.69
N ALA QA 82 16.31 69.32 -124.54
CA ALA QA 82 17.14 68.23 -124.05
C ALA QA 82 18.36 68.73 -123.32
N ILE QA 83 19.11 69.66 -123.93
CA ILE QA 83 20.37 70.14 -123.39
C ILE QA 83 20.25 71.63 -123.17
N VAL QA 84 20.69 72.09 -121.99
CA VAL QA 84 20.79 73.50 -121.64
C VAL QA 84 22.06 73.68 -120.82
N ASP QA 85 22.89 74.65 -121.23
CA ASP QA 85 24.13 74.97 -120.54
C ASP QA 85 25.02 73.75 -120.36
N GLY QA 86 24.94 72.79 -121.29
CA GLY QA 86 25.77 71.61 -121.26
C GLY QA 86 25.29 70.48 -120.37
N ALA QA 87 24.15 70.64 -119.69
CA ALA QA 87 23.58 69.58 -118.89
C ALA QA 87 22.41 68.96 -119.62
N LEU QA 88 22.28 67.64 -119.49
CA LEU QA 88 21.12 66.95 -120.05
C LEU QA 88 19.92 67.25 -119.17
N MET QA 89 18.96 67.99 -119.70
CA MET QA 89 17.90 68.54 -118.86
C MET QA 89 16.49 68.19 -119.38
N ASN QA 90 16.37 67.04 -120.04
CA ASN QA 90 15.12 66.34 -120.39
C ASN QA 90 15.58 64.92 -120.67
N SER QA 91 16.10 64.28 -119.61
CA SER QA 91 16.67 62.94 -119.74
C SER QA 91 15.70 62.00 -120.43
N THR QA 92 14.39 62.22 -120.28
CA THR QA 92 13.39 61.36 -120.90
C THR QA 92 13.42 61.49 -122.42
N ALA QA 93 13.23 62.72 -122.93
CA ALA QA 93 13.24 62.94 -124.37
C ALA QA 93 14.55 62.48 -125.00
N ILE QA 94 15.69 62.81 -124.37
CA ILE QA 94 16.97 62.38 -124.90
C ILE QA 94 17.02 60.86 -124.95
N VAL QA 95 16.46 60.19 -123.93
CA VAL QA 95 16.38 58.73 -123.93
C VAL QA 95 15.67 58.25 -125.18
N GLN QA 96 14.46 58.76 -125.44
CA GLN QA 96 13.71 58.31 -126.61
C GLN QA 96 14.46 58.59 -127.90
N ALA QA 97 15.14 59.73 -127.98
CA ALA QA 97 15.93 60.03 -129.17
C ALA QA 97 17.04 59.02 -129.37
N VAL QA 98 17.78 58.68 -128.29
CA VAL QA 98 18.84 57.70 -128.40
C VAL QA 98 18.28 56.34 -128.81
N GLN QA 99 17.09 56.00 -128.32
CA GLN QA 99 16.43 54.77 -128.76
C GLN QA 99 16.15 54.79 -130.26
N ASP QA 100 15.68 55.93 -130.77
CA ASP QA 100 15.52 56.08 -132.22
C ASP QA 100 16.85 55.90 -132.93
N LEU QA 101 17.94 56.39 -132.34
CA LEU QA 101 19.26 56.18 -132.93
C LEU QA 101 19.59 54.69 -133.02
N MET QA 102 19.37 53.95 -131.93
CA MET QA 102 19.67 52.52 -131.93
C MET QA 102 18.82 51.77 -132.93
N SER QA 103 17.56 52.19 -133.11
CA SER QA 103 16.68 51.50 -134.06
C SER QA 103 17.09 51.79 -135.49
N GLU QA 104 17.32 53.06 -135.82
CA GLU QA 104 17.83 53.41 -137.15
C GLU QA 104 19.15 52.69 -137.44
N LEU QA 105 19.95 52.47 -136.41
CA LEU QA 105 21.23 51.78 -136.60
C LEU QA 105 21.05 50.30 -136.89
N LYS QA 106 19.98 49.69 -136.38
CA LYS QA 106 19.78 48.24 -136.42
C LYS QA 106 20.91 47.52 -135.70
N VAL QA 107 21.33 48.06 -134.56
CA VAL QA 107 22.43 47.53 -133.78
C VAL QA 107 21.87 46.77 -132.58
N LYS QA 108 22.47 45.61 -132.28
CA LYS QA 108 22.10 44.85 -131.09
C LYS QA 108 22.92 45.22 -129.88
N GLY QA 109 24.02 45.94 -130.05
CA GLY QA 109 24.86 46.28 -128.91
C GLY QA 109 24.18 47.30 -128.01
N LYS QA 110 24.40 47.14 -126.71
CA LYS QA 110 23.78 48.00 -125.71
C LYS QA 110 24.79 48.59 -124.73
N ASP QA 111 26.08 48.52 -125.03
CA ASP QA 111 27.10 49.23 -124.28
C ASP QA 111 27.61 50.40 -125.10
N VAL QA 112 28.03 51.46 -124.41
CA VAL QA 112 28.28 52.75 -125.04
C VAL QA 112 29.42 53.47 -124.34
N ALA QA 113 30.24 54.16 -125.12
CA ALA QA 113 31.06 55.26 -124.65
C ALA QA 113 30.37 56.54 -125.10
N ILE QA 114 30.51 57.62 -124.34
CA ILE QA 114 29.96 58.90 -124.77
C ILE QA 114 30.88 60.03 -124.29
N GLY QA 115 30.44 61.26 -124.46
CA GLY QA 115 31.25 62.41 -124.09
C GLY QA 115 30.44 63.44 -123.34
N VAL QA 116 31.15 64.24 -122.55
CA VAL QA 116 30.53 65.34 -121.84
C VAL QA 116 30.55 66.59 -122.71
N SER QA 117 29.75 67.58 -122.32
CA SER QA 117 29.74 68.85 -123.03
C SER QA 117 31.00 69.63 -122.72
N GLY QA 118 31.58 70.24 -123.77
CA GLY QA 118 32.70 71.14 -123.55
C GLY QA 118 32.39 72.27 -122.60
N HIS QA 119 31.12 72.71 -122.56
CA HIS QA 119 30.68 73.69 -121.57
C HIS QA 119 30.51 73.08 -120.19
N SER QA 120 30.55 71.76 -120.08
CA SER QA 120 30.34 71.09 -118.82
C SER QA 120 31.63 70.56 -118.20
N VAL QA 121 32.76 70.73 -118.86
CA VAL QA 121 34.03 70.17 -118.41
C VAL QA 121 35.08 71.28 -118.35
N ILE QA 122 35.84 71.30 -117.26
CA ILE QA 122 37.04 72.09 -117.12
C ILE QA 122 38.23 71.19 -117.43
N ILE QA 123 38.99 71.54 -118.46
CA ILE QA 123 40.21 70.83 -118.82
C ILE QA 123 41.38 71.77 -118.63
N LYS QA 124 42.34 71.39 -117.81
CA LYS QA 124 43.57 72.18 -117.76
C LYS QA 124 44.71 71.34 -117.21
N LYS QA 125 45.92 71.78 -117.51
CA LYS QA 125 47.13 71.11 -117.06
C LYS QA 125 47.46 71.49 -115.62
N ILE QA 126 48.28 70.65 -114.99
CA ILE QA 126 48.61 70.73 -113.57
C ILE QA 126 49.95 70.04 -113.34
N GLN QA 127 50.83 70.72 -112.61
CA GLN QA 127 52.18 70.23 -112.32
C GLN QA 127 52.26 69.77 -110.87
N MET QA 128 52.85 68.59 -110.65
CA MET QA 128 52.86 67.93 -109.34
C MET QA 128 54.20 67.23 -109.10
N PRO QA 129 54.30 66.39 -108.07
CA PRO QA 129 55.38 65.37 -108.06
C PRO QA 129 54.81 63.97 -108.21
N ARG QA 130 55.27 63.18 -109.17
CA ARG QA 130 54.72 61.82 -109.21
C ARG QA 130 55.23 61.01 -108.02
N MET QA 131 54.41 60.04 -107.62
CA MET QA 131 54.67 59.12 -106.50
C MET QA 131 53.75 57.89 -106.59
N SER QA 132 53.18 57.49 -105.44
CA SER QA 132 52.18 56.44 -105.42
C SER QA 132 50.91 56.92 -106.11
N GLN QA 133 50.17 55.97 -106.70
CA GLN QA 133 48.96 56.33 -107.43
C GLN QA 133 47.92 56.97 -106.54
N ASP QA 134 47.76 56.47 -105.30
CA ASP QA 134 46.85 57.10 -104.34
C ASP QA 134 47.33 58.51 -103.99
N GLU QA 135 48.62 58.66 -103.70
CA GLU QA 135 49.15 59.98 -103.37
C GLU QA 135 49.01 60.94 -104.53
N LEU QA 136 49.12 60.44 -105.77
CA LEU QA 136 48.88 61.32 -106.92
C LEU QA 136 47.40 61.71 -107.00
N GLU QA 137 46.50 60.75 -106.88
CA GLU QA 137 45.08 61.06 -107.04
C GLU QA 137 44.63 62.06 -105.98
N GLU QA 138 45.03 61.84 -104.73
CA GLU QA 138 44.73 62.80 -103.68
C GLU QA 138 45.36 64.16 -103.96
N SER QA 139 46.66 64.19 -104.29
CA SER QA 139 47.33 65.47 -104.52
C SER QA 139 46.71 66.20 -105.71
N ILE QA 140 46.28 65.44 -106.72
CA ILE QA 140 45.60 65.98 -107.89
C ILE QA 140 44.30 66.64 -107.48
N GLN QA 141 43.49 65.93 -106.69
CA GLN QA 141 42.24 66.49 -106.22
C GLN QA 141 42.49 67.73 -105.36
N TRP QA 142 43.60 67.73 -104.61
CA TRP QA 142 43.93 68.86 -103.75
C TRP QA 142 44.28 70.11 -104.57
N GLU QA 143 45.08 69.94 -105.63
CA GLU QA 143 45.42 71.07 -106.47
C GLU QA 143 44.24 71.55 -107.29
N ALA QA 144 43.48 70.65 -107.89
CA ALA QA 144 42.33 71.07 -108.68
C ALA QA 144 41.20 71.63 -107.83
N GLU QA 145 41.17 71.31 -106.53
CA GLU QA 145 40.21 71.95 -105.63
C GLU QA 145 40.26 73.46 -105.80
N GLN QA 146 41.47 74.02 -105.85
CA GLN QA 146 41.70 75.41 -106.21
C GLN QA 146 41.10 75.76 -107.56
N TYR QA 147 41.16 74.83 -108.53
CA TYR QA 147 40.74 75.03 -109.91
C TYR QA 147 39.24 74.91 -110.15
N ILE QA 148 38.43 74.55 -109.16
CA ILE QA 148 37.04 74.23 -109.48
C ILE QA 148 36.14 75.25 -108.79
N PRO QA 149 35.35 76.04 -109.53
CA PRO QA 149 34.41 76.97 -108.90
C PRO QA 149 33.15 76.31 -108.35
N PHE QA 150 33.12 75.00 -108.13
CA PHE QA 150 31.99 74.30 -107.50
C PHE QA 150 32.50 73.41 -106.37
N ASP QA 151 31.59 73.04 -105.47
CA ASP QA 151 31.91 72.01 -104.50
C ASP QA 151 32.35 70.73 -105.21
N VAL QA 152 32.92 69.80 -104.45
CA VAL QA 152 33.19 68.47 -104.97
C VAL QA 152 32.33 67.50 -104.20
N LYS QA 153 31.17 67.08 -104.73
CA LYS QA 153 30.49 67.60 -105.93
C LYS QA 153 31.23 67.88 -107.26
N ASP QA 154 32.27 67.09 -107.61
CA ASP QA 154 32.95 67.32 -108.87
C ASP QA 154 33.81 66.14 -109.31
N VAL QA 155 33.78 65.90 -110.61
CA VAL QA 155 34.43 64.79 -111.31
C VAL QA 155 35.88 65.13 -111.55
N ASN QA 156 36.78 64.26 -111.10
CA ASN QA 156 38.20 64.44 -111.36
C ASN QA 156 38.76 63.21 -112.05
N ILE QA 157 39.40 63.42 -113.21
CA ILE QA 157 40.14 62.38 -113.92
C ILE QA 157 41.34 63.00 -114.61
N ASP QA 158 42.52 62.41 -114.41
CA ASP QA 158 43.74 62.97 -114.97
C ASP QA 158 44.38 62.01 -115.94
N THR QA 159 45.19 62.55 -116.85
CA THR QA 159 46.16 61.72 -117.55
C THR QA 159 47.45 62.50 -117.73
N GLN QA 160 48.55 61.78 -117.81
CA GLN QA 160 49.86 62.43 -117.80
C GLN QA 160 50.28 62.81 -119.22
N ILE QA 161 50.58 64.10 -119.40
CA ILE QA 161 50.96 64.60 -120.73
C ILE QA 161 52.23 63.97 -121.26
N LEU QA 162 53.09 63.47 -120.38
CA LEU QA 162 54.26 62.71 -120.76
C LEU QA 162 54.17 61.36 -120.05
N ASP QA 163 54.70 60.33 -120.71
CA ASP QA 163 54.77 59.03 -120.07
C ASP QA 163 55.40 59.18 -118.69
N GLY QA 164 54.62 58.86 -117.66
CA GLY QA 164 55.23 58.59 -116.38
C GLY QA 164 56.45 57.71 -116.51
N GLY QA 165 56.44 56.80 -117.50
CA GLY QA 165 57.55 55.89 -117.70
C GLY QA 165 58.86 56.56 -118.03
N GLY QA 166 58.98 57.86 -117.76
CA GLY QA 166 60.15 58.65 -118.11
C GLY QA 166 60.85 59.41 -116.98
N ASN QA 167 60.37 59.35 -115.74
CA ASN QA 167 60.90 60.22 -114.68
C ASN QA 167 60.93 59.57 -113.29
N ASP QA 168 61.82 60.09 -112.43
CA ASP QA 168 62.18 59.46 -111.18
C ASP QA 168 61.36 60.02 -110.02
N ALA QA 169 61.39 59.28 -108.90
CA ALA QA 169 60.47 59.54 -107.78
C ALA QA 169 60.65 60.95 -107.24
N THR QA 170 59.51 61.62 -107.09
CA THR QA 170 59.36 63.02 -106.66
C THR QA 170 59.57 64.00 -107.82
N GLY QA 171 59.93 63.53 -109.01
CA GLY QA 171 60.25 64.50 -110.03
C GLY QA 171 59.40 64.46 -111.28
N GLN QA 172 59.23 65.63 -111.91
CA GLN QA 172 58.69 65.76 -113.25
C GLN QA 172 57.32 65.10 -113.41
N MET QA 173 56.37 65.53 -112.60
CA MET QA 173 54.98 65.16 -112.81
C MET QA 173 54.25 66.22 -113.64
N ASP QA 174 53.49 65.75 -114.62
CA ASP QA 174 52.53 66.60 -115.32
C ASP QA 174 51.28 65.76 -115.55
N VAL QA 175 50.16 66.17 -114.97
CA VAL QA 175 48.88 65.59 -115.33
C VAL QA 175 47.99 66.70 -115.86
N LEU QA 176 47.07 66.33 -116.73
CA LEU QA 176 45.98 67.19 -117.14
C LEU QA 176 44.72 66.66 -116.49
N LEU QA 177 43.99 67.56 -115.82
CA LEU QA 177 42.75 67.25 -115.15
C LEU QA 177 41.55 67.67 -115.99
N VAL QA 178 40.68 66.69 -116.20
CA VAL QA 178 39.30 66.85 -116.63
C VAL QA 178 38.42 66.81 -115.38
N ALA QA 179 37.73 67.91 -115.12
CA ALA QA 179 36.87 68.07 -113.96
C ALA QA 179 35.47 68.44 -114.43
N ALA QA 180 34.45 67.82 -113.86
CA ALA QA 180 33.09 68.05 -114.36
C ALA QA 180 32.14 68.12 -113.20
N LYS QA 181 31.30 69.14 -113.16
CA LYS QA 181 30.34 69.20 -112.07
C LYS QA 181 29.40 67.99 -112.11
N LYS QA 182 29.83 66.92 -111.45
CA LYS QA 182 28.93 65.90 -110.92
C LYS QA 182 27.75 65.44 -111.83
N ASP QA 183 26.71 66.27 -112.01
CA ASP QA 183 25.49 65.71 -112.60
C ASP QA 183 25.21 66.17 -114.00
N MET QA 184 26.11 66.93 -114.59
CA MET QA 184 26.22 66.67 -116.00
C MET QA 184 26.37 65.16 -116.20
N ILE QA 185 27.31 64.56 -115.45
CA ILE QA 185 27.54 63.11 -115.54
C ILE QA 185 26.28 62.34 -115.12
N ASN QA 186 25.65 62.73 -114.01
CA ASN QA 186 24.39 62.08 -113.65
C ASN QA 186 23.39 62.11 -114.80
N ASP QA 187 22.97 63.30 -115.21
CA ASP QA 187 22.01 63.46 -116.31
C ASP QA 187 22.32 62.54 -117.48
N TYR QA 188 23.59 62.51 -117.89
CA TYR QA 188 23.97 61.64 -119.00
C TYR QA 188 23.79 60.17 -118.65
N THR QA 189 24.08 59.79 -117.40
CA THR QA 189 23.93 58.39 -116.99
C THR QA 189 22.46 57.99 -116.90
N THR QA 190 21.58 58.91 -116.51
CA THR QA 190 20.15 58.65 -116.58
C THR QA 190 19.71 58.42 -118.01
N VAL QA 191 20.08 59.34 -118.91
CA VAL QA 191 19.78 59.19 -120.33
C VAL QA 191 20.25 57.83 -120.83
N VAL QA 192 21.49 57.46 -120.50
CA VAL QA 192 22.03 56.19 -120.97
C VAL QA 192 21.27 55.02 -120.35
N SER QA 193 20.87 55.17 -119.09
CA SER QA 193 20.24 54.05 -118.38
C SER QA 193 18.88 53.71 -118.97
N GLU QA 194 18.07 54.73 -119.27
CA GLU QA 194 16.73 54.40 -119.76
C GLU QA 194 16.70 54.15 -121.26
N ALA QA 195 17.78 54.47 -121.96
CA ALA QA 195 17.93 54.03 -123.35
C ALA QA 195 18.32 52.57 -123.45
N GLY QA 196 18.46 51.87 -122.33
CA GLY QA 196 18.92 50.50 -122.33
C GLY QA 196 20.42 50.35 -122.52
N LEU QA 197 21.16 51.44 -122.51
CA LEU QA 197 22.60 51.42 -122.74
C LEU QA 197 23.34 51.34 -121.42
N ALA QA 198 24.57 50.83 -121.48
CA ALA QA 198 25.45 50.74 -120.31
C ALA QA 198 26.74 51.47 -120.62
N PRO QA 199 27.05 52.57 -119.94
CA PRO QA 199 28.26 53.32 -120.27
C PRO QA 199 29.50 52.68 -119.66
N VAL QA 200 30.59 52.73 -120.43
CA VAL QA 200 31.87 52.23 -119.94
C VAL QA 200 32.93 53.32 -119.90
N VAL QA 201 32.83 54.34 -120.75
CA VAL QA 201 33.77 55.44 -120.79
C VAL QA 201 33.00 56.72 -121.02
N VAL QA 202 33.21 57.70 -120.15
CA VAL QA 202 32.68 59.05 -120.37
C VAL QA 202 33.87 59.94 -120.66
N ASP QA 203 34.15 60.12 -121.96
CA ASP QA 203 35.34 60.79 -122.45
C ASP QA 203 35.03 62.26 -122.73
N VAL QA 204 36.01 62.98 -123.26
CA VAL QA 204 35.85 64.40 -123.59
C VAL QA 204 36.09 64.58 -125.08
N ASP QA 205 35.40 65.56 -125.67
CA ASP QA 205 35.31 65.63 -127.13
C ASP QA 205 36.60 66.13 -127.76
N ALA QA 206 37.31 67.04 -127.10
CA ALA QA 206 38.50 67.63 -127.70
C ALA QA 206 39.60 66.59 -127.94
N PHE QA 207 39.59 65.49 -127.19
CA PHE QA 207 40.54 64.41 -127.37
C PHE QA 207 39.94 63.22 -128.09
N ALA QA 208 38.64 63.01 -127.91
CA ALA QA 208 37.96 61.94 -128.63
C ALA QA 208 37.95 62.20 -130.13
N VAL QA 209 37.83 63.47 -130.52
CA VAL QA 209 37.88 63.84 -131.93
C VAL QA 209 39.24 63.51 -132.54
N GLN QA 210 40.26 63.30 -131.72
CA GLN QA 210 41.62 63.07 -132.21
C GLN QA 210 41.93 61.62 -132.52
N ASN QA 211 41.18 60.67 -131.96
CA ASN QA 211 41.52 59.26 -132.13
C ASN QA 211 41.51 58.84 -133.59
N MET QA 212 40.76 59.56 -134.43
CA MET QA 212 40.71 59.22 -135.85
C MET QA 212 41.96 59.64 -136.57
N PHE QA 213 42.59 60.71 -136.12
CA PHE QA 213 43.80 61.18 -136.72
C PHE QA 213 45.03 60.83 -135.89
N SER QA 214 44.86 60.06 -134.81
CA SER QA 214 45.97 59.82 -133.89
C SER QA 214 47.10 59.06 -134.55
N VAL QA 215 46.77 58.17 -135.50
CA VAL QA 215 47.77 57.50 -136.30
C VAL QA 215 48.49 58.50 -137.21
N ASN QA 216 47.72 59.21 -138.05
CA ASN QA 216 48.31 60.12 -139.02
C ASN QA 216 49.08 61.22 -138.34
N TYR QA 217 48.76 61.50 -137.08
CA TYR QA 217 49.57 62.41 -136.27
C TYR QA 217 50.79 61.70 -135.74
N ASP QA 218 50.66 60.41 -135.39
CA ASP QA 218 51.75 59.68 -134.77
C ASP QA 218 52.90 59.44 -135.74
N VAL QA 219 52.65 59.57 -137.06
CA VAL QA 219 53.73 59.43 -138.03
C VAL QA 219 54.62 60.65 -138.13
N PRO QA 220 54.11 61.95 -138.03
CA PRO QA 220 55.05 63.07 -137.82
C PRO QA 220 55.11 63.52 -136.36
N GLU QA 221 56.27 63.33 -135.71
CA GLU QA 221 56.28 63.26 -134.25
C GLU QA 221 57.05 64.38 -133.58
N ARG QA 222 57.72 65.25 -134.35
CA ARG QA 222 58.14 66.55 -133.85
C ARG QA 222 57.34 67.68 -134.46
N GLU QA 223 56.36 67.37 -135.30
CA GLU QA 223 55.55 68.39 -135.95
C GLU QA 223 54.43 68.86 -135.04
N THR QA 224 54.30 70.18 -134.95
CA THR QA 224 53.24 70.80 -134.16
C THR QA 224 52.02 70.98 -135.04
N VAL QA 225 50.93 70.33 -134.65
CA VAL QA 225 49.68 70.34 -135.43
C VAL QA 225 48.59 70.96 -134.57
N VAL QA 226 47.72 71.74 -135.19
CA VAL QA 226 46.52 72.23 -134.50
C VAL QA 226 45.31 71.45 -135.01
N LEU QA 227 44.36 71.21 -134.12
CA LEU QA 227 43.10 70.58 -134.46
C LEU QA 227 41.98 71.46 -133.92
N ILE QA 228 41.15 71.99 -134.82
CA ILE QA 228 39.97 72.77 -134.45
C ILE QA 228 38.75 71.91 -134.66
N ASN QA 229 37.89 71.84 -133.65
CA ASN QA 229 36.56 71.25 -133.80
C ASN QA 229 35.57 72.37 -133.57
N ALA QA 230 35.06 72.92 -134.66
CA ALA QA 230 34.03 73.95 -134.62
C ALA QA 230 32.67 73.27 -134.57
N GLY QA 231 32.08 73.23 -133.38
CA GLY QA 231 30.79 72.64 -133.17
C GLY QA 231 29.68 73.68 -133.14
N ALA QA 232 28.53 73.28 -132.61
CA ALA QA 232 27.38 74.17 -132.50
C ALA QA 232 27.33 74.89 -131.16
N SER QA 233 27.87 74.31 -130.10
CA SER QA 233 27.88 74.94 -128.80
C SER QA 233 29.25 75.50 -128.41
N VAL QA 234 30.33 75.03 -129.03
CA VAL QA 234 31.68 75.38 -128.60
C VAL QA 234 32.63 75.08 -129.75
N VAL QA 235 33.77 75.77 -129.74
CA VAL QA 235 34.87 75.48 -130.66
C VAL QA 235 36.08 75.08 -129.82
N ASN QA 236 36.56 73.86 -130.00
CA ASN QA 236 37.74 73.45 -129.26
C ASN QA 236 38.98 73.56 -130.14
N ILE QA 237 40.07 73.99 -129.52
CA ILE QA 237 41.40 73.97 -130.11
C ILE QA 237 42.26 73.03 -129.27
N ASN QA 238 42.84 72.03 -129.91
CA ASN QA 238 43.88 71.27 -129.23
C ASN QA 238 45.11 71.21 -130.12
N ILE QA 239 46.25 71.51 -129.53
CA ILE QA 239 47.50 71.60 -130.29
C ILE QA 239 48.49 70.62 -129.70
N ILE QA 240 49.20 69.93 -130.60
CA ILE QA 240 49.92 68.72 -130.31
C ILE QA 240 51.30 68.78 -130.93
N SER QA 241 52.21 68.03 -130.34
CA SER QA 241 53.42 67.56 -131.01
C SER QA 241 53.26 66.06 -131.14
N ASN QA 242 53.06 65.59 -132.37
CA ASN QA 242 52.73 64.19 -132.70
C ASN QA 242 51.26 63.98 -132.37
N GLY QA 243 50.87 62.83 -131.83
CA GLY QA 243 49.59 62.68 -131.18
C GLY QA 243 49.77 62.85 -129.69
N ALA QA 244 50.63 63.77 -129.29
CA ALA QA 244 50.83 64.11 -127.88
C ALA QA 244 50.30 65.51 -127.65
N THR QA 245 49.11 65.59 -127.06
CA THR QA 245 48.49 66.88 -126.81
C THR QA 245 49.40 67.76 -125.99
N VAL QA 246 49.64 68.98 -126.48
CA VAL QA 246 50.33 70.00 -125.72
C VAL QA 246 49.36 70.88 -124.95
N PHE QA 247 48.20 71.20 -125.55
CA PHE QA 247 47.20 71.94 -124.78
C PHE QA 247 45.86 71.97 -125.50
N THR QA 248 44.85 72.41 -124.76
CA THR QA 248 43.50 72.57 -125.28
C THR QA 248 42.89 73.84 -124.71
N ARG QA 249 41.98 74.43 -125.48
CA ARG QA 249 41.28 75.66 -125.11
C ARG QA 249 39.92 75.68 -125.80
N ASP QA 250 38.90 76.02 -125.04
CA ASP QA 250 37.51 75.96 -125.50
C ASP QA 250 36.92 77.36 -125.60
N VAL QA 251 36.35 77.66 -126.76
CA VAL QA 251 35.80 78.98 -127.06
C VAL QA 251 34.29 78.89 -127.19
N THR QA 252 33.60 79.78 -126.47
CA THR QA 252 32.14 79.79 -126.44
C THR QA 252 31.54 79.97 -127.83
N ILE QA 253 32.26 80.62 -128.74
CA ILE QA 253 31.73 80.91 -130.07
C ILE QA 253 31.62 79.62 -130.87
N GLY QA 254 30.61 79.54 -131.71
CA GLY QA 254 30.40 78.35 -132.53
C GLY QA 254 29.45 78.66 -133.67
N GLY QA 255 28.89 77.59 -134.24
CA GLY QA 255 27.99 77.76 -135.37
C GLY QA 255 26.64 78.33 -134.97
N ASN QA 256 26.22 78.06 -133.74
CA ASN QA 256 25.02 78.70 -133.20
C ASN QA 256 25.10 80.21 -133.31
N GLN QA 257 26.32 80.76 -133.27
CA GLN QA 257 26.49 82.20 -133.42
C GLN QA 257 26.18 82.67 -134.84
N PHE QA 258 26.73 81.99 -135.85
CA PHE QA 258 26.40 82.34 -137.23
C PHE QA 258 24.90 82.23 -137.47
N THR QA 259 24.30 81.10 -137.08
CA THR QA 259 22.86 80.93 -137.24
C THR QA 259 22.09 82.03 -136.54
N GLU QA 260 22.51 82.38 -135.32
CA GLU QA 260 21.80 83.40 -134.55
C GLU QA 260 21.93 84.78 -135.16
N GLU QA 261 23.06 85.09 -135.79
CA GLU QA 261 23.17 86.38 -136.46
C GLU QA 261 22.29 86.43 -137.70
N ILE QA 262 22.26 85.34 -138.48
CA ILE QA 262 21.33 85.29 -139.61
C ILE QA 262 19.90 85.52 -139.15
N GLN QA 263 19.51 84.81 -138.08
CA GLN QA 263 18.18 84.96 -137.52
C GLN QA 263 17.90 86.39 -137.07
N LYS QA 264 18.86 87.02 -136.39
CA LYS QA 264 18.71 88.41 -135.99
C LYS QA 264 18.46 89.30 -137.19
N GLN QA 265 19.30 89.17 -138.22
CA GLN QA 265 19.26 90.13 -139.31
C GLN QA 265 18.14 89.88 -140.31
N LEU QA 266 17.44 88.76 -140.23
CA LEU QA 266 16.32 88.55 -141.15
C LEU QA 266 15.06 88.09 -140.42
N ASN QA 267 14.92 88.48 -139.13
CA ASN QA 267 13.93 87.96 -138.19
C ASN QA 267 13.36 86.61 -138.62
N VAL QA 268 14.23 85.60 -138.66
CA VAL QA 268 13.94 84.23 -139.08
C VAL QA 268 13.90 83.34 -137.85
N SER QA 269 13.27 82.17 -137.94
CA SER QA 269 13.40 81.15 -136.91
C SER QA 269 14.79 80.53 -136.96
N TYR QA 270 15.15 79.77 -135.93
CA TYR QA 270 16.49 79.19 -135.90
C TYR QA 270 16.67 78.16 -137.02
N GLU QA 271 15.60 77.44 -137.36
CA GLU QA 271 15.74 76.39 -138.37
C GLU QA 271 15.96 76.97 -139.76
N GLU QA 272 15.13 77.93 -140.16
CA GLU QA 272 15.27 78.48 -141.50
C GLU QA 272 16.54 79.32 -141.62
N ALA QA 273 16.98 79.94 -140.52
CA ALA QA 273 18.27 80.61 -140.52
C ALA QA 273 19.41 79.62 -140.65
N GLU QA 274 19.25 78.44 -140.04
CA GLU QA 274 20.26 77.40 -140.14
C GLU QA 274 20.35 76.87 -141.57
N ALA QA 275 19.20 76.62 -142.21
CA ALA QA 275 19.20 76.18 -143.61
C ALA QA 275 19.76 77.26 -144.52
N LEU QA 276 19.37 78.52 -144.30
CA LEU QA 276 19.93 79.63 -145.06
C LEU QA 276 21.43 79.67 -144.91
N LYS QA 277 21.95 79.34 -143.73
CA LYS QA 277 23.38 79.18 -143.55
C LYS QA 277 23.92 78.07 -144.44
N ILE QA 278 23.47 76.84 -144.20
CA ILE QA 278 23.94 75.66 -144.94
C ILE QA 278 23.82 75.88 -146.44
N GLY QA 279 22.61 75.67 -146.97
CA GLY QA 279 22.41 75.76 -148.40
C GLY QA 279 22.61 77.16 -148.94
N GLY QA 280 22.25 78.18 -148.17
CA GLY QA 280 22.44 79.54 -148.62
C GLY QA 280 23.89 79.87 -148.91
N ASN QA 281 24.81 79.44 -148.06
CA ASN QA 281 26.21 79.88 -148.20
C ASN QA 281 27.00 79.07 -149.22
N GLY QA 282 26.49 77.94 -149.70
CA GLY QA 282 27.34 77.05 -150.46
C GLY QA 282 26.87 76.61 -151.84
N ALA QA 283 25.65 76.97 -152.22
CA ALA QA 283 25.11 76.53 -153.49
C ALA QA 283 25.86 77.18 -154.65
N ASP QA 284 25.80 76.53 -155.82
CA ASP QA 284 26.37 77.14 -157.02
C ASP QA 284 25.57 78.35 -157.46
N ALA QA 285 24.28 78.41 -157.10
CA ALA QA 285 23.43 79.53 -157.46
C ALA QA 285 23.38 80.60 -156.37
N ASP QA 286 24.30 80.56 -155.41
CA ASP QA 286 24.26 81.44 -154.25
C ASP QA 286 24.89 82.81 -154.51
N ALA QA 287 24.96 83.27 -155.76
CA ALA QA 287 25.81 84.43 -156.07
C ALA QA 287 25.25 85.71 -155.50
N VAL QA 288 23.94 85.76 -155.26
CA VAL QA 288 23.31 86.97 -154.77
C VAL QA 288 23.21 86.99 -153.25
N VAL QA 289 23.38 85.84 -152.59
CA VAL QA 289 23.18 85.72 -151.15
C VAL QA 289 24.44 85.77 -150.29
N PRO QA 290 25.67 85.86 -150.82
CA PRO QA 290 26.79 86.03 -149.89
C PRO QA 290 27.00 87.47 -149.51
N GLN QA 291 26.36 88.41 -150.19
CA GLN QA 291 26.31 89.77 -149.67
C GLN QA 291 25.29 89.86 -148.54
N ASP QA 292 24.05 89.45 -148.80
CA ASP QA 292 23.03 89.46 -147.76
C ASP QA 292 23.43 88.63 -146.55
N VAL QA 293 24.00 87.44 -146.77
CA VAL QA 293 24.36 86.60 -145.63
C VAL QA 293 25.73 87.00 -145.09
N GLU QA 294 26.73 87.16 -145.96
CA GLU QA 294 28.09 87.45 -145.51
C GLU QA 294 28.15 88.76 -144.72
N ARG QA 295 27.32 89.75 -145.10
CA ARG QA 295 27.24 90.97 -144.30
C ARG QA 295 26.62 90.68 -142.94
N VAL QA 296 25.83 89.60 -142.84
CA VAL QA 296 25.22 89.24 -141.56
C VAL QA 296 26.24 88.53 -140.67
N LEU QA 297 27.00 87.62 -141.26
CA LEU QA 297 27.94 86.78 -140.53
C LEU QA 297 29.33 87.39 -140.41
N SER QA 298 29.54 88.60 -140.94
CA SER QA 298 30.89 89.15 -141.01
C SER QA 298 31.44 89.47 -139.63
N SER QA 299 30.60 90.02 -138.74
CA SER QA 299 31.02 90.21 -137.36
C SER QA 299 31.47 88.90 -136.73
N VAL QA 300 30.71 87.83 -136.90
CA VAL QA 300 31.07 86.55 -136.32
C VAL QA 300 32.37 86.04 -136.92
N ALA QA 301 32.57 86.26 -138.23
CA ALA QA 301 33.81 85.82 -138.86
C ALA QA 301 35.02 86.55 -138.28
N GLU QA 302 34.96 87.89 -138.26
CA GLU QA 302 36.03 88.68 -137.66
C GLU QA 302 36.32 88.24 -136.24
N GLN QA 303 35.29 88.08 -135.43
CA GLN QA 303 35.45 87.86 -134.00
C GLN QA 303 35.90 86.43 -133.68
N VAL QA 304 35.45 85.44 -134.46
CA VAL QA 304 36.02 84.09 -134.36
C VAL QA 304 37.51 84.15 -134.68
N ALA QA 305 37.88 84.74 -135.82
CA ALA QA 305 39.29 84.91 -136.14
C ALA QA 305 40.05 85.58 -135.01
N GLY QA 306 39.43 86.57 -134.36
CA GLY QA 306 40.05 87.21 -133.23
C GLY QA 306 40.24 86.27 -132.06
N GLU QA 307 39.28 85.36 -131.84
CA GLU QA 307 39.46 84.40 -130.75
C GLU QA 307 40.55 83.39 -131.08
N ILE QA 308 40.64 82.96 -132.32
CA ILE QA 308 41.62 81.93 -132.66
C ILE QA 308 43.03 82.52 -132.62
N GLN QA 309 43.21 83.72 -133.19
CA GLN QA 309 44.49 84.40 -133.03
C GLN QA 309 44.81 84.59 -131.56
N ARG QA 310 43.78 84.92 -130.78
CA ARG QA 310 43.91 85.07 -129.34
C ARG QA 310 44.52 83.84 -128.69
N SER QA 311 43.88 82.68 -128.83
CA SER QA 311 44.39 81.45 -128.23
C SER QA 311 45.78 81.09 -128.74
N LEU QA 312 45.98 81.16 -130.07
CA LEU QA 312 47.28 80.83 -130.63
C LEU QA 312 48.39 81.69 -130.02
N ASP QA 313 48.16 83.00 -129.89
CA ASP QA 313 49.15 83.86 -129.26
C ASP QA 313 49.33 83.52 -127.79
N PHE QA 314 48.26 83.10 -127.13
CA PHE QA 314 48.39 82.75 -125.71
C PHE QA 314 49.15 81.45 -125.50
N TYR QA 315 49.30 80.64 -126.56
CA TYR QA 315 50.15 79.45 -126.42
C TYR QA 315 51.63 79.78 -126.58
N ALA QA 316 51.99 80.44 -127.69
CA ALA QA 316 53.37 80.62 -128.10
C ALA QA 316 54.28 81.12 -126.98
N GLY QA 317 54.47 80.29 -125.96
CA GLY QA 317 55.20 80.65 -124.77
C GLY QA 317 56.71 80.48 -124.83
N THR QA 318 57.19 79.44 -125.51
CA THR QA 318 58.60 79.07 -125.45
C THR QA 318 59.39 79.36 -126.72
N ALA QA 319 58.77 79.32 -127.89
CA ALA QA 319 59.48 79.49 -129.15
C ALA QA 319 59.11 80.86 -129.70
N ALA QA 320 59.82 81.89 -129.23
CA ALA QA 320 59.48 83.27 -129.60
C ALA QA 320 59.87 83.58 -131.03
N ASP QA 321 60.61 82.69 -131.70
CA ASP QA 321 61.14 82.96 -133.03
C ASP QA 321 60.72 81.93 -134.07
N SER QA 322 59.68 81.15 -133.80
CA SER QA 322 59.27 80.08 -134.70
C SER QA 322 57.92 80.43 -135.36
N ASN QA 323 57.44 79.51 -136.18
CA ASN QA 323 56.17 79.61 -136.86
C ASN QA 323 55.39 78.32 -136.68
N PHE QA 324 54.23 78.25 -137.33
CA PHE QA 324 53.34 77.10 -137.21
C PHE QA 324 53.65 76.06 -138.29
N SER QA 325 52.88 74.97 -138.28
CA SER QA 325 52.99 73.95 -139.29
C SER QA 325 51.65 73.70 -139.96
N LYS QA 326 50.93 72.65 -139.55
CA LYS QA 326 49.71 72.25 -140.23
C LYS QA 326 48.62 71.90 -139.22
N VAL QA 327 47.37 72.03 -139.68
CA VAL QA 327 46.21 71.97 -138.79
C VAL QA 327 45.01 71.40 -139.56
N TYR QA 328 44.08 70.80 -138.82
CA TYR QA 328 42.88 70.18 -139.38
C TYR QA 328 41.62 70.74 -138.73
N LEU QA 329 40.48 70.45 -139.36
CA LEU QA 329 39.18 70.92 -138.89
C LEU QA 329 38.18 69.78 -138.80
N SER QA 330 37.29 69.90 -137.83
CA SER QA 330 36.24 68.93 -137.54
C SER QA 330 35.02 69.69 -137.03
N GLY QA 331 33.90 69.00 -136.96
CA GLY QA 331 32.67 69.68 -136.60
C GLY QA 331 32.02 70.36 -137.79
N GLY QA 332 30.69 70.45 -137.75
CA GLY QA 332 29.96 70.96 -138.89
C GLY QA 332 30.10 72.45 -139.09
N THR QA 333 30.31 73.20 -138.00
CA THR QA 333 30.55 74.64 -138.13
C THR QA 333 31.74 74.93 -139.01
N ALA QA 334 32.74 74.05 -139.04
CA ALA QA 334 33.81 74.16 -140.02
C ALA QA 334 33.29 74.26 -141.45
N LYS QA 335 32.30 73.46 -141.83
CA LYS QA 335 31.84 73.36 -143.21
C LYS QA 335 31.22 74.63 -143.76
N ILE QA 336 31.31 75.76 -143.05
CA ILE QA 336 30.93 77.05 -143.60
C ILE QA 336 31.74 77.27 -144.87
N PRO QA 337 31.11 77.57 -146.00
CA PRO QA 337 31.86 77.70 -147.26
C PRO QA 337 32.96 78.75 -147.16
N ALA QA 338 34.16 78.36 -147.62
CA ALA QA 338 35.35 79.19 -147.70
C ALA QA 338 35.97 79.49 -146.33
N LEU QA 339 35.35 79.00 -145.26
CA LEU QA 339 35.87 79.29 -143.93
C LEU QA 339 37.27 78.72 -143.75
N PHE QA 340 37.60 77.64 -144.46
CA PHE QA 340 38.92 77.04 -144.33
C PHE QA 340 40.00 77.93 -144.93
N LYS QA 341 39.73 78.48 -146.11
CA LYS QA 341 40.66 79.43 -146.72
C LYS QA 341 40.81 80.66 -145.85
N THR QA 342 39.71 81.12 -145.25
CA THR QA 342 39.75 82.31 -144.39
C THR QA 342 40.61 82.08 -143.16
N ILE QA 343 40.39 80.96 -142.47
CA ILE QA 343 41.21 80.64 -141.29
C ILE QA 343 42.66 80.43 -141.71
N GLU QA 344 42.87 79.87 -142.91
CA GLU QA 344 44.23 79.62 -143.39
C GLU QA 344 44.99 80.93 -143.60
N ALA QA 345 44.36 81.90 -144.26
CA ALA QA 345 45.05 83.16 -144.52
C ALA QA 345 45.13 84.02 -143.27
N ARG QA 346 44.15 83.88 -142.37
CA ARG QA 346 44.05 84.76 -141.21
C ARG QA 346 44.92 84.32 -140.04
N THR QA 347 45.06 83.02 -139.82
CA THR QA 347 45.87 82.52 -138.71
C THR QA 347 47.30 82.20 -139.10
N GLY QA 348 47.63 82.27 -140.38
CA GLY QA 348 48.99 81.94 -140.80
C GLY QA 348 49.33 80.47 -140.69
N VAL QA 349 48.31 79.60 -140.73
CA VAL QA 349 48.52 78.15 -140.72
C VAL QA 349 47.68 77.48 -141.79
N PRO QA 350 48.20 76.46 -142.49
CA PRO QA 350 47.34 75.66 -143.37
C PRO QA 350 46.28 74.84 -142.63
N VAL QA 351 45.02 75.25 -142.79
CA VAL QA 351 43.88 74.63 -142.14
C VAL QA 351 43.16 73.76 -143.16
N GLU QA 352 43.10 72.45 -142.91
CA GLU QA 352 42.52 71.52 -143.87
C GLU QA 352 41.45 70.65 -143.22
N ILE QA 353 40.39 70.41 -143.98
CA ILE QA 353 39.45 69.35 -143.64
C ILE QA 353 40.17 68.02 -143.68
N LEU QA 354 39.67 67.06 -142.89
CA LEU QA 354 40.26 65.74 -142.90
C LEU QA 354 39.15 64.71 -142.82
N ASN QA 355 39.40 63.56 -143.45
CA ASN QA 355 38.46 62.46 -143.42
C ASN QA 355 38.82 61.54 -142.25
N PRO QA 356 38.07 61.55 -141.15
CA PRO QA 356 38.33 60.55 -140.10
C PRO QA 356 38.25 59.13 -140.63
N PHE QA 357 37.15 58.76 -141.28
CA PHE QA 357 36.84 57.38 -141.65
C PHE QA 357 37.99 56.63 -142.31
N ARG QA 358 39.11 57.30 -142.61
CA ARG QA 358 40.27 56.59 -143.15
C ARG QA 358 40.89 55.63 -142.14
N LYS QA 359 40.62 55.84 -140.85
CA LYS QA 359 41.13 54.98 -139.78
C LYS QA 359 40.43 53.64 -139.71
N ILE QA 360 39.29 53.48 -140.36
CA ILE QA 360 38.44 52.30 -140.23
C ILE QA 360 38.17 51.75 -141.62
N GLU QA 361 37.98 50.44 -141.70
CA GLU QA 361 37.62 49.79 -142.95
C GLU QA 361 36.19 50.14 -143.32
N VAL QA 362 35.95 50.47 -144.59
CA VAL QA 362 34.63 50.85 -145.06
C VAL QA 362 34.27 49.97 -146.25
N ASP QA 363 33.23 49.17 -146.10
CA ASP QA 363 32.74 48.32 -147.19
C ASP QA 363 32.02 49.20 -148.20
N ASN QA 364 32.53 49.24 -149.44
CA ASN QA 364 31.95 50.10 -150.45
C ASN QA 364 30.55 49.66 -150.84
N ARG QA 365 30.20 48.40 -150.57
CA ARG QA 365 28.87 47.91 -150.93
C ARG QA 365 27.83 48.35 -149.91
N LYS QA 366 28.25 48.82 -148.73
CA LYS QA 366 27.31 49.27 -147.71
C LYS QA 366 27.37 50.77 -147.47
N PHE QA 367 28.43 51.44 -147.91
CA PHE QA 367 28.59 52.87 -147.66
C PHE QA 367 29.22 53.54 -148.87
N ASP QA 368 28.68 54.68 -149.24
CA ASP QA 368 29.26 55.50 -150.31
C ASP QA 368 30.42 56.29 -149.72
N PRO QA 369 31.63 56.17 -150.26
CA PRO QA 369 32.74 56.99 -149.76
C PRO QA 369 32.49 58.48 -149.88
N ALA QA 370 31.72 58.91 -150.89
CA ALA QA 370 31.48 60.34 -151.08
C ALA QA 370 30.66 60.93 -149.93
N PHE QA 371 29.50 60.34 -149.63
CA PHE QA 371 28.67 60.82 -148.53
C PHE QA 371 29.39 60.70 -147.20
N VAL QA 372 30.06 59.56 -146.97
CA VAL QA 372 30.89 59.39 -145.77
C VAL QA 372 31.84 60.57 -145.62
N MET QA 373 32.51 60.94 -146.72
CA MET QA 373 33.38 62.11 -146.70
C MET QA 373 32.58 63.38 -146.39
N ASP QA 374 31.36 63.47 -146.88
CA ASP QA 374 30.58 64.70 -146.70
C ASP QA 374 30.21 64.90 -145.23
N VAL QA 375 29.83 63.84 -144.54
CA VAL QA 375 29.44 63.92 -143.13
C VAL QA 375 30.61 63.64 -142.20
N ALA QA 376 31.82 63.51 -142.74
CA ALA QA 376 32.98 63.26 -141.89
C ALA QA 376 33.20 64.30 -140.80
N PRO QA 377 33.19 65.61 -141.07
CA PRO QA 377 33.50 66.58 -139.98
C PRO QA 377 32.54 66.49 -138.81
N MET QA 378 31.24 66.37 -139.07
CA MET QA 378 30.28 66.21 -137.99
C MET QA 378 30.53 64.92 -137.20
N ALA QA 379 30.96 63.86 -137.89
CA ALA QA 379 31.05 62.54 -137.29
C ALA QA 379 32.42 62.24 -136.68
N ALA QA 380 33.38 63.16 -136.75
CA ALA QA 380 34.74 62.89 -136.26
C ALA QA 380 34.73 62.32 -134.84
N VAL QA 381 34.09 63.02 -133.90
CA VAL QA 381 34.00 62.52 -132.53
C VAL QA 381 33.16 61.25 -132.48
N ALA QA 382 32.05 61.26 -133.23
CA ALA QA 382 31.10 60.16 -133.36
C ALA QA 382 31.75 58.85 -133.77
N VAL QA 383 32.90 58.88 -134.41
CA VAL QA 383 33.69 57.67 -134.55
C VAL QA 383 34.84 57.67 -133.55
N GLY QA 384 35.13 58.83 -132.95
CA GLY QA 384 36.19 59.01 -131.98
C GLY QA 384 36.12 58.08 -130.79
N LEU QA 385 35.17 58.38 -129.91
CA LEU QA 385 35.00 57.51 -128.74
C LEU QA 385 34.54 56.12 -129.19
N ALA QA 386 34.25 55.97 -130.49
CA ALA QA 386 33.87 54.70 -131.08
C ALA QA 386 35.07 53.83 -131.39
N LEU QA 387 36.23 54.41 -131.70
CA LEU QA 387 37.45 53.61 -131.63
C LEU QA 387 37.90 53.50 -130.17
N ARG QA 388 37.39 54.37 -129.30
CA ARG QA 388 37.62 54.15 -127.88
C ARG QA 388 36.88 52.91 -127.38
N ARG QA 389 35.79 52.51 -128.05
CA ARG QA 389 34.95 51.43 -127.52
C ARG QA 389 35.33 49.99 -127.87
N PRO QA 390 36.07 49.70 -128.97
CA PRO QA 390 36.58 48.33 -129.10
C PRO QA 390 38.03 48.30 -128.67
N GLY QA 391 38.44 49.31 -127.91
CA GLY QA 391 39.82 49.43 -127.48
C GLY QA 391 40.06 48.68 -126.19
N ASN RA 33 -190.14 71.92 30.93
CA ASN RA 33 -188.90 71.25 30.48
C ASN RA 33 -189.27 69.92 29.86
N THR RA 34 -188.35 69.36 29.09
CA THR RA 34 -188.47 67.99 28.61
C THR RA 34 -187.70 67.06 29.57
N LEU RA 35 -186.38 67.21 29.62
CA LEU RA 35 -185.59 66.44 30.54
C LEU RA 35 -185.67 67.07 31.92
N ARG RA 36 -186.12 66.32 32.92
CA ARG RA 36 -186.25 66.83 34.29
C ARG RA 36 -185.21 66.40 35.31
N GLY RA 37 -184.56 65.26 35.10
CA GLY RA 37 -183.51 64.75 35.99
C GLY RA 37 -182.59 63.84 35.18
N LEU RA 38 -181.36 63.73 35.66
CA LEU RA 38 -180.29 62.97 35.05
C LEU RA 38 -179.45 62.28 36.15
N ASP RA 39 -179.40 60.95 36.12
CA ASP RA 39 -178.68 60.25 37.19
C ASP RA 39 -177.65 59.25 36.61
N VAL RA 40 -176.48 59.20 37.25
CA VAL RA 40 -175.51 58.18 36.87
C VAL RA 40 -175.25 57.21 38.04
N SER RA 41 -175.46 55.92 37.81
CA SER RA 41 -175.16 54.89 38.81
C SER RA 41 -173.92 54.08 38.43
N ARG RA 42 -172.71 54.58 38.78
CA ARG RA 42 -171.48 53.80 38.50
C ARG RA 42 -171.44 52.51 39.30
N THR RA 43 -171.21 51.38 38.64
CA THR RA 43 -170.96 50.16 39.40
C THR RA 43 -170.07 49.30 38.54
N GLY RA 44 -169.43 48.28 39.12
CA GLY RA 44 -168.42 47.46 38.42
C GLY RA 44 -168.97 46.56 37.36
N SER RA 45 -170.16 46.01 37.56
CA SER RA 45 -170.79 45.17 36.56
C SER RA 45 -171.31 45.95 35.34
N GLY RA 46 -171.83 47.15 35.58
CA GLY RA 46 -172.33 48.03 34.55
C GLY RA 46 -172.56 49.39 35.21
N ALA RA 47 -172.26 50.47 34.49
CA ALA RA 47 -172.71 51.77 34.89
C ALA RA 47 -174.05 52.12 34.21
N GLN RA 48 -175.02 52.58 35.00
CA GLN RA 48 -176.31 52.97 34.44
C GLN RA 48 -176.41 54.49 34.32
N VAL RA 49 -176.83 54.96 33.14
CA VAL RA 49 -177.22 56.34 32.96
C VAL RA 49 -178.71 56.41 32.77
N VAL RA 50 -179.34 57.27 33.56
CA VAL RA 50 -180.77 57.47 33.50
C VAL RA 50 -181.05 58.91 33.15
N VAL RA 51 -181.96 59.09 32.22
CA VAL RA 51 -182.41 60.40 31.82
C VAL RA 51 -183.92 60.39 31.95
N THR RA 52 -184.45 61.31 32.78
CA THR RA 52 -185.86 61.31 33.08
C THR RA 52 -186.46 62.52 32.42
N GLY RA 53 -187.64 62.37 31.81
CA GLY RA 53 -188.24 63.44 31.01
C GLY RA 53 -189.76 63.40 31.04
N THR RA 54 -190.38 64.49 30.62
CA THR RA 54 -191.81 64.60 30.65
C THR RA 54 -192.52 63.90 29.51
N ARG RA 55 -191.81 63.64 28.41
CA ARG RA 55 -192.38 62.91 27.26
C ARG RA 55 -191.36 61.86 26.87
N PRO RA 56 -191.83 60.76 26.25
CA PRO RA 56 -190.96 59.77 25.70
C PRO RA 56 -189.93 60.38 24.69
N PRO RA 57 -188.66 60.07 24.87
CA PRO RA 57 -187.61 60.66 24.09
C PRO RA 57 -187.29 59.83 22.85
N THR RA 58 -187.16 60.47 21.69
CA THR RA 58 -186.51 59.81 20.55
C THR RA 58 -185.00 59.98 20.76
N PHE RA 59 -184.24 58.92 20.52
CA PHE RA 59 -182.82 58.99 20.78
C PHE RA 59 -182.20 58.15 19.70
N THR RA 60 -180.88 58.30 19.56
CA THR RA 60 -180.03 57.41 18.78
C THR RA 60 -178.77 57.31 19.61
N VAL RA 61 -178.26 56.10 19.69
CA VAL RA 61 -176.98 55.84 20.36
C VAL RA 61 -175.97 55.27 19.37
N PHE RA 62 -174.74 55.79 19.42
CA PHE RA 62 -173.67 55.25 18.60
C PHE RA 62 -172.29 55.33 19.28
N ARG RA 63 -171.25 54.77 18.64
CA ARG RA 63 -169.91 54.69 19.24
C ARG RA 63 -168.93 55.59 18.47
N LEU RA 64 -167.85 56.00 19.11
CA LEU RA 64 -166.73 56.61 18.38
C LEU RA 64 -165.44 56.10 19.00
N SER RA 65 -164.32 56.27 18.27
CA SER RA 65 -163.04 55.82 18.75
C SER RA 65 -162.05 56.97 18.78
N GLY RA 66 -160.86 56.74 19.34
CA GLY RA 66 -159.76 57.71 19.41
C GLY RA 66 -160.13 59.09 19.93
N PRO RA 67 -160.64 59.18 21.16
CA PRO RA 67 -160.79 58.13 22.22
C PRO RA 67 -162.10 57.31 22.14
N GLU RA 68 -162.12 56.09 22.66
CA GLU RA 68 -163.41 55.37 22.81
C GLU RA 68 -164.52 56.23 23.48
N ARG RA 69 -165.69 56.28 22.86
CA ARG RA 69 -166.76 57.16 23.32
C ARG RA 69 -168.07 56.52 23.05
N LEU RA 70 -169.06 56.86 23.83
CA LEU RA 70 -170.43 56.48 23.49
C LEU RA 70 -171.15 57.81 23.37
N VAL RA 71 -172.04 57.92 22.39
CA VAL RA 71 -172.73 59.17 22.13
C VAL RA 71 -174.23 58.94 22.08
N VAL RA 72 -174.98 59.77 22.78
CA VAL RA 72 -176.44 59.65 22.68
C VAL RA 72 -177.00 60.96 22.20
N ASP RA 73 -177.81 60.90 21.15
CA ASP RA 73 -178.57 62.06 20.68
C ASP RA 73 -180.05 62.02 21.10
N LEU RA 74 -180.51 63.09 21.71
CA LEU RA 74 -181.88 63.14 22.21
C LEU RA 74 -182.69 64.22 21.48
N SER RA 75 -183.85 63.85 20.96
CA SER RA 75 -184.74 64.77 20.21
C SER RA 75 -185.92 65.22 21.05
N SER RA 76 -186.44 66.40 20.65
CA SER RA 76 -187.42 67.19 21.40
C SER RA 76 -186.86 67.76 22.71
N ALA RA 77 -186.05 66.93 23.31
CA ALA RA 77 -185.40 67.31 24.55
C ALA RA 77 -183.88 67.14 24.41
N ASP RA 78 -183.14 68.05 25.03
CA ASP RA 78 -181.69 67.98 25.05
C ASP RA 78 -181.34 67.79 26.53
N ALA RA 79 -180.95 66.58 26.89
CA ALA RA 79 -180.59 66.27 28.26
C ALA RA 79 -179.07 66.34 28.46
N THR RA 80 -178.63 67.21 29.36
CA THR RA 80 -177.20 67.36 29.64
C THR RA 80 -176.90 66.93 31.06
N GLY RA 81 -175.96 66.00 31.20
CA GLY RA 81 -175.54 65.52 32.51
C GLY RA 81 -174.10 65.97 32.73
N ILE RA 82 -173.82 66.48 33.93
CA ILE RA 82 -172.49 66.97 34.25
C ILE RA 82 -172.27 66.98 35.75
N LYS RA 83 -171.07 66.87 36.10
CA LYS RA 83 -170.60 66.92 37.49
C LYS RA 83 -171.12 65.75 38.29
N GLY RA 84 -171.94 64.93 37.65
CA GLY RA 84 -172.41 63.66 38.21
C GLY RA 84 -171.42 62.54 37.96
N HIS RA 85 -170.43 62.76 37.10
CA HIS RA 85 -169.49 61.71 36.81
C HIS RA 85 -168.40 61.63 37.88
N HIS RA 86 -168.39 60.51 38.58
CA HIS RA 86 -167.50 60.36 39.70
C HIS RA 86 -166.13 59.96 39.21
N GLU RA 87 -165.11 60.41 39.96
CA GLU RA 87 -163.75 60.03 39.62
C GLU RA 87 -163.47 58.53 39.68
N GLY RA 88 -164.45 57.73 40.04
CA GLY RA 88 -164.26 56.29 40.21
C GLY RA 88 -165.32 55.46 39.46
N SER RA 89 -166.01 56.09 38.49
CA SER RA 89 -166.86 55.34 37.57
C SER RA 89 -165.98 54.33 36.79
N GLY RA 90 -166.27 53.01 36.89
CA GLY RA 90 -165.42 52.07 36.15
C GLY RA 90 -165.56 52.18 34.64
N PRO RA 91 -166.66 52.81 34.18
CA PRO RA 91 -166.93 52.94 32.74
C PRO RA 91 -166.72 54.32 32.17
N VAL RA 92 -167.18 55.36 32.86
CA VAL RA 92 -167.22 56.71 32.30
C VAL RA 92 -166.08 57.55 32.82
N SER RA 93 -165.18 57.93 31.91
CA SER RA 93 -164.07 58.84 32.20
C SER RA 93 -164.62 60.26 32.32
N GLY RA 94 -165.56 60.65 31.44
CA GLY RA 94 -166.23 61.96 31.52
C GLY RA 94 -167.45 62.08 30.61
N VAL RA 95 -168.29 63.09 30.85
CA VAL RA 95 -169.50 63.29 30.06
C VAL RA 95 -169.69 64.75 29.65
N VAL RA 96 -169.79 65.01 28.34
CA VAL RA 96 -170.00 66.37 27.84
C VAL RA 96 -171.35 66.40 27.15
N ALA RA 97 -172.03 67.55 27.23
CA ALA RA 97 -173.37 67.69 26.67
C ALA RA 97 -173.45 69.01 25.88
N SER RA 98 -174.07 68.99 24.70
CA SER RA 98 -174.40 70.23 23.98
C SER RA 98 -175.68 70.18 23.16
N GLN RA 99 -176.52 71.20 23.15
CA GLN RA 99 -177.76 71.27 22.38
C GLN RA 99 -177.62 72.15 21.14
N PHE RA 100 -178.12 71.69 19.98
CA PHE RA 100 -178.16 72.55 18.79
C PHE RA 100 -179.62 72.69 18.31
N SER RA 101 -179.91 73.86 17.71
CA SER RA 101 -181.26 74.17 17.23
C SER RA 101 -181.52 73.79 15.80
N ASP RA 102 -182.74 73.28 15.56
CA ASP RA 102 -183.24 72.96 14.23
C ASP RA 102 -184.62 73.65 14.18
N GLN RA 103 -184.70 74.82 13.53
CA GLN RA 103 -185.91 75.63 13.64
C GLN RA 103 -186.16 75.88 15.11
N ARG RA 104 -187.40 75.67 15.50
CA ARG RA 104 -187.76 75.85 16.91
C ARG RA 104 -187.46 74.60 17.75
N ALA RA 105 -186.99 73.52 17.13
CA ALA RA 105 -186.69 72.29 17.84
C ALA RA 105 -185.24 72.25 18.34
N SER RA 106 -184.97 71.29 19.21
CA SER RA 106 -183.64 71.17 19.82
C SER RA 106 -183.19 69.70 19.85
N VAL RA 107 -181.97 69.44 19.42
CA VAL RA 107 -181.30 68.13 19.52
C VAL RA 107 -180.14 68.23 20.49
N GLY RA 108 -180.12 67.33 21.60
CA GLY RA 108 -179.03 67.39 22.55
C GLY RA 108 -178.12 66.20 22.30
N ARG RA 109 -176.82 66.44 22.35
CA ARG RA 109 -175.88 65.34 22.20
C ARG RA 109 -175.17 65.11 23.50
N VAL RA 110 -175.20 63.87 23.97
CA VAL RA 110 -174.45 63.45 25.16
C VAL RA 110 -173.33 62.58 24.72
N LEU RA 111 -172.15 62.90 25.26
CA LEU RA 111 -170.90 62.24 24.88
C LEU RA 111 -170.20 61.68 26.11
N LEU RA 112 -170.04 60.36 26.16
CA LEU RA 112 -169.39 59.68 27.28
C LEU RA 112 -168.06 59.13 26.87
N ALA RA 113 -166.99 59.78 27.30
CA ALA RA 113 -165.65 59.20 27.11
C ALA RA 113 -165.48 57.99 28.07
N LEU RA 114 -164.96 56.87 27.55
CA LEU RA 114 -164.90 55.59 28.25
C LEU RA 114 -163.55 55.16 28.76
N ASP RA 115 -163.56 54.34 29.83
CA ASP RA 115 -162.36 53.76 30.48
C ASP RA 115 -162.14 52.33 30.00
N LYS RA 116 -163.11 51.78 29.29
CA LYS RA 116 -163.04 50.40 28.83
C LYS RA 116 -164.10 50.16 27.76
N ALA RA 117 -163.93 49.14 26.96
CA ALA RA 117 -164.88 48.85 25.88
C ALA RA 117 -166.23 48.42 26.44
N SER RA 118 -167.29 48.99 25.88
CA SER RA 118 -168.61 48.70 26.34
C SER RA 118 -169.53 48.14 25.25
N GLN RA 119 -170.52 47.39 25.70
CA GLN RA 119 -171.62 47.02 24.89
C GLN RA 119 -172.84 47.73 25.50
N TYR RA 120 -173.25 48.87 24.93
CA TYR RA 120 -174.36 49.57 25.57
C TYR RA 120 -175.67 48.89 25.31
N ASP RA 121 -176.59 49.00 26.26
CA ASP RA 121 -177.96 48.54 26.08
C ASP RA 121 -178.90 49.66 26.55
N VAL RA 122 -179.78 50.10 25.64
CA VAL RA 122 -180.70 51.19 25.88
C VAL RA 122 -182.14 50.71 25.88
N ARG RA 123 -182.94 51.20 26.83
CA ARG RA 123 -184.38 50.88 26.82
C ARG RA 123 -185.10 52.02 27.43
N ALA RA 124 -186.36 52.15 27.09
CA ALA RA 124 -187.19 53.24 27.59
C ALA RA 124 -188.17 52.64 28.56
N ASP RA 125 -188.62 53.43 29.53
CA ASP RA 125 -189.70 53.05 30.44
C ASP RA 125 -190.37 54.34 30.87
N GLY RA 126 -191.56 54.59 30.35
CA GLY RA 126 -192.29 55.81 30.69
C GLY RA 126 -191.54 57.04 30.21
N ASN RA 127 -191.15 57.89 31.16
CA ASN RA 127 -190.42 59.10 30.83
C ASN RA 127 -188.94 58.94 31.12
N ARG RA 128 -188.52 57.71 31.37
CA ARG RA 128 -187.11 57.45 31.67
C ARG RA 128 -186.46 56.70 30.54
N VAL RA 129 -185.29 57.17 30.12
CA VAL RA 129 -184.48 56.48 29.16
C VAL RA 129 -183.30 55.97 29.92
N VAL RA 130 -183.08 54.68 29.83
CA VAL RA 130 -181.97 54.04 30.53
C VAL RA 130 -180.87 53.54 29.59
N ILE RA 131 -179.64 53.91 29.84
CA ILE RA 131 -178.52 53.30 29.13
C ILE RA 131 -177.61 52.55 30.06
N SER RA 132 -177.47 51.26 29.88
CA SER RA 132 -176.53 50.51 30.72
C SER RA 132 -175.29 50.14 29.93
N VAL RA 133 -174.12 50.47 30.49
CA VAL RA 133 -172.88 50.24 29.80
C VAL RA 133 -172.31 49.00 30.41
N ASP RA 134 -172.36 47.89 29.66
CA ASP RA 134 -171.73 46.64 30.12
C ASP RA 134 -170.31 46.47 29.54
N GLY RA 135 -169.42 45.72 30.20
CA GLY RA 135 -168.15 45.45 29.50
C GLY RA 135 -168.29 44.56 28.25
N THR RA 136 -167.75 43.35 28.31
CA THR RA 136 -167.83 42.42 27.20
C THR RA 136 -168.71 41.21 27.54
N SER RA 137 -169.20 41.15 28.78
CA SER RA 137 -170.08 40.07 29.22
C SER RA 137 -171.52 40.53 29.06
N GLN RA 138 -172.23 39.94 28.11
CA GLN RA 138 -173.61 40.33 27.82
C GLN RA 138 -174.75 39.54 28.45
N SER RA 139 -174.47 38.33 28.96
CA SER RA 139 -175.56 37.55 29.53
C SER RA 139 -175.05 36.51 30.52
N VAL RA 140 -175.74 36.40 31.66
CA VAL RA 140 -175.40 35.41 32.66
C VAL RA 140 -176.53 34.39 32.62
N ASP RA 214 -140.71 25.79 8.31
CA ASP RA 214 -140.08 24.95 9.34
C ASP RA 214 -139.94 25.64 10.70
N ASP RA 215 -139.75 26.95 10.67
CA ASP RA 215 -139.50 27.74 11.87
C ASP RA 215 -140.82 27.90 12.62
N THR RA 216 -141.91 27.95 11.85
CA THR RA 216 -143.27 28.24 12.32
C THR RA 216 -144.19 28.25 11.09
N LEU RA 217 -145.35 27.66 11.30
CA LEU RA 217 -146.43 27.74 10.33
C LEU RA 217 -147.39 28.85 10.78
N SER RA 218 -147.70 29.73 9.84
CA SER RA 218 -148.60 30.86 10.11
C SER RA 218 -149.97 30.59 9.50
N ILE RA 219 -150.99 30.83 10.31
CA ILE RA 219 -152.39 30.77 9.87
C ILE RA 219 -152.94 32.20 9.91
N ARG RA 220 -153.47 32.63 8.77
CA ARG RA 220 -154.04 33.97 8.66
C ARG RA 220 -155.53 33.86 8.32
N ALA RA 221 -156.31 34.60 9.09
CA ALA RA 221 -157.76 34.71 8.88
C ALA RA 221 -158.10 36.18 8.67
N ASP RA 222 -158.54 36.48 7.46
CA ASP RA 222 -158.88 37.86 7.10
C ASP RA 222 -160.40 38.03 7.15
N GLY RA 223 -160.82 39.13 7.79
CA GLY RA 223 -162.25 39.44 7.96
C GLY RA 223 -162.39 40.72 8.79
N ASP RA 224 -163.64 41.14 8.90
CA ASP RA 224 -164.01 42.36 9.65
C ASP RA 224 -163.75 42.28 11.16
N ILE RA 225 -163.99 41.11 11.73
CA ILE RA 225 -163.89 40.90 13.18
C ILE RA 225 -162.43 41.03 13.69
N ALA RA 226 -162.01 40.36 14.77
CA ALA RA 226 -162.69 39.26 15.44
C ALA RA 226 -162.37 39.09 16.88
N ARG RA 227 -163.39 38.71 17.63
CA ARG RA 227 -163.11 38.17 18.95
C ARG RA 227 -162.85 36.68 18.83
N TYR RA 228 -161.78 36.24 19.48
CA TYR RA 228 -161.35 34.85 19.40
C TYR RA 228 -160.88 34.35 20.76
N GLU RA 229 -160.82 33.03 20.87
CA GLU RA 229 -160.14 32.37 22.00
C GLU RA 229 -159.37 31.17 21.43
N VAL RA 230 -158.16 31.01 21.90
CA VAL RA 230 -157.30 29.88 21.50
C VAL RA 230 -156.97 29.02 22.71
N LEU RA 231 -156.97 27.72 22.49
CA LEU RA 231 -156.65 26.75 23.54
C LEU RA 231 -156.13 25.45 22.91
N GLU RA 232 -155.55 24.60 23.76
CA GLU RA 232 -154.97 23.31 23.38
C GLU RA 232 -155.81 22.08 23.82
N LEU RA 233 -155.65 21.00 23.08
CA LEU RA 233 -156.22 19.69 23.45
C LEU RA 233 -155.15 18.63 23.24
N ALA RA 234 -155.29 17.52 23.95
CA ALA RA 234 -154.37 16.38 23.81
C ALA RA 234 -155.11 15.13 23.36
N ASP RA 235 -154.33 14.13 22.94
CA ASP RA 235 -154.85 12.82 22.52
C ASP RA 235 -155.99 12.95 21.48
N PRO RA 236 -155.66 13.39 20.27
CA PRO RA 236 -154.31 13.79 19.84
C PRO RA 236 -154.06 15.28 20.14
N PRO RA 237 -152.79 15.68 20.10
CA PRO RA 237 -152.41 17.08 20.30
C PRO RA 237 -153.08 17.96 19.22
N ARG RA 238 -153.69 19.03 19.68
CA ARG RA 238 -154.51 19.91 18.84
C ARG RA 238 -154.45 21.35 19.34
N LEU RA 239 -154.59 22.28 18.42
CA LEU RA 239 -154.79 23.69 18.77
C LEU RA 239 -156.16 24.08 18.20
N ALA RA 240 -156.95 24.75 19.04
CA ALA RA 240 -158.32 25.13 18.66
C ALA RA 240 -158.52 26.63 18.81
N VAL RA 241 -159.12 27.22 17.79
CA VAL RA 241 -159.48 28.64 17.79
C VAL RA 241 -160.99 28.76 17.60
N ASP RA 242 -161.62 29.53 18.49
CA ASP RA 242 -163.03 29.90 18.34
C ASP RA 242 -163.13 31.35 17.95
N LEU RA 243 -163.88 31.58 16.89
CA LEU RA 243 -164.08 32.91 16.33
C LEU RA 243 -165.55 33.32 16.51
N PHE RA 244 -165.75 34.53 17.01
CA PHE RA 244 -167.12 35.02 17.20
C PHE RA 244 -167.47 36.12 16.21
N GLY RA 245 -168.79 36.25 16.05
CA GLY RA 245 -169.40 37.14 15.05
C GLY RA 245 -169.16 36.60 13.63
N VAL RA 246 -168.96 35.30 13.53
CA VAL RA 246 -168.79 34.63 12.22
C VAL RA 246 -169.85 33.57 12.02
N GLY RA 247 -170.32 33.56 10.77
CA GLY RA 247 -171.12 32.44 10.25
C GLY RA 247 -170.22 31.66 9.29
N LEU RA 248 -170.27 30.34 9.42
CA LEU RA 248 -169.49 29.44 8.55
C LEU RA 248 -169.86 29.70 7.09
N ALA RA 249 -168.87 29.63 6.22
CA ALA RA 249 -169.08 29.94 4.79
C ALA RA 249 -168.06 29.20 3.94
N THR RA 250 -168.37 29.13 2.65
CA THR RA 250 -167.56 28.41 1.67
C THR RA 250 -166.11 28.89 1.71
N ARG RA 251 -165.84 30.15 2.08
CA ARG RA 251 -164.45 30.64 2.18
C ARG RA 251 -163.65 29.95 3.29
N ALA RA 252 -164.35 29.25 4.18
CA ALA RA 252 -163.71 28.39 5.20
C ALA RA 252 -162.65 27.46 4.55
N PRO RA 253 -162.83 26.93 3.34
CA PRO RA 253 -161.90 26.06 2.60
C PRO RA 253 -160.52 26.64 2.42
N ARG RA 254 -160.42 27.97 2.29
CA ARG RA 254 -159.09 28.60 2.22
C ARG RA 254 -158.27 28.25 3.48
N VAL RA 255 -158.97 27.72 4.48
CA VAL RA 255 -158.41 27.22 5.73
C VAL RA 255 -157.48 26.01 5.52
N LYS RA 256 -157.67 25.29 4.41
CA LYS RA 256 -156.86 24.09 4.11
C LYS RA 256 -155.36 24.41 4.11
N SER RA 257 -155.06 25.69 3.84
CA SER RA 257 -153.68 26.21 3.79
C SER RA 257 -152.92 26.11 5.11
N GLY RA 258 -153.69 25.94 6.19
CA GLY RA 258 -153.07 26.09 7.48
C GLY RA 258 -153.01 24.85 8.30
N ALA RA 259 -153.43 23.64 7.84
CA ALA RA 259 -153.25 22.34 8.51
C ALA RA 259 -151.78 21.90 8.65
N LEU RA 260 -151.30 21.24 9.72
CA LEU RA 260 -151.85 20.95 11.06
C LEU RA 260 -152.05 19.47 11.21
N ARG RA 261 -151.19 18.68 10.58
CA ARG RA 261 -151.57 17.33 10.14
C ARG RA 261 -152.90 17.38 9.34
N ASP RA 262 -153.85 18.21 9.74
CA ASP RA 262 -155.17 18.58 9.26
C ASP RA 262 -155.82 19.71 10.12
N VAL RA 263 -156.77 20.31 9.44
CA VAL RA 263 -157.63 21.36 10.01
C VAL RA 263 -159.10 21.08 9.69
N ARG RA 264 -159.91 21.07 10.73
CA ARG RA 264 -161.37 20.95 10.58
C ARG RA 264 -162.07 22.15 11.19
N VAL RA 265 -163.15 22.55 10.55
CA VAL RA 265 -163.89 23.76 10.94
C VAL RA 265 -165.38 23.43 11.02
N GLY RA 266 -166.05 24.05 11.99
CA GLY RA 266 -167.51 23.88 12.17
C GLY RA 266 -168.09 25.08 12.91
N ALA RA 267 -169.37 24.96 13.24
CA ALA RA 267 -170.13 26.01 13.94
C ALA RA 267 -171.36 25.41 14.59
N HIS RA 268 -171.77 26.02 15.69
CA HIS RA 268 -172.92 25.55 16.46
C HIS RA 268 -173.78 26.73 16.92
N ALA RA 269 -174.42 27.38 15.96
CA ALA RA 269 -175.28 28.54 16.24
C ALA RA 269 -174.56 29.56 17.13
N ASP RA 270 -173.25 29.64 16.92
CA ASP RA 270 -172.55 30.73 17.58
C ASP RA 270 -171.75 31.57 16.58
N LYS RA 271 -170.47 31.49 16.26
CA LYS RA 271 -169.22 30.84 16.80
C LYS RA 271 -168.76 29.72 15.88
N VAL RA 272 -167.63 30.00 15.27
CA VAL RA 272 -166.94 29.01 14.44
C VAL RA 272 -165.75 28.48 15.24
N ARG RA 273 -165.53 27.18 15.12
CA ARG RA 273 -164.39 26.52 15.77
C ARG RA 273 -163.46 25.93 14.71
N LEU RA 274 -162.21 26.31 14.83
CA LEU RA 274 -161.15 25.80 13.95
C LEU RA 274 -160.24 24.92 14.81
N VAL RA 275 -160.03 23.71 14.30
CA VAL RA 275 -159.27 22.68 15.02
C VAL RA 275 -158.11 22.22 14.13
N LEU RA 276 -156.94 22.29 14.71
CA LEU RA 276 -155.63 21.98 14.09
C LEU RA 276 -155.01 20.79 14.79
N ASP RA 277 -155.05 19.67 14.15
CA ASP RA 277 -154.30 18.52 14.65
C ASP RA 277 -152.76 18.79 14.47
N VAL RA 278 -151.92 18.43 15.39
CA VAL RA 278 -150.51 18.81 15.21
C VAL RA 278 -149.60 17.64 14.91
N ARG RA 279 -148.44 17.94 14.34
CA ARG RA 279 -147.38 16.95 14.14
C ARG RA 279 -146.27 17.07 15.20
N GLY RA 280 -146.35 18.13 16.02
CA GLY RA 280 -145.34 18.42 17.04
C GLY RA 280 -145.85 19.46 18.05
N THR RA 281 -145.33 19.47 19.25
CA THR RA 281 -145.78 20.44 20.27
C THR RA 281 -145.52 21.88 19.80
N MET RA 282 -146.49 22.75 20.01
CA MET RA 282 -146.39 24.17 19.63
C MET RA 282 -146.60 25.10 20.82
N LYS RA 341 -134.46 27.63 39.66
CA LYS RA 341 -133.37 26.83 39.14
C LYS RA 341 -132.31 26.58 40.21
N ASP RA 342 -131.60 25.46 40.09
CA ASP RA 342 -130.58 25.10 41.06
C ASP RA 342 -129.82 23.85 40.61
N VAL RA 343 -128.62 23.67 41.15
CA VAL RA 343 -127.80 22.50 40.80
C VAL RA 343 -127.55 21.64 42.03
N ARG RA 344 -127.28 20.35 41.79
CA ARG RA 344 -127.01 19.40 42.87
C ARG RA 344 -126.08 18.30 42.40
N PHE RA 345 -125.38 17.69 43.36
CA PHE RA 345 -124.44 16.61 43.04
C PHE RA 345 -124.64 15.44 43.98
N GLU RA 346 -124.40 14.23 43.47
CA GLU RA 346 -124.56 13.01 44.26
C GLU RA 346 -123.85 11.84 43.60
N GLU RA 347 -123.93 10.67 44.04
CA GLU RA 347 -123.31 9.55 43.35
C GLU RA 347 -124.20 8.31 43.40
N SER RA 348 -124.02 7.47 42.40
CA SER RA 348 -124.69 6.19 42.41
C SER RA 348 -123.71 5.20 41.79
N SER RA 349 -124.15 3.98 41.55
CA SER RA 349 -123.14 2.93 41.15
C SER RA 349 -122.54 3.34 39.79
N SER RA 350 -123.33 3.99 38.93
CA SER RA 350 -122.79 4.53 37.67
C SER RA 350 -121.70 5.61 37.94
N GLY RA 351 -121.53 6.04 39.20
CA GLY RA 351 -120.53 7.07 39.49
C GLY RA 351 -121.12 8.39 40.01
N GLY RA 352 -120.56 9.49 39.51
CA GLY RA 352 -121.00 10.85 39.91
C GLY RA 352 -122.19 11.33 39.09
N ARG RA 353 -123.08 11.95 39.73
CA ARG RA 353 -124.37 12.40 39.22
C ARG RA 353 -124.59 13.88 39.52
N ILE RA 354 -125.12 14.59 38.54
CA ILE RA 354 -125.38 16.02 38.70
C ILE RA 354 -126.86 16.34 38.46
N VAL RA 355 -127.64 16.32 39.53
CA VAL RA 355 -129.07 16.61 39.44
C VAL RA 355 -129.32 18.11 39.35
N MET RA 356 -129.85 18.55 38.22
CA MET RA 356 -130.15 19.96 38.01
C MET RA 356 -131.65 20.22 38.03
N LYS RA 357 -132.05 21.29 38.71
CA LYS RA 357 -133.45 21.65 38.81
C LYS RA 357 -133.83 22.69 37.76
N LEU RA 358 -134.63 22.29 36.77
CA LEU RA 358 -135.06 23.19 35.72
C LEU RA 358 -136.54 23.48 35.82
N SER RA 359 -136.88 24.62 36.42
CA SER RA 359 -138.28 25.03 36.58
C SER RA 359 -138.67 26.03 35.51
N GLY RA 360 -139.53 25.60 34.58
CA GLY RA 360 -139.98 26.48 33.53
C GLY RA 360 -139.42 26.08 32.17
N THR RA 361 -139.01 24.83 32.04
CA THR RA 361 -138.45 24.34 30.79
C THR RA 361 -139.34 23.26 30.19
N SER RA 362 -139.34 23.17 28.86
CA SER RA 362 -140.15 22.18 28.16
C SER RA 362 -139.26 21.17 27.43
N GLY RA 363 -138.63 21.63 26.36
CA GLY RA 363 -137.76 20.76 25.59
C GLY RA 363 -136.53 20.32 26.37
N TRP RA 364 -135.42 20.13 25.65
CA TRP RA 364 -134.18 19.71 26.28
C TRP RA 364 -133.03 20.66 25.92
N LYS RA 365 -132.13 20.88 26.89
CA LYS RA 365 -130.97 21.76 26.70
C LYS RA 365 -129.95 21.18 25.73
N VAL RA 366 -128.87 21.93 25.50
CA VAL RA 366 -127.82 21.48 24.59
C VAL RA 366 -126.66 20.87 25.37
N ASP RA 367 -126.56 19.55 25.32
CA ASP RA 367 -125.49 18.83 26.01
C ASP RA 367 -124.23 18.77 25.16
N ARG RA 368 -123.16 19.37 25.66
CA ARG RA 368 -121.88 19.37 24.95
C ARG RA 368 -120.79 18.69 25.78
N PRO RA 369 -120.57 17.40 25.50
CA PRO RA 369 -119.55 16.64 26.20
C PRO RA 369 -118.17 16.94 25.66
N ASP RA 370 -117.37 17.65 26.47
CA ASP RA 370 -116.01 18.00 26.07
C ASP RA 370 -114.99 17.15 26.81
N PRO RA 371 -113.74 17.22 26.36
CA PRO RA 371 -112.66 16.45 26.98
C PRO RA 371 -112.21 17.10 28.29
N ARG RA 372 -112.62 18.35 28.49
CA ARG RA 372 -112.26 19.07 29.70
C ARG RA 372 -113.43 19.13 30.67
N SER RA 373 -114.53 19.74 30.25
CA SER RA 373 -115.73 19.85 31.09
C SER RA 373 -116.99 19.63 30.27
N ALA RA 374 -118.14 19.95 30.87
CA ALA RA 374 -119.42 19.78 30.19
C ALA RA 374 -120.11 21.12 30.00
N VAL RA 375 -121.02 21.17 29.04
CA VAL RA 375 -121.76 22.40 28.76
C VAL RA 375 -123.26 22.12 28.59
N LEU RA 376 -124.08 22.89 29.29
CA LEU RA 376 -125.53 22.71 29.21
C LEU RA 376 -126.23 24.07 29.14
N THR RA 377 -126.79 24.37 27.98
CA THR RA 377 -127.49 25.64 27.77
C THR RA 377 -129.00 25.43 27.79
N LEU RA 378 -129.71 26.33 28.46
CA LEU RA 378 -131.17 26.25 28.54
C LEU RA 378 -131.82 27.55 28.09
N ASP RA 379 -132.27 27.56 26.83
CA ASP RA 379 -132.91 28.75 26.26
C ASP RA 379 -134.13 29.14 27.09
N ASN RA 380 -134.26 30.44 27.35
CA ASN RA 380 -135.39 30.95 28.13
C ASN RA 380 -135.37 30.38 29.54
N ALA RA 381 -134.19 30.04 30.03
CA ALA RA 381 -134.03 29.48 31.37
C ALA RA 381 -133.04 30.30 32.19
N ARG RA 382 -132.83 31.55 31.78
CA ARG RA 382 -131.89 32.43 32.47
C ARG RA 382 -132.10 32.37 33.98
N LEU RA 383 -131.09 31.87 34.69
CA LEU RA 383 -131.15 31.76 36.14
C LEU RA 383 -130.45 32.94 36.81
N PRO RA 384 -130.93 33.34 37.99
CA PRO RA 384 -130.36 34.45 38.76
C PRO RA 384 -129.00 34.11 39.33
N LYS RA 385 -128.17 35.13 39.55
CA LYS RA 385 -126.83 34.94 40.09
C LYS RA 385 -126.90 34.39 41.52
N LYS RA 386 -128.09 34.43 42.11
CA LYS RA 386 -128.28 33.94 43.47
C LYS RA 386 -128.56 32.44 43.47
N PHE RA 387 -128.42 31.81 42.32
CA PHE RA 387 -128.66 30.38 42.19
C PHE RA 387 -127.56 29.71 41.35
N GLU RA 388 -126.53 30.48 41.03
CA GLU RA 388 -125.43 29.97 40.23
C GLU RA 388 -124.32 29.41 41.13
N ARG RA 389 -124.70 29.02 42.34
CA ARG RA 389 -123.74 28.47 43.30
C ARG RA 389 -123.02 27.27 42.71
N SER RA 390 -121.77 27.06 43.14
CA SER RA 390 -120.97 25.94 42.66
C SER RA 390 -120.84 24.87 43.72
N LEU RA 391 -120.40 23.68 43.30
CA LEU RA 391 -120.23 22.56 44.23
C LEU RA 391 -118.79 22.46 44.70
N ASP RA 392 -118.57 21.65 45.73
CA ASP RA 392 -117.23 21.46 46.29
C ASP RA 392 -116.93 19.98 46.48
N THR RA 393 -117.37 19.16 45.53
CA THR RA 393 -117.15 17.72 45.59
C THR RA 393 -115.70 17.37 45.22
N SER RA 394 -114.76 17.86 46.01
CA SER RA 394 -113.35 17.59 45.76
C SER RA 394 -112.88 16.35 46.51
N ALA RA 395 -112.11 15.50 45.83
CA ALA RA 395 -111.60 14.28 46.44
C ALA RA 395 -112.74 13.33 46.80
N LEU RA 396 -113.79 13.32 45.97
CA LEU RA 396 -114.94 12.46 46.21
C LEU RA 396 -114.78 11.12 45.49
N ASP RA 397 -113.61 10.91 44.90
CA ASP RA 397 -113.32 9.68 44.17
C ASP RA 397 -114.31 9.48 43.03
N THR RA 398 -114.52 10.54 42.26
CA THR RA 398 -115.44 10.49 41.12
C THR RA 398 -114.83 11.16 39.90
N PRO RA 399 -115.39 10.85 38.72
CA PRO RA 399 -114.92 11.42 37.44
C PRO RA 399 -115.24 12.91 37.32
N VAL RA 400 -116.11 13.39 38.19
CA VAL RA 400 -116.49 14.80 38.17
C VAL RA 400 -115.64 15.62 39.13
N LYS RA 401 -114.76 16.44 38.57
CA LYS RA 401 -113.88 17.28 39.38
C LYS RA 401 -114.68 18.17 40.31
N MET RA 402 -115.59 18.96 39.74
CA MET RA 402 -116.42 19.86 40.53
C MET RA 402 -117.47 20.53 39.64
N ILE RA 403 -118.68 20.66 40.17
CA ILE RA 403 -119.78 21.29 39.43
C ILE RA 403 -119.76 22.81 39.61
N SER RA 404 -120.00 23.53 38.53
CA SER RA 404 -120.01 24.99 38.56
C SER RA 404 -121.19 25.54 37.77
N ALA RA 405 -122.00 26.37 38.43
CA ALA RA 405 -123.17 26.97 37.79
C ALA RA 405 -122.92 28.44 37.48
N PHE RA 406 -123.29 28.87 36.28
CA PHE RA 406 -123.11 30.25 35.86
C PHE RA 406 -124.32 30.74 35.06
N SER RA 407 -124.81 31.92 35.41
CA SER RA 407 -125.97 32.50 34.72
C SER RA 407 -125.55 33.08 33.37
N VAL RA 408 -125.19 34.37 33.34
CA VAL RA 408 -124.92 35.02 32.06
C VAL RA 408 -123.75 34.38 31.32
N PRO RA 409 -123.92 34.23 30.00
CA PRO RA 409 -122.74 33.79 29.23
C PRO RA 409 -122.79 34.42 27.83
N GLY RA 410 -123.47 35.58 27.70
CA GLY RA 410 -123.37 36.35 26.48
C GLY RA 410 -124.51 36.15 25.50
N ALA RA 411 -125.49 35.36 25.87
CA ALA RA 411 -126.67 35.12 25.03
C ALA RA 411 -127.91 35.44 25.87
N GLY RA 412 -128.76 36.34 25.37
CA GLY RA 412 -130.01 36.61 26.09
C GLY RA 412 -130.76 35.32 26.41
N GLY RA 413 -131.32 35.28 27.60
CA GLY RA 413 -132.21 34.27 28.13
C GLY RA 413 -131.57 32.90 28.38
N LYS RA 414 -130.37 32.62 27.91
CA LYS RA 414 -129.71 31.34 28.02
C LYS RA 414 -129.05 31.15 29.37
N VAL RA 415 -128.94 29.90 29.81
CA VAL RA 415 -128.10 29.57 30.98
C VAL RA 415 -127.06 28.50 30.63
N ARG RA 416 -126.06 28.41 31.52
CA ARG RA 416 -124.92 27.56 31.18
C ARG RA 416 -124.43 26.78 32.40
N LEU RA 417 -124.00 25.55 32.19
CA LEU RA 417 -123.51 24.71 33.26
C LEU RA 417 -122.11 24.17 32.94
N VAL RA 418 -121.23 24.22 33.93
CA VAL RA 418 -119.86 23.74 33.77
C VAL RA 418 -119.55 22.62 34.74
N VAL RA 419 -119.42 21.40 34.22
CA VAL RA 419 -119.11 20.24 35.05
C VAL RA 419 -117.72 19.70 34.72
N ALA RA 420 -116.70 20.24 35.39
CA ALA RA 420 -115.33 19.80 35.17
C ALA RA 420 -115.19 18.31 35.43
N ALA RA 421 -114.40 17.64 34.59
CA ALA RA 421 -114.18 16.20 34.71
C ALA RA 421 -112.70 15.86 34.63
N ASP RA 422 -112.38 14.58 34.70
CA ASP RA 422 -111.00 14.12 34.64
C ASP RA 422 -110.92 12.72 34.03
N GLY RA 423 -109.80 12.43 33.37
CA GLY RA 423 -109.62 11.12 32.76
C GLY RA 423 -110.78 10.73 31.88
N ALA RA 424 -110.76 9.49 31.39
CA ALA RA 424 -111.81 8.99 30.52
C ALA RA 424 -113.12 8.82 31.29
N ILE RA 425 -114.22 9.27 30.68
CA ILE RA 425 -115.54 9.15 31.31
C ILE RA 425 -116.64 9.20 30.28
N GLU RA 426 -117.87 8.98 30.72
CA GLU RA 426 -119.02 9.00 29.82
C GLU RA 426 -120.17 9.80 30.42
N GLU RA 427 -120.87 10.56 29.58
CA GLU RA 427 -122.00 11.37 30.03
C GLU RA 427 -123.32 10.67 29.74
N LYS RA 428 -124.25 10.75 30.69
CA LYS RA 428 -125.56 10.13 30.53
C LYS RA 428 -126.66 11.02 31.11
N VAL RA 429 -127.47 11.58 30.23
CA VAL RA 429 -128.56 12.46 30.65
C VAL RA 429 -129.83 11.65 30.91
N SER RA 430 -130.55 12.03 31.95
CA SER RA 430 -131.80 11.36 32.32
C SER RA 430 -132.89 12.36 32.65
N GLN RA 431 -134.06 12.16 32.06
CA GLN RA 431 -135.19 13.05 32.30
C GLN RA 431 -136.34 12.31 32.98
N SER RA 432 -136.36 12.37 34.31
CA SER RA 432 -137.40 11.71 35.08
C SER RA 432 -138.71 12.48 35.03
N ALA RA 433 -138.66 13.67 34.44
CA ALA RA 433 -139.85 14.51 34.32
C ALA RA 433 -139.53 15.80 33.57
N GLY RA 434 -140.58 16.45 33.04
CA GLY RA 434 -140.44 17.70 32.29
C GLY RA 434 -140.03 18.87 33.18
N THR RA 435 -138.75 18.92 33.52
CA THR RA 435 -138.24 20.00 34.36
C THR RA 435 -137.04 19.58 35.17
N LEU RA 436 -136.94 18.29 35.47
CA LEU RA 436 -135.82 17.76 36.25
C LEU RA 436 -134.79 17.11 35.34
N SER RA 437 -133.59 17.68 35.34
CA SER RA 437 -132.50 17.16 34.51
C SER RA 437 -131.43 16.50 35.38
N TRP RA 438 -130.78 15.48 34.82
CA TRP RA 438 -129.74 14.75 35.54
C TRP RA 438 -128.59 14.38 34.61
N ARG RA 439 -127.39 14.26 35.18
CA ARG RA 439 -126.20 13.91 34.40
C ARG RA 439 -125.36 12.88 35.14
N LEU RA 440 -125.43 11.63 34.68
CA LEU RA 440 -124.67 10.55 35.30
C LEU RA 440 -123.28 10.45 34.70
N TYR RA 477 -87.39 -11.41 50.85
CA TYR RA 477 -87.60 -12.81 50.44
C TYR RA 477 -88.81 -13.36 51.16
N ARG RA 478 -89.95 -12.71 50.89
CA ARG RA 478 -91.26 -13.20 51.28
C ARG RA 478 -92.30 -12.42 50.49
N GLY RA 479 -93.35 -13.09 50.03
CA GLY RA 479 -94.33 -12.46 49.17
C GLY RA 479 -95.67 -13.17 49.06
N LYS RA 480 -96.67 -12.52 48.43
CA LYS RA 480 -97.89 -13.22 47.99
C LYS RA 480 -97.54 -14.34 47.01
N ARG RA 481 -98.38 -15.36 47.01
CA ARG RA 481 -98.34 -16.48 46.05
C ARG RA 481 -98.95 -16.13 44.73
N VAL RA 482 -98.34 -16.71 43.71
CA VAL RA 482 -98.52 -16.31 42.33
C VAL RA 482 -98.38 -17.52 41.41
N SER RA 483 -98.74 -17.32 40.14
CA SER RA 483 -98.42 -18.26 39.08
C SER RA 483 -97.80 -17.44 37.96
N PHE RA 484 -96.55 -17.74 37.65
CA PHE RA 484 -95.80 -17.13 36.57
C PHE RA 484 -95.84 -17.86 35.28
N GLU RA 485 -96.51 -17.30 34.30
CA GLU RA 485 -96.52 -17.88 32.98
C GLU RA 485 -95.94 -16.86 32.02
N PHE RA 486 -94.76 -17.19 31.47
CA PHE RA 486 -94.00 -16.37 30.51
C PHE RA 486 -93.64 -17.14 29.27
N LYS RA 487 -94.33 -16.85 28.18
CA LYS RA 487 -94.09 -17.52 26.90
C LYS RA 487 -93.30 -16.63 25.96
N ASP RA 488 -91.99 -16.75 26.01
CA ASP RA 488 -91.08 -16.09 25.06
C ASP RA 488 -91.22 -14.57 25.28
N ILE RA 489 -90.70 -14.11 26.44
CA ILE RA 489 -90.74 -12.68 26.83
C ILE RA 489 -89.41 -12.20 27.37
N ASP RA 490 -89.16 -10.92 27.17
CA ASP RA 490 -87.95 -10.30 27.69
C ASP RA 490 -87.91 -10.38 29.21
N ILE RA 491 -86.77 -10.80 29.77
CA ILE RA 491 -86.62 -10.84 31.23
C ILE RA 491 -86.85 -9.45 31.83
N GLN RA 492 -86.52 -8.38 31.08
CA GLN RA 492 -86.83 -7.01 31.45
C GLN RA 492 -88.33 -6.77 31.59
N ASN RA 493 -89.13 -7.33 30.69
CA ASN RA 493 -90.57 -7.30 30.84
C ASN RA 493 -90.98 -8.08 32.07
N LEU RA 494 -90.52 -9.32 32.25
CA LEU RA 494 -90.90 -10.07 33.45
C LEU RA 494 -90.56 -9.32 34.71
N LEU RA 495 -89.39 -8.73 34.73
CA LEU RA 495 -88.99 -7.87 35.81
C LEU RA 495 -89.98 -6.74 36.10
N ARG RA 496 -90.32 -5.91 35.10
CA ARG RA 496 -91.23 -4.78 35.25
C ARG RA 496 -92.58 -5.20 35.72
N VAL RA 497 -93.06 -6.25 35.09
CA VAL RA 497 -94.29 -6.89 35.48
C VAL RA 497 -94.20 -7.23 36.98
N ILE RA 498 -93.10 -7.87 37.36
CA ILE RA 498 -92.84 -8.17 38.76
C ILE RA 498 -92.77 -6.87 39.57
N ALA RA 499 -92.21 -5.75 39.16
CA ALA RA 499 -92.38 -4.49 39.91
C ALA RA 499 -93.82 -3.91 39.95
N GLU RA 500 -94.62 -4.08 38.89
CA GLU RA 500 -96.02 -3.61 38.78
C GLU RA 500 -97.00 -4.34 39.72
N ILE RA 501 -96.57 -5.49 40.20
CA ILE RA 501 -97.24 -6.33 41.18
C ILE RA 501 -96.68 -6.01 42.63
N SER RA 502 -95.95 -4.90 42.90
CA SER RA 502 -95.46 -4.45 44.26
C SER RA 502 -94.38 -5.33 44.88
N LYS RA 503 -93.84 -6.19 44.03
CA LYS RA 503 -92.65 -6.96 44.30
C LYS RA 503 -91.44 -6.09 44.08
N LYS RA 504 -91.31 -5.14 45.01
CA LYS RA 504 -90.35 -4.05 44.98
C LYS RA 504 -90.64 -3.10 43.81
N ASN RA 505 -89.79 -2.10 43.67
CA ASN RA 505 -89.55 -1.50 42.37
C ASN RA 505 -88.32 -2.17 41.79
N ILE RA 506 -88.49 -2.99 40.76
CA ILE RA 506 -87.36 -3.62 40.09
C ILE RA 506 -86.92 -2.77 38.88
N VAL RA 507 -85.60 -2.58 38.72
CA VAL RA 507 -84.95 -1.95 37.56
C VAL RA 507 -83.75 -2.80 37.12
N VAL RA 508 -83.63 -3.11 35.83
CA VAL RA 508 -82.42 -3.80 35.32
C VAL RA 508 -81.27 -2.76 35.15
N ALA RA 509 -80.08 -3.24 34.75
CA ALA RA 509 -79.19 -2.47 33.85
C ALA RA 509 -79.89 -2.21 32.49
N ASP RA 510 -79.18 -1.83 31.43
CA ASP RA 510 -79.84 -1.76 30.10
C ASP RA 510 -79.88 -3.18 29.49
N ASP RA 511 -78.74 -3.64 28.94
CA ASP RA 511 -78.71 -4.93 28.25
C ASP RA 511 -78.29 -6.04 29.20
N VAL RA 512 -79.30 -6.64 29.81
CA VAL RA 512 -79.12 -7.74 30.75
C VAL RA 512 -78.93 -9.09 30.07
N SER RA 513 -79.67 -9.42 29.01
CA SER RA 513 -79.76 -10.83 28.58
C SER RA 513 -80.54 -10.95 27.27
N GLY RA 514 -81.85 -11.18 27.41
CA GLY RA 514 -82.77 -11.34 26.31
C GLY RA 514 -84.11 -11.82 26.84
N LYS RA 515 -84.61 -12.82 26.12
CA LYS RA 515 -85.91 -13.44 26.29
C LYS RA 515 -85.82 -14.81 26.95
N VAL RA 516 -86.81 -15.15 27.80
CA VAL RA 516 -86.93 -16.46 28.46
C VAL RA 516 -88.36 -16.97 28.49
N THR RA 517 -88.48 -18.29 28.65
CA THR RA 517 -89.73 -18.99 28.91
C THR RA 517 -89.73 -19.75 30.23
N ILE RA 518 -90.72 -19.46 31.08
CA ILE RA 518 -90.99 -20.22 32.32
C ILE RA 518 -92.51 -20.35 32.53
N ARG RA 519 -92.97 -21.35 33.26
CA ARG RA 519 -94.35 -21.49 33.75
C ARG RA 519 -94.53 -22.16 35.11
N LEU RA 520 -94.82 -21.32 36.07
CA LEU RA 520 -94.91 -21.63 37.47
C LEU RA 520 -96.36 -21.61 37.91
N ARG RA 521 -96.65 -22.45 38.90
CA ARG RA 521 -97.91 -22.35 39.63
C ARG RA 521 -97.65 -22.41 41.13
N ASN RA 522 -98.47 -21.66 41.86
CA ASN RA 522 -98.48 -21.63 43.34
C ASN RA 522 -97.13 -21.26 43.96
N VAL RA 523 -96.37 -20.35 43.37
CA VAL RA 523 -95.04 -19.98 43.89
C VAL RA 523 -95.12 -18.55 44.33
N PRO RA 524 -94.77 -18.16 45.57
CA PRO RA 524 -94.48 -16.78 45.90
C PRO RA 524 -93.43 -16.23 44.99
N TRP RA 525 -93.63 -14.98 44.67
CA TRP RA 525 -92.87 -14.39 43.61
C TRP RA 525 -91.38 -14.26 43.81
N ASP RA 526 -90.99 -13.95 45.04
CA ASP RA 526 -89.62 -13.64 45.46
C ASP RA 526 -88.73 -14.86 45.31
N GLN RA 527 -89.41 -15.99 45.39
CA GLN RA 527 -88.91 -17.24 44.96
C GLN RA 527 -88.98 -17.44 43.45
N ALA RA 528 -90.14 -17.25 42.80
CA ALA RA 528 -90.23 -17.42 41.35
C ALA RA 528 -89.15 -16.59 40.64
N LEU RA 529 -88.80 -15.42 41.20
CA LEU RA 529 -87.63 -14.60 40.92
C LEU RA 529 -86.31 -15.34 41.10
N ASP RA 530 -85.92 -15.80 42.29
CA ASP RA 530 -84.64 -16.52 42.51
C ASP RA 530 -84.43 -17.64 41.50
N LEU RA 531 -85.55 -18.29 41.29
CA LEU RA 531 -85.72 -19.31 40.32
C LEU RA 531 -85.59 -18.82 38.86
N VAL RA 532 -86.04 -17.59 38.54
CA VAL RA 532 -85.92 -16.98 37.19
C VAL RA 532 -84.47 -16.66 36.88
N LEU RA 533 -83.75 -16.10 37.87
CA LEU RA 533 -82.30 -15.85 37.87
C LEU RA 533 -81.52 -17.07 37.36
N ARG RA 534 -81.77 -18.21 38.01
CA ARG RA 534 -81.15 -19.52 37.68
C ARG RA 534 -81.44 -20.10 36.31
N THR RA 535 -82.60 -19.71 35.76
CA THR RA 535 -82.97 -20.17 34.42
C THR RA 535 -81.93 -19.72 33.39
N LYS RA 536 -81.83 -18.42 33.21
CA LYS RA 536 -81.00 -17.74 32.20
C LYS RA 536 -80.45 -16.43 32.76
N ALA RA 537 -81.39 -15.89 33.51
CA ALA RA 537 -81.46 -14.55 33.94
C ALA RA 537 -80.36 -14.33 34.99
N LEU RA 538 -80.52 -13.18 35.58
CA LEU RA 538 -79.44 -12.42 36.16
C LEU RA 538 -79.16 -12.83 37.60
N GLY RA 539 -78.37 -12.07 38.34
CA GLY RA 539 -78.48 -11.98 39.80
C GLY RA 539 -79.13 -10.66 40.23
N LYS RA 540 -79.75 -10.62 41.42
CA LYS RA 540 -80.39 -9.40 41.96
C LYS RA 540 -79.58 -8.80 43.12
N GLU RA 541 -79.48 -7.48 43.13
CA GLU RA 541 -78.97 -6.67 44.25
C GLU RA 541 -80.01 -5.62 44.65
N GLU RA 542 -80.37 -5.52 45.93
CA GLU RA 542 -81.34 -4.55 46.40
C GLU RA 542 -80.70 -3.35 47.10
N PHE RA 543 -81.05 -2.15 46.63
CA PHE RA 543 -80.78 -0.90 47.35
C PHE RA 543 -81.66 -0.66 48.58
N GLY RA 544 -82.92 -1.10 48.46
CA GLY RA 544 -83.91 -1.22 49.54
C GLY RA 544 -85.31 -0.95 48.98
N ASN RA 545 -85.52 0.29 48.53
CA ASN RA 545 -86.75 0.67 47.83
C ASN RA 545 -86.78 0.15 46.37
N ILE RA 546 -85.67 0.39 45.67
CA ILE RA 546 -85.44 -0.12 44.33
C ILE RA 546 -84.46 -1.30 44.45
N ILE RA 547 -84.52 -2.20 43.48
CA ILE RA 547 -83.56 -3.29 43.33
C ILE RA 547 -82.96 -3.17 41.92
N ARG RA 548 -81.65 -3.34 41.80
CA ARG RA 548 -80.98 -3.45 40.50
C ARG RA 548 -80.67 -4.89 40.15
N ILE RA 549 -80.98 -5.23 38.91
CA ILE RA 549 -80.67 -6.54 38.36
C ILE RA 549 -79.67 -6.40 37.24
N ALA RA 550 -78.60 -7.17 37.32
CA ALA RA 550 -77.51 -7.05 36.38
C ALA RA 550 -77.11 -8.39 35.74
N PRO RA 551 -76.56 -8.32 34.52
CA PRO RA 551 -75.90 -9.42 33.79
C PRO RA 551 -74.54 -9.81 34.37
N ASP RA 574 -92.80 -26.22 28.18
CA ASP RA 574 -92.55 -25.44 29.38
C ASP RA 574 -91.65 -26.11 30.42
N LEU RA 575 -91.05 -25.16 31.12
CA LEU RA 575 -90.49 -25.36 32.42
C LEU RA 575 -91.55 -25.03 33.35
N MET RA 576 -91.48 -25.74 34.45
CA MET RA 576 -92.42 -25.47 35.46
C MET RA 576 -91.85 -25.56 36.82
N VAL RA 577 -92.63 -24.91 37.65
CA VAL RA 577 -92.43 -24.94 39.07
C VAL RA 577 -93.63 -25.49 39.74
N ASN RA 578 -93.29 -26.35 40.67
CA ASN RA 578 -94.20 -27.08 41.49
C ASN RA 578 -93.64 -27.11 42.90
N LEU RA 579 -94.54 -26.92 43.86
CA LEU RA 579 -94.29 -27.05 45.28
C LEU RA 579 -94.62 -28.51 45.64
N LEU RA 580 -93.66 -29.17 46.28
CA LEU RA 580 -93.81 -30.48 46.89
C LEU RA 580 -94.00 -30.26 48.40
N PRO RA 581 -95.14 -30.64 49.00
CA PRO RA 581 -95.16 -30.75 50.46
C PRO RA 581 -94.31 -31.95 50.84
N VAL RA 582 -93.56 -31.81 51.94
CA VAL RA 582 -92.93 -32.94 52.63
C VAL RA 582 -93.60 -33.05 53.98
N ASN RA 583 -94.56 -33.97 54.10
CA ASN RA 583 -95.29 -34.09 55.36
C ASN RA 583 -94.45 -34.78 56.44
N TYR RA 584 -93.76 -35.86 56.06
CA TYR RA 584 -93.18 -36.78 57.03
C TYR RA 584 -91.70 -36.57 57.33
N ALA RA 585 -90.88 -36.45 56.28
CA ALA RA 585 -89.44 -36.25 56.43
C ALA RA 585 -89.05 -34.77 56.59
N VAL RA 586 -87.82 -34.51 57.02
CA VAL RA 586 -87.22 -33.17 56.92
C VAL RA 586 -86.71 -32.94 55.49
N ALA RA 587 -86.87 -31.72 54.98
CA ALA RA 587 -86.44 -31.37 53.61
C ALA RA 587 -84.93 -31.54 53.38
N ALA RA 588 -84.10 -31.24 54.39
CA ALA RA 588 -82.65 -31.31 54.30
C ALA RA 588 -82.11 -32.74 54.06
N ASP RA 589 -82.82 -33.78 54.52
CA ASP RA 589 -82.44 -35.18 54.30
C ASP RA 589 -82.53 -35.61 52.82
N MET RA 590 -83.45 -34.99 52.09
CA MET RA 590 -83.54 -35.13 50.62
C MET RA 590 -82.36 -34.50 49.88
N ALA RA 591 -81.68 -33.50 50.46
CA ALA RA 591 -80.72 -32.65 49.76
C ALA RA 591 -79.59 -33.45 49.09
N ALA RA 592 -79.08 -34.50 49.74
CA ALA RA 592 -78.04 -35.36 49.17
C ALA RA 592 -78.49 -36.02 47.85
N ARG RA 593 -79.66 -36.69 47.87
CA ARG RA 593 -80.23 -37.36 46.69
C ARG RA 593 -80.68 -36.41 45.59
N VAL RA 594 -81.28 -35.30 45.97
CA VAL RA 594 -81.78 -34.30 45.02
C VAL RA 594 -80.60 -33.63 44.31
N LYS RA 595 -79.53 -33.27 45.05
CA LYS RA 595 -78.29 -32.74 44.47
C LYS RA 595 -77.69 -33.74 43.47
N ASP RA 596 -77.74 -35.02 43.81
CA ASP RA 596 -77.23 -36.10 42.96
C ASP RA 596 -77.99 -36.32 41.62
N VAL RA 597 -79.32 -36.11 41.54
CA VAL RA 597 -79.98 -36.05 40.20
C VAL RA 597 -79.49 -34.86 39.39
N LEU RA 598 -79.42 -33.65 39.98
CA LEU RA 598 -79.11 -32.43 39.21
C LEU RA 598 -77.80 -32.59 38.45
N SER RA 599 -76.76 -33.13 39.11
CA SER RA 599 -75.41 -33.17 38.54
C SER RA 599 -75.01 -31.75 38.07
N GLU RA 600 -74.47 -31.63 36.86
CA GLU RA 600 -74.25 -30.38 36.13
C GLU RA 600 -75.47 -29.96 35.27
N ARG RA 601 -76.69 -30.37 35.64
CA ARG RA 601 -77.90 -29.90 34.99
C ARG RA 601 -78.54 -28.69 35.68
N GLY RA 602 -79.49 -28.25 34.88
CA GLY RA 602 -80.42 -27.17 35.05
C GLY RA 602 -81.80 -27.64 35.30
N SER RA 603 -82.38 -26.77 36.08
CA SER RA 603 -83.04 -27.24 37.26
C SER RA 603 -82.38 -26.69 38.48
N VAL RA 604 -83.22 -26.53 39.47
CA VAL RA 604 -82.81 -26.31 40.83
C VAL RA 604 -83.90 -26.75 41.78
N THR RA 605 -83.48 -26.86 43.02
CA THR RA 605 -84.31 -27.11 44.19
C THR RA 605 -84.11 -26.00 45.23
N VAL RA 606 -85.20 -25.47 45.79
CA VAL RA 606 -85.22 -24.48 46.88
C VAL RA 606 -85.97 -25.04 48.07
N ASP RA 607 -85.35 -24.91 49.23
CA ASP RA 607 -85.95 -25.35 50.49
C ASP RA 607 -86.59 -24.15 51.20
N GLN RA 608 -87.93 -24.17 51.29
CA GLN RA 608 -88.63 -23.17 52.09
C GLN RA 608 -88.69 -23.60 53.55
N ARG RA 609 -88.81 -22.60 54.43
CA ARG RA 609 -88.78 -22.78 55.90
C ARG RA 609 -89.84 -23.73 56.45
N THR RA 610 -91.02 -23.75 55.83
CA THR RA 610 -92.14 -24.60 56.24
C THR RA 610 -92.02 -26.04 55.71
N ASN RA 611 -90.79 -26.54 55.52
CA ASN RA 611 -90.46 -27.88 55.00
C ASN RA 611 -91.28 -28.27 53.75
N VAL RA 612 -91.22 -27.37 52.76
CA VAL RA 612 -91.66 -27.67 51.39
C VAL RA 612 -90.49 -27.50 50.45
N LEU RA 613 -90.34 -28.44 49.51
CA LEU RA 613 -89.39 -28.27 48.42
C LEU RA 613 -90.05 -27.57 47.26
N ILE RA 614 -89.27 -26.75 46.57
CA ILE RA 614 -89.69 -26.15 45.31
C ILE RA 614 -88.65 -26.40 44.25
N VAL RA 615 -89.13 -26.85 43.10
CA VAL RA 615 -88.30 -27.13 41.94
C VAL RA 615 -88.64 -26.25 40.75
N LYS RA 616 -87.67 -25.56 40.13
CA LYS RA 616 -87.82 -25.16 38.72
C LYS RA 616 -87.01 -26.12 37.95
N ASP RA 617 -87.52 -26.40 36.76
CA ASP RA 617 -86.83 -27.12 35.71
C ASP RA 617 -87.73 -27.39 34.53
N VAL RA 618 -87.16 -28.05 33.52
CA VAL RA 618 -87.93 -28.80 32.54
C VAL RA 618 -88.91 -29.71 33.27
N ARG RA 619 -90.05 -30.01 32.64
CA ARG RA 619 -90.98 -31.02 33.17
C ARG RA 619 -90.30 -32.36 33.48
N SER RA 620 -89.38 -32.83 32.63
CA SER RA 620 -88.75 -34.15 32.79
C SER RA 620 -87.85 -34.22 34.04
N ASN RA 621 -87.08 -33.18 34.36
CA ASN RA 621 -86.33 -33.11 35.61
C ASN RA 621 -87.25 -32.85 36.82
N THR RA 622 -88.34 -32.04 36.70
CA THR RA 622 -89.36 -31.90 37.77
C THR RA 622 -89.97 -33.26 38.17
N GLU RA 623 -90.37 -34.03 37.15
CA GLU RA 623 -91.00 -35.32 37.32
C GLU RA 623 -90.10 -36.26 38.13
N ARG RA 624 -88.82 -36.34 37.75
CA ARG RA 624 -87.81 -37.14 38.47
C ARG RA 624 -87.71 -36.70 39.92
N ALA RA 625 -87.48 -35.41 40.16
CA ALA RA 625 -87.35 -34.86 41.51
C ALA RA 625 -88.62 -35.14 42.36
N ARG RA 626 -89.83 -34.95 41.82
CA ARG RA 626 -91.08 -35.31 42.53
C ARG RA 626 -91.14 -36.79 42.87
N SER RA 627 -90.87 -37.68 41.90
CA SER RA 627 -90.93 -39.12 42.14
C SER RA 627 -90.00 -39.56 43.28
N LEU RA 628 -88.79 -39.00 43.37
CA LEU RA 628 -87.85 -39.28 44.45
C LEU RA 628 -88.31 -38.67 45.79
N VAL RA 629 -88.73 -37.40 45.80
CA VAL RA 629 -89.20 -36.72 47.04
C VAL RA 629 -90.40 -37.47 47.59
N ARG RA 630 -91.42 -37.76 46.77
CA ARG RA 630 -92.58 -38.52 47.24
C ARG RA 630 -92.21 -39.94 47.66
N SER RA 631 -91.33 -40.62 46.94
CA SER RA 631 -90.92 -42.00 47.26
C SER RA 631 -90.23 -42.09 48.62
N LEU RA 632 -89.30 -41.16 48.91
CA LEU RA 632 -88.69 -41.04 50.22
C LEU RA 632 -89.62 -40.50 51.29
N ASP RA 633 -90.55 -39.60 50.93
CA ASP RA 633 -91.59 -39.19 51.86
C ASP RA 633 -92.31 -40.50 52.19
N THR RA 634 -92.83 -41.31 51.23
CA THR RA 634 -93.62 -42.54 51.50
C THR RA 634 -93.08 -43.58 52.50
N GLN RA 635 -91.78 -43.78 52.66
CA GLN RA 635 -91.28 -44.65 53.74
C GLN RA 635 -91.34 -44.00 55.14
N THR RA 636 -91.22 -42.68 55.19
CA THR RA 636 -91.55 -41.81 56.33
C THR RA 636 -93.03 -41.75 56.85
N PRO RA 637 -94.12 -41.80 56.04
CA PRO RA 637 -95.49 -42.02 56.51
C PRO RA 637 -95.79 -43.32 57.23
N GLN RA 638 -95.08 -44.42 56.95
CA GLN RA 638 -95.29 -45.60 57.81
C GLN RA 638 -94.59 -45.38 59.14
N VAL RA 639 -95.34 -44.77 60.07
CA VAL RA 639 -94.89 -44.49 61.43
C VAL RA 639 -95.18 -45.68 62.36
N CYS SA 5 -5.10 50.49 -55.24
CA CYS SA 5 -5.57 50.32 -53.87
C CYS SA 5 -6.25 51.63 -53.38
N GLU SA 6 -6.80 51.62 -52.16
CA GLU SA 6 -7.11 52.85 -51.41
C GLU SA 6 -6.09 53.06 -50.26
N GLU SA 7 -5.64 54.30 -50.12
CA GLU SA 7 -4.56 54.77 -49.24
C GLU SA 7 -5.11 55.14 -47.80
N PRO SA 8 -4.33 55.72 -46.85
CA PRO SA 8 -4.65 55.83 -45.42
C PRO SA 8 -6.09 56.17 -44.97
N PRO SA 9 -6.54 57.42 -45.20
CA PRO SA 9 -7.70 57.59 -46.06
C PRO SA 9 -7.33 57.58 -47.54
N ALA SA 10 -8.33 57.37 -48.39
CA ALA SA 10 -8.25 57.39 -49.84
C ALA SA 10 -7.75 58.78 -50.36
N PRO SA 11 -7.91 59.13 -51.65
CA PRO SA 11 -7.71 60.52 -52.11
C PRO SA 11 -8.69 61.54 -51.43
N ALA SA 12 -9.23 62.58 -52.08
CA ALA SA 12 -10.04 63.59 -51.33
C ALA SA 12 -11.58 63.78 -51.54
N PRO SA 13 -12.29 63.37 -52.64
CA PRO SA 13 -13.74 63.70 -52.78
C PRO SA 13 -14.87 62.80 -52.16
N PRO SA 14 -14.64 61.63 -51.51
CA PRO SA 14 -13.61 61.35 -50.53
C PRO SA 14 -12.47 60.40 -50.97
N PRO SA 15 -12.32 59.85 -52.21
CA PRO SA 15 -13.26 59.51 -53.27
C PRO SA 15 -14.27 58.41 -52.97
N ALA SA 16 -15.33 58.45 -53.78
CA ALA SA 16 -16.30 57.39 -54.08
C ALA SA 16 -16.99 56.68 -52.90
N LYS SA 17 -16.44 56.64 -51.68
CA LYS SA 17 -17.02 55.92 -50.52
C LYS SA 17 -18.24 56.55 -49.84
N PRO SA 18 -18.88 57.61 -50.37
CA PRO SA 18 -20.32 57.79 -50.21
C PRO SA 18 -21.20 56.69 -50.80
N LYS SA 19 -20.77 56.06 -51.91
CA LYS SA 19 -21.56 55.03 -52.60
C LYS SA 19 -21.21 53.64 -52.08
N ALA SA 20 -19.93 53.40 -51.79
CA ALA SA 20 -19.48 52.17 -51.12
C ALA SA 20 -19.80 52.14 -49.62
N ALA SA 21 -19.10 52.98 -48.85
CA ALA SA 21 -19.76 53.83 -47.86
C ALA SA 21 -21.22 53.44 -47.66
N ALA SA 22 -22.11 54.12 -48.36
CA ALA SA 22 -23.46 54.34 -47.87
C ALA SA 22 -24.33 53.09 -48.07
N ALA SA 23 -24.14 52.42 -49.19
CA ALA SA 23 -24.86 51.18 -49.47
C ALA SA 23 -24.18 49.98 -48.82
N VAL SA 24 -23.06 50.24 -48.15
CA VAL SA 24 -22.72 49.53 -46.93
C VAL SA 24 -23.50 50.08 -45.74
N PRO SA 25 -22.78 50.57 -44.74
CA PRO SA 25 -23.33 50.72 -43.38
C PRO SA 25 -24.62 49.95 -43.05
N VAL SA 26 -24.61 48.62 -43.10
CA VAL SA 26 -23.44 47.71 -43.11
C VAL SA 26 -23.51 46.78 -44.34
N LYS SA 27 -23.02 45.56 -44.20
CA LYS SA 27 -23.74 44.38 -44.70
C LYS SA 27 -25.24 44.64 -44.76
N ALA SA 28 -25.75 45.42 -43.80
CA ALA SA 28 -27.11 45.26 -43.32
C ALA SA 28 -27.29 43.93 -42.60
N ALA SA 29 -27.17 42.84 -43.34
CA ALA SA 29 -28.04 41.68 -43.17
C ALA SA 29 -29.33 41.83 -43.98
N PRO SA 30 -30.10 42.86 -43.66
CA PRO SA 30 -30.58 43.08 -42.28
C PRO SA 30 -31.08 41.78 -41.66
N THR SA 31 -30.63 41.49 -40.44
CA THR SA 31 -31.03 40.27 -39.75
C THR SA 31 -32.43 40.40 -39.16
N GLU SA 32 -33.43 40.42 -40.05
CA GLU SA 32 -34.83 40.49 -39.62
C GLU SA 32 -35.19 39.29 -38.75
N THR SA 33 -34.89 39.38 -37.47
CA THR SA 33 -34.80 38.20 -36.62
C THR SA 33 -35.30 38.49 -35.21
N GLY SA 34 -34.38 38.56 -34.26
CA GLY SA 34 -34.45 37.77 -33.05
C GLY SA 34 -35.17 38.49 -31.92
N ALA SA 35 -36.49 38.62 -32.05
CA ALA SA 35 -37.25 39.54 -31.21
C ALA SA 35 -37.61 38.91 -29.87
N GLN SA 36 -38.26 39.68 -29.02
CA GLN SA 36 -38.59 39.22 -27.67
C GLN SA 36 -40.05 39.58 -27.36
N ALA SA 37 -40.70 38.80 -26.48
CA ALA SA 37 -42.12 38.92 -26.19
C ALA SA 37 -42.38 39.41 -24.75
N ALA SA 38 -43.44 40.20 -24.58
CA ALA SA 38 -44.02 40.52 -23.27
C ALA SA 38 -44.95 39.41 -22.69
N PRO SA 39 -45.02 38.26 -23.39
CA PRO SA 39 -46.30 37.66 -23.85
C PRO SA 39 -47.56 38.51 -23.54
N SER SA 40 -48.66 37.87 -23.14
CA SER SA 40 -49.85 38.49 -22.56
C SER SA 40 -50.39 37.59 -21.45
N TYR SA 41 -51.27 38.11 -20.59
CA TYR SA 41 -51.73 37.45 -19.38
C TYR SA 41 -53.27 37.41 -19.34
N SER SA 42 -53.82 36.32 -18.83
CA SER SA 42 -55.27 36.13 -18.63
C SER SA 42 -55.73 36.64 -17.26
N TYR SA 43 -57.06 36.72 -17.08
CA TYR SA 43 -57.69 37.28 -15.88
C TYR SA 43 -58.53 36.27 -15.08
N VAL SA 44 -58.74 36.53 -13.79
CA VAL SA 44 -59.31 35.59 -12.79
C VAL SA 44 -60.27 36.31 -11.85
N TYR SA 45 -61.32 35.72 -11.27
CA TYR SA 45 -62.11 34.53 -11.64
C TYR SA 45 -63.51 34.78 -11.03
N ASN SA 46 -64.58 34.20 -11.60
CA ASN SA 46 -65.95 34.49 -11.16
C ASN SA 46 -66.44 33.56 -10.03
N PRO SA 47 -66.46 34.06 -8.78
CA PRO SA 47 -67.57 33.72 -7.88
C PRO SA 47 -67.96 34.83 -6.87
N VAL SA 48 -69.19 34.70 -6.41
CA VAL SA 48 -69.43 34.40 -4.98
C VAL SA 48 -70.03 33.01 -4.85
N GLY SA 49 -69.62 32.28 -3.81
CA GLY SA 49 -70.14 30.94 -3.50
C GLY SA 49 -71.62 30.96 -3.11
N LYS SA 50 -72.22 29.76 -3.03
CA LYS SA 50 -73.60 29.55 -2.54
C LYS SA 50 -73.63 28.42 -1.51
N ARG SA 51 -74.64 28.42 -0.64
CA ARG SA 51 -74.80 27.44 0.44
C ARG SA 51 -76.12 26.68 0.27
N ASP SA 52 -75.99 25.42 0.58
CA ASP SA 52 -76.99 24.37 0.83
C ASP SA 52 -76.45 23.68 2.12
N PRO SA 53 -75.83 22.51 1.93
CA PRO SA 53 -74.41 22.27 2.10
C PRO SA 53 -73.50 23.48 1.73
N PHE SA 54 -72.54 23.90 2.57
CA PHE SA 54 -71.93 23.10 3.63
C PHE SA 54 -72.37 23.55 5.03
N ARG SA 55 -73.40 24.42 5.19
CA ARG SA 55 -73.76 24.91 6.53
C ARG SA 55 -74.27 23.79 7.44
N SER SA 56 -75.31 23.05 7.04
CA SER SA 56 -75.74 21.87 7.81
C SER SA 56 -74.64 20.80 8.08
N PRO SA 57 -73.89 20.32 7.08
CA PRO SA 57 -72.87 19.28 7.32
C PRO SA 57 -71.61 19.72 8.08
N ILE SA 58 -71.47 20.96 8.57
CA ILE SA 58 -70.44 21.33 9.57
C ILE SA 58 -70.93 22.33 10.65
N ASP SA 59 -71.74 23.33 10.31
CA ASP SA 59 -72.32 24.29 11.26
C ASP SA 59 -73.45 23.66 12.10
N GLU SA 60 -74.09 22.57 11.64
CA GLU SA 60 -75.10 21.78 12.38
C GLU SA 60 -74.57 20.41 12.83
N LEU SA 61 -73.69 19.76 12.04
CA LEU SA 61 -72.99 18.54 12.45
C LEU SA 61 -71.91 18.79 13.53
N GLY SA 62 -71.17 19.90 13.44
CA GLY SA 62 -70.08 20.24 14.36
C GLY SA 62 -70.53 20.50 15.81
N PRO SA 63 -71.75 21.01 16.01
CA PRO SA 63 -72.60 20.74 17.18
C PRO SA 63 -73.02 19.26 17.27
N VAL SA 64 -72.07 18.32 17.40
CA VAL SA 64 -72.33 16.86 17.37
C VAL SA 64 -73.35 16.48 18.44
N ASN SA 65 -74.58 16.23 17.99
CA ASN SA 65 -75.77 16.18 18.84
C ASN SA 65 -76.65 15.01 18.39
N ALA SA 66 -76.94 14.11 19.34
CA ALA SA 66 -77.88 13.02 19.16
C ALA SA 66 -78.79 12.95 20.38
N ASN SA 67 -80.06 12.62 20.17
CA ASN SA 67 -81.06 12.47 21.23
C ASN SA 67 -81.66 11.04 21.19
N PRO SA 68 -80.95 10.05 21.78
CA PRO SA 68 -81.24 8.62 21.60
C PRO SA 68 -82.69 8.18 21.86
N VAL SA 69 -83.12 7.17 21.11
CA VAL SA 69 -84.35 6.42 21.37
C VAL SA 69 -84.18 5.35 22.47
N ALA SA 70 -85.00 5.44 23.51
CA ALA SA 70 -85.19 4.38 24.51
C ALA SA 70 -86.64 4.28 25.05
N ALA SA 71 -87.47 5.30 24.78
CA ALA SA 71 -88.82 5.41 25.30
C ALA SA 71 -89.84 4.50 24.57
N CYS SA 72 -91.08 4.51 25.07
CA CYS SA 72 -92.24 4.11 24.28
C CYS SA 72 -92.60 5.12 23.16
N ASN SA 73 -93.00 4.59 22.00
CA ASN SA 73 -93.05 5.29 20.71
C ASN SA 73 -94.41 5.95 20.36
N GLU SA 74 -95.13 6.64 21.27
CA GLU SA 74 -96.21 6.03 22.08
C GLU SA 74 -96.93 4.89 21.30
N PRO SA 75 -96.55 3.63 21.59
CA PRO SA 75 -96.39 2.62 20.55
C PRO SA 75 -97.69 1.89 20.23
N LEU SA 76 -98.33 1.29 21.24
CA LEU SA 76 -99.42 0.34 20.99
C LEU SA 76 -100.71 1.05 20.62
N CYS SA 77 -100.88 2.31 21.04
CA CYS SA 77 -101.93 3.16 20.51
C CYS SA 77 -101.77 3.59 19.03
N SER SA 78 -100.66 3.18 18.39
CA SER SA 78 -100.45 3.26 16.94
C SER SA 78 -100.63 1.92 16.19
N PHE SA 79 -100.99 0.82 16.88
CA PHE SA 79 -101.22 -0.51 16.29
C PHE SA 79 -102.57 -1.13 16.70
N ASP SA 80 -103.19 -1.93 15.82
CA ASP SA 80 -104.57 -2.42 16.03
C ASP SA 80 -104.63 -3.64 16.99
N LEU SA 81 -105.72 -3.80 17.74
CA LEU SA 81 -105.74 -4.68 18.92
C LEU SA 81 -105.64 -6.17 18.60
N ASP SA 82 -106.25 -6.60 17.50
CA ASP SA 82 -106.23 -7.98 17.00
C ASP SA 82 -104.84 -8.36 16.44
N GLN SA 83 -103.92 -7.40 16.27
CA GLN SA 83 -102.52 -7.66 15.93
C GLN SA 83 -101.69 -8.09 17.15
N LEU SA 84 -102.13 -7.76 18.37
CA LEU SA 84 -101.41 -7.98 19.62
C LEU SA 84 -101.67 -9.39 20.21
N LYS SA 85 -100.63 -10.04 20.71
CA LYS SA 85 -100.70 -11.45 21.20
C LYS SA 85 -100.28 -11.59 22.66
N LEU SA 86 -101.09 -12.23 23.50
CA LEU SA 86 -100.79 -12.38 24.92
C LEU SA 86 -99.65 -13.41 25.14
N VAL SA 87 -98.53 -12.93 25.65
CA VAL SA 87 -97.31 -13.73 25.92
C VAL SA 87 -97.43 -14.49 27.23
N ALA SA 88 -97.81 -13.78 28.29
CA ALA SA 88 -97.76 -14.22 29.67
C ALA SA 88 -98.64 -13.35 30.56
N VAL SA 89 -98.79 -13.76 31.83
CA VAL SA 89 -99.40 -12.95 32.89
C VAL SA 89 -98.58 -13.13 34.16
N VAL SA 90 -98.37 -12.03 34.90
CA VAL SA 90 -97.74 -12.00 36.22
C VAL SA 90 -98.81 -11.63 37.25
N THR SA 91 -98.76 -12.23 38.44
CA THR SA 91 -99.66 -11.91 39.56
C THR SA 91 -98.90 -12.04 40.87
N GLY SA 92 -99.10 -11.05 41.74
CA GLY SA 92 -98.55 -10.96 43.10
C GLY SA 92 -99.09 -9.71 43.79
N ASP SA 93 -98.50 -9.36 44.92
CA ASP SA 93 -98.95 -8.30 45.82
C ASP SA 93 -99.02 -6.91 45.16
N ALA SA 94 -98.17 -6.68 44.15
CA ALA SA 94 -98.15 -5.50 43.28
C ALA SA 94 -99.31 -5.40 42.25
N SER SA 95 -100.40 -6.16 42.44
CA SER SA 95 -101.56 -6.36 41.55
C SER SA 95 -101.24 -7.17 40.26
N PRO SA 96 -102.23 -7.87 39.67
CA PRO SA 96 -102.03 -8.62 38.42
C PRO SA 96 -101.70 -7.70 37.23
N VAL SA 97 -100.78 -8.16 36.38
CA VAL SA 97 -100.32 -7.50 35.16
C VAL SA 97 -100.18 -8.48 33.99
N ALA SA 98 -100.73 -8.13 32.83
CA ALA SA 98 -100.62 -8.88 31.59
C ALA SA 98 -99.35 -8.49 30.82
N MET SA 99 -98.81 -9.42 30.03
CA MET SA 99 -97.69 -9.19 29.11
C MET SA 99 -98.09 -9.57 27.68
N VAL SA 100 -97.93 -8.63 26.75
CA VAL SA 100 -98.46 -8.70 25.37
C VAL SA 100 -97.41 -8.32 24.31
N GLU SA 101 -97.47 -8.93 23.14
CA GLU SA 101 -96.50 -8.85 22.04
C GLU SA 101 -97.08 -8.09 20.84
N ASP SA 102 -96.29 -7.16 20.28
CA ASP SA 102 -96.62 -6.30 19.13
C ASP SA 102 -96.56 -7.16 17.84
N PRO SA 103 -97.16 -6.73 16.71
CA PRO SA 103 -96.79 -7.27 15.39
C PRO SA 103 -95.34 -6.94 15.00
N ALA SA 104 -94.73 -5.92 15.62
CA ALA SA 104 -93.30 -5.61 15.55
C ALA SA 104 -92.42 -6.43 16.53
N GLY SA 105 -92.98 -7.40 17.27
CA GLY SA 105 -92.25 -8.31 18.15
C GLY SA 105 -91.75 -7.72 19.48
N ARG SA 106 -92.11 -6.48 19.82
CA ARG SA 106 -91.85 -5.93 21.16
C ARG SA 106 -92.75 -6.62 22.20
N GLY SA 107 -92.23 -6.82 23.42
CA GLY SA 107 -93.02 -7.07 24.62
C GLY SA 107 -93.44 -5.79 25.39
N HIS SA 108 -94.67 -5.78 25.90
CA HIS SA 108 -95.25 -4.73 26.75
C HIS SA 108 -95.84 -5.34 28.02
N ILE SA 109 -96.05 -4.50 29.03
CA ILE SA 109 -96.71 -4.89 30.28
C ILE SA 109 -97.81 -3.87 30.58
N VAL SA 110 -99.03 -4.35 30.80
CA VAL SA 110 -100.24 -3.53 30.99
C VAL SA 110 -101.10 -4.20 32.05
N ARG SA 111 -101.89 -3.42 32.78
CA ARG SA 111 -102.70 -3.90 33.92
C ARG SA 111 -104.06 -3.22 34.01
N ARG SA 112 -104.95 -3.74 34.86
CA ARG SA 112 -106.32 -3.22 35.01
C ARG SA 112 -106.32 -1.68 35.23
N ASN SA 113 -107.16 -0.97 34.47
CA ASN SA 113 -107.25 0.48 34.26
C ASN SA 113 -106.35 1.11 33.16
N THR SA 114 -105.24 0.47 32.78
CA THR SA 114 -104.42 0.90 31.62
C THR SA 114 -105.05 0.58 30.25
N ARG SA 115 -104.43 1.05 29.16
CA ARG SA 115 -104.88 0.89 27.78
C ARG SA 115 -103.78 0.34 26.87
N MET SA 116 -104.18 -0.06 25.67
CA MET SA 116 -103.36 -0.57 24.57
C MET SA 116 -104.15 -0.36 23.25
N GLY SA 117 -103.49 -0.40 22.09
CA GLY SA 117 -104.16 -0.43 20.78
C GLY SA 117 -104.77 0.90 20.30
N ARG SA 118 -105.03 1.00 18.99
CA ARG SA 118 -105.66 2.19 18.37
C ARG SA 118 -107.09 2.45 18.85
N GLN SA 119 -107.86 1.39 19.10
CA GLN SA 119 -109.19 1.48 19.72
C GLN SA 119 -109.12 1.73 21.25
N GLY SA 120 -107.94 2.03 21.82
CA GLY SA 120 -107.77 2.41 23.23
C GLY SA 120 -108.18 1.33 24.25
N GLY SA 121 -108.09 0.05 23.86
CA GLY SA 121 -108.50 -1.14 24.58
C GLY SA 121 -108.10 -1.13 26.05
N LYS SA 122 -109.06 -0.83 26.93
CA LYS SA 122 -108.85 -0.69 28.37
C LYS SA 122 -108.83 -2.06 29.02
N VAL SA 123 -107.77 -2.39 29.77
CA VAL SA 123 -107.70 -3.62 30.56
C VAL SA 123 -108.73 -3.65 31.69
N THR SA 124 -109.63 -4.63 31.68
CA THR SA 124 -110.74 -4.73 32.66
C THR SA 124 -110.65 -6.01 33.48
N GLN SA 125 -110.17 -7.13 32.93
CA GLN SA 125 -109.89 -8.39 33.65
C GLN SA 125 -108.56 -9.00 33.18
N ILE SA 126 -107.93 -9.81 34.02
CA ILE SA 126 -106.68 -10.51 33.74
C ILE SA 126 -106.79 -11.90 34.37
N LEU SA 127 -106.88 -12.95 33.54
CA LEU SA 127 -106.83 -14.36 33.94
C LEU SA 127 -105.43 -14.91 33.67
N ARG SA 128 -105.21 -16.23 33.75
CA ARG SA 128 -103.87 -16.84 33.51
C ARG SA 128 -103.64 -17.25 32.05
N ASP SA 129 -104.74 -17.43 31.34
CA ASP SA 129 -104.91 -17.92 29.98
C ASP SA 129 -105.38 -16.86 28.98
N SER SA 130 -105.84 -15.72 29.50
CA SER SA 130 -106.63 -14.74 28.76
C SER SA 130 -106.78 -13.41 29.50
N VAL SA 131 -107.12 -12.34 28.77
CA VAL SA 131 -107.22 -10.96 29.29
C VAL SA 131 -108.40 -10.26 28.62
N THR SA 132 -109.48 -10.01 29.39
CA THR SA 132 -110.58 -9.14 28.96
C THR SA 132 -110.25 -7.64 28.95
N VAL SA 133 -110.52 -6.99 27.83
CA VAL SA 133 -110.36 -5.55 27.61
C VAL SA 133 -111.64 -4.93 27.03
N THR SA 134 -111.84 -3.63 27.27
CA THR SA 134 -112.91 -2.83 26.62
C THR SA 134 -112.38 -1.87 25.57
N GLU SA 135 -112.73 -2.11 24.32
CA GLU SA 135 -112.25 -1.40 23.13
C GLU SA 135 -113.34 -0.48 22.56
N VAL SA 136 -112.97 0.32 21.57
CA VAL SA 136 -113.75 1.46 21.04
C VAL SA 136 -113.89 1.34 19.51
N PHE SA 137 -114.99 0.73 19.05
CA PHE SA 137 -115.24 0.47 17.62
C PHE SA 137 -116.35 1.36 17.06
N SER SA 138 -116.31 1.70 15.76
CA SER SA 138 -117.39 2.43 15.07
C SER SA 138 -118.43 1.46 14.48
N GLY SA 139 -119.35 1.00 15.32
CA GLY SA 139 -120.43 0.11 14.91
C GLY SA 139 -121.47 0.83 14.04
N ASN SA 140 -121.38 0.63 12.72
CA ASN SA 140 -122.29 1.23 11.72
C ASN SA 140 -122.34 2.78 11.74
N GLY SA 141 -121.37 3.43 12.37
CA GLY SA 141 -121.29 4.89 12.55
C GLY SA 141 -121.35 5.35 14.01
N GLU SA 142 -121.88 4.55 14.93
CA GLU SA 142 -121.81 4.84 16.37
C GLU SA 142 -120.49 4.35 16.99
N ILE SA 143 -119.87 5.17 17.84
CA ILE SA 143 -118.78 4.72 18.72
C ILE SA 143 -119.35 3.88 19.87
N ILE SA 144 -119.05 2.58 19.88
CA ILE SA 144 -119.55 1.60 20.85
C ILE SA 144 -118.40 0.83 21.52
N LYS SA 145 -118.70 0.25 22.69
CA LYS SA 145 -117.79 -0.64 23.42
C LYS SA 145 -117.70 -2.00 22.74
N ASN SA 146 -116.49 -2.54 22.61
CA ASN SA 146 -116.25 -3.92 22.17
C ASN SA 146 -115.50 -4.73 23.27
N PRO SA 147 -116.16 -5.67 23.98
CA PRO SA 147 -115.59 -6.40 25.12
C PRO SA 147 -114.75 -7.62 24.69
N VAL SA 148 -113.61 -7.37 24.04
CA VAL SA 148 -112.69 -8.42 23.54
C VAL SA 148 -111.94 -9.14 24.68
N THR SA 149 -111.59 -10.41 24.49
CA THR SA 149 -110.76 -11.19 25.43
C THR SA 149 -109.60 -11.81 24.66
N LEU SA 150 -108.41 -11.26 24.87
CA LEU SA 150 -107.16 -11.72 24.25
C LEU SA 150 -106.69 -13.00 24.95
N GLN SA 151 -106.76 -14.15 24.29
CA GLN SA 151 -106.16 -15.39 24.81
C GLN SA 151 -104.63 -15.39 24.70
N LEU SA 152 -103.98 -16.24 25.50
CA LEU SA 152 -102.56 -16.59 25.38
C LEU SA 152 -102.21 -17.06 23.95
N LYS SA 153 -100.93 -17.06 23.57
CA LYS SA 153 -100.45 -17.52 22.24
C LYS SA 153 -100.13 -19.05 22.16
N PRO SA 154 -100.99 -19.88 21.55
CA PRO SA 154 -100.63 -21.22 21.04
C PRO SA 154 -100.32 -21.18 19.54
N ASP SA 155 -100.37 -22.34 18.87
CA ASP SA 155 -100.58 -22.42 17.42
C ASP SA 155 -102.01 -21.97 17.02
N ALA SA 156 -102.13 -21.13 16.00
CA ALA SA 156 -103.39 -20.65 15.42
C ALA SA 156 -103.14 -20.02 14.04
N LYS SA 157 -104.18 -20.02 13.18
CA LYS SA 157 -104.15 -19.33 11.88
C LYS SA 157 -105.54 -18.80 11.50
N GLN SA 158 -105.55 -17.59 10.94
CA GLN SA 158 -106.70 -16.95 10.30
C GLN SA 158 -106.21 -16.07 9.14
N ASP SA 159 -107.13 -15.58 8.31
CA ASP SA 159 -106.81 -14.67 7.20
C ASP SA 159 -106.65 -13.19 7.62
N ASN TA 33 -140.89 100.72 110.38
CA ASN TA 33 -140.10 99.95 109.39
C ASN TA 33 -141.04 99.03 108.65
N THR TA 34 -140.58 98.54 107.49
CA THR TA 34 -141.27 97.48 106.77
C THR TA 34 -140.62 96.12 107.17
N LEU TA 35 -139.36 95.93 106.80
CA LEU TA 35 -138.66 94.75 107.18
C LEU TA 35 -138.16 94.90 108.61
N ARG TA 36 -138.56 93.99 109.50
CA ARG TA 36 -138.14 94.04 110.90
C ARG TA 36 -137.08 93.07 111.37
N GLY TA 37 -136.93 91.93 110.69
CA GLY TA 37 -135.90 90.93 111.02
C GLY TA 37 -135.57 90.15 109.76
N LEU TA 38 -134.37 89.60 109.74
CA LEU TA 38 -133.81 88.84 108.64
C LEU TA 38 -132.99 87.65 109.19
N ASP TA 39 -133.38 86.44 108.84
CA ASP TA 39 -132.68 85.27 109.38
C ASP TA 39 -132.22 84.30 108.28
N VAL TA 40 -131.02 83.76 108.43
CA VAL TA 40 -130.56 82.72 107.53
C VAL TA 40 -130.35 81.40 108.27
N SER TA 41 -131.01 80.34 107.83
CA SER TA 41 -130.81 79.00 108.40
C SER TA 41 -130.06 78.09 107.44
N ARG TA 42 -128.71 78.15 107.45
CA ARG TA 42 -127.92 77.23 106.58
C ARG TA 42 -128.10 75.79 107.00
N THR TA 43 -128.43 74.91 106.07
CA THR TA 43 -128.40 73.49 106.39
C THR TA 43 -128.11 72.77 105.09
N GLY TA 44 -127.71 71.49 105.16
CA GLY TA 44 -127.24 70.73 103.98
C GLY TA 44 -128.31 70.37 103.00
N SER TA 45 -129.53 70.09 103.47
CA SER TA 45 -130.64 69.81 102.57
C SER TA 45 -131.18 71.02 101.83
N GLY TA 46 -131.18 72.18 102.51
CA GLY TA 46 -131.62 73.44 101.96
C GLY TA 46 -131.21 74.52 102.95
N ALA TA 47 -130.78 75.67 102.44
CA ALA TA 47 -130.65 76.84 103.26
C ALA TA 47 -131.93 77.70 103.19
N GLN TA 48 -132.45 78.10 104.34
CA GLN TA 48 -133.64 78.94 104.37
C GLN TA 48 -133.26 80.40 104.66
N VAL TA 49 -133.80 81.31 103.85
CA VAL TA 49 -133.75 82.72 104.13
C VAL TA 49 -135.13 83.21 104.49
N VAL TA 50 -135.21 83.89 105.63
CA VAL TA 50 -136.46 84.43 106.12
C VAL TA 50 -136.32 85.92 106.23
N VAL TA 51 -137.34 86.60 105.74
CA VAL TA 51 -137.42 88.04 105.84
C VAL TA 51 -138.76 88.35 106.48
N THR TA 52 -138.72 89.04 107.62
CA THR TA 52 -139.93 89.28 108.38
C THR TA 52 -140.24 90.75 108.28
N GLY TA 53 -141.52 91.09 108.10
CA GLY TA 53 -141.91 92.47 107.83
C GLY TA 53 -143.32 92.79 108.36
N THR TA 54 -143.62 94.07 108.46
CA THR TA 54 -144.87 94.51 109.00
C THR TA 54 -146.05 94.40 108.06
N ARG TA 55 -145.78 94.35 106.75
CA ARG TA 55 -146.84 94.19 105.73
C ARG TA 55 -146.37 93.11 104.77
N PRO TA 56 -147.31 92.43 104.12
CA PRO TA 56 -146.99 91.49 103.08
C PRO TA 56 -146.12 92.14 101.95
N PRO TA 57 -145.02 91.48 101.61
CA PRO TA 57 -144.07 92.03 100.67
C PRO TA 57 -144.38 91.60 99.25
N THR TA 58 -144.35 92.52 98.29
CA THR TA 58 -144.29 92.14 96.88
C THR TA 58 -142.80 91.86 96.59
N PHE TA 59 -142.52 90.79 95.87
CA PHE TA 59 -141.15 90.43 95.61
C PHE TA 59 -141.13 89.87 94.22
N THR TA 60 -139.93 89.74 93.68
CA THR TA 60 -139.65 88.98 92.48
C THR TA 60 -138.33 88.31 92.77
N VAL TA 61 -138.24 87.06 92.38
CA VAL TA 61 -136.99 86.30 92.49
C VAL TA 61 -136.51 85.86 91.10
N PHE TA 62 -135.21 86.02 90.84
CA PHE TA 62 -134.64 85.54 89.59
C PHE TA 62 -133.19 85.06 89.75
N ARG TA 63 -132.60 84.52 88.69
CA ARG TA 63 -131.23 83.93 88.74
C ARG TA 63 -130.26 84.78 87.92
N LEU TA 64 -128.97 84.67 88.22
CA LEU TA 64 -127.95 85.22 87.32
C LEU TA 64 -126.77 84.24 87.30
N SER TA 65 -125.90 84.37 86.31
CA SER TA 65 -124.76 83.49 86.19
C SER TA 65 -123.48 84.30 86.14
N GLY TA 66 -122.33 83.62 86.19
CA GLY TA 66 -121.00 84.23 86.10
C GLY TA 66 -120.74 85.42 87.01
N PRO TA 67 -120.85 85.22 88.34
CA PRO TA 67 -121.05 83.94 89.09
C PRO TA 67 -122.53 83.54 89.29
N GLU TA 68 -122.82 82.26 89.50
CA GLU TA 68 -124.18 81.84 89.90
C GLU TA 68 -124.74 82.68 91.09
N ARG TA 69 -125.93 83.21 90.95
CA ARG TA 69 -126.50 84.12 91.94
C ARG TA 69 -127.97 83.93 92.00
N LEU TA 70 -128.56 84.23 93.13
CA LEU TA 70 -130.01 84.32 93.20
C LEU TA 70 -130.26 85.74 93.66
N VAL TA 71 -131.29 86.37 93.11
CA VAL TA 71 -131.58 87.76 93.40
C VAL TA 71 -133.02 87.92 93.82
N VAL TA 72 -133.26 88.63 94.91
CA VAL TA 72 -134.63 88.90 95.28
C VAL TA 72 -134.85 90.39 95.35
N ASP TA 73 -135.87 90.86 94.67
CA ASP TA 73 -136.30 92.27 94.78
C ASP TA 73 -137.55 92.44 95.65
N LEU TA 74 -137.45 93.34 96.63
CA LEU TA 74 -138.56 93.54 97.56
C LEU TA 74 -139.13 94.96 97.43
N SER TA 75 -140.44 95.07 97.26
CA SER TA 75 -141.14 96.37 97.11
C SER TA 75 -141.85 96.79 98.39
N SER TA 76 -142.03 98.11 98.48
CA SER TA 76 -142.45 98.83 99.68
C SER TA 76 -141.43 98.80 100.81
N ALA TA 77 -140.81 97.65 100.88
CA ALA TA 77 -139.76 97.44 101.87
C ALA TA 77 -138.49 96.97 101.19
N ASP TA 78 -137.35 97.43 101.71
CA ASP TA 78 -136.05 97.00 101.20
C ASP TA 78 -135.41 96.28 102.37
N ALA TA 79 -135.36 94.95 102.29
CA ALA TA 79 -134.78 94.13 103.34
C ALA TA 79 -133.33 93.78 103.01
N THR TA 80 -132.40 94.17 103.88
CA THR TA 80 -130.98 93.88 103.66
C THR TA 80 -130.47 92.96 104.75
N GLY TA 81 -129.89 91.84 104.34
CA GLY TA 81 -129.32 90.87 105.28
C GLY TA 81 -127.81 90.87 105.09
N ILE TA 82 -127.08 90.88 106.19
CA ILE TA 82 -125.64 90.91 106.15
C ILE TA 82 -125.03 90.39 107.42
N LYS TA 83 -123.89 89.88 107.31
CA LYS TA 83 -123.08 89.37 108.42
C LYS TA 83 -123.72 88.15 109.05
N GLY TA 84 -124.91 87.82 108.56
CA GLY TA 84 -125.60 86.59 108.95
C GLY TA 84 -125.14 85.39 108.12
N HIS TA 85 -124.40 85.64 107.04
CA HIS TA 85 -123.96 84.55 106.20
C HIS TA 85 -122.72 83.87 106.79
N HIS TA 86 -122.89 82.62 107.16
CA HIS TA 86 -121.84 81.90 107.82
C HIS TA 86 -120.85 81.38 106.82
N GLU TA 87 -119.58 81.29 107.24
CA GLU TA 87 -118.57 80.73 106.38
C GLU TA 87 -118.78 79.29 106.00
N GLY TA 88 -119.85 78.66 106.47
CA GLY TA 88 -120.10 77.24 106.22
C GLY TA 88 -121.52 76.99 105.72
N SER TA 89 -122.20 78.03 105.22
CA SER TA 89 -123.46 77.85 104.50
C SER TA 89 -123.20 76.97 103.26
N GLY TA 90 -123.86 75.80 103.14
CA GLY TA 90 -123.60 74.97 101.96
C GLY TA 90 -124.09 75.60 100.66
N PRO TA 91 -124.99 76.59 100.77
CA PRO TA 91 -125.58 77.24 99.58
C PRO TA 91 -125.08 78.63 99.31
N VAL TA 92 -124.99 79.47 100.34
CA VAL TA 92 -124.72 80.89 100.16
C VAL TA 92 -123.27 81.24 100.43
N SER TA 93 -122.56 81.67 99.38
CA SER TA 93 -121.19 82.14 99.47
C SER TA 93 -121.19 83.53 100.11
N GLY TA 94 -122.15 84.40 99.72
CA GLY TA 94 -122.30 85.73 100.33
C GLY TA 94 -123.61 86.42 99.95
N VAL TA 95 -123.98 87.46 100.70
CA VAL TA 95 -125.22 88.21 100.44
C VAL TA 95 -125.02 89.71 100.47
N VAL TA 96 -125.36 90.39 99.38
CA VAL TA 96 -125.24 91.85 99.31
C VAL TA 96 -126.63 92.43 99.16
N ALA TA 97 -126.85 93.60 99.73
CA ALA TA 97 -128.17 94.24 99.72
C ALA TA 97 -128.02 95.72 99.35
N SER TA 98 -128.89 96.24 98.47
CA SER TA 98 -128.98 97.68 98.22
C SER TA 98 -130.37 98.20 97.91
N GLN TA 99 -130.80 99.35 98.44
CA GLN TA 99 -132.11 99.95 98.17
C GLN TA 99 -132.01 101.13 97.21
N PHE TA 100 -132.91 101.21 96.22
CA PHE TA 100 -132.99 102.37 95.35
C PHE TA 100 -134.39 103.01 95.45
N SER TA 101 -134.42 104.35 95.29
CA SER TA 101 -135.68 105.12 95.38
C SER TA 101 -136.40 105.29 94.08
N ASP TA 102 -137.74 105.19 94.17
CA ASP TA 102 -138.64 105.46 93.06
C ASP TA 102 -139.68 106.43 93.65
N GLN TA 103 -139.55 107.73 93.36
CA GLN TA 103 -140.36 108.72 94.07
C GLN TA 103 -140.11 108.53 95.56
N ARG TA 104 -141.21 108.50 96.29
CA ARG TA 104 -141.11 108.30 97.73
C ARG TA 104 -141.01 106.82 98.10
N ALA TA 105 -141.11 105.91 97.12
CA ALA TA 105 -141.05 104.47 97.38
C ALA TA 105 -139.64 103.94 97.31
N SER TA 106 -139.47 102.71 97.80
CA SER TA 106 -138.14 102.09 97.86
C SER TA 106 -138.20 100.63 97.39
N VAL TA 107 -137.29 100.24 96.51
CA VAL TA 107 -137.09 98.85 96.07
C VAL TA 107 -135.74 98.35 96.57
N GLY TA 108 -135.74 97.15 97.37
CA GLY TA 108 -134.48 96.65 97.86
C GLY TA 108 -134.12 95.42 97.04
N ARG TA 109 -132.84 95.31 96.70
CA ARG TA 109 -132.40 94.14 95.99
C ARG TA 109 -131.48 93.34 96.86
N VAL TA 110 -131.78 92.05 97.01
CA VAL TA 110 -130.94 91.11 97.75
C VAL TA 110 -130.32 90.18 96.75
N LEU TA 111 -129.01 90.03 96.89
CA LEU TA 111 -128.18 89.25 95.99
C LEU TA 111 -127.41 88.16 96.72
N LEU TA 112 -127.69 86.91 96.39
CA LEU TA 112 -127.02 85.77 97.04
C LEU TA 112 -126.11 85.07 96.08
N ALA TA 113 -124.81 85.27 96.25
CA ALA TA 113 -123.82 84.49 95.48
C ALA TA 113 -123.82 83.03 96.01
N LEU TA 114 -123.87 82.06 95.10
CA LEU TA 114 -124.05 80.63 95.41
C LEU TA 114 -122.82 79.76 95.31
N ASP TA 115 -122.82 78.66 96.09
CA ASP TA 115 -121.76 77.62 96.14
C ASP TA 115 -122.15 76.43 95.30
N LYS TA 116 -123.40 76.39 94.84
CA LYS TA 116 -123.91 75.25 94.08
C LYS TA 116 -125.22 75.64 93.42
N ALA TA 117 -125.62 74.92 92.40
CA ALA TA 117 -126.85 75.24 91.69
C ALA TA 117 -128.08 74.98 92.56
N SER TA 118 -128.99 75.93 92.56
CA SER TA 118 -130.18 75.83 93.36
C SER TA 118 -131.47 75.89 92.56
N GLN TA 119 -132.50 75.29 93.14
CA GLN TA 119 -133.83 75.48 92.69
C GLN TA 119 -134.55 76.22 93.84
N TYR TA 120 -134.69 77.55 93.72
CA TYR TA 120 -135.31 78.25 94.85
C TYR TA 120 -136.79 78.01 94.92
N ASP TA 121 -137.34 78.03 96.12
CA ASP TA 121 -138.78 77.99 96.32
C ASP TA 121 -139.14 79.09 97.33
N VAL TA 122 -140.03 80.00 96.90
CA VAL TA 122 -140.44 81.13 97.70
C VAL TA 122 -141.91 81.03 98.09
N ARG TA 123 -142.23 81.36 99.34
CA ARG TA 123 -143.64 81.42 99.76
C ARG TA 123 -143.76 82.44 100.83
N ALA TA 124 -144.96 82.97 100.99
CA ALA TA 124 -145.21 84.00 101.98
C ALA TA 124 -146.05 83.37 103.07
N ASP TA 125 -145.95 83.89 104.28
CA ASP TA 125 -146.81 83.49 105.39
C ASP TA 125 -146.88 84.69 106.32
N GLY TA 126 -148.02 85.37 106.32
CA GLY TA 126 -148.19 86.55 107.15
C GLY TA 126 -147.23 87.65 106.75
N ASN TA 127 -146.36 88.04 107.67
CA ASN TA 127 -145.37 89.07 107.41
C ASN TA 127 -144.01 88.48 107.12
N ARG TA 128 -143.96 87.17 106.92
CA ARG TA 128 -142.69 86.52 106.64
C ARG TA 128 -142.65 86.03 105.21
N VAL TA 129 -141.55 86.33 104.54
CA VAL TA 129 -141.28 85.82 103.22
C VAL TA 129 -140.18 84.82 103.39
N VAL TA 130 -140.43 83.61 102.93
CA VAL TA 130 -139.45 82.54 103.03
C VAL TA 130 -138.87 82.12 101.68
N ILE TA 131 -137.54 82.08 101.57
CA ILE TA 131 -136.93 81.49 100.39
C ILE TA 131 -136.10 80.30 100.75
N SER TA 132 -136.45 79.12 100.24
CA SER TA 132 -135.62 77.95 100.51
C SER TA 132 -134.81 77.57 99.27
N VAL TA 133 -133.51 77.41 99.45
CA VAL TA 133 -132.63 77.12 98.34
C VAL TA 133 -132.36 75.67 98.40
N ASP TA 134 -132.97 74.90 97.49
CA ASP TA 134 -132.69 73.46 97.39
C ASP TA 134 -131.61 73.15 96.34
N GLY TA 135 -130.88 72.04 96.46
CA GLY TA 135 -129.99 71.72 95.32
C GLY TA 135 -130.74 71.35 94.03
N THR TA 136 -130.62 70.09 93.61
CA THR TA 136 -131.30 69.61 92.40
C THR TA 136 -132.40 68.60 92.74
N SER TA 137 -132.55 68.27 94.02
CA SER TA 137 -133.59 67.34 94.48
C SER TA 137 -134.78 68.16 94.95
N GLN TA 138 -135.87 68.09 94.18
CA GLN TA 138 -137.07 68.87 94.49
C GLN TA 138 -138.20 68.21 95.27
N SER TA 139 -138.21 66.88 95.35
CA SER TA 139 -139.30 66.23 96.07
C SER TA 139 -138.93 64.85 96.55
N VAL TA 140 -139.29 64.54 97.79
CA VAL TA 140 -139.04 63.23 98.36
C VAL TA 140 -140.41 62.57 98.48
N ASP TA 214 -117.08 54.09 61.98
CA ASP TA 214 -116.53 52.82 62.50
C ASP TA 214 -115.80 52.98 63.86
N ASP TA 215 -115.21 54.15 64.07
CA ASP TA 215 -114.41 54.43 65.26
C ASP TA 215 -115.36 54.66 66.43
N THR TA 216 -116.54 55.20 66.12
CA THR TA 216 -117.55 55.64 67.08
C THR TA 216 -118.70 56.27 66.29
N LEU TA 217 -119.90 55.93 66.75
CA LEU TA 217 -121.11 56.58 66.25
C LEU TA 217 -121.49 57.67 67.26
N SER TA 218 -121.73 58.87 66.72
CA SER TA 218 -122.11 60.02 67.53
C SER TA 218 -123.60 60.30 67.39
N ILE TA 219 -124.24 60.49 68.54
CA ILE TA 219 -125.64 60.92 68.61
C ILE TA 219 -125.66 62.34 69.17
N ARG TA 220 -126.30 63.22 68.42
CA ARG TA 220 -126.41 64.63 68.81
C ARG TA 220 -127.88 64.99 69.00
N ALA TA 221 -128.14 65.61 70.14
CA ALA TA 221 -129.49 66.11 70.48
C ALA TA 221 -129.37 67.62 70.75
N ASP TA 222 -129.99 68.39 69.87
CA ASP TA 222 -129.93 69.85 69.98
C ASP TA 222 -131.25 70.36 70.60
N GLY TA 223 -131.10 71.24 71.58
CA GLY TA 223 -132.24 71.81 72.30
C GLY TA 223 -131.74 72.74 73.40
N ASP TA 224 -132.70 73.39 74.03
CA ASP TA 224 -132.43 74.35 75.12
C ASP TA 224 -131.84 73.73 76.38
N ILE TA 225 -132.29 72.53 76.72
CA ILE TA 225 -131.89 71.85 77.95
C ILE TA 225 -130.37 71.46 77.95
N ALA TA 226 -129.94 70.39 78.61
CA ALA TA 226 -130.74 69.32 79.20
C ALA TA 226 -130.13 68.61 80.36
N ARG TA 227 -130.99 68.28 81.31
CA ARG TA 227 -130.56 67.29 82.30
C ARG TA 227 -130.85 65.89 81.74
N TYR TA 228 -129.86 65.04 81.86
CA TYR TA 228 -129.95 63.68 81.31
C TYR TA 228 -129.33 62.67 82.28
N GLU TA 229 -129.67 61.41 82.05
CA GLU TA 229 -128.98 60.27 82.68
C GLU TA 229 -128.82 59.18 81.62
N VAL TA 230 -127.65 58.59 81.59
CA VAL TA 230 -127.35 57.49 80.66
C VAL TA 230 -127.01 56.23 81.46
N LEU TA 231 -127.51 55.11 80.96
CA LEU TA 231 -127.24 53.80 81.57
C LEU TA 231 -127.37 52.70 80.52
N GLU TA 232 -126.91 51.51 80.89
CA GLU TA 232 -126.91 50.31 80.05
C GLU TA 232 -127.95 49.25 80.45
N LEU TA 233 -128.35 48.46 79.47
CA LEU TA 233 -129.20 47.28 79.69
C LEU TA 233 -128.63 46.12 78.88
N ALA TA 234 -128.95 44.90 79.32
CA ALA TA 234 -128.51 43.69 78.62
C ALA TA 234 -129.71 42.86 78.17
N ASP TA 235 -129.44 41.90 77.28
CA ASP TA 235 -130.46 40.96 76.78
C ASP TA 235 -131.72 41.69 76.26
N PRO TA 236 -131.60 42.40 75.15
CA PRO TA 236 -130.36 42.59 74.38
C PRO TA 236 -129.56 43.79 74.91
N PRO TA 237 -128.29 43.88 74.53
CA PRO TA 237 -127.43 45.01 74.91
C PRO TA 237 -128.03 46.31 74.36
N ARG TA 238 -128.12 47.29 75.24
CA ARG TA 238 -128.79 48.57 74.97
C ARG TA 238 -128.12 49.70 75.73
N LEU TA 239 -128.19 50.88 75.17
CA LEU TA 239 -127.81 52.12 75.88
C LEU TA 239 -129.09 52.98 75.93
N ALA TA 240 -129.36 53.51 77.11
CA ALA TA 240 -130.57 54.31 77.34
C ALA TA 240 -130.22 55.69 77.89
N VAL TA 241 -130.85 56.69 77.30
CA VAL TA 241 -130.70 58.08 77.77
C VAL TA 241 -132.09 58.61 78.14
N ASP TA 242 -132.16 59.17 79.34
CA ASP TA 242 -133.37 59.88 79.79
C ASP TA 242 -133.09 61.38 79.80
N LEU TA 243 -133.97 62.11 79.15
CA LEU TA 243 -133.87 63.55 79.03
C LEU TA 243 -135.01 64.22 79.78
N PHE TA 244 -134.67 65.21 80.59
CA PHE TA 244 -135.70 65.92 81.35
C PHE TA 244 -135.92 67.34 80.84
N GLY TA 245 -137.11 67.82 81.18
CA GLY TA 245 -137.63 69.11 80.68
C GLY TA 245 -137.96 69.02 79.19
N VAL TA 246 -138.25 67.80 78.72
CA VAL TA 246 -138.64 67.57 77.32
C VAL TA 246 -140.00 66.93 77.25
N GLY TA 247 -140.77 67.44 76.28
CA GLY TA 247 -141.99 66.76 75.82
C GLY TA 247 -141.68 66.15 74.46
N LEU TA 248 -142.13 64.92 74.29
CA LEU TA 248 -141.95 64.19 73.02
C LEU TA 248 -142.58 64.99 71.87
N ALA TA 249 -141.94 64.97 70.72
CA ALA TA 249 -142.39 65.77 69.57
C ALA TA 249 -141.94 65.12 68.27
N THR TA 250 -142.58 65.54 67.19
CA THR TA 250 -142.33 65.02 65.86
C THR TA 250 -140.84 65.11 65.49
N ARG TA 251 -140.09 66.07 66.03
CA ARG TA 251 -138.64 66.16 65.76
C ARG TA 251 -137.85 64.97 66.34
N ALA TA 252 -138.49 64.21 67.22
CA ALA TA 252 -137.93 62.94 67.73
C ALA TA 252 -137.43 62.05 66.55
N PRO TA 253 -138.09 62.00 65.39
CA PRO TA 253 -137.72 61.22 64.19
C PRO TA 253 -136.33 61.49 63.69
N ARG TA 254 -135.84 62.72 63.83
CA ARG TA 254 -134.43 63.01 63.47
C ARG TA 254 -133.48 62.08 64.24
N VAL TA 255 -134.02 61.44 65.27
CA VAL TA 255 -133.35 60.43 66.10
C VAL TA 255 -132.97 59.18 65.30
N LYS TA 256 -133.66 58.92 64.20
CA LYS TA 256 -133.40 57.73 63.37
C LYS TA 256 -131.93 57.67 62.93
N SER TA 257 -131.31 58.86 62.86
CA SER TA 257 -129.90 59.02 62.47
C SER TA 257 -128.90 58.32 63.39
N GLY TA 258 -129.37 57.99 64.59
CA GLY TA 258 -128.42 57.58 65.58
C GLY TA 258 -128.56 56.16 66.01
N ALA TA 259 -129.46 55.29 65.46
CA ALA TA 259 -129.55 53.84 65.70
C ALA TA 259 -128.32 53.04 65.22
N LEU TA 260 -127.81 51.98 65.87
CA LEU TA 260 -128.06 51.42 67.21
C LEU TA 260 -128.69 50.05 67.07
N ARG TA 261 -128.34 49.34 66.02
CA ARG TA 261 -129.23 48.33 65.44
C ARG TA 261 -130.64 48.95 65.18
N ASP TA 262 -131.12 49.80 66.07
CA ASP TA 262 -132.32 50.61 66.18
C ASP TA 262 -132.32 51.53 67.43
N VAL TA 263 -133.17 52.52 67.30
CA VAL TA 263 -133.45 53.50 68.35
C VAL TA 263 -134.96 53.69 68.52
N ARG TA 264 -135.42 53.54 69.73
CA ARG TA 264 -136.83 53.82 70.08
C ARG TA 264 -136.90 54.89 71.15
N VAL TA 265 -137.93 55.72 71.04
CA VAL TA 265 -138.10 56.88 71.92
C VAL TA 265 -139.55 56.90 72.44
N GLY TA 266 -139.70 57.32 73.69
CA GLY TA 266 -141.01 57.46 74.33
C GLY TA 266 -140.97 58.44 75.48
N ALA TA 267 -142.08 58.52 76.19
CA ALA TA 267 -142.24 59.45 77.32
C ALA TA 267 -143.39 58.98 78.21
N HIS TA 268 -143.26 59.28 79.50
CA HIS TA 268 -144.26 58.87 80.49
C HIS TA 268 -144.53 60.00 81.47
N ALA TA 269 -145.16 61.07 80.97
CA ALA TA 269 -145.49 62.24 81.80
C ALA TA 269 -144.27 62.72 82.59
N ASP TA 270 -143.10 62.55 81.97
CA ASP TA 270 -141.94 63.16 82.58
C ASP TA 270 -141.20 64.07 81.59
N LYS TA 271 -140.14 63.79 80.84
CA LYS TA 271 -139.09 62.72 80.74
C LYS TA 271 -139.26 61.88 79.49
N VAL TA 272 -138.30 62.08 78.61
CA VAL TA 272 -138.23 61.27 77.39
C VAL TA 272 -137.11 60.24 77.57
N ARG TA 273 -137.37 59.04 77.09
CA ARG TA 273 -136.38 57.96 77.14
C ARG TA 273 -136.02 57.54 75.71
N LEU TA 274 -134.72 57.55 75.46
CA LEU TA 274 -134.16 57.12 74.18
C LEU TA 274 -133.39 55.82 74.45
N VAL TA 275 -133.73 54.83 73.63
CA VAL TA 275 -133.20 53.46 73.78
C VAL TA 275 -132.52 53.06 72.46
N LEU TA 276 -131.29 52.67 72.61
CA LEU TA 276 -130.35 52.26 71.52
C LEU TA 276 -130.02 50.80 71.66
N ASP TA 277 -130.58 49.99 70.83
CA ASP TA 277 -130.14 48.61 70.76
C ASP TA 277 -128.71 48.54 70.14
N VAL TA 278 -127.82 47.71 70.59
CA VAL TA 278 -126.46 47.79 70.03
C VAL TA 278 -126.10 46.59 69.17
N ARG TA 279 -125.11 46.78 68.32
CA ARG TA 279 -124.51 45.69 67.54
C ARG TA 279 -123.18 45.19 68.14
N GLY TA 280 -122.71 45.91 69.16
CA GLY TA 280 -121.42 45.60 69.82
C GLY TA 280 -121.29 46.36 71.15
N THR TA 281 -120.49 45.85 72.05
CA THR TA 281 -120.31 46.52 73.36
C THR TA 281 -119.72 47.93 73.18
N MET TA 282 -120.26 48.87 73.92
CA MET TA 282 -119.81 50.28 73.85
C MET TA 282 -119.38 50.79 75.24
N LYS TA 341 -102.61 44.12 88.75
CA LYS TA 341 -102.00 43.29 87.71
C LYS TA 341 -100.86 42.46 88.27
N ASP TA 342 -100.61 41.30 87.65
CA ASP TA 342 -99.55 40.41 88.08
C ASP TA 342 -99.38 39.24 87.12
N VAL TA 343 -98.22 38.61 87.16
CA VAL TA 343 -97.95 37.46 86.29
C VAL TA 343 -97.69 36.20 87.11
N ARG TA 344 -97.92 35.05 86.50
CA ARG TA 344 -97.71 33.77 87.18
C ARG TA 344 -97.34 32.68 86.17
N PHE TA 345 -96.65 31.65 86.65
CA PHE TA 345 -96.24 30.54 85.79
C PHE TA 345 -96.56 29.21 86.44
N GLU TA 346 -96.87 28.21 85.61
CA GLU TA 346 -97.21 26.88 86.11
C GLU TA 346 -97.13 25.85 84.98
N GLU TA 347 -97.46 24.65 85.13
CA GLU TA 347 -97.46 23.72 84.03
C GLU TA 347 -98.66 22.76 84.09
N SER TA 348 -99.03 22.27 82.94
CA SER TA 348 -100.05 21.26 82.87
C SER TA 348 -99.64 20.32 81.74
N SER TA 349 -100.50 19.39 81.40
CA SER TA 349 -100.05 18.33 80.44
C SER TA 349 -99.74 18.99 79.08
N SER TA 350 -100.46 20.05 78.73
CA SER TA 350 -100.12 20.83 77.52
C SER TA 350 -98.70 21.47 77.64
N GLY TA 351 -98.07 21.42 78.82
CA GLY TA 351 -96.75 22.03 78.99
C GLY TA 351 -96.72 23.21 79.97
N GLY TA 352 -95.98 24.25 79.58
CA GLY TA 352 -95.83 25.47 80.40
C GLY TA 352 -96.97 26.45 80.18
N ARG TA 353 -97.41 27.03 81.23
CA ARG TA 353 -98.56 27.91 81.32
C ARG TA 353 -98.20 29.21 82.00
N ILE TA 354 -98.70 30.32 81.46
CA ILE TA 354 -98.43 31.64 82.03
C ILE TA 354 -99.73 32.36 82.40
N VAL TA 355 -100.16 32.18 83.64
CA VAL TA 355 -101.39 32.81 84.12
C VAL TA 355 -101.15 34.27 84.47
N MET TA 356 -101.78 35.17 83.73
CA MET TA 356 -101.64 36.60 83.96
C MET TA 356 -102.91 37.18 84.56
N LYS TA 357 -102.74 38.04 85.57
CA LYS TA 357 -103.88 38.68 86.22
C LYS TA 357 -104.15 40.05 85.65
N LEU TA 358 -105.26 40.19 84.94
CA LEU TA 358 -105.64 41.47 84.33
C LEU TA 358 -106.87 42.05 85.01
N SER TA 359 -106.64 42.98 85.94
CA SER TA 359 -107.72 43.63 86.65
C SER TA 359 -108.05 44.99 86.06
N GLY TA 360 -109.20 45.10 85.42
CA GLY TA 360 -109.61 46.36 84.82
C GLY TA 360 -109.58 46.30 83.29
N THR TA 361 -109.64 45.10 82.75
CA THR TA 361 -109.62 44.91 81.30
C THR TA 361 -110.94 44.34 80.81
N SER TA 362 -111.32 44.69 79.59
CA SER TA 362 -112.56 44.20 79.00
C SER TA 362 -112.29 43.31 77.79
N GLY TA 363 -111.83 43.92 76.70
CA GLY TA 363 -111.53 43.17 75.50
C GLY TA 363 -110.36 42.22 75.68
N TRP TA 364 -109.60 42.02 74.61
CA TRP TA 364 -108.44 41.13 74.65
C TRP TA 364 -107.19 41.85 74.15
N LYS TA 365 -106.04 41.52 74.76
CA LYS TA 365 -104.76 42.12 74.40
C LYS TA 365 -104.27 41.65 73.02
N VAL TA 366 -103.12 42.16 72.62
CA VAL TA 366 -102.54 41.80 71.32
C VAL TA 366 -101.48 40.71 71.48
N ASP TA 367 -101.84 39.48 71.10
CA ASP TA 367 -100.92 38.36 71.19
C ASP TA 367 -100.02 38.28 69.97
N ARG TA 368 -98.72 38.39 70.19
CA ARG TA 368 -97.75 38.33 69.10
C ARG TA 368 -96.77 37.18 69.31
N PRO TA 369 -97.06 36.04 68.68
CA PRO TA 369 -96.21 34.87 68.80
C PRO TA 369 -94.98 34.99 67.90
N ASP TA 370 -93.81 35.19 68.52
CA ASP TA 370 -92.57 35.33 67.77
C ASP TA 370 -91.73 34.06 67.88
N PRO TA 371 -90.69 33.97 67.07
CA PRO TA 371 -89.81 32.81 67.08
C PRO TA 371 -88.84 32.87 68.25
N ARG TA 372 -88.76 34.05 68.88
CA ARG TA 372 -87.87 34.25 70.02
C ARG TA 372 -88.66 34.24 71.33
N SER TA 373 -89.57 35.21 71.46
CA SER TA 373 -90.39 35.32 72.66
C SER TA 373 -91.83 35.68 72.31
N ALA TA 374 -92.61 36.05 73.31
CA ALA TA 374 -94.01 36.42 73.11
C ALA TA 374 -94.25 37.88 73.49
N VAL TA 375 -95.31 38.46 72.94
CA VAL TA 375 -95.65 39.85 73.23
C VAL TA 375 -97.14 40.00 73.53
N LEU TA 376 -97.45 40.67 74.62
CA LEU TA 376 -98.84 40.88 75.02
C LEU TA 376 -99.06 42.31 75.51
N THR TA 377 -99.77 43.10 74.71
CA THR TA 377 -100.04 44.49 75.07
C THR TA 377 -101.48 44.66 75.55
N LEU TA 378 -101.65 45.43 76.62
CA LEU TA 378 -102.98 45.66 77.18
C LEU TA 378 -103.26 47.16 77.29
N ASP TA 379 -103.99 47.69 76.31
CA ASP TA 379 -104.34 49.11 76.29
C ASP TA 379 -105.10 49.49 77.56
N ASN TA 380 -104.72 50.62 78.15
CA ASN TA 380 -105.37 51.11 79.36
C ASN TA 380 -105.18 50.13 80.50
N ALA TA 381 -104.09 49.37 80.45
CA ALA TA 381 -103.78 48.40 81.50
C ALA TA 381 -102.39 48.64 82.08
N ARG TA 382 -101.90 49.87 81.93
CA ARG TA 382 -100.58 50.23 82.45
C ARG TA 382 -100.39 49.73 83.87
N LEU TA 383 -99.45 48.81 84.05
CA LEU TA 383 -99.17 48.25 85.37
C LEU TA 383 -97.96 48.94 86.00
N PRO TA 384 -97.97 49.03 87.33
CA PRO TA 384 -96.88 49.67 88.09
C PRO TA 384 -95.60 48.84 88.07
N LYS TA 385 -94.46 49.52 88.21
CA LYS TA 385 -93.17 48.84 88.20
C LYS TA 385 -93.04 47.90 89.39
N LYS TA 386 -93.94 48.02 90.34
CA LYS TA 386 -93.93 47.17 91.53
C LYS TA 386 -94.67 45.86 91.29
N PHE TA 387 -95.06 45.64 90.04
CA PHE TA 387 -95.77 44.42 89.68
C PHE TA 387 -95.22 43.83 88.39
N GLU TA 388 -94.12 44.40 87.90
CA GLU TA 388 -93.48 43.92 86.68
C GLU TA 388 -92.43 42.86 86.99
N ARG TA 389 -92.59 42.18 88.12
CA ARG TA 389 -91.65 41.15 88.54
C ARG TA 389 -91.54 40.07 87.47
N SER TA 390 -90.37 39.45 87.39
CA SER TA 390 -90.13 38.39 86.41
C SER TA 390 -90.08 37.02 87.09
N LEU TA 391 -90.19 35.97 86.28
CA LEU TA 391 -90.17 34.61 86.80
C LEU TA 391 -88.76 34.01 86.70
N ASP TA 392 -88.55 32.89 87.38
CA ASP TA 392 -87.25 32.22 87.37
C ASP TA 392 -87.41 30.73 87.09
N THR TA 393 -88.33 30.39 86.19
CA THR TA 393 -88.59 29.00 85.84
C THR TA 393 -87.50 28.46 84.92
N SER TA 394 -86.27 28.42 85.43
CA SER TA 394 -85.14 27.92 84.65
C SER TA 394 -84.93 26.43 84.88
N ALA TA 395 -84.69 25.69 83.80
CA ALA TA 395 -84.46 24.26 83.89
C ALA TA 395 -85.72 23.55 84.40
N LEU TA 396 -86.89 24.04 84.00
CA LEU TA 396 -88.15 23.46 84.42
C LEU TA 396 -88.63 22.43 83.39
N ASP TA 397 -87.79 22.15 82.41
CA ASP TA 397 -88.13 21.19 81.36
C ASP TA 397 -89.38 21.62 80.61
N THR TA 398 -89.44 22.89 80.23
CA THR TA 398 -90.58 23.42 79.51
C THR TA 398 -90.13 24.30 78.33
N PRO TA 399 -91.04 24.53 77.38
CA PRO TA 399 -90.77 25.34 76.20
C PRO TA 399 -90.59 26.82 76.54
N VAL TA 400 -91.01 27.20 77.74
CA VAL TA 400 -90.90 28.58 78.19
C VAL TA 400 -89.61 28.81 78.96
N LYS TA 401 -88.68 29.54 78.34
CA LYS TA 401 -87.39 29.83 78.96
C LYS TA 401 -87.59 30.54 80.30
N MET TA 402 -88.30 31.66 80.28
CA MET TA 402 -88.56 32.43 81.48
C MET TA 402 -89.51 33.59 81.20
N ILE TA 403 -90.44 33.82 82.13
CA ILE TA 403 -91.42 34.89 81.97
C ILE TA 403 -90.86 36.22 82.50
N SER TA 404 -91.12 37.29 81.75
CA SER TA 404 -90.65 38.61 82.13
C SER TA 404 -91.73 39.66 81.95
N ALA TA 405 -92.03 40.40 83.02
CA ALA TA 405 -93.06 41.43 82.98
C ALA TA 405 -92.43 42.82 82.95
N PHE TA 406 -92.95 43.69 82.09
CA PHE TA 406 -92.44 45.04 81.98
C PHE TA 406 -93.58 46.05 81.78
N SER TA 407 -93.56 47.12 82.54
CA SER TA 407 -94.59 48.16 82.45
C SER TA 407 -94.37 49.03 81.22
N VAL TA 408 -93.64 50.13 81.36
CA VAL TA 408 -93.51 51.08 80.26
C VAL TA 408 -92.85 50.45 79.03
N PRO TA 409 -93.40 50.79 77.85
CA PRO TA 409 -92.67 50.36 76.64
C PRO TA 409 -92.87 51.40 75.53
N GLY TA 410 -93.15 52.66 75.92
CA GLY TA 410 -93.12 53.74 74.96
C GLY TA 410 -94.48 54.15 74.42
N ALA TA 411 -95.53 53.53 74.91
CA ALA TA 411 -96.90 53.87 74.50
C ALA TA 411 -97.71 54.18 75.75
N GLY TA 412 -98.32 55.37 75.81
CA GLY TA 412 -99.17 55.68 76.95
C GLY TA 412 -100.19 54.58 77.20
N GLY TA 413 -100.40 54.28 78.48
CA GLY TA 413 -101.40 53.40 79.03
C GLY TA 413 -101.21 51.91 78.72
N LYS TA 414 -100.33 51.53 77.81
CA LYS TA 414 -100.12 50.15 77.38
C LYS TA 414 -99.24 49.39 78.33
N VAL TA 415 -99.42 48.07 78.41
CA VAL TA 415 -98.47 47.18 79.11
C VAL TA 415 -97.96 46.07 78.19
N ARG TA 416 -96.85 45.47 78.62
CA ARG TA 416 -96.19 44.54 77.72
C ARG TA 416 -95.67 43.31 78.48
N LEU TA 417 -95.76 42.15 77.85
CA LEU TA 417 -95.29 40.91 78.47
C LEU TA 417 -94.29 40.19 77.57
N VAL TA 418 -93.21 39.70 78.17
CA VAL TA 418 -92.18 39.00 77.43
C VAL TA 418 -92.00 37.58 77.95
N VAL TA 419 -92.41 36.60 77.14
CA VAL TA 419 -92.30 35.19 77.52
C VAL TA 419 -91.31 34.46 76.62
N ALA TA 420 -90.03 34.51 77.00
CA ALA TA 420 -88.99 33.85 76.22
C ALA TA 420 -89.27 32.37 76.06
N ALA TA 421 -89.01 31.85 74.86
CA ALA TA 421 -89.25 30.44 74.58
C ALA TA 421 -88.03 29.81 73.90
N ASP TA 422 -88.15 28.52 73.57
CA ASP TA 422 -87.06 27.80 72.91
C ASP TA 422 -87.60 26.68 72.02
N GLY TA 423 -86.86 26.38 70.96
CA GLY TA 423 -87.27 25.34 70.04
C GLY TA 423 -88.69 25.54 69.54
N ALA TA 424 -89.21 24.56 68.81
CA ALA TA 424 -90.56 24.64 68.27
C ALA TA 424 -91.60 24.54 69.38
N ILE TA 425 -92.61 25.40 69.31
CA ILE TA 425 -93.67 25.41 70.31
C ILE TA 425 -94.94 26.06 69.76
N GLU TA 426 -96.01 26.00 70.54
CA GLU TA 426 -97.28 26.58 70.12
C GLU TA 426 -97.90 27.39 71.26
N GLU TA 427 -98.51 28.52 70.91
CA GLU TA 427 -99.15 29.38 71.90
C GLU TA 427 -100.66 29.15 71.93
N LYS TA 428 -101.23 29.14 73.13
CA LYS TA 428 -102.66 28.93 73.30
C LYS TA 428 -103.21 29.82 74.41
N VAL TA 429 -103.99 30.82 74.02
CA VAL TA 429 -104.59 31.74 74.98
C VAL TA 429 -105.93 31.23 75.48
N SER TA 430 -106.19 31.41 76.76
CA SER TA 430 -107.45 30.96 77.36
C SER TA 430 -108.03 32.04 78.28
N GLN TA 431 -109.31 32.32 78.11
CA GLN TA 431 -109.98 33.32 78.91
C GLN TA 431 -111.09 32.69 79.76
N SER TA 432 -110.74 32.33 80.99
CA SER TA 432 -111.70 31.71 81.91
C SER TA 432 -112.65 32.75 82.48
N ALA TA 433 -112.37 34.03 82.21
CA ALA TA 433 -113.20 35.11 82.71
C ALA TA 433 -112.68 36.45 82.21
N GLY TA 434 -113.56 37.48 82.25
CA GLY TA 434 -113.22 38.83 81.81
C GLY TA 434 -112.23 39.51 82.74
N THR TA 435 -110.95 39.15 82.62
CA THR TA 435 -109.92 39.74 83.45
C THR TA 435 -108.75 38.80 83.68
N LEU TA 436 -109.02 37.50 83.62
CA LEU TA 436 -107.98 36.50 83.83
C LEU TA 436 -107.49 35.96 82.49
N SER TA 437 -106.20 36.19 82.20
CA SER TA 437 -105.61 35.73 80.96
C SER TA 437 -104.63 34.58 81.21
N TRP TA 438 -104.52 33.69 80.25
CA TRP TA 438 -103.62 32.54 80.37
C TRP TA 438 -102.95 32.22 79.04
N ARG TA 439 -101.75 31.65 79.12
CA ARG TA 439 -100.99 31.29 77.92
C ARG TA 439 -100.38 29.91 78.05
N LEU TA 440 -100.97 28.93 77.38
CA LEU TA 440 -100.47 27.56 77.42
C LEU TA 440 -99.39 27.33 76.37
N TYR TA 477 -69.77 -6.44 73.54
CA TYR TA 477 -70.52 -7.55 72.92
C TYR TA 477 -71.62 -8.00 73.87
N ARG TA 478 -72.50 -7.05 74.16
CA ARG TA 478 -73.76 -7.30 74.86
C ARG TA 478 -74.65 -6.09 74.68
N GLY TA 479 -75.95 -6.30 74.46
CA GLY TA 479 -76.85 -5.21 74.17
C GLY TA 479 -78.33 -5.51 74.38
N LYS TA 480 -79.19 -4.47 74.31
CA LYS TA 480 -80.64 -4.68 74.16
C LYS TA 480 -80.94 -5.47 72.88
N ARG TA 481 -82.05 -6.21 72.94
CA ARG TA 481 -82.63 -6.93 71.80
C ARG TA 481 -83.42 -6.04 70.88
N VAL TA 482 -83.32 -6.39 69.61
CA VAL TA 482 -83.71 -5.52 68.52
C VAL TA 482 -84.22 -6.36 67.35
N SER TA 483 -84.82 -5.69 66.37
CA SER TA 483 -85.11 -6.28 65.07
C SER TA 483 -84.58 -5.31 64.03
N PHE TA 484 -83.62 -5.78 63.25
CA PHE TA 484 -83.02 -5.04 62.14
C PHE TA 484 -83.62 -5.28 60.81
N GLU TA 485 -84.31 -4.30 60.28
CA GLU TA 485 -84.85 -4.39 58.95
C GLU TA 485 -84.25 -3.29 58.11
N PHE TA 486 -83.42 -3.68 57.13
CA PHE TA 486 -82.72 -2.82 56.19
C PHE TA 486 -82.97 -3.20 54.76
N LYS TA 487 -83.79 -2.42 54.07
CA LYS TA 487 -84.12 -2.67 52.68
C LYS TA 487 -83.36 -1.73 51.76
N ASP TA 488 -82.19 -2.18 51.31
CA ASP TA 488 -81.39 -1.48 50.30
C ASP TA 488 -80.97 -0.12 50.89
N ILE TA 489 -80.05 -0.20 51.87
CA ILE TA 489 -79.52 0.98 52.57
C ILE TA 489 -78.01 0.93 52.72
N ASP TA 490 -77.41 2.11 52.75
CA ASP TA 490 -75.98 2.22 52.94
C ASP TA 490 -75.57 1.65 54.29
N ILE TA 491 -74.53 0.82 54.32
CA ILE TA 491 -74.02 0.26 55.58
C ILE TA 491 -73.62 1.40 56.53
N GLN TA 492 -73.16 2.53 55.98
CA GLN TA 492 -72.89 3.74 56.74
C GLN TA 492 -74.14 4.28 57.44
N ASN TA 493 -75.28 4.25 56.76
CA ASN TA 493 -76.54 4.58 57.41
C ASN TA 493 -76.85 3.56 58.49
N LEU TA 494 -76.79 2.24 58.20
CA LEU TA 494 -77.07 1.25 59.25
C LEU TA 494 -76.17 1.45 60.46
N LEU TA 495 -74.92 1.73 60.22
CA LEU TA 495 -74.00 2.05 61.24
C LEU TA 495 -74.45 3.24 62.11
N ARG TA 496 -74.74 4.40 61.51
CA ARG TA 496 -75.16 5.61 62.24
C ARG TA 496 -76.40 5.39 63.03
N VAL TA 497 -77.35 4.75 62.38
CA VAL TA 497 -78.57 4.32 63.01
C VAL TA 497 -78.21 3.50 64.26
N ILE TA 498 -77.31 2.53 64.08
CA ILE TA 498 -76.82 1.74 65.19
C ILE TA 498 -76.11 2.65 66.21
N ALA TA 499 -75.34 3.68 65.90
CA ALA TA 499 -74.89 4.63 66.93
C ALA TA 499 -76.00 5.50 67.60
N GLU TA 500 -77.05 5.87 66.89
CA GLU TA 500 -78.20 6.66 67.38
C GLU TA 500 -79.08 5.93 68.39
N ILE TA 501 -78.95 4.62 68.42
CA ILE TA 501 -79.57 3.69 69.34
C ILE TA 501 -78.58 3.38 70.55
N SER TA 502 -77.48 4.12 70.79
CA SER TA 502 -76.54 3.98 71.97
C SER TA 502 -75.68 2.72 71.95
N LYS TA 503 -75.69 2.08 70.80
CA LYS TA 503 -74.80 1.00 70.44
C LYS TA 503 -73.48 1.58 70.03
N LYS TA 504 -72.79 2.11 71.06
CA LYS TA 504 -71.57 2.91 70.94
C LYS TA 504 -71.84 4.22 70.20
N ASN TA 505 -70.77 4.98 70.02
CA ASN TA 505 -70.70 5.90 68.89
C ASN TA 505 -69.95 5.18 67.78
N ILE TA 506 -70.64 4.80 66.71
CA ILE TA 506 -70.00 4.18 65.56
C ILE TA 506 -69.64 5.24 64.52
N VAL TA 507 -68.41 5.15 63.95
CA VAL TA 507 -67.92 5.96 62.82
C VAL TA 507 -67.23 5.04 61.81
N VAL TA 508 -67.56 5.13 60.52
CA VAL TA 508 -66.82 4.39 59.49
C VAL TA 508 -65.48 5.11 59.17
N ALA TA 509 -64.66 4.53 58.29
CA ALA TA 509 -63.84 5.31 57.34
C ALA TA 509 -64.75 6.16 56.39
N ASP TA 510 -64.25 6.69 55.27
CA ASP TA 510 -65.17 7.33 54.31
C ASP TA 510 -65.84 6.25 53.44
N ASP TA 511 -65.09 5.73 52.45
CA ASP TA 511 -65.67 4.77 51.50
C ASP TA 511 -65.40 3.34 51.96
N VAL TA 512 -66.37 2.84 52.73
CA VAL TA 512 -66.32 1.48 53.26
C VAL TA 512 -66.77 0.42 52.27
N SER TA 513 -67.83 0.63 51.49
CA SER TA 513 -68.48 -0.49 50.80
C SER TA 513 -69.57 0.00 49.85
N GLY TA 514 -70.80 0.06 50.37
CA GLY TA 514 -71.97 0.49 49.66
C GLY TA 514 -73.21 0.20 50.49
N LYS TA 515 -74.17 -0.37 49.77
CA LYS TA 515 -75.51 -0.67 50.23
C LYS TA 515 -75.72 -2.17 50.49
N VAL TA 516 -76.50 -2.52 51.51
CA VAL TA 516 -76.86 -3.92 51.86
C VAL TA 516 -78.32 -4.04 52.26
N THR TA 517 -78.82 -5.28 52.13
CA THR TA 517 -80.12 -5.71 52.65
C THR TA 517 -80.03 -6.83 53.67
N ILE TA 518 -80.60 -6.62 54.86
CA ILE TA 518 -80.77 -7.64 55.90
C ILE TA 518 -82.14 -7.45 56.58
N ARG TA 519 -82.70 -8.51 57.18
CA ARG TA 519 -83.87 -8.47 58.07
C ARG TA 519 -83.89 -9.48 59.21
N LEU TA 520 -83.64 -8.95 60.38
CA LEU TA 520 -83.45 -9.67 61.61
C LEU TA 520 -84.65 -9.45 62.51
N ARG TA 521 -84.93 -10.48 63.31
CA ARG TA 521 -85.85 -10.33 64.45
C ARG TA 521 -85.24 -10.92 65.70
N ASN TA 522 -85.54 -10.28 66.83
CA ASN TA 522 -85.17 -10.73 68.17
C ASN TA 522 -83.64 -10.92 68.37
N VAL TA 523 -82.81 -10.07 67.77
CA VAL TA 523 -81.35 -10.21 67.86
C VAL TA 523 -80.83 -9.03 68.63
N PRO TA 524 -80.06 -9.16 69.73
CA PRO TA 524 -79.26 -8.07 70.24
C PRO TA 524 -78.37 -7.51 69.18
N TRP TA 525 -78.23 -6.21 69.25
CA TRP TA 525 -77.62 -5.52 68.16
C TRP TA 525 -76.17 -5.83 67.86
N ASP TA 526 -75.39 -6.03 68.92
CA ASP TA 526 -73.94 -6.21 68.89
C ASP TA 526 -73.57 -7.49 68.17
N GLN TA 527 -74.53 -8.38 68.22
CA GLN TA 527 -74.60 -9.51 67.36
C GLN TA 527 -75.13 -9.18 65.96
N ALA TA 528 -76.29 -8.53 65.82
CA ALA TA 528 -76.80 -8.19 64.49
C ALA TA 528 -75.73 -7.45 63.66
N LEU TA 529 -74.89 -6.65 64.33
CA LEU TA 529 -73.63 -6.09 63.86
C LEU TA 529 -72.63 -7.13 63.39
N ASP TA 530 -72.12 -8.03 64.24
CA ASP TA 530 -71.14 -9.06 63.83
C ASP TA 530 -71.58 -9.82 62.56
N LEU TA 531 -72.86 -10.07 62.62
CA LEU TA 531 -73.60 -10.66 61.56
C LEU TA 531 -73.70 -9.76 60.30
N VAL TA 532 -73.80 -8.43 60.45
CA VAL TA 532 -73.84 -7.44 59.32
C VAL TA 532 -72.49 -7.41 58.61
N LEU TA 533 -71.40 -7.39 59.40
CA LEU TA 533 -70.01 -7.50 58.95
C LEU TA 533 -69.83 -8.64 57.94
N ARG TA 534 -70.26 -9.84 58.36
CA ARG TA 534 -70.21 -11.08 57.52
C ARG TA 534 -71.03 -11.10 56.25
N THR TA 535 -72.09 -10.29 56.24
CA THR TA 535 -72.93 -10.19 55.04
C THR TA 535 -72.11 -9.68 53.85
N LYS TA 536 -71.63 -8.45 53.96
CA LYS TA 536 -70.92 -7.70 52.91
C LYS TA 536 -69.86 -6.82 53.53
N ALA TA 537 -70.33 -6.34 54.66
CA ALA TA 537 -69.83 -5.24 55.38
C ALA TA 537 -68.50 -5.63 56.01
N LEU TA 538 -68.11 -4.74 56.88
CA LEU TA 538 -66.73 -4.49 57.20
C LEU TA 538 -66.23 -5.40 58.32
N GLY TA 539 -65.06 -5.12 58.89
CA GLY TA 539 -64.76 -5.50 60.28
C GLY TA 539 -64.81 -4.27 61.20
N LYS TA 540 -65.04 -4.48 62.51
CA LYS TA 540 -65.07 -3.39 63.50
C LYS TA 540 -63.86 -3.40 64.42
N GLU TA 541 -63.32 -2.22 64.70
CA GLU TA 541 -62.30 -1.96 65.74
C GLU TA 541 -62.79 -0.89 66.71
N GLU TA 542 -62.75 -1.13 68.01
CA GLU TA 542 -63.19 -0.16 69.01
C GLU TA 542 -62.04 0.56 69.69
N PHE TA 543 -62.07 1.90 69.68
CA PHE TA 543 -61.22 2.75 70.52
C PHE TA 543 -61.63 2.78 72.00
N GLY TA 544 -62.95 2.71 72.23
CA GLY TA 544 -63.61 2.48 73.52
C GLY TA 544 -64.94 3.24 73.56
N ASN TA 545 -64.84 4.57 73.50
CA ASN TA 545 -66.01 5.45 73.38
C ASN TA 545 -66.59 5.44 71.96
N ILE TA 546 -65.70 5.63 70.98
CA ILE TA 546 -65.99 5.54 69.57
C ILE TA 546 -65.47 4.19 69.06
N ILE TA 547 -66.07 3.70 68.00
CA ILE TA 547 -65.60 2.53 67.27
C ILE TA 547 -65.38 2.95 65.82
N ARG TA 548 -64.27 2.51 65.20
CA ARG TA 548 -64.04 2.69 63.77
C ARG TA 548 -64.34 1.41 63.01
N ILE TA 549 -65.04 1.56 61.91
CA ILE TA 549 -65.34 0.48 60.99
C ILE TA 549 -64.68 0.73 59.66
N ALA TA 550 -63.94 -0.26 59.18
CA ALA TA 550 -63.15 -0.10 57.98
C ALA TA 550 -63.39 -1.22 56.95
N PRO TA 551 -63.20 -0.89 55.66
CA PRO TA 551 -63.15 -1.81 54.52
C PRO TA 551 -61.89 -2.69 54.49
N ASP TA 574 -85.48 -11.37 51.37
CA ASP TA 574 -84.68 -11.09 52.55
C ASP TA 574 -83.81 -12.25 53.03
N LEU TA 575 -82.76 -11.76 53.67
CA LEU TA 575 -81.97 -12.50 54.62
C LEU TA 575 -82.59 -12.25 55.92
N MET TA 576 -82.47 -13.28 56.71
CA MET TA 576 -82.97 -13.12 58.02
C MET TA 576 -82.13 -13.78 59.05
N VAL TA 577 -82.41 -13.26 60.23
CA VAL TA 577 -81.86 -13.80 61.43
C VAL TA 577 -82.96 -14.25 62.33
N ASN TA 578 -82.69 -15.41 62.86
CA ASN TA 578 -83.55 -16.13 63.74
C ASN TA 578 -82.67 -16.75 64.83
N LEU TA 579 -83.18 -16.67 66.05
CA LEU TA 579 -82.62 -17.32 67.23
C LEU TA 579 -83.30 -18.69 67.33
N LEU TA 580 -82.49 -19.73 67.43
CA LEU TA 580 -82.89 -21.10 67.73
C LEU TA 580 -82.60 -21.34 69.22
N PRO TA 581 -83.60 -21.61 70.07
CA PRO TA 581 -83.27 -22.17 71.38
C PRO TA 581 -82.79 -23.62 71.16
N VAL TA 582 -81.79 -24.02 71.91
CA VAL TA 582 -81.40 -25.42 72.07
C VAL TA 582 -81.69 -25.80 73.51
N ASN TA 583 -82.84 -26.46 73.74
CA ASN TA 583 -83.21 -26.80 75.11
C ASN TA 583 -82.39 -27.98 75.63
N TYR TA 584 -82.21 -29.00 74.79
CA TYR TA 584 -81.73 -30.30 75.26
C TYR TA 584 -80.25 -30.56 75.08
N ALA TA 585 -79.74 -30.30 73.87
CA ALA TA 585 -78.33 -30.51 73.55
C ALA TA 585 -77.44 -29.29 73.89
N VAL TA 586 -76.13 -29.49 73.92
CA VAL TA 586 -75.17 -28.38 73.94
C VAL TA 586 -75.00 -27.83 72.51
N ALA TA 587 -74.88 -26.51 72.38
CA ALA TA 587 -74.74 -25.84 71.09
C ALA TA 587 -73.48 -26.28 70.30
N ALA TA 588 -72.37 -26.52 71.00
CA ALA TA 588 -71.09 -26.92 70.41
C ALA TA 588 -71.15 -28.27 69.67
N ASP TA 589 -72.00 -29.20 70.09
CA ASP TA 589 -72.17 -30.51 69.44
C ASP TA 589 -72.79 -30.40 68.03
N MET TA 590 -73.62 -29.37 67.82
CA MET TA 590 -74.12 -29.00 66.49
C MET TA 590 -73.04 -28.45 65.55
N ALA TA 591 -71.95 -27.91 66.08
CA ALA TA 591 -70.97 -27.13 65.30
C ALA TA 591 -70.38 -27.90 64.11
N ALA TA 592 -70.10 -29.20 64.29
CA ALA TA 592 -69.58 -30.05 63.21
C ALA TA 592 -70.56 -30.11 62.02
N ARG TA 593 -71.83 -30.45 62.28
CA ARG TA 593 -72.87 -30.56 61.26
C ARG TA 593 -73.26 -29.23 60.62
N VAL TA 594 -73.34 -28.19 61.44
CA VAL TA 594 -73.71 -26.84 60.97
C VAL TA 594 -72.61 -26.27 60.09
N LYS TA 595 -71.32 -26.44 60.47
CA LYS TA 595 -70.18 -26.06 59.63
C LYS TA 595 -70.22 -26.79 58.29
N ASP TA 596 -70.60 -28.07 58.31
CA ASP TA 596 -70.72 -28.89 57.11
C ASP TA 596 -71.83 -28.49 56.12
N VAL TA 597 -72.99 -27.96 56.54
CA VAL TA 597 -73.91 -27.31 55.58
C VAL TA 597 -73.29 -26.06 54.94
N LEU TA 598 -72.68 -25.17 55.73
CA LEU TA 598 -72.20 -23.89 55.22
C LEU TA 598 -71.26 -24.10 54.03
N SER TA 599 -70.33 -25.05 54.14
CA SER TA 599 -69.26 -25.22 53.15
C SER TA 599 -68.55 -23.86 52.91
N GLU TA 600 -68.34 -23.48 51.65
CA GLU TA 600 -67.92 -22.15 51.20
C GLU TA 600 -69.12 -21.20 50.93
N ARG TA 601 -70.25 -21.41 51.60
CA ARG TA 601 -71.38 -20.48 51.54
C ARG TA 601 -71.38 -19.45 52.67
N GLY TA 602 -72.31 -18.55 52.37
CA GLY TA 602 -72.75 -17.40 53.10
C GLY TA 602 -74.08 -17.59 53.69
N SER TA 603 -74.14 -16.89 54.80
CA SER TA 603 -74.58 -17.56 56.00
C SER TA 603 -73.48 -17.61 57.01
N VAL TA 604 -73.93 -17.58 58.24
CA VAL TA 604 -73.13 -17.92 59.38
C VAL TA 604 -74.01 -18.37 60.52
N THR TA 605 -73.34 -18.97 61.49
CA THR TA 605 -73.87 -19.38 62.78
C THR TA 605 -73.05 -18.75 63.91
N VAL TA 606 -73.72 -18.20 64.91
CA VAL TA 606 -73.13 -17.64 66.14
C VAL TA 606 -73.68 -18.36 67.35
N ASP TA 607 -72.78 -18.77 68.23
CA ASP TA 607 -73.14 -19.44 69.47
C ASP TA 607 -73.14 -18.41 70.62
N GLN TA 608 -74.32 -18.15 71.16
CA GLN TA 608 -74.44 -17.32 72.37
C GLN TA 608 -74.25 -18.18 73.62
N ARG TA 609 -73.79 -17.51 74.69
CA ARG TA 609 -73.45 -18.17 75.96
C ARG TA 609 -74.58 -18.96 76.62
N THR TA 610 -75.81 -18.50 76.46
CA THR TA 610 -77.00 -19.14 77.02
C THR TA 610 -77.50 -20.32 76.16
N ASN TA 611 -76.61 -21.00 75.44
CA ASN TA 611 -76.88 -22.14 74.55
C ASN TA 611 -78.06 -21.90 73.60
N VAL TA 612 -77.98 -20.78 72.89
CA VAL TA 612 -78.84 -20.49 71.73
C VAL TA 612 -77.96 -20.32 70.51
N LEU TA 613 -78.39 -20.90 69.39
CA LEU TA 613 -77.75 -20.63 68.11
C LEU TA 613 -78.44 -19.44 67.44
N ILE TA 614 -77.62 -18.65 66.74
CA ILE TA 614 -78.14 -17.61 65.87
C ILE TA 614 -77.56 -17.73 64.49
N VAL TA 615 -78.45 -17.66 63.51
CA VAL TA 615 -78.09 -17.74 62.10
C VAL TA 615 -78.42 -16.45 61.35
N LYS TA 616 -77.48 -15.85 60.61
CA LYS TA 616 -77.85 -15.00 59.46
C LYS TA 616 -77.63 -15.81 58.25
N ASP TA 617 -78.50 -15.57 57.29
CA ASP TA 617 -78.37 -16.05 55.94
C ASP TA 617 -79.60 -15.70 55.12
N VAL TA 618 -79.55 -16.10 53.85
CA VAL TA 618 -80.75 -16.29 53.05
C VAL TA 618 -81.76 -17.13 53.83
N ARG TA 619 -83.06 -16.93 53.59
CA ARG TA 619 -84.09 -17.80 54.16
C ARG TA 619 -83.83 -19.30 53.89
N SER TA 620 -83.38 -19.67 52.69
CA SER TA 620 -83.19 -21.08 52.31
C SER TA 620 -82.08 -21.76 53.11
N ASN TA 621 -80.95 -21.10 53.38
CA ASN TA 621 -79.91 -21.62 54.27
C ASN TA 621 -80.35 -21.55 55.76
N THR TA 622 -81.10 -20.52 56.20
CA THR TA 622 -81.71 -20.49 57.57
C THR TA 622 -82.60 -21.72 57.83
N GLU TA 623 -83.49 -21.99 56.86
CA GLU TA 623 -84.43 -23.09 56.94
C GLU TA 623 -83.71 -24.42 57.14
N ARG TA 624 -82.68 -24.68 56.33
CA ARG TA 624 -81.84 -25.88 56.45
C ARG TA 624 -81.22 -25.98 57.84
N ALA TA 625 -80.53 -24.92 58.27
CA ALA TA 625 -79.89 -24.89 59.59
C ALA TA 625 -80.89 -25.13 60.73
N ARG TA 626 -82.08 -24.48 60.69
CA ARG TA 626 -83.14 -24.74 61.69
C ARG TA 626 -83.60 -26.20 61.68
N SER TA 627 -83.88 -26.77 60.50
CA SER TA 627 -84.35 -28.15 60.40
C SER TA 627 -83.37 -29.13 61.03
N LEU TA 628 -82.05 -28.94 60.81
CA LEU TA 628 -81.01 -29.77 61.41
C LEU TA 628 -80.87 -29.55 62.92
N VAL TA 629 -80.84 -28.29 63.38
CA VAL TA 629 -80.72 -27.95 64.81
C VAL TA 629 -81.91 -28.53 65.56
N ARG TA 630 -83.15 -28.29 65.10
CA ARG TA 630 -84.33 -28.85 65.76
C ARG TA 630 -84.34 -30.38 65.68
N SER TA 631 -83.95 -30.98 64.55
CA SER TA 631 -83.96 -32.44 64.38
C SER TA 631 -83.00 -33.14 65.37
N LEU TA 632 -81.78 -32.60 65.51
CA LEU TA 632 -80.84 -33.06 66.53
C LEU TA 632 -81.23 -32.70 67.95
N ASP TA 633 -81.88 -31.54 68.15
CA ASP TA 633 -82.43 -31.21 69.46
C ASP TA 633 -83.44 -32.36 69.70
N THR TA 634 -84.42 -32.66 68.82
CA THR TA 634 -85.47 -33.69 69.06
C THR TA 634 -85.07 -35.08 69.53
N GLN TA 635 -83.91 -35.63 69.18
CA GLN TA 635 -83.45 -36.90 69.79
C GLN TA 635 -82.93 -36.74 71.23
N THR TA 636 -82.37 -35.57 71.54
CA THR TA 636 -82.09 -35.07 72.90
C THR TA 636 -83.27 -34.83 73.89
N PRO TA 637 -84.50 -34.36 73.52
CA PRO TA 637 -85.69 -34.39 74.37
C PRO TA 637 -86.20 -35.74 74.83
N GLN TA 638 -85.99 -36.83 74.07
CA GLN TA 638 -86.34 -38.14 74.65
C GLN TA 638 -85.28 -38.53 75.68
N VAL TA 639 -85.51 -38.09 76.91
CA VAL TA 639 -84.67 -38.39 78.06
C VAL TA 639 -85.08 -39.72 78.72
N CYS UA 5 -2.52 65.13 -36.97
CA CYS UA 5 -2.64 64.64 -35.60
C CYS UA 5 -2.71 65.85 -34.61
N GLU UA 6 -2.88 65.57 -33.31
CA GLU UA 6 -2.56 66.53 -32.24
C GLU UA 6 -1.28 66.11 -31.50
N GLU UA 7 -0.43 67.09 -31.24
CA GLU UA 7 0.94 66.98 -30.69
C GLU UA 7 0.95 66.98 -29.12
N PRO UA 8 2.09 67.02 -28.39
CA PRO UA 8 2.21 66.73 -26.95
C PRO UA 8 1.12 67.23 -25.97
N PRO UA 9 1.07 68.55 -25.73
CA PRO UA 9 -0.14 69.26 -26.08
C PRO UA 9 -0.20 69.64 -27.55
N ALA UA 10 -1.40 69.98 -28.01
CA ALA UA 10 -1.71 70.45 -29.36
C ALA UA 10 -0.93 71.76 -29.68
N PRO UA 11 -1.30 72.55 -30.72
CA PRO UA 11 -0.77 73.92 -30.90
C PRO UA 11 -1.15 74.85 -29.69
N ALA UA 12 -1.47 76.16 -29.85
CA ALA UA 12 -1.69 77.03 -28.66
C ALA UA 12 -3.07 77.63 -28.28
N PRO UA 13 -4.13 77.79 -29.12
CA PRO UA 13 -5.38 78.47 -28.66
C PRO UA 13 -6.53 77.72 -27.92
N PRO UA 14 -6.55 76.38 -27.69
CA PRO UA 14 -5.45 75.57 -27.23
C PRO UA 14 -4.84 74.56 -28.23
N PRO UA 15 -5.21 74.43 -29.54
CA PRO UA 15 -6.45 74.69 -30.26
C PRO UA 15 -7.64 73.82 -29.88
N ALA UA 16 -8.81 74.37 -30.25
CA ALA UA 16 -10.11 73.73 -30.44
C ALA UA 16 -10.66 72.87 -29.29
N LYS UA 17 -9.81 72.19 -28.54
CA LYS UA 17 -10.26 71.17 -27.59
C LYS UA 17 -11.03 71.79 -26.42
N PRO UA 18 -11.30 73.09 -26.54
CA PRO UA 18 -12.39 73.71 -25.78
C PRO UA 18 -13.74 73.03 -26.06
N LYS UA 19 -14.05 72.83 -27.33
CA LYS UA 19 -15.32 72.24 -27.74
C LYS UA 19 -15.27 70.72 -27.65
N ALA UA 20 -14.12 70.15 -28.00
CA ALA UA 20 -13.91 68.71 -27.86
C ALA UA 20 -13.84 68.31 -26.38
N ALA UA 21 -12.75 68.66 -25.73
CA ALA UA 21 -12.59 68.40 -24.30
C ALA UA 21 -13.41 69.37 -23.47
N ALA UA 22 -14.26 70.14 -24.13
CA ALA UA 22 -15.44 70.71 -23.50
C ALA UA 22 -16.60 69.71 -23.52
N ALA UA 23 -17.13 69.46 -24.71
CA ALA UA 23 -18.39 68.73 -24.86
C ALA UA 23 -18.18 67.23 -24.67
N VAL UA 24 -16.94 66.84 -24.39
CA VAL UA 24 -16.67 65.70 -23.52
C VAL UA 24 -16.87 66.07 -22.05
N PRO UA 25 -15.79 66.00 -21.29
CA PRO UA 25 -15.89 65.82 -19.82
C PRO UA 25 -17.22 65.32 -19.26
N VAL UA 26 -17.67 64.10 -19.61
CA VAL UA 26 -16.91 63.00 -20.24
C VAL UA 26 -17.59 62.57 -21.55
N LYS UA 27 -17.84 61.27 -21.76
CA LYS UA 27 -19.03 60.83 -22.52
C LYS UA 27 -20.33 61.39 -21.90
N ALA UA 28 -20.20 61.87 -20.65
CA ALA UA 28 -21.18 61.99 -19.58
C ALA UA 28 -21.79 60.65 -19.13
N ALA UA 29 -22.15 59.80 -20.09
CA ALA UA 29 -23.24 58.85 -19.99
C ALA UA 29 -24.61 59.56 -20.11
N PRO UA 30 -24.78 60.72 -19.43
CA PRO UA 30 -24.70 60.80 -17.98
C PRO UA 30 -25.66 59.77 -17.37
N THR UA 31 -25.38 59.36 -16.14
CA THR UA 31 -25.67 58.01 -15.69
C THR UA 31 -26.76 58.00 -14.62
N GLU UA 32 -27.92 58.57 -14.96
CA GLU UA 32 -29.17 58.24 -14.29
C GLU UA 32 -29.26 56.74 -14.00
N THR UA 33 -28.35 56.25 -13.17
CA THR UA 33 -28.40 54.87 -12.71
C THR UA 33 -28.47 54.80 -11.19
N GLY UA 34 -27.37 54.38 -10.56
CA GLY UA 34 -27.41 53.28 -9.62
C GLY UA 34 -27.61 53.74 -8.20
N ALA UA 35 -28.83 54.17 -7.88
CA ALA UA 35 -29.10 54.84 -6.62
C ALA UA 35 -29.18 53.85 -5.46
N GLN UA 36 -29.25 54.38 -4.25
CA GLN UA 36 -29.51 53.56 -3.07
C GLN UA 36 -30.46 54.27 -2.10
N ALA UA 37 -30.94 53.53 -1.11
CA ALA UA 37 -32.20 53.86 -0.45
C ALA UA 37 -32.03 53.87 1.07
N ALA UA 38 -32.77 54.75 1.73
CA ALA UA 38 -32.77 54.81 3.19
C ALA UA 38 -33.86 53.93 3.79
N PRO UA 39 -34.44 53.07 2.95
CA PRO UA 39 -35.91 52.98 2.84
C PRO UA 39 -36.70 53.94 3.76
N SER UA 40 -37.80 53.49 4.35
CA SER UA 40 -38.51 54.17 5.43
C SER UA 40 -39.02 53.10 6.43
N TYR UA 41 -39.43 53.52 7.62
CA TYR UA 41 -39.75 52.62 8.74
C TYR UA 41 -41.14 52.94 9.29
N SER UA 42 -41.87 51.90 9.69
CA SER UA 42 -43.19 52.01 10.32
C SER UA 42 -43.09 52.15 11.85
N TYR UA 43 -44.22 52.48 12.50
CA TYR UA 43 -44.30 52.74 13.94
C TYR UA 43 -45.18 51.76 14.72
N VAL UA 44 -44.95 51.63 16.02
CA VAL UA 44 -45.51 50.58 16.91
C VAL UA 44 -45.89 51.17 18.27
N TYR UA 45 -46.89 50.68 19.02
CA TYR UA 45 -48.09 49.90 18.68
C TYR UA 45 -49.13 50.26 19.78
N ASN UA 46 -50.44 50.18 19.50
CA ASN UA 46 -51.47 50.62 20.44
C ASN UA 46 -51.92 49.52 21.42
N PRO UA 47 -51.45 49.58 22.68
CA PRO UA 47 -52.33 49.24 23.80
C PRO UA 47 -52.05 50.01 25.10
N VAL UA 48 -53.11 50.03 25.92
CA VAL UA 48 -53.04 49.36 27.24
C VAL UA 48 -54.01 48.19 27.24
N GLY UA 49 -53.61 47.08 27.88
CA GLY UA 49 -54.44 45.88 28.02
C GLY UA 49 -55.67 46.12 28.89
N LYS UA 50 -56.59 45.14 28.90
CA LYS UA 50 -57.77 45.11 29.77
C LYS UA 50 -57.90 43.75 30.46
N ARG UA 51 -58.59 43.71 31.59
CA ARG UA 51 -58.79 42.50 32.40
C ARG UA 51 -60.27 42.18 32.53
N ASP UA 52 -60.50 40.88 32.47
CA ASP UA 52 -61.67 40.09 32.79
C ASP UA 52 -61.07 38.91 33.63
N PRO UA 53 -60.94 37.75 32.97
CA PRO UA 53 -59.69 37.14 32.58
C PRO UA 53 -58.56 38.14 32.21
N PHE UA 54 -57.34 38.03 32.73
CA PHE UA 54 -56.76 36.82 33.29
C PHE UA 54 -56.65 36.88 34.83
N ARG UA 55 -57.26 37.86 35.52
CA ARG UA 55 -57.08 37.95 36.99
C ARG UA 55 -57.67 36.75 37.72
N SER UA 56 -58.96 36.46 37.56
CA SER UA 56 -59.53 35.23 38.14
C SER UA 56 -58.81 33.91 37.75
N PRO UA 57 -58.55 33.61 36.46
CA PRO UA 57 -57.90 32.35 36.09
C PRO UA 57 -56.41 32.19 36.45
N ILE UA 58 -55.76 33.15 37.14
CA ILE UA 58 -54.44 32.91 37.78
C ILE UA 58 -54.29 33.59 39.16
N ASP UA 59 -54.77 34.81 39.36
CA ASP UA 59 -54.73 35.51 40.65
C ASP UA 59 -55.76 34.94 41.66
N GLU UA 60 -56.80 34.24 41.20
CA GLU UA 60 -57.78 33.52 42.05
C GLU UA 60 -57.64 31.99 41.95
N LEU UA 61 -57.26 31.45 40.79
CA LEU UA 61 -56.91 30.02 40.63
C LEU UA 61 -55.58 29.64 41.29
N GLY UA 62 -54.56 30.52 41.21
CA GLY UA 62 -53.22 30.28 41.74
C GLY UA 62 -53.16 30.13 43.27
N PRO UA 63 -54.05 30.84 44.00
CA PRO UA 63 -54.59 30.41 45.29
C PRO UA 63 -55.45 29.12 45.19
N VAL UA 64 -54.86 28.00 44.75
CA VAL UA 64 -55.58 26.73 44.47
C VAL UA 64 -56.36 26.28 45.72
N ASN UA 65 -57.68 26.49 45.68
CA ASN UA 65 -58.54 26.45 46.84
C ASN UA 65 -59.84 25.74 46.47
N ALA UA 66 -60.15 24.68 47.22
CA ALA UA 66 -61.42 23.96 47.13
C ALA UA 66 -61.93 23.71 48.54
N ASN UA 67 -63.25 23.77 48.71
CA ASN UA 67 -63.93 23.53 49.99
C ASN UA 67 -64.95 22.38 49.83
N PRO UA 68 -64.49 21.11 49.88
CA PRO UA 68 -65.26 19.93 49.49
C PRO UA 68 -66.66 19.79 50.13
N VAL UA 69 -67.58 19.21 49.36
CA VAL UA 69 -68.87 18.73 49.85
C VAL UA 69 -68.78 17.36 50.53
N ALA UA 70 -69.23 17.29 51.79
CA ALA UA 70 -69.48 16.04 52.51
C ALA UA 70 -70.69 16.12 53.48
N ALA UA 71 -71.17 17.34 53.77
CA ALA UA 71 -72.24 17.59 54.73
C ALA UA 71 -73.64 17.24 54.21
N CYS UA 72 -74.64 17.37 55.09
CA CYS UA 72 -76.03 17.54 54.69
C CYS UA 72 -76.32 18.91 54.02
N ASN UA 73 -77.16 18.91 52.98
CA ASN UA 73 -77.31 19.97 51.99
C ASN UA 73 -78.43 21.02 52.30
N GLU UA 74 -78.61 21.52 53.53
CA GLU UA 74 -79.57 20.96 54.50
C GLU UA 74 -80.81 20.34 53.79
N PRO UA 75 -80.81 19.00 53.61
CA PRO UA 75 -81.25 18.38 52.38
C PRO UA 75 -82.76 18.13 52.37
N LEU UA 76 -83.28 17.39 53.37
CA LEU UA 76 -84.64 16.86 53.30
C LEU UA 76 -85.68 17.95 53.58
N CYS UA 77 -85.30 19.00 54.30
CA CYS UA 77 -86.13 20.20 54.38
C CYS UA 77 -86.22 21.03 53.08
N SER UA 78 -85.52 20.61 52.02
CA SER UA 78 -85.67 21.10 50.65
C SER UA 78 -86.48 20.16 49.73
N PHE UA 79 -86.98 19.01 50.22
CA PHE UA 79 -87.79 18.04 49.45
C PHE UA 79 -89.11 17.66 50.15
N ASP UA 80 -90.17 17.36 49.39
CA ASP UA 80 -91.52 17.16 49.93
C ASP UA 80 -91.72 15.76 50.53
N LEU UA 81 -92.57 15.63 51.56
CA LEU UA 81 -92.56 14.43 52.44
C LEU UA 81 -93.05 13.15 51.76
N ASP UA 82 -94.03 13.27 50.86
CA ASP UA 82 -94.60 12.16 50.09
C ASP UA 82 -93.61 11.66 49.01
N GLN UA 83 -92.50 12.39 48.77
CA GLN UA 83 -91.40 11.92 47.90
C GLN UA 83 -90.47 10.94 48.64
N LEU UA 84 -90.45 10.95 49.98
CA LEU UA 84 -89.55 10.16 50.81
C LEU UA 84 -90.09 8.76 51.10
N LYS UA 85 -89.22 7.73 51.05
CA LYS UA 85 -89.62 6.31 51.19
C LYS UA 85 -88.91 5.61 52.34
N LEU UA 86 -89.64 4.94 53.24
CA LEU UA 86 -89.03 4.27 54.39
C LEU UA 86 -88.29 2.99 53.96
N VAL UA 87 -86.96 2.99 54.13
CA VAL UA 87 -86.07 1.89 53.77
C VAL UA 87 -86.07 0.79 54.83
N ALA UA 88 -85.91 1.19 56.09
CA ALA UA 88 -85.65 0.31 57.22
C ALA UA 88 -85.93 1.04 58.55
N VAL UA 89 -85.86 0.30 59.66
CA VAL UA 89 -85.88 0.83 61.02
C VAL UA 89 -84.85 0.06 61.86
N VAL UA 90 -84.11 0.77 62.70
CA VAL UA 90 -83.19 0.22 63.70
C VAL UA 90 -83.76 0.49 65.09
N THR UA 91 -83.59 -0.47 66.01
CA THR UA 91 -84.02 -0.32 67.41
C THR UA 91 -83.04 -1.05 68.31
N GLY UA 92 -82.67 -0.38 69.40
CA GLY UA 92 -81.79 -0.86 70.46
C GLY UA 92 -81.69 0.18 71.56
N ASP UA 93 -80.72 -0.01 72.47
CA ASP UA 93 -80.55 0.78 73.70
C ASP UA 93 -80.34 2.29 73.44
N ALA UA 94 -79.75 2.62 72.28
CA ALA UA 94 -79.57 3.98 71.76
C ALA UA 94 -80.87 4.68 71.26
N SER UA 95 -82.06 4.18 71.63
CA SER UA 95 -83.41 4.56 71.17
C SER UA 95 -83.72 4.16 69.71
N PRO UA 96 -85.01 3.96 69.33
CA PRO UA 96 -85.40 3.62 67.96
C PRO UA 96 -85.10 4.77 66.98
N VAL UA 97 -84.63 4.40 65.79
CA VAL UA 97 -84.33 5.30 64.67
C VAL UA 97 -84.82 4.75 63.32
N ALA UA 98 -85.52 5.58 62.55
CA ALA UA 98 -85.98 5.27 61.20
C ALA UA 98 -84.90 5.57 60.15
N MET UA 99 -84.91 4.84 59.04
CA MET UA 99 -84.08 5.09 57.87
C MET UA 99 -84.94 5.31 56.61
N VAL UA 100 -84.73 6.43 55.93
CA VAL UA 100 -85.59 6.93 54.84
C VAL UA 100 -84.79 7.39 53.61
N GLU UA 101 -85.36 7.21 52.42
CA GLU UA 101 -84.74 7.42 51.10
C GLU UA 101 -85.32 8.65 50.39
N ASP UA 102 -84.45 9.48 49.83
CA ASP UA 102 -84.77 10.73 49.10
C ASP UA 102 -85.33 10.34 47.71
N PRO UA 103 -86.03 11.24 46.98
CA PRO UA 103 -86.22 11.09 45.53
C PRO UA 103 -84.90 11.17 44.75
N ALA UA 104 -83.85 11.76 45.34
CA ALA UA 104 -82.47 11.73 44.86
C ALA UA 104 -81.68 10.45 45.25
N GLY UA 105 -82.31 9.46 45.89
CA GLY UA 105 -81.71 8.17 46.23
C GLY UA 105 -80.72 8.16 47.39
N ARG UA 106 -80.56 9.27 48.12
CA ARG UA 106 -79.79 9.27 49.38
C ARG UA 106 -80.55 8.52 50.47
N GLY UA 107 -79.83 7.82 51.35
CA GLY UA 107 -80.32 7.38 52.67
C GLY UA 107 -80.09 8.41 53.80
N HIS UA 108 -81.06 8.54 54.69
CA HIS UA 108 -81.02 9.36 55.91
C HIS UA 108 -81.42 8.53 57.12
N ILE UA 109 -81.07 9.02 58.32
CA ILE UA 109 -81.48 8.41 59.59
C ILE UA 109 -82.05 9.52 60.49
N VAL UA 110 -83.26 9.30 60.99
CA VAL UA 110 -84.04 10.27 61.78
C VAL UA 110 -84.77 9.51 62.88
N ARG UA 111 -85.03 10.18 64.00
CA ARG UA 111 -85.62 9.57 65.20
C ARG UA 111 -86.61 10.48 65.91
N ARG UA 112 -87.38 9.94 66.87
CA ARG UA 112 -88.40 10.69 67.60
C ARG UA 112 -87.84 12.03 68.16
N ASN UA 113 -88.57 13.11 67.92
CA ASN UA 113 -88.23 14.55 68.11
C ASN UA 113 -87.50 15.25 66.95
N THR UA 114 -86.81 14.54 66.05
CA THR UA 114 -86.21 15.11 64.81
C THR UA 114 -87.26 15.42 63.72
N ARG UA 115 -86.82 16.05 62.63
CA ARG UA 115 -87.65 16.47 61.49
C ARG UA 115 -87.06 15.99 60.15
N MET UA 116 -87.87 16.11 59.11
CA MET UA 116 -87.59 15.80 57.70
C MET UA 116 -88.57 16.61 56.83
N GLY UA 117 -88.29 16.79 55.54
CA GLY UA 117 -89.25 17.36 54.58
C GLY UA 117 -89.50 18.87 54.65
N ARG UA 118 -90.04 19.45 53.57
CA ARG UA 118 -90.39 20.89 53.50
C ARG UA 118 -91.47 21.31 54.49
N GLN UA 119 -92.46 20.45 54.74
CA GLN UA 119 -93.46 20.64 55.80
C GLN UA 119 -92.92 20.35 57.22
N GLY UA 120 -91.61 20.17 57.41
CA GLY UA 120 -90.96 20.01 58.71
C GLY UA 120 -91.41 18.79 59.52
N GLY UA 121 -91.86 17.73 58.84
CA GLY UA 121 -92.44 16.50 59.37
C GLY UA 121 -91.68 15.94 60.56
N LYS UA 122 -92.23 16.15 61.76
CA LYS UA 122 -91.61 15.76 63.03
C LYS UA 122 -91.86 14.29 63.30
N VAL UA 123 -90.82 13.51 63.53
CA VAL UA 123 -90.96 12.09 63.94
C VAL UA 123 -91.61 11.95 65.32
N THR UA 124 -92.75 11.26 65.39
CA THR UA 124 -93.52 11.13 66.65
C THR UA 124 -93.65 9.66 67.06
N GLN UA 125 -93.73 8.70 66.13
CA GLN UA 125 -93.70 7.25 66.40
C GLN UA 125 -92.82 6.53 65.36
N ILE UA 126 -92.29 5.37 65.73
CA ILE UA 126 -91.46 4.51 64.87
C ILE UA 126 -91.85 3.06 65.17
N LEU UA 127 -92.50 2.39 64.20
CA LEU UA 127 -92.81 0.97 64.22
C LEU UA 127 -91.78 0.21 63.36
N ARG UA 128 -92.00 -1.08 63.05
CA ARG UA 128 -91.06 -1.87 62.22
C ARG UA 128 -91.35 -1.83 60.72
N ASP UA 129 -92.59 -1.50 60.42
CA ASP UA 129 -93.27 -1.48 59.13
C ASP UA 129 -93.60 -0.07 58.62
N SER UA 130 -93.51 0.92 59.52
CA SER UA 130 -94.11 2.24 59.35
C SER UA 130 -93.61 3.26 60.39
N VAL UA 131 -93.76 4.55 60.09
CA VAL UA 131 -93.26 5.67 60.92
C VAL UA 131 -94.29 6.82 60.88
N THR UA 132 -94.97 7.06 62.00
CA THR UA 132 -95.80 8.25 62.20
C THR UA 132 -95.01 9.54 62.43
N VAL UA 133 -95.34 10.56 61.65
CA VAL UA 133 -94.78 11.92 61.73
C VAL UA 133 -95.89 12.98 61.80
N THR UA 134 -95.58 14.14 62.38
CA THR UA 134 -96.45 15.34 62.35
C THR UA 134 -95.93 16.43 61.44
N GLU UA 135 -96.66 16.70 60.36
CA GLU UA 135 -96.30 17.62 59.28
C GLU UA 135 -97.14 18.91 59.36
N VAL UA 136 -96.79 19.89 58.51
CA VAL UA 136 -97.28 21.28 58.55
C VAL UA 136 -97.84 21.69 57.19
N PHE UA 137 -99.15 21.55 57.01
CA PHE UA 137 -99.84 21.84 55.75
C PHE UA 137 -100.71 23.09 55.82
N SER UA 138 -100.89 23.82 54.71
CA SER UA 138 -101.82 24.96 54.63
C SER UA 138 -103.23 24.52 54.23
N GLY UA 139 -104.01 24.05 55.19
CA GLY UA 139 -105.38 23.61 55.00
C GLY UA 139 -106.31 24.81 54.72
N ASN UA 140 -106.65 25.02 53.46
CA ASN UA 140 -107.53 26.11 52.99
C ASN UA 140 -107.07 27.54 53.39
N GLY UA 141 -105.81 27.71 53.78
CA GLY UA 141 -105.22 28.97 54.26
C GLY UA 141 -104.73 28.94 55.71
N GLU UA 142 -105.23 28.02 56.55
CA GLU UA 142 -104.69 27.80 57.90
C GLU UA 142 -103.50 26.84 57.90
N ILE UA 143 -102.44 27.17 58.64
CA ILE UA 143 -101.38 26.21 58.94
C ILE UA 143 -101.87 25.20 60.01
N ILE UA 144 -102.01 23.94 59.60
CA ILE UA 144 -102.53 22.84 60.43
C ILE UA 144 -101.57 21.66 60.47
N LYS UA 145 -101.73 20.81 61.49
CA LYS UA 145 -101.00 19.54 61.64
C LYS UA 145 -101.55 18.49 60.67
N ASN UA 146 -100.66 17.76 60.01
CA ASN UA 146 -101.01 16.57 59.21
C ASN UA 146 -100.31 15.31 59.77
N PRO UA 147 -101.03 14.37 60.42
CA PRO UA 147 -100.44 13.19 61.08
C PRO UA 147 -100.20 12.01 60.11
N VAL UA 148 -99.25 12.18 59.18
CA VAL UA 148 -98.89 11.16 58.17
C VAL UA 148 -98.15 9.96 58.78
N THR UA 149 -98.31 8.77 58.20
CA THR UA 149 -97.56 7.56 58.58
C THR UA 149 -96.91 6.97 57.34
N LEU UA 150 -95.59 7.12 57.23
CA LEU UA 150 -94.77 6.60 56.14
C LEU UA 150 -94.58 5.09 56.31
N GLN UA 151 -95.20 4.27 55.47
CA GLN UA 151 -94.93 2.82 55.44
C GLN UA 151 -93.57 2.50 54.82
N LEU UA 152 -93.05 1.30 55.11
CA LEU UA 152 -91.90 0.69 54.43
C LEU UA 152 -92.11 0.63 52.91
N LYS UA 153 -91.05 0.45 52.12
CA LYS UA 153 -91.11 0.35 50.64
C LYS UA 153 -91.35 -1.10 50.11
N PRO UA 154 -92.56 -1.46 49.64
CA PRO UA 154 -92.81 -2.60 48.75
C PRO UA 154 -92.90 -2.15 47.28
N ASP UA 155 -93.51 -2.98 46.43
CA ASP UA 155 -94.11 -2.54 45.16
C ASP UA 155 -95.35 -1.66 45.40
N ALA UA 156 -95.46 -0.53 44.70
CA ALA UA 156 -96.59 0.40 44.73
C ALA UA 156 -96.52 1.38 43.54
N LYS UA 157 -97.68 1.89 43.12
CA LYS UA 157 -97.78 2.93 42.08
C LYS UA 157 -98.96 3.87 42.34
N GLN UA 158 -98.73 5.16 42.12
CA GLN UA 158 -99.72 6.24 42.08
C GLN UA 158 -99.29 7.30 41.06
N ASP UA 159 -100.18 8.24 40.74
CA ASP UA 159 -99.89 9.36 39.83
C ASP UA 159 -99.14 10.53 40.51
N ASN VA 33 -65.94 89.59 172.25
CA ASN VA 33 -65.75 89.02 170.89
C ASN VA 33 -67.09 88.64 170.32
N THR VA 34 -67.14 88.46 169.01
CA THR VA 34 -68.30 87.88 168.35
C THR VA 34 -68.06 86.36 168.17
N LEU VA 35 -67.08 86.01 167.35
CA LEU VA 35 -66.71 84.63 167.18
C LEU VA 35 -65.84 84.18 168.33
N ARG VA 36 -66.28 83.15 169.07
CA ARG VA 36 -65.51 82.66 170.22
C ARG VA 36 -64.74 81.35 170.06
N GLY VA 37 -65.15 80.50 169.12
CA GLY VA 37 -64.46 79.23 168.82
C GLY VA 37 -64.75 78.85 167.38
N LEU VA 38 -63.84 78.06 166.83
CA LEU VA 38 -63.88 77.59 165.45
C LEU VA 38 -63.38 76.13 165.39
N ASP VA 39 -64.22 75.23 164.92
CA ASP VA 39 -63.83 73.82 164.91
C ASP VA 39 -64.02 73.19 163.52
N VAL VA 40 -63.06 72.35 163.12
CA VAL VA 40 -63.23 71.59 161.89
C VAL VA 40 -63.27 70.09 162.18
N SER VA 41 -64.34 69.41 161.78
CA SER VA 41 -64.44 67.95 161.91
C SER VA 41 -64.30 67.26 160.56
N ARG VA 42 -63.07 66.99 160.12
CA ARG VA 42 -62.87 66.23 158.85
C ARG VA 42 -63.40 64.82 158.96
N THR VA 43 -64.23 64.40 158.02
CA THR VA 43 -64.60 62.99 157.96
C THR VA 43 -64.90 62.67 156.51
N GLY VA 44 -64.94 61.38 156.14
CA GLY VA 44 -65.08 60.97 154.73
C GLY VA 44 -66.43 61.22 154.14
N SER VA 45 -67.49 61.09 154.90
CA SER VA 45 -68.83 61.38 154.41
C SER VA 45 -69.11 62.87 154.22
N GLY VA 46 -68.56 63.71 155.10
CA GLY VA 46 -68.69 65.14 155.03
C GLY VA 46 -67.71 65.72 156.05
N ALA VA 47 -67.07 66.83 155.70
CA ALA VA 47 -66.36 67.60 156.68
C ALA VA 47 -67.25 68.71 157.25
N GLN VA 48 -67.29 68.83 158.57
CA GLN VA 48 -68.08 69.87 159.22
C GLN VA 48 -67.19 71.03 159.68
N VAL VA 49 -67.58 72.24 159.34
CA VAL VA 49 -67.00 73.44 159.90
C VAL VA 49 -68.01 74.10 160.82
N VAL VA 50 -67.56 74.37 162.04
CA VAL VA 50 -68.38 75.00 163.05
C VAL VA 50 -67.74 76.30 163.45
N VAL VA 51 -68.57 77.32 163.52
CA VAL VA 51 -68.15 78.63 163.97
C VAL VA 51 -69.10 79.03 165.09
N THR VA 52 -68.54 79.28 166.27
CA THR VA 52 -69.35 79.54 167.44
C THR VA 52 -69.18 81.00 167.79
N GLY VA 53 -70.28 81.66 168.16
CA GLY VA 53 -70.26 83.10 168.37
C GLY VA 53 -71.28 83.55 169.41
N THR VA 54 -71.12 84.77 169.90
CA THR VA 54 -71.96 85.29 170.92
C THR VA 54 -73.31 85.78 170.45
N ARG VA 55 -73.43 86.09 169.16
CA ARG VA 55 -74.70 86.53 168.56
C ARG VA 55 -74.88 85.74 167.27
N PRO VA 56 -76.14 85.55 166.85
CA PRO VA 56 -76.42 84.95 165.57
C PRO VA 56 -75.72 85.70 164.40
N PRO VA 57 -75.03 84.96 163.56
CA PRO VA 57 -74.24 85.54 162.50
C PRO VA 57 -75.03 85.67 161.22
N THR VA 58 -74.94 86.83 160.55
CA THR VA 58 -75.39 86.91 159.16
C THR VA 58 -74.21 86.41 158.31
N PHE VA 59 -74.49 85.59 157.31
CA PHE VA 59 -73.43 85.02 156.53
C PHE VA 59 -73.96 84.96 155.12
N THR VA 60 -73.06 84.72 154.18
CA THR VA 60 -73.36 84.36 152.81
C THR VA 60 -72.30 83.34 152.47
N VAL VA 61 -72.73 82.29 151.79
CA VAL VA 61 -71.82 81.27 151.28
C VAL VA 61 -71.90 81.20 149.75
N PHE VA 62 -70.73 81.13 149.11
CA PHE VA 62 -70.69 80.95 147.66
C PHE VA 62 -69.49 80.12 147.19
N ARG VA 63 -69.41 79.82 145.90
CA ARG VA 63 -68.36 78.95 145.34
C ARG VA 63 -67.41 79.75 144.45
N LEU VA 64 -66.19 79.25 144.25
CA LEU VA 64 -65.33 79.81 143.20
C LEU VA 64 -64.58 78.63 142.56
N SER VA 65 -64.01 78.87 141.37
CA SER VA 65 -63.29 77.84 140.67
C SER VA 65 -61.87 78.30 140.37
N GLY VA 66 -61.04 77.38 139.86
CA GLY VA 66 -59.66 77.66 139.45
C GLY VA 66 -58.80 78.38 140.48
N PRO VA 67 -58.61 77.80 141.67
CA PRO VA 67 -59.03 76.43 142.14
C PRO VA 67 -60.45 76.35 142.74
N GLU VA 68 -61.07 75.17 142.71
CA GLU VA 68 -62.33 74.99 143.46
C GLU VA 68 -62.24 75.49 144.93
N ARG VA 69 -63.21 76.31 145.33
CA ARG VA 69 -63.16 76.96 146.64
C ARG VA 69 -64.54 77.12 147.16
N LEU VA 70 -64.68 77.16 148.46
CA LEU VA 70 -65.96 77.56 149.05
C LEU VA 70 -65.60 78.78 149.89
N VAL VA 71 -66.47 79.78 149.88
CA VAL VA 71 -66.19 81.02 150.57
C VAL VA 71 -67.34 81.38 151.49
N VAL VA 72 -67.04 81.73 152.73
CA VAL VA 72 -68.10 82.19 153.62
C VAL VA 72 -67.78 83.58 154.09
N ASP VA 73 -68.73 84.48 153.94
CA ASP VA 73 -68.64 85.82 154.51
C ASP VA 73 -69.49 86.00 155.78
N LEU VA 74 -68.85 86.47 156.84
CA LEU VA 74 -69.55 86.62 158.12
C LEU VA 74 -69.63 88.10 158.52
N SER VA 75 -70.83 88.56 158.85
CA SER VA 75 -71.08 89.96 159.26
C SER VA 75 -71.24 90.12 160.77
N SER VA 76 -70.96 91.33 161.21
CA SER VA 76 -70.79 91.71 162.63
C SER VA 76 -69.58 91.06 163.28
N ALA VA 77 -69.36 89.84 162.88
CA ALA VA 77 -68.22 89.08 163.36
C ALA VA 77 -67.41 88.57 162.18
N ASP VA 78 -66.08 88.54 162.37
CA ASP VA 78 -65.17 88.02 161.36
C ASP VA 78 -64.53 86.82 162.04
N ALA VA 79 -64.93 85.62 161.64
CA ALA VA 79 -64.40 84.39 162.20
C ALA VA 79 -63.28 83.83 161.31
N THR VA 80 -62.09 83.69 161.87
CA THR VA 80 -60.96 83.16 161.12
C THR VA 80 -60.51 81.83 161.72
N GLY VA 81 -60.46 80.80 160.88
CA GLY VA 81 -60.02 79.48 161.32
C GLY VA 81 -58.69 79.17 160.61
N ILE VA 82 -57.74 78.66 161.38
CA ILE VA 82 -56.43 78.36 160.84
C ILE VA 82 -55.72 77.32 161.66
N LYS VA 83 -54.88 76.62 161.05
CA LYS VA 83 -54.01 75.60 161.66
C LYS VA 83 -54.83 74.44 162.17
N GLY VA 84 -56.16 74.56 162.06
CA GLY VA 84 -57.08 73.48 162.36
C GLY VA 84 -57.27 72.55 161.17
N HIS VA 85 -56.80 72.95 159.99
CA HIS VA 85 -56.98 72.13 158.83
C HIS VA 85 -55.93 71.01 158.77
N HIS VA 86 -56.39 69.79 158.88
CA HIS VA 86 -55.50 68.66 158.96
C HIS VA 86 -55.04 68.28 157.58
N GLU VA 87 -53.81 67.76 157.50
CA GLU VA 87 -53.29 67.28 156.24
C GLU VA 87 -54.07 66.14 155.62
N GLY VA 88 -55.10 65.66 156.28
CA GLY VA 88 -55.87 64.50 155.81
C GLY VA 88 -57.38 64.78 155.79
N SER VA 89 -57.78 66.06 155.81
CA SER VA 89 -59.18 66.42 155.56
C SER VA 89 -59.55 65.96 154.12
N GLY VA 90 -60.57 65.08 153.98
CA GLY VA 90 -60.91 64.64 152.61
C GLY VA 90 -61.48 65.76 151.76
N PRO VA 91 -61.96 66.84 152.40
CA PRO VA 91 -62.58 67.96 151.67
C PRO VA 91 -61.74 69.21 151.58
N VAL VA 92 -61.12 69.61 152.67
CA VAL VA 92 -60.45 70.91 152.74
C VAL VA 92 -58.95 70.79 152.58
N SER VA 93 -58.44 71.36 151.47
CA SER VA 93 -57.02 71.44 151.19
C SER VA 93 -56.40 72.50 152.08
N GLY VA 94 -57.08 73.65 152.27
CA GLY VA 94 -56.63 74.71 153.19
C GLY VA 94 -57.69 75.78 153.46
N VAL VA 95 -57.48 76.58 154.51
CA VAL VA 95 -58.43 77.63 154.87
C VAL VA 95 -57.74 78.96 155.19
N VAL VA 96 -58.12 80.02 154.47
CA VAL VA 96 -57.55 81.34 154.70
C VAL VA 96 -58.67 82.25 155.18
N ALA VA 97 -58.32 83.20 156.06
CA ALA VA 97 -59.32 84.09 156.65
C ALA VA 97 -58.79 85.54 156.60
N SER VA 98 -59.65 86.50 156.23
CA SER VA 98 -59.32 87.93 156.36
C SER VA 98 -60.49 88.84 156.69
N GLN VA 99 -60.37 89.81 157.58
CA GLN VA 99 -61.42 90.76 157.93
C GLN VA 99 -61.20 92.13 157.30
N PHE VA 100 -62.25 92.74 156.73
CA PHE VA 100 -62.16 94.10 156.24
C PHE VA 100 -63.20 94.99 156.96
N SER VA 101 -62.84 96.28 157.14
CA SER VA 101 -63.70 97.25 157.83
C SER VA 101 -64.64 98.00 156.94
N ASP VA 102 -65.87 98.20 157.47
CA ASP VA 102 -66.89 99.01 156.83
C ASP VA 102 -67.35 99.96 157.96
N GLN VA 103 -66.88 101.21 157.95
CA GLN VA 103 -67.11 102.09 159.09
C GLN VA 103 -66.56 101.37 160.33
N ARG VA 104 -67.37 101.36 161.35
CA ARG VA 104 -66.97 100.68 162.59
C ARG VA 104 -67.28 99.18 162.55
N ALA VA 105 -67.90 98.70 161.48
CA ALA VA 105 -68.26 97.29 161.37
C ALA VA 105 -67.17 96.47 160.69
N SER VA 106 -67.29 95.16 160.78
CA SER VA 106 -66.28 94.25 160.23
C SER VA 106 -66.93 93.09 159.50
N VAL VA 107 -66.47 92.80 158.29
CA VAL VA 107 -66.85 91.61 157.49
C VAL VA 107 -65.67 90.68 157.37
N GLY VA 108 -65.85 89.32 157.81
CA GLY VA 108 -64.75 88.40 157.71
C GLY VA 108 -65.03 87.45 156.55
N ARG VA 109 -64.00 87.17 155.78
CA ARG VA 109 -64.17 86.22 154.69
C ARG VA 109 -63.36 84.98 154.98
N VAL VA 110 -64.03 83.83 154.93
CA VAL VA 110 -63.37 82.52 155.08
C VAL VA 110 -63.38 81.85 153.75
N LEU VA 111 -62.20 81.35 153.39
CA LEU VA 111 -61.95 80.74 152.10
C LEU VA 111 -61.41 79.32 152.25
N LEU VA 112 -62.16 78.34 151.75
CA LEU VA 112 -61.76 76.94 151.84
C LEU VA 112 -61.41 76.40 150.50
N ALA VA 113 -60.11 76.22 150.24
CA ALA VA 113 -59.69 75.51 149.02
C ALA VA 113 -60.03 74.00 149.16
N LEU VA 114 -60.62 73.41 148.12
CA LEU VA 114 -61.17 72.05 148.14
C LEU VA 114 -60.36 71.00 147.42
N ASP VA 115 -60.52 69.74 147.88
CA ASP VA 115 -59.88 68.53 147.31
C ASP VA 115 -60.85 67.80 146.39
N LYS VA 116 -62.12 68.20 146.41
CA LYS VA 116 -63.16 67.53 145.63
C LYS VA 116 -64.39 68.42 145.59
N ALA VA 117 -65.26 68.18 144.61
CA ALA VA 117 -66.47 68.99 144.47
C ALA VA 117 -67.43 68.77 145.63
N SER VA 118 -67.95 69.86 146.16
CA SER VA 118 -68.84 69.78 147.29
C SER VA 118 -70.21 70.40 147.01
N GLN VA 119 -71.18 69.91 147.76
CA GLN VA 119 -72.45 70.55 147.85
C GLN VA 119 -72.56 71.03 149.32
N TYR VA 120 -72.28 72.32 149.57
CA TYR VA 120 -72.32 72.73 150.97
C TYR VA 120 -73.72 72.84 151.49
N ASP VA 121 -73.90 72.59 152.78
CA ASP VA 121 -75.17 72.83 153.45
C ASP VA 121 -74.88 73.61 154.75
N VAL VA 122 -75.49 74.78 154.88
CA VAL VA 122 -75.29 75.67 156.01
C VAL VA 122 -76.55 75.79 156.85
N ARG VA 123 -76.41 75.77 158.17
CA ARG VA 123 -77.56 76.02 159.05
C ARG VA 123 -77.06 76.63 160.31
N ALA VA 124 -77.92 77.35 161.00
CA ALA VA 124 -77.56 78.03 162.21
C ALA VA 124 -78.24 77.30 163.36
N ASP VA 125 -77.65 77.36 164.54
CA ASP VA 125 -78.28 76.84 165.75
C ASP VA 125 -77.71 77.65 166.91
N GLY VA 126 -78.53 78.55 167.45
CA GLY VA 126 -78.07 79.39 168.54
C GLY VA 126 -76.94 80.31 168.11
N ASN VA 127 -75.78 80.15 168.73
CA ASN VA 127 -74.61 80.95 168.40
C ASN VA 127 -73.65 80.18 167.52
N ARG VA 128 -74.09 79.03 167.01
CA ARG VA 128 -73.22 78.22 166.17
C ARG VA 128 -73.72 78.23 164.74
N VAL VA 129 -72.80 78.46 163.81
CA VAL VA 129 -73.07 78.36 162.41
C VAL VA 129 -72.35 77.13 161.95
N VAL VA 130 -73.09 76.23 161.33
CA VAL VA 130 -72.53 74.98 160.85
C VAL VA 130 -72.49 74.91 159.31
N ILE VA 131 -71.33 74.59 158.75
CA ILE VA 131 -71.28 74.29 157.33
C ILE VA 131 -70.82 72.88 157.08
N SER VA 132 -71.66 72.06 156.47
CA SER VA 132 -71.22 70.70 156.15
C SER VA 132 -70.94 70.56 154.66
N VAL VA 133 -69.76 70.05 154.34
CA VAL VA 133 -69.35 69.93 152.96
C VAL VA 133 -69.56 68.51 152.58
N ASP VA 134 -70.60 68.25 151.79
CA ASP VA 134 -70.85 66.90 151.26
C ASP VA 134 -70.25 66.71 149.86
N GLY VA 135 -69.91 65.48 149.47
CA GLY VA 135 -69.51 65.33 148.04
C GLY VA 135 -70.65 65.59 147.04
N THR VA 136 -71.07 64.55 146.32
CA THR VA 136 -72.16 64.66 145.35
C THR VA 136 -73.40 63.90 145.81
N SER VA 137 -73.31 63.21 146.94
CA SER VA 137 -74.43 62.45 147.50
C SER VA 137 -75.14 63.33 148.53
N GLN VA 138 -76.34 63.78 148.21
CA GLN VA 138 -77.09 64.68 149.07
C GLN VA 138 -78.13 64.09 150.02
N SER VA 139 -78.55 62.85 149.79
CA SER VA 139 -79.56 62.28 150.66
C SER VA 139 -79.56 60.77 150.66
N VAL VA 140 -79.66 60.17 151.84
CA VAL VA 140 -79.72 58.73 151.97
C VAL VA 140 -81.15 58.41 152.39
N ASP VA 214 -72.30 56.96 109.18
CA ASP VA 214 -72.08 55.50 109.16
C ASP VA 214 -71.02 55.03 110.18
N ASP VA 215 -70.04 55.89 110.43
CA ASP VA 215 -68.91 55.57 111.30
C ASP VA 215 -69.40 55.62 112.75
N THR VA 216 -70.37 56.51 113.00
CA THR VA 216 -70.88 56.83 114.33
C THR VA 216 -71.94 57.93 114.16
N LEU VA 217 -73.02 57.76 114.90
CA LEU VA 217 -74.04 58.81 115.02
C LEU VA 217 -73.76 59.57 116.32
N SER VA 218 -73.72 60.89 116.19
CA SER VA 218 -73.47 61.77 117.34
C SER VA 218 -74.77 62.44 117.79
N ILE VA 219 -74.98 62.38 119.10
CA ILE VA 219 -76.11 63.08 119.75
C ILE VA 219 -75.51 64.22 120.59
N ARG VA 220 -75.99 65.42 120.33
CA ARG VA 220 -75.53 66.60 121.06
C ARG VA 220 -76.70 67.22 121.83
N ALA VA 221 -76.44 67.48 123.11
CA ALA VA 221 -77.40 68.14 123.99
C ALA VA 221 -76.72 69.40 124.54
N ASP VA 222 -77.26 70.55 124.14
CA ASP VA 222 -76.70 71.84 124.55
C ASP VA 222 -77.57 72.41 125.69
N GLY VA 223 -76.89 72.87 126.73
CA GLY VA 223 -77.55 73.43 127.92
C GLY VA 223 -76.51 73.80 128.96
N ASP VA 224 -76.99 74.43 130.01
CA ASP VA 224 -76.16 74.89 131.15
C ASP VA 224 -75.48 73.76 131.94
N ILE VA 225 -76.20 72.67 132.11
CA ILE VA 225 -75.74 71.55 132.94
C ILE VA 225 -74.50 70.83 132.32
N ALA VA 226 -74.28 69.54 132.53
CA ALA VA 226 -75.20 68.55 133.09
C ALA VA 226 -74.57 67.39 133.78
N ARG VA 227 -75.22 66.98 134.85
CA ARG VA 227 -74.89 65.65 135.37
C ARG VA 227 -75.76 64.62 134.64
N TYR VA 228 -75.11 63.56 134.21
CA TYR VA 228 -75.78 62.52 133.43
C TYR VA 228 -75.29 61.13 133.86
N GLU VA 229 -76.08 60.13 133.47
CA GLU VA 229 -75.67 58.73 133.55
C GLU VA 229 -76.16 58.03 132.27
N VAL VA 230 -75.29 57.22 131.70
CA VAL VA 230 -75.62 56.44 130.49
C VAL VA 230 -75.53 54.95 130.81
N LEU VA 231 -76.47 54.21 130.26
CA LEU VA 231 -76.50 52.75 130.43
C LEU VA 231 -77.25 52.11 129.26
N GLU VA 232 -77.13 50.78 129.16
CA GLU VA 232 -77.73 49.96 128.12
C GLU VA 232 -78.93 49.11 128.60
N LEU VA 233 -79.81 48.79 127.66
CA LEU VA 233 -80.91 47.84 127.87
C LEU VA 233 -80.98 46.91 126.68
N ALA VA 234 -81.56 45.73 126.90
CA ALA VA 234 -81.75 44.75 125.82
C ALA VA 234 -83.22 44.42 125.65
N ASP VA 235 -83.53 43.77 124.52
CA ASP VA 235 -84.89 43.31 124.20
C ASP VA 235 -85.93 44.43 124.33
N PRO VA 236 -85.87 45.43 123.45
CA PRO VA 236 -84.88 45.55 122.35
C PRO VA 236 -83.63 46.29 122.85
N PRO VA 237 -82.55 46.19 122.08
CA PRO VA 237 -81.29 46.90 122.39
C PRO VA 237 -81.55 48.41 122.40
N ARG VA 238 -81.08 49.05 123.46
CA ARG VA 238 -81.34 50.47 123.74
C ARG VA 238 -80.17 51.09 124.46
N LEU VA 239 -79.99 52.38 124.25
CA LEU VA 239 -79.06 53.18 125.06
C LEU VA 239 -79.92 54.26 125.74
N ALA VA 240 -79.68 54.43 127.04
CA ALA VA 240 -80.47 55.36 127.85
C ALA VA 240 -79.55 56.37 128.55
N VAL VA 241 -79.94 57.63 128.46
CA VAL VA 241 -79.23 58.72 129.16
C VAL VA 241 -80.21 59.42 130.10
N ASP VA 242 -79.79 59.55 131.35
CA ASP VA 242 -80.53 60.35 132.34
C ASP VA 242 -79.77 61.64 132.60
N LEU VA 243 -80.51 62.73 132.49
CA LEU VA 243 -79.97 64.07 132.69
C LEU VA 243 -80.60 64.71 133.91
N PHE VA 244 -79.75 65.27 134.76
CA PHE VA 244 -80.26 65.92 135.97
C PHE VA 244 -80.11 67.43 135.91
N GLY VA 245 -80.96 68.05 136.75
CA GLY VA 245 -81.13 69.52 136.77
C GLY VA 245 -81.86 70.00 135.51
N VAL VA 246 -82.63 69.11 134.90
CA VAL VA 246 -83.44 69.45 133.71
C VAL VA 246 -84.90 69.19 133.97
N GLY VA 247 -85.68 70.15 133.47
CA GLY VA 247 -87.14 69.97 133.32
C GLY VA 247 -87.42 69.79 131.84
N LEU VA 248 -88.27 68.82 131.54
CA LEU VA 248 -88.67 68.52 130.16
C LEU VA 248 -89.28 69.78 129.53
N ALA VA 249 -89.00 69.98 128.25
CA ALA VA 249 -89.46 71.19 127.55
C ALA VA 249 -89.60 70.91 126.06
N THR VA 250 -90.32 71.81 125.40
CA THR VA 250 -90.63 71.70 123.98
C THR VA 250 -89.34 71.54 123.15
N ARG VA 251 -88.21 72.07 123.60
CA ARG VA 251 -86.93 71.90 122.87
C ARG VA 251 -86.45 70.44 122.84
N ALA VA 252 -87.04 69.61 123.71
CA ALA VA 252 -86.81 68.15 123.67
C ALA VA 252 -86.97 67.60 122.22
N PRO VA 253 -87.89 68.08 121.38
CA PRO VA 253 -88.12 67.67 119.99
C PRO VA 253 -86.90 67.74 119.11
N ARG VA 254 -86.02 68.71 119.36
CA ARG VA 254 -84.74 68.76 118.61
C ARG VA 254 -83.97 67.43 118.76
N VAL VA 255 -84.42 66.64 119.74
CA VAL VA 255 -83.92 65.29 120.02
C VAL VA 255 -84.18 64.31 118.87
N LYS VA 256 -85.19 64.60 118.04
CA LYS VA 256 -85.56 63.71 116.92
C LYS VA 256 -84.36 63.45 116.00
N SER VA 257 -83.43 64.41 116.01
CA SER VA 257 -82.20 64.36 115.19
C SER VA 257 -81.28 63.18 115.52
N GLY VA 258 -81.50 62.61 116.70
CA GLY VA 258 -80.52 61.67 117.17
C GLY VA 258 -80.99 60.26 117.28
N ALA VA 259 -82.24 59.86 116.90
CA ALA VA 259 -82.73 58.47 116.80
C ALA VA 259 -82.00 57.62 115.76
N LEU VA 260 -81.72 56.30 115.94
CA LEU VA 260 -81.78 55.41 117.09
C LEU VA 260 -82.84 54.36 116.89
N ARG VA 261 -83.03 53.97 115.64
CA ARG VA 261 -84.32 53.44 115.18
C ARG VA 261 -85.47 54.43 115.57
N ASP VA 262 -85.38 55.04 116.75
CA ASP VA 262 -86.18 56.03 117.46
C ASP VA 262 -85.54 56.46 118.81
N VAL VA 263 -86.03 57.62 119.21
CA VAL VA 263 -85.69 58.24 120.49
C VAL VA 263 -86.95 58.71 121.21
N ARG VA 264 -87.11 58.29 122.44
CA ARG VA 264 -88.20 58.77 123.29
C ARG VA 264 -87.64 59.43 124.56
N VAL VA 265 -88.33 60.47 124.99
CA VAL VA 265 -87.87 61.28 126.14
C VAL VA 265 -89.04 61.47 127.11
N GLY VA 266 -88.71 61.48 128.40
CA GLY VA 266 -89.70 61.71 129.46
C GLY VA 266 -89.02 62.23 130.73
N ALA VA 267 -89.82 62.34 131.77
CA ALA VA 267 -89.37 62.85 133.07
C ALA VA 267 -90.33 62.42 134.17
N HIS VA 268 -89.79 62.24 135.36
CA HIS VA 268 -90.57 61.78 136.51
C HIS VA 268 -90.18 62.55 137.77
N ALA VA 269 -90.53 63.84 137.76
CA ALA VA 269 -90.23 64.73 138.91
C ALA VA 269 -88.76 64.62 139.33
N ASP VA 270 -87.92 64.38 138.32
CA ASP VA 270 -86.50 64.48 138.61
C ASP VA 270 -85.79 65.46 137.66
N LYS VA 271 -85.12 65.19 136.55
CA LYS VA 271 -84.54 63.99 135.85
C LYS VA 271 -85.30 63.68 134.57
N VAL VA 272 -84.60 63.91 133.49
CA VAL VA 272 -85.12 63.56 132.17
C VAL VA 272 -84.39 62.29 131.71
N ARG VA 273 -85.15 61.40 131.08
CA ARG VA 273 -84.59 60.17 130.53
C ARG VA 273 -84.78 60.16 129.01
N LEU VA 274 -83.65 59.93 128.34
CA LEU VA 274 -83.62 59.82 126.88
C LEU VA 274 -83.29 58.37 126.56
N VAL VA 275 -84.12 57.80 125.70
CA VAL VA 275 -84.05 56.38 125.33
C VAL VA 275 -83.91 56.28 123.80
N LEU VA 276 -82.89 55.58 123.41
CA LEU VA 276 -82.46 55.35 122.01
C LEU VA 276 -82.59 53.87 121.68
N ASP VA 277 -83.59 53.53 120.93
CA ASP VA 277 -83.67 52.18 120.40
C ASP VA 277 -82.54 51.99 119.31
N VAL VA 278 -81.90 50.88 119.24
CA VAL VA 278 -80.78 50.80 118.27
C VAL VA 278 -81.08 49.90 117.08
N ARG VA 279 -80.33 50.11 116.00
CA ARG VA 279 -80.36 49.22 114.83
C ARG VA 279 -79.16 48.26 114.82
N GLY VA 280 -78.22 48.47 115.74
CA GLY VA 280 -76.98 47.68 115.83
C GLY VA 280 -76.26 47.90 117.16
N THR VA 281 -75.46 46.94 117.59
CA THR VA 281 -74.75 47.10 118.88
C THR VA 281 -73.79 48.31 118.83
N MET VA 282 -73.79 49.06 119.91
CA MET VA 282 -72.92 50.26 120.02
C MET VA 282 -72.00 50.18 121.24
N LYS VA 341 -55.44 35.70 126.17
CA LYS VA 341 -55.43 35.13 124.83
C LYS VA 341 -54.52 33.92 124.73
N ASP VA 342 -54.84 33.01 123.82
CA ASP VA 342 -54.05 31.80 123.64
C ASP VA 342 -54.54 31.00 122.45
N VAL VA 343 -53.68 30.13 121.92
CA VAL VA 343 -54.04 29.29 120.78
C VAL VA 343 -53.99 27.81 121.14
N ARG VA 344 -54.75 27.01 120.39
CA ARG VA 344 -54.80 25.57 120.63
C ARG VA 344 -55.09 24.82 119.34
N PHE VA 345 -54.68 23.55 119.30
CA PHE VA 345 -54.89 22.72 118.12
C PHE VA 345 -55.45 21.36 118.51
N GLU VA 346 -56.28 20.80 117.63
CA GLU VA 346 -56.88 19.50 117.89
C GLU VA 346 -57.45 18.89 116.60
N GLU VA 347 -58.11 17.84 116.58
CA GLU VA 347 -58.69 17.32 115.36
C GLU VA 347 -60.08 16.72 115.60
N SER VA 348 -60.88 16.75 114.58
CA SER VA 348 -62.16 16.07 114.63
C SER VA 348 -62.39 15.48 113.24
N SER VA 349 -63.57 14.95 113.01
CA SER VA 349 -63.75 14.18 111.74
C SER VA 349 -63.61 15.15 110.55
N SER VA 350 -64.01 16.41 110.72
CA SER VA 350 -63.76 17.44 109.69
C SER VA 350 -62.23 17.64 109.46
N GLY VA 351 -61.37 17.06 110.30
CA GLY VA 351 -59.93 17.26 110.14
C GLY VA 351 -59.25 18.02 111.29
N GLY VA 352 -58.34 18.92 110.92
CA GLY VA 352 -57.59 19.72 111.90
C GLY VA 352 -58.36 20.96 112.32
N ARG VA 353 -58.29 21.25 113.56
CA ARG VA 353 -59.03 22.31 114.25
C ARG VA 353 -58.09 23.21 115.05
N ILE VA 354 -58.33 24.51 114.98
CA ILE VA 354 -57.50 25.48 115.71
C ILE VA 354 -58.34 26.31 116.66
N VAL VA 355 -58.48 25.85 117.90
CA VAL VA 355 -59.26 26.56 118.91
C VAL VA 355 -58.46 27.73 119.49
N MET VA 356 -58.95 28.94 119.23
CA MET VA 356 -58.28 30.14 119.73
C MET VA 356 -59.09 30.78 120.86
N LYS VA 357 -58.39 31.20 121.92
CA LYS VA 357 -59.04 31.83 123.05
C LYS VA 357 -58.98 33.36 122.95
N LEU VA 358 -60.13 33.97 122.72
CA LEU VA 358 -60.21 35.42 122.58
C LEU VA 358 -60.96 36.04 123.77
N SER VA 359 -60.20 36.54 124.74
CA SER VA 359 -60.80 37.14 125.93
C SER VA 359 -60.79 38.66 125.81
N GLY VA 360 -61.97 39.24 125.65
CA GLY VA 360 -62.08 40.68 125.53
C GLY VA 360 -62.48 41.13 124.14
N THR VA 361 -63.07 40.22 123.37
CA THR VA 361 -63.49 40.52 122.02
C THR VA 361 -65.01 40.46 121.89
N SER VA 362 -65.56 41.27 120.99
CA SER VA 362 -67.00 41.30 120.77
C SER VA 362 -67.35 40.82 119.37
N GLY VA 363 -67.02 41.62 118.36
CA GLY VA 363 -67.32 41.25 116.99
C GLY VA 363 -66.51 40.06 116.54
N TRP VA 364 -66.18 40.03 115.25
CA TRP VA 364 -65.41 38.93 114.69
C TRP VA 364 -64.17 39.44 113.96
N LYS VA 365 -63.07 38.68 114.04
CA LYS VA 365 -61.80 39.04 113.41
C LYS VA 365 -61.87 38.95 111.88
N VAL VA 366 -60.76 39.26 111.23
CA VAL VA 366 -60.70 39.22 109.76
C VAL VA 366 -60.06 37.92 109.30
N ASP VA 367 -60.88 37.01 108.79
CA ASP VA 367 -60.40 35.73 108.29
C ASP VA 367 -59.93 35.84 106.85
N ARG VA 368 -58.64 35.56 106.63
CA ARG VA 368 -58.06 35.63 105.29
C ARG VA 368 -57.51 34.27 104.87
N PRO VA 369 -58.30 33.51 104.13
CA PRO VA 369 -57.88 32.19 103.67
C PRO VA 369 -56.97 32.30 102.46
N ASP VA 370 -55.69 32.01 102.66
CA ASP VA 370 -54.70 32.08 101.59
C ASP VA 370 -54.32 30.69 101.11
N PRO VA 371 -53.63 30.62 99.97
CA PRO VA 371 -53.20 29.35 99.41
C PRO VA 371 -51.99 28.79 100.16
N ARG VA 372 -51.37 29.65 100.97
CA ARG VA 372 -50.21 29.24 101.74
C ARG VA 372 -50.58 29.00 103.21
N SER VA 373 -51.05 30.06 103.88
CA SER VA 373 -51.45 29.96 105.27
C SER VA 373 -52.72 30.76 105.53
N ALA VA 374 -53.05 30.95 106.81
CA ALA VA 374 -54.25 31.69 107.19
C ALA VA 374 -53.89 32.95 107.96
N VAL VA 375 -54.81 33.92 107.96
CA VAL VA 375 -54.59 35.17 108.66
C VAL VA 375 -55.81 35.57 109.48
N LEU VA 376 -55.59 35.90 110.75
CA LEU VA 376 -56.68 36.30 111.64
C LEU VA 376 -56.28 37.50 112.49
N THR VA 377 -56.86 38.65 112.19
CA THR VA 377 -56.57 39.87 112.94
C THR VA 377 -57.69 40.21 113.91
N LEU VA 378 -57.32 40.61 115.12
CA LEU VA 378 -58.29 40.96 116.14
C LEU VA 378 -58.03 42.36 116.69
N ASP VA 379 -58.78 43.34 116.17
CA ASP VA 379 -58.63 44.72 116.61
C ASP VA 379 -58.87 44.85 118.11
N ASN VA 380 -57.99 45.60 118.78
CA ASN VA 380 -58.11 45.81 120.22
C ASN VA 380 -57.96 44.49 120.97
N ALA VA 381 -57.23 43.56 120.37
CA ALA VA 381 -57.00 42.25 120.98
C ALA VA 381 -55.51 41.96 121.08
N ARG VA 382 -54.69 43.01 121.07
CA ARG VA 382 -53.25 42.86 121.16
C ARG VA 382 -52.86 41.90 122.28
N LEU VA 383 -52.26 40.77 121.89
CA LEU VA 383 -51.84 39.76 122.87
C LEU VA 383 -50.36 39.90 123.18
N PRO VA 384 -49.99 39.56 124.42
CA PRO VA 384 -48.59 39.64 124.88
C PRO VA 384 -47.71 38.59 124.22
N LYS VA 385 -46.42 38.88 124.11
CA LYS VA 385 -45.47 37.97 123.51
C LYS VA 385 -45.35 36.68 124.32
N LYS VA 386 -45.88 36.69 125.53
CA LYS VA 386 -45.83 35.53 126.40
C LYS VA 386 -47.00 34.60 126.14
N PHE VA 387 -47.75 34.88 125.08
CA PHE VA 387 -48.90 34.06 124.72
C PHE VA 387 -48.92 33.80 123.22
N GLU VA 388 -47.86 34.22 122.53
CA GLU VA 388 -47.77 34.02 121.09
C GLU VA 388 -47.08 32.70 120.76
N ARG VA 389 -47.14 31.75 121.69
CA ARG VA 389 -46.52 30.45 121.49
C ARG VA 389 -47.06 29.78 120.24
N SER VA 390 -46.22 28.96 119.62
CA SER VA 390 -46.60 28.25 118.39
C SER VA 390 -46.83 26.77 118.67
N LEU VA 391 -47.48 26.09 117.73
CA LEU VA 391 -47.77 24.68 117.87
C LEU VA 391 -46.72 23.83 117.16
N ASP VA 392 -46.73 22.53 117.44
CA ASP VA 392 -45.77 21.61 116.83
C ASP VA 392 -46.48 20.37 116.29
N THR VA 393 -47.65 20.57 115.71
CA THR VA 393 -48.44 19.47 115.15
C THR VA 393 -47.87 19.02 113.82
N SER VA 394 -46.64 18.53 113.84
CA SER VA 394 -45.98 18.06 112.63
C SER VA 394 -46.21 16.56 112.42
N ALA VA 395 -46.52 16.18 111.19
CA ALA VA 395 -46.77 14.78 110.85
C ALA VA 395 -48.00 14.26 111.58
N LEU VA 396 -49.00 15.13 111.75
CA LEU VA 396 -50.23 14.76 112.42
C LEU VA 396 -51.28 14.27 111.42
N ASP VA 397 -50.87 14.13 110.17
CA ASP VA 397 -51.76 13.67 109.12
C ASP VA 397 -52.96 14.60 108.96
N THR VA 398 -52.68 15.90 108.93
CA THR VA 398 -53.74 16.90 108.79
C THR VA 398 -53.35 17.97 107.78
N PRO VA 399 -54.35 18.71 107.28
CA PRO VA 399 -54.14 19.77 106.31
C PRO VA 399 -53.41 20.98 106.89
N VAL VA 400 -53.35 21.03 108.23
CA VAL VA 400 -52.68 22.12 108.91
C VAL VA 400 -51.22 21.77 109.21
N LYS VA 401 -50.31 22.43 108.50
CA LYS VA 401 -48.88 22.19 108.68
C LYS VA 401 -48.47 22.45 110.13
N MET VA 402 -48.75 23.65 110.62
CA MET VA 402 -48.42 24.02 111.98
C MET VA 402 -48.99 25.39 112.33
N ILE VA 403 -49.51 25.53 113.55
CA ILE VA 403 -50.08 26.79 114.00
C ILE VA 403 -49.01 27.71 114.58
N SER VA 404 -49.08 28.99 114.25
CA SER VA 404 -48.12 29.97 114.74
C SER VA 404 -48.82 31.24 115.19
N ALA VA 405 -48.56 31.64 116.44
CA ALA VA 405 -49.17 32.85 117.00
C ALA VA 405 -48.14 33.97 117.07
N PHE VA 406 -48.55 35.17 116.68
CA PHE VA 406 -47.68 36.34 116.71
C PHE VA 406 -48.44 37.57 117.16
N SER VA 407 -47.86 38.32 118.09
CA SER VA 407 -48.48 39.53 118.60
C SER VA 407 -48.33 40.69 117.61
N VAL VA 408 -47.26 41.48 117.75
CA VAL VA 408 -47.12 42.66 116.92
C VAL VA 408 -47.05 42.33 115.44
N PRO VA 409 -47.75 43.15 114.63
CA PRO VA 409 -47.54 42.99 113.17
C PRO VA 409 -47.67 44.35 112.49
N GLY VA 410 -47.41 45.43 113.22
CA GLY VA 410 -47.28 46.74 112.59
C GLY VA 410 -48.52 47.60 112.66
N ALA VA 411 -49.56 47.13 113.33
CA ALA VA 411 -50.79 47.89 113.51
C ALA VA 411 -51.09 47.97 115.00
N GLY VA 412 -51.23 49.18 115.54
CA GLY VA 412 -51.61 49.29 116.95
C GLY VA 412 -52.83 48.45 117.28
N GLY VA 413 -52.78 47.82 118.44
CA GLY VA 413 -53.84 47.07 119.08
C GLY VA 413 -54.24 45.75 118.39
N LYS VA 414 -53.80 45.49 117.17
CA LYS VA 414 -54.18 44.33 116.38
C LYS VA 414 -53.37 43.10 116.77
N VAL VA 415 -53.96 41.92 116.59
CA VAL VA 415 -53.19 40.66 116.69
C VAL VA 415 -53.35 39.82 115.42
N ARG VA 416 -52.42 38.85 115.28
CA ARG VA 416 -52.37 38.13 114.02
C ARG VA 416 -52.10 36.65 114.25
N LEU VA 417 -52.72 35.81 113.44
CA LEU VA 417 -52.55 34.36 113.55
C LEU VA 417 -52.11 33.76 112.22
N VAL VA 418 -51.13 32.87 112.28
CA VAL VA 418 -50.62 32.21 111.08
C VAL VA 418 -50.78 30.70 111.16
N VAL VA 419 -51.69 30.17 110.34
CA VAL VA 419 -51.95 28.73 110.32
C VAL VA 419 -51.53 28.12 108.99
N ALA VA 420 -50.26 27.74 108.90
CA ALA VA 420 -49.72 27.14 107.69
C ALA VA 420 -50.52 25.90 107.29
N ALA VA 421 -50.76 25.74 105.99
CA ALA VA 421 -51.51 24.60 105.48
C ALA VA 421 -50.79 23.95 104.30
N ASP VA 422 -51.40 22.92 103.74
CA ASP VA 422 -50.82 22.21 102.60
C ASP VA 422 -51.92 21.61 101.72
N GLY VA 423 -51.62 21.50 100.42
CA GLY VA 423 -52.59 20.94 99.50
C GLY VA 423 -53.94 21.62 99.58
N ALA VA 424 -54.92 21.09 98.85
CA ALA VA 424 -56.25 21.66 98.85
C ALA VA 424 -56.94 21.45 100.20
N ILE VA 425 -57.60 22.50 100.69
CA ILE VA 425 -58.30 22.43 101.97
C ILE VA 425 -59.37 23.51 102.05
N GLU VA 426 -60.16 23.46 103.13
CA GLU VA 426 -61.24 24.43 103.32
C GLU VA 426 -61.24 24.95 104.76
N GLU VA 427 -61.51 26.24 104.91
CA GLU VA 427 -61.55 26.86 106.23
C GLU VA 427 -62.98 27.00 106.73
N LYS VA 428 -63.18 26.73 108.01
CA LYS VA 428 -64.50 26.82 108.61
C LYS VA 428 -64.42 27.41 110.02
N VAL VA 429 -64.91 28.64 110.17
CA VAL VA 429 -64.90 29.31 111.47
C VAL VA 429 -66.16 28.99 112.25
N SER VA 430 -66.01 28.81 113.56
CA SER VA 430 -67.13 28.50 114.43
C SER VA 430 -67.07 29.32 115.72
N GLN VA 431 -68.19 29.95 116.07
CA GLN VA 431 -68.25 30.76 117.28
C GLN VA 431 -69.24 30.17 118.28
N SER VA 432 -68.72 29.36 119.19
CA SER VA 432 -69.55 28.72 120.21
C SER VA 432 -69.93 29.71 121.30
N ALA VA 433 -69.32 30.90 121.26
CA ALA VA 433 -69.59 31.93 122.25
C ALA VA 433 -68.81 33.20 121.93
N GLY VA 434 -69.26 34.33 122.51
CA GLY VA 434 -68.62 35.63 122.31
C GLY VA 434 -67.25 35.71 122.98
N THR VA 435 -66.25 35.13 122.33
CA THR VA 435 -64.90 35.14 122.88
C THR VA 435 -64.09 33.93 122.46
N LEU VA 436 -64.78 32.83 122.19
CA LEU VA 436 -64.11 31.60 121.78
C LEU VA 436 -64.18 31.42 120.27
N SER VA 437 -63.02 31.43 119.62
CA SER VA 437 -62.96 31.26 118.18
C SER VA 437 -62.38 29.90 117.80
N TRP VA 438 -62.82 29.36 116.68
CA TRP VA 438 -62.36 28.06 116.22
C TRP VA 438 -62.19 28.04 114.70
N ARG VA 439 -61.28 27.21 114.21
CA ARG VA 439 -61.02 27.09 112.79
C ARG VA 439 -60.87 25.63 112.37
N LEU VA 440 -61.91 25.10 111.74
CA LEU VA 440 -61.89 23.71 111.28
C LEU VA 440 -61.27 23.59 109.90
N TYR VA 477 -46.21 -13.45 89.23
CA TYR VA 477 -47.42 -14.08 88.66
C TYR VA 477 -48.30 -14.55 89.80
N ARG VA 478 -48.72 -13.55 90.59
CA ARG VA 478 -49.77 -13.72 91.60
C ARG VA 478 -50.22 -12.33 92.04
N GLY VA 479 -51.52 -12.16 92.23
CA GLY VA 479 -52.07 -10.84 92.54
C GLY VA 479 -53.45 -10.84 93.17
N LYS VA 480 -53.91 -9.66 93.63
CA LYS VA 480 -55.33 -9.45 93.95
C LYS VA 480 -56.20 -9.69 92.72
N ARG VA 481 -57.43 -10.12 92.98
CA ARG VA 481 -58.49 -10.27 91.98
C ARG VA 481 -59.15 -8.97 91.62
N VAL VA 482 -59.51 -8.91 90.35
CA VAL VA 482 -59.88 -7.67 89.70
C VAL VA 482 -60.92 -7.93 88.61
N SER VA 483 -61.49 -6.85 88.09
CA SER VA 483 -62.29 -6.91 86.87
C SER VA 483 -61.77 -5.80 85.97
N PHE VA 484 -61.26 -6.21 84.82
CA PHE VA 484 -60.75 -5.32 83.77
C PHE VA 484 -61.74 -4.97 82.72
N GLU VA 485 -62.17 -3.73 82.70
CA GLU VA 485 -63.04 -3.25 81.67
C GLU VA 485 -62.34 -2.12 80.95
N PHE VA 486 -61.99 -2.36 79.68
CA PHE VA 486 -61.32 -1.43 78.78
C PHE VA 486 -62.04 -1.24 77.47
N LYS VA 487 -62.70 -0.11 77.32
CA LYS VA 487 -63.45 0.19 76.11
C LYS VA 487 -62.70 1.16 75.22
N ASP VA 488 -61.90 0.62 74.31
CA ASP VA 488 -61.21 1.41 73.27
C ASP VA 488 -60.22 2.34 73.99
N ILE VA 489 -59.16 1.74 74.53
CA ILE VA 489 -58.11 2.46 75.26
C ILE VA 489 -56.71 2.02 74.87
N ASP VA 490 -55.77 2.95 74.96
CA ASP VA 490 -54.39 2.64 74.66
C ASP VA 490 -53.85 1.59 75.61
N ILE VA 491 -53.18 0.56 75.08
CA ILE VA 491 -52.57 -0.47 75.93
C ILE VA 491 -51.58 0.17 76.91
N GLN VA 492 -50.93 1.27 76.52
CA GLN VA 492 -50.09 2.08 77.40
C GLN VA 492 -50.87 2.63 78.60
N ASN VA 493 -52.10 3.10 78.37
CA ASN VA 493 -52.95 3.48 79.47
C ASN VA 493 -53.29 2.27 80.32
N LEU VA 494 -53.74 1.15 79.73
CA LEU VA 494 -54.04 -0.03 80.56
C LEU VA 494 -52.86 -0.45 81.39
N LEU VA 495 -51.69 -0.42 80.80
CA LEU VA 495 -50.48 -0.67 81.49
C LEU VA 495 -50.27 0.23 82.70
N ARG VA 496 -50.31 1.56 82.54
CA ARG VA 496 -50.10 2.53 83.62
C ARG VA 496 -51.09 2.36 84.72
N VAL VA 497 -52.33 2.21 84.31
CA VAL VA 497 -53.41 1.92 85.20
C VAL VA 497 -53.03 0.67 86.02
N ILE VA 498 -52.58 -0.38 85.32
CA ILE VA 498 -52.11 -1.57 85.97
C ILE VA 498 -50.89 -1.24 86.87
N ALA VA 499 -49.94 -0.38 86.56
CA ALA VA 499 -48.95 0.05 87.56
C ALA VA 499 -49.50 0.88 88.76
N GLU VA 500 -50.52 1.72 88.56
CA GLU VA 500 -51.17 2.54 89.59
C GLU VA 500 -51.94 1.76 90.65
N ILE VA 501 -52.25 0.52 90.32
CA ILE VA 501 -52.88 -0.49 91.16
C ILE VA 501 -51.77 -1.40 91.83
N SER VA 502 -50.46 -1.06 91.85
CA SER VA 502 -49.35 -1.79 92.56
C SER VA 502 -48.99 -3.15 91.95
N LYS VA 503 -49.50 -3.35 90.76
CA LYS VA 503 -49.14 -4.43 89.88
C LYS VA 503 -47.86 -4.08 89.18
N LYS VA 504 -46.80 -4.09 90.00
CA LYS VA 504 -45.45 -3.62 89.66
C LYS VA 504 -45.46 -2.11 89.39
N ASN VA 505 -44.29 -1.61 89.02
CA ASN VA 505 -44.22 -0.42 88.19
C ASN VA 505 -44.07 -0.90 86.75
N ILE VA 506 -45.10 -0.73 85.93
CA ILE VA 506 -45.02 -1.08 84.52
C ILE VA 506 -44.61 0.14 83.68
N VAL VA 507 -43.69 -0.04 82.73
CA VAL VA 507 -43.27 0.95 81.72
C VAL VA 507 -43.20 0.26 80.35
N VAL VA 508 -43.81 0.85 79.32
CA VAL VA 508 -43.65 0.33 77.95
C VAL VA 508 -42.29 0.78 77.36
N ALA VA 509 -41.96 0.33 76.14
CA ALA VA 509 -41.21 1.16 75.18
C ALA VA 509 -42.00 2.46 74.84
N ASP VA 510 -41.68 3.20 73.76
CA ASP VA 510 -42.55 4.31 73.35
C ASP VA 510 -43.74 3.77 72.55
N ASP VA 511 -43.49 3.44 71.27
CA ASP VA 511 -44.58 2.99 70.38
C ASP VA 511 -44.69 1.47 70.37
N VAL VA 512 -45.52 1.00 71.28
CA VAL VA 512 -45.78 -0.43 71.44
C VAL VA 512 -46.80 -0.98 70.45
N SER VA 513 -47.90 -0.27 70.15
CA SER VA 513 -49.03 -0.92 69.48
C SER VA 513 -50.11 0.09 69.13
N GLY VA 514 -51.08 0.27 70.03
CA GLY VA 514 -52.18 1.17 69.89
C GLY VA 514 -53.18 0.94 71.00
N LYS VA 515 -54.43 0.88 70.56
CA LYS VA 515 -55.63 0.76 71.38
C LYS VA 515 -56.24 -0.65 71.32
N VAL VA 516 -56.79 -1.12 72.44
CA VAL VA 516 -57.49 -2.41 72.56
C VAL VA 516 -58.75 -2.32 73.40
N THR VA 517 -59.65 -3.29 73.17
CA THR VA 517 -60.83 -3.53 73.99
C THR VA 517 -60.84 -4.92 74.62
N ILE VA 518 -60.98 -4.96 75.95
CA ILE VA 518 -61.20 -6.21 76.73
C ILE VA 518 -62.21 -5.93 77.85
N ARG VA 519 -62.91 -6.97 78.35
CA ARG VA 519 -63.72 -6.93 79.57
C ARG VA 519 -63.78 -8.23 80.38
N LEU VA 520 -63.06 -8.18 81.48
CA LEU VA 520 -62.81 -9.28 82.37
C LEU VA 520 -63.58 -9.09 83.65
N ARG VA 521 -63.96 -10.22 84.24
CA ARG VA 521 -64.46 -10.24 85.61
C ARG VA 521 -63.77 -11.33 86.40
N ASN VA 522 -63.54 -11.03 87.69
CA ASN VA 522 -62.99 -11.98 88.67
C ASN VA 522 -61.62 -12.57 88.28
N VAL VA 523 -60.74 -11.80 87.65
CA VAL VA 523 -59.44 -12.32 87.19
C VAL VA 523 -58.38 -11.59 87.99
N PRO VA 524 -57.44 -12.26 88.69
CA PRO VA 524 -56.22 -11.62 89.13
C PRO VA 524 -55.50 -10.97 87.99
N TRP VA 525 -54.93 -9.84 88.30
CA TRP VA 525 -54.44 -8.99 87.27
C TRP VA 525 -53.29 -9.52 86.42
N ASP VA 526 -52.38 -10.24 87.06
CA ASP VA 526 -51.13 -10.74 86.50
C ASP VA 526 -51.40 -11.76 85.41
N GLN VA 527 -52.56 -12.36 85.58
CA GLN VA 527 -53.22 -13.10 84.56
C GLN VA 527 -53.95 -12.22 83.56
N ALA VA 528 -54.84 -11.31 83.97
CA ALA VA 528 -55.53 -10.44 83.02
C ALA VA 528 -54.55 -9.75 82.08
N LEU VA 529 -53.34 -9.44 82.58
CA LEU VA 529 -52.13 -9.07 81.85
C LEU VA 529 -51.69 -10.10 80.83
N ASP VA 530 -51.30 -11.33 81.21
CA ASP VA 530 -50.85 -12.36 80.25
C ASP VA 530 -51.83 -12.55 79.09
N LEU VA 531 -53.06 -12.49 79.51
CA LEU VA 531 -54.21 -12.51 78.69
C LEU VA 531 -54.33 -11.26 77.77
N VAL VA 532 -53.94 -10.06 78.26
CA VAL VA 532 -53.96 -8.78 77.48
C VAL VA 532 -52.90 -8.84 76.38
N LEU VA 533 -51.71 -9.34 76.71
CA LEU VA 533 -50.59 -9.62 75.80
C LEU VA 533 -51.08 -10.39 74.55
N ARG VA 534 -51.75 -11.51 74.81
CA ARG VA 534 -52.31 -12.39 73.74
C ARG VA 534 -53.40 -11.79 72.86
N THR VA 535 -54.10 -10.80 73.41
CA THR VA 535 -55.15 -10.12 72.63
C THR VA 535 -54.55 -9.47 71.38
N LYS VA 536 -53.68 -8.50 71.60
CA LYS VA 536 -53.07 -7.63 70.57
C LYS VA 536 -51.65 -7.28 70.97
N ALA VA 537 -51.63 -7.09 72.29
CA ALA VA 537 -50.62 -6.43 73.02
C ALA VA 537 -49.39 -7.32 73.04
N LEU VA 538 -48.50 -6.88 73.90
CA LEU VA 538 -47.09 -7.08 73.78
C LEU VA 538 -46.63 -8.39 74.41
N GLY VA 539 -45.34 -8.61 74.59
CA GLY VA 539 -44.83 -9.47 75.66
C GLY VA 539 -44.22 -8.63 76.79
N LYS VA 540 -44.15 -9.20 78.01
CA LYS VA 540 -43.58 -8.50 79.19
C LYS VA 540 -42.23 -9.11 79.59
N GLU VA 541 -41.28 -8.24 79.94
CA GLU VA 541 -40.00 -8.58 80.59
C GLU VA 541 -39.84 -7.80 81.88
N GLU VA 542 -39.54 -8.45 83.00
CA GLU VA 542 -39.37 -7.79 84.29
C GLU VA 542 -37.89 -7.63 84.68
N PHE VA 543 -37.50 -6.38 84.99
CA PHE VA 543 -36.23 -6.08 85.66
C PHE VA 543 -36.21 -6.44 87.15
N GLY VA 544 -37.36 -6.26 87.79
CA GLY VA 544 -37.69 -6.73 89.14
C GLY VA 544 -38.64 -5.75 89.82
N ASN VA 545 -38.13 -4.52 90.04
CA ASN VA 545 -38.94 -3.41 90.54
C ASN VA 545 -39.84 -2.81 89.44
N ILE VA 546 -39.21 -2.54 88.30
CA ILE VA 546 -39.89 -2.09 87.09
C ILE VA 546 -39.98 -3.28 86.14
N ILE VA 547 -40.97 -3.25 85.26
CA ILE VA 547 -41.11 -4.20 84.16
C ILE VA 547 -41.16 -3.39 82.87
N ARG VA 548 -40.46 -3.85 81.83
CA ARG VA 548 -40.58 -3.28 80.48
C ARG VA 548 -41.45 -4.13 79.60
N ILE VA 549 -42.34 -3.46 78.88
CA ILE VA 549 -43.20 -4.10 77.89
C ILE VA 549 -42.86 -3.58 76.52
N ALA VA 550 -42.64 -4.51 75.59
CA ALA VA 550 -42.19 -4.16 74.27
C ALA VA 550 -43.04 -4.80 73.16
N PRO VA 551 -43.10 -4.12 72.00
CA PRO VA 551 -43.67 -4.60 70.73
C PRO VA 551 -42.81 -5.70 70.06
N ASP VA 574 -67.88 -7.03 73.36
CA ASP VA 574 -66.76 -7.36 74.22
C ASP VA 574 -66.22 -8.78 74.08
N LEU VA 575 -64.94 -8.78 74.43
CA LEU VA 575 -64.23 -9.95 74.84
C LEU VA 575 -64.36 -9.99 76.29
N MET VA 576 -64.37 -11.22 76.74
CA MET VA 576 -64.45 -11.39 78.13
C MET VA 576 -63.63 -12.52 78.62
N VAL VA 577 -63.40 -12.37 79.91
CA VAL VA 577 -62.77 -13.38 80.69
C VAL VA 577 -63.68 -13.82 81.78
N ASN VA 578 -63.67 -15.13 81.90
CA ASN VA 578 -64.46 -15.87 82.83
C ASN VA 578 -63.58 -17.00 83.37
N LEU VA 579 -63.70 -17.20 84.68
CA LEU VA 579 -63.10 -18.31 85.41
C LEU VA 579 -64.14 -19.43 85.41
N LEU VA 580 -63.71 -20.61 84.97
CA LEU VA 580 -64.44 -21.86 85.07
C LEU VA 580 -63.87 -22.64 86.27
N PRO VA 581 -64.64 -22.93 87.33
CA PRO VA 581 -64.20 -23.95 88.27
C PRO VA 581 -64.28 -25.31 87.56
N VAL VA 582 -63.31 -26.16 87.81
CA VAL VA 582 -63.38 -27.59 87.50
C VAL VA 582 -63.39 -28.33 88.82
N ASN VA 583 -64.59 -28.73 89.26
CA ASN VA 583 -64.67 -29.41 90.56
C ASN VA 583 -64.18 -30.86 90.48
N TYR VA 584 -64.58 -31.56 89.42
CA TYR VA 584 -64.45 -33.00 89.37
C TYR VA 584 -63.23 -33.54 88.64
N ALA VA 585 -63.00 -33.03 87.42
CA ALA VA 585 -61.87 -33.46 86.60
C ALA VA 585 -60.58 -32.67 86.89
N VAL VA 586 -59.44 -33.17 86.40
CA VAL VA 586 -58.20 -32.39 86.35
C VAL VA 586 -58.24 -31.45 85.13
N ALA VA 587 -57.74 -30.23 85.28
CA ALA VA 587 -57.73 -29.22 84.20
C ALA VA 587 -56.94 -29.67 82.95
N ALA VA 588 -55.82 -30.39 83.15
CA ALA VA 588 -54.95 -30.85 82.07
C ALA VA 588 -55.63 -31.85 81.11
N ASP VA 589 -56.61 -32.64 81.57
CA ASP VA 589 -57.37 -33.58 80.73
C ASP VA 589 -58.25 -32.88 79.68
N MET VA 590 -58.72 -31.66 80.01
CA MET VA 590 -59.41 -30.79 79.08
C MET VA 590 -58.50 -30.23 77.97
N ALA VA 591 -57.18 -30.16 78.19
CA ALA VA 591 -56.24 -29.42 77.35
C ALA VA 591 -56.27 -29.89 75.88
N ALA VA 592 -56.40 -31.19 75.64
CA ALA VA 592 -56.49 -31.75 74.28
C ALA VA 592 -57.71 -31.19 73.51
N ARG VA 593 -58.90 -31.30 74.12
CA ARG VA 593 -60.16 -30.80 73.53
C ARG VA 593 -60.24 -29.28 73.39
N VAL VA 594 -59.75 -28.57 74.41
CA VAL VA 594 -59.78 -27.11 74.42
C VAL VA 594 -58.81 -26.56 73.36
N LYS VA 595 -57.61 -27.14 73.23
CA LYS VA 595 -56.66 -26.80 72.16
C LYS VA 595 -57.30 -27.02 70.78
N ASP VA 596 -58.04 -28.11 70.64
CA ASP VA 596 -58.73 -28.44 69.40
C ASP VA 596 -59.87 -27.48 68.96
N VAL VA 597 -60.64 -26.86 69.89
CA VAL VA 597 -61.53 -25.73 69.47
C VAL VA 597 -60.72 -24.53 68.96
N LEU VA 598 -59.66 -24.13 69.68
CA LEU VA 598 -58.94 -22.89 69.35
C LEU VA 598 -58.46 -22.92 67.90
N SER VA 599 -57.90 -24.05 67.45
CA SER VA 599 -57.24 -24.14 66.14
C SER VA 599 -56.22 -22.98 66.00
N GLU VA 600 -56.23 -22.28 64.87
CA GLU VA 600 -55.54 -21.01 64.62
C GLU VA 600 -56.37 -19.78 65.01
N ARG VA 601 -57.30 -19.92 65.97
CA ARG VA 601 -58.03 -18.77 66.52
C ARG VA 601 -57.39 -18.19 67.79
N GLY VA 602 -58.03 -17.06 68.04
CA GLY VA 602 -57.86 -16.13 69.13
C GLY VA 602 -58.98 -16.18 70.09
N SER VA 603 -58.50 -15.91 71.27
CA SER VA 603 -58.81 -16.79 72.36
C SER VA 603 -57.56 -17.42 72.88
N VAL VA 604 -57.64 -17.70 74.16
CA VAL VA 604 -56.73 -18.57 74.85
C VAL VA 604 -57.38 -19.14 76.09
N THR VA 605 -56.71 -20.16 76.59
CA THR VA 605 -56.99 -20.83 77.84
C THR VA 605 -55.74 -20.82 78.74
N VAL VA 606 -55.91 -20.48 80.02
CA VAL VA 606 -54.87 -20.50 81.05
C VAL VA 606 -55.30 -21.43 82.18
N ASP VA 607 -54.37 -22.29 82.58
CA ASP VA 607 -54.59 -23.22 83.67
C ASP VA 607 -53.96 -22.67 84.94
N GLN VA 608 -54.81 -22.31 85.92
CA GLN VA 608 -54.32 -21.92 87.24
C GLN VA 608 -54.11 -23.15 88.11
N ARG VA 609 -53.19 -23.01 89.08
CA ARG VA 609 -52.76 -24.10 89.96
C ARG VA 609 -53.88 -24.76 90.77
N THR VA 610 -54.88 -24.00 91.17
CA THR VA 610 -56.04 -24.48 91.94
C THR VA 610 -57.09 -25.17 91.06
N ASN VA 611 -56.69 -25.78 89.92
CA ASN VA 611 -57.55 -26.46 88.95
C ASN VA 611 -58.80 -25.66 88.55
N VAL VA 612 -58.54 -24.40 88.14
CA VAL VA 612 -59.53 -23.57 87.45
C VAL VA 612 -58.99 -23.22 86.08
N LEU VA 613 -59.86 -23.30 85.07
CA LEU VA 613 -59.52 -22.77 83.75
C LEU VA 613 -59.93 -21.32 83.65
N ILE VA 614 -59.13 -20.55 82.92
CA ILE VA 614 -59.48 -19.20 82.55
C ILE VA 614 -59.35 -18.99 81.07
N VAL VA 615 -60.39 -18.40 80.50
CA VAL VA 615 -60.46 -18.09 79.08
C VAL VA 615 -60.53 -16.60 78.80
N LYS VA 616 -59.68 -16.03 77.94
CA LYS VA 616 -60.03 -14.79 77.23
C LYS VA 616 -60.42 -15.21 75.86
N ASP VA 617 -61.38 -14.46 75.36
CA ASP VA 617 -61.78 -14.49 73.97
C ASP VA 617 -62.99 -13.61 73.73
N VAL VA 618 -63.41 -13.58 72.46
CA VAL VA 618 -64.78 -13.20 72.10
C VAL VA 618 -65.75 -13.99 72.98
N ARG VA 619 -66.93 -13.42 73.25
CA ARG VA 619 -68.01 -14.16 73.92
C ARG VA 619 -68.32 -15.50 73.25
N SER VA 620 -68.36 -15.55 71.91
CA SER VA 620 -68.74 -16.76 71.18
C SER VA 620 -67.75 -17.93 71.36
N ASN VA 621 -66.43 -17.66 71.35
CA ASN VA 621 -65.44 -18.68 71.69
C ASN VA 621 -65.42 -19.00 73.21
N THR VA 622 -65.66 -18.02 74.11
CA THR VA 622 -65.84 -18.30 75.56
C THR VA 622 -66.98 -19.29 75.82
N GLU VA 623 -68.13 -19.01 75.20
CA GLU VA 623 -69.33 -19.81 75.34
C GLU VA 623 -69.06 -21.27 74.96
N ARG VA 624 -68.42 -21.50 73.80
CA ARG VA 624 -68.02 -22.83 73.35
C ARG VA 624 -67.11 -23.51 74.36
N ALA VA 625 -66.03 -22.85 74.77
CA ALA VA 625 -65.10 -23.41 75.75
C ALA VA 625 -65.79 -23.76 77.08
N ARG VA 626 -66.66 -22.88 77.61
CA ARG VA 626 -67.45 -23.18 78.83
C ARG VA 626 -68.35 -24.40 78.63
N SER VA 627 -69.10 -24.47 77.53
CA SER VA 627 -70.01 -25.60 77.29
C SER VA 627 -69.27 -26.94 77.27
N LEU VA 628 -68.08 -27.00 76.67
CA LEU VA 628 -67.25 -28.21 76.66
C LEU VA 628 -66.66 -28.51 78.04
N VAL VA 629 -66.08 -27.52 78.73
CA VAL VA 629 -65.50 -27.71 80.08
C VAL VA 629 -66.57 -28.20 81.03
N ARG VA 630 -67.73 -27.53 81.09
CA ARG VA 630 -68.82 -27.98 81.96
C ARG VA 630 -69.35 -29.35 81.55
N SER VA 631 -69.48 -29.62 80.26
CA SER VA 631 -70.01 -30.91 79.76
C SER VA 631 -69.12 -32.09 80.16
N LEU VA 632 -67.80 -31.93 80.00
CA LEU VA 632 -66.82 -32.91 80.49
C LEU VA 632 -66.69 -32.95 82.00
N ASP VA 633 -66.84 -31.79 82.68
CA ASP VA 633 -66.91 -31.79 84.14
C ASP VA 633 -68.12 -32.67 84.44
N THR VA 634 -69.35 -32.43 83.91
CA THR VA 634 -70.57 -33.20 84.25
C THR VA 634 -70.54 -34.74 84.21
N GLN VA 635 -69.76 -35.39 83.36
CA GLN VA 635 -69.62 -36.86 83.48
C GLN VA 635 -68.70 -37.32 84.64
N THR VA 636 -67.73 -36.48 84.99
CA THR VA 636 -66.95 -36.53 86.24
C THR VA 636 -67.70 -36.35 87.61
N PRO VA 637 -68.74 -35.50 87.81
CA PRO VA 637 -69.61 -35.52 88.99
C PRO VA 637 -70.39 -36.78 89.27
N GLN VA 638 -70.76 -37.59 88.25
CA GLN VA 638 -71.36 -38.89 88.59
C GLN VA 638 -70.26 -39.84 89.07
N VAL VA 639 -70.00 -39.77 90.37
CA VAL VA 639 -69.03 -40.63 91.06
C VAL VA 639 -69.67 -41.95 91.49
N CYS WA 5 9.41 71.99 -17.85
CA CYS WA 5 9.50 71.13 -16.67
C CYS WA 5 10.09 71.92 -15.47
N GLU WA 6 10.18 71.29 -14.30
CA GLU WA 6 11.06 71.75 -13.21
C GLU WA 6 12.29 70.81 -13.09
N GLU WA 7 13.45 71.43 -12.92
CA GLU WA 7 14.80 70.82 -12.92
C GLU WA 7 15.21 70.31 -11.49
N PRO WA 8 16.45 69.83 -11.21
CA PRO WA 8 16.85 69.08 -10.01
C PRO WA 8 16.29 69.48 -8.63
N PRO WA 9 16.74 70.62 -8.08
CA PRO WA 9 15.77 71.67 -7.81
C PRO WA 9 15.46 72.52 -9.05
N ALA WA 10 14.35 73.25 -8.97
CA ALA WA 10 13.88 74.20 -9.98
C ALA WA 10 14.93 75.32 -10.24
N PRO WA 11 14.58 76.46 -10.87
CA PRO WA 11 15.46 77.64 -10.88
C PRO WA 11 15.75 78.21 -9.45
N ALA WA 12 15.83 79.53 -9.18
CA ALA WA 12 16.24 79.98 -7.82
C ALA WA 12 15.28 80.75 -6.85
N PRO WA 13 14.15 81.42 -7.20
CA PRO WA 13 13.37 82.19 -6.20
C PRO WA 13 12.26 81.53 -5.31
N PRO WA 14 11.87 80.24 -5.40
CA PRO WA 14 12.74 79.08 -5.55
C PRO WA 14 12.68 78.34 -6.92
N PRO WA 15 11.96 78.74 -8.00
CA PRO WA 15 10.73 79.49 -8.17
C PRO WA 15 9.47 78.87 -7.62
N ALA WA 16 8.49 79.76 -7.42
CA ALA WA 16 7.05 79.55 -7.28
C ALA WA 16 6.57 78.51 -6.25
N LYS WA 17 7.35 77.50 -5.83
CA LYS WA 17 6.92 76.44 -4.90
C LYS WA 17 6.78 76.82 -3.40
N PRO WA 18 7.30 77.96 -2.96
CA PRO WA 18 6.47 78.96 -2.26
C PRO WA 18 5.02 78.52 -2.17
N LYS WA 19 4.35 78.43 -3.31
CA LYS WA 19 2.89 78.49 -3.36
C LYS WA 19 2.30 77.12 -3.68
N ALA WA 20 2.97 76.37 -4.54
CA ALA WA 20 2.64 74.96 -4.75
C ALA WA 20 2.91 74.15 -3.49
N ALA WA 21 4.13 74.22 -2.98
CA ALA WA 21 4.54 73.40 -1.85
C ALA WA 21 4.31 74.12 -0.53
N ALA WA 22 3.26 74.91 -0.47
CA ALA WA 22 2.69 75.34 0.80
C ALA WA 22 1.17 75.18 0.82
N ALA WA 23 0.54 75.46 -0.31
CA ALA WA 23 -0.87 75.13 -0.51
C ALA WA 23 -1.05 73.65 -0.79
N VAL WA 24 0.06 72.96 -1.02
CA VAL WA 24 0.17 71.53 -0.68
C VAL WA 24 0.57 71.39 0.81
N PRO WA 25 1.76 70.84 1.20
CA PRO WA 25 1.99 70.24 2.52
C PRO WA 25 0.75 69.90 3.38
N VAL WA 26 -0.14 69.02 2.93
CA VAL WA 26 0.03 68.02 1.84
C VAL WA 26 -1.08 68.21 0.79
N LYS WA 27 -1.79 67.16 0.38
CA LYS WA 27 -3.20 67.29 0.00
C LYS WA 27 -4.04 67.91 1.15
N ALA WA 28 -3.44 67.91 2.35
CA ALA WA 28 -4.01 67.91 3.69
C ALA WA 28 -4.88 66.67 4.00
N ALA WA 29 -5.74 66.29 3.05
CA ALA WA 29 -7.02 65.64 3.29
C ALA WA 29 -8.06 66.67 3.82
N PRO WA 30 -7.96 67.15 5.05
CA PRO WA 30 -7.30 66.39 6.12
C PRO WA 30 -8.25 65.43 6.81
N THR WA 31 -7.76 64.23 7.13
CA THR WA 31 -8.54 63.25 7.88
C THR WA 31 -8.92 63.77 9.26
N GLU WA 32 -9.83 64.73 9.30
CA GLU WA 32 -10.96 64.68 10.23
C GLU WA 32 -11.51 63.26 10.34
N THR WA 33 -10.67 62.34 10.81
CA THR WA 33 -11.03 60.93 10.86
C THR WA 33 -10.75 60.33 12.24
N GLY WA 34 -9.75 59.46 12.30
CA GLY WA 34 -9.91 58.14 12.88
C GLY WA 34 -9.54 58.11 14.35
N ALA WA 35 -10.41 58.67 15.19
CA ALA WA 35 -10.09 58.87 16.60
C ALA WA 35 -10.17 57.56 17.37
N GLN WA 36 -9.67 57.58 18.60
CA GLN WA 36 -10.06 56.59 19.60
C GLN WA 36 -10.35 57.25 20.95
N ALA WA 37 -10.72 56.44 21.94
CA ALA WA 37 -11.54 56.90 23.04
C ALA WA 37 -11.04 56.37 24.38
N ALA WA 38 -11.19 57.17 25.42
CA ALA WA 38 -10.89 56.72 26.79
C ALA WA 38 -12.01 55.87 27.45
N PRO WA 39 -13.08 55.57 26.68
CA PRO WA 39 -14.47 55.87 27.07
C PRO WA 39 -14.63 56.64 28.39
N SER WA 40 -15.62 56.29 29.21
CA SER WA 40 -15.77 56.73 30.60
C SER WA 40 -16.32 55.56 31.43
N TYR WA 41 -16.23 55.64 32.75
CA TYR WA 41 -16.53 54.53 33.67
C TYR WA 41 -17.54 54.98 34.72
N SER WA 42 -18.45 54.08 35.10
CA SER WA 42 -19.44 54.28 36.16
C SER WA 42 -18.90 53.89 37.55
N TYR WA 43 -19.65 54.24 38.60
CA TYR WA 43 -19.25 54.04 40.00
C TYR WA 43 -20.18 53.09 40.79
N VAL WA 44 -19.66 52.49 41.86
CA VAL WA 44 -20.29 51.38 42.62
C VAL WA 44 -20.08 51.57 44.12
N TYR WA 45 -20.96 51.11 45.03
CA TYR WA 45 -22.39 50.80 44.97
C TYR WA 45 -22.93 51.02 46.41
N ASN WA 46 -24.21 51.34 46.58
CA ASN WA 46 -24.77 51.69 47.90
C ASN WA 46 -25.28 50.47 48.70
N PRO WA 47 -24.50 50.00 49.69
CA PRO WA 47 -25.12 49.54 50.93
C PRO WA 47 -24.27 49.76 52.20
N VAL WA 48 -25.00 49.76 53.32
CA VAL WA 48 -24.82 48.71 54.33
C VAL WA 48 -26.08 47.86 54.39
N GLY WA 49 -25.91 46.54 54.58
CA GLY WA 49 -27.02 45.60 54.71
C GLY WA 49 -27.84 45.81 55.99
N LYS WA 50 -28.99 45.14 56.08
CA LYS WA 50 -29.86 45.11 57.27
C LYS WA 50 -30.24 43.67 57.63
N ARG WA 51 -30.58 43.44 58.89
CA ARG WA 51 -30.95 42.11 59.41
C ARG WA 51 -32.36 42.13 59.97
N ASP WA 52 -33.00 41.01 59.69
CA ASP WA 52 -34.25 40.46 60.21
C ASP WA 52 -33.87 38.96 60.48
N PRO WA 53 -34.31 38.08 59.57
CA PRO WA 53 -33.47 37.35 58.64
C PRO WA 53 -32.21 38.13 58.14
N PHE WA 54 -31.01 37.56 58.17
CA PHE WA 54 -30.73 36.14 58.21
C PHE WA 54 -30.21 35.67 59.57
N ARG WA 55 -30.26 36.48 60.65
CA ARG WA 55 -29.68 36.06 61.93
C ARG WA 55 -30.42 34.86 62.53
N SER WA 56 -31.72 34.94 62.75
CA SER WA 56 -32.50 33.76 63.19
C SER WA 56 -32.38 32.51 62.28
N PRO WA 57 -32.57 32.60 60.96
CA PRO WA 57 -32.51 31.41 60.09
C PRO WA 57 -31.11 30.79 59.88
N ILE WA 58 -30.02 31.29 60.50
CA ILE WA 58 -28.73 30.54 60.56
C ILE WA 58 -28.01 30.68 61.92
N ASP WA 59 -28.00 31.86 62.55
CA ASP WA 59 -27.39 32.07 63.88
C ASP WA 59 -28.24 31.46 65.02
N GLU WA 60 -29.55 31.22 64.81
CA GLU WA 60 -30.46 30.52 65.75
C GLU WA 60 -30.85 29.11 65.25
N LEU WA 61 -30.99 28.91 63.93
CA LEU WA 61 -31.19 27.57 63.34
C LEU WA 61 -29.92 26.69 63.39
N GLY WA 62 -28.73 27.26 63.17
CA GLY WA 62 -27.45 26.56 63.14
C GLY WA 62 -27.05 25.93 64.47
N PRO WA 63 -27.43 26.54 65.60
CA PRO WA 63 -27.73 25.85 66.86
C PRO WA 63 -28.96 24.92 66.76
N VAL WA 64 -28.91 23.89 65.91
CA VAL WA 64 -30.05 22.99 65.61
C VAL WA 64 -30.57 22.36 66.90
N ASN WA 65 -31.71 22.88 67.37
CA ASN WA 65 -32.21 22.66 68.72
C ASN WA 65 -33.72 22.44 68.67
N ALA WA 66 -34.16 21.31 69.21
CA ALA WA 66 -35.56 20.98 69.39
C ALA WA 66 -35.74 20.41 70.80
N ASN WA 67 -36.87 20.73 71.43
CA ASN WA 67 -37.24 20.25 72.76
C ASN WA 67 -38.58 19.50 72.70
N PRO WA 68 -38.56 18.20 72.29
CA PRO WA 68 -39.76 17.44 71.94
C PRO WA 68 -40.89 17.43 72.97
N VAL WA 69 -42.12 17.37 72.44
CA VAL WA 69 -43.32 17.07 73.23
C VAL WA 69 -43.51 15.58 73.50
N ALA WA 70 -43.61 15.21 74.79
CA ALA WA 70 -44.07 13.89 75.24
C ALA WA 70 -44.88 13.94 76.56
N ALA WA 71 -44.86 15.07 77.27
CA ALA WA 71 -45.48 15.25 78.57
C ALA WA 71 -47.01 15.43 78.50
N CYS WA 72 -47.63 15.50 79.68
CA CYS WA 72 -48.95 16.12 79.83
C CYS WA 72 -48.94 17.65 79.64
N ASN WA 73 -49.97 18.18 78.99
CA ASN WA 73 -50.02 19.52 78.39
C ASN WA 73 -50.61 20.65 79.30
N GLU WA 74 -50.29 20.74 80.60
CA GLU WA 74 -51.09 20.15 81.69
C GLU WA 74 -52.61 20.10 81.31
N PRO WA 75 -53.09 18.94 80.85
CA PRO WA 75 -54.02 18.86 79.74
C PRO WA 75 -55.47 19.00 80.19
N LEU WA 76 -55.92 18.13 81.11
CA LEU WA 76 -57.36 17.99 81.39
C LEU WA 76 -57.87 19.13 82.26
N CYS WA 77 -57.00 19.78 83.03
CA CYS WA 77 -57.32 21.05 83.67
C CYS WA 77 -57.47 22.25 82.72
N SER WA 78 -57.25 22.04 81.41
CA SER WA 78 -57.59 22.98 80.33
C SER WA 78 -58.87 22.61 79.55
N PHE WA 79 -59.58 21.51 79.91
CA PHE WA 79 -60.83 21.07 79.26
C PHE WA 79 -61.98 20.80 80.25
N ASP WA 80 -63.23 21.03 79.86
CA ASP WA 80 -64.38 20.99 80.78
C ASP WA 80 -64.87 19.56 81.08
N LEU WA 81 -65.42 19.30 82.27
CA LEU WA 81 -65.56 17.93 82.79
C LEU WA 81 -66.61 17.09 82.04
N ASP WA 82 -67.69 17.71 81.60
CA ASP WA 82 -68.78 17.09 80.83
C ASP WA 82 -68.32 16.76 79.39
N GLN WA 83 -67.14 17.23 78.95
CA GLN WA 83 -66.53 16.82 77.68
C GLN WA 83 -65.81 15.46 77.79
N LEU WA 84 -65.44 15.04 79.00
CA LEU WA 84 -64.64 13.82 79.26
C LEU WA 84 -65.53 12.57 79.39
N LYS WA 85 -65.09 11.44 78.81
CA LYS WA 85 -65.88 10.20 78.75
C LYS WA 85 -65.17 9.01 79.39
N LEU WA 86 -65.82 8.28 80.30
CA LEU WA 86 -65.18 7.15 80.97
C LEU WA 86 -65.04 5.95 80.02
N VAL WA 87 -63.79 5.57 79.73
CA VAL WA 87 -63.44 4.46 78.83
C VAL WA 87 -63.53 3.11 79.54
N ALA WA 88 -62.92 3.04 80.73
CA ALA WA 88 -62.68 1.80 81.46
C ALA WA 88 -62.34 2.10 82.93
N VAL WA 89 -62.24 1.05 83.74
CA VAL WA 89 -61.71 1.10 85.11
C VAL WA 89 -60.83 -0.12 85.33
N VAL WA 90 -59.70 0.09 86.01
CA VAL WA 90 -58.77 -0.97 86.47
C VAL WA 90 -58.85 -1.04 88.00
N THR WA 91 -58.76 -2.25 88.55
CA THR WA 91 -58.74 -2.47 90.01
C THR WA 91 -57.84 -3.65 90.32
N GLY WA 92 -57.01 -3.49 91.34
CA GLY WA 92 -56.09 -4.49 91.88
C GLY WA 92 -55.36 -3.91 93.09
N ASP WA 93 -54.32 -4.61 93.54
CA ASP WA 93 -53.58 -4.32 94.78
C ASP WA 93 -52.96 -2.92 94.82
N ALA WA 94 -52.63 -2.37 93.64
CA ALA WA 94 -52.15 -1.00 93.42
C ALA WA 94 -53.23 0.10 93.57
N SER WA 95 -54.37 -0.19 94.21
CA SER WA 95 -55.60 0.63 94.34
C SER WA 95 -56.40 0.82 93.03
N PRO WA 96 -57.72 1.05 93.09
CA PRO WA 96 -58.54 1.28 91.90
C PRO WA 96 -58.16 2.58 91.17
N VAL WA 97 -58.17 2.53 89.84
CA VAL WA 97 -57.89 3.64 88.92
C VAL WA 97 -58.87 3.68 87.75
N ALA WA 98 -59.42 4.86 87.48
CA ALA WA 98 -60.30 5.13 86.34
C ALA WA 98 -59.51 5.49 85.09
N MET WA 99 -60.05 5.19 83.91
CA MET WA 99 -59.51 5.60 82.61
C MET WA 99 -60.55 6.40 81.82
N VAL WA 100 -60.17 7.61 81.39
CA VAL WA 100 -61.07 8.63 80.81
C VAL WA 100 -60.52 9.26 79.53
N GLU WA 101 -61.40 9.61 78.60
CA GLU WA 101 -61.12 10.08 77.23
C GLU WA 101 -61.44 11.57 77.07
N ASP WA 102 -60.51 12.31 76.46
CA ASP WA 102 -60.58 13.76 76.19
C ASP WA 102 -61.58 14.00 75.03
N PRO WA 103 -62.12 15.23 74.82
CA PRO WA 103 -62.72 15.60 73.54
C PRO WA 103 -61.69 15.62 72.38
N ALA WA 104 -60.39 15.72 72.70
CA ALA WA 104 -59.28 15.51 71.77
C ALA WA 104 -58.88 14.04 71.56
N GLY WA 105 -59.61 13.07 72.13
CA GLY WA 105 -59.41 11.62 71.93
C GLY WA 105 -58.20 11.00 72.64
N ARG WA 106 -57.49 11.75 73.50
CA ARG WA 106 -56.46 11.16 74.38
C ARG WA 106 -57.12 10.30 75.47
N GLY WA 107 -56.46 9.19 75.86
CA GLY WA 107 -56.71 8.49 77.12
C GLY WA 107 -55.86 9.00 78.30
N HIS WA 108 -56.48 9.07 79.49
CA HIS WA 108 -55.84 9.42 80.77
C HIS WA 108 -56.16 8.35 81.82
N ILE WA 109 -55.37 8.33 82.89
CA ILE WA 109 -55.60 7.46 84.05
C ILE WA 109 -55.53 8.31 85.32
N VAL WA 110 -56.57 8.23 86.15
CA VAL WA 110 -56.75 9.07 87.35
C VAL WA 110 -57.38 8.18 88.44
N ARG WA 111 -57.10 8.49 89.71
CA ARG WA 111 -57.53 7.68 90.86
C ARG WA 111 -57.94 8.52 92.06
N ARG WA 112 -58.55 7.90 93.06
CA ARG WA 112 -59.05 8.60 94.26
C ARG WA 112 -57.96 9.50 94.87
N ASN WA 113 -58.32 10.75 95.17
CA ASN WA 113 -57.50 11.91 95.56
C ASN WA 113 -56.91 12.77 94.41
N THR WA 114 -56.74 12.24 93.20
CA THR WA 114 -56.35 13.03 92.00
C THR WA 114 -57.47 13.90 91.44
N ARG WA 115 -57.16 14.74 90.44
CA ARG WA 115 -58.07 15.68 89.78
C ARG WA 115 -58.05 15.54 88.26
N MET WA 116 -59.01 16.18 87.62
CA MET WA 116 -59.22 16.29 86.17
C MET WA 116 -60.08 17.55 85.90
N GLY WA 117 -60.11 18.07 84.68
CA GLY WA 117 -61.03 19.12 84.27
C GLY WA 117 -60.75 20.54 84.77
N ARG WA 118 -61.33 21.55 84.12
CA ARG WA 118 -61.19 22.98 84.51
C ARG WA 118 -61.78 23.30 85.88
N GLN WA 119 -62.90 22.66 86.24
CA GLN WA 119 -63.47 22.73 87.60
C GLN WA 119 -62.70 21.88 88.64
N GLY WA 120 -61.53 21.34 88.30
CA GLY WA 120 -60.65 20.62 89.24
C GLY WA 120 -61.23 19.35 89.84
N GLY WA 121 -62.17 18.71 89.12
CA GLY WA 121 -62.97 17.54 89.53
C GLY WA 121 -62.15 16.47 90.21
N LYS WA 122 -62.26 16.40 91.55
CA LYS WA 122 -61.49 15.48 92.39
C LYS WA 122 -62.14 14.10 92.39
N VAL WA 123 -61.38 13.06 92.05
CA VAL WA 123 -61.86 11.67 92.14
C VAL WA 123 -62.14 11.24 93.59
N THR WA 124 -63.38 10.86 93.89
CA THR WA 124 -63.81 10.51 95.27
C THR WA 124 -64.30 9.07 95.35
N GLN WA 125 -64.92 8.51 94.30
CA GLN WA 125 -65.30 7.09 94.20
C GLN WA 125 -65.01 6.55 92.79
N ILE WA 126 -64.81 5.24 92.67
CA ILE WA 126 -64.57 4.54 91.40
C ILE WA 126 -65.33 3.22 91.46
N LEU WA 127 -66.38 3.07 90.66
CA LEU WA 127 -67.13 1.83 90.45
C LEU WA 127 -66.66 1.17 89.13
N ARG WA 128 -67.37 0.15 88.63
CA ARG WA 128 -67.00 -0.54 87.36
C ARG WA 128 -67.64 0.06 86.11
N ASP WA 129 -68.74 0.75 86.35
CA ASP WA 129 -69.68 1.36 85.41
C ASP WA 129 -69.65 2.90 85.40
N SER WA 130 -69.01 3.48 86.41
CA SER WA 130 -69.16 4.89 86.77
C SER WA 130 -68.10 5.37 87.78
N VAL WA 131 -67.89 6.68 87.86
CA VAL WA 131 -66.86 7.32 88.70
C VAL WA 131 -67.42 8.62 89.29
N THR WA 132 -67.67 8.64 90.60
CA THR WA 132 -67.97 9.87 91.34
C THR WA 132 -66.78 10.78 91.58
N VAL WA 133 -66.94 12.05 91.23
CA VAL WA 133 -65.98 13.14 91.42
C VAL WA 133 -66.62 14.35 92.11
N THR WA 134 -65.80 15.15 92.80
CA THR WA 134 -66.21 16.46 93.35
C THR WA 134 -65.61 17.64 92.60
N GLU WA 135 -66.47 18.40 91.94
CA GLU WA 135 -66.13 19.52 91.05
C GLU WA 135 -66.43 20.86 91.70
N VAL WA 136 -66.03 21.95 91.04
CA VAL WA 136 -66.00 23.32 91.57
C VAL WA 136 -66.72 24.29 90.62
N PHE WA 137 -68.01 24.51 90.88
CA PHE WA 137 -68.88 25.36 90.03
C PHE WA 137 -69.22 26.70 90.70
N SER WA 138 -69.45 27.76 89.92
CA SER WA 138 -69.93 29.05 90.43
C SER WA 138 -71.47 29.11 90.45
N GLY WA 139 -72.08 28.55 91.49
CA GLY WA 139 -73.52 28.55 91.69
C GLY WA 139 -74.04 29.94 92.03
N ASN WA 140 -74.61 30.64 91.05
CA ASN WA 140 -75.17 32.00 91.19
C ASN WA 140 -74.18 33.07 91.73
N GLY WA 141 -72.88 32.78 91.68
CA GLY WA 141 -71.80 33.65 92.20
C GLY WA 141 -70.99 33.03 93.35
N GLU WA 142 -71.53 32.04 94.06
CA GLU WA 142 -70.76 31.27 95.05
C GLU WA 142 -70.00 30.11 94.41
N ILE WA 143 -68.72 29.92 94.81
CA ILE WA 143 -67.99 28.68 94.49
C ILE WA 143 -68.50 27.54 95.39
N ILE WA 144 -69.15 26.55 94.78
CA ILE WA 144 -69.76 25.40 95.46
C ILE WA 144 -69.26 24.07 94.88
N LYS WA 145 -69.42 23.00 95.67
CA LYS WA 145 -69.14 21.62 95.26
C LYS WA 145 -70.24 21.10 94.32
N ASN WA 146 -69.84 20.43 93.24
CA ASN WA 146 -70.75 19.69 92.37
C ASN WA 146 -70.39 18.19 92.34
N PRO WA 147 -71.18 17.28 92.95
CA PRO WA 147 -70.87 15.86 93.08
C PRO WA 147 -71.28 15.03 91.84
N VAL WA 148 -70.62 15.26 90.71
CA VAL WA 148 -70.89 14.57 89.43
C VAL WA 148 -70.44 13.10 89.44
N THR WA 149 -71.14 12.24 88.69
CA THR WA 149 -70.75 10.82 88.50
C THR WA 149 -70.68 10.53 87.01
N LEU WA 150 -69.46 10.38 86.50
CA LEU WA 150 -69.18 10.08 85.09
C LEU WA 150 -69.45 8.59 84.84
N GLN WA 151 -70.50 8.26 84.09
CA GLN WA 151 -70.74 6.88 83.64
C GLN WA 151 -69.77 6.47 82.52
N LEU WA 152 -69.61 5.15 82.33
CA LEU WA 152 -68.96 4.54 81.17
C LEU WA 152 -69.56 5.03 79.85
N LYS WA 153 -68.86 4.86 78.72
CA LYS WA 153 -69.34 5.27 77.38
C LYS WA 153 -70.17 4.18 76.63
N PRO WA 154 -71.52 4.29 76.55
CA PRO WA 154 -72.34 3.58 75.56
C PRO WA 154 -72.67 4.51 74.36
N ASP WA 155 -73.71 4.16 73.60
CA ASP WA 155 -74.44 5.12 72.76
C ASP WA 155 -75.22 6.14 73.62
N ALA WA 156 -75.13 7.42 73.28
CA ALA WA 156 -75.84 8.54 73.91
C ALA WA 156 -75.78 9.80 73.03
N LYS WA 157 -76.77 10.69 73.17
CA LYS WA 157 -76.79 12.00 72.51
C LYS WA 157 -77.48 13.06 73.37
N GLN WA 158 -76.90 14.25 73.39
CA GLN WA 158 -77.47 15.49 73.95
C GLN WA 158 -76.99 16.69 73.12
N ASP WA 159 -77.57 17.86 73.35
CA ASP WA 159 -77.18 19.11 72.69
C ASP WA 159 -75.95 19.80 73.31
N ASN XA 33 14.61 41.51 199.95
CA ASN XA 33 14.25 41.38 198.51
C ASN XA 33 12.76 41.53 198.37
N THR XA 34 12.32 41.81 197.15
CA THR XA 34 10.89 41.76 196.82
C THR XA 34 10.57 40.38 196.22
N LEU XA 35 11.13 40.09 195.05
CA LEU XA 35 10.95 38.80 194.45
C LEU XA 35 11.91 37.81 195.10
N ARG XA 36 11.37 36.73 195.68
CA ARG XA 36 12.21 35.72 196.34
C ARG XA 36 12.43 34.39 195.63
N GLY XA 37 11.53 34.01 194.71
CA GLY XA 37 11.67 32.79 193.90
C GLY XA 37 10.89 32.97 192.61
N LEU XA 38 11.32 32.22 191.61
CA LEU XA 38 10.77 32.25 190.26
C LEU XA 38 10.73 30.81 189.70
N ASP XA 39 9.55 30.33 189.35
CA ASP XA 39 9.44 28.96 188.87
C ASP XA 39 8.69 28.87 187.53
N VAL XA 40 9.18 28.00 186.64
CA VAL XA 40 8.46 27.75 185.40
C VAL XA 40 8.00 26.28 185.34
N SER XA 41 6.71 26.06 185.18
CA SER XA 41 6.17 24.71 185.00
C SER XA 41 5.71 24.47 183.57
N ARG XA 42 6.63 24.08 182.67
CA ARG XA 42 6.22 23.75 181.28
C ARG XA 42 5.31 22.55 181.23
N THR XA 43 4.17 22.66 180.56
CA THR XA 43 3.36 21.48 180.31
C THR XA 43 2.60 21.73 179.02
N GLY XA 44 2.05 20.68 178.40
CA GLY XA 44 1.42 20.79 177.07
C GLY XA 44 0.12 21.54 177.05
N SER XA 45 -0.68 21.41 178.09
CA SER XA 45 -1.92 22.16 178.17
C SER XA 45 -1.74 23.66 178.44
N GLY XA 46 -0.75 24.01 179.25
CA GLY XA 46 -0.41 25.36 179.57
C GLY XA 46 0.94 25.33 180.28
N ALA XA 47 1.79 26.31 180.00
CA ALA XA 47 2.95 26.54 180.82
C ALA XA 47 2.65 27.58 181.92
N GLN XA 48 3.00 27.26 183.15
CA GLN XA 48 2.79 28.19 184.25
C GLN XA 48 4.10 28.90 184.63
N VAL XA 49 4.05 30.22 184.75
CA VAL XA 49 5.13 30.98 185.34
C VAL XA 49 4.67 31.53 186.68
N VAL XA 50 5.49 31.27 187.69
CA VAL XA 50 5.20 31.72 189.03
C VAL XA 50 6.32 32.62 189.49
N VAL XA 51 5.92 33.74 190.06
CA VAL XA 51 6.85 34.69 190.63
C VAL XA 51 6.42 34.91 192.07
N THR XA 52 7.32 34.62 193.01
CA THR XA 52 6.97 34.67 194.42
C THR XA 52 7.69 35.85 195.02
N GLY XA 53 7.01 36.61 195.89
CA GLY XA 53 7.56 37.86 196.40
C GLY XA 53 7.05 38.17 197.81
N THR XA 54 7.73 39.09 198.48
CA THR XA 54 7.39 39.44 199.84
C THR XA 54 6.20 40.36 199.98
N ARG XA 55 5.87 41.09 198.92
CA ARG XA 55 4.69 41.98 198.91
C ARG XA 55 3.94 41.73 197.62
N PRO XA 56 2.62 41.98 197.63
CA PRO XA 56 1.83 41.92 196.42
C PRO XA 56 2.42 42.83 195.30
N PRO XA 57 2.58 42.25 194.11
CA PRO XA 57 3.21 42.94 193.02
C PRO XA 57 2.20 43.66 192.14
N THR XA 58 2.48 44.91 191.79
CA THR XA 58 1.74 45.55 190.69
C THR XA 58 2.43 45.09 189.40
N PHE XA 59 1.64 44.74 188.40
CA PHE XA 59 2.21 44.21 187.18
C PHE XA 59 1.34 44.74 186.07
N THR XA 60 1.84 44.61 184.86
CA THR XA 60 1.08 44.79 183.63
C THR XA 60 1.62 43.72 182.71
N VAL XA 61 0.70 43.09 182.00
CA VAL XA 61 1.06 42.10 180.99
C VAL XA 61 0.57 42.55 179.61
N PHE XA 62 1.44 42.43 178.60
CA PHE XA 62 1.04 42.72 177.23
C PHE XA 62 1.73 41.82 176.20
N ARG XA 63 1.37 41.96 174.92
CA ARG XA 63 1.89 41.09 173.85
C ARG XA 63 2.78 41.88 172.89
N LEU XA 64 3.68 41.20 172.18
CA LEU XA 64 4.36 41.84 171.06
C LEU XA 64 4.49 40.80 169.94
N SER XA 65 4.78 41.26 168.72
CA SER XA 65 4.91 40.38 167.59
C SER XA 65 6.26 40.56 166.94
N GLY XA 66 6.57 39.68 165.97
CA GLY XA 66 7.82 39.74 165.18
C GLY XA 66 9.11 39.87 165.98
N PRO XA 67 9.39 38.89 166.88
CA PRO XA 67 8.70 37.59 167.12
C PRO XA 67 7.54 37.66 168.13
N GLU XA 68 6.58 36.75 168.06
CA GLU XA 68 5.57 36.63 169.14
C GLU XA 68 6.19 36.59 170.56
N ARG XA 69 5.70 37.44 171.45
CA ARG XA 69 6.30 37.60 172.77
C ARG XA 69 5.23 37.91 173.76
N LEU XA 70 5.46 37.55 175.00
CA LEU XA 70 4.59 38.03 176.07
C LEU XA 70 5.54 38.79 176.99
N VAL XA 71 5.06 39.91 177.52
CA VAL XA 71 5.90 40.77 178.34
C VAL XA 71 5.22 41.06 179.65
N VAL XA 72 5.93 40.91 180.76
CA VAL XA 72 5.35 41.29 182.04
C VAL XA 72 6.23 42.33 182.68
N ASP XA 73 5.61 43.44 183.09
CA ASP XA 73 6.29 44.46 183.88
C ASP XA 73 5.91 44.42 185.37
N LEU XA 74 6.93 44.36 186.22
CA LEU XA 74 6.68 44.24 187.65
C LEU XA 74 7.20 45.48 188.40
N SER XA 75 6.34 46.08 189.23
CA SER XA 75 6.68 47.29 190.01
C SER XA 75 6.98 46.97 191.46
N SER XA 76 7.76 47.88 192.05
CA SER XA 76 8.40 47.73 193.36
C SER XA 76 9.46 46.64 193.39
N ALA XA 77 9.14 45.59 192.67
CA ALA XA 77 10.05 44.47 192.54
C ALA XA 77 10.32 44.19 191.07
N ASP XA 78 11.56 43.80 190.77
CA ASP XA 78 11.95 43.42 189.42
C ASP XA 78 12.33 41.95 189.54
N ALA XA 79 11.45 41.08 189.03
CA ALA XA 79 11.68 39.64 189.07
C ALA XA 79 12.27 39.15 187.75
N THR XA 80 13.47 38.56 187.81
CA THR XA 80 14.12 38.05 186.62
C THR XA 80 14.25 36.54 186.69
N GLY XA 81 13.73 35.85 185.67
CA GLY XA 81 13.82 34.40 185.61
C GLY XA 81 14.74 34.03 184.44
N ILE XA 82 15.63 33.08 184.68
CA ILE XA 82 16.58 32.68 183.67
C ILE XA 82 17.10 31.28 183.93
N LYS XA 83 17.47 30.64 182.93
CA LYS XA 83 18.08 29.30 182.94
C LYS XA 83 17.09 28.27 183.42
N GLY XA 84 15.91 28.74 183.80
CA GLY XA 84 14.78 27.86 184.15
C GLY XA 84 13.99 27.45 182.92
N HIS XA 85 14.25 28.08 181.77
CA HIS XA 85 13.51 27.75 180.59
C HIS XA 85 14.09 26.51 179.92
N HIS XA 86 13.28 25.46 179.89
CA HIS XA 86 13.74 24.19 179.38
C HIS XA 86 13.68 24.17 177.88
N GLU XA 87 14.61 23.43 177.27
CA GLU XA 87 14.59 23.29 175.83
C GLU XA 87 13.35 22.62 175.26
N GLY XA 88 12.42 22.21 176.12
CA GLY XA 88 11.22 21.49 175.69
C GLY XA 88 9.93 22.11 176.25
N SER XA 89 9.99 23.36 176.71
CA SER XA 89 8.79 24.11 177.04
C SER XA 89 7.92 24.24 175.75
N GLY XA 90 6.67 23.73 175.78
CA GLY XA 90 5.86 23.85 174.56
C GLY XA 90 5.48 25.29 174.24
N PRO XA 91 5.57 26.18 175.23
CA PRO XA 91 5.18 27.59 175.05
C PRO XA 91 6.34 28.56 174.96
N VAL XA 92 7.32 28.42 175.84
CA VAL XA 92 8.37 29.44 175.98
C VAL XA 92 9.65 29.03 175.27
N SER XA 93 10.00 29.78 174.23
CA SER XA 93 11.25 29.61 173.50
C SER XA 93 12.40 30.14 174.34
N GLY XA 94 12.20 31.30 175.01
CA GLY XA 94 13.21 31.86 175.94
C GLY XA 94 12.66 33.00 176.80
N VAL XA 95 13.38 33.35 177.86
CA VAL XA 95 12.96 34.42 178.78
C VAL XA 95 14.11 35.37 179.13
N VAL XA 96 13.93 36.66 178.85
CA VAL XA 96 14.94 37.67 179.17
C VAL XA 96 14.35 38.60 180.21
N ALA XA 97 15.20 39.10 181.11
CA ALA XA 97 14.74 39.97 182.19
C ALA XA 97 15.68 41.19 182.31
N SER XA 98 15.13 42.39 182.49
CA SER XA 98 15.93 43.57 182.83
C SER XA 98 15.25 44.57 183.74
N GLN XA 99 15.91 45.15 184.74
CA GLN XA 99 15.36 46.16 185.64
C GLN XA 99 15.84 47.56 185.31
N PHE XA 100 14.94 48.55 185.30
CA PHE XA 100 15.34 49.95 185.14
C PHE XA 100 14.88 50.76 186.36
N SER XA 101 15.67 51.81 186.69
CA SER XA 101 15.39 52.66 187.84
C SER XA 101 14.56 53.86 187.55
N ASP XA 102 13.65 54.18 188.49
CA ASP XA 102 12.82 55.37 188.45
C ASP XA 102 13.00 55.98 189.85
N GLN XA 103 13.84 57.02 189.97
CA GLN XA 103 14.22 57.49 191.30
C GLN XA 103 14.80 56.31 192.06
N ARG XA 104 14.34 56.16 193.27
CA ARG XA 104 14.80 55.04 194.10
C ARG XA 104 14.01 53.76 193.82
N ALA XA 105 13.00 53.81 192.95
CA ALA XA 105 12.19 52.64 192.64
C ALA XA 105 12.74 51.86 191.46
N SER XA 106 12.22 50.66 191.28
CA SER XA 106 12.69 49.76 190.23
C SER XA 106 11.53 49.09 189.51
N VAL XA 107 11.53 49.10 188.19
CA VAL XA 107 10.59 48.38 187.32
C VAL XA 107 11.32 47.27 186.58
N GLY XA 108 10.84 45.94 186.73
CA GLY XA 108 11.51 44.85 186.04
C GLY XA 108 10.64 44.43 184.87
N ARG XA 109 11.28 44.18 183.74
CA ARG XA 109 10.53 43.71 182.59
C ARG XA 109 10.92 42.28 182.29
N VAL XA 110 9.93 41.40 182.20
CA VAL XA 110 10.14 40.01 181.81
C VAL XA 110 9.57 39.83 180.44
N LEU XA 111 10.38 39.20 179.60
CA LEU XA 111 10.07 39.01 178.19
C LEU XA 111 10.13 37.53 177.81
N LEU XA 112 9.00 36.97 177.39
CA LEU XA 112 8.92 35.56 177.00
C LEU XA 112 8.71 35.42 175.54
N ALA XA 113 9.75 35.03 174.82
CA ALA XA 113 9.59 34.68 173.40
C ALA XA 113 8.83 33.33 173.29
N LEU XA 114 7.82 33.27 172.41
CA LEU XA 114 6.89 32.16 172.31
C LEU XA 114 7.07 31.22 171.12
N ASP XA 115 6.65 29.97 171.31
CA ASP XA 115 6.67 28.88 170.29
C ASP XA 115 5.32 28.76 169.62
N LYS XA 116 4.30 29.41 170.17
CA LYS XA 116 2.94 29.30 169.66
C LYS XA 116 2.09 30.41 170.25
N ALA XA 117 0.97 30.72 169.62
CA ALA XA 117 0.12 31.79 170.10
C ALA XA 117 -0.53 31.44 171.43
N SER XA 118 -0.50 32.40 172.34
CA SER XA 118 -1.05 32.18 173.66
C SER XA 118 -2.16 33.16 174.02
N GLN XA 119 -3.01 32.69 174.92
CA GLN XA 119 -3.93 33.54 175.60
C GLN XA 119 -3.49 33.53 177.07
N TYR XA 120 -2.74 34.57 177.51
CA TYR XA 120 -2.27 34.51 178.89
C TYR XA 120 -3.37 34.77 179.88
N ASP XA 121 -3.28 34.15 181.06
CA ASP XA 121 -4.17 34.47 182.16
C ASP XA 121 -3.31 34.69 183.42
N VAL XA 122 -3.46 35.85 184.02
CA VAL XA 122 -2.69 36.25 185.18
C VAL XA 122 -3.57 36.40 186.42
N ARG XA 123 -3.10 35.91 187.56
CA ARG XA 123 -3.83 36.13 188.81
C ARG XA 123 -2.84 36.16 189.92
N ALA XA 124 -3.22 36.80 191.01
CA ALA XA 124 -2.34 36.94 192.17
C ALA XA 124 -2.90 36.06 193.26
N ASP XA 125 -2.05 35.59 194.15
CA ASP XA 125 -2.46 34.88 195.35
C ASP XA 125 -1.37 35.12 196.39
N GLY XA 126 -1.68 35.94 197.38
CA GLY XA 126 -0.70 36.26 198.41
C GLY XA 126 0.50 36.97 197.82
N ASN XA 127 1.67 36.35 197.96
CA ASN XA 127 2.90 36.92 197.43
C ASN XA 127 3.30 36.26 196.12
N ARG XA 128 2.38 35.48 195.55
CA ARG XA 128 2.68 34.81 194.30
C ARG XA 128 1.87 35.40 193.18
N VAL XA 129 2.54 35.69 192.06
CA VAL XA 129 1.89 36.12 190.86
C VAL XA 129 2.02 34.97 189.90
N VAL XA 130 0.88 34.52 189.40
CA VAL XA 130 0.86 33.40 188.46
C VAL XA 130 0.47 33.83 187.04
N ILE XA 131 1.26 33.43 186.05
CA ILE XA 131 0.85 33.61 184.67
C ILE XA 131 0.73 32.29 183.96
N SER XA 132 -0.46 31.94 183.51
CA SER XA 132 -0.59 30.69 182.75
C SER XA 132 -0.77 30.98 181.26
N VAL XA 133 0.05 30.34 180.44
CA VAL XA 133 0.03 30.59 179.02
C VAL XA 133 -0.74 29.46 178.42
N ASP XA 134 -1.97 29.73 178.00
CA ASP XA 134 -2.78 28.71 177.29
C ASP XA 134 -2.66 28.85 175.76
N GLY XA 135 -2.86 27.78 175.00
CA GLY XA 135 -2.92 28.01 173.54
C GLY XA 135 -4.13 28.85 173.09
N THR XA 136 -5.03 28.22 172.34
CA THR XA 136 -6.24 28.90 171.86
C THR XA 136 -7.50 28.35 172.52
N SER XA 137 -7.35 27.33 173.36
CA SER XA 137 -8.47 26.72 174.08
C SER XA 137 -8.55 27.35 175.46
N GLN XA 138 -9.58 28.16 175.69
CA GLN XA 138 -9.74 28.88 176.94
C GLN XA 138 -10.63 28.27 178.03
N SER XA 139 -11.48 27.32 177.68
CA SER XA 139 -12.36 26.75 178.69
C SER XA 139 -12.85 25.37 178.33
N VAL XA 140 -12.83 24.46 179.31
CA VAL XA 140 -13.32 23.11 179.11
C VAL XA 140 -14.61 23.03 179.91
N ASP XA 214 -18.37 33.63 137.23
CA ASP XA 214 -18.65 32.24 136.80
C ASP XA 214 -17.58 31.23 137.25
N ASP XA 215 -16.35 31.70 137.35
CA ASP XA 215 -15.19 30.86 137.67
C ASP XA 215 -15.23 30.55 139.16
N THR XA 216 -15.77 31.51 139.94
CA THR XA 216 -15.78 31.49 141.40
C THR XA 216 -16.42 32.81 141.86
N LEU XA 217 -17.25 32.67 142.87
CA LEU XA 217 -17.80 33.83 143.58
C LEU XA 217 -16.97 34.04 144.84
N SER XA 218 -16.53 35.28 145.01
CA SER XA 218 -15.71 35.66 146.18
C SER XA 218 -16.56 36.43 147.19
N ILE XA 219 -16.43 36.01 148.44
CA ILE XA 219 -17.04 36.71 149.58
C ILE XA 219 -15.92 37.33 150.41
N ARG XA 220 -16.02 38.62 150.62
CA ARG XA 220 -15.03 39.36 151.40
C ARG XA 220 -15.67 39.95 152.64
N ALA XA 221 -15.03 39.72 153.77
CA ALA XA 221 -15.45 40.27 155.06
C ALA XA 221 -14.28 41.09 155.62
N ASP XA 222 -14.50 42.39 155.70
CA ASP XA 222 -13.46 43.30 156.20
C ASP XA 222 -13.76 43.67 157.65
N GLY XA 223 -12.72 43.58 158.48
CA GLY XA 223 -12.83 43.86 159.91
C GLY XA 223 -11.48 43.62 160.59
N ASP XA 224 -11.44 43.97 161.86
CA ASP XA 224 -10.24 43.83 162.70
C ASP XA 224 -9.79 42.38 162.93
N ILE XA 225 -10.75 41.48 163.08
CA ILE XA 225 -10.49 40.08 163.41
C ILE XA 225 -9.75 39.33 162.25
N ALA XA 226 -9.92 38.02 162.07
CA ALA XA 226 -10.93 37.16 162.67
C ALA XA 226 -10.57 35.73 162.80
N ARG XA 227 -11.01 35.15 163.91
CA ARG XA 227 -11.01 33.69 163.96
C ARG XA 227 -12.32 33.20 163.36
N TYR XA 228 -12.20 32.20 162.49
CA TYR XA 228 -13.36 31.66 161.77
C TYR XA 228 -13.26 30.14 161.66
N GLU XA 229 -14.40 29.54 161.36
CA GLU XA 229 -14.46 28.13 160.95
C GLU XA 229 -15.47 28.03 159.81
N VAL XA 230 -15.10 27.26 158.80
CA VAL XA 230 -15.97 27.02 157.63
C VAL XA 230 -16.29 25.53 157.55
N LEU XA 231 -17.54 25.25 157.20
CA LEU XA 231 -18.00 23.86 157.02
C LEU XA 231 -19.20 23.84 156.06
N GLU XA 232 -19.54 22.63 155.63
CA GLU XA 232 -20.64 22.36 154.69
C GLU XA 232 -21.88 21.70 155.35
N LEU XA 233 -23.03 21.93 154.73
CA LEU XA 233 -24.28 21.25 155.09
C LEU XA 233 -24.97 20.81 153.80
N ALA XA 234 -25.81 19.79 153.94
CA ALA XA 234 -26.59 19.29 152.79
C ALA XA 234 -28.09 19.40 153.07
N ASP XA 235 -28.88 19.23 151.99
CA ASP XA 235 -30.34 19.23 152.06
C ASP XA 235 -30.88 20.48 152.82
N PRO XA 236 -30.74 21.66 152.21
CA PRO XA 236 -30.08 21.89 150.92
C PRO XA 236 -28.58 22.12 151.10
N PRO XA 237 -27.82 22.01 150.00
CA PRO XA 237 -26.38 22.26 150.02
C PRO XA 237 -26.12 23.70 150.47
N ARG XA 238 -25.19 23.82 151.42
CA ARG XA 238 -24.90 25.10 152.08
C ARG XA 238 -23.43 25.16 152.49
N LEU XA 239 -22.91 26.37 152.53
CA LEU XA 239 -21.59 26.63 153.13
C LEU XA 239 -21.83 27.59 154.30
N ALA XA 240 -21.23 27.26 155.43
CA ALA XA 240 -21.41 28.04 156.67
C ALA XA 240 -20.07 28.51 157.21
N VAL XA 241 -20.03 29.79 157.56
CA VAL XA 241 -18.86 30.39 158.21
C VAL XA 241 -19.27 30.96 159.56
N ASP XA 242 -18.51 30.58 160.58
CA ASP XA 242 -18.66 31.17 161.92
C ASP XA 242 -17.48 32.08 162.21
N LEU XA 243 -17.83 33.29 162.60
CA LEU XA 243 -16.84 34.32 162.90
C LEU XA 243 -16.88 34.67 164.39
N PHE XA 244 -15.70 34.70 164.99
CA PHE XA 244 -15.64 35.03 166.42
C PHE XA 244 -15.03 36.39 166.68
N GLY XA 245 -15.38 36.89 167.86
CA GLY XA 245 -15.05 38.25 168.29
C GLY XA 245 -15.87 39.28 167.51
N VAL XA 246 -17.03 38.84 167.01
CA VAL XA 246 -17.95 39.74 166.29
C VAL XA 246 -19.31 39.78 166.98
N GLY XA 247 -19.83 40.99 167.01
CA GLY XA 247 -21.24 41.23 167.34
C GLY XA 247 -21.95 41.61 166.04
N LEU XA 248 -23.12 41.02 165.84
CA LEU XA 248 -23.95 41.29 164.66
C LEU XA 248 -24.25 42.79 164.59
N ALA XA 249 -24.26 43.32 163.37
CA ALA XA 249 -24.47 44.76 163.18
C ALA XA 249 -25.07 45.03 161.81
N THR XA 250 -25.60 46.23 161.67
CA THR XA 250 -26.29 46.67 160.45
C THR XA 250 -25.39 46.48 159.23
N ARG XA 251 -24.06 46.56 159.36
CA ARG XA 251 -23.15 46.33 158.22
C ARG XA 251 -23.20 44.89 157.69
N ALA XA 252 -23.80 43.99 158.48
CA ALA XA 252 -24.08 42.61 158.03
C ALA XA 252 -24.77 42.61 156.64
N PRO XA 253 -25.67 43.55 156.31
CA PRO XA 253 -26.38 43.68 155.02
C PRO XA 253 -25.49 43.74 153.82
N ARG XA 254 -24.29 44.33 153.96
CA ARG XA 254 -23.33 44.32 152.85
C ARG XA 254 -23.02 42.87 152.42
N VAL XA 255 -23.42 41.94 153.27
CA VAL XA 255 -23.34 40.49 153.05
C VAL XA 255 -24.20 40.03 151.87
N LYS XA 256 -25.24 40.80 151.53
CA LYS XA 256 -26.16 40.45 150.44
C LYS XA 256 -25.40 40.22 149.12
N SER XA 257 -24.23 40.87 149.02
CA SER XA 257 -23.35 40.80 147.85
C SER XA 257 -22.82 39.39 147.56
N GLY XA 258 -22.89 38.54 148.56
CA GLY XA 258 -22.18 37.29 148.44
C GLY XA 258 -23.05 36.08 148.38
N ALA XA 259 -24.41 36.14 148.36
CA ALA XA 259 -25.33 35.01 148.13
C ALA XA 259 -25.23 34.39 146.73
N LEU XA 260 -25.37 33.07 146.49
CA LEU XA 260 -25.41 31.89 147.35
C LEU XA 260 -26.76 31.25 147.28
N ARG XA 261 -27.39 31.34 146.12
CA ARG XA 261 -28.87 31.32 146.04
C ARG XA 261 -29.47 32.36 147.02
N ASP XA 262 -28.90 32.51 148.20
CA ASP XA 262 -29.11 33.38 149.34
C ASP XA 262 -28.04 33.18 150.45
N VAL XA 263 -27.99 34.22 151.25
CA VAL XA 263 -27.14 34.30 152.45
C VAL XA 263 -27.95 34.81 153.64
N ARG XA 264 -27.90 34.05 154.73
CA ARG XA 264 -28.50 34.47 155.99
C ARG XA 264 -27.45 34.53 157.09
N VAL XA 265 -27.62 35.50 157.97
CA VAL XA 265 -26.64 35.76 159.04
C VAL XA 265 -27.39 35.91 160.37
N GLY XA 266 -26.74 35.42 161.43
CA GLY XA 266 -27.29 35.52 162.79
C GLY XA 266 -26.18 35.42 163.83
N ALA XA 267 -26.59 35.38 165.09
CA ALA XA 267 -25.67 35.32 166.23
C ALA XA 267 -26.40 34.78 167.46
N HIS XA 268 -25.65 34.11 168.31
CA HIS XA 268 -26.21 33.50 169.53
C HIS XA 268 -25.28 33.71 170.71
N ALA XA 269 -25.17 34.97 171.13
CA ALA XA 269 -24.31 35.34 172.27
C ALA XA 269 -22.90 34.76 172.10
N ASP XA 270 -22.49 34.67 170.85
CA ASP XA 270 -21.09 34.32 170.65
C ASP XA 270 -20.37 35.36 169.77
N LYS XA 271 -20.14 35.32 168.46
CA LYS XA 271 -20.19 34.31 167.34
C LYS XA 271 -21.32 34.62 166.38
N VAL XA 272 -20.89 35.01 165.20
CA VAL XA 272 -21.82 35.23 164.10
C VAL XA 272 -21.69 34.06 163.14
N ARG XA 273 -22.84 33.63 162.63
CA ARG XA 273 -22.89 32.55 161.64
C ARG XA 273 -23.45 33.07 160.32
N LEU XA 274 -22.67 32.82 159.27
CA LEU XA 274 -23.07 33.18 157.91
C LEU XA 274 -23.33 31.88 157.16
N VAL XA 275 -24.50 31.85 156.54
CA VAL XA 275 -25.00 30.64 155.85
C VAL XA 275 -25.30 31.01 154.39
N LEU XA 276 -24.70 30.25 153.51
CA LEU XA 276 -24.76 30.39 152.04
C LEU XA 276 -25.45 29.19 151.44
N ASP XA 277 -26.66 29.35 151.03
CA ASP XA 277 -27.31 28.30 150.25
C ASP XA 277 -26.65 28.21 148.84
N VAL XA 278 -26.44 27.06 148.28
CA VAL XA 278 -25.71 27.05 147.00
C VAL XA 278 -26.58 26.68 145.81
N ARG XA 279 -26.12 27.06 144.62
CA ARG XA 279 -26.74 26.62 143.36
C ARG XA 279 -25.98 25.46 142.71
N GLY XA 280 -24.81 25.13 143.27
CA GLY XA 280 -23.93 24.08 142.73
C GLY XA 280 -22.85 23.68 143.76
N THR XA 281 -22.32 22.48 143.65
CA THR XA 281 -21.29 22.02 144.60
C THR XA 281 -20.04 22.92 144.51
N MET XA 282 -19.50 23.26 145.66
CA MET XA 282 -18.30 24.12 145.75
C MET XA 282 -17.17 23.43 146.52
N LYS XA 341 -5.60 4.64 141.90
CA LYS XA 341 -6.13 4.55 140.55
C LYS XA 341 -5.72 3.25 139.87
N ASP XA 342 -6.55 2.79 138.94
CA ASP XA 342 -6.28 1.56 138.21
C ASP XA 342 -7.30 1.33 137.11
N VAL XA 343 -6.94 0.50 136.13
CA VAL XA 343 -7.84 0.20 135.02
C VAL XA 343 -8.19 -1.29 135.00
N ARG XA 344 -9.33 -1.60 134.39
CA ARG XA 344 -9.79 -2.99 134.29
C ARG XA 344 -10.63 -3.18 133.04
N PHE XA 345 -10.69 -4.43 132.56
CA PHE XA 345 -11.47 -4.76 131.38
C PHE XA 345 -12.32 -6.00 131.61
N GLU XA 346 -13.49 -6.04 130.96
CA GLU XA 346 -14.40 -7.17 131.10
C GLU XA 346 -15.44 -7.16 129.98
N GLU XA 347 -16.39 -7.97 129.94
CA GLU XA 347 -17.41 -7.90 128.93
C GLU XA 347 -18.80 -8.20 129.49
N SER XA 348 -19.79 -7.66 128.83
CA SER XA 348 -21.16 -7.98 129.17
C SER XA 348 -21.93 -8.02 127.86
N SER XA 349 -23.24 -8.15 127.93
CA SER XA 349 -23.98 -8.40 126.65
C SER XA 349 -23.84 -7.16 125.74
N SER XA 350 -23.75 -5.97 126.33
CA SER XA 350 -23.45 -4.75 125.55
C SER XA 350 -22.06 -4.85 124.86
N GLY XA 351 -21.25 -5.87 125.19
CA GLY XA 351 -19.92 -5.97 124.60
C GLY XA 351 -18.75 -5.81 125.58
N GLY XA 352 -17.73 -5.09 125.14
CA GLY XA 352 -16.53 -4.84 125.96
C GLY XA 352 -16.71 -3.66 126.90
N ARG XA 353 -16.23 -3.81 128.07
CA ARG XA 353 -16.37 -2.89 129.19
C ARG XA 353 -15.02 -2.56 129.80
N ILE XA 354 -14.82 -1.29 130.13
CA ILE XA 354 -13.56 -0.84 130.73
C ILE XA 354 -13.81 -0.18 132.08
N VAL XA 355 -13.76 -0.98 133.14
CA VAL XA 355 -13.97 -0.47 134.49
C VAL XA 355 -12.71 0.23 135.02
N MET XA 356 -12.81 1.54 135.23
CA MET XA 356 -11.68 2.31 135.74
C MET XA 356 -11.90 2.72 137.19
N LYS XA 357 -10.86 2.60 138.01
CA LYS XA 357 -10.95 2.97 139.41
C LYS XA 357 -10.42 4.38 139.65
N LEU XA 358 -11.33 5.29 139.98
CA LEU XA 358 -10.96 6.68 140.23
C LEU XA 358 -11.13 7.04 141.71
N SER XA 359 -10.02 7.00 142.45
CA SER XA 359 -10.04 7.32 143.87
C SER XA 359 -9.57 8.75 144.11
N GLY XA 360 -10.50 9.61 144.51
CA GLY XA 360 -10.16 10.99 144.78
C GLY XA 360 -10.74 11.94 143.74
N THR XA 361 -11.77 11.50 143.05
CA THR XA 361 -12.42 12.31 142.03
C THR XA 361 -13.85 12.66 142.43
N SER XA 362 -14.31 13.83 141.99
CA SER XA 362 -15.66 14.27 142.30
C SER XA 362 -16.51 14.36 141.03
N GLY XA 363 -16.21 15.35 140.19
CA GLY XA 363 -16.96 15.53 138.96
C GLY XA 363 -16.74 14.39 137.98
N TRP XA 364 -16.78 14.70 136.69
CA TRP XA 364 -16.59 13.69 135.65
C TRP XA 364 -15.48 14.10 134.69
N LYS XA 365 -14.72 13.12 134.20
CA LYS XA 365 -13.61 13.35 133.27
C LYS XA 365 -14.11 13.78 131.89
N VAL XA 366 -13.17 14.02 130.98
CA VAL XA 366 -13.51 14.43 129.63
C VAL XA 366 -13.48 13.25 128.67
N ASP XA 367 -14.66 12.78 128.28
CA ASP XA 367 -14.77 11.65 127.37
C ASP XA 367 -14.69 12.10 125.92
N ARG XA 368 -13.66 11.62 125.21
CA ARG XA 368 -13.47 11.97 123.81
C ARG XA 368 -13.51 10.75 122.92
N PRO XA 369 -14.68 10.47 122.36
CA PRO XA 369 -14.85 9.31 121.48
C PRO XA 369 -14.30 9.60 120.09
N ASP XA 370 -13.18 8.96 119.76
CA ASP XA 370 -12.56 9.13 118.45
C ASP XA 370 -12.79 7.92 117.56
N PRO XA 371 -12.48 8.07 116.28
CA PRO XA 371 -12.66 6.99 115.32
C PRO XA 371 -11.54 5.95 115.46
N ARG XA 372 -10.49 6.31 116.18
CA ARG XA 372 -9.36 5.42 116.39
C ARG XA 372 -9.39 4.81 117.79
N SER XA 373 -9.31 5.67 118.80
CA SER XA 373 -9.33 5.23 120.19
C SER XA 373 -10.16 6.17 121.05
N ALA XA 374 -10.06 6.01 122.36
CA ALA XA 374 -10.80 6.85 123.30
C ALA XA 374 -9.86 7.67 124.17
N VAL XA 375 -10.38 8.77 124.71
CA VAL XA 375 -9.57 9.64 125.56
C VAL XA 375 -10.34 10.03 126.83
N LEU XA 376 -9.70 9.87 127.98
CA LEU XA 376 -10.33 10.20 129.25
C LEU XA 376 -9.34 10.92 130.17
N THR XA 377 -9.58 12.22 130.38
CA THR XA 377 -8.71 13.02 131.23
C THR XA 377 -9.37 13.28 132.58
N LEU XA 378 -8.58 13.16 133.64
CA LEU XA 378 -9.08 13.39 135.00
C LEU XA 378 -8.25 14.44 135.72
N ASP XA 379 -8.74 15.68 135.74
CA ASP XA 379 -8.04 16.76 136.41
C ASP XA 379 -7.81 16.45 137.89
N ASN XA 380 -6.60 16.71 138.37
CA ASN XA 380 -6.26 16.47 139.77
C ASN XA 380 -6.35 14.98 140.09
N ALA XA 381 -6.16 14.14 139.07
CA ALA XA 381 -6.22 12.70 139.24
C ALA XA 381 -4.93 12.03 138.75
N ARG XA 382 -3.86 12.81 138.70
CA ARG XA 382 -2.57 12.31 138.25
C ARG XA 382 -2.24 10.97 138.91
N LEU XA 383 -2.17 9.91 138.09
CA LEU XA 383 -1.86 8.59 138.60
C LEU XA 383 -0.39 8.25 138.41
N PRO XA 384 0.16 7.45 139.32
CA PRO XA 384 1.58 7.03 139.28
C PRO XA 384 1.86 6.08 138.12
N LYS XA 385 3.10 6.08 137.65
CA LYS XA 385 3.50 5.21 136.55
C LYS XA 385 3.40 3.74 136.95
N LYS XA 386 3.24 3.49 138.24
CA LYS XA 386 3.13 2.13 138.75
C LYS XA 386 1.69 1.63 138.69
N PHE XA 387 0.83 2.41 138.05
CA PHE XA 387 -0.58 2.05 137.93
C PHE XA 387 -1.08 2.30 136.52
N GLU XA 388 -0.16 2.66 135.62
CA GLU XA 388 -0.52 2.93 134.24
C GLU XA 388 -0.41 1.67 133.39
N ARG XA 389 -0.53 0.51 134.04
CA ARG XA 389 -0.45 -0.77 133.34
C ARG XA 389 -1.49 -0.86 132.23
N SER XA 390 -1.16 -1.60 131.17
CA SER XA 390 -2.06 -1.76 130.04
C SER XA 390 -2.69 -3.15 130.03
N LEU XA 391 -3.74 -3.30 129.24
CA LEU XA 391 -4.43 -4.58 129.14
C LEU XA 391 -3.94 -5.38 127.94
N ASP XA 392 -4.29 -6.65 127.89
CA ASP XA 392 -3.89 -7.53 126.79
C ASP XA 392 -5.08 -8.31 126.26
N THR XA 393 -6.23 -7.66 126.18
CA THR XA 393 -7.45 -8.30 125.69
C THR XA 393 -7.43 -8.42 124.17
N SER XA 394 -6.47 -9.18 123.65
CA SER XA 394 -6.34 -9.37 122.21
C SER XA 394 -7.10 -10.61 121.76
N ALA XA 395 -7.83 -10.48 120.64
CA ALA XA 395 -8.60 -11.60 120.11
C ALA XA 395 -9.70 -12.02 121.08
N LEU XA 396 -10.28 -11.04 121.77
CA LEU XA 396 -11.34 -11.31 122.73
C LEU XA 396 -12.71 -11.18 122.07
N ASP XA 397 -12.71 -11.00 120.75
CA ASP XA 397 -13.95 -10.87 119.99
C ASP XA 397 -14.77 -9.68 120.49
N THR XA 398 -14.10 -8.54 120.67
CA THR XA 398 -14.76 -7.33 121.14
C THR XA 398 -14.33 -6.12 120.33
N PRO XA 399 -15.13 -5.05 120.40
CA PRO XA 399 -14.84 -3.79 119.68
C PRO XA 399 -13.63 -3.06 120.25
N VAL XA 400 -13.21 -3.47 121.44
CA VAL XA 400 -12.06 -2.84 122.09
C VAL XA 400 -10.77 -3.60 121.79
N LYS XA 401 -9.92 -3.00 120.97
CA LYS XA 401 -8.65 -3.62 120.59
C LYS XA 401 -7.82 -3.94 121.83
N MET XA 402 -7.55 -2.93 122.64
CA MET XA 402 -6.77 -3.11 123.86
C MET XA 402 -6.74 -1.83 124.69
N ILE XA 403 -6.85 -1.98 126.00
CA ILE XA 403 -6.85 -0.83 126.90
C ILE XA 403 -5.42 -0.44 127.28
N SER XA 404 -5.15 0.86 127.30
CA SER XA 404 -3.83 1.36 127.65
C SER XA 404 -3.92 2.55 128.59
N ALA XA 405 -3.23 2.44 129.73
CA ALA XA 405 -3.24 3.51 130.72
C ALA XA 405 -1.92 4.28 130.70
N PHE XA 406 -2.00 5.60 130.77
CA PHE XA 406 -0.82 6.45 130.77
C PHE XA 406 -0.99 7.62 131.72
N SER XA 407 0.03 7.86 132.54
CA SER XA 407 0.00 8.96 133.50
C SER XA 407 0.26 10.29 132.82
N VAL XA 408 1.52 10.72 132.76
CA VAL XA 408 1.83 12.05 132.23
C VAL XA 408 1.39 12.21 130.78
N PRO XA 409 0.82 13.38 130.48
CA PRO XA 409 0.56 13.66 129.05
C PRO XA 409 0.71 15.16 128.78
N GLY XA 410 1.49 15.85 129.61
CA GLY XA 410 1.88 17.21 129.30
C GLY XA 410 1.05 18.28 129.99
N ALA XA 411 0.15 17.88 130.85
CA ALA XA 411 -0.68 18.81 131.62
C ALA XA 411 -0.54 18.46 133.09
N GLY XA 412 -0.14 19.44 133.91
CA GLY XA 412 -0.07 19.17 135.35
C GLY XA 412 -1.37 18.58 135.88
N GLY XA 413 -1.23 17.62 136.76
CA GLY XA 413 -2.27 16.96 137.54
C GLY XA 413 -3.25 16.09 136.74
N LYS XA 414 -3.25 16.14 135.43
CA LYS XA 414 -4.18 15.42 134.57
C LYS XA 414 -3.76 13.98 134.36
N VAL XA 415 -4.72 13.10 134.12
CA VAL XA 415 -4.42 11.73 133.65
C VAL XA 415 -5.17 11.41 132.37
N ARG XA 416 -4.67 10.35 131.69
CA ARG XA 416 -5.19 10.08 130.36
C ARG XA 416 -5.37 8.59 130.12
N LEU XA 417 -6.43 8.22 129.41
CA LEU XA 417 -6.72 6.83 129.11
C LEU XA 417 -6.85 6.60 127.61
N VAL XA 418 -6.25 5.53 127.12
CA VAL XA 418 -6.31 5.20 125.69
C VAL XA 418 -6.94 3.83 125.48
N VAL XA 419 -8.15 3.82 124.93
CA VAL XA 419 -8.86 2.58 124.66
C VAL XA 419 -9.03 2.34 123.17
N ALA XA 420 -8.02 1.72 122.56
CA ALA XA 420 -8.06 1.45 121.13
C ALA XA 420 -9.29 0.63 120.76
N ALA XA 421 -9.89 0.96 119.62
CA ALA XA 421 -11.08 0.27 119.15
C ALA XA 421 -10.96 -0.12 117.68
N ASP XA 422 -12.00 -0.74 117.14
CA ASP XA 422 -12.00 -1.16 115.74
C ASP XA 422 -13.42 -1.15 115.17
N GLY XA 423 -13.53 -0.91 113.88
CA GLY XA 423 -14.84 -0.89 113.23
C GLY XA 423 -15.81 0.03 113.93
N ALA XA 424 -17.07 0.00 113.50
CA ALA XA 424 -18.09 0.85 114.08
C ALA XA 424 -18.43 0.38 115.50
N ILE XA 425 -18.56 1.34 116.41
CA ILE XA 425 -18.87 1.03 117.80
C ILE XA 425 -19.48 2.24 118.50
N GLU XA 426 -19.94 2.04 119.74
CA GLU XA 426 -20.54 3.12 120.52
C GLU XA 426 -20.00 3.13 121.94
N GLU XA 427 -19.78 4.32 122.48
CA GLU XA 427 -19.26 4.47 123.84
C GLU XA 427 -20.38 4.78 124.81
N LYS XA 428 -20.32 4.16 125.99
CA LYS XA 428 -21.33 4.37 127.02
C LYS XA 428 -20.71 4.43 128.40
N VAL XA 429 -20.70 5.62 128.99
CA VAL XA 429 -20.12 5.81 130.32
C VAL XA 429 -21.17 5.57 131.40
N SER XA 430 -20.74 4.93 132.50
CA SER XA 430 -21.64 4.64 133.61
C SER XA 430 -20.98 4.95 134.94
N GLN XA 431 -21.70 5.68 135.79
CA GLN XA 431 -21.17 6.06 137.10
C GLN XA 431 -22.00 5.42 138.22
N SER XA 432 -21.56 4.26 138.67
CA SER XA 432 -22.26 3.54 139.74
C SER XA 432 -21.98 4.18 141.09
N ALA XA 433 -21.06 5.13 141.12
CA ALA XA 433 -20.70 5.82 142.35
C ALA XA 433 -19.66 6.91 142.10
N GLY XA 434 -19.55 7.85 143.04
CA GLY XA 434 -18.59 8.96 142.94
C GLY XA 434 -17.14 8.50 143.09
N THR XA 435 -16.60 7.93 142.02
CA THR XA 435 -15.23 7.45 142.05
C THR XA 435 -15.00 6.28 141.11
N LEU XA 436 -16.05 5.52 140.84
CA LEU XA 436 -15.95 4.37 139.95
C LEU XA 436 -16.48 4.71 138.56
N SER XA 437 -15.59 4.65 137.57
CA SER XA 437 -15.96 4.96 136.19
C SER XA 437 -15.99 3.69 135.35
N TRP XA 438 -16.86 3.66 134.35
CA TRP XA 438 -16.99 2.52 133.46
C TRP XA 438 -17.24 2.95 132.03
N ARG XA 439 -16.81 2.14 131.08
CA ARG XA 439 -16.99 2.43 129.67
C ARG XA 439 -17.44 1.19 128.90
N LEU XA 440 -18.72 1.15 128.55
CA LEU XA 440 -19.28 0.03 127.82
C LEU XA 440 -19.11 0.22 126.31
N TYR XA 477 -23.02 -30.56 93.70
CA TYR XA 477 -24.48 -30.66 93.45
C TYR XA 477 -25.13 -31.24 94.69
N ARG XA 478 -24.98 -30.50 95.79
CA ARG XA 478 -25.72 -30.72 97.02
C ARG XA 478 -25.56 -29.49 97.90
N GLY XA 479 -26.64 -29.09 98.57
CA GLY XA 479 -26.62 -27.85 99.33
C GLY XA 479 -27.70 -27.72 100.40
N LYS XA 480 -27.61 -26.68 101.25
CA LYS XA 480 -28.75 -26.27 102.08
C LYS XA 480 -29.94 -25.87 101.20
N ARG XA 481 -31.13 -26.06 101.77
CA ARG XA 481 -32.41 -25.62 101.19
C ARG XA 481 -32.68 -24.16 101.40
N VAL XA 482 -33.31 -23.60 100.38
CA VAL XA 482 -33.41 -22.16 100.20
C VAL XA 482 -34.72 -21.81 99.51
N SER XA 483 -35.02 -20.52 99.48
CA SER XA 483 -36.08 -19.98 98.64
C SER XA 483 -35.48 -18.80 97.89
N PHE XA 484 -35.45 -18.93 96.57
CA PHE XA 484 -34.98 -17.89 95.67
C PHE XA 484 -36.03 -16.99 95.13
N GLU XA 485 -36.03 -15.75 95.56
CA GLU XA 485 -36.93 -14.77 95.02
C GLU XA 485 -36.12 -13.66 94.40
N PHE XA 486 -36.20 -13.55 93.06
CA PHE XA 486 -35.52 -12.56 92.23
C PHE XA 486 -36.45 -11.81 91.34
N LYS XA 487 -36.73 -10.55 91.68
CA LYS XA 487 -37.63 -9.71 90.90
C LYS XA 487 -36.86 -8.71 90.07
N ASP XA 488 -36.55 -9.10 88.84
CA ASP XA 488 -35.94 -8.21 87.85
C ASP XA 488 -34.53 -7.82 88.37
N ILE XA 489 -33.63 -8.80 88.36
CA ILE XA 489 -32.25 -8.62 88.82
C ILE XA 489 -31.23 -9.24 87.88
N ASP XA 490 -30.05 -8.64 87.86
CA ASP XA 490 -28.97 -9.15 87.04
C ASP XA 490 -28.58 -10.56 87.46
N ILE XA 491 -28.44 -11.48 86.51
CA ILE XA 491 -28.01 -12.84 86.83
C ILE XA 491 -26.65 -12.81 87.52
N GLN XA 492 -25.80 -11.83 87.20
CA GLN XA 492 -24.54 -11.57 87.91
C GLN XA 492 -24.75 -11.27 89.39
N ASN XA 493 -25.77 -10.48 89.71
CA ASN XA 493 -26.13 -10.28 91.09
C ASN XA 493 -26.62 -11.59 91.70
N LEU XA 494 -27.55 -12.32 91.07
CA LEU XA 494 -28.00 -13.58 91.65
C LEU XA 494 -26.84 -14.53 91.90
N LEU XA 495 -25.93 -14.59 90.96
CA LEU XA 495 -24.73 -15.33 91.11
C LEU XA 495 -23.92 -14.95 92.36
N ARG XA 496 -23.57 -13.66 92.52
CA ARG XA 496 -22.78 -13.18 93.66
C ARG XA 496 -23.44 -13.45 94.97
N VAL XA 497 -24.72 -13.16 94.98
CA VAL XA 497 -25.57 -13.47 96.10
C VAL XA 497 -25.42 -14.96 96.42
N ILE XA 498 -25.53 -15.80 95.40
CA ILE XA 498 -25.32 -17.22 95.55
C ILE XA 498 -23.88 -17.49 96.02
N ALA XA 499 -22.82 -16.84 95.60
CA ALA XA 499 -21.52 -17.01 96.27
C ALA XA 499 -21.42 -16.50 97.74
N GLU XA 500 -22.14 -15.43 98.11
CA GLU XA 500 -22.17 -14.85 99.46
C GLU XA 500 -22.86 -15.73 100.50
N ILE XA 501 -23.64 -16.68 100.02
CA ILE XA 501 -24.32 -17.73 100.78
C ILE XA 501 -23.44 -19.05 100.79
N SER XA 502 -22.12 -19.05 100.43
CA SER XA 502 -21.17 -20.22 100.52
C SER XA 502 -21.45 -21.34 99.53
N LYS XA 503 -22.29 -21.02 98.58
CA LYS XA 503 -22.56 -21.82 97.40
C LYS XA 503 -21.45 -21.56 96.40
N LYS XA 504 -20.28 -22.10 96.78
CA LYS XA 504 -19.00 -21.87 96.12
C LYS XA 504 -18.57 -20.41 96.22
N ASN XA 505 -17.45 -20.10 95.60
CA ASN XA 505 -17.21 -18.76 95.09
C ASN XA 505 -17.61 -18.77 93.62
N ILE XA 506 -18.70 -18.11 93.27
CA ILE XA 506 -19.12 -17.98 91.88
C ILE XA 506 -18.55 -16.69 91.27
N VAL XA 507 -18.03 -16.77 90.04
CA VAL XA 507 -17.59 -15.64 89.20
C VAL XA 507 -18.12 -15.83 87.77
N VAL XA 508 -18.74 -14.82 87.18
CA VAL XA 508 -19.13 -14.88 85.76
C VAL XA 508 -17.90 -14.60 84.87
N ALA XA 509 -18.06 -14.70 83.53
CA ALA XA 509 -17.36 -13.80 82.59
C ALA XA 509 -17.74 -12.32 82.85
N ASP XA 510 -17.49 -11.38 81.94
CA ASP XA 510 -18.02 -10.01 82.13
C ASP XA 510 -19.50 -9.97 81.68
N ASP XA 511 -19.71 -9.91 80.36
CA ASP XA 511 -21.07 -9.76 79.83
C ASP XA 511 -21.67 -11.13 79.50
N VAL XA 512 -22.35 -11.67 80.51
CA VAL XA 512 -23.01 -12.96 80.41
C VAL XA 512 -24.38 -12.89 79.73
N SER XA 513 -25.22 -11.90 80.00
CA SER XA 513 -26.64 -12.00 79.64
C SER XA 513 -27.38 -10.70 79.93
N GLY XA 514 -27.96 -10.61 81.12
CA GLY XA 514 -28.70 -9.47 81.58
C GLY XA 514 -29.40 -9.82 82.90
N LYS XA 515 -30.66 -9.43 82.91
CA LYS XA 515 -31.58 -9.51 84.03
C LYS XA 515 -32.61 -10.63 83.87
N VAL XA 516 -32.96 -11.30 84.97
CA VAL XA 516 -33.99 -12.36 85.02
C VAL XA 516 -34.89 -12.25 86.24
N THR XA 517 -36.08 -12.84 86.12
CA THR XA 517 -37.02 -13.05 87.22
C THR XA 517 -37.32 -14.53 87.47
N ILE XA 518 -37.12 -14.97 88.71
CA ILE XA 518 -37.52 -16.30 89.20
C ILE XA 518 -38.05 -16.19 90.65
N ARG XA 519 -38.89 -17.12 91.09
CA ARG XA 519 -39.31 -17.29 92.50
C ARG XA 519 -39.56 -18.72 92.95
N LEU XA 520 -38.61 -19.21 93.72
CA LEU XA 520 -38.52 -20.57 94.18
C LEU XA 520 -38.81 -20.63 95.65
N ARG XA 521 -39.38 -21.76 96.06
CA ARG XA 521 -39.47 -22.11 97.47
C ARG XA 521 -39.00 -23.52 97.71
N ASN XA 522 -38.37 -23.73 98.86
CA ASN XA 522 -37.91 -25.04 99.35
C ASN XA 522 -36.97 -25.78 98.38
N VAL XA 523 -36.09 -25.08 97.67
CA VAL XA 523 -35.19 -25.72 96.69
C VAL XA 523 -33.78 -25.56 97.21
N PRO XA 524 -32.96 -26.62 97.37
CA PRO XA 524 -31.53 -26.46 97.50
C PRO XA 524 -30.97 -25.68 96.36
N TRP XA 525 -30.00 -24.88 96.71
CA TRP XA 525 -29.53 -23.88 95.80
C TRP XA 525 -28.90 -24.36 94.51
N ASP XA 526 -28.13 -25.45 94.62
CA ASP XA 526 -27.31 -26.01 93.54
C ASP XA 526 -28.19 -26.54 92.43
N GLN XA 527 -29.39 -26.87 92.83
CA GLN XA 527 -30.50 -27.06 91.96
C GLN XA 527 -31.13 -25.75 91.51
N ALA XA 528 -31.52 -24.84 92.40
CA ALA XA 528 -32.12 -23.56 91.99
C ALA XA 528 -31.23 -22.87 90.94
N LEU XA 529 -29.91 -23.03 91.05
CA LEU XA 529 -28.89 -22.73 90.05
C LEU XA 529 -29.09 -23.46 88.73
N ASP XA 530 -29.04 -24.80 88.67
CA ASP XA 530 -29.23 -25.55 87.39
C ASP XA 530 -30.48 -25.10 86.64
N LEU XA 531 -31.47 -24.89 87.46
CA LEU XA 531 -32.73 -24.37 87.10
C LEU XA 531 -32.67 -22.90 86.60
N VAL XA 532 -31.80 -22.05 87.19
CA VAL XA 532 -31.59 -20.63 86.78
C VAL XA 532 -30.94 -20.58 85.41
N LEU XA 533 -29.94 -21.42 85.18
CA LEU XA 533 -29.25 -21.65 83.90
C LEU XA 533 -30.27 -21.82 82.75
N ARG XA 534 -31.19 -22.78 82.95
CA ARG XA 534 -32.26 -23.10 81.98
C ARG XA 534 -33.29 -22.02 81.70
N THR XA 535 -33.45 -21.11 82.67
CA THR XA 535 -34.38 -20.00 82.48
C THR XA 535 -33.95 -19.13 81.28
N LYS XA 536 -32.79 -18.52 81.42
CA LYS XA 536 -32.21 -17.54 80.47
C LYS XA 536 -30.70 -17.68 80.42
N ALA XA 537 -30.29 -17.94 81.66
CA ALA XA 537 -28.96 -17.82 82.13
C ALA XA 537 -28.12 -18.93 81.51
N LEU XA 538 -26.96 -19.01 82.09
CA LEU XA 538 -25.77 -19.49 81.44
C LEU XA 538 -25.63 -21.01 81.55
N GLY XA 539 -24.47 -21.58 81.21
CA GLY XA 539 -24.01 -22.83 81.81
C GLY XA 539 -22.89 -22.58 82.83
N LYS XA 540 -22.69 -23.50 83.79
CA LYS XA 540 -21.63 -23.39 84.80
C LYS XA 540 -20.51 -24.40 84.57
N GLU XA 541 -19.27 -23.94 84.75
CA GLU XA 541 -18.05 -24.76 84.83
C GLU XA 541 -17.30 -24.51 86.13
N GLU XA 542 -16.95 -25.55 86.89
CA GLU XA 542 -16.25 -25.39 88.16
C GLU XA 542 -14.75 -25.72 88.04
N PHE XA 543 -13.90 -24.78 88.47
CA PHE XA 543 -12.48 -25.02 88.71
C PHE XA 543 -12.18 -25.84 89.98
N GLY XA 544 -13.00 -25.61 91.00
CA GLY XA 544 -13.11 -26.40 92.23
C GLY XA 544 -13.47 -25.49 93.41
N ASN XA 545 -12.55 -24.57 93.72
CA ASN XA 545 -12.78 -23.52 94.71
C ASN XA 545 -13.69 -22.40 94.16
N ILE XA 546 -13.33 -21.92 92.97
CA ILE XA 546 -14.11 -20.96 92.20
C ILE XA 546 -14.84 -21.72 91.10
N ILE XA 547 -15.95 -21.17 90.65
CA ILE XA 547 -16.69 -21.65 89.48
C ILE XA 547 -16.80 -20.47 88.51
N ARG XA 548 -16.59 -20.73 87.21
CA ARG XA 548 -16.85 -19.75 86.16
C ARG XA 548 -18.17 -20.03 85.46
N ILE XA 549 -18.93 -18.96 85.27
CA ILE XA 549 -20.18 -19.03 84.53
C ILE XA 549 -20.07 -18.19 83.28
N ALA XA 550 -20.42 -18.79 82.15
CA ALA XA 550 -20.24 -18.15 80.86
C ALA XA 550 -21.51 -18.16 80.01
N PRO XA 551 -21.65 -17.15 79.13
CA PRO XA 551 -22.65 -17.05 78.06
C PRO XA 551 -22.40 -18.04 76.90
N ASP XA 574 -44.73 -14.37 88.27
CA ASP XA 574 -43.60 -15.22 88.59
C ASP XA 574 -43.61 -16.61 87.95
N LEU XA 575 -42.37 -17.02 87.82
CA LEU XA 575 -41.99 -18.40 87.66
C LEU XA 575 -41.75 -18.88 89.03
N MET XA 576 -42.05 -20.14 89.16
CA MET XA 576 -41.80 -20.74 90.40
C MET XA 576 -41.31 -22.13 90.30
N VAL XA 577 -40.71 -22.46 91.42
CA VAL XA 577 -40.26 -23.80 91.68
C VAL XA 577 -40.95 -24.32 92.90
N ASN XA 578 -41.34 -25.56 92.69
CA ASN XA 578 -42.05 -26.36 93.64
C ASN XA 578 -41.48 -27.77 93.56
N LEU XA 579 -41.31 -28.36 94.74
CA LEU XA 579 -40.94 -29.74 94.94
C LEU XA 579 -42.26 -30.53 95.04
N LEU XA 580 -42.36 -31.57 94.23
CA LEU XA 580 -43.42 -32.57 94.28
C LEU XA 580 -42.84 -33.81 94.98
N PRO XA 581 -43.36 -34.24 96.15
CA PRO XA 581 -43.05 -35.58 96.61
C PRO XA 581 -43.76 -36.58 95.69
N VAL XA 582 -43.08 -37.68 95.37
CA VAL XA 582 -43.69 -38.85 94.78
C VAL XA 582 -43.60 -39.96 95.81
N ASN XA 583 -44.70 -40.19 96.54
CA ASN XA 583 -44.67 -41.21 97.58
C ASN XA 583 -44.72 -42.62 97.01
N TYR XA 584 -45.59 -42.83 96.01
CA TYR XA 584 -45.95 -44.18 95.59
C TYR XA 584 -45.22 -44.71 94.37
N ALA XA 585 -45.16 -43.91 93.31
CA ALA XA 585 -44.49 -44.30 92.07
C ALA XA 585 -42.98 -43.97 92.07
N VAL XA 586 -42.25 -44.55 91.13
CA VAL XA 586 -40.88 -44.11 90.83
C VAL XA 586 -40.92 -42.85 89.95
N ALA XA 587 -40.03 -41.90 90.19
CA ALA XA 587 -39.97 -40.63 89.45
C ALA XA 587 -39.73 -40.82 87.93
N ALA XA 588 -38.90 -41.81 87.55
CA ALA XA 588 -38.54 -42.10 86.17
C ALA XA 588 -39.73 -42.53 85.30
N ASP XA 589 -40.76 -43.17 85.87
CA ASP XA 589 -41.97 -43.57 85.15
C ASP XA 589 -42.83 -42.38 84.67
N MET XA 590 -42.77 -41.27 85.42
CA MET XA 590 -43.35 -39.99 85.01
C MET XA 590 -42.62 -39.35 83.81
N ALA XA 591 -41.35 -39.67 83.58
CA ALA XA 591 -40.48 -38.94 82.65
C ALA XA 591 -41.04 -38.88 81.22
N ALA XA 592 -41.65 -39.97 80.74
CA ALA XA 592 -42.27 -40.02 79.41
C ALA XA 592 -43.39 -38.96 79.27
N ARG XA 593 -44.35 -38.97 80.20
CA ARG XA 593 -45.48 -38.02 80.21
C ARG XA 593 -45.09 -36.58 80.48
N VAL XA 594 -44.15 -36.37 81.40
CA VAL XA 594 -43.69 -35.03 81.75
C VAL XA 594 -42.92 -34.41 80.59
N LYS XA 595 -42.04 -35.19 79.92
CA LYS XA 595 -41.35 -34.75 78.70
C LYS XA 595 -42.36 -34.36 77.61
N ASP XA 596 -43.44 -35.13 77.49
CA ASP XA 596 -44.51 -34.86 76.52
C ASP XA 596 -45.33 -33.58 76.75
N VAL XA 597 -45.58 -33.12 78.00
CA VAL XA 597 -46.12 -31.75 78.18
C VAL XA 597 -45.13 -30.67 77.73
N LEU XA 598 -43.85 -30.79 78.10
CA LEU XA 598 -42.87 -29.72 77.84
C LEU XA 598 -42.83 -29.39 76.35
N SER XA 599 -42.80 -30.42 75.49
CA SER XA 599 -42.59 -30.23 74.05
C SER XA 599 -41.31 -29.37 73.83
N GLU XA 600 -41.39 -28.35 72.97
CA GLU XA 600 -40.40 -27.27 72.81
C GLU XA 600 -40.66 -26.07 73.73
N ARG XA 601 -41.29 -26.29 74.90
CA ARG XA 601 -41.43 -25.24 75.91
C ARG XA 601 -40.34 -25.29 76.98
N GLY XA 602 -40.47 -24.17 77.68
CA GLY XA 602 -39.73 -23.72 78.84
C GLY XA 602 -40.51 -23.81 80.08
N SER XA 603 -39.69 -24.05 81.07
CA SER XA 603 -39.98 -25.14 81.95
C SER XA 603 -38.90 -26.19 81.84
N VAL XA 604 -38.73 -26.84 82.97
CA VAL XA 604 -38.01 -28.07 83.08
C VAL XA 604 -38.46 -28.84 84.30
N THR XA 605 -38.07 -30.10 84.29
CA THR XA 605 -38.21 -31.06 85.36
C THR XA 605 -36.84 -31.62 85.75
N VAL XA 606 -36.55 -31.70 87.04
CA VAL XA 606 -35.33 -32.30 87.62
C VAL XA 606 -35.73 -33.40 88.58
N ASP XA 607 -35.07 -34.55 88.42
CA ASP XA 607 -35.29 -35.71 89.27
C ASP XA 607 -34.20 -35.76 90.35
N GLN XA 608 -34.59 -35.54 91.60
CA GLN XA 608 -33.68 -35.74 92.73
C GLN XA 608 -33.66 -37.20 93.15
N ARG XA 609 -32.53 -37.60 93.76
CA ARG XA 609 -32.28 -38.99 94.16
C ARG XA 609 -33.29 -39.60 95.12
N THR XA 610 -33.85 -38.79 96.00
CA THR XA 610 -34.86 -39.20 97.00
C THR XA 610 -36.27 -39.29 96.40
N ASN XA 611 -36.40 -39.57 95.09
CA ASN XA 611 -37.65 -39.68 94.34
C ASN XA 611 -38.63 -38.52 94.60
N VAL XA 612 -38.10 -37.30 94.43
CA VAL XA 612 -38.90 -36.08 94.34
C VAL XA 612 -38.65 -35.44 92.99
N LEU XA 613 -39.74 -34.98 92.35
CA LEU XA 613 -39.60 -34.15 91.16
C LEU XA 613 -39.52 -32.68 91.55
N ILE XA 614 -38.73 -31.94 90.78
CA ILE XA 614 -38.70 -30.49 90.89
C ILE XA 614 -38.90 -29.86 89.54
N VAL XA 615 -39.80 -28.88 89.52
CA VAL XA 615 -40.14 -28.13 88.32
C VAL XA 615 -39.78 -26.65 88.45
N LYS XA 616 -39.04 -26.06 87.50
CA LYS XA 616 -39.14 -24.60 87.27
C LYS XA 616 -39.99 -24.45 86.06
N ASP XA 617 -40.75 -23.37 86.10
CA ASP XA 617 -41.49 -22.85 84.97
C ASP XA 617 -42.36 -21.68 85.38
N VAL XA 618 -43.06 -21.14 84.38
CA VAL XA 618 -44.27 -20.36 84.61
C VAL XA 618 -45.19 -21.13 85.57
N ARG XA 619 -46.00 -20.41 86.35
CA ARG XA 619 -47.04 -21.05 87.16
C ARG XA 619 -47.95 -21.99 86.35
N SER XA 620 -48.34 -21.60 85.13
CA SER XA 620 -49.29 -22.38 84.32
C SER XA 620 -48.72 -23.73 83.88
N ASN XA 621 -47.44 -23.80 83.47
CA ASN XA 621 -46.78 -25.08 83.20
C ASN XA 621 -46.47 -25.87 84.50
N THR XA 622 -46.12 -25.21 85.62
CA THR XA 622 -46.00 -25.89 86.95
C THR XA 622 -47.29 -26.61 87.35
N GLU XA 623 -48.42 -25.88 87.23
CA GLU XA 623 -49.73 -26.38 87.59
C GLU XA 623 -50.06 -27.66 86.81
N ARG XA 624 -49.85 -27.64 85.49
CA ARG XA 624 -50.04 -28.80 84.63
C ARG XA 624 -49.19 -29.98 85.08
N ALA XA 625 -47.88 -29.76 85.23
CA ALA XA 625 -46.96 -30.81 85.66
C ALA XA 625 -47.35 -31.39 87.04
N ARG XA 626 -47.72 -30.55 88.03
CA ARG XA 626 -48.21 -31.04 89.33
C ARG XA 626 -49.48 -31.88 89.18
N SER XA 627 -50.48 -31.41 88.43
CA SER XA 627 -51.74 -32.14 88.25
C SER XA 627 -51.50 -33.54 87.67
N LEU XA 628 -50.60 -33.69 86.70
CA LEU XA 628 -50.25 -34.98 86.12
C LEU XA 628 -49.44 -35.86 87.10
N VAL XA 629 -48.42 -35.31 87.77
CA VAL XA 629 -47.59 -36.06 88.74
C VAL XA 629 -48.48 -36.56 89.86
N ARG XA 630 -49.30 -35.70 90.48
CA ARG XA 630 -50.21 -36.14 91.54
C ARG XA 630 -51.25 -37.13 91.03
N SER XA 631 -51.81 -36.93 89.83
CA SER XA 631 -52.83 -37.82 89.28
C SER XA 631 -52.30 -39.24 89.05
N LEU XA 632 -51.10 -39.36 88.49
CA LEU XA 632 -50.40 -40.64 88.36
C LEU XA 632 -49.90 -41.20 89.68
N ASP XA 633 -49.49 -40.32 90.62
CA ASP XA 633 -49.16 -40.78 91.96
C ASP XA 633 -50.47 -41.40 92.45
N THR XA 634 -51.65 -40.71 92.45
CA THR XA 634 -52.92 -41.23 93.01
C THR XA 634 -53.40 -42.64 92.61
N GLN XA 635 -53.13 -43.15 91.40
CA GLN XA 635 -53.45 -44.57 91.12
C GLN XA 635 -52.47 -45.56 91.75
N THR XA 636 -51.22 -45.15 91.94
CA THR XA 636 -50.21 -45.78 92.79
C THR XA 636 -50.46 -45.90 94.34
N PRO XA 637 -51.09 -44.93 95.08
CA PRO XA 637 -51.57 -45.12 96.45
C PRO XA 637 -52.62 -46.19 96.68
N GLN XA 638 -53.48 -46.50 95.70
CA GLN XA 638 -54.36 -47.66 95.91
C GLN XA 638 -53.55 -48.95 95.75
N VAL XA 639 -52.96 -49.38 96.86
CA VAL XA 639 -52.18 -50.61 96.94
C VAL XA 639 -53.08 -51.82 97.24
N CYS YA 5 27.49 69.23 -3.00
CA CYS YA 5 27.59 68.04 -2.17
C CYS YA 5 28.70 68.23 -1.10
N GLU YA 6 28.89 67.26 -0.21
CA GLU YA 6 30.12 67.11 0.58
C GLU YA 6 30.96 65.92 0.05
N GLU YA 7 32.27 66.15 -0.05
CA GLU YA 7 33.29 65.28 -0.66
C GLU YA 7 33.86 64.24 0.38
N PRO YA 8 34.91 63.43 0.09
CA PRO YA 8 35.33 62.25 0.86
C PRO YA 8 35.32 62.30 2.42
N PRO YA 9 36.25 63.06 3.01
CA PRO YA 9 35.78 64.17 3.85
C PRO YA 9 35.47 65.42 3.03
N ALA YA 10 34.71 66.32 3.65
CA ALA YA 10 34.33 67.63 3.12
C ALA YA 10 35.58 68.50 2.78
N PRO YA 11 35.48 69.83 2.59
CA PRO YA 11 36.66 70.71 2.54
C PRO YA 11 37.48 70.68 3.88
N ALA YA 12 38.07 71.79 4.41
CA ALA YA 12 38.94 71.67 5.61
C ALA YA 12 38.58 72.28 7.00
N PRO YA 13 37.67 73.27 7.22
CA PRO YA 13 37.48 73.84 8.59
C PRO YA 13 36.49 73.22 9.63
N PRO YA 14 35.69 72.16 9.38
CA PRO YA 14 36.05 70.94 8.67
C PRO YA 14 35.41 70.71 7.27
N PRO YA 15 34.59 71.60 6.63
CA PRO YA 15 33.68 72.64 7.08
C PRO YA 15 32.47 72.18 7.88
N ALA YA 16 31.94 73.18 8.60
CA ALA YA 16 30.59 73.27 9.17
C ALA YA 16 30.09 72.11 10.05
N LYS YA 17 30.57 70.86 9.92
CA LYS YA 17 30.08 69.70 10.67
C LYS YA 17 30.47 69.59 12.16
N PRO YA 18 31.07 70.60 12.80
CA PRO YA 18 30.83 70.85 14.22
C PRO YA 18 29.39 71.18 14.60
N LYS YA 19 28.64 71.84 13.72
CA LYS YA 19 27.26 72.27 14.01
C LYS YA 19 26.25 71.20 13.55
N ALA YA 20 26.53 70.56 12.41
CA ALA YA 20 25.75 69.41 11.95
C ALA YA 20 26.07 68.12 12.72
N ALA YA 21 27.33 67.69 12.77
CA ALA YA 21 27.80 66.58 13.64
C ALA YA 21 28.24 66.96 15.08
N ALA YA 22 27.63 67.96 15.73
CA ALA YA 22 27.56 68.03 17.21
C ALA YA 22 26.20 68.57 17.73
N ALA YA 23 25.27 68.79 16.79
CA ALA YA 23 23.86 68.94 17.10
C ALA YA 23 23.05 67.77 16.50
N VAL YA 24 23.73 66.86 15.75
CA VAL YA 24 23.44 65.43 15.69
C VAL YA 24 24.14 64.71 16.87
N PRO YA 25 25.14 63.81 16.69
CA PRO YA 25 25.50 62.77 17.67
C PRO YA 25 24.51 62.48 18.81
N VAL YA 26 23.29 62.02 18.50
CA VAL YA 26 22.83 61.44 17.22
C VAL YA 26 21.61 62.22 16.69
N LYS YA 27 20.51 61.54 16.31
CA LYS YA 27 19.16 62.12 16.49
C LYS YA 27 18.91 62.52 17.97
N ALA YA 28 19.91 62.32 18.83
CA ALA YA 28 19.65 61.88 20.20
C ALA YA 28 18.65 60.73 20.23
N ALA YA 29 17.45 60.98 19.73
CA ALA YA 29 16.23 60.49 20.36
C ALA YA 29 15.66 61.53 21.32
N PRO YA 30 16.43 61.85 22.36
CA PRO YA 30 16.98 60.84 23.25
C PRO YA 30 15.90 59.94 23.83
N THR YA 31 16.19 58.64 23.95
CA THR YA 31 15.21 57.68 24.44
C THR YA 31 15.28 57.54 25.96
N GLU YA 32 14.68 58.50 26.66
CA GLU YA 32 14.10 58.24 27.96
C GLU YA 32 13.12 57.07 27.91
N THR YA 33 13.66 55.86 27.85
CA THR YA 33 12.83 54.66 27.73
C THR YA 33 13.27 53.59 28.72
N GLY YA 34 13.93 52.55 28.20
CA GLY YA 34 13.49 51.18 28.41
C GLY YA 34 14.12 50.56 29.64
N ALA YA 35 13.64 50.98 30.82
CA ALA YA 35 14.42 50.85 32.05
C ALA YA 35 14.28 49.44 32.63
N GLN YA 36 15.03 49.17 33.70
CA GLN YA 36 14.95 47.88 34.38
C GLN YA 36 14.85 48.07 35.89
N ALA YA 37 14.28 47.08 36.56
CA ALA YA 37 14.02 47.17 38.00
C ALA YA 37 14.81 46.13 38.80
N ALA YA 38 15.25 46.50 40.01
CA ALA YA 38 15.74 45.57 41.04
C ALA YA 38 14.61 44.85 41.83
N PRO YA 39 13.34 45.08 41.43
CA PRO YA 39 12.27 45.56 42.33
C PRO YA 39 12.73 45.87 43.78
N SER YA 40 11.93 45.52 44.79
CA SER YA 40 12.30 45.50 46.20
C SER YA 40 11.64 44.29 46.87
N TYR YA 41 12.09 43.92 48.06
CA TYR YA 41 11.70 42.68 48.74
C TYR YA 41 11.20 42.98 50.16
N SER YA 42 10.18 42.24 50.60
CA SER YA 42 9.63 42.32 51.96
C SER YA 42 10.35 41.38 52.94
N TYR YA 43 10.06 41.55 54.23
CA TYR YA 43 10.71 40.82 55.32
C TYR YA 43 9.77 39.92 56.14
N VAL YA 44 10.32 38.89 56.79
CA VAL YA 44 9.59 37.78 57.43
C VAL YA 44 10.23 37.42 58.79
N TYR YA 45 9.53 36.92 59.80
CA TYR YA 45 8.10 36.99 60.16
C TYR YA 45 8.06 36.85 61.72
N ASN YA 46 7.05 37.39 62.39
CA ASN YA 46 7.02 37.41 63.87
C ASN YA 46 6.35 36.16 64.48
N PRO YA 47 7.17 35.22 65.00
CA PRO YA 47 6.78 34.53 66.24
C PRO YA 47 7.95 34.13 67.15
N VAL YA 48 7.58 33.94 68.41
CA VAL YA 48 7.67 32.61 69.03
C VAL YA 48 6.25 32.10 69.32
N GLY YA 49 6.03 30.80 69.13
CA GLY YA 49 4.74 30.15 69.42
C GLY YA 49 4.41 30.13 70.91
N LYS YA 50 3.16 29.77 71.24
CA LYS YA 50 2.68 29.55 72.62
C LYS YA 50 1.96 28.21 72.73
N ARG YA 51 1.90 27.66 73.95
CA ARG YA 51 1.27 26.37 74.24
C ARG YA 51 0.14 26.54 75.24
N ASP YA 52 -0.89 25.76 74.95
CA ASP YA 52 -2.06 25.39 75.72
C ASP YA 52 -2.13 23.84 75.49
N PRO YA 53 -3.07 23.43 74.61
CA PRO YA 53 -2.79 22.86 73.29
C PRO YA 53 -1.52 23.44 72.59
N PHE YA 54 -0.60 22.63 72.08
CA PHE YA 54 -0.82 21.24 71.67
C PHE YA 54 -0.14 20.24 72.63
N ARG YA 55 0.37 20.66 73.81
CA ARG YA 55 1.09 19.70 74.68
C ARG YA 55 0.19 18.59 75.20
N SER YA 56 -0.92 18.90 75.88
CA SER YA 56 -1.89 17.87 76.27
C SER YA 56 -2.44 16.99 75.11
N PRO YA 57 -2.94 17.54 73.99
CA PRO YA 57 -3.48 16.72 72.91
C PRO YA 57 -2.48 15.89 72.08
N ILE YA 58 -1.16 15.88 72.39
CA ILE YA 58 -0.21 14.89 71.83
C ILE YA 58 0.84 14.40 72.85
N ASP YA 59 1.40 15.26 73.69
CA ASP YA 59 2.37 14.89 74.72
C ASP YA 59 1.69 14.15 75.92
N GLU YA 60 0.37 14.31 76.12
CA GLU YA 60 -0.44 13.58 77.13
C GLU YA 60 -1.38 12.54 76.49
N LEU YA 61 -1.92 12.82 75.29
CA LEU YA 61 -2.69 11.84 74.51
C LEU YA 61 -1.82 10.72 73.91
N GLY YA 62 -0.61 11.03 73.43
CA GLY YA 62 0.32 10.09 72.79
C GLY YA 62 0.82 8.98 73.73
N PRO YA 63 0.97 9.26 75.03
CA PRO YA 63 0.81 8.30 76.11
C PRO YA 63 -0.64 7.77 76.23
N VAL YA 64 -1.16 7.09 75.19
CA VAL YA 64 -2.57 6.63 75.12
C VAL YA 64 -2.91 5.76 76.32
N ASN YA 65 -3.65 6.36 77.26
CA ASN YA 65 -3.83 5.84 78.61
C ASN YA 65 -5.28 6.01 79.04
N ALA YA 66 -5.91 4.90 79.42
CA ALA YA 66 -7.24 4.87 79.98
C ALA YA 66 -7.22 3.95 81.20
N ASN YA 67 -7.99 4.30 82.24
CA ASN YA 67 -8.13 3.52 83.47
C ASN YA 67 -9.60 3.16 83.70
N PRO YA 68 -10.12 2.11 83.03
CA PRO YA 68 -11.56 1.81 82.94
C PRO YA 68 -12.32 1.74 84.26
N VAL YA 69 -13.59 2.14 84.20
CA VAL YA 69 -14.57 1.89 85.26
C VAL YA 69 -15.17 0.49 85.22
N ALA YA 70 -15.04 -0.24 86.34
CA ALA YA 70 -15.75 -1.49 86.61
C ALA YA 70 -16.14 -1.68 88.09
N ALA YA 71 -15.55 -0.89 88.99
CA ALA YA 71 -15.72 -0.99 90.43
C ALA YA 71 -17.07 -0.44 90.94
N CYS YA 72 -17.31 -0.61 92.25
CA CYS YA 72 -18.27 0.21 92.98
C CYS YA 72 -17.79 1.67 93.17
N ASN YA 73 -18.73 2.62 93.06
CA ASN YA 73 -18.50 4.06 92.84
C ASN YA 73 -18.42 4.92 94.12
N GLU YA 74 -17.76 4.52 95.22
CA GLU YA 74 -18.40 3.81 96.34
C GLU YA 74 -19.88 4.25 96.53
N PRO YA 75 -20.83 3.44 96.00
CA PRO YA 75 -21.99 3.97 95.30
C PRO YA 75 -23.15 4.28 96.24
N LEU YA 76 -23.59 3.30 97.02
CA LEU YA 76 -24.86 3.42 97.75
C LEU YA 76 -24.73 4.31 98.98
N CYS YA 77 -23.52 4.44 99.53
CA CYS YA 77 -23.24 5.47 100.52
C CYS YA 77 -23.23 6.92 99.98
N SER YA 78 -23.44 7.10 98.67
CA SER YA 78 -23.72 8.39 98.02
C SER YA 78 -25.21 8.61 97.67
N PHE YA 79 -26.12 7.66 97.98
CA PHE YA 79 -27.57 7.76 97.73
C PHE YA 79 -28.43 7.46 98.97
N ASP YA 80 -29.61 8.10 99.09
CA ASP YA 80 -30.41 8.03 100.32
C ASP YA 80 -31.25 6.74 100.42
N LEU YA 81 -31.52 6.25 101.64
CA LEU YA 81 -31.97 4.86 101.84
C LEU YA 81 -33.39 4.58 101.33
N ASP YA 82 -34.28 5.56 101.44
CA ASP YA 82 -35.67 5.49 100.98
C ASP YA 82 -35.75 5.54 99.44
N GLN YA 83 -34.64 5.84 98.74
CA GLN YA 83 -34.54 5.74 97.28
C GLN YA 83 -34.31 4.28 96.81
N LEU YA 84 -33.80 3.41 97.68
CA LEU YA 84 -33.40 2.03 97.37
C LEU YA 84 -34.59 1.05 97.49
N LYS YA 85 -34.72 0.10 96.56
CA LYS YA 85 -35.86 -0.83 96.49
C LYS YA 85 -35.44 -2.30 96.54
N LEU YA 86 -36.02 -3.10 97.42
CA LEU YA 86 -35.64 -4.51 97.55
C LEU YA 86 -36.16 -5.34 96.36
N VAL YA 87 -35.23 -5.88 95.57
CA VAL YA 87 -35.49 -6.69 94.38
C VAL YA 87 -35.84 -8.13 94.74
N ALA YA 88 -35.00 -8.73 95.59
CA ALA YA 88 -34.99 -10.15 95.88
C ALA YA 88 -34.20 -10.44 97.18
N VAL YA 89 -34.24 -11.70 97.63
CA VAL YA 89 -33.40 -12.22 98.70
C VAL YA 89 -32.93 -13.62 98.32
N VAL YA 90 -31.65 -13.92 98.59
CA VAL YA 90 -31.05 -15.24 98.44
C VAL YA 90 -30.73 -15.79 99.83
N THR YA 91 -30.91 -17.10 100.04
CA THR YA 91 -30.58 -17.78 101.30
C THR YA 91 -30.08 -19.18 100.99
N GLY YA 92 -29.00 -19.57 101.67
CA GLY YA 92 -28.36 -20.87 101.61
C GLY YA 92 -27.19 -20.90 102.60
N ASP YA 93 -26.35 -21.93 102.48
CA ASP YA 93 -25.27 -22.26 103.41
C ASP YA 93 -24.23 -21.12 103.56
N ALA YA 94 -24.05 -20.32 102.50
CA ALA YA 94 -23.23 -19.11 102.47
C ALA YA 94 -23.80 -17.89 103.23
N SER YA 95 -24.77 -18.10 104.13
CA SER YA 95 -25.58 -17.10 104.88
C SER YA 95 -26.58 -16.31 104.00
N PRO YA 96 -27.70 -15.80 104.57
CA PRO YA 96 -28.68 -15.00 103.83
C PRO YA 96 -28.09 -13.67 103.33
N VAL YA 97 -28.48 -13.29 102.11
CA VAL YA 97 -28.09 -12.03 101.44
C VAL YA 97 -29.28 -11.37 100.72
N ALA YA 98 -29.47 -10.08 100.94
CA ALA YA 98 -30.48 -9.26 100.28
C ALA YA 98 -29.95 -8.72 98.95
N MET YA 99 -30.86 -8.48 97.99
CA MET YA 99 -30.57 -7.81 96.72
C MET YA 99 -31.46 -6.56 96.55
N VAL YA 100 -30.83 -5.41 96.30
CA VAL YA 100 -31.46 -4.08 96.33
C VAL YA 100 -31.09 -3.22 95.11
N GLU YA 101 -32.02 -2.38 94.66
CA GLU YA 101 -31.96 -1.58 93.43
C GLU YA 101 -31.81 -0.08 93.75
N ASP YA 102 -30.89 0.58 93.03
CA ASP YA 102 -30.55 2.01 93.15
C ASP YA 102 -31.67 2.84 92.49
N PRO YA 103 -31.81 4.16 92.78
CA PRO YA 103 -32.57 5.06 91.91
C PRO YA 103 -31.93 5.20 90.51
N ALA YA 104 -30.64 4.88 90.37
CA ALA YA 104 -29.94 4.74 89.09
C ALA YA 104 -30.12 3.35 88.41
N GLY YA 105 -30.95 2.46 88.96
CA GLY YA 105 -31.29 1.15 88.37
C GLY YA 105 -30.21 0.06 88.46
N ARG YA 106 -29.10 0.30 89.18
CA ARG YA 106 -28.13 -0.77 89.48
C ARG YA 106 -28.73 -1.76 90.49
N GLY YA 107 -28.39 -3.04 90.36
CA GLY YA 107 -28.51 -4.05 91.43
C GLY YA 107 -27.27 -4.16 92.33
N HIS YA 108 -27.49 -4.34 93.63
CA HIS YA 108 -26.47 -4.58 94.66
C HIS YA 108 -26.83 -5.83 95.48
N ILE YA 109 -25.84 -6.38 96.18
CA ILE YA 109 -26.03 -7.51 97.11
C ILE YA 109 -25.36 -7.15 98.43
N VAL YA 110 -26.12 -7.24 99.53
CA VAL YA 110 -25.69 -6.84 100.88
C VAL YA 110 -26.26 -7.85 101.87
N ARG YA 111 -25.58 -8.03 103.00
CA ARG YA 111 -25.93 -9.05 104.01
C ARG YA 111 -25.71 -8.57 105.43
N ARG YA 112 -26.22 -9.32 106.42
CA ARG YA 112 -26.11 -8.96 107.84
C ARG YA 112 -24.67 -8.59 108.23
N ASN YA 113 -24.52 -7.45 108.92
CA ASN YA 113 -23.28 -6.71 109.25
C ASN YA 113 -22.77 -5.69 108.21
N THR YA 114 -23.10 -5.82 106.92
CA THR YA 114 -22.81 -4.82 105.88
C THR YA 114 -23.69 -3.55 105.97
N ARG YA 115 -23.39 -2.55 105.14
CA ARG YA 115 -24.07 -1.25 105.08
C ARG YA 115 -24.50 -0.89 103.65
N MET YA 116 -25.33 0.14 103.55
CA MET YA 116 -25.87 0.76 102.34
C MET YA 116 -26.31 2.19 102.69
N GLY YA 117 -26.48 3.07 101.70
CA GLY YA 117 -27.09 4.40 101.90
C GLY YA 117 -26.23 5.46 102.59
N ARG YA 118 -26.59 6.74 102.43
CA ARG YA 118 -25.89 7.89 103.06
C ARG YA 118 -25.96 7.87 104.59
N GLN YA 119 -27.10 7.43 105.16
CA GLN YA 119 -27.23 7.20 106.60
C GLN YA 119 -26.55 5.90 107.08
N GLY YA 120 -25.74 5.23 106.25
CA GLY YA 120 -24.94 4.06 106.62
C GLY YA 120 -25.74 2.83 107.08
N GLY YA 121 -26.98 2.70 106.61
CA GLY YA 121 -27.98 1.70 106.97
C GLY YA 121 -27.41 0.29 107.07
N LYS YA 122 -27.19 -0.17 108.29
CA LYS YA 122 -26.58 -1.47 108.59
C LYS YA 122 -27.61 -2.57 108.49
N VAL YA 123 -27.36 -3.60 107.68
CA VAL YA 123 -28.22 -4.78 107.61
C VAL YA 123 -28.23 -5.58 108.91
N THR YA 124 -29.40 -5.73 109.54
CA THR YA 124 -29.54 -6.40 110.85
C THR YA 124 -30.45 -7.63 110.75
N GLN YA 125 -31.47 -7.66 109.90
CA GLN YA 125 -32.32 -8.84 109.60
C GLN YA 125 -32.59 -8.93 108.10
N ILE YA 126 -32.88 -10.14 107.61
CA ILE YA 126 -33.21 -10.44 106.20
C ILE YA 126 -34.32 -11.49 106.22
N LEU YA 127 -35.53 -11.10 105.82
CA LEU YA 127 -36.67 -11.99 105.60
C LEU YA 127 -36.81 -12.28 104.09
N ARG YA 128 -37.92 -12.88 103.63
CA ARG YA 128 -38.13 -13.19 102.20
C ARG YA 128 -38.86 -12.09 101.43
N ASP YA 129 -39.56 -11.27 102.18
CA ASP YA 129 -40.45 -10.18 101.80
C ASP YA 129 -39.94 -8.78 102.13
N SER YA 130 -38.90 -8.72 102.97
CA SER YA 130 -38.48 -7.52 103.67
C SER YA 130 -37.10 -7.66 104.33
N VAL YA 131 -36.45 -6.53 104.65
CA VAL YA 131 -35.09 -6.47 105.19
C VAL YA 131 -35.01 -5.33 106.23
N THR YA 132 -34.90 -5.68 107.50
CA THR YA 132 -34.57 -4.72 108.59
C THR YA 132 -33.12 -4.25 108.60
N VAL YA 133 -32.94 -2.93 108.62
CA VAL YA 133 -31.67 -2.23 108.71
C VAL YA 133 -31.66 -1.20 109.84
N THR YA 134 -30.48 -0.88 110.38
CA THR YA 134 -30.28 0.24 111.32
C THR YA 134 -29.55 1.42 110.70
N GLU YA 135 -30.24 2.54 110.58
CA GLU YA 135 -29.80 3.75 109.90
C GLU YA 135 -29.47 4.87 110.93
N VAL YA 136 -28.92 5.97 110.44
CA VAL YA 136 -28.29 7.05 111.23
C VAL YA 136 -28.89 8.41 110.84
N PHE YA 137 -29.92 8.85 111.57
CA PHE YA 137 -30.65 10.09 111.29
C PHE YA 137 -30.35 11.19 112.34
N SER YA 138 -30.41 12.47 111.96
CA SER YA 138 -30.28 13.60 112.88
C SER YA 138 -31.66 14.01 113.44
N GLY YA 139 -32.12 13.31 114.47
CA GLY YA 139 -33.38 13.58 115.16
C GLY YA 139 -33.30 14.87 115.97
N ASN YA 140 -33.85 15.97 115.44
CA ASN YA 140 -33.88 17.29 116.08
C ASN YA 140 -32.49 17.86 116.47
N GLY YA 141 -31.40 17.31 115.91
CA GLY YA 141 -30.02 17.67 116.21
C GLY YA 141 -29.18 16.54 116.82
N GLU YA 142 -29.81 15.54 117.44
CA GLU YA 142 -29.10 14.33 117.90
C GLU YA 142 -28.95 13.28 116.78
N ILE YA 143 -27.77 12.69 116.65
CA ILE YA 143 -27.59 11.48 115.83
C ILE YA 143 -28.18 10.26 116.54
N ILE YA 144 -29.26 9.71 115.98
CA ILE YA 144 -30.01 8.59 116.55
C ILE YA 144 -30.15 7.43 115.54
N LYS YA 145 -30.45 6.24 116.07
CA LYS YA 145 -30.74 5.04 115.27
C LYS YA 145 -32.15 5.13 114.69
N ASN YA 146 -32.31 4.77 113.41
CA ASN YA 146 -33.60 4.59 112.75
C ASN YA 146 -33.78 3.14 112.25
N PRO YA 147 -34.63 2.30 112.88
CA PRO YA 147 -34.77 0.87 112.55
C PRO YA 147 -35.74 0.62 111.37
N VAL YA 148 -35.36 1.05 110.17
CA VAL YA 148 -36.17 0.89 108.94
C VAL YA 148 -36.25 -0.56 108.46
N THR YA 149 -37.35 -0.94 107.82
CA THR YA 149 -37.52 -2.26 107.18
C THR YA 149 -37.94 -2.07 105.73
N LEU YA 150 -37.01 -2.32 104.81
CA LEU YA 150 -37.23 -2.22 103.36
C LEU YA 150 -38.02 -3.43 102.88
N GLN YA 151 -39.28 -3.24 102.49
CA GLN YA 151 -40.08 -4.29 101.84
C GLN YA 151 -39.63 -4.55 100.39
N LEU YA 152 -39.96 -5.72 99.85
CA LEU YA 152 -39.87 -6.08 98.43
C LEU YA 152 -40.61 -5.04 97.55
N LYS YA 153 -40.32 -4.99 96.25
CA LYS YA 153 -40.97 -4.07 95.29
C LYS YA 153 -42.27 -4.64 94.65
N PRO YA 154 -43.48 -4.20 95.06
CA PRO YA 154 -44.72 -4.32 94.29
C PRO YA 154 -45.03 -3.00 93.53
N ASP YA 155 -46.29 -2.83 93.11
CA ASP YA 155 -46.85 -1.50 92.82
C ASP YA 155 -47.01 -0.67 94.11
N ALA YA 156 -46.59 0.61 94.07
CA ALA YA 156 -46.71 1.58 95.15
C ALA YA 156 -46.47 3.01 94.61
N LYS YA 157 -47.04 4.01 95.29
CA LYS YA 157 -46.79 5.44 95.00
C LYS YA 157 -46.86 6.29 96.27
N GLN YA 158 -45.93 7.24 96.37
CA GLN YA 158 -45.89 8.32 97.35
C GLN YA 158 -45.28 9.58 96.72
N ASP YA 159 -45.36 10.71 97.41
CA ASP YA 159 -44.76 11.98 96.95
C ASP YA 159 -43.26 12.11 97.25
N ASN ZA 33 79.19 -30.65 186.06
CA ASN ZA 33 78.46 -30.21 184.84
C ASN ZA 33 77.10 -29.68 185.28
N THR ZA 34 76.47 -28.92 184.38
CA THR ZA 34 75.09 -28.51 184.57
C THR ZA 34 74.19 -29.51 183.81
N LEU ZA 35 74.29 -29.53 182.48
CA LEU ZA 35 73.55 -30.47 181.70
C LEU ZA 35 74.25 -31.82 181.73
N ARG ZA 36 73.56 -32.87 182.19
CA ARG ZA 36 74.16 -34.21 182.27
C ARG ZA 36 73.74 -35.23 181.23
N GLY ZA 37 72.56 -35.07 180.62
CA GLY ZA 37 72.08 -35.97 179.56
C GLY ZA 37 71.10 -35.19 178.69
N LEU ZA 38 70.97 -35.66 177.46
CA LEU ZA 38 70.13 -35.07 176.43
C LEU ZA 38 69.47 -36.19 175.59
N ASP ZA 39 68.15 -36.23 175.58
CA ASP ZA 39 67.48 -37.31 174.87
C ASP ZA 39 66.42 -36.77 173.88
N VAL ZA 40 66.35 -37.40 172.71
CA VAL ZA 40 65.28 -37.06 171.77
C VAL ZA 40 64.38 -38.27 171.53
N SER ZA 41 63.08 -38.12 171.77
CA SER ZA 41 62.10 -39.17 171.48
C SER ZA 41 61.23 -38.81 170.28
N ARG ZA 42 61.71 -39.10 169.06
CA ARG ZA 42 60.87 -38.84 167.86
C ARG ZA 42 59.63 -39.71 167.85
N THR ZA 43 58.46 -39.13 167.67
CA THR ZA 43 57.27 -39.93 167.45
C THR ZA 43 56.33 -39.10 166.60
N GLY ZA 44 55.32 -39.73 165.99
CA GLY ZA 44 54.43 -39.05 165.01
C GLY ZA 44 53.50 -38.06 165.62
N SER ZA 45 53.00 -38.31 166.82
CA SER ZA 45 52.13 -37.36 167.50
C SER ZA 45 52.85 -36.11 168.02
N GLY ZA 46 54.09 -36.30 168.49
CA GLY ZA 46 54.93 -35.24 168.99
C GLY ZA 46 56.33 -35.83 169.16
N ALA ZA 47 57.35 -35.04 168.83
CA ALA ZA 47 58.69 -35.37 169.23
C ALA ZA 47 59.05 -34.70 170.58
N GLN ZA 48 59.59 -35.48 171.51
CA GLN ZA 48 59.99 -34.93 172.80
C GLN ZA 48 61.51 -34.73 172.85
N VAL ZA 49 61.93 -33.54 173.28
CA VAL ZA 49 63.30 -33.28 173.62
C VAL ZA 49 63.42 -33.11 175.11
N VAL ZA 50 64.34 -33.87 175.70
CA VAL ZA 50 64.59 -33.83 177.12
C VAL ZA 50 66.01 -33.41 177.35
N VAL ZA 51 66.17 -32.48 178.28
CA VAL ZA 51 67.47 -32.02 178.70
C VAL ZA 51 67.52 -32.18 180.20
N THR ZA 52 68.50 -32.96 180.68
CA THR ZA 52 68.56 -33.29 182.09
C THR ZA 52 69.77 -32.58 182.66
N GLY ZA 53 69.62 -32.01 183.86
CA GLY ZA 53 70.67 -31.16 184.43
C GLY ZA 53 70.68 -31.21 185.96
N THR ZA 54 71.76 -30.74 186.55
CA THR ZA 54 71.93 -30.80 187.97
C THR ZA 54 71.19 -29.71 188.73
N ARG ZA 55 70.84 -28.61 188.05
CA ARG ZA 55 70.07 -27.52 188.66
C ARG ZA 55 68.97 -27.15 187.69
N PRO ZA 56 67.87 -26.61 188.21
CA PRO ZA 56 66.81 -26.10 187.38
C PRO ZA 56 67.33 -25.04 186.36
N PRO ZA 57 66.99 -25.22 185.09
CA PRO ZA 57 67.50 -24.38 184.05
C PRO ZA 57 66.60 -23.19 183.77
N THR ZA 58 67.17 -21.99 183.64
CA THR ZA 58 66.43 -20.88 183.05
C THR ZA 58 66.55 -21.05 181.52
N PHE ZA 59 65.46 -20.86 180.80
CA PHE ZA 59 65.49 -21.08 179.38
C PHE ZA 59 64.58 -20.03 178.80
N THR ZA 60 64.67 -19.87 177.49
CA THR ZA 60 63.72 -19.13 176.67
C THR ZA 60 63.61 -19.94 175.41
N VAL ZA 61 62.40 -20.07 174.94
CA VAL ZA 61 62.13 -20.73 173.66
C VAL ZA 61 61.47 -19.75 172.68
N PHE ZA 62 61.95 -19.75 171.43
CA PHE ZA 62 61.32 -18.94 170.40
C PHE ZA 62 61.39 -19.59 169.01
N ARG ZA 63 60.77 -18.97 168.01
CA ARG ZA 63 60.68 -19.53 166.64
C ARG ZA 63 61.50 -18.71 165.66
N LEU ZA 64 61.90 -19.31 164.54
CA LEU ZA 64 62.44 -18.53 163.43
C LEU ZA 64 61.92 -19.14 162.13
N SER ZA 65 62.02 -18.39 161.02
CA SER ZA 65 61.54 -18.87 159.75
C SER ZA 65 62.66 -18.82 158.73
N GLY ZA 66 62.41 -19.38 157.53
CA GLY ZA 66 63.36 -19.36 156.41
C GLY ZA 66 64.78 -19.81 156.71
N PRO ZA 67 64.95 -21.06 157.20
CA PRO ZA 67 63.95 -22.17 157.36
C PRO ZA 67 63.19 -22.15 158.70
N GLU ZA 68 62.00 -22.75 158.76
CA GLU ZA 68 61.32 -22.95 160.05
C GLU ZA 68 62.25 -23.59 161.12
N ARG ZA 69 62.31 -22.99 162.30
CA ARG ZA 69 63.25 -23.43 163.33
C ARG ZA 69 62.64 -23.21 164.67
N LEU ZA 70 63.06 -23.99 165.64
CA LEU ZA 70 62.71 -23.70 167.02
C LEU ZA 70 64.05 -23.52 167.71
N VAL ZA 71 64.14 -22.55 168.61
CA VAL ZA 71 65.39 -22.24 169.26
C VAL ZA 71 65.21 -22.23 170.76
N VAL ZA 72 66.10 -22.89 171.48
CA VAL ZA 72 66.03 -22.83 172.93
C VAL ZA 72 67.33 -22.29 173.46
N ASP ZA 73 67.24 -21.26 174.30
CA ASP ZA 73 68.40 -20.74 175.03
C ASP ZA 73 68.43 -21.18 176.50
N LEU ZA 74 69.56 -21.75 176.91
CA LEU ZA 74 69.68 -22.27 178.27
C LEU ZA 74 70.74 -21.50 179.06
N SER ZA 75 70.38 -21.01 180.25
CA SER ZA 75 71.29 -20.24 181.12
C SER ZA 75 71.84 -21.07 182.27
N SER ZA 76 73.00 -20.62 182.75
CA SER ZA 76 73.87 -21.35 183.68
C SER ZA 76 74.48 -22.60 183.09
N ALA ZA 77 73.67 -23.25 182.29
CA ALA ZA 77 74.08 -24.45 181.59
C ALA ZA 77 73.86 -24.30 180.10
N ASP ZA 78 74.78 -24.85 179.31
CA ASP ZA 78 74.65 -24.84 177.86
C ASP ZA 78 74.54 -26.31 177.49
N ALA ZA 79 73.33 -26.74 177.13
CA ALA ZA 79 73.07 -28.12 176.75
C ALA ZA 79 73.10 -28.28 175.23
N THR ZA 80 74.01 -29.13 174.74
CA THR ZA 80 74.12 -29.37 173.31
C THR ZA 80 73.76 -30.81 172.98
N GLY ZA 81 72.81 -30.98 172.07
CA GLY ZA 81 72.38 -32.31 171.65
C GLY ZA 81 72.79 -32.49 170.19
N ILE ZA 82 73.36 -33.64 169.88
CA ILE ZA 82 73.82 -33.91 168.53
C ILE ZA 82 73.90 -35.40 168.27
N LYS ZA 83 73.77 -35.74 167.08
CA LYS ZA 83 73.88 -37.12 166.57
C LYS ZA 83 72.77 -37.99 167.10
N GLY ZA 84 71.96 -37.40 167.97
CA GLY ZA 84 70.73 -38.04 168.48
C GLY ZA 84 69.56 -37.84 167.52
N HIS ZA 85 69.70 -36.95 166.54
CA HIS ZA 85 68.61 -36.68 165.64
C HIS ZA 85 68.54 -37.75 164.55
N HIS ZA 86 67.47 -38.52 164.55
CA HIS ZA 86 67.34 -39.62 163.64
C HIS ZA 86 66.88 -39.13 162.30
N GLU ZA 87 67.32 -39.83 161.25
CA GLU ZA 87 66.88 -39.49 159.90
C GLU ZA 87 65.39 -39.62 159.67
N GLY ZA 88 64.63 -40.05 160.68
CA GLY ZA 88 63.20 -40.28 160.54
C GLY ZA 88 62.38 -39.60 161.63
N SER ZA 89 62.97 -38.62 162.32
CA SER ZA 89 62.20 -37.75 163.21
C SER ZA 89 61.12 -37.01 162.38
N GLY ZA 90 59.82 -37.18 162.71
CA GLY ZA 90 58.81 -36.49 161.91
C GLY ZA 90 58.85 -34.98 162.08
N PRO ZA 91 59.49 -34.51 163.16
CA PRO ZA 91 59.55 -33.06 163.46
C PRO ZA 91 60.89 -32.41 163.21
N VAL ZA 92 61.98 -33.06 163.63
CA VAL ZA 92 63.29 -32.43 163.63
C VAL ZA 92 64.13 -32.88 162.45
N SER ZA 93 64.43 -31.94 161.56
CA SER ZA 93 65.32 -32.15 160.42
C SER ZA 93 66.75 -32.21 160.91
N GLY ZA 94 67.13 -31.32 161.86
CA GLY ZA 94 68.47 -31.34 162.49
C GLY ZA 94 68.57 -30.45 163.72
N VAL ZA 95 69.62 -30.66 164.52
CA VAL ZA 95 69.83 -29.86 165.74
C VAL ZA 95 71.27 -29.39 165.89
N VAL ZA 96 71.46 -28.07 166.00
CA VAL ZA 96 72.79 -27.50 166.17
C VAL ZA 96 72.84 -26.83 167.54
N ALA ZA 97 74.00 -26.87 168.17
CA ALA ZA 97 74.16 -26.31 169.52
C ALA ZA 97 75.45 -25.47 169.57
N SER ZA 98 75.38 -24.28 170.22
CA SER ZA 98 76.59 -23.51 170.52
C SER ZA 98 76.53 -22.72 171.82
N GLN ZA 99 77.59 -22.69 172.63
CA GLN ZA 99 77.65 -21.92 173.88
C GLN ZA 99 78.47 -20.64 173.74
N PHE ZA 100 77.97 -19.52 174.26
CA PHE ZA 100 78.75 -18.28 174.31
C PHE ZA 100 78.92 -17.82 175.77
N SER ZA 101 80.07 -17.17 176.04
CA SER ZA 101 80.39 -16.69 177.39
C SER ZA 101 79.95 -15.29 177.67
N ASP ZA 102 79.47 -15.10 178.92
CA ASP ZA 102 79.10 -13.80 179.46
C ASP ZA 102 79.84 -13.74 180.82
N GLN ZA 103 80.97 -13.02 180.87
CA GLN ZA 103 81.82 -13.11 182.06
C GLN ZA 103 82.16 -14.58 182.27
N ARG ZA 104 82.01 -15.00 183.51
CA ARG ZA 104 82.28 -16.40 183.83
C ARG ZA 104 81.07 -17.29 183.54
N ALA ZA 105 79.94 -16.73 183.12
CA ALA ZA 105 78.74 -17.51 182.86
C ALA ZA 105 78.68 -17.97 181.41
N SER ZA 106 77.76 -18.90 181.14
CA SER ZA 106 77.62 -19.48 179.81
C SER ZA 106 76.15 -19.58 179.41
N VAL ZA 107 75.81 -19.14 178.21
CA VAL ZA 107 74.50 -19.31 177.57
C VAL ZA 107 74.61 -20.25 176.39
N GLY ZA 108 73.77 -21.41 176.38
CA GLY ZA 108 73.84 -22.33 175.27
C GLY ZA 108 72.60 -22.12 174.41
N ARG ZA 109 72.81 -22.15 173.10
CA ARG ZA 109 71.67 -22.03 172.20
C ARG ZA 109 71.48 -23.32 171.47
N VAL ZA 110 70.27 -23.87 171.52
CA VAL ZA 110 69.89 -25.07 170.78
C VAL ZA 110 68.96 -24.65 169.69
N LEU ZA 111 69.28 -25.14 168.49
CA LEU ZA 111 68.55 -24.79 167.28
C LEU ZA 111 68.02 -26.04 166.56
N LEU ZA 112 66.71 -26.14 166.45
CA LEU ZA 112 66.07 -27.29 165.80
C LEU ZA 112 65.45 -26.89 164.49
N ALA ZA 113 66.08 -27.26 163.40
CA ALA ZA 113 65.45 -27.09 162.08
C ALA ZA 113 64.29 -28.10 161.93
N LEU ZA 114 63.13 -27.63 161.47
CA LEU ZA 114 61.88 -28.40 161.44
C LEU ZA 114 61.44 -28.91 160.08
N ASP ZA 115 60.67 -30.02 160.10
CA ASP ZA 115 60.08 -30.69 158.91
C ASP ZA 115 58.64 -30.27 158.75
N LYS ZA 116 58.08 -29.60 159.75
CA LYS ZA 116 56.66 -29.21 159.73
C LYS ZA 116 56.42 -28.19 160.83
N ALA ZA 117 55.34 -27.44 160.71
CA ALA ZA 117 55.04 -26.40 161.69
C ALA ZA 117 54.68 -27.00 163.04
N SER ZA 118 55.25 -26.43 164.08
CA SER ZA 118 55.03 -26.93 165.42
C SER ZA 118 54.45 -25.90 166.36
N GLN ZA 119 53.76 -26.40 167.36
CA GLN ZA 119 53.38 -25.62 168.49
C GLN ZA 119 54.16 -26.22 169.69
N TYR ZA 120 55.29 -25.60 170.07
CA TYR ZA 120 56.07 -26.21 171.15
C TYR ZA 120 55.41 -26.03 172.48
N ASP ZA 121 55.60 -26.99 173.38
CA ASP ZA 121 55.18 -26.85 174.76
C ASP ZA 121 56.36 -27.27 175.65
N VAL ZA 122 56.78 -26.36 176.53
CA VAL ZA 122 57.90 -26.56 177.41
C VAL ZA 122 57.48 -26.61 178.87
N ARG ZA 123 58.03 -27.54 179.63
CA ARG ZA 123 57.77 -27.57 181.07
C ARG ZA 123 58.97 -28.15 181.76
N ALA ZA 124 59.12 -27.82 183.02
CA ALA ZA 124 60.27 -28.27 183.79
C ALA ZA 124 59.75 -29.30 184.78
N ASP ZA 125 60.61 -30.22 185.19
CA ASP ZA 125 60.31 -31.17 186.25
C ASP ZA 125 61.65 -31.55 186.88
N GLY ZA 126 61.91 -31.03 188.07
CA GLY ZA 126 63.16 -31.31 188.74
C GLY ZA 126 64.34 -30.76 187.96
N ASN ZA 127 65.23 -31.65 187.53
CA ASN ZA 127 66.40 -31.25 186.76
C ASN ZA 127 66.20 -31.52 185.28
N ARG ZA 128 64.97 -31.83 184.90
CA ARG ZA 128 64.69 -32.12 183.50
C ARG ZA 128 63.84 -31.01 182.90
N VAL ZA 129 64.25 -30.55 181.72
CA VAL ZA 129 63.50 -29.61 180.95
C VAL ZA 129 62.99 -30.38 179.77
N VAL ZA 130 61.68 -30.36 179.60
CA VAL ZA 130 61.04 -31.07 178.50
C VAL ZA 130 60.45 -30.13 177.44
N ILE ZA 131 60.80 -30.36 176.18
CA ILE ZA 131 60.11 -29.64 175.10
C ILE ZA 131 59.39 -30.59 174.20
N SER ZA 132 58.08 -30.49 174.11
CA SER ZA 132 57.35 -31.35 173.17
C SER ZA 132 56.89 -30.56 171.95
N VAL ZA 133 57.20 -31.08 170.77
CA VAL ZA 133 56.90 -30.39 169.55
C VAL ZA 133 55.68 -31.04 169.01
N ASP ZA 134 54.53 -30.37 169.11
CA ASP ZA 134 53.29 -30.87 168.51
C ASP ZA 134 53.04 -30.28 167.12
N GLY ZA 135 52.30 -30.97 166.24
CA GLY ZA 135 51.94 -30.26 164.99
C GLY ZA 135 50.99 -29.06 165.19
N THR ZA 136 49.77 -29.18 164.67
CA THR ZA 136 48.78 -28.12 164.81
C THR ZA 136 47.63 -28.54 165.73
N SER ZA 137 47.65 -29.78 166.20
CA SER ZA 137 46.62 -30.30 167.10
C SER ZA 137 47.13 -30.15 168.54
N GLN ZA 138 46.51 -29.24 169.28
CA GLN ZA 138 46.93 -28.95 170.64
C GLN ZA 138 46.20 -29.65 171.80
N SER ZA 139 45.02 -30.21 171.56
CA SER ZA 139 44.31 -30.85 172.65
C SER ZA 139 43.31 -31.88 172.16
N VAL ZA 140 43.29 -33.02 172.83
CA VAL ZA 140 42.34 -34.08 172.51
C VAL ZA 140 41.36 -34.12 173.66
N ASP ZA 214 30.25 -9.66 138.65
CA ASP ZA 214 29.44 -10.72 138.02
C ASP ZA 214 30.20 -12.05 137.84
N ASP ZA 215 31.50 -11.94 137.59
CA ASP ZA 215 32.36 -13.09 137.30
C ASP ZA 215 32.60 -13.84 138.59
N THR ZA 216 32.64 -13.09 139.70
CA THR ZA 216 33.00 -13.58 141.04
C THR ZA 216 32.98 -12.37 141.98
N LEU ZA 217 32.44 -12.63 143.17
CA LEU ZA 217 32.51 -11.67 144.26
C LEU ZA 217 33.67 -12.09 145.16
N SER ZA 218 34.52 -11.10 145.46
CA SER ZA 218 35.68 -11.33 146.32
C SER ZA 218 35.43 -10.76 147.72
N ILE ZA 219 35.74 -11.58 148.71
CA ILE ZA 219 35.70 -11.16 150.13
C ILE ZA 219 37.15 -11.13 150.62
N ARG ZA 220 37.53 -9.99 151.16
CA ARG ZA 220 38.89 -9.80 151.69
C ARG ZA 220 38.82 -9.51 153.19
N ALA ZA 221 39.62 -10.25 153.93
CA ALA ZA 221 39.76 -10.06 155.38
C ALA ZA 221 41.23 -9.78 155.68
N ASP ZA 222 41.49 -8.55 156.13
CA ASP ZA 222 42.86 -8.13 156.43
C ASP ZA 222 43.08 -8.19 157.94
N GLY ZA 223 44.22 -8.78 158.31
CA GLY ZA 223 44.59 -8.97 159.72
C GLY ZA 223 45.92 -9.73 159.81
N ASP ZA 224 46.39 -9.84 161.03
CA ASP ZA 224 47.65 -10.53 161.35
C ASP ZA 224 47.65 -12.04 161.07
N ILE ZA 225 46.52 -12.67 161.33
CA ILE ZA 225 46.39 -14.12 161.21
C ILE ZA 225 46.50 -14.61 159.73
N ALA ZA 226 45.88 -15.71 159.31
CA ALA ZA 226 44.82 -16.45 160.01
C ALA ZA 226 44.72 -17.90 159.68
N ARG ZA 227 44.42 -18.67 160.69
CA ARG ZA 227 43.95 -20.03 160.40
C ARG ZA 227 42.43 -19.98 160.20
N TYR ZA 228 42.00 -20.63 159.13
CA TYR ZA 228 40.58 -20.61 158.76
C TYR ZA 228 40.15 -22.00 158.27
N GLU ZA 229 38.84 -22.19 158.25
CA GLU ZA 229 38.21 -23.33 157.58
C GLU ZA 229 36.96 -22.81 156.85
N VAL ZA 230 36.78 -23.27 155.63
CA VAL ZA 230 35.61 -22.90 154.82
C VAL ZA 230 34.80 -24.17 154.50
N LEU ZA 231 33.49 -24.02 154.56
CA LEU ZA 231 32.57 -25.12 154.23
C LEU ZA 231 31.22 -24.54 153.77
N GLU ZA 232 30.40 -25.42 153.21
CA GLU ZA 232 29.07 -25.10 152.68
C GLU ZA 232 27.89 -25.62 153.55
N LEU ZA 233 26.78 -24.94 153.44
CA LEU ZA 233 25.50 -25.38 154.04
C LEU ZA 233 24.40 -25.22 153.01
N ALA ZA 234 23.33 -25.98 153.18
CA ALA ZA 234 22.17 -25.89 152.29
C ALA ZA 234 20.91 -25.52 153.09
N ASP ZA 235 19.87 -25.14 152.35
CA ASP ZA 235 18.55 -24.80 152.92
C ASP ZA 235 18.66 -23.78 154.09
N PRO ZA 236 19.04 -22.55 153.76
CA PRO ZA 236 19.36 -22.06 152.41
C PRO ZA 236 20.85 -22.28 152.10
N PRO ZA 237 21.21 -22.20 150.82
CA PRO ZA 237 22.61 -22.32 150.39
C PRO ZA 237 23.44 -21.20 151.04
N ARG ZA 238 24.55 -21.61 151.62
CA ARG ZA 238 25.43 -20.74 152.42
C ARG ZA 238 26.88 -21.16 152.30
N LEU ZA 239 27.76 -20.20 152.43
CA LEU ZA 239 29.20 -20.47 152.58
C LEU ZA 239 29.60 -19.91 153.95
N ALA ZA 240 30.34 -20.72 154.70
CA ALA ZA 240 30.75 -20.36 156.06
C ALA ZA 240 32.26 -20.42 156.20
N VAL ZA 241 32.82 -19.38 156.80
CA VAL ZA 241 34.24 -19.32 157.12
C VAL ZA 241 34.41 -19.15 158.63
N ASP ZA 242 35.24 -19.99 159.20
CA ASP ZA 242 35.64 -19.86 160.61
C ASP ZA 242 37.10 -19.40 160.67
N LEU ZA 243 37.28 -18.34 161.44
CA LEU ZA 243 38.60 -17.72 161.61
C LEU ZA 243 39.06 -17.89 163.05
N PHE ZA 244 40.29 -18.33 163.20
CA PHE ZA 244 40.84 -18.51 164.54
C PHE ZA 244 41.91 -17.48 164.89
N GLY ZA 245 42.06 -17.33 166.21
CA GLY ZA 245 42.93 -16.30 166.80
C GLY ZA 245 42.30 -14.91 166.61
N VAL ZA 246 40.98 -14.87 166.46
CA VAL ZA 246 40.24 -13.60 166.33
C VAL ZA 246 39.21 -13.48 167.43
N GLY ZA 247 39.15 -12.24 167.92
CA GLY ZA 247 38.03 -11.80 168.77
C GLY ZA 247 37.17 -10.86 167.92
N LEU ZA 248 35.87 -11.06 168.01
CA LEU ZA 248 34.90 -10.23 167.28
C LEU ZA 248 35.09 -8.76 167.68
N ALA ZA 249 34.94 -7.87 166.70
CA ALA ZA 249 35.17 -6.44 166.93
C ALA ZA 249 34.35 -5.61 165.95
N THR ZA 250 34.23 -4.34 166.29
CA THR ZA 250 33.44 -3.38 165.52
C THR ZA 250 33.86 -3.36 164.06
N ARG ZA 251 35.13 -3.65 163.74
CA ARG ZA 251 35.58 -3.71 162.33
C ARG ZA 251 34.93 -4.85 161.53
N ALA ZA 252 34.30 -5.78 162.24
CA ALA ZA 252 33.47 -6.83 161.62
C ALA ZA 252 32.47 -6.22 160.59
N PRO ZA 253 31.89 -5.04 160.81
CA PRO ZA 253 30.94 -4.34 159.92
C PRO ZA 253 31.46 -4.10 158.54
N ARG ZA 254 32.77 -3.89 158.39
CA ARG ZA 254 33.36 -3.76 157.04
C ARG ZA 254 33.05 -5.02 156.21
N VAL ZA 255 32.60 -6.06 156.90
CA VAL ZA 255 32.14 -7.34 156.34
C VAL ZA 255 30.89 -7.17 155.46
N LYS ZA 256 30.13 -6.10 155.68
CA LYS ZA 256 28.88 -5.86 154.92
C LYS ZA 256 29.16 -5.81 153.42
N SER ZA 257 30.40 -5.46 153.08
CA SER ZA 257 30.87 -5.36 151.69
C SER ZA 257 30.82 -6.68 150.90
N GLY ZA 258 30.73 -7.77 151.65
CA GLY ZA 258 30.94 -9.04 151.01
C GLY ZA 258 29.74 -9.93 150.96
N ALA ZA 259 28.52 -9.54 151.43
CA ALA ZA 259 27.25 -10.27 151.29
C ALA ZA 259 26.77 -10.41 149.83
N LEU ZA 260 26.15 -11.51 149.35
CA LEU ZA 260 25.94 -12.86 149.88
C LEU ZA 260 24.49 -13.10 150.13
N ARG ZA 261 23.65 -12.50 149.31
CA ARG ZA 261 22.28 -12.14 149.74
C ARG ZA 261 22.32 -11.36 151.09
N ASP ZA 262 23.22 -11.75 152.00
CA ASP ZA 262 23.61 -11.27 153.31
C ASP ZA 262 24.80 -12.07 153.90
N VAL ZA 263 25.39 -11.38 154.86
CA VAL ZA 263 26.51 -11.90 155.66
C VAL ZA 263 26.25 -11.64 157.15
N ARG ZA 264 26.33 -12.69 157.94
CA ARG ZA 264 26.25 -12.57 159.40
C ARG ZA 264 27.50 -13.12 160.05
N VAL ZA 265 27.91 -12.47 161.13
CA VAL ZA 265 29.16 -12.82 161.83
C VAL ZA 265 28.88 -12.95 163.33
N GLY ZA 266 29.58 -13.89 163.95
CA GLY ZA 266 29.47 -14.10 165.40
C GLY ZA 266 30.73 -14.80 165.94
N ALA ZA 267 30.66 -15.15 167.22
CA ALA ZA 267 31.78 -15.80 167.91
C ALA ZA 267 31.25 -16.51 169.17
N HIS ZA 268 31.94 -17.58 169.53
CA HIS ZA 268 31.55 -18.40 170.68
C HIS ZA 268 32.78 -18.81 171.48
N ALA ZA 269 33.40 -17.82 172.12
CA ALA ZA 269 34.61 -18.05 172.94
C ALA ZA 269 35.65 -18.88 172.17
N ASP ZA 270 35.67 -18.64 170.86
CA ASP ZA 270 36.77 -19.23 170.12
C ASP ZA 270 37.53 -18.17 169.32
N LYS ZA 271 37.38 -17.83 168.04
CA LYS ZA 271 36.72 -18.38 166.80
C LYS ZA 271 35.54 -17.51 166.39
N VAL ZA 272 35.75 -16.88 165.26
CA VAL ZA 272 34.68 -16.09 164.63
C VAL ZA 272 34.16 -16.89 163.43
N ARG ZA 273 32.85 -16.83 163.27
CA ARG ZA 273 32.19 -17.50 162.14
C ARG ZA 273 31.51 -16.45 161.26
N LEU ZA 274 31.86 -16.53 159.98
CA LEU ZA 274 31.26 -15.66 158.96
C LEU ZA 274 30.39 -16.55 158.06
N VAL ZA 275 29.16 -16.11 157.90
CA VAL ZA 275 28.14 -16.86 157.16
C VAL ZA 275 27.60 -15.98 156.03
N LEU ZA 276 27.66 -16.53 154.86
CA LEU ZA 276 27.27 -15.91 153.56
C LEU ZA 276 26.10 -16.66 152.98
N ASP ZA 277 24.94 -16.09 153.06
CA ASP ZA 277 23.80 -16.63 152.33
C ASP ZA 277 24.01 -16.42 150.80
N VAL ZA 278 23.67 -17.33 149.95
CA VAL ZA 278 23.99 -17.11 148.53
C VAL ZA 278 22.77 -16.85 147.67
N ARG ZA 279 23.00 -16.24 146.52
CA ARG ZA 279 21.97 -16.08 145.48
C ARG ZA 279 22.11 -17.11 144.36
N GLY ZA 280 23.21 -17.87 144.39
CA GLY ZA 280 23.52 -18.87 143.35
C GLY ZA 280 24.64 -19.82 143.81
N THR ZA 281 24.69 -21.01 143.25
CA THR ZA 281 25.73 -21.98 143.65
C THR ZA 281 27.14 -21.43 143.34
N MET ZA 282 28.05 -21.62 144.29
CA MET ZA 282 29.43 -21.15 144.15
C MET ZA 282 30.44 -22.29 144.30
N LYS ZA 341 33.56 -40.74 131.72
CA LYS ZA 341 32.69 -40.25 130.66
C LYS ZA 341 32.46 -41.32 129.59
N ASP ZA 342 31.31 -41.24 128.92
CA ASP ZA 342 30.97 -42.21 127.89
C ASP ZA 342 29.67 -41.82 127.18
N VAL ZA 343 29.47 -42.34 125.98
CA VAL ZA 343 28.27 -42.05 125.21
C VAL ZA 343 27.45 -43.31 124.96
N ARG ZA 344 26.16 -43.13 124.74
CA ARG ZA 344 25.26 -44.26 124.48
C ARG ZA 344 24.11 -43.84 123.59
N PHE ZA 345 23.51 -44.80 122.89
CA PHE ZA 345 22.39 -44.53 122.00
C PHE ZA 345 21.27 -45.54 122.22
N GLU ZA 346 20.04 -45.09 122.03
CA GLU ZA 346 18.87 -45.95 122.21
C GLU ZA 346 17.64 -45.34 121.56
N GLU ZA 347 16.50 -45.83 121.66
CA GLU ZA 347 15.33 -45.20 121.10
C GLU ZA 347 14.11 -45.33 122.03
N SER ZA 348 13.22 -44.39 121.90
CA SER ZA 348 11.96 -44.47 122.60
C SER ZA 348 10.91 -43.90 121.66
N SER ZA 349 9.70 -43.73 122.15
CA SER ZA 349 8.60 -43.36 121.19
C SER ZA 349 8.91 -41.96 120.61
N SER ZA 350 9.53 -41.09 121.38
CA SER ZA 350 9.99 -39.79 120.86
C SER ZA 350 11.05 -39.99 119.72
N GLY ZA 351 11.54 -41.21 119.51
CA GLY ZA 351 12.55 -41.44 118.48
C GLY ZA 351 13.92 -41.89 119.01
N GLY ZA 352 14.97 -41.32 118.42
CA GLY ZA 352 16.35 -41.65 118.82
C GLY ZA 352 16.82 -40.83 120.00
N ARG ZA 353 17.52 -41.46 120.86
CA ARG ZA 353 17.98 -40.95 122.15
C ARG ZA 353 19.49 -41.17 122.31
N ILE ZA 354 20.16 -40.16 122.84
CA ILE ZA 354 21.61 -40.24 123.05
C ILE ZA 354 21.95 -40.01 124.51
N VAL ZA 355 22.02 -41.10 125.28
CA VAL ZA 355 22.36 -41.02 126.70
C VAL ZA 355 23.86 -40.86 126.90
N MET ZA 356 24.25 -39.71 127.44
CA MET ZA 356 25.66 -39.43 127.68
C MET ZA 356 25.97 -39.47 129.18
N LYS ZA 357 27.09 -40.10 129.53
CA LYS ZA 357 27.50 -40.19 130.92
C LYS ZA 357 28.51 -39.10 131.29
N LEU ZA 358 28.07 -38.16 132.12
CA LEU ZA 358 28.93 -37.06 132.54
C LEU ZA 358 29.28 -37.17 134.01
N SER ZA 359 30.46 -37.72 134.30
CA SER ZA 359 30.92 -37.88 135.67
C SER ZA 359 31.88 -36.77 136.06
N GLY ZA 360 31.43 -35.89 136.95
CA GLY ZA 360 32.26 -34.78 137.39
C GLY ZA 360 31.78 -33.44 136.88
N THR ZA 361 30.51 -33.38 136.50
CA THR ZA 361 29.92 -32.14 135.98
C THR ZA 361 28.84 -31.62 136.92
N SER ZA 362 28.69 -30.30 136.96
CA SER ZA 362 27.69 -29.67 137.80
C SER ZA 362 26.63 -28.97 136.97
N GLY ZA 363 26.99 -27.86 136.34
CA GLY ZA 363 26.05 -27.13 135.52
C GLY ZA 363 25.62 -27.91 134.29
N TRP ZA 364 25.35 -27.19 133.20
CA TRP ZA 364 24.92 -27.82 131.96
C TRP ZA 364 25.81 -27.39 130.79
N LYS ZA 365 26.05 -28.32 129.86
CA LYS ZA 365 26.89 -28.06 128.68
C LYS ZA 365 26.22 -27.10 127.70
N VAL ZA 366 26.91 -26.82 126.61
CA VAL ZA 366 26.39 -25.92 125.59
C VAL ZA 366 25.77 -26.70 124.44
N ASP ZA 367 24.45 -26.72 124.38
CA ASP ZA 367 23.74 -27.44 123.32
C ASP ZA 367 23.58 -26.57 122.08
N ARG ZA 368 24.17 -27.02 120.97
CA ARG ZA 368 24.09 -26.29 119.72
C ARG ZA 368 23.41 -27.12 118.64
N PRO ZA 369 22.12 -26.90 118.46
CA PRO ZA 369 21.35 -27.64 117.45
C PRO ZA 369 21.58 -27.05 116.07
N ASP ZA 370 22.30 -27.81 115.23
CA ASP ZA 370 22.59 -27.36 113.86
C ASP ZA 370 21.74 -28.12 112.86
N PRO ZA 371 21.74 -27.65 111.61
CA PRO ZA 371 20.97 -28.29 110.55
C PRO ZA 371 21.67 -29.55 110.06
N ARG ZA 372 22.94 -29.70 110.43
CA ARG ZA 372 23.72 -30.86 110.02
C ARG ZA 372 23.87 -31.86 111.17
N SER ZA 373 24.49 -31.41 112.25
CA SER ZA 373 24.68 -32.27 113.41
C SER ZA 373 24.47 -31.48 114.71
N ALA ZA 374 24.85 -32.09 115.83
CA ALA ZA 374 24.69 -31.44 117.13
C ALA ZA 374 26.05 -31.20 117.79
N VAL ZA 375 26.09 -30.25 118.71
CA VAL ZA 375 27.32 -29.92 119.41
C VAL ZA 375 27.08 -29.78 120.92
N LEU ZA 376 27.90 -30.47 121.71
CA LEU ZA 376 27.79 -30.42 123.16
C LEU ZA 376 29.15 -30.29 123.82
N THR ZA 377 29.42 -29.12 124.39
CA THR ZA 377 30.69 -28.86 125.06
C THR ZA 377 30.53 -28.91 126.57
N LEU ZA 378 31.50 -29.55 127.24
CA LEU ZA 378 31.47 -29.67 128.69
C LEU ZA 378 32.76 -29.14 129.31
N ASP ZA 379 32.72 -27.90 129.78
CA ASP ZA 379 33.90 -27.28 130.39
C ASP ZA 379 34.38 -28.10 131.59
N ASN ZA 380 35.69 -28.31 131.67
CA ASN ZA 380 36.28 -29.07 132.76
C ASN ZA 380 35.79 -30.51 132.74
N ALA ZA 381 35.43 -31.00 131.55
CA ALA ZA 381 34.94 -32.36 131.39
C ALA ZA 381 35.77 -33.11 130.35
N ARG ZA 382 36.99 -32.64 130.11
CA ARG ZA 382 37.87 -33.27 129.14
C ARG ZA 382 37.90 -34.78 129.32
N LEU ZA 383 37.41 -35.49 128.31
CA LEU ZA 383 37.38 -36.95 128.34
C LEU ZA 383 38.56 -37.54 127.58
N PRO ZA 384 39.03 -38.71 128.04
CA PRO ZA 384 40.17 -39.40 127.41
C PRO ZA 384 39.81 -39.97 126.05
N LYS ZA 385 40.81 -40.11 125.18
CA LYS ZA 385 40.60 -40.65 123.84
C LYS ZA 385 40.14 -42.10 123.90
N LYS ZA 386 40.24 -42.71 125.07
CA LYS ZA 386 39.84 -44.10 125.25
C LYS ZA 386 38.35 -44.19 125.58
N PHE ZA 387 37.66 -43.06 125.49
CA PHE ZA 387 36.22 -43.02 125.78
C PHE ZA 387 35.49 -42.21 124.71
N GLU ZA 388 36.20 -41.81 123.67
CA GLU ZA 388 35.60 -41.03 122.59
C GLU ZA 388 35.06 -41.93 121.50
N ARG ZA 389 34.75 -43.17 121.86
CA ARG ZA 389 34.22 -44.14 120.90
C ARG ZA 389 32.96 -43.61 120.23
N SER ZA 390 32.74 -44.02 118.99
CA SER ZA 390 31.57 -43.59 118.23
C SER ZA 390 30.54 -44.70 118.12
N LEU ZA 391 29.33 -44.35 117.72
CA LEU ZA 391 28.25 -45.32 117.57
C LEU ZA 391 28.13 -45.77 116.13
N ASP ZA 392 27.37 -46.85 115.90
CA ASP ZA 392 27.16 -47.38 114.56
C ASP ZA 392 25.68 -47.65 114.32
N THR ZA 393 24.83 -46.75 114.79
CA THR ZA 393 23.39 -46.89 114.61
C THR ZA 393 22.97 -46.51 113.20
N SER ZA 394 23.46 -47.25 112.22
CA SER ZA 394 23.13 -46.99 110.82
C SER ZA 394 21.92 -47.81 110.38
N ALA ZA 395 21.01 -47.16 109.67
CA ALA ZA 395 19.81 -47.83 109.18
C ALA ZA 395 18.93 -48.25 110.34
N LEU ZA 396 18.90 -47.45 111.40
CA LEU ZA 396 18.09 -47.75 112.58
C LEU ZA 396 16.72 -47.10 112.47
N ASP ZA 397 16.43 -46.50 111.33
CA ASP ZA 397 15.16 -45.85 111.10
C ASP ZA 397 14.94 -44.73 112.10
N THR ZA 398 15.96 -43.90 112.31
CA THR ZA 398 15.87 -42.79 113.24
C THR ZA 398 16.46 -41.52 112.64
N PRO ZA 399 16.11 -40.37 113.23
CA PRO ZA 399 16.59 -39.06 112.77
C PRO ZA 399 18.07 -38.86 113.03
N VAL ZA 400 18.64 -39.71 113.88
CA VAL ZA 400 20.05 -39.63 114.21
C VAL ZA 400 20.89 -40.53 113.32
N LYS ZA 401 21.65 -39.91 112.42
CA LYS ZA 401 22.51 -40.65 111.49
C LYS ZA 401 23.47 -41.55 112.25
N MET ZA 402 24.26 -40.96 113.14
CA MET ZA 402 25.23 -41.70 113.92
C MET ZA 402 25.89 -40.81 114.97
N ILE ZA 403 26.09 -41.34 116.16
CA ILE ZA 403 26.71 -40.59 117.25
C ILE ZA 403 28.24 -40.69 117.18
N SER ZA 404 28.90 -39.57 117.42
CA SER ZA 404 30.36 -39.54 117.38
C SER ZA 404 30.92 -38.73 118.56
N ALA ZA 405 31.80 -39.36 119.33
CA ALA ZA 405 32.40 -38.71 120.49
C ALA ZA 405 33.85 -38.31 120.20
N PHE ZA 406 34.22 -37.10 120.58
CA PHE ZA 406 35.57 -36.60 120.37
C PHE ZA 406 36.06 -35.80 121.57
N SER ZA 407 37.28 -36.09 122.02
CA SER ZA 407 37.85 -35.40 123.16
C SER ZA 407 38.36 -34.01 122.76
N VAL ZA 408 39.62 -33.90 122.36
CA VAL ZA 408 40.20 -32.59 122.08
C VAL ZA 408 39.48 -31.86 120.96
N PRO ZA 409 39.26 -30.56 121.15
CA PRO ZA 409 38.75 -29.78 120.01
C PRO ZA 409 39.30 -28.36 120.06
N GLY ZA 410 40.46 -28.18 120.71
CA GLY ZA 410 41.17 -26.91 120.60
C GLY ZA 410 40.96 -25.98 121.77
N ALA ZA 411 40.22 -26.40 122.77
CA ALA ZA 411 39.98 -25.60 123.97
C ALA ZA 411 40.39 -26.44 125.18
N GLY ZA 412 41.28 -25.90 126.02
CA GLY ZA 412 41.63 -26.62 127.23
C GLY ZA 412 40.40 -27.03 128.02
N GLY ZA 413 40.44 -28.24 128.56
CA GLY ZA 413 39.49 -28.84 129.47
C GLY ZA 413 38.10 -29.16 128.88
N LYS ZA 414 37.76 -28.68 127.70
CA LYS ZA 414 36.46 -28.84 127.07
C LYS ZA 414 36.32 -30.18 126.41
N VAL ZA 415 35.10 -30.69 126.31
CA VAL ZA 415 34.80 -31.86 125.47
C VAL ZA 415 33.68 -31.56 124.47
N ARG ZA 416 33.61 -32.43 123.46
CA ARG ZA 416 32.70 -32.11 122.35
C ARG ZA 416 31.98 -33.37 121.86
N LEU ZA 417 30.72 -33.21 121.48
CA LEU ZA 417 29.92 -34.33 121.00
C LEU ZA 417 29.33 -34.01 119.63
N VAL ZA 418 29.39 -34.97 118.72
CA VAL ZA 418 28.86 -34.80 117.37
C VAL ZA 418 27.78 -35.84 117.08
N VAL ZA 419 26.53 -35.38 116.99
CA VAL ZA 419 25.41 -36.26 116.71
C VAL ZA 419 24.79 -35.95 115.35
N ALA ZA 420 25.33 -36.56 114.30
CA ALA ZA 420 24.84 -36.34 112.95
C ALA ZA 420 23.36 -36.67 112.85
N ALA ZA 421 22.62 -35.85 112.10
CA ALA ZA 421 21.19 -36.06 111.92
C ALA ZA 421 20.79 -35.97 110.46
N ASP ZA 422 19.50 -36.10 110.19
CA ASP ZA 422 19.00 -36.03 108.82
C ASP ZA 422 17.56 -35.51 108.79
N GLY ZA 423 17.21 -34.84 107.70
CA GLY ZA 423 15.86 -34.31 107.58
C GLY ZA 423 15.46 -33.46 108.77
N ALA ZA 424 14.19 -33.04 108.80
CA ALA ZA 424 13.70 -32.21 109.88
C ALA ZA 424 13.60 -33.02 111.19
N ILE ZA 425 14.05 -32.42 112.27
CA ILE ZA 425 14.02 -33.07 113.58
C ILE ZA 425 14.05 -32.05 114.71
N GLU ZA 426 13.89 -32.52 115.94
CA GLU ZA 426 13.90 -31.64 117.10
C GLU ZA 426 14.77 -32.23 118.21
N GLU ZA 427 15.50 -31.36 118.90
CA GLU ZA 427 16.38 -31.79 119.99
C GLU ZA 427 15.72 -31.56 121.34
N LYS ZA 428 15.87 -32.52 122.24
CA LYS ZA 428 15.29 -32.42 123.58
C LYS ZA 428 16.25 -32.97 124.64
N VAL ZA 429 16.80 -32.07 125.44
CA VAL ZA 429 17.73 -32.46 126.50
C VAL ZA 429 16.99 -32.79 127.79
N SER ZA 430 17.45 -33.83 128.48
CA SER ZA 430 16.83 -34.25 129.73
C SER ZA 430 17.88 -34.54 130.80
N GLN ZA 431 17.70 -33.98 131.99
CA GLN ZA 431 18.64 -34.20 133.08
C GLN ZA 431 17.97 -34.94 134.23
N SER ZA 432 18.09 -36.26 134.23
CA SER ZA 432 17.51 -37.09 135.27
C SER ZA 432 18.33 -37.02 136.56
N ALA ZA 433 19.49 -36.37 136.48
CA ALA ZA 433 20.36 -36.23 137.64
C ALA ZA 433 21.58 -35.39 137.29
N GLY ZA 434 22.26 -34.86 138.33
CA GLY ZA 434 23.45 -34.04 138.17
C GLY ZA 434 24.66 -34.86 137.70
N THR ZA 435 24.68 -35.16 136.40
CA THR ZA 435 25.78 -35.94 135.84
C THR ZA 435 25.36 -36.75 134.64
N LEU ZA 436 24.08 -37.11 134.58
CA LEU ZA 436 23.57 -37.90 133.48
C LEU ZA 436 22.83 -37.02 132.47
N SER ZA 437 23.36 -36.95 131.26
CA SER ZA 437 22.77 -36.14 130.20
C SER ZA 437 22.11 -37.02 129.15
N TRP ZA 438 21.04 -36.51 128.53
CA TRP ZA 438 20.32 -37.24 127.50
C TRP ZA 438 19.86 -36.32 126.39
N ARG ZA 439 19.73 -36.86 125.18
CA ARG ZA 439 19.29 -36.08 124.03
C ARG ZA 439 18.27 -36.86 123.20
N LEU ZA 440 17.00 -36.48 123.32
CA LEU ZA 440 15.93 -37.14 122.58
C LEU ZA 440 15.77 -36.52 121.20
N TYR ZA 477 -6.42 -53.18 85.75
CA TYR ZA 477 -7.84 -52.85 86.01
C TYR ZA 477 -8.30 -53.62 87.23
N ARG ZA 478 -7.64 -53.33 88.34
CA ARG ZA 478 -8.06 -53.77 89.68
C ARG ZA 478 -7.27 -52.96 90.70
N GLY ZA 479 -7.94 -52.55 91.78
CA GLY ZA 479 -7.32 -51.67 92.75
C GLY ZA 479 -7.99 -51.64 94.13
N LYS ZA 480 -7.34 -50.99 95.10
CA LYS ZA 480 -8.02 -50.60 96.35
C LYS ZA 480 -9.20 -49.68 96.06
N ARG ZA 481 -10.19 -49.75 96.94
CA ARG ZA 481 -11.36 -48.86 96.96
C ARG ZA 481 -11.07 -47.52 97.58
N VAL ZA 482 -11.72 -46.53 97.01
CA VAL ZA 482 -11.39 -45.14 97.21
C VAL ZA 482 -12.64 -44.28 97.12
N SER ZA 483 -12.50 -43.01 97.50
CA SER ZA 483 -13.51 -41.99 97.23
C SER ZA 483 -12.78 -40.81 96.62
N PHE ZA 484 -13.14 -40.50 95.38
CA PHE ZA 484 -12.60 -39.38 94.63
C PHE ZA 484 -13.40 -38.13 94.72
N GLU ZA 485 -12.87 -37.13 95.39
CA GLU ZA 485 -13.52 -35.84 95.44
C GLU ZA 485 -12.58 -34.82 94.85
N PHE ZA 486 -12.97 -34.26 93.69
CA PHE ZA 486 -12.24 -33.25 92.93
C PHE ZA 486 -13.08 -32.05 92.61
N LYS ZA 487 -12.83 -30.96 93.32
CA LYS ZA 487 -13.57 -29.71 93.12
C LYS ZA 487 -12.76 -28.71 92.34
N ASP ZA 488 -12.93 -28.74 91.02
CA ASP ZA 488 -12.34 -27.75 90.10
C ASP ZA 488 -10.81 -27.89 90.18
N ILE ZA 489 -10.30 -29.00 89.64
CA ILE ZA 489 -8.86 -29.32 89.62
C ILE ZA 489 -8.40 -29.81 88.27
N ASP ZA 490 -7.14 -29.55 87.98
CA ASP ZA 490 -6.53 -30.00 86.74
C ASP ZA 490 -6.53 -31.51 86.66
N ILE ZA 491 -6.96 -32.08 85.54
CA ILE ZA 491 -6.93 -33.54 85.36
C ILE ZA 491 -5.50 -34.06 85.53
N GLN ZA 492 -4.50 -33.26 85.17
CA GLN ZA 492 -3.09 -33.55 85.43
C GLN ZA 492 -2.79 -33.71 86.93
N ASN ZA 493 -3.37 -32.85 87.76
CA ASN ZA 493 -3.27 -33.03 89.18
C ASN ZA 493 -3.98 -34.31 89.60
N LEU ZA 494 -5.23 -34.55 89.17
CA LEU ZA 494 -5.90 -35.80 89.56
C LEU ZA 494 -5.10 -37.01 89.16
N LEU ZA 495 -4.53 -36.97 87.99
CA LEU ZA 495 -3.64 -37.99 87.53
C LEU ZA 495 -2.47 -38.23 88.48
N ARG ZA 496 -1.68 -37.20 88.80
CA ARG ZA 496 -0.50 -37.30 89.68
C ARG ZA 496 -0.85 -37.83 91.03
N VAL ZA 497 -1.92 -37.27 91.56
CA VAL ZA 497 -2.49 -37.71 92.80
C VAL ZA 497 -2.76 -39.21 92.69
N ILE ZA 498 -3.41 -39.62 91.60
CA ILE ZA 498 -3.65 -41.02 91.34
C ILE ZA 498 -2.31 -41.77 91.20
N ALA ZA 499 -1.23 -41.28 90.60
CA ALA ZA 499 0.07 -41.96 90.72
C ALA ZA 499 0.70 -42.00 92.14
N GLU ZA 500 0.50 -40.97 92.98
CA GLU ZA 500 1.00 -40.86 94.35
C GLU ZA 500 0.37 -41.84 95.34
N ILE ZA 501 -0.77 -42.39 94.94
CA ILE ZA 501 -1.54 -43.43 95.62
C ILE ZA 501 -1.16 -44.84 95.02
N SER ZA 502 -0.07 -45.05 94.24
CA SER ZA 502 0.44 -46.37 93.72
C SER ZA 502 -0.44 -47.00 92.65
N LYS ZA 503 -1.35 -46.20 92.15
CA LYS ZA 503 -2.16 -46.48 90.99
C LYS ZA 503 -1.34 -46.20 89.77
N LYS ZA 504 -0.35 -47.08 89.57
CA LYS ZA 504 0.71 -46.96 88.59
C LYS ZA 504 1.60 -45.76 88.86
N ASN ZA 505 2.57 -45.54 87.98
CA ASN ZA 505 3.09 -44.20 87.76
C ASN ZA 505 2.35 -43.64 86.55
N ILE ZA 506 1.48 -42.67 86.77
CA ILE ZA 506 0.78 -42.00 85.68
C ILE ZA 506 1.55 -40.75 85.23
N VAL ZA 507 1.68 -40.55 83.91
CA VAL ZA 507 2.23 -39.35 83.26
C VAL ZA 507 1.32 -38.94 82.10
N VAL ZA 508 0.92 -37.66 82.01
CA VAL ZA 508 0.18 -37.17 80.84
C VAL ZA 508 1.15 -36.92 79.66
N ALA ZA 509 0.63 -36.52 78.49
CA ALA ZA 509 1.31 -35.57 77.61
C ALA ZA 509 1.52 -34.20 78.31
N ASP ZA 510 1.82 -33.11 77.62
CA ASP ZA 510 1.84 -31.80 78.29
C ASP ZA 510 0.40 -31.26 78.41
N ASP ZA 511 -0.14 -30.73 77.29
CA ASP ZA 511 -1.45 -30.10 77.31
C ASP ZA 511 -2.53 -31.11 76.91
N VAL ZA 512 -3.06 -31.76 77.93
CA VAL ZA 512 -4.11 -32.76 77.76
C VAL ZA 512 -5.51 -32.15 77.63
N SER ZA 513 -5.87 -31.12 78.41
CA SER ZA 513 -7.29 -30.77 78.55
C SER ZA 513 -7.46 -29.49 79.36
N GLY ZA 514 -7.64 -29.66 80.67
CA GLY ZA 514 -7.83 -28.59 81.62
C GLY ZA 514 -8.22 -29.16 82.97
N LYS ZA 515 -9.25 -28.51 83.51
CA LYS ZA 515 -9.81 -28.74 84.82
C LYS ZA 515 -11.15 -29.47 84.78
N VAL ZA 516 -11.40 -30.35 85.74
CA VAL ZA 516 -12.67 -31.09 85.90
C VAL ZA 516 -13.13 -31.17 87.35
N THR ZA 517 -14.44 -31.39 87.50
CA THR ZA 517 -15.08 -31.72 88.78
C THR ZA 517 -15.77 -33.08 88.77
N ILE ZA 518 -15.41 -33.94 89.73
CA ILE ZA 518 -16.08 -35.22 90.01
C ILE ZA 518 -16.14 -35.46 91.52
N ARG ZA 519 -17.10 -36.26 92.01
CA ARG ZA 519 -17.16 -36.77 93.39
C ARG ZA 519 -17.75 -38.17 93.56
N LEU ZA 520 -16.85 -39.08 93.81
CA LEU ZA 520 -17.08 -40.51 93.87
C LEU ZA 520 -16.99 -40.97 95.31
N ARG ZA 521 -17.77 -42.00 95.61
CA ARG ZA 521 -17.59 -42.75 96.85
C ARG ZA 521 -17.57 -44.24 96.56
N ASN ZA 522 -16.76 -44.95 97.34
CA ASN ZA 522 -16.64 -46.42 97.33
C ASN ZA 522 -16.29 -47.02 95.95
N VAL ZA 523 -15.45 -46.35 95.16
CA VAL ZA 523 -15.09 -46.82 93.81
C VAL ZA 523 -13.63 -47.19 93.84
N PRO ZA 524 -13.19 -48.41 93.45
CA PRO ZA 524 -11.81 -48.65 93.10
C PRO ZA 524 -11.33 -47.68 92.07
N TRP ZA 525 -10.10 -47.30 92.23
CA TRP ZA 525 -9.60 -46.20 91.47
C TRP ZA 525 -9.51 -46.37 89.97
N ASP ZA 526 -9.14 -47.58 89.55
CA ASP ZA 526 -8.86 -47.95 88.15
C ASP ZA 526 -10.12 -47.86 87.32
N GLN ZA 527 -11.22 -48.00 88.04
CA GLN ZA 527 -12.51 -47.64 87.57
C GLN ZA 527 -12.78 -46.14 87.69
N ALA ZA 528 -12.59 -45.50 88.86
CA ALA ZA 528 -12.83 -44.06 88.97
C ALA ZA 528 -12.07 -43.28 87.88
N LEU ZA 529 -10.89 -43.78 87.49
CA LEU ZA 529 -10.13 -43.44 86.29
C LEU ZA 529 -10.89 -43.63 85.00
N ASP ZA 530 -11.31 -44.84 84.60
CA ASP ZA 530 -12.06 -45.07 83.33
C ASP ZA 530 -13.24 -44.12 83.19
N LEU ZA 531 -13.86 -43.96 84.33
CA LEU ZA 531 -14.93 -43.06 84.56
C LEU ZA 531 -14.52 -41.57 84.43
N VAL ZA 532 -13.30 -41.19 84.85
CA VAL ZA 532 -12.75 -39.81 84.75
C VAL ZA 532 -12.51 -39.46 83.28
N LEU ZA 533 -11.93 -40.41 82.53
CA LEU ZA 533 -11.72 -40.36 81.07
C LEU ZA 533 -13.00 -39.90 80.34
N ARG ZA 534 -14.09 -40.62 80.62
CA ARG ZA 534 -15.43 -40.35 80.03
C ARG ZA 534 -16.08 -39.01 80.38
N THR ZA 535 -15.67 -38.47 81.54
CA THR ZA 535 -16.20 -37.16 81.95
C THR ZA 535 -15.84 -36.09 80.91
N LYS ZA 536 -14.55 -35.84 80.77
CA LYS ZA 536 -13.95 -34.78 79.93
C LYS ZA 536 -12.63 -35.25 79.35
N ALA ZA 537 -12.02 -35.99 80.26
CA ALA ZA 537 -10.66 -36.34 80.26
C ALA ZA 537 -10.42 -37.36 79.15
N LEU ZA 538 -9.24 -37.89 79.25
CA LEU ZA 538 -8.49 -38.42 78.13
C LEU ZA 538 -8.83 -39.87 77.84
N GLY ZA 539 -8.06 -40.55 77.00
CA GLY ZA 539 -7.89 -42.01 77.09
C GLY ZA 539 -6.53 -42.37 77.68
N LYS ZA 540 -6.40 -43.58 78.26
CA LYS ZA 540 -5.14 -44.06 78.86
C LYS ZA 540 -4.50 -45.17 78.02
N GLU ZA 541 -3.18 -45.10 77.86
CA GLU ZA 541 -2.33 -46.17 77.31
C GLU ZA 541 -1.22 -46.53 78.31
N GLU ZA 542 -1.05 -47.82 78.63
CA GLU ZA 542 -0.02 -48.26 79.57
C GLU ZA 542 1.20 -48.87 78.88
N PHE ZA 543 2.38 -48.35 79.19
CA PHE ZA 543 3.66 -48.99 78.87
C PHE ZA 543 3.99 -50.22 79.72
N GLY ZA 544 3.60 -50.15 80.99
CA GLY ZA 544 3.56 -51.25 81.96
C GLY ZA 544 3.84 -50.71 83.36
N ASN ZA 545 5.06 -50.19 83.54
CA ASN ZA 545 5.45 -49.48 84.77
C ASN ZA 545 4.85 -48.08 84.85
N ILE ZA 546 5.01 -47.33 83.75
CA ILE ZA 546 4.42 -46.02 83.55
C ILE ZA 546 3.23 -46.18 82.62
N ILE ZA 547 2.28 -45.27 82.72
CA ILE ZA 547 1.15 -45.16 81.81
C ILE ZA 547 1.17 -43.73 81.23
N ARG ZA 548 0.95 -43.59 79.93
CA ARG ZA 548 0.75 -42.30 79.29
C ARG ZA 548 -0.71 -42.02 79.04
N ILE ZA 549 -1.12 -40.80 79.38
CA ILE ZA 549 -2.46 -40.31 79.12
C ILE ZA 549 -2.41 -39.17 78.14
N ALA ZA 550 -3.22 -39.27 77.09
CA ALA ZA 550 -3.18 -38.30 76.01
C ALA ZA 550 -4.56 -37.74 75.67
N PRO ZA 551 -4.59 -36.50 75.16
CA PRO ZA 551 -5.75 -35.82 74.55
C PRO ZA 551 -6.14 -36.41 73.18
N ASP ZA 574 -22.24 -31.44 92.10
CA ASP ZA 574 -21.40 -32.59 91.80
C ASP ZA 574 -22.04 -33.64 90.90
N LEU ZA 575 -21.08 -34.28 90.25
CA LEU ZA 575 -21.23 -35.58 89.67
C LEU ZA 575 -20.80 -36.52 90.71
N MET ZA 576 -21.46 -37.65 90.63
CA MET ZA 576 -21.11 -38.66 91.55
C MET ZA 576 -21.14 -40.02 90.95
N VAL ZA 577 -20.41 -40.82 91.70
CA VAL ZA 577 -20.37 -42.23 91.47
C VAL ZA 577 -20.85 -42.94 92.67
N ASN ZA 578 -21.67 -43.93 92.34
CA ASN ZA 578 -22.33 -44.80 93.26
C ASN ZA 578 -22.30 -46.20 92.66
N LEU ZA 579 -22.02 -47.16 93.55
CA LEU ZA 579 -22.10 -48.59 93.28
C LEU ZA 579 -23.52 -49.03 93.63
N LEU ZA 580 -24.17 -49.68 92.69
CA LEU ZA 580 -25.45 -50.36 92.86
C LEU ZA 580 -25.14 -51.86 93.03
N PRO ZA 581 -25.44 -52.51 94.17
CA PRO ZA 581 -25.48 -53.96 94.16
C PRO ZA 581 -26.69 -54.41 93.34
N VAL ZA 582 -26.52 -55.47 92.57
CA VAL ZA 582 -27.62 -56.21 91.96
C VAL ZA 582 -27.64 -57.58 92.61
N ASN ZA 583 -28.52 -57.77 93.60
CA ASN ZA 583 -28.55 -59.05 94.30
C ASN ZA 583 -29.21 -60.14 93.47
N TYR ZA 584 -30.33 -59.80 92.82
CA TYR ZA 584 -31.21 -60.81 92.26
C TYR ZA 584 -31.04 -61.08 90.77
N ALA ZA 585 -31.00 -60.02 89.96
CA ALA ZA 585 -30.84 -60.13 88.51
C ALA ZA 585 -29.37 -60.19 88.06
N VAL ZA 586 -29.13 -60.58 86.82
CA VAL ZA 586 -27.83 -60.41 86.17
C VAL ZA 586 -27.69 -58.96 85.68
N ALA ZA 587 -26.49 -58.38 85.82
CA ALA ZA 587 -26.23 -57.00 85.41
C ALA ZA 587 -26.46 -56.73 83.90
N ALA ZA 588 -26.13 -57.71 83.05
CA ALA ZA 588 -26.27 -57.61 81.60
C ALA ZA 588 -27.72 -57.44 81.12
N ASP ZA 589 -28.71 -57.96 81.84
CA ASP ZA 589 -30.13 -57.81 81.51
C ASP ZA 589 -30.64 -56.37 81.66
N MET ZA 590 -30.03 -55.60 82.57
CA MET ZA 590 -30.24 -54.16 82.70
C MET ZA 590 -29.69 -53.35 81.52
N ALA ZA 591 -28.69 -53.88 80.79
CA ALA ZA 591 -27.91 -53.11 79.81
C ALA ZA 591 -28.77 -52.46 78.72
N ALA ZA 592 -29.81 -53.16 78.24
CA ALA ZA 592 -30.74 -52.62 77.23
C ALA ZA 592 -31.45 -51.35 77.74
N ARG ZA 593 -32.07 -51.43 78.92
CA ARG ZA 593 -32.79 -50.29 79.54
C ARG ZA 593 -31.89 -49.15 79.97
N VAL ZA 594 -30.73 -49.49 80.53
CA VAL ZA 594 -29.77 -48.49 81.01
C VAL ZA 594 -29.18 -47.72 79.83
N LYS ZA 595 -28.81 -48.42 78.74
CA LYS ZA 595 -28.37 -47.79 77.49
C LYS ZA 595 -29.43 -46.84 76.94
N ASP ZA 596 -30.68 -47.25 77.03
CA ASP ZA 596 -31.83 -46.44 76.57
C ASP ZA 596 -32.09 -45.14 77.36
N VAL ZA 597 -31.85 -45.07 78.69
CA VAL ZA 597 -31.84 -43.74 79.37
C VAL ZA 597 -30.70 -42.85 78.86
N LEU ZA 598 -29.47 -43.37 78.73
CA LEU ZA 598 -28.32 -42.54 78.40
C LEU ZA 598 -28.55 -41.77 77.11
N SER ZA 599 -29.09 -42.43 76.08
CA SER ZA 599 -29.21 -41.85 74.74
C SER ZA 599 -27.83 -41.28 74.31
N GLU ZA 600 -27.80 -40.06 73.79
CA GLU ZA 600 -26.58 -39.25 73.54
C GLU ZA 600 -26.17 -38.40 74.76
N ARG ZA 601 -26.52 -38.82 75.98
CA ARG ZA 601 -26.04 -38.16 77.20
C ARG ZA 601 -24.78 -38.81 77.78
N GLY ZA 602 -24.35 -37.99 78.73
CA GLY ZA 602 -23.24 -38.12 79.62
C GLY ZA 602 -23.64 -38.42 81.01
N SER ZA 603 -22.72 -39.16 81.55
CA SER ZA 603 -23.11 -40.38 82.20
C SER ZA 603 -22.51 -41.55 81.50
N VAL ZA 604 -22.26 -42.55 82.31
CA VAL ZA 604 -21.99 -43.89 81.87
C VAL ZA 604 -22.34 -44.88 82.95
N THR ZA 605 -22.39 -46.12 82.52
CA THR ZA 605 -22.55 -47.31 83.32
C THR ZA 605 -21.39 -48.29 83.06
N VAL ZA 606 -20.81 -48.84 84.13
CA VAL ZA 606 -19.76 -49.87 84.09
C VAL ZA 606 -20.23 -51.11 84.84
N ASP ZA 607 -20.06 -52.26 84.20
CA ASP ZA 607 -20.41 -53.54 84.78
C ASP ZA 607 -19.16 -54.19 85.36
N GLN ZA 608 -19.10 -54.31 86.69
CA GLN ZA 608 -18.05 -55.06 87.36
C GLN ZA 608 -18.40 -56.55 87.40
N ARG ZA 609 -17.35 -57.38 87.46
CA ARG ZA 609 -17.47 -58.85 87.42
C ARG ZA 609 -18.33 -59.48 88.50
N THR ZA 610 -18.35 -58.88 89.69
CA THR ZA 610 -19.14 -59.36 90.83
C THR ZA 610 -20.61 -58.90 90.77
N ASN ZA 611 -21.16 -58.70 89.56
CA ASN ZA 611 -22.53 -58.27 89.28
C ASN ZA 611 -22.95 -57.05 90.13
N VAL ZA 612 -22.12 -56.01 90.06
CA VAL ZA 612 -22.48 -54.67 90.55
C VAL ZA 612 -22.40 -53.70 89.38
N LEU ZA 613 -23.39 -52.81 89.29
CA LEU ZA 613 -23.31 -51.70 88.35
C LEU ZA 613 -22.66 -50.50 89.02
N ILE ZA 614 -21.89 -49.76 88.22
CA ILE ZA 614 -21.36 -48.47 88.64
C ILE ZA 614 -21.69 -47.41 87.63
N VAL ZA 615 -22.19 -46.30 88.15
CA VAL ZA 615 -22.56 -45.14 87.36
C VAL ZA 615 -21.73 -43.91 87.69
N LYS ZA 616 -21.11 -43.24 86.71
CA LYS ZA 616 -20.78 -41.81 86.88
C LYS ZA 616 -21.82 -41.08 86.11
N ASP ZA 617 -22.14 -39.92 86.66
CA ASP ZA 617 -22.93 -38.91 86.01
C ASP ZA 617 -23.23 -37.75 86.95
N VAL ZA 618 -23.95 -36.77 86.41
CA VAL ZA 618 -24.74 -35.84 87.22
C VAL ZA 618 -25.58 -36.64 88.23
N ARG ZA 619 -25.87 -36.05 89.39
CA ARG ZA 619 -26.82 -36.64 90.34
C ARG ZA 619 -28.16 -37.02 89.69
N SER ZA 620 -28.71 -36.17 88.81
CA SER ZA 620 -30.04 -36.40 88.23
C SER ZA 620 -30.08 -37.63 87.31
N ASN ZA 621 -29.05 -37.87 86.48
CA ASN ZA 621 -28.93 -39.11 85.71
C ASN ZA 621 -28.57 -40.33 86.59
N THR ZA 622 -27.74 -40.17 87.66
CA THR ZA 622 -27.52 -41.25 88.66
C THR ZA 622 -28.82 -41.74 89.30
N GLU ZA 623 -29.62 -40.77 89.75
CA GLU ZA 623 -30.89 -41.03 90.42
C GLU ZA 623 -31.81 -41.86 89.53
N ARG ZA 624 -31.96 -41.46 88.26
CA ARG ZA 624 -32.74 -42.21 87.28
C ARG ZA 624 -32.23 -43.64 87.12
N ALA ZA 625 -30.94 -43.79 86.85
CA ALA ZA 625 -30.33 -45.11 86.68
C ALA ZA 625 -30.52 -45.99 87.92
N ARG ZA 626 -30.32 -45.46 89.15
CA ARG ZA 626 -30.59 -46.21 90.39
C ARG ZA 626 -32.05 -46.64 90.50
N SER ZA 627 -33.00 -45.72 90.26
CA SER ZA 627 -34.42 -46.04 90.38
C SER ZA 627 -34.83 -47.18 89.44
N LEU ZA 628 -34.30 -47.21 88.21
CA LEU ZA 628 -34.57 -48.30 87.25
C LEU ZA 628 -33.88 -49.61 87.67
N VAL ZA 629 -32.59 -49.57 88.05
CA VAL ZA 629 -31.83 -50.76 88.47
C VAL ZA 629 -32.50 -51.38 89.68
N ARG ZA 630 -32.80 -50.60 90.73
CA ARG ZA 630 -33.49 -51.12 91.90
C ARG ZA 630 -34.90 -51.62 91.57
N SER ZA 631 -35.65 -50.91 90.73
CA SER ZA 631 -37.02 -51.30 90.36
C SER ZA 631 -37.06 -52.66 89.64
N LEU ZA 632 -36.15 -52.87 88.69
CA LEU ZA 632 -35.98 -54.17 88.04
C LEU ZA 632 -35.36 -55.23 88.93
N ASP ZA 633 -34.45 -54.84 89.84
CA ASP ZA 633 -33.95 -55.75 90.85
C ASP ZA 633 -35.23 -56.17 91.60
N THR ZA 634 -36.06 -55.27 92.17
CA THR ZA 634 -37.24 -55.63 93.00
C THR ZA 634 -38.24 -56.66 92.47
N GLN ZA 635 -38.49 -56.81 91.16
CA GLN ZA 635 -39.31 -57.93 90.68
C GLN ZA 635 -38.58 -59.30 90.69
N THR ZA 636 -37.27 -59.26 90.52
CA THR ZA 636 -36.33 -60.36 90.81
C THR ZA 636 -36.19 -60.90 92.27
N PRO ZA 637 -36.25 -60.12 93.38
CA PRO ZA 637 -36.39 -60.61 94.74
C PRO ZA 637 -37.64 -61.42 95.08
N GLN ZA 638 -38.78 -61.19 94.41
CA GLN ZA 638 -39.90 -62.11 94.63
C GLN ZA 638 -39.63 -63.43 93.90
N VAL ZA 639 -38.95 -64.32 94.61
CA VAL ZA 639 -38.62 -65.66 94.13
C VAL ZA 639 -39.76 -66.65 94.44
N CYS AB 5 46.88 57.58 3.59
CA CYS AB 5 46.80 56.20 4.03
C CYS AB 5 48.14 55.77 4.66
N GLU AB 6 48.23 54.54 5.19
CA GLU AB 6 49.50 53.85 5.44
C GLU AB 6 49.74 52.74 4.40
N GLU AB 7 50.97 52.67 3.90
CA GLU AB 7 51.46 51.83 2.79
C GLU AB 7 51.92 50.41 3.30
N PRO AB 8 52.52 49.51 2.48
CA PRO AB 8 52.72 48.07 2.76
C PRO AB 8 53.13 47.62 4.19
N PRO AB 9 54.37 47.91 4.59
CA PRO AB 9 54.54 48.76 5.77
C PRO AB 9 54.44 50.24 5.43
N ALA AB 10 54.22 51.05 6.46
CA ALA AB 10 54.16 52.51 6.41
C ALA AB 10 55.50 53.12 5.87
N PRO AB 11 55.79 54.42 6.04
CA PRO AB 11 57.15 54.96 5.80
C PRO AB 11 58.23 54.31 6.73
N ALA AB 12 59.26 55.00 7.25
CA ALA AB 12 60.32 54.30 8.02
C ALA AB 12 60.56 54.50 9.55
N PRO AB 13 60.12 55.55 10.30
CA PRO AB 13 60.48 55.68 11.74
C PRO AB 13 59.66 54.99 12.88
N PRO AB 14 58.52 54.29 12.69
CA PRO AB 14 58.26 53.33 11.64
C PRO AB 14 57.25 53.72 10.54
N PRO AB 15 56.63 54.94 10.43
CA PRO AB 15 56.26 55.96 11.40
C PRO AB 15 55.22 55.58 12.45
N ALA AB 16 55.24 56.37 13.52
CA ALA AB 16 54.20 56.60 14.52
C ALA AB 16 53.59 55.36 15.22
N LYS AB 17 53.60 54.15 14.64
CA LYS AB 17 52.96 52.95 15.22
C LYS AB 17 53.66 52.28 16.42
N PRO AB 18 54.72 52.86 17.03
CA PRO AB 18 54.94 52.68 18.47
C PRO AB 18 53.85 53.20 19.39
N LYS AB 19 53.16 54.28 19.00
CA LYS AB 19 52.11 54.89 19.84
C LYS AB 19 50.73 54.31 19.52
N ALA AB 20 50.48 54.03 18.24
CA ALA AB 20 49.27 53.31 17.82
C ALA AB 20 49.33 51.80 18.12
N ALA AB 21 50.36 51.09 17.62
CA ALA AB 21 50.65 49.68 18.00
C ALA AB 21 51.55 49.46 19.23
N ALA AB 22 51.49 50.31 20.27
CA ALA AB 22 51.84 49.92 21.66
C ALA AB 22 50.92 50.55 22.73
N ALA AB 23 49.90 51.28 22.25
CA ALA AB 23 48.75 51.65 23.05
C ALA AB 23 47.47 50.97 22.50
N VAL AB 24 47.60 50.23 21.38
CA VAL AB 24 46.85 49.00 21.09
C VAL AB 24 47.56 47.79 21.76
N PRO AB 25 48.12 46.79 21.03
CA PRO AB 25 48.37 45.42 21.56
C PRO AB 25 47.66 45.03 22.87
N VAL AB 26 46.32 45.00 22.91
CA VAL AB 26 45.38 44.99 21.77
C VAL AB 26 44.40 46.17 21.89
N LYS AB 27 43.08 45.93 21.77
CA LYS AB 27 42.08 46.73 22.53
C LYS AB 27 42.37 46.67 24.05
N ALA AB 28 43.21 45.69 24.44
CA ALA AB 28 43.33 44.99 25.71
C ALA AB 28 42.06 44.22 26.12
N ALA AB 29 40.90 44.85 25.97
CA ALA AB 29 39.72 44.67 26.81
C ALA AB 29 39.91 45.35 28.19
N PRO AB 30 40.75 44.85 29.08
CA PRO AB 30 41.02 43.40 29.16
C PRO AB 30 39.94 42.66 29.95
N THR AB 31 39.65 41.44 29.56
CA THR AB 31 38.60 40.65 30.19
C THR AB 31 39.13 39.88 31.40
N GLU AB 32 39.33 40.59 32.50
CA GLU AB 32 38.23 41.08 33.31
C GLU AB 32 37.31 39.94 33.74
N THR AB 33 37.71 38.71 33.42
CA THR AB 33 36.77 37.69 32.97
C THR AB 33 37.10 36.33 33.59
N GLY AB 34 37.26 35.33 32.73
CA GLY AB 34 36.49 34.10 32.85
C GLY AB 34 37.21 33.05 33.67
N ALA AB 35 37.28 33.27 34.98
CA ALA AB 35 38.22 32.54 35.83
C ALA AB 35 37.74 31.10 36.05
N GLN AB 36 38.61 30.27 36.61
CA GLN AB 36 38.26 28.90 36.94
C GLN AB 36 38.66 28.56 38.38
N ALA AB 37 37.97 27.60 38.96
CA ALA AB 37 38.14 27.28 40.38
C ALA AB 37 38.72 25.87 40.59
N ALA AB 38 39.56 25.72 41.63
CA ALA AB 38 39.97 24.42 42.18
C ALA AB 38 38.92 23.77 43.13
N PRO AB 39 37.74 24.40 43.25
CA PRO AB 39 37.16 24.81 44.56
C PRO AB 39 38.07 24.52 45.78
N SER AB 40 37.48 24.06 46.89
CA SER AB 40 38.18 23.49 48.05
C SER AB 40 37.35 22.33 48.60
N TYR AB 41 37.95 21.50 49.45
CA TYR AB 41 37.37 20.23 49.91
C TYR AB 41 37.39 20.16 51.44
N SER AB 42 36.33 19.59 52.02
CA SER AB 42 36.21 19.35 53.47
C SER AB 42 36.81 18.00 53.89
N TYR AB 43 36.95 17.79 55.20
CA TYR AB 43 37.58 16.62 55.80
C TYR AB 43 36.64 15.75 56.65
N VAL AB 44 36.98 14.47 56.83
CA VAL AB 44 36.12 13.42 57.41
C VAL AB 44 36.93 12.49 58.32
N TYR AB 45 36.40 11.87 59.38
CA TYR AB 45 35.22 12.15 60.21
C TYR AB 45 35.55 11.53 61.60
N ASN AB 46 34.98 12.06 62.70
CA ASN AB 46 35.34 11.60 64.05
C ASN AB 46 34.49 10.42 64.54
N PRO AB 47 35.06 9.20 64.52
CA PRO AB 47 34.80 8.26 65.63
C PRO AB 47 35.97 7.31 65.95
N VAL AB 48 35.91 6.82 67.18
CA VAL AB 48 35.71 5.37 67.41
C VAL AB 48 34.33 5.15 68.05
N GLY AB 49 33.65 4.08 67.64
CA GLY AB 49 32.35 3.70 68.20
C GLY AB 49 32.43 3.28 69.67
N LYS AB 50 31.27 3.12 70.31
CA LYS AB 50 31.13 2.60 71.68
C LYS AB 50 30.06 1.50 71.73
N ARG AB 51 30.14 0.62 72.71
CA ARG AB 51 29.23 -0.51 72.89
C ARG AB 51 28.51 -0.40 74.24
N ASP AB 52 27.25 -0.78 74.15
CA ASP AB 52 26.26 -1.09 75.17
C ASP AB 52 25.63 -2.43 74.63
N PRO AB 53 24.42 -2.29 74.05
CA PRO AB 53 24.14 -2.44 72.63
C PRO AB 53 25.30 -2.00 71.69
N PHE AB 54 25.73 -2.79 70.71
CA PHE AB 54 24.97 -3.88 70.10
C PHE AB 54 25.51 -5.26 70.50
N ARG AB 55 26.41 -5.39 71.49
CA ARG AB 55 26.98 -6.71 71.81
C ARG AB 55 25.93 -7.69 72.34
N SER AB 56 25.21 -7.35 73.41
CA SER AB 56 24.09 -8.21 73.86
C SER AB 56 23.01 -8.50 72.80
N PRO AB 57 22.44 -7.51 72.08
CA PRO AB 57 21.40 -7.78 71.10
C PRO AB 57 21.82 -8.51 69.80
N ILE AB 58 23.08 -8.93 69.61
CA ILE AB 58 23.48 -9.89 68.54
C ILE AB 58 24.54 -10.91 69.00
N ASP AB 59 25.55 -10.53 69.77
CA ASP AB 59 26.58 -11.44 70.30
C ASP AB 59 26.03 -12.34 71.44
N GLU AB 60 24.94 -11.94 72.12
CA GLU AB 60 24.23 -12.74 73.14
C GLU AB 60 22.86 -13.26 72.65
N LEU AB 61 22.15 -12.49 71.81
CA LEU AB 61 20.93 -12.96 71.14
C LEU AB 61 21.19 -13.99 70.03
N GLY AB 62 22.27 -13.84 69.26
CA GLY AB 62 22.63 -14.72 68.13
C GLY AB 62 22.97 -16.15 68.54
N PRO AB 63 23.54 -16.35 69.74
CA PRO AB 63 23.36 -17.55 70.57
C PRO AB 63 21.90 -17.73 71.05
N VAL AB 64 20.94 -17.89 70.13
CA VAL AB 64 19.49 -17.95 70.43
C VAL AB 64 19.20 -19.05 71.45
N ASN AB 65 18.98 -18.64 72.70
CA ASN AB 65 19.00 -19.51 73.87
C ASN AB 65 17.85 -19.15 74.80
N ALA AB 66 17.01 -20.14 75.10
CA ALA AB 66 15.94 -20.04 76.07
C ALA AB 66 15.97 -21.28 76.96
N ASN AB 67 15.67 -21.11 78.25
CA ASN AB 67 15.62 -22.19 79.22
C ASN AB 67 14.20 -22.24 79.86
N PRO AB 68 13.21 -22.87 79.19
CA PRO AB 68 11.80 -22.77 79.53
C PRO AB 68 11.42 -23.08 80.98
N VAL AB 69 10.39 -22.40 81.46
CA VAL AB 69 9.69 -22.73 82.71
C VAL AB 69 8.69 -23.86 82.56
N ALA AB 70 8.85 -24.92 83.35
CA ALA AB 70 7.85 -25.98 83.56
C ALA AB 70 7.83 -26.55 85.00
N ALA AB 71 8.86 -26.25 85.80
CA ALA AB 71 9.05 -26.78 87.14
C ALA AB 71 8.14 -26.12 88.20
N CYS AB 72 8.22 -26.64 89.42
CA CYS AB 72 7.81 -25.89 90.62
C CYS AB 72 8.77 -24.73 90.96
N ASN AB 73 8.19 -23.60 91.40
CA ASN AB 73 8.82 -22.28 91.46
C ASN AB 73 9.51 -21.92 92.80
N GLU AB 74 10.27 -22.80 93.47
CA GLU AB 74 9.75 -23.67 94.56
C GLU AB 74 8.59 -22.97 95.33
N PRO AB 75 7.33 -23.31 95.00
CA PRO AB 75 6.27 -22.33 94.88
C PRO AB 75 5.57 -22.08 96.22
N LEU AB 76 5.03 -23.12 96.85
CA LEU AB 76 4.11 -22.94 97.98
C LEU AB 76 4.86 -22.57 99.25
N CYS AB 77 6.13 -22.91 99.37
CA CYS AB 77 7.00 -22.35 100.41
C CYS AB 77 7.33 -20.85 100.25
N SER AB 78 6.86 -20.22 99.18
CA SER AB 78 6.86 -18.76 98.99
C SER AB 78 5.48 -18.09 99.23
N PHE AB 79 4.43 -18.84 99.61
CA PHE AB 79 3.07 -18.32 99.90
C PHE AB 79 2.52 -18.79 101.26
N ASP AB 80 1.71 -17.98 101.92
CA ASP AB 80 1.26 -18.24 103.31
C ASP AB 80 0.11 -19.26 103.39
N LEU AB 81 0.03 -20.04 104.48
CA LEU AB 81 -0.79 -21.27 104.50
C LEU AB 81 -2.30 -21.03 104.45
N ASP AB 82 -2.77 -19.95 105.09
CA ASP AB 82 -4.17 -19.54 105.14
C ASP AB 82 -4.62 -18.97 103.77
N GLN AB 83 -3.70 -18.72 102.83
CA GLN AB 83 -4.03 -18.37 101.43
C GLN AB 83 -4.42 -19.61 100.59
N LEU AB 84 -4.01 -20.81 101.01
CA LEU AB 84 -4.19 -22.07 100.27
C LEU AB 84 -5.55 -22.72 100.57
N LYS AB 85 -6.22 -23.25 99.53
CA LYS AB 85 -7.59 -23.81 99.65
C LYS AB 85 -7.67 -25.27 99.20
N LEU AB 86 -8.24 -26.16 100.03
CA LEU AB 86 -8.32 -27.58 99.69
C LEU AB 86 -9.37 -27.83 98.59
N VAL AB 87 -8.91 -28.30 97.43
CA VAL AB 87 -9.73 -28.58 96.24
C VAL AB 87 -10.42 -29.94 96.36
N ALA AB 88 -9.63 -30.96 96.70
CA ALA AB 88 -10.01 -32.36 96.63
C ALA AB 88 -9.05 -33.23 97.46
N VAL AB 89 -9.39 -34.52 97.60
CA VAL AB 89 -8.51 -35.55 98.16
C VAL AB 89 -8.64 -36.82 97.32
N VAL AB 90 -7.52 -37.48 97.06
CA VAL AB 90 -7.44 -38.79 96.41
C VAL AB 90 -6.97 -39.83 97.43
N THR AB 91 -7.51 -41.04 97.38
CA THR AB 91 -7.10 -42.14 98.26
C THR AB 91 -7.19 -43.45 97.48
N GLY AB 92 -6.16 -44.28 97.62
CA GLY AB 92 -6.01 -45.60 97.05
C GLY AB 92 -4.71 -46.24 97.54
N ASP AB 93 -4.32 -47.34 96.90
CA ASP AB 93 -3.19 -48.19 97.29
C ASP AB 93 -1.84 -47.45 97.33
N ALA AB 94 -1.70 -46.42 96.50
CA ALA AB 94 -0.56 -45.49 96.46
C ALA AB 94 -0.48 -44.48 97.64
N SER AB 95 -1.20 -44.73 98.75
CA SER AB 95 -1.40 -43.87 99.92
C SER AB 95 -2.28 -42.63 99.67
N PRO AB 96 -2.98 -42.08 100.69
CA PRO AB 96 -3.80 -40.88 100.53
C PRO AB 96 -2.96 -39.64 100.20
N VAL AB 97 -3.50 -38.80 99.30
CA VAL AB 97 -2.92 -37.52 98.85
C VAL AB 97 -3.96 -36.40 98.77
N ALA AB 98 -3.65 -35.24 99.33
CA ALA AB 98 -4.47 -34.04 99.27
C ALA AB 98 -4.17 -33.24 98.00
N MET AB 99 -5.16 -32.49 97.50
CA MET AB 99 -5.02 -31.54 96.40
C MET AB 99 -5.46 -30.13 96.84
N VAL AB 100 -4.57 -29.15 96.67
CA VAL AB 100 -4.71 -27.78 97.23
C VAL AB 100 -4.41 -26.69 96.19
N GLU AB 101 -5.09 -25.56 96.29
CA GLU AB 101 -5.10 -24.44 95.35
C GLU AB 101 -4.38 -23.21 95.92
N ASP AB 102 -3.52 -22.58 95.12
CA ASP AB 102 -2.70 -21.40 95.44
C ASP AB 102 -3.63 -20.15 95.42
N PRO AB 103 -3.25 -19.01 96.04
CA PRO AB 103 -3.87 -17.72 95.72
C PRO AB 103 -3.61 -17.29 94.25
N ALA AB 104 -2.58 -17.84 93.61
CA ALA AB 104 -2.32 -17.72 92.17
C ALA AB 104 -3.12 -18.73 91.29
N GLY AB 105 -4.02 -19.53 91.87
CA GLY AB 105 -4.91 -20.45 91.15
C GLY AB 105 -4.27 -21.73 90.61
N ARG AB 106 -3.00 -22.01 90.92
CA ARG AB 106 -2.38 -23.31 90.62
C ARG AB 106 -2.99 -24.42 91.51
N GLY AB 107 -3.14 -25.62 90.98
CA GLY AB 107 -3.30 -26.86 91.77
C GLY AB 107 -1.97 -27.55 92.12
N HIS AB 108 -1.90 -28.09 93.34
CA HIS AB 108 -0.78 -28.89 93.87
C HIS AB 108 -1.30 -30.20 94.45
N ILE AB 109 -0.40 -31.18 94.61
CA ILE AB 109 -0.70 -32.46 95.26
C ILE AB 109 0.37 -32.72 96.31
N VAL AB 110 -0.05 -32.99 97.55
CA VAL AB 110 0.83 -33.15 98.73
C VAL AB 110 0.23 -34.26 99.59
N ARG AB 111 1.09 -34.97 100.34
CA ARG AB 111 0.69 -36.14 101.14
C ARG AB 111 1.42 -36.22 102.47
N ARG AB 112 0.98 -37.11 103.37
CA ARG AB 112 1.56 -37.26 104.71
C ARG AB 112 3.10 -37.39 104.65
N ASN AB 113 3.79 -36.61 105.48
CA ASN AB 113 5.24 -36.33 105.54
C ASN AB 113 5.76 -35.18 104.64
N THR AB 114 5.08 -34.81 103.56
CA THR AB 114 5.42 -33.61 102.74
C THR AB 114 5.05 -32.28 103.42
N ARG AB 115 5.44 -31.15 102.80
CA ARG AB 115 5.22 -29.79 103.29
C ARG AB 115 4.58 -28.89 102.21
N MET AB 116 4.13 -27.72 102.65
CA MET AB 116 3.53 -26.63 101.88
C MET AB 116 3.70 -25.33 102.68
N GLY AB 117 3.58 -24.16 102.05
CA GLY AB 117 3.50 -22.87 102.75
C GLY AB 117 4.83 -22.32 103.32
N ARG AB 118 4.86 -21.01 103.60
CA ARG AB 118 6.04 -20.34 104.20
C ARG AB 118 6.36 -20.83 105.61
N GLN AB 119 5.35 -21.15 106.42
CA GLN AB 119 5.52 -21.80 107.72
C GLN AB 119 5.84 -23.31 107.62
N GLY AB 120 6.14 -23.84 106.43
CA GLY AB 120 6.59 -25.22 106.22
C GLY AB 120 5.57 -26.31 106.63
N GLY AB 121 4.28 -25.97 106.59
CA GLY AB 121 3.14 -26.77 107.04
C GLY AB 121 3.22 -28.22 106.60
N LYS AB 122 3.59 -29.11 107.53
CA LYS AB 122 3.81 -30.54 107.29
C LYS AB 122 2.47 -31.26 107.30
N VAL AB 123 2.15 -32.00 106.23
CA VAL AB 123 0.96 -32.86 106.19
C VAL AB 123 1.03 -34.01 107.20
N THR AB 124 0.08 -34.07 108.13
CA THR AB 124 0.07 -35.07 109.22
C THR AB 124 -1.18 -35.97 109.16
N GLN AB 125 -2.34 -35.46 108.73
CA GLN AB 125 -3.56 -36.25 108.47
C GLN AB 125 -4.23 -35.78 107.18
N ILE AB 126 -5.02 -36.66 106.56
CA ILE AB 126 -5.78 -36.39 105.33
C ILE AB 126 -7.14 -37.09 105.49
N LEU AB 127 -8.22 -36.32 105.63
CA LEU AB 127 -9.61 -36.80 105.62
C LEU AB 127 -10.22 -36.53 104.23
N ARG AB 128 -11.54 -36.68 104.06
CA ARG AB 128 -12.21 -36.45 102.76
C ARG AB 128 -12.70 -35.01 102.56
N ASP AB 129 -12.88 -34.34 103.67
CA ASP AB 129 -13.44 -33.01 103.89
C ASP AB 129 -12.42 -31.96 104.34
N SER AB 130 -11.24 -32.42 104.76
CA SER AB 130 -10.28 -31.65 105.53
C SER AB 130 -8.90 -32.32 105.62
N VAL AB 131 -7.85 -31.54 105.94
CA VAL AB 131 -6.45 -31.98 105.99
C VAL AB 131 -5.74 -31.30 107.16
N THR AB 132 -5.42 -32.06 108.20
CA THR AB 132 -4.52 -31.61 109.29
C THR AB 132 -3.05 -31.53 108.90
N VAL AB 133 -2.46 -30.37 109.18
CA VAL AB 133 -1.04 -30.07 108.98
C VAL AB 133 -0.39 -29.48 110.25
N THR AB 134 0.91 -29.65 110.40
CA THR AB 134 1.71 -28.97 111.45
C THR AB 134 2.60 -27.87 110.91
N GLU AB 135 2.30 -26.64 111.30
CA GLU AB 135 2.93 -25.41 110.82
C GLU AB 135 3.86 -24.81 111.88
N VAL AB 136 4.60 -23.77 111.51
CA VAL AB 136 5.72 -23.18 112.27
C VAL AB 136 5.53 -21.67 112.43
N PHE AB 137 4.93 -21.27 113.55
CA PHE AB 137 4.60 -19.86 113.85
C PHE AB 137 5.51 -19.28 114.94
N SER AB 138 5.77 -17.96 114.91
CA SER AB 138 6.49 -17.25 115.98
C SER AB 138 5.54 -16.73 117.05
N GLY AB 139 5.15 -17.60 117.99
CA GLY AB 139 4.27 -17.26 119.11
C GLY AB 139 4.99 -16.38 120.12
N ASN AB 140 4.71 -15.07 120.09
CA ASN AB 140 5.29 -14.06 120.98
C ASN AB 140 6.84 -13.99 120.99
N GLY AB 141 7.50 -14.57 119.98
CA GLY AB 141 8.95 -14.67 119.85
C GLY AB 141 9.50 -16.10 119.87
N GLU AB 142 8.76 -17.08 120.40
CA GLU AB 142 9.13 -18.50 120.29
C GLU AB 142 8.62 -19.12 118.98
N ILE AB 143 9.47 -19.91 118.32
CA ILE AB 143 9.02 -20.78 117.22
C ILE AB 143 8.27 -21.99 117.80
N ILE AB 144 6.97 -22.06 117.53
CA ILE AB 144 6.06 -23.10 118.05
C ILE AB 144 5.29 -23.80 116.91
N LYS AB 145 4.77 -24.99 117.21
CA LYS AB 145 3.90 -25.75 116.32
C LYS AB 145 2.49 -25.15 116.29
N ASN AB 146 1.91 -25.02 115.10
CA ASN AB 146 0.50 -24.67 114.91
C ASN AB 146 -0.26 -25.79 114.17
N PRO AB 147 -1.15 -26.55 114.85
CA PRO AB 147 -1.84 -27.73 114.27
C PRO AB 147 -3.11 -27.35 113.48
N VAL AB 148 -2.94 -26.66 112.35
CA VAL AB 148 -4.04 -26.21 111.47
C VAL AB 148 -4.72 -27.37 110.73
N THR AB 149 -6.01 -27.25 110.43
CA THR AB 149 -6.77 -28.21 109.60
C THR AB 149 -7.46 -27.45 108.47
N LEU AB 150 -6.94 -27.61 107.26
CA LEU AB 150 -7.48 -27.00 106.05
C LEU AB 150 -8.73 -27.76 105.60
N GLN AB 151 -9.92 -27.16 105.73
CA GLN AB 151 -11.16 -27.72 105.16
C GLN AB 151 -11.21 -27.59 103.63
N LEU AB 152 -12.03 -28.42 102.99
CA LEU AB 152 -12.43 -28.30 101.58
C LEU AB 152 -12.99 -26.89 101.28
N LYS AB 153 -13.06 -26.49 100.01
CA LYS AB 153 -13.60 -25.18 99.58
C LYS AB 153 -15.14 -25.18 99.31
N PRO AB 154 -15.98 -24.62 100.20
CA PRO AB 154 -17.36 -24.19 99.90
C PRO AB 154 -17.40 -22.67 99.62
N ASP AB 155 -18.60 -22.07 99.73
CA ASP AB 155 -18.74 -20.63 99.97
C ASP AB 155 -18.27 -20.24 101.38
N ALA AB 156 -17.49 -19.16 101.49
CA ALA AB 156 -16.99 -18.59 102.74
C ALA AB 156 -16.44 -17.18 102.51
N LYS AB 157 -16.46 -16.34 103.55
CA LYS AB 157 -15.84 -14.99 103.53
C LYS AB 157 -15.28 -14.61 104.90
N GLN AB 158 -14.10 -14.00 104.90
CA GLN AB 158 -13.46 -13.34 106.04
C GLN AB 158 -12.66 -12.13 105.54
N ASP AB 159 -12.18 -11.29 106.46
CA ASP AB 159 -11.34 -10.12 106.14
C ASP AB 159 -9.86 -10.46 105.92
N ASN BB 33 110.49 -107.52 134.31
CA ASN BB 33 109.64 -106.55 133.57
C ASN BB 33 108.71 -105.87 134.55
N THR BB 34 108.16 -104.74 134.13
CA THR BB 34 107.07 -104.10 134.87
C THR BB 34 105.73 -104.55 134.27
N LEU BB 35 105.47 -104.16 133.02
CA LEU BB 35 104.28 -104.59 132.34
C LEU BB 35 104.49 -106.00 131.81
N ARG BB 36 103.65 -106.95 132.22
CA ARG BB 36 103.77 -108.35 131.77
C ARG BB 36 102.78 -108.86 130.73
N GLY BB 37 101.60 -108.23 130.63
CA GLY BB 37 100.59 -108.58 129.62
C GLY BB 37 99.73 -107.36 129.36
N LEU BB 38 99.13 -107.36 128.18
CA LEU BB 38 98.30 -106.28 127.67
C LEU BB 38 97.12 -106.88 126.87
N ASP BB 39 95.90 -106.60 127.30
CA ASP BB 39 94.75 -107.20 126.64
C ASP BB 39 93.70 -106.14 126.24
N VAL BB 40 93.13 -106.31 125.04
CA VAL BB 40 92.02 -105.44 124.64
C VAL BB 40 90.75 -106.26 124.46
N SER BB 41 89.68 -105.89 125.16
CA SER BB 41 88.37 -106.53 124.99
C SER BB 41 87.38 -105.60 124.29
N ARG BB 42 87.40 -105.58 122.94
CA ARG BB 42 86.40 -104.76 122.21
C ARG BB 42 85.00 -105.26 122.42
N THR BB 43 84.08 -104.38 122.80
CA THR BB 43 82.68 -104.77 122.82
C THR BB 43 81.88 -103.51 122.56
N GLY BB 44 80.59 -103.64 122.21
CA GLY BB 44 79.75 -102.49 121.79
C GLY BB 44 79.38 -101.56 122.90
N SER BB 45 79.17 -102.06 124.10
CA SER BB 45 78.87 -101.21 125.24
C SER BB 45 80.07 -100.41 125.75
N GLY BB 46 81.26 -101.03 125.72
CA GLY BB 46 82.50 -100.41 126.11
C GLY BB 46 83.62 -101.33 125.65
N ALA BB 47 84.73 -100.75 125.19
CA ALA BB 47 85.93 -101.50 125.01
C ALA BB 47 86.82 -101.42 126.27
N GLN BB 48 87.31 -102.55 126.75
CA GLN BB 48 88.19 -102.56 127.90
C GLN BB 48 89.64 -102.76 127.47
N VAL BB 49 90.53 -101.91 127.99
CA VAL BB 49 91.95 -102.11 127.89
C VAL BB 49 92.50 -102.47 129.25
N VAL BB 50 93.24 -103.57 129.28
CA VAL BB 50 93.85 -104.05 130.50
C VAL BB 50 95.35 -104.08 130.31
N VAL BB 51 96.03 -103.57 131.32
CA VAL BB 51 97.48 -103.59 131.35
C VAL BB 51 97.87 -104.25 132.67
N THR BB 52 98.62 -105.34 132.58
CA THR BB 52 98.94 -106.11 133.77
C THR BB 52 100.41 -105.94 134.04
N GLY BB 53 100.79 -105.77 135.31
CA GLY BB 53 102.15 -105.43 135.66
C GLY BB 53 102.56 -105.97 137.03
N THR BB 54 103.84 -106.00 137.30
CA THR BB 54 104.35 -106.54 138.53
C THR BB 54 104.24 -105.62 139.72
N ARG BB 55 104.10 -104.31 139.48
CA ARG BB 55 103.93 -103.33 140.56
C ARG BB 55 102.79 -102.42 140.14
N PRO BB 56 102.09 -101.82 141.13
CA PRO BB 56 101.10 -100.83 140.85
C PRO BB 56 101.65 -99.65 139.99
N PRO BB 57 100.95 -99.33 138.92
CA PRO BB 57 101.41 -98.35 137.98
C PRO BB 57 100.91 -96.95 138.33
N THR BB 58 101.78 -95.96 138.28
CA THR BB 58 101.31 -94.56 138.27
C THR BB 58 100.97 -94.26 136.80
N PHE BB 59 99.86 -93.58 136.56
CA PHE BB 59 99.44 -93.33 135.20
C PHE BB 59 98.81 -91.97 135.24
N THR BB 60 98.61 -91.41 134.05
CA THR BB 60 97.78 -90.25 133.82
C THR BB 60 97.08 -90.55 132.51
N VAL BB 61 95.80 -90.23 132.47
CA VAL BB 61 95.01 -90.35 131.25
C VAL BB 61 94.49 -88.98 130.81
N PHE BB 62 94.59 -88.69 129.51
CA PHE BB 62 94.02 -87.47 128.98
C PHE BB 62 93.51 -87.62 127.54
N ARG BB 63 92.88 -86.58 126.99
CA ARG BB 63 92.26 -86.64 125.65
C ARG BB 63 93.01 -85.75 124.67
N LEU BB 64 92.89 -86.04 123.37
CA LEU BB 64 93.34 -85.09 122.35
C LEU BB 64 92.33 -85.11 121.21
N SER BB 65 92.37 -84.09 120.35
CA SER BB 65 91.46 -84.00 119.24
C SER BB 65 92.22 -83.88 117.94
N GLY BB 66 91.50 -83.95 116.81
CA GLY BB 66 92.07 -83.79 115.46
C GLY BB 66 93.28 -84.64 115.15
N PRO BB 67 93.16 -85.98 115.23
CA PRO BB 67 91.93 -86.81 115.47
C PRO BB 67 91.59 -87.06 116.96
N GLU BB 68 90.33 -87.32 117.27
CA GLU BB 68 89.99 -87.78 118.64
C GLU BB 68 90.91 -88.93 119.15
N ARG BB 69 91.47 -88.79 120.33
CA ARG BB 69 92.45 -89.73 120.84
C ARG BB 69 92.31 -89.82 122.32
N LEU BB 70 92.69 -90.96 122.88
CA LEU BB 70 92.83 -91.05 124.32
C LEU BB 70 94.29 -91.44 124.53
N VAL BB 71 94.91 -90.87 125.54
CA VAL BB 71 96.33 -91.09 125.77
C VAL BB 71 96.57 -91.52 127.20
N VAL BB 72 97.34 -92.58 127.38
CA VAL BB 72 97.68 -92.97 128.75
C VAL BB 72 99.17 -92.95 128.91
N ASP BB 73 99.65 -92.26 129.93
CA ASP BB 73 101.07 -92.30 130.32
C ASP BB 73 101.33 -93.19 131.55
N LEU BB 74 102.28 -94.11 131.40
CA LEU BB 74 102.56 -95.06 132.47
C LEU BB 74 103.99 -94.85 133.00
N SER BB 75 104.13 -94.71 134.30
CA SER BB 75 105.45 -94.49 134.97
C SER BB 75 105.96 -95.76 135.64
N SER BB 76 107.29 -95.78 135.77
CA SER BB 76 108.09 -96.95 136.15
C SER BB 76 108.08 -98.06 135.10
N ALA BB 77 106.91 -98.19 134.51
CA ALA BB 77 106.72 -99.18 133.45
C ALA BB 77 106.17 -98.49 132.21
N ASP BB 78 106.62 -98.96 131.05
CA ASP BB 78 106.13 -98.46 129.78
C ASP BB 78 105.45 -99.66 129.14
N ALA BB 79 104.11 -99.64 129.13
CA ALA BB 79 103.33 -100.72 128.56
C ALA BB 79 102.91 -100.38 127.12
N THR BB 80 103.32 -101.21 126.17
CA THR BB 80 102.98 -101.00 124.77
C THR BB 80 102.08 -102.12 124.27
N GLY BB 81 100.93 -101.76 123.74
CA GLY BB 81 100.00 -102.74 123.18
C GLY BB 81 99.93 -102.52 121.67
N ILE BB 82 99.98 -103.61 120.93
CA ILE BB 82 99.96 -103.54 119.47
C ILE BB 82 99.48 -104.82 118.87
N LYS BB 83 98.93 -104.72 117.74
CA LYS BB 83 98.45 -105.84 116.92
C LYS BB 83 97.29 -106.55 117.59
N GLY BB 84 96.97 -106.11 118.81
CA GLY BB 84 95.79 -106.57 119.53
C GLY BB 84 94.53 -105.79 119.13
N HIS BB 85 94.70 -104.70 118.39
CA HIS BB 85 93.55 -103.90 118.01
C HIS BB 85 92.87 -104.50 116.79
N HIS BB 86 91.64 -104.94 116.99
CA HIS BB 86 90.92 -105.63 115.95
C HIS BB 86 90.32 -104.64 114.99
N GLU BB 87 90.21 -105.04 113.73
CA GLU BB 87 89.57 -104.19 112.75
C GLU BB 87 88.12 -103.88 113.02
N GLY BB 88 87.55 -104.42 114.09
CA GLY BB 88 86.13 -104.25 114.41
C GLY BB 88 85.90 -103.78 115.84
N SER BB 89 86.94 -103.25 116.50
CA SER BB 89 86.76 -102.57 117.78
C SER BB 89 85.81 -101.36 117.55
N GLY BB 90 84.66 -101.32 118.27
CA GLY BB 90 83.76 -100.18 118.06
C GLY BB 90 84.33 -98.85 118.55
N PRO BB 91 85.35 -98.94 119.41
CA PRO BB 91 85.96 -97.72 120.01
C PRO BB 91 87.33 -97.36 119.46
N VAL BB 92 88.20 -98.35 119.32
CA VAL BB 92 89.61 -98.08 119.01
C VAL BB 92 89.91 -98.32 117.54
N SER BB 93 90.27 -97.22 116.85
CA SER BB 93 90.69 -97.27 115.45
C SER BB 93 92.12 -97.82 115.39
N GLY BB 94 92.99 -97.41 116.34
CA GLY BB 94 94.36 -97.95 116.43
C GLY BB 94 95.08 -97.56 117.72
N VAL BB 95 96.17 -98.25 118.04
CA VAL BB 95 96.93 -97.97 119.26
C VAL BB 95 98.43 -97.93 119.01
N VAL BB 96 99.07 -96.81 119.34
CA VAL BB 96 100.51 -96.65 119.18
C VAL BB 96 101.13 -96.50 120.57
N ALA BB 97 102.34 -97.01 120.73
CA ALA BB 97 103.02 -96.99 122.03
C ALA BB 97 104.48 -96.53 121.83
N SER BB 98 104.98 -95.64 122.71
CA SER BB 98 106.41 -95.32 122.75
C SER BB 98 106.96 -95.00 124.13
N GLN BB 99 108.14 -95.47 124.51
CA GLN BB 99 108.77 -95.20 125.79
C GLN BB 99 109.89 -94.18 125.69
N PHE BB 100 109.95 -93.20 126.60
CA PHE BB 100 111.08 -92.27 126.66
C PHE BB 100 111.76 -92.36 128.03
N SER BB 101 113.09 -92.12 128.03
CA SER BB 101 113.89 -92.20 129.26
C SER BB 101 114.02 -90.91 130.00
N ASP BB 102 113.98 -91.03 131.34
CA ASP BB 102 114.21 -89.92 132.26
C ASP BB 102 115.26 -90.48 133.24
N GLN BB 103 116.54 -90.12 133.07
CA GLN BB 103 117.58 -90.78 133.85
C GLN BB 103 117.47 -92.28 133.57
N ARG BB 104 117.51 -93.02 134.65
CA ARG BB 104 117.38 -94.47 134.53
C ARG BB 104 115.92 -94.92 134.48
N ALA BB 105 114.97 -93.99 134.62
CA ALA BB 105 113.55 -94.33 134.61
C ALA BB 105 112.96 -94.28 133.21
N SER BB 106 111.76 -94.82 133.07
CA SER BB 106 111.09 -94.89 131.77
C SER BB 106 109.63 -94.50 131.89
N VAL BB 107 109.15 -93.62 131.02
CA VAL BB 107 107.73 -93.25 130.85
C VAL BB 107 107.21 -93.76 129.53
N GLY BB 108 106.06 -94.62 129.55
CA GLY BB 108 105.54 -95.12 128.29
C GLY BB 108 104.26 -94.36 127.98
N ARG BB 109 104.09 -94.00 126.72
CA ARG BB 109 102.86 -93.33 126.33
C ARG BB 109 102.08 -94.24 125.42
N VAL BB 110 100.81 -94.46 125.77
CA VAL BB 110 99.88 -95.24 124.93
C VAL BB 110 98.88 -94.28 124.37
N LEU BB 111 98.69 -94.41 123.06
CA LEU BB 111 97.84 -93.52 122.28
C LEU BB 111 96.78 -94.31 121.53
N LEU BB 112 95.50 -94.05 121.85
CA LEU BB 112 94.39 -94.74 121.22
C LEU BB 112 93.61 -93.81 120.34
N ALA BB 113 93.78 -93.94 119.04
CA ALA BB 113 92.91 -93.20 118.10
C ALA BB 113 91.49 -93.81 118.13
N LEU BB 114 90.46 -92.95 118.22
CA LEU BB 114 89.07 -93.35 118.45
C LEU BB 114 88.16 -93.27 117.24
N ASP BB 115 87.10 -94.11 117.27
CA ASP BB 115 86.04 -94.19 116.24
C ASP BB 115 84.81 -93.42 116.69
N LYS BB 116 84.78 -93.00 117.95
CA LYS BB 116 83.63 -92.31 118.51
C LYS BB 116 84.02 -91.66 119.83
N ALA BB 117 83.26 -90.68 120.27
CA ALA BB 117 83.58 -89.97 121.50
C ALA BB 117 83.42 -90.88 122.72
N SER BB 118 84.40 -90.83 123.60
CA SER BB 118 84.39 -91.67 124.77
C SER BB 118 84.44 -90.88 126.07
N GLN BB 119 83.91 -91.52 127.10
CA GLN BB 119 84.11 -91.08 128.44
C GLN BB 119 84.94 -92.20 129.11
N TYR BB 120 86.27 -92.02 129.22
CA TYR BB 120 87.05 -93.12 129.79
C TYR BB 120 86.87 -93.22 131.27
N ASP BB 121 86.96 -94.44 131.79
CA ASP BB 121 86.98 -94.67 133.23
C ASP BB 121 88.15 -95.62 133.54
N VAL BB 122 89.05 -95.17 134.40
CA VAL BB 122 90.25 -95.90 134.77
C VAL BB 122 90.23 -96.32 136.23
N ARG BB 123 90.62 -97.56 136.51
CA ARG BB 123 90.76 -98.00 137.91
C ARG BB 123 91.83 -99.02 137.98
N ALA BB 124 92.41 -99.17 139.15
CA ALA BB 124 93.50 -100.11 139.35
C ALA BB 124 92.96 -101.24 140.18
N ASP BB 125 93.53 -102.42 140.04
CA ASP BB 125 93.24 -103.56 140.90
C ASP BB 125 94.48 -104.44 140.91
N GLY BB 126 95.20 -104.41 142.02
CA GLY BB 126 96.42 -105.19 142.14
C GLY BB 126 97.47 -104.71 141.15
N ASN BB 127 97.87 -105.59 140.24
CA ASN BB 127 98.87 -105.25 139.23
C ASN BB 127 98.21 -104.98 137.90
N ARG BB 128 96.89 -104.85 137.90
CA ARG BB 128 96.18 -104.58 136.65
C ARG BB 128 95.61 -103.17 136.66
N VAL BB 129 95.84 -102.47 135.56
CA VAL BB 129 95.25 -101.17 135.34
C VAL BB 129 94.23 -101.38 134.27
N VAL BB 130 93.00 -100.99 134.57
CA VAL BB 130 91.91 -101.14 133.62
C VAL BB 130 91.39 -99.78 133.07
N ILE BB 131 91.30 -99.66 131.76
CA ILE BB 131 90.64 -98.51 131.19
C ILE BB 131 89.43 -98.90 130.39
N SER BB 132 88.25 -98.47 130.79
CA SER BB 132 87.06 -98.78 129.99
C SER BB 132 86.59 -97.55 129.23
N VAL BB 133 86.39 -97.72 127.93
CA VAL BB 133 86.02 -96.62 127.08
C VAL BB 133 84.56 -96.75 126.85
N ASP BB 134 83.77 -95.90 127.50
CA ASP BB 134 82.31 -95.87 127.28
C ASP BB 134 81.91 -94.81 126.23
N GLY BB 135 80.79 -94.98 125.52
CA GLY BB 135 80.37 -93.85 124.68
C GLY BB 135 79.96 -92.59 125.46
N THR BB 136 78.68 -92.23 125.40
CA THR BB 136 78.16 -91.08 126.11
C THR BB 136 77.21 -91.48 127.24
N SER BB 137 76.96 -92.78 127.37
CA SER BB 137 76.08 -93.31 128.43
C SER BB 137 76.97 -93.75 129.59
N GLN BB 138 76.89 -93.01 130.70
CA GLN BB 138 77.73 -93.29 131.86
C GLN BB 138 77.15 -94.14 133.00
N SER BB 139 75.83 -94.29 133.05
CA SER BB 139 75.25 -95.05 134.15
C SER BB 139 73.88 -95.60 133.81
N VAL BB 140 73.66 -96.87 134.16
CA VAL BB 140 72.37 -97.50 133.94
C VAL BB 140 71.77 -97.68 135.32
N ASP BB 214 60.56 -61.28 113.02
CA ASP BB 214 59.30 -61.86 112.50
C ASP BB 214 59.50 -63.19 111.76
N ASP BB 215 60.67 -63.33 111.11
CA ASP BB 215 60.98 -64.48 110.28
C ASP BB 215 61.29 -65.65 111.20
N THR BB 216 61.87 -65.35 112.37
CA THR BB 216 62.39 -66.30 113.34
C THR BB 216 63.01 -65.49 114.49
N LEU BB 217 62.75 -65.99 115.69
CA LEU BB 217 63.41 -65.48 116.89
C LEU BB 217 64.57 -66.44 117.21
N SER BB 218 65.73 -65.83 117.42
CA SER BB 218 66.94 -66.59 117.74
C SER BB 218 67.26 -66.46 119.24
N ILE BB 219 67.54 -67.61 119.83
CA ILE BB 219 68.01 -67.68 121.23
C ILE BB 219 69.47 -68.16 121.19
N ARG BB 220 70.33 -67.38 121.80
CA ARG BB 220 71.76 -67.70 121.87
C ARG BB 220 72.18 -67.90 123.32
N ALA BB 221 72.87 -69.02 123.54
CA ALA BB 221 73.43 -69.35 124.86
C ALA BB 221 74.94 -69.53 124.68
N ASP BB 222 75.69 -68.62 125.29
CA ASP BB 222 77.15 -68.65 125.18
C ASP BB 222 77.73 -69.25 126.47
N GLY BB 223 78.66 -70.18 126.28
CA GLY BB 223 79.30 -70.90 127.39
C GLY BB 223 80.28 -71.93 126.84
N ASP BB 224 81.00 -72.54 127.76
CA ASP BB 224 82.01 -73.58 127.45
C ASP BB 224 81.44 -74.87 126.83
N ILE BB 225 80.27 -75.26 127.31
CA ILE BB 225 79.64 -76.52 126.92
C ILE BB 225 79.20 -76.52 125.42
N ALA BB 226 78.15 -77.24 125.00
CA ALA BB 226 77.14 -77.90 125.83
C ALA BB 226 76.49 -79.08 125.22
N ARG BB 227 76.22 -80.05 126.07
CA ARG BB 227 75.28 -81.09 125.65
C ARG BB 227 73.87 -80.62 126.01
N TYR BB 228 72.98 -80.76 125.03
CA TYR BB 228 71.59 -80.30 125.19
C TYR BB 228 70.62 -81.30 124.57
N GLU BB 229 69.36 -81.15 124.96
CA GLU BB 229 68.24 -81.82 124.30
C GLU BB 229 67.09 -80.83 124.20
N VAL BB 230 66.45 -80.81 123.04
CA VAL BB 230 65.30 -79.94 122.80
C VAL BB 230 64.07 -80.79 122.50
N LEU BB 231 62.94 -80.35 123.03
CA LEU BB 231 61.66 -81.03 122.80
C LEU BB 231 60.50 -80.05 122.99
N GLU BB 232 59.32 -80.48 122.55
CA GLU BB 232 58.09 -79.71 122.61
C GLU BB 232 57.08 -80.18 123.68
N LEU BB 233 56.26 -79.25 124.13
CA LEU BB 233 55.12 -79.55 125.01
C LEU BB 233 53.90 -78.79 124.50
N ALA BB 234 52.73 -79.30 124.84
CA ALA BB 234 51.46 -78.65 124.46
C ALA BB 234 50.64 -78.28 125.70
N ASP BB 235 49.63 -77.43 125.48
CA ASP BB 235 48.70 -77.01 126.53
C ASP BB 235 49.44 -76.47 127.79
N PRO BB 236 50.10 -75.32 127.65
CA PRO BB 236 50.20 -74.52 126.42
C PRO BB 236 51.40 -74.98 125.58
N PRO BB 237 51.41 -74.57 124.31
CA PRO BB 237 52.54 -74.86 123.41
C PRO BB 237 53.82 -74.26 123.98
N ARG BB 238 54.85 -75.09 124.01
CA ARG BB 238 56.14 -74.76 124.65
C ARG BB 238 57.29 -75.44 123.93
N LEU BB 239 58.45 -74.81 123.97
CA LEU BB 239 59.69 -75.45 123.55
C LEU BB 239 60.61 -75.48 124.78
N ALA BB 240 61.20 -76.64 125.01
CA ALA BB 240 62.05 -76.85 126.20
C ALA BB 240 63.45 -77.31 125.79
N VAL BB 241 64.44 -76.69 126.39
CA VAL BB 241 65.84 -77.07 126.19
C VAL BB 241 66.44 -77.44 127.55
N ASP BB 242 67.07 -78.61 127.59
CA ASP BB 242 67.84 -79.03 128.76
C ASP BB 242 69.32 -78.97 128.42
N LEU BB 243 70.05 -78.30 129.30
CA LEU BB 243 71.49 -78.10 129.14
C LEU BB 243 72.23 -78.84 130.26
N PHE BB 244 73.25 -79.57 129.86
CA PHE BB 244 74.04 -80.31 130.85
C PHE BB 244 75.43 -79.73 131.03
N GLY BB 245 75.97 -80.06 132.21
CA GLY BB 245 77.24 -79.51 132.69
C GLY BB 245 77.09 -78.03 133.06
N VAL BB 246 75.85 -77.63 133.38
CA VAL BB 246 75.57 -76.25 133.82
C VAL BB 246 74.97 -76.25 135.21
N GLY BB 247 75.44 -75.26 135.96
CA GLY BB 247 74.79 -74.87 137.22
C GLY BB 247 74.10 -73.53 136.96
N LEU BB 248 72.87 -73.44 137.45
CA LEU BB 248 72.07 -72.21 137.33
C LEU BB 248 72.84 -71.03 137.95
N ALA BB 249 72.73 -69.87 137.32
CA ALA BB 249 73.47 -68.69 137.79
C ALA BB 249 72.75 -67.41 137.38
N THR BB 250 73.14 -66.33 138.02
CA THR BB 250 72.53 -65.02 137.81
C THR BB 250 72.54 -64.63 136.34
N ARG BB 251 73.52 -65.09 135.54
CA ARG BB 251 73.54 -64.79 134.10
C ARG BB 251 72.36 -65.41 133.33
N ALA BB 252 71.68 -66.35 133.98
CA ALA BB 252 70.42 -66.92 133.45
C ALA BB 252 69.45 -65.78 133.01
N PRO BB 253 69.35 -64.64 133.69
CA PRO BB 253 68.49 -63.48 133.37
C PRO BB 253 68.68 -62.93 131.99
N ARG BB 254 69.90 -63.00 131.45
CA ARG BB 254 70.13 -62.60 130.05
C ARG BB 254 69.21 -63.41 129.10
N VAL BB 255 68.64 -64.47 129.64
CA VAL BB 255 67.66 -65.35 129.00
C VAL BB 255 66.35 -64.61 128.67
N LYS BB 256 66.06 -63.53 129.39
CA LYS BB 256 64.82 -62.77 129.18
C LYS BB 256 64.69 -62.29 127.73
N SER BB 257 65.84 -62.17 127.07
CA SER BB 257 65.94 -61.73 125.66
C SER BB 257 65.26 -62.67 124.67
N GLY BB 258 65.01 -63.90 125.12
CA GLY BB 258 64.61 -64.89 124.17
C GLY BB 258 63.22 -65.40 124.35
N ALA BB 259 62.37 -64.91 125.29
CA ALA BB 259 60.93 -65.23 125.41
C ALA BB 259 60.07 -64.77 124.22
N LEU BB 260 59.02 -65.48 123.75
CA LEU BB 260 58.53 -66.84 123.99
C LEU BB 260 57.20 -66.80 124.66
N ARG BB 261 56.42 -65.77 124.35
CA ARG BB 261 55.40 -65.26 125.29
C ARG BB 261 56.06 -64.99 126.68
N ASP BB 262 56.98 -65.85 127.12
CA ASP BB 262 57.83 -65.94 128.29
C ASP BB 262 58.81 -67.14 128.23
N VAL BB 263 59.82 -66.97 129.04
CA VAL BB 263 60.87 -67.97 129.28
C VAL BB 263 61.12 -68.15 130.78
N ARG BB 264 61.05 -69.39 131.23
CA ARG BB 264 61.39 -69.74 132.60
C ARG BB 264 62.53 -70.75 132.63
N VAL BB 265 63.39 -70.61 133.63
CA VAL BB 265 64.59 -71.44 133.75
C VAL BB 265 64.69 -71.98 135.18
N GLY BB 266 65.18 -73.22 135.29
CA GLY BB 266 65.39 -73.86 136.59
C GLY BB 266 66.44 -74.96 136.48
N ALA BB 267 66.60 -75.68 137.58
CA ALA BB 267 67.58 -76.77 137.67
C ALA BB 267 67.20 -77.70 138.83
N HIS BB 268 67.56 -78.96 138.67
CA HIS BB 268 67.25 -79.99 139.67
C HIS BB 268 68.43 -80.93 139.88
N ALA BB 269 69.49 -80.38 140.47
CA ALA BB 269 70.72 -81.13 140.74
C ALA BB 269 71.20 -81.89 139.49
N ASP BB 270 70.96 -81.25 138.36
CA ASP BB 270 71.55 -81.81 137.16
C ASP BB 270 72.39 -80.75 136.41
N LYS BB 271 72.04 -80.00 135.37
CA LYS BB 271 70.92 -79.94 134.36
C LYS BB 271 70.03 -78.74 134.59
N VAL BB 272 70.13 -77.83 133.64
CA VAL BB 272 69.26 -76.66 133.62
C VAL BB 272 68.21 -76.87 132.52
N ARG BB 273 67.00 -76.46 132.84
CA ARG BB 273 65.89 -76.54 131.88
C ARG BB 273 65.38 -75.14 131.57
N LEU BB 274 65.34 -74.87 130.27
CA LEU BB 274 64.81 -73.61 129.74
C LEU BB 274 63.50 -73.93 129.02
N VAL BB 275 62.48 -73.18 129.41
CA VAL BB 275 61.11 -73.39 128.92
C VAL BB 275 60.62 -72.08 128.28
N LEU BB 276 60.19 -72.22 127.06
CA LEU BB 276 59.70 -71.14 126.17
C LEU BB 276 58.23 -71.35 125.86
N ASP BB 277 57.39 -70.58 126.48
CA ASP BB 277 55.99 -70.58 126.08
C ASP BB 277 55.85 -69.93 124.67
N VAL BB 278 55.02 -70.41 123.80
CA VAL BB 278 55.01 -69.83 122.45
C VAL BB 278 53.76 -69.02 122.15
N ARG BB 279 53.87 -68.14 121.17
CA ARG BB 279 52.72 -67.42 120.62
C ARG BB 279 52.21 -68.02 119.31
N GLY BB 280 52.97 -68.99 118.78
CA GLY BB 280 52.65 -69.64 117.49
C GLY BB 280 53.47 -70.93 117.30
N THR BB 281 52.98 -71.84 116.50
CA THR BB 281 53.71 -73.11 116.28
C THR BB 281 55.09 -72.84 115.64
N MET BB 282 56.10 -73.53 116.15
CA MET BB 282 57.47 -73.38 115.65
C MET BB 282 58.04 -74.74 115.17
N LYS BB 341 51.54 -88.28 98.36
CA LYS BB 341 50.63 -87.28 97.81
C LYS BB 341 49.80 -87.85 96.68
N ASP BB 342 48.61 -87.30 96.49
CA ASP BB 342 47.70 -87.76 95.44
C ASP BB 342 46.48 -86.86 95.34
N VAL BB 343 45.80 -86.91 94.19
CA VAL BB 343 44.61 -86.10 93.97
C VAL BB 343 43.39 -86.98 93.74
N ARG BB 344 42.21 -86.44 94.02
CA ARG BB 344 40.96 -87.18 93.84
C ARG BB 344 39.81 -86.23 93.53
N PHE BB 345 38.79 -86.75 92.86
CA PHE BB 345 37.62 -85.94 92.51
C PHE BB 345 36.32 -86.67 92.86
N GLU BB 346 35.30 -85.90 93.22
CA GLU BB 346 34.01 -86.47 93.59
C GLU BB 346 32.92 -85.41 93.56
N GLU BB 347 31.74 -85.63 93.94
CA GLU BB 347 30.75 -84.58 93.98
C GLU BB 347 29.85 -84.72 95.22
N SER BB 348 29.31 -83.60 95.63
CA SER BB 348 28.33 -83.61 96.68
C SER BB 348 27.32 -82.52 96.33
N SER BB 349 26.39 -82.24 97.23
CA SER BB 349 25.27 -81.34 96.82
C SER BB 349 25.85 -79.94 96.52
N SER BB 350 26.92 -79.54 97.20
CA SER BB 350 27.62 -78.29 96.87
C SER BB 350 28.21 -78.35 95.42
N GLY BB 351 28.20 -79.52 94.78
CA GLY BB 351 28.78 -79.63 93.44
C GLY BB 351 30.01 -80.53 93.35
N GLY BB 352 31.00 -80.08 92.58
CA GLY BB 352 32.25 -80.83 92.37
C GLY BB 352 33.26 -80.58 93.48
N ARG BB 353 33.90 -81.59 93.88
CA ARG BB 353 34.83 -81.66 95.00
C ARG BB 353 36.17 -82.27 94.58
N ILE BB 354 37.25 -81.68 95.06
CA ILE BB 354 38.59 -82.16 94.74
C ILE BB 354 39.36 -82.52 96.00
N VAL BB 355 39.27 -83.78 96.42
CA VAL BB 355 39.96 -84.24 97.62
C VAL BB 355 41.43 -84.51 97.32
N MET BB 356 42.32 -83.73 97.94
CA MET BB 356 43.74 -83.89 97.73
C MET BB 356 44.41 -84.48 98.97
N LYS BB 357 45.31 -85.44 98.76
CA LYS BB 357 46.02 -86.08 99.86
C LYS BB 357 47.38 -85.43 100.10
N LEU BB 358 47.50 -84.74 101.22
CA LEU BB 358 48.75 -84.07 101.56
C LEU BB 358 49.42 -84.74 102.76
N SER BB 359 50.40 -85.60 102.48
CA SER BB 359 51.12 -86.32 103.53
C SER BB 359 52.46 -85.64 103.82
N GLY BB 360 52.57 -85.02 104.98
CA GLY BB 360 53.81 -84.35 105.36
C GLY BB 360 53.67 -82.85 105.36
N THR BB 361 52.45 -82.36 105.47
CA THR BB 361 52.18 -80.93 105.49
C THR BB 361 51.61 -80.49 106.84
N SER BB 362 51.92 -79.25 107.23
CA SER BB 362 51.45 -78.72 108.50
C SER BB 362 50.48 -77.56 108.28
N GLY BB 363 51.01 -76.43 107.82
CA GLY BB 363 50.19 -75.26 107.57
C GLY BB 363 49.22 -75.47 106.43
N TRP BB 364 48.93 -74.40 105.71
CA TRP BB 364 48.00 -74.47 104.57
C TRP BB 364 48.65 -73.92 103.31
N LYS BB 365 48.32 -74.52 102.16
CA LYS BB 365 48.86 -74.10 100.86
C LYS BB 365 48.30 -72.74 100.42
N VAL BB 366 48.74 -72.28 99.25
CA VAL BB 366 48.30 -71.00 98.72
C VAL BB 366 47.18 -71.21 97.70
N ASP BB 367 45.95 -70.89 98.10
CA ASP BB 367 44.80 -71.04 97.22
C ASP BB 367 44.61 -69.80 96.34
N ARG BB 368 44.70 -69.99 95.03
CA ARG BB 368 44.55 -68.89 94.09
C ARG BB 368 43.38 -69.15 93.15
N PRO BB 369 42.23 -68.58 93.48
CA PRO BB 369 41.03 -68.75 92.67
C PRO BB 369 41.06 -67.82 91.46
N ASP BB 370 41.25 -68.41 90.28
CA ASP BB 370 41.30 -67.63 89.04
C ASP BB 370 40.02 -67.80 88.23
N PRO BB 371 39.85 -66.95 87.22
CA PRO BB 371 38.66 -67.02 86.38
C PRO BB 371 38.76 -68.17 85.38
N ARG BB 372 39.96 -68.74 85.25
CA ARG BB 372 40.18 -69.84 84.34
C ARG BB 372 40.28 -71.16 85.10
N SER BB 373 41.28 -71.27 85.98
CA SER BB 373 41.48 -72.47 86.76
C SER BB 373 41.88 -72.12 88.20
N ALA BB 374 42.32 -73.13 88.95
CA ALA BB 374 42.73 -72.92 90.33
C ALA BB 374 44.21 -73.23 90.52
N VAL BB 375 44.80 -72.67 91.56
CA VAL BB 375 46.21 -72.89 91.86
C VAL BB 375 46.43 -73.20 93.34
N LEU BB 376 47.16 -74.27 93.61
CA LEU BB 376 47.45 -74.67 94.98
C LEU BB 376 48.90 -75.10 95.14
N THR BB 377 49.68 -74.27 95.83
CA THR BB 377 51.10 -74.56 96.06
C THR BB 377 51.33 -75.06 97.48
N LEU BB 378 52.16 -76.08 97.61
CA LEU BB 378 52.48 -76.65 98.92
C LEU BB 378 53.99 -76.68 99.14
N ASP BB 379 54.49 -75.70 99.88
CA ASP BB 379 55.91 -75.61 100.17
C ASP BB 379 56.40 -76.86 100.89
N ASN BB 380 57.54 -77.38 100.47
CA ASN BB 380 58.11 -78.58 101.08
C ASN BB 380 57.19 -79.77 100.90
N ALA BB 381 56.39 -79.74 99.83
CA ALA BB 381 55.46 -80.83 99.53
C ALA BB 381 55.69 -81.36 98.13
N ARG BB 382 56.89 -81.15 97.60
CA ARG BB 382 57.23 -81.62 96.27
C ARG BB 382 56.81 -83.07 96.06
N LEU BB 383 55.86 -83.28 95.14
CA LEU BB 383 55.37 -84.61 94.85
C LEU BB 383 56.05 -85.19 93.61
N PRO BB 384 56.22 -86.52 93.59
CA PRO BB 384 56.85 -87.21 92.47
C PRO BB 384 55.98 -87.21 91.21
N LYS BB 385 56.63 -87.30 90.06
CA LYS BB 385 55.91 -87.30 88.79
C LYS BB 385 55.02 -88.54 88.66
N LYS BB 386 55.23 -89.51 89.55
CA LYS BB 386 54.45 -90.73 89.53
C LYS BB 386 53.15 -90.57 90.32
N PHE BB 387 52.87 -89.35 90.74
CA PHE BB 387 51.66 -89.07 91.51
C PHE BB 387 50.98 -87.80 91.00
N GLU BB 388 51.48 -87.27 89.89
CA GLU BB 388 50.92 -86.05 89.29
C GLU BB 388 49.85 -86.41 88.27
N ARG BB 389 49.24 -87.58 88.43
CA ARG BB 389 48.19 -88.03 87.52
C ARG BB 389 47.05 -87.02 87.46
N SER BB 390 46.39 -86.95 86.31
CA SER BB 390 45.27 -86.03 86.13
C SER BB 390 43.95 -86.77 86.12
N LEU BB 391 42.86 -86.02 86.27
CA LEU BB 391 41.52 -86.61 86.28
C LEU BB 391 40.88 -86.53 84.89
N ASP BB 392 39.78 -87.26 84.72
CA ASP BB 392 39.07 -87.26 83.45
C ASP BB 392 37.57 -87.08 83.67
N THR BB 393 37.22 -86.21 84.61
CA THR BB 393 35.81 -85.94 84.91
C THR BB 393 35.20 -85.02 83.86
N SER BB 394 35.14 -85.51 82.62
CA SER BB 394 34.56 -84.74 81.53
C SER BB 394 33.08 -85.06 81.36
N ALA BB 395 32.27 -84.01 81.17
CA ALA BB 395 30.84 -84.17 80.99
C ALA BB 395 30.19 -84.74 82.25
N LEU BB 396 30.72 -84.34 83.41
CA LEU BB 396 30.20 -84.81 84.69
C LEU BB 396 29.13 -83.85 85.23
N ASP BB 397 28.77 -82.86 84.41
CA ASP BB 397 27.77 -81.88 84.80
C ASP BB 397 28.20 -81.13 86.05
N THR BB 398 29.45 -80.68 86.07
CA THR BB 398 29.98 -79.95 87.21
C THR BB 398 30.78 -78.73 86.76
N PRO BB 399 30.99 -77.79 87.68
CA PRO BB 399 31.73 -76.55 87.41
C PRO BB 399 33.22 -76.81 87.18
N VAL BB 400 33.67 -78.00 87.55
CA VAL BB 400 35.07 -78.37 87.39
C VAL BB 400 35.30 -79.09 86.07
N LYS BB 401 35.96 -78.42 85.14
CA LYS BB 401 36.24 -79.00 83.83
C LYS BB 401 37.03 -80.31 83.97
N MET BB 402 38.17 -80.24 84.64
CA MET BB 402 39.01 -81.40 84.85
C MET BB 402 40.17 -81.08 85.78
N ILE BB 403 40.49 -82.00 86.67
CA ILE BB 403 41.59 -81.81 87.62
C ILE BB 403 42.92 -82.25 87.01
N SER BB 404 43.96 -81.46 87.25
CA SER BB 404 45.29 -81.76 86.73
C SER BB 404 46.35 -81.54 87.78
N ALA BB 405 47.15 -82.57 88.03
CA ALA BB 405 48.23 -82.49 89.02
C ALA BB 405 49.58 -82.38 88.34
N PHE BB 406 50.43 -81.48 88.85
CA PHE BB 406 51.76 -81.29 88.30
C PHE BB 406 52.78 -81.05 89.42
N SER BB 407 53.90 -81.75 89.34
CA SER BB 407 54.95 -81.62 90.34
C SER BB 407 55.76 -80.34 90.12
N VAL BB 408 56.84 -80.41 89.35
CA VAL BB 408 57.72 -79.27 89.21
C VAL BB 408 57.01 -78.06 88.60
N PRO BB 409 57.30 -76.87 89.16
CA PRO BB 409 56.79 -75.67 88.47
C PRO BB 409 57.76 -74.51 88.66
N GLY BB 410 59.05 -74.84 88.89
CA GLY BB 410 60.08 -73.82 88.84
C GLY BB 410 60.51 -73.28 90.19
N ALA BB 411 59.96 -73.82 91.26
CA ALA BB 411 60.31 -73.42 92.62
C ALA BB 411 60.72 -74.68 93.39
N GLY BB 412 61.93 -74.67 93.95
CA GLY BB 412 62.34 -75.81 94.78
C GLY BB 412 61.28 -76.15 95.83
N GLY BB 413 61.06 -77.44 96.02
CA GLY BB 413 60.24 -78.05 97.04
C GLY BB 413 58.73 -77.82 96.90
N LYS BB 414 58.27 -76.92 96.06
CA LYS BB 414 56.86 -76.56 95.90
C LYS BB 414 56.13 -77.53 95.03
N VAL BB 415 54.82 -77.69 95.25
CA VAL BB 415 53.95 -78.41 94.32
C VAL BB 415 52.76 -77.55 93.87
N ARG BB 416 52.14 -77.99 92.77
CA ARG BB 416 51.14 -77.13 92.15
C ARG BB 416 49.95 -77.94 91.66
N LEU BB 417 48.75 -77.38 91.79
CA LEU BB 417 47.54 -78.05 91.37
C LEU BB 417 46.74 -77.19 90.40
N VAL BB 418 46.25 -77.78 89.33
CA VAL BB 418 45.47 -77.06 88.34
C VAL BB 418 44.07 -77.66 88.20
N VAL BB 419 43.07 -76.91 88.66
CA VAL BB 419 41.69 -77.36 88.58
C VAL BB 419 40.88 -76.49 87.63
N ALA BB 420 40.90 -76.84 86.34
CA ALA BB 420 40.16 -76.09 85.34
C ALA BB 420 38.68 -76.00 85.68
N ALA BB 421 38.09 -74.84 85.46
CA ALA BB 421 36.68 -74.62 85.74
C ALA BB 421 35.97 -73.97 84.57
N ASP BB 422 34.67 -73.70 84.73
CA ASP BB 422 33.88 -73.07 83.68
C ASP BB 422 32.74 -72.25 84.27
N GLY BB 423 32.35 -71.19 83.57
CA GLY BB 423 31.27 -70.34 84.03
C GLY BB 423 31.50 -69.86 85.46
N ALA BB 424 30.50 -69.19 86.02
CA ALA BB 424 30.59 -68.66 87.37
C ALA BB 424 30.60 -69.80 88.40
N ILE BB 425 31.48 -69.71 89.38
CA ILE BB 425 31.58 -70.73 90.42
C ILE BB 425 32.24 -70.16 91.67
N GLU BB 426 32.26 -70.96 92.73
CA GLU BB 426 32.86 -70.54 93.99
C GLU BB 426 33.75 -71.63 94.57
N GLU BB 427 34.88 -71.24 95.14
CA GLU BB 427 35.82 -72.19 95.72
C GLU BB 427 35.65 -72.26 97.24
N LYS BB 428 35.70 -73.47 97.79
CA LYS BB 428 35.57 -73.68 99.22
C LYS BB 428 36.53 -74.75 99.72
N VAL BB 429 37.54 -74.32 100.48
CA VAL BB 429 38.53 -75.24 101.02
C VAL BB 429 38.08 -75.78 102.37
N SER BB 430 38.34 -77.06 102.61
CA SER BB 430 37.97 -77.71 103.86
C SER BB 430 39.10 -78.58 104.39
N GLN BB 431 39.43 -78.41 105.66
CA GLN BB 431 40.50 -79.18 106.29
C GLN BB 431 39.95 -80.08 107.39
N SER BB 432 39.64 -81.32 107.03
CA SER BB 432 39.11 -82.28 107.99
C SER BB 432 40.20 -82.82 108.90
N ALA BB 433 41.45 -82.48 108.57
CA ALA BB 433 42.59 -82.93 109.36
C ALA BB 433 43.90 -82.35 108.82
N GLY BB 434 44.94 -82.35 109.65
CA GLY BB 434 46.26 -81.83 109.28
C GLY BB 434 46.95 -82.71 108.25
N THR BB 435 46.54 -82.58 106.99
CA THR BB 435 47.14 -83.37 105.92
C THR BB 435 46.17 -83.63 104.78
N LEU BB 436 44.88 -83.63 105.09
CA LEU BB 436 43.86 -83.87 104.08
C LEU BB 436 43.23 -82.57 103.62
N SER BB 437 43.41 -82.23 102.35
CA SER BB 437 42.85 -81.00 101.79
C SER BB 437 41.69 -81.31 100.85
N TRP BB 438 40.73 -80.39 100.78
CA TRP BB 438 39.57 -80.56 99.93
C TRP BB 438 39.15 -79.24 99.29
N ARG BB 439 38.55 -79.32 98.11
CA ARG BB 439 38.11 -78.13 97.40
C ARG BB 439 36.71 -78.33 96.81
N LEU BB 440 35.72 -77.72 97.44
CA LEU BB 440 34.34 -77.83 97.00
C LEU BB 440 34.03 -76.77 95.95
N TYR BB 477 -0.85 -75.24 67.52
CA TYR BB 477 -1.97 -74.69 68.32
C TYR BB 477 -2.33 -75.68 69.41
N ARG BB 478 -1.33 -75.94 70.27
CA ARG BB 478 -1.51 -76.67 71.52
C ARG BB 478 -0.27 -76.44 72.37
N GLY BB 479 -0.46 -76.26 73.67
CA GLY BB 479 0.65 -75.93 74.55
C GLY BB 479 0.41 -76.18 76.03
N LYS BB 480 1.48 -76.06 76.86
CA LYS BB 480 1.31 -75.95 78.32
C LYS BB 480 0.47 -74.73 78.67
N ARG BB 481 -0.23 -74.84 79.80
CA ARG BB 481 -0.99 -73.76 80.43
C ARG BB 481 -0.12 -72.80 81.19
N VAL BB 482 -0.55 -71.56 81.14
CA VAL BB 482 0.27 -70.43 81.53
C VAL BB 482 -0.61 -69.31 82.09
N SER BB 483 0.03 -68.30 82.67
CA SER BB 483 -0.62 -67.05 83.02
C SER BB 483 0.28 -65.95 82.47
N PHE BB 484 -0.27 -65.18 81.54
CA PHE BB 484 0.38 -64.03 80.95
C PHE BB 484 0.09 -62.72 81.59
N GLU BB 485 1.08 -62.15 82.25
CA GLU BB 485 0.92 -60.83 82.82
C GLU BB 485 1.96 -59.93 82.19
N PHE BB 486 1.48 -58.96 81.41
CA PHE BB 486 2.28 -57.95 80.70
C PHE BB 486 1.84 -56.55 80.98
N LYS BB 487 2.60 -55.84 81.80
CA LYS BB 487 2.29 -54.46 82.15
C LYS BB 487 3.14 -53.48 81.38
N ASP BB 488 2.64 -53.03 80.25
CA ASP BB 488 3.26 -51.98 79.44
C ASP BB 488 4.62 -52.49 78.95
N ILE BB 489 4.57 -53.45 78.02
CA ILE BB 489 5.76 -54.07 77.44
C ILE BB 489 5.67 -54.20 75.93
N ASP BB 490 6.84 -54.16 75.29
CA ASP BB 490 6.90 -54.32 73.85
C ASP BB 490 6.39 -55.69 73.43
N ILE BB 491 5.52 -55.74 72.43
CA ILE BB 491 5.03 -57.02 71.91
C ILE BB 491 6.19 -57.89 71.45
N GLN BB 492 7.27 -57.28 70.96
CA GLN BB 492 8.52 -57.97 70.65
C GLN BB 492 9.14 -58.66 71.86
N ASN BB 493 9.11 -58.01 73.02
CA ASN BB 493 9.51 -58.66 74.24
C ASN BB 493 8.56 -59.80 74.57
N LEU BB 494 7.23 -59.58 74.57
CA LEU BB 494 6.32 -60.69 74.85
C LEU BB 494 6.54 -61.86 73.93
N LEU BB 495 6.76 -61.58 72.68
CA LEU BB 495 7.12 -62.58 71.72
C LEU BB 495 8.35 -63.39 72.11
N ARG BB 496 9.49 -62.73 72.37
CA ARG BB 496 10.75 -63.40 72.73
C ARG BB 496 10.61 -64.22 73.96
N VAL BB 497 9.97 -63.63 74.95
CA VAL BB 497 9.63 -64.30 76.17
C VAL BB 497 8.86 -65.58 75.81
N ILE BB 498 7.85 -65.44 74.95
CA ILE BB 498 7.10 -66.58 74.48
C ILE BB 498 8.04 -67.54 73.70
N ALA BB 499 9.03 -67.16 72.90
CA ALA BB 499 10.02 -68.13 72.41
C ALA BB 499 10.95 -68.78 73.47
N GLU BB 500 11.32 -68.06 74.53
CA GLU BB 500 12.19 -68.53 75.64
C GLU BB 500 11.53 -69.60 76.52
N ILE BB 501 10.22 -69.69 76.44
CA ILE BB 501 9.37 -70.68 77.07
C ILE BB 501 9.08 -71.87 76.07
N SER BB 502 9.81 -72.07 74.94
CA SER BB 502 9.70 -73.22 73.97
C SER BB 502 8.40 -73.26 73.16
N LYS BB 503 7.71 -72.14 73.22
CA LYS BB 503 6.58 -71.82 72.37
C LYS BB 503 7.10 -71.36 71.04
N LYS BB 504 7.65 -72.34 70.32
CA LYS BB 504 8.40 -72.17 69.07
C LYS BB 504 9.68 -71.37 69.30
N ASN BB 505 10.40 -71.11 68.22
CA ASN BB 505 11.24 -69.95 68.15
C ASN BB 505 10.44 -68.86 67.43
N ILE BB 506 10.03 -67.83 68.16
CA ILE BB 506 9.32 -66.70 67.57
C ILE BB 506 10.32 -65.59 67.18
N VAL BB 507 10.16 -65.02 65.98
CA VAL BB 507 10.89 -63.82 65.49
C VAL BB 507 9.89 -62.86 64.83
N VAL BB 508 9.93 -61.57 65.20
CA VAL BB 508 9.10 -60.56 64.50
C VAL BB 508 9.76 -60.18 63.15
N ALA BB 509 9.11 -59.32 62.36
CA ALA BB 509 9.80 -58.32 61.54
C ALA BB 509 10.63 -57.35 62.43
N ASP BB 510 11.08 -56.19 61.94
CA ASP BB 510 11.71 -55.21 62.86
C ASP BB 510 10.60 -54.41 63.59
N ASP BB 511 10.01 -53.44 62.87
CA ASP BB 511 9.02 -52.55 63.49
C ASP BB 511 7.60 -53.09 63.27
N VAL BB 512 7.18 -53.90 64.24
CA VAL BB 512 5.86 -54.50 64.22
C VAL BB 512 4.75 -53.57 64.73
N SER BB 513 4.96 -52.80 65.79
CA SER BB 513 3.82 -52.18 66.49
C SER BB 513 4.31 -51.23 67.59
N GLY BB 514 4.43 -51.77 68.80
CA GLY BB 514 4.86 -51.06 69.97
C GLY BB 514 4.66 -51.92 71.21
N LYS BB 515 4.09 -51.26 72.21
CA LYS BB 515 3.85 -51.76 73.54
C LYS BB 515 2.38 -52.10 73.78
N VAL BB 516 2.11 -53.17 74.56
CA VAL BB 516 0.75 -53.58 74.97
C VAL BB 516 0.70 -54.02 76.41
N THR BB 517 -0.53 -53.97 76.96
CA THR BB 517 -0.88 -54.53 78.27
C THR BB 517 -1.96 -55.60 78.18
N ILE BB 518 -1.65 -56.80 78.72
CA ILE BB 518 -2.61 -57.89 78.91
C ILE BB 518 -2.35 -58.59 80.26
N ARG BB 519 -3.36 -59.25 80.84
CA ARG BB 519 -3.22 -60.15 82.00
C ARG BB 519 -4.18 -61.35 82.03
N LEU BB 520 -3.59 -62.48 81.73
CA LEU BB 520 -4.25 -63.75 81.54
C LEU BB 520 -3.94 -64.66 82.71
N ARG BB 521 -4.90 -65.52 83.01
CA ARG BB 521 -4.66 -66.66 83.90
C ARG BB 521 -5.21 -67.93 83.28
N ASN BB 522 -4.51 -69.03 83.55
CA ASN BB 522 -4.88 -70.39 83.16
C ASN BB 522 -5.12 -70.57 81.64
N VAL BB 523 -4.34 -69.91 80.79
CA VAL BB 523 -4.53 -69.99 79.33
C VAL BB 523 -3.32 -70.68 78.76
N PRO BB 524 -3.42 -71.77 77.98
CA PRO BB 524 -2.33 -72.21 77.13
C PRO BB 524 -1.86 -71.10 76.24
N TRP BB 525 -0.58 -71.09 76.06
CA TRP BB 525 0.04 -69.96 75.45
C TRP BB 525 -0.32 -69.66 74.01
N ASP BB 526 -0.50 -70.70 73.22
CA ASP BB 526 -0.72 -70.66 71.77
C ASP BB 526 -2.05 -70.01 71.47
N GLN BB 527 -2.92 -70.11 72.46
CA GLN BB 527 -4.08 -69.32 72.58
C GLN BB 527 -3.81 -67.92 73.12
N ALA BB 528 -3.12 -67.76 74.27
CA ALA BB 528 -2.84 -66.42 74.79
C ALA BB 528 -2.19 -65.55 73.72
N LEU BB 529 -1.38 -66.15 72.84
CA LEU BB 529 -0.88 -65.63 71.57
C LEU BB 529 -1.98 -65.20 70.61
N ASP BB 530 -2.86 -66.08 70.12
CA ASP BB 530 -3.94 -65.70 69.17
C ASP BB 530 -4.74 -64.49 69.66
N LEU BB 531 -4.95 -64.57 70.95
CA LEU BB 531 -5.57 -63.58 71.74
C LEU BB 531 -4.74 -62.27 71.83
N VAL BB 532 -3.40 -62.35 71.88
CA VAL BB 532 -2.48 -61.17 71.92
C VAL BB 532 -2.52 -60.44 70.58
N LEU BB 533 -2.50 -61.20 69.47
CA LEU BB 533 -2.68 -60.73 68.09
C LEU BB 533 -3.88 -59.78 67.97
N ARG BB 534 -5.04 -60.27 68.43
CA ARG BB 534 -6.32 -59.51 68.43
C ARG BB 534 -6.38 -58.24 69.28
N THR BB 535 -5.53 -58.21 70.32
CA THR BB 535 -5.48 -57.03 71.18
C THR BB 535 -5.05 -55.79 70.37
N LYS BB 536 -3.84 -55.83 69.85
CA LYS BB 536 -3.18 -54.72 69.13
C LYS BB 536 -2.29 -55.28 68.03
N ALA BB 537 -1.74 -56.40 68.46
CA ALA BB 537 -0.62 -57.04 67.92
C ALA BB 537 -1.03 -57.67 66.59
N LEU BB 538 -0.10 -58.48 66.14
CA LEU BB 538 0.12 -58.76 64.75
C LEU BB 538 -0.74 -59.92 64.26
N GLY BB 539 -0.49 -60.45 63.08
CA GLY BB 539 -0.79 -61.86 62.76
C GLY BB 539 0.49 -62.71 62.74
N LYS BB 540 0.35 -64.03 62.95
CA LYS BB 540 1.50 -64.97 62.94
C LYS BB 540 1.49 -65.86 61.69
N GLU BB 541 2.67 -66.07 61.12
CA GLU BB 541 2.95 -67.06 60.07
C GLU BB 541 4.09 -67.98 60.51
N GLU BB 542 3.91 -69.30 60.44
CA GLU BB 542 4.96 -70.25 60.84
C GLU BB 542 5.67 -70.88 59.64
N PHE BB 543 7.00 -70.79 59.63
CA PHE BB 543 7.86 -71.57 58.75
C PHE BB 543 7.98 -73.05 59.13
N GLY BB 544 7.98 -73.31 60.43
CA GLY BB 544 7.85 -74.61 61.07
C GLY BB 544 8.65 -74.65 62.38
N ASN BB 545 9.97 -74.52 62.24
CA ASN BB 545 10.87 -74.36 63.38
C ASN BB 545 10.82 -72.96 63.99
N ILE BB 546 10.93 -71.96 63.11
CA ILE BB 546 10.76 -70.55 63.43
C ILE BB 546 9.38 -70.11 62.96
N ILE BB 547 8.84 -69.09 63.60
CA ILE BB 547 7.62 -68.42 63.18
C ILE BB 547 7.96 -66.94 62.98
N ARG BB 548 7.45 -66.33 61.91
CA ARG BB 548 7.54 -64.89 61.70
C ARG BB 548 6.23 -64.20 62.04
N ILE BB 549 6.36 -63.10 62.77
CA ILE BB 549 5.23 -62.26 63.12
C ILE BB 549 5.39 -60.90 62.48
N ALA BB 550 4.35 -60.46 61.78
CA ALA BB 550 4.41 -59.24 61.01
C ALA BB 550 3.26 -58.28 61.31
N PRO BB 551 3.50 -56.97 61.14
CA PRO BB 551 2.53 -55.87 61.15
C PRO BB 551 1.61 -55.88 59.91
N ASP BB 574 -6.41 -53.65 83.82
CA ASP BB 574 -6.11 -54.81 83.00
C ASP BB 574 -7.28 -55.33 82.16
N LEU BB 575 -6.78 -55.93 81.08
CA LEU BB 575 -7.49 -56.90 80.31
C LEU BB 575 -7.14 -58.19 80.88
N MET BB 576 -8.13 -59.04 80.78
CA MET BB 576 -7.91 -60.35 81.25
C MET BB 576 -8.53 -61.38 80.41
N VAL BB 577 -7.95 -62.54 80.65
CA VAL BB 577 -8.44 -63.77 80.10
C VAL BB 577 -8.80 -64.70 81.19
N ASN BB 578 -9.93 -65.29 80.95
CA ASN BB 578 -10.59 -66.23 81.81
C ASN BB 578 -11.17 -67.34 80.93
N LEU BB 579 -11.00 -68.56 81.41
CA LEU BB 579 -11.61 -69.76 80.86
C LEU BB 579 -12.95 -69.94 81.58
N LEU BB 580 -14.00 -70.08 80.79
CA LEU BB 580 -15.34 -70.46 81.23
C LEU BB 580 -15.51 -71.95 80.92
N PRO BB 581 -15.70 -72.84 81.91
CA PRO BB 581 -16.21 -74.17 81.58
C PRO BB 581 -17.67 -74.02 81.15
N VAL BB 582 -18.07 -74.78 80.14
CA VAL BB 582 -19.47 -75.01 79.81
C VAL BB 582 -19.76 -76.47 80.08
N ASN BB 583 -20.37 -76.75 81.24
CA ASN BB 583 -20.63 -78.14 81.60
C ASN BB 583 -21.80 -78.72 80.80
N TYR BB 584 -22.88 -77.93 80.69
CA TYR BB 584 -24.16 -78.45 80.24
C TYR BB 584 -24.49 -78.26 78.76
N ALA BB 585 -24.31 -77.03 78.27
CA ALA BB 585 -24.58 -76.71 76.87
C ALA BB 585 -23.38 -76.97 75.94
N VAL BB 586 -23.63 -76.98 74.63
CA VAL BB 586 -22.54 -76.92 73.64
C VAL BB 586 -22.07 -75.47 73.48
N ALA BB 587 -20.77 -75.27 73.32
CA ALA BB 587 -20.17 -73.92 73.19
C ALA BB 587 -20.69 -73.14 71.95
N ALA BB 588 -20.94 -73.84 70.84
CA ALA BB 588 -21.40 -73.24 69.59
C ALA BB 588 -22.80 -72.58 69.69
N ASP BB 589 -23.68 -73.07 70.58
CA ASP BB 589 -25.01 -72.48 70.80
C ASP BB 589 -24.95 -71.09 71.44
N MET BB 590 -23.90 -70.83 72.24
CA MET BB 590 -23.60 -69.50 72.76
C MET BB 590 -23.14 -68.51 71.68
N ALA BB 591 -22.59 -68.99 70.56
CA ALA BB 591 -21.90 -68.15 69.57
C ALA BB 591 -22.75 -67.00 69.04
N ALA BB 592 -24.04 -67.24 68.79
CA ALA BB 592 -24.96 -66.20 68.33
C ALA BB 592 -25.07 -65.02 69.32
N ARG BB 593 -25.34 -65.33 70.60
CA ARG BB 593 -25.47 -64.33 71.67
C ARG BB 593 -24.16 -63.63 72.03
N VAL BB 594 -23.07 -64.40 72.05
CA VAL BB 594 -21.75 -63.87 72.39
C VAL BB 594 -21.27 -62.92 71.29
N LYS BB 595 -21.46 -63.30 70.01
CA LYS BB 595 -21.16 -62.42 68.86
C LYS BB 595 -21.96 -61.12 68.96
N ASP BB 596 -23.22 -61.22 69.37
CA ASP BB 596 -24.10 -60.06 69.55
C ASP BB 596 -23.71 -59.07 70.65
N VAL BB 597 -23.12 -59.49 71.80
CA VAL BB 597 -22.49 -58.50 72.72
C VAL BB 597 -21.31 -57.78 72.07
N LEU BB 598 -20.40 -58.52 71.41
CA LEU BB 598 -19.16 -57.92 70.90
C LEU BB 598 -19.46 -56.74 69.98
N SER BB 599 -20.44 -56.88 69.08
CA SER BB 599 -20.69 -55.89 68.04
C SER BB 599 -19.38 -55.56 67.30
N GLU BB 600 -19.08 -54.28 67.10
CA GLU BB 600 -17.78 -53.75 66.64
C GLU BB 600 -16.81 -53.46 67.81
N ARG BB 601 -16.95 -54.16 68.94
CA ARG BB 601 -15.97 -54.06 70.04
C ARG BB 601 -14.89 -55.13 69.97
N GLY BB 602 -13.98 -54.80 70.88
CA GLY BB 602 -12.79 -55.48 71.27
C GLY BB 602 -12.89 -56.11 72.61
N SER BB 603 -12.14 -57.18 72.61
CA SER BB 603 -12.72 -58.41 73.05
C SER BB 603 -12.75 -59.40 71.93
N VAL BB 604 -12.65 -60.64 72.36
CA VAL BB 604 -12.95 -61.79 71.54
C VAL BB 604 -13.31 -62.96 72.42
N THR BB 605 -13.88 -63.95 71.75
CA THR BB 605 -14.21 -65.26 72.27
C THR BB 605 -13.55 -66.34 71.39
N VAL BB 606 -12.91 -67.34 72.03
CA VAL BB 606 -12.30 -68.52 71.40
C VAL BB 606 -12.94 -69.77 71.96
N ASP BB 607 -13.33 -70.66 71.05
CA ASP BB 607 -13.92 -71.94 71.40
C ASP BB 607 -12.85 -73.03 71.35
N GLN BB 608 -12.50 -73.57 72.51
CA GLN BB 608 -11.62 -74.73 72.57
C GLN BB 608 -12.41 -76.03 72.38
N ARG BB 609 -11.71 -77.06 71.89
CA ARG BB 609 -12.31 -78.35 71.54
C ARG BB 609 -13.01 -79.08 72.68
N THR BB 610 -12.52 -78.91 73.90
CA THR BB 610 -13.10 -79.53 75.11
C THR BB 610 -14.30 -78.75 75.66
N ASN BB 611 -15.05 -78.04 74.79
CA ASN BB 611 -16.22 -77.22 75.13
C ASN BB 611 -15.99 -76.28 76.33
N VAL BB 612 -14.92 -75.51 76.22
CA VAL BB 612 -14.67 -74.36 77.09
C VAL BB 612 -14.58 -73.10 76.23
N LEU BB 613 -15.21 -72.03 76.69
CA LEU BB 613 -15.02 -70.72 76.08
C LEU BB 613 -13.86 -70.01 76.73
N ILE BB 614 -13.14 -69.25 75.92
CA ILE BB 614 -12.11 -68.34 76.42
C ILE BB 614 -12.34 -66.95 75.86
N VAL BB 615 -12.29 -65.98 76.77
CA VAL BB 615 -12.44 -64.58 76.44
C VAL BB 615 -11.20 -63.76 76.74
N LYS BB 616 -10.67 -62.97 75.79
CA LYS BB 616 -9.86 -61.79 76.17
C LYS BB 616 -10.76 -60.63 75.99
N ASP BB 617 -10.53 -59.67 76.87
CA ASP BB 617 -11.08 -58.34 76.79
C ASP BB 617 -10.74 -57.51 78.02
N VAL BB 618 -11.21 -56.27 78.01
CA VAL BB 618 -11.40 -55.50 79.23
C VAL BB 618 -12.16 -56.35 80.25
N ARG BB 619 -11.94 -56.12 81.55
CA ARG BB 619 -12.74 -56.75 82.60
C ARG BB 619 -14.25 -56.58 82.39
N SER BB 620 -14.70 -55.38 81.98
CA SER BB 620 -16.14 -55.08 81.85
C SER BB 620 -16.82 -55.90 80.74
N ASN BB 621 -16.18 -56.10 79.58
CA ASN BB 621 -16.68 -57.01 78.55
C ASN BB 621 -16.52 -58.49 78.95
N THR BB 622 -15.44 -58.90 79.66
CA THR BB 622 -15.33 -60.27 80.25
C THR BB 622 -16.50 -60.61 81.17
N GLU BB 623 -16.79 -59.68 82.09
CA GLU BB 623 -17.85 -59.83 83.06
C GLU BB 623 -19.19 -60.09 82.38
N ARG BB 624 -19.54 -59.28 81.37
CA ARG BB 624 -20.75 -59.44 80.57
C ARG BB 624 -20.80 -60.83 79.92
N ALA BB 625 -19.74 -61.19 79.19
CA ALA BB 625 -19.67 -62.48 78.53
C ALA BB 625 -19.81 -63.66 79.52
N ARG BB 626 -19.13 -63.61 80.67
CA ARG BB 626 -19.30 -64.64 81.73
C ARG BB 626 -20.73 -64.71 82.23
N SER BB 627 -21.35 -63.58 82.56
CA SER BB 627 -22.72 -63.57 83.09
C SER BB 627 -23.70 -64.21 82.11
N LEU BB 628 -23.57 -63.96 80.80
CA LEU BB 628 -24.41 -64.58 79.77
C LEU BB 628 -24.10 -66.08 79.60
N VAL BB 629 -22.83 -66.47 79.51
CA VAL BB 629 -22.41 -67.88 79.36
C VAL BB 629 -22.90 -68.69 80.55
N ARG BB 630 -22.65 -68.24 81.78
CA ARG BB 630 -23.14 -68.94 82.96
C ARG BB 630 -24.67 -68.95 83.03
N SER BB 631 -25.34 -67.84 82.69
CA SER BB 631 -26.80 -67.76 82.75
C SER BB 631 -27.48 -68.76 81.80
N LEU BB 632 -26.97 -68.86 80.55
CA LEU BB 632 -27.41 -69.88 79.60
C LEU BB 632 -26.97 -71.29 79.95
N ASP BB 633 -25.77 -71.44 80.55
CA ASP BB 633 -25.36 -72.73 81.09
C ASP BB 633 -26.44 -73.05 82.12
N THR BB 634 -26.77 -72.21 83.13
CA THR BB 634 -27.74 -72.52 84.20
C THR BB 634 -29.13 -73.06 83.84
N GLN BB 635 -29.73 -72.72 82.70
CA GLN BB 635 -30.98 -73.39 82.28
C GLN BB 635 -30.76 -74.81 81.71
N THR BB 636 -29.60 -75.05 81.12
CA THR BB 636 -29.04 -76.36 80.80
C THR BB 636 -28.71 -77.37 81.95
N PRO BB 637 -28.22 -76.99 83.17
CA PRO BB 637 -28.15 -77.86 84.35
C PRO BB 637 -29.45 -78.41 84.89
N GLN BB 638 -30.59 -77.70 84.73
CA GLN BB 638 -31.85 -78.35 85.11
C GLN BB 638 -32.23 -79.39 84.04
N VAL BB 639 -31.72 -80.60 84.24
CA VAL BB 639 -31.99 -81.75 83.39
C VAL BB 639 -33.26 -82.49 83.82
N CYS CB 5 62.38 40.18 0.16
CA CYS CB 5 61.96 38.79 0.27
C CYS CB 5 63.21 37.87 0.28
N GLU CB 6 63.03 36.55 0.44
CA GLU CB 6 64.02 35.54 0.07
C GLU CB 6 63.60 34.80 -1.22
N GLU CB 7 64.57 34.61 -2.11
CA GLU CB 7 64.43 34.08 -3.49
C GLU CB 7 64.52 32.51 -3.52
N PRO CB 8 64.56 31.80 -4.68
CA PRO CB 8 64.34 30.36 -4.82
C PRO CB 8 64.93 29.39 -3.77
N PRO CB 9 66.28 29.22 -3.77
CA PRO CB 9 67.00 29.57 -2.56
C PRO CB 9 67.31 31.07 -2.50
N ALA CB 10 67.65 31.53 -1.29
CA ALA CB 10 68.06 32.89 -0.97
C ALA CB 10 69.33 33.30 -1.79
N PRO CB 11 70.07 34.36 -1.42
CA PRO CB 11 71.41 34.62 -1.99
C PRO CB 11 72.43 33.46 -1.68
N ALA CB 12 73.73 33.70 -1.39
CA ALA CB 12 74.67 32.55 -1.23
C ALA CB 12 75.34 32.17 0.12
N PRO CB 13 75.48 33.00 1.20
CA PRO CB 13 76.24 32.56 2.41
C PRO CB 13 75.57 31.75 3.58
N PRO CB 14 74.24 31.46 3.64
CA PRO CB 14 73.41 30.96 2.55
C PRO CB 14 72.33 31.93 1.99
N PRO CB 15 72.15 33.21 2.39
CA PRO CB 15 72.40 33.93 3.64
C PRO CB 15 71.60 33.49 4.86
N ALA CB 16 72.17 33.87 6.01
CA ALA CB 16 71.56 33.99 7.33
C ALA CB 16 70.78 32.78 7.89
N LYS CB 17 70.24 31.86 7.09
CA LYS CB 17 69.42 30.72 7.55
C LYS CB 17 70.16 29.55 8.24
N PRO CB 18 71.45 29.63 8.57
CA PRO CB 18 71.98 28.94 9.75
C PRO CB 18 71.40 29.38 11.09
N LYS CB 19 71.02 30.66 11.22
CA LYS CB 19 70.49 31.20 12.49
C LYS CB 19 68.97 31.10 12.54
N ALA CB 20 68.30 31.31 11.40
CA ALA CB 20 66.87 31.08 11.27
C ALA CB 20 66.50 29.59 11.17
N ALA CB 21 67.08 28.85 10.20
CA ALA CB 21 66.98 27.37 10.12
C ALA CB 21 68.05 26.55 10.88
N ALA CB 22 68.53 27.01 12.03
CA ALA CB 22 69.09 26.11 13.09
C ALA CB 22 68.74 26.57 14.52
N ALA CB 23 67.94 27.64 14.62
CA ALA CB 23 67.21 27.98 15.83
C ALA CB 23 65.69 27.84 15.61
N VAL CB 24 65.27 27.49 14.38
CA VAL CB 24 64.10 26.64 14.09
C VAL CB 24 64.54 25.15 14.16
N PRO CB 25 64.53 24.33 13.08
CA PRO CB 25 64.44 22.85 13.15
C PRO CB 25 64.01 22.24 14.50
N VAL CB 26 62.80 22.52 14.99
CA VAL CB 26 61.63 23.10 14.27
C VAL CB 26 61.16 24.37 15.00
N LYS CB 27 59.86 24.52 15.30
CA LYS CB 27 59.42 25.23 16.51
C LYS CB 27 60.06 24.61 17.78
N ALA CB 28 60.60 23.39 17.62
CA ALA CB 28 60.81 22.32 18.57
C ALA CB 28 59.51 21.78 19.21
N ALA CB 29 58.62 22.68 19.62
CA ALA CB 29 57.72 22.52 20.74
C ALA CB 29 58.47 22.65 22.09
N PRO CB 30 59.30 21.69 22.49
CA PRO CB 30 59.12 20.29 22.09
C PRO CB 30 58.06 19.60 22.95
N THR CB 31 57.29 18.71 22.32
CA THR CB 31 56.29 17.93 23.06
C THR CB 31 56.95 17.06 24.13
N GLU CB 32 57.42 17.70 25.19
CA GLU CB 32 57.38 17.11 26.53
C GLU CB 32 56.02 16.47 26.80
N THR CB 33 55.72 15.40 26.07
CA THR CB 33 54.43 14.74 26.18
C THR CB 33 54.58 13.22 26.13
N GLY CB 34 54.20 12.64 25.00
CA GLY CB 34 53.12 11.67 24.96
C GLY CB 34 53.59 10.26 25.22
N ALA CB 35 54.00 9.99 26.46
CA ALA CB 35 54.77 8.80 26.77
C ALA CB 35 53.90 7.55 26.72
N GLN CB 36 54.53 6.39 26.62
CA GLN CB 36 53.82 5.11 26.72
C GLN CB 36 54.47 4.25 27.81
N ALA CB 37 53.70 3.36 28.42
CA ALA CB 37 54.13 2.56 29.58
C ALA CB 37 54.25 1.07 29.25
N ALA CB 38 55.23 0.39 29.86
CA ALA CB 38 55.32 -1.08 29.92
C ALA CB 38 54.40 -1.73 30.99
N PRO CB 39 53.57 -0.90 31.66
CA PRO CB 39 53.52 -0.82 33.14
C PRO CB 39 54.56 -1.70 33.87
N SER CB 40 54.18 -2.34 34.97
CA SER CB 40 54.92 -3.41 35.65
C SER CB 40 53.94 -4.45 36.17
N TYR CB 41 54.43 -5.63 36.54
CA TYR CB 41 53.60 -6.80 36.86
C TYR CB 41 54.00 -7.36 38.24
N SER CB 42 53.01 -7.83 39.00
CA SER CB 42 53.19 -8.48 40.29
C SER CB 42 53.41 -10.00 40.16
N TYR CB 43 53.81 -10.66 41.26
CA TYR CB 43 54.16 -12.07 41.30
C TYR CB 43 53.25 -12.91 42.21
N VAL CB 44 53.18 -14.23 41.94
CA VAL CB 44 52.20 -15.17 42.52
C VAL CB 44 52.87 -16.52 42.86
N TYR CB 45 52.46 -17.29 43.86
CA TYR CB 45 51.71 -17.04 45.10
C TYR CB 45 52.16 -18.12 46.10
N ASN CB 46 52.10 -17.87 47.42
CA ASN CB 46 52.64 -18.81 48.42
C ASN CB 46 51.60 -19.85 48.89
N PRO CB 47 51.71 -21.10 48.39
CA PRO CB 47 51.46 -22.26 49.25
C PRO CB 47 52.30 -23.51 48.92
N VAL CB 48 52.39 -24.34 49.95
CA VAL CB 48 51.80 -25.69 49.89
C VAL CB 48 50.65 -25.77 50.89
N GLY CB 49 49.58 -26.47 50.51
CA GLY CB 49 48.42 -26.69 51.38
C GLY CB 49 48.74 -27.57 52.59
N LYS CB 50 47.79 -27.64 53.54
CA LYS CB 50 47.85 -28.53 54.71
C LYS CB 50 46.53 -29.29 54.87
N ARG CB 51 46.58 -30.44 55.54
CA ARG CB 51 45.42 -31.32 55.76
C ARG CB 51 45.16 -31.49 57.25
N ASP CB 52 43.87 -31.51 57.51
CA ASP CB 52 43.14 -31.89 58.71
C ASP CB 52 41.98 -32.78 58.12
N PRO CB 53 40.78 -32.18 58.06
CA PRO CB 53 40.10 -31.80 56.82
C PRO CB 53 41.05 -31.36 55.67
N PHE CB 54 40.93 -31.86 54.45
CA PHE CB 54 39.72 -32.49 53.90
C PHE CB 54 39.87 -34.01 53.75
N ARG CB 55 40.90 -34.66 54.32
CA ARG CB 55 41.06 -36.11 54.10
C ARG CB 55 39.93 -36.93 54.72
N SER CB 56 39.67 -36.80 56.02
CA SER CB 56 38.49 -37.46 56.62
C SER CB 56 37.13 -37.13 55.96
N PRO CB 57 36.75 -35.85 55.73
CA PRO CB 57 35.45 -35.53 55.13
C PRO CB 57 35.27 -35.88 53.64
N ILE CB 58 36.23 -36.50 52.94
CA ILE CB 58 35.99 -37.12 51.61
C ILE CB 58 36.73 -38.46 51.42
N ASP CB 59 37.98 -38.60 51.85
CA ASP CB 59 38.76 -39.85 51.77
C ASP CB 59 38.26 -40.91 52.78
N GLU CB 60 37.58 -40.51 53.87
CA GLU CB 60 36.93 -41.42 54.86
C GLU CB 60 35.40 -41.40 54.76
N LEU CB 61 34.78 -40.26 54.43
CA LEU CB 61 33.33 -40.17 54.13
C LEU CB 61 32.95 -40.82 52.79
N GLY CB 62 33.78 -40.69 51.76
CA GLY CB 62 33.53 -41.21 50.41
C GLY CB 62 33.47 -42.75 50.32
N PRO CB 63 34.24 -43.45 51.17
CA PRO CB 63 33.89 -44.77 51.71
C PRO CB 63 32.63 -44.74 52.61
N VAL CB 64 31.47 -44.36 52.07
CA VAL CB 64 30.22 -44.17 52.83
C VAL CB 64 29.86 -45.44 53.59
N ASN CB 65 30.11 -45.42 54.90
CA ASN CB 65 30.16 -46.60 55.75
C ASN CB 65 29.48 -46.30 57.08
N ALA CB 66 28.47 -47.10 57.42
CA ALA CB 66 27.79 -47.07 58.69
C ALA CB 66 27.64 -48.50 59.20
N ASN CB 67 27.75 -48.69 60.52
CA ASN CB 67 27.60 -49.99 61.17
C ASN CB 67 26.47 -49.91 62.23
N PRO CB 68 25.20 -50.03 61.81
CA PRO CB 68 24.03 -49.71 62.64
C PRO CB 68 23.97 -50.39 64.01
N VAL CB 69 23.38 -49.66 64.97
CA VAL CB 69 22.97 -50.21 66.27
C VAL CB 69 21.64 -50.96 66.21
N ALA CB 70 21.65 -52.22 66.64
CA ALA CB 70 20.45 -53.03 66.91
C ALA CB 70 20.62 -54.01 68.09
N ALA CB 71 21.86 -54.23 68.54
CA ALA CB 71 22.21 -55.21 69.57
C ALA CB 71 21.88 -54.72 71.00
N CYS CB 72 22.10 -55.61 71.97
CA CYS CB 72 22.28 -55.23 73.36
C CYS CB 72 23.63 -54.50 73.61
N ASN CB 73 23.60 -53.49 74.48
CA ASN CB 73 24.62 -52.44 74.62
C ASN CB 73 25.71 -52.71 75.69
N GLU CB 74 26.28 -53.91 75.83
CA GLU CB 74 25.81 -54.93 76.80
C GLU CB 74 25.19 -54.26 78.06
N PRO CB 75 23.85 -54.17 78.12
CA PRO CB 75 23.18 -52.98 78.60
C PRO CB 75 22.98 -53.02 80.12
N LEU CB 76 22.31 -54.05 80.64
CA LEU CB 76 21.83 -54.05 82.02
C LEU CB 76 22.95 -54.28 83.01
N CYS CB 77 24.04 -54.94 82.59
CA CYS CB 77 25.27 -54.97 83.37
C CYS CB 77 26.04 -53.63 83.46
N SER CB 78 25.53 -52.58 82.79
CA SER CB 78 25.95 -51.18 82.97
C SER CB 78 24.99 -50.33 83.82
N PHE CB 79 23.90 -50.88 84.35
CA PHE CB 79 22.91 -50.18 85.20
C PHE CB 79 22.60 -50.93 86.52
N ASP CB 80 22.30 -50.20 87.60
CA ASP CB 80 22.18 -50.79 88.95
C ASP CB 80 20.82 -51.47 89.19
N LEU CB 81 20.77 -52.51 90.02
CA LEU CB 81 19.63 -53.45 90.04
C LEU CB 81 18.33 -52.86 90.58
N ASP CB 82 18.43 -51.97 91.57
CA ASP CB 82 17.30 -51.27 92.19
C ASP CB 82 16.71 -50.20 91.23
N GLN CB 83 17.39 -49.89 90.12
CA GLN CB 83 16.84 -49.05 89.05
C GLN CB 83 15.86 -49.81 88.14
N LEU CB 84 15.94 -51.15 88.08
CA LEU CB 84 15.18 -52.01 87.18
C LEU CB 84 13.81 -52.38 87.77
N LYS CB 85 12.75 -52.37 86.94
CA LYS CB 85 11.35 -52.60 87.39
C LYS CB 85 10.69 -53.77 86.68
N LEU CB 86 10.10 -54.72 87.41
CA LEU CB 86 9.47 -55.89 86.80
C LEU CB 86 8.14 -55.51 86.10
N VAL CB 87 8.11 -55.66 84.78
CA VAL CB 87 6.96 -55.35 83.92
C VAL CB 87 5.92 -56.46 83.95
N ALA CB 88 6.39 -57.70 83.76
CA ALA CB 88 5.56 -58.87 83.49
C ALA CB 88 6.36 -60.16 83.72
N VAL CB 89 5.68 -61.30 83.66
CA VAL CB 89 6.28 -62.63 83.63
C VAL CB 89 5.52 -63.49 82.62
N VAL CB 90 6.26 -64.29 81.84
CA VAL CB 90 5.73 -65.29 80.91
C VAL CB 90 6.08 -66.69 81.44
N THR CB 91 5.18 -67.65 81.29
CA THR CB 91 5.42 -69.05 81.68
C THR CB 91 4.70 -69.97 80.71
N GLY CB 92 5.42 -71.01 80.29
CA GLY CB 92 4.95 -72.08 79.41
C GLY CB 92 6.06 -73.13 79.25
N ASP CB 93 5.89 -74.02 78.29
CA ASP CB 93 6.73 -75.20 78.06
C ASP CB 93 8.21 -74.86 77.80
N ALA CB 94 8.47 -73.67 77.23
CA ALA CB 94 9.79 -73.08 77.02
C ALA CB 94 10.50 -72.55 78.29
N SER CB 95 10.06 -72.98 79.49
CA SER CB 95 10.47 -72.52 80.83
C SER CB 95 10.00 -71.08 81.19
N PRO CB 96 9.82 -70.76 82.49
CA PRO CB 96 9.43 -69.40 82.92
C PRO CB 96 10.50 -68.36 82.60
N VAL CB 97 10.06 -67.18 82.18
CA VAL CB 97 10.89 -66.00 81.86
C VAL CB 97 10.28 -64.70 82.40
N ALA CB 98 11.09 -63.90 83.08
CA ALA CB 98 10.73 -62.58 83.59
C ALA CB 98 10.93 -61.50 82.52
N MET CB 99 10.15 -60.42 82.58
CA MET CB 99 10.30 -59.22 81.76
C MET CB 99 10.49 -57.98 82.64
N VAL CB 100 11.56 -57.23 82.40
CA VAL CB 100 12.04 -56.13 83.27
C VAL CB 100 12.40 -54.87 82.48
N GLU CB 101 12.18 -53.70 83.08
CA GLU CB 101 12.29 -52.36 82.47
C GLU CB 101 13.50 -51.59 83.03
N ASP CB 102 14.28 -50.97 82.15
CA ASP CB 102 15.48 -50.18 82.43
C ASP CB 102 15.05 -48.81 83.03
N PRO CB 103 15.93 -48.06 83.72
CA PRO CB 103 15.71 -46.63 83.94
C PRO CB 103 15.70 -45.82 82.63
N ALA CB 104 16.29 -46.36 81.55
CA ALA CB 104 16.18 -45.84 80.19
C ALA CB 104 14.90 -46.29 79.43
N GLY CB 105 13.97 -47.00 80.08
CA GLY CB 105 12.66 -47.39 79.52
C GLY CB 105 12.70 -48.54 78.51
N ARG CB 106 13.84 -49.20 78.29
CA ARG CB 106 13.88 -50.44 77.49
C ARG CB 106 13.21 -51.59 78.26
N GLY CB 107 12.54 -52.50 77.55
CA GLY CB 107 12.19 -53.85 78.03
C GLY CB 107 13.26 -54.91 77.73
N HIS CB 108 13.47 -55.82 78.69
CA HIS CB 108 14.36 -56.98 78.59
C HIS CB 108 13.61 -58.25 79.00
N ILE CB 109 14.15 -59.41 78.61
CA ILE CB 109 13.62 -60.72 79.00
C ILE CB 109 14.79 -61.56 79.53
N VAL CB 110 14.64 -62.10 80.74
CA VAL CB 110 15.69 -62.84 81.46
C VAL CB 110 15.01 -64.01 82.20
N ARG CB 111 15.75 -65.10 82.42
CA ARG CB 111 15.21 -66.33 83.01
C ARG CB 111 16.20 -67.01 83.95
N ARG CB 112 15.74 -68.01 84.71
CA ARG CB 112 16.57 -68.72 85.69
C ARG CB 112 17.90 -69.19 85.08
N ASN CB 113 19.00 -68.90 85.78
CA ASN CB 113 20.43 -69.02 85.39
C ASN CB 113 21.06 -67.80 84.66
N THR CB 114 20.27 -66.94 84.00
CA THR CB 114 20.75 -65.65 83.42
C THR CB 114 21.03 -64.57 84.47
N ARG CB 115 21.59 -63.43 84.03
CA ARG CB 115 21.97 -62.29 84.87
C ARG CB 115 21.41 -60.97 84.32
N MET CB 116 21.50 -59.93 85.16
CA MET CB 116 21.11 -58.55 84.91
C MET CB 116 21.90 -57.64 85.89
N GLY CB 117 22.00 -56.34 85.62
CA GLY CB 117 22.55 -55.37 86.59
C GLY CB 117 24.07 -55.37 86.78
N ARG CB 118 24.61 -54.28 87.32
CA ARG CB 118 26.06 -54.13 87.62
C ARG CB 118 26.57 -55.12 88.67
N GLN CB 119 25.75 -55.43 89.68
CA GLN CB 119 26.03 -56.49 90.67
C GLN CB 119 25.80 -57.92 90.11
N GLY CB 120 25.58 -58.08 88.79
CA GLY CB 120 25.48 -59.38 88.12
C GLY CB 120 24.31 -60.27 88.60
N GLY CB 121 23.24 -59.65 89.09
CA GLY CB 121 22.06 -60.25 89.70
C GLY CB 121 21.53 -61.47 88.94
N LYS CB 122 21.83 -62.66 89.45
CA LYS CB 122 21.49 -63.93 88.83
C LYS CB 122 20.04 -64.29 89.13
N VAL CB 123 19.23 -64.55 88.10
CA VAL CB 123 17.86 -65.03 88.28
C VAL CB 123 17.81 -66.43 88.89
N THR CB 124 17.17 -66.57 90.06
CA THR CB 124 17.12 -67.84 90.82
C THR CB 124 15.68 -68.34 90.99
N GLN CB 125 14.68 -67.46 91.11
CA GLN CB 125 13.24 -67.81 91.13
C GLN CB 125 12.44 -66.79 90.29
N ILE CB 126 11.28 -67.21 89.80
CA ILE CB 126 10.35 -66.38 89.01
C ILE CB 126 8.93 -66.76 89.44
N LEU CB 127 8.24 -65.84 90.14
CA LEU CB 127 6.83 -65.95 90.49
C LEU CB 127 5.99 -65.11 89.51
N ARG CB 128 4.69 -64.87 89.77
CA ARG CB 128 3.82 -64.08 88.87
C ARG CB 128 3.80 -62.58 89.20
N ASP CB 129 4.16 -62.28 90.43
CA ASP CB 129 4.14 -61.01 91.13
C ASP CB 129 5.53 -60.43 91.43
N SER CB 130 6.56 -61.28 91.29
CA SER CB 130 7.89 -61.05 91.84
C SER CB 130 8.94 -62.01 91.29
N VAL CB 131 10.22 -61.65 91.40
CA VAL CB 131 11.36 -62.40 90.85
C VAL CB 131 12.53 -62.32 91.83
N THR CB 132 12.86 -63.44 92.50
CA THR CB 132 14.10 -63.59 93.27
C THR CB 132 15.36 -63.75 92.44
N VAL CB 133 16.35 -62.91 92.75
CA VAL CB 133 17.69 -62.91 92.15
C VAL CB 133 18.80 -62.93 93.22
N THR CB 134 19.98 -63.45 92.87
CA THR CB 134 21.19 -63.36 93.69
C THR CB 134 22.22 -62.39 93.15
N GLU CB 135 22.46 -61.32 93.90
CA GLU CB 135 23.30 -60.18 93.53
C GLU CB 135 24.63 -60.20 94.32
N VAL CB 136 25.54 -59.30 93.96
CA VAL CB 136 26.95 -59.28 94.39
C VAL CB 136 27.31 -57.90 94.96
N PHE CB 137 27.19 -57.75 96.28
CA PHE CB 137 27.44 -56.48 96.99
C PHE CB 137 28.74 -56.52 97.82
N SER CB 138 29.40 -55.36 98.00
CA SER CB 138 30.58 -55.24 98.88
C SER CB 138 30.15 -54.89 100.31
N GLY CB 139 29.76 -55.90 101.09
CA GLY CB 139 29.36 -55.74 102.49
C GLY CB 139 30.57 -55.43 103.38
N ASN CB 140 30.74 -54.15 103.74
CA ASN CB 140 31.83 -53.64 104.59
C ASN CB 140 33.26 -53.96 104.09
N GLY CB 141 33.41 -54.32 102.80
CA GLY CB 141 34.66 -54.71 102.16
C GLY CB 141 34.69 -56.16 101.64
N GLU CB 142 33.84 -57.05 102.16
CA GLU CB 142 33.67 -58.41 101.61
C GLU CB 142 32.67 -58.43 100.44
N ILE CB 143 33.01 -59.14 99.37
CA ILE CB 143 32.03 -59.47 98.32
C ILE CB 143 31.10 -60.60 98.82
N ILE CB 144 29.83 -60.26 99.02
CA ILE CB 144 28.80 -61.16 99.56
C ILE CB 144 27.57 -61.24 98.63
N LYS CB 145 26.79 -62.32 98.81
CA LYS CB 145 25.51 -62.51 98.12
C LYS CB 145 24.43 -61.62 98.71
N ASN CB 146 23.63 -60.98 97.87
CA ASN CB 146 22.42 -60.26 98.27
C ASN CB 146 21.16 -60.87 97.60
N PRO CB 147 20.28 -61.58 98.34
CA PRO CB 147 19.12 -62.30 97.78
C PRO CB 147 17.89 -61.39 97.59
N VAL CB 148 17.97 -60.43 96.66
CA VAL CB 148 16.89 -59.47 96.36
C VAL CB 148 15.69 -60.13 95.64
N THR CB 149 14.48 -59.61 95.85
CA THR CB 149 13.27 -60.05 95.13
C THR CB 149 12.59 -58.83 94.52
N LEU CB 150 12.69 -58.69 93.20
CA LEU CB 150 12.08 -57.61 92.43
C LEU CB 150 10.58 -57.87 92.28
N GLN CB 151 9.73 -57.08 92.95
CA GLN CB 151 8.28 -57.12 92.73
C GLN CB 151 7.88 -56.50 91.38
N LEU CB 152 6.68 -56.84 90.89
CA LEU CB 152 6.00 -56.18 89.78
C LEU CB 152 5.86 -54.66 90.04
N LYS CB 153 5.60 -53.86 88.99
CA LYS CB 153 5.43 -52.40 89.09
C LYS CB 153 3.97 -51.94 89.38
N PRO CB 154 3.62 -51.53 90.61
CA PRO CB 154 2.44 -50.70 90.91
C PRO CB 154 2.83 -49.21 91.03
N ASP CB 155 1.97 -48.41 91.67
CA ASP CB 155 2.36 -47.13 92.27
C ASP CB 155 3.29 -47.35 93.49
N ALA CB 156 4.38 -46.59 93.58
CA ALA CB 156 5.35 -46.59 94.68
C ALA CB 156 6.25 -45.35 94.60
N LYS CB 157 6.78 -44.91 95.75
CA LYS CB 157 7.78 -43.83 95.83
C LYS CB 157 8.77 -44.06 96.98
N GLN CB 158 10.04 -43.77 96.71
CA GLN CB 158 11.14 -43.69 97.67
C GLN CB 158 12.14 -42.61 97.22
N ASP CB 159 13.08 -42.25 98.09
CA ASP CB 159 14.14 -41.28 97.77
C ASP CB 159 15.33 -41.87 96.97
N ASN DB 33 100.13 -168.53 58.54
CA ASN DB 33 99.48 -167.20 58.38
C ASN DB 33 99.12 -166.68 59.76
N THR DB 34 98.86 -165.38 59.84
CA THR DB 34 98.29 -164.78 61.04
C THR DB 34 96.76 -164.66 60.85
N LEU DB 35 96.32 -163.85 59.89
CA LEU DB 35 94.93 -163.74 59.58
C LEU DB 35 94.52 -164.91 58.71
N ARG DB 36 93.55 -165.70 59.15
CA ARG DB 36 93.08 -166.87 58.38
C ARG DB 36 91.75 -166.76 57.66
N GLY DB 37 90.87 -165.88 58.12
CA GLY DB 37 89.56 -165.64 57.46
C GLY DB 37 89.10 -164.23 57.81
N LEU DB 38 88.26 -163.70 56.94
CA LEU DB 38 87.72 -162.35 57.02
C LEU DB 38 86.25 -162.36 56.56
N ASP DB 39 85.34 -161.95 57.45
CA ASP DB 39 83.93 -162.01 57.10
C ASP DB 39 83.23 -160.66 57.33
N VAL DB 40 82.34 -160.29 56.41
CA VAL DB 40 81.52 -159.11 56.64
C VAL DB 40 80.04 -159.48 56.72
N SER DB 41 79.38 -159.13 57.81
CA SER DB 41 77.94 -159.35 57.97
C SER DB 41 77.16 -158.04 57.89
N ARG DB 42 76.83 -157.58 56.66
CA ARG DB 42 76.01 -156.35 56.52
C ARG DB 42 74.61 -156.55 57.09
N THR DB 43 74.18 -155.65 57.96
CA THR DB 43 72.77 -155.67 58.36
C THR DB 43 72.40 -154.24 58.71
N GLY DB 44 71.09 -153.95 58.80
CA GLY DB 44 70.60 -152.57 58.97
C GLY DB 44 70.86 -151.98 60.33
N SER DB 45 70.81 -152.78 61.38
CA SER DB 45 71.13 -152.30 62.72
C SER DB 45 72.61 -152.02 62.95
N GLY DB 46 73.47 -152.85 62.36
CA GLY DB 46 74.91 -152.71 62.44
C GLY DB 46 75.50 -153.67 61.42
N ALA DB 47 76.57 -153.25 60.75
CA ALA DB 47 77.36 -154.17 60.00
C ALA DB 47 78.54 -154.71 60.84
N GLN DB 48 78.73 -156.02 60.85
CA GLN DB 48 79.83 -156.62 61.60
C GLN DB 48 80.97 -157.01 60.65
N VAL DB 49 82.19 -156.60 61.02
CA VAL DB 49 83.39 -157.09 60.39
C VAL DB 49 84.13 -157.99 61.35
N VAL DB 50 84.45 -159.19 60.87
CA VAL DB 50 85.16 -160.17 61.65
C VAL DB 50 86.46 -160.49 60.96
N VAL DB 51 87.51 -160.52 61.75
CA VAL DB 51 88.83 -160.90 61.28
C VAL DB 51 89.31 -162.00 62.18
N THR DB 52 89.60 -163.16 61.59
CA THR DB 52 89.95 -164.33 62.38
C THR DB 52 91.42 -164.60 62.16
N GLY DB 53 92.14 -164.95 63.22
CA GLY DB 53 93.60 -165.08 63.15
C GLY DB 53 94.13 -166.12 64.12
N THR DB 54 95.38 -166.53 63.92
CA THR DB 54 95.98 -167.55 64.73
C THR DB 54 96.48 -167.07 66.07
N ARG DB 55 96.73 -165.76 66.21
CA ARG DB 55 97.17 -165.17 67.47
C ARG DB 55 96.33 -163.93 67.70
N PRO DB 56 96.16 -163.54 68.97
CA PRO DB 56 95.50 -162.30 69.30
C PRO DB 56 96.17 -161.08 68.59
N PRO DB 57 95.36 -160.26 67.94
CA PRO DB 57 95.85 -159.17 67.16
C PRO DB 57 95.94 -157.89 67.97
N THR DB 58 97.06 -157.16 67.86
CA THR DB 58 97.08 -155.77 68.32
C THR DB 58 96.49 -154.93 67.18
N PHE DB 59 95.64 -153.98 67.51
CA PHE DB 59 94.98 -153.21 66.49
C PHE DB 59 94.87 -151.82 67.05
N THR DB 60 94.55 -150.88 66.17
CA THR DB 60 94.12 -149.54 66.52
C THR DB 60 93.05 -149.23 65.50
N VAL DB 61 91.99 -148.62 65.98
CA VAL DB 61 90.91 -148.15 65.11
C VAL DB 61 90.77 -146.63 65.22
N PHE DB 62 90.61 -145.96 64.07
CA PHE DB 62 90.36 -144.54 64.07
C PHE DB 62 89.47 -144.09 62.90
N ARG DB 63 89.10 -142.81 62.86
CA ARG DB 63 88.16 -142.28 61.85
C ARG DB 63 88.88 -141.33 60.89
N LEU DB 64 88.33 -141.14 59.69
CA LEU DB 64 88.80 -140.05 58.84
C LEU DB 64 87.56 -139.45 58.15
N SER DB 65 87.72 -138.25 57.58
CA SER DB 65 86.63 -137.59 56.91
C SER DB 65 87.01 -137.23 55.49
N GLY DB 66 86.04 -136.76 54.70
CA GLY DB 66 86.25 -136.32 53.31
C GLY DB 66 87.00 -137.28 52.41
N PRO DB 67 86.47 -138.51 52.22
CA PRO DB 67 85.15 -139.04 52.66
C PRO DB 67 85.15 -139.68 54.08
N GLU DB 68 84.00 -139.73 54.74
CA GLU DB 68 83.90 -140.51 56.00
C GLU DB 68 84.48 -141.94 55.86
N ARG DB 69 85.34 -142.33 56.78
CA ARG DB 69 86.07 -143.60 56.69
C ARG DB 69 86.30 -144.13 58.06
N LEU DB 70 86.41 -145.43 58.17
CA LEU DB 70 86.89 -146.02 59.42
C LEU DB 70 88.13 -146.78 59.00
N VAL DB 71 89.16 -146.74 59.84
CA VAL DB 71 90.43 -147.36 59.51
C VAL DB 71 90.87 -148.27 60.63
N VAL DB 72 91.28 -149.48 60.28
CA VAL DB 72 91.82 -150.36 61.32
C VAL DB 72 93.22 -150.75 60.94
N ASP DB 73 94.14 -150.57 61.87
CA ASP DB 73 95.51 -151.07 61.72
C ASP DB 73 95.79 -152.35 62.53
N LEU DB 74 96.30 -153.36 61.86
CA LEU DB 74 96.54 -154.64 62.52
C LEU DB 74 98.04 -154.98 62.54
N SER DB 75 98.55 -155.30 63.72
CA SER DB 75 99.98 -155.63 63.92
C SER DB 75 100.22 -157.13 64.05
N SER DB 76 101.45 -157.51 63.71
CA SER DB 76 101.89 -158.89 63.51
C SER DB 76 101.25 -159.56 62.30
N ALA DB 77 99.99 -159.21 62.15
CA ALA DB 77 99.21 -159.73 61.02
C ALA DB 77 98.62 -158.56 60.23
N ASP DB 78 98.56 -158.72 58.92
CA ASP DB 78 97.95 -157.73 58.05
C ASP DB 78 96.77 -158.47 57.42
N ALA DB 79 95.57 -158.12 57.87
CA ALA DB 79 94.35 -158.74 57.37
C ALA DB 79 93.71 -157.87 56.30
N THR DB 80 93.55 -158.42 55.10
CA THR DB 80 92.95 -157.68 53.99
C THR DB 80 91.64 -158.34 53.58
N GLY DB 81 90.57 -157.55 53.58
CA GLY DB 81 89.25 -158.05 53.17
C GLY DB 81 88.87 -157.34 51.87
N ILE DB 82 88.36 -158.11 50.92
CA ILE DB 82 87.98 -157.56 49.63
C ILE DB 82 86.97 -158.44 48.95
N LYS DB 83 86.21 -157.85 48.15
CA LYS DB 83 85.19 -158.50 47.30
C LYS DB 83 84.09 -159.08 48.14
N GLY DB 84 84.26 -158.99 49.46
CA GLY DB 84 83.22 -159.36 50.43
C GLY DB 84 82.24 -158.23 50.67
N HIS DB 85 82.56 -157.03 50.20
CA HIS DB 85 81.67 -155.90 50.43
C HIS DB 85 80.53 -155.90 49.42
N HIS DB 86 79.33 -156.08 49.92
CA HIS DB 86 78.18 -156.19 49.06
C HIS DB 86 77.70 -154.83 48.64
N GLU DB 87 77.14 -154.77 47.43
CA GLU DB 87 76.59 -153.51 46.96
C GLU DB 87 75.44 -152.97 47.78
N GLY DB 88 75.03 -153.68 48.83
CA GLY DB 88 73.87 -153.29 49.65
C GLY DB 88 74.20 -153.28 51.14
N SER DB 89 75.48 -153.24 51.50
CA SER DB 89 75.89 -152.99 52.88
C SER DB 89 75.35 -151.59 53.30
N GLY DB 90 74.52 -151.51 54.35
CA GLY DB 90 74.02 -150.19 54.73
C GLY DB 90 75.10 -149.27 55.29
N PRO DB 91 76.23 -149.86 55.70
CA PRO DB 91 77.33 -149.09 56.31
C PRO DB 91 78.54 -148.92 55.43
N VAL DB 92 78.98 -149.97 54.77
CA VAL DB 92 80.27 -149.96 54.06
C VAL DB 92 80.08 -149.77 52.57
N SER DB 93 80.57 -148.64 52.07
CA SER DB 93 80.58 -148.32 50.65
C SER DB 93 81.68 -149.14 49.97
N GLY DB 94 82.86 -149.28 50.62
CA GLY DB 94 83.94 -150.13 50.11
C GLY DB 94 85.06 -150.37 51.12
N VAL DB 95 85.91 -151.37 50.87
CA VAL DB 95 87.01 -151.69 51.78
C VAL DB 95 88.32 -151.92 51.04
N VAL DB 96 89.35 -151.15 51.39
CA VAL DB 96 90.68 -151.30 50.78
C VAL DB 96 91.64 -151.75 51.86
N ALA DB 97 92.61 -152.57 51.46
CA ALA DB 97 93.58 -153.12 52.42
C ALA DB 97 95.01 -152.99 51.84
N SER DB 98 95.98 -152.58 52.67
CA SER DB 98 97.40 -152.63 52.29
C SER DB 98 98.36 -152.93 53.43
N GLN DB 99 99.38 -153.77 53.26
CA GLN DB 99 100.38 -154.09 54.27
C GLN DB 99 101.70 -153.37 54.02
N PHE DB 100 102.31 -152.79 55.06
CA PHE DB 100 103.66 -152.23 54.94
C PHE DB 100 104.61 -152.91 55.92
N SER DB 101 105.89 -153.02 55.52
CA SER DB 101 106.92 -153.68 56.33
C SER DB 101 107.66 -152.77 57.27
N ASP DB 102 107.93 -153.30 58.47
CA ASP DB 102 108.74 -152.64 59.48
C ASP DB 102 109.76 -153.72 59.90
N GLN DB 103 110.99 -153.64 59.39
CA GLN DB 103 111.93 -154.74 59.56
C GLN DB 103 111.27 -156.00 59.01
N ARG DB 104 111.34 -157.04 59.80
CA ARG DB 104 110.72 -158.29 59.40
C ARG DB 104 109.23 -158.34 59.75
N ALA DB 105 108.71 -157.31 60.42
CA ALA DB 105 107.31 -157.28 60.82
C ALA DB 105 106.43 -156.64 59.76
N SER DB 106 105.12 -156.80 59.94
CA SER DB 106 104.16 -156.29 58.97
C SER DB 106 102.98 -155.62 59.67
N VAL DB 107 102.60 -154.43 59.25
CA VAL DB 107 101.40 -153.70 59.68
C VAL DB 107 100.42 -153.61 58.53
N GLY DB 108 99.09 -154.12 58.75
CA GLY DB 108 98.12 -154.05 57.67
C GLY DB 108 97.12 -152.96 58.01
N ARG DB 109 96.76 -152.17 57.00
CA ARG DB 109 95.76 -151.14 57.23
C ARG DB 109 94.52 -151.49 56.46
N VAL DB 110 93.39 -151.51 57.17
CA VAL DB 110 92.07 -151.72 56.56
C VAL DB 110 91.33 -150.42 56.60
N LEU DB 111 90.78 -150.08 55.45
CA LEU DB 111 90.08 -148.81 55.25
C LEU DB 111 88.66 -149.03 54.75
N LEU DB 112 87.68 -148.61 55.54
CA LEU DB 112 86.27 -148.76 55.19
C LEU DB 112 85.65 -147.44 54.87
N ALA DB 113 85.41 -147.17 53.61
CA ALA DB 113 84.62 -145.99 53.23
C ALA DB 113 83.14 -146.21 53.61
N LEU DB 114 82.52 -145.21 54.24
CA LEU DB 114 81.18 -145.32 54.83
C LEU DB 114 80.06 -144.64 54.09
N ASP DB 115 78.83 -145.17 54.27
CA ASP DB 115 77.58 -144.66 53.68
C ASP DB 115 76.84 -143.80 54.70
N LYS DB 116 77.27 -143.82 55.94
CA LYS DB 116 76.60 -143.09 57.01
C LYS DB 116 77.52 -143.02 58.23
N ALA DB 117 77.26 -142.08 59.13
CA ALA DB 117 78.11 -141.92 60.30
C ALA DB 117 77.98 -143.10 61.25
N SER DB 118 79.12 -143.58 61.72
CA SER DB 118 79.13 -144.73 62.60
C SER DB 118 79.78 -144.44 63.94
N GLN DB 119 79.36 -145.23 64.92
CA GLN DB 119 80.04 -145.32 66.16
C GLN DB 119 80.61 -146.76 66.23
N TYR DB 120 81.89 -146.94 65.91
CA TYR DB 120 82.39 -148.31 65.90
C TYR DB 120 82.58 -148.85 67.29
N ASP DB 121 82.40 -150.15 67.45
CA ASP DB 121 82.72 -150.84 68.69
C ASP DB 121 83.55 -152.09 68.35
N VAL DB 122 84.75 -152.16 68.92
CA VAL DB 122 85.68 -153.24 68.67
C VAL DB 122 85.90 -154.09 69.91
N ARG DB 123 85.94 -155.41 69.73
CA ARG DB 123 86.27 -156.30 70.86
C ARG DB 123 86.94 -157.50 70.32
N ALA DB 124 87.72 -158.17 71.15
CA ALA DB 124 88.45 -159.35 70.73
C ALA DB 124 87.80 -160.54 71.41
N ASP DB 125 87.91 -161.70 70.80
CA ASP DB 125 87.48 -162.97 71.42
C ASP DB 125 88.33 -164.06 70.80
N GLY DB 126 89.28 -164.56 71.57
CA GLY DB 126 90.17 -165.60 71.07
C GLY DB 126 91.02 -165.08 69.92
N ASN DB 127 90.86 -165.71 68.75
CA ASN DB 127 91.60 -165.29 67.56
C ASN DB 127 90.75 -164.45 66.65
N ARG DB 128 89.59 -164.01 67.14
CA ARG DB 128 88.71 -163.21 66.32
C ARG DB 128 88.66 -161.78 66.84
N VAL DB 129 88.81 -160.83 65.93
CA VAL DB 129 88.64 -159.44 66.24
C VAL DB 129 87.36 -159.03 65.56
N VAL DB 130 86.45 -158.48 66.35
CA VAL DB 130 85.16 -158.05 65.84
C VAL DB 130 85.00 -156.52 65.83
N ILE DB 131 84.62 -155.96 64.70
CA ILE DB 131 84.25 -154.55 64.68
C ILE DB 131 82.81 -154.38 64.27
N SER DB 132 81.98 -153.82 65.15
CA SER DB 132 80.59 -153.57 64.77
C SER DB 132 80.36 -152.08 64.51
N VAL DB 133 79.80 -151.76 63.36
CA VAL DB 133 79.60 -150.39 62.98
C VAL DB 133 78.17 -150.10 63.25
N ASP DB 134 77.91 -149.34 64.32
CA ASP DB 134 76.53 -148.89 64.62
C ASP DB 134 76.24 -147.49 64.05
N GLY DB 135 74.98 -147.15 63.76
CA GLY DB 135 74.76 -145.73 63.40
C GLY DB 135 75.00 -144.74 64.55
N THR DB 136 73.93 -144.09 65.02
CA THR DB 136 74.03 -143.14 66.11
C THR DB 136 73.33 -143.65 67.38
N SER DB 137 72.71 -144.82 67.28
CA SER DB 137 72.02 -145.43 68.42
C SER DB 137 72.98 -146.44 69.07
N GLN DB 138 73.45 -146.11 70.27
CA GLN DB 138 74.41 -146.94 70.97
C GLN DB 138 73.91 -147.93 72.01
N SER DB 139 72.67 -147.78 72.48
CA SER DB 139 72.19 -148.70 73.49
C SER DB 139 70.68 -148.77 73.53
N VAL DB 140 70.15 -149.99 73.63
CA VAL DB 140 68.72 -150.20 73.73
C VAL DB 140 68.47 -150.67 75.16
N ASP DB 214 64.41 -107.43 67.24
CA ASP DB 214 62.94 -107.49 67.07
C ASP DB 214 62.50 -108.52 66.01
N ASP DB 215 63.34 -108.71 65.00
CA ASP DB 215 63.03 -109.57 63.86
C ASP DB 215 63.17 -111.02 64.31
N THR DB 216 64.10 -111.25 65.24
CA THR DB 216 64.51 -112.57 65.73
C THR DB 216 65.64 -112.35 66.74
N LEU DB 217 65.55 -113.13 67.81
CA LEU DB 217 66.63 -113.21 68.79
C LEU DB 217 67.45 -114.46 68.46
N SER DB 218 68.76 -114.25 68.38
CA SER DB 218 69.70 -115.35 68.08
C SER DB 218 70.42 -115.78 69.36
N ILE DB 219 70.45 -117.10 69.55
CA ILE DB 219 71.23 -117.73 70.63
C ILE DB 219 72.37 -118.50 69.99
N ARG DB 220 73.58 -118.19 70.43
CA ARG DB 220 74.78 -118.84 69.91
C ARG DB 220 75.48 -119.59 71.04
N ALA DB 221 75.80 -120.85 70.75
CA ALA DB 221 76.55 -121.72 71.67
C ALA DB 221 77.80 -122.18 70.94
N ASP DB 222 78.95 -121.73 71.45
CA ASP DB 222 80.24 -122.07 70.83
C ASP DB 222 80.90 -123.18 71.66
N GLY DB 223 81.38 -124.19 70.95
CA GLY DB 223 82.02 -125.35 71.57
C GLY DB 223 82.43 -126.35 70.48
N ASP DB 224 83.13 -127.39 70.94
CA ASP DB 224 83.61 -128.47 70.06
C ASP DB 224 82.50 -129.32 69.41
N ILE DB 225 81.45 -129.56 70.16
CA ILE DB 225 80.36 -130.44 69.71
C ILE DB 225 79.57 -129.83 68.51
N ALA DB 226 78.28 -130.11 68.32
CA ALA DB 226 77.36 -130.74 69.28
C ALA DB 226 76.21 -131.47 68.67
N ARG DB 227 75.87 -132.58 69.31
CA ARG DB 227 74.57 -133.17 69.02
C ARG DB 227 73.54 -132.51 69.94
N TYR DB 228 72.43 -132.12 69.33
CA TYR DB 228 71.37 -131.41 70.05
C TYR DB 228 70.00 -131.91 69.60
N GLU DB 229 69.01 -131.59 70.42
CA GLU DB 229 67.59 -131.73 70.05
C GLU DB 229 66.85 -130.50 70.60
N VAL DB 230 65.97 -129.96 69.76
CA VAL DB 230 65.15 -128.81 70.15
C VAL DB 230 63.67 -129.21 70.10
N LEU DB 231 62.93 -128.72 71.07
CA LEU DB 231 61.48 -128.96 71.15
C LEU DB 231 60.80 -127.83 71.95
N GLU DB 232 59.48 -127.81 71.87
CA GLU DB 232 58.62 -126.82 72.52
C GLU DB 232 57.84 -127.37 73.74
N LEU DB 233 57.51 -126.47 74.64
CA LEU DB 233 56.61 -126.75 75.77
C LEU DB 233 55.62 -125.61 75.90
N ALA DB 234 54.48 -125.91 76.50
CA ALA DB 234 53.44 -124.89 76.74
C ALA DB 234 53.15 -124.75 78.24
N ASP DB 235 52.45 -123.67 78.59
CA ASP DB 235 52.01 -123.40 79.96
C ASP DB 235 53.19 -123.50 80.97
N PRO DB 236 54.13 -122.55 80.90
CA PRO DB 236 54.16 -121.44 79.93
C PRO DB 236 54.88 -121.87 78.64
N PRO DB 237 54.71 -121.09 77.58
CA PRO DB 237 55.39 -121.34 76.29
C PRO DB 237 56.91 -121.27 76.50
N ARG DB 238 57.58 -122.28 75.99
CA ARG DB 238 59.02 -122.49 76.21
C ARG DB 238 59.65 -123.16 74.99
N LEU DB 239 60.91 -122.88 74.77
CA LEU DB 239 61.73 -123.62 73.80
C LEU DB 239 62.87 -124.26 74.61
N ALA DB 240 63.09 -125.54 74.34
CA ALA DB 240 64.10 -126.32 75.08
C ALA DB 240 65.11 -126.94 74.12
N VAL DB 241 66.37 -126.79 74.46
CA VAL DB 241 67.47 -127.42 73.71
C VAL DB 241 68.25 -128.34 74.65
N ASP DB 242 68.44 -129.57 74.19
CA ASP DB 242 69.31 -130.53 74.89
C ASP DB 242 70.60 -130.71 74.08
N LEU DB 243 71.70 -130.54 74.79
CA LEU DB 243 73.03 -130.66 74.19
C LEU DB 243 73.75 -131.87 74.78
N PHE DB 244 74.33 -132.66 73.90
CA PHE DB 244 75.06 -133.84 74.36
C PHE DB 244 76.56 -133.70 74.17
N GLY DB 245 77.25 -134.51 74.98
CA GLY DB 245 78.72 -134.47 75.10
C GLY DB 245 79.15 -133.19 75.83
N VAL DB 246 78.25 -132.65 76.64
CA VAL DB 246 78.56 -131.46 77.46
C VAL DB 246 78.37 -131.76 78.93
N GLY DB 247 79.33 -131.22 79.69
CA GLY DB 247 79.20 -131.11 81.15
C GLY DB 247 78.95 -129.64 81.47
N LEU DB 248 77.98 -129.41 82.35
CA LEU DB 248 77.63 -128.06 82.80
C LEU DB 248 78.88 -127.37 83.37
N ALA DB 249 79.00 -126.08 83.12
CA ALA DB 249 80.18 -125.32 83.55
C ALA DB 249 79.83 -123.85 83.72
N THR DB 250 80.72 -123.16 84.43
CA THR DB 250 80.54 -121.74 84.76
C THR DB 250 80.29 -120.91 83.50
N ARG DB 251 80.82 -121.32 82.34
CA ARG DB 251 80.55 -120.57 81.09
C ARG DB 251 79.08 -120.62 80.65
N ALA DB 252 78.32 -121.53 81.26
CA ALA DB 252 76.85 -121.57 81.08
C ALA DB 252 76.23 -120.15 81.28
N PRO DB 253 76.70 -119.30 82.20
CA PRO DB 253 76.22 -117.94 82.48
C PRO DB 253 76.20 -117.04 81.28
N ARG DB 254 77.14 -117.21 80.35
CA ARG DB 254 77.11 -116.43 79.09
C ARG DB 254 75.77 -116.65 78.37
N VAL DB 255 75.05 -117.67 78.81
CA VAL DB 255 73.71 -118.03 78.36
C VAL DB 255 72.67 -116.93 78.68
N LYS DB 256 72.95 -116.11 79.69
CA LYS DB 256 72.03 -115.05 80.11
C LYS DB 256 71.67 -114.12 78.94
N SER DB 257 72.59 -114.05 77.98
CA SER DB 257 72.46 -113.23 76.77
C SER DB 257 71.27 -113.60 75.87
N GLY DB 258 70.76 -114.81 76.09
CA GLY DB 258 69.82 -115.31 75.13
C GLY DB 258 68.44 -115.52 75.65
N ALA DB 259 68.07 -115.16 76.91
CA ALA DB 259 66.69 -115.16 77.46
C ALA DB 259 65.75 -114.15 76.78
N LEU DB 260 64.44 -114.39 76.54
CA LEU DB 260 63.61 -115.60 76.61
C LEU DB 260 62.60 -115.46 77.70
N ARG DB 261 62.14 -114.24 77.92
CA ARG DB 261 61.64 -113.83 79.25
C ARG DB 261 62.69 -114.21 80.35
N ASP DB 262 63.35 -115.35 80.23
CA ASP DB 262 64.40 -116.00 80.98
C ASP DB 262 64.88 -117.31 80.30
N VAL DB 263 66.07 -117.67 80.73
CA VAL DB 263 66.75 -118.90 80.34
C VAL DB 263 67.30 -119.61 81.58
N ARG DB 264 66.95 -120.88 81.72
CA ARG DB 264 67.52 -121.73 82.79
C ARG DB 264 68.21 -122.94 82.18
N VAL DB 265 69.31 -123.33 82.82
CA VAL DB 265 70.16 -124.43 82.32
C VAL DB 265 70.45 -125.40 83.46
N GLY DB 266 70.51 -126.68 83.10
CA GLY DB 266 70.83 -127.75 84.06
C GLY DB 266 71.39 -128.97 83.34
N ALA DB 267 71.59 -130.03 84.12
CA ALA DB 267 72.15 -131.29 83.62
C ALA DB 267 71.80 -132.42 84.58
N HIS DB 268 71.68 -133.61 84.01
CA HIS DB 268 71.31 -134.80 84.79
C HIS DB 268 72.14 -136.01 84.35
N ALA DB 269 73.43 -135.94 84.65
CA ALA DB 269 74.37 -137.03 84.30
C ALA DB 269 74.23 -137.42 82.82
N ASP DB 270 73.91 -136.41 82.02
CA ASP DB 270 73.98 -136.68 80.59
C ASP DB 270 74.87 -135.66 79.87
N LYS DB 271 74.53 -134.55 79.23
CA LYS DB 271 73.27 -133.91 78.70
C LYS DB 271 72.92 -132.67 79.51
N VAL DB 272 73.06 -131.56 78.81
CA VAL DB 272 72.65 -130.27 79.37
C VAL DB 272 71.35 -129.86 78.69
N ARG DB 273 70.45 -129.30 79.49
CA ARG DB 273 69.18 -128.80 78.99
C ARG DB 273 69.09 -127.29 79.20
N LEU DB 274 68.79 -126.61 78.10
CA LEU DB 274 68.60 -125.17 78.10
C LEU DB 274 67.12 -124.91 77.82
N VAL DB 275 66.54 -124.10 78.70
CA VAL DB 275 65.10 -123.82 78.69
C VAL DB 275 64.91 -122.29 78.57
N LEU DB 276 64.16 -121.91 77.58
CA LEU DB 276 63.83 -120.52 77.19
C LEU DB 276 62.35 -120.27 77.38
N ASP DB 277 62.00 -119.57 78.40
CA ASP DB 277 60.63 -119.10 78.53
C ASP DB 277 60.34 -118.01 77.43
N VAL DB 278 59.21 -117.98 76.83
CA VAL DB 278 59.04 -117.00 75.74
C VAL DB 278 58.09 -115.87 76.09
N ARG DB 279 58.22 -114.77 75.36
CA ARG DB 279 57.27 -113.65 75.43
C ARG DB 279 56.27 -113.66 74.27
N GLY DB 280 56.50 -114.56 73.30
CA GLY DB 280 55.66 -114.66 72.09
C GLY DB 280 55.93 -115.96 71.34
N THR DB 281 54.98 -116.44 70.57
CA THR DB 281 55.17 -117.69 69.81
C THR DB 281 56.34 -117.57 68.83
N MET DB 282 57.15 -118.61 68.77
CA MET DB 282 58.33 -118.63 67.87
C MET DB 282 58.28 -119.85 66.93
N LYS DB 341 43.52 -125.24 50.76
CA LYS DB 341 42.89 -123.93 50.80
C LYS DB 341 41.64 -123.89 49.92
N ASP DB 342 40.70 -123.03 50.29
CA ASP DB 342 39.45 -122.91 49.54
C ASP DB 342 38.60 -121.77 50.09
N VAL DB 343 37.68 -121.27 49.26
CA VAL DB 343 36.80 -120.18 49.67
C VAL DB 343 35.34 -120.62 49.67
N ARG DB 344 34.53 -119.94 50.47
CA ARG DB 344 33.10 -120.25 50.56
C ARG DB 344 32.29 -119.01 50.90
N PHE DB 345 31.01 -119.02 50.54
CA PHE DB 345 30.13 -117.90 50.80
C PHE DB 345 28.81 -118.37 51.40
N GLU DB 346 28.23 -117.54 52.26
CA GLU DB 346 26.96 -117.88 52.90
C GLU DB 346 26.32 -116.63 53.51
N GLU DB 347 25.28 -116.67 54.21
CA GLU DB 347 24.72 -115.50 54.84
C GLU DB 347 24.19 -115.80 56.23
N SER DB 348 24.18 -114.79 57.05
CA SER DB 348 23.55 -114.91 58.35
C SER DB 348 22.90 -113.56 58.63
N SER DB 349 22.39 -113.38 59.83
CA SER DB 349 21.56 -112.15 60.07
C SER DB 349 22.47 -110.90 59.90
N SER DB 350 23.75 -111.02 60.27
CA SER DB 350 24.70 -109.92 60.00
C SER DB 350 24.84 -109.66 58.47
N GLY DB 351 24.28 -110.52 57.61
CA GLY DB 351 24.42 -110.33 56.17
C GLY DB 351 25.21 -111.41 55.45
N GLY DB 352 26.06 -110.97 54.52
CA GLY DB 352 26.89 -111.90 53.73
C GLY DB 352 28.19 -112.27 54.44
N ARG DB 353 28.54 -113.48 54.34
CA ARG DB 353 29.65 -114.12 55.03
C ARG DB 353 30.55 -114.86 54.05
N ILE DB 354 31.86 -114.74 54.24
CA ILE DB 354 32.83 -115.39 53.36
C ILE DB 354 33.74 -116.31 54.16
N VAL DB 355 33.35 -117.58 54.29
CA VAL DB 355 34.15 -118.55 55.02
C VAL DB 355 35.32 -119.06 54.18
N MET DB 356 36.54 -118.75 54.62
CA MET DB 356 37.73 -119.17 53.90
C MET DB 356 38.46 -120.27 54.66
N LYS DB 357 38.91 -121.29 53.94
CA LYS DB 357 39.63 -122.41 54.55
C LYS DB 357 41.14 -122.21 54.44
N LEU DB 358 41.78 -121.97 55.58
CA LEU DB 358 43.22 -121.77 55.61
C LEU DB 358 43.92 -122.92 56.31
N SER DB 359 44.45 -123.86 55.52
CA SER DB 359 45.15 -125.02 56.06
C SER DB 359 46.65 -124.83 56.01
N GLY DB 360 47.26 -124.65 57.18
CA GLY DB 360 48.70 -124.46 57.24
C GLY DB 360 49.07 -123.05 57.65
N THR DB 361 48.15 -122.35 58.29
CA THR DB 361 48.39 -120.98 58.73
C THR DB 361 48.37 -120.89 60.25
N SER DB 362 49.16 -119.96 60.79
CA SER DB 362 49.23 -119.76 62.23
C SER DB 362 48.68 -118.40 62.63
N GLY DB 363 49.42 -117.34 62.30
CA GLY DB 363 48.99 -116.00 62.63
C GLY DB 363 47.74 -115.59 61.87
N TRP DB 364 47.63 -114.30 61.56
CA TRP DB 364 46.48 -113.78 60.84
C TRP DB 364 46.91 -113.01 59.59
N LYS DB 365 46.11 -113.12 58.52
CA LYS DB 365 46.40 -112.44 57.26
C LYS DB 365 46.23 -110.92 57.36
N VAL DB 366 46.47 -110.23 56.25
CA VAL DB 366 46.34 -108.77 56.22
C VAL DB 366 45.00 -108.35 55.63
N ASP DB 367 44.10 -107.91 56.51
CA ASP DB 367 42.77 -107.49 56.08
C ASP DB 367 42.78 -106.02 55.62
N ARG DB 368 42.46 -105.80 54.35
CA ARG DB 368 42.44 -104.45 53.80
C ARG DB 368 41.04 -104.09 53.29
N PRO DB 369 40.27 -103.41 54.13
CA PRO DB 369 38.91 -103.02 53.77
C PRO DB 369 38.92 -101.78 52.87
N ASP DB 370 38.59 -101.98 51.60
CA ASP DB 370 38.57 -100.88 50.64
C ASP DB 370 37.15 -100.47 50.31
N PRO DB 371 37.00 -99.34 49.64
CA PRO DB 371 35.68 -98.83 49.27
C PRO DB 371 35.13 -99.59 48.06
N ARG DB 372 36.01 -100.34 47.39
CA ARG DB 372 35.60 -101.12 46.23
C ARG DB 372 35.45 -102.60 46.58
N SER DB 373 36.55 -103.21 47.01
CA SER DB 373 36.55 -104.61 47.38
C SER DB 373 37.40 -104.86 48.62
N ALA DB 374 37.68 -106.12 48.92
CA ALA DB 374 38.47 -106.49 50.07
C ALA DB 374 39.76 -107.18 49.66
N VAL DB 375 40.75 -107.15 50.54
CA VAL DB 375 42.04 -107.78 50.27
C VAL DB 375 42.52 -108.59 51.47
N LEU DB 376 42.91 -109.84 51.21
CA LEU DB 376 43.40 -110.72 52.26
C LEU DB 376 44.62 -111.50 51.81
N THR DB 377 45.77 -111.15 52.36
CA THR DB 377 47.02 -111.83 52.01
C THR DB 377 47.45 -112.80 53.10
N LEU DB 378 47.90 -113.98 52.69
CA LEU DB 378 48.34 -115.01 53.63
C LEU DB 378 49.76 -115.47 53.31
N ASP DB 379 50.73 -114.91 54.04
CA ASP DB 379 52.13 -115.27 53.84
C ASP DB 379 52.35 -116.76 54.04
N ASN DB 380 53.11 -117.37 53.13
CA ASN DB 380 53.39 -118.80 53.21
C ASN DB 380 52.11 -119.62 53.08
N ALA DB 381 51.12 -119.05 52.40
CA ALA DB 381 49.85 -119.73 52.20
C ALA DB 381 49.50 -119.83 50.72
N ARG DB 382 50.52 -119.74 49.87
CA ARG DB 382 50.34 -119.82 48.43
C ARG DB 382 49.42 -120.98 48.05
N LEU DB 383 48.25 -120.64 47.50
CA LEU DB 383 47.29 -121.66 47.10
C LEU DB 383 47.39 -121.94 45.60
N PRO DB 384 47.10 -123.19 45.21
CA PRO DB 384 47.16 -123.62 43.81
C PRO DB 384 46.04 -123.00 42.97
N LYS DB 385 46.29 -122.86 41.67
CA LYS DB 385 45.31 -122.27 40.76
C LYS DB 385 44.07 -123.16 40.67
N LYS DB 386 44.17 -124.38 41.18
CA LYS DB 386 43.04 -125.32 41.15
C LYS DB 386 42.13 -125.12 42.35
N PHE DB 387 42.39 -124.07 43.12
CA PHE DB 387 41.58 -123.76 44.30
C PHE DB 387 41.24 -122.27 44.36
N GLU DB 388 41.59 -121.55 43.30
CA GLU DB 388 41.32 -120.12 43.25
C GLU DB 388 39.96 -119.85 42.60
N ARG DB 389 39.07 -120.83 42.68
CA ARG DB 389 37.74 -120.70 42.11
C ARG DB 389 37.01 -119.49 42.69
N SER DB 390 36.14 -118.90 41.89
CA SER DB 390 35.37 -117.72 42.33
C SER DB 390 33.93 -118.09 42.61
N LEU DB 391 33.22 -117.19 43.30
CA LEU DB 391 31.82 -117.42 43.62
C LEU DB 391 30.90 -116.73 42.61
N ASP DB 392 29.62 -117.09 42.66
CA ASP DB 392 28.64 -116.51 41.75
C ASP DB 392 27.40 -116.05 42.50
N THR DB 393 27.60 -115.48 43.69
CA THR DB 393 26.50 -115.00 44.51
C THR DB 393 25.97 -113.68 43.98
N SER DB 394 25.42 -113.70 42.78
CA SER DB 394 24.88 -112.50 42.16
C SER DB 394 23.38 -112.38 42.45
N ALA DB 395 22.94 -111.17 42.79
CA ALA DB 395 21.54 -110.93 43.08
C ALA DB 395 21.10 -111.70 44.33
N LEU DB 396 22.01 -111.83 45.29
CA LEU DB 396 21.72 -112.56 46.52
C LEU DB 396 21.21 -111.60 47.59
N ASP DB 397 20.99 -110.34 47.22
CA ASP DB 397 20.50 -109.33 48.15
C ASP DB 397 21.47 -109.16 49.32
N THR DB 398 22.75 -109.06 49.00
CA THR DB 398 23.78 -108.88 50.02
C THR DB 398 24.77 -107.80 49.62
N PRO DB 399 25.53 -107.29 50.60
CA PRO DB 399 26.52 -106.24 50.38
C PRO DB 399 27.74 -106.76 49.60
N VAL DB 400 27.85 -108.08 49.51
CA VAL DB 400 28.96 -108.70 48.79
C VAL DB 400 28.58 -108.99 47.34
N LYS DB 401 29.16 -108.22 46.42
CA LYS DB 401 28.88 -108.40 45.00
C LYS DB 401 29.20 -109.82 44.55
N MET DB 402 30.45 -110.24 44.79
CA MET DB 402 30.88 -111.59 44.41
C MET DB 402 32.29 -111.86 44.93
N ILE DB 403 32.50 -113.08 45.42
CA ILE DB 403 33.81 -113.47 45.94
C ILE DB 403 34.71 -113.99 44.82
N SER DB 404 35.98 -113.59 44.87
CA SER DB 404 36.95 -114.01 43.86
C SER DB 404 38.27 -114.40 44.50
N ALA DB 405 38.71 -115.62 44.21
CA ALA DB 405 39.97 -116.12 44.77
C ALA DB 405 41.07 -116.12 43.70
N PHE DB 406 42.26 -115.67 44.08
CA PHE DB 406 43.39 -115.62 43.17
C PHE DB 406 44.69 -116.02 43.88
N SER DB 407 45.45 -116.90 43.25
CA SER DB 407 46.71 -117.35 43.82
C SER DB 407 47.80 -116.31 43.66
N VAL DB 408 48.57 -116.37 42.56
CA VAL DB 408 49.70 -115.49 42.39
C VAL DB 408 49.29 -114.01 42.37
N PRO DB 409 50.09 -113.18 43.04
CA PRO DB 409 49.83 -111.74 42.88
C PRO DB 409 51.17 -110.97 42.99
N GLY DB 410 52.28 -111.64 42.67
CA GLY DB 410 53.54 -110.93 42.51
C GLY DB 410 54.45 -110.98 43.71
N ALA DB 411 54.06 -111.71 44.75
CA ALA DB 411 54.87 -111.86 45.96
C ALA DB 411 55.02 -113.36 46.23
N GLY DB 412 56.28 -113.82 46.32
CA GLY DB 412 56.48 -115.23 46.66
C GLY DB 412 55.69 -115.63 47.90
N GLY DB 413 55.12 -116.82 47.85
CA GLY DB 413 54.43 -117.52 48.93
C GLY DB 413 53.10 -116.90 49.37
N LYS DB 414 52.77 -115.70 48.97
CA LYS DB 414 51.57 -114.98 49.41
C LYS DB 414 50.35 -115.42 48.64
N VAL DB 415 49.17 -115.31 49.26
CA VAL DB 415 47.89 -115.47 48.54
C VAL DB 415 46.99 -114.25 48.75
N ARG DB 416 45.99 -114.15 47.86
CA ARG DB 416 45.20 -112.93 47.84
C ARG DB 416 43.73 -113.24 47.62
N LEU DB 417 42.86 -112.48 48.29
CA LEU DB 417 41.43 -112.66 48.16
C LEU DB 417 40.74 -111.36 47.76
N VAL DB 418 39.81 -111.45 46.81
CA VAL DB 418 39.07 -110.28 46.35
C VAL DB 418 37.57 -110.44 46.57
N VAL DB 419 37.03 -109.67 47.51
CA VAL DB 419 35.60 -109.73 47.81
C VAL DB 419 34.91 -108.43 47.44
N ALA DB 420 34.47 -108.34 46.18
CA ALA DB 420 33.80 -107.15 45.70
C ALA DB 420 32.57 -106.84 46.54
N ALA DB 421 32.35 -105.55 46.81
CA ALA DB 421 31.22 -105.11 47.61
C ALA DB 421 30.48 -103.96 46.94
N ASP DB 422 29.43 -103.46 47.59
CA ASP DB 422 28.65 -102.36 47.07
C ASP DB 422 28.04 -101.52 48.19
N GLY DB 423 27.85 -100.23 47.93
CA GLY DB 423 27.28 -99.35 48.92
C GLY DB 423 28.01 -99.42 50.25
N ALA DB 424 27.47 -98.76 51.26
CA ALA DB 424 28.08 -98.74 52.58
C ALA DB 424 27.98 -100.11 53.25
N ILE DB 425 29.07 -100.56 53.85
CA ILE DB 425 29.10 -101.85 54.53
C ILE DB 425 30.21 -101.89 55.57
N GLU DB 426 30.24 -102.99 56.34
CA GLU DB 426 31.26 -103.15 57.37
C GLU DB 426 31.85 -104.55 57.34
N GLU DB 427 33.16 -104.64 57.56
CA GLU DB 427 33.85 -105.92 57.55
C GLU DB 427 34.07 -106.44 58.96
N LYS DB 428 33.87 -107.74 59.16
CA LYS DB 428 34.05 -108.36 60.46
C LYS DB 428 34.70 -109.73 60.33
N VAL DB 429 35.95 -109.82 60.78
CA VAL DB 429 36.69 -111.08 60.71
C VAL DB 429 36.46 -111.91 61.97
N SER DB 430 36.34 -113.22 61.79
CA SER DB 430 36.12 -114.13 62.91
C SER DB 430 37.00 -115.36 62.79
N GLN DB 431 37.68 -115.70 63.88
CA GLN DB 431 38.57 -116.87 63.90
C GLN DB 431 38.07 -117.92 64.88
N SER DB 432 37.28 -118.86 64.38
CA SER DB 432 36.73 -119.92 65.21
C SER DB 432 37.79 -120.98 65.52
N ALA DB 433 38.95 -120.86 64.89
CA ALA DB 433 40.04 -121.79 65.10
C ALA DB 433 41.27 -121.39 64.28
N GLY DB 434 42.43 -121.92 64.68
CA GLY DB 434 43.70 -121.64 64.01
C GLY DB 434 43.78 -122.27 62.62
N THR DB 435 43.12 -121.64 61.66
CA THR DB 435 43.12 -122.16 60.30
C THR DB 435 41.87 -121.79 59.54
N LEU DB 436 40.77 -121.59 60.25
CA LEU DB 436 39.50 -121.24 59.64
C LEU DB 436 39.24 -119.74 59.75
N SER DB 437 39.17 -119.07 58.61
CA SER DB 437 38.93 -117.63 58.57
C SER DB 437 37.53 -117.33 58.05
N TRP DB 438 36.95 -116.25 58.53
CA TRP DB 438 35.60 -115.84 58.12
C TRP DB 438 35.50 -114.33 57.99
N ARG DB 439 34.61 -113.88 57.10
CA ARG DB 439 34.42 -112.45 56.88
C ARG DB 439 32.93 -112.11 56.79
N LEU DB 440 32.40 -111.52 57.85
CA LEU DB 440 30.99 -111.14 57.90
C LEU DB 440 30.78 -109.76 57.30
N TYR DB 477 -7.82 -90.85 43.90
CA TYR DB 477 -8.44 -90.34 45.14
C TYR DB 477 -8.80 -91.52 46.02
N ARG DB 478 -7.75 -92.27 46.39
CA ARG DB 478 -7.83 -93.30 47.42
C ARG DB 478 -6.40 -93.66 47.82
N GLY DB 479 -6.18 -93.88 49.11
CA GLY DB 479 -4.84 -94.11 49.60
C GLY DB 479 -4.74 -94.78 50.98
N LYS DB 480 -3.53 -95.18 51.39
CA LYS DB 480 -3.26 -95.52 52.79
C LYS DB 480 -3.53 -94.32 53.69
N ARG DB 481 -3.90 -94.62 54.94
CA ARG DB 481 -4.07 -93.64 56.02
C ARG DB 481 -2.78 -93.23 56.64
N VAL DB 482 -2.76 -91.97 57.03
CA VAL DB 482 -1.55 -91.25 57.36
C VAL DB 482 -1.83 -90.21 58.43
N SER DB 483 -0.77 -89.62 58.97
CA SER DB 483 -0.86 -88.43 59.80
C SER DB 483 0.17 -87.46 59.26
N PHE DB 484 -0.32 -86.32 58.78
CA PHE DB 484 0.50 -85.24 58.28
C PHE DB 484 0.83 -84.18 59.27
N GLU DB 485 2.08 -84.10 59.66
CA GLU DB 485 2.53 -83.05 60.53
C GLU DB 485 3.60 -82.27 59.82
N PHE DB 486 3.28 -81.01 59.50
CA PHE DB 486 4.15 -80.04 58.81
C PHE DB 486 4.28 -78.74 59.54
N LYS DB 487 5.43 -78.54 60.18
CA LYS DB 487 5.68 -77.32 60.94
C LYS DB 487 6.59 -76.38 60.18
N ASP DB 488 5.97 -75.48 59.41
CA ASP DB 488 6.67 -74.39 58.72
C ASP DB 488 7.62 -75.03 57.69
N ILE DB 489 7.00 -75.60 56.63
CA ILE DB 489 7.74 -76.27 55.54
C ILE DB 489 7.22 -75.87 54.18
N ASP DB 490 8.12 -75.89 53.20
CA ASP DB 490 7.75 -75.59 51.83
C ASP DB 490 6.72 -76.59 51.31
N ILE DB 491 5.65 -76.09 50.69
CA ILE DB 491 4.65 -76.99 50.09
C ILE DB 491 5.30 -77.91 49.06
N GLN DB 492 6.36 -77.45 48.39
CA GLN DB 492 7.18 -78.28 47.51
C GLN DB 492 7.83 -79.45 48.24
N ASN DB 493 8.32 -79.22 49.45
CA ASN DB 493 8.80 -80.31 50.27
C ASN DB 493 7.65 -81.23 50.64
N LEU DB 494 6.51 -80.72 51.14
CA LEU DB 494 5.39 -81.61 51.46
C LEU DB 494 4.97 -82.45 50.27
N LEU DB 495 4.92 -81.82 49.12
CA LEU DB 495 4.67 -82.51 47.89
C LEU DB 495 5.63 -83.67 47.63
N ARG DB 496 6.95 -83.42 47.64
CA ARG DB 496 7.98 -84.45 47.38
C ARG DB 496 7.89 -85.58 48.34
N VAL DB 497 7.76 -85.21 49.60
CA VAL DB 497 7.55 -86.13 50.68
C VAL DB 497 6.34 -87.00 50.32
N ILE DB 498 5.25 -86.37 49.92
CA ILE DB 498 4.06 -87.07 49.47
C ILE DB 498 4.40 -87.92 48.23
N ALA DB 499 5.22 -87.55 47.25
CA ALA DB 499 5.66 -88.50 46.23
C ALA DB 499 6.58 -89.67 46.73
N GLU DB 500 7.43 -89.43 47.72
CA GLU DB 500 8.34 -90.43 48.32
C GLU DB 500 7.64 -91.55 49.10
N ILE DB 501 6.39 -91.29 49.45
CA ILE DB 501 5.45 -92.20 50.10
C ILE DB 501 4.54 -92.90 49.01
N SER DB 502 4.85 -92.88 47.69
CA SER DB 502 4.11 -93.60 46.58
C SER DB 502 2.71 -93.07 46.28
N LYS DB 503 2.47 -91.89 46.82
CA LYS DB 503 1.32 -91.06 46.52
C LYS DB 503 1.59 -90.32 45.24
N LYS DB 504 1.59 -91.13 44.17
CA LYS DB 504 2.00 -90.73 42.82
C LYS DB 504 3.47 -90.38 42.77
N ASN DB 505 3.93 -89.96 41.60
CA ASN DB 505 5.07 -89.07 41.51
C ASN DB 505 4.51 -87.66 41.39
N ILE DB 506 4.66 -86.85 42.43
CA ILE DB 506 4.25 -85.46 42.40
C ILE DB 506 5.40 -84.55 41.97
N VAL DB 507 5.13 -83.60 41.07
CA VAL DB 507 6.05 -82.52 40.64
C VAL DB 507 5.30 -81.19 40.62
N VAL DB 508 5.84 -80.14 41.23
CA VAL DB 508 5.25 -78.80 41.11
C VAL DB 508 5.62 -78.16 39.75
N ALA DB 509 5.10 -76.96 39.46
CA ALA DB 509 5.85 -75.94 38.71
C ALA DB 509 7.15 -75.54 39.45
N ASP DB 510 7.81 -74.43 39.13
CA ASP DB 510 8.94 -73.98 39.97
C ASP DB 510 8.39 -73.22 41.20
N ASP DB 511 7.99 -71.96 40.99
CA ASP DB 511 7.54 -71.12 42.10
C ASP DB 511 6.02 -71.19 42.25
N VAL DB 512 5.62 -72.15 43.09
CA VAL DB 512 4.21 -72.38 43.40
C VAL DB 512 3.65 -71.43 44.45
N SER DB 513 4.37 -71.12 45.53
CA SER DB 513 3.72 -70.51 46.71
C SER DB 513 4.77 -70.11 47.75
N GLY DB 514 5.02 -71.03 48.69
CA GLY DB 514 5.95 -70.87 49.77
C GLY DB 514 5.80 -72.01 50.76
N LYS DB 515 5.77 -71.59 52.01
CA LYS DB 515 5.74 -72.43 53.20
C LYS DB 515 4.35 -72.47 53.86
N VAL DB 516 3.97 -73.62 54.40
CA VAL DB 516 2.70 -73.82 55.14
C VAL DB 516 2.87 -74.68 56.38
N THR DB 517 1.94 -74.52 57.32
CA THR DB 517 1.77 -75.37 58.49
C THR DB 517 0.42 -76.07 58.53
N ILE DB 518 0.45 -77.40 58.65
CA ILE DB 518 -0.74 -78.24 58.89
C ILE DB 518 -0.37 -79.38 59.86
N ARG DB 519 -1.36 -79.94 60.59
CA ARG DB 519 -1.23 -81.18 61.38
C ARG DB 519 -2.48 -82.06 61.46
N LEU DB 520 -2.38 -83.13 60.73
CA LEU DB 520 -3.46 -84.07 60.48
C LEU DB 520 -3.16 -85.36 61.22
N ARG DB 521 -4.24 -86.02 61.64
CA ARG DB 521 -4.18 -87.40 62.10
C ARG DB 521 -5.24 -88.24 61.44
N ASN DB 522 -4.89 -89.50 61.17
CA ASN DB 522 -5.80 -90.52 60.63
C ASN DB 522 -6.46 -90.14 59.29
N VAL DB 523 -5.76 -89.45 58.40
CA VAL DB 523 -6.34 -89.00 57.13
C VAL DB 523 -5.62 -89.73 56.02
N PRO DB 524 -6.27 -90.46 55.10
CA PRO DB 524 -5.65 -90.84 53.84
C PRO DB 524 -5.09 -89.65 53.14
N TRP DB 525 -3.96 -89.89 52.52
CA TRP DB 525 -3.20 -88.80 52.02
C TRP DB 525 -3.80 -87.96 50.91
N ASP DB 526 -4.51 -88.63 50.00
CA ASP DB 526 -5.08 -88.06 48.79
C ASP DB 526 -6.16 -87.04 49.11
N GLN DB 527 -6.71 -87.26 50.29
CA GLN DB 527 -7.48 -86.30 50.99
C GLN DB 527 -6.63 -85.26 51.71
N ALA DB 528 -5.66 -85.65 52.56
CA ALA DB 528 -4.82 -84.67 53.24
C ALA DB 528 -4.22 -83.67 52.25
N LEU DB 529 -3.92 -84.12 51.02
CA LEU DB 529 -3.63 -83.34 49.82
C LEU DB 529 -4.73 -82.38 49.43
N ASP DB 530 -5.95 -82.83 49.08
CA ASP DB 530 -7.06 -81.91 48.68
C ASP DB 530 -7.26 -80.78 49.69
N LEU DB 531 -7.14 -81.23 50.91
CA LEU DB 531 -7.16 -80.42 52.08
C LEU DB 531 -5.95 -79.44 52.17
N VAL DB 532 -4.76 -79.85 51.73
CA VAL DB 532 -3.53 -79.01 51.72
C VAL DB 532 -3.67 -77.89 50.69
N LEU DB 533 -4.19 -78.23 49.51
CA LEU DB 533 -4.57 -77.32 48.42
C LEU DB 533 -5.37 -76.11 48.95
N ARG DB 534 -6.47 -76.44 49.66
CA ARG DB 534 -7.37 -75.43 50.28
C ARG DB 534 -6.79 -74.54 51.36
N THR DB 535 -5.74 -75.06 52.02
CA THR DB 535 -5.06 -74.26 53.05
C THR DB 535 -4.51 -72.97 52.46
N LYS DB 536 -3.56 -73.12 51.56
CA LYS DB 536 -2.77 -72.03 50.93
C LYS DB 536 -2.44 -72.39 49.49
N ALA DB 537 -2.18 -73.70 49.44
CA ALA DB 537 -1.52 -74.37 48.41
C ALA DB 537 -2.45 -74.42 47.19
N LEU DB 538 -1.99 -75.23 46.28
CA LEU DB 538 -2.25 -75.09 44.88
C LEU DB 538 -3.54 -75.79 44.46
N GLY DB 539 -3.79 -75.96 43.16
CA GLY DB 539 -4.62 -77.07 42.66
C GLY DB 539 -3.74 -78.14 42.00
N LYS DB 540 -4.23 -79.39 41.93
CA LYS DB 540 -3.51 -80.51 41.30
C LYS DB 540 -4.14 -80.92 39.97
N GLU DB 541 -3.28 -81.20 38.99
CA GLU DB 541 -3.64 -81.85 37.71
C GLU DB 541 -2.78 -83.09 37.49
N GLU DB 542 -3.39 -84.24 37.19
CA GLU DB 542 -2.66 -85.49 36.98
C GLU DB 542 -2.52 -85.84 35.50
N PHE DB 543 -1.29 -86.08 35.05
CA PHE DB 543 -1.00 -86.71 33.76
C PHE DB 543 -1.28 -88.22 33.71
N GLY DB 544 -1.02 -88.87 34.85
CA GLY DB 544 -1.40 -90.24 35.17
C GLY DB 544 -0.34 -90.89 36.08
N ASN DB 545 0.86 -91.04 35.52
CA ASN DB 545 2.03 -91.48 36.28
C ASN DB 545 2.60 -90.38 37.18
N ILE DB 546 2.79 -89.21 36.57
CA ILE DB 546 3.20 -87.99 37.25
C ILE DB 546 1.96 -87.10 37.41
N ILE DB 547 1.98 -86.25 38.41
CA ILE DB 547 0.97 -85.21 38.60
C ILE DB 547 1.72 -83.86 38.65
N ARG DB 548 1.18 -82.84 37.99
CA ARG DB 548 1.68 -81.48 38.11
C ARG DB 548 0.81 -80.65 39.04
N ILE DB 549 1.47 -79.91 39.91
CA ILE DB 549 0.82 -78.97 40.81
C ILE DB 549 1.24 -77.57 40.48
N ALA DB 550 0.26 -76.69 40.31
CA ALA DB 550 0.52 -75.34 39.87
C ALA DB 550 -0.14 -74.28 40.77
N PRO DB 551 0.48 -73.08 40.83
CA PRO DB 551 -0.06 -71.84 41.44
C PRO DB 551 -1.21 -71.23 40.63
N ASP DB 574 -1.51 -75.05 65.66
CA ASP DB 574 -1.83 -75.91 64.53
C ASP DB 574 -3.28 -75.84 64.05
N LEU DB 575 -3.31 -76.16 62.76
CA LEU DB 575 -4.47 -76.62 62.08
C LEU DB 575 -4.44 -78.07 62.18
N MET DB 576 -5.63 -78.59 62.24
CA MET DB 576 -5.73 -79.99 62.28
C MET DB 576 -6.87 -80.53 61.48
N VAL DB 577 -6.65 -81.79 61.24
CA VAL DB 577 -7.64 -82.62 60.62
C VAL DB 577 -7.98 -83.75 61.52
N ASN DB 578 -9.28 -83.94 61.56
CA ASN DB 578 -9.95 -84.92 62.34
C ASN DB 578 -11.07 -85.51 61.49
N LEU DB 579 -11.20 -86.83 61.59
CA LEU DB 579 -12.29 -87.60 61.02
C LEU DB 579 -13.38 -87.69 62.09
N LEU DB 580 -14.59 -87.31 61.71
CA LEU DB 580 -15.80 -87.49 62.49
C LEU DB 580 -16.54 -88.71 61.91
N PRO DB 581 -16.75 -89.80 62.67
CA PRO DB 581 -17.72 -90.78 62.24
C PRO DB 581 -19.12 -90.16 62.39
N VAL DB 582 -19.99 -90.44 61.44
CA VAL DB 582 -21.43 -90.20 61.55
C VAL DB 582 -22.10 -91.56 61.57
N ASN DB 583 -22.44 -92.05 62.77
CA ASN DB 583 -23.03 -93.38 62.85
C ASN DB 583 -24.50 -93.37 62.41
N TYR DB 584 -25.24 -92.35 62.86
CA TYR DB 584 -26.70 -92.39 62.77
C TYR DB 584 -27.31 -91.66 61.60
N ALA DB 585 -26.88 -90.41 61.37
CA ALA DB 585 -27.39 -89.59 60.27
C ALA DB 585 -26.62 -89.82 58.95
N VAL DB 586 -27.19 -89.34 57.84
CA VAL DB 586 -26.46 -89.22 56.57
C VAL DB 586 -25.59 -87.95 56.60
N ALA DB 587 -24.38 -88.02 56.06
CA ALA DB 587 -23.44 -86.89 56.04
C ALA DB 587 -23.97 -85.65 55.28
N ALA DB 588 -24.71 -85.88 54.19
CA ALA DB 588 -25.27 -84.80 53.35
C ALA DB 588 -26.30 -83.91 54.08
N ASP DB 589 -27.01 -84.43 55.07
CA ASP DB 589 -27.97 -83.65 55.88
C ASP DB 589 -27.30 -82.59 56.77
N MET DB 590 -26.06 -82.86 57.19
CA MET DB 590 -25.20 -81.89 57.87
C MET DB 590 -24.75 -80.74 56.96
N ALA DB 591 -24.70 -80.94 55.64
CA ALA DB 591 -24.05 -80.03 54.69
C ALA DB 591 -24.59 -78.59 54.77
N ALA DB 592 -25.90 -78.42 54.94
CA ALA DB 592 -26.53 -77.10 55.08
C ALA DB 592 -25.96 -76.33 56.29
N ARG DB 593 -25.99 -76.96 57.47
CA ARG DB 593 -25.49 -76.36 58.73
C ARG DB 593 -23.98 -76.15 58.76
N VAL DB 594 -23.23 -77.11 58.23
CA VAL DB 594 -21.77 -77.05 58.20
C VAL DB 594 -21.31 -75.95 57.25
N LYS DB 595 -21.94 -75.83 56.07
CA LYS DB 595 -21.69 -74.72 55.13
C LYS DB 595 -21.96 -73.37 55.79
N ASP DB 596 -23.03 -73.30 56.58
CA ASP DB 596 -23.41 -72.09 57.31
C ASP DB 596 -22.44 -71.63 58.42
N VAL DB 597 -21.74 -72.52 59.14
CA VAL DB 597 -20.60 -72.07 60.01
C VAL DB 597 -19.46 -71.49 59.17
N LEU DB 598 -19.05 -72.16 58.08
CA LEU DB 598 -17.86 -71.74 57.33
C LEU DB 598 -17.99 -70.29 56.89
N SER DB 599 -19.15 -69.90 56.36
CA SER DB 599 -19.34 -68.58 55.74
C SER DB 599 -18.22 -68.36 54.68
N GLU DB 600 -17.59 -67.18 54.69
CA GLU DB 600 -16.36 -66.87 53.96
C GLU DB 600 -15.06 -67.20 54.74
N ARG DB 601 -15.13 -68.18 55.66
CA ARG DB 601 -13.93 -68.68 56.34
C ARG DB 601 -13.31 -69.90 55.66
N GLY DB 602 -12.14 -70.11 56.25
CA GLY DB 602 -11.17 -71.14 56.04
C GLY DB 602 -11.13 -72.13 57.13
N SER DB 603 -10.80 -73.28 56.63
CA SER DB 603 -11.62 -74.42 56.95
C SER DB 603 -12.26 -74.95 55.70
N VAL DB 604 -12.46 -76.24 55.77
CA VAL DB 604 -13.32 -76.96 54.87
C VAL DB 604 -13.81 -78.24 55.51
N THR DB 605 -14.83 -78.78 54.87
CA THR DB 605 -15.42 -80.08 55.15
C THR DB 605 -15.40 -80.95 53.89
N VAL DB 606 -14.99 -82.21 54.01
CA VAL DB 606 -14.99 -83.23 52.95
C VAL DB 606 -15.84 -84.41 53.39
N ASP DB 607 -16.72 -84.83 52.48
CA ASP DB 607 -17.58 -85.98 52.71
C ASP DB 607 -16.97 -87.21 52.04
N GLN DB 608 -16.53 -88.17 52.85
CA GLN DB 608 -16.10 -89.47 52.33
C GLN DB 608 -17.28 -90.40 52.13
N ARG DB 609 -17.11 -91.35 51.20
CA ARG DB 609 -18.18 -92.29 50.78
C ARG DB 609 -18.76 -93.15 51.90
N THR DB 610 -17.95 -93.51 52.88
CA THR DB 610 -18.35 -94.33 54.03
C THR DB 610 -19.04 -93.51 55.13
N ASN DB 611 -19.71 -92.40 54.77
CA ASN DB 611 -20.43 -91.48 55.67
C ASN DB 611 -19.60 -91.07 56.90
N VAL DB 612 -18.39 -90.58 56.61
CA VAL DB 612 -17.56 -89.86 57.58
C VAL DB 612 -17.29 -88.46 57.06
N LEU DB 613 -17.39 -87.48 57.96
CA LEU DB 613 -16.95 -86.12 57.62
C LEU DB 613 -15.49 -85.96 57.99
N ILE DB 614 -14.80 -85.17 57.17
CA ILE DB 614 -13.45 -84.74 57.48
C ILE DB 614 -13.33 -83.24 57.38
N VAL DB 615 -12.73 -82.66 58.41
CA VAL DB 615 -12.50 -81.23 58.50
C VAL DB 615 -11.03 -80.87 58.53
N LYS DB 616 -10.54 -79.97 57.66
CA LYS DB 616 -9.31 -79.20 58.00
C LYS DB 616 -9.79 -77.87 58.42
N ASP DB 617 -9.04 -77.33 59.37
CA ASP DB 617 -9.13 -75.96 59.79
C ASP DB 617 -8.22 -75.69 60.98
N VAL DB 618 -8.24 -74.43 61.42
CA VAL DB 618 -7.85 -74.08 62.78
C VAL DB 618 -8.55 -75.01 63.77
N ARG DB 619 -7.93 -75.27 64.93
CA ARG DB 619 -8.60 -76.00 66.02
C ARG DB 619 -9.96 -75.40 66.39
N SER DB 620 -10.08 -74.08 66.45
CA SER DB 620 -11.32 -73.41 66.89
C SER DB 620 -12.49 -73.65 65.94
N ASN DB 621 -12.28 -73.61 64.61
CA ASN DB 621 -13.31 -73.98 63.64
C ASN DB 621 -13.55 -75.51 63.60
N THR DB 622 -12.51 -76.36 63.79
CA THR DB 622 -12.71 -77.83 63.95
C THR DB 622 -13.64 -78.17 65.12
N GLU DB 623 -13.37 -77.53 66.27
CA GLU DB 623 -14.12 -77.75 67.49
C GLU DB 623 -15.61 -77.44 67.28
N ARG DB 624 -15.90 -76.29 66.66
CA ARG DB 624 -17.28 -75.90 66.32
C ARG DB 624 -17.94 -76.94 65.42
N ALA DB 625 -17.29 -77.28 64.31
CA ALA DB 625 -17.82 -78.28 63.38
C ALA DB 625 -18.07 -79.64 64.05
N ARG DB 626 -17.15 -80.14 64.88
CA ARG DB 626 -17.35 -81.37 65.66
C ARG DB 626 -18.56 -81.26 66.59
N SER DB 627 -18.66 -80.19 67.37
CA SER DB 627 -19.76 -80.02 68.33
C SER DB 627 -21.11 -80.06 67.63
N LEU DB 628 -21.26 -79.44 66.45
CA LEU DB 628 -22.49 -79.48 65.66
C LEU DB 628 -22.75 -80.86 65.05
N VAL DB 629 -21.74 -81.50 64.44
CA VAL DB 629 -21.87 -82.83 63.82
C VAL DB 629 -22.28 -83.84 64.90
N ARG DB 630 -21.57 -83.89 66.03
CA ARG DB 630 -21.93 -84.80 67.12
C ARG DB 630 -23.31 -84.46 67.70
N SER DB 631 -23.64 -83.19 67.87
CA SER DB 631 -24.94 -82.77 68.45
C SER DB 631 -26.12 -83.22 67.59
N LEU DB 632 -26.02 -83.04 66.27
CA LEU DB 632 -27.00 -83.56 65.31
C LEU DB 632 -26.97 -85.06 65.15
N ASP DB 633 -25.77 -85.68 65.25
CA ASP DB 633 -25.68 -87.13 65.29
C ASP DB 633 -26.51 -87.50 66.53
N THR DB 634 -26.25 -86.99 67.76
CA THR DB 634 -26.96 -87.39 69.00
C THR DB 634 -28.50 -87.43 69.02
N GLN DB 635 -29.23 -86.60 68.27
CA GLN DB 635 -30.68 -86.80 68.18
C GLN DB 635 -31.11 -87.96 67.26
N THR DB 636 -30.29 -88.25 66.25
CA THR DB 636 -30.29 -89.49 65.46
C THR DB 636 -30.02 -90.86 66.16
N PRO DB 637 -29.12 -91.04 67.17
CA PRO DB 637 -29.05 -92.22 68.02
C PRO DB 637 -30.28 -92.59 68.84
N GLN DB 638 -31.11 -91.63 69.26
CA GLN DB 638 -32.37 -92.05 69.89
C GLN DB 638 -33.34 -92.56 68.80
N VAL DB 639 -33.22 -93.85 68.53
CA VAL DB 639 -34.06 -94.56 67.58
C VAL DB 639 -35.34 -95.08 68.24
N CYS EB 5 69.83 21.68 -12.36
CA CYS EB 5 69.04 20.46 -12.45
C CYS EB 5 69.87 19.32 -13.09
N GLU EB 6 69.31 18.12 -13.18
CA GLU EB 6 69.79 17.07 -14.10
C GLU EB 6 68.82 16.91 -15.29
N GLU EB 7 69.41 16.80 -16.49
CA GLU EB 7 68.74 16.79 -17.81
C GLU EB 7 68.30 15.34 -18.24
N PRO EB 8 67.80 15.06 -19.46
CA PRO EB 8 67.09 13.83 -19.86
C PRO EB 8 67.59 12.47 -19.34
N PRO EB 9 68.74 12.00 -19.84
CA PRO EB 9 69.84 11.75 -18.91
C PRO EB 9 70.63 13.03 -18.61
N ALA EB 10 71.40 12.98 -17.52
CA ALA EB 10 72.31 14.02 -17.06
C ALA EB 10 73.38 14.36 -18.15
N PRO EB 11 74.49 15.05 -17.83
CA PRO EB 11 75.65 15.14 -18.75
C PRO EB 11 76.28 13.74 -19.08
N ALA EB 12 77.61 13.54 -19.22
CA ALA EB 12 78.12 12.22 -19.67
C ALA EB 12 78.96 11.28 -18.74
N PRO EB 13 79.65 11.65 -17.64
CA PRO EB 13 80.51 10.68 -16.89
C PRO EB 13 79.93 9.73 -15.79
N PRO EB 14 78.65 9.74 -15.34
CA PRO EB 14 77.45 9.85 -16.16
C PRO EB 14 76.65 11.16 -16.06
N PRO EB 15 77.00 12.25 -15.34
CA PRO EB 15 77.80 12.45 -14.13
C PRO EB 15 77.25 11.83 -12.85
N ALA EB 16 78.18 11.67 -11.92
CA ALA EB 16 78.03 11.50 -10.47
C ALA EB 16 77.06 10.40 -9.97
N LYS EB 17 76.05 9.94 -10.73
CA LYS EB 17 75.06 8.95 -10.29
C LYS EB 17 75.51 7.48 -10.19
N PRO EB 18 76.81 7.14 -10.32
CA PRO EB 18 77.38 6.00 -9.60
C PRO EB 18 77.34 6.10 -8.07
N LYS EB 19 77.45 7.31 -7.52
CA LYS EB 19 77.48 7.53 -6.05
C LYS EB 19 76.08 7.78 -5.51
N ALA EB 20 75.25 8.50 -6.26
CA ALA EB 20 73.83 8.67 -5.93
C ALA EB 20 72.99 7.42 -6.26
N ALA EB 21 73.01 6.93 -7.50
CA ALA EB 21 72.42 5.63 -7.89
C ALA EB 21 73.31 4.38 -7.76
N ALA EB 22 74.20 4.30 -6.77
CA ALA EB 22 74.70 3.01 -6.21
C ALA EB 22 74.91 3.05 -4.68
N ALA EB 23 74.54 4.18 -4.07
CA ALA EB 23 74.33 4.27 -2.65
C ALA EB 23 72.84 4.58 -2.35
N VAL EB 24 72.02 4.76 -3.40
CA VAL EB 24 70.61 4.35 -3.46
C VAL EB 24 70.52 2.86 -3.88
N PRO EB 25 69.97 2.47 -5.05
CA PRO EB 25 69.43 1.11 -5.30
C PRO EB 25 69.18 0.22 -4.08
N VAL EB 26 68.30 0.60 -3.14
CA VAL EB 26 67.25 1.64 -3.26
C VAL EB 26 67.42 2.68 -2.13
N LYS EB 27 66.37 3.01 -1.38
CA LYS EB 27 66.52 3.39 0.04
C LYS EB 27 67.24 2.26 0.83
N ALA EB 28 67.61 1.18 0.15
CA ALA EB 28 67.48 -0.17 0.69
C ALA EB 28 66.12 -0.34 1.38
N ALA EB 29 65.84 0.53 2.34
CA ALA EB 29 65.21 0.10 3.59
C ALA EB 29 66.24 -0.26 4.65
N PRO EB 30 67.09 -1.24 4.33
CA PRO EB 30 66.61 -2.55 3.91
C PRO EB 30 65.56 -3.11 4.85
N THR EB 31 64.51 -3.70 4.29
CA THR EB 31 63.45 -4.29 5.10
C THR EB 31 63.70 -5.79 5.34
N GLU EB 32 64.46 -6.08 6.39
CA GLU EB 32 64.05 -5.78 7.75
C GLU EB 32 63.29 -6.95 8.37
N THR EB 33 62.55 -7.68 7.54
CA THR EB 33 61.14 -7.95 7.81
C THR EB 33 60.80 -9.40 7.48
N GLY EB 34 59.92 -9.58 6.49
CA GLY EB 34 58.62 -10.18 6.72
C GLY EB 34 58.60 -11.66 6.42
N ALA EB 35 59.23 -12.45 7.30
CA ALA EB 35 59.61 -13.81 6.97
C ALA EB 35 58.42 -14.76 7.06
N GLN EB 36 58.62 -15.99 6.58
CA GLN EB 36 57.58 -17.01 6.66
C GLN EB 36 58.14 -18.32 7.20
N ALA EB 37 57.27 -19.15 7.76
CA ALA EB 37 57.70 -20.35 8.48
C ALA EB 37 57.23 -21.64 7.78
N ALA EB 38 58.06 -22.70 7.84
CA ALA EB 38 57.67 -24.07 7.52
C ALA EB 38 56.91 -24.80 8.66
N PRO EB 39 56.59 -24.07 9.76
CA PRO EB 39 56.96 -24.47 11.13
C PRO EB 39 57.82 -25.75 11.24
N SER EB 40 57.55 -26.60 12.23
CA SER EB 40 58.06 -27.97 12.34
C SER EB 40 56.94 -28.87 12.90
N TYR EB 41 57.10 -30.19 12.79
CA TYR EB 41 56.06 -31.17 13.09
C TYR EB 41 56.60 -32.22 14.08
N SER EB 42 55.74 -32.65 15.00
CA SER EB 42 56.03 -33.73 15.96
C SER EB 42 55.70 -35.12 15.41
N TYR EB 43 56.13 -36.17 16.12
CA TYR EB 43 55.99 -37.57 15.72
C TYR EB 43 55.12 -38.42 16.66
N VAL EB 44 54.56 -39.51 16.14
CA VAL EB 44 53.51 -40.33 16.78
C VAL EB 44 53.77 -41.83 16.54
N TYR EB 45 53.40 -42.78 17.41
CA TYR EB 45 53.12 -42.76 18.86
C TYR EB 45 53.44 -44.19 19.36
N ASN EB 46 53.82 -44.37 20.63
CA ASN EB 46 54.26 -45.68 21.14
C ASN EB 46 53.10 -46.54 21.68
N PRO EB 47 52.66 -47.54 20.90
CA PRO EB 47 52.28 -48.83 21.51
C PRO EB 47 52.54 -50.07 20.62
N VAL EB 48 52.63 -51.19 21.34
CA VAL EB 48 51.63 -52.26 21.17
C VAL EB 48 50.82 -52.39 22.46
N GLY EB 49 49.51 -52.64 22.33
CA GLY EB 49 48.62 -52.85 23.46
C GLY EB 49 48.93 -54.13 24.25
N LYS EB 50 48.31 -54.28 25.42
CA LYS EB 50 48.37 -55.49 26.26
C LYS EB 50 46.97 -55.93 26.68
N ARG EB 51 46.81 -57.21 27.01
CA ARG EB 51 45.52 -57.81 27.41
C ARG EB 51 45.62 -58.39 28.81
N ASP EB 52 44.52 -58.18 29.49
CA ASP EB 52 44.03 -58.75 30.74
C ASP EB 52 42.54 -59.09 30.41
N PRO EB 53 41.63 -58.23 30.90
CA PRO EB 53 40.83 -57.33 30.10
C PRO EB 53 41.52 -56.78 28.83
N PHE EB 54 40.93 -56.81 27.65
CA PHE EB 54 39.48 -56.91 27.41
C PHE EB 54 39.07 -58.29 26.88
N ARG EB 55 39.95 -59.32 26.88
CA ARG EB 55 39.57 -60.62 26.29
C ARG EB 55 38.43 -61.30 27.05
N SER EB 56 38.57 -61.54 28.36
CA SER EB 56 37.44 -62.06 29.16
C SER EB 56 36.14 -61.22 29.10
N PRO EB 57 36.16 -59.89 29.32
CA PRO EB 57 34.94 -59.09 29.31
C PRO EB 57 34.26 -58.88 27.93
N ILE EB 58 34.74 -59.45 26.82
CA ILE EB 58 33.98 -59.53 25.55
C ILE EB 58 34.16 -60.87 24.80
N ASP EB 59 35.36 -61.43 24.73
CA ASP EB 59 35.62 -62.74 24.09
C ASP EB 59 35.10 -63.92 24.95
N GLU EB 60 34.89 -63.75 26.26
CA GLU EB 60 34.28 -64.74 27.18
C GLU EB 60 32.85 -64.33 27.63
N LEU EB 61 32.58 -63.03 27.80
CA LEU EB 61 31.23 -62.52 28.05
C LEU EB 61 30.31 -62.59 26.81
N GLY EB 62 30.83 -62.32 25.61
CA GLY EB 62 30.08 -62.29 24.35
C GLY EB 62 29.50 -63.66 23.95
N PRO EB 63 30.19 -64.77 24.29
CA PRO EB 63 29.58 -66.07 24.58
C PRO EB 63 28.69 -66.04 25.84
N VAL EB 64 27.61 -65.24 25.85
CA VAL EB 64 26.74 -65.01 27.01
C VAL EB 64 26.19 -66.34 27.54
N ASN EB 65 26.78 -66.81 28.64
CA ASN EB 65 26.66 -68.17 29.12
C ASN EB 65 26.48 -68.16 30.64
N ALA EB 66 25.40 -68.77 31.10
CA ALA EB 66 25.12 -68.99 32.52
C ALA EB 66 24.64 -70.43 32.68
N ASN EB 67 25.03 -71.06 33.80
CA ASN EB 67 24.63 -72.43 34.15
C ASN EB 67 23.92 -72.43 35.52
N PRO EB 68 22.61 -72.10 35.56
CA PRO EB 68 21.87 -71.80 36.78
C PRO EB 68 21.96 -72.85 37.90
N VAL EB 69 21.90 -72.36 39.14
CA VAL EB 69 21.70 -73.18 40.34
C VAL EB 69 20.22 -73.53 40.57
N ALA EB 70 19.93 -74.84 40.65
CA ALA EB 70 18.65 -75.37 41.13
C ALA EB 70 18.80 -76.70 41.93
N ALA EB 71 19.96 -77.34 41.84
CA ALA EB 71 20.24 -78.65 42.44
C ALA EB 71 20.46 -78.59 43.96
N CYS EB 72 20.63 -79.78 44.56
CA CYS EB 72 21.28 -79.92 45.85
C CYS EB 72 22.81 -79.66 45.79
N ASN EB 73 23.34 -78.99 46.82
CA ASN EB 73 24.65 -78.32 46.84
C ASN EB 73 25.84 -79.18 47.37
N GLU EB 74 25.99 -80.46 47.02
CA GLU EB 74 25.48 -81.60 47.82
C GLU EB 74 25.46 -81.25 49.34
N PRO EB 75 24.30 -80.86 49.88
CA PRO EB 75 24.19 -79.77 50.83
C PRO EB 75 24.41 -80.25 52.27
N LEU EB 76 23.60 -81.21 52.73
CA LEU EB 76 23.53 -81.53 54.15
C LEU EB 76 24.73 -82.34 54.61
N CYS EB 77 25.38 -83.07 53.71
CA CYS EB 77 26.70 -83.64 53.97
C CYS EB 77 27.85 -82.63 54.11
N SER EB 78 27.57 -81.33 53.92
CA SER EB 78 28.45 -80.21 54.25
C SER EB 78 28.09 -79.47 55.56
N PHE EB 79 27.04 -79.89 56.30
CA PHE EB 79 26.60 -79.29 57.57
C PHE EB 79 26.43 -80.33 58.70
N ASP EB 80 26.68 -79.94 59.95
CA ASP EB 80 26.73 -80.89 61.09
C ASP EB 80 25.33 -81.27 61.62
N LEU EB 81 25.15 -82.49 62.15
CA LEU EB 81 23.81 -83.08 62.33
C LEU EB 81 22.98 -82.40 63.42
N ASP EB 82 23.62 -81.94 64.49
CA ASP EB 82 22.99 -81.22 65.61
C ASP EB 82 22.56 -79.80 65.19
N GLN EB 83 22.97 -79.32 64.01
CA GLN EB 83 22.48 -78.06 63.43
C GLN EB 83 21.10 -78.23 62.76
N LEU EB 84 20.72 -79.46 62.38
CA LEU EB 84 19.50 -79.77 61.62
C LEU EB 84 18.29 -79.98 62.54
N LYS EB 85 17.11 -79.44 62.16
CA LYS EB 85 15.90 -79.46 62.99
C LYS EB 85 14.72 -80.15 62.31
N LEU EB 86 14.06 -81.11 62.95
CA LEU EB 86 12.95 -81.85 62.35
C LEU EB 86 11.69 -80.96 62.26
N VAL EB 87 11.26 -80.66 61.03
CA VAL EB 87 10.10 -79.82 60.73
C VAL EB 87 8.79 -80.60 60.85
N ALA EB 88 8.75 -81.77 60.22
CA ALA EB 88 7.56 -82.57 60.00
C ALA EB 88 7.92 -84.02 59.63
N VAL EB 89 6.91 -84.88 59.54
CA VAL EB 89 7.01 -86.24 58.99
C VAL EB 89 5.78 -86.51 58.14
N VAL EB 90 5.98 -87.16 57.00
CA VAL EB 90 4.93 -87.65 56.11
C VAL EB 90 4.94 -89.18 56.15
N THR EB 91 3.76 -89.81 56.09
CA THR EB 91 3.61 -91.26 56.04
C THR EB 91 2.41 -91.62 55.18
N GLY EB 92 2.61 -92.61 54.32
CA GLY EB 92 1.61 -93.20 53.44
C GLY EB 92 2.22 -94.36 52.66
N ASP EB 93 1.52 -94.82 51.63
CA ASP EB 93 1.84 -96.03 50.86
C ASP EB 93 3.22 -95.98 50.19
N ALA EB 94 3.69 -94.77 49.86
CA ALA EB 94 5.04 -94.48 49.34
C ALA EB 94 6.19 -94.58 50.39
N SER EB 95 5.97 -95.25 51.52
CA SER EB 95 6.83 -95.37 52.71
C SER EB 95 6.98 -94.06 53.53
N PRO EB 96 7.26 -94.13 54.85
CA PRO EB 96 7.45 -92.95 55.69
C PRO EB 96 8.70 -92.14 55.28
N VAL EB 97 8.57 -90.81 55.31
CA VAL EB 97 9.62 -89.83 55.01
C VAL EB 97 9.65 -88.68 56.02
N ALA EB 98 10.83 -88.35 56.54
CA ALA EB 98 11.05 -87.22 57.43
C ALA EB 98 11.33 -85.93 56.64
N MET EB 99 10.98 -84.78 57.22
CA MET EB 99 11.30 -83.45 56.69
C MET EB 99 12.10 -82.64 57.72
N VAL EB 100 13.26 -82.13 57.31
CA VAL EB 100 14.28 -81.53 58.19
C VAL EB 100 14.81 -80.20 57.64
N GLU EB 101 15.16 -79.27 58.54
CA GLU EB 101 15.54 -77.88 58.26
C GLU EB 101 17.03 -77.64 58.53
N ASP EB 102 17.70 -76.97 57.60
CA ASP EB 102 19.14 -76.63 57.62
C ASP EB 102 19.35 -75.46 58.63
N PRO EB 103 20.58 -75.22 59.13
CA PRO EB 103 20.91 -73.92 59.75
C PRO EB 103 20.82 -72.75 58.74
N ALA EB 104 20.90 -73.03 57.44
CA ALA EB 104 20.61 -72.10 56.35
C ALA EB 104 19.10 -71.96 56.00
N GLY EB 105 18.19 -72.58 56.76
CA GLY EB 105 16.74 -72.46 56.60
C GLY EB 105 16.12 -73.18 55.40
N ARG EB 106 16.88 -73.99 54.65
CA ARG EB 106 16.31 -74.89 53.63
C ARG EB 106 15.52 -76.03 54.29
N GLY EB 107 14.43 -76.46 53.67
CA GLY EB 107 13.80 -77.77 53.91
C GLY EB 107 14.34 -78.90 53.02
N HIS EB 108 14.49 -80.10 53.61
CA HIS EB 108 14.88 -81.35 52.94
C HIS EB 108 13.90 -82.45 53.27
N ILE EB 109 13.90 -83.52 52.46
CA ILE EB 109 13.10 -84.72 52.70
C ILE EB 109 14.02 -85.94 52.58
N VAL EB 110 14.02 -86.80 53.60
CA VAL EB 110 14.91 -87.95 53.73
C VAL EB 110 14.12 -89.09 54.36
N ARG EB 111 14.48 -90.34 54.05
CA ARG EB 111 13.75 -91.54 54.48
C ARG EB 111 14.66 -92.70 54.84
N ARG EB 112 14.12 -93.76 55.46
CA ARG EB 112 14.90 -94.92 55.90
C ARG EB 112 15.79 -95.46 54.77
N ASN EB 113 17.07 -95.70 55.09
CA ASN EB 113 18.22 -96.00 54.22
C ASN EB 113 19.00 -94.80 53.62
N THR EB 114 18.40 -93.62 53.50
CA THR EB 114 19.10 -92.37 53.10
C THR EB 114 19.98 -91.78 54.21
N ARG EB 115 20.75 -90.73 53.89
CA ARG EB 115 21.70 -90.04 54.78
C ARG EB 115 21.46 -88.53 54.79
N MET EB 116 22.11 -87.87 55.74
CA MET EB 116 22.15 -86.42 55.99
C MET EB 116 23.41 -86.11 56.81
N GLY EB 117 23.87 -84.85 56.83
CA GLY EB 117 24.93 -84.41 57.75
C GLY EB 117 26.37 -84.83 57.40
N ARG EB 118 27.37 -84.13 57.95
CA ARG EB 118 28.80 -84.44 57.77
C ARG EB 118 29.22 -85.80 58.31
N GLN EB 119 28.63 -86.22 59.44
CA GLN EB 119 28.80 -87.58 59.99
C GLN EB 119 27.98 -88.65 59.23
N GLY EB 120 27.38 -88.32 58.07
CA GLY EB 120 26.68 -89.27 57.20
C GLY EB 120 25.46 -89.96 57.83
N GLY EB 121 24.81 -89.30 58.79
CA GLY EB 121 23.71 -89.77 59.61
C GLY EB 121 22.63 -90.51 58.82
N LYS EB 122 22.64 -91.84 58.91
CA LYS EB 122 21.75 -92.72 58.16
C LYS EB 122 20.39 -92.80 58.85
N VAL EB 123 19.31 -92.51 58.14
CA VAL EB 123 17.94 -92.69 58.66
C VAL EB 123 17.60 -94.16 58.92
N THR EB 124 17.29 -94.50 60.17
CA THR EB 124 17.02 -95.90 60.57
C THR EB 124 15.60 -96.07 61.11
N GLN EB 125 15.01 -95.07 61.78
CA GLN EB 125 13.59 -95.05 62.21
C GLN EB 125 12.99 -93.66 61.95
N ILE EB 126 11.66 -93.61 61.81
CA ILE EB 126 10.89 -92.38 61.60
C ILE EB 126 9.59 -92.53 62.41
N LEU EB 127 9.44 -91.75 63.49
CA LEU EB 127 8.21 -91.62 64.28
C LEU EB 127 7.47 -90.34 63.86
N ARG EB 128 6.45 -89.89 64.61
CA ARG EB 128 5.68 -88.67 64.28
C ARG EB 128 6.24 -87.41 64.93
N ASP EB 129 6.98 -87.62 66.00
CA ASP EB 129 7.56 -86.67 66.95
C ASP EB 129 9.09 -86.57 66.87
N SER EB 130 9.71 -87.54 66.19
CA SER EB 130 11.14 -87.82 66.28
C SER EB 130 11.64 -88.78 65.19
N VAL EB 131 12.95 -88.79 64.93
CA VAL EB 131 13.60 -89.57 63.86
C VAL EB 131 14.94 -90.10 64.37
N THR EB 132 15.04 -91.41 64.59
CA THR EB 132 16.32 -92.10 64.84
C THR EB 132 17.20 -92.26 63.60
N VAL EB 133 18.46 -91.84 63.73
CA VAL EB 133 19.50 -91.96 62.73
C VAL EB 133 20.78 -92.59 63.32
N THR EB 134 21.58 -93.23 62.47
CA THR EB 134 22.93 -93.71 62.81
C THR EB 134 24.06 -92.89 62.19
N GLU EB 135 24.81 -92.21 63.04
CA GLU EB 135 25.86 -91.24 62.67
C GLU EB 135 27.25 -91.83 62.94
N VAL EB 136 28.29 -91.11 62.50
CA VAL EB 136 29.69 -91.56 62.41
C VAL EB 136 30.61 -90.57 63.12
N PHE EB 137 30.91 -90.84 64.40
CA PHE EB 137 31.73 -89.97 65.25
C PHE EB 137 33.12 -90.56 65.54
N SER EB 138 34.14 -89.74 65.75
CA SER EB 138 35.48 -90.18 66.17
C SER EB 138 35.58 -90.22 67.71
N GLY EB 139 35.11 -91.30 68.32
CA GLY EB 139 35.16 -91.52 69.76
C GLY EB 139 36.59 -91.81 70.22
N ASN EB 140 37.25 -90.80 70.79
CA ASN EB 140 38.64 -90.88 71.30
C ASN EB 140 39.69 -91.34 70.27
N GLY EB 141 39.38 -91.28 68.97
CA GLY EB 141 40.22 -91.73 67.86
C GLY EB 141 39.64 -92.90 67.05
N GLU EB 142 38.71 -93.68 67.60
CA GLU EB 142 37.97 -94.69 66.84
C GLU EB 142 36.75 -94.11 66.13
N ILE EB 143 36.54 -94.49 64.87
CA ILE EB 143 35.26 -94.22 64.18
C ILE EB 143 34.19 -95.19 64.69
N ILE EB 144 33.18 -94.64 65.39
CA ILE EB 144 32.09 -95.40 66.02
C ILE EB 144 30.72 -94.89 65.58
N LYS EB 145 29.70 -95.74 65.77
CA LYS EB 145 28.30 -95.39 65.54
C LYS EB 145 27.77 -94.51 66.67
N ASN EB 146 27.02 -93.45 66.32
CA ASN EB 146 26.27 -92.64 67.27
C ASN EB 146 24.75 -92.67 66.96
N PRO EB 147 23.91 -93.36 67.77
CA PRO EB 147 22.48 -93.56 67.50
C PRO EB 147 21.61 -92.38 67.96
N VAL EB 148 21.75 -91.22 67.31
CA VAL EB 148 21.01 -89.99 67.63
C VAL EB 148 19.52 -90.07 67.24
N THR EB 149 18.65 -89.38 67.97
CA THR EB 149 17.21 -89.26 67.63
C THR EB 149 16.84 -87.78 67.60
N LEU EB 150 16.63 -87.25 66.40
CA LEU EB 150 16.24 -85.87 66.16
C LEU EB 150 14.74 -85.70 66.48
N GLN EB 151 14.41 -84.99 67.56
CA GLN EB 151 13.02 -84.61 67.86
C GLN EB 151 12.51 -83.50 66.92
N LEU EB 152 11.18 -83.38 66.81
CA LEU EB 152 10.48 -82.25 66.20
C LEU EB 152 10.93 -80.91 66.81
N LYS EB 153 10.68 -79.78 66.14
CA LYS EB 153 11.03 -78.43 66.64
C LYS EB 153 9.93 -77.76 67.51
N PRO EB 154 10.07 -77.70 68.85
CA PRO EB 154 9.35 -76.76 69.73
C PRO EB 154 10.21 -75.52 70.05
N ASP EB 155 9.87 -74.80 71.12
CA ASP EB 155 10.81 -73.92 71.83
C ASP EB 155 11.90 -74.73 72.55
N ALA EB 156 13.15 -74.32 72.42
CA ALA EB 156 14.32 -74.91 73.09
C ALA EB 156 15.53 -73.96 72.99
N LYS EB 157 16.46 -74.07 73.96
CA LYS EB 157 17.73 -73.34 73.94
C LYS EB 157 18.87 -74.14 74.59
N GLN EB 158 20.04 -74.10 73.97
CA GLN EB 158 21.31 -74.59 74.49
C GLN EB 158 22.45 -73.69 73.99
N ASP EB 159 23.66 -73.88 74.52
CA ASP EB 159 24.85 -73.14 74.10
C ASP EB 159 25.53 -73.70 72.83
N ASN FB 33 50.87 -197.31 -20.91
CA ASN FB 33 50.68 -195.89 -20.52
C ASN FB 33 50.87 -195.78 -19.02
N THR FB 34 51.10 -194.55 -18.57
CA THR FB 34 51.09 -194.25 -17.14
C THR FB 34 49.69 -193.73 -16.76
N LEU FB 35 49.32 -192.57 -17.29
CA LEU FB 35 48.00 -192.04 -17.06
C LEU FB 35 47.02 -192.73 -17.99
N ARG FB 36 45.99 -193.37 -17.43
CA ARG FB 36 44.98 -194.07 -18.25
C ARG FB 36 43.61 -193.41 -18.40
N GLY FB 37 43.22 -192.55 -17.48
CA GLY FB 37 41.95 -191.81 -17.56
C GLY FB 37 42.09 -190.52 -16.77
N LEU FB 38 41.27 -189.56 -17.14
CA LEU FB 38 41.24 -188.22 -16.57
C LEU FB 38 39.78 -187.73 -16.47
N ASP FB 39 39.33 -187.44 -15.27
CA ASP FB 39 37.93 -187.04 -15.11
C ASP FB 39 37.80 -185.71 -14.32
N VAL FB 40 36.87 -184.86 -14.77
CA VAL FB 40 36.58 -183.65 -14.01
C VAL FB 40 35.13 -183.68 -13.51
N SER FB 41 34.93 -183.55 -12.20
CA SER FB 41 33.59 -183.45 -11.62
C SER FB 41 33.29 -182.04 -11.12
N ARG FB 42 32.82 -181.15 -12.01
CA ARG FB 42 32.44 -179.79 -11.57
C ARG FB 42 31.27 -179.82 -10.61
N THR FB 43 31.39 -179.17 -9.46
CA THR FB 43 30.22 -178.99 -8.61
C THR FB 43 30.43 -177.71 -7.84
N GLY FB 44 29.37 -177.16 -7.24
CA GLY FB 44 29.42 -175.83 -6.58
C GLY FB 44 30.21 -175.80 -5.31
N SER FB 45 30.18 -176.86 -4.52
CA SER FB 45 30.97 -176.93 -3.31
C SER FB 45 32.47 -177.10 -3.54
N GLY FB 46 32.82 -177.88 -4.57
CA GLY FB 46 34.19 -178.11 -4.96
C GLY FB 46 34.15 -178.80 -6.32
N ALA FB 47 35.09 -178.45 -7.20
CA ALA FB 47 35.30 -179.24 -8.37
C ALA FB 47 36.42 -180.29 -8.14
N GLN FB 48 36.16 -181.53 -8.50
CA GLN FB 48 37.15 -182.58 -8.34
C GLN FB 48 37.82 -182.90 -9.68
N VAL FB 49 39.15 -182.95 -9.68
CA VAL FB 49 39.92 -183.47 -10.78
C VAL FB 49 40.55 -184.79 -10.38
N VAL FB 50 40.32 -185.80 -11.21
CA VAL FB 50 40.84 -187.12 -10.97
C VAL FB 50 41.74 -187.50 -12.11
N VAL FB 51 42.89 -188.03 -11.77
CA VAL FB 51 43.83 -188.53 -12.74
C VAL FB 51 44.15 -189.96 -12.35
N THR FB 52 43.88 -190.89 -13.26
CA THR FB 52 44.03 -192.30 -12.93
C THR FB 52 45.21 -192.83 -13.71
N GLY FB 53 46.03 -193.66 -13.07
CA GLY FB 53 47.28 -194.10 -13.66
C GLY FB 53 47.70 -195.50 -13.20
N THR FB 54 48.62 -196.11 -13.92
CA THR FB 54 49.05 -197.45 -13.63
C THR FB 54 50.02 -197.56 -12.47
N ARG FB 55 50.70 -196.47 -12.13
CA ARG FB 55 51.64 -196.44 -10.99
C ARG FB 55 51.33 -195.17 -10.20
N PRO FB 56 51.63 -195.20 -8.90
CA PRO FB 56 51.53 -194.01 -8.08
C PRO FB 56 52.35 -192.82 -8.67
N PRO FB 57 51.71 -191.66 -8.79
CA PRO FB 57 52.32 -190.53 -9.42
C PRO FB 57 53.03 -189.63 -8.42
N THR FB 58 54.25 -189.20 -8.74
CA THR FB 58 54.86 -188.09 -8.00
C THR FB 58 54.29 -186.82 -8.64
N PHE FB 59 53.92 -185.85 -7.83
CA PHE FB 59 53.32 -184.65 -8.35
C PHE FB 59 53.81 -183.54 -7.47
N THR FB 60 53.60 -182.32 -7.94
CA THR FB 60 53.75 -181.09 -7.17
C THR FB 60 52.61 -180.23 -7.65
N VAL FB 61 51.96 -179.57 -6.70
CA VAL FB 61 50.91 -178.60 -7.01
C VAL FB 61 51.30 -177.21 -6.51
N PHE FB 62 51.09 -176.19 -7.35
CA PHE FB 62 51.33 -174.82 -6.93
C PHE FB 62 50.36 -173.82 -7.57
N ARG FB 63 50.43 -172.55 -7.19
CA ARG FB 63 49.49 -171.51 -7.66
C ARG FB 63 50.21 -170.51 -8.56
N LEU FB 64 49.46 -169.81 -9.41
CA LEU FB 64 50.00 -168.64 -10.10
C LEU FB 64 48.91 -167.58 -10.17
N SER FB 65 49.30 -166.33 -10.45
CA SER FB 65 48.35 -165.25 -10.52
C SER FB 65 48.44 -164.56 -11.88
N GLY FB 66 47.51 -163.64 -12.14
CA GLY FB 66 47.48 -162.83 -13.37
C GLY FB 66 47.61 -163.60 -14.68
N PRO FB 67 46.68 -164.53 -14.94
CA PRO FB 67 45.41 -164.86 -14.22
C PRO FB 67 45.58 -165.89 -13.08
N GLU FB 68 44.69 -165.89 -12.09
CA GLU FB 68 44.67 -166.98 -11.09
C GLU FB 68 44.70 -168.40 -11.74
N ARG FB 69 45.60 -169.25 -11.30
CA ARG FB 69 45.80 -170.55 -11.93
C ARG FB 69 46.20 -171.54 -10.89
N LEU FB 70 45.91 -172.79 -11.13
CA LEU FB 70 46.47 -173.86 -10.30
C LEU FB 70 47.24 -174.71 -11.29
N VAL FB 71 48.41 -175.19 -10.87
CA VAL FB 71 49.28 -175.95 -11.75
C VAL FB 71 49.67 -177.25 -11.10
N VAL FB 72 49.55 -178.34 -11.84
CA VAL FB 72 50.02 -179.62 -11.29
C VAL FB 72 51.07 -180.18 -12.21
N ASP FB 73 52.21 -180.54 -11.65
CA ASP FB 73 53.25 -181.27 -12.37
C ASP FB 73 53.29 -182.77 -12.01
N LEU FB 74 53.25 -183.60 -13.05
CA LEU FB 74 53.21 -185.04 -12.82
C LEU FB 74 54.47 -185.71 -13.40
N SER FB 75 55.14 -186.51 -12.58
CA SER FB 75 56.39 -187.22 -12.98
C SER FB 75 56.14 -188.69 -13.29
N SER FB 76 57.04 -189.21 -14.11
CA SER FB 76 56.94 -190.52 -14.77
C SER FB 76 55.82 -190.59 -15.80
N ALA FB 77 54.75 -189.93 -15.43
CA ALA FB 77 53.58 -189.84 -16.30
C ALA FB 77 53.22 -188.38 -16.53
N ASP FB 78 52.77 -188.09 -17.75
CA ASP FB 78 52.31 -186.76 -18.10
C ASP FB 78 50.83 -186.94 -18.43
N ALA FB 79 49.98 -186.49 -17.52
CA ALA FB 79 48.53 -186.61 -17.70
C ALA FB 79 47.95 -185.30 -18.25
N THR FB 80 47.33 -185.38 -19.42
CA THR FB 80 46.73 -184.20 -20.04
C THR FB 80 45.22 -184.36 -20.12
N GLY FB 81 44.50 -183.39 -19.56
CA GLY FB 81 43.03 -183.39 -19.60
C GLY FB 81 42.58 -182.24 -20.47
N ILE FB 82 41.62 -182.52 -21.34
CA ILE FB 82 41.11 -181.51 -22.26
C ILE FB 82 39.73 -181.84 -22.73
N LYS FB 83 39.02 -180.85 -23.06
CA LYS FB 83 37.66 -180.94 -23.63
C LYS FB 83 36.69 -181.48 -22.61
N GLY FB 84 37.23 -181.86 -21.46
CA GLY FB 84 36.42 -182.27 -20.31
C GLY FB 84 35.95 -181.09 -19.48
N HIS FB 85 36.52 -179.91 -19.73
CA HIS FB 85 36.15 -178.75 -18.97
C HIS FB 85 34.84 -178.14 -19.49
N HIS FB 86 33.83 -178.18 -18.65
CA HIS FB 86 32.52 -177.74 -19.06
C HIS FB 86 32.43 -176.24 -18.96
N GLU FB 87 31.62 -175.65 -19.86
CA GLU FB 87 31.40 -174.22 -19.80
C GLU FB 87 30.75 -173.72 -18.53
N GLY FB 88 30.42 -174.61 -17.59
CA GLY FB 88 29.72 -174.25 -16.37
C GLY FB 88 30.40 -174.79 -15.12
N SER FB 89 31.68 -175.18 -15.23
CA SER FB 89 32.48 -175.49 -14.05
C SER FB 89 32.58 -174.22 -13.17
N GLY FB 90 32.11 -174.29 -11.90
CA GLY FB 90 32.19 -173.09 -11.07
C GLY FB 90 33.63 -172.69 -10.73
N PRO FB 91 34.57 -173.63 -10.88
CA PRO FB 91 35.98 -173.38 -10.53
C PRO FB 91 36.91 -173.22 -11.71
N VAL FB 92 36.78 -174.09 -12.71
CA VAL FB 92 37.76 -174.15 -13.79
C VAL FB 92 37.27 -173.44 -15.04
N SER FB 93 37.96 -172.36 -15.40
CA SER FB 93 37.70 -171.62 -16.63
C SER FB 93 38.25 -172.41 -17.81
N GLY FB 94 39.44 -173.02 -17.67
CA GLY FB 94 40.01 -173.89 -18.70
C GLY FB 94 41.21 -174.70 -18.22
N VAL FB 95 41.60 -175.74 -18.97
CA VAL FB 95 42.73 -176.59 -18.60
C VAL FB 95 43.64 -176.87 -19.78
N VAL FB 96 44.94 -176.53 -19.64
CA VAL FB 96 45.92 -176.77 -20.69
C VAL FB 96 46.93 -177.77 -20.15
N ALA FB 97 47.45 -178.63 -21.04
CA ALA FB 97 48.38 -179.67 -20.63
C ALA FB 97 49.57 -179.70 -21.61
N SER FB 98 50.81 -179.82 -21.10
CA SER FB 98 51.97 -180.09 -21.96
C SER FB 98 53.05 -180.96 -21.32
N GLN FB 99 53.66 -181.91 -22.03
CA GLN FB 99 54.72 -182.77 -21.52
C GLN FB 99 56.09 -182.35 -22.04
N PHE FB 100 57.11 -182.29 -21.17
CA PHE FB 100 58.48 -182.06 -21.62
C PHE FB 100 59.38 -183.24 -21.21
N SER FB 101 60.40 -183.51 -22.05
CA SER FB 101 61.33 -184.62 -21.82
C SER FB 101 62.54 -184.27 -21.01
N ASP FB 102 62.93 -185.21 -20.13
CA ASP FB 102 64.15 -185.12 -19.35
C ASP FB 102 64.83 -186.49 -19.57
N GLN FB 103 65.85 -186.54 -20.44
CA GLN FB 103 66.38 -187.83 -20.87
C GLN FB 103 65.22 -188.64 -21.43
N ARG FB 104 65.15 -189.87 -20.99
CA ARG FB 104 64.07 -190.74 -21.42
C ARG FB 104 62.79 -190.55 -20.59
N ALA FB 105 62.83 -189.69 -19.57
CA ALA FB 105 61.68 -189.47 -18.70
C ALA FB 105 60.81 -188.32 -19.21
N SER FB 106 59.62 -188.22 -18.65
CA SER FB 106 58.65 -187.20 -19.07
C SER FB 106 57.99 -186.54 -17.86
N VAL FB 107 57.93 -185.22 -17.85
CA VAL FB 107 57.20 -184.41 -16.86
C VAL FB 107 56.03 -183.72 -17.55
N GLY FB 108 54.71 -183.94 -17.02
CA GLY FB 108 53.58 -183.31 -17.64
C GLY FB 108 53.13 -182.18 -16.73
N ARG FB 109 52.78 -181.04 -17.34
CA ARG FB 109 52.27 -179.94 -16.56
C ARG FB 109 50.83 -179.71 -16.91
N VAL FB 110 49.98 -179.69 -15.87
CA VAL FB 110 48.55 -179.37 -16.03
C VAL FB 110 48.33 -178.02 -15.41
N LEU FB 111 47.63 -177.20 -16.20
CA LEU FB 111 47.37 -175.81 -15.85
C LEU FB 111 45.87 -175.51 -15.86
N LEU FB 112 45.33 -175.14 -14.70
CA LEU FB 112 43.92 -174.84 -14.56
C LEU FB 112 43.69 -173.38 -14.32
N ALA FB 113 43.23 -172.67 -15.34
CA ALA FB 113 42.81 -171.26 -15.14
C ALA FB 113 41.49 -171.25 -14.33
N LEU FB 114 41.41 -170.39 -13.30
CA LEU FB 114 40.33 -170.37 -12.33
C LEU FB 114 39.34 -169.23 -12.46
N ASP FB 115 38.09 -169.49 -11.99
CA ASP FB 115 36.97 -168.53 -11.97
C ASP FB 115 36.84 -167.90 -10.59
N LYS FB 116 37.56 -168.43 -9.61
CA LYS FB 116 37.47 -167.95 -8.24
C LYS FB 116 38.64 -168.50 -7.44
N ALA FB 117 38.95 -167.87 -6.33
CA ALA FB 117 40.08 -168.30 -5.51
C ALA FB 117 39.83 -169.66 -4.87
N SER FB 118 40.82 -170.52 -4.95
CA SER FB 118 40.69 -171.86 -4.42
C SER FB 118 41.72 -172.19 -3.36
N GLN FB 119 41.34 -173.13 -2.51
CA GLN FB 119 42.25 -173.77 -1.64
C GLN FB 119 42.31 -175.24 -2.10
N TYR FB 120 43.33 -175.61 -2.89
CA TYR FB 120 43.33 -176.99 -3.39
C TYR FB 120 43.69 -177.97 -2.31
N ASP FB 121 43.14 -179.18 -2.41
CA ASP FB 121 43.54 -180.27 -1.55
C ASP FB 121 43.79 -181.50 -2.44
N VAL FB 122 44.99 -182.05 -2.35
CA VAL FB 122 45.43 -183.18 -3.16
C VAL FB 122 45.67 -184.41 -2.30
N ARG FB 123 45.23 -185.58 -2.78
CA ARG FB 123 45.53 -186.83 -2.08
C ARG FB 123 45.60 -187.92 -3.08
N ALA FB 124 46.31 -188.98 -2.76
CA ALA FB 124 46.48 -190.10 -3.65
C ALA FB 124 45.68 -191.25 -3.09
N ASP FB 125 45.23 -192.15 -3.95
CA ASP FB 125 44.59 -193.40 -3.53
C ASP FB 125 44.84 -194.40 -4.65
N GLY FB 126 45.74 -195.34 -4.39
CA GLY FB 126 46.07 -196.34 -5.40
C GLY FB 126 46.71 -195.70 -6.62
N ASN FB 127 46.06 -195.84 -7.77
CA ASN FB 127 46.56 -195.27 -9.00
C ASN FB 127 45.82 -193.99 -9.35
N ARG FB 128 45.04 -193.48 -8.40
CA ARG FB 128 44.29 -192.25 -8.66
C ARG FB 128 44.85 -191.12 -7.83
N VAL FB 129 45.06 -189.98 -8.50
CA VAL FB 129 45.44 -188.77 -7.84
C VAL FB 129 44.24 -187.87 -7.91
N VAL FB 130 43.81 -187.41 -6.75
CA VAL FB 130 42.64 -186.54 -6.67
C VAL FB 130 42.99 -185.10 -6.26
N ILE FB 131 42.53 -184.13 -7.03
CA ILE FB 131 42.65 -182.74 -6.59
C ILE FB 131 41.30 -182.10 -6.41
N SER FB 132 40.96 -181.69 -5.20
CA SER FB 132 39.68 -181.00 -5.01
C SER FB 132 39.90 -179.50 -4.82
N VAL FB 133 39.18 -178.71 -5.59
CA VAL FB 133 39.35 -177.28 -5.56
C VAL FB 133 38.22 -176.76 -4.74
N ASP FB 134 38.51 -176.34 -3.51
CA ASP FB 134 37.49 -175.71 -2.66
C ASP FB 134 37.53 -174.17 -2.75
N GLY FB 135 36.44 -173.47 -2.50
CA GLY FB 135 36.60 -172.00 -2.42
C GLY FB 135 37.45 -171.52 -1.22
N THR FB 136 36.81 -170.83 -0.28
CA THR FB 136 37.50 -170.33 0.91
C THR FB 136 37.03 -171.05 2.18
N SER FB 137 36.05 -171.93 2.03
CA SER FB 137 35.52 -172.70 3.16
C SER FB 137 36.23 -174.06 3.20
N GLN FB 138 37.09 -174.26 4.19
CA GLN FB 138 37.88 -175.48 4.30
C GLN FB 138 37.36 -176.61 5.19
N SER FB 139 36.41 -176.33 6.08
CA SER FB 139 35.93 -177.38 6.96
C SER FB 139 34.55 -177.10 7.50
N VAL FB 140 33.70 -178.13 7.49
CA VAL FB 140 32.35 -178.01 8.04
C VAL FB 140 32.35 -178.84 9.31
N ASP FB 214 40.78 -135.73 13.57
CA ASP FB 214 39.39 -135.37 13.90
C ASP FB 214 38.37 -135.87 12.86
N ASP FB 215 38.80 -135.91 11.60
CA ASP FB 215 37.94 -136.26 10.47
C ASP FB 215 37.71 -137.76 10.49
N THR FB 216 38.73 -138.49 10.97
CA THR FB 216 38.79 -139.96 10.97
C THR FB 216 40.15 -140.36 11.55
N LEU FB 217 40.09 -141.40 12.37
CA LEU FB 217 41.30 -142.04 12.86
C LEU FB 217 41.56 -143.28 12.00
N SER FB 218 42.79 -143.38 11.51
CA SER FB 218 43.21 -144.50 10.66
C SER FB 218 44.05 -145.49 11.47
N ILE FB 219 43.69 -146.76 11.32
CA ILE FB 219 44.47 -147.86 11.90
C ILE FB 219 45.10 -148.64 10.72
N ARG FB 220 46.41 -148.78 10.79
CA ARG FB 220 47.15 -149.50 9.74
C ARG FB 220 47.83 -150.72 10.36
N ALA FB 221 47.63 -151.85 9.68
CA ALA FB 221 48.27 -153.12 10.07
C ALA FB 221 49.07 -153.61 8.86
N ASP FB 222 50.38 -153.62 9.03
CA ASP FB 222 51.28 -154.05 7.95
C ASP FB 222 51.74 -155.50 8.21
N GLY FB 223 51.66 -156.30 7.16
CA GLY FB 223 52.03 -157.72 7.23
C GLY FB 223 51.77 -158.38 5.88
N ASP FB 224 52.18 -159.64 5.81
CA ASP FB 224 52.04 -160.46 4.58
C ASP FB 224 50.59 -160.76 4.18
N ILE FB 225 49.75 -160.97 5.17
CA ILE FB 225 48.36 -161.38 4.95
C ILE FB 225 47.53 -160.24 4.26
N ALA FB 226 46.21 -160.13 4.48
CA ALA FB 226 45.42 -160.80 5.51
C ALA FB 226 43.98 -161.01 5.19
N ARG FB 227 43.48 -162.14 5.62
CA ARG FB 227 42.03 -162.27 5.67
C ARG FB 227 41.55 -161.72 7.02
N TYR FB 228 40.51 -160.91 6.95
CA TYR FB 228 39.97 -160.24 8.13
C TYR FB 228 38.43 -160.22 8.09
N GLU FB 229 37.85 -159.97 9.24
CA GLU FB 229 36.43 -159.63 9.37
C GLU FB 229 36.30 -158.52 10.40
N VAL FB 230 35.47 -157.55 10.07
CA VAL FB 230 35.20 -156.42 10.97
C VAL FB 230 33.72 -156.41 11.35
N LEU FB 231 33.46 -156.10 12.61
CA LEU FB 231 32.08 -156.00 13.12
C LEU FB 231 32.05 -155.07 14.34
N GLU FB 232 30.83 -154.71 14.73
CA GLU FB 232 30.55 -153.82 15.86
C GLU FB 232 29.97 -154.53 17.11
N LEU FB 233 30.21 -153.92 18.25
CA LEU FB 233 29.60 -154.33 19.52
C LEU FB 233 29.10 -153.09 20.26
N ALA FB 234 28.12 -153.28 21.12
CA ALA FB 234 27.58 -152.18 21.95
C ALA FB 234 27.76 -152.48 23.44
N ASP FB 235 27.56 -151.43 24.23
CA ASP FB 235 27.62 -151.53 25.71
C ASP FB 235 28.93 -152.23 26.19
N PRO FB 236 30.07 -151.56 26.01
CA PRO FB 236 30.21 -150.24 25.38
C PRO FB 236 30.38 -150.38 23.86
N PRO FB 237 30.19 -149.27 23.14
CA PRO FB 237 30.40 -149.26 21.68
C PRO FB 237 31.85 -149.62 21.36
N ARG FB 238 31.99 -150.54 20.43
CA ARG FB 238 33.29 -151.14 20.07
C ARG FB 238 33.32 -151.51 18.60
N LEU FB 239 34.52 -151.48 18.03
CA LEU FB 239 34.75 -152.03 16.70
C LEU FB 239 35.78 -153.15 16.88
N ALA FB 240 35.51 -154.30 16.27
CA ALA FB 240 36.35 -155.48 16.40
C ALA FB 240 36.81 -155.98 15.04
N VAL FB 241 38.10 -156.26 14.95
CA VAL FB 241 38.70 -156.85 13.73
C VAL FB 241 39.34 -158.18 14.11
N ASP FB 242 39.00 -159.20 13.33
CA ASP FB 242 39.66 -160.52 13.44
C ASP FB 242 40.55 -160.73 12.24
N LEU FB 243 41.79 -161.06 12.52
CA LEU FB 243 42.80 -161.29 11.50
C LEU FB 243 43.21 -162.76 11.50
N PHE FB 244 43.25 -163.33 10.31
CA PHE FB 244 43.65 -164.74 10.20
C PHE FB 244 45.00 -164.91 9.54
N GLY FB 245 45.57 -166.08 9.85
CA GLY FB 245 46.95 -166.43 9.47
C GLY FB 245 47.96 -165.60 10.28
N VAL FB 246 47.53 -165.15 11.46
CA VAL FB 246 48.42 -164.39 12.37
C VAL FB 246 48.53 -165.11 13.70
N GLY FB 247 49.77 -165.09 14.18
CA GLY FB 247 50.07 -165.43 15.58
C GLY FB 247 50.41 -164.13 16.30
N LEU FB 248 49.85 -163.98 17.49
CA LEU FB 248 50.09 -162.80 18.34
C LEU FB 248 51.59 -162.66 18.59
N ALA FB 249 52.06 -161.41 18.60
CA ALA FB 249 53.50 -161.14 18.77
C ALA FB 249 53.70 -159.77 19.39
N THR FB 250 54.91 -159.58 19.89
CA THR FB 250 55.31 -158.35 20.58
C THR FB 250 55.03 -157.12 19.71
N ARG FB 251 55.07 -157.23 18.38
CA ARG FB 251 54.74 -156.08 17.51
C ARG FB 251 53.28 -155.64 17.61
N ALA FB 252 52.44 -156.48 18.22
CA ALA FB 252 51.05 -156.12 18.55
C ALA FB 252 51.01 -154.74 19.29
N PRO FB 253 51.95 -154.36 20.15
CA PRO FB 253 52.03 -153.09 20.88
C PRO FB 253 52.01 -151.88 20.01
N ARG FB 254 52.56 -151.96 18.79
CA ARG FB 254 52.46 -150.84 17.84
C ARG FB 254 50.98 -150.48 17.60
N VAL FB 255 50.11 -151.39 18.02
CA VAL FB 255 48.65 -151.24 17.98
C VAL FB 255 48.16 -150.10 18.89
N LYS FB 256 48.95 -149.74 19.90
CA LYS FB 256 48.56 -148.68 20.86
C LYS FB 256 48.24 -147.36 20.13
N SER FB 257 48.84 -147.22 18.95
CA SER FB 257 48.67 -146.04 18.10
C SER FB 257 47.24 -145.80 17.60
N GLY FB 258 46.44 -146.86 17.70
CA GLY FB 258 45.18 -146.78 17.03
C GLY FB 258 43.99 -146.81 17.94
N ALA FB 259 44.09 -146.82 19.30
CA ALA FB 259 42.99 -146.67 20.26
C ALA FB 259 42.28 -145.29 20.21
N LEU FB 260 40.97 -145.13 20.39
CA LEU FB 260 39.83 -146.06 20.46
C LEU FB 260 39.24 -146.04 21.83
N ARG FB 261 39.28 -144.89 22.48
CA ARG FB 261 39.30 -144.83 23.95
C ARG FB 261 40.42 -145.78 24.51
N ASP FB 262 40.62 -146.93 23.89
CA ASP FB 262 41.56 -148.03 24.06
C ASP FB 262 41.38 -149.13 22.98
N VAL FB 263 42.46 -149.87 22.88
CA VAL FB 263 42.57 -151.03 22.00
C VAL FB 263 43.17 -152.23 22.76
N ARG FB 264 42.46 -153.34 22.73
CA ARG FB 264 42.98 -154.60 23.29
C ARG FB 264 43.05 -155.68 22.21
N VAL FB 265 44.08 -156.51 22.33
CA VAL FB 265 44.37 -157.53 21.32
C VAL FB 265 44.61 -158.88 22.03
N GLY FB 266 44.15 -159.94 21.39
CA GLY FB 266 44.34 -161.31 21.91
C GLY FB 266 44.26 -162.33 20.77
N ALA FB 267 44.30 -163.60 21.16
CA ALA FB 267 44.26 -164.72 20.21
C ALA FB 267 43.82 -165.99 20.95
N HIS FB 268 43.18 -166.86 20.20
CA HIS FB 268 42.65 -168.12 20.76
C HIS FB 268 42.90 -169.27 19.80
N ALA FB 269 44.17 -169.62 19.64
CA ALA FB 269 44.57 -170.73 18.74
C ALA FB 269 43.92 -170.57 17.35
N ASP FB 270 43.77 -169.30 16.97
CA ASP FB 270 43.36 -169.10 15.59
C ASP FB 270 44.32 -168.16 14.86
N LYS FB 271 44.20 -166.85 14.65
CA LYS FB 271 43.13 -165.79 14.76
C LYS FB 271 43.43 -164.83 15.90
N VAL FB 272 43.75 -163.62 15.47
CA VAL FB 272 43.94 -162.52 16.43
C VAL FB 272 42.72 -161.62 16.35
N ARG FB 273 42.30 -161.15 17.52
CA ARG FB 273 41.17 -160.24 17.63
C ARG FB 273 41.64 -158.90 18.19
N LEU FB 274 41.32 -157.86 17.46
CA LEU FB 274 41.61 -156.49 17.86
C LEU FB 274 40.28 -155.81 18.19
N VAL FB 275 40.25 -155.21 19.36
CA VAL FB 275 39.02 -154.60 19.92
C VAL FB 275 39.33 -153.12 20.24
N LEU FB 276 38.50 -152.28 19.68
CA LEU FB 276 38.57 -150.80 19.77
C LEU FB 276 37.35 -150.29 20.50
N ASP FB 277 37.54 -149.89 21.71
CA ASP FB 277 36.48 -149.17 22.42
C ASP FB 277 36.29 -147.76 21.79
N VAL FB 278 35.10 -147.26 21.63
CA VAL FB 278 34.99 -145.97 20.92
C VAL FB 278 34.59 -144.82 21.84
N ARG FB 279 34.88 -143.61 21.38
CA ARG FB 279 34.41 -142.38 22.04
C ARG FB 279 33.18 -141.77 21.33
N GLY FB 280 32.85 -142.34 20.16
CA GLY FB 280 31.74 -141.84 19.33
C GLY FB 280 31.36 -142.85 18.24
N THR FB 281 30.14 -142.80 17.76
CA THR FB 281 29.70 -143.77 16.72
C THR FB 281 30.54 -143.61 15.44
N MET FB 282 30.93 -144.73 14.87
CA MET FB 282 31.75 -144.74 13.64
C MET FB 282 31.06 -145.53 12.51
N LYS FB 341 11.67 -141.72 1.67
CA LYS FB 341 11.53 -140.38 2.24
C LYS FB 341 10.19 -139.77 1.88
N ASP FB 342 9.71 -138.87 2.74
CA ASP FB 342 8.42 -138.22 2.51
C ASP FB 342 8.17 -137.14 3.58
N VAL FB 343 7.28 -136.21 3.26
CA VAL FB 343 6.95 -135.14 4.18
C VAL FB 343 5.47 -135.19 4.59
N ARG FB 344 5.17 -134.63 5.76
CA ARG FB 344 3.80 -134.61 6.26
C ARG FB 344 3.56 -133.39 7.14
N PHE FB 345 2.30 -132.99 7.25
CA PHE FB 345 1.93 -131.82 8.05
C PHE FB 345 0.73 -132.14 8.94
N GLU FB 346 0.71 -131.52 10.12
CA GLU FB 346 -0.38 -131.74 11.07
C GLU FB 346 -0.41 -130.65 12.13
N GLU FB 347 -1.18 -130.66 13.12
CA GLU FB 347 -1.14 -129.66 14.15
C GLU FB 347 -1.35 -130.26 15.53
N SER FB 348 -0.81 -129.60 16.52
CA SER FB 348 -1.08 -129.97 17.89
C SER FB 348 -1.15 -128.68 18.68
N SER FB 349 -1.24 -128.78 19.99
CA SER FB 349 -1.53 -127.54 20.77
C SER FB 349 -0.34 -126.57 20.61
N SER FB 350 0.87 -127.08 20.47
CA SER FB 350 2.03 -126.23 20.15
C SER FB 350 1.85 -125.52 18.77
N GLY FB 351 0.83 -125.89 17.99
CA GLY FB 351 0.64 -125.28 16.67
C GLY FB 351 0.81 -126.22 15.49
N GLY FB 352 1.49 -125.74 14.45
CA GLY FB 352 1.73 -126.51 13.23
C GLY FB 352 2.97 -127.39 13.34
N ARG FB 353 2.86 -128.55 12.85
CA ARG FB 353 3.84 -129.64 12.94
C ARG FB 353 4.16 -130.20 11.56
N ILE FB 354 5.44 -130.46 11.31
CA ILE FB 354 5.88 -131.01 10.03
C ILE FB 354 6.61 -132.33 10.23
N VAL FB 355 5.88 -133.44 10.18
CA VAL FB 355 6.47 -134.76 10.35
C VAL FB 355 7.14 -135.22 9.06
N MET FB 356 8.46 -135.37 9.11
CA MET FB 356 9.22 -135.81 7.95
C MET FB 356 9.72 -137.24 8.13
N LYS FB 357 9.61 -138.04 7.08
CA LYS FB 357 10.05 -139.43 7.12
C LYS FB 357 11.46 -139.57 6.54
N LEU FB 358 12.42 -139.87 7.41
CA LEU FB 358 13.80 -140.04 6.99
C LEU FB 358 14.24 -141.50 7.12
N SER FB 359 14.20 -142.22 6.00
CA SER FB 359 14.60 -143.62 5.98
C SER FB 359 16.02 -143.79 5.46
N GLY FB 360 16.93 -144.15 6.35
CA GLY FB 360 18.32 -144.34 5.96
C GLY FB 360 19.23 -143.26 6.52
N THR FB 361 18.79 -142.61 7.59
CA THR FB 361 19.56 -141.55 8.22
C THR FB 361 19.98 -141.96 9.64
N SER FB 362 21.14 -141.47 10.07
CA SER FB 362 21.65 -141.78 11.40
C SER FB 362 21.70 -140.53 12.27
N GLY FB 363 22.62 -139.63 11.96
CA GLY FB 363 22.76 -138.40 12.72
C GLY FB 363 21.56 -137.48 12.56
N TRP FB 364 21.81 -136.18 12.62
CA TRP FB 364 20.75 -135.20 12.48
C TRP FB 364 21.07 -134.19 11.38
N LYS FB 365 20.03 -133.75 10.66
CA LYS FB 365 20.17 -132.79 9.56
C LYS FB 365 20.55 -131.40 10.07
N VAL FB 366 20.71 -130.46 9.14
CA VAL FB 366 21.06 -129.09 9.49
C VAL FB 366 19.82 -128.20 9.52
N ASP FB 367 19.38 -127.86 10.72
CA ASP FB 367 18.20 -127.01 10.89
C ASP FB 367 18.57 -125.53 10.81
N ARG FB 368 18.02 -124.83 9.84
CA ARG FB 368 18.29 -123.41 9.65
C ARG FB 368 17.02 -122.60 9.75
N PRO FB 369 16.76 -122.06 10.94
CA PRO FB 369 15.56 -121.25 11.16
C PRO FB 369 15.75 -119.84 10.64
N ASP FB 370 15.05 -119.53 9.54
CA ASP FB 370 15.14 -118.20 8.94
C ASP FB 370 13.89 -117.38 9.24
N PRO FB 371 13.95 -116.08 8.94
CA PRO FB 371 12.83 -115.19 9.17
C PRO FB 371 11.76 -115.36 8.09
N ARG FB 372 12.13 -116.04 7.01
CA ARG FB 372 11.21 -116.27 5.91
C ARG FB 372 10.68 -117.71 5.94
N SER FB 373 11.60 -118.67 5.80
CA SER FB 373 11.22 -120.08 5.81
C SER FB 373 12.24 -120.91 6.60
N ALA FB 374 12.15 -122.22 6.47
CA ALA FB 374 13.05 -123.12 7.16
C ALA FB 374 13.89 -123.93 6.18
N VAL FB 375 15.03 -124.43 6.65
CA VAL FB 375 15.93 -125.22 5.80
C VAL FB 375 16.40 -126.47 6.54
N LEU FB 376 16.28 -127.62 5.87
CA LEU FB 376 16.71 -128.88 6.46
C LEU FB 376 17.45 -129.74 5.44
N THR FB 377 18.76 -129.88 5.63
CA THR FB 377 19.58 -130.68 4.72
C THR FB 377 19.93 -132.02 5.34
N LEU FB 378 19.84 -133.08 4.54
CA LEU FB 378 20.16 -134.42 5.00
C LEU FB 378 21.20 -135.08 4.11
N ASP FB 379 22.46 -135.04 4.56
CA ASP FB 379 23.56 -135.63 3.81
C ASP FB 379 23.32 -137.12 3.56
N ASN FB 380 23.57 -137.56 2.34
CA ASN FB 380 23.37 -138.96 1.99
C ASN FB 380 21.91 -139.36 2.11
N ALA FB 381 21.02 -138.39 1.97
CA ALA FB 381 19.58 -138.64 2.07
C ALA FB 381 18.86 -138.17 0.82
N ARG FB 382 19.60 -138.06 -0.28
CA ARG FB 382 19.02 -137.61 -1.54
C ARG FB 382 17.71 -138.33 -1.84
N LEU FB 383 16.62 -137.57 -1.86
CA LEU FB 383 15.30 -138.14 -2.13
C LEU FB 383 14.91 -137.94 -3.60
N PRO FB 384 14.14 -138.89 -4.13
CA PRO FB 384 13.68 -138.84 -5.53
C PRO FB 384 12.65 -137.74 -5.75
N LYS FB 385 12.58 -137.25 -6.99
CA LYS FB 385 11.64 -136.18 -7.34
C LYS FB 385 10.20 -136.66 -7.21
N LYS FB 386 10.02 -137.97 -7.05
CA LYS FB 386 8.69 -138.55 -6.91
C LYS FB 386 8.25 -138.55 -5.45
N PHE FB 387 9.02 -137.88 -4.60
CA PHE FB 387 8.70 -137.81 -3.19
C PHE FB 387 8.90 -136.39 -2.66
N GLU FB 388 9.17 -135.46 -3.57
CA GLU FB 388 9.38 -134.06 -3.21
C GLU FB 388 8.07 -133.29 -3.25
N ARG FB 389 6.96 -134.00 -3.10
CA ARG FB 389 5.64 -133.38 -3.13
C ARG FB 389 5.54 -132.28 -2.06
N SER FB 390 4.73 -131.27 -2.35
CA SER FB 390 4.54 -130.16 -1.43
C SER FB 390 3.17 -130.23 -0.75
N LEU FB 391 3.00 -129.48 0.33
CA LEU FB 391 1.75 -129.45 1.06
C LEU FB 391 0.87 -128.29 0.62
N ASP FB 392 -0.40 -128.33 1.02
CA ASP FB 392 -1.33 -127.26 0.67
C ASP FB 392 -2.11 -126.79 1.89
N THR FB 393 -1.43 -126.70 3.03
CA THR FB 393 -2.05 -126.28 4.27
C THR FB 393 -2.25 -124.76 4.29
N SER FB 394 -3.06 -124.27 3.36
CA SER FB 394 -3.33 -122.83 3.27
C SER FB 394 -4.57 -122.46 4.07
N ALA FB 395 -4.48 -121.36 4.82
CA ALA FB 395 -5.59 -120.90 5.64
C ALA FB 395 -5.93 -121.91 6.73
N LEU FB 396 -4.89 -122.56 7.26
CA LEU FB 396 -5.07 -123.55 8.32
C LEU FB 396 -4.94 -122.90 9.70
N ASP FB 397 -4.82 -121.58 9.72
CA ASP FB 397 -4.69 -120.84 10.97
C ASP FB 397 -3.45 -121.29 11.74
N THR FB 398 -2.33 -121.39 11.03
CA THR FB 398 -1.07 -121.82 11.64
C THR FB 398 0.08 -120.93 11.18
N PRO FB 399 1.19 -120.96 11.94
CA PRO FB 399 2.38 -120.17 11.64
C PRO FB 399 3.10 -120.67 10.38
N VAL FB 400 2.76 -121.87 9.95
CA VAL FB 400 3.36 -122.47 8.77
C VAL FB 400 2.55 -122.18 7.51
N LYS FB 401 3.08 -121.32 6.66
CA LYS FB 401 2.40 -120.94 5.42
C LYS FB 401 2.11 -122.19 4.58
N MET FB 402 3.16 -122.95 4.26
CA MET FB 402 3.01 -124.16 3.46
C MET FB 402 4.34 -124.90 3.37
N ILE FB 403 4.26 -126.23 3.46
CA ILE FB 403 5.44 -127.07 3.39
C ILE FB 403 5.81 -127.39 1.95
N SER FB 404 7.10 -127.34 1.64
CA SER FB 404 7.58 -127.64 0.29
C SER FB 404 8.82 -128.52 0.33
N ALA FB 405 8.75 -129.64 -0.37
CA ALA FB 405 9.87 -130.58 -0.43
C ALA FB 405 10.58 -130.50 -1.77
N PHE FB 406 11.91 -130.49 -1.73
CA PHE FB 406 12.72 -130.42 -2.94
C PHE FB 406 13.95 -131.31 -2.83
N SER FB 407 14.20 -132.10 -3.87
CA SER FB 407 15.34 -133.00 -3.89
C SER FB 407 16.63 -132.24 -4.19
N VAL FB 408 17.00 -132.13 -5.47
CA VAL FB 408 18.29 -131.53 -5.80
C VAL FB 408 18.39 -130.08 -5.34
N PRO FB 409 19.56 -129.73 -4.80
CA PRO FB 409 19.77 -128.29 -4.53
C PRO FB 409 21.25 -127.94 -4.71
N GLY FB 410 21.96 -128.73 -5.55
CA GLY FB 410 23.29 -128.33 -5.96
C GLY FB 410 24.42 -128.97 -5.20
N ALA FB 411 24.09 -129.87 -4.29
CA ALA FB 411 25.10 -130.60 -3.51
C ALA FB 411 24.81 -132.10 -3.67
N GLY FB 412 25.83 -132.85 -4.12
CA GLY FB 412 25.64 -134.30 -4.21
C GLY FB 412 25.12 -134.88 -2.90
N GLY FB 413 24.19 -135.81 -3.02
CA GLY FB 413 23.63 -136.65 -1.98
C GLY FB 413 22.74 -135.91 -0.96
N LYS FB 414 22.72 -134.59 -0.93
CA LYS FB 414 21.99 -133.79 0.04
C LYS FB 414 20.53 -133.66 -0.34
N VAL FB 415 19.66 -133.49 0.66
CA VAL FB 415 18.26 -133.09 0.42
C VAL FB 415 17.90 -131.82 1.20
N ARG FB 416 16.78 -131.21 0.76
CA ARG FB 416 16.47 -129.89 1.31
C ARG FB 416 14.97 -129.75 1.54
N LEU FB 417 14.61 -129.07 2.63
CA LEU FB 417 13.21 -128.85 2.97
C LEU FB 417 12.91 -127.37 3.14
N VAL FB 418 11.79 -126.93 2.59
CA VAL FB 418 11.38 -125.53 2.69
C VAL FB 418 10.03 -125.40 3.37
N VAL FB 419 10.03 -124.87 4.58
CA VAL FB 419 8.80 -124.69 5.34
C VAL FB 419 8.49 -123.21 5.54
N ALA FB 420 7.81 -122.61 4.58
CA ALA FB 420 7.45 -121.20 4.65
C ALA FB 420 6.67 -120.89 5.91
N ALA FB 421 6.96 -119.76 6.53
CA ALA FB 421 6.28 -119.35 7.75
C ALA FB 421 5.81 -117.90 7.66
N ASP FB 422 5.20 -117.41 8.74
CA ASP FB 422 4.71 -116.04 8.78
C ASP FB 422 4.72 -115.50 10.21
N GLY FB 423 4.90 -114.18 10.34
CA GLY FB 423 4.94 -113.56 11.65
C GLY FB 423 5.93 -114.23 12.59
N ALA FB 424 5.91 -113.82 13.85
CA ALA FB 424 6.83 -114.39 14.84
C ALA FB 424 6.46 -115.83 15.16
N ILE FB 425 7.46 -116.69 15.23
CA ILE FB 425 7.23 -118.10 15.54
C ILE FB 425 8.50 -118.75 16.08
N GLU FB 426 8.38 -119.99 16.52
CA GLU FB 426 9.52 -120.73 17.07
C GLU FB 426 9.58 -122.14 16.50
N GLU FB 427 10.79 -122.60 16.23
CA GLU FB 427 11.00 -123.94 15.68
C GLU FB 427 11.40 -124.92 16.78
N LYS FB 428 10.85 -126.13 16.71
CA LYS FB 428 11.15 -127.16 17.70
C LYS FB 428 11.26 -128.53 17.04
N VAL FB 429 12.47 -129.06 16.98
CA VAL FB 429 12.72 -130.37 16.38
C VAL FB 429 12.56 -131.47 17.41
N SER FB 430 11.97 -132.59 16.98
CA SER FB 430 11.77 -133.74 17.86
C SER FB 430 12.13 -135.04 17.16
N GLN FB 431 12.93 -135.87 17.84
CA GLN FB 431 13.36 -137.14 17.28
C GLN FB 431 12.81 -138.30 18.10
N SER FB 432 11.65 -138.82 17.70
CA SER FB 432 11.02 -139.93 18.39
C SER FB 432 11.73 -141.25 18.08
N ALA FB 433 12.65 -141.20 17.12
CA ALA FB 433 13.38 -142.39 16.71
C ALA FB 433 14.42 -142.05 15.65
N GLY FB 434 15.42 -142.94 15.47
CA GLY FB 434 16.48 -142.76 14.48
C GLY FB 434 15.98 -142.90 13.06
N THR FB 435 15.33 -141.86 12.55
CA THR FB 435 14.81 -141.89 11.20
C THR FB 435 13.59 -141.02 11.02
N LEU FB 436 12.85 -140.81 12.11
CA LEU FB 436 11.65 -139.99 12.07
C LEU FB 436 11.93 -138.58 12.60
N SER FB 437 11.79 -137.58 11.74
CA SER FB 437 12.04 -136.20 12.13
C SER FB 437 10.72 -135.42 12.21
N TRP FB 438 10.68 -134.44 13.11
CA TRP FB 438 9.49 -133.62 13.29
C TRP FB 438 9.86 -132.17 13.55
N ARG FB 439 8.97 -131.25 13.17
CA ARG FB 439 9.20 -129.83 13.37
C ARG FB 439 7.94 -129.14 13.88
N LEU FB 440 7.93 -128.81 15.17
CA LEU FB 440 6.78 -128.16 15.78
C LEU FB 440 6.88 -126.65 15.64
N TYR FB 477 -25.44 -95.82 21.21
CA TYR FB 477 -25.51 -95.60 22.66
C TYR FB 477 -25.99 -96.88 23.32
N ARG FB 478 -25.20 -97.93 23.13
CA ARG FB 478 -25.34 -99.20 23.84
C ARG FB 478 -24.06 -100.00 23.63
N GLY FB 479 -23.59 -100.66 24.68
CA GLY FB 479 -22.32 -101.36 24.60
C GLY FB 479 -22.08 -102.43 25.66
N LYS FB 480 -21.01 -103.23 25.52
CA LYS FB 480 -20.51 -104.06 26.63
C LYS FB 480 -20.13 -103.19 27.82
N ARG FB 481 -20.25 -103.78 29.01
CA ARG FB 481 -19.79 -103.20 30.27
C ARG FB 481 -18.31 -103.33 30.49
N VAL FB 482 -17.78 -102.30 31.12
CA VAL FB 482 -16.36 -102.04 31.18
C VAL FB 482 -16.00 -101.36 32.49
N SER FB 483 -14.70 -101.26 32.75
CA SER FB 483 -14.17 -100.41 33.81
C SER FB 483 -13.06 -99.60 33.19
N PHE FB 484 -13.26 -98.28 33.19
CA PHE FB 484 -12.28 -97.31 32.70
C PHE FB 484 -11.37 -96.75 33.74
N GLU FB 485 -10.11 -97.11 33.67
CA GLU FB 485 -9.14 -96.54 34.56
C GLU FB 485 -8.09 -95.83 33.72
N PHE FB 486 -8.05 -94.50 33.83
CA PHE FB 486 -7.12 -93.60 33.13
C PHE FB 486 -6.39 -92.69 34.05
N LYS FB 487 -5.12 -92.97 34.29
CA LYS FB 487 -4.28 -92.17 35.17
C LYS FB 487 -3.36 -91.27 34.39
N ASP FB 488 -3.82 -90.05 34.11
CA ASP FB 488 -3.01 -88.99 33.49
C ASP FB 488 -2.63 -89.47 32.08
N ILE FB 489 -3.65 -89.50 31.20
CA ILE FB 489 -3.49 -89.94 29.80
C ILE FB 489 -4.18 -89.00 28.83
N ASP FB 490 -3.64 -88.93 27.62
CA ASP FB 490 -4.22 -88.11 26.58
C ASP FB 490 -5.61 -88.61 26.23
N ILE FB 491 -6.59 -87.71 26.15
CA ILE FB 491 -7.95 -88.09 25.75
C ILE FB 491 -7.94 -88.76 24.37
N GLN FB 492 -7.00 -88.37 23.50
CA GLN FB 492 -6.75 -89.04 22.22
C GLN FB 492 -6.36 -90.51 22.39
N ASN FB 493 -5.53 -90.80 23.37
CA ASN FB 493 -5.23 -92.18 23.70
C ASN FB 493 -6.49 -92.87 24.21
N LEU FB 494 -7.22 -92.29 25.18
CA LEU FB 494 -8.45 -92.94 25.66
C LEU FB 494 -9.41 -93.22 24.52
N LEU FB 495 -9.54 -92.27 23.64
CA LEU FB 495 -10.32 -92.44 22.45
C LEU FB 495 -9.91 -93.65 21.62
N ARG FB 496 -8.62 -93.74 21.21
CA ARG FB 496 -8.10 -94.83 20.39
C ARG FB 496 -8.28 -96.16 21.03
N VAL FB 497 -7.95 -96.20 22.31
CA VAL FB 497 -8.17 -97.34 23.14
C VAL FB 497 -9.65 -97.74 23.03
N ILE FB 498 -10.53 -96.76 23.20
CA ILE FB 498 -11.95 -96.98 23.03
C ILE FB 498 -12.25 -97.44 21.59
N ALA FB 499 -11.64 -96.97 20.52
CA ALA FB 499 -11.83 -97.63 19.20
C ALA FB 499 -11.25 -99.06 19.07
N GLU FB 500 -10.14 -99.38 19.74
CA GLU FB 500 -9.48 -100.71 19.73
C GLU FB 500 -10.28 -101.81 20.43
N ILE FB 501 -11.23 -101.39 21.23
CA ILE FB 501 -12.22 -102.22 21.93
C ILE FB 501 -13.56 -102.29 21.10
N SER FB 502 -13.62 -101.90 19.79
CA SER FB 502 -14.82 -102.04 18.88
C SER FB 502 -15.99 -101.12 19.21
N LYS FB 503 -15.68 -100.16 20.06
CA LYS FB 503 -16.53 -99.03 20.38
C LYS FB 503 -16.37 -98.01 19.29
N LYS FB 504 -16.92 -98.39 18.13
CA LYS FB 504 -16.78 -97.69 16.85
C LYS FB 504 -15.33 -97.70 16.38
N ASN FB 505 -15.09 -97.05 15.25
CA ASN FB 505 -13.78 -96.47 14.98
C ASN FB 505 -13.86 -95.00 15.40
N ILE FB 506 -13.18 -94.64 16.49
CA ILE FB 506 -13.12 -93.25 16.92
C ILE FB 506 -11.88 -92.57 16.34
N VAL FB 507 -12.05 -91.33 15.84
CA VAL FB 507 -10.97 -90.43 15.38
C VAL FB 507 -11.23 -89.01 15.93
N VAL FB 508 -10.22 -88.38 16.53
CA VAL FB 508 -10.35 -86.97 16.96
C VAL FB 508 -10.17 -86.04 15.74
N ALA FB 509 -10.32 -84.72 15.93
CA ALA FB 509 -9.50 -83.73 15.22
C ALA FB 509 -7.99 -83.91 15.55
N ASP FB 510 -7.11 -82.94 15.28
CA ASP FB 510 -5.72 -83.07 15.76
C ASP FB 510 -5.65 -82.65 17.24
N ASP FB 511 -5.66 -81.32 17.48
CA ASP FB 511 -5.50 -80.81 18.84
C ASP FB 511 -6.85 -80.57 19.50
N VAL FB 512 -7.32 -81.62 20.18
CA VAL FB 512 -8.59 -81.59 20.88
C VAL FB 512 -8.51 -80.94 22.26
N SER FB 513 -7.47 -81.18 23.06
CA SER FB 513 -7.56 -80.84 24.49
C SER FB 513 -6.20 -81.07 25.18
N GLY FB 514 -6.03 -82.27 25.73
CA GLY FB 514 -4.85 -82.69 26.43
C GLY FB 514 -5.10 -84.02 27.11
N LYS FB 515 -4.66 -84.04 28.36
CA LYS FB 515 -4.65 -85.18 29.25
C LYS FB 515 -5.75 -85.10 30.32
N VAL FB 516 -6.35 -86.25 30.68
CA VAL FB 516 -7.36 -86.37 31.74
C VAL FB 516 -7.16 -87.61 32.61
N THR FB 517 -7.72 -87.53 33.82
CA THR FB 517 -7.84 -88.65 34.75
C THR FB 517 -9.29 -88.99 35.10
N ILE FB 518 -9.66 -90.26 34.87
CA ILE FB 518 -10.95 -90.82 35.32
C ILE FB 518 -10.75 -92.27 35.81
N ARG FB 519 -11.63 -92.78 36.67
CA ARG FB 519 -11.71 -94.20 37.06
C ARG FB 519 -13.11 -94.73 37.36
N LEU FB 520 -13.58 -95.50 36.42
CA LEU FB 520 -14.92 -96.03 36.35
C LEU FB 520 -14.89 -97.52 36.63
N ARG FB 521 -15.97 -98.00 37.22
CA ARG FB 521 -16.24 -99.43 37.29
C ARG FB 521 -17.66 -99.73 36.86
N ASN FB 522 -17.82 -100.88 36.21
CA ASN FB 522 -19.12 -101.43 35.80
C ASN FB 522 -19.95 -100.48 34.89
N VAL FB 523 -19.32 -99.73 34.00
CA VAL FB 523 -20.03 -98.76 33.15
C VAL FB 523 -19.91 -99.25 31.72
N PRO FB 524 -20.98 -99.46 30.94
CA PRO FB 524 -20.87 -99.55 29.50
C PRO FB 524 -20.16 -98.36 28.93
N TRP FB 525 -19.37 -98.65 27.93
CA TRP FB 525 -18.45 -97.67 27.46
C TRP FB 525 -19.02 -96.40 26.86
N ASP FB 526 -20.12 -96.55 26.13
CA ASP FB 526 -20.77 -95.50 25.35
C ASP FB 526 -21.31 -94.42 26.25
N GLN FB 527 -21.59 -94.87 27.47
CA GLN FB 527 -21.79 -94.03 28.59
C GLN FB 527 -20.48 -93.52 29.19
N ALA FB 528 -19.51 -94.38 29.53
CA ALA FB 528 -18.24 -93.89 30.10
C ALA FB 528 -17.63 -92.80 29.22
N LEU FB 529 -17.83 -92.90 27.90
CA LEU FB 529 -17.63 -91.86 26.89
C LEU FB 529 -18.42 -90.59 27.13
N ASP FB 530 -19.75 -90.59 27.14
CA ASP FB 530 -20.56 -89.37 27.37
C ASP FB 530 -20.12 -88.61 28.62
N LEU FB 531 -19.83 -89.44 29.58
CA LEU FB 531 -19.29 -89.08 30.84
C LEU FB 531 -17.85 -88.49 30.74
N VAL FB 532 -17.00 -89.02 29.82
CA VAL FB 532 -15.61 -88.53 29.58
C VAL FB 532 -15.65 -87.14 28.96
N LEU FB 533 -16.54 -86.95 27.98
CA LEU FB 533 -16.86 -85.66 27.34
C LEU FB 533 -17.05 -84.55 28.38
N ARG FB 534 -17.97 -84.81 29.32
CA ARG FB 534 -18.31 -83.88 30.44
C ARG FB 534 -17.19 -83.56 31.43
N THR FB 535 -16.25 -84.49 31.54
CA THR FB 535 -15.11 -84.25 32.44
C THR FB 535 -14.32 -83.01 32.00
N LYS FB 536 -13.75 -83.08 30.82
CA LYS FB 536 -12.84 -82.07 30.23
C LYS FB 536 -13.03 -82.01 28.73
N ALA FB 537 -13.25 -83.24 28.29
CA ALA FB 537 -13.14 -83.68 26.95
C ALA FB 537 -14.31 -83.11 26.16
N LEU FB 538 -14.40 -83.67 24.99
CA LEU FB 538 -14.96 -83.02 23.83
C LEU FB 538 -16.47 -83.23 23.74
N GLY FB 539 -17.09 -82.89 22.61
CA GLY FB 539 -18.33 -83.55 22.17
C GLY FB 539 -18.06 -84.52 21.03
N LYS FB 540 -18.93 -85.53 20.85
CA LYS FB 540 -18.81 -86.53 19.76
C LYS FB 540 -19.87 -86.33 18.67
N GLU FB 541 -19.44 -86.46 17.41
CA GLU FB 541 -20.30 -86.55 16.22
C GLU FB 541 -20.00 -87.83 15.45
N GLU FB 542 -21.01 -88.64 15.12
CA GLU FB 542 -20.81 -89.88 14.37
C GLU FB 542 -21.19 -89.76 12.90
N PHE FB 543 -20.26 -90.12 12.01
CA PHE FB 543 -20.54 -90.35 10.59
C PHE FB 543 -21.30 -91.65 10.30
N GLY FB 544 -20.98 -92.68 11.08
CA GLY FB 544 -21.70 -93.94 11.19
C GLY FB 544 -20.72 -95.08 11.50
N ASN FB 545 -19.82 -95.32 10.54
CA ASN FB 545 -18.70 -96.26 10.73
C ASN FB 545 -17.58 -95.67 11.61
N ILE FB 546 -17.19 -94.44 11.26
CA ILE FB 546 -16.24 -93.65 12.02
C ILE FB 546 -17.04 -92.60 12.79
N ILE FB 547 -16.47 -92.14 13.90
CA ILE FB 547 -16.99 -91.02 14.66
C ILE FB 547 -15.87 -89.98 14.76
N ARG FB 548 -16.19 -88.70 14.59
CA ARG FB 548 -15.26 -87.60 14.83
C ARG FB 548 -15.54 -86.94 16.17
N ILE FB 549 -14.46 -86.70 16.91
CA ILE FB 549 -14.51 -85.99 18.17
C ILE FB 549 -13.75 -84.70 18.06
N ALA FB 550 -14.40 -83.60 18.45
CA ALA FB 550 -13.83 -82.29 18.28
C ALA FB 550 -13.85 -81.45 19.56
N PRO FB 551 -12.89 -80.52 19.69
CA PRO FB 551 -12.81 -79.46 20.70
C PRO FB 551 -13.86 -78.35 20.51
N ASP FB 574 -8.84 -89.91 42.47
CA ASP FB 574 -9.71 -90.26 41.36
C ASP FB 574 -11.12 -89.69 41.44
N LEU FB 575 -11.59 -89.56 40.21
CA LEU FB 575 -12.98 -89.48 39.89
C LEU FB 575 -13.39 -90.86 39.63
N MET FB 576 -14.64 -91.06 39.97
CA MET FB 576 -15.18 -92.34 39.71
C MET FB 576 -16.58 -92.30 39.27
N VAL FB 577 -16.88 -93.44 38.66
CA VAL FB 577 -18.21 -93.76 38.25
C VAL FB 577 -18.65 -94.99 38.93
N ASN FB 578 -19.88 -94.88 39.37
CA ASN FB 578 -20.60 -95.88 40.08
C ASN FB 578 -22.04 -95.86 39.56
N LEU FB 579 -22.57 -97.07 39.39
CA LEU FB 579 -23.96 -97.33 39.06
C LEU FB 579 -24.69 -97.51 40.40
N LEU FB 580 -25.76 -96.75 40.57
CA LEU FB 580 -26.72 -96.87 41.64
C LEU FB 580 -27.94 -97.64 41.09
N PRO FB 581 -28.28 -98.83 41.60
CA PRO FB 581 -29.61 -99.35 41.32
C PRO FB 581 -30.63 -98.50 42.08
N VAL FB 582 -31.77 -98.24 41.45
CA VAL FB 582 -32.96 -97.72 42.11
C VAL FB 582 -34.01 -98.81 42.04
N ASN FB 583 -34.17 -99.56 43.14
CA ASN FB 583 -35.12 -100.67 43.11
C ASN FB 583 -36.56 -100.16 43.21
N TYR FB 584 -36.79 -99.20 44.12
CA TYR FB 584 -38.14 -98.87 44.54
C TYR FB 584 -38.77 -97.66 43.84
N ALA FB 585 -38.03 -96.56 43.78
CA ALA FB 585 -38.51 -95.33 43.15
C ALA FB 585 -38.23 -95.29 41.63
N VAL FB 586 -38.88 -94.35 40.93
CA VAL FB 586 -38.50 -94.02 39.56
C VAL FB 586 -37.30 -93.07 39.58
N ALA FB 587 -36.36 -93.24 38.64
CA ALA FB 587 -35.15 -92.42 38.56
C ALA FB 587 -35.41 -90.92 38.35
N ALA FB 588 -36.45 -90.58 37.56
CA ALA FB 588 -36.83 -89.21 37.25
C ALA FB 588 -37.27 -88.38 38.47
N ASP FB 589 -37.83 -89.00 39.51
CA ASP FB 589 -38.23 -88.33 40.75
C ASP FB 589 -37.04 -87.80 41.56
N MET FB 590 -35.90 -88.48 41.46
CA MET FB 590 -34.62 -88.02 42.01
C MET FB 590 -34.08 -86.78 41.29
N ALA FB 591 -34.44 -86.54 40.02
CA ALA FB 591 -33.80 -85.56 39.16
C ALA FB 591 -33.79 -84.14 39.74
N ALA FB 592 -34.89 -83.73 40.39
CA ALA FB 592 -34.98 -82.42 41.04
C ALA FB 592 -33.90 -82.24 42.13
N ARG FB 593 -33.83 -83.19 43.06
CA ARG FB 593 -32.84 -83.16 44.17
C ARG FB 593 -31.40 -83.34 43.73
N VAL FB 594 -31.18 -84.23 42.76
CA VAL FB 594 -29.84 -84.51 42.25
C VAL FB 594 -29.31 -83.30 41.47
N LYS FB 595 -30.15 -82.66 40.64
CA LYS FB 595 -29.80 -81.40 39.97
C LYS FB 595 -29.43 -80.31 40.97
N ASP FB 596 -30.17 -80.25 42.09
CA ASP FB 596 -29.92 -79.29 43.16
C ASP FB 596 -28.59 -79.46 43.94
N VAL FB 597 -28.07 -80.68 44.14
CA VAL FB 597 -26.67 -80.81 44.64
C VAL FB 597 -25.66 -80.28 43.62
N LEU FB 598 -25.79 -80.64 42.34
CA LEU FB 598 -24.77 -80.30 41.34
C LEU FB 598 -24.52 -78.80 41.31
N SER FB 599 -25.59 -77.98 41.34
CA SER FB 599 -25.49 -76.53 41.13
C SER FB 599 -24.68 -76.25 39.84
N GLU FB 600 -23.72 -75.33 39.90
CA GLU FB 600 -22.69 -75.09 38.88
C GLU FB 600 -21.42 -75.97 39.07
N ARG FB 601 -21.55 -77.15 39.70
CA ARG FB 601 -20.46 -78.11 39.79
C ARG FB 601 -20.47 -79.15 38.68
N GLY FB 602 -19.32 -79.80 38.75
CA GLY FB 602 -18.84 -80.91 37.98
C GLY FB 602 -18.83 -82.18 38.73
N SER FB 603 -19.05 -83.16 37.90
CA SER FB 603 -20.08 -84.10 38.19
C SER FB 603 -21.17 -84.04 37.17
N VAL FB 604 -21.76 -85.19 36.99
CA VAL FB 604 -23.01 -85.36 36.31
C VAL FB 604 -23.70 -86.61 36.77
N THR FB 605 -24.97 -86.67 36.42
CA THR FB 605 -25.86 -87.80 36.57
C THR FB 605 -26.46 -88.19 35.20
N VAL FB 606 -26.47 -89.49 34.89
CA VAL FB 606 -27.08 -90.07 33.69
C VAL FB 606 -28.12 -91.10 34.10
N ASP FB 607 -29.29 -90.98 33.49
CA ASP FB 607 -30.39 -91.90 33.73
C ASP FB 607 -30.42 -92.95 32.62
N GLN FB 608 -30.13 -94.20 32.98
CA GLN FB 608 -30.29 -95.32 32.05
C GLN FB 608 -31.73 -95.83 32.06
N ARG FB 609 -32.14 -96.43 30.94
CA ARG FB 609 -33.51 -96.91 30.72
C ARG FB 609 -34.03 -97.91 31.74
N THR FB 610 -33.16 -98.76 32.26
CA THR FB 610 -33.49 -99.79 33.25
C THR FB 610 -33.56 -99.23 34.68
N ASN FB 611 -33.91 -97.94 34.84
CA ASN FB 611 -34.01 -97.21 36.12
C ASN FB 611 -32.80 -97.44 37.04
N VAL FB 612 -31.62 -97.18 36.48
CA VAL FB 612 -30.37 -97.04 37.24
C VAL FB 612 -29.81 -95.65 37.00
N LEU FB 613 -29.35 -95.01 38.08
CA LEU FB 613 -28.59 -93.78 37.95
C LEU FB 613 -27.12 -94.09 37.81
N ILE FB 614 -26.44 -93.27 37.01
CA ILE FB 614 -24.99 -93.30 36.92
C ILE FB 614 -24.42 -91.92 37.13
N VAL FB 615 -23.41 -91.86 38.00
CA VAL FB 615 -22.72 -90.63 38.33
C VAL FB 615 -21.25 -90.66 37.94
N LYS FB 616 -20.73 -89.68 37.19
CA LYS FB 616 -19.29 -89.37 37.25
C LYS FB 616 -19.17 -88.17 38.11
N ASP FB 617 -18.07 -88.16 38.83
CA ASP FB 617 -17.58 -87.03 39.58
C ASP FB 617 -16.36 -87.38 40.40
N VAL FB 618 -15.86 -86.37 41.10
CA VAL FB 618 -15.02 -86.58 42.28
C VAL FB 618 -15.71 -87.59 43.21
N ARG FB 619 -14.92 -88.35 43.98
CA ARG FB 619 -15.48 -89.22 45.02
C ARG FB 619 -16.43 -88.47 45.98
N SER FB 620 -16.09 -87.24 46.38
CA SER FB 620 -16.88 -86.49 47.38
C SER FB 620 -18.27 -86.10 46.85
N ASN FB 621 -18.41 -85.69 45.59
CA ASN FB 621 -19.72 -85.47 44.98
C ASN FB 621 -20.46 -86.80 44.67
N THR FB 622 -19.75 -87.89 44.27
CA THR FB 622 -20.36 -89.25 44.15
C THR FB 622 -21.01 -89.70 45.46
N GLU FB 623 -20.26 -89.57 46.56
CA GLU FB 623 -20.68 -89.97 47.88
C GLU FB 623 -21.98 -89.28 48.27
N ARG FB 624 -22.05 -87.95 48.08
CA ARG FB 624 -23.25 -87.16 48.34
C ARG FB 624 -24.42 -87.66 47.50
N ALA FB 625 -24.25 -87.77 46.20
CA ALA FB 625 -25.30 -88.25 45.29
C ALA FB 625 -25.79 -89.65 45.68
N ARG FB 626 -24.90 -90.60 46.00
CA ARG FB 626 -25.30 -91.94 46.49
C ARG FB 626 -26.10 -91.86 47.78
N SER FB 627 -25.64 -91.10 48.77
CA SER FB 627 -26.33 -90.99 50.06
C SER FB 627 -27.77 -90.48 49.89
N LEU FB 628 -27.99 -89.50 49.00
CA LEU FB 628 -29.33 -88.99 48.71
C LEU FB 628 -30.18 -90.00 47.93
N VAL FB 629 -29.63 -90.61 46.86
CA VAL FB 629 -30.35 -91.61 46.04
C VAL FB 629 -30.77 -92.78 46.92
N ARG FB 630 -29.84 -93.35 47.70
CA ARG FB 630 -30.19 -94.46 48.60
C ARG FB 630 -31.17 -94.01 49.69
N SER FB 631 -31.01 -92.83 50.26
CA SER FB 631 -31.90 -92.33 51.32
C SER FB 631 -33.35 -92.17 50.85
N LEU FB 632 -33.54 -91.60 49.66
CA LEU FB 632 -34.86 -91.53 49.01
C LEU FB 632 -35.36 -92.86 48.50
N ASP FB 633 -34.45 -93.75 48.03
CA ASP FB 633 -34.84 -95.11 47.69
C ASP FB 633 -35.39 -95.66 49.02
N THR FB 634 -34.66 -95.65 50.17
CA THR FB 634 -35.11 -96.25 51.45
C THR FB 634 -36.51 -95.93 51.98
N GLN FB 635 -37.10 -94.76 51.76
CA GLN FB 635 -38.51 -94.56 52.13
C GLN FB 635 -39.52 -95.22 51.17
N THR FB 636 -39.13 -95.36 49.90
CA THR FB 636 -39.76 -96.23 48.90
C THR FB 636 -39.78 -97.79 49.12
N PRO FB 637 -38.75 -98.48 49.70
CA PRO FB 637 -38.85 -99.87 50.16
C PRO FB 637 -39.86 -100.18 51.24
N GLN FB 638 -40.20 -99.23 52.13
CA GLN FB 638 -41.32 -99.52 53.04
C GLN FB 638 -42.64 -99.40 52.29
N VAL FB 639 -43.03 -100.53 51.68
CA VAL FB 639 -44.28 -100.67 50.94
C VAL FB 639 -45.43 -101.05 51.87
N CYS GB 5 67.26 7.04 -30.64
CA CYS GB 5 66.11 6.15 -30.72
C CYS GB 5 66.32 5.11 -31.86
N GLU GB 6 65.39 4.17 -32.03
CA GLU GB 6 65.24 3.39 -33.27
C GLU GB 6 64.00 3.87 -34.06
N GLU GB 7 64.18 4.01 -35.38
CA GLU GB 7 63.24 4.58 -36.35
C GLU GB 7 62.25 3.51 -36.92
N PRO GB 8 61.38 3.77 -37.93
CA PRO GB 8 60.23 2.94 -38.32
C PRO GB 8 60.37 1.40 -38.34
N PRO GB 9 61.13 0.86 -39.31
CA PRO GB 9 62.29 0.08 -38.90
C PRO GB 9 63.50 0.95 -38.59
N ALA GB 10 64.47 0.37 -37.88
CA ALA GB 10 65.76 0.97 -37.54
C ALA GB 10 66.56 1.37 -38.82
N PRO GB 11 67.88 1.64 -38.75
CA PRO GB 11 68.73 1.75 -39.97
C PRO GB 11 68.74 0.43 -40.81
N ALA GB 12 69.84 -0.03 -41.45
CA ALA GB 12 69.76 -1.22 -42.34
C ALA GB 12 70.46 -2.58 -42.02
N PRO GB 13 71.49 -2.77 -41.15
CA PRO GB 13 72.14 -4.10 -41.00
C PRO GB 13 71.60 -5.19 -40.02
N PRO GB 14 70.55 -5.01 -39.17
CA PRO GB 14 69.29 -4.37 -39.48
C PRO GB 14 69.01 -3.01 -38.81
N PRO GB 15 69.89 -2.32 -38.01
CA PRO GB 15 70.99 -2.74 -37.14
C PRO GB 15 70.62 -3.58 -35.94
N ALA GB 16 71.67 -4.26 -35.45
CA ALA GB 16 71.84 -4.84 -34.11
C ALA GB 16 70.74 -5.79 -33.59
N LYS GB 17 69.48 -5.72 -34.03
CA LYS GB 17 68.36 -6.53 -33.52
C LYS GB 17 68.32 -8.03 -33.93
N PRO GB 18 69.35 -8.60 -34.57
CA PRO GB 18 69.68 -10.01 -34.38
C PRO GB 18 70.08 -10.40 -32.95
N LYS GB 19 70.72 -9.50 -32.20
CA LYS GB 19 71.20 -9.78 -30.85
C LYS GB 19 70.15 -9.41 -29.80
N ALA GB 20 69.44 -8.30 -30.03
CA ALA GB 20 68.29 -7.91 -29.20
C ALA GB 20 67.04 -8.75 -29.49
N ALA GB 21 66.57 -8.80 -30.74
CA ALA GB 21 65.50 -9.72 -31.19
C ALA GB 21 65.94 -11.12 -31.68
N ALA GB 22 66.99 -11.73 -31.10
CA ALA GB 22 67.14 -13.21 -31.07
C ALA GB 22 67.75 -13.71 -29.74
N ALA GB 23 67.96 -12.79 -28.80
CA ALA GB 23 68.16 -13.12 -27.40
C ALA GB 23 66.99 -12.59 -26.55
N VAL GB 24 66.03 -11.88 -27.18
CA VAL GB 24 64.61 -11.90 -26.84
C VAL GB 24 63.92 -13.11 -27.54
N PRO GB 25 62.98 -12.95 -28.51
CA PRO GB 25 61.98 -13.99 -28.86
C PRO GB 25 61.79 -15.15 -27.87
N VAL GB 26 61.36 -14.90 -26.63
CA VAL GB 26 60.71 -13.65 -26.13
C VAL GB 26 61.51 -13.11 -24.93
N LYS GB 27 60.86 -12.79 -23.80
CA LYS GB 27 61.49 -12.95 -22.47
C LYS GB 27 61.98 -14.41 -22.26
N ALA GB 28 61.79 -15.27 -23.27
CA ALA GB 28 61.42 -16.66 -23.03
C ALA GB 28 60.33 -16.76 -21.97
N ALA GB 29 60.62 -16.25 -20.78
CA ALA GB 29 60.20 -16.89 -19.54
C ALA GB 29 61.28 -17.82 -19.01
N PRO GB 30 61.62 -18.84 -19.79
CA PRO GB 30 60.62 -19.79 -20.29
C PRO GB 30 59.82 -20.42 -19.16
N THR GB 31 58.53 -20.65 -19.41
CA THR GB 31 57.64 -21.17 -18.37
C THR GB 31 57.39 -22.66 -18.55
N GLU GB 32 58.32 -23.48 -18.06
CA GLU GB 32 58.51 -23.64 -16.62
C GLU GB 32 57.43 -24.53 -16.01
N THR GB 33 56.34 -24.71 -16.75
CA THR GB 33 55.00 -24.65 -16.16
C THR GB 33 54.14 -25.81 -16.66
N GLY GB 34 53.04 -25.48 -17.31
CA GLY GB 34 51.71 -25.75 -16.76
C GLY GB 34 51.09 -27.00 -17.35
N ALA GB 35 51.54 -28.16 -16.89
CA ALA GB 35 51.37 -29.40 -17.65
C ALA GB 35 49.96 -29.96 -17.45
N GLN GB 36 49.58 -30.90 -18.31
CA GLN GB 36 48.32 -31.62 -18.16
C GLN GB 36 48.58 -33.13 -18.14
N ALA GB 37 47.72 -33.90 -17.48
CA ALA GB 37 47.90 -35.33 -17.27
C ALA GB 37 46.86 -36.17 -18.04
N ALA GB 38 47.29 -37.35 -18.51
CA ALA GB 38 46.40 -38.42 -18.99
C ALA GB 38 45.77 -39.28 -17.86
N PRO GB 39 46.01 -38.89 -16.59
CA PRO GB 39 46.58 -39.78 -15.56
C PRO GB 39 46.95 -41.20 -16.06
N SER GB 40 46.69 -42.23 -15.26
CA SER GB 40 46.73 -43.64 -15.66
C SER GB 40 45.58 -44.39 -14.96
N TYR GB 41 45.26 -45.59 -15.43
CA TYR GB 41 44.06 -46.33 -15.01
C TYR GB 41 44.47 -47.75 -14.56
N SER GB 42 43.78 -48.24 -13.52
CA SER GB 42 43.96 -49.61 -12.99
C SER GB 42 43.04 -50.63 -13.70
N TYR GB 43 43.29 -51.92 -13.45
CA TYR GB 43 42.59 -53.03 -14.09
C TYR GB 43 41.77 -53.91 -13.14
N VAL GB 44 40.76 -54.62 -13.67
CA VAL GB 44 39.71 -55.32 -12.92
C VAL GB 44 39.40 -56.68 -13.57
N TYR GB 45 38.97 -57.74 -12.87
CA TYR GB 45 39.11 -58.12 -11.45
C TYR GB 45 39.06 -59.67 -11.45
N ASN GB 46 39.67 -60.34 -10.46
CA ASN GB 46 39.77 -61.81 -10.46
C ASN GB 46 38.58 -62.50 -9.76
N PRO GB 47 37.64 -63.07 -10.56
CA PRO GB 47 37.05 -64.34 -10.17
C PRO GB 47 36.64 -65.25 -11.35
N VAL GB 48 36.54 -66.53 -11.00
CA VAL GB 48 35.24 -67.22 -11.05
C VAL GB 48 34.79 -67.57 -9.63
N GLY GB 49 33.49 -67.45 -9.36
CA GLY GB 49 32.91 -67.79 -8.06
C GLY GB 49 32.98 -69.28 -7.75
N LYS GB 50 32.67 -69.66 -6.51
CA LYS GB 50 32.55 -71.06 -6.05
C LYS GB 50 31.25 -71.26 -5.28
N ARG GB 51 30.76 -72.49 -5.23
CA ARG GB 51 29.51 -72.87 -4.56
C ARG GB 51 29.77 -73.88 -3.45
N ASP GB 52 29.01 -73.65 -2.40
CA ASP GB 52 28.72 -74.47 -1.24
C ASP GB 52 27.16 -74.32 -1.10
N PRO GB 53 26.74 -73.48 -0.14
CA PRO GB 53 26.10 -72.20 -0.37
C PRO GB 53 26.59 -71.45 -1.65
N PHE GB 54 25.72 -70.95 -2.52
CA PHE GB 54 24.31 -70.62 -2.25
C PHE GB 54 23.35 -71.62 -2.92
N ARG GB 55 23.81 -72.77 -3.45
CA ARG GB 55 22.88 -73.68 -4.17
C ARG GB 55 21.83 -74.28 -3.24
N SER GB 56 22.22 -74.95 -2.16
CA SER GB 56 21.24 -75.41 -1.16
C SER GB 56 20.32 -74.32 -0.57
N PRO GB 57 20.83 -73.18 -0.06
CA PRO GB 57 19.97 -72.16 0.54
C PRO GB 57 19.07 -71.35 -0.43
N ILE GB 58 19.02 -71.63 -1.75
CA ILE GB 58 17.97 -71.10 -2.65
C ILE GB 58 17.50 -72.13 -3.71
N ASP GB 59 18.38 -72.92 -4.31
CA ASP GB 59 18.04 -73.96 -5.29
C ASP GB 59 17.40 -75.20 -4.61
N GLU GB 60 17.61 -75.42 -3.30
CA GLU GB 60 16.96 -76.48 -2.49
C GLU GB 60 15.92 -75.92 -1.50
N LEU GB 61 16.15 -74.71 -0.94
CA LEU GB 61 15.15 -74.00 -0.13
C LEU GB 61 13.97 -73.44 -0.95
N GLY GB 62 14.22 -72.93 -2.16
CA GLY GB 62 13.21 -72.33 -3.04
C GLY GB 62 12.14 -73.31 -3.53
N PRO GB 63 12.49 -74.59 -3.71
CA PRO GB 63 11.59 -75.73 -3.53
C PRO GB 63 11.12 -75.90 -2.08
N VAL GB 64 10.40 -74.91 -1.51
CA VAL GB 64 9.99 -74.88 -0.09
C VAL GB 64 9.19 -76.14 0.26
N ASN GB 65 9.86 -77.06 0.96
CA ASN GB 65 9.43 -78.44 1.12
C ASN GB 65 9.67 -78.88 2.56
N ALA GB 66 8.61 -79.33 3.22
CA ALA GB 66 8.65 -79.93 4.54
C ALA GB 66 7.79 -81.19 4.53
N ASN GB 67 8.23 -82.22 5.26
CA ASN GB 67 7.52 -83.49 5.40
C ASN GB 67 7.22 -83.76 6.89
N PRO GB 68 6.14 -83.16 7.45
CA PRO GB 68 5.89 -83.11 8.89
C PRO GB 68 5.93 -84.46 9.63
N VAL GB 69 6.36 -84.40 10.89
CA VAL GB 69 6.22 -85.48 11.86
C VAL GB 69 4.83 -85.54 12.50
N ALA GB 70 4.16 -86.68 12.38
CA ALA GB 70 2.95 -87.03 13.13
C ALA GB 70 2.85 -88.53 13.49
N ALA GB 71 3.67 -89.38 12.86
CA ALA GB 71 3.64 -90.83 13.01
C ALA GB 71 4.27 -91.33 14.33
N CYS GB 72 4.18 -92.64 14.54
CA CYS GB 72 5.08 -93.35 15.45
C CYS GB 72 6.53 -93.45 14.92
N ASN GB 73 7.49 -93.30 15.84
CA ASN GB 73 8.90 -93.01 15.56
C ASN GB 73 9.84 -94.25 15.43
N GLU GB 74 9.47 -95.34 14.76
CA GLU GB 74 8.85 -96.52 15.39
C GLU GB 74 9.34 -96.70 16.86
N PRO GB 75 8.54 -96.25 17.85
CA PRO GB 75 9.07 -95.52 19.00
C PRO GB 75 9.48 -96.47 20.12
N LEU GB 76 8.55 -97.32 20.60
CA LEU GB 76 8.75 -98.06 21.85
C LEU GB 76 9.70 -99.24 21.65
N CYS GB 77 9.81 -99.75 20.44
CA CYS GB 77 10.89 -100.68 20.09
C CYS GB 77 12.30 -100.06 20.05
N SER GB 78 12.42 -98.75 20.28
CA SER GB 78 13.68 -98.04 20.54
C SER GB 78 13.93 -97.71 22.02
N PHE GB 79 13.04 -98.08 22.96
CA PHE GB 79 13.17 -97.85 24.41
C PHE GB 79 12.97 -99.12 25.26
N ASP GB 80 13.65 -99.23 26.40
CA ASP GB 80 13.68 -100.48 27.18
C ASP GB 80 12.43 -100.67 28.07
N LEU GB 81 12.01 -101.91 28.32
CA LEU GB 81 10.65 -102.20 28.82
C LEU GB 81 10.39 -101.72 30.25
N ASP GB 82 11.40 -101.80 31.11
CA ASP GB 82 11.35 -101.37 32.52
C ASP GB 82 11.32 -99.82 32.61
N GLN GB 83 11.56 -99.09 31.52
CA GLN GB 83 11.36 -97.64 31.45
C GLN GB 83 9.88 -97.25 31.28
N LEU GB 84 9.04 -98.16 30.78
CA LEU GB 84 7.63 -97.91 30.43
C LEU GB 84 6.70 -98.11 31.65
N LYS GB 85 5.72 -97.23 31.83
CA LYS GB 85 4.82 -97.23 33.00
C LYS GB 85 3.35 -97.34 32.62
N LEU GB 86 2.61 -98.28 33.22
CA LEU GB 86 1.19 -98.49 32.89
C LEU GB 86 0.32 -97.35 33.45
N VAL GB 87 -0.29 -96.58 32.54
CA VAL GB 87 -1.15 -95.43 32.87
C VAL GB 87 -2.56 -95.88 33.25
N ALA GB 88 -3.14 -96.74 32.42
CA ALA GB 88 -4.55 -97.12 32.45
C ALA GB 88 -4.80 -98.40 31.65
N VAL GB 89 -6.02 -98.93 31.72
CA VAL GB 89 -6.51 -100.01 30.87
C VAL GB 89 -7.95 -99.69 30.46
N VAL GB 90 -8.27 -99.96 29.19
CA VAL GB 90 -9.62 -99.87 28.63
C VAL GB 90 -10.12 -101.29 28.31
N THR GB 91 -11.40 -101.57 28.52
CA THR GB 91 -12.03 -102.85 28.19
C THR GB 91 -13.45 -102.61 27.74
N GLY GB 92 -13.84 -103.28 26.65
CA GLY GB 92 -15.17 -103.29 26.06
C GLY GB 92 -15.19 -104.26 24.88
N ASP GB 93 -16.25 -104.18 24.07
CA ASP GB 93 -16.56 -105.11 22.98
C ASP GB 93 -15.45 -105.18 21.91
N ALA GB 94 -14.71 -104.07 21.72
CA ALA GB 94 -13.54 -103.95 20.87
C ALA GB 94 -12.25 -104.66 21.38
N SER GB 95 -12.38 -105.59 22.34
CA SER GB 95 -11.32 -106.29 23.10
C SER GB 95 -10.55 -105.39 24.09
N PRO GB 96 -9.97 -105.95 25.18
CA PRO GB 96 -9.18 -105.19 26.15
C PRO GB 96 -7.90 -104.61 25.53
N VAL GB 97 -7.57 -103.38 25.92
CA VAL GB 97 -6.37 -102.63 25.50
C VAL GB 97 -5.70 -101.90 26.68
N ALA GB 98 -4.39 -102.06 26.82
CA ALA GB 98 -3.58 -101.37 27.82
C ALA GB 98 -3.12 -99.99 27.31
N MET GB 99 -2.90 -99.04 28.22
CA MET GB 99 -2.32 -97.74 27.94
C MET GB 99 -1.05 -97.52 28.79
N VAL GB 100 0.06 -97.19 28.13
CA VAL GB 100 1.41 -97.16 28.72
C VAL GB 100 2.20 -95.89 28.34
N GLU GB 101 3.04 -95.42 29.25
CA GLU GB 101 3.78 -94.15 29.19
C GLU GB 101 5.28 -94.37 28.98
N ASP GB 102 5.87 -93.62 28.05
CA ASP GB 102 7.28 -93.64 27.66
C ASP GB 102 8.12 -92.97 28.78
N PRO GB 103 9.45 -93.19 28.87
CA PRO GB 103 10.33 -92.28 29.60
C PRO GB 103 10.38 -90.87 28.99
N ALA GB 104 10.01 -90.72 27.72
CA ALA GB 104 9.77 -89.43 27.05
C ALA GB 104 8.37 -88.84 27.29
N GLY GB 105 7.53 -89.45 28.14
CA GLY GB 105 6.21 -88.94 28.53
C GLY GB 105 5.09 -89.06 27.49
N ARG GB 106 5.32 -89.74 26.35
CA ARG GB 106 4.24 -90.09 25.41
C ARG GB 106 3.33 -91.16 26.03
N GLY GB 107 2.03 -91.09 25.73
CA GLY GB 107 1.09 -92.22 25.86
C GLY GB 107 0.98 -93.10 24.60
N HIS GB 108 0.87 -94.42 24.81
CA HIS GB 108 0.65 -95.44 23.77
C HIS GB 108 -0.53 -96.33 24.17
N ILE GB 109 -1.09 -97.04 23.18
CA ILE GB 109 -2.14 -98.03 23.39
C ILE GB 109 -1.74 -99.32 22.69
N VAL GB 110 -1.75 -100.43 23.41
CA VAL GB 110 -1.28 -101.75 22.95
C VAL GB 110 -2.22 -102.82 23.53
N ARG GB 111 -2.37 -103.94 22.84
CA ARG GB 111 -3.32 -105.00 23.20
C ARG GB 111 -2.78 -106.39 22.93
N ARG GB 112 -3.46 -107.43 23.45
CA ARG GB 112 -3.02 -108.83 23.31
C ARG GB 112 -2.68 -109.17 21.84
N ASN GB 113 -1.52 -109.79 21.64
CA ASN GB 113 -0.80 -110.07 20.37
C ASN GB 113 0.15 -108.95 19.84
N THR GB 114 -0.05 -107.68 20.21
CA THR GB 114 0.90 -106.59 19.90
C THR GB 114 2.19 -106.62 20.74
N ARG GB 115 3.14 -105.73 20.42
CA ARG GB 115 4.46 -105.62 21.06
C ARG GB 115 4.76 -104.18 21.50
N MET GB 116 5.80 -104.04 22.30
CA MET GB 116 6.38 -102.80 22.85
C MET GB 116 7.84 -103.08 23.23
N GLY GB 117 8.67 -102.05 23.39
CA GLY GB 117 10.02 -102.19 23.95
C GLY GB 117 11.10 -102.80 23.04
N ARG GB 118 12.37 -102.58 23.37
CA ARG GB 118 13.53 -103.15 22.62
C ARG GB 118 13.59 -104.67 22.67
N GLN GB 119 13.22 -105.28 23.79
CA GLN GB 119 13.07 -106.73 23.91
C GLN GB 119 11.78 -107.28 23.26
N GLY GB 120 11.04 -106.46 22.49
CA GLY GB 120 9.87 -106.88 21.72
C GLY GB 120 8.70 -107.42 22.55
N GLY GB 121 8.58 -106.98 23.81
CA GLY GB 121 7.63 -107.42 24.84
C GLY GB 121 6.22 -107.58 24.30
N LYS GB 122 5.81 -108.82 24.08
CA LYS GB 122 4.51 -109.18 23.49
C LYS GB 122 3.44 -109.15 24.57
N VAL GB 123 2.37 -108.40 24.37
CA VAL GB 123 1.20 -108.41 25.28
C VAL GB 123 0.48 -109.76 25.29
N THR GB 124 0.41 -110.40 26.45
CA THR GB 124 -0.19 -111.75 26.58
C THR GB 124 -1.39 -111.74 27.53
N GLN GB 125 -1.43 -110.90 28.58
CA GLN GB 125 -2.59 -110.68 29.45
C GLN GB 125 -2.76 -109.19 29.76
N ILE GB 126 -3.98 -108.78 30.10
CA ILE GB 126 -4.33 -107.40 30.48
C ILE GB 126 -5.35 -107.49 31.61
N LEU GB 127 -4.95 -107.09 32.82
CA LEU GB 127 -5.81 -106.95 34.00
C LEU GB 127 -6.17 -105.46 34.18
N ARG GB 128 -6.76 -105.06 35.31
CA ARG GB 128 -7.14 -103.64 35.57
C ARG GB 128 -6.05 -102.83 36.26
N ASP GB 129 -5.17 -103.54 36.92
CA ASP GB 129 -4.08 -103.12 37.80
C ASP GB 129 -2.68 -103.37 37.22
N SER GB 130 -2.60 -104.18 36.16
CA SER GB 130 -1.39 -104.81 35.69
C SER GB 130 -1.53 -105.45 34.30
N VAL GB 131 -0.42 -105.69 33.61
CA VAL GB 131 -0.37 -106.21 32.24
C VAL GB 131 0.82 -107.17 32.11
N THR GB 132 0.53 -108.47 31.97
CA THR GB 132 1.53 -109.48 31.60
C THR GB 132 1.95 -109.45 30.13
N VAL GB 133 3.26 -109.40 29.91
CA VAL GB 133 3.93 -109.43 28.60
C VAL GB 133 5.02 -110.50 28.55
N THR GB 134 5.32 -111.00 27.35
CA THR GB 134 6.49 -111.88 27.09
C THR GB 134 7.60 -111.19 26.33
N GLU GB 135 8.74 -111.01 27.00
CA GLU GB 135 9.91 -110.27 26.52
C GLU GB 135 11.06 -111.22 26.14
N VAL GB 136 12.11 -110.66 25.56
CA VAL GB 136 13.22 -111.38 24.88
C VAL GB 136 14.56 -110.93 25.44
N PHE GB 137 15.08 -111.66 26.44
CA PHE GB 137 16.33 -111.33 27.13
C PHE GB 137 17.47 -112.30 26.78
N SER GB 138 18.73 -111.85 26.80
CA SER GB 138 19.91 -112.72 26.62
C SER GB 138 20.39 -113.28 27.97
N GLY GB 139 19.76 -114.35 28.43
CA GLY GB 139 20.12 -115.04 29.67
C GLY GB 139 21.43 -115.79 29.53
N ASN GB 140 22.53 -115.20 30.06
CA ASN GB 140 23.88 -115.77 30.03
C ASN GB 140 24.42 -116.11 28.61
N GLY GB 141 23.81 -115.55 27.56
CA GLY GB 141 24.14 -115.81 26.15
C GLY GB 141 23.02 -116.47 25.34
N GLU GB 142 22.06 -117.16 25.99
CA GLU GB 142 20.86 -117.66 25.31
C GLU GB 142 19.75 -116.60 25.22
N ILE GB 143 19.10 -116.48 24.06
CA ILE GB 143 17.86 -115.72 23.95
C ILE GB 143 16.70 -116.51 24.56
N ILE GB 144 16.15 -116.00 25.67
CA ILE GB 144 15.08 -116.64 26.45
C ILE GB 144 13.89 -115.70 26.64
N LYS GB 145 12.73 -116.30 26.96
CA LYS GB 145 11.50 -115.57 27.32
C LYS GB 145 11.61 -115.00 28.73
N ASN GB 146 11.19 -113.76 28.92
CA ASN GB 146 11.03 -113.14 30.23
C ASN GB 146 9.55 -112.71 30.46
N PRO GB 147 8.78 -113.39 31.33
CA PRO GB 147 7.34 -113.15 31.53
C PRO GB 147 7.06 -112.02 32.53
N VAL GB 148 7.41 -110.78 32.16
CA VAL GB 148 7.21 -109.57 33.00
C VAL GB 148 5.74 -109.18 33.13
N THR GB 149 5.36 -108.57 34.27
CA THR GB 149 4.01 -108.01 34.49
C THR GB 149 4.15 -106.55 34.93
N LEU GB 150 3.81 -105.64 34.03
CA LEU GB 150 3.85 -104.19 34.27
C LEU GB 150 2.64 -103.79 35.12
N GLN GB 151 2.85 -103.41 36.38
CA GLN GB 151 1.78 -102.83 37.22
C GLN GB 151 1.45 -101.39 36.81
N LEU GB 152 0.25 -100.93 37.19
CA LEU GB 152 -0.17 -99.52 37.13
C LEU GB 152 0.83 -98.61 37.86
N LYS GB 153 0.80 -97.30 37.60
CA LYS GB 153 1.69 -96.30 38.24
C LYS GB 153 1.14 -95.71 39.57
N PRO GB 154 1.65 -96.12 40.76
CA PRO GB 154 1.52 -95.37 42.02
C PRO GB 154 2.79 -94.55 42.29
N ASP GB 155 3.00 -94.15 43.55
CA ASP GB 155 4.33 -93.80 44.08
C ASP GB 155 5.24 -95.04 44.17
N ALA GB 156 6.49 -94.93 43.72
CA ALA GB 156 7.52 -95.96 43.79
C ALA GB 156 8.91 -95.35 43.50
N LYS GB 157 9.97 -95.97 44.03
CA LYS GB 157 11.37 -95.60 43.74
C LYS GB 157 12.29 -96.82 43.76
N GLN GB 158 13.21 -96.86 42.79
CA GLN GB 158 14.34 -97.79 42.71
C GLN GB 158 15.53 -97.07 42.06
N ASP GB 159 16.71 -97.70 42.10
CA ASP GB 159 17.93 -97.16 41.46
C ASP GB 159 18.02 -97.42 39.94
N ASN HB 33 -24.07 -186.18 -82.78
CA ASN HB 33 -23.68 -184.96 -82.02
C ASN HB 33 -23.08 -185.38 -80.70
N THR HB 34 -22.34 -184.46 -80.08
CA THR HB 34 -21.88 -184.65 -78.71
C THR HB 34 -22.89 -183.97 -77.76
N LEU HB 35 -22.98 -182.64 -77.84
CA LEU HB 35 -23.94 -181.92 -77.05
C LEU HB 35 -25.30 -182.01 -77.71
N ARG HB 36 -26.31 -182.54 -77.00
CA ARG HB 36 -27.66 -182.67 -77.55
C ARG HB 36 -28.73 -181.70 -77.07
N GLY HB 37 -28.55 -181.11 -75.90
CA GLY HB 37 -29.49 -180.11 -75.36
C GLY HB 37 -28.72 -179.22 -74.39
N LEU HB 38 -29.25 -178.01 -74.22
CA LEU HB 38 -28.69 -176.98 -73.38
C LEU HB 38 -29.83 -176.21 -72.67
N ASP HB 39 -29.83 -176.22 -71.35
CA ASP HB 39 -30.92 -175.58 -70.62
C ASP HB 39 -30.41 -174.58 -69.56
N VAL HB 40 -31.09 -173.44 -69.45
CA VAL HB 40 -30.76 -172.51 -68.38
C VAL HB 40 -31.96 -172.35 -67.42
N SER HB 41 -31.74 -172.61 -66.14
CA SER HB 41 -32.78 -172.40 -65.13
C SER HB 41 -32.45 -171.20 -64.24
N ARG HB 42 -32.82 -169.99 -64.68
CA ARG HB 42 -32.60 -168.79 -63.82
C ARG HB 42 -33.43 -168.85 -62.56
N THR HB 43 -32.81 -168.65 -61.41
CA THR HB 43 -33.59 -168.49 -60.19
C THR HB 43 -32.77 -167.62 -59.26
N GLY HB 44 -33.40 -167.05 -58.22
CA GLY HB 44 -32.74 -166.07 -57.33
C GLY HB 44 -31.68 -166.63 -56.44
N SER HB 45 -31.85 -167.86 -55.96
CA SER HB 45 -30.84 -168.51 -55.14
C SER HB 45 -29.59 -168.94 -55.91
N GLY HB 46 -29.80 -169.40 -57.16
CA GLY HB 46 -28.74 -169.82 -58.04
C GLY HB 46 -29.37 -170.00 -59.42
N ALA HB 47 -28.62 -169.61 -60.46
CA ALA HB 47 -28.99 -170.00 -61.79
C ALA HB 47 -28.26 -171.30 -62.20
N GLN HB 48 -29.00 -172.26 -62.73
CA GLN HB 48 -28.40 -173.51 -63.17
C GLN HB 48 -28.25 -173.53 -64.70
N VAL HB 49 -27.06 -173.88 -65.16
CA VAL HB 49 -26.82 -174.19 -66.55
C VAL HB 49 -26.58 -175.67 -66.72
N VAL HB 50 -27.33 -176.28 -67.62
CA VAL HB 50 -27.23 -177.70 -67.90
C VAL HB 50 -26.84 -177.88 -69.33
N VAL HB 51 -25.88 -178.75 -69.54
CA VAL HB 51 -25.44 -179.12 -70.87
C VAL HB 51 -25.52 -180.63 -70.95
N THR HB 52 -26.31 -181.12 -71.90
CA THR HB 52 -26.56 -182.55 -71.99
C THR HB 52 -25.86 -183.06 -73.22
N GLY HB 53 -25.22 -184.23 -73.11
CA GLY HB 53 -24.38 -184.74 -74.20
C GLY HB 53 -24.34 -186.26 -74.24
N THR HB 54 -23.89 -186.81 -75.35
CA THR HB 54 -23.87 -188.22 -75.55
C THR HB 54 -22.72 -188.94 -74.86
N ARG HB 55 -21.66 -188.21 -74.53
CA ARG HB 55 -20.50 -188.77 -73.82
C ARG HB 55 -20.16 -187.80 -72.71
N PRO HB 56 -19.54 -188.32 -71.62
CA PRO HB 56 -19.03 -187.47 -70.58
C PRO HB 56 -18.05 -186.39 -71.12
N PRO HB 57 -18.29 -185.14 -70.74
CA PRO HB 57 -17.53 -184.04 -71.25
C PRO HB 57 -16.32 -183.72 -70.38
N THR HB 58 -15.15 -183.51 -70.99
CA THR HB 58 -14.05 -182.88 -70.28
C THR HB 58 -14.31 -181.36 -70.36
N PHE HB 59 -14.12 -180.65 -69.27
CA PHE HB 59 -14.42 -179.24 -69.26
C PHE HB 59 -13.37 -178.62 -68.38
N THR HB 60 -13.28 -177.30 -68.44
CA THR HB 60 -12.55 -176.47 -67.50
C THR HB 60 -13.42 -175.25 -67.34
N VAL HB 61 -13.54 -174.80 -66.12
CA VAL HB 61 -14.26 -173.57 -65.80
C VAL HB 61 -13.31 -172.55 -65.15
N PHE HB 62 -13.39 -171.30 -65.61
CA PHE HB 62 -12.62 -170.23 -65.00
C PHE HB 62 -13.34 -168.88 -65.01
N ARG HB 63 -12.75 -167.85 -64.39
CA ARG HB 63 -13.39 -166.52 -64.25
C ARG HB 63 -12.65 -165.49 -65.08
N LEU HB 64 -13.32 -164.39 -65.44
CA LEU HB 64 -12.62 -163.23 -65.98
C LEU HB 64 -13.28 -161.98 -65.42
N SER HB 65 -12.59 -160.84 -65.51
CA SER HB 65 -13.12 -159.60 -65.00
C SER HB 65 -13.16 -158.54 -66.10
N GLY HB 66 -13.78 -157.40 -65.80
CA GLY HB 66 -13.86 -156.25 -66.73
C GLY HB 66 -14.33 -156.56 -68.14
N PRO HB 67 -15.56 -157.10 -68.27
CA PRO HB 67 -16.62 -157.35 -67.25
C PRO HB 67 -16.52 -158.70 -66.51
N GLU HB 68 -17.06 -158.80 -65.31
CA GLU HB 68 -17.18 -160.12 -64.65
C GLU HB 68 -17.79 -161.20 -65.57
N ARG HB 69 -17.13 -162.35 -65.69
CA ARG HB 69 -17.54 -163.38 -66.63
C ARG HB 69 -17.23 -164.72 -66.05
N LEU HB 70 -17.97 -165.72 -66.47
CA LEU HB 70 -17.59 -167.09 -66.15
C LEU HB 70 -17.42 -167.75 -67.52
N VAL HB 71 -16.42 -168.59 -67.65
CA VAL HB 71 -16.12 -169.20 -68.93
C VAL HB 71 -16.02 -170.70 -68.77
N VAL HB 72 -16.68 -171.44 -69.66
CA VAL HB 72 -16.52 -172.89 -69.62
C VAL HB 72 -16.00 -173.37 -70.94
N ASP HB 73 -14.93 -174.14 -70.91
CA ASP HB 73 -14.41 -174.82 -72.10
C ASP HB 73 -14.78 -176.31 -72.14
N LEU HB 74 -15.36 -176.74 -73.26
CA LEU HB 74 -15.81 -178.12 -73.38
C LEU HB 74 -15.02 -178.84 -74.49
N SER HB 75 -14.47 -180.00 -74.17
CA SER HB 75 -13.68 -180.82 -75.13
C SER HB 75 -14.47 -182.01 -75.66
N SER HB 76 -14.03 -182.44 -76.85
CA SER HB 76 -14.73 -183.40 -77.72
C SER HB 76 -16.04 -182.86 -78.27
N ALA HB 77 -16.69 -182.11 -77.42
CA ALA HB 77 -17.95 -181.47 -77.78
C ALA HB 77 -17.87 -179.98 -77.53
N ASP HB 78 -18.49 -179.21 -78.42
CA ASP HB 78 -18.56 -177.76 -78.27
C ASP HB 78 -20.05 -177.48 -78.08
N ALA HB 79 -20.45 -177.16 -76.87
CA ALA HB 79 -21.84 -176.87 -76.56
C ALA HB 79 -22.08 -175.35 -76.56
N THR HB 80 -22.99 -174.88 -77.42
CA THR HB 80 -23.30 -173.47 -77.49
C THR HB 80 -24.75 -173.23 -77.08
N GLY HB 81 -24.94 -172.35 -76.10
CA GLY HB 81 -26.27 -172.00 -75.62
C GLY HB 81 -26.54 -170.54 -76.00
N ILE HB 82 -27.73 -170.28 -76.52
CA ILE HB 82 -28.09 -168.94 -76.95
C ILE HB 82 -29.59 -168.77 -76.98
N LYS HB 83 -29.98 -167.60 -76.80
CA LYS HB 83 -31.39 -167.16 -76.86
C LYS HB 83 -32.19 -167.77 -75.73
N GLY HB 84 -31.53 -168.62 -74.95
CA GLY HB 84 -32.10 -169.17 -73.72
C GLY HB 84 -31.91 -168.24 -72.54
N HIS HB 85 -31.08 -167.22 -72.69
CA HIS HB 85 -30.84 -166.32 -71.59
C HIS HB 85 -31.95 -165.27 -71.47
N HIS HB 86 -32.67 -165.35 -70.37
CA HIS HB 86 -33.82 -164.50 -70.18
C HIS HB 86 -33.38 -163.13 -69.72
N GLU HB 87 -34.16 -162.12 -70.11
CA GLU HB 87 -33.87 -160.77 -69.66
C GLU HB 87 -33.97 -160.57 -68.16
N GLY HB 88 -34.32 -161.61 -67.40
CA GLY HB 88 -34.51 -161.51 -65.96
C GLY HB 88 -33.74 -162.58 -65.18
N SER HB 89 -32.75 -163.20 -65.82
CA SER HB 89 -31.80 -164.06 -65.10
C SER HB 89 -31.08 -163.21 -64.02
N GLY HB 90 -31.18 -163.57 -62.73
CA GLY HB 90 -30.50 -162.75 -61.73
C GLY HB 90 -28.97 -162.84 -61.82
N PRO HB 91 -28.48 -163.88 -62.50
CA PRO HB 91 -27.02 -164.11 -62.61
C PRO HB 91 -26.43 -163.79 -63.97
N VAL HB 92 -27.10 -164.23 -65.04
CA VAL HB 92 -26.50 -164.17 -66.38
C VAL HB 92 -27.05 -163.00 -67.17
N SER HB 93 -26.16 -162.05 -67.49
CA SER HB 93 -26.47 -160.92 -68.34
C SER HB 93 -26.55 -161.39 -69.79
N GLY HB 94 -25.63 -162.27 -70.21
CA GLY HB 94 -25.66 -162.87 -71.56
C GLY HB 94 -24.72 -164.06 -71.72
N VAL HB 95 -24.90 -164.84 -72.78
CA VAL HB 95 -24.06 -166.01 -73.04
C VAL HB 95 -23.63 -166.12 -74.49
N VAL HB 96 -22.31 -166.15 -74.73
CA VAL HB 96 -21.77 -166.27 -76.08
C VAL HB 96 -21.04 -167.60 -76.18
N ALA HB 97 -21.08 -168.21 -77.36
CA ALA HB 97 -20.46 -169.53 -77.56
C ALA HB 97 -19.65 -169.51 -78.87
N SER HB 98 -18.44 -170.09 -78.86
CA SER HB 98 -17.69 -170.33 -80.10
C SER HB 98 -16.84 -171.58 -80.10
N GLN HB 99 -16.78 -172.37 -81.16
CA GLN HB 99 -15.96 -173.57 -81.28
C GLN HB 99 -14.72 -173.35 -82.13
N PHE HB 100 -13.55 -173.82 -81.69
CA PHE HB 100 -12.34 -173.78 -82.51
C PHE HB 100 -11.81 -175.22 -82.72
N SER HB 101 -11.19 -175.43 -83.90
CA SER HB 101 -10.65 -176.75 -84.27
C SER HB 101 -9.22 -176.97 -83.87
N ASP HB 102 -8.95 -178.21 -83.43
CA ASP HB 102 -7.61 -178.68 -83.11
C ASP HB 102 -7.50 -180.01 -83.88
N GLN HB 103 -6.82 -180.02 -85.03
CA GLN HB 103 -6.87 -181.18 -85.90
C GLN HB 103 -8.34 -181.47 -86.20
N ARG HB 104 -8.69 -182.73 -86.05
CA ARG HB 104 -10.08 -183.13 -86.27
C ARG HB 104 -10.95 -182.91 -85.04
N ALA HB 105 -10.37 -182.48 -83.92
CA ALA HB 105 -11.12 -182.28 -82.69
C ALA HB 105 -11.66 -180.85 -82.58
N SER HB 106 -12.56 -180.66 -81.63
CA SER HB 106 -13.21 -179.36 -81.44
C SER HB 106 -13.28 -178.99 -79.97
N VAL HB 107 -12.89 -177.78 -79.62
CA VAL HB 107 -13.05 -177.18 -78.28
C VAL HB 107 -14.05 -176.05 -78.34
N GLY HB 108 -15.19 -176.12 -77.46
CA GLY HB 108 -16.16 -175.05 -77.48
C GLY HB 108 -15.96 -174.21 -76.23
N ARG HB 109 -16.07 -172.89 -76.41
CA ARG HB 109 -15.96 -172.02 -75.26
C ARG HB 109 -17.29 -171.36 -75.02
N VAL HB 110 -17.78 -171.46 -73.79
CA VAL HB 110 -19.00 -170.79 -73.36
C VAL HB 110 -18.61 -169.69 -72.41
N LEU HB 111 -19.18 -168.52 -72.69
CA LEU HB 111 -18.87 -167.30 -71.96
C LEU HB 111 -20.13 -166.67 -71.37
N LEU HB 112 -20.20 -166.58 -70.05
CA LEU HB 112 -21.35 -166.01 -69.36
C LEU HB 112 -21.01 -164.70 -68.74
N ALA HB 113 -21.46 -163.61 -69.33
CA ALA HB 113 -21.34 -162.29 -68.68
C ALA HB 113 -22.31 -162.22 -67.48
N LEU HB 114 -21.82 -161.75 -66.33
CA LEU HB 114 -22.56 -161.79 -65.06
C LEU HB 114 -23.12 -160.47 -64.57
N ASP HB 115 -24.20 -160.56 -63.77
CA ASP HB 115 -24.91 -159.42 -63.14
C ASP HB 115 -24.46 -159.26 -61.70
N LYS HB 116 -23.72 -160.23 -61.18
CA LYS HB 116 -23.29 -160.22 -59.79
C LYS HB 116 -22.19 -161.27 -59.59
N ALA HB 117 -21.41 -161.13 -58.54
CA ALA HB 117 -20.31 -162.05 -58.30
C ALA HB 117 -20.83 -163.44 -57.93
N SER HB 118 -20.22 -164.44 -58.56
CA SER HB 118 -20.65 -165.81 -58.34
C SER HB 118 -19.54 -166.71 -57.82
N GLN HB 119 -19.97 -167.75 -57.12
CA GLN HB 119 -19.12 -168.84 -56.79
C GLN HB 119 -19.68 -170.05 -57.58
N TYR HB 120 -19.07 -170.37 -58.73
CA TYR HB 120 -19.66 -171.47 -59.50
C TYR HB 120 -19.38 -172.80 -58.89
N ASP HB 121 -20.29 -173.74 -59.07
CA ASP HB 121 -20.07 -175.12 -58.67
C ASP HB 121 -20.48 -176.02 -59.86
N VAL HB 122 -19.54 -176.84 -60.32
CA VAL HB 122 -19.73 -177.70 -61.47
C VAL HB 122 -19.69 -179.17 -61.06
N ARG HB 123 -20.60 -179.98 -61.61
CA ARG HB 123 -20.54 -181.43 -61.37
C ARG HB 123 -21.11 -182.11 -62.56
N ALA HB 124 -20.73 -183.35 -62.75
CA ALA HB 124 -21.18 -184.13 -63.89
C ALA HB 124 -22.13 -185.18 -63.37
N ASP HB 125 -23.06 -185.62 -64.21
CA ASP HB 125 -23.94 -186.74 -63.90
C ASP HB 125 -24.33 -187.36 -65.23
N GLY HB 126 -23.76 -188.51 -65.53
CA GLY HB 126 -24.05 -189.18 -66.79
C GLY HB 126 -23.58 -188.36 -67.97
N ASN HB 127 -24.51 -187.95 -68.82
CA ASN HB 127 -24.20 -187.14 -69.99
C ASN HB 127 -24.54 -185.69 -69.75
N ARG HB 128 -24.83 -185.34 -68.50
CA ARG HB 128 -25.18 -183.96 -68.19
C ARG HB 128 -24.09 -183.32 -67.36
N VAL HB 129 -23.70 -182.11 -67.77
CA VAL HB 129 -22.77 -181.31 -67.02
C VAL HB 129 -23.59 -180.18 -66.47
N VAL HB 130 -23.53 -180.03 -65.16
CA VAL HB 130 -24.28 -178.97 -64.47
C VAL HB 130 -23.38 -177.88 -63.89
N ILE HB 131 -23.68 -176.63 -64.20
CA ILE HB 131 -23.00 -175.53 -63.53
C ILE HB 131 -23.98 -174.68 -62.75
N SER HB 132 -23.84 -174.62 -61.44
CA SER HB 132 -24.72 -173.75 -60.66
C SER HB 132 -23.98 -172.50 -60.21
N VAL HB 133 -24.57 -171.34 -60.48
CA VAL HB 133 -23.93 -170.09 -60.18
C VAL HB 133 -24.57 -169.60 -58.91
N ASP HB 134 -23.86 -169.69 -57.80
CA ASP HB 134 -24.35 -169.14 -56.52
C ASP HB 134 -23.83 -167.72 -56.27
N GLY HB 135 -24.54 -166.89 -55.50
CA GLY HB 135 -23.88 -165.62 -55.13
C GLY HB 135 -22.65 -165.77 -54.23
N THR HB 136 -22.75 -165.29 -53.00
CA THR HB 136 -21.64 -165.38 -52.04
C THR HB 136 -21.98 -166.34 -50.90
N SER HB 137 -23.20 -166.88 -50.89
CA SER HB 137 -23.63 -167.82 -49.86
C SER HB 137 -23.42 -169.23 -50.40
N GLN HB 138 -22.46 -169.94 -49.81
CA GLN HB 138 -22.11 -171.29 -50.28
C GLN HB 138 -22.71 -172.49 -49.56
N SER HB 139 -23.25 -172.29 -48.36
CA SER HB 139 -23.80 -173.43 -47.64
C SER HB 139 -24.82 -173.02 -46.60
N VAL HB 140 -25.93 -173.75 -46.55
CA VAL HB 140 -26.97 -173.50 -45.56
C VAL HB 140 -26.91 -174.68 -44.60
N ASP HB 214 -4.00 -138.60 -33.62
CA ASP HB 214 -5.05 -138.04 -32.75
C ASP HB 214 -6.42 -137.91 -33.47
N ASP HB 215 -6.37 -137.65 -34.77
CA ASP HB 215 -7.56 -137.39 -35.58
C ASP HB 215 -8.25 -138.73 -35.82
N THR HB 216 -7.45 -139.79 -35.90
CA THR HB 216 -7.87 -141.15 -36.28
C THR HB 216 -6.62 -142.02 -36.31
N LEU HB 217 -6.80 -143.22 -35.79
CA LEU HB 217 -5.77 -144.27 -35.91
C LEU HB 217 -6.18 -145.18 -37.08
N SER HB 218 -5.22 -145.40 -37.96
CA SER HB 218 -5.44 -146.26 -39.14
C SER HB 218 -4.78 -147.62 -38.94
N ILE HB 219 -5.55 -148.64 -39.23
CA ILE HB 219 -5.06 -150.03 -39.24
C ILE HB 219 -5.05 -150.51 -40.70
N ARG HB 220 -3.90 -150.98 -41.13
CA ARG HB 220 -3.73 -151.47 -42.50
C ARG HB 220 -3.36 -152.95 -42.47
N ALA HB 221 -4.08 -153.71 -43.27
CA ALA HB 221 -3.83 -155.15 -43.44
C ALA HB 221 -3.57 -155.41 -44.93
N ASP HB 222 -2.34 -155.79 -45.23
CA ASP HB 222 -1.94 -156.04 -46.63
C ASP HB 222 -1.94 -157.55 -46.87
N GLY HB 223 -2.55 -157.93 -47.99
CA GLY HB 223 -2.67 -159.34 -48.39
C GLY HB 223 -3.47 -159.45 -49.68
N ASP HB 224 -3.52 -160.66 -50.19
CA ASP HB 224 -4.24 -161.00 -51.44
C ASP HB 224 -5.77 -160.79 -51.37
N ILE HB 225 -6.34 -161.11 -50.23
CA ILE HB 225 -7.79 -161.07 -50.04
C ILE HB 225 -8.36 -159.62 -50.12
N ALA HB 226 -9.45 -159.27 -49.44
CA ALA HB 226 -10.13 -160.03 -48.38
C ALA HB 226 -11.58 -159.77 -48.22
N ARG HB 227 -12.30 -160.83 -47.92
CA ARG HB 227 -13.64 -160.62 -47.39
C ARG HB 227 -13.55 -160.45 -45.88
N TYR HB 228 -14.25 -159.43 -45.40
CA TYR HB 228 -14.21 -159.07 -43.98
C TYR HB 228 -15.60 -158.68 -43.49
N GLU HB 229 -15.74 -158.68 -42.18
CA GLU HB 229 -16.89 -158.09 -41.49
C GLU HB 229 -16.38 -157.36 -40.24
N VAL HB 230 -16.89 -156.17 -40.02
CA VAL HB 230 -16.53 -155.36 -38.86
C VAL HB 230 -17.78 -155.13 -38.00
N LEU HB 231 -17.58 -155.20 -36.69
CA LEU HB 231 -18.66 -154.95 -35.73
C LEU HB 231 -18.07 -154.49 -34.39
N GLU HB 232 -18.95 -153.99 -33.54
CA GLU HB 232 -18.62 -153.47 -32.21
C GLU HB 232 -19.05 -154.39 -31.03
N LEU HB 233 -18.34 -154.25 -29.94
CA LEU HB 233 -18.70 -154.90 -28.67
C LEU HB 233 -18.55 -153.88 -27.54
N ALA HB 234 -19.27 -154.11 -26.45
CA ALA HB 234 -19.19 -153.25 -25.27
C ALA HB 234 -18.73 -154.04 -24.04
N ASP HB 235 -18.36 -153.30 -23.00
CA ASP HB 235 -17.95 -153.88 -21.71
C ASP HB 235 -16.87 -154.98 -21.88
N PRO HB 236 -15.66 -154.58 -22.28
CA PRO HB 236 -15.26 -153.20 -22.59
C PRO HB 236 -15.55 -152.88 -24.07
N PRO HB 237 -15.55 -151.59 -24.41
CA PRO HB 237 -15.74 -151.14 -25.79
C PRO HB 237 -14.62 -151.73 -26.67
N ARG HB 238 -15.04 -152.30 -27.79
CA ARG HB 238 -14.15 -153.04 -28.70
C ARG HB 238 -14.63 -152.91 -30.14
N LEU HB 239 -13.69 -152.98 -31.06
CA LEU HB 239 -14.00 -153.11 -32.49
C LEU HB 239 -13.38 -154.44 -32.93
N ALA HB 240 -14.18 -155.21 -33.65
CA ALA HB 240 -13.76 -156.55 -34.11
C ALA HB 240 -13.87 -156.67 -35.62
N VAL HB 241 -12.80 -157.20 -36.22
CA VAL HB 241 -12.78 -157.48 -37.65
C VAL HB 241 -12.53 -158.98 -37.86
N ASP HB 242 -13.38 -159.59 -38.67
CA ASP HB 242 -13.19 -160.98 -39.11
C ASP HB 242 -12.76 -160.99 -40.57
N LEU HB 243 -11.67 -161.70 -40.81
CA LEU HB 243 -11.09 -161.81 -42.14
C LEU HB 243 -11.20 -163.25 -42.63
N PHE HB 244 -11.67 -163.40 -43.85
CA PHE HB 244 -11.81 -164.74 -44.42
C PHE HB 244 -10.80 -165.01 -45.53
N GLY HB 245 -10.59 -166.32 -45.72
CA GLY HB 245 -9.54 -166.83 -46.62
C GLY HB 245 -8.15 -166.58 -46.05
N VAL HB 246 -8.07 -166.45 -44.72
CA VAL HB 246 -6.79 -166.27 -44.03
C VAL HB 246 -6.57 -167.38 -43.02
N GLY HB 247 -5.31 -167.80 -43.00
CA GLY HB 247 -4.79 -168.65 -41.92
C GLY HB 247 -3.86 -167.77 -41.07
N LEU HB 248 -4.02 -167.88 -39.76
CA LEU HB 248 -3.19 -167.14 -38.80
C LEU HB 248 -1.71 -167.44 -39.06
N ALA HB 249 -0.87 -166.42 -38.92
CA ALA HB 249 0.57 -166.57 -39.20
C ALA HB 249 1.37 -165.57 -38.40
N THR HB 250 2.66 -165.83 -38.31
CA THR HB 250 3.60 -165.02 -37.54
C THR HB 250 3.52 -163.55 -37.94
N ARG HB 251 3.18 -163.23 -39.19
CA ARG HB 251 3.03 -161.82 -39.61
C ARG HB 251 1.87 -161.10 -38.90
N ALA HB 252 1.00 -161.87 -38.26
CA ALA HB 252 -0.06 -161.32 -37.38
C ALA HB 252 0.54 -160.28 -36.38
N PRO HB 253 1.75 -160.44 -35.84
CA PRO HB 253 2.43 -159.54 -34.90
C PRO HB 253 2.58 -158.13 -35.41
N ARG HB 254 2.73 -157.95 -36.72
CA ARG HB 254 2.77 -156.59 -37.29
C ARG HB 254 1.48 -155.82 -36.92
N VAL HB 255 0.49 -156.58 -36.45
CA VAL HB 255 -0.79 -156.09 -35.93
C VAL HB 255 -0.62 -155.24 -34.68
N LYS HB 256 0.47 -155.42 -33.95
CA LYS HB 256 0.72 -154.66 -32.70
C LYS HB 256 0.67 -153.15 -32.94
N SER HB 257 0.96 -152.78 -34.19
CA SER HB 257 0.97 -151.37 -34.64
C SER HB 257 -0.38 -150.66 -34.52
N GLY HB 258 -1.44 -151.47 -34.42
CA GLY HB 258 -2.73 -150.88 -34.57
C GLY HB 258 -3.58 -150.92 -33.34
N ALA HB 259 -3.13 -151.40 -32.14
CA ALA HB 259 -3.83 -151.30 -30.85
C ALA HB 259 -4.03 -149.87 -30.34
N LEU HB 260 -5.13 -149.45 -29.66
CA LEU HB 260 -6.44 -150.06 -29.44
C LEU HB 260 -6.63 -150.35 -27.97
N ARG HB 261 -6.03 -149.52 -27.13
CA ARG HB 261 -5.61 -149.95 -25.79
C ARG HB 261 -4.75 -151.25 -25.89
N ASP HB 262 -5.12 -152.16 -26.78
CA ASP HB 262 -4.58 -153.44 -27.22
C ASP HB 262 -5.39 -154.05 -28.39
N VAL HB 263 -4.67 -154.96 -29.03
CA VAL HB 263 -5.19 -155.77 -30.13
C VAL HB 263 -4.84 -157.25 -29.92
N ARG HB 264 -5.85 -158.10 -29.98
CA ARG HB 264 -5.65 -159.55 -29.93
C ARG HB 264 -6.22 -160.20 -31.18
N VAL HB 265 -5.52 -161.24 -31.63
CA VAL HB 265 -5.87 -161.93 -32.89
C VAL HB 265 -5.90 -163.45 -32.63
N GLY HB 266 -6.84 -164.10 -33.31
CA GLY HB 266 -6.97 -165.56 -33.23
C GLY HB 266 -7.67 -166.11 -34.46
N ALA HB 267 -7.96 -167.40 -34.41
CA ALA HB 267 -8.61 -168.12 -35.52
C ALA HB 267 -9.23 -169.41 -35.00
N HIS HB 268 -10.31 -169.82 -35.66
CA HIS HB 268 -11.05 -171.02 -35.27
C HIS HB 268 -11.46 -171.83 -36.49
N ALA HB 269 -10.45 -172.40 -37.16
CA ALA HB 269 -10.68 -173.21 -38.37
C ALA HB 269 -11.58 -172.47 -39.37
N ASP HB 270 -11.41 -171.15 -39.37
CA ASP HB 270 -12.09 -170.41 -40.44
C ASP HB 270 -11.09 -169.54 -41.21
N LYS HB 271 -10.83 -168.25 -41.06
CA LYS HB 271 -11.42 -167.06 -40.35
C LYS HB 271 -10.53 -166.62 -39.18
N VAL HB 272 -9.96 -165.46 -39.40
CA VAL HB 272 -9.17 -164.81 -38.35
C VAL HB 272 -10.01 -163.66 -37.78
N ARG HB 273 -9.93 -163.52 -36.46
CA ARG HB 273 -10.63 -162.44 -35.77
C ARG HB 273 -9.61 -161.51 -35.10
N LEU HB 274 -9.76 -160.24 -35.42
CA LEU HB 274 -8.93 -159.18 -34.83
C LEU HB 274 -9.84 -158.35 -33.92
N VAL HB 275 -9.37 -158.19 -32.70
CA VAL HB 275 -10.12 -157.51 -31.64
C VAL HB 275 -9.28 -156.34 -31.10
N LEU HB 276 -9.90 -155.19 -31.12
CA LEU HB 276 -9.33 -153.88 -30.73
C LEU HB 276 -10.07 -153.35 -29.51
N ASP HB 277 -9.46 -153.43 -28.38
CA ASP HB 277 -10.00 -152.76 -27.21
C ASP HB 277 -9.87 -151.21 -27.40
N VAL HB 278 -10.82 -150.41 -27.01
CA VAL HB 278 -10.69 -148.98 -27.32
C VAL HB 278 -10.43 -148.13 -26.08
N ARG HB 279 -9.90 -146.94 -26.31
CA ARG HB 279 -9.75 -145.92 -25.26
C ARG HB 279 -10.85 -144.84 -25.34
N GLY HB 280 -11.64 -144.90 -26.42
CA GLY HB 280 -12.70 -143.91 -26.68
C GLY HB 280 -13.66 -144.40 -27.77
N THR HB 281 -14.88 -143.90 -27.78
CA THR HB 281 -15.86 -144.34 -28.79
C THR HB 281 -15.38 -143.98 -30.21
N MET HB 282 -15.54 -144.92 -31.12
CA MET HB 282 -15.13 -144.72 -32.52
C MET HB 282 -16.31 -144.92 -33.50
N LYS HB 341 -35.50 -133.30 -35.76
CA LYS HB 341 -35.04 -132.23 -34.88
C LYS HB 341 -36.15 -131.23 -34.60
N ASP HB 342 -36.07 -130.58 -33.44
CA ASP HB 342 -37.08 -129.59 -33.04
C ASP HB 342 -36.68 -128.90 -31.74
N VAL HB 343 -37.26 -127.73 -31.50
CA VAL HB 343 -36.97 -126.97 -30.30
C VAL HB 343 -38.21 -126.81 -29.43
N ARG HB 344 -38.00 -126.60 -28.13
CA ARG HB 344 -39.11 -126.42 -27.21
C ARG HB 344 -38.70 -125.52 -26.03
N PHE HB 345 -39.68 -124.89 -25.41
CA PHE HB 345 -39.42 -124.01 -24.28
C PHE HB 345 -40.37 -124.30 -23.13
N GLU HB 346 -39.90 -124.11 -21.90
CA GLU HB 346 -40.70 -124.35 -20.72
C GLU HB 346 -40.09 -123.69 -19.48
N GLU HB 347 -40.54 -123.84 -18.33
CA GLU HB 347 -39.90 -123.27 -17.17
C GLU HB 347 -39.93 -124.23 -15.98
N SER HB 348 -38.96 -124.06 -15.11
CA SER HB 348 -38.97 -124.80 -13.87
C SER HB 348 -38.41 -123.84 -12.82
N SER HB 349 -38.17 -124.34 -11.62
CA SER HB 349 -37.82 -123.39 -10.52
C SER HB 349 -36.46 -122.72 -10.86
N SER HB 350 -35.57 -123.44 -11.52
CA SER HB 350 -34.33 -122.83 -12.02
C SER HB 350 -34.62 -121.69 -13.04
N GLY HB 351 -35.88 -121.54 -13.49
CA GLY HB 351 -36.19 -120.51 -14.48
C GLY HB 351 -36.65 -121.02 -15.83
N GLY HB 352 -36.15 -120.40 -16.90
CA GLY HB 352 -36.51 -120.78 -18.27
C GLY HB 352 -35.64 -121.91 -18.80
N ARG HB 353 -36.25 -122.79 -19.48
CA ARG HB 353 -35.69 -124.04 -19.99
C ARG HB 353 -35.94 -124.18 -21.49
N ILE HB 354 -34.94 -124.64 -22.21
CA ILE HB 354 -35.05 -124.83 -23.65
C ILE HB 354 -34.76 -126.28 -24.04
N VAL HB 355 -35.81 -127.10 -24.09
CA VAL HB 355 -35.66 -128.50 -24.44
C VAL HB 355 -35.54 -128.68 -25.96
N MET HB 356 -34.38 -129.14 -26.40
CA MET HB 356 -34.13 -129.34 -27.83
C MET HB 356 -34.10 -130.84 -28.17
N LYS HB 357 -34.75 -131.19 -29.27
CA LYS HB 357 -34.79 -132.59 -29.71
C LYS HB 357 -33.71 -132.87 -30.75
N LEU HB 358 -32.71 -133.65 -30.36
CA LEU HB 358 -31.62 -134.00 -31.27
C LEU HB 358 -31.67 -135.47 -31.64
N SER HB 359 -32.23 -135.76 -32.81
CA SER HB 359 -32.33 -137.14 -33.29
C SER HB 359 -31.24 -137.45 -34.29
N GLY HB 360 -30.30 -138.29 -33.89
CA GLY HB 360 -29.20 -138.67 -34.77
C GLY HB 360 -27.88 -138.08 -34.33
N THR HB 361 -27.78 -137.74 -33.04
CA THR HB 361 -26.56 -137.15 -32.49
C THR HB 361 -25.95 -138.08 -31.45
N SER HB 362 -24.62 -138.05 -31.34
CA SER HB 362 -23.91 -138.88 -30.38
C SER HB 362 -23.23 -138.03 -29.31
N GLY HB 363 -22.18 -137.33 -29.71
CA GLY HB 363 -21.45 -136.49 -28.78
C GLY HB 363 -22.28 -135.31 -28.30
N TRP HB 364 -21.61 -134.20 -28.03
CA TRP HB 364 -22.29 -133.00 -27.55
C TRP HB 364 -21.95 -131.80 -28.43
N LYS HB 365 -22.95 -130.91 -28.62
CA LYS HB 365 -22.78 -129.70 -29.44
C LYS HB 365 -21.85 -128.69 -28.79
N VAL HB 366 -21.65 -127.56 -29.47
CA VAL HB 366 -20.78 -126.51 -28.95
C VAL HB 366 -21.61 -125.41 -28.29
N ASP HB 367 -21.58 -125.37 -26.97
CA ASP HB 367 -22.33 -124.37 -26.22
C ASP HB 367 -21.53 -123.09 -26.06
N ARG HB 368 -22.05 -122.00 -26.60
CA ARG HB 368 -21.39 -120.70 -26.53
C ARG HB 368 -22.25 -119.68 -25.81
N PRO HB 369 -22.00 -119.51 -24.52
CA PRO HB 369 -22.76 -118.57 -23.70
C PRO HB 369 -22.27 -117.15 -23.92
N ASP HB 370 -23.09 -116.34 -24.60
CA ASP HB 370 -22.72 -114.95 -24.88
C ASP HB 370 -23.51 -114.00 -23.99
N PRO HB 371 -23.10 -112.73 -23.98
CA PRO HB 371 -23.77 -111.72 -23.16
C PRO HB 371 -25.08 -111.28 -23.81
N ARG HB 372 -25.26 -111.64 -25.08
CA ARG HB 372 -26.46 -111.28 -25.82
C ARG HB 372 -27.39 -112.47 -25.95
N SER HB 373 -26.92 -113.52 -26.61
CA SER HB 373 -27.72 -114.73 -26.80
C SER HB 373 -26.85 -115.98 -26.63
N ALA HB 374 -27.41 -117.13 -27.02
CA ALA HB 374 -26.69 -118.39 -26.91
C ALA HB 374 -26.46 -119.01 -28.29
N VAL HB 375 -25.47 -119.88 -28.37
CA VAL HB 375 -25.14 -120.54 -29.63
C VAL HB 375 -24.92 -122.04 -29.43
N LEU HB 376 -25.58 -122.85 -30.25
CA LEU HB 376 -25.45 -124.30 -30.16
C LEU HB 376 -25.34 -124.92 -31.54
N THR HB 377 -24.15 -125.43 -31.86
CA THR HB 377 -23.90 -126.06 -33.15
C THR HB 377 -23.86 -127.57 -33.02
N LEU HB 378 -24.50 -128.26 -33.97
CA LEU HB 378 -24.53 -129.72 -33.97
C LEU HB 378 -24.02 -130.28 -35.29
N ASP HB 379 -22.76 -130.69 -35.31
CA ASP HB 379 -22.14 -131.24 -36.51
C ASP HB 379 -22.92 -132.47 -36.98
N ASN HB 380 -23.16 -132.54 -38.29
CA ASN HB 380 -23.89 -133.66 -38.88
C ASN HB 380 -25.31 -133.72 -38.34
N ALA HB 381 -25.83 -132.57 -37.94
CA ALA HB 381 -27.19 -132.50 -37.41
C ALA HB 381 -28.03 -131.48 -38.18
N ARG HB 382 -27.61 -131.20 -39.41
CA ARG HB 382 -28.32 -130.24 -40.26
C ARG HB 382 -29.82 -130.49 -40.24
N LEU HB 383 -30.57 -129.53 -39.71
CA LEU HB 383 -32.02 -129.66 -39.63
C LEU HB 383 -32.69 -128.90 -40.78
N PRO HB 384 -33.85 -129.41 -41.22
CA PRO HB 384 -34.62 -128.81 -42.32
C PRO HB 384 -35.25 -127.48 -41.91
N LYS HB 385 -35.46 -126.61 -42.89
CA LYS HB 385 -36.06 -125.31 -42.64
C LYS HB 385 -37.49 -125.44 -42.13
N LYS HB 386 -38.04 -126.65 -42.24
CA LYS HB 386 -39.40 -126.91 -41.79
C LYS HB 386 -39.43 -127.27 -40.31
N PHE HB 387 -38.29 -127.13 -39.65
CA PHE HB 387 -38.18 -127.44 -38.22
C PHE HB 387 -37.40 -126.36 -37.49
N GLU HB 388 -37.09 -125.28 -38.20
CA GLU HB 388 -36.34 -124.17 -37.61
C GLU HB 388 -37.29 -123.13 -37.01
N ARG HB 389 -38.49 -123.57 -36.66
CA ARG HB 389 -39.49 -122.67 -36.08
C ARG HB 389 -38.94 -122.00 -34.83
N SER HB 390 -39.42 -120.79 -34.57
CA SER HB 390 -38.99 -120.02 -33.40
C SER HB 390 -40.08 -119.99 -32.33
N LEU HB 391 -39.70 -119.60 -31.12
CA LEU HB 391 -40.65 -119.52 -30.01
C LEU HB 391 -41.16 -118.10 -29.84
N ASP HB 392 -42.22 -117.96 -29.05
CA ASP HB 392 -42.82 -116.65 -28.80
C ASP HB 392 -43.05 -116.43 -27.31
N THR HB 393 -42.10 -116.88 -26.49
CA THR HB 393 -42.20 -116.75 -25.05
C THR HB 393 -41.88 -115.32 -24.61
N SER HB 394 -42.70 -114.37 -25.06
CA SER HB 394 -42.50 -112.97 -24.71
C SER HB 394 -43.29 -112.60 -23.46
N ALA HB 395 -42.66 -111.85 -22.56
CA ALA HB 395 -43.30 -111.43 -21.32
C ALA HB 395 -43.64 -112.64 -20.45
N LEU HB 396 -42.77 -113.65 -20.48
CA LEU HB 396 -42.99 -114.85 -19.69
C LEU HB 396 -42.29 -114.74 -18.33
N ASP HB 397 -41.75 -113.57 -18.04
CA ASP HB 397 -41.06 -113.32 -16.78
C ASP HB 397 -39.89 -114.27 -16.62
N THR HB 398 -39.08 -114.41 -17.68
CA THR HB 398 -37.92 -115.28 -17.65
C THR HB 398 -36.70 -114.60 -18.26
N PRO HB 399 -35.52 -115.14 -17.96
CA PRO HB 399 -34.25 -114.60 -18.47
C PRO HB 399 -34.08 -114.82 -19.97
N VAL HB 400 -34.91 -115.70 -20.52
CA VAL HB 400 -34.86 -116.01 -21.95
C VAL HB 400 -35.83 -115.14 -22.73
N LYS HB 401 -35.29 -114.20 -23.51
CA LYS HB 401 -36.12 -113.30 -24.30
C LYS HB 401 -37.01 -114.09 -25.26
N MET HB 402 -36.39 -114.93 -26.08
CA MET HB 402 -37.12 -115.75 -27.05
C MET HB 402 -36.19 -116.73 -27.76
N ILE HB 403 -36.67 -117.94 -27.96
CA ILE HB 403 -35.89 -118.97 -28.62
C ILE HB 403 -36.04 -118.89 -30.14
N SER HB 404 -34.94 -119.05 -30.85
CA SER HB 404 -34.95 -118.99 -32.31
C SER HB 404 -34.10 -120.10 -32.92
N ALA HB 405 -34.72 -120.89 -33.79
CA ALA HB 405 -34.02 -122.00 -34.45
C ALA HB 405 -33.70 -121.65 -35.90
N PHE HB 406 -32.48 -121.97 -36.32
CA PHE HB 406 -32.04 -121.71 -37.68
C PHE HB 406 -31.20 -122.85 -38.22
N SER HB 407 -31.50 -123.29 -39.43
CA SER HB 407 -30.77 -124.38 -40.05
C SER HB 407 -29.43 -123.90 -40.59
N VAL HB 408 -29.38 -123.48 -41.84
CA VAL HB 408 -28.10 -123.11 -42.46
C VAL HB 408 -27.41 -121.97 -41.75
N PRO HB 409 -26.09 -122.10 -41.58
CA PRO HB 409 -25.36 -120.93 -41.07
C PRO HB 409 -23.95 -120.89 -41.67
N GLY HB 410 -23.78 -121.51 -42.84
CA GLY HB 410 -22.55 -121.32 -43.59
C GLY HB 410 -21.53 -122.43 -43.44
N ALA HB 411 -21.89 -123.47 -42.71
CA ALA HB 411 -21.02 -124.63 -42.52
C ALA HB 411 -21.80 -125.88 -42.92
N GLY HB 412 -21.25 -126.66 -43.85
CA GLY HB 412 -21.92 -127.92 -44.20
C GLY HB 412 -22.25 -128.75 -42.97
N GLY HB 413 -23.42 -129.35 -42.97
CA GLY HB 413 -23.94 -130.31 -42.02
C GLY HB 413 -24.23 -129.76 -40.62
N LYS HB 414 -23.81 -128.56 -40.28
CA LYS HB 414 -23.96 -127.97 -38.96
C LYS HB 414 -25.33 -127.38 -38.76
N VAL HB 415 -25.81 -127.33 -37.52
CA VAL HB 415 -27.01 -126.56 -37.16
C VAL HB 415 -26.73 -125.57 -36.03
N ARG HB 416 -27.64 -124.60 -35.90
CA ARG HB 416 -27.36 -123.50 -35.00
C ARG HB 416 -28.61 -123.09 -34.22
N LEU HB 417 -28.43 -122.73 -32.96
CA LEU HB 417 -29.55 -122.32 -32.12
C LEU HB 417 -29.28 -120.94 -31.50
N VAL HB 418 -30.30 -120.08 -31.52
CA VAL HB 418 -30.18 -118.74 -30.96
C VAL HB 418 -31.18 -118.51 -29.85
N VAL HB 419 -30.69 -118.44 -28.62
CA VAL HB 419 -31.55 -118.22 -27.46
C VAL HB 419 -31.28 -116.85 -26.83
N ALA HB 420 -31.97 -115.83 -27.33
CA ALA HB 420 -31.81 -114.48 -26.82
C ALA HB 420 -32.10 -114.42 -25.32
N ALA HB 421 -31.29 -113.65 -24.59
CA ALA HB 421 -31.46 -113.51 -23.15
C ALA HB 421 -31.43 -112.04 -22.74
N ASP HB 422 -31.54 -111.80 -21.43
CA ASP HB 422 -31.52 -110.45 -20.90
C ASP HB 422 -30.96 -110.42 -19.48
N GLY HB 423 -30.34 -109.30 -19.12
CA GLY HB 423 -29.76 -109.17 -17.80
C GLY HB 423 -28.84 -110.31 -17.45
N ALA HB 424 -28.38 -110.35 -16.20
CA ALA HB 424 -27.48 -111.40 -15.75
C ALA HB 424 -28.20 -112.74 -15.66
N ILE HB 425 -27.56 -113.80 -16.14
CA ILE HB 425 -28.14 -115.13 -16.12
C ILE HB 425 -27.06 -116.19 -16.21
N GLU HB 426 -27.47 -117.45 -16.06
CA GLU HB 426 -26.54 -118.57 -16.13
C GLU HB 426 -27.09 -119.70 -17.00
N GLU HB 427 -26.20 -120.32 -17.77
CA GLU HB 427 -26.60 -121.42 -18.65
C GLU HB 427 -26.28 -122.77 -18.02
N LYS HB 428 -27.20 -123.72 -18.16
CA LYS HB 428 -27.00 -125.05 -17.62
C LYS HB 428 -27.53 -126.12 -18.58
N VAL HB 429 -26.60 -126.87 -19.17
CA VAL HB 429 -26.97 -127.93 -20.11
C VAL HB 429 -27.21 -129.25 -19.37
N SER HB 430 -28.21 -129.99 -19.82
CA SER HB 430 -28.55 -131.28 -19.21
C SER HB 430 -28.83 -132.33 -20.27
N GLN HB 431 -28.20 -133.49 -20.13
CA GLN HB 431 -28.38 -134.57 -21.08
C GLN HB 431 -29.04 -135.78 -20.42
N SER HB 432 -30.36 -135.84 -20.51
CA SER HB 432 -31.12 -136.94 -19.92
C SER HB 432 -31.00 -138.20 -20.75
N ALA HB 433 -30.40 -138.07 -21.93
CA ALA HB 433 -30.22 -139.21 -22.83
C ALA HB 433 -29.46 -138.80 -24.08
N GLY HB 434 -28.89 -139.79 -24.78
CA GLY HB 434 -28.12 -139.56 -26.01
C GLY HB 434 -29.00 -139.11 -27.16
N THR HB 435 -29.37 -137.84 -27.16
CA THR HB 435 -30.21 -137.30 -28.22
C THR HB 435 -31.08 -136.14 -27.75
N LEU HB 436 -31.40 -136.13 -26.46
CA LEU HB 436 -32.22 -135.08 -25.89
C LEU HB 436 -31.37 -134.05 -25.17
N SER HB 437 -31.39 -132.82 -25.68
CA SER HB 437 -30.62 -131.73 -25.09
C SER HB 437 -31.53 -130.74 -24.38
N TRP HB 438 -31.01 -130.12 -23.32
CA TRP HB 438 -31.78 -129.14 -22.55
C TRP HB 438 -30.90 -127.99 -22.10
N ARG HB 439 -31.51 -126.82 -21.93
CA ARG HB 439 -30.77 -125.63 -21.50
C ARG HB 439 -31.56 -124.87 -20.43
N LEU HB 440 -31.12 -124.99 -19.19
CA LEU HB 440 -31.79 -124.31 -18.08
C LEU HB 440 -31.24 -122.90 -17.90
N TYR HB 477 -49.00 -88.80 5.53
CA TYR HB 477 -48.61 -89.07 6.93
C TYR HB 477 -49.31 -90.33 7.39
N ARG HB 478 -48.98 -91.42 6.69
CA ARG HB 478 -49.33 -92.78 7.10
C ARG HB 478 -48.49 -93.75 6.28
N GLY HB 479 -48.00 -94.81 6.90
CA GLY HB 479 -47.10 -95.73 6.24
C GLY HB 479 -46.96 -97.10 6.88
N LYS HB 480 -46.29 -98.04 6.19
CA LYS HB 480 -45.81 -99.28 6.83
C LYS HB 480 -44.87 -98.96 7.98
N ARG HB 481 -44.85 -99.86 8.97
CA ARG HB 481 -43.92 -99.85 10.09
C ARG HB 481 -42.57 -100.40 9.75
N VAL HB 482 -41.59 -99.78 10.38
CA VAL HB 482 -40.20 -99.90 9.99
C VAL HB 482 -39.30 -99.79 11.23
N SER HB 483 -38.03 -100.09 11.03
CA SER HB 483 -36.98 -99.78 12.02
C SER HB 483 -35.86 -99.10 11.25
N PHE HB 484 -35.61 -97.85 11.63
CA PHE HB 484 -34.54 -97.04 11.07
C PHE HB 484 -33.27 -97.07 11.83
N GLU HB 485 -32.25 -97.67 11.25
CA GLU HB 485 -30.95 -97.67 11.85
C GLU HB 485 -29.99 -97.00 10.89
N PHE HB 486 -29.49 -95.82 11.28
CA PHE HB 486 -28.54 -95.00 10.54
C PHE HB 486 -27.32 -94.63 11.34
N LYS HB 487 -26.20 -95.28 11.04
CA LYS HB 487 -24.95 -95.03 11.74
C LYS HB 487 -24.02 -94.17 10.91
N ASP HB 488 -24.12 -92.86 11.11
CA ASP HB 488 -23.19 -91.88 10.51
C ASP HB 488 -23.38 -91.94 8.99
N ILE HB 489 -24.53 -91.44 8.53
CA ILE HB 489 -24.91 -91.43 7.11
C ILE HB 489 -25.48 -90.09 6.68
N ASP HB 490 -25.27 -89.76 5.41
CA ASP HB 490 -25.81 -88.53 4.85
C ASP HB 490 -27.34 -88.55 4.90
N ILE HB 491 -27.94 -87.47 5.38
CA ILE HB 491 -29.41 -87.36 5.39
C ILE HB 491 -29.97 -87.53 3.98
N GLN HB 492 -29.22 -87.12 2.95
CA GLN HB 492 -29.55 -87.37 1.55
C GLN HB 492 -29.63 -88.85 1.23
N ASN HB 493 -28.72 -89.65 1.77
CA ASN HB 493 -28.82 -91.09 1.64
C ASN HB 493 -30.05 -91.58 2.39
N LEU HB 494 -30.27 -91.20 3.65
CA LEU HB 494 -31.47 -91.66 4.36
C LEU HB 494 -32.73 -91.32 3.60
N LEU HB 495 -32.78 -90.12 3.06
CA LEU HB 495 -33.85 -89.71 2.21
C LEU HB 495 -34.07 -90.65 1.02
N ARG HB 496 -33.05 -90.90 0.20
CA ARG HB 496 -33.15 -91.76 -0.99
C ARG HB 496 -33.59 -93.14 -0.66
N VAL HB 497 -32.97 -93.67 0.38
CA VAL HB 497 -33.32 -94.93 0.95
C VAL HB 497 -34.83 -94.91 1.27
N ILE HB 498 -35.26 -93.86 1.96
CA ILE HB 498 -36.67 -93.68 2.25
C ILE HB 498 -37.46 -93.55 0.93
N ALA HB 499 -37.04 -92.91 -0.15
CA ALA HB 499 -37.76 -93.04 -1.42
C ALA HB 499 -37.75 -94.46 -2.09
N GLU HB 500 -36.67 -95.23 -1.94
CA GLU HB 500 -36.50 -96.60 -2.48
C GLU HB 500 -37.41 -97.64 -1.82
N ILE HB 501 -37.93 -97.29 -0.66
CA ILE HB 501 -38.91 -98.04 0.11
C ILE HB 501 -40.38 -97.51 -0.19
N SER HB 502 -40.64 -96.73 -1.26
CA SER HB 502 -42.01 -96.26 -1.71
C SER HB 502 -42.69 -95.25 -0.79
N LYS HB 503 -41.87 -94.73 0.10
CA LYS HB 503 -42.19 -93.60 0.94
C LYS HB 503 -41.99 -92.34 0.13
N LYS HB 504 -42.91 -92.18 -0.82
CA LYS HB 504 -42.90 -91.17 -1.86
C LYS HB 504 -41.70 -91.37 -2.80
N ASN HB 505 -41.57 -90.46 -3.76
CA ASN HB 505 -40.26 -90.15 -4.31
C ASN HB 505 -39.75 -88.93 -3.56
N ILE HB 506 -38.72 -89.11 -2.73
CA ILE HB 506 -38.10 -87.99 -2.04
C ILE HB 506 -36.90 -87.46 -2.84
N VAL HB 507 -36.78 -86.14 -2.95
CA VAL HB 507 -35.62 -85.42 -3.53
C VAL HB 507 -35.25 -84.24 -2.61
N VAL HB 508 -33.97 -84.10 -2.25
CA VAL HB 508 -33.51 -82.91 -1.50
C VAL HB 508 -33.36 -81.71 -2.46
N ALA HB 509 -33.02 -80.53 -1.92
CA ALA HB 509 -32.14 -79.57 -2.62
C ALA HB 509 -30.74 -80.21 -2.89
N ASP HB 510 -29.69 -79.45 -3.21
CA ASP HB 510 -28.35 -80.05 -3.28
C ASP HB 510 -27.75 -80.16 -1.86
N ASP HB 511 -27.26 -79.03 -1.33
CA ASP HB 511 -26.60 -79.03 -0.03
C ASP HB 511 -27.58 -78.70 1.09
N VAL HB 512 -28.16 -79.78 1.61
CA VAL HB 512 -29.12 -79.69 2.71
C VAL HB 512 -28.48 -79.55 4.08
N SER HB 513 -27.41 -80.27 4.40
CA SER HB 513 -27.00 -80.42 5.80
C SER HB 513 -25.67 -81.16 5.90
N GLY HB 514 -25.76 -82.48 6.06
CA GLY HB 514 -24.63 -83.38 6.19
C GLY HB 514 -25.12 -84.76 6.59
N LYS HB 515 -24.41 -85.29 7.58
CA LYS HB 515 -24.54 -86.62 8.11
C LYS HB 515 -25.23 -86.63 9.49
N VAL HB 516 -26.05 -87.65 9.75
CA VAL HB 516 -26.74 -87.87 11.05
C VAL HB 516 -26.72 -89.33 11.47
N THR HB 517 -26.90 -89.52 12.78
CA THR HB 517 -27.13 -90.82 13.41
C THR HB 517 -28.47 -90.90 14.14
N ILE HB 518 -29.29 -91.90 13.79
CA ILE HB 518 -30.52 -92.25 14.50
C ILE HB 518 -30.68 -93.80 14.54
N ARG HB 519 -31.42 -94.33 15.51
CA ARG HB 519 -31.86 -95.74 15.56
C ARG HB 519 -33.22 -95.99 16.19
N LEU HB 520 -34.15 -96.28 15.32
CA LEU HB 520 -35.56 -96.42 15.60
C LEU HB 520 -35.94 -97.88 15.49
N ARG HB 521 -36.93 -98.25 16.29
CA ARG HB 521 -37.63 -99.52 16.12
C ARG HB 521 -39.13 -99.32 16.15
N ASN HB 522 -39.82 -100.12 15.35
CA ASN HB 522 -41.29 -100.18 15.28
C ASN HB 522 -41.97 -98.83 14.98
N VAL HB 523 -41.38 -98.00 14.12
CA VAL HB 523 -41.94 -96.68 13.82
C VAL HB 523 -42.35 -96.68 12.37
N PRO HB 524 -43.60 -96.36 11.97
CA PRO HB 524 -43.90 -96.00 10.61
C PRO HB 524 -43.01 -94.90 10.13
N TRP HB 525 -42.66 -95.02 8.88
CA TRP HB 525 -41.63 -94.20 8.36
C TRP HB 525 -41.88 -92.71 8.30
N ASP HB 526 -43.11 -92.34 7.98
CA ASP HB 526 -43.57 -90.97 7.74
C ASP HB 526 -43.48 -90.15 9.01
N GLN HB 527 -43.55 -90.89 10.10
CA GLN HB 527 -43.17 -90.44 11.39
C GLN HB 527 -41.65 -90.48 11.61
N ALA HB 528 -40.97 -91.60 11.37
CA ALA HB 528 -39.51 -91.64 11.56
C ALA HB 528 -38.83 -90.50 10.81
N LEU HB 529 -39.39 -90.11 9.65
CA LEU HB 529 -39.12 -88.88 8.90
C LEU HB 529 -39.36 -87.62 9.70
N ASP HB 530 -40.58 -87.29 10.16
CA ASP HB 530 -40.85 -86.06 10.94
C ASP HB 530 -39.87 -85.88 12.10
N LEU HB 531 -39.63 -87.02 12.68
CA LEU HB 531 -38.68 -87.22 13.72
C LEU HB 531 -37.21 -87.00 13.26
N VAL HB 532 -36.86 -87.38 12.02
CA VAL HB 532 -35.50 -87.19 11.43
C VAL HB 532 -35.24 -85.71 11.20
N LEU HB 533 -36.24 -85.00 10.67
CA LEU HB 533 -36.27 -83.54 10.49
C LEU HB 533 -35.82 -82.81 11.76
N ARG HB 534 -36.49 -83.15 12.87
CA ARG HB 534 -36.20 -82.57 14.21
C ARG HB 534 -34.83 -82.85 14.82
N THR HB 535 -34.23 -83.97 14.37
CA THR HB 535 -32.89 -84.33 14.84
C THR HB 535 -31.89 -83.23 14.46
N LYS HB 536 -31.69 -83.05 13.17
CA LYS HB 536 -30.70 -82.14 12.56
C LYS HB 536 -31.24 -81.56 11.27
N ALA HB 537 -31.95 -82.49 10.66
CA ALA HB 537 -32.36 -82.49 9.31
C ALA HB 537 -33.44 -81.43 9.13
N LEU HB 538 -34.01 -81.54 7.96
CA LEU HB 538 -34.60 -80.44 7.26
C LEU HB 538 -36.06 -80.23 7.65
N GLY HB 539 -36.81 -79.41 6.92
CA GLY HB 539 -38.28 -79.58 6.79
C GLY HB 539 -38.65 -80.17 5.44
N LYS HB 540 -39.82 -80.82 5.34
CA LYS HB 540 -40.31 -81.41 4.07
C LYS HB 540 -41.50 -80.62 3.50
N GLU HB 541 -41.48 -80.44 2.18
CA GLU HB 541 -42.60 -79.93 1.37
C GLU HB 541 -42.95 -80.92 0.26
N GLU HB 542 -44.21 -81.31 0.12
CA GLU HB 542 -44.63 -82.25 -0.91
C GLU HB 542 -45.33 -81.57 -2.09
N PHE HB 543 -44.83 -81.84 -3.30
CA PHE HB 543 -45.53 -81.52 -4.55
C PHE HB 543 -46.72 -82.43 -4.85
N GLY HB 544 -46.57 -83.71 -4.49
CA GLY HB 544 -47.62 -84.73 -4.43
C GLY HB 544 -47.01 -86.10 -4.76
N ASN HB 545 -46.53 -86.22 -6.01
CA ASN HB 545 -45.78 -87.41 -6.44
C ASN HB 545 -44.34 -87.42 -5.89
N ILE HB 546 -43.67 -86.29 -6.06
CA ILE HB 546 -42.35 -86.02 -5.51
C ILE HB 546 -42.52 -85.12 -4.28
N ILE HB 547 -41.57 -85.20 -3.37
CA ILE HB 547 -41.47 -84.29 -2.24
C ILE HB 547 -40.08 -83.64 -2.29
N ARG HB 548 -40.01 -82.34 -2.03
CA ARG HB 548 -38.74 -81.64 -1.88
C ARG HB 548 -38.42 -81.39 -0.41
N ILE HB 549 -37.17 -81.67 -0.06
CA ILE HB 549 -36.65 -81.42 1.27
C ILE HB 549 -35.56 -80.37 1.20
N ALA HB 550 -35.70 -79.35 2.04
CA ALA HB 550 -34.79 -78.22 1.99
C ALA HB 550 -34.20 -77.87 3.36
N PRO HB 551 -32.99 -77.29 3.36
CA PRO HB 551 -32.30 -76.67 4.50
C PRO HB 551 -32.94 -75.35 4.94
N ASP HB 574 -26.43 -94.25 20.48
CA ASP HB 574 -27.63 -94.00 19.69
C ASP HB 574 -28.70 -93.17 20.38
N LEU HB 575 -29.41 -92.54 19.46
CA LEU HB 575 -30.73 -92.03 19.67
C LEU HB 575 -31.62 -93.11 19.25
N MET HB 576 -32.73 -93.11 19.95
CA MET HB 576 -33.70 -94.07 19.60
C MET HB 576 -35.09 -93.56 19.69
N VAL HB 577 -35.88 -94.33 18.98
CA VAL HB 577 -37.30 -94.17 19.00
C VAL HB 577 -37.94 -95.42 19.47
N ASN HB 578 -38.90 -95.16 20.33
CA ASN HB 578 -39.69 -96.14 21.00
C ASN HB 578 -41.13 -95.62 21.02
N LEU HB 579 -42.05 -96.54 20.76
CA LEU HB 579 -43.48 -96.35 20.89
C LEU HB 579 -43.85 -96.77 22.31
N LEU HB 580 -44.54 -95.88 23.01
CA LEU HB 580 -45.17 -96.11 24.30
C LEU HB 580 -46.66 -96.34 24.04
N PRO HB 581 -47.23 -97.51 24.35
CA PRO HB 581 -48.68 -97.59 24.42
C PRO HB 581 -49.13 -96.81 25.67
N VAL HB 582 -50.24 -96.10 25.55
CA VAL HB 582 -50.98 -95.55 26.68
C VAL HB 582 -52.31 -96.28 26.74
N ASN HB 583 -52.41 -97.29 27.61
CA ASN HB 583 -53.65 -98.06 27.66
C ASN HB 583 -54.76 -97.30 28.37
N TYR HB 584 -54.42 -96.66 29.50
CA TYR HB 584 -55.42 -96.16 30.42
C TYR HB 584 -55.79 -94.68 30.29
N ALA HB 585 -54.76 -93.82 30.23
CA ALA HB 585 -54.97 -92.38 30.10
C ALA HB 585 -55.10 -91.92 28.64
N VAL HB 586 -55.57 -90.68 28.45
CA VAL HB 586 -55.47 -90.01 27.14
C VAL HB 586 -54.05 -89.43 26.97
N ALA HB 587 -53.50 -89.52 25.74
CA ALA HB 587 -52.15 -89.04 25.45
C ALA HB 587 -51.97 -87.52 25.70
N ALA HB 588 -53.00 -86.71 25.43
CA ALA HB 588 -52.97 -85.26 25.58
C ALA HB 588 -52.77 -84.79 27.04
N ASP HB 589 -53.22 -85.57 28.03
CA ASP HB 589 -53.04 -85.26 29.45
C ASP HB 589 -51.58 -85.32 29.91
N MET HB 590 -50.79 -86.18 29.25
CA MET HB 590 -49.33 -86.24 29.42
C MET HB 590 -48.62 -85.00 28.87
N ALA HB 591 -49.21 -84.29 27.90
CA ALA HB 591 -48.52 -83.25 27.12
C ALA HB 591 -47.90 -82.15 27.98
N ALA HB 592 -48.59 -81.72 29.05
CA ALA HB 592 -48.07 -80.72 29.97
C ALA HB 592 -46.75 -81.16 30.63
N ARG HB 593 -46.75 -82.35 31.23
CA ARG HB 593 -45.56 -82.92 31.90
C ARG HB 593 -44.42 -83.29 30.96
N VAL HB 594 -44.77 -83.84 29.80
CA VAL HB 594 -43.78 -84.24 28.81
C VAL HB 594 -43.11 -83.01 28.20
N LYS HB 595 -43.86 -81.95 27.88
CA LYS HB 595 -43.32 -80.67 27.44
C LYS HB 595 -42.35 -80.08 28.48
N ASP HB 596 -42.72 -80.21 29.75
CA ASP HB 596 -41.90 -79.75 30.87
C ASP HB 596 -40.55 -80.46 31.08
N VAL HB 597 -40.42 -81.77 30.80
CA VAL HB 597 -39.06 -82.38 30.73
C VAL HB 597 -38.24 -81.81 29.59
N LEU HB 598 -38.81 -81.69 28.38
CA LEU HB 598 -38.04 -81.29 27.19
C LEU HB 598 -37.32 -79.96 27.44
N SER HB 599 -38.02 -78.98 28.01
CA SER HB 599 -37.51 -77.62 28.14
C SER HB 599 -37.01 -77.12 26.75
N GLU HB 600 -35.83 -76.53 26.69
CA GLU HB 600 -35.07 -76.23 25.45
C GLU HB 600 -34.16 -77.39 24.99
N ARG HB 601 -34.51 -78.65 25.33
CA ARG HB 601 -33.80 -79.81 24.81
C ARG HB 601 -34.46 -80.39 23.56
N GLY HB 602 -33.61 -81.30 23.08
CA GLY HB 602 -33.73 -82.17 21.95
C GLY HB 602 -33.95 -83.58 22.34
N SER HB 603 -34.68 -84.15 21.43
CA SER HB 603 -35.85 -84.87 21.84
C SER HB 603 -37.09 -84.22 21.29
N VAL HB 604 -38.05 -85.09 21.07
CA VAL HB 604 -39.41 -84.71 20.84
C VAL HB 604 -40.33 -85.85 21.21
N THR HB 605 -41.60 -85.48 21.31
CA THR HB 605 -42.73 -86.36 21.50
C THR HB 605 -43.76 -86.13 20.38
N VAL HB 606 -44.27 -87.21 19.79
CA VAL HB 606 -45.34 -87.21 18.77
C VAL HB 606 -46.51 -88.03 19.28
N ASP HB 607 -47.69 -87.45 19.15
CA ASP HB 607 -48.94 -88.11 19.53
C ASP HB 607 -49.60 -88.71 18.28
N GLN HB 608 -49.65 -90.03 18.22
CA GLN HB 608 -50.40 -90.72 17.17
C GLN HB 608 -51.88 -90.85 17.58
N ARG HB 609 -52.73 -90.95 16.55
CA ARG HB 609 -54.19 -90.98 16.72
C ARG HB 609 -54.73 -92.10 17.58
N THR HB 610 -54.08 -93.26 17.55
CA THR HB 610 -54.46 -94.45 18.33
C THR HB 610 -53.97 -94.38 19.79
N ASN HB 611 -53.81 -93.17 20.35
CA ASN HB 611 -53.34 -92.89 21.72
C ASN HB 611 -52.06 -93.68 22.09
N VAL HB 612 -51.07 -93.55 21.23
CA VAL HB 612 -49.68 -93.96 21.52
C VAL HB 612 -48.79 -92.74 21.43
N LEU HB 613 -47.87 -92.62 22.40
CA LEU HB 613 -46.81 -91.63 22.30
C LEU HB 613 -45.61 -92.22 21.59
N ILE HB 614 -44.93 -91.37 20.83
CA ILE HB 614 -43.66 -91.71 20.24
C ILE HB 614 -42.63 -90.65 20.56
N VAL HB 615 -41.47 -91.11 21.01
CA VAL HB 615 -40.35 -90.27 21.36
C VAL HB 615 -39.13 -90.52 20.48
N LYS HB 616 -38.53 -89.50 19.85
CA LYS HB 616 -37.11 -89.57 19.48
C LYS HB 616 -36.38 -88.79 20.50
N ASP HB 617 -35.19 -89.28 20.77
CA ASP HB 617 -34.17 -88.59 21.55
C ASP HB 617 -32.97 -89.47 21.79
N VAL HB 618 -31.99 -88.89 22.48
CA VAL HB 618 -31.00 -89.67 23.22
C VAL HB 618 -31.72 -90.73 24.07
N ARG HB 619 -31.04 -91.86 24.32
CA ARG HB 619 -31.56 -92.86 25.26
C ARG HB 619 -31.93 -92.26 26.64
N SER HB 620 -31.12 -91.35 27.17
CA SER HB 620 -31.32 -90.79 28.52
C SER HB 620 -32.60 -89.95 28.61
N ASN HB 621 -32.92 -89.12 27.61
CA ASN HB 621 -34.20 -88.41 27.56
C ASN HB 621 -35.38 -89.36 27.22
N THR HB 622 -35.20 -90.39 26.36
CA THR HB 622 -36.23 -91.44 26.15
C THR HB 622 -36.63 -92.14 27.46
N GLU HB 623 -35.61 -92.55 28.22
CA GLU HB 623 -35.80 -93.25 29.47
C GLU HB 623 -36.64 -92.43 30.44
N ARG HB 624 -36.31 -91.14 30.61
CA ARG HB 624 -37.08 -90.21 31.44
C ARG HB 624 -38.52 -90.12 30.97
N ALA HB 625 -38.74 -89.84 29.69
CA ALA HB 625 -40.08 -89.73 29.13
C ALA HB 625 -40.90 -91.02 29.32
N ARG HB 626 -40.31 -92.21 29.08
CA ARG HB 626 -40.98 -93.50 29.35
C ARG HB 626 -41.35 -93.66 30.82
N SER HB 627 -40.42 -93.40 31.75
CA SER HB 627 -40.68 -93.54 33.18
C SER HB 627 -41.86 -92.69 33.63
N LEU HB 628 -41.96 -91.44 33.15
CA LEU HB 628 -43.10 -90.55 33.46
C LEU HB 628 -44.41 -91.03 32.80
N VAL HB 629 -44.38 -91.38 31.51
CA VAL HB 629 -45.58 -91.86 30.78
C VAL HB 629 -46.11 -93.11 31.45
N ARG HB 630 -45.26 -94.12 31.71
CA ARG HB 630 -45.71 -95.34 32.39
C ARG HB 630 -46.16 -95.05 33.81
N SER HB 631 -45.48 -94.18 34.55
CA SER HB 631 -45.85 -93.86 35.95
C SER HB 631 -47.23 -93.22 36.05
N LEU HB 632 -47.53 -92.25 35.17
CA LEU HB 632 -48.86 -91.68 35.05
C LEU HB 632 -49.89 -92.62 34.45
N ASP HB 633 -49.47 -93.48 33.51
CA ASP HB 633 -50.37 -94.53 33.02
C ASP HB 633 -50.70 -95.33 34.29
N THR HB 634 -49.73 -95.87 35.08
CA THR HB 634 -50.01 -96.73 36.26
C THR HB 634 -51.03 -96.28 37.30
N GLN HB 635 -51.24 -94.99 37.57
CA GLN HB 635 -52.36 -94.59 38.45
C GLN HB 635 -53.75 -94.64 37.77
N THR HB 636 -53.77 -94.46 36.46
CA THR HB 636 -54.88 -94.78 35.55
C THR HB 636 -55.35 -96.27 35.40
N PRO HB 637 -54.50 -97.34 35.41
CA PRO HB 637 -54.92 -98.73 35.54
C PRO HB 637 -55.67 -99.12 36.81
N GLN HB 638 -55.43 -98.47 37.95
CA GLN HB 638 -56.30 -98.76 39.10
C GLN HB 638 -57.67 -98.10 38.89
N VAL HB 639 -58.54 -98.84 38.22
CA VAL HB 639 -59.92 -98.43 37.94
C VAL HB 639 -60.85 -98.81 39.10
N CYS IB 5 55.33 0.18 -49.76
CA CYS IB 5 53.97 -0.35 -49.64
C CYS IB 5 53.53 -0.98 -50.99
N GLU IB 6 52.32 -1.56 -51.04
CA GLU IB 6 51.62 -1.82 -52.30
C GLU IB 6 50.44 -0.84 -52.47
N GLU IB 7 50.30 -0.32 -53.70
CA GLU IB 7 49.39 0.74 -54.12
C GLU IB 7 47.98 0.18 -54.55
N PRO IB 8 47.01 0.95 -55.10
CA PRO IB 8 45.60 0.59 -55.26
C PRO IB 8 45.21 -0.84 -55.68
N PRO IB 9 45.48 -1.21 -56.95
CA PRO IB 9 46.37 -2.34 -57.16
C PRO IB 9 47.84 -1.91 -57.11
N ALA IB 10 48.71 -2.91 -56.94
CA ALA IB 10 50.17 -2.78 -56.92
C ALA IB 10 50.70 -2.18 -58.27
N PRO IB 11 51.99 -2.28 -58.60
CA PRO IB 11 52.48 -1.99 -59.98
C PRO IB 11 51.84 -2.93 -61.06
N ALA IB 12 52.53 -3.40 -62.11
CA ALA IB 12 51.83 -4.17 -63.18
C ALA IB 12 52.10 -5.69 -63.44
N PRO IB 13 53.20 -6.39 -63.06
CA PRO IB 13 53.40 -7.81 -63.46
C PRO IB 13 52.80 -9.01 -62.64
N PRO IB 14 52.13 -8.87 -61.46
CA PRO IB 14 51.12 -7.88 -61.15
C PRO IB 14 51.49 -6.78 -60.13
N PRO IB 15 52.71 -6.62 -59.55
CA PRO IB 15 53.80 -7.54 -59.24
C PRO IB 15 53.51 -8.61 -58.20
N ALA IB 16 54.37 -9.64 -58.28
CA ALA IB 16 54.69 -10.66 -57.27
C ALA IB 16 53.51 -11.43 -56.63
N LYS IB 17 52.26 -10.92 -56.58
CA LYS IB 17 51.12 -11.57 -55.91
C LYS IB 17 50.49 -12.79 -56.61
N PRO IB 18 51.06 -13.35 -57.70
CA PRO IB 18 50.95 -14.79 -57.96
C PRO IB 18 51.55 -15.71 -56.90
N LYS IB 19 52.64 -15.27 -56.22
CA LYS IB 19 53.33 -16.09 -55.22
C LYS IB 19 52.78 -15.83 -53.82
N ALA IB 20 52.44 -14.58 -53.53
CA ALA IB 20 51.74 -14.21 -52.28
C ALA IB 20 50.25 -14.59 -52.31
N ALA IB 21 49.48 -14.12 -53.30
CA ALA IB 21 48.08 -14.56 -53.55
C ALA IB 21 47.89 -15.80 -54.47
N ALA IB 22 48.79 -16.79 -54.46
CA ALA IB 22 48.47 -18.19 -54.82
C ALA IB 22 49.20 -19.23 -53.94
N ALA IB 23 49.94 -18.74 -52.94
CA ALA IB 23 50.38 -19.54 -51.82
C ALA IB 23 49.72 -19.05 -50.51
N VAL IB 24 48.90 -17.97 -50.59
CA VAL IB 24 47.69 -17.76 -49.79
C VAL IB 24 46.50 -18.48 -50.48
N PRO IB 25 45.45 -17.80 -50.99
CA PRO IB 25 44.10 -18.40 -51.20
C PRO IB 25 43.80 -19.74 -50.50
N VAL IB 26 43.82 -19.80 -49.17
CA VAL IB 26 43.78 -18.68 -48.20
C VAL IB 26 45.00 -18.76 -47.26
N LYS IB 27 44.82 -18.35 -46.01
CA LYS IB 27 45.28 -19.12 -44.87
C LYS IB 27 45.42 -20.60 -45.24
N ALA IB 28 44.52 -21.07 -46.09
CA ALA IB 28 44.09 -22.47 -46.05
C ALA IB 28 43.33 -22.77 -44.76
N ALA IB 29 44.02 -22.68 -43.63
CA ALA IB 29 43.84 -23.65 -42.55
C ALA IB 29 44.74 -24.86 -42.75
N PRO IB 30 44.54 -25.58 -43.86
CA PRO IB 30 43.20 -26.06 -44.21
C PRO IB 30 42.48 -26.69 -43.03
N THR IB 31 41.20 -26.40 -42.87
CA THR IB 31 40.41 -26.95 -41.78
C THR IB 31 39.75 -28.26 -42.18
N GLU IB 32 40.45 -29.37 -41.97
CA GLU IB 32 40.75 -29.83 -40.62
C GLU IB 32 39.75 -30.90 -40.17
N THR IB 33 38.48 -30.67 -40.48
CA THR IB 33 37.44 -30.59 -39.46
C THR IB 33 36.14 -31.23 -39.94
N GLY IB 34 35.11 -30.40 -40.08
CA GLY IB 34 33.92 -30.54 -39.26
C GLY IB 34 32.84 -31.36 -39.94
N ALA IB 35 33.06 -32.66 -40.01
CA ALA IB 35 32.32 -33.52 -40.94
C ALA IB 35 30.91 -33.82 -40.40
N GLN IB 36 30.07 -34.37 -41.26
CA GLN IB 36 28.72 -34.77 -40.85
C GLN IB 36 28.47 -36.22 -41.28
N ALA IB 37 27.60 -36.92 -40.57
CA ALA IB 37 27.35 -38.35 -40.76
C ALA IB 37 25.93 -38.64 -41.30
N ALA IB 38 25.81 -39.66 -42.15
CA ALA IB 38 24.53 -40.28 -42.52
C ALA IB 38 23.97 -41.27 -41.48
N PRO IB 39 24.65 -41.38 -40.32
CA PRO IB 39 25.14 -42.67 -39.78
C PRO IB 39 24.89 -43.89 -40.69
N SER IB 40 24.51 -45.04 -40.12
CA SER IB 40 23.98 -46.20 -40.83
C SER IB 40 22.87 -46.83 -39.97
N TYR IB 41 22.06 -47.72 -40.56
CA TYR IB 41 20.85 -48.26 -39.95
C TYR IB 41 20.87 -49.79 -39.99
N SER IB 42 20.35 -50.42 -38.93
CA SER IB 42 20.19 -51.88 -38.83
C SER IB 42 18.86 -52.36 -39.40
N TYR IB 43 18.72 -53.69 -39.55
CA TYR IB 43 17.55 -54.33 -40.16
C TYR IB 43 16.76 -55.25 -39.21
N VAL IB 44 15.48 -55.48 -39.51
CA VAL IB 44 14.49 -56.13 -38.63
C VAL IB 44 13.59 -57.08 -39.42
N TYR IB 45 13.05 -58.17 -38.89
CA TYR IB 45 13.41 -59.02 -37.74
C TYR IB 45 12.86 -60.43 -38.08
N ASN IB 46 13.46 -61.50 -37.54
CA ASN IB 46 13.06 -62.88 -37.92
C ASN IB 46 11.94 -63.45 -37.03
N PRO IB 47 10.69 -63.49 -37.56
CA PRO IB 47 9.84 -64.64 -37.30
C PRO IB 47 8.86 -64.99 -38.45
N VAL IB 48 8.43 -66.26 -38.38
CA VAL IB 48 7.02 -66.56 -38.14
C VAL IB 48 6.87 -67.23 -36.78
N GLY IB 49 5.80 -66.90 -36.05
CA GLY IB 49 5.50 -67.49 -34.75
C GLY IB 49 5.16 -68.99 -34.85
N LYS IB 50 5.07 -69.66 -33.69
CA LYS IB 50 4.63 -71.05 -33.55
C LYS IB 50 3.58 -71.18 -32.46
N ARG IB 51 2.74 -72.22 -32.53
CA ARG IB 51 1.66 -72.47 -31.58
C ARG IB 51 1.85 -73.83 -30.89
N ASP IB 52 1.51 -73.78 -29.62
CA ASP IB 52 1.29 -74.83 -28.64
C ASP IB 52 -0.04 -74.37 -27.95
N PRO IB 53 0.11 -73.81 -26.74
CA PRO IB 53 -0.12 -72.42 -26.43
C PRO IB 53 0.25 -71.43 -27.59
N PHE IB 54 -0.62 -70.48 -27.96
CA PHE IB 54 -1.71 -69.94 -27.16
C PHE IB 54 -3.09 -70.41 -27.67
N ARG IB 55 -3.19 -71.39 -28.58
CA ARG IB 55 -4.51 -71.77 -29.11
C ARG IB 55 -5.42 -72.37 -28.04
N SER IB 56 -5.01 -73.43 -27.36
CA SER IB 56 -5.79 -73.95 -26.22
C SER IB 56 -6.11 -72.92 -25.10
N PRO IB 57 -5.14 -72.16 -24.56
CA PRO IB 57 -5.43 -71.22 -23.47
C PRO IB 57 -6.24 -69.95 -23.86
N ILE IB 58 -6.71 -69.77 -25.11
CA ILE IB 58 -7.73 -68.74 -25.43
C ILE IB 58 -8.78 -69.23 -26.47
N ASP IB 59 -8.38 -69.96 -27.51
CA ASP IB 59 -9.30 -70.52 -28.53
C ASP IB 59 -10.12 -71.72 -27.97
N GLU IB 60 -9.65 -72.40 -26.90
CA GLU IB 60 -10.37 -73.47 -26.19
C GLU IB 60 -10.86 -73.04 -24.80
N LEU IB 61 -10.12 -72.17 -24.09
CA LEU IB 61 -10.58 -71.55 -22.83
C LEU IB 61 -11.68 -70.49 -23.05
N GLY IB 62 -11.60 -69.69 -24.12
CA GLY IB 62 -12.54 -68.61 -24.43
C GLY IB 62 -13.97 -69.09 -24.72
N PRO IB 63 -14.13 -70.29 -25.31
CA PRO IB 63 -15.27 -71.18 -25.11
C PRO IB 63 -15.37 -71.69 -23.65
N VAL IB 64 -15.56 -70.81 -22.67
CA VAL IB 64 -15.54 -71.14 -21.22
C VAL IB 64 -16.58 -72.22 -20.92
N ASN IB 65 -16.10 -73.44 -20.73
CA ASN IB 65 -16.90 -74.65 -20.76
C ASN IB 65 -16.45 -75.59 -19.63
N ALA IB 66 -17.40 -75.96 -18.78
CA ALA IB 66 -17.20 -76.95 -17.73
C ALA IB 66 -18.40 -77.89 -17.73
N ASN IB 67 -18.16 -79.17 -17.45
CA ASN IB 67 -19.18 -80.20 -17.38
C ASN IB 67 -19.15 -80.87 -15.99
N PRO IB 68 -19.78 -80.25 -14.97
CA PRO IB 68 -19.61 -80.62 -13.56
C PRO IB 68 -19.84 -82.09 -13.21
N VAL IB 69 -19.09 -82.55 -12.20
CA VAL IB 69 -19.33 -83.83 -11.52
C VAL IB 69 -20.43 -83.75 -10.47
N ALA IB 70 -21.45 -84.61 -10.62
CA ALA IB 70 -22.47 -84.89 -9.60
C ALA IB 70 -22.96 -86.35 -9.59
N ALA IB 71 -22.65 -87.12 -10.64
CA ALA IB 71 -23.12 -88.48 -10.83
C ALA IB 71 -22.36 -89.52 -9.98
N CYS IB 72 -22.82 -90.77 -10.05
CA CYS IB 72 -22.00 -91.93 -9.70
C CYS IB 72 -20.85 -92.19 -10.70
N ASN IB 73 -19.69 -92.59 -10.17
CA ASN IB 73 -18.38 -92.55 -10.84
C ASN IB 73 -17.98 -93.87 -11.58
N GLU IB 74 -18.84 -94.57 -12.30
CA GLU IB 74 -19.64 -95.72 -11.78
C GLU IB 74 -18.85 -96.47 -10.66
N PRO IB 75 -19.17 -96.18 -9.38
CA PRO IB 75 -18.16 -96.02 -8.36
C PRO IB 75 -17.81 -97.35 -7.69
N LEU IB 76 -18.80 -98.05 -7.14
CA LEU IB 76 -18.54 -99.19 -6.24
C LEU IB 76 -18.11 -100.42 -7.03
N CYS IB 77 -18.49 -100.54 -8.30
CA CYS IB 77 -17.92 -101.52 -9.19
C CYS IB 77 -16.44 -101.29 -9.58
N SER IB 78 -15.84 -100.19 -9.11
CA SER IB 78 -14.40 -99.91 -9.14
C SER IB 78 -13.67 -100.16 -7.80
N PHE IB 79 -14.36 -100.58 -6.73
CA PHE IB 79 -13.79 -100.88 -5.40
C PHE IB 79 -14.17 -102.27 -4.85
N ASP IB 80 -13.29 -102.90 -4.08
CA ASP IB 80 -13.46 -104.31 -3.66
C ASP IB 80 -14.43 -104.46 -2.47
N LEU IB 81 -15.15 -105.59 -2.38
CA LEU IB 81 -16.35 -105.69 -1.53
C LEU IB 81 -16.05 -105.66 -0.02
N ASP IB 82 -14.94 -106.26 0.38
CA ASP IB 82 -14.47 -106.30 1.78
C ASP IB 82 -13.96 -104.91 2.24
N GLN IB 83 -13.80 -103.94 1.32
CA GLN IB 83 -13.51 -102.54 1.67
C GLN IB 83 -14.78 -101.77 2.12
N LEU IB 84 -15.98 -102.24 1.74
CA LEU IB 84 -17.26 -101.58 1.98
C LEU IB 84 -17.84 -101.93 3.36
N LYS IB 85 -18.41 -100.94 4.06
CA LYS IB 85 -18.91 -101.11 5.45
C LYS IB 85 -20.39 -100.75 5.58
N LEU IB 86 -21.22 -101.63 6.16
CA LEU IB 86 -22.65 -101.37 6.30
C LEU IB 86 -22.92 -100.30 7.38
N VAL IB 87 -23.46 -99.16 6.95
CA VAL IB 87 -23.79 -98.01 7.81
C VAL IB 87 -25.10 -98.21 8.54
N ALA IB 88 -26.13 -98.59 7.78
CA ALA IB 88 -27.53 -98.60 8.21
C ALA IB 88 -28.39 -99.46 7.27
N VAL IB 89 -29.65 -99.67 7.63
CA VAL IB 89 -30.67 -100.28 6.78
C VAL IB 89 -31.98 -99.51 6.97
N VAL IB 90 -32.69 -99.26 5.88
CA VAL IB 90 -34.04 -98.69 5.86
C VAL IB 90 -35.03 -99.76 5.40
N THR IB 91 -36.23 -99.77 5.98
CA THR IB 91 -37.31 -100.70 5.59
C THR IB 91 -38.65 -100.00 5.73
N GLY IB 92 -39.49 -100.17 4.72
CA GLY IB 92 -40.85 -99.67 4.64
C GLY IB 92 -41.51 -100.16 3.35
N ASP IB 93 -42.65 -99.58 3.00
CA ASP IB 93 -43.52 -100.00 1.90
C ASP IB 93 -42.83 -99.98 0.53
N ALA IB 94 -41.85 -99.08 0.36
CA ALA IB 94 -40.97 -98.97 -0.80
C ALA IB 94 -39.90 -100.09 -0.93
N SER IB 95 -40.06 -101.23 -0.24
CA SER IB 95 -39.13 -102.36 -0.08
C SER IB 95 -37.87 -102.05 0.76
N PRO IB 96 -37.25 -103.05 1.42
CA PRO IB 96 -36.03 -102.85 2.20
C PRO IB 96 -34.83 -102.43 1.34
N VAL IB 97 -34.03 -101.50 1.86
CA VAL IB 97 -32.81 -100.97 1.25
C VAL IB 97 -31.66 -100.85 2.25
N ALA IB 98 -30.47 -101.34 1.89
CA ALA IB 98 -29.26 -101.23 2.68
C ALA IB 98 -28.52 -99.92 2.38
N MET IB 99 -27.77 -99.40 3.35
CA MET IB 99 -26.88 -98.25 3.19
C MET IB 99 -25.45 -98.62 3.58
N VAL IB 100 -24.50 -98.37 2.67
CA VAL IB 100 -23.11 -98.85 2.74
C VAL IB 100 -22.08 -97.76 2.43
N GLU IB 101 -20.91 -97.81 3.07
CA GLU IB 101 -19.85 -96.81 3.06
C GLU IB 101 -18.62 -97.30 2.29
N ASP IB 102 -18.07 -96.45 1.42
CA ASP IB 102 -16.90 -96.69 0.57
C ASP IB 102 -15.63 -96.62 1.45
N PRO IB 103 -14.47 -97.17 1.02
CA PRO IB 103 -13.17 -96.79 1.60
C PRO IB 103 -12.82 -95.31 1.36
N ALA IB 104 -13.45 -94.67 0.35
CA ALA IB 104 -13.42 -93.23 0.13
C ALA IB 104 -14.44 -92.42 0.97
N GLY IB 105 -15.18 -93.06 1.90
CA GLY IB 105 -16.10 -92.40 2.83
C GLY IB 105 -17.43 -91.91 2.24
N ARG IB 106 -17.74 -92.22 0.96
CA ARG IB 106 -19.08 -91.97 0.41
C ARG IB 106 -20.10 -92.94 1.03
N GLY IB 107 -21.34 -92.47 1.23
CA GLY IB 107 -22.52 -93.33 1.41
C GLY IB 107 -23.24 -93.70 0.10
N HIS IB 108 -23.71 -94.94 0.02
CA HIS IB 108 -24.52 -95.49 -1.08
C HIS IB 108 -25.79 -96.15 -0.53
N ILE IB 109 -26.78 -96.36 -1.39
CA ILE IB 109 -28.01 -97.07 -1.07
C ILE IB 109 -28.26 -98.13 -2.16
N VAL IB 110 -28.44 -99.38 -1.75
CA VAL IB 110 -28.57 -100.54 -2.63
C VAL IB 110 -29.62 -101.48 -2.03
N ARG IB 111 -30.30 -102.24 -2.87
CA ARG IB 111 -31.42 -103.12 -2.46
C ARG IB 111 -31.45 -104.43 -3.20
N ARG IB 112 -32.28 -105.39 -2.75
CA ARG IB 112 -32.38 -106.73 -3.35
C ARG IB 112 -32.56 -106.65 -4.89
N ASN IB 113 -31.77 -107.42 -5.61
CA ASN IB 113 -31.53 -107.44 -7.08
C ASN IB 113 -30.45 -106.47 -7.62
N THR IB 114 -30.11 -105.38 -6.93
CA THR IB 114 -28.97 -104.49 -7.28
C THR IB 114 -27.59 -105.10 -6.98
N ARG IB 115 -26.52 -104.42 -7.39
CA ARG IB 115 -25.11 -104.84 -7.23
C ARG IB 115 -24.26 -103.73 -6.60
N MET IB 116 -23.06 -104.11 -6.20
CA MET IB 116 -21.99 -103.29 -5.62
C MET IB 116 -20.65 -104.01 -5.85
N GLY IB 117 -19.51 -103.32 -5.74
CA GLY IB 117 -18.18 -103.95 -5.73
C GLY IB 117 -17.65 -104.47 -7.08
N ARG IB 118 -16.33 -104.68 -7.17
CA ARG IB 118 -15.66 -105.23 -8.38
C ARG IB 118 -16.10 -106.65 -8.72
N GLN IB 119 -16.34 -107.49 -7.70
CA GLN IB 119 -16.92 -108.83 -7.88
C GLN IB 119 -18.44 -108.81 -8.16
N GLY IB 120 -19.04 -107.63 -8.41
CA GLY IB 120 -20.45 -107.49 -8.81
C GLY IB 120 -21.48 -107.98 -7.77
N GLY IB 121 -21.11 -107.94 -6.49
CA GLY IB 121 -21.84 -108.46 -5.32
C GLY IB 121 -23.32 -108.09 -5.35
N LYS IB 122 -24.16 -109.06 -5.71
CA LYS IB 122 -25.60 -108.89 -5.87
C LYS IB 122 -26.29 -108.97 -4.51
N VAL IB 123 -27.07 -107.95 -4.15
CA VAL IB 123 -27.88 -107.98 -2.93
C VAL IB 123 -28.99 -109.05 -2.99
N THR IB 124 -28.96 -110.00 -2.05
CA THR IB 124 -29.91 -111.14 -2.03
C THR IB 124 -30.74 -111.15 -0.75
N GLN IB 125 -30.24 -110.71 0.40
CA GLN IB 125 -30.99 -110.52 1.66
C GLN IB 125 -30.57 -109.22 2.34
N ILE IB 126 -31.45 -108.66 3.16
CA ILE IB 126 -31.23 -107.43 3.95
C ILE IB 126 -31.88 -107.65 5.32
N LEU IB 127 -31.06 -107.76 6.37
CA LEU IB 127 -31.49 -107.81 7.77
C LEU IB 127 -31.28 -106.42 8.40
N ARG IB 128 -31.39 -106.28 9.73
CA ARG IB 128 -31.20 -104.98 10.42
C ARG IB 128 -29.77 -104.71 10.87
N ASP IB 129 -29.03 -105.80 10.99
CA ASP IB 129 -27.67 -105.95 11.51
C ASP IB 129 -26.63 -106.32 10.44
N SER IB 130 -27.12 -106.75 9.27
CA SER IB 130 -26.32 -107.45 8.27
C SER IB 130 -27.04 -107.55 6.91
N VAL IB 131 -26.28 -107.82 5.84
CA VAL IB 131 -26.77 -107.86 4.45
C VAL IB 131 -26.05 -108.98 3.70
N THR IB 132 -26.77 -110.06 3.38
CA THR IB 132 -26.28 -111.10 2.45
C THR IB 132 -26.27 -110.69 0.99
N VAL IB 133 -25.12 -110.89 0.34
CA VAL IB 133 -24.88 -110.65 -1.08
C VAL IB 133 -24.25 -111.87 -1.76
N THR IB 134 -24.46 -112.01 -3.07
CA THR IB 134 -23.76 -113.00 -3.91
C THR IB 134 -22.71 -112.39 -4.83
N GLU IB 135 -21.45 -112.71 -4.58
CA GLU IB 135 -20.27 -112.16 -5.23
C GLU IB 135 -19.64 -113.18 -6.20
N VAL IB 136 -18.65 -112.73 -6.98
CA VAL IB 136 -18.07 -113.43 -8.13
C VAL IB 136 -16.54 -113.52 -7.99
N PHE IB 137 -16.06 -114.63 -7.43
CA PHE IB 137 -14.63 -114.85 -7.16
C PHE IB 137 -14.01 -115.90 -8.10
N SER IB 138 -12.71 -115.79 -8.41
CA SER IB 138 -11.97 -116.80 -9.18
C SER IB 138 -11.37 -117.87 -8.25
N GLY IB 139 -12.17 -118.86 -7.86
CA GLY IB 139 -11.75 -119.98 -7.01
C GLY IB 139 -10.83 -120.93 -7.78
N ASN IB 140 -9.52 -120.82 -7.54
CA ASN IB 140 -8.48 -121.65 -8.17
C ASN IB 140 -8.47 -121.63 -9.72
N GLY IB 141 -9.12 -120.63 -10.34
CA GLY IB 141 -9.27 -120.49 -11.80
C GLY IB 141 -10.72 -120.57 -12.29
N GLU IB 142 -11.64 -121.17 -11.53
CA GLU IB 142 -13.08 -121.14 -11.84
C GLU IB 142 -13.75 -119.86 -11.30
N ILE IB 143 -14.61 -119.23 -12.11
CA ILE IB 143 -15.52 -118.20 -11.60
C ILE IB 143 -16.67 -118.85 -10.82
N ILE IB 144 -16.71 -118.61 -9.51
CA ILE IB 144 -17.69 -119.20 -8.59
C ILE IB 144 -18.42 -118.12 -7.77
N LYS IB 145 -19.57 -118.49 -7.22
CA LYS IB 145 -20.35 -117.65 -6.31
C LYS IB 145 -19.70 -117.62 -4.92
N ASN IB 146 -19.62 -116.43 -4.32
CA ASN IB 146 -19.23 -116.26 -2.92
C ASN IB 146 -20.36 -115.59 -2.10
N PRO IB 147 -21.06 -116.32 -1.21
CA PRO IB 147 -22.24 -115.82 -0.47
C PRO IB 147 -21.86 -115.03 0.81
N VAL IB 148 -21.24 -113.86 0.63
CA VAL IB 148 -20.80 -112.99 1.74
C VAL IB 148 -21.97 -112.31 2.47
N THR IB 149 -21.81 -112.03 3.77
CA THR IB 149 -22.79 -111.27 4.57
C THR IB 149 -22.08 -110.13 5.27
N LEU IB 150 -22.31 -108.90 4.77
CA LEU IB 150 -21.75 -107.66 5.31
C LEU IB 150 -22.49 -107.29 6.60
N GLN IB 151 -21.84 -107.40 7.76
CA GLN IB 151 -22.40 -106.89 9.03
C GLN IB 151 -22.35 -105.36 9.10
N LEU IB 152 -23.18 -104.78 9.97
CA LEU IB 152 -23.12 -103.37 10.39
C LEU IB 152 -21.71 -103.01 10.92
N LYS IB 153 -21.38 -101.72 10.99
CA LYS IB 153 -20.07 -101.22 11.50
C LYS IB 153 -20.04 -100.99 13.04
N PRO IB 154 -19.41 -101.87 13.84
CA PRO IB 154 -18.94 -101.56 15.21
C PRO IB 154 -17.44 -101.21 15.22
N ASP IB 155 -16.79 -101.29 16.37
CA ASP IB 155 -15.34 -101.45 16.48
C ASP IB 155 -14.89 -102.84 15.97
N ALA IB 156 -13.84 -102.88 15.15
CA ALA IB 156 -13.22 -104.09 14.60
C ALA IB 156 -11.84 -103.77 14.01
N LYS IB 157 -10.94 -104.76 13.98
CA LYS IB 157 -9.63 -104.67 13.32
C LYS IB 157 -9.19 -106.01 12.73
N GLN IB 158 -8.62 -105.95 11.53
CA GLN IB 158 -7.92 -107.04 10.84
C GLN IB 158 -6.76 -106.45 10.00
N ASP IB 159 -5.90 -107.32 9.49
CA ASP IB 159 -4.77 -106.92 8.62
C ASP IB 159 -5.17 -106.69 7.14
N ASN JB 33 -104.63 -138.10 -110.47
CA ASN JB 33 -103.67 -137.33 -109.64
C ASN JB 33 -102.92 -138.28 -108.75
N THR JB 34 -101.79 -137.81 -108.22
CA THR JB 34 -101.07 -138.55 -107.18
C THR JB 34 -101.50 -137.98 -105.80
N LEU JB 35 -101.18 -136.73 -105.54
CA LEU JB 35 -101.61 -136.09 -104.32
C LEU JB 35 -103.05 -135.63 -104.48
N ARG JB 36 -103.95 -136.12 -103.61
CA ARG JB 36 -105.37 -135.74 -103.67
C ARG JB 36 -105.89 -134.75 -102.64
N GLY JB 37 -105.24 -134.63 -101.49
CA GLY JB 37 -105.61 -133.66 -100.45
C GLY JB 37 -104.37 -133.35 -99.62
N LEU JB 38 -104.42 -132.17 -99.00
CA LEU JB 38 -103.34 -131.62 -98.19
C LEU JB 38 -103.93 -130.89 -96.97
N ASP JB 39 -103.59 -131.32 -95.78
CA ASP JB 39 -104.19 -130.71 -94.59
C ASP JB 39 -103.12 -130.27 -93.58
N VAL JB 40 -103.33 -129.10 -92.97
CA VAL JB 40 -102.45 -128.67 -91.89
C VAL JB 40 -103.23 -128.55 -90.58
N SER JB 41 -102.78 -129.26 -89.54
CA SER JB 41 -103.39 -129.15 -88.22
C SER JB 41 -102.47 -128.41 -87.24
N ARG JB 42 -102.52 -127.07 -87.23
CA ARG JB 42 -101.70 -126.31 -86.25
C ARG JB 42 -102.14 -126.58 -84.83
N THR JB 43 -101.21 -126.92 -83.96
CA THR JB 43 -101.55 -126.98 -82.54
C THR JB 43 -100.28 -126.68 -81.77
N GLY JB 44 -100.39 -126.36 -80.48
CA GLY JB 44 -99.24 -125.89 -79.67
C GLY JB 44 -98.23 -126.96 -79.36
N SER JB 45 -98.66 -128.18 -79.14
CA SER JB 45 -97.73 -129.29 -78.91
C SER JB 45 -96.95 -129.73 -80.14
N GLY JB 46 -97.61 -129.69 -81.30
CA GLY JB 46 -97.02 -130.05 -82.56
C GLY JB 46 -98.00 -129.62 -83.65
N ALA JB 47 -97.49 -129.10 -84.76
CA ALA JB 47 -98.29 -128.94 -85.93
C ALA JB 47 -98.16 -130.17 -86.86
N GLN JB 48 -99.28 -130.70 -87.32
CA GLN JB 48 -99.27 -131.84 -88.22
C GLN JB 48 -99.54 -131.40 -89.66
N VAL JB 49 -98.69 -131.86 -90.58
CA VAL JB 49 -98.95 -131.73 -91.99
C VAL JB 49 -99.25 -133.11 -92.56
N VAL JB 50 -100.37 -133.19 -93.27
CA VAL JB 50 -100.82 -134.42 -93.88
C VAL JB 50 -100.90 -134.20 -95.37
N VAL JB 51 -100.36 -135.17 -96.09
CA VAL JB 51 -100.43 -135.17 -97.54
C VAL JB 51 -101.02 -136.51 -97.93
N THR JB 52 -102.16 -136.47 -98.64
CA THR JB 52 -102.87 -137.70 -98.96
C THR JB 52 -102.73 -137.93 -100.45
N GLY JB 53 -102.50 -139.18 -100.84
CA GLY JB 53 -102.19 -139.49 -102.24
C GLY JB 53 -102.66 -140.88 -102.64
N THR JB 54 -102.73 -141.13 -103.94
CA THR JB 54 -103.22 -142.38 -104.45
C THR JB 54 -102.24 -143.52 -104.39
N ARG JB 55 -100.94 -143.21 -104.29
CA ARG JB 55 -99.89 -144.24 -104.17
C ARG JB 55 -98.97 -143.79 -103.05
N PRO JB 56 -98.30 -144.76 -102.41
CA PRO JB 56 -97.28 -144.45 -101.43
C PRO JB 56 -96.17 -143.51 -102.01
N PRO JB 57 -95.89 -142.43 -101.29
CA PRO JB 57 -94.97 -141.43 -101.76
C PRO JB 57 -93.55 -141.71 -101.32
N THR JB 58 -92.58 -141.60 -102.23
CA THR JB 58 -91.18 -141.51 -101.80
C THR JB 58 -90.94 -140.04 -101.44
N PHE JB 59 -90.24 -139.79 -100.35
CA PHE JB 59 -90.05 -138.44 -99.92
C PHE JB 59 -88.66 -138.40 -99.33
N THR JB 60 -88.16 -137.19 -99.12
CA THR JB 60 -86.98 -136.91 -98.32
C THR JB 60 -87.34 -135.63 -97.59
N VAL JB 61 -86.98 -135.60 -96.33
CA VAL JB 61 -87.14 -134.40 -95.51
C VAL JB 61 -85.78 -133.90 -95.02
N PHE JB 62 -85.55 -132.58 -95.11
CA PHE JB 62 -84.34 -132.00 -94.57
C PHE JB 62 -84.56 -130.57 -94.01
N ARG JB 63 -83.53 -129.98 -93.42
CA ARG JB 63 -83.64 -128.66 -92.77
C ARG JB 63 -82.83 -127.61 -93.53
N LEU JB 64 -83.19 -126.34 -93.37
CA LEU JB 64 -82.31 -125.27 -93.84
C LEU JB 64 -82.35 -124.15 -92.80
N SER JB 65 -81.38 -123.23 -92.86
CA SER JB 65 -81.31 -122.13 -91.93
C SER JB 65 -81.29 -120.81 -92.66
N GLY JB 66 -81.40 -119.70 -91.92
CA GLY JB 66 -81.33 -118.33 -92.46
C GLY JB 66 -82.24 -118.05 -93.65
N PRO JB 67 -83.57 -118.21 -93.48
CA PRO JB 67 -84.33 -118.51 -92.23
C PRO JB 67 -84.49 -120.01 -91.91
N GLU JB 68 -84.71 -120.37 -90.65
CA GLU JB 68 -85.07 -121.76 -90.32
C GLU JB 68 -86.23 -122.31 -91.21
N ARG JB 69 -86.04 -123.48 -91.80
CA ARG JB 69 -86.99 -124.02 -92.76
C ARG JB 69 -87.00 -125.51 -92.65
N LEU JB 70 -88.11 -126.12 -93.00
CA LEU JB 70 -88.13 -127.57 -93.17
C LEU JB 70 -88.55 -127.76 -94.61
N VAL JB 71 -87.95 -128.73 -95.29
CA VAL JB 71 -88.20 -128.94 -96.69
C VAL JB 71 -88.57 -130.39 -96.94
N VAL JB 72 -89.64 -130.62 -97.68
CA VAL JB 72 -89.97 -132.01 -98.03
C VAL JB 72 -90.00 -132.13 -99.53
N ASP JB 73 -89.27 -133.10 -100.05
CA ASP JB 73 -89.34 -133.46 -101.47
C ASP JB 73 -90.17 -134.73 -101.73
N LEU JB 74 -91.13 -134.61 -102.64
CA LEU JB 74 -92.02 -135.75 -102.92
C LEU JB 74 -91.85 -136.22 -104.37
N SER JB 75 -91.63 -137.53 -104.53
CA SER JB 75 -91.43 -138.15 -105.87
C SER JB 75 -92.68 -138.87 -106.36
N SER JB 76 -92.74 -138.98 -107.68
CA SER JB 76 -93.92 -139.42 -108.46
C SER JB 76 -95.07 -138.43 -108.39
N ALA JB 77 -95.19 -137.87 -107.20
CA ALA JB 77 -96.22 -136.87 -106.96
C ALA JB 77 -95.58 -135.60 -106.41
N ASP JB 78 -96.13 -134.46 -106.81
CA ASP JB 78 -95.69 -133.17 -106.32
C ASP JB 78 -96.90 -132.61 -105.57
N ALA JB 79 -96.83 -132.62 -104.26
CA ALA JB 79 -97.92 -132.12 -103.42
C ALA JB 79 -97.64 -130.69 -102.99
N THR JB 80 -98.53 -129.76 -103.35
CA THR JB 80 -98.38 -128.36 -102.99
C THR JB 80 -99.50 -127.94 -102.05
N GLY JB 81 -99.13 -127.40 -100.90
CA GLY JB 81 -100.10 -126.92 -99.92
C GLY JB 81 -99.96 -125.40 -99.82
N ILE JB 82 -101.09 -124.72 -99.83
CA ILE JB 82 -101.08 -123.26 -99.78
C ILE JB 82 -102.40 -122.74 -99.24
N LYS JB 83 -102.33 -121.62 -98.67
CA LYS JB 83 -103.48 -120.87 -98.15
C LYS JB 83 -104.12 -121.61 -96.98
N GLY JB 84 -103.59 -122.79 -96.70
CA GLY JB 84 -103.97 -123.56 -95.51
C GLY JB 84 -103.18 -123.14 -94.28
N HIS JB 85 -102.13 -122.35 -94.47
CA HIS JB 85 -101.32 -121.94 -93.34
C HIS JB 85 -101.95 -120.76 -92.61
N HIS JB 86 -102.34 -121.01 -91.37
CA HIS JB 86 -103.06 -120.02 -90.61
C HIS JB 86 -102.09 -119.03 -90.02
N GLU JB 87 -102.57 -117.78 -89.87
CA GLU JB 87 -101.75 -116.77 -89.25
C GLU JB 87 -101.38 -117.06 -87.80
N GLY JB 88 -101.84 -118.17 -87.24
CA GLY JB 88 -101.60 -118.50 -85.83
C GLY JB 88 -101.06 -119.91 -85.65
N SER JB 89 -100.52 -120.51 -86.72
CA SER JB 89 -99.76 -121.76 -86.59
C SER JB 89 -98.53 -121.50 -85.67
N GLY JB 90 -98.42 -122.22 -84.54
CA GLY JB 90 -97.26 -121.96 -83.67
C GLY JB 90 -95.94 -122.37 -84.30
N PRO JB 91 -96.00 -123.23 -85.34
CA PRO JB 91 -94.78 -123.74 -85.99
C PRO JB 91 -94.50 -123.15 -87.35
N VAL JB 92 -95.53 -123.04 -88.20
CA VAL JB 92 -95.32 -122.70 -89.61
C VAL JB 92 -95.64 -121.24 -89.87
N SER JB 93 -94.60 -120.48 -90.25
CA SER JB 93 -94.74 -119.08 -90.65
C SER JB 93 -95.34 -119.03 -92.05
N GLY JB 94 -94.91 -119.92 -92.96
CA GLY JB 94 -95.49 -120.03 -94.31
C GLY JB 94 -95.06 -121.28 -95.05
N VAL JB 95 -95.76 -121.62 -96.14
CA VAL JB 95 -95.45 -122.81 -96.94
C VAL JB 95 -95.47 -122.53 -98.43
N VAL JB 96 -94.35 -122.79 -99.11
CA VAL JB 96 -94.26 -122.59 -100.56
C VAL JB 96 -94.05 -123.96 -101.20
N ALA JB 97 -94.60 -124.12 -102.41
CA ALA JB 97 -94.52 -125.41 -103.10
C ALA JB 97 -94.13 -125.16 -104.57
N SER JB 98 -93.21 -125.98 -105.12
CA SER JB 98 -92.93 -125.98 -106.56
C SER JB 98 -92.57 -127.33 -107.15
N GLN JB 99 -93.06 -127.71 -108.32
CA GLN JB 99 -92.74 -128.97 -108.99
C GLN JB 99 -91.76 -128.79 -110.13
N PHE JB 100 -90.73 -129.64 -110.25
CA PHE JB 100 -89.85 -129.63 -111.40
C PHE JB 100 -89.88 -130.99 -112.11
N SER JB 101 -89.70 -130.95 -113.45
CA SER JB 101 -89.73 -132.17 -114.28
C SER JB 101 -88.42 -132.84 -114.47
N ASP JB 102 -88.45 -134.18 -114.44
CA ASP JB 102 -87.30 -135.03 -114.73
C ASP JB 102 -87.85 -136.04 -115.76
N GLN JB 103 -87.54 -135.82 -117.05
CA GLN JB 103 -88.20 -136.60 -118.10
C GLN JB 103 -89.70 -136.41 -117.93
N ARG JB 104 -90.39 -137.53 -117.97
CA ARG JB 104 -91.83 -137.50 -117.79
C ARG JB 104 -92.24 -137.49 -116.32
N ALA JB 105 -91.27 -137.60 -115.40
CA ALA JB 105 -91.56 -137.63 -113.97
C ALA JB 105 -91.55 -136.24 -113.35
N SER JB 106 -92.07 -136.16 -112.13
CA SER JB 106 -92.18 -134.87 -111.44
C SER JB 106 -91.74 -135.00 -109.98
N VAL JB 107 -90.90 -134.09 -109.52
CA VAL JB 107 -90.49 -133.94 -108.11
C VAL JB 107 -91.05 -132.64 -107.55
N GLY JB 108 -91.86 -132.73 -106.37
CA GLY JB 108 -92.42 -131.52 -105.81
C GLY JB 108 -91.63 -131.18 -104.55
N ARG JB 109 -91.33 -129.90 -104.37
CA ARG JB 109 -90.65 -129.51 -103.16
C ARG JB 109 -91.57 -128.65 -102.32
N VAL JB 110 -91.73 -129.04 -101.05
CA VAL JB 110 -92.51 -128.27 -100.09
C VAL JB 110 -91.56 -127.67 -99.11
N LEU JB 111 -91.75 -126.37 -98.89
CA LEU JB 111 -90.87 -125.57 -98.05
C LEU JB 111 -91.66 -124.88 -96.95
N LEU JB 112 -91.35 -125.21 -95.69
CA LEU JB 112 -92.03 -124.64 -94.54
C LEU JB 112 -91.13 -123.72 -93.78
N ALA JB 113 -91.33 -122.42 -93.91
CA ALA JB 113 -90.61 -121.46 -93.05
C ALA JB 113 -91.16 -121.55 -91.61
N LEU JB 114 -90.27 -121.62 -90.62
CA LEU JB 114 -90.61 -121.88 -89.22
C LEU JB 114 -90.56 -120.71 -88.28
N ASP JB 115 -91.37 -120.78 -87.20
CA ASP JB 115 -91.47 -119.78 -86.11
C ASP JB 115 -90.62 -120.21 -84.92
N LYS JB 116 -90.14 -121.44 -84.93
CA LYS JB 116 -89.38 -121.99 -83.81
C LYS JB 116 -88.68 -123.26 -84.26
N ALA JB 117 -87.64 -123.66 -83.53
CA ALA JB 117 -86.89 -124.86 -83.90
C ALA JB 117 -87.72 -126.12 -83.73
N SER JB 118 -87.66 -126.98 -84.73
CA SER JB 118 -88.44 -128.19 -84.71
C SER JB 118 -87.59 -129.45 -84.82
N GLN JB 119 -88.14 -130.53 -84.29
CA GLN JB 119 -87.64 -131.83 -84.54
C GLN JB 119 -88.75 -132.55 -85.34
N TYR JB 120 -88.61 -132.62 -86.67
CA TYR JB 120 -89.70 -133.23 -87.43
C TYR JB 120 -89.73 -134.72 -87.27
N ASP JB 121 -90.92 -135.31 -87.33
CA ASP JB 121 -91.06 -136.76 -87.39
C ASP JB 121 -92.03 -137.10 -88.52
N VAL JB 122 -91.57 -137.92 -89.46
CA VAL JB 122 -92.32 -138.30 -90.63
C VAL JB 122 -92.67 -139.78 -90.62
N ARG JB 123 -93.90 -140.12 -90.99
CA ARG JB 123 -94.27 -141.54 -91.13
C ARG JB 123 -95.31 -141.65 -92.18
N ALA JB 124 -95.42 -142.81 -92.78
CA ALA JB 124 -96.39 -143.04 -93.83
C ALA JB 124 -97.46 -143.95 -93.27
N ASP JB 125 -98.66 -143.86 -93.80
CA ASP JB 125 -99.76 -144.77 -93.48
C ASP JB 125 -100.66 -144.82 -94.71
N GLY JB 126 -100.59 -145.91 -95.45
CA GLY JB 126 -101.41 -146.05 -96.65
C GLY JB 126 -101.02 -145.02 -97.69
N ASN JB 127 -101.96 -144.15 -98.05
CA ASN JB 127 -101.71 -143.10 -99.02
C ASN JB 127 -101.49 -141.77 -98.35
N ARG JB 128 -101.31 -141.78 -97.03
CA ARG JB 128 -101.09 -140.54 -96.30
C ARG JB 128 -99.66 -140.48 -95.79
N VAL JB 129 -99.02 -139.34 -96.01
CA VAL JB 129 -97.73 -139.07 -95.47
C VAL JB 129 -97.95 -138.02 -94.41
N VAL JB 130 -97.51 -138.32 -93.21
CA VAL JB 130 -97.66 -137.41 -92.09
C VAL JB 130 -96.33 -136.80 -91.61
N ILE JB 131 -96.28 -135.48 -91.50
CA ILE JB 131 -95.13 -134.86 -90.87
C ILE JB 131 -95.53 -134.11 -89.62
N SER JB 132 -95.03 -134.51 -88.47
CA SER JB 132 -95.34 -133.74 -87.25
C SER JB 132 -94.14 -132.92 -86.81
N VAL JB 133 -94.37 -131.63 -86.58
CA VAL JB 133 -93.31 -130.74 -86.23
C VAL JB 133 -93.40 -130.55 -84.75
N ASP JB 134 -92.48 -131.17 -84.02
CA ASP JB 134 -92.42 -130.97 -82.55
C ASP JB 134 -91.41 -129.86 -82.17
N GLY JB 135 -91.57 -129.19 -81.03
CA GLY JB 135 -90.48 -128.29 -80.63
C GLY JB 135 -89.17 -129.02 -80.27
N THR JB 136 -88.77 -128.96 -79.01
CA THR JB 136 -87.55 -129.62 -78.54
C THR JB 136 -87.87 -130.78 -77.61
N SER JB 137 -89.15 -130.99 -77.30
CA SER JB 137 -89.59 -132.09 -76.44
C SER JB 137 -90.00 -133.26 -77.33
N GLN JB 138 -89.20 -134.32 -77.30
CA GLN JB 138 -89.45 -135.48 -78.16
C GLN JB 138 -90.20 -136.67 -77.57
N SER JB 139 -90.31 -136.76 -76.24
CA SER JB 139 -91.00 -137.91 -75.67
C SER JB 139 -91.53 -137.62 -74.27
N VAL JB 140 -92.76 -138.05 -74.02
CA VAL JB 140 -93.35 -137.89 -72.70
C VAL JB 140 -93.44 -139.29 -72.12
N ASP JB 214 -57.92 -115.26 -61.68
CA ASP JB 214 -58.47 -114.78 -60.39
C ASP JB 214 -59.86 -114.12 -60.54
N ASP JB 215 -60.07 -113.46 -61.68
CA ASP JB 215 -61.27 -112.69 -61.94
C ASP JB 215 -62.41 -113.66 -62.24
N THR JB 216 -62.06 -114.79 -62.85
CA THR JB 216 -62.98 -115.81 -63.35
C THR JB 216 -62.13 -116.91 -64.02
N LEU JB 217 -62.55 -118.14 -63.76
CA LEU JB 217 -62.00 -119.29 -64.46
C LEU JB 217 -62.97 -119.65 -65.59
N SER JB 218 -62.41 -119.80 -66.78
CA SER JB 218 -63.19 -120.14 -67.98
C SER JB 218 -62.99 -121.62 -68.33
N ILE JB 219 -64.11 -122.27 -68.58
CA ILE JB 219 -64.11 -123.66 -69.08
C ILE JB 219 -64.65 -123.62 -70.52
N ARG JB 220 -63.87 -124.18 -71.42
CA ARG JB 220 -64.24 -124.23 -72.84
C ARG JB 220 -64.37 -125.69 -73.28
N ALA JB 221 -65.49 -125.96 -73.93
CA ALA JB 221 -65.77 -127.27 -74.51
C ALA JB 221 -66.02 -127.08 -76.01
N ASP JB 222 -65.10 -127.62 -76.80
CA ASP JB 222 -65.19 -127.50 -78.27
C ASP JB 222 -65.74 -128.80 -78.84
N GLY JB 223 -66.72 -128.64 -79.74
CA GLY JB 223 -67.39 -129.77 -80.38
C GLY JB 223 -68.49 -129.26 -81.31
N ASP JB 224 -69.07 -130.20 -82.03
CA ASP JB 224 -70.16 -129.93 -83.00
C ASP JB 224 -71.46 -129.40 -82.37
N ILE JB 225 -71.79 -129.92 -81.20
CA ILE JB 225 -73.05 -129.61 -80.52
C ILE JB 225 -73.10 -128.12 -80.05
N ALA JB 226 -73.81 -127.76 -78.97
CA ALA JB 226 -74.38 -128.64 -77.95
C ALA JB 226 -75.58 -128.11 -77.25
N ARG JB 227 -76.50 -129.02 -76.97
CA ARG JB 227 -77.52 -128.67 -75.99
C ARG JB 227 -76.98 -129.02 -74.60
N TYR JB 228 -77.15 -128.08 -73.69
CA TYR JB 228 -76.62 -128.22 -72.32
C TYR JB 228 -77.63 -127.70 -71.30
N GLU JB 229 -77.42 -128.09 -70.07
CA GLU JB 229 -78.09 -127.49 -68.90
C GLU JB 229 -77.04 -127.36 -67.78
N VAL JB 230 -77.08 -126.21 -67.13
CA VAL JB 230 -76.17 -125.94 -65.99
C VAL JB 230 -77.01 -125.70 -64.73
N LEU JB 231 -76.50 -126.24 -63.63
CA LEU JB 231 -77.15 -126.06 -62.32
C LEU JB 231 -76.11 -126.22 -61.21
N GLU JB 232 -76.53 -125.84 -60.00
CA GLU JB 232 -75.71 -125.87 -58.79
C GLU JB 232 -76.09 -126.98 -57.79
N LEU JB 233 -75.11 -127.39 -57.01
CA LEU JB 233 -75.33 -128.31 -55.88
C LEU JB 233 -74.56 -127.78 -54.66
N ALA JB 234 -75.00 -128.17 -53.49
CA ALA JB 234 -74.33 -127.78 -52.24
C ALA JB 234 -73.87 -129.01 -51.47
N ASP JB 235 -73.01 -128.76 -50.47
CA ASP JB 235 -72.48 -129.81 -49.57
C ASP JB 235 -71.92 -131.02 -50.36
N PRO JB 236 -70.79 -130.81 -51.05
CA PRO JB 236 -70.06 -129.54 -51.15
C PRO JB 236 -70.60 -128.70 -52.33
N PRO JB 237 -70.26 -127.41 -52.33
CA PRO JB 237 -70.65 -126.50 -53.42
C PRO JB 237 -70.06 -127.02 -54.74
N ARG JB 238 -70.91 -127.08 -55.74
CA ARG JB 238 -70.59 -127.67 -57.05
C ARG JB 238 -71.36 -126.97 -58.16
N LEU JB 239 -70.77 -126.96 -59.34
CA LEU JB 239 -71.47 -126.55 -60.56
C LEU JB 239 -71.47 -127.76 -61.49
N ALA JB 240 -72.64 -128.05 -62.05
CA ALA JB 240 -72.80 -129.22 -62.92
C ALA JB 240 -73.34 -128.82 -64.29
N VAL JB 241 -72.71 -129.36 -65.31
CA VAL JB 241 -73.15 -129.16 -66.70
C VAL JB 241 -73.48 -130.53 -67.31
N ASP JB 242 -74.66 -130.61 -67.91
CA ASP JB 242 -75.05 -131.79 -68.69
C ASP JB 242 -75.05 -131.43 -70.17
N LEU JB 243 -74.35 -132.25 -70.93
CA LEU JB 243 -74.22 -132.06 -72.37
C LEU JB 243 -74.91 -133.20 -73.11
N PHE JB 244 -75.71 -132.82 -74.09
CA PHE JB 244 -76.43 -133.84 -74.87
C PHE JB 244 -75.89 -133.97 -76.29
N GLY JB 245 -76.17 -135.15 -76.83
CA GLY JB 245 -75.63 -135.57 -78.14
C GLY JB 245 -74.13 -135.87 -78.04
N VAL JB 246 -73.67 -136.19 -76.83
CA VAL JB 246 -72.26 -136.56 -76.60
C VAL JB 246 -72.17 -137.95 -76.02
N GLY JB 247 -71.16 -138.65 -76.55
CA GLY JB 247 -70.68 -139.89 -75.94
C GLY JB 247 -69.33 -139.58 -75.29
N LEU JB 248 -69.16 -140.08 -74.07
CA LEU JB 248 -67.91 -139.91 -73.30
C LEU JB 248 -66.74 -140.45 -74.12
N ALA JB 249 -65.61 -139.77 -74.04
CA ALA JB 249 -64.43 -140.14 -74.84
C ALA JB 249 -63.16 -139.68 -74.14
N THR JB 250 -62.05 -140.26 -74.59
CA THR JB 250 -60.73 -140.00 -74.01
C THR JB 250 -60.42 -138.50 -74.01
N ARG JB 251 -60.96 -137.72 -74.95
CA ARG JB 251 -60.74 -136.25 -74.95
C ARG JB 251 -61.36 -135.55 -73.74
N ALA JB 252 -62.24 -136.25 -73.03
CA ALA JB 252 -62.79 -135.77 -71.74
C ALA JB 252 -61.65 -135.30 -70.81
N PRO JB 253 -60.46 -135.91 -70.76
CA PRO JB 253 -59.30 -135.55 -69.94
C PRO JB 253 -58.83 -134.13 -70.12
N ARG JB 254 -58.98 -133.58 -71.33
CA ARG JB 254 -58.65 -132.15 -71.53
C ARG JB 254 -59.47 -131.26 -70.57
N VAL JB 255 -60.49 -131.88 -69.99
CA VAL JB 255 -61.37 -131.29 -68.96
C VAL JB 255 -60.60 -130.95 -67.68
N LYS JB 256 -59.48 -131.62 -67.43
CA LYS JB 256 -58.68 -131.39 -66.21
C LYS JB 256 -58.29 -129.92 -66.07
N SER JB 257 -58.23 -129.23 -67.21
CA SER JB 257 -57.88 -127.80 -67.29
C SER JB 257 -58.85 -126.87 -66.56
N GLY JB 258 -60.03 -127.40 -66.29
CA GLY JB 258 -61.06 -126.51 -65.83
C GLY JB 258 -61.52 -126.73 -64.43
N ALA JB 259 -60.95 -127.66 -63.61
CA ALA JB 259 -61.21 -127.84 -62.16
C ALA JB 259 -60.80 -126.63 -61.30
N LEU JB 260 -61.48 -126.22 -60.22
CA LEU JB 260 -62.82 -126.54 -59.69
C LEU JB 260 -62.69 -127.23 -58.37
N ARG JB 261 -61.66 -126.88 -57.62
CA ARG JB 261 -61.06 -127.81 -56.65
C ARG JB 261 -60.75 -129.18 -57.33
N ASP JB 262 -61.61 -129.64 -58.23
CA ASP JB 262 -61.66 -130.80 -59.10
C ASP JB 262 -62.90 -130.79 -60.04
N VAL JB 263 -62.71 -131.58 -61.08
CA VAL JB 263 -63.73 -131.83 -62.09
C VAL JB 263 -63.85 -133.34 -62.36
N ARG JB 264 -65.05 -133.86 -62.26
CA ARG JB 264 -65.33 -135.25 -62.62
C ARG JB 264 -66.39 -135.31 -63.73
N VAL JB 265 -66.22 -136.28 -64.60
CA VAL JB 265 -67.09 -136.42 -65.78
C VAL JB 265 -67.55 -137.88 -65.90
N GLY JB 266 -68.79 -138.04 -66.34
CA GLY JB 266 -69.38 -139.37 -66.57
C GLY JB 266 -70.52 -139.31 -67.57
N ALA JB 267 -71.19 -140.44 -67.72
CA ALA JB 267 -72.31 -140.58 -68.68
C ALA JB 267 -73.15 -141.78 -68.29
N HIS JB 268 -74.43 -141.69 -68.61
CA HIS JB 268 -75.40 -142.74 -68.27
C HIS JB 268 -76.36 -142.98 -69.43
N ALA JB 269 -75.81 -143.53 -70.52
CA ALA JB 269 -76.60 -143.82 -71.73
C ALA JB 269 -77.43 -142.61 -72.15
N ASP JB 270 -76.86 -141.44 -71.91
CA ASP JB 270 -77.49 -140.26 -72.47
C ASP JB 270 -76.51 -139.44 -73.32
N LYS JB 271 -75.80 -138.38 -72.97
CA LYS JB 271 -75.76 -137.38 -71.84
C LYS JB 271 -74.52 -137.56 -70.99
N VAL JB 272 -73.66 -136.56 -71.11
CA VAL JB 272 -72.46 -136.49 -70.28
C VAL JB 272 -72.70 -135.43 -69.21
N ARG JB 273 -72.23 -135.74 -68.00
CA ARG JB 273 -72.33 -134.82 -66.87
C ARG JB 273 -70.93 -134.43 -66.41
N LEU JB 274 -70.73 -133.13 -66.35
CA LEU JB 274 -69.48 -132.54 -65.86
C LEU JB 274 -69.79 -131.86 -64.52
N VAL JB 275 -68.99 -132.22 -63.54
CA VAL JB 275 -69.17 -131.77 -62.15
C VAL JB 275 -67.89 -131.07 -61.69
N LEU JB 276 -68.08 -129.87 -61.23
CA LEU JB 276 -67.02 -128.93 -60.76
C LEU JB 276 -67.21 -128.67 -59.28
N ASP JB 277 -66.38 -129.25 -58.49
CA ASP JB 277 -66.35 -128.88 -57.07
C ASP JB 277 -65.77 -127.43 -56.92
N VAL JB 278 -66.27 -126.61 -56.06
CA VAL JB 278 -65.76 -125.23 -56.04
C VAL JB 278 -64.93 -124.91 -54.81
N ARG JB 279 -64.11 -123.88 -54.94
CA ARG JB 279 -63.36 -123.31 -53.79
C ARG JB 279 -64.02 -122.04 -53.24
N GLY JB 280 -65.04 -121.55 -53.96
CA GLY JB 280 -65.75 -120.31 -53.59
C GLY JB 280 -67.08 -120.19 -54.36
N THR JB 281 -68.02 -119.43 -53.83
CA THR JB 281 -69.32 -119.27 -54.52
C THR JB 281 -69.13 -118.59 -55.88
N MET JB 282 -69.83 -119.12 -56.87
CA MET JB 282 -69.76 -118.58 -58.25
C MET JB 282 -71.15 -118.17 -58.77
N LYS JB 341 -85.34 -102.24 -51.48
CA LYS JB 341 -84.34 -101.65 -50.60
C LYS JB 341 -84.95 -100.57 -49.72
N ASP JB 342 -84.36 -100.37 -48.54
CA ASP JB 342 -84.84 -99.36 -47.60
C ASP JB 342 -83.92 -99.24 -46.40
N VAL JB 343 -84.00 -98.11 -45.71
CA VAL JB 343 -83.16 -97.87 -44.54
C VAL JB 343 -84.01 -97.70 -43.28
N ARG JB 344 -83.42 -97.98 -42.13
CA ARG JB 344 -84.12 -97.86 -40.86
C ARG JB 344 -83.15 -97.52 -39.73
N PHE JB 345 -83.67 -96.90 -38.68
CA PHE JB 345 -82.85 -96.52 -37.53
C PHE JB 345 -83.51 -96.94 -36.22
N GLU JB 346 -82.69 -97.28 -35.23
CA GLU JB 346 -83.20 -97.70 -33.93
C GLU JB 346 -82.09 -97.64 -32.87
N GLU JB 347 -82.24 -98.05 -31.71
CA GLU JB 347 -81.17 -98.05 -30.74
C GLU JB 347 -81.21 -99.30 -29.87
N SER JB 348 -80.05 -99.66 -29.37
CA SER JB 348 -79.97 -100.73 -28.40
C SER JB 348 -78.88 -100.34 -27.42
N SER JB 349 -78.52 -101.24 -26.53
CA SER JB 349 -77.59 -100.80 -25.43
C SER JB 349 -76.24 -100.41 -26.05
N SER JB 350 -75.83 -101.06 -27.14
CA SER JB 350 -74.63 -100.64 -27.88
C SER JB 350 -74.78 -99.20 -28.44
N GLY JB 351 -75.99 -98.62 -28.38
CA GLY JB 351 -76.19 -97.27 -28.92
C GLY JB 351 -77.14 -97.20 -30.12
N GLY JB 352 -76.76 -96.40 -31.11
CA GLY JB 352 -77.57 -96.21 -32.33
C GLY JB 352 -77.29 -97.29 -33.37
N ARG JB 353 -78.31 -97.73 -34.00
CA ARG JB 353 -78.35 -98.84 -34.94
C ARG JB 353 -79.02 -98.42 -36.23
N ILE JB 354 -78.44 -98.85 -37.35
CA ILE JB 354 -78.99 -98.52 -38.67
C ILE JB 354 -79.31 -99.79 -39.45
N VAL JB 355 -80.53 -100.28 -39.32
CA VAL JB 355 -80.96 -101.49 -40.03
C VAL JB 355 -81.29 -101.18 -41.49
N MET JB 356 -80.51 -101.74 -42.40
CA MET JB 356 -80.72 -101.52 -43.82
C MET JB 356 -81.27 -102.78 -44.49
N LYS JB 357 -82.27 -102.60 -45.35
CA LYS JB 357 -82.87 -103.72 -46.06
C LYS JB 357 -82.26 -103.89 -47.45
N LEU JB 358 -81.51 -104.98 -47.63
CA LEU JB 358 -80.87 -105.25 -48.91
C LEU JB 358 -81.50 -106.48 -49.57
N SER JB 359 -82.41 -106.23 -50.51
CA SER JB 359 -83.09 -107.31 -51.23
C SER JB 359 -82.45 -107.53 -52.60
N GLY JB 360 -81.77 -108.66 -52.75
CA GLY JB 360 -81.12 -108.97 -54.01
C GLY JB 360 -79.62 -108.90 -53.93
N THR JB 361 -79.08 -109.02 -52.72
CA THR JB 361 -77.64 -108.96 -52.50
C THR JB 361 -77.11 -110.29 -51.99
N SER JB 362 -75.87 -110.60 -52.34
CA SER JB 362 -75.25 -111.85 -51.90
C SER JB 362 -74.08 -111.58 -50.97
N GLY JB 363 -72.99 -111.06 -51.54
CA GLY JB 363 -71.81 -110.76 -50.75
C GLY JB 363 -72.05 -109.65 -49.75
N TRP JB 364 -71.01 -108.87 -49.47
CA TRP JB 364 -71.11 -107.76 -48.53
C TRP JB 364 -70.64 -106.46 -49.17
N LYS JB 365 -71.29 -105.35 -48.79
CA LYS JB 365 -70.96 -104.02 -49.31
C LYS JB 365 -69.61 -103.51 -48.80
N VAL JB 366 -69.23 -102.32 -49.23
CA VAL JB 366 -67.97 -101.72 -48.82
C VAL JB 366 -68.19 -100.74 -47.67
N ASP JB 367 -67.81 -101.14 -46.47
CA ASP JB 367 -67.96 -100.29 -45.28
C ASP JB 367 -66.77 -99.35 -45.13
N ARG JB 368 -67.03 -98.06 -45.19
CA ARG JB 368 -65.98 -97.05 -45.05
C ARG JB 368 -66.25 -96.15 -43.86
N PRO JB 369 -65.63 -96.47 -42.73
CA PRO JB 369 -65.79 -95.69 -41.51
C PRO JB 369 -64.94 -94.43 -41.55
N ASP JB 370 -65.59 -93.28 -41.70
CA ASP JB 370 -64.88 -92.01 -41.75
C ASP JB 370 -65.04 -91.24 -40.45
N PRO JB 371 -64.26 -90.18 -40.28
CA PRO JB 371 -64.32 -89.36 -39.08
C PRO JB 371 -65.53 -88.43 -39.12
N ARG JB 372 -66.14 -88.31 -40.29
CA ARG JB 372 -67.31 -87.45 -40.46
C ARG JB 372 -68.59 -88.28 -40.53
N SER JB 373 -68.67 -89.14 -41.54
CA SER JB 373 -69.84 -89.99 -41.72
C SER JB 373 -69.43 -91.40 -42.16
N ALA JB 374 -70.41 -92.20 -42.58
CA ALA JB 374 -70.14 -93.56 -43.02
C ALA JB 374 -70.49 -93.73 -44.50
N VAL JB 375 -69.90 -94.74 -45.13
CA VAL JB 375 -70.15 -95.02 -46.53
C VAL JB 375 -70.38 -96.50 -46.77
N LEU JB 376 -71.46 -96.82 -47.47
CA LEU JB 376 -71.81 -98.20 -47.77
C LEU JB 376 -72.26 -98.36 -49.22
N THR JB 377 -71.44 -99.00 -50.03
CA THR JB 377 -71.75 -99.21 -51.44
C THR JB 377 -72.18 -100.65 -51.69
N LEU JB 378 -73.23 -100.81 -52.49
CA LEU JB 378 -73.74 -102.14 -52.81
C LEU JB 378 -73.81 -102.35 -54.33
N ASP JB 379 -72.80 -103.02 -54.88
CA ASP JB 379 -72.74 -103.29 -56.31
C ASP JB 379 -73.97 -104.07 -56.76
N ASN JB 380 -74.56 -103.65 -57.88
CA ASN JB 380 -75.73 -104.31 -58.42
C ASN JB 380 -76.91 -104.21 -57.46
N ALA JB 381 -76.90 -103.16 -56.64
CA ALA JB 381 -77.97 -102.94 -55.68
C ALA JB 381 -78.60 -101.56 -55.85
N ARG JB 382 -78.44 -101.00 -57.05
CA ARG JB 382 -78.99 -99.69 -57.35
C ARG JB 382 -80.44 -99.56 -56.87
N LEU JB 383 -80.67 -98.68 -55.90
CA LEU JB 383 -82.00 -98.47 -55.36
C LEU JB 383 -82.66 -97.25 -55.99
N PRO JB 384 -84.00 -97.30 -56.12
CA PRO JB 384 -84.78 -96.21 -56.70
C PRO JB 384 -84.81 -94.97 -55.81
N LYS JB 385 -84.98 -93.81 -56.42
CA LYS JB 385 -85.03 -92.55 -55.69
C LYS JB 385 -86.24 -92.50 -54.76
N LYS JB 386 -87.16 -93.44 -54.95
CA LYS JB 386 -88.36 -93.50 -54.13
C LYS JB 386 -88.12 -94.31 -52.86
N PHE JB 387 -86.86 -94.66 -52.62
CA PHE JB 387 -86.50 -95.44 -51.44
C PHE JB 387 -85.24 -94.87 -50.79
N GLU JB 388 -84.78 -93.72 -51.29
CA GLU JB 388 -83.59 -93.08 -50.75
C GLU JB 388 -83.96 -92.10 -49.65
N ARG JB 389 -85.09 -92.33 -49.01
CA ARG JB 389 -85.56 -91.46 -47.93
C ARG JB 389 -84.52 -91.38 -46.82
N SER JB 390 -84.49 -90.23 -46.14
CA SER JB 390 -83.53 -90.02 -45.05
C SER JB 390 -84.23 -90.08 -43.69
N LEU JB 391 -83.44 -90.20 -42.64
CA LEU JB 391 -83.98 -90.27 -41.28
C LEU JB 391 -83.95 -88.90 -40.61
N ASP JB 392 -84.65 -88.77 -39.49
CA ASP JB 392 -84.70 -87.52 -38.76
C ASP JB 392 -84.45 -87.75 -37.28
N THR JB 393 -83.52 -88.66 -36.97
CA THR JB 393 -83.19 -88.97 -35.57
C THR JB 393 -82.31 -87.88 -34.97
N SER JB 394 -82.86 -86.67 -34.87
CA SER JB 394 -82.13 -85.55 -34.29
C SER JB 394 -82.40 -85.43 -32.80
N ALA JB 395 -81.34 -85.19 -32.03
CA ALA JB 395 -81.47 -85.05 -30.59
C ALA JB 395 -81.94 -86.35 -29.95
N LEU JB 396 -81.49 -87.48 -30.51
CA LEU JB 396 -81.87 -88.79 -30.00
C LEU JB 396 -80.86 -89.29 -28.98
N ASP JB 397 -79.90 -88.44 -28.63
CA ASP JB 397 -78.87 -88.79 -27.67
C ASP JB 397 -78.07 -90.00 -28.15
N THR JB 398 -77.67 -89.96 -29.42
CA THR JB 398 -76.89 -91.05 -30.00
C THR JB 398 -75.72 -90.52 -30.82
N PRO JB 399 -74.73 -91.39 -31.08
CA PRO JB 399 -73.54 -91.03 -31.85
C PRO JB 399 -73.87 -90.79 -33.33
N VAL JB 400 -75.04 -91.22 -33.75
CA VAL JB 400 -75.47 -91.05 -35.13
C VAL JB 400 -76.27 -89.77 -35.31
N LYS JB 401 -75.68 -88.79 -35.98
CA LYS JB 401 -76.34 -87.50 -36.21
C LYS JB 401 -77.66 -87.71 -36.96
N MET JB 402 -77.58 -88.35 -38.11
CA MET JB 402 -78.77 -88.62 -38.92
C MET JB 402 -78.43 -89.49 -40.11
N ILE JB 403 -79.32 -90.44 -40.42
CA ILE JB 403 -79.12 -91.35 -41.54
C ILE JB 403 -79.63 -90.74 -42.84
N SER JB 404 -78.86 -90.92 -43.91
CA SER JB 404 -79.24 -90.38 -45.21
C SER JB 404 -79.00 -91.41 -46.32
N ALA JB 405 -80.04 -91.70 -47.08
CA ALA JB 405 -79.95 -92.67 -48.17
C ALA JB 405 -79.92 -91.96 -49.52
N PHE JB 406 -79.03 -92.41 -50.40
CA PHE JB 406 -78.90 -91.82 -51.73
C PHE JB 406 -78.65 -92.90 -52.78
N SER JB 407 -79.39 -92.83 -53.88
CA SER JB 407 -79.24 -93.81 -54.95
C SER JB 407 -78.00 -93.51 -55.80
N VAL JB 408 -78.15 -92.72 -56.86
CA VAL JB 408 -77.05 -92.50 -57.77
C VAL JB 408 -75.85 -91.84 -57.09
N PRO JB 409 -74.65 -92.33 -57.43
CA PRO JB 409 -73.46 -91.59 -56.94
C PRO JB 409 -72.33 -91.71 -57.97
N GLY JB 410 -72.69 -91.91 -59.24
CA GLY JB 410 -71.71 -91.80 -60.30
C GLY JB 410 -71.11 -93.11 -60.77
N ALA JB 411 -71.58 -94.22 -60.23
CA ALA JB 411 -71.11 -95.54 -60.63
C ALA JB 411 -72.34 -96.38 -61.01
N GLY JB 412 -72.35 -96.91 -62.22
CA GLY JB 412 -73.45 -97.79 -62.61
C GLY JB 412 -73.70 -98.88 -61.57
N GLY JB 413 -74.97 -99.14 -61.31
CA GLY JB 413 -75.50 -100.22 -60.49
C GLY JB 413 -75.23 -100.09 -58.98
N LYS JB 414 -74.36 -99.21 -58.53
CA LYS JB 414 -73.95 -99.06 -57.15
C LYS JB 414 -74.95 -98.25 -56.35
N VAL JB 415 -75.05 -98.51 -55.05
CA VAL JB 415 -75.79 -97.63 -54.14
C VAL JB 415 -74.91 -97.16 -52.97
N ARG JB 416 -75.39 -96.09 -52.32
CA ARG JB 416 -74.53 -95.45 -51.33
C ARG JB 416 -75.34 -95.03 -50.10
N LEU JB 417 -74.72 -95.15 -48.93
CA LEU JB 417 -75.37 -94.78 -47.68
C LEU JB 417 -74.52 -93.78 -46.90
N VAL JB 418 -75.17 -92.75 -46.36
CA VAL JB 418 -74.48 -91.73 -45.59
C VAL JB 418 -75.03 -91.65 -44.17
N VAL JB 419 -74.23 -92.09 -43.20
CA VAL JB 419 -74.63 -92.07 -41.80
C VAL JB 419 -73.78 -91.08 -41.01
N ALA JB 420 -74.20 -89.83 -40.99
CA ALA JB 420 -73.47 -88.79 -40.26
C ALA JB 420 -73.33 -89.16 -38.79
N ALA JB 421 -72.15 -88.88 -38.22
CA ALA JB 421 -71.88 -89.17 -36.83
C ALA JB 421 -71.26 -87.97 -36.12
N ASP JB 422 -70.95 -88.15 -34.84
CA ASP JB 422 -70.35 -87.09 -34.04
C ASP JB 422 -69.45 -87.65 -32.95
N GLY JB 423 -68.42 -86.90 -32.58
CA GLY JB 423 -67.52 -87.34 -31.54
C GLY JB 423 -66.96 -88.73 -31.81
N ALA JB 424 -66.22 -89.27 -30.84
CA ALA JB 424 -65.63 -90.59 -30.98
C ALA JB 424 -66.71 -91.68 -30.96
N ILE JB 425 -66.60 -92.64 -31.87
CA ILE JB 425 -67.56 -93.73 -31.96
C ILE JB 425 -66.95 -94.94 -32.67
N GLU JB 426 -67.70 -96.04 -32.68
CA GLU JB 426 -67.23 -97.26 -33.31
C GLU JB 426 -68.32 -97.87 -34.18
N GLU JB 427 -67.94 -98.41 -35.34
CA GLU JB 427 -68.89 -99.03 -36.25
C GLU JB 427 -68.88 -100.54 -36.11
N LYS JB 428 -70.05 -101.15 -36.14
CA LYS JB 428 -70.18 -102.60 -36.02
C LYS JB 428 -71.25 -103.14 -36.95
N VAL JB 429 -70.82 -103.85 -37.99
CA VAL JB 429 -71.74 -104.43 -38.96
C VAL JB 429 -72.20 -105.81 -38.52
N SER JB 430 -73.47 -106.11 -38.75
CA SER JB 430 -74.04 -107.40 -38.38
C SER JB 430 -74.91 -107.96 -39.49
N GLN JB 431 -74.69 -109.22 -39.85
CA GLN JB 431 -75.46 -109.87 -40.91
C GLN JB 431 -76.28 -111.02 -40.35
N SER JB 432 -77.52 -110.74 -39.99
CA SER JB 432 -78.42 -111.76 -39.45
C SER JB 432 -78.94 -112.67 -40.55
N ALA JB 433 -78.66 -112.31 -41.79
CA ALA JB 433 -79.10 -113.10 -42.93
C ALA JB 433 -78.60 -112.50 -44.24
N GLY JB 434 -78.60 -113.32 -45.31
CA GLY JB 434 -78.15 -112.89 -46.63
C GLY JB 434 -79.10 -111.90 -47.28
N THR JB 435 -79.02 -110.64 -46.84
CA THR JB 435 -79.88 -109.61 -47.39
C THR JB 435 -80.17 -108.49 -46.40
N LEU JB 436 -80.12 -108.83 -45.12
CA LEU JB 436 -80.37 -107.85 -44.06
C LEU JB 436 -79.07 -107.34 -43.47
N SER JB 437 -78.82 -106.05 -43.63
CA SER JB 437 -77.60 -105.43 -43.11
C SER JB 437 -77.92 -104.53 -41.92
N TRP JB 438 -76.97 -104.43 -40.99
CA TRP JB 438 -77.15 -103.61 -39.81
C TRP JB 438 -75.84 -102.90 -39.43
N ARG JB 439 -75.97 -101.73 -38.79
CA ARG JB 439 -74.80 -100.97 -38.38
C ARG JB 439 -74.99 -100.43 -36.96
N LEU JB 440 -74.31 -101.05 -36.01
CA LEU JB 440 -74.40 -100.62 -34.61
C LEU JB 440 -73.39 -99.53 -34.31
N TYR JB 477 -72.19 -71.70 1.06
CA TYR JB 477 -71.56 -72.49 2.14
C TYR JB 477 -72.47 -73.63 2.51
N ARG JB 478 -72.72 -74.49 1.51
CA ARG JB 478 -73.38 -75.77 1.67
C ARG JB 478 -73.15 -76.59 0.41
N GLY JB 479 -72.90 -77.89 0.58
CA GLY JB 479 -72.54 -78.72 -0.56
C GLY JB 479 -72.71 -80.23 -0.35
N LYS JB 480 -72.58 -81.02 -1.43
CA LYS JB 480 -72.39 -82.46 -1.30
C LYS JB 480 -71.13 -82.78 -0.51
N ARG JB 481 -71.15 -83.92 0.17
CA ARG JB 481 -70.01 -84.50 0.89
C ARG JB 481 -69.05 -85.20 -0.03
N VAL JB 482 -67.79 -85.09 0.35
CA VAL JB 482 -66.67 -85.40 -0.51
C VAL JB 482 -65.50 -85.91 0.32
N SER JB 483 -64.49 -86.43 -0.36
CA SER JB 483 -63.19 -86.71 0.24
C SER JB 483 -62.15 -86.11 -0.68
N PHE JB 484 -61.41 -85.15 -0.14
CA PHE JB 484 -60.31 -84.47 -0.82
C PHE JB 484 -58.97 -85.05 -0.58
N GLU JB 485 -58.40 -85.66 -1.60
CA GLU JB 485 -57.05 -86.16 -1.50
C GLU JB 485 -56.22 -85.46 -2.55
N PHE JB 486 -55.28 -84.63 -2.10
CA PHE JB 486 -54.33 -83.86 -2.90
C PHE JB 486 -52.90 -84.08 -2.51
N LYS JB 487 -52.18 -84.84 -3.32
CA LYS JB 487 -50.77 -85.12 -3.06
C LYS JB 487 -49.86 -84.29 -3.94
N ASP JB 488 -49.47 -83.13 -3.42
CA ASP JB 488 -48.47 -82.27 -4.05
C ASP JB 488 -49.06 -81.79 -5.40
N ILE JB 489 -50.06 -80.91 -5.29
CA ILE JB 489 -50.76 -80.33 -6.45
C ILE JB 489 -50.96 -78.84 -6.33
N ASP JB 490 -50.99 -78.17 -7.47
CA ASP JB 490 -51.23 -76.74 -7.52
C ASP JB 490 -52.60 -76.41 -6.94
N ILE JB 491 -52.67 -75.43 -6.06
CA ILE JB 491 -53.97 -74.99 -5.50
C ILE JB 491 -54.90 -74.55 -6.64
N GLN JB 492 -54.36 -74.01 -7.73
CA GLN JB 492 -55.10 -73.71 -8.95
C GLN JB 492 -55.75 -74.95 -9.56
N ASN JB 493 -55.04 -76.07 -9.58
CA ASN JB 493 -55.63 -77.33 -9.99
C ASN JB 493 -56.71 -77.73 -9.00
N LEU JB 494 -56.46 -77.73 -7.68
CA LEU JB 494 -57.51 -78.10 -6.74
C LEU JB 494 -58.75 -77.24 -6.91
N LEU JB 495 -58.54 -75.96 -7.11
CA LEU JB 495 -59.60 -75.05 -7.41
C LEU JB 495 -60.42 -75.47 -8.63
N ARG JB 496 -59.80 -75.68 -9.79
CA ARG JB 496 -60.48 -76.05 -11.03
C ARG JB 496 -61.24 -77.32 -10.90
N VAL JB 497 -60.57 -78.29 -10.30
CA VAL JB 497 -61.17 -79.55 -9.95
C VAL JB 497 -62.44 -79.28 -9.14
N ILE JB 498 -62.31 -78.43 -8.12
CA ILE JB 498 -63.45 -78.03 -7.32
C ILE JB 498 -64.48 -77.29 -8.21
N ALA JB 499 -64.17 -76.46 -9.19
CA ALA JB 499 -65.20 -75.99 -10.14
C ALA JB 499 -65.82 -77.08 -11.07
N GLU JB 500 -65.06 -78.09 -11.49
CA GLU JB 500 -65.50 -79.20 -12.36
C GLU JB 500 -66.49 -80.15 -11.69
N ILE JB 501 -66.55 -80.09 -10.37
CA ILE JB 501 -67.47 -80.80 -9.50
C ILE JB 501 -68.70 -79.86 -9.15
N SER JB 502 -68.98 -78.74 -9.84
CA SER JB 502 -70.19 -77.84 -9.68
C SER JB 502 -70.22 -77.06 -8.37
N LYS JB 503 -69.08 -77.06 -7.71
CA LYS JB 503 -68.78 -76.22 -6.58
C LYS JB 503 -68.40 -74.85 -7.08
N LYS JB 504 -69.43 -74.18 -7.60
CA LYS JB 504 -69.35 -72.91 -8.32
C LYS JB 504 -68.58 -73.08 -9.63
N ASN JB 505 -68.41 -71.97 -10.33
CA ASN JB 505 -67.27 -71.81 -11.22
C ASN JB 505 -66.21 -71.06 -10.44
N ILE JB 506 -65.12 -71.73 -10.08
CA ILE JB 506 -64.01 -71.10 -9.40
C ILE JB 506 -62.96 -70.63 -10.42
N VAL JB 507 -62.43 -69.41 -10.25
CA VAL JB 507 -61.30 -68.84 -11.01
C VAL JB 507 -60.34 -68.15 -10.03
N VAL JB 508 -59.03 -68.44 -10.12
CA VAL JB 508 -58.04 -67.71 -9.32
C VAL JB 508 -57.75 -66.33 -9.97
N ALA JB 509 -56.91 -65.50 -9.33
CA ALA JB 509 -55.98 -64.61 -10.03
C ALA JB 509 -54.99 -65.44 -10.92
N ASP JB 510 -53.87 -64.88 -11.39
CA ASP JB 510 -52.87 -65.73 -12.06
C ASP JB 510 -52.00 -66.43 -11.00
N ASP JB 511 -51.05 -65.68 -10.42
CA ASP JB 511 -50.10 -66.27 -9.47
C ASP JB 511 -50.59 -66.11 -8.04
N VAL JB 512 -51.33 -67.12 -7.61
CA VAL JB 512 -51.89 -67.15 -6.26
C VAL JB 512 -50.90 -67.63 -5.20
N SER JB 513 -50.07 -68.65 -5.46
CA SER JB 513 -49.39 -69.34 -4.35
C SER JB 513 -48.40 -70.36 -4.90
N GLY JB 514 -48.88 -71.60 -5.03
CA GLY JB 514 -48.11 -72.73 -5.50
C GLY JB 514 -48.91 -74.02 -5.30
N LYS JB 515 -48.18 -74.98 -4.77
CA LYS JB 515 -48.59 -76.35 -4.54
C LYS JB 515 -48.87 -76.63 -3.06
N VAL JB 516 -49.88 -77.48 -2.78
CA VAL JB 516 -50.23 -77.93 -1.41
C VAL JB 516 -50.59 -79.40 -1.37
N THR JB 517 -50.46 -79.97 -0.16
CA THR JB 517 -50.94 -81.30 0.18
C THR JB 517 -51.99 -81.30 1.30
N ILE JB 518 -53.15 -81.90 1.02
CA ILE JB 518 -54.20 -82.16 2.01
C ILE JB 518 -54.83 -83.54 1.75
N ARG JB 519 -55.43 -84.17 2.76
CA ARG JB 519 -56.27 -85.38 2.63
C ARG JB 519 -57.43 -85.49 3.63
N LEU JB 520 -58.60 -85.25 3.08
CA LEU JB 520 -59.85 -85.13 3.79
C LEU JB 520 -60.71 -86.34 3.49
N ARG JB 521 -61.52 -86.71 4.47
CA ARG JB 521 -62.61 -87.65 4.26
C ARG JB 521 -63.90 -87.12 4.86
N ASN JB 522 -65.00 -87.43 4.18
CA ASN JB 522 -66.37 -87.11 4.62
C ASN JB 522 -66.62 -85.62 4.88
N VAL JB 523 -66.04 -84.72 4.10
CA VAL JB 523 -66.18 -83.27 4.32
C VAL JB 523 -66.95 -82.71 3.15
N PRO JB 524 -68.07 -82.00 3.29
CA PRO JB 524 -68.59 -81.15 2.25
C PRO JB 524 -67.56 -80.20 1.75
N TRP JB 525 -67.60 -79.98 0.46
CA TRP JB 525 -66.53 -79.30 -0.18
C TRP JB 525 -66.28 -77.86 0.21
N ASP JB 526 -67.36 -77.13 0.43
CA ASP JB 526 -67.39 -75.70 0.69
C ASP JB 526 -66.71 -75.37 2.01
N GLN JB 527 -66.73 -76.39 2.85
CA GLN JB 527 -65.89 -76.48 3.99
C GLN JB 527 -64.47 -76.94 3.66
N ALA JB 528 -64.28 -78.07 2.95
CA ALA JB 528 -62.93 -78.52 2.61
C ALA JB 528 -62.12 -77.38 1.95
N LEU JB 529 -62.81 -76.52 1.18
CA LEU JB 529 -62.38 -75.22 0.68
C LEU JB 529 -61.96 -74.26 1.79
N ASP JB 530 -62.83 -73.83 2.70
CA ASP JB 530 -62.47 -72.88 3.79
C ASP JB 530 -61.21 -73.32 4.55
N LEU JB 531 -61.22 -74.62 4.73
CA LEU JB 531 -60.16 -75.36 5.30
C LEU JB 531 -58.87 -75.36 4.43
N VAL JB 532 -59.00 -75.39 3.09
CA VAL JB 532 -57.86 -75.35 2.12
C VAL JB 532 -57.20 -73.97 2.17
N LEU JB 533 -58.01 -72.91 2.20
CA LEU JB 533 -57.62 -71.52 2.39
C LEU JB 533 -56.62 -71.37 3.56
N ARG JB 534 -57.05 -71.87 4.72
CA ARG JB 534 -56.24 -71.86 5.98
C ARG JB 534 -54.94 -72.64 5.98
N THR JB 535 -54.88 -73.65 5.11
CA THR JB 535 -53.66 -74.45 4.99
C THR JB 535 -52.48 -73.56 4.56
N LYS JB 536 -52.59 -73.03 3.36
CA LYS JB 536 -51.54 -72.23 2.67
C LYS JB 536 -52.18 -71.14 1.82
N ALA JB 537 -53.30 -71.64 1.30
CA ALA JB 537 -54.02 -71.10 0.21
C ALA JB 537 -54.69 -69.82 0.67
N LEU JB 538 -55.56 -69.40 -0.23
CA LEU JB 538 -55.93 -68.02 -0.40
C LEU JB 538 -57.08 -67.62 0.50
N GLY JB 539 -57.69 -66.45 0.29
CA GLY JB 539 -59.08 -66.21 0.64
C GLY JB 539 -59.98 -66.22 -0.60
N LYS JB 540 -61.28 -66.50 -0.43
CA LYS JB 540 -62.25 -66.53 -1.54
C LYS JB 540 -63.22 -65.33 -1.48
N GLU JB 541 -63.49 -64.74 -2.63
CA GLU JB 541 -64.55 -63.75 -2.86
C GLU JB 541 -65.49 -64.21 -3.99
N GLU JB 542 -66.79 -64.22 -3.77
CA GLU JB 542 -67.76 -64.64 -4.78
C GLU JB 542 -68.48 -63.48 -5.45
N PHE JB 543 -68.42 -63.44 -6.79
CA PHE JB 543 -69.29 -62.58 -7.61
C PHE JB 543 -70.75 -63.03 -7.68
N GLY JB 544 -70.94 -64.35 -7.70
CA GLY JB 544 -72.20 -65.07 -7.53
C GLY JB 544 -72.19 -66.35 -8.36
N ASN JB 545 -72.11 -66.19 -9.68
CA ASN JB 545 -71.93 -67.31 -10.60
C ASN JB 545 -70.49 -67.84 -10.61
N ILE JB 546 -69.55 -66.89 -10.73
CA ILE JB 546 -68.13 -67.15 -10.62
C ILE JB 546 -67.66 -66.68 -9.25
N ILE JB 547 -66.59 -67.27 -8.76
CA ILE JB 547 -65.90 -66.84 -7.55
C ILE JB 547 -64.45 -66.56 -7.93
N ARG JB 548 -63.87 -65.46 -7.42
CA ARG JB 548 -62.45 -65.17 -7.55
C ARG JB 548 -61.71 -65.50 -6.28
N ILE JB 549 -60.57 -66.17 -6.46
CA ILE JB 549 -59.67 -66.49 -5.36
C ILE JB 549 -58.36 -65.77 -5.55
N ALA JB 550 -57.92 -65.07 -4.52
CA ALA JB 550 -56.74 -64.23 -4.61
C ALA JB 550 -55.73 -64.50 -3.49
N PRO JB 551 -54.44 -64.26 -3.78
CA PRO JB 551 -53.32 -64.22 -2.84
C PRO JB 551 -53.35 -63.00 -1.90
N ASP JB 574 -49.58 -86.90 5.57
CA ASP JB 574 -50.78 -86.13 5.32
C ASP JB 574 -51.31 -85.34 6.52
N LEU JB 575 -51.99 -84.30 6.06
CA LEU JB 575 -52.96 -83.59 6.83
C LEU JB 575 -54.24 -84.23 6.52
N MET JB 576 -55.06 -84.19 7.53
CA MET JB 576 -56.35 -84.72 7.34
C MET JB 576 -57.41 -83.95 8.01
N VAL JB 577 -58.57 -84.24 7.46
CA VAL JB 577 -59.81 -83.77 8.00
C VAL JB 577 -60.66 -84.92 8.36
N ASN JB 578 -61.23 -84.73 9.54
CA ASN JB 578 -62.10 -85.65 10.20
C ASN JB 578 -63.23 -84.84 10.84
N LEU JB 579 -64.43 -85.38 10.70
CA LEU JB 579 -65.64 -84.91 11.36
C LEU JB 579 -65.73 -85.66 12.68
N LEU JB 580 -65.88 -84.91 13.77
CA LEU JB 580 -66.19 -85.38 15.10
C LEU JB 580 -67.70 -85.17 15.33
N PRO JB 581 -68.52 -86.20 15.53
CA PRO JB 581 -69.85 -85.96 16.09
C PRO JB 581 -69.66 -85.54 17.55
N VAL JB 582 -70.47 -84.58 17.99
CA VAL JB 582 -70.66 -84.28 19.41
C VAL JB 582 -72.10 -84.65 19.74
N ASN JB 583 -72.29 -85.83 20.33
CA ASN JB 583 -73.66 -86.26 20.63
C ASN JB 583 -74.23 -85.53 21.85
N TYR JB 584 -73.42 -85.38 22.89
CA TYR JB 584 -73.93 -84.99 24.20
C TYR JB 584 -73.80 -83.51 24.55
N ALA JB 585 -72.60 -82.95 24.33
CA ALA JB 585 -72.34 -81.53 24.63
C ALA JB 585 -72.69 -80.61 23.45
N VAL JB 586 -72.77 -79.30 23.73
CA VAL JB 586 -72.79 -78.29 22.67
C VAL JB 586 -71.37 -78.04 22.15
N ALA JB 587 -71.22 -77.85 20.83
CA ALA JB 587 -69.91 -77.63 20.20
C ALA JB 587 -69.18 -76.36 20.72
N ALA JB 588 -69.93 -75.30 21.02
CA ALA JB 588 -69.38 -74.03 21.49
C ALA JB 588 -68.67 -74.12 22.85
N ASP JB 589 -69.08 -75.04 23.73
CA ASP JB 589 -68.44 -75.27 25.03
C ASP JB 589 -67.00 -75.82 24.92
N MET JB 590 -66.75 -76.58 23.85
CA MET JB 590 -65.40 -77.03 23.49
C MET JB 590 -64.48 -75.89 23.02
N ALA JB 591 -65.04 -74.78 22.52
CA ALA JB 591 -64.29 -73.75 21.81
C ALA JB 591 -63.14 -73.16 22.63
N ALA JB 592 -63.34 -72.95 23.94
CA ALA JB 592 -62.30 -72.45 24.84
C ALA JB 592 -61.07 -73.39 24.88
N ARG JB 593 -61.30 -74.68 25.15
CA ARG JB 593 -60.23 -75.69 25.21
C ARG JB 593 -59.56 -75.98 23.87
N VAL JB 594 -60.37 -76.04 22.81
CA VAL JB 594 -59.86 -76.33 21.46
C VAL JB 594 -59.00 -75.16 20.97
N LYS JB 595 -59.43 -73.91 21.20
CA LYS JB 595 -58.62 -72.71 20.91
C LYS JB 595 -57.29 -72.75 21.66
N ASP JB 596 -57.33 -73.19 22.90
CA ASP JB 596 -56.14 -73.32 23.75
C ASP JB 596 -55.09 -74.36 23.30
N VAL JB 597 -55.48 -75.51 22.70
CA VAL JB 597 -54.46 -76.37 22.02
C VAL JB 597 -53.82 -75.67 20.83
N LEU JB 598 -54.63 -75.02 19.95
CA LEU JB 598 -54.10 -74.47 18.70
C LEU JB 598 -52.95 -73.50 18.99
N SER JB 599 -53.12 -72.62 19.99
CA SER JB 599 -52.16 -71.53 20.23
C SER JB 599 -51.92 -70.75 18.91
N GLU JB 600 -50.66 -70.47 18.58
CA GLU JB 600 -50.20 -69.97 17.28
C GLU JB 600 -49.88 -71.09 16.27
N ARG JB 601 -50.52 -72.27 16.41
CA ARG JB 601 -50.40 -73.33 15.42
C ARG JB 601 -51.51 -73.31 14.37
N GLY JB 602 -51.16 -74.18 13.43
CA GLY JB 602 -51.85 -74.59 12.24
C GLY JB 602 -52.41 -75.96 12.35
N SER JB 603 -53.50 -76.00 11.64
CA SER JB 603 -54.69 -76.52 12.25
C SER JB 603 -55.74 -75.45 12.33
N VAL JB 604 -56.96 -75.95 12.27
CA VAL JB 604 -58.13 -75.20 12.61
C VAL JB 604 -59.24 -76.15 13.00
N THR JB 605 -60.25 -75.54 13.62
CA THR JB 605 -61.51 -76.14 13.98
C THR JB 605 -62.66 -75.32 13.36
N VAL JB 606 -63.64 -75.99 12.76
CA VAL JB 606 -64.88 -75.41 12.21
C VAL JB 606 -66.08 -76.05 12.87
N ASP JB 607 -67.00 -75.20 13.30
CA ASP JB 607 -68.24 -75.63 13.93
C ASP JB 607 -69.36 -75.61 12.89
N GLN JB 608 -69.86 -76.80 12.53
CA GLN JB 608 -71.04 -76.91 11.69
C GLN JB 608 -72.32 -76.80 12.52
N ARG JB 609 -73.39 -76.36 11.87
CA ARG JB 609 -74.69 -76.08 12.53
C ARG JB 609 -75.32 -77.28 13.23
N THR JB 610 -75.11 -78.48 12.71
CA THR JB 610 -75.64 -79.72 13.28
C THR JB 610 -74.80 -80.26 14.44
N ASN JB 611 -74.11 -79.37 15.19
CA ASN JB 611 -73.24 -79.67 16.33
C ASN JB 611 -72.24 -80.81 16.04
N VAL JB 612 -71.51 -80.65 14.93
CA VAL JB 612 -70.31 -81.45 14.64
C VAL JB 612 -69.13 -80.52 14.53
N LEU JB 613 -68.00 -80.94 15.12
CA LEU JB 613 -66.73 -80.25 14.90
C LEU JB 613 -66.03 -80.85 13.70
N ILE JB 614 -65.34 -79.98 12.96
CA ILE JB 614 -64.43 -80.41 11.90
C ILE JB 614 -63.08 -79.79 12.08
N VAL JB 615 -62.07 -80.63 11.98
CA VAL JB 615 -60.67 -80.23 12.11
C VAL JB 615 -59.89 -80.47 10.83
N LYS JB 616 -59.17 -79.47 10.30
CA LYS JB 616 -57.99 -79.76 9.44
C LYS JB 616 -56.81 -79.54 10.31
N ASP JB 617 -55.82 -80.36 10.03
CA ASP JB 617 -54.48 -80.22 10.53
C ASP JB 617 -53.60 -81.40 10.14
N VAL JB 618 -52.34 -81.33 10.57
CA VAL JB 618 -51.50 -82.51 10.71
C VAL JB 618 -52.28 -83.59 11.48
N ARG JB 619 -51.98 -84.86 11.22
CA ARG JB 619 -52.53 -85.97 12.02
C ARG JB 619 -52.31 -85.77 13.53
N SER JB 620 -51.12 -85.30 13.95
CA SER JB 620 -50.78 -85.19 15.37
C SER JB 620 -51.63 -84.13 16.10
N ASN JB 621 -51.92 -82.98 15.48
CA ASN JB 621 -52.86 -82.01 16.05
C ASN JB 621 -54.33 -82.48 15.93
N THR JB 622 -54.73 -83.19 14.84
CA THR JB 622 -56.07 -83.85 14.77
C THR JB 622 -56.32 -84.82 15.93
N GLU JB 623 -55.32 -85.68 16.18
CA GLU JB 623 -55.40 -86.68 17.22
C GLU JB 623 -55.64 -86.04 18.59
N ARG JB 624 -54.87 -85.00 18.92
CA ARG JB 624 -55.05 -84.23 20.16
C ARG JB 624 -56.45 -83.66 20.26
N ALA JB 625 -56.89 -82.93 19.23
CA ALA JB 625 -58.22 -82.33 19.21
C ALA JB 625 -59.34 -83.38 19.36
N ARG JB 626 -59.25 -84.53 18.67
CA ARG JB 626 -60.21 -85.64 18.84
C ARG JB 626 -60.22 -86.17 20.28
N SER JB 627 -59.05 -86.46 20.85
CA SER JB 627 -58.95 -87.00 22.21
C SER JB 627 -59.62 -86.08 23.23
N LEU JB 628 -59.45 -84.75 23.12
CA LEU JB 628 -60.10 -83.78 23.99
C LEU JB 628 -61.60 -83.68 23.74
N VAL JB 629 -62.04 -83.59 22.47
CA VAL JB 629 -63.48 -83.50 22.12
C VAL JB 629 -64.19 -84.75 22.62
N ARG JB 630 -63.69 -85.95 22.32
CA ARG JB 630 -64.30 -87.18 22.81
C ARG JB 630 -64.26 -87.28 24.33
N SER JB 631 -63.16 -86.88 24.98
CA SER JB 631 -63.02 -86.95 26.44
C SER JB 631 -64.05 -86.08 27.16
N LEU JB 632 -64.23 -84.84 26.68
CA LEU JB 632 -65.28 -83.95 27.17
C LEU JB 632 -66.69 -84.37 26.77
N ASP JB 633 -66.83 -84.96 25.57
CA ASP JB 633 -68.12 -85.55 25.19
C ASP JB 633 -68.35 -86.61 26.27
N THR JB 634 -67.44 -87.58 26.54
CA THR JB 634 -67.67 -88.69 27.49
C THR JB 634 -68.17 -88.38 28.91
N GLN JB 635 -67.87 -87.23 29.53
CA GLN JB 635 -68.53 -86.88 30.81
C GLN JB 635 -69.98 -86.40 30.65
N THR JB 636 -70.28 -85.79 29.51
CA THR JB 636 -71.63 -85.53 28.99
C THR JB 636 -72.59 -86.73 28.67
N PRO JB 637 -72.17 -87.91 28.14
CA PRO JB 637 -72.97 -89.13 28.08
C PRO JB 637 -73.44 -89.71 29.40
N GLN JB 638 -72.71 -89.55 30.51
CA GLN JB 638 -73.30 -89.98 31.78
C GLN JB 638 -74.37 -88.98 32.22
N VAL JB 639 -75.58 -89.24 31.75
CA VAL JB 639 -76.78 -88.45 32.06
C VAL JB 639 -77.44 -88.94 33.35
N CYS KB 5 37.25 2.95 -64.60
CA CYS KB 5 35.87 2.74 -64.15
C CYS KB 5 34.92 2.72 -65.37
N GLU KB 6 33.62 2.48 -65.13
CA GLU KB 6 32.55 2.82 -66.09
C GLU KB 6 31.76 4.05 -65.62
N GLU KB 7 31.50 4.95 -66.56
CA GLU KB 7 30.90 6.29 -66.38
C GLU KB 7 29.32 6.24 -66.42
N PRO KB 8 28.56 7.36 -66.41
CA PRO KB 8 27.11 7.42 -66.14
C PRO KB 8 26.17 6.34 -66.72
N PRO KB 9 25.96 6.34 -68.05
CA PRO KB 9 26.35 5.17 -68.81
C PRO KB 9 27.85 5.19 -69.17
N ALA KB 10 28.35 4.02 -69.56
CA ALA KB 10 29.72 3.78 -70.02
C ALA KB 10 30.03 4.64 -71.29
N PRO KB 11 31.10 4.36 -72.06
CA PRO KB 11 31.28 4.96 -73.41
C PRO KB 11 30.11 4.60 -74.38
N ALA KB 12 30.30 4.35 -75.70
CA ALA KB 12 29.13 4.14 -76.61
C ALA KB 12 28.81 2.78 -77.29
N PRO KB 13 29.68 1.75 -77.49
CA PRO KB 13 29.29 0.53 -78.24
C PRO KB 13 28.57 -0.69 -77.56
N PRO KB 14 28.32 -0.78 -76.24
CA PRO KB 14 27.80 0.26 -75.38
C PRO KB 14 28.77 0.85 -74.32
N PRO KB 15 30.08 0.52 -74.18
CA PRO KB 15 30.85 -0.69 -74.49
C PRO KB 15 30.50 -1.93 -73.69
N ALA KB 16 30.92 -3.06 -74.30
CA ALA KB 16 31.14 -4.39 -73.72
C ALA KB 16 29.99 -5.02 -72.91
N LYS KB 17 29.04 -4.27 -72.32
CA LYS KB 17 27.96 -4.82 -71.48
C LYS KB 17 26.80 -5.56 -72.18
N PRO KB 18 26.86 -5.86 -73.49
CA PRO KB 18 26.22 -7.06 -74.03
C PRO KB 18 26.74 -8.39 -73.48
N LYS KB 19 28.04 -8.46 -73.14
CA LYS KB 19 28.67 -9.71 -72.67
C LYS KB 19 28.62 -9.79 -71.14
N ALA KB 20 28.80 -8.65 -70.46
CA ALA KB 20 28.60 -8.57 -69.00
C ALA KB 20 27.12 -8.54 -68.60
N ALA KB 21 26.32 -7.61 -69.13
CA ALA KB 21 24.84 -7.60 -68.98
C ALA KB 21 24.02 -8.39 -70.03
N ALA KB 22 24.52 -9.51 -70.55
CA ALA KB 22 23.67 -10.60 -71.11
C ALA KB 22 24.22 -12.01 -70.80
N ALA KB 23 25.31 -12.06 -70.04
CA ALA KB 23 25.75 -13.26 -69.36
C ALA KB 23 25.65 -13.08 -67.81
N VAL KB 24 25.25 -11.88 -67.35
CA VAL KB 24 24.42 -11.66 -66.16
C VAL KB 24 22.92 -11.81 -66.54
N PRO KB 25 22.05 -10.77 -66.49
CA PRO KB 25 20.59 -10.92 -66.35
C PRO KB 25 20.06 -12.31 -65.92
N VAL KB 26 20.40 -12.80 -64.73
CA VAL KB 26 20.98 -12.09 -63.57
C VAL KB 26 22.31 -12.75 -63.15
N LYS KB 27 22.61 -12.73 -61.86
CA LYS KB 27 23.13 -13.91 -61.18
C LYS KB 27 22.64 -15.19 -61.84
N ALA KB 28 21.44 -15.13 -62.42
CA ALA KB 28 20.57 -16.29 -62.48
C ALA KB 28 20.13 -16.72 -61.09
N ALA KB 29 21.09 -17.14 -60.27
CA ALA KB 29 20.93 -18.32 -59.43
C ALA KB 29 21.28 -19.59 -60.20
N PRO KB 30 20.56 -19.84 -61.28
CA PRO KB 30 19.10 -19.83 -61.26
C PRO KB 30 18.55 -20.50 -60.01
N THR KB 31 17.56 -19.88 -59.37
CA THR KB 31 16.95 -20.42 -58.17
C THR KB 31 15.84 -21.41 -58.51
N GLU KB 32 16.23 -22.68 -58.68
CA GLU KB 32 16.61 -23.52 -57.57
C GLU KB 32 15.52 -24.56 -57.27
N THR KB 33 14.28 -24.09 -57.16
CA THR KB 33 13.58 -24.05 -55.89
C THR KB 33 12.07 -24.19 -56.08
N GLY KB 34 11.34 -23.16 -55.66
CA GLY KB 34 10.38 -23.29 -54.58
C GLY KB 34 8.99 -23.63 -55.08
N ALA KB 35 8.81 -24.85 -55.57
CA ALA KB 35 7.65 -25.19 -56.39
C ALA KB 35 6.42 -25.39 -55.52
N GLN KB 36 5.26 -25.53 -56.17
CA GLN KB 36 4.00 -25.71 -55.46
C GLN KB 36 3.16 -26.82 -56.09
N ALA KB 37 2.30 -27.42 -55.28
CA ALA KB 37 1.56 -28.61 -55.70
C ALA KB 37 0.05 -28.36 -55.77
N ALA KB 38 -0.63 -28.99 -56.73
CA ALA KB 38 -2.10 -29.13 -56.77
C ALA KB 38 -2.66 -30.24 -55.87
N PRO KB 39 -1.77 -30.88 -55.07
CA PRO KB 39 -1.61 -32.36 -55.05
C PRO KB 39 -2.48 -33.12 -56.07
N SER KB 40 -3.05 -34.26 -55.70
CA SER KB 40 -4.10 -34.98 -56.42
C SER KB 40 -5.09 -35.57 -55.41
N TYR KB 41 -6.25 -35.99 -55.87
CA TYR KB 41 -7.38 -36.40 -55.02
C TYR KB 41 -7.88 -37.79 -55.42
N SER KB 42 -8.27 -38.59 -54.43
CA SER KB 42 -8.86 -39.93 -54.62
C SER KB 42 -10.39 -39.86 -54.79
N TYR KB 43 -10.99 -40.99 -55.18
CA TYR KB 43 -12.43 -41.11 -55.48
C TYR KB 43 -13.19 -42.07 -54.56
N VAL KB 44 -14.51 -41.88 -54.44
CA VAL KB 44 -15.39 -42.53 -53.45
C VAL KB 44 -16.72 -42.93 -54.08
N TYR KB 45 -17.44 -43.98 -53.67
CA TYR KB 45 -17.08 -45.21 -52.95
C TYR KB 45 -18.13 -46.26 -53.39
N ASN KB 46 -17.81 -47.55 -53.36
CA ASN KB 46 -18.71 -48.60 -53.87
C ASN KB 46 -19.70 -49.15 -52.82
N PRO KB 47 -20.97 -48.71 -52.88
CA PRO KB 47 -22.07 -49.64 -52.61
C PRO KB 47 -23.37 -49.36 -53.40
N VAL KB 48 -24.15 -50.44 -53.49
CA VAL KB 48 -25.47 -50.46 -52.84
C VAL KB 48 -25.46 -51.48 -51.72
N GLY KB 49 -26.13 -51.16 -50.61
CA GLY KB 49 -26.27 -52.06 -49.46
C GLY KB 49 -27.10 -53.31 -49.78
N LYS KB 50 -27.09 -54.28 -48.85
CA LYS KB 50 -27.91 -55.49 -48.90
C LYS KB 50 -28.62 -55.72 -47.56
N ARG KB 51 -29.74 -56.45 -47.58
CA ARG KB 51 -30.56 -56.73 -46.40
C ARG KB 51 -30.65 -58.24 -46.16
N ASP KB 52 -30.60 -58.53 -44.88
CA ASP KB 52 -30.90 -59.75 -44.15
C ASP KB 52 -31.78 -59.25 -42.96
N PRO KB 53 -31.14 -59.17 -41.78
CA PRO KB 53 -30.80 -57.92 -41.10
C PRO KB 53 -30.45 -56.73 -42.04
N PHE KB 54 -31.02 -55.54 -41.86
CA PHE KB 54 -31.62 -55.04 -40.63
C PHE KB 54 -33.16 -54.97 -40.72
N ARG KB 55 -33.82 -55.56 -41.74
CA ARG KB 55 -35.28 -55.42 -41.86
C ARG KB 55 -36.02 -56.10 -40.71
N SER KB 56 -35.82 -57.40 -40.48
CA SER KB 56 -36.40 -58.05 -39.29
C SER KB 56 -36.07 -57.40 -37.92
N PRO KB 57 -34.79 -57.11 -37.59
CA PRO KB 57 -34.46 -56.52 -36.29
C PRO KB 57 -34.88 -55.06 -36.06
N ILE KB 58 -35.57 -54.36 -36.99
CA ILE KB 58 -36.26 -53.08 -36.70
C ILE KB 58 -37.62 -52.94 -37.39
N ASP KB 59 -37.79 -53.37 -38.65
CA ASP KB 59 -39.06 -53.33 -39.38
C ASP KB 59 -40.05 -54.42 -38.87
N GLU KB 60 -39.57 -55.49 -38.22
CA GLU KB 60 -40.40 -56.54 -37.58
C GLU KB 60 -40.33 -56.46 -36.03
N LEU KB 61 -39.19 -56.08 -35.45
CA LEU KB 61 -39.08 -55.81 -34.00
C LEU KB 61 -39.78 -54.52 -33.57
N GLY KB 62 -39.73 -53.46 -34.38
CA GLY KB 62 -40.31 -52.14 -34.08
C GLY KB 62 -41.84 -52.15 -33.97
N PRO KB 63 -42.53 -53.02 -34.73
CA PRO KB 63 -43.81 -53.63 -34.36
C PRO KB 63 -43.69 -54.54 -33.12
N VAL KB 64 -43.30 -54.00 -31.95
CA VAL KB 64 -43.02 -54.78 -30.73
C VAL KB 64 -44.24 -55.62 -30.34
N ASN KB 65 -44.15 -56.92 -30.62
CA ASN KB 65 -45.29 -57.83 -30.64
C ASN KB 65 -44.89 -59.16 -30.00
N ALA KB 66 -45.64 -59.55 -28.98
CA ALA KB 66 -45.52 -60.84 -28.32
C ALA KB 66 -46.92 -61.43 -28.13
N ASN KB 67 -47.04 -62.74 -28.27
CA ASN KB 67 -48.30 -63.48 -28.08
C ASN KB 67 -48.12 -64.55 -26.99
N PRO KB 68 -48.21 -64.16 -25.69
CA PRO KB 68 -47.81 -64.99 -24.56
C PRO KB 68 -48.41 -66.40 -24.50
N VAL KB 69 -47.62 -67.32 -23.95
CA VAL KB 69 -48.08 -68.66 -23.55
C VAL KB 69 -48.79 -68.67 -22.20
N ALA KB 70 -50.03 -69.16 -22.17
CA ALA KB 70 -50.77 -69.50 -20.96
C ALA KB 70 -51.70 -70.73 -21.12
N ALA KB 71 -51.94 -71.16 -22.36
CA ALA KB 71 -52.86 -72.24 -22.70
C ALA KB 71 -52.30 -73.65 -22.41
N CYS KB 72 -53.14 -74.67 -22.62
CA CYS KB 72 -52.69 -76.02 -22.85
C CYS KB 72 -51.99 -76.21 -24.21
N ASN KB 73 -50.93 -77.02 -24.23
CA ASN KB 73 -49.91 -77.09 -25.29
C ASN KB 73 -50.16 -78.15 -26.40
N GLU KB 74 -51.38 -78.34 -26.93
CA GLU KB 74 -52.32 -79.37 -26.44
C GLU KB 74 -51.57 -80.61 -25.87
N PRO KB 75 -51.44 -80.69 -24.54
CA PRO KB 75 -50.20 -81.11 -23.91
C PRO KB 75 -50.14 -82.63 -23.74
N LEU KB 76 -51.13 -83.23 -23.05
CA LEU KB 76 -51.02 -84.61 -22.60
C LEU KB 76 -51.25 -85.60 -23.74
N CYS KB 77 -51.97 -85.19 -24.79
CA CYS KB 77 -52.00 -85.95 -26.04
C CYS KB 77 -50.69 -85.95 -26.85
N SER KB 78 -49.66 -85.24 -26.37
CA SER KB 78 -48.27 -85.32 -26.83
C SER KB 78 -47.33 -86.15 -25.93
N PHE KB 79 -47.82 -86.73 -24.82
CA PHE KB 79 -47.05 -87.57 -23.87
C PHE KB 79 -47.71 -88.92 -23.56
N ASP KB 80 -46.91 -89.97 -23.32
CA ASP KB 80 -47.42 -91.35 -23.20
C ASP KB 80 -48.04 -91.65 -21.82
N LEU KB 81 -49.04 -92.54 -21.75
CA LEU KB 81 -49.94 -92.62 -20.59
C LEU KB 81 -49.27 -93.15 -19.31
N ASP KB 82 -48.34 -94.09 -19.46
CA ASP KB 82 -47.56 -94.70 -18.37
C ASP KB 82 -46.53 -93.70 -17.80
N GLN KB 83 -46.31 -92.55 -18.46
CA GLN KB 83 -45.50 -91.45 -17.92
C GLN KB 83 -46.28 -90.59 -16.90
N LEU KB 84 -47.61 -90.62 -16.94
CA LEU KB 84 -48.50 -89.78 -16.12
C LEU KB 84 -48.79 -90.41 -14.74
N LYS KB 85 -48.79 -89.60 -13.68
CA LYS KB 85 -48.95 -90.08 -12.29
C LYS KB 85 -50.13 -89.45 -11.57
N LEU KB 86 -51.01 -90.24 -10.97
CA LEU KB 86 -52.19 -89.71 -10.28
C LEU KB 86 -51.82 -89.02 -8.96
N VAL KB 87 -52.03 -87.71 -8.89
CA VAL KB 87 -51.72 -86.86 -7.74
C VAL KB 87 -52.80 -86.96 -6.67
N ALA KB 88 -54.06 -86.82 -7.08
CA ALA KB 88 -55.21 -86.64 -6.21
C ALA KB 88 -56.52 -86.92 -6.98
N VAL KB 89 -57.64 -86.94 -6.25
CA VAL KB 89 -58.99 -86.97 -6.81
C VAL KB 89 -59.87 -86.02 -6.01
N VAL KB 90 -60.73 -85.27 -6.71
CA VAL KB 90 -61.76 -84.40 -6.12
C VAL KB 90 -63.13 -85.01 -6.44
N THR KB 91 -64.08 -84.92 -5.50
CA THR KB 91 -65.46 -85.39 -5.69
C THR KB 91 -66.41 -84.47 -4.94
N GLY KB 92 -67.50 -84.10 -5.60
CA GLY KB 92 -68.60 -83.29 -5.09
C GLY KB 92 -69.69 -83.17 -6.16
N ASP KB 93 -70.62 -82.25 -5.94
CA ASP KB 93 -71.84 -82.08 -6.73
C ASP KB 93 -71.56 -81.77 -8.22
N ALA KB 94 -70.42 -81.13 -8.50
CA ALA KB 94 -69.88 -80.86 -9.84
C ALA KB 94 -69.32 -82.10 -10.59
N SER KB 95 -69.66 -83.32 -10.16
CA SER KB 95 -69.15 -84.63 -10.60
C SER KB 95 -67.68 -84.92 -10.20
N PRO KB 96 -67.27 -86.20 -10.06
CA PRO KB 96 -65.90 -86.57 -9.72
C PRO KB 96 -64.90 -86.18 -10.83
N VAL KB 97 -63.73 -85.69 -10.41
CA VAL KB 97 -62.60 -85.30 -11.27
C VAL KB 97 -61.26 -85.78 -10.72
N ALA KB 98 -60.44 -86.40 -11.57
CA ALA KB 98 -59.08 -86.84 -11.26
C ALA KB 98 -58.07 -85.71 -11.48
N MET KB 99 -56.96 -85.73 -10.73
CA MET KB 99 -55.82 -84.83 -10.91
C MET KB 99 -54.54 -85.65 -11.15
N VAL KB 100 -53.84 -85.35 -12.24
CA VAL KB 100 -52.71 -86.15 -12.77
C VAL KB 100 -51.50 -85.29 -13.16
N GLU KB 101 -50.30 -85.83 -12.99
CA GLU KB 101 -49.01 -85.15 -13.13
C GLU KB 101 -48.24 -85.65 -14.38
N ASP KB 102 -47.70 -84.71 -15.15
CA ASP KB 102 -46.93 -84.94 -16.39
C ASP KB 102 -45.53 -85.46 -16.02
N PRO KB 103 -44.77 -86.10 -16.94
CA PRO KB 103 -43.31 -86.25 -16.76
C PRO KB 103 -42.58 -84.89 -16.76
N ALA KB 104 -43.19 -83.84 -17.31
CA ALA KB 104 -42.76 -82.44 -17.19
C ALA KB 104 -43.20 -81.74 -15.88
N GLY KB 105 -43.83 -82.45 -14.93
CA GLY KB 105 -44.21 -81.93 -13.61
C GLY KB 105 -45.41 -80.97 -13.58
N ARG KB 106 -46.13 -80.77 -14.70
CA ARG KB 106 -47.41 -80.05 -14.69
C ARG KB 106 -48.49 -80.89 -14.00
N GLY KB 107 -49.41 -80.23 -13.28
CA GLY KB 107 -50.71 -80.79 -12.90
C GLY KB 107 -51.83 -80.54 -13.92
N HIS KB 108 -52.70 -81.54 -14.12
CA HIS KB 108 -53.89 -81.49 -14.97
C HIS KB 108 -55.11 -81.97 -14.19
N ILE KB 109 -56.31 -81.64 -14.68
CA ILE KB 109 -57.58 -82.12 -14.13
C ILE KB 109 -58.43 -82.67 -15.26
N VAL KB 110 -58.90 -83.91 -15.12
CA VAL KB 110 -59.63 -84.65 -16.16
C VAL KB 110 -60.73 -85.46 -15.46
N ARG KB 111 -61.83 -85.72 -16.17
CA ARG KB 111 -63.01 -86.39 -15.61
C ARG KB 111 -63.68 -87.35 -16.59
N ARG KB 112 -64.62 -88.16 -16.12
CA ARG KB 112 -65.30 -89.17 -16.94
C ARG KB 112 -65.85 -88.56 -18.24
N ASN KB 113 -65.57 -89.22 -19.36
CA ASN KB 113 -65.74 -88.81 -20.77
C ASN KB 113 -64.59 -88.01 -21.43
N THR KB 114 -63.74 -87.31 -20.66
CA THR KB 114 -62.51 -86.67 -21.17
C THR KB 114 -61.38 -87.65 -21.50
N ARG KB 115 -60.29 -87.14 -22.09
CA ARG KB 115 -59.11 -87.91 -22.53
C ARG KB 115 -57.80 -87.30 -21.99
N MET KB 116 -56.73 -88.06 -22.13
CA MET KB 116 -55.34 -87.76 -21.79
C MET KB 116 -54.42 -88.67 -22.63
N GLY KB 117 -53.14 -88.33 -22.77
CA GLY KB 117 -52.14 -89.23 -23.36
C GLY KB 117 -52.17 -89.39 -24.90
N ARG KB 118 -51.07 -89.86 -25.48
CA ARG KB 118 -50.96 -90.13 -26.93
C ARG KB 118 -51.91 -91.23 -27.43
N GLN KB 119 -52.13 -92.26 -26.62
CA GLN KB 119 -53.15 -93.30 -26.89
C GLN KB 119 -54.59 -92.82 -26.60
N GLY KB 120 -54.82 -91.52 -26.35
CA GLY KB 120 -56.16 -90.93 -26.20
C GLY KB 120 -56.98 -91.47 -25.00
N GLY KB 121 -56.30 -91.95 -23.96
CA GLY KB 121 -56.83 -92.62 -22.78
C GLY KB 121 -58.05 -91.93 -22.20
N LYS KB 122 -59.23 -92.50 -22.46
CA LYS KB 122 -60.53 -91.95 -22.07
C LYS KB 122 -60.81 -92.29 -20.62
N VAL KB 123 -61.10 -91.30 -19.77
CA VAL KB 123 -61.53 -91.53 -18.39
C VAL KB 123 -62.89 -92.23 -18.31
N THR KB 124 -62.94 -93.41 -17.69
CA THR KB 124 -64.16 -94.24 -17.61
C THR KB 124 -64.60 -94.45 -16.17
N GLN KB 125 -63.68 -94.55 -15.19
CA GLN KB 125 -63.99 -94.61 -13.75
C GLN KB 125 -62.99 -93.73 -12.97
N ILE KB 126 -63.40 -93.28 -11.78
CA ILE KB 126 -62.58 -92.46 -10.87
C ILE KB 126 -62.88 -92.95 -9.44
N LEU KB 127 -61.91 -93.60 -8.80
CA LEU KB 127 -61.95 -93.99 -7.38
C LEU KB 127 -61.13 -92.97 -6.57
N ARG KB 128 -60.84 -93.25 -5.28
CA ARG KB 128 -60.06 -92.33 -4.41
C ARG KB 128 -58.55 -92.57 -4.45
N ASP KB 129 -58.21 -93.77 -4.84
CA ASP KB 129 -56.89 -94.41 -4.87
C ASP KB 129 -56.35 -94.65 -6.28
N SER KB 130 -57.23 -94.54 -7.28
CA SER KB 130 -57.01 -95.05 -8.64
C SER KB 130 -58.05 -94.53 -9.64
N VAL KB 131 -57.73 -94.60 -10.94
CA VAL KB 131 -58.54 -94.07 -12.04
C VAL KB 131 -58.45 -95.03 -13.24
N THR KB 132 -59.55 -95.74 -13.53
CA THR KB 132 -59.69 -96.51 -14.78
C THR KB 132 -59.93 -95.66 -16.03
N VAL KB 133 -59.12 -95.90 -17.06
CA VAL KB 133 -59.19 -95.28 -18.37
C VAL KB 133 -59.20 -96.33 -19.50
N THR KB 134 -59.78 -95.98 -20.65
CA THR KB 134 -59.69 -96.79 -21.88
C THR KB 134 -58.78 -96.17 -22.94
N GLU KB 135 -57.68 -96.86 -23.23
CA GLU KB 135 -56.59 -96.40 -24.10
C GLU KB 135 -56.61 -97.18 -25.44
N VAL KB 136 -55.77 -96.75 -26.37
CA VAL KB 136 -55.77 -97.15 -27.79
C VAL KB 136 -54.38 -97.65 -28.20
N PHE KB 137 -54.15 -98.96 -28.13
CA PHE KB 137 -52.86 -99.59 -28.42
C PHE KB 137 -52.89 -100.39 -29.74
N SER KB 138 -51.75 -100.50 -30.44
CA SER KB 138 -51.62 -101.35 -31.64
C SER KB 138 -51.18 -102.78 -31.25
N GLY KB 139 -52.13 -103.61 -30.85
CA GLY KB 139 -51.89 -105.01 -30.48
C GLY KB 139 -51.57 -105.85 -31.71
N ASN KB 140 -50.28 -106.14 -31.94
CA ASN KB 140 -49.77 -106.94 -33.06
C ASN KB 140 -50.16 -106.43 -34.46
N GLY KB 141 -50.59 -105.16 -34.57
CA GLY KB 141 -51.06 -104.52 -35.80
C GLY KB 141 -52.53 -104.09 -35.77
N GLU KB 142 -53.37 -104.67 -34.90
CA GLU KB 142 -54.74 -104.19 -34.69
C GLU KB 142 -54.79 -103.05 -33.66
N ILE KB 143 -55.57 -101.99 -33.94
CA ILE KB 143 -55.93 -100.99 -32.93
C ILE KB 143 -56.99 -101.57 -31.98
N ILE KB 144 -56.60 -101.77 -30.72
CA ILE KB 144 -57.43 -102.37 -29.67
C ILE KB 144 -57.52 -101.48 -28.43
N LYS KB 145 -58.56 -101.73 -27.61
CA LYS KB 145 -58.75 -101.07 -26.32
C LYS KB 145 -57.78 -101.64 -25.27
N ASN KB 146 -57.18 -100.77 -24.48
CA ASN KB 146 -56.39 -101.16 -23.30
C ASN KB 146 -56.99 -100.54 -22.01
N PRO KB 147 -57.63 -101.34 -21.13
CA PRO KB 147 -58.34 -100.84 -19.94
C PRO KB 147 -57.40 -100.62 -18.73
N VAL KB 148 -56.49 -99.64 -18.83
CA VAL KB 148 -55.52 -99.30 -17.77
C VAL KB 148 -56.17 -98.65 -16.54
N THR KB 149 -55.60 -98.85 -15.35
CA THR KB 149 -56.03 -98.19 -14.11
C THR KB 149 -54.82 -97.53 -13.46
N LEU KB 150 -54.77 -96.19 -13.54
CA LEU KB 150 -53.70 -95.38 -12.95
C LEU KB 150 -53.91 -95.26 -11.44
N GLN KB 151 -53.06 -95.90 -10.63
CA GLN KB 151 -53.06 -95.71 -9.18
C GLN KB 151 -52.49 -94.35 -8.76
N LEU KB 152 -52.83 -93.90 -7.56
CA LEU KB 152 -52.21 -92.76 -6.86
C LEU KB 152 -50.68 -92.93 -6.79
N LYS KB 153 -49.92 -91.85 -6.53
CA LYS KB 153 -48.45 -91.88 -6.41
C LYS KB 153 -47.93 -92.17 -4.97
N PRO KB 154 -47.44 -93.38 -4.66
CA PRO KB 154 -46.56 -93.66 -3.52
C PRO KB 154 -45.08 -93.69 -3.94
N ASP KB 155 -44.21 -94.30 -3.13
CA ASP KB 155 -42.92 -94.84 -3.58
C ASP KB 155 -43.10 -96.05 -4.53
N ALA KB 156 -42.37 -96.06 -5.64
CA ALA KB 156 -42.35 -97.15 -6.63
C ALA KB 156 -41.15 -96.99 -7.57
N LYS KB 157 -40.67 -98.10 -8.14
CA LYS KB 157 -39.61 -98.10 -9.17
C LYS KB 157 -39.82 -99.24 -10.18
N GLN KB 158 -39.59 -98.93 -11.45
CA GLN KB 158 -39.49 -99.87 -12.57
C GLN KB 158 -38.47 -99.35 -13.60
N ASP KB 159 -38.11 -100.17 -14.57
CA ASP KB 159 -37.19 -99.78 -15.66
C ASP KB 159 -37.86 -99.00 -16.80
N ASN LB 33 -169.20 -65.95 -96.58
CA ASN LB 33 -167.86 -65.74 -95.97
C ASN LB 33 -167.26 -67.09 -95.65
N THR LB 34 -165.95 -67.09 -95.45
CA THR LB 34 -165.26 -68.27 -94.92
C THR LB 34 -165.11 -68.10 -93.40
N LEU LB 35 -164.33 -67.12 -92.97
CA LEU LB 35 -164.20 -66.83 -91.57
C LEU LB 35 -165.39 -66.01 -91.10
N ARG LB 36 -166.13 -66.53 -90.12
CA ARG LB 36 -167.32 -65.83 -89.60
C ARG LB 36 -167.20 -65.13 -88.25
N GLY LB 37 -166.27 -65.55 -87.41
CA GLY LB 37 -166.02 -64.92 -86.10
C GLY LB 37 -164.57 -65.18 -85.70
N LEU LB 38 -164.07 -64.30 -84.85
CA LEU LB 38 -162.69 -64.32 -84.36
C LEU LB 38 -162.69 -63.89 -82.87
N ASP LB 39 -162.20 -64.77 -82.01
CA ASP LB 39 -162.23 -64.45 -80.58
C ASP LB 39 -160.84 -64.63 -79.93
N VAL LB 40 -160.49 -63.71 -79.04
CA VAL LB 40 -159.27 -63.87 -78.25
C VAL LB 40 -159.60 -64.00 -76.77
N SER LB 41 -159.16 -65.09 -76.14
CA SER LB 41 -159.32 -65.28 -74.70
C SER LB 41 -157.99 -65.14 -73.97
N ARG LB 42 -157.59 -63.90 -73.62
CA ARG LB 42 -156.34 -63.71 -72.83
C ARG LB 42 -156.46 -64.32 -71.45
N THR LB 43 -155.49 -65.14 -71.06
CA THR LB 43 -155.46 -65.57 -69.68
C THR LB 43 -154.01 -65.85 -69.35
N GLY LB 44 -153.66 -65.95 -68.06
CA GLY LB 44 -152.25 -66.06 -67.61
C GLY LB 44 -151.60 -67.38 -67.92
N SER LB 45 -152.34 -68.46 -67.87
CA SER LB 45 -151.81 -69.77 -68.23
C SER LB 45 -151.56 -69.96 -69.72
N GLY LB 46 -152.45 -69.40 -70.54
CA GLY LB 46 -152.36 -69.44 -71.98
C GLY LB 46 -153.39 -68.47 -72.52
N ALA LB 47 -153.04 -67.76 -73.59
CA ALA LB 47 -154.03 -67.04 -74.34
C ALA LB 47 -154.56 -67.89 -75.51
N GLN LB 48 -155.88 -67.97 -75.66
CA GLN LB 48 -156.46 -68.73 -76.75
C GLN LB 48 -156.94 -67.78 -77.87
N VAL LB 49 -156.56 -68.11 -79.11
CA VAL LB 49 -157.13 -67.47 -80.28
C VAL LB 49 -158.01 -68.47 -81.00
N VAL LB 50 -159.23 -68.05 -81.27
CA VAL LB 50 -160.19 -68.87 -81.97
C VAL LB 50 -160.59 -68.18 -83.24
N VAL LB 51 -160.61 -68.95 -84.30
CA VAL LB 51 -161.05 -68.47 -85.60
C VAL LB 51 -162.13 -69.43 -86.06
N THR LB 52 -163.33 -68.90 -86.31
CA THR LB 52 -164.47 -69.74 -86.64
C THR LB 52 -164.80 -69.50 -88.08
N GLY LB 53 -165.12 -70.57 -88.82
CA GLY LB 53 -165.30 -70.48 -90.27
C GLY LB 53 -166.29 -71.51 -90.79
N THR LB 54 -166.76 -71.29 -92.01
CA THR LB 54 -167.76 -72.16 -92.59
C THR LB 54 -167.23 -73.45 -93.14
N ARG LB 55 -165.92 -73.51 -93.43
CA ARG LB 55 -165.27 -74.74 -93.92
C ARG LB 55 -164.00 -74.91 -93.12
N PRO LB 56 -163.54 -76.16 -92.98
CA PRO LB 56 -162.26 -76.44 -92.38
C PRO LB 56 -161.10 -75.66 -93.08
N PRO LB 57 -160.29 -74.98 -92.27
CA PRO LB 57 -159.25 -74.13 -92.79
C PRO LB 57 -157.94 -74.86 -92.94
N THR LB 58 -157.26 -74.70 -94.08
CA THR LB 58 -155.85 -75.09 -94.16
C THR LB 58 -155.06 -73.91 -93.57
N PHE LB 59 -154.06 -74.20 -92.76
CA PHE LB 59 -153.32 -73.14 -92.11
C PHE LB 59 -151.90 -73.64 -92.05
N THR LB 60 -151.00 -72.71 -91.75
CA THR LB 60 -149.62 -73.00 -91.37
C THR LB 60 -149.34 -71.99 -90.29
N VAL LB 61 -148.66 -72.44 -89.26
CA VAL LB 61 -148.20 -71.58 -88.18
C VAL LB 61 -146.67 -71.60 -88.08
N PHE LB 62 -146.07 -70.42 -87.94
CA PHE LB 62 -144.63 -70.34 -87.72
C PHE LB 62 -144.22 -69.17 -86.83
N ARG LB 63 -142.93 -69.07 -86.50
CA ARG LB 63 -142.43 -68.05 -85.56
C ARG LB 63 -141.55 -67.02 -86.29
N LEU LB 64 -141.41 -65.83 -85.73
CA LEU LB 64 -140.39 -64.91 -86.20
C LEU LB 64 -139.78 -64.21 -84.98
N SER LB 65 -138.62 -63.57 -85.16
CA SER LB 65 -137.95 -62.89 -84.08
C SER LB 65 -137.69 -61.45 -84.45
N GLY LB 66 -137.23 -60.65 -83.49
CA GLY LB 66 -136.86 -59.24 -83.69
C GLY LB 66 -137.90 -58.37 -84.37
N PRO LB 67 -139.12 -58.27 -83.80
CA PRO LB 67 -139.59 -58.76 -82.48
C PRO LB 67 -140.15 -60.20 -82.48
N GLU LB 68 -140.12 -60.89 -81.34
CA GLU LB 68 -140.82 -62.19 -81.24
C GLU LB 68 -142.29 -62.13 -81.77
N ARG LB 69 -142.65 -63.05 -82.65
CA ARG LB 69 -143.95 -63.01 -83.32
C ARG LB 69 -144.41 -64.40 -83.56
N LEU LB 70 -145.70 -64.58 -83.63
CA LEU LB 70 -146.25 -65.84 -84.11
C LEU LB 70 -147.07 -65.45 -85.33
N VAL LB 71 -147.02 -66.27 -86.36
CA VAL LB 71 -147.69 -65.95 -87.62
C VAL LB 71 -148.56 -67.11 -88.05
N VAL LB 72 -149.80 -66.82 -88.40
CA VAL LB 72 -150.65 -67.89 -88.93
C VAL LB 72 -151.11 -67.51 -90.32
N ASP LB 73 -150.90 -68.41 -91.26
CA ASP LB 73 -151.46 -68.26 -92.61
C ASP LB 73 -152.69 -69.15 -92.86
N LEU LB 74 -153.76 -68.52 -93.33
CA LEU LB 74 -155.02 -69.23 -93.53
C LEU LB 74 -155.40 -69.25 -95.03
N SER LB 75 -155.67 -70.44 -95.55
CA SER LB 75 -156.04 -70.62 -96.97
C SER LB 75 -157.54 -70.83 -97.16
N SER LB 76 -157.97 -70.49 -98.37
CA SER LB 76 -159.39 -70.36 -98.77
C SER LB 76 -160.10 -69.20 -98.07
N ALA LB 77 -159.72 -69.04 -96.83
CA ALA LB 77 -160.25 -67.96 -96.01
C ALA LB 77 -159.12 -67.13 -95.44
N ASP LB 78 -159.34 -65.82 -95.35
CA ASP LB 78 -158.38 -64.91 -94.76
C ASP LB 78 -159.11 -64.35 -93.54
N ALA LB 79 -158.71 -64.80 -92.36
CA ALA LB 79 -159.31 -64.37 -91.11
C ALA LB 79 -158.47 -63.25 -90.48
N THR LB 80 -159.08 -62.08 -90.28
CA THR LB 80 -158.38 -60.95 -89.67
C THR LB 80 -159.01 -60.60 -88.34
N GLY LB 81 -158.19 -60.58 -87.29
CA GLY LB 81 -158.66 -60.22 -85.95
C GLY LB 81 -158.02 -58.89 -85.57
N ILE LB 82 -158.82 -58.00 -85.01
CA ILE LB 82 -158.33 -56.68 -84.63
C ILE LB 82 -159.20 -56.07 -83.57
N LYS LB 83 -158.63 -55.24 -82.83
CA LYS LB 83 -159.29 -54.46 -81.77
C LYS LB 83 -159.79 -55.36 -80.66
N GLY LB 84 -159.64 -56.66 -80.86
CA GLY LB 84 -159.92 -57.66 -79.83
C GLY LB 84 -158.75 -57.86 -78.89
N HIS LB 85 -157.58 -57.32 -79.23
CA HIS LB 85 -156.41 -57.50 -78.40
C HIS LB 85 -156.42 -56.51 -77.24
N HIS LB 86 -156.53 -57.05 -76.03
CA HIS LB 86 -156.66 -56.22 -74.86
C HIS LB 86 -155.30 -55.74 -74.43
N GLU LB 87 -155.28 -54.54 -73.85
CA GLU LB 87 -154.04 -54.00 -73.32
C GLU LB 87 -153.41 -54.82 -72.20
N GLY LB 88 -154.06 -55.91 -71.79
CA GLY LB 88 -153.58 -56.72 -70.67
C GLY LB 88 -153.50 -58.21 -71.03
N SER LB 89 -153.48 -58.54 -72.32
CA SER LB 89 -153.18 -59.90 -72.75
C SER LB 89 -151.74 -60.24 -72.28
N GLY LB 90 -151.57 -61.32 -71.47
CA GLY LB 90 -150.21 -61.63 -71.02
C GLY LB 90 -149.31 -62.12 -72.14
N PRO LB 91 -149.92 -62.54 -73.26
CA PRO LB 91 -149.15 -63.09 -74.41
C PRO LB 91 -149.06 -62.17 -75.60
N VAL LB 92 -150.17 -61.56 -75.98
CA VAL LB 92 -150.24 -60.84 -77.26
C VAL LB 92 -150.12 -59.34 -77.05
N SER LB 93 -149.03 -58.77 -77.57
CA SER LB 93 -148.80 -57.33 -77.57
C SER LB 93 -149.70 -56.68 -78.61
N GLY LB 94 -149.84 -57.31 -79.80
CA GLY LB 94 -150.75 -56.82 -80.85
C GLY LB 94 -150.97 -57.84 -81.98
N VAL LB 95 -152.00 -57.63 -82.79
CA VAL LB 95 -152.32 -58.53 -83.90
C VAL LB 95 -152.63 -57.79 -85.19
N VAL LB 96 -151.88 -58.07 -86.25
CA VAL LB 96 -152.10 -57.44 -87.55
C VAL LB 96 -152.53 -58.52 -88.53
N ALA LB 97 -153.41 -58.16 -89.47
CA ALA LB 97 -153.94 -59.13 -90.43
C ALA LB 97 -153.88 -58.52 -91.85
N SER LB 98 -153.47 -59.30 -92.85
CA SER LB 98 -153.60 -58.89 -94.26
C SER LB 98 -153.85 -60.03 -95.23
N GLN LB 99 -154.74 -59.89 -96.21
CA GLN LB 99 -155.04 -60.90 -97.23
C GLN LB 99 -154.39 -60.59 -98.56
N PHE LB 100 -153.76 -61.58 -99.22
CA PHE LB 100 -153.26 -61.41 -100.57
C PHE LB 100 -153.92 -62.41 -101.53
N SER LB 101 -154.08 -61.99 -102.80
CA SER LB 101 -154.74 -62.82 -103.82
C SER LB 101 -153.81 -63.69 -104.60
N ASP LB 102 -154.28 -64.92 -104.88
CA ASP LB 102 -153.59 -65.87 -105.73
C ASP LB 102 -154.69 -66.33 -106.72
N GLN LB 103 -154.67 -65.79 -107.95
CA GLN LB 103 -155.79 -66.01 -108.85
C GLN LB 103 -157.06 -65.53 -108.14
N ARG LB 104 -158.06 -66.38 -108.19
CA ARG LB 104 -159.32 -66.06 -107.52
C ARG LB 104 -159.29 -66.45 -106.04
N ALA LB 105 -158.21 -67.07 -105.57
CA ALA LB 105 -158.11 -67.49 -104.18
C ALA LB 105 -157.49 -66.42 -103.30
N SER LB 106 -157.60 -66.62 -101.99
CA SER LB 106 -157.10 -65.64 -101.02
C SER LB 106 -156.37 -66.33 -99.88
N VAL LB 107 -155.18 -65.85 -99.54
CA VAL LB 107 -154.39 -66.26 -98.37
C VAL LB 107 -154.32 -65.13 -97.36
N GLY LB 108 -154.78 -65.39 -96.03
CA GLY LB 108 -154.74 -64.34 -95.04
C GLY LB 108 -153.59 -64.63 -94.10
N ARG LB 109 -152.85 -63.59 -93.73
CA ARG LB 109 -151.78 -63.78 -92.78
C ARG LB 109 -152.13 -63.06 -91.50
N VAL LB 110 -152.06 -63.78 -90.38
CA VAL LB 110 -152.26 -63.21 -89.06
C VAL LB 110 -150.94 -63.20 -88.36
N LEU LB 111 -150.64 -62.04 -87.79
CA LEU LB 111 -149.36 -61.78 -87.14
C LEU LB 111 -149.55 -61.32 -85.69
N LEU LB 112 -149.06 -62.10 -84.75
CA LEU LB 112 -149.19 -61.79 -83.33
C LEU LB 112 -147.86 -61.41 -82.74
N ALA LB 113 -147.66 -60.13 -82.49
CA ALA LB 113 -146.46 -59.70 -81.73
C ALA LB 113 -146.63 -60.13 -80.25
N LEU LB 114 -145.56 -60.72 -79.68
CA LEU LB 114 -145.60 -61.33 -78.34
C LEU LB 114 -144.92 -60.58 -77.23
N ASP LB 115 -145.40 -60.81 -75.99
CA ASP LB 115 -144.88 -60.22 -74.73
C ASP LB 115 -143.94 -61.19 -74.04
N LYS LB 116 -143.91 -62.44 -74.51
CA LYS LB 116 -143.10 -63.48 -73.88
C LYS LB 116 -143.00 -64.68 -74.83
N ALA LB 117 -142.01 -65.52 -74.62
CA ALA LB 117 -141.82 -66.67 -75.50
C ALA LB 117 -142.93 -67.68 -75.34
N SER LB 118 -143.43 -68.16 -76.47
CA SER LB 118 -144.52 -69.09 -76.47
C SER LB 118 -144.19 -70.41 -77.16
N GLN LB 119 -144.91 -71.43 -76.73
CA GLN LB 119 -144.95 -72.67 -77.43
C GLN LB 119 -146.40 -72.80 -77.95
N TYR LB 120 -146.65 -72.47 -79.22
CA TYR LB 120 -148.04 -72.53 -79.68
C TYR LB 120 -148.50 -73.94 -79.87
N ASP LB 121 -149.79 -74.17 -79.65
CA ASP LB 121 -150.41 -75.44 -79.98
C ASP LB 121 -151.70 -75.16 -80.75
N VAL LB 122 -151.79 -75.71 -81.97
CA VAL LB 122 -152.91 -75.49 -82.86
C VAL LB 122 -153.71 -76.78 -83.07
N ARG LB 123 -155.03 -76.68 -83.06
CA ARG LB 123 -155.87 -77.84 -83.39
C ARG LB 123 -157.13 -77.35 -84.00
N ALA LB 124 -157.77 -78.20 -84.78
CA ALA LB 124 -159.00 -77.84 -85.46
C ALA LB 124 -160.12 -78.59 -84.79
N ASP LB 125 -161.32 -78.05 -84.84
CA ASP LB 125 -162.53 -78.73 -84.39
C ASP LB 125 -163.69 -78.16 -85.19
N GLY LB 126 -164.18 -78.94 -86.14
CA GLY LB 126 -165.28 -78.48 -86.98
C GLY LB 126 -164.86 -77.29 -87.83
N ASN LB 127 -165.52 -76.16 -87.62
CA ASN LB 127 -165.21 -74.94 -88.35
C ASN LB 127 -164.38 -74.00 -87.51
N ARG LB 128 -163.88 -74.48 -86.38
CA ARG LB 128 -163.09 -73.63 -85.50
C ARG LB 128 -161.64 -74.08 -85.51
N VAL LB 129 -160.75 -73.12 -85.67
CA VAL LB 129 -159.34 -73.34 -85.56
C VAL LB 129 -158.92 -72.68 -84.28
N VAL LB 130 -158.30 -73.45 -83.41
CA VAL LB 130 -157.85 -72.94 -82.12
C VAL LB 130 -156.32 -72.86 -82.01
N ILE LB 131 -155.80 -71.70 -81.62
CA ILE LB 131 -154.39 -71.61 -81.29
C ILE LB 131 -154.19 -71.23 -79.86
N SER LB 132 -153.56 -72.08 -79.07
CA SER LB 132 -153.28 -71.71 -77.68
C SER LB 132 -151.81 -71.38 -77.50
N VAL LB 133 -151.53 -70.23 -76.92
CA VAL LB 133 -150.17 -69.78 -76.76
C VAL LB 133 -149.81 -70.06 -75.34
N ASP LB 134 -148.98 -71.08 -75.12
CA ASP LB 134 -148.48 -71.39 -73.78
C ASP LB 134 -147.10 -70.74 -73.52
N GLY LB 135 -146.74 -70.46 -72.27
CA GLY LB 135 -145.34 -70.03 -72.08
C GLY LB 135 -144.29 -71.12 -72.38
N THR LB 136 -143.58 -71.56 -71.35
CA THR LB 136 -142.58 -72.61 -71.50
C THR LB 136 -143.00 -73.91 -70.81
N SER LB 137 -144.15 -73.89 -70.14
CA SER LB 137 -144.67 -75.08 -69.46
C SER LB 137 -145.66 -75.75 -70.39
N GLN LB 138 -145.29 -76.92 -70.89
CA GLN LB 138 -146.12 -77.66 -71.85
C GLN LB 138 -147.04 -78.75 -71.34
N SER LB 139 -146.82 -79.24 -70.12
CA SER LB 139 -147.67 -80.31 -69.62
C SER LB 139 -147.69 -80.38 -68.10
N VAL LB 140 -148.88 -80.56 -67.55
CA VAL LB 140 -149.03 -80.69 -66.10
C VAL LB 140 -149.40 -82.15 -65.88
N ASP LB 214 -106.56 -71.98 -63.09
CA ASP LB 214 -106.56 -71.83 -61.61
C ASP LB 214 -107.63 -70.84 -61.12
N ASP LB 215 -107.91 -69.82 -61.92
CA ASP LB 215 -108.82 -68.73 -61.57
C ASP LB 215 -110.25 -69.26 -61.67
N THR LB 216 -110.45 -70.20 -62.60
CA THR LB 216 -111.76 -70.75 -62.98
C THR LB 216 -111.52 -71.73 -64.14
N LEU LB 217 -112.24 -72.83 -64.04
CA LEU LB 217 -112.31 -73.79 -65.14
C LEU LB 217 -113.60 -73.53 -65.92
N SER LB 218 -113.45 -73.41 -67.23
CA SER LB 218 -114.59 -73.15 -68.12
C SER LB 218 -114.98 -74.43 -68.86
N ILE LB 219 -116.28 -74.69 -68.85
CA ILE LB 219 -116.87 -75.79 -69.63
C ILE LB 219 -117.72 -75.16 -70.73
N ARG LB 220 -117.43 -75.57 -71.96
CA ARG LB 220 -118.14 -75.06 -73.13
C ARG LB 220 -118.86 -76.22 -73.82
N ALA LB 221 -120.14 -75.99 -74.10
CA ALA LB 221 -120.98 -76.95 -74.83
C ALA LB 221 -121.53 -76.23 -76.06
N ASP LB 222 -121.09 -76.68 -77.23
CA ASP LB 222 -121.51 -76.06 -78.49
C ASP LB 222 -122.59 -76.94 -79.13
N GLY LB 223 -123.65 -76.27 -79.57
CA GLY LB 223 -124.81 -76.95 -80.18
C GLY LB 223 -125.88 -75.92 -80.52
N ASP LB 224 -126.90 -76.40 -81.20
CA ASP LB 224 -128.05 -75.58 -81.64
C ASP LB 224 -128.89 -74.99 -80.49
N ILE LB 225 -129.06 -75.77 -79.44
CA ILE LB 225 -129.92 -75.40 -78.31
C ILE LB 225 -129.36 -74.18 -77.52
N ALA LB 226 -129.60 -74.03 -76.22
CA ALA LB 226 -130.14 -75.03 -75.29
C ALA LB 226 -130.87 -74.49 -74.12
N ARG LB 227 -131.93 -75.19 -73.76
CA ARG LB 227 -132.48 -74.95 -72.42
C ARG LB 227 -131.74 -75.86 -71.43
N TYR LB 228 -131.35 -75.25 -70.32
CA TYR LB 228 -130.57 -75.95 -69.30
C TYR LB 228 -131.04 -75.55 -67.90
N GLU LB 229 -130.65 -76.37 -66.94
CA GLU LB 229 -130.75 -76.04 -65.51
C GLU LB 229 -129.48 -76.52 -64.82
N VAL LB 230 -128.96 -75.69 -63.95
CA VAL LB 230 -127.75 -76.02 -63.18
C VAL LB 230 -128.10 -76.02 -61.69
N LEU LB 231 -127.53 -76.98 -60.98
CA LEU LB 231 -127.72 -77.10 -59.53
C LEU LB 231 -126.53 -77.85 -58.91
N GLU LB 232 -126.47 -77.78 -57.59
CA GLU LB 232 -125.43 -78.40 -56.78
C GLU LB 232 -125.87 -79.66 -55.99
N LEU LB 233 -124.92 -80.53 -55.71
CA LEU LB 233 -125.11 -81.68 -54.83
C LEU LB 233 -123.93 -81.76 -53.87
N ALA LB 234 -124.15 -82.40 -52.73
CA ALA LB 234 -123.09 -82.61 -51.73
C ALA LB 234 -122.87 -84.10 -51.48
N ASP LB 235 -121.75 -84.40 -50.82
CA ASP LB 235 -121.38 -85.77 -50.43
C ASP LB 235 -121.47 -86.76 -51.62
N PRO LB 236 -120.56 -86.61 -52.59
CA PRO LB 236 -119.51 -85.59 -52.64
C PRO LB 236 -120.02 -84.31 -53.32
N PRO LB 237 -119.29 -83.21 -53.15
CA PRO LB 237 -119.64 -81.93 -53.79
C PRO LB 237 -119.61 -82.11 -55.32
N ARG LB 238 -120.68 -81.64 -55.94
CA ARG LB 238 -120.91 -81.84 -57.38
C ARG LB 238 -121.67 -80.66 -57.96
N LEU LB 239 -121.44 -80.40 -59.23
CA LEU LB 239 -122.26 -79.45 -60.01
C LEU LB 239 -122.90 -80.27 -61.13
N ALA LB 240 -124.20 -80.07 -61.31
CA ALA LB 240 -124.97 -80.83 -62.31
C ALA LB 240 -125.67 -79.88 -63.27
N VAL LB 241 -125.56 -80.20 -64.55
CA VAL LB 241 -126.25 -79.46 -65.61
C VAL LB 241 -127.15 -80.43 -66.38
N ASP LB 242 -128.41 -80.04 -66.52
CA ASP LB 242 -129.35 -80.77 -67.37
C ASP LB 242 -129.63 -79.96 -68.63
N LEU LB 243 -129.46 -80.63 -69.75
CA LEU LB 243 -129.65 -80.03 -71.07
C LEU LB 243 -130.84 -80.65 -71.76
N PHE LB 244 -131.71 -79.81 -72.30
CA PHE LB 244 -132.89 -80.31 -72.99
C PHE LB 244 -132.82 -80.09 -74.50
N GLY LB 245 -133.61 -80.93 -75.17
CA GLY LB 245 -133.60 -81.03 -76.65
C GLY LB 245 -132.30 -81.68 -77.14
N VAL LB 246 -131.68 -82.48 -76.27
CA VAL LB 246 -130.46 -83.22 -76.64
C VAL LB 246 -130.68 -84.72 -76.48
N GLY LB 247 -130.13 -85.41 -77.46
CA GLY LB 247 -129.94 -86.87 -77.36
C GLY LB 247 -128.44 -87.12 -77.17
N LEU LB 248 -128.15 -88.01 -76.23
CA LEU LB 248 -126.75 -88.38 -75.93
C LEU LB 248 -126.08 -88.90 -77.21
N ALA LB 249 -124.81 -88.57 -77.37
CA ALA LB 249 -124.07 -88.94 -78.58
C ALA LB 249 -122.58 -89.04 -78.28
N THR LB 250 -121.88 -89.70 -79.20
CA THR LB 250 -120.45 -89.96 -79.08
C THR LB 250 -119.68 -88.66 -78.84
N ARG LB 251 -120.16 -87.51 -79.32
CA ARG LB 251 -119.47 -86.22 -79.06
C ARG LB 251 -119.49 -85.81 -77.58
N ALA LB 252 -120.34 -86.48 -76.79
CA ALA LB 252 -120.34 -86.34 -75.33
C ALA LB 252 -118.90 -86.48 -74.76
N PRO LB 253 -118.02 -87.33 -75.26
CA PRO LB 253 -116.62 -87.54 -74.84
C PRO LB 253 -115.78 -86.30 -74.83
N ARG LB 254 -116.04 -85.36 -75.75
CA ARG LB 254 -115.34 -84.07 -75.72
C ARG LB 254 -115.54 -83.38 -74.36
N VAL LB 255 -116.52 -83.89 -73.61
CA VAL LB 255 -116.85 -83.48 -72.24
C VAL LB 255 -115.70 -83.76 -71.26
N LYS LB 256 -114.84 -84.72 -71.59
CA LYS LB 256 -113.72 -85.10 -70.70
C LYS LB 256 -112.85 -83.89 -70.35
N SER LB 257 -112.87 -82.91 -71.26
CA SER LB 257 -112.10 -81.66 -71.12
C SER LB 257 -112.47 -80.81 -69.91
N GLY LB 258 -113.66 -81.09 -69.37
CA GLY LB 258 -114.18 -80.18 -68.40
C GLY LB 258 -114.30 -80.74 -67.01
N ALA LB 259 -113.88 -81.98 -66.68
CA ALA LB 259 -113.80 -82.56 -65.31
C ALA LB 259 -112.80 -81.84 -64.39
N LEU LB 260 -113.00 -81.64 -63.07
CA LEU LB 260 -114.18 -81.78 -62.21
C LEU LB 260 -113.95 -82.88 -61.22
N ARG LB 261 -112.70 -83.06 -60.80
CA ARG LB 261 -112.21 -84.36 -60.34
C ARG LB 261 -112.55 -85.47 -61.40
N ASP LB 262 -113.71 -85.39 -62.03
CA ASP LB 262 -114.37 -86.15 -63.07
C ASP LB 262 -115.73 -85.55 -63.49
N VAL LB 263 -116.10 -85.97 -64.67
CA VAL LB 263 -117.37 -85.64 -65.31
C VAL LB 263 -118.05 -86.91 -65.86
N ARG LB 264 -119.29 -87.12 -65.47
CA ARG LB 264 -120.09 -88.21 -66.03
C ARG LB 264 -121.36 -87.67 -66.68
N VAL LB 265 -121.75 -88.30 -67.77
CA VAL LB 265 -122.90 -87.84 -68.57
C VAL LB 265 -123.82 -89.03 -68.85
N GLY LB 266 -125.12 -88.73 -68.86
CA GLY LB 266 -126.14 -89.75 -69.16
C GLY LB 266 -127.42 -89.09 -69.67
N ALA LB 267 -128.44 -89.92 -69.85
CA ALA LB 267 -129.75 -89.47 -70.36
C ALA LB 267 -130.81 -90.50 -70.00
N HIS LB 268 -132.03 -90.00 -69.82
CA HIS LB 268 -133.16 -90.85 -69.42
C HIS LB 268 -134.42 -90.46 -70.20
N ALA LB 269 -134.38 -90.74 -71.51
CA ALA LB 269 -135.51 -90.42 -72.40
C ALA LB 269 -135.98 -88.98 -72.21
N ASP LB 270 -135.00 -88.12 -71.92
CA ASP LB 270 -135.35 -86.71 -71.94
C ASP LB 270 -134.41 -85.93 -72.86
N LYS LB 271 -133.32 -85.22 -72.54
CA LYS LB 271 -132.66 -84.69 -71.30
C LYS LB 271 -131.36 -85.43 -70.99
N VAL LB 272 -130.30 -84.68 -71.17
CA VAL LB 272 -128.98 -85.17 -70.82
C VAL LB 272 -128.56 -84.50 -69.51
N ARG LB 273 -127.92 -85.28 -68.66
CA ARG LB 273 -127.41 -84.78 -67.38
C ARG LB 273 -125.89 -84.91 -67.35
N LEU LB 274 -125.26 -83.78 -67.06
CA LEU LB 274 -123.81 -83.71 -66.91
C LEU LB 274 -123.52 -83.44 -65.43
N VAL LB 275 -122.65 -84.28 -64.90
CA VAL LB 275 -122.31 -84.28 -63.47
C VAL LB 275 -120.80 -84.08 -63.33
N LEU LB 276 -120.44 -83.09 -62.55
CA LEU LB 276 -119.07 -82.63 -62.27
C LEU LB 276 -118.75 -82.83 -60.81
N ASP LB 277 -117.98 -83.82 -60.51
CA ASP LB 277 -117.47 -83.94 -59.16
C ASP LB 277 -116.43 -82.81 -58.87
N VAL LB 278 -116.39 -82.21 -57.73
CA VAL LB 278 -115.46 -81.07 -57.58
C VAL LB 278 -114.28 -81.38 -56.66
N ARG LB 279 -113.23 -80.58 -56.82
CA ARG LB 279 -112.07 -80.62 -55.91
C ARG LB 279 -112.11 -79.48 -54.88
N GLY LB 280 -113.07 -78.56 -55.06
CA GLY LB 280 -113.21 -77.37 -54.20
C GLY LB 280 -114.57 -76.69 -54.42
N THR LB 281 -115.04 -75.95 -53.43
CA THR LB 281 -116.34 -75.27 -53.57
C THR LB 281 -116.31 -74.25 -54.72
N MET LB 282 -117.38 -74.24 -55.50
CA MET LB 282 -117.48 -73.32 -56.65
C MET LB 282 -118.75 -72.45 -56.55
N LYS LB 341 -124.49 -56.86 -41.30
CA LYS LB 341 -123.17 -56.84 -40.71
C LYS LB 341 -123.13 -56.00 -39.45
N ASP LB 342 -122.22 -56.33 -38.54
CA ASP LB 342 -122.09 -55.59 -37.28
C ASP LB 342 -120.89 -56.10 -36.49
N VAL LB 343 -120.41 -55.27 -35.57
CA VAL LB 343 -119.27 -55.62 -34.73
C VAL LB 343 -119.66 -55.68 -33.25
N ARG LB 344 -118.91 -56.45 -32.48
CA ARG LB 344 -119.17 -56.59 -31.04
C ARG LB 344 -117.88 -56.87 -30.28
N PHE LB 345 -117.88 -56.53 -28.99
CA PHE LB 345 -116.71 -56.75 -28.15
C PHE LB 345 -117.10 -57.40 -26.83
N GLU LB 346 -116.20 -58.22 -26.30
CA GLU LB 346 -116.46 -58.91 -25.04
C GLU LB 346 -115.17 -59.46 -24.45
N GLU LB 347 -115.13 -60.17 -23.42
CA GLU LB 347 -113.92 -60.75 -22.91
C GLU LB 347 -114.13 -62.17 -22.39
N SER LB 348 -113.06 -62.94 -22.44
CA SER LB 348 -113.09 -64.25 -21.84
C SER LB 348 -111.71 -64.46 -21.24
N SER LB 349 -111.44 -65.66 -20.76
CA SER LB 349 -110.17 -65.85 -19.98
C SER LB 349 -108.98 -65.61 -20.92
N SER LB 350 -109.11 -65.95 -22.19
CA SER LB 350 -108.07 -65.61 -23.18
C SER LB 350 -107.89 -64.06 -23.31
N GLY LB 351 -108.78 -63.26 -22.70
CA GLY LB 351 -108.66 -61.81 -22.81
C GLY LB 351 -109.82 -61.13 -23.55
N GLY LB 352 -109.46 -60.16 -24.40
CA GLY LB 352 -110.45 -59.40 -25.18
C GLY LB 352 -110.83 -60.12 -26.48
N ARG LB 353 -112.06 -60.07 -26.79
CA ARG LB 353 -112.70 -60.77 -27.89
C ARG LB 353 -113.52 -59.81 -28.74
N ILE LB 354 -113.42 -59.98 -30.06
CA ILE LB 354 -114.16 -59.12 -30.99
C ILE LB 354 -115.06 -59.96 -31.90
N VAL LB 355 -116.31 -60.16 -31.46
CA VAL LB 355 -117.27 -60.93 -32.24
C VAL LB 355 -117.86 -60.08 -33.37
N MET LB 356 -117.58 -60.49 -34.60
CA MET LB 356 -118.07 -59.78 -35.77
C MET LB 356 -119.16 -60.58 -36.48
N LYS LB 357 -120.23 -59.91 -36.89
CA LYS LB 357 -121.33 -60.55 -37.57
C LYS LB 357 -121.19 -60.41 -39.09
N LEU LB 358 -120.91 -61.52 -39.76
CA LEU LB 358 -120.76 -61.52 -41.21
C LEU LB 358 -121.90 -62.27 -41.88
N SER LB 359 -122.89 -61.52 -42.36
CA SER LB 359 -124.04 -62.12 -43.02
C SER LB 359 -123.90 -62.03 -44.54
N GLY LB 360 -123.70 -63.17 -45.18
CA GLY LB 360 -123.54 -63.20 -46.62
C GLY LB 360 -122.13 -63.52 -47.06
N THR LB 361 -121.37 -64.14 -46.17
CA THR LB 361 -119.98 -64.50 -46.45
C THR LB 361 -119.80 -66.02 -46.47
N SER LB 362 -118.87 -66.49 -47.30
CA SER LB 362 -118.61 -67.91 -47.41
C SER LB 362 -117.20 -68.25 -46.91
N GLY LB 363 -116.20 -67.85 -47.68
CA GLY LB 363 -114.82 -68.11 -47.30
C GLY LB 363 -114.41 -67.36 -46.05
N TRP LB 364 -113.13 -66.98 -45.98
CA TRP LB 364 -112.62 -66.25 -44.82
C TRP LB 364 -111.93 -64.96 -45.26
N LYS LB 365 -112.06 -63.92 -44.44
CA LYS LB 365 -111.46 -62.61 -44.73
C LYS LB 365 -109.94 -62.63 -44.61
N VAL LB 366 -109.32 -61.48 -44.85
CA VAL LB 366 -107.86 -61.38 -44.77
C VAL LB 366 -107.43 -60.80 -43.43
N ASP LB 367 -106.91 -61.65 -42.56
CA ASP LB 367 -106.46 -61.22 -41.24
C ASP LB 367 -105.04 -60.69 -41.29
N ARG LB 368 -104.86 -59.42 -40.94
CA ARG LB 368 -103.54 -58.80 -40.95
C ARG LB 368 -103.17 -58.29 -39.56
N PRO LB 369 -102.42 -59.10 -38.83
CA PRO LB 369 -101.99 -58.75 -37.49
C PRO LB 369 -100.81 -57.78 -37.52
N ASP LB 370 -101.07 -56.53 -37.16
CA ASP LB 370 -100.02 -55.51 -37.16
C ASP LB 370 -99.58 -55.18 -35.74
N PRO LB 371 -98.47 -54.47 -35.61
CA PRO LB 371 -97.94 -54.09 -34.30
C PRO LB 371 -98.75 -52.94 -33.70
N ARG LB 372 -99.56 -52.29 -34.53
CA ARG LB 372 -100.39 -51.18 -34.09
C ARG LB 372 -101.84 -51.62 -33.90
N SER LB 373 -102.47 -52.05 -34.99
CA SER LB 373 -103.86 -52.50 -34.95
C SER LB 373 -104.06 -53.74 -35.81
N ALA LB 374 -105.31 -54.10 -36.05
CA ALA LB 374 -105.63 -55.26 -36.86
C ALA LB 374 -106.39 -54.86 -38.11
N VAL LB 375 -106.36 -55.72 -39.13
CA VAL LB 375 -107.04 -55.46 -40.38
C VAL LB 375 -107.81 -56.68 -40.86
N LEU LB 376 -109.08 -56.49 -41.21
CA LEU LB 376 -109.91 -57.58 -41.68
C LEU LB 376 -110.77 -57.15 -42.87
N THR LB 377 -110.43 -57.66 -44.05
CA THR LB 377 -111.16 -57.33 -45.26
C THR LB 377 -112.09 -58.46 -45.68
N LEU LB 378 -113.31 -58.10 -46.09
CA LEU LB 378 -114.29 -59.09 -46.51
C LEU LB 378 -114.81 -58.77 -47.91
N ASP LB 379 -114.26 -59.45 -48.90
CA ASP LB 379 -114.66 -59.24 -50.29
C ASP LB 379 -116.16 -59.52 -50.46
N ASN LB 380 -116.84 -58.64 -51.18
CA ASN LB 380 -118.28 -58.79 -51.42
C ASN LB 380 -119.05 -58.72 -50.11
N ALA LB 381 -118.49 -58.02 -49.12
CA ALA LB 381 -119.13 -57.89 -47.82
C ALA LB 381 -119.29 -56.42 -47.45
N ARG LB 382 -119.29 -55.56 -48.46
CA ARG LB 382 -119.43 -54.12 -48.24
C ARG LB 382 -120.57 -53.82 -47.28
N LEU LB 383 -120.24 -53.27 -46.11
CA LEU LB 383 -121.25 -52.94 -45.10
C LEU LB 383 -121.61 -51.47 -45.17
N PRO LB 384 -122.86 -51.15 -44.83
CA PRO LB 384 -123.37 -49.77 -44.85
C PRO LB 384 -122.76 -48.92 -43.73
N LYS LB 385 -122.69 -47.62 -43.96
CA LYS LB 385 -122.13 -46.69 -42.98
C LYS LB 385 -122.97 -46.67 -41.70
N LYS LB 386 -124.16 -47.24 -41.77
CA LYS LB 386 -125.07 -47.28 -40.63
C LYS LB 386 -124.77 -48.49 -39.75
N PHE LB 387 -123.69 -49.20 -40.05
CA PHE LB 387 -123.30 -50.37 -39.28
C PHE LB 387 -121.80 -50.36 -38.98
N GLU LB 388 -121.15 -49.26 -39.34
CA GLU LB 388 -119.71 -49.12 -39.11
C GLU LB 388 -119.43 -48.50 -37.75
N ARG LB 389 -120.37 -48.64 -36.83
CA ARG LB 389 -120.22 -48.09 -35.49
C ARG LB 389 -118.97 -48.62 -34.83
N SER LB 390 -118.38 -47.81 -33.94
CA SER LB 390 -117.16 -48.19 -33.23
C SER LB 390 -117.46 -48.51 -31.78
N LEU LB 391 -116.51 -49.17 -31.12
CA LEU LB 391 -116.67 -49.53 -29.72
C LEU LB 391 -116.01 -48.51 -28.80
N ASP LB 392 -116.32 -48.59 -27.51
CA ASP LB 392 -115.75 -47.67 -26.53
C ASP LB 392 -115.21 -48.42 -25.33
N THR LB 393 -114.59 -49.56 -25.57
CA THR LB 393 -114.02 -50.39 -24.51
C THR LB 393 -112.72 -49.80 -24.00
N SER LB 394 -112.79 -48.60 -23.44
CA SER LB 394 -111.61 -47.93 -22.91
C SER LB 394 -111.42 -48.23 -21.43
N ALA LB 395 -110.18 -48.51 -21.04
CA ALA LB 395 -109.86 -48.83 -19.65
C ALA LB 395 -110.56 -50.12 -19.21
N LEU LB 396 -110.67 -51.07 -20.13
CA LEU LB 396 -111.31 -52.34 -19.85
C LEU LB 396 -110.28 -53.38 -19.39
N ASP LB 397 -109.05 -52.93 -19.20
CA ASP LB 397 -107.98 -53.82 -18.77
C ASP LB 397 -107.77 -54.95 -19.76
N THR LB 398 -107.73 -54.61 -21.04
CA THR LB 398 -107.53 -55.60 -22.09
C THR LB 398 -106.51 -55.12 -23.12
N PRO LB 399 -105.97 -56.07 -23.90
CA PRO LB 399 -104.97 -55.76 -24.93
C PRO LB 399 -105.57 -54.99 -26.11
N VAL LB 400 -106.90 -54.97 -26.19
CA VAL LB 400 -107.59 -54.26 -27.26
C VAL LB 400 -107.94 -52.84 -26.84
N LYS LB 401 -107.25 -51.87 -27.42
CA LYS LB 401 -107.50 -50.47 -27.11
C LYS LB 401 -108.95 -50.10 -27.38
N MET LB 402 -109.40 -50.33 -28.61
CA MET LB 402 -110.78 -50.02 -28.99
C MET LB 402 -111.07 -50.53 -30.40
N ILE LB 403 -112.26 -51.07 -30.59
CA ILE LB 403 -112.68 -51.59 -31.88
C ILE LB 403 -113.28 -50.49 -32.75
N SER LB 404 -112.92 -50.49 -34.03
CA SER LB 404 -113.42 -49.49 -34.96
C SER LB 404 -113.83 -50.12 -36.28
N ALA LB 405 -115.08 -49.89 -36.68
CA ALA LB 405 -115.60 -50.45 -37.93
C ALA LB 405 -115.69 -49.37 -39.01
N PHE LB 406 -115.26 -49.70 -40.22
CA PHE LB 406 -115.30 -48.77 -41.33
C PHE LB 406 -115.70 -49.48 -42.62
N SER LB 407 -116.64 -48.89 -43.35
CA SER LB 407 -117.10 -49.46 -44.61
C SER LB 407 -116.10 -49.21 -45.73
N VAL LB 408 -116.25 -48.11 -46.46
CA VAL LB 408 -115.41 -47.87 -47.62
C VAL LB 408 -113.93 -47.77 -47.26
N PRO LB 409 -113.09 -48.40 -48.10
CA PRO LB 409 -111.65 -48.15 -47.89
C PRO LB 409 -110.92 -48.19 -49.25
N GLY LB 410 -111.66 -47.89 -50.34
CA GLY LB 410 -111.00 -47.68 -51.62
C GLY LB 410 -111.01 -48.86 -52.55
N ALA LB 411 -111.67 -49.94 -52.14
CA ALA LB 411 -111.78 -51.13 -52.98
C ALA LB 411 -113.26 -51.49 -53.09
N GLY LB 412 -113.77 -51.59 -54.32
CA GLY LB 412 -115.17 -52.00 -54.50
C GLY LB 412 -115.47 -53.27 -53.72
N GLY LB 413 -116.64 -53.30 -53.10
CA GLY LB 413 -117.26 -54.41 -52.42
C GLY LB 413 -116.57 -54.86 -51.12
N LYS LB 414 -115.37 -54.40 -50.81
CA LYS LB 414 -114.60 -54.81 -49.66
C LYS LB 414 -115.04 -54.09 -48.40
N VAL LB 415 -114.86 -54.73 -47.24
CA VAL LB 415 -115.00 -54.04 -45.94
C VAL LB 415 -113.74 -54.20 -45.09
N ARG LB 416 -113.67 -53.32 -44.07
CA ARG LB 416 -112.42 -53.25 -43.33
C ARG LB 416 -112.69 -53.08 -41.83
N LEU LB 417 -111.86 -53.72 -41.01
CA LEU LB 417 -112.01 -53.63 -39.57
C LEU LB 417 -110.71 -53.17 -38.91
N VAL LB 418 -110.81 -52.25 -37.96
CA VAL LB 418 -109.64 -51.73 -37.26
C VAL LB 418 -109.74 -51.99 -35.76
N VAL LB 419 -108.91 -52.89 -35.27
CA VAL LB 419 -108.90 -53.22 -33.84
C VAL LB 419 -107.60 -52.79 -33.19
N ALA LB 420 -107.56 -51.54 -32.73
CA ALA LB 420 -106.38 -51.01 -32.07
C ALA LB 420 -105.97 -51.86 -30.88
N ALA LB 421 -104.68 -52.06 -30.71
CA ALA LB 421 -104.16 -52.86 -29.60
C ALA LB 421 -103.01 -52.13 -28.89
N ASP LB 422 -102.45 -52.78 -27.88
CA ASP LB 422 -101.35 -52.21 -27.12
C ASP LB 422 -100.44 -53.29 -26.56
N GLY LB 423 -99.16 -52.97 -26.40
CA GLY LB 423 -98.21 -53.93 -25.88
C GLY LB 423 -98.22 -55.24 -26.63
N ALA LB 424 -97.49 -56.22 -26.14
CA ALA LB 424 -97.42 -57.53 -26.78
C ALA LB 424 -98.75 -58.28 -26.63
N ILE LB 425 -99.20 -58.88 -27.73
CA ILE LB 425 -100.45 -59.63 -27.73
C ILE LB 425 -100.49 -60.65 -28.86
N GLU LB 426 -101.53 -61.48 -28.88
CA GLU LB 426 -101.67 -62.50 -29.90
C GLU LB 426 -103.10 -62.52 -30.45
N GLU LB 427 -103.22 -62.73 -31.76
CA GLU LB 427 -104.52 -62.78 -32.40
C GLU LB 427 -104.97 -64.21 -32.63
N LYS LB 428 -106.25 -64.47 -32.40
CA LYS LB 428 -106.80 -65.81 -32.58
C LYS LB 428 -108.20 -65.75 -33.19
N VAL LB 429 -108.32 -66.16 -34.44
CA VAL LB 429 -109.59 -66.16 -35.14
C VAL LB 429 -110.35 -67.46 -34.90
N SER LB 430 -111.66 -67.36 -34.74
CA SER LB 430 -112.50 -68.53 -34.51
C SER LB 430 -113.77 -68.46 -35.34
N GLN LB 431 -114.07 -69.55 -36.04
CA GLN LB 431 -115.26 -69.62 -36.89
C GLN LB 431 -116.25 -70.67 -36.37
N SER LB 432 -117.18 -70.23 -35.54
CA SER LB 432 -118.18 -71.12 -34.97
C SER LB 432 -119.25 -71.47 -36.00
N ALA LB 433 -119.20 -70.81 -37.15
CA ALA LB 433 -120.17 -71.06 -38.22
C ALA LB 433 -119.86 -70.20 -39.44
N GLY LB 434 -120.39 -70.60 -40.60
CA GLY LB 434 -120.19 -69.89 -41.86
C GLY LB 434 -120.90 -68.54 -41.89
N THR LB 435 -120.30 -67.55 -41.23
CA THR LB 435 -120.89 -66.23 -41.19
C THR LB 435 -120.52 -65.46 -39.93
N LEU LB 436 -120.25 -66.20 -38.85
CA LEU LB 436 -119.89 -65.59 -37.58
C LEU LB 436 -118.38 -65.62 -37.38
N SER LB 437 -117.77 -64.45 -37.31
CA SER LB 437 -116.33 -64.34 -37.11
C SER LB 437 -116.01 -63.82 -35.71
N TRP LB 438 -114.87 -64.26 -35.17
CA TRP LB 438 -114.45 -63.84 -33.84
C TRP LB 438 -112.94 -63.63 -33.79
N ARG LB 439 -112.51 -62.75 -32.89
CA ARG LB 439 -111.09 -62.45 -32.75
C ARG LB 439 -110.70 -62.37 -31.26
N LEU LB 440 -110.04 -63.42 -30.77
CA LEU LB 440 -109.62 -63.46 -29.38
C LEU LB 440 -108.26 -62.79 -29.20
N TYR LB 477 -88.79 -49.08 9.00
CA TYR LB 477 -88.20 -50.30 9.58
C TYR LB 477 -89.30 -51.26 9.97
N ARG LB 478 -90.07 -51.65 8.94
CA ARG LB 478 -91.04 -52.74 9.03
C ARG LB 478 -91.44 -53.12 7.61
N GLY LB 479 -91.58 -54.42 7.36
CA GLY LB 479 -91.84 -54.90 6.02
C GLY LB 479 -92.43 -56.31 5.92
N LYS LB 480 -92.86 -56.71 4.72
CA LYS LB 480 -93.13 -58.13 4.42
C LYS LB 480 -91.86 -58.97 4.64
N ARG LB 481 -92.09 -60.23 5.00
CA ARG LB 481 -91.06 -61.27 5.11
C ARG LB 481 -90.65 -61.84 3.79
N VAL LB 482 -89.37 -62.16 3.73
CA VAL LB 482 -88.69 -62.43 2.48
C VAL LB 482 -87.57 -63.44 2.71
N SER LB 483 -87.00 -63.94 1.62
CA SER LB 483 -85.76 -64.70 1.65
C SER LB 483 -84.86 -64.08 0.60
N PHE LB 484 -83.73 -63.56 1.06
CA PHE LB 484 -82.69 -62.99 0.22
C PHE LB 484 -81.61 -63.91 -0.17
N GLU LB 485 -81.55 -64.28 -1.43
CA GLU LB 485 -80.47 -65.08 -1.93
C GLU LB 485 -79.76 -64.30 -3.01
N PHE LB 486 -78.51 -63.92 -2.73
CA PHE LB 486 -77.61 -63.17 -3.61
C PHE LB 486 -76.28 -63.83 -3.80
N LYS LB 487 -76.08 -64.44 -4.96
CA LYS LB 487 -74.84 -65.12 -5.28
C LYS LB 487 -73.97 -64.29 -6.20
N ASP LB 488 -73.10 -63.49 -5.60
CA ASP LB 488 -72.06 -62.73 -6.32
C ASP LB 488 -72.79 -61.71 -7.22
N ILE LB 489 -73.39 -60.71 -6.57
CA ILE LB 489 -74.14 -59.64 -7.25
C ILE LB 489 -73.80 -58.26 -6.72
N ASP LB 490 -73.91 -57.27 -7.60
CA ASP LB 490 -73.67 -55.89 -7.21
C ASP LB 490 -74.65 -55.45 -6.15
N ILE LB 491 -74.16 -54.82 -5.08
CA ILE LB 491 -75.05 -54.29 -4.04
C ILE LB 491 -76.05 -53.30 -4.64
N GLN LB 492 -75.67 -52.59 -5.70
CA GLN LB 492 -76.56 -51.74 -6.47
C GLN LB 492 -77.71 -52.52 -7.10
N ASN LB 493 -77.44 -53.70 -7.62
CA ASN LB 493 -78.49 -54.58 -8.07
C ASN LB 493 -79.36 -55.00 -6.90
N LEU LB 494 -78.78 -55.50 -5.79
CA LEU LB 494 -79.61 -55.89 -4.65
C LEU LB 494 -80.49 -54.76 -4.17
N LEU LB 495 -79.93 -53.57 -4.14
CA LEU LB 495 -80.67 -52.39 -3.83
C LEU LB 495 -81.88 -52.18 -4.75
N ARG LB 496 -81.68 -52.15 -6.07
CA ARG LB 496 -82.76 -51.92 -7.06
C ARG LB 496 -83.83 -52.95 -6.96
N VAL LB 497 -83.38 -54.19 -6.87
CA VAL LB 497 -84.24 -55.31 -6.65
C VAL LB 497 -85.09 -55.02 -5.40
N ILE LB 498 -84.43 -54.61 -4.32
CA ILE LB 498 -85.13 -54.22 -3.11
C ILE LB 498 -86.05 -53.02 -3.39
N ALA LB 499 -85.75 -52.02 -4.20
CA ALA LB 499 -86.79 -51.04 -4.59
C ALA LB 499 -87.94 -51.58 -5.48
N GLU LB 500 -87.69 -52.55 -6.35
CA GLU LB 500 -88.69 -53.19 -7.25
C GLU LB 500 -89.73 -54.03 -6.52
N ILE LB 501 -89.41 -54.39 -5.29
CA ILE LB 501 -90.25 -55.10 -4.34
C ILE LB 501 -90.98 -54.07 -3.38
N SER LB 502 -91.04 -52.74 -3.66
CA SER LB 502 -91.79 -51.70 -2.88
C SER LB 502 -91.23 -51.39 -1.50
N LYS LB 503 -90.02 -51.88 -1.29
CA LYS LB 503 -89.18 -51.55 -0.18
C LYS LB 503 -88.52 -50.22 -0.44
N LYS LB 504 -89.37 -49.19 -0.40
CA LYS LB 504 -89.07 -47.82 -0.79
C LYS LB 504 -88.77 -47.73 -2.28
N ASN LB 505 -88.43 -46.52 -2.72
CA ASN LB 505 -87.59 -46.36 -3.89
C ASN LB 505 -86.16 -46.19 -3.36
N ILE LB 506 -85.30 -47.17 -3.57
CA ILE LB 506 -83.90 -47.07 -3.19
C ILE LB 506 -83.06 -46.57 -4.38
N VAL LB 507 -82.14 -45.63 -4.12
CA VAL LB 507 -81.12 -45.13 -5.07
C VAL LB 507 -79.77 -45.05 -4.36
N VAL LB 508 -78.71 -45.59 -4.96
CA VAL LB 508 -77.35 -45.42 -4.40
C VAL LB 508 -76.80 -44.02 -4.76
N ALA LB 509 -75.60 -43.67 -4.27
CA ALA LB 509 -74.66 -42.84 -5.04
C ALA LB 509 -74.26 -43.54 -6.37
N ASP LB 510 -73.18 -43.14 -7.06
CA ASP LB 510 -72.73 -43.95 -8.23
C ASP LB 510 -71.90 -45.14 -7.72
N ASP LB 511 -70.63 -44.86 -7.35
CA ASP LB 511 -69.72 -45.95 -6.96
C ASP LB 511 -69.73 -46.13 -5.44
N VAL LB 512 -70.63 -47.02 -5.03
CA VAL LB 512 -70.79 -47.36 -3.63
C VAL LB 512 -69.77 -48.37 -3.11
N SER LB 513 -69.42 -49.43 -3.87
CA SER LB 513 -68.73 -50.58 -3.26
C SER LB 513 -68.32 -51.59 -4.33
N GLY LB 514 -69.19 -52.55 -4.58
CA GLY LB 514 -69.00 -53.61 -5.54
C GLY LB 514 -70.08 -54.66 -5.37
N LYS LB 515 -69.60 -55.90 -5.37
CA LYS LB 515 -70.37 -57.13 -5.34
C LYS LB 515 -70.32 -57.81 -3.96
N VAL LB 516 -71.44 -58.43 -3.55
CA VAL LB 516 -71.55 -59.19 -2.29
C VAL LB 516 -72.34 -60.48 -2.48
N THR LB 517 -72.10 -61.42 -1.55
CA THR LB 517 -72.88 -62.64 -1.38
C THR LB 517 -73.54 -62.75 -0.01
N ILE LB 518 -74.86 -62.93 0.00
CA ILE LB 518 -75.65 -63.24 1.21
C ILE LB 518 -76.75 -64.27 0.87
N ARG LB 519 -77.23 -65.04 1.85
CA ARG LB 519 -78.42 -65.89 1.75
C ARG LB 519 -79.26 -66.05 3.02
N LEU LB 520 -80.37 -65.37 2.99
CA LEU LB 520 -81.29 -65.20 4.08
C LEU LB 520 -82.54 -66.00 3.83
N ARG LB 521 -83.14 -66.46 4.92
CA ARG LB 521 -84.50 -66.99 4.88
C ARG LB 521 -85.34 -66.40 6.00
N ASN LB 522 -86.61 -66.20 5.70
CA ASN LB 522 -87.64 -65.73 6.64
C ASN LB 522 -87.30 -64.39 7.31
N VAL LB 523 -86.68 -63.45 6.61
CA VAL LB 523 -86.28 -62.16 7.20
C VAL LB 523 -87.11 -61.08 6.53
N PRO LB 524 -87.85 -60.21 7.22
CA PRO LB 524 -88.32 -58.97 6.64
C PRO LB 524 -87.19 -58.19 6.05
N TRP LB 525 -87.50 -57.56 4.95
CA TRP LB 525 -86.46 -56.99 4.15
C TRP LB 525 -85.67 -55.85 4.75
N ASP LB 526 -86.36 -55.00 5.50
CA ASP LB 526 -85.84 -53.76 6.08
C ASP LB 526 -84.77 -54.05 7.11
N GLN LB 527 -84.90 -55.26 7.65
CA GLN LB 527 -83.87 -55.91 8.37
C GLN LB 527 -82.83 -56.56 7.47
N ALA LB 528 -83.20 -57.40 6.50
CA ALA LB 528 -82.22 -58.02 5.62
C ALA LB 528 -81.28 -56.97 5.01
N LEU LB 529 -81.82 -55.76 4.74
CA LEU LB 529 -81.13 -54.51 4.45
C LEU LB 529 -80.15 -54.09 5.53
N ASP LB 530 -80.56 -53.79 6.77
CA ASP LB 530 -79.64 -53.36 7.86
C ASP LB 530 -78.45 -54.31 8.01
N LEU LB 531 -78.83 -55.55 7.86
CA LEU LB 531 -77.96 -56.67 7.84
C LEU LB 531 -77.02 -56.69 6.60
N VAL LB 532 -77.50 -56.25 5.42
CA VAL LB 532 -76.70 -56.17 4.16
C VAL LB 532 -75.63 -55.09 4.30
N LEU LB 533 -76.02 -53.94 4.85
CA LEU LB 533 -75.15 -52.81 5.21
C LEU LB 533 -73.89 -53.29 5.97
N ARG LB 534 -74.15 -54.03 7.06
CA ARG LB 534 -73.08 -54.61 7.92
C ARG LB 534 -72.15 -55.64 7.29
N THR LB 535 -72.66 -56.29 6.24
CA THR LB 535 -71.84 -57.28 5.53
C THR LB 535 -70.60 -56.60 4.94
N LYS LB 536 -70.83 -55.69 4.00
CA LYS LB 536 -69.80 -54.99 3.19
C LYS LB 536 -70.26 -53.57 2.90
N ALA LB 537 -71.56 -53.59 2.69
CA ALA LB 537 -72.32 -52.57 2.08
C ALA LB 537 -72.39 -51.38 3.03
N LEU LB 538 -73.28 -50.52 2.61
CA LEU LB 538 -73.21 -49.10 2.90
C LEU LB 538 -73.87 -48.75 4.22
N GLY LB 539 -74.10 -47.47 4.50
CA GLY LB 539 -75.20 -47.04 5.37
C GLY LB 539 -76.35 -46.43 4.55
N LYS LB 540 -77.57 -46.43 5.08
CA LYS LB 540 -78.75 -45.86 4.40
C LYS LB 540 -79.22 -44.56 5.07
N GLU LB 541 -79.58 -43.58 4.25
CA GLU LB 541 -80.27 -42.34 4.65
C GLU LB 541 -81.56 -42.18 3.84
N GLU LB 542 -82.70 -41.95 4.50
CA GLU LB 542 -83.98 -41.78 3.80
C GLU LB 542 -84.42 -40.32 3.71
N PHE LB 543 -84.72 -39.87 2.49
CA PHE LB 543 -85.43 -38.61 2.25
C PHE LB 543 -86.93 -38.66 2.58
N GLY LB 544 -87.53 -39.82 2.32
CA GLY LB 544 -88.88 -40.22 2.75
C GLY LB 544 -89.50 -41.14 1.69
N ASN LB 545 -89.71 -40.57 0.51
CA ASN LB 545 -90.16 -41.33 -0.67
C ASN LB 545 -89.04 -42.16 -1.29
N ILE LB 546 -87.90 -41.48 -1.50
CA ILE LB 546 -86.66 -42.09 -1.96
C ILE LB 546 -85.73 -42.22 -0.77
N ILE LB 547 -84.82 -43.17 -0.83
CA ILE LB 547 -83.74 -43.33 0.14
C ILE LB 547 -82.42 -43.30 -0.65
N ARG LB 548 -81.42 -42.58 -0.14
CA ARG LB 548 -80.07 -42.62 -0.68
C ARG LB 548 -79.16 -43.52 0.14
N ILE LB 549 -78.40 -44.33 -0.56
CA ILE LB 549 -77.39 -45.20 0.05
C ILE LB 549 -76.02 -44.79 -0.42
N ALA LB 550 -75.12 -44.59 0.54
CA ALA LB 550 -73.80 -44.08 0.24
C ALA LB 550 -72.68 -44.92 0.85
N PRO LB 551 -71.50 -44.91 0.19
CA PRO LB 551 -70.22 -45.45 0.67
C PRO LB 551 -69.61 -44.64 1.82
N ASP LB 574 -72.07 -69.84 1.74
CA ASP LB 574 -72.98 -68.76 2.11
C ASP LB 574 -72.89 -68.30 3.57
N LEU LB 575 -73.28 -67.05 3.63
CA LEU LB 575 -73.73 -66.41 4.83
C LEU LB 575 -75.18 -66.59 4.84
N MET LB 576 -75.65 -66.69 6.05
CA MET LB 576 -77.04 -66.80 6.19
C MET LB 576 -77.58 -66.06 7.36
N VAL LB 577 -78.87 -65.88 7.19
CA VAL LB 577 -79.70 -65.32 8.22
C VAL LB 577 -80.76 -66.30 8.58
N ASN LB 578 -80.90 -66.36 9.88
CA ASN LB 578 -81.82 -67.22 10.56
C ASN LB 578 -82.41 -66.42 11.73
N LEU LB 579 -83.72 -66.59 11.90
CA LEU LB 579 -84.48 -66.08 13.03
C LEU LB 579 -84.46 -67.17 14.09
N LEU LB 580 -84.07 -66.80 15.29
CA LEU LB 580 -84.17 -67.60 16.51
C LEU LB 580 -85.39 -67.11 17.29
N PRO LB 581 -86.43 -67.93 17.51
CA PRO LB 581 -87.41 -67.57 18.53
C PRO LB 581 -86.72 -67.71 19.90
N VAL LB 582 -87.03 -66.78 20.80
CA VAL LB 582 -86.73 -66.92 22.23
C VAL LB 582 -88.07 -67.02 22.94
N ASN LB 583 -88.48 -68.25 23.27
CA ASN LB 583 -89.78 -68.42 23.91
C ASN LB 583 -89.74 -68.00 25.38
N TYR LB 584 -88.68 -68.40 26.08
CA TYR LB 584 -88.66 -68.35 27.54
C TYR LB 584 -87.98 -67.14 28.16
N ALA LB 585 -86.77 -66.84 27.69
CA ALA LB 585 -85.99 -65.71 28.19
C ALA LB 585 -86.31 -64.39 27.46
N VAL LB 586 -85.87 -63.27 28.03
CA VAL LB 586 -85.84 -61.99 27.32
C VAL LB 586 -84.61 -61.93 26.42
N ALA LB 587 -84.75 -61.36 25.21
CA ALA LB 587 -83.66 -61.27 24.24
C ALA LB 587 -82.45 -60.46 24.75
N ALA LB 588 -82.69 -59.40 25.52
CA ALA LB 588 -81.66 -58.51 26.06
C ALA LB 588 -80.69 -59.21 27.03
N ASP LB 589 -81.13 -60.25 27.76
CA ASP LB 589 -80.28 -61.02 28.67
C ASP LB 589 -79.20 -61.84 27.94
N MET LB 590 -79.48 -62.25 26.70
CA MET LB 590 -78.50 -62.86 25.80
C MET LB 590 -77.43 -61.88 25.32
N ALA LB 591 -77.70 -60.57 25.32
CA ALA LB 591 -76.86 -59.57 24.66
C ALA LB 591 -75.40 -59.57 25.14
N ALA LB 592 -75.18 -59.76 26.45
CA ALA LB 592 -73.83 -59.84 27.02
C ALA LB 592 -73.02 -61.00 26.41
N ARG LB 593 -73.58 -62.21 26.43
CA ARG LB 593 -72.93 -63.43 25.89
C ARG LB 593 -72.77 -63.41 24.37
N VAL LB 594 -73.79 -62.92 23.67
CA VAL LB 594 -73.78 -62.87 22.20
C VAL LB 594 -72.74 -61.85 21.73
N LYS LB 595 -72.66 -60.67 22.38
CA LYS LB 595 -71.62 -59.67 22.11
C LYS LB 595 -70.22 -60.27 22.33
N ASP LB 596 -70.07 -61.08 23.37
CA ASP LB 596 -68.82 -61.75 23.69
C ASP LB 596 -68.33 -62.80 22.68
N VAL LB 597 -69.21 -63.56 22.00
CA VAL LB 597 -68.74 -64.38 20.84
C VAL LB 597 -68.25 -63.50 19.69
N LEU LB 598 -68.99 -62.44 19.33
CA LEU LB 598 -68.67 -61.64 18.14
C LEU LB 598 -67.23 -61.12 18.22
N SER LB 599 -66.82 -60.60 19.39
CA SER LB 599 -65.54 -59.91 19.54
C SER LB 599 -65.40 -58.82 18.44
N GLU LB 600 -64.27 -58.76 17.77
CA GLU LB 600 -64.02 -57.98 16.54
C GLU LB 600 -64.36 -58.76 15.25
N ARG LB 601 -65.28 -59.73 15.32
CA ARG LB 601 -65.80 -60.41 14.13
C ARG LB 601 -67.07 -59.80 13.57
N GLY LB 602 -67.28 -60.36 12.39
CA GLY LB 602 -68.36 -60.19 11.46
C GLY LB 602 -69.28 -61.34 11.42
N SER LB 603 -70.48 -60.90 11.15
CA SER LB 603 -71.56 -61.29 11.99
C SER LB 603 -72.14 -60.09 12.69
N VAL LB 604 -73.42 -60.22 12.92
CA VAL LB 604 -74.15 -59.39 13.83
C VAL LB 604 -75.38 -60.10 14.34
N THR LB 605 -75.92 -59.52 15.39
CA THR LB 605 -77.18 -59.87 16.02
C THR LB 605 -78.12 -58.65 16.05
N VAL LB 606 -79.39 -58.84 15.68
CA VAL LB 606 -80.45 -57.84 15.75
C VAL LB 606 -81.58 -58.35 16.62
N ASP LB 607 -82.02 -57.49 17.52
CA ASP LB 607 -83.13 -57.79 18.42
C ASP LB 607 -84.41 -57.18 17.87
N GLN LB 608 -85.34 -58.03 17.44
CA GLN LB 608 -86.67 -57.57 17.06
C GLN LB 608 -87.57 -57.45 18.28
N ARG LB 609 -88.58 -56.56 18.17
CA ARG LB 609 -89.50 -56.23 19.27
C ARG LB 609 -90.28 -57.40 19.86
N THR LB 610 -90.61 -58.38 19.03
CA THR LB 610 -91.36 -59.58 19.44
C THR LB 610 -90.46 -60.64 20.08
N ASN LB 611 -89.35 -60.23 20.73
CA ASN LB 611 -88.36 -61.10 21.39
C ASN LB 611 -87.90 -62.28 20.52
N VAL LB 612 -87.47 -61.95 19.30
CA VAL LB 612 -86.74 -62.87 18.43
C VAL LB 612 -85.37 -62.26 18.13
N LEU LB 613 -84.34 -63.11 18.18
CA LEU LB 613 -83.03 -62.70 17.70
C LEU LB 613 -82.89 -63.02 16.23
N ILE LB 614 -82.18 -62.16 15.53
CA ILE LB 614 -81.77 -62.41 14.15
C ILE LB 614 -80.29 -62.23 13.99
N VAL LB 615 -79.67 -63.21 13.36
CA VAL LB 615 -78.25 -63.22 13.08
C VAL LB 615 -77.94 -63.21 11.59
N LYS LB 616 -77.10 -62.29 11.09
CA LYS LB 616 -76.36 -62.55 9.83
C LYS LB 616 -74.98 -62.91 10.26
N ASP LB 617 -74.42 -63.81 9.47
CA ASP LB 617 -73.03 -64.17 9.50
C ASP LB 617 -72.73 -65.33 8.57
N VAL LB 618 -71.45 -65.70 8.54
CA VAL LB 618 -71.04 -67.03 8.09
C VAL LB 618 -71.89 -68.09 8.82
N ARG LB 619 -72.11 -69.23 8.18
CA ARG LB 619 -72.76 -70.37 8.84
C ARG LB 619 -72.10 -70.74 10.18
N SER LB 620 -70.76 -70.73 10.26
CA SER LB 620 -70.04 -71.16 11.46
C SER LB 620 -70.28 -70.24 12.67
N ASN LB 621 -70.31 -68.91 12.48
CA ASN LB 621 -70.70 -67.98 13.54
C ASN LB 621 -72.23 -68.03 13.83
N THR LB 622 -73.11 -68.23 12.82
CA THR LB 622 -74.56 -68.48 13.06
C THR LB 622 -74.80 -69.69 13.98
N GLU LB 623 -74.12 -70.79 13.65
CA GLU LB 623 -74.23 -72.04 14.39
C GLU LB 623 -73.89 -71.84 15.87
N ARG LB 624 -72.76 -71.17 16.15
CA ARG LB 624 -72.34 -70.82 17.52
C ARG LB 624 -73.41 -70.00 18.22
N ALA LB 625 -73.84 -68.90 17.62
CA ALA LB 625 -74.85 -68.03 18.20
C ALA LB 625 -76.17 -68.77 18.48
N ARG LB 626 -76.65 -69.62 17.55
CA ARG LB 626 -77.84 -70.46 17.79
C ARG LB 626 -77.64 -71.41 18.96
N SER LB 627 -76.53 -72.14 19.01
CA SER LB 627 -76.26 -73.10 20.09
C SER LB 627 -76.30 -72.43 21.46
N LEU LB 628 -75.73 -71.22 21.61
CA LEU LB 628 -75.78 -70.46 22.86
C LEU LB 628 -77.18 -69.93 23.16
N VAL LB 629 -77.88 -69.34 22.19
CA VAL LB 629 -79.24 -68.80 22.39
C VAL LB 629 -80.17 -69.93 22.79
N ARG LB 630 -80.19 -71.05 22.07
CA ARG LB 630 -81.03 -72.19 22.44
C ARG LB 630 -80.62 -72.78 23.79
N SER LB 631 -79.32 -72.89 24.08
CA SER LB 631 -78.83 -73.47 25.34
C SER LB 631 -79.29 -72.66 26.56
N LEU LB 632 -79.17 -71.32 26.48
CA LEU LB 632 -79.71 -70.42 27.50
C LEU LB 632 -81.23 -70.34 27.52
N ASP LB 633 -81.87 -70.44 26.35
CA ASP LB 633 -83.33 -70.56 26.30
C ASP LB 633 -83.60 -71.84 27.12
N THR LB 634 -83.03 -73.02 26.82
CA THR LB 634 -83.34 -74.30 27.52
C THR LB 634 -83.33 -74.35 29.05
N GLN LB 635 -82.52 -73.58 29.77
CA GLN LB 635 -82.66 -73.51 31.24
C GLN LB 635 -83.87 -72.66 31.72
N THR LB 636 -84.23 -71.66 30.92
CA THR LB 636 -85.51 -70.94 30.98
C THR LB 636 -86.86 -71.71 30.74
N PRO LB 637 -87.00 -72.72 29.83
CA PRO LB 637 -88.15 -73.63 29.77
C PRO LB 637 -88.43 -74.48 31.01
N GLN LB 638 -87.42 -74.86 31.80
CA GLN LB 638 -87.76 -75.54 33.06
C GLN LB 638 -88.29 -74.50 34.05
N VAL LB 639 -89.60 -74.30 33.98
CA VAL LB 639 -90.33 -73.39 34.88
C VAL LB 639 -90.77 -74.12 36.16
N CYS MB 5 17.86 14.59 -71.20
CA CYS MB 5 16.67 14.58 -70.36
C CYS MB 5 15.46 15.18 -71.14
N GLU MB 6 14.28 15.19 -70.52
CA GLU MB 6 13.17 16.06 -70.95
C GLU MB 6 12.98 17.24 -69.96
N GLU MB 7 12.79 18.43 -70.52
CA GLU MB 7 12.73 19.73 -69.84
C GLU MB 7 11.27 20.07 -69.33
N PRO MB 8 10.95 21.28 -68.80
CA PRO MB 8 9.73 21.59 -68.04
C PRO MB 8 8.36 21.01 -68.51
N PRO MB 9 7.83 21.50 -69.63
CA PRO MB 9 7.60 20.58 -70.74
C PRO MB 9 8.87 20.36 -71.58
N ALA MB 10 8.85 19.29 -72.37
CA ALA MB 10 9.88 18.91 -73.31
C ALA MB 10 10.13 20.02 -74.38
N PRO MB 11 10.79 19.76 -75.52
CA PRO MB 11 10.80 20.70 -76.66
C PRO MB 11 9.36 20.97 -77.22
N ALA MB 12 9.11 21.12 -78.54
CA ALA MB 12 7.76 21.51 -79.01
C ALA MB 12 6.82 20.56 -79.85
N PRO MB 13 7.24 19.48 -80.56
CA PRO MB 13 6.27 18.70 -81.40
C PRO MB 13 5.40 17.54 -80.82
N PRO MB 14 5.48 17.08 -79.54
CA PRO MB 14 5.59 17.88 -78.34
C PRO MB 14 6.94 17.84 -77.57
N PRO MB 15 8.06 17.17 -77.98
CA PRO MB 15 8.28 15.99 -78.81
C PRO MB 15 7.76 14.67 -78.26
N ALA MB 16 7.61 13.74 -79.21
CA ALA MB 16 7.52 12.29 -79.08
C ALA MB 16 6.49 11.71 -78.09
N LYS MB 17 6.22 12.40 -76.97
CA LYS MB 17 5.44 11.80 -75.88
C LYS MB 17 3.98 11.64 -76.28
N PRO MB 18 3.68 11.87 -77.56
CA PRO MB 18 2.49 11.30 -78.18
C PRO MB 18 2.47 9.78 -78.10
N LYS MB 19 3.64 9.16 -78.28
CA LYS MB 19 3.75 7.71 -78.23
C LYS MB 19 4.02 7.23 -76.80
N ALA MB 20 4.81 8.00 -76.06
CA ALA MB 20 5.07 7.72 -74.65
C ALA MB 20 3.78 7.87 -73.83
N ALA MB 21 3.24 9.08 -73.82
CA ALA MB 21 2.14 9.41 -72.91
C ALA MB 21 0.86 8.67 -73.29
N ALA MB 22 0.77 8.27 -74.55
CA ALA MB 22 -0.41 7.56 -75.05
C ALA MB 22 -0.35 6.08 -74.69
N ALA MB 23 0.79 5.46 -74.96
CA ALA MB 23 0.94 4.02 -74.74
C ALA MB 23 1.30 3.72 -73.29
N VAL MB 24 1.59 4.77 -72.53
CA VAL MB 24 1.06 4.90 -71.18
C VAL MB 24 -0.46 5.06 -71.19
N PRO MB 25 -0.93 6.25 -70.84
CA PRO MB 25 -2.28 6.41 -70.25
C PRO MB 25 -3.10 5.13 -69.99
N VAL MB 26 -2.64 4.21 -69.15
CA VAL MB 26 -1.56 4.36 -68.13
C VAL MB 26 -0.47 3.30 -68.36
N LYS MB 27 0.14 2.83 -67.28
CA LYS MB 27 0.38 1.40 -67.10
C LYS MB 27 -0.63 0.56 -67.89
N ALA MB 28 -1.85 1.09 -68.01
CA ALA MB 28 -3.04 0.23 -68.04
C ALA MB 28 -3.20 -0.53 -66.73
N ALA MB 29 -2.24 -1.40 -66.43
CA ALA MB 29 -2.55 -2.72 -65.89
C ALA MB 29 -2.83 -3.73 -66.99
N PRO MB 30 -3.85 -3.45 -67.80
CA PRO MB 30 -5.15 -3.05 -67.28
C PRO MB 30 -5.68 -4.03 -66.23
N THR MB 31 -6.56 -3.57 -65.36
CA THR MB 31 -6.63 -4.09 -64.00
C THR MB 31 -7.86 -4.98 -63.82
N GLU MB 32 -7.80 -6.17 -64.43
CA GLU MB 32 -7.47 -7.38 -63.69
C GLU MB 32 -8.71 -7.99 -63.04
N THR MB 33 -9.57 -7.14 -62.51
CA THR MB 33 -9.65 -6.94 -61.06
C THR MB 33 -11.03 -7.33 -60.53
N GLY MB 34 -11.75 -6.33 -60.01
CA GLY MB 34 -12.57 -6.53 -58.83
C GLY MB 34 -14.03 -6.15 -59.06
N ALA MB 35 -14.77 -7.04 -59.71
CA ALA MB 35 -16.16 -6.75 -60.07
C ALA MB 35 -17.09 -6.94 -58.88
N GLN MB 36 -18.34 -6.53 -59.05
CA GLN MB 36 -19.33 -6.64 -57.98
C GLN MB 36 -20.61 -7.27 -58.53
N ALA MB 37 -21.38 -7.94 -57.68
CA ALA MB 37 -22.56 -8.72 -58.08
C ALA MB 37 -23.87 -8.10 -57.57
N ALA MB 38 -24.94 -8.21 -58.36
CA ALA MB 38 -26.32 -7.97 -57.93
C ALA MB 38 -26.96 -9.16 -57.16
N PRO MB 39 -26.16 -10.21 -56.89
CA PRO MB 39 -26.49 -11.61 -57.27
C PRO MB 39 -27.80 -11.76 -58.08
N SER MB 40 -28.60 -12.80 -57.81
CA SER MB 40 -29.97 -12.98 -58.27
C SER MB 40 -30.79 -13.61 -57.15
N TYR MB 41 -32.12 -13.56 -57.26
CA TYR MB 41 -33.05 -13.95 -56.19
C TYR MB 41 -34.06 -14.97 -56.70
N SER MB 42 -34.42 -15.93 -55.86
CA SER MB 42 -35.45 -16.95 -56.13
C SER MB 42 -36.86 -16.47 -55.74
N TYR MB 43 -37.88 -17.24 -56.16
CA TYR MB 43 -39.29 -16.91 -55.95
C TYR MB 43 -40.06 -17.91 -55.08
N VAL MB 44 -41.17 -17.46 -54.47
CA VAL MB 44 -41.92 -18.17 -53.41
C VAL MB 44 -43.43 -18.00 -53.61
N TYR MB 45 -44.32 -18.93 -53.24
CA TYR MB 45 -44.21 -20.38 -52.99
C TYR MB 45 -45.62 -20.96 -53.27
N ASN MB 46 -45.74 -22.22 -53.66
CA ASN MB 46 -47.04 -22.80 -54.07
C ASN MB 46 -47.83 -23.41 -52.89
N PRO MB 47 -48.86 -22.68 -52.41
CA PRO MB 47 -50.10 -23.36 -52.00
C PRO MB 47 -51.39 -22.54 -52.20
N VAL MB 48 -52.48 -23.32 -52.26
CA VAL MB 48 -53.51 -23.23 -51.22
C VAL MB 48 -53.55 -24.54 -50.44
N GLY MB 49 -53.76 -24.44 -49.12
CA GLY MB 49 -53.87 -25.60 -48.24
C GLY MB 49 -55.13 -26.45 -48.53
N LYS MB 50 -55.19 -27.64 -47.92
CA LYS MB 50 -56.36 -28.54 -47.96
C LYS MB 50 -56.71 -29.01 -46.55
N ARG MB 51 -57.98 -29.41 -46.35
CA ARG MB 51 -58.51 -29.86 -45.06
C ARG MB 51 -59.02 -31.29 -45.16
N ASP MB 52 -58.73 -31.99 -44.08
CA ASP MB 52 -59.22 -33.27 -43.61
C ASP MB 52 -59.54 -32.99 -42.10
N PRO MB 53 -58.62 -33.44 -41.23
CA PRO MB 53 -57.73 -32.61 -40.43
C PRO MB 53 -57.27 -31.30 -41.13
N PHE MB 54 -57.35 -30.13 -40.51
CA PHE MB 54 -57.41 -29.93 -39.05
C PHE MB 54 -58.81 -29.48 -38.59
N ARG MB 55 -59.86 -29.53 -39.43
CA ARG MB 55 -61.18 -29.01 -38.99
C ARG MB 55 -61.77 -29.82 -37.85
N SER MB 56 -61.95 -31.14 -38.01
CA SER MB 56 -62.38 -31.99 -36.89
C SER MB 56 -61.50 -31.91 -35.61
N PRO MB 57 -60.17 -32.06 -35.68
CA PRO MB 57 -59.33 -32.03 -34.47
C PRO MB 57 -59.17 -30.66 -33.78
N ILE MB 58 -59.82 -29.56 -34.22
CA ILE MB 58 -59.94 -28.31 -33.42
C ILE MB 58 -61.32 -27.63 -33.55
N ASP MB 59 -61.93 -27.58 -34.73
CA ASP MB 59 -63.27 -27.00 -34.94
C ASP MB 59 -64.39 -27.93 -34.40
N GLU MB 60 -64.14 -29.24 -34.22
CA GLU MB 60 -65.06 -30.21 -33.59
C GLU MB 60 -64.58 -30.66 -32.19
N LEU MB 61 -63.26 -30.77 -31.97
CA LEU MB 61 -62.69 -31.01 -30.64
C LEU MB 61 -62.79 -29.81 -29.69
N GLY MB 62 -62.60 -28.58 -30.20
CA GLY MB 62 -62.63 -27.34 -29.42
C GLY MB 62 -63.99 -27.02 -28.80
N PRO MB 63 -65.11 -27.40 -29.45
CA PRO MB 63 -66.36 -27.79 -28.81
C PRO MB 63 -66.24 -29.05 -27.94
N VAL MB 64 -65.39 -29.03 -26.89
CA VAL MB 64 -65.08 -30.20 -26.05
C VAL MB 64 -66.36 -30.81 -25.47
N ASN MB 65 -66.78 -31.93 -26.05
CA ASN MB 65 -68.12 -32.48 -25.90
C ASN MB 65 -68.02 -34.00 -25.76
N ALA MB 66 -68.56 -34.52 -24.66
CA ALA MB 66 -68.70 -35.93 -24.40
C ALA MB 66 -70.11 -36.20 -23.89
N ASN MB 67 -70.70 -37.33 -24.28
CA ASN MB 67 -72.03 -37.76 -23.84
C ASN MB 67 -71.93 -39.14 -23.16
N PRO MB 68 -71.56 -39.19 -21.86
CA PRO MB 68 -71.17 -40.41 -21.15
C PRO MB 68 -72.16 -41.57 -21.23
N VAL MB 69 -71.60 -42.79 -21.21
CA VAL MB 69 -72.35 -44.03 -21.00
C VAL MB 69 -72.64 -44.31 -19.52
N ALA MB 70 -73.93 -44.48 -19.20
CA ALA MB 70 -74.39 -45.01 -17.90
C ALA MB 70 -75.68 -45.86 -18.02
N ALA MB 71 -76.36 -45.80 -19.16
CA ALA MB 71 -77.64 -46.45 -19.40
C ALA MB 71 -77.52 -47.97 -19.67
N CYS MB 72 -78.66 -48.63 -19.80
CA CYS MB 72 -78.76 -49.91 -20.48
C CYS MB 72 -78.55 -49.81 -22.01
N ASN MB 73 -77.85 -50.79 -22.58
CA ASN MB 73 -77.24 -50.75 -23.91
C ASN MB 73 -78.10 -51.30 -25.08
N GLU MB 74 -79.41 -51.02 -25.19
CA GLU MB 74 -80.48 -51.89 -24.66
C GLU MB 74 -80.05 -53.39 -24.69
N PRO MB 75 -79.60 -53.92 -23.53
CA PRO MB 75 -78.46 -54.82 -23.49
C PRO MB 75 -78.86 -56.28 -23.72
N LEU MB 76 -79.77 -56.81 -22.89
CA LEU MB 76 -80.01 -58.25 -22.83
C LEU MB 76 -80.84 -58.72 -24.02
N CYS MB 77 -81.63 -57.85 -24.62
CA CYS MB 77 -82.23 -58.12 -25.93
C CYS MB 77 -81.25 -58.18 -27.11
N SER MB 78 -79.96 -57.92 -26.87
CA SER MB 78 -78.84 -58.18 -27.80
C SER MB 78 -78.03 -59.46 -27.49
N PHE MB 79 -78.38 -60.23 -26.44
CA PHE MB 79 -77.70 -61.49 -26.05
C PHE MB 79 -78.66 -62.67 -25.86
N ASP MB 80 -78.22 -63.90 -26.15
CA ASP MB 80 -79.10 -65.07 -26.19
C ASP MB 80 -79.41 -65.65 -24.79
N LEU MB 81 -80.59 -66.25 -24.59
CA LEU MB 81 -81.13 -66.50 -23.24
C LEU MB 81 -80.36 -67.55 -22.44
N ASP MB 82 -79.86 -68.59 -23.11
CA ASP MB 82 -79.07 -69.68 -22.53
C ASP MB 82 -77.65 -69.19 -22.14
N GLN MB 83 -77.25 -67.98 -22.55
CA GLN MB 83 -76.01 -67.34 -22.08
C GLN MB 83 -76.17 -66.70 -20.69
N LEU MB 84 -77.41 -66.40 -20.26
CA LEU MB 84 -77.71 -65.68 -19.02
C LEU MB 84 -77.83 -66.64 -17.82
N LYS MB 85 -77.28 -66.24 -16.66
CA LYS MB 85 -77.22 -67.10 -15.45
C LYS MB 85 -77.89 -66.47 -14.24
N LEU MB 86 -78.79 -67.18 -13.57
CA LEU MB 86 -79.52 -66.63 -12.42
C LEU MB 86 -78.60 -66.53 -11.19
N VAL MB 87 -78.35 -65.30 -10.74
CA VAL MB 87 -77.49 -64.97 -9.60
C VAL MB 87 -78.22 -65.16 -8.27
N ALA MB 88 -79.42 -64.59 -8.19
CA ALA MB 88 -80.18 -64.43 -6.96
C ALA MB 88 -81.66 -64.14 -7.26
N VAL MB 89 -82.49 -64.11 -6.22
CA VAL MB 89 -83.88 -63.63 -6.27
C VAL MB 89 -84.16 -62.82 -5.01
N VAL MB 90 -84.87 -61.71 -5.18
CA VAL MB 90 -85.38 -60.85 -4.09
C VAL MB 90 -86.90 -60.98 -4.03
N THR MB 91 -87.48 -60.99 -2.85
CA THR MB 91 -88.95 -61.02 -2.65
C THR MB 91 -89.31 -60.20 -1.42
N GLY MB 92 -90.35 -59.39 -1.56
CA GLY MB 92 -90.94 -58.55 -0.53
C GLY MB 92 -92.17 -57.84 -1.09
N ASP MB 93 -92.65 -56.85 -0.35
CA ASP MB 93 -93.92 -56.13 -0.62
C ASP MB 93 -93.95 -55.44 -1.99
N ALA MB 94 -92.78 -55.03 -2.49
CA ALA MB 94 -92.55 -54.49 -3.83
C ALA MB 94 -92.64 -55.50 -5.00
N SER MB 95 -93.25 -56.68 -4.78
CA SER MB 95 -93.32 -57.86 -5.67
C SER MB 95 -91.98 -58.60 -5.87
N PRO MB 96 -91.99 -59.92 -6.17
CA PRO MB 96 -90.77 -60.69 -6.43
C PRO MB 96 -90.03 -60.21 -7.68
N VAL MB 97 -88.70 -60.18 -7.60
CA VAL MB 97 -87.78 -59.81 -8.68
C VAL MB 97 -86.56 -60.75 -8.76
N ALA MB 98 -86.25 -61.23 -9.96
CA ALA MB 98 -85.09 -62.06 -10.24
C ALA MB 98 -83.86 -61.19 -10.54
N MET MB 99 -82.66 -61.72 -10.24
CA MET MB 99 -81.38 -61.11 -10.60
C MET MB 99 -80.54 -62.08 -11.45
N VAL MB 100 -80.09 -61.62 -12.61
CA VAL MB 100 -79.47 -62.44 -13.66
C VAL MB 100 -78.20 -61.82 -14.24
N GLU MB 101 -77.23 -62.65 -14.63
CA GLU MB 101 -75.87 -62.29 -15.05
C GLU MB 101 -75.68 -62.53 -16.56
N ASP MB 102 -75.07 -61.55 -17.23
CA ASP MB 102 -74.78 -61.52 -18.68
C ASP MB 102 -73.58 -62.47 -18.94
N PRO MB 103 -73.34 -62.93 -20.19
CA PRO MB 103 -72.03 -63.46 -20.58
C PRO MB 103 -70.91 -62.40 -20.51
N ALA MB 104 -71.26 -61.12 -20.55
CA ALA MB 104 -70.38 -59.98 -20.27
C ALA MB 104 -70.20 -59.66 -18.76
N GLY MB 105 -70.77 -60.46 -17.85
CA GLY MB 105 -70.60 -60.33 -16.40
C GLY MB 105 -71.36 -59.18 -15.73
N ARG MB 106 -72.24 -58.46 -16.45
CA ARG MB 106 -73.16 -57.50 -15.83
C ARG MB 106 -74.24 -58.24 -15.02
N GLY MB 107 -74.67 -57.65 -13.89
CA GLY MB 107 -75.94 -57.97 -13.22
C GLY MB 107 -77.13 -57.14 -13.71
N HIS MB 108 -78.30 -57.79 -13.84
CA HIS MB 108 -79.60 -57.18 -14.18
C HIS MB 108 -80.65 -57.59 -13.15
N ILE MB 109 -81.76 -56.85 -13.11
CA ILE MB 109 -82.91 -57.15 -12.28
C ILE MB 109 -84.17 -57.09 -13.15
N VAL MB 110 -84.97 -58.16 -13.15
CA VAL MB 110 -86.15 -58.33 -14.00
C VAL MB 110 -87.23 -59.03 -13.18
N ARG MB 111 -88.49 -58.79 -13.51
CA ARG MB 111 -89.65 -59.29 -12.74
C ARG MB 111 -90.82 -59.69 -13.61
N ARG MB 112 -91.81 -60.38 -13.05
CA ARG MB 112 -92.99 -60.87 -13.80
C ARG MB 112 -93.62 -59.76 -14.65
N ASN MB 113 -93.87 -60.06 -15.93
CA ASN MB 113 -94.27 -59.19 -17.06
C ASN MB 113 -93.13 -58.52 -17.86
N THR MB 114 -91.93 -58.34 -17.29
CA THR MB 114 -90.73 -57.86 -18.03
C THR MB 114 -90.12 -58.92 -18.95
N ARG MB 115 -89.11 -58.53 -19.75
CA ARG MB 115 -88.41 -59.36 -20.74
C ARG MB 115 -86.89 -59.29 -20.56
N MET MB 116 -86.20 -60.21 -21.24
CA MET MB 116 -84.75 -60.37 -21.33
C MET MB 116 -84.43 -61.14 -22.62
N GLY MB 117 -83.20 -61.10 -23.12
CA GLY MB 117 -82.73 -61.96 -24.21
C GLY MB 117 -83.23 -61.61 -25.62
N ARG MB 118 -82.53 -62.12 -26.66
CA ARG MB 118 -82.90 -61.91 -28.08
C ARG MB 118 -84.25 -62.52 -28.46
N GLN MB 119 -84.58 -63.68 -27.89
CA GLN MB 119 -85.91 -64.30 -28.01
C GLN MB 119 -87.00 -63.62 -27.14
N GLY MB 120 -86.71 -62.45 -26.53
CA GLY MB 120 -87.69 -61.65 -25.79
C GLY MB 120 -88.29 -62.34 -24.56
N GLY MB 121 -87.55 -63.27 -23.96
CA GLY MB 121 -87.95 -64.15 -22.84
C GLY MB 121 -88.69 -63.41 -21.73
N LYS MB 122 -90.01 -63.56 -21.70
CA LYS MB 122 -90.90 -62.87 -20.76
C LYS MB 122 -90.90 -63.60 -19.42
N VAL MB 123 -90.61 -62.89 -18.33
CA VAL MB 123 -90.70 -63.45 -16.97
C VAL MB 123 -92.15 -63.79 -16.59
N THR MB 124 -92.43 -65.06 -16.29
CA THR MB 124 -93.78 -65.56 -15.98
C THR MB 124 -93.88 -66.13 -14.57
N GLN MB 125 -92.82 -66.74 -14.03
CA GLN MB 125 -92.73 -67.20 -12.63
C GLN MB 125 -91.34 -66.88 -12.05
N ILE MB 126 -91.24 -66.76 -10.72
CA ILE MB 126 -90.00 -66.51 -9.99
C ILE MB 126 -90.06 -67.34 -8.70
N LEU MB 127 -89.23 -68.36 -8.60
CA LEU MB 127 -89.02 -69.18 -7.40
C LEU MB 127 -87.73 -68.71 -6.70
N ARG MB 128 -87.22 -69.45 -5.70
CA ARG MB 128 -85.98 -69.06 -4.97
C ARG MB 128 -84.71 -69.64 -5.58
N ASP MB 129 -84.89 -70.71 -6.33
CA ASP MB 129 -83.90 -71.58 -6.97
C ASP MB 129 -83.86 -71.47 -8.50
N SER MB 130 -84.88 -70.84 -9.07
CA SER MB 130 -85.22 -70.92 -10.49
C SER MB 130 -86.25 -69.87 -10.92
N VAL MB 131 -86.32 -69.59 -12.23
CA VAL MB 131 -87.18 -68.55 -12.83
C VAL MB 131 -87.72 -69.06 -14.17
N THR MB 132 -89.03 -69.36 -14.23
CA THR MB 132 -89.74 -69.62 -15.49
C THR MB 132 -90.00 -68.38 -16.35
N VAL MB 133 -89.62 -68.46 -17.61
CA VAL MB 133 -89.82 -67.45 -18.65
C VAL MB 133 -90.46 -68.04 -19.91
N THR MB 134 -91.18 -67.21 -20.68
CA THR MB 134 -91.68 -67.56 -22.01
C THR MB 134 -90.93 -66.88 -23.15
N GLU MB 135 -90.23 -67.67 -23.94
CA GLU MB 135 -89.33 -67.24 -25.01
C GLU MB 135 -89.95 -67.50 -26.39
N VAL MB 136 -89.29 -67.02 -27.44
CA VAL MB 136 -89.79 -66.91 -28.81
C VAL MB 136 -88.80 -67.57 -29.79
N PHE MB 137 -89.01 -68.85 -30.11
CA PHE MB 137 -88.11 -69.64 -30.97
C PHE MB 137 -88.74 -69.94 -32.35
N SER MB 138 -87.94 -70.07 -33.40
CA SER MB 138 -88.41 -70.50 -34.73
C SER MB 138 -88.37 -72.04 -34.87
N GLY MB 139 -89.40 -72.70 -34.36
CA GLY MB 139 -89.54 -74.15 -34.44
C GLY MB 139 -89.86 -74.61 -35.86
N ASN MB 140 -88.84 -75.10 -36.57
CA ASN MB 140 -88.94 -75.59 -37.96
C ASN MB 140 -89.49 -74.57 -38.98
N GLY MB 141 -89.48 -73.28 -38.64
CA GLY MB 141 -90.03 -72.17 -39.45
C GLY MB 141 -91.22 -71.44 -38.81
N GLU MB 142 -91.94 -72.06 -37.87
CA GLU MB 142 -92.96 -71.36 -37.08
C GLU MB 142 -92.37 -70.64 -35.86
N ILE MB 143 -92.81 -69.40 -35.61
CA ILE MB 143 -92.54 -68.72 -34.34
C ILE MB 143 -93.44 -69.31 -33.24
N ILE MB 144 -92.83 -69.99 -32.27
CA ILE MB 144 -93.51 -70.70 -31.17
C ILE MB 144 -92.97 -70.25 -29.80
N LYS MB 145 -93.78 -70.50 -28.76
CA LYS MB 145 -93.40 -70.27 -27.36
C LYS MB 145 -92.43 -71.37 -26.88
N ASN MB 146 -91.39 -70.97 -26.18
CA ASN MB 146 -90.49 -71.90 -25.47
C ASN MB 146 -90.49 -71.61 -23.94
N PRO MB 147 -91.10 -72.47 -23.09
CA PRO MB 147 -91.26 -72.23 -21.65
C PRO MB 147 -90.03 -72.65 -20.83
N VAL MB 148 -88.91 -71.94 -21.00
CA VAL MB 148 -87.64 -72.20 -20.30
C VAL MB 148 -87.70 -71.85 -18.81
N THR MB 149 -86.94 -72.56 -17.97
CA THR MB 149 -86.78 -72.24 -16.54
C THR MB 149 -85.29 -72.14 -16.21
N LEU MB 150 -84.83 -70.91 -15.99
CA LEU MB 150 -83.45 -70.60 -15.64
C LEU MB 150 -83.21 -70.94 -14.16
N GLN MB 151 -82.44 -71.99 -13.87
CA GLN MB 151 -81.99 -72.29 -12.51
C GLN MB 151 -80.92 -71.31 -12.01
N LEU MB 152 -80.76 -71.21 -10.69
CA LEU MB 152 -79.64 -70.54 -10.01
C LEU MB 152 -78.28 -71.09 -10.52
N LYS MB 153 -77.18 -70.37 -10.29
CA LYS MB 153 -75.82 -70.77 -10.69
C LYS MB 153 -75.07 -71.63 -9.64
N PRO MB 154 -74.94 -72.96 -9.81
CA PRO MB 154 -73.93 -73.79 -9.13
C PRO MB 154 -72.71 -74.03 -10.04
N ASP MB 155 -71.91 -75.07 -9.74
CA ASP MB 155 -71.03 -75.71 -10.72
C ASP MB 155 -71.84 -76.46 -11.80
N ALA MB 156 -71.48 -76.29 -13.08
CA ALA MB 156 -72.07 -76.97 -14.23
C ALA MB 156 -71.17 -76.79 -15.47
N LYS MB 157 -71.25 -77.75 -16.42
CA LYS MB 157 -70.57 -77.66 -17.71
C LYS MB 157 -71.39 -78.33 -18.82
N GLN MB 158 -71.41 -77.69 -19.98
CA GLN MB 158 -71.92 -78.21 -21.25
C GLN MB 158 -71.10 -77.64 -22.42
N ASP MB 159 -71.29 -78.16 -23.63
CA ASP MB 159 -70.61 -77.68 -24.83
C ASP MB 159 -71.26 -76.44 -25.47
N ASN NB 33 -200.51 10.93 -44.82
CA ASN NB 33 -199.06 10.60 -44.68
C ASN NB 33 -198.88 9.12 -44.91
N THR NB 34 -197.63 8.74 -45.19
CA THR NB 34 -197.25 7.33 -45.22
C THR NB 34 -196.66 6.95 -43.84
N LEU NB 35 -195.52 7.53 -43.49
CA LEU NB 35 -194.94 7.30 -42.21
C LEU NB 35 -195.64 8.18 -41.18
N ARG NB 36 -196.22 7.57 -40.14
CA ARG NB 36 -196.93 8.32 -39.09
C ARG NB 36 -196.24 8.50 -37.75
N GLY NB 37 -195.30 7.61 -37.40
CA GLY NB 37 -194.53 7.71 -36.15
C GLY NB 37 -193.20 7.00 -36.36
N LEU NB 38 -192.22 7.41 -35.56
CA LEU NB 38 -190.87 6.91 -35.59
C LEU NB 38 -190.33 6.81 -34.15
N ASP NB 39 -189.94 5.61 -33.72
CA ASP NB 39 -189.49 5.45 -32.35
C ASP NB 39 -188.12 4.74 -32.27
N VAL NB 40 -187.26 5.22 -31.37
CA VAL NB 40 -186.02 4.52 -31.12
C VAL NB 40 -185.97 3.99 -29.69
N SER NB 41 -185.76 2.69 -29.52
CA SER NB 41 -185.59 2.09 -28.20
C SER NB 41 -184.14 1.66 -27.97
N ARG NB 42 -183.29 2.59 -27.50
CA ARG NB 42 -181.89 2.21 -27.17
C ARG NB 42 -181.82 1.23 -26.02
N THR NB 43 -181.13 0.12 -26.18
CA THR NB 43 -180.86 -0.73 -25.04
C THR NB 43 -179.55 -1.44 -25.30
N GLY NB 44 -178.93 -2.02 -24.28
CA GLY NB 44 -177.57 -2.61 -24.39
C GLY NB 44 -177.50 -3.86 -25.19
N SER NB 45 -178.51 -4.71 -25.14
CA SER NB 45 -178.55 -5.91 -25.96
C SER NB 45 -178.77 -5.66 -27.45
N GLY NB 46 -179.62 -4.67 -27.76
CA GLY NB 46 -179.92 -4.27 -29.11
C GLY NB 46 -180.69 -2.94 -29.02
N ALA NB 47 -180.41 -2.03 -29.94
CA ALA NB 47 -181.27 -0.90 -30.11
C ALA NB 47 -182.34 -1.17 -31.20
N GLN NB 48 -183.59 -0.88 -30.89
CA GLN NB 48 -184.67 -1.08 -31.85
C GLN NB 48 -185.08 0.25 -32.48
N VAL NB 49 -185.16 0.28 -33.81
CA VAL NB 49 -185.78 1.36 -34.53
C VAL NB 49 -187.09 0.90 -35.12
N VAL NB 50 -188.13 1.67 -34.85
CA VAL NB 50 -189.46 1.37 -35.34
C VAL NB 50 -189.93 2.51 -36.19
N VAL NB 51 -190.48 2.15 -37.34
CA VAL NB 51 -191.06 3.12 -38.25
C VAL NB 51 -192.48 2.64 -38.51
N THR NB 52 -193.45 3.50 -38.20
CA THR NB 52 -194.84 3.11 -38.30
C THR NB 52 -195.45 3.87 -39.45
N GLY NB 53 -196.28 3.20 -40.25
CA GLY NB 53 -196.79 3.80 -41.49
C GLY NB 53 -198.17 3.27 -41.86
N THR NB 54 -198.85 3.97 -42.75
CA THR NB 54 -200.18 3.61 -43.14
C THR NB 54 -200.27 2.47 -44.13
N ARG NB 55 -199.19 2.20 -44.86
CA ARG NB 55 -199.13 1.08 -45.81
C ARG NB 55 -197.81 0.36 -45.56
N PRO NB 56 -197.78 -0.94 -45.90
CA PRO NB 56 -196.55 -1.70 -45.85
C PRO NB 56 -195.42 -1.03 -46.70
N PRO NB 57 -194.25 -0.85 -46.08
CA PRO NB 57 -193.17 -0.15 -46.71
C PRO NB 57 -192.25 -1.09 -47.48
N THR NB 58 -191.88 -0.73 -48.71
CA THR NB 58 -190.75 -1.39 -49.37
C THR NB 58 -189.49 -0.70 -48.84
N PHE NB 59 -188.47 -1.46 -48.51
CA PHE NB 59 -187.28 -0.89 -47.93
C PHE NB 59 -186.14 -1.70 -48.48
N THR NB 60 -184.94 -1.16 -48.30
CA THR NB 60 -183.68 -1.87 -48.50
C THR NB 60 -182.81 -1.36 -47.38
N VAL NB 61 -182.07 -2.27 -46.79
CA VAL NB 61 -181.09 -1.94 -45.76
C VAL NB 61 -179.69 -2.36 -46.21
N PHE NB 62 -178.71 -1.47 -46.01
CA PHE NB 62 -177.32 -1.81 -46.31
C PHE NB 62 -176.33 -1.13 -45.35
N ARG NB 63 -175.04 -1.44 -45.48
CA ARG NB 63 -174.01 -0.93 -44.56
C ARG NB 63 -173.06 0.03 -45.29
N LEU NB 64 -172.40 0.91 -44.55
CA LEU NB 64 -171.29 1.67 -45.13
C LEU NB 64 -170.20 1.77 -44.06
N SER NB 65 -168.98 2.13 -44.48
CA SER NB 65 -167.86 2.25 -43.57
C SER NB 65 -167.25 3.63 -43.66
N GLY NB 66 -166.31 3.93 -42.76
CA GLY NB 66 -165.57 5.20 -42.73
C GLY NB 66 -166.40 6.47 -42.80
N PRO NB 67 -167.33 6.67 -41.83
CA PRO NB 67 -167.57 5.90 -40.58
C PRO NB 67 -168.55 4.71 -40.73
N GLU NB 68 -168.46 3.70 -39.87
CA GLU NB 68 -169.49 2.65 -39.83
C GLU NB 68 -170.93 3.23 -39.79
N ARG NB 69 -171.81 2.75 -40.67
CA ARG NB 69 -173.14 3.31 -40.83
C ARG NB 69 -174.08 2.23 -41.21
N LEU NB 70 -175.34 2.40 -40.86
CA LEU NB 70 -176.37 1.52 -41.42
C LEU NB 70 -177.31 2.47 -42.13
N VAL NB 71 -177.80 2.05 -43.29
CA VAL NB 71 -178.63 2.91 -44.12
C VAL NB 71 -179.91 2.20 -44.47
N VAL NB 72 -181.04 2.88 -44.31
CA VAL NB 72 -182.30 2.26 -44.74
C VAL NB 72 -182.95 3.16 -45.76
N ASP NB 73 -183.31 2.60 -46.89
CA ASP NB 73 -184.12 3.30 -47.89
C ASP NB 73 -185.59 2.87 -47.90
N LEU NB 74 -186.48 3.86 -47.81
CA LEU NB 74 -187.90 3.55 -47.72
C LEU NB 74 -188.64 4.12 -48.95
N SER NB 75 -189.42 3.27 -49.62
CA SER NB 75 -190.19 3.65 -50.83
C SER NB 75 -191.67 3.88 -50.52
N SER NB 76 -192.28 4.68 -51.39
CA SER NB 76 -193.61 5.27 -51.24
C SER NB 76 -193.69 6.27 -50.09
N ALA NB 77 -192.97 5.92 -49.05
CA ALA NB 77 -192.90 6.77 -47.87
C ALA NB 77 -191.44 7.08 -47.55
N ASP NB 78 -191.19 8.31 -47.09
CA ASP NB 78 -189.87 8.72 -46.67
C ASP NB 78 -190.02 9.00 -45.18
N ALA NB 79 -189.50 8.10 -44.35
CA ALA NB 79 -189.57 8.25 -42.90
C ALA NB 79 -188.28 8.87 -42.36
N THR NB 80 -188.40 10.02 -41.70
CA THR NB 80 -187.23 10.69 -41.13
C THR NB 80 -187.34 10.73 -39.61
N GLY NB 81 -186.31 10.21 -38.94
CA GLY NB 81 -186.28 10.22 -37.48
C GLY NB 81 -185.15 11.16 -37.04
N ILE NB 82 -185.44 11.99 -36.06
CA ILE NB 82 -184.47 12.95 -35.57
C ILE NB 82 -184.78 13.38 -34.16
N LYS NB 83 -183.79 13.75 -33.49
CA LYS NB 83 -183.86 14.29 -32.11
C LYS NB 83 -184.32 13.22 -31.14
N GLY NB 84 -184.65 12.06 -31.69
CA GLY NB 84 -184.97 10.88 -30.88
C GLY NB 84 -183.72 10.10 -30.48
N HIS NB 85 -182.59 10.43 -31.08
CA HIS NB 85 -181.37 9.71 -30.76
C HIS NB 85 -180.74 10.25 -29.47
N HIS NB 86 -180.70 9.39 -28.47
CA HIS NB 86 -180.24 9.80 -27.16
C HIS NB 86 -178.73 9.78 -27.12
N GLU NB 87 -178.17 10.69 -26.32
CA GLU NB 87 -176.73 10.72 -26.16
C GLU NB 87 -176.14 9.45 -25.55
N GLY NB 88 -176.97 8.47 -25.20
CA GLY NB 88 -176.51 7.25 -24.53
C GLY NB 88 -177.02 5.99 -25.23
N SER NB 89 -177.46 6.10 -26.48
CA SER NB 89 -177.73 4.92 -27.31
C SER NB 89 -176.42 4.11 -27.46
N GLY NB 90 -176.40 2.83 -27.02
CA GLY NB 90 -175.16 2.08 -27.16
C GLY NB 90 -174.80 1.78 -28.61
N PRO NB 91 -175.78 1.89 -29.51
CA PRO NB 91 -175.56 1.58 -30.94
C PRO NB 91 -175.49 2.78 -31.84
N VAL NB 92 -176.40 3.73 -31.67
CA VAL NB 92 -176.56 4.83 -32.63
C VAL NB 92 -175.91 6.10 -32.14
N SER NB 93 -174.87 6.54 -32.85
CA SER NB 93 -174.18 7.80 -32.60
C SER NB 93 -175.05 8.94 -33.10
N GLY NB 94 -175.70 8.79 -34.26
CA GLY NB 94 -176.65 9.79 -34.79
C GLY NB 94 -177.46 9.29 -35.97
N VAL NB 95 -178.55 9.98 -36.30
CA VAL NB 95 -179.43 9.59 -37.42
C VAL NB 95 -179.79 10.77 -38.30
N VAL NB 96 -179.49 10.67 -39.60
CA VAL NB 96 -179.83 11.73 -40.55
C VAL NB 96 -180.83 11.16 -41.54
N ALA NB 97 -181.75 11.99 -42.01
CA ALA NB 97 -182.80 11.56 -42.94
C ALA NB 97 -182.91 12.56 -44.09
N SER NB 98 -183.06 12.06 -45.33
CA SER NB 98 -183.41 12.93 -46.47
C SER NB 98 -184.28 12.26 -47.53
N GLN NB 99 -185.28 12.92 -48.09
CA GLN NB 99 -186.15 12.39 -49.14
C GLN NB 99 -185.81 12.96 -50.51
N PHE NB 100 -185.75 12.12 -51.54
CA PHE NB 100 -185.58 12.60 -52.92
C PHE NB 100 -186.76 12.14 -53.78
N SER NB 101 -187.11 12.98 -54.78
CA SER NB 101 -188.24 12.71 -55.68
C SER NB 101 -187.88 11.95 -56.92
N ASP NB 102 -188.79 11.03 -57.28
CA ASP NB 102 -188.70 10.26 -58.53
C ASP NB 102 -190.10 10.42 -59.16
N GLN NB 103 -190.24 11.32 -60.15
CA GLN NB 103 -191.57 11.68 -60.64
C GLN NB 103 -192.36 12.17 -59.44
N ARG NB 104 -193.57 11.66 -59.33
CA ARG NB 104 -194.42 12.03 -58.22
C ARG NB 104 -194.15 11.19 -56.97
N ALA NB 105 -193.24 10.21 -57.06
CA ALA NB 105 -192.93 9.35 -55.92
C ALA NB 105 -191.78 9.90 -55.09
N SER NB 106 -191.61 9.32 -53.91
CA SER NB 106 -190.58 9.78 -52.96
C SER NB 106 -189.84 8.60 -52.35
N VAL NB 107 -188.51 8.65 -52.34
CA VAL NB 107 -187.62 7.70 -51.64
C VAL NB 107 -186.93 8.39 -50.49
N GLY NB 108 -187.09 7.83 -49.18
CA GLY NB 108 -186.44 8.47 -48.05
C GLY NB 108 -185.25 7.61 -47.66
N ARG NB 109 -184.15 8.28 -47.34
CA ARG NB 109 -182.99 7.54 -46.89
C ARG NB 109 -182.72 7.87 -45.44
N VAL NB 110 -182.61 6.84 -44.62
CA VAL NB 110 -182.26 6.98 -43.20
C VAL NB 110 -180.88 6.44 -43.03
N LEU NB 111 -180.07 7.24 -42.34
CA LEU NB 111 -178.65 6.97 -42.13
C LEU NB 111 -178.30 6.97 -40.65
N LEU NB 112 -177.86 5.82 -40.15
CA LEU NB 112 -177.50 5.68 -38.73
C LEU NB 112 -176.02 5.52 -38.58
N ALA NB 113 -175.35 6.56 -38.12
CA ALA NB 113 -173.93 6.43 -37.74
C ALA NB 113 -173.82 5.59 -36.44
N LEU NB 114 -172.91 4.61 -36.41
CA LEU NB 114 -172.79 3.63 -35.35
C LEU NB 114 -171.63 3.80 -34.38
N ASP NB 115 -171.83 3.29 -33.15
CA ASP NB 115 -170.83 3.30 -32.06
C ASP NB 115 -170.12 1.96 -31.97
N LYS NB 116 -170.62 0.97 -32.70
CA LYS NB 116 -170.06 -0.38 -32.65
C LYS NB 116 -170.60 -1.19 -33.83
N ALA NB 117 -169.93 -2.27 -34.17
CA ALA NB 117 -170.36 -3.08 -35.30
C ALA NB 117 -171.67 -3.79 -35.01
N SER NB 118 -172.57 -3.75 -35.98
CA SER NB 118 -173.87 -4.34 -35.82
C SER NB 118 -174.18 -5.41 -36.87
N GLN NB 119 -175.06 -6.31 -36.46
CA GLN NB 119 -175.69 -7.20 -37.38
C GLN NB 119 -177.18 -6.82 -37.38
N TYR NB 120 -177.63 -6.03 -38.37
CA TYR NB 120 -179.02 -5.61 -38.31
C TYR NB 120 -179.97 -6.73 -38.66
N ASP NB 121 -181.15 -6.70 -38.06
CA ASP NB 121 -182.22 -7.62 -38.44
C ASP NB 121 -183.50 -6.79 -38.64
N VAL NB 122 -184.08 -6.89 -39.82
CA VAL NB 122 -185.26 -6.14 -40.21
C VAL NB 122 -186.46 -7.05 -40.42
N ARG NB 123 -187.62 -6.65 -39.93
CA ARG NB 123 -188.85 -7.41 -40.22
C ARG NB 123 -190.00 -6.47 -40.22
N ALA NB 124 -191.06 -6.83 -40.90
CA ALA NB 124 -192.23 -5.99 -41.02
C ALA NB 124 -193.32 -6.63 -40.19
N ASP NB 125 -194.26 -5.84 -39.69
CA ASP NB 125 -195.45 -6.32 -39.02
C ASP NB 125 -196.53 -5.26 -39.21
N GLY NB 126 -197.48 -5.55 -40.09
CA GLY NB 126 -198.54 -4.59 -40.36
C GLY NB 126 -197.99 -3.33 -41.00
N ASN NB 127 -198.17 -2.21 -40.32
CA ASN NB 127 -197.68 -0.92 -40.82
C ASN NB 127 -196.39 -0.52 -40.11
N ARG NB 128 -195.80 -1.46 -39.37
CA ARG NB 128 -194.57 -1.16 -38.66
C ARG NB 128 -193.42 -1.91 -39.27
N VAL NB 129 -192.32 -1.19 -39.50
CA VAL NB 129 -191.09 -1.77 -39.95
C VAL NB 129 -190.16 -1.66 -38.76
N VAL NB 130 -189.62 -2.81 -38.37
CA VAL NB 130 -188.71 -2.86 -37.23
C VAL NB 130 -187.26 -3.19 -37.65
N ILE NB 131 -186.32 -2.37 -37.20
CA ILE NB 131 -184.91 -2.73 -37.37
C ILE NB 131 -184.22 -2.90 -36.05
N SER NB 132 -183.74 -4.09 -35.75
CA SER NB 132 -182.99 -4.26 -34.49
C SER NB 132 -181.50 -4.38 -34.77
N VAL NB 133 -180.72 -3.57 -34.06
CA VAL NB 133 -179.30 -3.53 -34.29
C VAL NB 133 -178.69 -4.34 -33.19
N ASP NB 134 -178.22 -5.54 -33.51
CA ASP NB 134 -177.51 -6.37 -32.53
C ASP NB 134 -175.99 -6.20 -32.63
N GLY NB 135 -175.23 -6.44 -31.55
CA GLY NB 135 -173.77 -6.43 -31.76
C GLY NB 135 -173.26 -7.58 -32.65
N THR NB 136 -172.49 -8.49 -32.06
CA THR NB 136 -171.95 -9.64 -32.79
C THR NB 136 -172.58 -10.95 -32.32
N SER NB 137 -173.45 -10.88 -31.31
CA SER NB 137 -174.14 -12.06 -30.78
C SER NB 137 -175.51 -12.15 -31.45
N GLN NB 138 -175.68 -13.14 -32.30
CA GLN NB 138 -176.92 -13.31 -33.06
C GLN NB 138 -177.99 -14.26 -32.53
N SER NB 139 -177.63 -15.15 -31.61
CA SER NB 139 -178.62 -16.09 -31.11
C SER NB 139 -178.26 -16.65 -29.74
N VAL NB 140 -179.25 -16.70 -28.87
CA VAL NB 140 -179.06 -17.26 -27.53
C VAL NB 140 -179.82 -18.58 -27.54
N ASP NB 214 -136.86 -20.34 -37.47
CA ASP NB 214 -136.44 -20.69 -36.09
C ASP NB 214 -136.95 -19.69 -35.04
N ASP NB 215 -137.08 -18.43 -35.44
CA ASP NB 215 -137.46 -17.34 -34.55
C ASP NB 215 -138.94 -17.45 -34.27
N THR NB 216 -139.68 -17.94 -35.27
CA THR NB 216 -141.15 -18.02 -35.29
C THR NB 216 -141.56 -18.60 -36.65
N LEU NB 217 -142.55 -19.46 -36.57
CA LEU NB 217 -143.21 -19.98 -37.77
C LEU NB 217 -144.50 -19.17 -37.96
N SER NB 218 -144.67 -18.68 -39.18
CA SER NB 218 -145.85 -17.88 -39.54
C SER NB 218 -146.82 -18.72 -40.37
N ILE NB 219 -148.08 -18.65 -39.97
CA ILE NB 219 -149.18 -19.27 -40.72
C ILE NB 219 -150.04 -18.13 -41.30
N ARG NB 220 -150.22 -18.18 -42.59
CA ARG NB 220 -151.02 -17.16 -43.30
C ARG NB 220 -152.23 -17.82 -43.95
N ALA NB 221 -153.38 -17.22 -43.70
CA ALA NB 221 -154.66 -17.65 -44.31
C ALA NB 221 -155.24 -16.47 -45.06
N ASP NB 222 -155.29 -16.61 -46.38
CA ASP NB 222 -155.80 -15.54 -47.24
C ASP NB 222 -157.24 -15.88 -47.65
N GLY NB 223 -158.10 -14.87 -47.53
CA GLY NB 223 -159.52 -15.01 -47.84
C GLY NB 223 -160.25 -13.70 -47.55
N ASP NB 224 -161.51 -13.69 -47.92
CA ASP NB 224 -162.40 -12.52 -47.73
C ASP NB 224 -162.67 -12.15 -46.26
N ILE NB 225 -162.81 -13.16 -45.42
CA ILE NB 225 -163.17 -12.99 -44.02
C ILE NB 225 -162.05 -12.27 -43.21
N ALA NB 226 -161.88 -12.50 -41.90
CA ALA NB 226 -162.47 -13.57 -41.11
C ALA NB 226 -162.64 -13.30 -39.66
N ARG NB 227 -163.73 -13.80 -39.13
CA ARG NB 227 -163.81 -13.89 -37.67
C ARG NB 227 -163.18 -15.20 -37.23
N TYR NB 228 -162.33 -15.11 -36.23
CA TYR NB 228 -161.58 -16.26 -35.73
C TYR NB 228 -161.51 -16.24 -34.20
N GLU NB 229 -161.17 -17.39 -33.66
CA GLU NB 229 -160.79 -17.53 -32.24
C GLU NB 229 -159.61 -18.50 -32.17
N VAL NB 230 -158.63 -18.14 -31.37
CA VAL NB 230 -157.44 -18.98 -31.15
C VAL NB 230 -157.37 -19.38 -29.67
N LEU NB 231 -156.99 -20.63 -29.45
CA LEU NB 231 -156.81 -21.16 -28.10
C LEU NB 231 -155.82 -22.33 -28.12
N GLU NB 232 -155.40 -22.72 -26.92
CA GLU NB 232 -154.43 -23.80 -26.70
C GLU NB 232 -155.06 -25.10 -26.11
N LEU NB 233 -154.39 -26.20 -26.39
CA LEU NB 233 -154.73 -27.51 -25.79
C LEU NB 233 -153.43 -28.17 -25.35
N ALA NB 234 -153.55 -29.07 -24.39
CA ALA NB 234 -152.38 -29.84 -23.91
C ALA NB 234 -152.60 -31.34 -24.09
N ASP NB 235 -151.51 -32.09 -23.95
CA ASP NB 235 -151.53 -33.56 -24.04
C ASP NB 235 -152.24 -34.06 -25.32
N PRO NB 236 -151.62 -33.83 -26.48
CA PRO NB 236 -150.34 -33.13 -26.66
C PRO NB 236 -150.57 -31.61 -26.80
N PRO NB 237 -149.50 -30.83 -26.63
CA PRO NB 237 -149.57 -29.37 -26.80
C PRO NB 237 -150.00 -29.05 -28.25
N ARG NB 238 -150.98 -28.16 -28.33
CA ARG NB 238 -151.63 -27.82 -29.60
C ARG NB 238 -152.08 -26.36 -29.60
N LEU NB 239 -152.13 -25.77 -30.77
CA LEU NB 239 -152.76 -24.46 -30.97
C LEU NB 239 -153.91 -24.69 -31.97
N ALA NB 240 -155.06 -24.14 -31.63
CA ALA NB 240 -156.26 -24.33 -32.45
C ALA NB 240 -156.86 -22.98 -32.86
N VAL NB 241 -157.18 -22.88 -34.13
CA VAL NB 241 -157.86 -21.69 -34.68
C VAL NB 241 -159.19 -22.13 -35.29
N ASP NB 242 -160.24 -21.42 -34.90
CA ASP NB 242 -161.57 -21.59 -35.52
C ASP NB 242 -161.87 -20.37 -36.38
N LEU NB 243 -162.23 -20.66 -37.61
CA LEU NB 243 -162.55 -19.64 -38.60
C LEU NB 243 -164.03 -19.70 -38.96
N PHE NB 244 -164.67 -18.55 -38.94
CA PHE NB 244 -166.09 -18.51 -39.30
C PHE NB 244 -166.34 -17.83 -40.65
N GLY NB 245 -167.51 -18.19 -41.17
CA GLY NB 245 -167.92 -17.80 -42.54
C GLY NB 245 -167.09 -18.54 -43.59
N VAL NB 246 -166.57 -19.71 -43.19
CA VAL NB 246 -165.80 -20.56 -44.12
C VAL NB 246 -166.44 -21.93 -44.24
N GLY NB 247 -166.43 -22.38 -45.50
CA GLY NB 247 -166.71 -23.80 -45.81
C GLY NB 247 -165.38 -24.44 -46.20
N LEU NB 248 -165.15 -25.63 -45.66
CA LEU NB 248 -163.94 -26.40 -45.96
C LEU NB 248 -163.83 -26.62 -47.47
N ALA NB 249 -162.60 -26.56 -47.99
CA ALA NB 249 -162.38 -26.69 -49.44
C ALA NB 249 -160.98 -27.23 -49.70
N THR NB 250 -160.80 -27.69 -50.93
CA THR NB 250 -159.56 -28.32 -51.37
C THR NB 250 -158.36 -27.38 -51.12
N ARG NB 251 -158.54 -26.06 -51.12
CA ARG NB 251 -157.44 -25.12 -50.83
C ARG NB 251 -156.93 -25.23 -49.38
N ALA NB 252 -157.71 -25.90 -48.53
CA ALA NB 252 -157.28 -26.24 -47.16
C ALA NB 252 -155.87 -26.90 -47.17
N PRO NB 253 -155.48 -27.73 -48.14
CA PRO NB 253 -154.18 -28.38 -48.28
C PRO NB 253 -153.01 -27.45 -48.28
N ARG NB 254 -153.18 -26.24 -48.81
CA ARG NB 254 -152.10 -25.23 -48.72
C ARG NB 254 -151.70 -24.98 -47.26
N VAL NB 255 -152.56 -25.46 -46.36
CA VAL NB 255 -152.37 -25.45 -44.90
C VAL NB 255 -151.17 -26.31 -44.46
N LYS NB 256 -150.78 -27.29 -45.29
CA LYS NB 256 -149.66 -28.19 -44.96
C LYS NB 256 -148.38 -27.40 -44.67
N SER NB 257 -148.31 -26.20 -45.25
CA SER NB 257 -147.17 -25.28 -45.10
C SER NB 257 -146.92 -24.81 -43.67
N GLY NB 258 -147.93 -24.97 -42.83
CA GLY NB 258 -147.86 -24.33 -41.56
C GLY NB 258 -147.80 -25.25 -40.39
N ALA NB 259 -147.73 -26.61 -40.53
CA ALA NB 259 -147.48 -27.59 -39.45
C ALA NB 259 -146.10 -27.46 -38.79
N LEU NB 260 -145.87 -27.66 -37.47
CA LEU NB 260 -146.76 -27.80 -36.31
C LEU NB 260 -146.65 -29.19 -35.74
N ARG NB 261 -145.47 -29.77 -35.84
CA ARG NB 261 -145.34 -31.24 -35.90
C ARG NB 261 -146.28 -31.82 -36.99
N ASP NB 262 -147.48 -31.27 -37.14
CA ASP NB 262 -148.60 -31.47 -38.04
C ASP NB 262 -149.74 -30.46 -37.81
N VAL NB 263 -150.53 -30.37 -38.86
CA VAL NB 263 -151.75 -29.56 -38.92
C VAL NB 263 -152.91 -30.38 -39.48
N ARG NB 264 -154.00 -30.42 -38.76
CA ARG NB 264 -155.24 -31.04 -39.23
C ARG NB 264 -156.37 -30.02 -39.25
N VAL NB 265 -157.23 -30.16 -40.26
CA VAL NB 265 -158.33 -29.20 -40.48
C VAL NB 265 -159.63 -29.98 -40.69
N GLY NB 266 -160.72 -29.41 -40.19
CA GLY NB 266 -162.06 -29.99 -40.35
C GLY NB 266 -163.14 -28.92 -40.22
N ALA NB 267 -164.38 -29.37 -40.21
CA ALA NB 267 -165.55 -28.49 -40.12
C ALA NB 267 -166.76 -29.31 -39.66
N HIS NB 268 -167.65 -28.62 -38.95
CA HIS NB 268 -168.86 -29.25 -38.40
C HIS NB 268 -170.07 -28.35 -38.59
N ALA NB 269 -170.47 -28.19 -39.85
CA ALA NB 269 -171.63 -27.34 -40.20
C ALA NB 269 -171.53 -25.95 -39.53
N ASP NB 270 -170.29 -25.50 -39.40
CA ASP NB 270 -170.15 -24.13 -38.97
C ASP NB 270 -169.27 -23.32 -39.95
N LYS NB 271 -167.97 -23.05 -39.88
CA LYS NB 271 -166.87 -23.12 -38.85
C LYS NB 271 -165.86 -24.20 -39.20
N VAL NB 272 -164.70 -23.71 -39.55
CA VAL NB 272 -163.55 -24.59 -39.80
C VAL NB 272 -162.61 -24.50 -38.60
N ARG NB 273 -162.08 -25.65 -38.22
CA ARG NB 273 -161.10 -25.72 -37.12
C ARG NB 273 -159.76 -26.21 -37.64
N LEU NB 274 -158.75 -25.42 -37.35
CA LEU NB 274 -157.37 -25.74 -37.69
C LEU NB 274 -156.63 -26.05 -36.38
N VAL NB 275 -155.97 -27.19 -36.40
CA VAL NB 275 -155.29 -27.74 -35.22
C VAL NB 275 -153.81 -27.97 -35.57
N LEU NB 276 -152.97 -27.39 -34.76
CA LEU NB 276 -151.49 -27.39 -34.87
C LEU NB 276 -150.89 -28.12 -33.70
N ASP NB 277 -150.45 -29.31 -33.92
CA ASP NB 277 -149.65 -29.99 -32.90
C ASP NB 277 -148.26 -29.28 -32.74
N VAL NB 278 -147.74 -29.13 -31.57
CA VAL NB 278 -146.49 -28.35 -31.49
C VAL NB 278 -145.27 -29.20 -31.14
N ARG NB 279 -144.10 -28.68 -31.47
CA ARG NB 279 -142.82 -29.28 -31.04
C ARG NB 279 -142.22 -28.55 -29.83
N GLY NB 280 -142.83 -27.42 -29.45
CA GLY NB 280 -142.34 -26.59 -28.34
C GLY NB 280 -143.39 -25.57 -27.90
N THR NB 281 -143.33 -25.11 -26.68
CA THR NB 281 -144.33 -24.13 -26.19
C THR NB 281 -144.26 -22.83 -27.01
N MET NB 282 -145.44 -22.31 -27.35
CA MET NB 282 -145.54 -21.07 -28.15
C MET NB 282 -146.37 -20.01 -27.41
N LYS NB 341 -142.48 -9.32 -7.94
CA LYS NB 341 -141.11 -9.81 -7.86
C LYS NB 341 -140.47 -9.45 -6.52
N ASP NB 342 -139.51 -10.27 -6.08
CA ASP NB 342 -138.82 -10.04 -4.82
C ASP NB 342 -137.69 -11.04 -4.63
N VAL NB 343 -136.75 -10.69 -3.77
CA VAL NB 343 -135.61 -11.56 -3.49
C VAL NB 343 -135.60 -12.00 -2.02
N ARG NB 344 -134.96 -13.14 -1.76
CA ARG NB 344 -134.87 -13.66 -0.40
C ARG NB 344 -133.59 -14.48 -0.22
N PHE NB 345 -133.14 -14.59 1.02
CA PHE NB 345 -131.93 -15.34 1.33
C PHE NB 345 -132.15 -16.27 2.53
N GLU NB 346 -131.48 -17.41 2.52
CA GLU NB 346 -131.61 -18.38 3.59
C GLU NB 346 -130.45 -19.39 3.55
N GLU NB 347 -130.39 -20.38 4.31
CA GLU NB 347 -129.33 -21.36 4.21
C GLU NB 347 -129.86 -22.78 4.42
N SER NB 348 -129.17 -23.72 3.84
CA SER NB 348 -129.46 -25.11 4.09
C SER NB 348 -128.12 -25.84 4.11
N SER NB 349 -128.15 -27.15 4.16
CA SER NB 349 -126.85 -27.87 4.40
C SER NB 349 -125.93 -27.63 3.19
N SER NB 350 -126.50 -27.49 1.99
CA SER NB 350 -125.70 -27.11 0.81
C SER NB 350 -125.06 -25.70 0.99
N GLY NB 351 -125.45 -24.95 2.04
CA GLY NB 351 -124.89 -23.61 2.23
C GLY NB 351 -125.91 -22.48 2.12
N GLY NB 352 -125.49 -21.40 1.45
CA GLY NB 352 -126.36 -20.22 1.26
C GLY NB 352 -127.26 -20.36 0.04
N ARG NB 353 -128.45 -19.93 0.20
CA ARG NB 353 -129.55 -20.06 -0.75
C ARG NB 353 -130.20 -18.71 -1.02
N ILE NB 354 -130.51 -18.46 -2.28
CA ILE NB 354 -131.15 -17.20 -2.67
C ILE NB 354 -132.48 -17.45 -3.37
N VAL NB 355 -133.56 -17.47 -2.59
CA VAL NB 355 -134.89 -17.70 -3.15
C VAL NB 355 -135.44 -16.42 -3.78
N MET NB 356 -135.63 -16.47 -5.10
CA MET NB 356 -136.16 -15.32 -5.82
C MET NB 356 -137.60 -15.57 -6.28
N LYS NB 357 -138.44 -14.55 -6.11
CA LYS NB 357 -139.84 -14.67 -6.51
C LYS NB 357 -140.07 -14.08 -7.90
N LEU NB 358 -140.36 -14.94 -8.86
CA LEU NB 358 -140.59 -14.50 -10.24
C LEU NB 358 -142.05 -14.71 -10.63
N SER NB 359 -142.83 -13.62 -10.54
CA SER NB 359 -144.25 -13.68 -10.88
C SER NB 359 -144.48 -13.13 -12.29
N GLY NB 360 -144.83 -14.03 -13.21
CA GLY NB 360 -145.09 -13.62 -14.59
C GLY NB 360 -144.02 -14.11 -15.54
N THR NB 361 -143.30 -15.15 -15.14
CA THR NB 361 -142.23 -15.71 -15.96
C THR NB 361 -142.58 -17.13 -16.40
N SER NB 362 -142.10 -17.52 -17.58
CA SER NB 362 -142.35 -18.85 -18.10
C SER NB 362 -141.07 -19.66 -18.21
N GLY NB 363 -140.22 -19.28 -19.16
CA GLY NB 363 -138.95 -19.97 -19.36
C GLY NB 363 -138.01 -19.78 -18.19
N TRP NB 364 -136.71 -19.77 -18.48
CA TRP NB 364 -135.70 -19.59 -17.44
C TRP NB 364 -134.77 -18.44 -17.78
N LYS NB 365 -134.33 -17.71 -16.74
CA LYS NB 365 -133.43 -16.56 -16.90
C LYS NB 365 -132.03 -16.99 -17.32
N VAL NB 366 -131.15 -16.00 -17.50
CA VAL NB 366 -129.77 -16.28 -17.90
C VAL NB 366 -128.84 -16.29 -16.69
N ASP NB 367 -128.42 -17.48 -16.28
CA ASP NB 367 -127.53 -17.61 -15.13
C ASP NB 367 -126.07 -17.45 -15.56
N ARG NB 368 -125.41 -16.44 -15.01
CA ARG NB 368 -124.00 -16.18 -15.33
C ARG NB 368 -123.14 -16.26 -14.08
N PRO NB 369 -122.53 -17.42 -13.86
CA PRO NB 369 -121.67 -17.63 -12.70
C PRO NB 369 -120.30 -17.02 -12.92
N ASP NB 370 -120.01 -15.93 -12.21
CA ASP NB 370 -118.74 -15.24 -12.33
C ASP NB 370 -117.86 -15.52 -11.12
N PRO NB 371 -116.58 -15.15 -11.22
CA PRO NB 371 -115.64 -15.36 -10.12
C PRO NB 371 -115.83 -14.31 -9.04
N ARG NB 372 -116.59 -13.26 -9.37
CA ARG NB 372 -116.84 -12.19 -8.41
C ARG NB 372 -118.25 -12.30 -7.84
N SER NB 373 -119.26 -12.20 -8.71
CA SER NB 373 -120.64 -12.29 -8.30
C SER NB 373 -121.47 -13.10 -9.29
N ALA NB 374 -122.78 -13.05 -9.16
CA ALA NB 374 -123.67 -13.78 -10.06
C ALA NB 374 -124.56 -12.82 -10.85
N VAL NB 375 -125.06 -13.29 -11.98
CA VAL NB 375 -125.93 -12.47 -12.83
C VAL NB 375 -127.16 -13.27 -13.28
N LEU NB 376 -128.34 -12.68 -13.10
CA LEU NB 376 -129.58 -13.32 -13.49
C LEU NB 376 -130.52 -12.33 -14.18
N THR NB 377 -130.69 -12.50 -15.49
CA THR NB 377 -131.57 -11.63 -16.27
C THR NB 377 -132.88 -12.31 -16.58
N LEU NB 378 -133.98 -11.56 -16.44
CA LEU NB 378 -135.31 -12.09 -16.73
C LEU NB 378 -136.04 -11.23 -17.74
N ASP NB 379 -136.02 -11.65 -19.00
CA ASP NB 379 -136.69 -10.91 -20.07
C ASP NB 379 -138.18 -10.76 -19.77
N ASN NB 380 -138.70 -9.56 -19.98
CA ASN NB 380 -140.11 -9.28 -19.73
C ASN NB 380 -140.45 -9.45 -18.26
N ALA NB 381 -139.46 -9.28 -17.40
CA ALA NB 381 -139.66 -9.42 -15.96
C ALA NB 381 -139.22 -8.16 -15.22
N ARG NB 382 -139.19 -7.03 -15.94
CA ARG NB 382 -138.80 -5.76 -15.36
C ARG NB 382 -139.49 -5.53 -14.02
N LEU NB 383 -138.69 -5.49 -12.95
CA LEU NB 383 -139.24 -5.27 -11.61
C LEU NB 383 -139.09 -3.81 -11.20
N PRO NB 384 -140.05 -3.34 -10.38
CA PRO NB 384 -140.06 -1.95 -9.90
C PRO NB 384 -138.93 -1.68 -8.91
N LYS NB 385 -138.51 -0.42 -8.83
CA LYS NB 385 -137.43 -0.03 -7.92
C LYS NB 385 -137.86 -0.22 -6.47
N LYS NB 386 -139.14 -0.44 -6.24
CA LYS NB 386 -139.68 -0.64 -4.91
C LYS NB 386 -139.58 -2.10 -4.49
N PHE NB 387 -138.90 -2.90 -5.30
CA PHE NB 387 -138.74 -4.32 -5.00
C PHE NB 387 -137.29 -4.76 -5.26
N GLU NB 388 -136.43 -3.80 -5.55
CA GLU NB 388 -135.02 -4.09 -5.81
C GLU NB 388 -134.21 -4.02 -4.53
N ARG NB 389 -134.87 -4.23 -3.40
CA ARG NB 389 -134.20 -4.19 -2.10
C ARG NB 389 -133.05 -5.19 -2.05
N SER NB 390 -132.03 -4.87 -1.26
CA SER NB 390 -130.87 -5.74 -1.14
C SER NB 390 -130.86 -6.44 0.22
N LEU NB 391 -130.03 -7.47 0.34
CA LEU NB 391 -129.94 -8.23 1.58
C LEU NB 391 -128.76 -7.75 2.43
N ASP NB 392 -128.72 -8.17 3.68
CA ASP NB 392 -127.66 -7.78 4.60
C ASP NB 392 -127.10 -8.98 5.33
N THR NB 393 -126.97 -10.10 4.62
CA THR NB 393 -126.45 -11.34 5.21
C THR NB 393 -124.94 -11.27 5.35
N SER NB 394 -124.47 -10.33 6.17
CA SER NB 394 -123.03 -10.17 6.39
C SER NB 394 -122.58 -10.98 7.60
N ALA NB 395 -121.45 -11.66 7.46
CA ALA NB 395 -120.90 -12.47 8.55
C ALA NB 395 -121.83 -13.63 8.88
N LEU NB 396 -122.49 -14.17 7.86
CA LEU NB 396 -123.42 -15.29 8.05
C LEU NB 396 -122.70 -16.62 7.86
N ASP NB 397 -121.38 -16.57 7.71
CA ASP NB 397 -120.59 -17.78 7.53
C ASP NB 397 -121.04 -18.54 6.29
N THR NB 398 -121.22 -17.82 5.19
CA THR NB 398 -121.64 -18.43 3.94
C THR NB 398 -120.83 -17.90 2.76
N PRO NB 399 -120.85 -18.64 1.64
CA PRO NB 399 -120.12 -18.27 0.43
C PRO NB 399 -120.71 -17.04 -0.25
N VAL NB 400 -121.93 -16.69 0.15
CA VAL NB 400 -122.61 -15.52 -0.42
C VAL NB 400 -122.36 -14.27 0.41
N LYS NB 401 -121.56 -13.36 -0.14
CA LYS NB 401 -121.24 -12.11 0.56
C LYS NB 401 -122.50 -11.34 0.91
N MET NB 402 -123.31 -11.05 -0.11
CA MET NB 402 -124.56 -10.32 0.09
C MET NB 402 -125.36 -10.25 -1.21
N ILE NB 403 -126.67 -10.41 -1.08
CA ILE NB 403 -127.56 -10.36 -2.24
C ILE NB 403 -127.97 -8.93 -2.56
N SER NB 404 -127.98 -8.60 -3.85
CA SER NB 404 -128.36 -7.26 -4.29
C SER NB 404 -129.28 -7.31 -5.50
N ALA NB 405 -130.43 -6.68 -5.39
CA ALA NB 405 -131.41 -6.65 -6.47
C ALA NB 405 -131.43 -5.30 -7.17
N PHE NB 406 -131.46 -5.31 -8.49
CA PHE NB 406 -131.48 -4.09 -9.26
C PHE NB 406 -132.41 -4.22 -10.47
N SER NB 407 -133.27 -3.22 -10.67
CA SER NB 407 -134.20 -3.23 -11.79
C SER NB 407 -133.50 -2.86 -13.09
N VAL NB 408 -133.47 -1.59 -13.44
CA VAL NB 408 -132.94 -1.20 -14.73
C VAL NB 408 -131.47 -1.57 -14.90
N PRO NB 409 -131.13 -2.07 -16.10
CA PRO NB 409 -129.68 -2.26 -16.35
C PRO NB 409 -129.39 -2.02 -17.84
N GLY NB 410 -130.25 -1.23 -18.50
CA GLY NB 410 -129.91 -0.77 -19.85
C GLY NB 410 -130.56 -1.55 -20.97
N ALA NB 411 -131.40 -2.52 -20.63
CA ALA NB 411 -132.12 -3.30 -21.62
C ALA NB 411 -133.61 -3.24 -21.29
N GLY NB 412 -134.41 -2.81 -22.26
CA GLY NB 412 -135.86 -2.80 -22.02
C GLY NB 412 -136.36 -4.15 -21.51
N GLY NB 413 -137.27 -4.09 -20.56
CA GLY NB 413 -138.02 -5.19 -19.98
C GLY NB 413 -137.20 -6.19 -19.14
N LYS NB 414 -135.88 -6.14 -19.17
CA LYS NB 414 -135.00 -7.08 -18.48
C LYS NB 414 -134.84 -6.72 -17.02
N VAL NB 415 -134.58 -7.73 -16.17
CA VAL NB 415 -134.16 -7.49 -14.79
C VAL NB 415 -132.84 -8.20 -14.48
N ARG NB 416 -132.21 -7.75 -13.38
CA ARG NB 416 -130.87 -8.24 -13.12
C ARG NB 416 -130.65 -8.49 -11.64
N LEU NB 417 -129.90 -9.54 -11.32
CA LEU NB 417 -129.62 -9.89 -9.93
C LEU NB 417 -128.12 -10.00 -9.69
N VAL NB 418 -127.68 -9.43 -8.57
CA VAL NB 418 -126.26 -9.47 -8.21
C VAL NB 418 -126.04 -10.16 -6.87
N VAL NB 419 -125.45 -11.35 -6.92
CA VAL NB 419 -125.18 -12.13 -5.71
C VAL NB 419 -123.68 -12.25 -5.46
N ALA NB 420 -123.12 -11.26 -4.78
CA ALA NB 420 -121.70 -11.26 -4.46
C ALA NB 420 -121.30 -12.52 -3.71
N ALA NB 421 -120.14 -13.07 -4.06
CA ALA NB 421 -119.64 -14.28 -3.41
C ALA NB 421 -118.18 -14.13 -2.99
N ASP NB 422 -117.62 -15.19 -2.42
CA ASP NB 422 -116.23 -15.16 -1.98
C ASP NB 422 -115.61 -16.56 -2.04
N GLY NB 423 -114.30 -16.62 -2.26
CA GLY NB 423 -113.62 -17.89 -2.35
C GLY NB 423 -114.26 -18.84 -3.32
N ALA NB 424 -113.78 -20.07 -3.36
CA ALA NB 424 -114.33 -21.08 -4.27
C ALA NB 424 -115.74 -21.49 -3.85
N ILE NB 425 -116.63 -21.58 -4.83
CA ILE NB 425 -118.01 -21.97 -4.57
C ILE NB 425 -118.67 -22.53 -5.82
N GLU NB 426 -119.89 -23.04 -5.68
CA GLU NB 426 -120.63 -23.60 -6.80
C GLU NB 426 -122.07 -23.11 -6.81
N GLU NB 427 -122.59 -22.84 -7.99
CA GLU NB 427 -123.96 -22.36 -8.14
C GLU NB 427 -124.90 -23.50 -8.53
N LYS NB 428 -126.08 -23.51 -7.93
CA LYS NB 428 -127.08 -24.55 -8.21
C LYS NB 428 -128.48 -23.96 -8.27
N VAL NB 429 -129.05 -23.91 -9.48
CA VAL NB 429 -130.39 -23.38 -9.67
C VAL NB 429 -131.44 -24.47 -9.49
N SER NB 430 -132.56 -24.11 -8.85
CA SER NB 430 -133.65 -25.05 -8.63
C SER NB 430 -135.00 -24.43 -8.94
N GLN NB 431 -135.81 -25.12 -9.72
CA GLN NB 431 -137.13 -24.63 -10.09
C GLN NB 431 -138.23 -25.52 -9.52
N SER NB 432 -138.72 -25.16 -8.34
CA SER NB 432 -139.78 -25.94 -7.69
C SER NB 432 -141.13 -25.67 -8.34
N ALA NB 433 -141.17 -24.69 -9.25
CA ALA NB 433 -142.40 -24.35 -9.94
C ALA NB 433 -142.15 -23.24 -10.96
N GLY NB 434 -143.09 -23.10 -11.92
CA GLY NB 434 -142.99 -22.09 -12.97
C GLY NB 434 -143.20 -20.68 -12.44
N THR NB 435 -142.16 -20.13 -11.81
CA THR NB 435 -142.25 -18.79 -11.27
C THR NB 435 -141.34 -18.59 -10.08
N LEU NB 436 -141.05 -19.67 -9.36
CA LEU NB 436 -140.19 -19.61 -8.18
C LEU NB 436 -138.78 -20.07 -8.53
N SER NB 437 -137.81 -19.15 -8.40
CA SER NB 437 -136.42 -19.47 -8.70
C SER NB 437 -135.59 -19.53 -7.41
N TRP NB 438 -134.57 -20.36 -7.42
CA TRP NB 438 -133.70 -20.52 -6.26
C TRP NB 438 -132.24 -20.71 -6.68
N ARG NB 439 -131.33 -20.28 -5.82
CA ARG NB 439 -129.91 -20.40 -6.10
C ARG NB 439 -129.15 -20.90 -4.87
N LEU NB 440 -128.76 -22.17 -4.89
CA LEU NB 440 -128.03 -22.77 -3.79
C LEU NB 440 -126.52 -22.53 -3.94
N TYR NB 477 -94.35 -27.01 27.23
CA TYR NB 477 -94.06 -28.46 27.26
C TYR NB 477 -95.28 -29.20 27.78
N ARG NB 478 -96.38 -29.04 27.02
CA ARG NB 478 -97.59 -29.82 27.18
C ARG NB 478 -98.44 -29.64 25.94
N GLY NB 479 -99.07 -30.71 25.47
CA GLY NB 479 -99.81 -30.64 24.22
C GLY NB 479 -100.83 -31.76 24.01
N LYS NB 480 -101.68 -31.64 22.96
CA LYS NB 480 -102.46 -32.79 22.47
C LYS NB 480 -101.54 -33.91 22.03
N ARG NB 481 -102.06 -35.13 22.14
CA ARG NB 481 -101.43 -36.36 21.64
C ARG NB 481 -101.60 -36.55 20.17
N VAL NB 482 -100.55 -37.13 19.59
CA VAL NB 482 -100.35 -37.14 18.17
C VAL NB 482 -99.61 -38.42 17.75
N SER NB 483 -99.54 -38.64 16.44
CA SER NB 483 -98.66 -39.65 15.87
C SER NB 483 -97.91 -38.96 14.74
N PHE NB 484 -96.59 -38.89 14.90
CA PHE NB 484 -95.69 -38.33 13.90
C PHE NB 484 -95.09 -39.32 12.96
N GLU NB 485 -95.50 -39.25 11.71
CA GLU NB 485 -94.92 -40.09 10.69
C GLU NB 485 -94.30 -39.19 9.64
N PHE NB 486 -92.97 -39.23 9.56
CA PHE NB 486 -92.14 -38.47 8.62
C PHE NB 486 -91.19 -39.33 7.83
N LYS NB 487 -91.51 -39.56 6.57
CA LYS NB 487 -90.69 -40.38 5.69
C LYS NB 487 -89.87 -39.52 4.75
N ASP NB 488 -88.66 -39.20 5.18
CA ASP NB 488 -87.66 -38.50 4.35
C ASP NB 488 -88.22 -37.11 4.02
N ILE NB 489 -88.27 -36.25 5.04
CA ILE NB 489 -88.78 -34.87 4.93
C ILE NB 489 -87.88 -33.87 5.61
N ASP NB 490 -87.89 -32.65 5.09
CA ASP NB 490 -87.11 -31.58 5.67
C ASP NB 490 -87.58 -31.27 7.09
N ILE NB 491 -86.65 -31.16 8.03
CA ILE NB 491 -87.00 -30.81 9.41
C ILE NB 491 -87.74 -29.47 9.44
N GLN NB 492 -87.43 -28.56 8.51
CA GLN NB 492 -88.17 -27.32 8.31
C GLN NB 492 -89.64 -27.56 7.96
N ASN NB 493 -89.92 -28.54 7.11
CA ASN NB 493 -91.28 -28.94 6.87
C ASN NB 493 -91.90 -29.52 8.13
N LEU NB 494 -91.25 -30.46 8.82
CA LEU NB 494 -91.83 -31.00 10.06
C LEU NB 494 -92.13 -29.90 11.06
N LEU NB 495 -91.23 -28.97 11.18
CA LEU NB 495 -91.43 -27.80 11.99
C LEU NB 495 -92.70 -27.02 11.62
N ARG NB 496 -92.85 -26.61 10.36
CA ARG NB 496 -94.01 -25.83 9.89
C ARG NB 496 -95.29 -26.55 10.10
N VAL NB 497 -95.27 -27.82 9.75
CA VAL NB 497 -96.36 -28.71 9.98
C VAL NB 497 -96.72 -28.65 11.48
N ILE NB 498 -95.70 -28.79 12.33
CA ILE NB 498 -95.88 -28.66 13.75
C ILE NB 498 -96.41 -27.24 14.10
N ALA NB 499 -96.02 -26.14 13.50
CA ALA NB 499 -96.73 -24.86 13.73
C ALA NB 499 -98.19 -24.80 13.20
N GLU NB 500 -98.52 -25.46 12.08
CA GLU NB 500 -99.86 -25.51 11.47
C GLU NB 500 -100.89 -26.29 12.30
N ILE NB 501 -100.40 -27.09 13.22
CA ILE NB 501 -101.16 -27.84 14.20
C ILE NB 501 -101.22 -27.04 15.58
N SER NB 502 -100.91 -25.72 15.65
CA SER NB 502 -101.05 -24.83 16.87
C SER NB 502 -100.07 -25.14 18.00
N LYS NB 503 -99.08 -25.94 17.64
CA LYS NB 503 -97.91 -26.20 18.45
C LYS NB 503 -96.95 -25.05 18.28
N LYS NB 504 -97.37 -23.93 18.86
CA LYS NB 504 -96.75 -22.61 18.73
C LYS NB 504 -96.84 -22.12 17.28
N ASN NB 505 -96.25 -20.95 17.04
CA ASN NB 505 -95.73 -20.63 15.73
C ASN NB 505 -94.25 -20.97 15.75
N ILE NB 506 -93.85 -22.01 15.04
CA ILE NB 506 -92.45 -22.38 14.92
C ILE NB 506 -91.83 -21.73 13.66
N VAL NB 507 -90.63 -21.17 13.80
CA VAL NB 507 -89.78 -20.64 12.71
C VAL NB 507 -88.34 -21.12 12.91
N VAL NB 508 -87.71 -21.67 11.87
CA VAL NB 508 -86.28 -22.02 11.94
C VAL NB 508 -85.41 -20.75 11.75
N ALA NB 509 -84.08 -20.87 11.86
CA ALA NB 509 -83.15 -20.10 11.02
C ALA NB 509 -83.37 -20.40 9.52
N ASP NB 510 -82.45 -20.07 8.61
CA ASP NB 510 -82.60 -20.53 7.21
C ASP NB 510 -82.09 -21.99 7.10
N ASP NB 511 -80.76 -22.15 7.05
CA ASP NB 511 -80.19 -23.48 6.85
C ASP NB 511 -79.86 -24.15 8.19
N VAL NB 512 -80.86 -24.89 8.67
CA VAL NB 512 -80.76 -25.62 9.93
C VAL NB 512 -80.03 -26.95 9.80
N SER NB 513 -80.25 -27.74 8.75
CA SER NB 513 -79.85 -29.16 8.80
C SER NB 513 -80.08 -29.83 7.44
N GLY NB 514 -81.26 -30.44 7.30
CA GLY NB 514 -81.68 -31.14 6.11
C GLY NB 514 -82.97 -31.90 6.40
N LYS NB 515 -82.93 -33.15 5.94
CA LYS NB 515 -84.02 -34.10 5.94
C LYS NB 515 -83.85 -35.18 7.02
N VAL NB 516 -84.95 -35.61 7.65
CA VAL NB 516 -84.98 -36.70 8.64
C VAL NB 516 -86.17 -37.63 8.46
N THR NB 517 -86.02 -38.84 8.99
CA THR NB 517 -87.08 -39.83 9.13
C THR NB 517 -87.35 -40.22 10.58
N ILE NB 518 -88.61 -40.08 11.01
CA ILE NB 518 -89.11 -40.57 12.31
C ILE NB 518 -90.54 -41.14 12.13
N ARG NB 519 -90.97 -42.04 13.02
CA ARG NB 519 -92.36 -42.52 13.14
C ARG NB 519 -92.83 -42.86 14.55
N LEU NB 520 -93.64 -41.97 15.06
CA LEU NB 520 -94.12 -41.95 16.42
C LEU NB 520 -95.58 -42.31 16.43
N ARG NB 521 -96.00 -42.95 17.52
CA ARG NB 521 -97.41 -43.10 17.83
C ARG NB 521 -97.69 -42.72 19.28
N ASN NB 522 -98.86 -42.13 19.49
CA ASN NB 522 -99.39 -41.77 20.81
C ASN NB 522 -98.47 -40.83 21.62
N VAL NB 523 -97.78 -39.89 20.99
CA VAL NB 523 -96.85 -39.00 21.68
C VAL NB 523 -97.41 -37.60 21.59
N PRO NB 524 -97.62 -36.85 22.70
CA PRO NB 524 -97.79 -35.41 22.62
C PRO NB 524 -96.66 -34.77 21.88
N TRP NB 525 -97.03 -33.77 21.13
CA TRP NB 525 -96.11 -33.23 20.18
C TRP NB 525 -94.86 -32.57 20.71
N ASP NB 526 -95.01 -31.87 21.83
CA ASP NB 526 -93.98 -31.05 22.46
C ASP NB 526 -92.83 -31.91 22.97
N GLN NB 527 -93.21 -33.14 23.22
CA GLN NB 527 -92.30 -34.23 23.37
C GLN NB 527 -91.80 -34.78 22.04
N ALA NB 528 -92.68 -35.14 21.09
CA ALA NB 528 -92.21 -35.66 19.80
C ALA NB 528 -91.18 -34.71 19.17
N LEU NB 529 -91.34 -33.40 19.40
CA LEU NB 529 -90.38 -32.32 19.17
C LEU NB 529 -89.07 -32.52 19.92
N ASP NB 530 -89.02 -32.55 21.25
CA ASP NB 530 -87.76 -32.73 22.02
C ASP NB 530 -86.95 -33.92 21.53
N LEU NB 531 -87.74 -34.93 21.24
CA LEU NB 531 -87.32 -36.16 20.66
C LEU NB 531 -86.80 -36.00 19.20
N VAL NB 532 -87.40 -35.10 18.40
CA VAL NB 532 -86.97 -34.80 17.00
C VAL NB 532 -85.61 -34.11 17.00
N LEU NB 533 -85.44 -33.14 17.92
CA LEU NB 533 -84.18 -32.43 18.20
C LEU NB 533 -83.01 -33.42 18.34
N ARG NB 534 -83.20 -34.38 19.24
CA ARG NB 534 -82.20 -35.45 19.52
C ARG NB 534 -81.85 -36.41 18.39
N THR NB 535 -82.81 -36.55 17.46
CA THR NB 535 -82.58 -37.41 16.30
C THR NB 535 -81.37 -36.89 15.49
N LYS NB 536 -81.54 -35.71 14.93
CA LYS NB 536 -80.58 -35.05 14.00
C LYS NB 536 -80.60 -33.55 14.22
N ALA NB 537 -81.85 -33.19 14.49
CA ALA NB 537 -82.37 -31.88 14.42
C ALA NB 537 -81.79 -31.08 15.59
N LEU NB 538 -82.41 -29.94 15.72
CA LEU NB 538 -81.81 -28.75 16.28
C LEU NB 538 -81.96 -28.70 17.80
N GLY NB 539 -81.67 -27.57 18.43
CA GLY NB 539 -82.31 -27.19 19.70
C GLY NB 539 -83.35 -26.09 19.49
N LYS NB 540 -84.33 -25.99 20.40
CA LYS NB 540 -85.39 -24.95 20.32
C LYS NB 540 -85.20 -23.87 21.40
N GLU NB 541 -85.42 -22.61 21.00
CA GLU NB 541 -85.55 -21.45 21.89
C GLU NB 541 -86.88 -20.73 21.64
N GLU NB 542 -87.67 -20.47 22.69
CA GLU NB 542 -88.95 -19.79 22.54
C GLU NB 542 -88.89 -18.31 22.95
N PHE NB 543 -89.34 -17.43 22.05
CA PHE NB 543 -89.63 -16.03 22.36
C PHE NB 543 -90.91 -15.82 23.17
N GLY NB 544 -91.92 -16.66 22.88
CA GLY NB 544 -93.15 -16.85 23.64
C GLY NB 544 -94.30 -17.20 22.68
N ASN NB 545 -94.63 -16.23 21.81
CA ASN NB 545 -95.59 -16.45 20.72
C ASN NB 545 -94.99 -17.27 19.57
N ILE NB 546 -93.80 -16.85 19.13
CA ILE NB 546 -93.00 -17.55 18.15
C ILE NB 546 -91.88 -18.28 18.89
N ILE NB 547 -91.39 -19.36 18.29
CA ILE NB 547 -90.20 -20.07 18.76
C ILE NB 547 -89.20 -20.09 17.59
N ARG NB 548 -87.92 -19.86 17.89
CA ARG NB 548 -86.85 -20.03 16.92
C ARG NB 548 -86.11 -21.33 17.14
N ILE NB 549 -85.87 -22.04 16.05
CA ILE NB 549 -85.08 -23.25 16.05
C ILE NB 549 -83.82 -23.05 15.24
N ALA NB 550 -82.69 -23.39 15.85
CA ALA NB 550 -81.41 -23.15 15.24
C ALA NB 550 -80.50 -24.38 15.21
N PRO NB 551 -79.60 -24.44 14.21
CA PRO NB 551 -78.49 -25.39 14.08
C PRO NB 551 -77.36 -25.17 15.10
N ASP NB 574 -87.90 -47.63 10.02
CA ASP NB 574 -88.27 -46.55 10.92
C ASP NB 574 -87.66 -46.62 12.31
N LEU NB 575 -87.57 -45.40 12.80
CA LEU NB 575 -87.46 -45.09 14.20
C LEU NB 575 -88.84 -44.92 14.66
N MET NB 576 -88.97 -45.29 15.91
CA MET NB 576 -90.25 -45.12 16.48
C MET NB 576 -90.18 -44.69 17.90
N VAL NB 577 -91.33 -44.16 18.24
CA VAL NB 577 -91.63 -43.79 19.59
C VAL NB 577 -92.83 -44.54 20.07
N ASN NB 578 -92.64 -45.00 21.28
CA ASN NB 578 -93.58 -45.78 22.02
C ASN NB 578 -93.54 -45.29 23.47
N LEU NB 579 -94.74 -45.18 24.03
CA LEU NB 579 -94.97 -44.90 25.45
C LEU NB 579 -95.04 -46.25 26.15
N LEU NB 580 -94.24 -46.40 27.20
CA LEU NB 580 -94.27 -47.50 28.14
C LEU NB 580 -95.02 -47.01 29.38
N PRO NB 581 -96.18 -47.59 29.77
CA PRO NB 581 -96.67 -47.36 31.11
C PRO NB 581 -95.75 -48.10 32.09
N VAL NB 582 -95.48 -47.47 33.23
CA VAL NB 582 -94.88 -48.13 34.38
C VAL NB 582 -95.94 -48.14 35.47
N ASN NB 583 -96.63 -49.27 35.64
CA ASN NB 583 -97.69 -49.32 36.63
C ASN NB 583 -97.14 -49.43 38.05
N TYR NB 584 -96.13 -50.28 38.23
CA TYR NB 584 -95.72 -50.70 39.56
C TYR NB 584 -94.53 -49.95 40.16
N ALA NB 585 -93.46 -49.82 39.38
CA ALA NB 585 -92.25 -49.13 39.84
C ALA NB 585 -92.30 -47.61 39.59
N VAL NB 586 -91.39 -46.87 40.22
CA VAL NB 586 -91.12 -45.47 39.85
C VAL NB 586 -90.23 -45.43 38.62
N ALA NB 587 -90.48 -44.48 37.71
CA ALA NB 587 -89.71 -44.34 36.46
C ALA NB 587 -88.21 -44.05 36.70
N ALA NB 588 -87.89 -43.27 37.74
CA ALA NB 588 -86.52 -42.88 38.06
C ALA NB 588 -85.61 -44.07 38.45
N ASP NB 589 -86.16 -45.14 39.02
CA ASP NB 589 -85.40 -46.35 39.38
C ASP NB 589 -84.88 -47.12 38.16
N MET NB 590 -85.60 -47.03 37.03
CA MET NB 590 -85.15 -47.52 35.74
C MET NB 590 -83.97 -46.73 35.15
N ALA NB 591 -83.79 -45.46 35.54
CA ALA NB 591 -82.87 -44.53 34.88
C ALA NB 591 -81.43 -45.04 34.82
N ALA NB 592 -80.94 -45.69 35.89
CA ALA NB 592 -79.59 -46.26 35.92
C ALA NB 592 -79.39 -47.32 34.82
N ARG NB 593 -80.30 -48.31 34.75
CA ARG NB 593 -80.25 -49.39 33.75
C ARG NB 593 -80.50 -48.93 32.31
N VAL NB 594 -81.45 -48.02 32.15
CA VAL NB 594 -81.80 -47.50 30.83
C VAL NB 594 -80.66 -46.65 30.28
N LYS NB 595 -80.02 -45.80 31.11
CA LYS NB 595 -78.81 -45.04 30.74
C LYS NB 595 -77.69 -45.99 30.30
N ASP NB 596 -77.54 -47.10 31.02
CA ASP NB 596 -76.53 -48.12 30.72
C ASP NB 596 -76.71 -48.88 29.39
N VAL NB 597 -77.94 -49.14 28.89
CA VAL NB 597 -78.09 -49.62 27.49
C VAL NB 597 -77.64 -48.55 26.48
N LEU NB 598 -78.07 -47.30 26.65
CA LEU NB 598 -77.82 -46.26 25.65
C LEU NB 598 -76.33 -46.15 25.35
N SER NB 599 -75.48 -46.16 26.39
CA SER NB 599 -74.05 -45.87 26.25
C SER NB 599 -73.86 -44.55 25.46
N GLU NB 600 -72.97 -44.54 24.45
CA GLU NB 600 -72.83 -43.49 23.43
C GLU NB 600 -73.72 -43.71 22.19
N ARG NB 601 -74.87 -44.40 22.36
CA ARG NB 601 -75.86 -44.52 21.29
C ARG NB 601 -76.96 -43.46 21.37
N GLY NB 602 -77.65 -43.55 20.24
CA GLY NB 602 -78.81 -42.84 19.81
C GLY NB 602 -80.04 -43.65 19.83
N SER NB 603 -81.04 -42.88 20.09
CA SER NB 603 -81.94 -43.25 21.15
C SER NB 603 -81.89 -42.23 22.25
N VAL NB 604 -83.04 -42.14 22.88
CA VAL NB 604 -83.19 -41.49 24.16
C VAL NB 604 -84.41 -42.03 24.87
N THR NB 605 -84.43 -41.69 26.15
CA THR NB 605 -85.52 -41.93 27.07
C THR NB 605 -85.96 -40.60 27.72
N VAL NB 606 -87.27 -40.35 27.77
CA VAL NB 606 -87.89 -39.20 28.43
C VAL NB 606 -88.86 -39.69 29.50
N ASP NB 607 -88.74 -39.09 30.68
CA ASP NB 607 -89.61 -39.39 31.80
C ASP NB 607 -90.72 -38.34 31.89
N GLN NB 608 -91.96 -38.77 31.62
CA GLN NB 608 -93.11 -37.91 31.84
C GLN NB 608 -93.58 -37.98 33.30
N ARG NB 609 -94.22 -36.89 33.75
CA ARG NB 609 -94.65 -36.72 35.14
C ARG NB 609 -95.59 -37.80 35.67
N THR NB 610 -96.44 -38.35 34.81
CA THR NB 610 -97.40 -39.40 35.16
C THR NB 610 -96.76 -40.80 35.19
N ASN NB 611 -95.46 -40.90 35.49
CA ASN NB 611 -94.67 -42.13 35.54
C ASN NB 611 -94.87 -43.05 34.33
N VAL NB 612 -94.69 -42.45 33.15
CA VAL NB 612 -94.55 -43.18 31.88
C VAL NB 612 -93.20 -42.86 31.28
N LEU NB 613 -92.52 -43.89 30.77
CA LEU NB 613 -91.32 -43.68 29.97
C LEU NB 613 -91.69 -43.52 28.51
N ILE NB 614 -90.94 -42.67 27.83
CA ILE NB 614 -91.01 -42.56 26.38
C ILE NB 614 -89.65 -42.69 25.76
N VAL NB 615 -89.58 -43.53 24.74
CA VAL NB 615 -88.36 -43.79 23.99
C VAL NB 615 -88.46 -43.36 22.54
N LYS NB 616 -87.53 -42.55 22.01
CA LYS NB 616 -87.27 -42.57 20.55
C LYS NB 616 -86.04 -43.36 20.37
N ASP NB 617 -86.03 -44.07 19.26
CA ASP NB 617 -84.87 -44.74 18.72
C ASP NB 617 -85.22 -45.56 17.49
N VAL NB 618 -84.19 -46.19 16.94
CA VAL NB 618 -84.37 -47.36 16.08
C VAL NB 618 -85.30 -48.36 16.80
N ARG NB 619 -86.04 -49.16 16.02
CA ARG NB 619 -86.84 -50.26 16.58
C ARG NB 619 -86.01 -51.19 17.49
N SER NB 620 -84.77 -51.52 17.10
CA SER NB 620 -83.95 -52.48 17.84
C SER NB 620 -83.53 -51.96 19.23
N ASN NB 621 -83.19 -50.68 19.39
CA ASN NB 621 -82.95 -50.08 20.71
C ASN NB 621 -84.27 -49.86 21.48
N THR NB 622 -85.41 -49.51 20.81
CA THR NB 622 -86.74 -49.47 21.48
C THR NB 622 -87.11 -50.82 22.12
N GLU NB 623 -86.94 -51.89 21.33
CA GLU NB 623 -87.27 -53.24 21.76
C GLU NB 623 -86.51 -53.61 23.02
N ARG NB 624 -85.18 -53.36 23.04
CA ARG NB 624 -84.33 -53.59 24.22
C ARG NB 624 -84.85 -52.81 25.42
N ALA NB 625 -85.03 -51.51 25.27
CA ALA NB 625 -85.51 -50.65 26.36
C ALA NB 625 -86.88 -51.12 26.89
N ARG NB 626 -87.84 -51.47 26.02
CA ARG NB 626 -89.14 -52.04 26.45
C ARG NB 626 -88.97 -53.34 27.23
N SER NB 627 -88.17 -54.29 26.71
CA SER NB 627 -87.97 -55.58 27.39
C SER NB 627 -87.42 -55.41 28.80
N LEU NB 628 -86.48 -54.47 29.02
CA LEU NB 628 -85.93 -54.18 30.34
C LEU NB 628 -86.96 -53.46 31.24
N VAL NB 629 -87.65 -52.43 30.73
CA VAL NB 629 -88.67 -51.67 31.51
C VAL NB 629 -89.77 -52.62 31.94
N ARG NB 630 -90.33 -53.42 31.02
CA ARG NB 630 -91.38 -54.39 31.39
C ARG NB 630 -90.84 -55.45 32.33
N SER NB 631 -89.63 -55.96 32.12
CA SER NB 631 -89.05 -57.01 32.97
C SER NB 631 -88.86 -56.56 34.42
N LEU NB 632 -88.35 -55.34 34.62
CA LEU NB 632 -88.28 -54.71 35.93
C LEU NB 632 -89.62 -54.28 36.49
N ASP NB 633 -90.55 -53.85 35.63
CA ASP NB 633 -91.92 -53.59 36.07
C ASP NB 633 -92.37 -54.96 36.61
N THR NB 634 -92.33 -56.09 35.86
CA THR NB 634 -92.84 -57.41 36.31
C THR NB 634 -92.45 -57.95 37.68
N GLN NB 635 -91.27 -57.68 38.24
CA GLN NB 635 -91.00 -58.06 39.63
C GLN NB 635 -91.67 -57.15 40.68
N THR NB 636 -91.90 -55.90 40.32
CA THR NB 636 -92.80 -54.94 41.00
C THR NB 636 -94.34 -55.25 41.06
N PRO NB 637 -95.04 -55.85 40.05
CA PRO NB 637 -96.39 -56.39 40.19
C PRO NB 637 -96.61 -57.50 41.19
N GLN NB 638 -95.61 -58.34 41.47
CA GLN NB 638 -95.80 -59.30 42.58
C GLN NB 638 -95.69 -58.55 43.92
N VAL NB 639 -96.83 -58.01 44.36
CA VAL NB 639 -96.97 -57.31 45.63
C VAL NB 639 -97.26 -58.28 46.78
N CYS OB 5 2.36 31.99 -67.76
CA CYS OB 5 1.50 32.00 -66.59
C CYS OB 5 0.40 33.09 -66.74
N GLU OB 6 -0.52 33.18 -65.78
CA GLU OB 6 -1.34 34.38 -65.58
C GLU OB 6 -0.87 35.17 -64.34
N GLU OB 7 -0.81 36.50 -64.50
CA GLU OB 7 -0.25 37.47 -63.56
C GLU OB 7 -1.33 37.97 -62.51
N PRO OB 8 -1.09 38.98 -61.64
CA PRO OB 8 -1.90 39.31 -60.46
C PRO OB 8 -3.44 39.25 -60.54
N PRO OB 9 -4.06 40.20 -61.27
CA PRO OB 9 -4.86 39.76 -62.41
C PRO OB 9 -4.01 39.54 -63.65
N ALA OB 10 -4.59 38.82 -64.62
CA ALA OB 10 -4.01 38.53 -65.93
C ALA OB 10 -3.71 39.84 -66.72
N PRO OB 11 -3.49 39.81 -68.05
CA PRO OB 11 -3.47 41.04 -68.87
C PRO OB 11 -4.83 41.81 -68.82
N ALA OB 12 -5.36 42.44 -69.90
CA ALA OB 12 -6.59 43.26 -69.76
C ALA OB 12 -7.96 42.89 -70.42
N PRO OB 13 -8.13 42.03 -71.47
CA PRO OB 13 -9.48 41.82 -72.07
C PRO OB 13 -10.50 40.77 -71.52
N PRO OB 14 -10.23 39.92 -70.50
CA PRO OB 14 -9.57 40.24 -69.24
C PRO OB 14 -8.16 39.64 -69.03
N PRO OB 15 -7.46 38.89 -69.94
CA PRO OB 15 -7.87 38.02 -71.05
C PRO OB 15 -8.63 36.76 -70.68
N ALA OB 16 -9.32 36.26 -71.71
CA ALA OB 16 -9.84 34.90 -71.89
C ALA OB 16 -10.71 34.30 -70.76
N LYS OB 17 -10.44 34.63 -69.50
CA LYS OB 17 -11.05 33.92 -68.38
C LYS OB 17 -12.54 34.21 -68.28
N PRO OB 18 -13.08 34.87 -69.30
CA PRO OB 18 -14.51 34.82 -69.59
C PRO OB 18 -14.98 33.39 -69.87
N LYS OB 19 -14.14 32.62 -70.55
CA LYS OB 19 -14.49 31.25 -70.90
C LYS OB 19 -14.04 30.27 -69.82
N ALA OB 20 -12.89 30.54 -69.22
CA ALA OB 20 -12.44 29.80 -68.05
C ALA OB 20 -13.32 30.10 -66.84
N ALA OB 21 -13.38 31.37 -66.46
CA ALA OB 21 -14.09 31.77 -65.25
C ALA OB 21 -15.57 31.39 -65.32
N ALA OB 22 -16.09 31.31 -66.54
CA ALA OB 22 -17.51 31.06 -66.76
C ALA OB 22 -17.81 29.57 -66.80
N ALA OB 23 -16.99 28.83 -67.54
CA ALA OB 23 -17.20 27.39 -67.71
C ALA OB 23 -16.70 26.62 -66.48
N VAL OB 24 -15.96 27.30 -65.62
CA VAL OB 24 -16.08 27.09 -64.19
C VAL OB 24 -17.41 27.63 -63.65
N PRO OB 25 -17.34 28.70 -62.88
CA PRO OB 25 -18.35 28.97 -61.83
C PRO OB 25 -19.45 27.92 -61.62
N VAL OB 26 -19.12 26.69 -61.23
CA VAL OB 26 -17.83 26.24 -60.64
C VAL OB 26 -17.24 25.09 -61.47
N LYS OB 27 -16.57 24.16 -60.82
CA LYS OB 27 -16.66 22.74 -61.18
C LYS OB 27 -18.08 22.37 -61.58
N ALA OB 28 -19.05 23.19 -61.16
CA ALA OB 28 -20.40 22.71 -60.94
C ALA OB 28 -20.44 21.65 -59.83
N ALA OB 29 -19.79 20.52 -60.08
CA ALA OB 29 -20.37 19.22 -59.81
C ALA OB 29 -21.25 18.77 -60.97
N PRO OB 30 -22.29 19.55 -61.26
CA PRO OB 30 -23.23 20.01 -60.22
C PRO OB 30 -23.65 18.86 -59.31
N THR OB 31 -23.70 19.12 -58.01
CA THR OB 31 -24.09 18.11 -57.03
C THR OB 31 -25.60 17.96 -56.96
N GLU OB 32 -26.20 17.41 -58.02
CA GLU OB 32 -27.35 16.55 -57.89
C GLU OB 32 -27.23 15.63 -56.68
N THR OB 33 -27.43 16.19 -55.50
CA THR OB 33 -27.55 15.40 -54.28
C THR OB 33 -28.71 15.87 -53.42
N GLY OB 34 -28.40 16.52 -52.31
CA GLY OB 34 -28.70 15.98 -51.00
C GLY OB 34 -29.96 16.56 -50.41
N ALA OB 35 -31.10 16.13 -50.93
CA ALA OB 35 -32.38 16.80 -50.68
C ALA OB 35 -32.93 16.43 -49.30
N GLN OB 36 -33.99 17.12 -48.89
CA GLN OB 36 -34.73 16.74 -47.69
C GLN OB 36 -36.22 16.93 -47.88
N ALA OB 37 -37.02 16.46 -46.92
CA ALA OB 37 -38.39 16.06 -47.19
C ALA OB 37 -39.34 16.63 -46.14
N ALA OB 38 -40.56 16.94 -46.57
CA ALA OB 38 -41.58 17.46 -45.66
C ALA OB 38 -42.45 16.33 -45.12
N PRO OB 39 -42.00 15.09 -45.30
CA PRO OB 39 -42.85 14.03 -45.86
C PRO OB 39 -44.30 14.45 -46.17
N SER OB 40 -45.29 13.60 -45.89
CA SER OB 40 -46.72 13.92 -45.87
C SER OB 40 -47.38 13.17 -44.72
N TYR OB 41 -48.61 13.56 -44.35
CA TYR OB 41 -49.29 13.08 -43.14
C TYR OB 41 -50.68 12.55 -43.50
N SER OB 42 -51.10 11.48 -42.82
CA SER OB 42 -52.44 10.89 -42.95
C SER OB 42 -53.46 11.53 -42.01
N TYR OB 43 -54.74 11.20 -42.20
CA TYR OB 43 -55.86 11.78 -41.46
C TYR OB 43 -56.66 10.76 -40.63
N VAL OB 44 -57.35 11.24 -39.59
CA VAL OB 44 -58.00 10.43 -38.53
C VAL OB 44 -59.37 11.00 -38.16
N TYR OB 45 -60.37 10.23 -37.72
CA TYR OB 45 -60.69 8.81 -37.87
C TYR OB 45 -62.23 8.71 -37.77
N ASN OB 46 -62.86 7.70 -38.37
CA ASN OB 46 -64.33 7.62 -38.43
C ASN OB 46 -64.95 6.87 -37.23
N PRO OB 47 -65.51 7.61 -36.26
CA PRO OB 47 -66.75 7.15 -35.62
C PRO OB 47 -67.70 8.27 -35.17
N VAL OB 48 -68.96 7.84 -35.03
CA VAL OB 48 -69.61 7.83 -33.70
C VAL OB 48 -69.87 6.39 -33.28
N GLY OB 49 -69.68 6.10 -32.00
CA GLY OB 49 -69.94 4.78 -31.42
C GLY OB 49 -71.42 4.39 -31.45
N LYS OB 50 -71.71 3.12 -31.15
CA LYS OB 50 -73.07 2.59 -30.99
C LYS OB 50 -73.19 1.79 -29.69
N ARG OB 51 -74.41 1.66 -29.17
CA ARG OB 51 -74.71 0.95 -27.92
C ARG OB 51 -75.66 -0.21 -28.17
N ASP OB 52 -75.36 -1.26 -27.44
CA ASP OB 52 -76.09 -2.48 -27.15
C ASP OB 52 -75.89 -2.62 -25.60
N PRO OB 53 -74.98 -3.55 -25.23
CA PRO OB 53 -73.69 -3.26 -24.62
C PRO OB 53 -73.03 -1.94 -25.11
N PHE OB 54 -72.55 -1.06 -24.24
CA PHE OB 54 -72.17 -1.33 -22.86
C PHE OB 54 -73.16 -0.73 -21.84
N ARG OB 55 -74.35 -0.25 -22.25
CA ARG OB 55 -75.26 0.39 -21.29
C ARG OB 55 -75.77 -0.59 -20.22
N SER OB 56 -76.41 -1.69 -20.62
CA SER OB 56 -76.78 -2.73 -19.64
C SER OB 56 -75.62 -3.29 -18.77
N PRO OB 57 -74.47 -3.72 -19.33
CA PRO OB 57 -73.40 -4.27 -18.52
C PRO OB 57 -72.61 -3.29 -17.62
N ILE OB 58 -72.96 -1.98 -17.55
CA ILE OB 58 -72.46 -1.07 -16.49
C ILE OB 58 -73.52 -0.09 -15.97
N ASP OB 59 -74.36 0.50 -16.82
CA ASP OB 59 -75.45 1.41 -16.40
C ASP OB 59 -76.63 0.65 -15.74
N GLU OB 60 -76.78 -0.66 -15.98
CA GLU OB 60 -77.77 -1.54 -15.31
C GLU OB 60 -77.12 -2.52 -14.30
N LEU OB 61 -75.89 -3.00 -14.59
CA LEU OB 61 -75.10 -3.80 -13.63
C LEU OB 61 -74.56 -2.98 -12.45
N GLY OB 62 -74.12 -1.73 -12.69
CA GLY OB 62 -73.52 -0.84 -11.69
C GLY OB 62 -74.50 -0.43 -10.58
N PRO OB 63 -75.80 -0.30 -10.88
CA PRO OB 63 -76.90 -0.56 -9.94
C PRO OB 63 -76.97 -2.04 -9.49
N VAL OB 64 -75.93 -2.55 -8.82
CA VAL OB 64 -75.81 -3.97 -8.44
C VAL OB 64 -77.02 -4.41 -7.62
N ASN OB 65 -77.92 -5.15 -8.26
CA ASN OB 65 -79.28 -5.39 -7.79
C ASN OB 65 -79.65 -6.86 -8.05
N ALA OB 66 -80.02 -7.55 -6.98
CA ALA OB 66 -80.55 -8.90 -7.03
C ALA OB 66 -81.78 -8.97 -6.13
N ASN OB 67 -82.78 -9.75 -6.54
CA ASN OB 67 -84.03 -9.97 -5.79
C ASN OB 67 -84.21 -11.47 -5.52
N PRO OB 68 -83.54 -12.02 -4.48
CA PRO OB 68 -83.40 -13.46 -4.26
C PRO OB 68 -84.70 -14.28 -4.25
N VAL OB 69 -84.59 -15.52 -4.72
CA VAL OB 69 -85.62 -16.55 -4.56
C VAL OB 69 -85.60 -17.22 -3.18
N ALA OB 70 -86.73 -17.17 -2.47
CA ALA OB 70 -86.99 -17.96 -1.26
C ALA OB 70 -88.46 -18.40 -1.12
N ALA OB 71 -89.37 -17.81 -1.91
CA ALA OB 71 -90.81 -18.03 -1.83
C ALA OB 71 -91.26 -19.37 -2.47
N CYS OB 72 -92.55 -19.65 -2.35
CA CYS OB 72 -93.24 -20.58 -3.23
C CYS OB 72 -93.42 -20.04 -4.66
N ASN OB 73 -93.26 -20.92 -5.66
CA ASN OB 73 -93.03 -20.60 -7.07
C ASN OB 73 -94.30 -20.52 -7.96
N GLU OB 74 -95.42 -19.91 -7.55
CA GLU OB 74 -96.54 -20.64 -6.89
C GLU OB 74 -96.65 -22.10 -7.41
N PRO OB 75 -96.12 -23.07 -6.65
CA PRO OB 75 -95.36 -24.17 -7.23
C PRO OB 75 -96.26 -25.34 -7.62
N LEU OB 76 -97.05 -25.87 -6.67
CA LEU OB 76 -97.72 -27.15 -6.87
C LEU OB 76 -98.93 -27.01 -7.78
N CYS OB 77 -99.53 -25.81 -7.86
CA CYS OB 77 -100.51 -25.51 -8.89
C CYS OB 77 -99.94 -25.40 -10.32
N SER OB 78 -98.63 -25.56 -10.49
CA SER OB 78 -97.94 -25.76 -11.77
C SER OB 78 -97.54 -27.21 -12.07
N PHE OB 79 -97.83 -28.18 -11.18
CA PHE OB 79 -97.52 -29.61 -11.35
C PHE OB 79 -98.74 -30.53 -11.12
N ASP OB 80 -98.82 -31.68 -11.82
CA ASP OB 80 -100.03 -32.53 -11.83
C ASP OB 80 -100.12 -33.44 -10.59
N LEU OB 81 -101.33 -33.77 -10.14
CA LEU OB 81 -101.55 -34.31 -8.77
C LEU OB 81 -100.99 -35.72 -8.56
N ASP OB 82 -101.06 -36.56 -9.59
CA ASP OB 82 -100.55 -37.94 -9.59
C ASP OB 82 -99.00 -37.95 -9.61
N GLN OB 83 -98.33 -36.81 -9.84
CA GLN OB 83 -96.88 -36.66 -9.69
C GLN OB 83 -96.45 -36.51 -8.22
N LEU OB 84 -97.36 -36.07 -7.33
CA LEU OB 84 -97.08 -35.74 -5.93
C LEU OB 84 -97.18 -36.98 -5.02
N LYS OB 85 -96.26 -37.12 -4.07
CA LYS OB 85 -96.17 -38.32 -3.20
C LYS OB 85 -96.26 -37.97 -1.71
N LEU OB 86 -97.13 -38.63 -0.95
CA LEU OB 86 -97.31 -38.33 0.47
C LEU OB 86 -96.11 -38.84 1.30
N VAL OB 87 -95.37 -37.93 1.90
CA VAL OB 87 -94.18 -38.20 2.72
C VAL OB 87 -94.55 -38.63 4.12
N ALA OB 88 -95.45 -37.86 4.75
CA ALA OB 88 -95.76 -37.93 6.18
C ALA OB 88 -97.08 -37.20 6.48
N VAL OB 89 -97.56 -37.32 7.71
CA VAL OB 89 -98.67 -36.54 8.26
C VAL OB 89 -98.32 -36.14 9.69
N VAL OB 90 -98.65 -34.90 10.05
CA VAL OB 90 -98.55 -34.36 11.42
C VAL OB 90 -99.96 -34.12 11.96
N THR OB 91 -100.17 -34.38 13.24
CA THR OB 91 -101.47 -34.13 13.91
C THR OB 91 -101.20 -33.69 15.35
N GLY OB 92 -101.91 -32.65 15.77
CA GLY OB 92 -101.90 -32.08 17.11
C GLY OB 92 -102.93 -30.95 17.19
N ASP OB 93 -102.86 -30.16 18.26
CA ASP OB 93 -103.83 -29.13 18.63
C ASP OB 93 -104.00 -28.04 17.54
N ALA OB 94 -102.93 -27.78 16.77
CA ALA OB 94 -102.90 -26.89 15.61
C ALA OB 94 -103.62 -27.43 14.35
N SER OB 95 -104.49 -28.44 14.48
CA SER OB 95 -105.19 -29.22 13.43
C SER OB 95 -104.27 -30.14 12.60
N PRO OB 96 -104.79 -31.25 12.02
CA PRO OB 96 -104.00 -32.16 11.20
C PRO OB 96 -103.50 -31.49 9.90
N VAL OB 97 -102.26 -31.81 9.53
CA VAL OB 97 -101.58 -31.33 8.31
C VAL OB 97 -100.82 -32.45 7.61
N ALA OB 98 -101.00 -32.58 6.29
CA ALA OB 98 -100.29 -33.52 5.44
C ALA OB 98 -98.96 -32.93 4.95
N MET OB 99 -97.98 -33.79 4.68
CA MET OB 99 -96.70 -33.42 4.05
C MET OB 99 -96.49 -34.23 2.77
N VAL OB 100 -96.23 -33.54 1.65
CA VAL OB 100 -96.22 -34.10 0.30
C VAL OB 100 -95.00 -33.65 -0.52
N GLU OB 101 -94.49 -34.51 -1.40
CA GLU OB 101 -93.26 -34.37 -2.17
C GLU OB 101 -93.55 -34.14 -3.66
N ASP OB 102 -92.86 -33.17 -4.27
CA ASP OB 102 -92.96 -32.75 -5.67
C ASP OB 102 -92.26 -33.80 -6.55
N PRO OB 103 -92.51 -33.89 -7.88
CA PRO OB 103 -91.59 -34.56 -8.80
C PRO OB 103 -90.22 -33.87 -8.89
N ALA OB 104 -90.12 -32.59 -8.50
CA ALA OB 104 -88.88 -31.86 -8.29
C ALA OB 104 -88.21 -32.10 -6.90
N GLY OB 105 -88.75 -32.99 -6.06
CA GLY OB 105 -88.17 -33.38 -4.77
C GLY OB 105 -88.32 -32.37 -3.63
N ARG OB 106 -89.07 -31.26 -3.82
CA ARG OB 106 -89.42 -30.37 -2.70
C ARG OB 106 -90.43 -31.05 -1.77
N GLY OB 107 -90.34 -30.77 -0.46
CA GLY OB 107 -91.42 -30.99 0.51
C GLY OB 107 -92.36 -29.79 0.67
N HIS OB 108 -93.66 -30.06 0.82
CA HIS OB 108 -94.73 -29.08 1.10
C HIS OB 108 -95.55 -29.55 2.30
N ILE OB 109 -96.30 -28.60 2.89
CA ILE OB 109 -97.24 -28.89 3.98
C ILE OB 109 -98.59 -28.25 3.63
N VAL OB 110 -99.66 -29.04 3.66
CA VAL OB 110 -101.01 -28.64 3.26
C VAL OB 110 -102.00 -29.30 4.21
N ARG OB 111 -103.16 -28.66 4.41
CA ARG OB 111 -104.17 -29.10 5.40
C ARG OB 111 -105.59 -28.91 4.90
N ARG OB 112 -106.58 -29.47 5.60
CA ARG OB 112 -108.00 -29.41 5.22
C ARG OB 112 -108.43 -27.96 4.91
N ASN OB 113 -109.09 -27.77 3.77
CA ASN OB 113 -109.46 -26.51 3.10
C ASN OB 113 -108.41 -25.90 2.12
N THR OB 114 -107.12 -26.20 2.27
CA THR OB 114 -106.06 -25.81 1.29
C THR OB 114 -106.10 -26.63 -0.01
N ARG OB 115 -105.26 -26.25 -0.99
CA ARG OB 115 -105.16 -26.86 -2.32
C ARG OB 115 -103.72 -27.22 -2.67
N MET OB 116 -103.57 -27.99 -3.74
CA MET OB 116 -102.32 -28.46 -4.37
C MET OB 116 -102.63 -28.82 -5.83
N GLY OB 117 -101.62 -28.91 -6.70
CA GLY OB 117 -101.78 -29.45 -8.05
C GLY OB 117 -102.48 -28.56 -9.09
N ARG OB 118 -102.28 -28.85 -10.38
CA ARG OB 118 -102.92 -28.12 -11.50
C ARG OB 118 -104.44 -28.24 -11.51
N GLN OB 119 -104.98 -29.41 -11.15
CA GLN OB 119 -106.42 -29.61 -10.95
C GLN OB 119 -106.95 -29.01 -9.63
N GLY OB 120 -106.15 -28.22 -8.90
CA GLY OB 120 -106.57 -27.48 -7.70
C GLY OB 120 -107.03 -28.36 -6.52
N GLY OB 121 -106.51 -29.60 -6.45
CA GLY OB 121 -106.86 -30.66 -5.51
C GLY OB 121 -107.00 -30.17 -4.07
N LYS OB 122 -108.25 -30.01 -3.62
CA LYS OB 122 -108.59 -29.47 -2.31
C LYS OB 122 -108.47 -30.58 -1.25
N VAL OB 123 -107.70 -30.35 -0.20
CA VAL OB 123 -107.60 -31.28 0.94
C VAL OB 123 -108.93 -31.37 1.71
N THR OB 124 -109.51 -32.57 1.78
CA THR OB 124 -110.83 -32.79 2.42
C THR OB 124 -110.73 -33.75 3.60
N GLN OB 125 -109.83 -34.75 3.59
CA GLN OB 125 -109.53 -35.64 4.73
C GLN OB 125 -108.02 -35.86 4.84
N ILE OB 126 -107.55 -36.21 6.03
CA ILE OB 126 -106.14 -36.51 6.34
C ILE OB 126 -106.14 -37.68 7.33
N LEU OB 127 -105.69 -38.85 6.89
CA LEU OB 127 -105.45 -40.03 7.73
C LEU OB 127 -103.94 -40.14 8.03
N ARG OB 128 -103.45 -41.26 8.59
CA ARG OB 128 -102.02 -41.44 8.92
C ARG OB 128 -101.21 -42.07 7.78
N ASP OB 129 -101.92 -42.76 6.91
CA ASP OB 129 -101.48 -43.59 5.79
C ASP OB 129 -101.81 -43.00 4.41
N SER OB 130 -102.69 -41.99 4.39
CA SER OB 130 -103.38 -41.53 3.20
C SER OB 130 -104.08 -40.18 3.40
N VAL OB 131 -104.39 -39.48 2.31
CA VAL OB 131 -104.99 -38.13 2.30
C VAL OB 131 -106.01 -38.03 1.15
N THR OB 132 -107.30 -37.98 1.48
CA THR OB 132 -108.36 -37.63 0.52
C THR OB 132 -108.42 -36.17 0.12
N VAL OB 133 -108.43 -35.93 -1.19
CA VAL OB 133 -108.55 -34.61 -1.82
C VAL OB 133 -109.66 -34.59 -2.87
N THR OB 134 -110.23 -33.41 -3.13
CA THR OB 134 -111.16 -33.17 -4.26
C THR OB 134 -110.55 -32.36 -5.39
N GLU OB 135 -110.38 -33.00 -6.53
CA GLU OB 135 -109.70 -32.46 -7.72
C GLU OB 135 -110.71 -32.11 -8.83
N VAL OB 136 -110.22 -31.48 -9.89
CA VAL OB 136 -111.01 -30.83 -10.95
C VAL OB 136 -110.58 -31.33 -12.33
N PHE OB 137 -111.26 -32.36 -12.84
CA PHE OB 137 -110.95 -33.01 -14.12
C PHE OB 137 -111.97 -32.68 -15.21
N SER OB 138 -111.57 -32.66 -16.49
CA SER OB 138 -112.48 -32.51 -17.63
C SER OB 138 -112.98 -33.88 -18.13
N GLY OB 139 -114.00 -34.41 -17.47
CA GLY OB 139 -114.64 -35.68 -17.82
C GLY OB 139 -115.44 -35.56 -19.11
N ASN OB 140 -114.87 -36.03 -20.23
CA ASN OB 140 -115.47 -36.00 -21.57
C ASN OB 140 -115.92 -34.61 -22.07
N GLY OB 141 -115.40 -33.53 -21.47
CA GLY OB 141 -115.73 -32.13 -21.75
C GLY OB 141 -116.41 -31.39 -20.59
N GLU OB 142 -117.01 -32.08 -19.63
CA GLU OB 142 -117.51 -31.46 -18.39
C GLU OB 142 -116.42 -31.33 -17.32
N ILE OB 143 -116.34 -30.18 -16.66
CA ILE OB 143 -115.55 -30.04 -15.43
C ILE OB 143 -116.27 -30.72 -14.26
N ILE OB 144 -115.68 -31.80 -13.76
CA ILE OB 144 -116.24 -32.63 -12.68
C ILE OB 144 -115.25 -32.80 -11.52
N LYS OB 145 -115.79 -33.18 -10.35
CA LYS OB 145 -115.00 -33.52 -9.15
C LYS OB 145 -114.37 -34.90 -9.30
N ASN OB 146 -113.10 -35.02 -8.93
CA ASN OB 146 -112.40 -36.31 -8.82
C ASN OB 146 -111.91 -36.54 -7.36
N PRO OB 147 -112.53 -37.45 -6.59
CA PRO OB 147 -112.23 -37.67 -5.16
C PRO OB 147 -111.02 -38.61 -4.93
N VAL OB 148 -109.83 -38.16 -5.32
CA VAL OB 148 -108.57 -38.94 -5.18
C VAL OB 148 -108.12 -39.08 -3.72
N THR OB 149 -107.44 -40.18 -3.38
CA THR OB 149 -106.82 -40.39 -2.06
C THR OB 149 -105.35 -40.76 -2.26
N LEU OB 150 -104.47 -39.82 -1.93
CA LEU OB 150 -103.02 -39.98 -2.02
C LEU OB 150 -102.52 -40.83 -0.84
N GLN OB 151 -102.09 -42.06 -1.08
CA GLN OB 151 -101.43 -42.89 -0.06
C GLN OB 151 -100.01 -42.40 0.24
N LEU OB 152 -99.48 -42.78 1.41
CA LEU OB 152 -98.07 -42.66 1.79
C LEU OB 152 -97.15 -43.31 0.74
N LYS OB 153 -95.85 -42.98 0.73
CA LYS OB 153 -94.86 -43.55 -0.21
C LYS OB 153 -94.18 -44.86 0.30
N PRO OB 154 -94.54 -46.06 -0.22
CA PRO OB 154 -93.72 -47.27 -0.15
C PRO OB 154 -92.93 -47.48 -1.45
N ASP OB 155 -92.47 -48.72 -1.69
CA ASP OB 155 -92.14 -49.20 -3.04
C ASP OB 155 -93.41 -49.35 -3.91
N ALA OB 156 -93.36 -48.87 -5.15
CA ALA OB 156 -94.41 -48.97 -6.16
C ALA OB 156 -93.86 -48.63 -7.55
N LYS OB 157 -94.50 -49.17 -8.61
CA LYS OB 157 -94.20 -48.83 -10.01
C LYS OB 157 -95.44 -48.90 -10.89
N GLN OB 158 -95.56 -47.92 -11.78
CA GLN OB 158 -96.52 -47.86 -12.88
C GLN OB 158 -95.89 -47.16 -14.09
N ASP OB 159 -96.55 -47.21 -15.25
CA ASP OB 159 -96.09 -46.53 -16.47
C ASP OB 159 -96.45 -45.02 -16.52
N ALA PB 69 -124.79 -7.38 79.89
CA ALA PB 69 -124.65 -7.97 78.55
C ALA PB 69 -124.37 -9.46 78.67
N PRO PB 70 -124.17 -10.15 77.54
CA PRO PB 70 -123.58 -11.49 77.62
C PRO PB 70 -122.06 -11.45 77.53
N ARG PB 71 -121.40 -11.11 78.63
CA ARG PB 71 -119.95 -11.16 78.72
C ARG PB 71 -119.29 -10.38 77.60
N GLY PB 72 -119.13 -11.02 76.45
CA GLY PB 72 -118.62 -10.35 75.27
C GLY PB 72 -119.73 -9.67 74.51
N ARG PB 73 -120.48 -10.45 73.72
CA ARG PB 73 -121.48 -9.89 72.82
C ARG PB 73 -122.58 -10.91 72.47
N GLU PB 74 -122.48 -11.55 71.30
CA GLU PB 74 -123.39 -12.57 70.80
C GLU PB 74 -124.75 -12.02 70.34
N SER PB 75 -125.52 -12.84 69.62
CA SER PB 75 -126.89 -12.56 69.18
C SER PB 75 -127.43 -13.82 68.50
N ALA PB 76 -128.62 -13.70 67.85
CA ALA PB 76 -129.31 -14.87 67.30
C ALA PB 76 -130.44 -14.65 66.29
N PRO PB 77 -130.89 -13.39 65.99
CA PRO PB 77 -131.92 -13.25 64.93
C PRO PB 77 -131.45 -12.56 63.66
N GLY PB 78 -132.01 -11.38 63.36
CA GLY PB 78 -131.65 -10.65 62.16
C GLY PB 78 -132.30 -9.29 62.01
N GLU PB 79 -131.55 -8.22 62.25
CA GLU PB 79 -132.02 -6.85 62.08
C GLU PB 79 -130.94 -6.09 61.32
N VAL PB 80 -130.96 -4.76 61.37
CA VAL PB 80 -130.12 -3.97 60.46
C VAL PB 80 -129.28 -2.99 61.25
N HIS PB 81 -127.99 -2.90 60.92
CA HIS PB 81 -127.10 -1.88 61.45
C HIS PB 81 -126.64 -0.97 60.31
N SER PB 82 -126.08 0.18 60.69
CA SER PB 82 -125.66 1.21 59.75
C SER PB 82 -124.14 1.26 59.66
N VAL PB 83 -123.62 1.35 58.44
CA VAL PB 83 -122.18 1.41 58.23
C VAL PB 83 -121.68 2.83 58.54
N GLU PB 84 -120.51 2.91 59.16
CA GLU PB 84 -119.86 4.18 59.42
C GLU PB 84 -118.65 4.36 58.50
N SER PB 85 -117.99 5.51 58.64
CA SER PB 85 -116.95 5.92 57.72
C SER PB 85 -115.67 5.13 57.98
N GLY PB 86 -115.16 4.45 56.93
CA GLY PB 86 -113.98 3.63 57.06
C GLY PB 86 -114.25 2.19 57.42
N ASP PB 87 -115.51 1.76 57.38
CA ASP PB 87 -115.90 0.43 57.79
C ASP PB 87 -116.03 -0.50 56.59
N THR PB 88 -115.58 -1.74 56.78
CA THR PB 88 -115.86 -2.86 55.89
C THR PB 88 -116.68 -3.87 56.67
N LEU PB 89 -117.13 -4.93 55.99
CA LEU PB 89 -117.81 -5.98 56.74
C LEU PB 89 -116.84 -6.82 57.55
N TRP PB 90 -115.55 -6.86 57.17
CA TRP PB 90 -114.58 -7.54 58.02
C TRP PB 90 -114.44 -6.85 59.37
N ASP PB 91 -114.63 -5.53 59.41
CA ASP PB 91 -114.78 -4.82 60.68
C ASP PB 91 -116.11 -5.17 61.35
N LEU PB 92 -117.19 -4.65 60.78
CA LEU PB 92 -118.54 -4.83 61.32
C LEU PB 92 -118.82 -6.24 61.82
N SER PB 93 -118.09 -7.23 61.29
CA SER PB 93 -118.16 -8.58 61.87
C SER PB 93 -117.44 -8.66 63.21
N GLN PB 94 -116.53 -7.71 63.48
CA GLN PB 94 -115.82 -7.68 64.76
C GLN PB 94 -115.25 -6.28 64.98
N ARG PB 95 -115.74 -5.61 66.02
CA ARG PB 95 -115.28 -4.33 66.59
C ARG PB 95 -116.08 -3.12 66.12
N TYR PB 96 -116.87 -3.30 65.06
CA TYR PB 96 -117.62 -2.21 64.48
C TYR PB 96 -119.11 -2.37 64.74
N LEU PB 97 -119.45 -2.87 65.93
CA LEU PB 97 -120.84 -2.89 66.38
C LEU PB 97 -120.94 -3.25 67.85
N GLY PB 98 -122.16 -3.66 68.23
CA GLY PB 98 -122.46 -4.15 69.56
C GLY PB 98 -122.59 -5.66 69.65
N SER PB 99 -121.90 -6.37 68.73
CA SER PB 99 -121.86 -7.82 68.66
C SER PB 99 -120.82 -8.22 67.62
N PRO PB 100 -120.43 -9.49 67.52
CA PRO PB 100 -119.72 -9.94 66.32
C PRO PB 100 -120.70 -10.67 65.42
N TRP PB 101 -120.22 -10.99 64.23
CA TRP PB 101 -120.90 -11.91 63.32
C TRP PB 101 -119.88 -12.32 62.26
N TYR PB 102 -120.37 -12.93 61.19
CA TYR PB 102 -119.50 -13.47 60.17
C TYR PB 102 -119.67 -12.67 58.89
N TRP PB 103 -118.57 -12.03 58.46
CA TRP PB 103 -118.62 -11.18 57.27
C TRP PB 103 -119.32 -11.83 56.08
N PRO PB 104 -119.02 -13.09 55.69
CA PRO PB 104 -119.75 -13.66 54.54
C PRO PB 104 -121.26 -13.64 54.72
N LYS PB 105 -121.74 -14.05 55.91
CA LYS PB 105 -123.18 -14.15 56.17
C LYS PB 105 -123.89 -12.83 55.90
N VAL PB 106 -123.24 -11.71 56.19
CA VAL PB 106 -123.87 -10.41 56.02
C VAL PB 106 -123.67 -9.90 54.60
N TRP PB 107 -122.50 -10.14 54.03
CA TRP PB 107 -122.37 -9.93 52.60
C TRP PB 107 -123.48 -10.64 51.84
N SER PB 108 -124.05 -11.69 52.42
CA SER PB 108 -125.06 -12.45 51.70
C SER PB 108 -126.47 -11.94 51.99
N TYR PB 109 -126.65 -11.11 53.03
CA TYR PB 109 -128.00 -10.95 53.56
C TYR PB 109 -128.86 -10.01 52.73
N ASN PB 110 -128.46 -8.74 52.66
CA ASN PB 110 -129.12 -7.76 51.76
C ASN PB 110 -128.46 -6.40 51.79
N PRO PB 111 -127.90 -5.95 50.66
CA PRO PB 111 -127.93 -6.62 49.35
C PRO PB 111 -126.95 -7.79 49.29
N GLU PB 112 -127.15 -8.79 48.42
CA GLU PB 112 -126.21 -9.89 48.35
C GLU PB 112 -124.87 -9.41 47.81
N ILE PB 113 -123.90 -9.22 48.69
CA ILE PB 113 -122.59 -8.71 48.30
C ILE PB 113 -121.54 -9.76 48.67
N ALA PB 114 -120.25 -9.48 48.41
CA ALA PB 114 -119.22 -10.52 48.49
C ALA PB 114 -118.11 -10.13 49.46
N ASN PB 115 -117.54 -11.14 50.11
CA ASN PB 115 -116.86 -10.93 51.40
C ASN PB 115 -115.60 -10.07 51.35
N PRO PB 116 -114.97 -9.80 50.20
CA PRO PB 116 -113.96 -8.74 50.18
C PRO PB 116 -114.32 -7.62 49.21
N HIS PB 117 -115.60 -7.29 49.12
CA HIS PB 117 -116.08 -6.33 48.14
C HIS PB 117 -116.10 -4.90 48.69
N TRP PB 118 -115.88 -4.73 49.99
CA TRP PB 118 -115.76 -3.44 50.67
C TRP PB 118 -117.01 -2.54 50.53
N ILE PB 119 -117.52 -2.06 51.67
CA ILE PB 119 -118.74 -1.25 51.66
C ILE PB 119 -118.42 0.23 51.72
N TYR PB 120 -119.43 1.03 52.05
CA TYR PB 120 -119.38 2.47 52.09
C TYR PB 120 -120.15 2.98 53.30
N PRO PB 121 -119.77 4.13 53.84
CA PRO PB 121 -120.50 4.68 54.99
C PRO PB 121 -121.90 5.13 54.61
N GLY PB 122 -122.79 5.11 55.60
CA GLY PB 122 -124.18 5.45 55.36
C GLY PB 122 -125.02 4.32 54.82
N ASN PB 123 -124.47 3.11 54.72
CA ASN PB 123 -125.21 1.97 54.20
C ASN PB 123 -125.86 1.19 55.34
N GLN PB 124 -126.93 0.48 55.02
CA GLN PB 124 -127.65 -0.35 55.96
C GLN PB 124 -127.47 -1.81 55.57
N VAL PB 125 -127.21 -2.65 56.58
CA VAL PB 125 -126.76 -4.02 56.35
C VAL PB 125 -127.31 -4.92 57.44
N ARG PB 126 -127.83 -6.07 57.04
CA ARG PB 126 -128.62 -6.93 57.92
C ARG PB 126 -127.73 -7.79 58.80
N PHE PB 127 -127.72 -7.48 60.10
CA PHE PB 127 -126.84 -8.16 61.06
C PHE PB 127 -127.59 -8.87 62.17
N PHE PB 128 -127.50 -10.20 62.18
CA PHE PB 128 -127.55 -11.11 63.33
C PHE PB 128 -127.44 -12.52 62.71
N ALA PB 129 -126.77 -13.46 63.37
CA ALA PB 129 -126.59 -14.81 62.84
C ALA PB 129 -126.07 -15.74 63.93
N ALA PB 130 -126.75 -16.86 64.12
CA ALA PB 130 -126.34 -17.87 65.10
C ALA PB 130 -126.49 -19.28 64.54
N LYS PB 298 -129.69 -37.28 76.96
CA LYS PB 298 -130.31 -38.28 76.12
C LYS PB 298 -130.82 -39.41 77.00
N GLN PB 299 -131.22 -40.51 76.39
CA GLN PB 299 -132.22 -41.32 77.04
C GLN PB 299 -131.61 -42.18 78.14
N VAL PB 300 -132.43 -42.56 79.13
CA VAL PB 300 -132.05 -43.65 80.03
C VAL PB 300 -132.60 -44.89 79.36
N ASP PB 301 -131.82 -45.96 79.34
CA ASP PB 301 -132.32 -47.24 78.86
C ASP PB 301 -132.02 -48.26 79.95
N GLY PB 302 -133.05 -48.61 80.73
CA GLY PB 302 -132.88 -49.61 81.77
C GLY PB 302 -133.11 -51.00 81.22
N THR PB 303 -132.29 -51.95 81.65
CA THR PB 303 -132.30 -53.30 81.13
C THR PB 303 -132.66 -54.27 82.25
N VAL PB 304 -133.30 -55.38 81.88
CA VAL PB 304 -133.54 -56.45 82.84
C VAL PB 304 -132.20 -57.01 83.30
N ILE PB 305 -132.09 -57.31 84.60
CA ILE PB 305 -130.85 -57.82 85.16
C ILE PB 305 -130.97 -59.26 85.64
N THR PB 306 -132.19 -59.77 85.79
CA THR PB 306 -132.38 -61.15 86.22
C THR PB 306 -133.01 -61.98 85.11
N ALA PB 307 -132.56 -63.22 85.00
CA ALA PB 307 -133.22 -64.26 84.24
C ALA PB 307 -133.80 -65.29 85.19
N LEU PB 308 -134.80 -66.03 84.71
CA LEU PB 308 -135.36 -67.20 85.37
C LEU PB 308 -136.17 -66.88 86.63
N VAL PB 309 -136.65 -65.66 86.80
CA VAL PB 309 -137.58 -65.39 87.90
C VAL PB 309 -138.91 -66.02 87.54
N PRO PB 310 -139.87 -66.10 88.46
CA PRO PB 310 -141.25 -66.35 88.04
C PRO PB 310 -141.70 -65.30 87.04
N TYR PB 311 -141.53 -65.58 85.75
CA TYR PB 311 -141.97 -64.63 84.74
C TYR PB 311 -143.41 -64.88 84.30
N LEU PB 312 -144.18 -65.66 85.06
CA LEU PB 312 -145.52 -66.04 84.65
C LEU PB 312 -146.56 -66.00 85.76
N THR PB 313 -146.23 -65.51 86.96
CA THR PB 313 -147.14 -65.58 88.11
C THR PB 313 -147.61 -67.01 88.41
N VAL PB 314 -148.24 -67.63 87.41
CA VAL PB 314 -149.09 -68.81 87.58
C VAL PB 314 -148.60 -69.73 88.70
N LEU PB 315 -147.37 -70.23 88.57
CA LEU PB 315 -146.91 -71.24 89.53
C LEU PB 315 -146.66 -70.65 90.91
N GLY PB 316 -146.36 -69.34 90.99
CA GLY PB 316 -145.95 -68.75 92.24
C GLY PB 316 -146.66 -67.47 92.64
N GLU PB 317 -147.52 -66.95 91.75
CA GLU PB 317 -148.38 -65.79 91.99
C GLU PB 317 -147.61 -64.47 92.10
N ASN PB 318 -146.28 -64.53 92.14
CA ASN PB 318 -145.44 -63.35 92.29
C ASN PB 318 -144.48 -63.32 91.10
N HIS PB 319 -144.87 -62.61 90.05
CA HIS PB 319 -143.94 -62.30 88.97
C HIS PB 319 -143.18 -61.03 89.31
N SER PB 320 -141.94 -60.94 88.82
CA SER PB 320 -141.16 -59.73 88.99
C SER PB 320 -140.15 -59.64 87.84
N ILE PB 321 -139.54 -58.47 87.75
CA ILE PB 321 -138.35 -58.20 86.97
C ILE PB 321 -137.54 -57.24 87.82
N VAL PB 322 -136.24 -57.28 87.65
CA VAL PB 322 -135.36 -56.40 88.38
C VAL PB 322 -134.52 -55.61 87.39
N VAL PB 323 -134.20 -54.38 87.72
CA VAL PB 323 -133.36 -53.56 86.87
C VAL PB 323 -132.07 -53.24 87.61
N ASP PB 324 -131.05 -52.84 86.84
CA ASP PB 324 -129.81 -52.35 87.45
C ASP PB 324 -129.73 -50.85 87.25
N LYS PB 325 -129.55 -50.13 88.34
CA LYS PB 325 -129.42 -48.69 88.31
C LYS PB 325 -128.31 -48.28 89.27
N GLY PB 326 -127.91 -47.02 89.15
CA GLY PB 326 -127.19 -46.39 90.24
C GLY PB 326 -128.21 -46.00 91.27
N SER PB 327 -127.94 -44.97 92.06
CA SER PB 327 -128.89 -44.43 93.04
C SER PB 327 -130.24 -44.05 92.43
N ALA PB 328 -131.00 -43.20 93.14
CA ALA PB 328 -132.35 -42.86 92.71
C ALA PB 328 -132.41 -42.38 91.27
N ASP PB 329 -132.96 -43.23 90.40
CA ASP PB 329 -133.18 -42.93 88.99
C ASP PB 329 -134.54 -42.28 88.75
N GLY PB 330 -135.11 -41.62 89.75
CA GLY PB 330 -136.43 -41.06 89.60
C GLY PB 330 -137.52 -42.09 89.40
N VAL PB 331 -137.25 -43.36 89.74
CA VAL PB 331 -138.24 -44.41 89.58
C VAL PB 331 -139.29 -44.30 90.67
N GLU PB 332 -140.56 -44.29 90.27
CA GLU PB 332 -141.67 -44.19 91.20
C GLU PB 332 -142.50 -45.46 91.15
N LEU PB 333 -143.28 -45.69 92.20
CA LEU PB 333 -143.96 -46.97 92.37
C LEU PB 333 -145.05 -47.21 91.33
N GLY PB 334 -145.52 -46.16 90.65
CA GLY PB 334 -146.58 -46.35 89.68
C GLY PB 334 -146.14 -46.37 88.23
N ASN PB 335 -144.84 -46.32 87.97
CA ASN PB 335 -144.36 -46.18 86.61
C ASN PB 335 -144.64 -47.42 85.78
N THR PB 336 -144.99 -47.20 84.51
CA THR PB 336 -145.23 -48.26 83.54
C THR PB 336 -144.14 -48.20 82.49
N PHE PB 337 -143.66 -49.37 82.06
CA PHE PB 337 -142.56 -49.45 81.12
C PHE PB 337 -142.86 -50.48 80.05
N ASN PB 338 -142.35 -50.24 78.85
CA ASN PB 338 -142.50 -51.14 77.72
C ASN PB 338 -141.22 -51.96 77.53
N ILE PB 339 -141.38 -53.24 77.26
CA ILE PB 339 -140.26 -54.14 77.04
C ILE PB 339 -139.97 -54.20 75.54
N LEU PB 340 -138.70 -54.10 75.18
CA LEU PB 340 -138.26 -54.14 73.79
C LEU PB 340 -137.21 -55.23 73.62
N ARG PB 341 -137.23 -55.87 72.45
CA ARG PB 341 -136.25 -56.90 72.12
C ARG PB 341 -135.59 -56.54 70.79
N LYS PB 342 -134.34 -56.96 70.62
CA LYS PB 342 -133.64 -56.77 69.35
C LYS PB 342 -133.84 -58.00 68.48
N GLY PB 343 -134.34 -57.79 67.26
CA GLY PB 343 -134.59 -58.93 66.40
C GLY PB 343 -134.04 -58.77 65.00
N ASP PB 344 -133.98 -59.84 64.23
CA ASP PB 344 -133.55 -59.68 62.85
C ASP PB 344 -134.49 -60.39 61.89
N PRO PB 345 -135.68 -59.86 61.66
CA PRO PB 345 -136.44 -60.26 60.48
C PRO PB 345 -136.56 -59.10 59.50
N SER PB 346 -137.28 -59.36 58.41
CA SER PB 346 -137.80 -58.31 57.55
C SER PB 346 -138.87 -58.90 56.63
N ARG PB 347 -139.50 -58.01 55.85
CA ARG PB 347 -140.44 -58.44 54.83
C ARG PB 347 -139.71 -58.91 53.58
N HIS PB 348 -138.36 -58.88 53.62
CA HIS PB 348 -137.50 -58.99 52.43
C HIS PB 348 -136.05 -59.21 52.87
N VAL PB 349 -135.47 -60.41 52.62
CA VAL PB 349 -134.19 -60.74 53.26
C VAL PB 349 -133.15 -61.38 52.35
N LEU PB 350 -133.56 -62.04 51.24
CA LEU PB 350 -132.59 -62.32 50.19
C LEU PB 350 -131.98 -61.01 49.74
N GLY PB 351 -132.55 -59.89 50.21
CA GLY PB 351 -131.97 -58.56 50.23
C GLY PB 351 -130.84 -58.39 51.22
N HIS PB 352 -131.14 -58.39 52.52
CA HIS PB 352 -130.10 -58.54 53.54
C HIS PB 352 -130.73 -58.70 54.91
N ASP PB 353 -129.90 -59.13 55.87
CA ASP PB 353 -130.30 -59.31 57.27
C ASP PB 353 -129.06 -59.38 58.17
N VAL PB 354 -128.38 -58.25 58.32
CA VAL PB 354 -127.18 -58.19 59.16
C VAL PB 354 -127.44 -57.27 60.35
N ARG PB 355 -126.43 -56.49 60.74
CA ARG PB 355 -126.59 -55.49 61.79
C ARG PB 355 -125.87 -54.18 61.51
N LYS PB 356 -125.05 -54.12 60.46
CA LYS PB 356 -124.34 -52.89 60.14
C LYS PB 356 -125.31 -51.82 59.68
N PRO PB 357 -125.25 -50.61 60.25
CA PRO PB 357 -126.24 -49.58 59.91
C PRO PB 357 -126.21 -49.17 58.44
N SER PB 358 -127.27 -48.45 58.06
CA SER PB 358 -127.42 -47.60 56.87
C SER PB 358 -128.14 -48.26 55.69
N LYS PB 359 -128.85 -49.37 55.91
CA LYS PB 359 -129.70 -49.88 54.84
C LYS PB 359 -131.16 -49.86 55.31
N GLU PB 360 -131.91 -50.92 54.96
CA GLU PB 360 -133.34 -50.94 55.29
C GLU PB 360 -133.63 -51.70 56.57
N GLU PB 361 -132.85 -52.75 56.84
CA GLU PB 361 -133.14 -53.66 57.95
C GLU PB 361 -132.10 -53.57 59.05
N GLN PB 362 -131.22 -54.57 59.10
CA GLN PB 362 -130.05 -54.56 59.97
C GLN PB 362 -130.46 -54.50 61.45
N SER PB 363 -131.11 -55.58 61.91
CA SER PB 363 -131.76 -55.67 63.21
C SER PB 363 -132.85 -54.60 63.37
N PHE PB 364 -133.85 -54.90 64.20
CA PHE PB 364 -134.98 -54.03 64.42
C PHE PB 364 -135.31 -54.00 65.91
N PRO PB 365 -135.57 -52.81 66.45
CA PRO PB 365 -136.04 -52.71 67.84
C PRO PB 365 -137.52 -53.05 67.95
N TRP PB 366 -137.82 -54.32 68.18
CA TRP PB 366 -139.19 -54.79 68.19
C TRP PB 366 -139.84 -54.58 69.55
N ARG PB 367 -141.10 -54.17 69.52
CA ARG PB 367 -141.86 -53.98 70.75
C ARG PB 367 -142.51 -55.30 71.15
N SER PB 368 -142.24 -55.75 72.37
CA SER PB 368 -142.91 -56.93 72.89
C SER PB 368 -144.32 -56.58 73.33
N ILE PB 369 -145.16 -57.62 73.43
CA ILE PB 369 -146.50 -57.45 74.00
C ILE PB 369 -146.41 -57.20 75.50
N GLY PB 370 -145.26 -57.47 76.11
CA GLY PB 370 -145.13 -57.38 77.54
C GLY PB 370 -144.91 -55.96 78.01
N ALA PB 371 -145.76 -55.48 78.93
CA ALA PB 371 -145.56 -54.23 79.64
C ALA PB 371 -145.42 -54.53 81.12
N CYS PB 372 -144.70 -53.67 81.83
CA CYS PB 372 -144.43 -53.89 83.24
C CYS PB 372 -144.82 -52.68 84.07
N MET PB 373 -145.13 -52.92 85.34
CA MET PB 373 -145.48 -51.88 86.30
C MET PB 373 -144.58 -52.02 87.52
N VAL PB 374 -143.89 -50.92 87.86
CA VAL PB 374 -143.03 -50.91 89.04
C VAL PB 374 -143.84 -51.26 90.27
N THR PB 375 -143.23 -52.02 91.17
CA THR PB 375 -143.89 -52.46 92.39
C THR PB 375 -143.05 -52.29 93.64
N GLU PB 376 -141.73 -52.45 93.54
CA GLU PB 376 -140.85 -52.12 94.65
C GLU PB 376 -139.72 -51.25 94.13
N VAL PB 377 -139.46 -50.15 94.84
CA VAL PB 377 -138.38 -49.23 94.52
C VAL PB 377 -137.36 -49.29 95.65
N LYS PB 378 -136.11 -49.51 95.29
CA LYS PB 378 -135.01 -49.44 96.23
C LYS PB 378 -134.14 -48.23 95.88
N GLU PB 379 -133.17 -47.96 96.74
CA GLU PB 379 -132.25 -46.86 96.51
C GLU PB 379 -131.63 -46.94 95.13
N ARG PB 380 -131.26 -48.14 94.68
CA ARG PB 380 -130.52 -48.25 93.43
C ARG PB 380 -131.01 -49.37 92.51
N THR PB 381 -132.10 -50.07 92.85
CA THR PB 381 -132.68 -51.04 91.94
C THR PB 381 -134.20 -50.94 92.05
N SER PB 382 -134.89 -51.73 91.21
CA SER PB 382 -136.34 -51.75 91.26
C SER PB 382 -136.87 -53.06 90.69
N ASN PB 383 -137.97 -53.52 91.30
CA ASN PB 383 -138.73 -54.69 90.89
C ASN PB 383 -140.08 -54.26 90.32
N CYS PB 384 -140.41 -54.78 89.15
CA CYS PB 384 -141.67 -54.48 88.49
C CYS PB 384 -142.38 -55.77 88.13
N LEU PB 385 -143.71 -55.75 88.10
CA LEU PB 385 -144.48 -56.92 87.69
C LEU PB 385 -145.05 -56.67 86.30
N MET PB 386 -144.72 -57.56 85.36
CA MET PB 386 -145.25 -57.48 84.00
C MET PB 386 -146.76 -57.64 84.01
N THR PB 387 -147.43 -56.94 83.09
CA THR PB 387 -148.88 -57.01 83.01
C THR PB 387 -149.36 -58.31 82.38
N ARG PB 388 -148.56 -58.91 81.51
CA ARG PB 388 -148.92 -60.15 80.82
C ARG PB 388 -148.04 -61.28 81.36
N SER PB 389 -148.60 -62.06 82.28
CA SER PB 389 -147.90 -63.15 82.94
C SER PB 389 -147.84 -64.39 82.04
N LEU PB 390 -147.25 -64.26 80.86
CA LEU PB 390 -147.22 -65.36 79.90
C LEU PB 390 -145.93 -65.48 79.12
N GLU PB 391 -144.99 -64.55 79.24
CA GLU PB 391 -143.76 -64.58 78.46
C GLU PB 391 -142.57 -64.35 79.38
N GLU PB 392 -141.54 -65.16 79.20
CA GLU PB 392 -140.33 -65.05 79.98
C GLU PB 392 -139.27 -64.26 79.23
N LEU PB 393 -138.39 -63.61 79.98
CA LEU PB 393 -137.27 -62.89 79.40
C LEU PB 393 -135.96 -63.31 80.07
N VAL PB 394 -134.87 -62.79 79.52
CA VAL PB 394 -133.51 -63.02 80.00
C VAL PB 394 -133.01 -61.65 80.46
N PRO PB 395 -131.76 -61.47 80.87
CA PRO PB 395 -131.28 -60.10 81.08
C PRO PB 395 -130.68 -59.55 79.80
N GLY PB 396 -130.79 -58.24 79.64
CA GLY PB 396 -130.40 -57.56 78.41
C GLY PB 396 -131.55 -57.03 77.60
N ASP PB 397 -132.75 -57.58 77.78
CA ASP PB 397 -133.94 -56.98 77.20
C ASP PB 397 -134.14 -55.58 77.78
N ARG PB 398 -134.62 -54.67 76.94
CA ARG PB 398 -134.62 -53.26 77.28
C ARG PB 398 -136.03 -52.67 77.36
N ALA QB 69 -95.18 -3.68 113.70
CA ALA QB 69 -95.58 -3.80 112.30
C ALA QB 69 -95.79 -5.28 111.95
N PRO QB 70 -96.11 -5.58 110.69
CA PRO QB 70 -96.00 -6.97 110.23
C PRO QB 70 -94.64 -7.26 109.65
N ARG QB 71 -93.64 -7.47 110.50
CA ARG QB 71 -92.30 -7.90 110.07
C ARG QB 71 -91.74 -6.96 109.01
N GLY QB 72 -92.10 -7.21 107.76
CA GLY QB 72 -91.72 -6.33 106.67
C GLY QB 72 -92.71 -5.20 106.53
N ARG QB 73 -93.85 -5.47 105.89
CA ARG QB 73 -94.81 -4.43 105.54
C ARG QB 73 -96.23 -4.99 105.36
N GLU QB 74 -96.65 -5.21 104.10
CA GLU QB 74 -97.95 -5.77 103.72
C GLU QB 74 -99.11 -4.80 103.90
N SER QB 75 -100.27 -5.12 103.31
CA SER QB 75 -101.54 -4.40 103.46
C SER QB 75 -102.62 -5.20 102.73
N ALA QB 76 -103.82 -4.61 102.58
CA ALA QB 76 -104.98 -5.33 102.03
C ALA QB 76 -106.20 -4.52 101.56
N PRO QB 77 -106.28 -3.18 101.74
CA PRO QB 77 -107.44 -2.46 101.16
C PRO QB 77 -107.11 -1.51 100.01
N GLY QB 78 -107.31 -0.21 100.21
CA GLY QB 78 -107.06 0.76 99.17
C GLY QB 78 -107.25 2.21 99.58
N GLU QB 79 -106.15 2.94 99.79
CA GLU QB 79 -106.17 4.36 100.13
C GLU QB 79 -105.13 5.05 99.25
N VAL QB 80 -104.70 6.26 99.62
CA VAL QB 80 -103.92 7.08 98.70
C VAL QB 80 -102.63 7.52 99.37
N HIS QB 81 -101.52 7.41 98.63
CA HIS QB 81 -100.23 7.95 99.04
C HIS QB 81 -99.81 9.06 98.08
N SER QB 82 -98.82 9.85 98.50
CA SER QB 82 -98.36 11.00 97.75
C SER QB 82 -96.98 10.72 97.16
N VAL QB 83 -96.79 11.07 95.89
CA VAL QB 83 -95.51 10.87 95.22
C VAL QB 83 -94.53 11.94 95.66
N GLU QB 84 -93.28 11.55 95.85
CA GLU QB 84 -92.20 12.47 96.16
C GLU QB 84 -91.28 12.65 94.95
N SER QB 85 -90.26 13.50 95.13
CA SER QB 85 -89.42 13.92 94.02
C SER QB 85 -88.45 12.81 93.63
N GLY QB 86 -88.48 12.43 92.36
CA GLY QB 86 -87.63 11.35 91.87
C GLY QB 86 -88.26 9.98 91.93
N ASP QB 87 -89.56 9.89 92.23
CA ASP QB 87 -90.25 8.64 92.43
C ASP QB 87 -90.98 8.20 91.16
N THR QB 88 -90.93 6.91 90.88
CA THR QB 88 -91.77 6.24 89.91
C THR QB 88 -92.65 5.24 90.65
N LEU QB 89 -93.58 4.61 89.94
CA LEU QB 89 -94.36 3.57 90.60
C LEU QB 89 -93.53 2.30 90.81
N TRP QB 90 -92.47 2.11 90.01
CA TRP QB 90 -91.59 0.96 90.29
C TRP QB 90 -90.89 1.13 91.63
N ASP QB 91 -90.61 2.37 92.05
CA ASP QB 91 -90.20 2.62 93.43
C ASP QB 91 -91.34 2.40 94.41
N LEU QB 92 -92.30 3.31 94.37
CA LEU QB 92 -93.45 3.30 95.29
C LEU QB 92 -94.04 1.90 95.51
N SER QB 93 -93.84 0.99 94.55
CA SER QB 93 -94.18 -0.41 94.77
C SER QB 93 -93.21 -1.09 95.72
N GLN QB 94 -92.01 -0.54 95.88
CA GLN QB 94 -91.02 -1.09 96.81
C GLN QB 94 -89.98 -0.03 97.14
N ARG QB 95 -89.95 0.38 98.42
CA ARG QB 95 -88.97 1.24 99.08
C ARG QB 95 -89.41 2.70 99.21
N TYR QB 96 -90.46 3.06 98.48
CA TYR QB 96 -90.94 4.44 98.47
C TYR QB 96 -92.28 4.54 99.18
N LEU QB 97 -92.44 3.79 100.26
CA LEU QB 97 -93.60 3.94 101.14
C LEU QB 97 -93.43 3.15 102.43
N GLY QB 98 -94.56 2.94 103.10
CA GLY QB 98 -94.66 2.12 104.29
C GLY QB 98 -95.25 0.75 104.04
N SER QB 99 -95.10 0.24 102.82
CA SER QB 99 -95.54 -1.09 102.39
C SER QB 99 -95.00 -1.35 100.99
N PRO QB 100 -95.10 -2.56 100.46
CA PRO QB 100 -94.91 -2.76 99.03
C PRO QB 100 -96.27 -2.89 98.36
N TRP QB 101 -96.24 -2.91 97.03
CA TRP QB 101 -97.39 -3.29 96.23
C TRP QB 101 -96.89 -3.56 94.83
N TYR QB 102 -97.80 -3.65 93.88
CA TYR QB 102 -97.45 -4.01 92.51
C TYR QB 102 -97.66 -2.82 91.61
N TRP QB 103 -96.58 -2.35 90.99
CA TRP QB 103 -96.65 -1.17 90.12
C TRP QB 103 -97.81 -1.22 89.12
N PRO QB 104 -98.05 -2.31 88.37
CA PRO QB 104 -99.19 -2.27 87.44
C PRO QB 104 -100.51 -1.96 88.13
N LYS QB 105 -100.78 -2.61 89.28
CA LYS QB 105 -102.05 -2.45 89.99
C LYS QB 105 -102.33 -0.99 90.30
N VAL QB 106 -101.30 -0.21 90.61
CA VAL QB 106 -101.50 1.19 90.98
C VAL QB 106 -101.51 2.07 89.74
N TRP QB 107 -100.67 1.75 88.76
CA TRP QB 107 -100.86 2.39 87.47
C TRP QB 107 -102.30 2.25 86.99
N SER QB 108 -103.00 1.23 87.46
CA SER QB 108 -104.36 1.01 86.98
C SER QB 108 -105.40 1.72 87.86
N TYR QB 109 -105.02 2.18 89.05
CA TYR QB 109 -106.05 2.47 90.04
C TYR QB 109 -106.75 3.80 89.81
N ASN QB 110 -105.99 4.89 89.90
CA ASN QB 110 -106.51 6.24 89.54
C ASN QB 110 -105.44 7.32 89.67
N PRO QB 111 -105.09 7.96 88.55
CA PRO QB 111 -105.66 7.79 87.21
C PRO QB 111 -105.18 6.51 86.54
N GLU QB 112 -105.92 5.94 85.59
CA GLU QB 112 -105.44 4.72 84.94
C GLU QB 112 -104.21 5.03 84.10
N ILE QB 113 -103.03 4.68 84.62
CA ILE QB 113 -101.77 4.97 83.94
C ILE QB 113 -101.06 3.64 83.65
N ALA QB 114 -99.87 3.68 83.05
CA ALA QB 114 -99.25 2.46 82.53
C ALA QB 114 -97.86 2.24 83.11
N ASN QB 115 -97.51 0.97 83.28
CA ASN QB 115 -96.47 0.57 84.26
C ASN QB 115 -95.07 1.07 83.97
N PRO QB 116 -94.69 1.56 82.78
CA PRO QB 116 -93.43 2.30 82.67
C PRO QB 116 -93.65 3.72 82.18
N HIS QB 117 -94.74 4.35 82.61
CA HIS QB 117 -95.12 5.68 82.11
C HIS QB 117 -94.52 6.80 82.95
N TRP QB 118 -93.94 6.48 84.11
CA TRP QB 118 -93.23 7.41 84.99
C TRP QB 118 -94.10 8.56 85.50
N ILE QB 119 -94.11 8.75 86.83
CA ILE QB 119 -94.97 9.77 87.43
C ILE QB 119 -94.18 11.05 87.72
N TYR QB 120 -94.75 11.89 88.56
CA TYR QB 120 -94.22 13.20 88.93
C TYR QB 120 -94.44 13.45 90.41
N PRO QB 121 -93.58 14.23 91.05
CA PRO QB 121 -93.77 14.52 92.48
C PRO QB 121 -94.99 15.39 92.72
N GLY QB 122 -95.54 15.26 93.92
CA GLY QB 122 -96.76 15.97 94.26
C GLY QB 122 -98.03 15.32 93.79
N ASN QB 123 -97.96 14.12 93.23
CA ASN QB 123 -99.13 13.41 92.74
C ASN QB 123 -99.68 12.48 93.81
N GLN QB 124 -100.98 12.19 93.71
CA GLN QB 124 -101.66 11.29 94.62
C GLN QB 124 -102.07 10.04 93.87
N VAL QB 125 -101.85 8.88 94.48
CA VAL QB 125 -101.93 7.60 93.79
C VAL QB 125 -102.46 6.54 94.76
N ARG QB 126 -103.41 5.73 94.30
CA ARG QB 126 -104.19 4.86 95.16
C ARG QB 126 -103.43 3.56 95.46
N PHE QB 127 -102.97 3.42 96.70
CA PHE QB 127 -102.16 2.28 97.12
C PHE QB 127 -102.78 1.43 98.22
N PHE QB 128 -103.13 0.20 97.86
CA PHE QB 128 -103.18 -1.00 98.72
C PHE QB 128 -103.70 -2.10 97.78
N ALA QB 129 -103.22 -3.35 97.93
CA ALA QB 129 -103.64 -4.45 97.06
C ALA QB 129 -103.19 -5.77 97.65
N ALA QB 130 -104.13 -6.71 97.79
CA ALA QB 130 -103.83 -8.04 98.30
C ALA QB 130 -104.57 -9.12 97.51
N LYS QB 298 -110.15 -28.91 105.59
CA LYS QB 298 -111.26 -29.41 104.82
C LYS QB 298 -111.86 -30.62 105.52
N GLN QB 299 -112.76 -31.31 104.85
CA GLN QB 299 -113.77 -32.03 105.59
C GLN QB 299 -113.20 -33.32 106.18
N VAL QB 300 -113.81 -33.81 107.27
CA VAL QB 300 -113.59 -35.18 107.68
C VAL QB 300 -114.67 -35.97 106.97
N ASP QB 301 -114.32 -37.12 106.44
CA ASP QB 301 -115.31 -38.02 105.87
C ASP QB 301 -115.10 -39.39 106.51
N GLY QB 302 -115.93 -39.72 107.49
CA GLY QB 302 -115.84 -41.01 108.13
C GLY QB 302 -116.65 -42.05 107.38
N THR QB 303 -116.10 -43.25 107.27
CA THR QB 303 -116.70 -44.32 106.48
C THR QB 303 -117.04 -45.49 107.39
N VAL QB 304 -118.09 -46.23 107.01
CA VAL QB 304 -118.40 -47.47 107.71
C VAL QB 304 -117.25 -48.45 107.52
N ILE QB 305 -116.91 -49.17 108.60
CA ILE QB 305 -115.80 -50.12 108.57
C ILE QB 305 -116.26 -51.56 108.71
N THR QB 306 -117.50 -51.80 109.13
CA THR QB 306 -118.00 -53.16 109.27
C THR QB 306 -119.14 -53.39 108.28
N ALA QB 307 -119.17 -54.60 107.73
CA ALA QB 307 -120.31 -55.14 107.02
C ALA QB 307 -120.92 -56.27 107.83
N LEU QB 308 -122.19 -56.55 107.57
CA LEU QB 308 -122.92 -57.71 108.08
C LEU QB 308 -123.22 -57.64 109.57
N VAL QB 309 -123.23 -56.46 110.18
CA VAL QB 309 -123.69 -56.36 111.57
C VAL QB 309 -125.20 -56.49 111.56
N PRO QB 310 -125.86 -56.65 112.70
CA PRO QB 310 -127.31 -56.42 112.73
C PRO QB 310 -127.63 -55.02 112.23
N TYR QB 311 -127.89 -54.89 110.93
CA TYR QB 311 -128.26 -53.59 110.39
C TYR QB 311 -129.75 -53.34 110.42
N LEU QB 312 -130.51 -54.11 111.19
CA LEU QB 312 -131.96 -54.01 111.19
C LEU QB 312 -132.61 -54.10 112.57
N THR QB 313 -131.84 -54.12 113.66
CA THR QB 313 -132.38 -54.35 115.00
C THR QB 313 -133.20 -55.64 115.09
N VAL QB 314 -134.24 -55.73 114.27
CA VAL QB 314 -135.35 -56.66 114.42
C VAL QB 314 -134.92 -57.99 115.05
N LEU QB 315 -134.00 -58.70 114.39
CA LEU QB 315 -133.65 -60.05 114.86
C LEU QB 315 -132.88 -60.02 116.17
N GLY QB 316 -132.17 -58.92 116.45
CA GLY QB 316 -131.28 -58.89 117.59
C GLY QB 316 -131.41 -57.68 118.51
N GLU QB 317 -132.25 -56.71 118.11
CA GLU QB 317 -132.58 -55.52 118.89
C GLU QB 317 -131.42 -54.53 119.05
N ASN QB 318 -130.23 -54.91 118.62
CA ASN QB 318 -129.03 -54.08 118.74
C ASN QB 318 -128.46 -53.90 117.35
N HIS QB 319 -128.85 -52.80 116.69
CA HIS QB 319 -128.20 -52.39 115.46
C HIS QB 319 -127.00 -51.52 115.81
N SER QB 320 -125.97 -51.57 114.97
CA SER QB 320 -124.81 -50.70 115.13
C SER QB 320 -124.17 -50.48 113.77
N ILE QB 321 -123.25 -49.51 113.75
CA ILE QB 321 -122.29 -49.29 112.69
C ILE QB 321 -121.01 -48.89 113.41
N VAL QB 322 -119.89 -49.17 112.80
CA VAL QB 322 -118.61 -48.81 113.39
C VAL QB 322 -117.85 -47.97 112.37
N VAL QB 323 -117.07 -47.02 112.86
CA VAL QB 323 -116.26 -46.19 111.99
C VAL QB 323 -114.78 -46.43 112.29
N ASP QB 324 -113.91 -46.07 111.35
CA ASP QB 324 -112.48 -46.11 111.59
C ASP QB 324 -111.97 -44.70 111.74
N LYS QB 325 -111.29 -44.44 112.84
CA LYS QB 325 -110.71 -43.14 113.11
C LYS QB 325 -109.33 -43.34 113.70
N GLY QB 326 -108.57 -42.24 113.76
CA GLY QB 326 -107.42 -42.20 114.64
C GLY QB 326 -107.96 -41.94 116.02
N SER QB 327 -107.17 -41.32 116.90
CA SER QB 327 -107.61 -40.93 118.23
C SER QB 327 -108.88 -40.06 118.25
N ALA QB 328 -109.10 -39.33 119.35
CA ALA QB 328 -110.33 -38.57 119.50
C ALA QB 328 -110.60 -37.65 118.32
N ASP QB 329 -111.61 -38.01 117.52
CA ASP QB 329 -112.07 -37.22 116.39
C ASP QB 329 -113.15 -36.21 116.78
N GLY QB 330 -113.20 -35.81 118.05
CA GLY QB 330 -114.25 -34.93 118.51
C GLY QB 330 -115.63 -35.55 118.45
N VAL QB 331 -115.71 -36.88 118.37
CA VAL QB 331 -117.00 -37.56 118.31
C VAL QB 331 -117.64 -37.57 119.69
N GLU QB 332 -118.89 -37.13 119.77
CA GLU QB 332 -119.62 -37.08 121.02
C GLU QB 332 -120.82 -38.04 120.95
N LEU QB 333 -121.32 -38.41 122.13
CA LEU QB 333 -122.32 -39.47 122.20
C LEU QB 333 -123.65 -39.09 121.57
N GLY QB 334 -123.91 -37.80 121.37
CA GLY QB 334 -125.18 -37.40 120.81
C GLY QB 334 -125.17 -37.05 119.34
N ASN QB 335 -124.04 -37.23 118.67
CA ASN QB 335 -123.90 -36.76 117.30
C ASN QB 335 -124.79 -37.56 116.35
N THR QB 336 -125.36 -36.87 115.37
CA THR QB 336 -126.16 -37.46 114.32
C THR QB 336 -125.43 -37.31 112.99
N PHE QB 337 -125.50 -38.35 112.17
CA PHE QB 337 -124.76 -38.38 110.91
C PHE QB 337 -125.65 -38.91 109.80
N ASN QB 338 -125.41 -38.40 108.59
CA ASN QB 338 -126.15 -38.82 107.40
C ASN QB 338 -125.29 -39.80 106.59
N ILE QB 339 -125.93 -40.86 106.10
CA ILE QB 339 -125.25 -41.87 105.30
C ILE QB 339 -125.40 -41.50 103.83
N LEU QB 340 -124.30 -41.59 103.08
CA LEU QB 340 -124.28 -41.27 101.67
C LEU QB 340 -123.72 -42.45 100.89
N ARG QB 341 -124.25 -42.65 99.69
CA ARG QB 341 -123.78 -43.71 98.79
C ARG QB 341 -123.42 -43.11 97.45
N LYS QB 342 -122.46 -43.73 96.77
CA LYS QB 342 -122.09 -43.31 95.42
C LYS QB 342 -122.89 -44.10 94.40
N GLY QB 343 -123.59 -43.39 93.52
CA GLY QB 343 -124.41 -44.09 92.55
C GLY QB 343 -124.22 -43.60 91.13
N ASP QB 344 -124.72 -44.35 90.15
CA ASP QB 344 -124.63 -43.86 88.79
C ASP QB 344 -125.97 -43.97 88.07
N PRO QB 345 -126.94 -43.12 88.40
CA PRO QB 345 -128.06 -42.92 87.49
C PRO QB 345 -128.04 -41.50 86.92
N SER QB 346 -129.06 -41.22 86.11
CA SER QB 346 -129.42 -39.85 85.77
C SER QB 346 -130.81 -39.84 85.15
N ARG QB 347 -131.30 -38.63 84.87
CA ARG QB 347 -132.56 -38.47 84.17
C ARG QB 347 -132.38 -38.65 82.67
N HIS QB 348 -131.14 -38.95 82.25
CA HIS QB 348 -130.70 -38.85 80.86
C HIS QB 348 -129.33 -39.55 80.69
N VAL QB 349 -129.25 -40.68 79.97
CA VAL QB 349 -128.04 -41.52 80.03
C VAL QB 349 -127.54 -42.08 78.69
N LEU QB 350 -128.42 -42.21 77.67
CA LEU QB 350 -127.90 -42.36 76.32
C LEU QB 350 -127.03 -41.16 76.02
N GLY QB 351 -127.07 -40.15 76.91
CA GLY QB 351 -126.10 -39.07 77.04
C GLY QB 351 -124.76 -39.47 77.59
N HIS QB 352 -124.69 -39.86 78.86
CA HIS QB 352 -123.52 -40.56 79.40
C HIS QB 352 -123.80 -41.01 80.84
N ASP QB 353 -122.94 -41.90 81.32
CA ASP QB 353 -123.01 -42.44 82.69
C ASP QB 353 -121.67 -43.09 83.06
N VAL QB 354 -120.63 -42.27 83.24
CA VAL QB 354 -119.31 -42.77 83.60
C VAL QB 354 -118.94 -42.26 84.98
N ARG QB 355 -117.66 -41.92 85.19
CA ARG QB 355 -117.22 -41.30 86.43
C ARG QB 355 -116.19 -40.19 86.23
N LYS QB 356 -115.71 -39.97 85.02
CA LYS QB 356 -114.74 -38.92 84.77
C LYS QB 356 -115.39 -37.55 84.94
N PRO QB 357 -114.80 -36.65 85.73
CA PRO QB 357 -115.43 -35.36 86.01
C PRO QB 357 -115.66 -34.52 84.76
N SER QB 358 -116.50 -33.48 84.96
CA SER QB 358 -116.65 -32.28 84.13
C SER QB 358 -117.83 -32.32 83.15
N LYS QB 359 -118.78 -33.24 83.33
CA LYS QB 359 -120.00 -33.16 82.53
C LYS QB 359 -121.20 -32.96 83.46
N GLU QB 360 -122.32 -33.62 83.15
CA GLU QB 360 -123.54 -33.41 83.92
C GLU QB 360 -123.71 -34.47 85.01
N GLU QB 361 -123.28 -35.70 84.74
CA GLU QB 361 -123.56 -36.83 85.62
C GLU QB 361 -122.30 -37.35 86.30
N GLN QB 362 -121.81 -38.50 85.80
CA GLN QB 362 -120.52 -39.05 86.19
C GLN QB 362 -120.49 -39.38 87.68
N SER QB 363 -121.32 -40.36 88.07
CA SER QB 363 -121.61 -40.72 89.45
C SER QB 363 -122.20 -39.55 90.22
N PHE QB 364 -122.99 -39.85 91.25
CA PHE QB 364 -123.68 -38.86 92.05
C PHE QB 364 -123.59 -39.24 93.52
N PRO QB 365 -123.30 -38.27 94.39
CA PRO QB 365 -123.33 -38.53 95.83
C PRO QB 365 -124.75 -38.53 96.36
N TRP QB 366 -125.38 -39.69 96.37
CA TRP QB 366 -126.79 -39.80 96.74
C TRP QB 366 -126.95 -39.90 98.25
N ARG QB 367 -127.97 -39.23 98.76
CA ARG QB 367 -128.28 -39.29 100.18
C ARG QB 367 -129.21 -40.46 100.46
N SER QB 368 -128.79 -41.34 101.36
CA SER QB 368 -129.64 -42.43 101.78
C SER QB 368 -130.71 -41.93 102.75
N ILE QB 369 -131.78 -42.71 102.88
CA ILE QB 369 -132.78 -42.43 103.90
C ILE QB 369 -132.25 -42.72 105.29
N GLY QB 370 -131.12 -43.43 105.38
CA GLY QB 370 -130.61 -43.85 106.66
C GLY QB 370 -129.83 -42.75 107.35
N ALA QB 371 -130.20 -42.42 108.59
CA ALA QB 371 -129.43 -41.55 109.46
C ALA QB 371 -129.03 -42.34 110.69
N CYS QB 372 -127.90 -41.97 111.29
CA CYS QB 372 -127.36 -42.70 112.43
C CYS QB 372 -127.11 -41.77 113.60
N MET QB 373 -127.14 -42.34 114.81
CA MET QB 373 -126.87 -41.61 116.05
C MET QB 373 -125.78 -42.35 116.81
N VAL QB 374 -124.70 -41.62 117.14
CA VAL QB 374 -123.62 -42.20 117.92
C VAL QB 374 -124.16 -42.74 119.23
N THR QB 375 -123.60 -43.87 119.66
CA THR QB 375 -124.05 -44.52 120.89
C THR QB 375 -122.89 -44.97 121.78
N GLU QB 376 -121.78 -45.40 121.20
CA GLU QB 376 -120.58 -45.67 121.99
C GLU QB 376 -119.39 -44.98 121.34
N VAL QB 377 -118.63 -44.26 122.15
CA VAL QB 377 -117.43 -43.57 121.71
C VAL QB 377 -116.23 -44.23 122.37
N LYS QB 378 -115.26 -44.61 121.56
CA LYS QB 378 -113.99 -45.10 122.07
C LYS QB 378 -112.90 -44.09 121.73
N GLU QB 379 -111.69 -44.38 122.23
CA GLU QB 379 -110.56 -43.50 121.97
C GLU QB 379 -110.38 -43.26 120.48
N ARG QB 380 -110.55 -44.29 119.66
CA ARG QB 380 -110.25 -44.16 118.24
C ARG QB 380 -111.29 -44.76 117.30
N THR QB 381 -112.41 -45.27 117.82
CA THR QB 381 -113.50 -45.71 116.96
C THR QB 381 -114.82 -45.28 117.58
N SER QB 382 -115.91 -45.60 116.89
CA SER QB 382 -117.23 -45.29 117.43
C SER QB 382 -118.29 -46.17 116.78
N ASN QB 383 -119.28 -46.52 117.62
CA ASN QB 383 -120.46 -47.28 117.23
C ASN QB 383 -121.69 -46.38 117.28
N CYS QB 384 -122.47 -46.40 116.20
CA CYS QB 384 -123.69 -45.61 116.11
C CYS QB 384 -124.85 -46.51 115.72
N LEU QB 385 -126.07 -46.16 116.15
CA LEU QB 385 -127.25 -46.92 115.77
C LEU QB 385 -128.05 -46.10 114.76
N MET QB 386 -128.28 -46.67 113.58
CA MET QB 386 -129.08 -46.03 112.55
C MET QB 386 -130.51 -45.83 113.04
N THR QB 387 -131.13 -44.72 112.60
CA THR QB 387 -132.49 -44.42 113.01
C THR QB 387 -133.51 -45.28 112.28
N ARG QB 388 -133.20 -45.75 111.07
CA ARG QB 388 -134.11 -46.56 110.28
C ARG QB 388 -133.55 -47.99 110.21
N SER QB 389 -134.07 -48.86 111.05
CA SER QB 389 -133.62 -50.24 111.14
C SER QB 389 -134.20 -51.10 110.02
N LEU QB 390 -133.93 -50.73 108.77
CA LEU QB 390 -134.51 -51.43 107.63
C LEU QB 390 -133.57 -51.58 106.44
N GLU QB 391 -132.38 -50.99 106.46
CA GLU QB 391 -131.49 -51.05 105.32
C GLU QB 391 -130.09 -51.43 105.79
N GLU QB 392 -129.46 -52.36 105.07
CA GLU QB 392 -128.12 -52.80 105.40
C GLU QB 392 -127.10 -52.08 104.54
N LEU QB 393 -125.88 -51.93 105.07
CA LEU QB 393 -124.78 -51.35 104.34
C LEU QB 393 -123.56 -52.26 104.40
N VAL QB 394 -122.55 -51.87 103.63
CA VAL QB 394 -121.26 -52.56 103.55
C VAL QB 394 -120.25 -51.57 104.13
N PRO QB 395 -118.93 -51.84 104.12
CA PRO QB 395 -118.00 -50.76 104.47
C PRO QB 395 -117.60 -49.98 103.22
N GLY QB 396 -117.32 -48.70 103.43
CA GLY QB 396 -117.05 -47.77 102.35
C GLY QB 396 -118.14 -46.74 102.14
N ASP QB 397 -119.36 -47.03 102.58
CA ASP QB 397 -120.40 -46.00 102.60
C ASP QB 397 -119.97 -44.87 103.52
N ARG QB 398 -120.33 -43.65 103.15
CA ARG QB 398 -119.78 -42.46 103.79
C ARG QB 398 -120.84 -41.61 104.49
N ALA RB 69 -58.31 -18.38 135.11
CA ALA RB 69 -59.07 -17.94 133.95
C ALA RB 69 -59.83 -19.13 133.35
N PRO RB 70 -60.56 -18.90 132.24
CA PRO RB 70 -61.02 -20.06 131.47
C PRO RB 70 -60.03 -20.46 130.39
N ARG RB 71 -58.97 -21.16 130.77
CA ARG RB 71 -58.01 -21.72 129.83
C ARG RB 71 -57.46 -20.65 128.89
N GLY RB 72 -58.20 -20.38 127.81
CA GLY RB 72 -57.84 -19.31 126.91
C GLY RB 72 -58.41 -17.99 127.39
N ARG RB 73 -59.70 -17.77 127.13
CA ARG RB 73 -60.33 -16.48 127.40
C ARG RB 73 -61.84 -16.59 127.59
N GLU RB 74 -62.62 -16.28 126.54
CA GLU RB 74 -64.09 -16.36 126.51
C GLU RB 74 -64.78 -15.26 127.30
N SER RB 75 -66.09 -15.10 127.08
CA SER RB 75 -66.97 -14.18 127.82
C SER RB 75 -68.40 -14.41 127.34
N ALA RB 76 -69.34 -13.54 127.76
CA ALA RB 76 -70.77 -13.75 127.48
C ALA RB 76 -71.74 -12.57 127.68
N PRO RB 77 -71.32 -11.37 128.19
CA PRO RB 77 -72.29 -10.26 128.22
C PRO RB 77 -71.98 -9.09 127.29
N GLY RB 78 -71.69 -7.92 127.86
CA GLY RB 78 -71.40 -6.74 127.05
C GLY RB 78 -71.00 -5.51 127.85
N GLU RB 79 -69.71 -5.18 127.82
CA GLU RB 79 -69.18 -3.98 128.48
C GLU RB 79 -68.24 -3.31 127.48
N VAL RB 80 -67.36 -2.42 127.97
CA VAL RB 80 -66.62 -1.55 127.05
C VAL RB 80 -65.12 -1.67 127.31
N HIS RB 81 -64.34 -1.79 126.24
CA HIS RB 81 -62.88 -1.74 126.31
C HIS RB 81 -62.39 -0.50 125.55
N SER RB 82 -61.13 -0.16 125.78
CA SER RB 82 -60.52 1.04 125.21
C SER RB 82 -59.52 0.65 124.13
N VAL RB 83 -59.55 1.36 123.00
CA VAL RB 83 -58.62 1.08 121.90
C VAL RB 83 -57.27 1.69 122.22
N GLU RB 84 -56.21 0.97 121.86
CA GLU RB 84 -54.85 1.46 121.99
C GLU RB 84 -54.27 1.80 120.62
N SER RB 85 -53.02 2.28 120.65
CA SER RB 85 -52.40 2.83 119.44
C SER RB 85 -51.99 1.71 118.49
N GLY RB 86 -52.47 1.79 117.26
CA GLY RB 86 -52.18 0.76 116.27
C GLY RB 86 -53.18 -0.37 116.22
N ASP RB 87 -54.31 -0.23 116.91
CA ASP RB 87 -55.30 -1.29 117.02
C ASP RB 87 -56.43 -1.10 116.02
N THR RB 88 -56.87 -2.20 115.44
CA THR RB 88 -58.12 -2.28 114.69
C THR RB 88 -59.05 -3.23 115.43
N LEU RB 89 -60.28 -3.36 114.95
CA LEU RB 89 -61.16 -4.35 115.57
C LEU RB 89 -60.77 -5.77 115.17
N TRP RB 90 -60.07 -5.94 114.04
CA TRP RB 90 -59.57 -7.28 113.71
C TRP RB 90 -58.53 -7.74 114.74
N ASP RB 91 -57.78 -6.81 115.31
CA ASP RB 91 -56.95 -7.12 116.48
C ASP RB 91 -57.82 -7.38 117.72
N LEU RB 92 -58.40 -6.31 118.23
CA LEU RB 92 -59.21 -6.36 119.46
C LEU RB 92 -60.15 -7.56 119.52
N SER RB 93 -60.51 -8.13 118.36
CA SER RB 93 -61.23 -9.39 118.35
C SER RB 93 -60.31 -10.56 118.72
N GLN RB 94 -59.00 -10.39 118.58
CA GLN RB 94 -58.05 -11.43 118.95
C GLN RB 94 -56.67 -10.82 119.15
N ARG RB 95 -56.18 -10.88 120.40
CA ARG RB 95 -54.82 -10.53 120.87
C ARG RB 95 -54.73 -9.14 121.49
N TYR RB 96 -55.74 -8.33 121.27
CA TYR RB 96 -55.74 -6.95 121.75
C TYR RB 96 -56.74 -6.77 122.89
N LEU RB 97 -56.85 -7.78 123.74
CA LEU RB 97 -57.62 -7.65 124.97
C LEU RB 97 -57.40 -8.84 125.90
N GLY RB 98 -58.33 -8.98 126.85
CA GLY RB 98 -58.36 -10.09 127.77
C GLY RB 98 -59.42 -11.14 127.43
N SER RB 99 -59.76 -11.23 126.13
CA SER RB 99 -60.71 -12.20 125.58
C SER RB 99 -60.67 -12.11 124.07
N PRO RB 100 -61.29 -13.03 123.32
CA PRO RB 100 -61.54 -12.78 121.91
C PRO RB 100 -63.00 -12.36 121.74
N TRP RB 101 -63.33 -11.96 120.52
CA TRP RB 101 -64.71 -11.77 120.11
C TRP RB 101 -64.69 -11.65 118.58
N TYR RB 102 -65.80 -11.23 118.01
CA TYR RB 102 -65.96 -11.19 116.57
C TYR RB 102 -66.00 -9.75 116.11
N TRP RB 103 -65.01 -9.37 115.28
CA TRP RB 103 -64.91 -7.99 114.80
C TRP RB 103 -66.24 -7.43 114.28
N PRO RB 104 -67.01 -8.12 113.42
CA PRO RB 104 -68.28 -7.52 112.98
C PRO RB 104 -69.20 -7.16 114.13
N LYS RB 105 -69.36 -8.06 115.10
CA LYS RB 105 -70.27 -7.85 116.22
C LYS RB 105 -69.98 -6.54 116.96
N VAL RB 106 -68.70 -6.17 117.06
CA VAL RB 106 -68.33 -4.97 117.81
C VAL RB 106 -68.37 -3.76 116.90
N TRP RB 107 -67.97 -3.92 115.64
CA TRP RB 107 -68.25 -2.86 114.67
C TRP RB 107 -69.74 -2.50 114.71
N SER RB 108 -70.59 -3.43 115.13
CA SER RB 108 -72.02 -3.14 115.11
C SER RB 108 -72.51 -2.54 116.43
N TYR RB 109 -71.72 -2.61 117.50
CA TYR RB 109 -72.31 -2.42 118.82
C TYR RB 109 -72.55 -0.95 119.17
N ASN RB 110 -71.48 -0.17 119.25
CA ASN RB 110 -71.61 1.30 119.42
C ASN RB 110 -70.25 2.00 119.43
N PRO RB 111 -70.00 2.87 118.44
CA PRO RB 111 -70.93 3.30 117.38
C PRO RB 111 -71.08 2.22 116.30
N GLU RB 112 -72.18 2.19 115.56
CA GLU RB 112 -72.32 1.18 114.51
C GLU RB 112 -71.31 1.44 113.41
N ILE RB 113 -70.22 0.69 113.38
CA ILE RB 113 -69.16 0.87 112.40
C ILE RB 113 -69.02 -0.42 111.58
N ALA RB 114 -68.09 -0.47 110.62
CA ALA RB 114 -68.07 -1.56 109.66
C ALA RB 114 -66.71 -2.27 109.65
N ASN RB 115 -66.76 -3.59 109.39
CA ASN RB 115 -65.70 -4.51 109.82
C ASN RB 115 -64.34 -4.30 109.20
N PRO RB 116 -64.15 -3.54 108.10
CA PRO RB 116 -62.79 -3.13 107.74
C PRO RB 116 -62.64 -1.61 107.71
N HIS RB 117 -63.31 -0.91 108.63
CA HIS RB 117 -63.35 0.55 108.62
C HIS RB 117 -62.23 1.16 109.45
N TRP RB 118 -61.50 0.34 110.23
CA TRP RB 118 -60.32 0.74 111.01
C TRP RB 118 -60.61 1.82 112.05
N ILE RB 119 -60.22 1.58 113.29
CA ILE RB 119 -60.49 2.51 114.38
C ILE RB 119 -59.30 3.39 114.67
N TYR RB 120 -59.32 4.03 115.83
CA TYR RB 120 -58.32 4.97 116.29
C TYR RB 120 -58.06 4.77 117.78
N PRO RB 121 -56.85 5.07 118.25
CA PRO RB 121 -56.56 4.91 119.68
C PRO RB 121 -57.32 5.92 120.53
N GLY RB 122 -57.56 5.54 121.77
CA GLY RB 122 -58.34 6.35 122.68
C GLY RB 122 -59.84 6.21 122.53
N ASN RB 123 -60.30 5.28 121.71
CA ASN RB 123 -61.73 5.07 121.49
C ASN RB 123 -62.26 4.00 122.44
N GLN RB 124 -63.56 4.08 122.73
CA GLN RB 124 -64.23 3.10 123.57
C GLN RB 124 -65.22 2.31 122.72
N VAL RB 125 -65.24 0.99 122.93
CA VAL RB 125 -65.91 0.07 122.04
C VAL RB 125 -66.48 -1.09 122.85
N ARG RB 126 -67.72 -1.46 122.56
CA ARG RB 126 -68.50 -2.35 123.40
C ARG RB 126 -68.15 -3.81 123.10
N PHE RB 127 -67.47 -4.46 124.05
CA PHE RB 127 -66.99 -5.83 123.86
C PHE RB 127 -67.55 -6.82 124.88
N PHE RB 128 -68.35 -7.76 124.38
CA PHE RB 128 -68.57 -9.13 124.90
C PHE RB 128 -69.66 -9.70 123.95
N ALA RB 129 -69.58 -10.99 123.63
CA ALA RB 129 -70.55 -11.62 122.73
C ALA RB 129 -70.42 -13.13 122.79
N ALA RB 130 -71.54 -13.81 123.02
CA ALA RB 130 -71.58 -15.28 123.06
C ALA RB 130 -72.81 -15.83 122.33
N LYS RB 298 -82.26 -35.27 126.89
CA LYS RB 298 -83.64 -35.21 126.46
C LYS RB 298 -84.39 -36.41 127.00
N GLN RB 299 -85.61 -36.59 126.54
CA GLN RB 299 -86.58 -37.26 127.40
C GLN RB 299 -86.32 -38.77 127.42
N VAL RB 300 -86.75 -39.42 128.50
CA VAL RB 300 -86.90 -40.88 128.47
C VAL RB 300 -88.32 -41.11 128.01
N ASP RB 301 -88.52 -42.07 127.14
CA ASP RB 301 -89.85 -42.47 126.75
C ASP RB 301 -89.94 -43.98 126.93
N GLY RB 302 -90.56 -44.41 128.03
CA GLY RB 302 -90.73 -45.83 128.27
C GLY RB 302 -92.01 -46.34 127.62
N THR RB 303 -91.93 -47.54 127.05
CA THR RB 303 -93.01 -48.12 126.28
C THR RB 303 -93.48 -49.40 126.96
N VAL RB 304 -94.77 -49.71 126.79
CA VAL RB 304 -95.28 -51.00 127.23
C VAL RB 304 -94.60 -52.10 126.45
N ILE RB 305 -94.25 -53.19 127.13
CA ILE RB 305 -93.56 -54.31 126.49
C ILE RB 305 -94.42 -55.57 126.43
N THR RB 306 -95.50 -55.63 127.19
CA THR RB 306 -96.38 -56.79 127.16
C THR RB 306 -97.74 -56.42 126.59
N ALA RB 307 -98.30 -57.34 125.82
CA ALA RB 307 -99.71 -57.33 125.43
C ALA RB 307 -100.41 -58.48 126.12
N LEU RB 308 -101.73 -58.35 126.25
CA LEU RB 308 -102.63 -59.41 126.69
C LEU RB 308 -102.51 -59.77 128.16
N VAL RB 309 -101.96 -58.89 129.00
CA VAL RB 309 -101.99 -59.15 130.44
C VAL RB 309 -103.42 -58.91 130.92
N PRO RB 310 -103.77 -59.28 132.15
CA PRO RB 310 -105.00 -58.74 132.72
C PRO RB 310 -104.96 -57.21 132.71
N TYR RB 311 -105.50 -56.61 131.65
CA TYR RB 311 -105.55 -55.16 131.60
C TYR RB 311 -106.82 -54.58 132.19
N LEU RB 312 -107.56 -55.36 132.99
CA LEU RB 312 -108.85 -54.93 133.50
C LEU RB 312 -109.11 -55.31 134.96
N THR RB 313 -108.13 -55.87 135.68
CA THR RB 313 -108.36 -56.39 137.02
C THR RB 313 -109.49 -57.41 137.08
N VAL RB 314 -110.69 -56.98 136.66
CA VAL RB 314 -111.96 -57.62 136.97
C VAL RB 314 -111.84 -59.14 137.07
N LEU RB 315 -111.40 -59.79 135.99
CA LEU RB 315 -111.41 -61.25 135.99
C LEU RB 315 -110.36 -61.84 136.92
N GLY RB 316 -109.28 -61.10 137.19
CA GLY RB 316 -108.16 -61.65 137.92
C GLY RB 316 -107.65 -60.82 139.08
N GLU RB 317 -108.20 -59.61 139.24
CA GLU RB 317 -107.91 -58.69 140.35
C GLU RB 317 -106.49 -58.12 140.33
N ASN RB 318 -105.64 -58.60 139.43
CA ASN RB 318 -104.25 -58.17 139.33
C ASN RB 318 -104.03 -57.67 137.91
N HIS RB 319 -104.20 -56.36 137.72
CA HIS RB 319 -103.78 -55.73 136.47
C HIS RB 319 -102.32 -55.33 136.59
N SER RB 320 -101.62 -55.34 135.46
CA SER RB 320 -100.25 -54.88 135.41
C SER RB 320 -99.93 -54.38 134.01
N ILE RB 321 -98.80 -53.71 133.91
CA ILE RB 321 -98.12 -53.38 132.67
C ILE RB 321 -96.64 -53.56 132.97
N VAL RB 322 -95.86 -53.87 131.97
CA VAL RB 322 -94.44 -54.03 132.15
C VAL RB 322 -93.73 -53.12 131.17
N VAL RB 323 -92.58 -52.60 131.56
CA VAL RB 323 -91.81 -51.74 130.69
C VAL RB 323 -90.46 -52.41 130.40
N ASP RB 324 -89.81 -51.97 129.33
CA ASP RB 324 -88.45 -52.43 129.05
C ASP RB 324 -87.49 -51.30 129.34
N LYS RB 325 -86.50 -51.58 130.17
CA LYS RB 325 -85.48 -50.62 130.52
C LYS RB 325 -84.12 -51.32 130.53
N GLY RB 326 -83.07 -50.52 130.59
CA GLY RB 326 -81.79 -51.04 131.02
C GLY RB 326 -81.84 -51.13 132.52
N SER RB 327 -80.69 -51.03 133.19
CA SER RB 327 -80.62 -51.01 134.65
C SER RB 327 -81.47 -49.92 135.29
N ALA RB 328 -81.16 -49.57 136.54
CA ALA RB 328 -81.99 -48.63 137.29
C ALA RB 328 -82.23 -47.33 136.53
N ASP RB 329 -83.47 -47.16 136.07
CA ASP RB 329 -83.93 -45.96 135.38
C ASP RB 329 -84.48 -44.92 136.35
N GLY RB 330 -84.06 -44.95 137.61
CA GLY RB 330 -84.62 -44.05 138.60
C GLY RB 330 -86.09 -44.28 138.88
N VAL RB 331 -86.62 -45.45 138.52
CA VAL RB 331 -88.03 -45.75 138.74
C VAL RB 331 -88.25 -46.06 140.21
N GLU RB 332 -89.22 -45.39 140.82
CA GLU RB 332 -89.56 -45.59 142.22
C GLU RB 332 -90.97 -46.15 142.33
N LEU RB 333 -91.25 -46.76 143.49
CA LEU RB 333 -92.48 -47.53 143.65
C LEU RB 333 -93.73 -46.66 143.63
N GLY RB 334 -93.60 -45.35 143.84
CA GLY RB 334 -94.77 -44.50 143.85
C GLY RB 334 -95.02 -43.69 142.61
N ASN RB 335 -94.22 -43.91 141.56
CA ASN RB 335 -94.30 -43.06 140.38
C ASN RB 335 -95.62 -43.27 139.63
N THR RB 336 -96.15 -42.18 139.11
CA THR RB 336 -97.36 -42.18 138.29
C THR RB 336 -96.99 -41.79 136.87
N PHE RB 337 -97.60 -42.45 135.89
CA PHE RB 337 -97.27 -42.23 134.49
C PHE RB 337 -98.53 -42.14 133.66
N ASN RB 338 -98.46 -41.34 132.60
CA ASN RB 338 -99.57 -41.16 131.67
C ASN RB 338 -99.32 -41.99 130.41
N ILE RB 339 -100.37 -42.64 129.94
CA ILE RB 339 -100.30 -43.46 128.74
C ILE RB 339 -100.69 -42.61 127.53
N LEU RB 340 -99.91 -42.70 126.47
CA LEU RB 340 -100.15 -41.96 125.24
C LEU RB 340 -100.24 -42.91 124.06
N ARG RB 341 -101.09 -42.58 123.10
CA ARG RB 341 -101.25 -43.37 121.88
C ARG RB 341 -101.05 -42.46 120.67
N LYS RB 342 -100.57 -43.03 119.57
CA LYS RB 342 -100.45 -42.28 118.33
C LYS RB 342 -101.70 -42.48 117.50
N GLY RB 343 -102.33 -41.37 117.09
CA GLY RB 343 -103.55 -41.50 116.33
C GLY RB 343 -103.60 -40.64 115.09
N ASP RB 344 -104.54 -40.88 114.19
CA ASP RB 344 -104.65 -40.00 113.05
C ASP RB 344 -106.09 -39.55 112.83
N PRO RB 345 -106.61 -38.66 113.66
CA PRO RB 345 -107.80 -37.91 113.26
C PRO RB 345 -107.47 -36.45 113.09
N SER RB 346 -108.50 -35.67 112.77
CA SER RB 346 -108.48 -34.22 112.90
C SER RB 346 -109.89 -33.68 112.83
N ARG RB 347 -110.01 -32.36 113.04
CA ARG RB 347 -111.29 -31.69 112.87
C ARG RB 347 -111.57 -31.41 111.40
N HIS RB 348 -110.65 -31.82 110.51
CA HIS RB 348 -110.57 -31.39 109.12
C HIS RB 348 -109.60 -32.30 108.34
N VAL RB 349 -110.10 -33.11 107.39
CA VAL RB 349 -109.25 -34.17 106.82
C VAL RB 349 -109.33 -34.37 105.30
N LEU RB 350 -110.43 -33.94 104.64
CA LEU RB 350 -110.35 -33.75 103.20
C LEU RB 350 -109.24 -32.76 102.92
N GLY RB 351 -108.71 -32.13 103.98
CA GLY RB 351 -107.45 -31.41 104.02
C GLY RB 351 -106.23 -32.29 103.97
N HIS RB 352 -105.95 -33.06 105.02
CA HIS RB 352 -104.99 -34.16 104.94
C HIS RB 352 -105.01 -34.98 106.22
N ASP RB 353 -104.40 -36.16 106.15
CA ASP RB 353 -104.28 -37.09 107.29
C ASP RB 353 -103.19 -38.12 107.00
N VAL RB 354 -101.94 -37.67 107.01
CA VAL RB 354 -100.80 -38.56 106.77
C VAL RB 354 -99.94 -38.63 108.02
N ARG RB 355 -98.61 -38.68 107.84
CA ARG RB 355 -97.68 -38.64 108.96
C ARG RB 355 -96.45 -37.80 108.70
N LYS RB 356 -96.24 -37.31 107.48
CA LYS RB 356 -95.08 -36.50 107.17
C LYS RB 356 -95.18 -35.15 107.88
N PRO RB 357 -94.15 -34.72 108.60
CA PRO RB 357 -94.23 -33.49 109.39
C PRO RB 357 -94.49 -32.24 108.52
N SER RB 358 -94.85 -31.16 109.24
CA SER RB 358 -94.82 -29.77 108.83
C SER RB 358 -96.16 -29.20 108.33
N LYS RB 359 -97.27 -29.88 108.60
CA LYS RB 359 -98.57 -29.25 108.31
C LYS RB 359 -99.35 -29.10 109.62
N GLU RB 360 -100.66 -29.33 109.56
CA GLU RB 360 -101.50 -29.10 110.73
C GLU RB 360 -101.72 -30.39 111.53
N GLU RB 361 -101.81 -31.53 110.84
CA GLU RB 361 -102.20 -32.79 111.47
C GLU RB 361 -101.05 -33.79 111.52
N GLN RB 362 -101.11 -34.78 110.64
CA GLN RB 362 -100.02 -35.72 110.42
C GLN RB 362 -99.71 -36.52 111.68
N SER RB 363 -100.67 -37.35 112.08
CA SER RB 363 -100.71 -38.07 113.36
C SER RB 363 -100.67 -37.10 114.55
N PHE RB 364 -101.21 -37.53 115.68
CA PHE RB 364 -101.31 -36.73 116.88
C PHE RB 364 -100.97 -37.59 118.08
N PRO RB 365 -100.17 -37.05 119.01
CA PRO RB 365 -99.91 -37.76 120.27
C PRO RB 365 -101.06 -37.59 121.24
N TRP RB 366 -102.01 -38.51 121.19
CA TRP RB 366 -103.22 -38.41 121.98
C TRP RB 366 -103.01 -38.95 123.38
N ARG RB 367 -103.59 -38.26 124.36
CA ARG RB 367 -103.53 -38.71 125.73
C ARG RB 367 -104.68 -39.66 126.03
N SER RB 368 -104.36 -40.86 126.49
CA SER RB 368 -105.38 -41.79 126.91
C SER RB 368 -105.94 -41.40 128.28
N ILE RB 369 -107.14 -41.90 128.58
CA ILE RB 369 -107.69 -41.74 129.92
C ILE RB 369 -106.94 -42.59 130.92
N GLY RB 370 -106.13 -43.53 130.45
CA GLY RB 370 -105.46 -44.47 131.35
C GLY RB 370 -104.21 -43.87 131.95
N ALA RB 371 -104.13 -43.89 133.28
CA ALA RB 371 -102.92 -43.56 134.02
C ALA RB 371 -102.49 -44.78 134.81
N CYS RB 372 -101.18 -44.90 135.07
CA CYS RB 372 -100.64 -46.07 135.74
C CYS RB 372 -99.80 -45.66 136.94
N MET RB 373 -99.71 -46.57 137.91
CA MET RB 373 -98.91 -46.39 139.11
C MET RB 373 -97.96 -47.57 139.26
N VAL RB 374 -96.66 -47.26 139.36
CA VAL RB 374 -95.66 -48.30 139.56
C VAL RB 374 -95.98 -49.11 140.81
N THR RB 375 -95.75 -50.41 140.74
CA THR RB 375 -96.04 -51.30 141.85
C THR RB 375 -94.91 -52.27 142.15
N GLU RB 376 -94.18 -52.74 141.14
CA GLU RB 376 -92.99 -53.52 141.38
C GLU RB 376 -91.85 -52.95 140.54
N VAL RB 377 -90.71 -52.74 141.19
CA VAL RB 377 -89.50 -52.26 140.53
C VAL RB 377 -88.46 -53.36 140.57
N LYS RB 378 -87.90 -53.67 139.41
CA LYS RB 378 -86.79 -54.59 139.31
C LYS RB 378 -85.55 -53.81 138.87
N GLU RB 379 -84.42 -54.51 138.86
CA GLU RB 379 -83.17 -53.89 138.44
C GLU RB 379 -83.30 -53.22 137.08
N ARG RB 380 -84.01 -53.86 136.14
CA ARG RB 380 -84.06 -53.36 134.78
C ARG RB 380 -85.46 -53.35 134.16
N THR RB 381 -86.50 -53.71 134.90
CA THR RB 381 -87.86 -53.58 134.39
C THR RB 381 -88.76 -53.11 135.51
N SER RB 382 -90.03 -52.87 135.18
CA SER RB 382 -90.99 -52.47 136.19
C SER RB 382 -92.41 -52.82 135.76
N ASN RB 383 -93.21 -53.17 136.76
CA ASN RB 383 -94.63 -53.47 136.63
C ASN RB 383 -95.45 -52.38 137.31
N CYS RB 384 -96.44 -51.84 136.60
CA CYS RB 384 -97.30 -50.80 137.13
C CYS RB 384 -98.75 -51.22 136.96
N LEU RB 385 -99.63 -50.77 137.85
CA LEU RB 385 -101.06 -51.04 137.73
C LEU RB 385 -101.78 -49.79 137.28
N MET RB 386 -102.48 -49.87 136.15
CA MET RB 386 -103.27 -48.76 135.65
C MET RB 386 -104.38 -48.40 136.63
N THR RB 387 -104.69 -47.10 136.71
CA THR RB 387 -105.72 -46.63 137.62
C THR RB 387 -107.13 -46.94 137.11
N ARG RB 388 -107.30 -47.04 135.80
CA ARG RB 388 -108.61 -47.32 135.18
C ARG RB 388 -108.58 -48.71 134.58
N SER RB 389 -109.12 -49.68 135.33
CA SER RB 389 -109.15 -51.08 134.92
C SER RB 389 -110.24 -51.36 133.90
N LEU RB 390 -110.18 -50.67 132.76
CA LEU RB 390 -111.24 -50.80 131.75
C LEU RB 390 -110.75 -50.76 130.32
N GLU RB 391 -109.47 -50.51 130.06
CA GLU RB 391 -108.96 -50.40 128.70
C GLU RB 391 -107.70 -51.24 128.57
N GLU RB 392 -107.61 -51.99 127.47
CA GLU RB 392 -106.45 -52.82 127.22
C GLU RB 392 -105.51 -52.13 126.25
N LEU RB 393 -104.22 -52.44 126.35
CA LEU RB 393 -103.22 -51.94 125.43
C LEU RB 393 -102.39 -53.07 124.86
N VAL RB 394 -101.54 -52.71 123.90
CA VAL RB 394 -100.61 -53.60 123.23
C VAL RB 394 -99.22 -53.13 123.64
N PRO RB 395 -98.12 -53.69 123.12
CA PRO RB 395 -96.82 -53.03 123.37
C PRO RB 395 -96.53 -52.01 122.29
N GLY RB 396 -95.80 -50.96 122.68
CA GLY RB 396 -95.54 -49.83 121.83
C GLY RB 396 -96.24 -48.56 122.26
N ASP RB 397 -97.34 -48.68 123.01
CA ASP RB 397 -97.93 -47.50 123.63
C ASP RB 397 -96.94 -46.87 124.59
N ARG RB 398 -96.96 -45.54 124.66
CA ARG RB 398 -95.90 -44.80 125.34
C ARG RB 398 -96.42 -44.01 126.53
N ALA SB 69 -24.06 -47.55 138.39
CA ALA SB 69 -24.91 -46.59 137.70
C ALA SB 69 -26.15 -47.29 137.14
N PRO SB 70 -27.02 -46.56 136.44
CA PRO SB 70 -28.02 -47.24 135.61
C PRO SB 70 -27.52 -47.48 134.20
N ARG SB 71 -26.69 -48.51 134.02
CA ARG SB 71 -26.24 -48.94 132.70
C ARG SB 71 -25.64 -47.78 131.91
N GLY SB 72 -26.50 -47.00 131.25
CA GLY SB 72 -26.06 -45.82 130.56
C GLY SB 72 -26.03 -44.62 131.50
N ARG SB 73 -27.19 -44.03 131.77
CA ARG SB 73 -27.27 -42.79 132.53
C ARG SB 73 -28.63 -42.60 133.20
N GLU SB 74 -29.51 -41.79 132.58
CA GLU SB 74 -30.88 -41.51 133.03
C GLU SB 74 -30.94 -40.59 134.27
N SER SB 75 -32.13 -40.07 134.55
CA SER SB 75 -32.45 -39.26 135.75
C SER SB 75 -33.95 -38.99 135.74
N ALA SB 76 -34.41 -38.10 136.65
CA ALA SB 76 -35.84 -37.87 136.84
C ALA SB 76 -36.28 -36.63 137.63
N PRO SB 77 -35.39 -35.79 138.25
CA PRO SB 77 -35.89 -34.57 138.87
C PRO SB 77 -35.48 -33.26 138.20
N GLY SB 78 -34.67 -32.44 138.89
CA GLY SB 78 -34.24 -31.17 138.35
C GLY SB 78 -33.26 -30.39 139.21
N GLU SB 79 -31.99 -30.39 138.84
CA GLU SB 79 -30.96 -29.64 139.53
C GLU SB 79 -30.13 -28.91 138.46
N VAL SB 80 -28.92 -28.46 138.81
CA VAL SB 80 -28.19 -27.54 137.92
C VAL SB 80 -26.80 -28.10 137.63
N HIS SB 81 -26.41 -28.04 136.35
CA HIS SB 81 -25.05 -28.35 135.92
C HIS SB 81 -24.40 -27.09 135.35
N SER SB 82 -23.07 -27.15 135.22
CA SER SB 82 -22.29 -26.01 134.77
C SER SB 82 -21.77 -26.25 133.35
N VAL SB 83 -21.87 -25.23 132.51
CA VAL SB 83 -21.41 -25.33 131.13
C VAL SB 83 -19.89 -25.20 131.09
N GLU SB 84 -19.25 -25.99 130.24
CA GLU SB 84 -17.82 -25.91 130.01
C GLU SB 84 -17.53 -25.28 128.64
N SER SB 85 -16.25 -25.13 128.35
CA SER SB 85 -15.81 -24.39 127.18
C SER SB 85 -16.04 -25.20 125.90
N GLY SB 86 -16.77 -24.61 124.96
CA GLY SB 86 -17.10 -25.28 123.72
C GLY SB 86 -18.39 -26.06 123.75
N ASP SB 87 -19.20 -25.90 124.80
CA ASP SB 87 -20.41 -26.68 124.99
C ASP SB 87 -21.63 -25.90 124.51
N THR SB 88 -22.55 -26.61 123.88
CA THR SB 88 -23.90 -26.15 123.61
C THR SB 88 -24.87 -27.05 124.37
N LEU SB 89 -26.16 -26.72 124.33
CA LEU SB 89 -27.11 -27.62 124.96
C LEU SB 89 -27.33 -28.88 124.12
N TRP SB 90 -27.04 -28.82 122.81
CA TRP SB 90 -27.11 -30.06 122.03
C TRP SB 90 -26.05 -31.06 122.49
N ASP SB 91 -24.91 -30.58 122.97
CA ASP SB 91 -23.97 -31.44 123.68
C ASP SB 91 -24.52 -31.88 125.04
N LEU SB 92 -24.56 -30.93 125.96
CA LEU SB 92 -25.00 -31.19 127.35
C LEU SB 92 -26.22 -32.09 127.44
N SER SB 93 -27.03 -32.14 126.38
CA SER SB 93 -28.11 -33.13 126.31
C SER SB 93 -27.57 -34.53 126.05
N GLN SB 94 -26.35 -34.64 125.52
CA GLN SB 94 -25.73 -35.94 125.27
C GLN SB 94 -24.22 -35.77 125.13
N ARG SB 95 -23.47 -36.35 126.09
CA ARG SB 95 -22.01 -36.51 126.12
C ARG SB 95 -21.31 -35.46 126.98
N TYR SB 96 -22.03 -34.39 127.32
CA TYR SB 96 -21.44 -33.30 128.09
C TYR SB 96 -22.00 -33.27 129.51
N LEU SB 97 -22.20 -34.45 130.08
CA LEU SB 97 -22.55 -34.56 131.50
C LEU SB 97 -22.50 -36.00 131.97
N GLY SB 98 -23.14 -36.23 133.13
CA GLY SB 98 -23.30 -37.54 133.72
C GLY SB 98 -24.69 -38.13 133.51
N SER SB 99 -25.37 -37.71 132.44
CA SER SB 99 -26.69 -38.19 132.03
C SER SB 99 -27.00 -37.62 130.66
N PRO SB 100 -28.06 -38.07 129.98
CA PRO SB 100 -28.58 -37.32 128.85
C PRO SB 100 -29.81 -36.54 129.29
N TRP SB 101 -30.30 -35.69 128.39
CA TRP SB 101 -31.60 -35.05 128.53
C TRP SB 101 -31.94 -34.46 127.17
N TYR SB 102 -32.95 -33.61 127.13
CA TYR SB 102 -33.45 -33.07 125.89
C TYR SB 102 -33.14 -31.59 125.82
N TRP SB 103 -32.34 -31.20 124.82
CA TRP SB 103 -31.92 -29.81 124.69
C TRP SB 103 -33.08 -28.81 124.80
N PRO SB 104 -34.23 -28.98 124.12
CA PRO SB 104 -35.30 -27.99 124.30
C PRO SB 104 -35.71 -27.82 125.75
N LYS SB 105 -35.90 -28.93 126.47
CA LYS SB 105 -36.37 -28.88 127.85
C LYS SB 105 -35.50 -28.01 128.73
N VAL SB 106 -34.18 -28.00 128.47
CA VAL SB 106 -33.26 -27.24 129.31
C VAL SB 106 -33.14 -25.81 128.79
N TRP SB 107 -33.14 -25.64 127.47
CA TRP SB 107 -33.32 -24.30 126.94
C TRP SB 107 -34.53 -23.62 127.57
N SER SB 108 -35.50 -24.41 128.02
CA SER SB 108 -36.71 -23.81 128.57
C SER SB 108 -36.62 -23.58 130.07
N TYR SB 109 -35.64 -24.17 130.75
CA TYR SB 109 -35.78 -24.30 132.20
C TYR SB 109 -35.44 -23.02 132.95
N ASN SB 110 -34.19 -22.58 132.85
CA ASN SB 110 -33.77 -21.26 133.40
C ASN SB 110 -32.31 -20.95 133.11
N PRO SB 111 -32.05 -19.87 132.33
CA PRO SB 111 -33.03 -18.92 131.79
C PRO SB 111 -33.80 -19.52 130.60
N GLU SB 112 -35.00 -19.05 130.30
CA GLU SB 112 -35.73 -19.59 129.15
C GLU SB 112 -35.02 -19.22 127.85
N ILE SB 113 -34.27 -20.16 127.29
CA ILE SB 113 -33.51 -19.92 126.06
C ILE SB 113 -34.02 -20.86 124.97
N ALA SB 114 -33.42 -20.81 123.78
CA ALA SB 114 -34.01 -21.49 122.63
C ALA SB 114 -33.02 -22.47 121.99
N ASN SB 115 -33.56 -23.57 121.45
CA ASN SB 115 -32.79 -24.80 121.26
C ASN SB 115 -31.63 -24.72 120.29
N PRO SB 116 -31.50 -23.72 119.40
CA PRO SB 116 -30.21 -23.54 118.70
C PRO SB 116 -29.60 -22.18 118.98
N HIS SB 117 -29.74 -21.69 120.21
CA HIS SB 117 -29.31 -20.34 120.56
C HIS SB 117 -27.87 -20.32 121.07
N TRP SB 118 -27.28 -21.49 121.33
CA TRP SB 118 -25.88 -21.66 121.74
C TRP SB 118 -25.51 -20.95 123.04
N ILE SB 119 -24.91 -21.67 123.98
CA ILE SB 119 -24.58 -21.11 125.28
C ILE SB 119 -23.12 -20.69 125.35
N TYR SB 120 -22.64 -20.48 126.56
CA TYR SB 120 -21.29 -20.00 126.86
C TYR SB 120 -20.75 -20.74 128.07
N PRO SB 121 -19.42 -20.90 128.15
CA PRO SB 121 -18.84 -21.59 129.31
C PRO SB 121 -18.99 -20.77 130.58
N GLY SB 122 -19.01 -21.47 131.71
CA GLY SB 122 -19.22 -20.82 132.99
C GLY SB 122 -20.67 -20.56 133.34
N ASN SB 123 -21.60 -21.03 132.53
CA ASN SB 123 -23.02 -20.82 132.77
C ASN SB 123 -23.61 -21.98 133.56
N GLN SB 124 -24.68 -21.70 134.29
CA GLN SB 124 -25.41 -22.71 135.06
C GLN SB 124 -26.77 -22.93 134.44
N VAL SB 125 -27.16 -24.19 134.32
CA VAL SB 125 -28.32 -24.59 133.51
C VAL SB 125 -29.00 -25.77 134.17
N ARG SB 126 -30.33 -25.73 134.26
CA ARG SB 126 -31.11 -26.64 135.07
C ARG SB 126 -31.35 -27.95 134.33
N PHE SB 127 -30.69 -29.02 134.80
CA PHE SB 127 -30.75 -30.34 134.14
C PHE SB 127 -31.33 -31.43 135.02
N PHE SB 128 -32.50 -31.94 134.62
CA PHE SB 128 -33.01 -33.30 134.84
C PHE SB 128 -34.42 -33.26 134.22
N ALA SB 129 -34.87 -34.37 133.59
CA ALA SB 129 -36.18 -34.40 132.96
C ALA SB 129 -36.54 -35.84 132.61
N ALA SB 130 -37.72 -36.28 133.05
CA ALA SB 130 -38.22 -37.61 132.74
C ALA SB 130 -39.71 -37.60 132.38
N LYS SB 298 -53.47 -54.63 135.14
CA LYS SB 298 -54.83 -54.12 135.22
C LYS SB 298 -55.76 -55.22 135.71
N GLN SB 299 -57.05 -54.97 135.65
CA GLN SB 299 -57.91 -55.63 136.60
C GLN SB 299 -58.17 -57.08 136.18
N VAL SB 300 -58.51 -57.93 137.15
CA VAL SB 300 -59.12 -59.22 136.84
C VAL SB 300 -60.61 -58.94 136.85
N ASP SB 301 -61.33 -59.48 135.89
CA ASP SB 301 -62.78 -59.40 135.90
C ASP SB 301 -63.30 -60.83 135.73
N GLY SB 302 -63.72 -61.43 136.85
CA GLY SB 302 -64.27 -62.77 136.79
C GLY SB 302 -65.76 -62.72 136.52
N THR SB 303 -66.24 -63.64 135.68
CA THR SB 303 -67.62 -63.66 135.23
C THR SB 303 -68.28 -64.95 135.69
N VAL SB 304 -69.59 -64.88 135.90
CA VAL SB 304 -70.37 -66.08 136.18
C VAL SB 304 -70.31 -66.99 134.96
N ILE SB 305 -70.18 -68.29 135.20
CA ILE SB 305 -70.08 -69.27 134.12
C ILE SB 305 -71.28 -70.20 134.06
N THR SB 306 -72.10 -70.26 135.12
CA THR SB 306 -73.28 -71.10 135.12
C THR SB 306 -74.55 -70.26 135.16
N ALA SB 307 -75.56 -70.71 134.42
CA ALA SB 307 -76.93 -70.24 134.56
C ALA SB 307 -77.76 -71.35 135.15
N LEU SB 308 -78.89 -70.97 135.75
CA LEU SB 308 -79.95 -71.87 136.21
C LEU SB 308 -79.57 -72.71 137.43
N VAL SB 309 -78.56 -72.31 138.21
CA VAL SB 309 -78.30 -73.01 139.47
C VAL SB 309 -79.40 -72.61 140.44
N PRO SB 310 -79.53 -73.27 141.59
CA PRO SB 310 -80.32 -72.68 142.67
C PRO SB 310 -79.80 -71.29 143.01
N TYR SB 311 -80.35 -70.26 142.38
CA TYR SB 311 -79.94 -68.90 142.68
C TYR SB 311 -80.75 -68.27 143.80
N LEU SB 312 -81.47 -69.08 144.59
CA LEU SB 312 -82.37 -68.54 145.60
C LEU SB 312 -82.35 -69.30 146.92
N THR SB 313 -81.46 -70.29 147.11
CA THR SB 313 -81.49 -71.16 148.29
C THR SB 313 -82.83 -71.84 148.49
N VAL SB 314 -83.89 -71.02 148.62
CA VAL SB 314 -85.19 -71.41 149.19
C VAL SB 314 -85.54 -72.86 148.88
N LEU SB 315 -85.64 -73.20 147.59
CA LEU SB 315 -86.12 -74.54 147.24
C LEU SB 315 -85.12 -75.63 147.58
N GLY SB 316 -83.82 -75.29 147.63
CA GLY SB 316 -82.80 -76.31 147.78
C GLY SB 316 -81.77 -76.04 148.86
N GLU SB 317 -81.82 -74.87 149.48
CA GLU SB 317 -80.98 -74.46 150.61
C GLU SB 317 -79.51 -74.26 150.24
N ASN SB 318 -79.12 -74.61 149.01
CA ASN SB 318 -77.74 -74.51 148.55
C ASN SB 318 -77.74 -73.64 147.31
N HIS SB 319 -77.52 -72.33 147.50
CA HIS SB 319 -77.26 -71.44 146.37
C HIS SB 319 -75.77 -71.47 146.07
N SER SB 320 -75.43 -71.27 144.79
CA SER SB 320 -74.04 -71.15 144.40
C SER SB 320 -73.95 -70.30 143.14
N ILE SB 321 -72.73 -69.93 142.81
CA ILE SB 321 -72.32 -69.38 141.52
C ILE SB 321 -70.96 -69.98 141.25
N VAL SB 322 -70.62 -70.13 140.00
CA VAL SB 322 -69.33 -70.67 139.62
C VAL SB 322 -68.64 -69.67 138.71
N VAL SB 323 -67.32 -69.60 138.81
CA VAL SB 323 -66.56 -68.71 137.95
C VAL SB 323 -65.64 -69.55 137.07
N ASP SB 324 -65.18 -68.95 135.98
CA ASP SB 324 -64.16 -69.59 135.14
C ASP SB 324 -62.84 -68.88 135.35
N LYS SB 325 -61.81 -69.65 135.70
CA LYS SB 325 -60.49 -69.12 135.89
C LYS SB 325 -59.49 -70.09 135.27
N GLY SB 326 -58.25 -69.62 135.16
CA GLY SB 326 -57.15 -70.54 134.97
C GLY SB 326 -56.82 -71.10 136.33
N SER SB 327 -55.57 -71.51 136.56
CA SER SB 327 -55.12 -71.99 137.87
C SER SB 327 -55.38 -71.00 139.01
N ALA SB 328 -54.65 -71.16 140.12
CA ALA SB 328 -54.90 -70.35 141.31
C ALA SB 328 -54.91 -68.86 141.02
N ASP SB 329 -56.10 -68.25 141.05
CA ASP SB 329 -56.30 -66.82 140.88
C ASP SB 329 -56.20 -66.06 142.20
N GLY SB 330 -55.50 -66.61 143.19
CA GLY SB 330 -55.47 -65.97 144.50
C GLY SB 330 -56.81 -65.93 145.20
N VAL SB 331 -57.76 -66.75 144.77
CA VAL SB 331 -59.09 -66.77 145.39
C VAL SB 331 -59.01 -67.49 146.73
N GLU SB 332 -59.52 -66.84 147.78
CA GLU SB 332 -59.53 -67.41 149.11
C GLU SB 332 -60.96 -67.63 149.57
N LEU SB 333 -61.11 -68.50 150.57
CA LEU SB 333 -62.45 -68.96 150.96
C LEU SB 333 -63.30 -67.86 151.58
N GLY SB 334 -62.70 -66.77 152.03
CA GLY SB 334 -63.48 -65.72 152.65
C GLY SB 334 -63.77 -64.52 151.80
N ASN SB 335 -63.39 -64.55 150.51
CA ASN SB 335 -63.49 -63.37 149.67
C ASN SB 335 -64.94 -63.01 149.40
N THR SB 336 -65.21 -61.72 149.37
CA THR SB 336 -66.52 -61.16 149.03
C THR SB 336 -66.42 -60.42 147.71
N PHE SB 337 -67.44 -60.56 146.88
CA PHE SB 337 -67.43 -59.99 145.54
C PHE SB 337 -68.77 -59.33 145.24
N ASN SB 338 -68.71 -58.26 144.45
CA ASN SB 338 -69.90 -57.53 144.03
C ASN SB 338 -70.28 -57.94 142.61
N ILE SB 339 -71.56 -58.13 142.38
CA ILE SB 339 -72.08 -58.50 141.07
C ILE SB 339 -72.46 -57.23 140.32
N LEU SB 340 -72.07 -57.15 139.04
CA LEU SB 340 -72.35 -56.01 138.20
C LEU SB 340 -73.05 -56.48 136.93
N ARG SB 341 -73.97 -55.66 136.43
CA ARG SB 341 -74.68 -55.93 135.19
C ARG SB 341 -74.52 -54.76 134.24
N LYS SB 342 -74.56 -55.02 132.94
CA LYS SB 342 -74.51 -53.96 131.94
C LYS SB 342 -75.94 -53.57 131.56
N GLY SB 343 -76.25 -52.28 131.69
CA GLY SB 343 -77.61 -51.86 131.39
C GLY SB 343 -77.68 -50.66 130.48
N ASP SB 344 -78.85 -50.37 129.93
CA ASP SB 344 -78.96 -49.16 129.12
C ASP SB 344 -80.18 -48.34 129.54
N PRO SB 345 -80.14 -47.67 130.69
CA PRO SB 345 -81.09 -46.58 130.91
C PRO SB 345 -80.35 -45.24 130.98
N SER SB 346 -81.12 -44.20 131.23
CA SER SB 346 -80.58 -42.92 131.69
C SER SB 346 -81.72 -42.07 132.24
N ARG SB 347 -81.34 -40.90 132.78
CA ARG SB 347 -82.33 -39.92 133.23
C ARG SB 347 -82.87 -39.12 132.05
N HIS SB 348 -82.39 -39.43 130.84
CA HIS SB 348 -82.54 -38.60 129.66
C HIS SB 348 -82.16 -39.39 128.39
N VAL SB 349 -83.12 -39.71 127.50
CA VAL SB 349 -82.84 -40.70 126.44
C VAL SB 349 -83.37 -40.36 125.05
N LEU SB 350 -84.40 -39.48 124.93
CA LEU SB 350 -84.64 -38.86 123.64
C LEU SB 350 -83.37 -38.11 123.23
N GLY SB 351 -82.42 -38.02 124.17
CA GLY SB 351 -81.02 -37.68 123.95
C GLY SB 351 -80.22 -38.75 123.26
N HIS SB 352 -79.94 -39.87 123.94
CA HIS SB 352 -79.46 -41.07 123.27
C HIS SB 352 -79.41 -42.24 124.25
N ASP SB 353 -79.26 -43.44 123.69
CA ASP SB 353 -79.15 -44.68 124.46
C ASP SB 353 -78.57 -45.80 123.59
N VAL SB 354 -77.29 -45.68 123.27
CA VAL SB 354 -76.61 -46.67 122.44
C VAL SB 354 -75.53 -47.35 123.27
N ARG SB 355 -74.38 -47.66 122.64
CA ARG SB 355 -73.23 -48.21 123.35
C ARG SB 355 -71.91 -47.64 122.89
N LYS SB 356 -71.89 -46.85 121.82
CA LYS SB 356 -70.64 -46.27 121.34
C LYS SB 356 -70.10 -45.25 122.34
N PRO SB 357 -68.83 -45.34 122.74
CA PRO SB 357 -68.30 -44.44 123.78
C PRO SB 357 -68.35 -42.97 123.37
N SER SB 358 -68.14 -42.13 124.40
CA SER SB 358 -67.77 -40.71 124.35
C SER SB 358 -68.92 -39.73 124.49
N LYS SB 359 -70.10 -40.17 124.97
CA LYS SB 359 -71.13 -39.20 125.30
C LYS SB 359 -71.46 -39.31 126.80
N GLU SB 360 -72.75 -39.19 127.14
CA GLU SB 360 -73.13 -39.17 128.55
C GLU SB 360 -73.55 -40.56 129.04
N GLU SB 361 -74.17 -41.35 128.17
CA GLU SB 361 -74.77 -42.62 128.57
C GLU SB 361 -74.05 -43.82 128.00
N GLN SB 362 -74.66 -44.43 126.97
CA GLN SB 362 -74.02 -45.47 126.17
C GLN SB 362 -73.69 -46.68 127.02
N SER SB 363 -74.74 -47.35 127.52
CA SER SB 363 -74.66 -48.41 128.52
C SER SB 363 -74.00 -47.94 129.82
N PHE SB 364 -74.35 -48.57 130.93
CA PHE SB 364 -73.86 -48.20 132.24
C PHE SB 364 -73.52 -49.47 133.02
N PRO SB 365 -72.38 -49.47 133.71
CA PRO SB 365 -72.04 -50.59 134.60
C PRO SB 365 -72.79 -50.49 135.92
N TRP SB 366 -73.97 -51.09 135.97
CA TRP SB 366 -74.84 -50.97 137.13
C TRP SB 366 -74.46 -51.98 138.21
N ARG SB 367 -74.51 -51.53 139.45
CA ARG SB 367 -74.24 -52.40 140.59
C ARG SB 367 -75.53 -53.09 141.02
N SER SB 368 -75.49 -54.42 141.05
CA SER SB 368 -76.62 -55.18 141.56
C SER SB 368 -76.64 -55.13 143.08
N ILE SB 369 -77.82 -55.42 143.64
CA ILE SB 369 -77.93 -55.58 145.09
C ILE SB 369 -77.26 -56.86 145.55
N GLY SB 370 -76.96 -57.76 144.61
CA GLY SB 370 -76.43 -59.06 144.97
C GLY SB 370 -74.94 -59.01 145.24
N ALA SB 371 -74.53 -59.49 146.41
CA ALA SB 371 -73.13 -59.72 146.74
C ALA SB 371 -72.93 -61.20 147.03
N CYS SB 372 -71.72 -61.69 146.78
CA CYS SB 372 -71.43 -63.11 146.93
C CYS SB 372 -70.22 -63.33 147.82
N MET SB 373 -70.19 -64.50 148.46
CA MET SB 373 -69.09 -64.92 149.31
C MET SB 373 -68.57 -66.27 148.85
N VAL SB 374 -67.27 -66.33 148.57
CA VAL SB 374 -66.64 -67.58 148.15
C VAL SB 374 -66.88 -68.65 149.20
N THR SB 375 -67.11 -69.87 148.75
CA THR SB 375 -67.38 -70.99 149.65
C THR SB 375 -66.60 -72.24 149.30
N GLU SB 376 -66.35 -72.50 148.02
CA GLU SB 376 -65.45 -73.59 147.64
C GLU SB 376 -64.45 -73.05 146.62
N VAL SB 377 -63.18 -73.34 146.87
CA VAL SB 377 -62.09 -72.96 145.98
C VAL SB 377 -61.50 -74.24 145.38
N LYS SB 378 -61.39 -74.26 144.07
CA LYS SB 378 -60.70 -75.33 143.37
C LYS SB 378 -59.44 -74.77 142.74
N GLU SB 379 -58.64 -75.67 142.17
CA GLU SB 379 -57.41 -75.27 141.51
C GLU SB 379 -57.66 -74.18 140.48
N ARG SB 380 -58.76 -74.29 139.72
CA ARG SB 380 -58.99 -73.36 138.63
C ARG SB 380 -60.41 -72.82 138.54
N THR SB 381 -61.29 -73.15 139.48
CA THR SB 381 -62.62 -72.55 139.51
C THR SB 381 -63.00 -72.27 140.96
N SER SB 382 -64.16 -71.65 141.15
CA SER SB 382 -64.63 -71.38 142.50
C SER SB 382 -66.15 -71.22 142.51
N ASN SB 383 -66.74 -71.69 143.61
CA ASN SB 383 -68.16 -71.58 143.90
C ASN SB 383 -68.36 -70.62 145.07
N CYS SB 384 -69.27 -69.66 144.88
CA CYS SB 384 -69.59 -68.68 145.91
C CYS SB 384 -71.09 -68.67 146.15
N LEU SB 385 -71.50 -68.34 147.38
CA LEU SB 385 -72.93 -68.22 147.69
C LEU SB 385 -73.28 -66.75 147.83
N MET SB 386 -74.24 -66.29 147.02
CA MET SB 386 -74.73 -64.92 147.10
C MET SB 386 -75.36 -64.65 148.46
N THR SB 387 -75.20 -63.42 148.95
CA THR SB 387 -75.75 -63.04 150.25
C THR SB 387 -77.26 -62.83 150.18
N ARG SB 388 -77.79 -62.45 149.03
CA ARG SB 388 -79.22 -62.20 148.87
C ARG SB 388 -79.81 -63.28 147.97
N SER SB 389 -80.42 -64.28 148.60
CA SER SB 389 -81.00 -65.42 147.91
C SER SB 389 -82.36 -65.07 147.29
N LEU SB 390 -82.39 -64.09 146.40
CA LEU SB 390 -83.64 -63.63 145.83
C LEU SB 390 -83.56 -63.23 144.36
N GLU SB 391 -82.38 -63.23 143.74
CA GLU SB 391 -82.23 -62.80 142.36
C GLU SB 391 -81.39 -63.82 141.60
N GLU SB 392 -81.85 -64.16 140.41
CA GLU SB 392 -81.12 -65.11 139.57
C GLU SB 392 -80.28 -64.38 138.54
N LEU SB 393 -79.19 -65.01 138.11
CA LEU SB 393 -78.35 -64.48 137.05
C LEU SB 393 -78.12 -65.53 135.98
N VAL SB 394 -77.47 -65.07 134.91
CA VAL SB 394 -77.09 -65.90 133.75
C VAL SB 394 -75.57 -65.93 133.76
N PRO SB 395 -74.88 -66.52 132.78
CA PRO SB 395 -73.44 -66.31 132.71
C PRO SB 395 -73.12 -65.08 131.88
N GLY SB 396 -72.01 -64.43 132.23
CA GLY SB 396 -71.61 -63.17 131.63
C GLY SB 396 -71.74 -61.99 132.57
N ASP SB 397 -72.56 -62.09 133.61
CA ASP SB 397 -72.57 -61.08 134.66
C ASP SB 397 -71.21 -61.05 135.33
N ARG SB 398 -70.78 -59.85 135.72
CA ARG SB 398 -69.40 -59.64 136.14
C ARG SB 398 -69.29 -59.19 137.60
N ALA TB 69 -1.62 -83.36 122.65
CA ALA TB 69 -2.26 -82.05 122.55
C ALA TB 69 -3.76 -82.22 122.29
N PRO TB 70 -4.48 -81.12 122.13
CA PRO TB 70 -5.83 -81.24 121.57
C PRO TB 70 -5.83 -81.11 120.04
N ARG TB 71 -5.45 -82.19 119.35
CA ARG TB 71 -5.52 -82.25 117.90
C ARG TB 71 -4.80 -81.07 117.25
N GLY TB 72 -5.50 -79.94 117.13
CA GLY TB 72 -4.89 -78.73 116.64
C GLY TB 72 -4.23 -77.96 117.76
N ARG TB 73 -5.03 -77.23 118.55
CA ARG TB 73 -4.48 -76.33 119.56
C ARG TB 73 -5.49 -76.05 120.68
N GLU TB 74 -6.19 -74.91 120.62
CA GLU TB 74 -7.22 -74.47 121.57
C GLU TB 74 -6.66 -74.03 122.92
N SER TB 75 -7.50 -73.36 123.72
CA SER TB 75 -7.21 -72.94 125.09
C SER TB 75 -8.49 -72.33 125.68
N ALA TB 76 -8.38 -71.71 126.88
CA ALA TB 76 -9.56 -71.23 127.61
C ALA TB 76 -9.35 -70.25 128.76
N PRO TB 77 -8.11 -69.90 129.21
CA PRO TB 77 -8.00 -68.86 130.25
C PRO TB 77 -7.37 -67.55 129.80
N GLY TB 78 -6.20 -67.21 130.35
CA GLY TB 78 -5.53 -65.97 130.00
C GLY TB 78 -4.17 -65.78 130.65
N GLU TB 79 -3.11 -65.95 129.86
CA GLU TB 79 -1.73 -65.73 130.32
C GLU TB 79 -1.02 -64.91 129.24
N VAL TB 80 0.32 -64.91 129.23
CA VAL TB 80 1.04 -63.95 128.42
C VAL TB 80 2.05 -64.67 127.53
N HIS TB 81 2.10 -64.29 126.25
CA HIS TB 81 3.12 -64.76 125.32
C HIS TB 81 3.98 -63.58 124.88
N SER TB 82 5.13 -63.90 124.29
CA SER TB 82 6.11 -62.89 123.88
C SER TB 82 6.12 -62.77 122.35
N VAL TB 83 6.15 -61.52 121.86
CA VAL TB 83 6.18 -61.28 120.43
C VAL TB 83 7.59 -61.51 119.91
N GLU TB 84 7.69 -62.10 118.72
CA GLU TB 84 8.96 -62.28 118.05
C GLU TB 84 9.08 -61.33 116.85
N SER TB 85 10.22 -61.41 116.17
CA SER TB 85 10.56 -60.44 115.14
C SER TB 85 9.76 -60.70 113.86
N GLY TB 86 9.04 -59.69 113.40
CA GLY TB 86 8.20 -59.82 112.23
C GLY TB 86 6.78 -60.24 112.52
N ASP TB 87 6.36 -60.24 113.78
CA ASP TB 87 5.06 -60.73 114.19
C ASP TB 87 4.08 -59.57 114.37
N THR TB 88 2.85 -59.81 113.93
CA THR TB 88 1.71 -58.98 114.25
C THR TB 88 0.73 -59.82 115.08
N LEU TB 89 -0.35 -59.20 115.55
CA LEU TB 89 -1.35 -60.00 116.24
C LEU TB 89 -2.18 -60.83 115.26
N TRP TB 90 -2.24 -60.41 113.99
CA TRP TB 90 -2.90 -61.26 113.00
C TRP TB 90 -2.16 -62.59 112.82
N ASP TB 91 -0.83 -62.58 112.98
CA ASP TB 91 -0.07 -63.82 113.09
C ASP TB 91 -0.36 -64.53 114.41
N LEU TB 92 0.15 -63.96 115.49
CA LEU TB 92 0.02 -64.55 116.83
C LEU TB 92 -1.37 -65.12 117.12
N SER TB 93 -2.39 -64.62 116.42
CA SER TB 93 -3.71 -65.25 116.49
C SER TB 93 -3.75 -66.57 115.75
N GLN TB 94 -2.81 -66.79 114.81
CA GLN TB 94 -2.73 -68.04 114.07
C GLN TB 94 -1.34 -68.19 113.46
N ARG TB 95 -0.60 -69.21 113.93
CA ARG TB 95 0.69 -69.71 113.43
C ARG TB 95 1.89 -69.21 114.22
N TYR TB 96 1.68 -68.18 115.03
CA TYR TB 96 2.76 -67.56 115.78
C TYR TB 96 2.63 -67.88 117.27
N LEU TB 97 2.20 -69.09 117.59
CA LEU TB 97 2.22 -69.58 118.97
C LEU TB 97 1.92 -71.06 119.03
N GLY TB 98 1.55 -71.49 120.25
CA GLY TB 98 1.13 -72.85 120.52
C GLY TB 98 -0.37 -73.00 120.68
N SER TB 99 -1.13 -72.10 120.03
CA SER TB 99 -2.60 -72.10 120.00
C SER TB 99 -3.05 -71.04 119.00
N PRO TB 100 -4.33 -71.00 118.64
CA PRO TB 100 -4.85 -69.80 117.97
C PRO TB 100 -5.59 -68.95 118.99
N TRP TB 101 -5.99 -67.76 118.53
CA TRP TB 101 -6.92 -66.92 119.25
C TRP TB 101 -7.40 -65.85 118.28
N TYR TB 102 -8.05 -64.83 118.80
CA TYR TB 102 -8.65 -63.80 117.97
C TYR TB 102 -7.90 -62.50 118.15
N TRP TB 103 -7.30 -62.01 117.07
CA TRP TB 103 -6.51 -60.78 117.13
C TRP TB 103 -7.20 -59.64 117.86
N PRO TB 104 -8.48 -59.30 117.60
CA PRO TB 104 -9.08 -58.20 118.37
C PRO TB 104 -9.03 -58.42 119.87
N LYS TB 105 -9.37 -59.63 120.32
CA LYS TB 105 -9.44 -59.93 121.74
C LYS TB 105 -8.12 -59.62 122.46
N VAL TB 106 -6.99 -59.85 121.77
CA VAL TB 106 -5.69 -59.64 122.39
C VAL TB 106 -5.25 -58.20 122.22
N TRP TB 107 -5.54 -57.60 121.07
CA TRP TB 107 -5.39 -56.16 120.96
C TRP TB 107 -6.10 -55.46 122.11
N SER TB 108 -7.13 -56.10 122.68
CA SER TB 108 -7.90 -55.43 123.72
C SER TB 108 -7.35 -55.74 125.12
N TYR TB 109 -6.48 -56.75 125.26
CA TYR TB 109 -6.27 -57.31 126.59
C TYR TB 109 -5.34 -56.47 127.46
N ASN TB 110 -4.09 -56.31 127.04
CA ASN TB 110 -3.14 -55.39 127.70
C ASN TB 110 -1.79 -55.35 127.02
N PRO TB 111 -1.40 -54.18 126.48
CA PRO TB 111 -2.13 -52.90 126.55
C PRO TB 111 -3.32 -52.88 125.59
N GLU TB 112 -4.34 -52.05 125.85
CA GLU TB 112 -5.48 -52.00 124.92
C GLU TB 112 -5.03 -51.41 123.59
N ILE TB 113 -4.82 -52.26 122.59
CA ILE TB 113 -4.35 -51.82 121.28
C ILE TB 113 -5.41 -52.21 120.23
N ALA TB 114 -5.16 -51.90 118.96
CA ALA TB 114 -6.22 -52.01 117.94
C ALA TB 114 -5.80 -52.93 116.79
N ASN TB 115 -6.79 -53.63 116.23
CA ASN TB 115 -6.54 -54.88 115.50
C ASN TB 115 -5.72 -54.75 114.23
N PRO TB 116 -5.50 -53.58 113.62
CA PRO TB 116 -4.46 -53.48 112.59
C PRO TB 116 -3.37 -52.48 112.96
N HIS TB 117 -3.03 -52.40 114.24
CA HIS TB 117 -2.09 -51.39 114.73
C HIS TB 117 -0.65 -51.87 114.71
N TRP TB 118 -0.42 -53.17 114.46
CA TRP TB 118 0.89 -53.79 114.30
C TRP TB 118 1.80 -53.64 115.52
N ILE TB 119 2.34 -54.75 116.00
CA ILE TB 119 3.17 -54.75 117.21
C ILE TB 119 4.65 -54.73 116.87
N TYR TB 120 5.47 -55.05 117.85
CA TYR TB 120 6.92 -55.02 117.78
C TYR TB 120 7.49 -56.23 118.51
N PRO TB 121 8.66 -56.71 118.10
CA PRO TB 121 9.27 -57.86 118.78
C PRO TB 121 9.73 -57.49 120.19
N GLY TB 122 9.77 -58.50 121.05
CA GLY TB 122 10.13 -58.29 122.44
C GLY TB 122 8.99 -57.82 123.32
N ASN TB 123 7.77 -57.76 122.79
CA ASN TB 123 6.61 -57.31 123.56
C ASN TB 123 5.90 -58.50 124.19
N GLN TB 124 5.20 -58.23 125.29
CA GLN TB 124 4.42 -59.24 125.99
C GLN TB 124 2.94 -58.91 125.85
N VAL TB 125 2.14 -59.93 125.58
CA VAL TB 125 0.77 -59.76 125.15
C VAL TB 125 -0.08 -60.91 125.70
N ARG TB 126 -1.25 -60.56 126.24
CA ARG TB 126 -2.05 -61.49 127.03
C ARG TB 126 -2.88 -62.39 126.13
N PHE TB 127 -2.51 -63.68 126.07
CA PHE TB 127 -3.17 -64.65 125.19
C PHE TB 127 -3.82 -65.81 125.93
N PHE TB 128 -5.15 -65.86 125.84
CA PHE TB 128 -6.01 -67.06 125.89
C PHE TB 128 -7.45 -66.49 125.82
N ALA TB 129 -8.37 -67.18 125.15
CA ALA TB 129 -9.74 -66.70 125.01
C ALA TB 129 -10.63 -67.82 124.48
N ALA TB 130 -11.73 -68.08 125.17
CA ALA TB 130 -12.70 -69.09 124.75
C ALA TB 130 -14.14 -68.59 124.94
N LYS TB 298 -31.51 -81.86 128.12
CA LYS TB 298 -32.55 -81.10 128.79
C LYS TB 298 -33.63 -82.04 129.28
N GLN TB 299 -34.74 -81.48 129.74
CA GLN TB 299 -35.50 -82.20 130.74
C GLN TB 299 -36.31 -83.31 130.10
N VAL TB 300 -36.64 -84.34 130.90
CA VAL TB 300 -37.71 -85.27 130.51
C VAL TB 300 -38.96 -84.67 131.10
N ASP TB 301 -40.04 -84.69 130.36
CA ASP TB 301 -41.33 -84.28 130.88
C ASP TB 301 -42.31 -85.40 130.57
N GLY TB 302 -42.60 -86.22 131.58
CA GLY TB 302 -43.57 -87.29 131.40
C GLY TB 302 -44.97 -86.81 131.68
N THR TB 303 -45.91 -87.27 130.86
CA THR TB 303 -47.30 -86.81 130.91
C THR TB 303 -48.20 -87.98 131.26
N VAL TB 304 -49.32 -87.67 131.92
CA VAL TB 304 -50.34 -88.69 132.15
C VAL TB 304 -50.90 -89.13 130.82
N ILE TB 305 -51.15 -90.43 130.67
CA ILE TB 305 -51.65 -90.99 129.43
C ILE TB 305 -53.07 -91.54 129.57
N THR TB 306 -53.56 -91.74 130.79
CA THR TB 306 -54.91 -92.25 130.99
C THR TB 306 -55.77 -91.19 131.66
N ALA TB 307 -57.03 -91.11 131.24
CA ALA TB 307 -58.08 -90.41 131.95
C ALA TB 307 -59.06 -91.43 132.51
N LEU TB 308 -59.80 -91.01 133.54
CA LEU TB 308 -60.93 -91.73 134.11
C LEU TB 308 -60.55 -92.99 134.87
N VAL TB 309 -59.30 -93.12 135.33
CA VAL TB 309 -58.97 -94.23 136.22
C VAL TB 309 -59.59 -93.93 137.58
N PRO TB 310 -59.62 -94.88 138.51
CA PRO TB 310 -59.86 -94.51 139.90
C PRO TB 310 -58.85 -93.48 140.35
N TYR TB 311 -59.19 -92.20 140.23
CA TYR TB 311 -58.27 -91.16 140.68
C TYR TB 311 -58.52 -90.76 142.13
N LEU TB 312 -59.24 -91.57 142.90
CA LEU TB 312 -59.62 -91.21 144.25
C LEU TB 312 -59.52 -92.35 145.26
N THR TB 313 -58.98 -93.51 144.89
CA THR TB 313 -58.98 -94.69 145.77
C THR TB 313 -60.38 -95.06 146.26
N VAL TB 314 -61.03 -94.11 146.93
CA VAL TB 314 -62.19 -94.34 147.80
C VAL TB 314 -63.07 -95.49 147.29
N LEU TB 315 -63.61 -95.36 146.07
CA LEU TB 315 -64.57 -96.35 145.60
C LEU TB 315 -63.92 -97.69 145.30
N GLY TB 316 -62.63 -97.71 144.98
CA GLY TB 316 -61.99 -98.93 144.53
C GLY TB 316 -60.68 -99.28 145.22
N GLU TB 317 -60.19 -98.40 146.08
CA GLU TB 317 -59.00 -98.59 146.91
C GLU TB 317 -57.69 -98.63 146.13
N ASN TB 318 -57.77 -98.64 144.80
CA ASN TB 318 -56.60 -98.73 143.93
C ASN TB 318 -56.64 -97.51 143.01
N HIS TB 319 -55.96 -96.44 143.41
CA HIS TB 319 -55.73 -95.32 142.50
C HIS TB 319 -54.46 -95.59 141.71
N SER TB 320 -54.41 -95.07 140.48
CA SER TB 320 -53.22 -95.15 139.67
C SER TB 320 -53.19 -93.99 138.70
N ILE TB 321 -52.03 -93.83 138.07
CA ILE TB 321 -51.82 -93.00 136.89
C ILE TB 321 -50.84 -93.79 136.04
N VAL TB 322 -50.90 -93.58 134.75
CA VAL TB 322 -50.01 -94.26 133.84
C VAL TB 322 -49.29 -93.21 133.01
N VAL TB 323 -48.04 -93.49 132.66
CA VAL TB 323 -47.28 -92.58 131.83
C VAL TB 323 -46.95 -93.26 130.51
N ASP TB 324 -46.60 -92.47 129.50
CA ASP TB 324 -46.12 -93.01 128.24
C ASP TB 324 -44.63 -92.74 128.14
N LYS TB 325 -43.86 -93.80 127.92
CA LYS TB 325 -42.43 -93.70 127.77
C LYS TB 325 -41.99 -94.61 126.63
N GLY TB 326 -40.75 -94.43 126.21
CA GLY TB 326 -40.08 -95.47 125.45
C GLY TB 326 -39.63 -96.52 126.44
N SER TB 327 -38.57 -97.27 126.12
CA SER TB 327 -37.98 -98.23 127.05
C SER TB 327 -37.60 -97.64 128.41
N ALA TB 328 -36.70 -98.32 129.13
CA ALA TB 328 -36.36 -97.92 130.48
C ALA TB 328 -35.95 -96.46 130.57
N ASP TB 329 -36.82 -95.63 131.16
CA ASP TB 329 -36.57 -94.23 131.41
C ASP TB 329 -35.91 -93.98 132.76
N GLY TB 330 -35.19 -94.98 133.28
CA GLY TB 330 -34.62 -94.83 134.61
C GLY TB 330 -35.63 -94.71 135.72
N VAL TB 331 -36.88 -95.10 135.47
CA VAL TB 331 -37.93 -95.00 136.47
C VAL TB 331 -37.76 -96.11 137.50
N GLU TB 332 -37.73 -95.75 138.78
CA GLU TB 332 -37.58 -96.70 139.86
C GLU TB 332 -38.84 -96.72 140.72
N LEU TB 333 -39.01 -97.80 141.47
CA LEU TB 333 -40.27 -98.04 142.18
C LEU TB 333 -40.52 -97.03 143.29
N GLY TB 334 -39.50 -96.32 143.75
CA GLY TB 334 -39.71 -95.39 144.85
C GLY TB 334 -39.80 -93.94 144.44
N ASN TB 335 -39.78 -93.65 143.15
CA ASN TB 335 -39.71 -92.26 142.69
C ASN TB 335 -40.99 -91.50 143.03
N THR TB 336 -40.82 -90.24 143.40
CA THR TB 336 -41.91 -89.33 143.68
C THR TB 336 -41.92 -88.24 142.62
N PHE TB 337 -43.11 -87.84 142.18
CA PHE TB 337 -43.26 -86.88 141.10
C PHE TB 337 -44.34 -85.86 141.44
N ASN TB 338 -44.15 -84.64 140.95
CA ASN TB 338 -45.10 -83.56 141.15
C ASN TB 338 -45.94 -83.37 139.90
N ILE TB 339 -47.23 -83.18 140.09
CA ILE TB 339 -48.16 -82.95 138.99
C ILE TB 339 -48.29 -81.46 138.74
N LEU TB 340 -48.23 -81.07 137.47
CA LEU TB 340 -48.34 -79.67 137.07
C LEU TB 340 -49.45 -79.51 136.04
N ARG TB 341 -50.14 -78.38 136.10
CA ARG TB 341 -51.21 -78.06 135.15
C ARG TB 341 -50.91 -76.71 134.52
N LYS TB 342 -51.37 -76.53 133.29
CA LYS TB 342 -51.24 -75.23 132.62
C LYS TB 342 -52.50 -74.42 132.86
N GLY TB 343 -52.34 -73.21 133.38
CA GLY TB 343 -53.52 -72.40 133.67
C GLY TB 343 -53.42 -70.98 133.15
N ASP TB 344 -54.53 -70.26 133.12
CA ASP TB 344 -54.44 -68.86 132.73
C ASP TB 344 -55.17 -67.96 133.71
N PRO TB 345 -54.63 -67.74 134.91
CA PRO TB 345 -55.06 -66.59 135.69
C PRO TB 345 -53.94 -65.58 135.82
N SER TB 346 -54.24 -64.51 136.57
CA SER TB 346 -53.21 -63.63 137.10
C SER TB 346 -53.82 -62.76 138.20
N ARG TB 347 -52.96 -61.96 138.82
CA ARG TB 347 -53.42 -60.98 139.80
C ARG TB 347 -53.96 -59.73 139.11
N HIS TB 348 -53.94 -59.73 137.78
CA HIS TB 348 -54.11 -58.53 136.95
C HIS TB 348 -54.35 -58.93 135.48
N VAL TB 349 -55.56 -58.72 134.93
CA VAL TB 349 -55.91 -59.33 133.64
C VAL TB 349 -56.63 -58.44 132.63
N LEU TB 350 -57.31 -57.37 133.09
CA LEU TB 350 -57.66 -56.31 132.15
C LEU TB 350 -56.37 -55.80 131.51
N GLY TB 351 -55.23 -56.23 132.06
CA GLY TB 351 -53.90 -56.18 131.46
C GLY TB 351 -53.71 -57.13 130.31
N HIS TB 352 -53.64 -58.43 130.57
CA HIS TB 352 -53.76 -59.43 129.50
C HIS TB 352 -53.85 -60.83 130.10
N ASP TB 353 -54.25 -61.78 129.25
CA ASP TB 353 -54.36 -63.19 129.62
C ASP TB 353 -54.43 -64.05 128.36
N VAL TB 354 -53.30 -64.15 127.66
CA VAL TB 354 -53.22 -64.95 126.44
C VAL TB 354 -52.25 -66.10 126.66
N ARG TB 355 -51.47 -66.44 125.62
CA ARG TB 355 -50.42 -67.45 125.74
C ARG TB 355 -49.14 -67.09 125.00
N LYS TB 356 -49.14 -66.02 124.21
CA LYS TB 356 -47.94 -65.64 123.48
C LYS TB 356 -46.87 -65.14 124.45
N PRO TB 357 -45.64 -65.66 124.35
CA PRO TB 357 -44.60 -65.30 125.33
C PRO TB 357 -44.26 -63.82 125.32
N SER TB 358 -43.54 -63.44 126.39
CA SER TB 358 -42.74 -62.21 126.55
C SER TB 358 -43.44 -61.09 127.31
N LYS TB 359 -44.52 -61.37 128.04
CA LYS TB 359 -45.07 -60.34 128.93
C LYS TB 359 -45.01 -60.85 130.37
N GLU TB 360 -46.05 -60.56 131.16
CA GLU TB 360 -46.03 -60.91 132.57
C GLU TB 360 -46.73 -62.24 132.83
N GLU TB 361 -47.78 -62.54 132.07
CA GLU TB 361 -48.65 -63.69 132.34
C GLU TB 361 -48.52 -64.77 131.28
N GLN TB 362 -49.54 -64.84 130.42
CA GLN TB 362 -49.51 -65.68 129.22
C GLN TB 362 -49.38 -67.16 129.59
N SER TB 363 -50.42 -67.68 130.25
CA SER TB 363 -50.45 -69.00 130.87
C SER TB 363 -49.36 -69.14 131.93
N PHE TB 364 -49.59 -70.01 132.92
CA PHE TB 364 -48.69 -70.22 134.03
C PHE TB 364 -48.60 -71.71 134.33
N PRO TB 365 -47.37 -72.21 134.55
CA PRO TB 365 -47.21 -73.60 134.98
C PRO TB 365 -47.51 -73.76 136.46
N TRP TB 366 -48.77 -74.06 136.77
CA TRP TB 366 -49.22 -74.12 138.16
C TRP TB 366 -48.92 -75.48 138.76
N ARG TB 367 -48.51 -75.48 140.02
CA ARG TB 367 -48.25 -76.72 140.74
C ARG TB 367 -49.54 -77.18 141.42
N SER TB 368 -49.93 -78.41 141.11
CA SER TB 368 -51.08 -79.01 141.79
C SER TB 368 -50.68 -79.46 143.19
N ILE TB 369 -51.70 -79.63 144.03
CA ILE TB 369 -51.48 -80.23 145.35
C ILE TB 369 -51.18 -81.71 145.22
N GLY TB 370 -51.43 -82.30 144.07
CA GLY TB 370 -51.28 -83.72 143.90
C GLY TB 370 -49.85 -84.12 143.64
N ALA TB 371 -49.32 -85.04 144.45
CA ALA TB 371 -48.04 -85.68 144.21
C ALA TB 371 -48.28 -87.18 144.05
N CYS TB 372 -47.39 -87.84 143.29
CA CYS TB 372 -47.56 -89.25 142.99
C CYS TB 372 -46.30 -90.03 143.34
N MET TB 373 -46.50 -91.32 143.62
CA MET TB 373 -45.41 -92.23 143.92
C MET TB 373 -45.50 -93.44 143.00
N VAL TB 374 -44.41 -93.71 142.28
CA VAL TB 374 -44.35 -94.86 141.39
C VAL TB 374 -44.64 -96.13 142.17
N THR TB 375 -45.37 -97.05 141.55
CA THR TB 375 -45.75 -98.30 142.20
C THR TB 375 -45.54 -99.52 141.31
N GLU TB 376 -45.73 -99.40 140.00
CA GLU TB 376 -45.37 -100.47 139.09
C GLU TB 376 -44.55 -99.89 137.95
N VAL TB 377 -43.42 -100.53 137.67
CA VAL TB 377 -42.54 -100.15 136.57
C VAL TB 377 -42.56 -101.25 135.53
N LYS TB 378 -42.82 -100.88 134.28
CA LYS TB 378 -42.72 -101.79 133.16
C LYS TB 378 -41.56 -101.36 132.29
N GLU TB 379 -41.27 -102.19 131.28
CA GLU TB 379 -40.19 -101.89 130.35
C GLU TB 379 -40.33 -100.50 129.76
N ARG TB 380 -41.56 -100.09 129.42
CA ARG TB 380 -41.75 -98.83 128.73
C ARG TB 380 -42.89 -97.97 129.26
N THR TB 381 -43.55 -98.37 130.35
CA THR TB 381 -44.55 -97.52 130.98
C THR TB 381 -44.42 -97.65 132.48
N SER TB 382 -45.23 -96.87 133.20
CA SER TB 382 -45.23 -96.96 134.66
C SER TB 382 -46.55 -96.46 135.23
N ASN TB 383 -46.96 -97.11 136.32
CA ASN TB 383 -48.14 -96.78 137.11
C ASN TB 383 -47.70 -96.22 138.46
N CYS TB 384 -48.27 -95.09 138.84
CA CYS TB 384 -47.97 -94.44 140.10
C CYS TB 384 -49.27 -94.17 140.85
N LEU TB 385 -49.22 -94.16 142.18
CA LEU TB 385 -50.39 -93.82 142.98
C LEU TB 385 -50.20 -92.44 143.59
N MET TB 386 -51.13 -91.53 143.29
CA MET TB 386 -51.10 -90.19 143.85
C MET TB 386 -51.23 -90.24 145.37
N THR TB 387 -50.56 -89.31 146.05
CA THR TB 387 -50.61 -89.27 147.50
C THR TB 387 -51.92 -88.69 148.02
N ARG TB 388 -52.58 -87.84 147.24
CA ARG TB 388 -53.84 -87.21 147.65
C ARG TB 388 -54.96 -87.78 146.77
N SER TB 389 -55.69 -88.76 147.32
CA SER TB 389 -56.76 -89.42 146.63
C SER TB 389 -58.04 -88.60 146.61
N LEU TB 390 -57.98 -87.40 146.04
CA LEU TB 390 -59.12 -86.48 146.05
C LEU TB 390 -59.29 -85.67 144.80
N GLU TB 391 -58.37 -85.73 143.83
CA GLU TB 391 -58.45 -84.92 142.63
C GLU TB 391 -58.22 -85.80 141.41
N GLU TB 392 -59.06 -85.63 140.39
CA GLU TB 392 -58.94 -86.38 139.16
C GLU TB 392 -58.19 -85.56 138.10
N LEU TB 393 -57.51 -86.26 137.20
CA LEU TB 393 -56.85 -85.63 136.08
C LEU TB 393 -57.26 -86.28 134.77
N VAL TB 394 -56.80 -85.67 133.68
CA VAL TB 394 -57.03 -86.14 132.31
C VAL TB 394 -55.65 -86.53 131.79
N PRO TB 395 -55.47 -86.91 130.51
CA PRO TB 395 -54.10 -87.03 130.00
C PRO TB 395 -53.62 -85.71 129.43
N GLY TB 396 -52.31 -85.50 129.51
CA GLY TB 396 -51.70 -84.24 129.15
C GLY TB 396 -51.18 -83.43 130.32
N ASP TB 397 -51.71 -83.67 131.52
CA ASP TB 397 -51.10 -83.09 132.71
C ASP TB 397 -49.68 -83.60 132.87
N ARG TB 398 -48.80 -82.74 133.36
CA ARG TB 398 -47.37 -83.01 133.33
C ARG TB 398 -46.75 -83.11 134.72
N ALA UB 69 3.01 -116.23 92.11
CA ALA UB 69 2.83 -114.86 92.55
C ALA UB 69 1.35 -114.57 92.80
N PRO UB 70 1.00 -113.34 93.16
CA PRO UB 70 -0.41 -112.94 93.09
C PRO UB 70 -0.75 -112.32 91.74
N ARG UB 71 -0.94 -113.16 90.72
CA ARG UB 71 -1.40 -112.73 89.41
C ARG UB 71 -0.53 -111.61 88.85
N GLY UB 72 -0.83 -110.37 89.25
CA GLY UB 72 0.00 -109.25 88.88
C GLY UB 72 1.14 -109.07 89.86
N ARG UB 73 0.86 -108.48 91.02
CA ARG UB 73 1.90 -108.11 91.97
C ARG UB 73 1.36 -108.00 93.40
N GLU UB 74 1.10 -106.76 93.86
CA GLU UB 74 0.54 -106.43 95.18
C GLU UB 74 1.54 -106.59 96.32
N SER UB 75 1.21 -106.05 97.49
CA SER UB 75 1.96 -106.19 98.75
C SER UB 75 1.15 -105.53 99.86
N ALA UB 76 1.76 -105.38 101.06
CA ALA UB 76 1.03 -104.89 102.23
C ALA UB 76 1.85 -104.43 103.46
N PRO UB 77 3.20 -104.54 103.51
CA PRO UB 77 3.92 -103.96 104.67
C PRO UB 77 4.80 -102.76 104.35
N GLY UB 78 6.11 -102.91 104.53
CA GLY UB 78 7.04 -101.83 104.28
C GLY UB 78 8.51 -102.18 104.45
N GLU UB 79 9.22 -102.33 103.32
CA GLU UB 79 10.65 -102.61 103.31
C GLU UB 79 11.29 -101.66 102.28
N VAL UB 80 12.50 -101.97 101.82
CA VAL UB 80 13.27 -100.99 101.05
C VAL UB 80 13.71 -101.60 99.73
N HIS UB 81 13.55 -100.85 98.64
CA HIS UB 81 14.09 -101.20 97.34
C HIS UB 81 15.14 -100.18 96.93
N SER UB 82 15.93 -100.54 95.92
CA SER UB 82 17.04 -99.73 95.45
C SER UB 82 16.70 -99.13 94.09
N VAL UB 83 17.00 -97.83 93.93
CA VAL UB 83 16.74 -97.15 92.67
C VAL UB 83 17.82 -97.51 91.66
N GLU UB 84 17.41 -97.68 90.40
CA GLU UB 84 18.33 -97.93 89.30
C GLU UB 84 18.43 -96.69 88.42
N SER UB 85 19.27 -96.81 87.38
CA SER UB 85 19.64 -95.67 86.56
C SER UB 85 18.49 -95.30 85.62
N GLY UB 86 18.05 -94.05 85.69
CA GLY UB 86 16.94 -93.58 84.88
C GLY UB 86 15.58 -93.73 85.53
N ASP UB 87 15.53 -94.05 86.82
CA ASP UB 87 14.30 -94.33 87.52
C ASP UB 87 13.82 -93.09 88.29
N THR UB 88 12.52 -92.87 88.27
CA THR UB 88 11.83 -91.95 89.15
C THR UB 88 10.88 -92.76 90.03
N LEU UB 89 10.23 -92.10 90.98
CA LEU UB 89 9.24 -92.83 91.77
C LEU UB 89 7.96 -93.06 90.95
N TRP UB 90 7.71 -92.25 89.92
CA TRP UB 90 6.57 -92.55 89.05
C TRP UB 90 6.78 -93.87 88.31
N ASP UB 91 8.02 -94.23 88.01
CA ASP UB 91 8.33 -95.58 87.55
C ASP UB 91 8.18 -96.59 88.67
N LEU UB 92 9.10 -96.56 89.63
CA LEU UB 92 9.15 -97.50 90.74
C LEU UB 92 7.78 -97.78 91.35
N SER UB 93 6.82 -96.85 91.19
CA SER UB 93 5.44 -97.15 91.55
C SER UB 93 4.78 -98.10 90.57
N GLN UB 94 5.32 -98.22 89.36
CA GLN UB 94 4.79 -99.13 88.36
C GLN UB 94 5.84 -99.40 87.29
N ARG UB 95 6.30 -100.66 87.22
CA ARG UB 95 7.18 -101.26 86.19
C ARG UB 95 8.64 -101.33 86.62
N TYR UB 96 9.00 -100.61 87.68
CA TYR UB 96 10.38 -100.56 88.13
C TYR UB 96 10.54 -101.30 89.45
N LEU UB 97 9.84 -102.41 89.60
CA LEU UB 97 10.06 -103.31 90.73
C LEU UB 97 9.31 -104.63 90.54
N GLY UB 98 9.16 -105.33 91.67
CA GLY UB 98 8.40 -106.57 91.74
C GLY UB 98 7.02 -106.40 92.36
N SER UB 99 6.45 -105.18 92.25
CA SER UB 99 5.12 -104.83 92.73
C SER UB 99 4.79 -103.43 92.23
N PRO UB 100 3.55 -102.96 92.35
CA PRO UB 100 3.29 -101.53 92.20
C PRO UB 100 3.16 -100.91 93.59
N TRP UB 101 3.07 -99.58 93.59
CA TRP UB 101 2.69 -98.83 94.77
C TRP UB 101 2.35 -97.42 94.30
N TYR UB 102 2.23 -96.49 95.24
CA TYR UB 102 1.80 -95.14 94.94
C TYR UB 102 2.96 -94.19 95.16
N TRP UB 103 3.38 -93.52 94.08
CA TRP UB 103 4.52 -92.61 94.16
C TRP UB 103 4.45 -91.65 95.33
N PRO UB 104 3.34 -90.95 95.61
CA PRO UB 104 3.35 -90.05 96.78
C PRO UB 104 3.71 -90.76 98.08
N LYS UB 105 3.12 -91.93 98.32
CA LYS UB 105 3.34 -92.67 99.56
C LYS UB 105 4.81 -92.92 99.83
N VAL UB 106 5.58 -93.17 98.77
CA VAL UB 106 7.00 -93.48 98.93
C VAL UB 106 7.82 -92.22 98.96
N TRP UB 107 7.46 -91.21 98.15
CA TRP UB 107 8.04 -89.90 98.36
C TRP UB 107 7.92 -89.47 99.82
N SER UB 108 6.92 -90.00 100.52
CA SER UB 108 6.71 -89.57 101.90
C SER UB 108 7.47 -90.44 102.90
N TYR UB 109 7.97 -91.60 102.49
CA TYR UB 109 8.32 -92.60 103.49
C TYR UB 109 9.66 -92.33 104.17
N ASN UB 110 10.74 -92.35 103.39
CA ASN UB 110 12.07 -91.95 103.89
C ASN UB 110 13.14 -92.01 102.80
N PRO UB 111 13.73 -90.85 102.47
CA PRO UB 111 13.52 -89.53 103.07
C PRO UB 111 12.19 -88.91 102.62
N GLU UB 112 11.60 -88.00 103.40
CA GLU UB 112 10.34 -87.40 102.96
C GLU UB 112 10.59 -86.52 101.74
N ILE UB 113 10.25 -87.02 100.56
CA ILE UB 113 10.48 -86.29 99.31
C ILE UB 113 9.13 -86.05 98.64
N ALA UB 114 9.12 -85.41 97.47
CA ALA UB 114 7.87 -84.93 96.88
C ALA UB 114 7.64 -85.48 95.48
N ASN UB 115 6.37 -85.70 95.14
CA ASN UB 115 6.00 -86.67 94.09
C ASN UB 115 6.45 -86.33 92.69
N PRO UB 116 6.89 -85.11 92.33
CA PRO UB 116 7.60 -84.93 91.07
C PRO UB 116 9.00 -84.38 91.27
N HIS UB 117 9.68 -84.81 92.33
CA HIS UB 117 10.98 -84.27 92.70
C HIS UB 117 12.14 -85.05 92.07
N TRP UB 118 11.85 -86.20 91.46
CA TRP UB 118 12.80 -87.03 90.71
C TRP UB 118 13.99 -87.51 91.55
N ILE UB 119 14.25 -88.82 91.53
CA ILE UB 119 15.30 -89.40 92.34
C ILE UB 119 16.57 -89.62 91.53
N TYR UB 120 17.47 -90.43 92.06
CA TYR UB 120 18.78 -90.73 91.49
C TYR UB 120 19.09 -92.20 91.67
N PRO UB 121 19.89 -92.78 90.79
CA PRO UB 121 20.24 -94.19 90.93
C PRO UB 121 21.14 -94.43 92.14
N GLY UB 122 21.08 -95.66 92.66
CA GLY UB 122 21.83 -96.00 93.85
C GLY UB 122 21.17 -95.59 95.15
N ASN UB 123 19.95 -95.07 95.11
CA ASN UB 123 19.25 -94.64 96.30
C ASN UB 123 18.37 -95.77 96.85
N GLN UB 124 18.11 -95.71 98.15
CA GLN UB 124 17.25 -96.68 98.82
C GLN UB 124 15.97 -95.99 99.27
N VAL UB 125 14.84 -96.65 99.07
CA VAL UB 125 13.53 -96.02 99.18
C VAL UB 125 12.53 -97.05 99.70
N ARG UB 126 11.73 -96.65 100.68
CA ARG UB 126 10.90 -97.57 101.45
C ARG UB 126 9.61 -97.90 100.71
N PHE UB 127 9.51 -99.14 100.22
CA PHE UB 127 8.37 -99.59 99.41
C PHE UB 127 7.59 -100.73 100.03
N PHE UB 128 6.34 -100.44 100.40
CA PHE UB 128 5.18 -101.36 100.45
C PHE UB 128 4.05 -100.47 101.02
N ALA UB 129 2.80 -100.67 100.55
CA ALA UB 129 1.68 -99.86 101.01
C ALA UB 129 0.37 -100.49 100.57
N ALA UB 130 -0.54 -100.70 101.53
CA ALA UB 130 -1.86 -101.26 101.23
C ALA UB 130 -2.95 -100.53 102.01
N LYS UB 298 -22.26 -109.61 107.72
CA LYS UB 298 -22.78 -108.89 108.87
C LYS UB 298 -23.95 -109.66 109.46
N GLN UB 299 -24.65 -109.05 110.39
CA GLN UB 299 -25.31 -109.85 111.39
C GLN UB 299 -26.59 -110.48 110.82
N VAL UB 300 -27.02 -111.59 111.42
CA VAL UB 300 -28.39 -112.06 111.21
C VAL UB 300 -29.18 -111.42 112.32
N ASP UB 301 -30.36 -110.93 112.01
CA ASP UB 301 -31.26 -110.42 113.03
C ASP UB 301 -32.61 -111.12 112.82
N GLY UB 302 -32.88 -112.12 113.64
CA GLY UB 302 -34.14 -112.83 113.55
C GLY UB 302 -35.19 -112.14 114.40
N THR UB 303 -36.41 -112.07 113.88
CA THR UB 303 -37.51 -111.34 114.50
C THR UB 303 -38.62 -112.32 114.86
N VAL UB 304 -39.36 -112.00 115.92
CA VAL UB 304 -40.56 -112.76 116.24
C VAL UB 304 -41.57 -112.59 115.11
N ILE UB 305 -42.25 -113.68 114.75
CA ILE UB 305 -43.22 -113.66 113.66
C ILE UB 305 -44.65 -113.87 114.14
N THR UB 306 -44.84 -114.35 115.37
CA THR UB 306 -46.19 -114.55 115.90
C THR UB 306 -46.45 -113.60 117.06
N ALA UB 307 -47.67 -113.10 117.13
CA ALA UB 307 -48.22 -112.44 118.30
C ALA UB 307 -49.30 -113.33 118.90
N LEU UB 308 -49.56 -113.10 120.19
CA LEU UB 308 -50.69 -113.68 120.92
C LEU UB 308 -50.55 -115.18 121.18
N VAL UB 309 -49.34 -115.73 121.15
CA VAL UB 309 -49.17 -117.13 121.57
C VAL UB 309 -49.29 -117.15 123.10
N PRO UB 310 -49.38 -118.33 123.72
CA PRO UB 310 -49.12 -118.38 125.16
C PRO UB 310 -47.74 -117.83 125.47
N TYR UB 311 -47.67 -116.53 125.77
CA TYR UB 311 -46.38 -115.94 126.12
C TYR UB 311 -46.10 -115.99 127.62
N LEU UB 312 -46.82 -116.83 128.36
CA LEU UB 312 -46.70 -116.84 129.82
C LEU UB 312 -46.71 -118.25 130.42
N THR UB 313 -46.70 -119.32 129.63
CA THR UB 313 -46.86 -120.68 130.15
C THR UB 313 -48.13 -120.85 130.98
N VAL UB 314 -48.24 -120.05 132.04
CA VAL UB 314 -49.15 -120.28 133.17
C VAL UB 314 -50.46 -120.95 132.74
N LEU UB 315 -51.21 -120.31 131.85
CA LEU UB 315 -52.53 -120.82 131.51
C LEU UB 315 -52.46 -122.11 130.71
N GLY UB 316 -51.37 -122.33 129.98
CA GLY UB 316 -51.30 -123.45 129.05
C GLY UB 316 -50.05 -124.31 129.14
N GLU UB 317 -49.09 -123.89 129.96
CA GLU UB 317 -47.86 -124.63 130.25
C GLU UB 317 -46.89 -124.71 129.08
N ASN UB 318 -47.30 -124.26 127.90
CA ASN UB 318 -46.50 -124.33 126.69
C ASN UB 318 -46.37 -122.91 126.15
N HIS UB 319 -45.30 -122.21 126.54
CA HIS UB 319 -44.96 -120.95 125.91
C HIS UB 319 -44.09 -121.24 124.69
N SER UB 320 -44.20 -120.37 123.69
CA SER UB 320 -43.35 -120.46 122.51
C SER UB 320 -43.19 -119.08 121.89
N ILE UB 321 -42.26 -119.00 120.97
CA ILE UB 321 -42.09 -117.92 120.02
C ILE UB 321 -41.68 -118.57 118.72
N VAL UB 322 -42.01 -117.95 117.62
CA VAL UB 322 -41.65 -118.48 116.32
C VAL UB 322 -40.86 -117.42 115.58
N VAL UB 323 -39.91 -117.85 114.76
CA VAL UB 323 -39.14 -116.91 113.96
C VAL UB 323 -39.40 -117.19 112.49
N ASP UB 324 -39.09 -116.21 111.64
CA ASP UB 324 -39.15 -116.43 110.20
C ASP UB 324 -37.73 -116.49 109.66
N LYS UB 325 -37.44 -117.57 108.95
CA LYS UB 325 -36.14 -117.76 108.34
C LYS UB 325 -36.34 -118.32 106.94
N GLY UB 326 -35.26 -118.32 106.16
CA GLY UB 326 -35.20 -119.17 105.00
C GLY UB 326 -34.87 -120.56 105.50
N SER UB 327 -34.22 -121.38 104.67
CA SER UB 327 -33.77 -122.71 105.07
C SER UB 327 -32.87 -122.71 106.31
N ALA UB 328 -32.11 -123.78 106.50
CA ALA UB 328 -31.31 -123.94 107.71
C ALA UB 328 -30.44 -122.72 108.00
N ASP UB 329 -30.81 -121.97 109.03
CA ASP UB 329 -30.06 -120.82 109.51
C ASP UB 329 -29.02 -121.19 110.56
N GLY UB 330 -28.56 -122.44 110.56
CA GLY UB 330 -27.65 -122.88 111.60
C GLY UB 330 -28.24 -122.89 112.99
N VAL UB 331 -29.57 -122.87 113.09
CA VAL UB 331 -30.24 -122.87 114.39
C VAL UB 331 -30.17 -124.26 114.99
N GLU UB 332 -29.70 -124.36 116.23
CA GLU UB 332 -29.58 -125.62 116.94
C GLU UB 332 -30.52 -125.62 118.14
N LEU UB 333 -30.83 -126.82 118.63
CA LEU UB 333 -31.87 -126.98 119.64
C LEU UB 333 -31.49 -126.36 120.99
N GLY UB 334 -30.21 -126.11 121.23
CA GLY UB 334 -29.81 -125.56 122.50
C GLY UB 334 -29.52 -124.08 122.52
N ASN UB 335 -29.75 -123.38 121.41
CA ASN UB 335 -29.35 -121.98 121.30
C ASN UB 335 -30.17 -121.10 122.23
N THR UB 336 -29.51 -120.10 122.81
CA THR UB 336 -30.13 -119.11 123.66
C THR UB 336 -30.06 -117.76 122.96
N PHE UB 337 -31.13 -116.98 123.06
CA PHE UB 337 -31.23 -115.71 122.36
C PHE UB 337 -31.79 -114.64 123.27
N ASN UB 338 -31.34 -113.40 123.06
CA ASN UB 338 -31.79 -112.25 123.83
C ASN UB 338 -32.82 -111.48 123.02
N ILE UB 339 -33.89 -111.05 123.68
CA ILE UB 339 -34.94 -110.27 123.06
C ILE UB 339 -34.64 -108.79 123.23
N LEU UB 340 -34.77 -108.03 122.15
CA LEU UB 340 -34.53 -106.59 122.15
C LEU UB 340 -35.75 -105.85 121.64
N ARG UB 341 -36.00 -104.67 122.20
CA ARG UB 341 -37.10 -103.82 121.78
C ARG UB 341 -36.57 -102.44 121.43
N LYS UB 342 -37.24 -101.76 120.51
CA LYS UB 342 -36.87 -100.39 120.16
C LYS UB 342 -37.69 -99.43 121.01
N GLY UB 343 -37.01 -98.53 121.72
CA GLY UB 343 -37.73 -97.60 122.58
C GLY UB 343 -37.32 -96.16 122.42
N ASP UB 344 -38.10 -95.23 122.95
CA ASP UB 344 -37.66 -93.85 122.88
C ASP UB 344 -37.77 -93.17 124.24
N PRO UB 345 -36.90 -93.49 125.19
CA PRO UB 345 -36.72 -92.59 126.33
C PRO UB 345 -35.34 -91.97 126.30
N SER UB 346 -35.07 -91.18 127.34
CA SER UB 346 -33.71 -90.78 127.68
C SER UB 346 -33.70 -90.20 129.09
N ARG UB 347 -32.49 -89.87 129.56
CA ARG UB 347 -32.34 -89.20 130.84
C ARG UB 347 -32.59 -87.70 130.69
N HIS UB 348 -32.92 -87.26 129.47
CA HIS UB 348 -32.90 -85.86 129.06
C HIS UB 348 -33.62 -85.70 127.71
N VAL UB 349 -34.80 -85.03 127.68
CA VAL UB 349 -35.64 -85.08 126.48
C VAL UB 349 -36.28 -83.76 126.03
N LEU UB 350 -36.43 -82.77 126.93
CA LEU UB 350 -36.64 -81.41 126.45
C LEU UB 350 -35.46 -81.05 125.55
N GLY UB 351 -34.42 -81.89 125.55
CA GLY UB 351 -33.35 -81.95 124.58
C GLY UB 351 -33.78 -82.49 123.23
N HIS UB 352 -34.10 -83.78 123.13
CA HIS UB 352 -34.79 -84.31 121.95
C HIS UB 352 -35.18 -85.76 122.21
N ASP UB 353 -36.08 -86.27 121.35
CA ASP UB 353 -36.55 -87.66 121.39
C ASP UB 353 -37.21 -88.02 120.05
N VAL UB 354 -36.40 -88.14 119.01
CA VAL UB 354 -36.90 -88.49 117.68
C VAL UB 354 -36.33 -89.84 117.27
N ARG UB 355 -36.01 -89.99 115.98
CA ARG UB 355 -35.36 -91.20 115.49
C ARG UB 355 -34.26 -90.92 114.45
N LYS UB 356 -34.11 -89.69 114.00
CA LYS UB 356 -33.09 -89.37 113.01
C LYS UB 356 -31.70 -89.50 113.63
N PRO UB 357 -30.78 -90.23 113.01
CA PRO UB 357 -29.46 -90.47 113.62
C PRO UB 357 -28.67 -89.20 113.86
N SER UB 358 -27.62 -89.37 114.67
CA SER UB 358 -26.45 -88.48 114.83
C SER UB 358 -26.52 -87.54 116.03
N LYS UB 359 -27.40 -87.78 117.00
CA LYS UB 359 -27.34 -87.01 118.23
C LYS UB 359 -27.08 -87.96 119.41
N GLU UB 360 -27.73 -87.71 120.54
CA GLU UB 360 -27.46 -88.50 121.74
C GLU UB 360 -28.47 -89.64 121.91
N GLU UB 361 -29.72 -89.42 121.50
CA GLU UB 361 -30.80 -90.35 121.77
C GLU UB 361 -31.33 -91.02 120.51
N GLN UB 362 -32.49 -90.56 120.06
CA GLN UB 362 -33.05 -90.94 118.76
C GLN UB 362 -33.31 -92.44 118.70
N SER UB 363 -34.27 -92.89 119.53
CA SER UB 363 -34.56 -94.30 119.79
C SER UB 363 -33.33 -95.04 120.35
N PHE UB 364 -33.58 -96.10 121.12
CA PHE UB 364 -32.54 -96.86 121.76
C PHE UB 364 -32.86 -98.35 121.64
N PRO UB 365 -31.86 -99.16 121.31
CA PRO UB 365 -32.06 -100.62 121.31
C PRO UB 365 -32.00 -101.18 122.72
N TRP UB 366 -33.16 -101.26 123.37
CA TRP UB 366 -33.23 -101.67 124.76
C TRP UB 366 -33.25 -103.18 124.88
N ARG UB 367 -32.55 -103.69 125.89
CA ARG UB 367 -32.53 -105.11 126.16
C ARG UB 367 -33.68 -105.47 127.10
N SER UB 368 -34.53 -106.39 126.68
CA SER UB 368 -35.58 -106.89 127.54
C SER UB 368 -35.02 -107.86 128.57
N ILE UB 369 -35.77 -108.05 129.65
CA ILE UB 369 -35.42 -109.08 130.62
C ILE UB 369 -35.67 -110.47 130.04
N GLY UB 370 -36.39 -110.56 128.95
CA GLY UB 370 -36.77 -111.86 128.40
C GLY UB 370 -35.66 -112.46 127.58
N ALA UB 371 -35.26 -113.70 127.92
CA ALA UB 371 -34.38 -114.51 127.11
C ALA UB 371 -35.12 -115.77 126.69
N CYS UB 372 -34.73 -116.33 125.54
CA CYS UB 372 -35.43 -117.47 124.99
C CYS UB 372 -34.45 -118.61 124.69
N MET UB 373 -34.97 -119.83 124.71
CA MET UB 373 -34.20 -121.02 124.39
C MET UB 373 -34.92 -121.81 123.29
N VAL UB 374 -34.20 -122.08 122.20
CA VAL UB 374 -34.76 -122.85 121.10
C VAL UB 374 -35.24 -124.20 121.61
N THR UB 375 -36.35 -124.67 121.07
CA THR UB 375 -36.94 -125.92 121.48
C THR UB 375 -37.37 -126.80 120.32
N GLU UB 376 -37.84 -126.22 119.23
CA GLU UB 376 -38.11 -126.98 118.03
C GLU UB 376 -37.46 -126.28 116.84
N VAL UB 377 -36.72 -127.04 116.04
CA VAL UB 377 -36.08 -126.54 114.83
C VAL UB 377 -36.73 -127.19 113.63
N LYS UB 378 -37.16 -126.38 112.69
CA LYS UB 378 -37.66 -126.89 111.41
C LYS UB 378 -36.68 -126.48 110.31
N GLU UB 379 -36.97 -126.95 109.11
CA GLU UB 379 -36.12 -126.63 107.97
C GLU UB 379 -35.94 -125.12 107.82
N ARG UB 380 -37.01 -124.35 108.03
CA ARG UB 380 -36.96 -122.92 107.76
C ARG UB 380 -37.58 -122.03 108.83
N THR UB 381 -38.03 -122.60 109.96
CA THR UB 381 -38.49 -121.78 111.07
C THR UB 381 -38.02 -122.43 112.36
N SER UB 382 -38.34 -121.78 113.48
CA SER UB 382 -37.98 -122.33 114.78
C SER UB 382 -38.88 -121.76 115.87
N ASN UB 383 -39.16 -122.62 116.85
CA ASN UB 383 -39.93 -122.30 118.05
C ASN UB 383 -39.00 -122.34 119.26
N CYS UB 384 -39.05 -121.29 120.07
CA CYS UB 384 -38.24 -121.19 121.27
C CYS UB 384 -39.13 -120.88 122.46
N LEU UB 385 -38.75 -121.32 123.65
CA LEU UB 385 -39.49 -121.00 124.86
C LEU UB 385 -38.71 -119.97 125.68
N MET UB 386 -39.33 -118.83 125.94
CA MET UB 386 -38.72 -117.79 126.77
C MET UB 386 -38.47 -118.30 128.17
N THR UB 387 -37.37 -117.84 128.78
CA THR UB 387 -37.03 -118.26 130.13
C THR UB 387 -37.90 -117.60 131.19
N ARG UB 388 -38.43 -116.41 130.91
CA ARG UB 388 -39.26 -115.67 131.86
C ARG UB 388 -40.69 -115.64 131.33
N SER UB 389 -41.52 -116.54 131.84
CA SER UB 389 -42.91 -116.68 131.41
C SER UB 389 -43.80 -115.61 132.04
N LEU UB 390 -43.49 -114.35 131.79
CA LEU UB 390 -44.23 -113.24 132.40
C LEU UB 390 -44.45 -112.04 131.51
N GLU UB 391 -43.89 -112.00 130.31
CA GLU UB 391 -44.01 -110.84 129.43
C GLU UB 391 -44.39 -111.30 128.03
N GLU UB 392 -45.36 -110.60 127.45
CA GLU UB 392 -45.81 -110.92 126.11
C GLU UB 392 -45.15 -110.00 125.09
N LEU UB 393 -44.99 -110.50 123.86
CA LEU UB 393 -44.47 -109.71 122.76
C LEU UB 393 -45.40 -109.78 121.56
N VAL UB 394 -45.06 -108.97 120.56
CA VAL UB 394 -45.77 -108.89 119.29
C VAL UB 394 -44.78 -109.41 118.24
N PRO UB 395 -45.07 -109.37 116.94
CA PRO UB 395 -44.00 -109.65 115.98
C PRO UB 395 -43.28 -108.36 115.60
N GLY UB 396 -41.99 -108.51 115.27
CA GLY UB 396 -41.12 -107.38 115.03
C GLY UB 396 -40.09 -107.15 116.10
N ASP UB 397 -40.33 -107.63 117.32
CA ASP UB 397 -39.29 -107.63 118.34
C ASP UB 397 -38.11 -108.49 117.87
N ARG UB 398 -36.91 -108.08 118.21
CA ARG UB 398 -35.71 -108.65 117.62
C ARG UB 398 -34.81 -109.34 118.65
N ALA VB 69 -11.42 -137.34 54.97
CA ALA VB 69 -11.02 -136.18 55.76
C ALA VB 69 -12.21 -135.66 56.55
N PRO VB 70 -12.03 -134.56 57.30
CA PRO VB 70 -13.20 -133.85 57.80
C PRO VB 70 -13.66 -132.76 56.85
N ARG VB 71 -14.38 -133.16 55.79
CA ARG VB 71 -14.99 -132.22 54.86
C ARG VB 71 -13.97 -131.22 54.32
N GLY VB 72 -13.74 -130.14 55.07
CA GLY VB 72 -12.72 -129.19 54.73
C GLY VB 72 -11.37 -129.61 55.26
N ARG VB 73 -11.12 -129.38 56.55
CA ARG VB 73 -9.82 -129.60 57.15
C ARG VB 73 -9.89 -129.84 58.66
N GLU VB 74 -9.61 -128.81 59.46
CA GLU VB 74 -9.67 -128.81 60.93
C GLU VB 74 -8.52 -129.56 61.58
N SER VB 75 -8.34 -129.38 62.90
CA SER VB 75 -7.38 -130.10 63.73
C SER VB 75 -7.61 -129.67 65.18
N ALA VB 76 -6.70 -130.06 66.10
CA ALA VB 76 -6.89 -129.84 67.53
C ALA VB 76 -5.69 -130.00 68.48
N PRO VB 77 -4.48 -130.45 68.03
CA PRO VB 77 -3.34 -130.47 68.97
C PRO VB 77 -2.23 -129.47 68.67
N GLY VB 78 -1.03 -129.98 68.34
CA GLY VB 78 0.10 -129.11 68.06
C GLY VB 78 1.36 -129.84 67.61
N GLU VB 79 1.66 -129.77 66.32
CA GLU VB 79 2.88 -130.36 65.75
C GLU VB 79 3.49 -129.32 64.82
N VAL VB 80 4.38 -129.73 63.92
CA VAL VB 80 5.19 -128.76 63.19
C VAL VB 80 5.06 -129.00 61.68
N HIS VB 81 4.88 -127.91 60.93
CA HIS VB 81 4.91 -127.94 59.48
C HIS VB 81 6.10 -127.10 58.99
N SER VB 82 6.43 -127.30 57.71
CA SER VB 82 7.58 -126.65 57.09
C SER VB 82 7.13 -125.57 56.12
N VAL VB 83 7.78 -124.41 56.18
CA VAL VB 83 7.44 -123.31 55.28
C VAL VB 83 8.04 -123.56 53.91
N GLU VB 84 7.29 -123.21 52.87
CA GLU VB 84 7.77 -123.29 51.50
C GLU VB 84 8.03 -121.89 50.95
N SER VB 85 8.50 -121.86 49.69
CA SER VB 85 8.98 -120.63 49.10
C SER VB 85 7.82 -119.71 48.72
N GLY VB 86 7.84 -118.48 49.23
CA GLY VB 86 6.78 -117.53 49.00
C GLY VB 86 5.67 -117.56 50.01
N ASP VB 87 5.85 -118.27 51.13
CA ASP VB 87 4.81 -118.45 52.13
C ASP VB 87 4.99 -117.47 53.28
N THR VB 88 3.86 -116.96 53.76
CA THR VB 88 3.77 -116.24 55.02
C THR VB 88 2.87 -117.05 55.95
N LEU VB 89 2.74 -116.60 57.20
CA LEU VB 89 1.80 -117.29 58.07
C LEU VB 89 0.36 -116.94 57.72
N TRP VB 90 0.12 -115.79 57.07
CA TRP VB 90 -1.23 -115.52 56.60
C TRP VB 90 -1.67 -116.53 55.53
N ASP VB 91 -0.73 -117.05 54.76
CA ASP VB 91 -1.01 -118.20 53.91
C ASP VB 91 -1.20 -119.47 54.74
N LEU VB 92 -0.09 -119.97 55.29
CA LEU VB 92 -0.07 -121.20 56.07
C LEU VB 92 -1.26 -121.34 57.02
N SER VB 93 -1.86 -120.22 57.42
CA SER VB 93 -3.11 -120.28 58.16
C SER VB 93 -4.28 -120.68 57.27
N GLN VB 94 -4.14 -120.51 55.95
CA GLN VB 94 -5.18 -120.89 55.00
C GLN VB 94 -4.58 -121.04 53.61
N ARG VB 95 -4.61 -122.27 53.09
CA ARG VB 95 -4.26 -122.69 51.72
C ARG VB 95 -2.85 -123.24 51.59
N TYR VB 96 -2.02 -123.01 52.59
CA TYR VB 96 -0.62 -123.43 52.55
C TYR VB 96 -0.38 -124.58 53.51
N LEU VB 97 -1.35 -125.48 53.62
CA LEU VB 97 -1.15 -126.72 54.36
C LEU VB 97 -2.31 -127.70 54.13
N GLY VB 98 -2.39 -128.67 55.05
CA GLY VB 98 -3.47 -129.65 55.07
C GLY VB 98 -4.50 -129.38 56.15
N SER VB 99 -4.64 -128.10 56.53
CA SER VB 99 -5.62 -127.61 57.51
C SER VB 99 -5.60 -126.09 57.50
N PRO VB 100 -6.53 -125.41 58.16
CA PRO VB 100 -6.34 -124.00 58.45
C PRO VB 100 -5.90 -123.85 59.89
N TRP VB 101 -5.54 -122.62 60.25
CA TRP VB 101 -5.35 -122.22 61.63
C TRP VB 101 -5.31 -120.70 61.66
N TYR VB 102 -4.87 -120.14 62.77
CA TYR VB 102 -4.90 -118.70 62.96
C TYR VB 102 -3.47 -118.17 62.99
N TRP VB 103 -3.15 -117.32 62.03
CA TRP VB 103 -1.80 -116.77 61.91
C TRP VB 103 -1.24 -116.25 63.24
N PRO VB 104 -1.95 -115.44 64.04
CA PRO VB 104 -1.35 -115.01 65.32
C PRO VB 104 -0.92 -116.18 66.20
N LYS VB 105 -1.78 -117.19 66.34
CA LYS VB 105 -1.50 -118.32 67.23
C LYS VB 105 -0.17 -118.98 66.90
N VAL VB 106 0.17 -119.05 65.61
CA VAL VB 106 1.40 -119.72 65.19
C VAL VB 106 2.58 -118.77 65.24
N TRP VB 107 2.35 -117.50 64.88
CA TRP VB 107 3.37 -116.51 65.17
C TRP VB 107 3.78 -116.55 66.64
N SER VB 108 2.88 -117.05 67.50
CA SER VB 108 3.18 -117.04 68.93
C SER VB 108 3.85 -118.35 69.36
N TYR VB 109 3.83 -119.39 68.54
CA TYR VB 109 4.07 -120.72 69.10
C TYR VB 109 5.55 -121.02 69.31
N ASN VB 110 6.32 -121.04 68.23
CA ASN VB 110 7.80 -121.14 68.31
C ASN VB 110 8.48 -121.09 66.95
N PRO VB 111 9.30 -120.05 66.72
CA PRO VB 111 9.69 -119.00 67.66
C PRO VB 111 8.58 -117.98 67.86
N GLU VB 112 8.53 -117.26 68.98
CA GLU VB 112 7.48 -116.26 69.16
C GLU VB 112 7.68 -115.12 68.17
N ILE VB 113 6.89 -115.10 67.10
CA ILE VB 113 7.02 -114.08 66.06
C ILE VB 113 5.70 -113.32 65.97
N ALA VB 114 5.60 -112.35 65.06
CA ALA VB 114 4.46 -111.43 65.08
C ALA VB 114 3.72 -111.42 63.74
N ASN VB 115 2.40 -111.22 63.82
CA ASN VB 115 1.47 -111.66 62.77
C ASN VB 115 1.64 -111.01 61.42
N PRO VB 116 2.33 -109.86 61.24
CA PRO VB 116 2.71 -109.45 59.88
C PRO VB 116 4.22 -109.35 59.71
N HIS VB 117 4.97 -110.25 60.35
CA HIS VB 117 6.42 -110.18 60.36
C HIS VB 117 7.06 -110.95 59.20
N TRP VB 118 6.26 -111.75 58.47
CA TRP VB 118 6.67 -112.49 57.27
C TRP VB 118 7.80 -113.48 57.51
N ILE VB 119 7.60 -114.73 57.09
CA ILE VB 119 8.58 -115.78 57.32
C ILE VB 119 9.45 -116.00 56.10
N TYR VB 120 10.15 -117.13 56.09
CA TYR VB 120 11.09 -117.53 55.05
C TYR VB 120 10.94 -119.02 54.75
N PRO VB 121 11.25 -119.44 53.53
CA PRO VB 121 11.15 -120.86 53.20
C PRO VB 121 12.20 -121.68 53.94
N GLY VB 122 11.88 -122.96 54.15
CA GLY VB 122 12.75 -123.84 54.89
C GLY VB 122 12.62 -123.74 56.39
N ASN VB 123 11.67 -122.97 56.90
CA ASN VB 123 11.47 -122.80 58.33
C ASN VB 123 10.46 -123.80 58.85
N GLN VB 124 10.57 -124.12 60.13
CA GLN VB 124 9.64 -125.02 60.81
C GLN VB 124 8.84 -124.24 61.83
N VAL VB 125 7.53 -124.50 61.86
CA VAL VB 125 6.58 -123.67 62.58
C VAL VB 125 5.47 -124.54 63.14
N ARG VB 126 5.12 -124.31 64.40
CA ARG VB 126 4.27 -125.20 65.17
C ARG VB 126 2.79 -124.95 64.86
N PHE VB 127 2.17 -125.91 64.16
CA PHE VB 127 0.78 -125.78 63.71
C PHE VB 127 -0.14 -126.85 64.26
N PHE VB 128 -1.09 -126.41 65.09
CA PHE VB 128 -2.43 -126.99 65.33
C PHE VB 128 -3.02 -126.10 66.44
N ALA VB 129 -4.33 -125.84 66.40
CA ALA VB 129 -4.97 -124.98 67.40
C ALA VB 129 -6.49 -125.11 67.30
N ALA VB 130 -7.13 -125.40 68.43
CA ALA VB 130 -8.59 -125.50 68.48
C ALA VB 130 -9.15 -124.84 69.74
N LYS VB 298 -28.20 -130.47 79.41
CA LYS VB 298 -28.15 -130.07 80.80
C LYS VB 298 -29.29 -130.69 81.55
N GLN VB 299 -29.48 -130.26 82.79
CA GLN VB 299 -30.10 -131.17 83.74
C GLN VB 299 -31.61 -131.26 83.51
N VAL VB 300 -32.21 -132.38 83.93
CA VAL VB 300 -33.66 -132.42 84.10
C VAL VB 300 -33.88 -132.01 85.54
N ASP VB 301 -34.88 -131.18 85.77
CA ASP VB 301 -35.27 -130.84 87.13
C ASP VB 301 -36.77 -131.09 87.23
N GLY VB 302 -37.13 -132.21 87.84
CA GLY VB 302 -38.54 -132.53 88.02
C GLY VB 302 -39.05 -131.94 89.32
N THR VB 303 -40.27 -131.41 89.28
CA THR VB 303 -40.87 -130.70 90.40
C THR VB 303 -42.11 -131.44 90.87
N VAL VB 304 -42.41 -131.32 92.17
CA VAL VB 304 -43.67 -131.84 92.69
C VAL VB 304 -44.82 -131.08 92.04
N ILE VB 305 -45.88 -131.80 91.70
CA ILE VB 305 -47.03 -131.19 91.05
C ILE VB 305 -48.28 -131.20 91.92
N THR VB 306 -48.29 -132.00 92.99
CA THR VB 306 -49.43 -132.04 93.89
C THR VB 306 -49.07 -131.49 95.26
N ALA VB 307 -50.00 -130.77 95.86
CA ALA VB 307 -49.98 -130.42 97.27
C ALA VB 307 -51.10 -131.17 97.98
N LEU VB 308 -50.93 -131.34 99.28
CA LEU VB 308 -51.95 -131.85 100.20
C LEU VB 308 -52.25 -133.33 100.04
N VAL VB 309 -51.35 -134.11 99.45
CA VAL VB 309 -51.54 -135.56 99.45
C VAL VB 309 -51.25 -136.06 100.86
N PRO VB 310 -51.56 -137.31 101.19
CA PRO VB 310 -50.97 -137.90 102.40
C PRO VB 310 -49.46 -137.82 102.33
N TYR VB 311 -48.88 -136.75 102.89
CA TYR VB 311 -47.44 -136.63 102.91
C TYR VB 311 -46.81 -137.24 104.15
N LEU VB 312 -47.54 -138.07 104.89
CA LEU VB 312 -47.07 -138.61 106.16
C LEU VB 312 -47.38 -140.08 106.38
N THR VB 313 -47.92 -140.80 105.40
CA THR VB 313 -48.38 -142.18 105.61
C THR VB 313 -49.38 -142.31 106.76
N VAL VB 314 -48.94 -141.89 107.94
CA VAL VB 314 -49.55 -142.26 109.23
C VAL VB 314 -51.06 -142.43 109.12
N LEU VB 315 -51.77 -141.37 108.73
CA LEU VB 315 -53.23 -141.42 108.76
C LEU VB 315 -53.79 -142.35 107.69
N GLY VB 316 -53.06 -142.56 106.60
CA GLY VB 316 -53.60 -143.29 105.47
C GLY VB 316 -52.73 -144.40 104.91
N GLU VB 317 -51.50 -144.53 105.44
CA GLU VB 317 -50.55 -145.58 105.10
C GLU VB 317 -50.00 -145.50 103.68
N ASN VB 318 -50.54 -144.61 102.87
CA ASN VB 318 -50.13 -144.46 101.47
C ASN VB 318 -49.69 -143.01 101.28
N HIS VB 319 -48.40 -142.75 101.43
CA HIS VB 319 -47.84 -141.48 101.03
C HIS VB 319 -47.45 -141.54 99.56
N SER VB 320 -47.53 -140.40 98.89
CA SER VB 320 -47.09 -140.29 97.51
C SER VB 320 -46.66 -138.87 97.23
N ILE VB 321 -46.02 -138.70 96.08
CA ILE VB 321 -45.75 -137.44 95.42
C ILE VB 321 -45.94 -137.72 93.94
N VAL VB 322 -46.32 -136.70 93.20
CA VAL VB 322 -46.50 -136.85 91.77
C VAL VB 322 -45.63 -135.81 91.08
N VAL VB 323 -45.12 -136.16 89.90
CA VAL VB 323 -44.31 -135.23 89.13
C VAL VB 323 -45.02 -134.94 87.83
N ASP VB 324 -44.65 -133.84 87.18
CA ASP VB 324 -45.13 -133.54 85.84
C ASP VB 324 -44.01 -133.76 84.85
N LYS VB 325 -44.28 -134.57 83.84
CA LYS VB 325 -43.31 -134.86 82.80
C LYS VB 325 -44.04 -134.87 81.46
N GLY VB 326 -43.26 -134.87 80.39
CA GLY VB 326 -43.78 -135.27 79.10
C GLY VB 326 -43.81 -136.79 79.11
N SER VB 327 -43.71 -137.41 77.94
CA SER VB 327 -43.62 -138.87 77.84
C SER VB 327 -42.48 -139.49 78.65
N ALA VB 328 -42.09 -140.72 78.31
CA ALA VB 328 -41.10 -141.45 79.10
C ALA VB 328 -39.83 -140.63 79.34
N ASP VB 329 -39.66 -140.19 80.59
CA ASP VB 329 -38.48 -139.47 81.04
C ASP VB 329 -37.39 -140.41 81.55
N GLY VB 330 -37.38 -141.66 81.10
CA GLY VB 330 -36.43 -142.61 81.63
C GLY VB 330 -36.61 -142.93 83.08
N VAL VB 331 -37.79 -142.65 83.64
CA VAL VB 331 -38.05 -142.91 85.05
C VAL VB 331 -38.30 -144.40 85.24
N GLU VB 332 -37.58 -145.00 86.19
CA GLU VB 332 -37.70 -146.41 86.49
C GLU VB 332 -38.24 -146.60 87.90
N LEU VB 333 -38.80 -147.78 88.17
CA LEU VB 333 -39.53 -148.01 89.41
C LEU VB 333 -38.64 -147.97 90.64
N GLY VB 334 -37.32 -148.13 90.48
CA GLY VB 334 -36.46 -148.14 91.63
C GLY VB 334 -35.70 -146.86 91.91
N ASN VB 335 -35.97 -145.80 91.14
CA ASN VB 335 -35.17 -144.59 91.24
C ASN VB 335 -35.40 -143.89 92.56
N THR VB 336 -34.32 -143.32 93.10
CA THR VB 336 -34.34 -142.54 94.33
C THR VB 336 -34.01 -141.09 93.99
N PHE VB 337 -34.70 -140.16 94.63
CA PHE VB 337 -34.56 -138.74 94.33
C PHE VB 337 -34.48 -137.93 95.62
N ASN VB 338 -33.73 -136.84 95.56
CA ASN VB 338 -33.57 -135.94 96.69
C ASN VB 338 -34.45 -134.72 96.49
N ILE VB 339 -35.10 -134.30 97.57
CA ILE VB 339 -35.99 -133.13 97.54
C ILE VB 339 -35.16 -131.91 97.94
N LEU VB 340 -35.33 -130.81 97.19
CA LEU VB 340 -34.63 -129.57 97.45
C LEU VB 340 -35.64 -128.43 97.58
N ARG VB 341 -35.32 -127.48 98.46
CA ARG VB 341 -36.16 -126.30 98.66
C ARG VB 341 -35.31 -125.05 98.49
N LYS VB 342 -35.93 -123.96 98.04
CA LYS VB 342 -35.24 -122.69 97.93
C LYS VB 342 -35.45 -121.89 99.20
N GLY VB 343 -34.36 -121.46 99.83
CA GLY VB 343 -34.50 -120.74 101.07
C GLY VB 343 -33.69 -119.45 101.13
N ASP VB 344 -33.96 -118.60 102.10
CA ASP VB 344 -33.12 -117.41 102.22
C ASP VB 344 -32.66 -117.22 103.66
N PRO VB 345 -31.72 -118.02 104.14
CA PRO VB 345 -30.97 -117.61 105.34
C PRO VB 345 -29.51 -117.36 104.97
N SER VB 346 -28.73 -117.04 106.01
CA SER VB 346 -27.28 -117.11 105.96
C SER VB 346 -26.72 -117.05 107.37
N ARG VB 347 -25.40 -117.19 107.45
CA ARG VB 347 -24.70 -117.03 108.73
C ARG VB 347 -24.48 -115.55 109.04
N HIS VB 348 -24.95 -114.67 108.15
CA HIS VB 348 -24.58 -113.26 108.09
C HIS VB 348 -25.55 -112.49 107.17
N VAL VB 349 -26.39 -111.59 107.69
CA VAL VB 349 -27.49 -111.05 106.89
C VAL VB 349 -27.75 -109.55 107.01
N LEU VB 350 -27.33 -108.90 108.11
CA LEU VB 350 -27.20 -107.45 108.07
C LEU VB 350 -26.24 -107.09 106.94
N GLY VB 351 -25.58 -108.11 106.38
CA GLY VB 351 -24.89 -108.09 105.10
C GLY VB 351 -25.80 -108.04 103.90
N HIS VB 352 -26.52 -109.12 103.61
CA HIS VB 352 -27.64 -109.06 102.67
C HIS VB 352 -28.40 -110.38 102.68
N ASP VB 353 -29.60 -110.35 102.08
CA ASP VB 353 -30.47 -111.52 101.95
C ASP VB 353 -31.54 -111.25 100.89
N VAL VB 354 -31.11 -111.22 99.62
CA VAL VB 354 -32.02 -110.98 98.51
C VAL VB 354 -32.06 -112.21 97.62
N ARG VB 355 -32.15 -112.00 96.30
CA ARG VB 355 -32.07 -113.09 95.34
C ARG VB 355 -31.27 -112.77 94.10
N LYS VB 356 -30.84 -111.53 93.92
CA LYS VB 356 -30.06 -111.15 92.74
C LYS VB 356 -28.67 -111.81 92.80
N PRO VB 357 -28.23 -112.47 91.75
CA PRO VB 357 -26.97 -113.21 91.79
C PRO VB 357 -25.76 -112.31 92.04
N SER VB 358 -24.65 -112.98 92.38
CA SER VB 358 -23.26 -112.50 92.33
C SER VB 358 -22.70 -112.01 93.67
N LYS VB 359 -23.34 -112.35 94.80
CA LYS VB 359 -22.71 -112.06 96.07
C LYS VB 359 -22.47 -113.38 96.83
N GLU VB 360 -22.69 -113.36 98.14
CA GLU VB 360 -22.40 -114.55 98.95
C GLU VB 360 -23.64 -115.41 99.17
N GLU VB 361 -24.81 -114.77 99.29
CA GLU VB 361 -26.03 -115.46 99.69
C GLU VB 361 -27.04 -115.54 98.56
N GLN VB 362 -28.08 -114.69 98.66
CA GLN VB 362 -29.05 -114.48 97.59
C GLN VB 362 -29.80 -115.77 97.27
N SER VB 363 -30.59 -116.23 98.23
CA SER VB 363 -31.24 -117.54 98.24
C SER VB 363 -30.24 -118.68 98.16
N PHE VB 364 -30.61 -119.85 98.69
CA PHE VB 364 -29.75 -121.01 98.74
C PHE VB 364 -30.56 -122.25 98.38
N PRO VB 365 -30.00 -123.13 97.54
CA PRO VB 365 -30.65 -124.41 97.26
C PRO VB 365 -30.42 -125.40 98.39
N TRP VB 366 -31.33 -125.41 99.35
CA TRP VB 366 -31.17 -126.23 100.55
C TRP VB 366 -31.65 -127.64 100.31
N ARG VB 367 -30.91 -128.61 100.86
CA ARG VB 367 -31.29 -130.00 100.76
C ARG VB 367 -32.21 -130.36 101.92
N SER VB 368 -33.40 -130.87 101.60
CA SER VB 368 -34.29 -131.36 102.63
C SER VB 368 -33.83 -132.72 103.15
N ILE VB 369 -34.30 -133.07 104.35
CA ILE VB 369 -34.07 -134.42 104.86
C ILE VB 369 -34.90 -135.44 104.10
N GLY VB 370 -35.87 -134.99 103.32
CA GLY VB 370 -36.77 -135.90 102.64
C GLY VB 370 -36.17 -136.46 101.37
N ALA VB 371 -36.13 -137.79 101.26
CA ALA VB 371 -35.80 -138.48 100.02
C ALA VB 371 -36.99 -139.30 99.59
N CYS VB 372 -37.12 -139.53 98.29
CA CYS VB 372 -38.27 -140.24 97.74
C CYS VB 372 -37.83 -141.40 96.86
N MET VB 373 -38.70 -142.41 96.77
CA MET VB 373 -38.47 -143.58 95.93
C MET VB 373 -39.66 -143.77 94.99
N VAL VB 374 -39.38 -143.82 93.69
CA VAL VB 374 -40.43 -144.03 92.70
C VAL VB 374 -41.17 -145.32 93.00
N THR VB 375 -42.49 -145.31 92.80
CA THR VB 375 -43.31 -146.47 93.07
C THR VB 375 -44.29 -146.78 91.96
N GLU VB 376 -44.82 -145.77 91.27
CA GLU VB 376 -45.61 -146.01 90.08
C GLU VB 376 -45.10 -145.13 88.94
N VAL VB 377 -44.88 -145.74 87.79
CA VAL VB 377 -44.44 -145.03 86.59
C VAL VB 377 -45.57 -145.09 85.57
N LYS VB 378 -45.94 -143.92 85.05
CA LYS VB 378 -46.88 -143.83 83.95
C LYS VB 378 -46.14 -143.34 82.71
N GLU VB 379 -46.87 -143.32 81.59
CA GLU VB 379 -46.29 -142.86 80.34
C GLU VB 379 -45.68 -141.47 80.51
N ARG VB 380 -46.34 -140.58 81.25
CA ARG VB 380 -45.89 -139.20 81.32
C ARG VB 380 -45.88 -138.61 82.73
N THR VB 381 -46.20 -139.39 83.76
CA THR VB 381 -46.07 -138.91 85.13
C THR VB 381 -45.52 -140.03 85.99
N SER VB 382 -45.29 -139.72 87.27
CA SER VB 382 -44.82 -140.74 88.20
C SER VB 382 -45.16 -140.36 89.62
N ASN VB 383 -45.47 -141.39 90.41
CA ASN VB 383 -45.73 -141.31 91.85
C ASN VB 383 -44.59 -141.97 92.61
N CYS VB 384 -44.08 -141.26 93.61
CA CYS VB 384 -43.00 -141.75 94.46
C CYS VB 384 -43.41 -141.64 95.92
N LEU VB 385 -42.89 -142.54 96.76
CA LEU VB 385 -43.15 -142.46 98.19
C LEU VB 385 -41.89 -141.97 98.91
N MET VB 386 -42.02 -140.87 99.64
CA MET VB 386 -40.91 -140.33 100.43
C MET VB 386 -40.48 -141.33 101.49
N THR VB 387 -39.18 -141.36 101.78
CA THR VB 387 -38.65 -142.27 102.78
C THR VB 387 -38.96 -141.81 104.20
N ARG VB 388 -39.12 -140.50 104.41
CA ARG VB 388 -39.39 -139.94 105.74
C ARG VB 388 -40.82 -139.40 105.75
N SER VB 389 -41.73 -140.20 106.29
CA SER VB 389 -43.15 -139.86 106.34
C SER VB 389 -43.46 -138.88 107.47
N LEU VB 390 -42.82 -137.71 107.44
CA LEU VB 390 -42.97 -136.73 108.51
C LEU VB 390 -43.01 -135.29 108.07
N GLU VB 391 -42.80 -134.98 106.79
CA GLU VB 391 -42.75 -133.62 106.31
C GLU VB 391 -43.61 -133.48 105.06
N GLU VB 392 -44.41 -132.42 105.02
CA GLU VB 392 -45.28 -132.17 103.89
C GLU VB 392 -44.64 -131.15 102.95
N LEU VB 393 -44.98 -131.24 101.67
CA LEU VB 393 -44.53 -130.28 100.69
C LEU VB 393 -45.71 -129.73 99.89
N VAL VB 394 -45.39 -128.75 99.06
CA VAL VB 394 -46.34 -128.08 98.16
C VAL VB 394 -45.88 -128.44 96.76
N PRO VB 395 -46.47 -127.91 95.67
CA PRO VB 395 -45.84 -128.10 94.36
C PRO VB 395 -44.86 -126.96 94.08
N GLY VB 396 -43.82 -127.30 93.32
CA GLY VB 396 -42.73 -126.39 93.06
C GLY VB 396 -41.43 -126.78 93.74
N ASP VB 397 -41.49 -127.56 94.81
CA ASP VB 397 -40.28 -128.14 95.37
C ASP VB 397 -39.62 -129.06 94.34
N ARG VB 398 -38.30 -129.06 94.34
CA ARG VB 398 -37.54 -129.68 93.25
C ARG VB 398 -36.69 -130.86 93.72
N ALA WB 69 -41.04 -141.05 21.16
CA ALA WB 69 -40.09 -140.35 22.01
C ALA WB 69 -40.79 -139.85 23.27
N PRO WB 70 -40.08 -139.13 24.15
CA PRO WB 70 -40.78 -138.36 25.19
C PRO WB 70 -41.09 -136.95 24.72
N ARG WB 71 -42.14 -136.79 23.92
CA ARG WB 71 -42.64 -135.48 23.51
C ARG WB 71 -41.52 -134.63 22.91
N GLY WB 72 -40.77 -133.95 23.77
CA GLY WB 72 -39.61 -133.21 23.33
C GLY WB 72 -38.38 -134.09 23.25
N ARG WB 73 -37.75 -134.36 24.39
CA ARG WB 73 -36.49 -135.07 24.43
C ARG WB 73 -36.24 -135.77 25.77
N GLU WB 74 -35.45 -135.13 26.65
CA GLU WB 74 -35.12 -135.61 28.01
C GLU WB 74 -34.15 -136.80 28.02
N SER WB 75 -33.59 -137.09 29.20
CA SER WB 75 -32.72 -138.25 29.46
C SER WB 75 -32.42 -138.28 30.96
N ALA WB 76 -31.49 -139.16 31.38
CA ALA WB 76 -31.22 -139.37 32.81
C ALA WB 76 -29.93 -140.12 33.21
N PRO WB 77 -29.10 -140.67 32.28
CA PRO WB 77 -27.83 -141.26 32.75
C PRO WB 77 -26.57 -140.52 32.33
N GLY WB 78 -25.73 -141.15 31.50
CA GLY WB 78 -24.49 -140.54 31.05
C GLY WB 78 -23.70 -141.35 30.04
N GLU WB 79 -23.74 -140.94 28.78
CA GLU WB 79 -22.97 -141.57 27.70
C GLU WB 79 -22.31 -140.46 26.89
N VAL WB 80 -21.87 -140.75 25.67
CA VAL WB 80 -21.00 -139.81 24.95
C VAL WB 80 -21.59 -139.50 23.58
N HIS WB 81 -21.60 -138.21 23.22
CA HIS WB 81 -21.94 -137.77 21.88
C HIS WB 81 -20.73 -137.13 21.22
N SER WB 82 -20.82 -136.96 19.90
CA SER WB 82 -19.72 -136.45 19.09
C SER WB 82 -20.03 -135.03 18.63
N VAL WB 83 -19.03 -134.14 18.74
CA VAL WB 83 -19.22 -132.76 18.31
C VAL WB 83 -19.11 -132.68 16.79
N GLU WB 84 -19.95 -131.84 16.19
CA GLU WB 84 -19.90 -131.57 14.75
C GLU WB 84 -19.34 -130.17 14.50
N SER WB 85 -19.23 -129.85 13.22
CA SER WB 85 -18.55 -128.63 12.79
C SER WB 85 -19.40 -127.40 13.07
N GLY WB 86 -18.84 -126.45 13.81
CA GLY WB 86 -19.55 -125.25 14.20
C GLY WB 86 -20.32 -125.35 15.49
N ASP WB 87 -20.09 -126.41 16.27
CA ASP WB 87 -20.84 -126.66 17.49
C ASP WB 87 -20.07 -126.19 18.71
N THR WB 88 -20.79 -125.60 19.66
CA THR WB 88 -20.32 -125.34 21.01
C THR WB 88 -21.16 -126.17 21.97
N LEU WB 89 -20.80 -126.15 23.25
CA LEU WB 89 -21.66 -126.83 24.21
C LEU WB 89 -22.95 -126.06 24.47
N TRP WB 90 -22.96 -124.75 24.22
CA TRP WB 90 -24.22 -124.01 24.32
C TRP WB 90 -25.23 -124.49 23.28
N ASP WB 91 -24.75 -124.92 22.12
CA ASP WB 91 -25.60 -125.65 21.17
C ASP WB 91 -25.96 -127.03 21.69
N LEU WB 92 -24.98 -127.92 21.69
CA LEU WB 92 -25.16 -129.32 22.09
C LEU WB 92 -26.04 -129.48 23.34
N SER WB 93 -26.12 -128.44 24.18
CA SER WB 93 -27.09 -128.44 25.27
C SER WB 93 -28.51 -128.23 24.76
N GLN WB 94 -28.67 -127.68 23.55
CA GLN WB 94 -29.98 -127.48 22.97
C GLN WB 94 -29.85 -127.29 21.46
N ARG WB 95 -30.40 -128.25 20.70
CA ARG WB 95 -30.58 -128.25 19.24
C ARG WB 95 -29.51 -129.05 18.49
N TYR WB 96 -28.43 -129.37 19.18
CA TYR WB 96 -27.31 -130.07 18.56
C TYR WB 96 -27.20 -131.50 19.08
N LEU WB 97 -28.35 -132.13 19.29
CA LEU WB 97 -28.39 -133.55 19.60
C LEU WB 97 -29.81 -134.09 19.56
N GLY WB 98 -29.97 -135.27 20.19
CA GLY WB 98 -31.26 -135.92 20.35
C GLY WB 98 -31.83 -135.78 21.75
N SER WB 99 -31.45 -134.70 22.45
CA SER WB 99 -31.92 -134.35 23.78
C SER WB 99 -31.40 -132.96 24.14
N PRO WB 100 -31.87 -132.33 25.21
CA PRO WB 100 -31.16 -131.19 25.74
C PRO WB 100 -30.33 -131.62 26.95
N TRP WB 101 -29.51 -130.70 27.44
CA TRP WB 101 -28.85 -130.83 28.72
C TRP WB 101 -28.31 -129.46 29.09
N TYR WB 102 -27.44 -129.42 30.08
CA TYR WB 102 -26.95 -128.16 30.61
C TYR WB 102 -25.48 -128.02 30.28
N TRP WB 103 -25.15 -126.99 29.50
CA TRP WB 103 -23.77 -126.77 29.05
C TRP WB 103 -22.75 -126.88 30.20
N PRO WB 104 -22.93 -126.24 31.36
CA PRO WB 104 -21.91 -126.40 32.40
C PRO WB 104 -21.67 -127.85 32.78
N LYS WB 105 -22.74 -128.62 32.97
CA LYS WB 105 -22.63 -130.02 33.41
C LYS WB 105 -21.73 -130.83 32.49
N VAL WB 106 -21.77 -130.54 31.19
CA VAL WB 106 -20.98 -131.31 30.23
C VAL WB 106 -19.58 -130.73 30.10
N TRP WB 107 -19.47 -129.41 30.14
CA TRP WB 107 -18.14 -128.83 30.30
C TRP WB 107 -17.42 -129.45 31.48
N SER WB 108 -18.16 -129.97 32.45
CA SER WB 108 -17.52 -130.50 33.64
C SER WB 108 -17.23 -132.00 33.51
N TYR WB 109 -17.81 -132.68 32.52
CA TYR WB 109 -17.87 -134.14 32.62
C TYR WB 109 -16.56 -134.82 32.24
N ASN WB 110 -16.15 -134.67 30.99
CA ASN WB 110 -14.82 -135.15 30.53
C ASN WB 110 -14.55 -134.81 29.08
N PRO WB 111 -13.52 -133.98 28.83
CA PRO WB 111 -12.57 -133.43 29.80
C PRO WB 111 -13.21 -132.28 30.60
N GLU WB 112 -12.72 -131.99 31.81
CA GLU WB 112 -13.30 -130.88 32.57
C GLU WB 112 -13.00 -129.56 31.88
N ILE WB 113 -13.99 -129.01 31.17
CA ILE WB 113 -13.81 -127.76 30.43
C ILE WB 113 -14.78 -126.73 30.98
N ALA WB 114 -14.80 -125.50 30.42
CA ALA WB 114 -15.51 -124.40 31.04
C ALA WB 114 -16.54 -123.79 30.09
N ASN WB 115 -17.64 -123.30 30.67
CA ASN WB 115 -18.90 -123.16 29.93
C ASN WB 115 -18.88 -122.15 28.79
N PRO WB 116 -17.93 -121.22 28.67
CA PRO WB 116 -17.80 -120.49 27.40
C PRO WB 116 -16.45 -120.69 26.76
N HIS WB 117 -15.90 -121.90 26.86
CA HIS WB 117 -14.54 -122.19 26.38
C HIS WB 117 -14.53 -122.66 24.93
N TRP WB 118 -15.69 -122.96 24.35
CA TRP WB 118 -15.87 -123.33 22.95
C TRP WB 118 -15.10 -124.58 22.53
N ILE WB 119 -15.81 -125.54 21.93
CA ILE WB 119 -15.19 -126.81 21.56
C ILE WB 119 -14.79 -126.82 20.09
N TYR WB 120 -14.54 -128.02 19.57
CA TYR WB 120 -14.08 -128.26 18.21
C TYR WB 120 -14.78 -129.48 17.64
N PRO WB 121 -14.95 -129.54 16.32
CA PRO WB 121 -15.59 -130.72 15.72
C PRO WB 121 -14.72 -131.95 15.83
N GLY WB 122 -15.37 -133.11 15.82
CA GLY WB 122 -14.68 -134.36 16.00
C GLY WB 122 -14.37 -134.73 17.42
N ASN WB 123 -14.85 -133.97 18.39
CA ASN WB 123 -14.60 -134.24 19.80
C ASN WB 123 -15.73 -135.10 20.38
N GLN WB 124 -15.39 -135.84 21.44
CA GLN WB 124 -16.35 -136.66 22.15
C GLN WB 124 -16.57 -136.08 23.54
N VAL WB 125 -17.83 -136.04 23.96
CA VAL WB 125 -18.24 -135.28 25.14
C VAL WB 125 -19.39 -136.01 25.83
N ARG WB 126 -19.30 -136.11 27.15
CA ARG WB 126 -20.17 -136.99 27.93
C ARG WB 126 -21.51 -136.32 28.20
N PHE WB 127 -22.56 -136.82 27.56
CA PHE WB 127 -23.91 -136.22 27.65
C PHE WB 127 -24.96 -137.16 28.23
N PHE WB 128 -25.46 -136.81 29.41
CA PHE WB 128 -26.80 -137.11 29.95
C PHE WB 128 -26.76 -136.52 31.37
N ALA WB 129 -27.88 -135.95 31.85
CA ALA WB 129 -27.92 -135.35 33.18
C ALA WB 129 -29.37 -135.08 33.57
N ALA WB 130 -29.76 -135.55 34.75
CA ALA WB 130 -31.10 -135.33 35.29
C ALA WB 130 -31.07 -135.00 36.77
N LYS WB 298 -47.72 -138.85 50.76
CA LYS WB 298 -47.18 -138.95 52.10
C LYS WB 298 -48.24 -139.50 53.04
N GLN WB 299 -47.96 -139.47 54.33
CA GLN WB 299 -48.57 -140.46 55.18
C GLN WB 299 -50.03 -140.11 55.47
N VAL WB 300 -50.83 -141.13 55.79
CA VAL WB 300 -52.12 -140.89 56.44
C VAL WB 300 -51.81 -140.93 57.91
N ASP WB 301 -52.38 -140.01 58.67
CA ASP WB 301 -52.27 -140.05 60.12
C ASP WB 301 -53.70 -139.96 60.67
N GLY WB 302 -54.25 -141.11 61.08
CA GLY WB 302 -55.57 -141.13 61.66
C GLY WB 302 -55.51 -140.88 63.15
N THR WB 303 -56.46 -140.10 63.65
CA THR WB 303 -56.48 -139.68 65.04
C THR WB 303 -57.73 -140.22 65.73
N VAL WB 304 -57.62 -140.46 67.03
CA VAL WB 304 -58.80 -140.82 67.81
C VAL WB 304 -59.76 -139.64 67.82
N ILE WB 305 -61.05 -139.93 67.69
CA ILE WB 305 -62.08 -138.89 67.63
C ILE WB 305 -62.98 -138.90 68.86
N THR WB 306 -62.98 -139.98 69.65
CA THR WB 306 -63.80 -140.04 70.84
C THR WB 306 -62.93 -140.08 72.09
N ALA WB 307 -63.39 -139.37 73.13
CA ALA WB 307 -62.89 -139.52 74.49
C ALA WB 307 -63.97 -140.19 75.33
N LEU WB 308 -63.53 -140.80 76.43
CA LEU WB 308 -64.39 -141.35 77.49
C LEU WB 308 -65.18 -142.58 77.09
N VAL WB 309 -64.78 -143.32 76.06
CA VAL WB 309 -65.44 -144.60 75.79
C VAL WB 309 -64.97 -145.58 76.86
N PRO WB 310 -65.58 -146.76 76.95
CA PRO WB 310 -64.93 -147.83 77.71
C PRO WB 310 -63.53 -148.09 77.15
N TYR WB 311 -62.52 -147.44 77.71
CA TYR WB 311 -61.16 -147.67 77.25
C TYR WB 311 -60.46 -148.78 78.03
N LEU WB 312 -61.22 -149.62 78.75
CA LEU WB 312 -60.63 -150.63 79.62
C LEU WB 312 -61.33 -151.98 79.57
N THR WB 313 -62.32 -152.19 78.70
CA THR WB 313 -63.13 -153.41 78.71
C THR WB 313 -63.78 -153.67 80.07
N VAL WB 314 -62.94 -153.79 81.11
CA VAL WB 314 -63.29 -154.41 82.39
C VAL WB 314 -64.74 -154.16 82.77
N LEU WB 315 -65.14 -152.90 82.91
CA LEU WB 315 -66.48 -152.62 83.43
C LEU WB 315 -67.56 -152.98 82.43
N GLY WB 316 -67.26 -152.99 81.14
CA GLY WB 316 -68.28 -153.16 80.12
C GLY WB 316 -67.99 -154.19 79.06
N GLU WB 317 -66.78 -154.77 79.08
CA GLU WB 317 -66.35 -155.85 78.19
C GLU WB 317 -66.19 -155.44 76.74
N ASN WB 318 -66.59 -154.23 76.38
CA ASN WB 318 -66.54 -153.72 75.01
C ASN WB 318 -65.72 -152.44 75.04
N HIS WB 319 -64.42 -152.57 74.79
CA HIS WB 319 -63.59 -151.39 74.54
C HIS WB 319 -63.64 -151.06 73.06
N SER WB 320 -63.51 -149.77 72.74
CA SER WB 320 -63.43 -149.33 71.37
C SER WB 320 -62.64 -148.03 71.30
N ILE WB 321 -62.30 -147.66 70.08
CA ILE WB 321 -61.83 -146.34 69.70
C ILE WB 321 -62.47 -146.06 68.34
N VAL WB 322 -62.66 -144.81 68.04
CA VAL WB 322 -63.25 -144.43 66.77
C VAL WB 322 -62.30 -143.46 66.09
N VAL WB 323 -62.26 -143.52 64.77
CA VAL WB 323 -61.41 -142.60 64.01
C VAL WB 323 -62.31 -141.73 63.13
N ASP WB 324 -61.77 -140.61 62.68
CA ASP WB 324 -62.46 -139.77 61.70
C ASP WB 324 -61.77 -139.92 60.36
N LYS WB 325 -62.54 -140.28 59.35
CA LYS WB 325 -62.03 -140.42 58.00
C LYS WB 325 -63.04 -139.81 57.03
N GLY WB 326 -62.60 -139.64 55.79
CA GLY WB 326 -63.54 -139.47 54.70
C GLY WB 326 -64.06 -140.85 54.36
N SER WB 327 -64.48 -141.06 53.12
CA SER WB 327 -64.90 -142.38 52.64
C SER WB 327 -63.86 -143.48 52.85
N ALA WB 328 -63.99 -144.58 52.10
CA ALA WB 328 -63.12 -145.75 52.31
C ALA WB 328 -61.64 -145.38 52.29
N ASP WB 329 -61.02 -145.42 53.47
CA ASP WB 329 -59.60 -145.19 53.64
C ASP WB 329 -58.78 -146.47 53.51
N GLY WB 330 -59.29 -147.47 52.79
CA GLY WB 330 -58.60 -148.74 52.71
C GLY WB 330 -58.50 -149.47 54.04
N VAL WB 331 -59.33 -149.11 55.01
CA VAL WB 331 -59.28 -149.76 56.32
C VAL WB 331 -59.96 -151.12 56.23
N GLU WB 332 -59.25 -152.15 56.69
CA GLU WB 332 -59.76 -153.52 56.67
C GLU WB 332 -59.93 -154.02 58.10
N LEU WB 333 -60.76 -155.06 58.24
CA LEU WB 333 -61.17 -155.51 59.57
C LEU WB 333 -60.04 -156.09 60.39
N GLY WB 334 -58.93 -156.48 59.75
CA GLY WB 334 -57.85 -157.08 60.52
C GLY WB 334 -56.68 -156.17 60.80
N ASN WB 335 -56.78 -154.89 60.45
CA ASN WB 335 -55.64 -154.00 60.54
C ASN WB 335 -55.25 -153.75 62.00
N THR WB 336 -53.95 -153.66 62.25
CA THR WB 336 -53.40 -153.34 63.55
C THR WB 336 -52.71 -151.98 63.47
N PHE WB 337 -52.87 -151.18 64.52
CA PHE WB 337 -52.36 -149.82 64.54
C PHE WB 337 -51.69 -149.52 65.86
N ASN WB 338 -50.66 -148.68 65.82
CA ASN WB 338 -49.93 -148.26 67.00
C ASN WB 338 -50.39 -146.88 67.42
N ILE WB 339 -50.56 -146.69 68.72
CA ILE WB 339 -50.99 -145.41 69.28
C ILE WB 339 -49.74 -144.61 69.66
N LEU WB 340 -49.72 -143.33 69.29
CA LEU WB 340 -48.61 -142.43 69.58
C LEU WB 340 -49.12 -141.20 70.31
N ARG WB 341 -48.30 -140.69 71.23
CA ARG WB 341 -48.62 -139.49 71.98
C ARG WB 341 -47.49 -138.49 71.82
N LYS WB 342 -47.81 -137.20 71.90
CA LYS WB 342 -46.80 -136.14 71.86
C LYS WB 342 -46.40 -135.80 73.28
N GLY WB 343 -45.11 -135.86 73.58
CA GLY WB 343 -44.68 -135.58 74.93
C GLY WB 343 -43.51 -134.62 75.00
N ASP WB 344 -43.22 -134.09 76.18
CA ASP WB 344 -42.04 -133.24 76.30
C ASP WB 344 -41.18 -133.64 77.48
N PRO WB 345 -40.47 -134.76 77.41
CA PRO WB 345 -39.35 -134.95 78.33
C PRO WB 345 -38.03 -134.95 77.56
N SER WB 346 -36.96 -135.18 78.31
CA SER WB 346 -35.67 -135.57 77.74
C SER WB 346 -34.78 -136.11 78.85
N ARG WB 347 -33.60 -136.58 78.43
CA ARG WB 347 -32.58 -137.01 79.40
C ARG WB 347 -31.82 -135.82 79.95
N HIS WB 348 -32.19 -134.60 79.51
CA HIS WB 348 -31.40 -133.38 79.68
C HIS WB 348 -32.26 -132.15 79.35
N VAL WB 349 -32.60 -131.30 80.33
CA VAL WB 349 -33.64 -130.28 80.09
C VAL WB 349 -33.35 -128.88 80.66
N LEU WB 350 -32.47 -128.75 81.67
CA LEU WB 350 -31.89 -127.45 81.94
C LEU WB 350 -31.20 -126.98 80.67
N GLY WB 351 -31.06 -127.88 79.69
CA GLY WB 351 -30.75 -127.61 78.30
C GLY WB 351 -31.88 -126.95 77.53
N HIS WB 352 -32.97 -127.68 77.25
CA HIS WB 352 -34.21 -127.04 76.80
C HIS WB 352 -35.33 -128.07 76.75
N ASP WB 353 -36.57 -127.57 76.63
CA ASP WB 353 -37.77 -128.39 76.53
C ASP WB 353 -38.93 -127.54 75.99
N VAL WB 354 -38.85 -127.19 74.71
CA VAL WB 354 -39.90 -126.40 74.08
C VAL WB 354 -40.56 -127.22 72.98
N ARG WB 355 -40.91 -126.58 71.86
CA ARG WB 355 -41.45 -127.28 70.70
C ARG WB 355 -40.93 -126.76 69.37
N LYS WB 356 -40.18 -125.66 69.36
CA LYS WB 356 -39.65 -125.12 68.12
C LYS WB 356 -38.59 -126.07 67.54
N PRO WB 357 -38.69 -126.43 66.27
CA PRO WB 357 -37.76 -127.42 65.70
C PRO WB 357 -36.31 -126.96 65.73
N SER WB 358 -35.43 -127.95 65.49
CA SER WB 358 -34.02 -127.82 65.09
C SER WB 358 -33.01 -127.95 66.22
N LYS WB 359 -33.41 -128.47 67.38
CA LYS WB 359 -32.41 -128.78 68.40
C LYS WB 359 -32.43 -130.28 68.69
N GLU WB 360 -32.29 -130.65 69.96
CA GLU WB 360 -32.20 -132.07 70.31
C GLU WB 360 -33.55 -132.63 70.74
N GLU WB 361 -34.37 -131.82 71.40
CA GLU WB 361 -35.61 -132.29 72.02
C GLU WB 361 -36.85 -131.75 71.32
N GLN WB 362 -37.48 -130.77 71.96
CA GLN WB 362 -38.57 -130.00 71.37
C GLN WB 362 -39.76 -130.90 71.03
N SER WB 363 -40.38 -131.44 72.07
CA SER WB 363 -41.40 -132.49 72.00
C SER WB 363 -40.88 -133.75 71.30
N PHE WB 364 -41.47 -134.90 71.63
CA PHE WB 364 -41.05 -136.18 71.10
C PHE WB 364 -42.28 -137.01 70.76
N PRO WB 365 -42.28 -137.67 69.60
CA PRO WB 365 -43.36 -138.59 69.27
C PRO WB 365 -43.19 -139.92 69.97
N TRP WB 366 -43.76 -140.04 71.17
CA TRP WB 366 -43.58 -141.21 72.00
C TRP WB 366 -44.54 -142.32 71.61
N ARG WB 367 -44.04 -143.55 71.62
CA ARG WB 367 -44.88 -144.70 71.33
C ARG WB 367 -45.52 -145.20 72.63
N SER WB 368 -46.84 -145.29 72.62
CA SER WB 368 -47.56 -145.86 73.74
C SER WB 368 -47.45 -147.37 73.73
N ILE WB 369 -47.68 -147.99 74.90
CA ILE WB 369 -47.77 -149.44 74.96
C ILE WB 369 -49.05 -149.93 74.31
N GLY WB 370 -50.00 -149.03 74.05
CA GLY WB 370 -51.29 -149.43 73.53
C GLY WB 370 -51.26 -149.66 72.04
N ALA WB 371 -51.69 -150.85 71.60
CA ALA WB 371 -51.92 -151.15 70.19
C ALA WB 371 -53.39 -151.49 70.01
N CYS WB 372 -53.93 -151.24 68.82
CA CYS WB 372 -55.34 -151.44 68.56
C CYS WB 372 -55.55 -152.32 67.33
N MET WB 373 -56.69 -153.00 67.30
CA MET WB 373 -57.09 -153.85 66.18
C MET WB 373 -58.46 -153.43 65.70
N VAL WB 374 -58.57 -153.11 64.41
CA VAL WB 374 -59.85 -152.74 63.81
C VAL WB 374 -60.86 -153.85 64.04
N THR WB 375 -62.10 -153.45 64.30
CA THR WB 375 -63.16 -154.40 64.57
C THR WB 375 -64.45 -154.10 63.82
N GLU WB 376 -64.77 -152.82 63.61
CA GLU WB 376 -65.88 -152.46 62.75
C GLU WB 376 -65.42 -151.41 61.75
N VAL WB 377 -65.72 -151.64 60.48
CA VAL WB 377 -65.40 -150.70 59.41
C VAL WB 377 -66.70 -150.14 58.85
N LYS WB 378 -66.79 -148.82 58.79
CA LYS WB 378 -67.90 -148.16 58.13
C LYS WB 378 -67.39 -147.47 56.88
N GLU WB 379 -68.33 -146.93 56.11
CA GLU WB 379 -67.98 -146.22 54.88
C GLU WB 379 -66.93 -145.15 55.15
N ARG WB 380 -67.05 -144.42 56.27
CA ARG WB 380 -66.17 -143.30 56.50
C ARG WB 380 -65.60 -143.21 57.93
N THR WB 381 -65.88 -144.20 58.78
CA THR WB 381 -65.25 -144.23 60.10
C THR WB 381 -64.91 -145.68 60.43
N SER WB 382 -64.26 -145.86 61.58
CA SER WB 382 -63.91 -147.21 62.01
C SER WB 382 -63.74 -147.25 63.53
N ASN WB 383 -64.15 -148.39 64.09
CA ASN WB 383 -64.00 -148.71 65.51
C ASN WB 383 -62.97 -149.84 65.66
N CYS WB 384 -62.01 -149.64 66.56
CA CYS WB 384 -60.98 -150.62 66.83
C CYS WB 384 -60.94 -150.91 68.32
N LEU WB 385 -60.54 -152.12 68.71
CA LEU WB 385 -60.38 -152.47 70.12
C LEU WB 385 -58.90 -152.55 70.44
N MET WB 386 -58.46 -151.74 71.42
CA MET WB 386 -57.08 -151.78 71.88
C MET WB 386 -56.74 -153.15 72.46
N THR WB 387 -55.49 -153.56 72.26
CA THR WB 387 -55.05 -154.86 72.78
C THR WB 387 -54.82 -154.83 74.28
N ARG WB 388 -54.47 -153.67 74.84
CA ARG WB 388 -54.20 -153.53 76.28
C ARG WB 388 -55.32 -152.70 76.90
N SER WB 389 -56.27 -153.39 77.52
CA SER WB 389 -57.43 -152.77 78.14
C SER WB 389 -57.09 -152.17 79.50
N LEU WB 390 -56.15 -151.23 79.53
CA LEU WB 390 -55.69 -150.67 80.79
C LEU WB 390 -55.35 -149.18 80.74
N GLU WB 391 -55.39 -148.54 79.57
CA GLU WB 391 -55.03 -147.14 79.45
C GLU WB 391 -56.10 -146.40 78.65
N GLU WB 392 -56.50 -145.23 79.14
CA GLU WB 392 -57.48 -144.42 78.47
C GLU WB 392 -56.81 -143.33 77.64
N LEU WB 393 -57.48 -142.92 76.58
CA LEU WB 393 -57.01 -141.81 75.75
C LEU WB 393 -58.11 -140.78 75.56
N VAL WB 394 -57.72 -139.68 74.94
CA VAL WB 394 -58.59 -138.55 74.60
C VAL WB 394 -58.65 -138.53 73.08
N PRO WB 395 -59.30 -137.55 72.42
CA PRO WB 395 -59.11 -137.44 70.97
C PRO WB 395 -57.94 -136.54 70.65
N GLY WB 396 -57.29 -136.84 69.53
CA GLY WB 396 -56.06 -136.18 69.13
C GLY WB 396 -54.84 -137.06 69.21
N ASP WB 397 -54.87 -138.12 70.02
CA ASP WB 397 -53.82 -139.12 69.97
C ASP WB 397 -53.78 -139.77 68.59
N ARG WB 398 -52.59 -140.09 68.13
CA ARG WB 398 -52.39 -140.47 66.74
C ARG WB 398 -51.88 -141.90 66.59
N ALA XB 69 -77.91 -126.35 -0.25
CA ALA XB 69 -76.60 -126.21 0.36
C ALA XB 69 -76.75 -126.00 1.87
N PRO XB 70 -75.63 -125.80 2.59
CA PRO XB 70 -75.76 -125.27 3.95
C PRO XB 70 -75.69 -123.76 3.98
N ARG XB 71 -76.81 -123.10 3.64
CA ARG XB 71 -76.93 -121.65 3.75
C ARG XB 71 -75.80 -120.94 3.03
N GLY XB 72 -74.66 -120.79 3.71
CA GLY XB 72 -73.48 -120.23 3.09
C GLY XB 72 -72.68 -121.30 2.39
N ARG XB 73 -71.90 -122.07 3.14
CA ARG XB 73 -70.96 -123.03 2.57
C ARG XB 73 -70.63 -124.16 3.54
N GLU XB 74 -69.48 -124.07 4.22
CA GLU XB 74 -68.98 -125.02 5.22
C GLU XB 74 -68.49 -126.34 4.62
N SER XB 75 -67.77 -127.13 5.42
CA SER XB 75 -67.29 -128.48 5.09
C SER XB 75 -66.64 -129.07 6.34
N ALA XB 76 -65.97 -130.24 6.20
CA ALA XB 76 -65.43 -130.97 7.34
C ALA XB 76 -64.39 -132.08 7.09
N PRO XB 77 -64.06 -132.48 5.84
CA PRO XB 77 -62.97 -133.46 5.68
C PRO XB 77 -61.69 -132.94 5.04
N GLY XB 78 -61.36 -133.44 3.85
CA GLY XB 78 -60.15 -133.03 3.16
C GLY XB 78 -59.95 -133.63 1.78
N GLU XB 79 -60.18 -132.82 0.74
CA GLU XB 79 -59.97 -133.23 -0.64
C GLU XB 79 -59.20 -132.11 -1.35
N VAL XB 80 -59.22 -132.07 -2.67
CA VAL XB 80 -58.31 -131.18 -3.40
C VAL XB 80 -59.09 -130.31 -4.37
N HIS XB 81 -58.78 -129.01 -4.39
CA HIS XB 81 -59.29 -128.09 -5.38
C HIS XB 81 -58.15 -127.57 -6.25
N SER XB 82 -58.52 -126.96 -7.37
CA SER XB 82 -57.55 -126.49 -8.36
C SER XB 82 -57.49 -124.96 -8.34
N VAL XB 83 -56.28 -124.42 -8.37
CA VAL XB 83 -56.09 -122.96 -8.37
C VAL XB 83 -56.37 -122.42 -9.77
N GLU XB 84 -57.02 -121.27 -9.83
CA GLU XB 84 -57.25 -120.56 -11.08
C GLU XB 84 -56.36 -119.33 -11.18
N SER XB 85 -56.48 -118.63 -12.29
CA SER XB 85 -55.57 -117.54 -12.63
C SER XB 85 -55.87 -116.31 -11.80
N GLY XB 86 -54.85 -115.81 -11.08
CA GLY XB 86 -55.02 -114.67 -10.21
C GLY XB 86 -55.41 -115.01 -8.78
N ASP XB 87 -55.35 -116.28 -8.41
CA ASP XB 87 -55.80 -116.75 -7.10
C ASP XB 87 -54.61 -116.89 -6.16
N THR XB 88 -54.84 -116.50 -4.90
CA THR XB 88 -53.97 -116.81 -3.78
C THR XB 88 -54.76 -117.69 -2.81
N LEU XB 89 -54.10 -118.17 -1.76
CA LEU XB 89 -54.86 -118.92 -0.77
C LEU XB 89 -55.71 -117.99 0.10
N TRP XB 90 -55.35 -116.70 0.20
CA TRP XB 90 -56.24 -115.77 0.89
C TRP XB 90 -57.57 -115.63 0.18
N ASP XB 91 -57.59 -115.76 -1.15
CA ASP XB 91 -58.83 -115.90 -1.89
C ASP XB 91 -59.49 -117.25 -1.62
N LEU XB 92 -58.89 -118.31 -2.17
CA LEU XB 92 -59.40 -119.67 -2.07
C LEU XB 92 -59.93 -120.02 -0.67
N SER XB 93 -59.44 -119.32 0.36
CA SER XB 93 -60.05 -119.45 1.68
C SER XB 93 -61.40 -118.77 1.76
N GLN XB 94 -61.67 -117.83 0.85
CA GLN XB 94 -62.96 -117.14 0.82
C GLN XB 94 -63.16 -116.50 -0.56
N ARG XB 95 -64.17 -117.00 -1.29
CA ARG XB 95 -64.72 -116.48 -2.55
C ARG XB 95 -64.20 -117.21 -3.78
N TYR XB 96 -63.13 -117.98 -3.61
CA TYR XB 96 -62.51 -118.69 -4.73
C TYR XB 96 -62.76 -120.19 -4.62
N LEU XB 97 -63.94 -120.57 -4.18
CA LEU XB 97 -64.37 -121.96 -4.23
C LEU XB 97 -65.85 -122.11 -3.90
N GLY XB 98 -66.22 -123.34 -3.56
CA GLY XB 98 -67.55 -123.69 -3.13
C GLY XB 98 -67.67 -123.88 -1.63
N SER XB 99 -66.78 -123.22 -0.86
CA SER XB 99 -66.76 -123.23 0.60
C SER XB 99 -65.74 -122.20 1.06
N PRO XB 100 -65.67 -121.87 2.34
CA PRO XB 100 -64.51 -121.17 2.86
C PRO XB 100 -63.60 -122.15 3.57
N TRP XB 101 -62.43 -121.66 3.95
CA TRP XB 101 -61.54 -122.37 4.85
C TRP XB 101 -60.50 -121.36 5.33
N TYR XB 102 -59.44 -121.85 5.95
CA TYR XB 102 -58.44 -120.99 6.56
C TYR XB 102 -57.15 -121.10 5.78
N TRP XB 103 -56.72 -119.97 5.20
CA TRP XB 103 -55.50 -119.96 4.38
C TRP XB 103 -54.32 -120.67 5.04
N PRO XB 104 -53.96 -120.41 6.31
CA PRO XB 104 -52.82 -121.16 6.88
C PRO XB 104 -52.98 -122.66 6.78
N LYS XB 105 -54.16 -123.18 7.15
CA LYS XB 105 -54.41 -124.62 7.18
C LYS XB 105 -54.08 -125.27 5.83
N VAL XB 106 -54.36 -124.58 4.73
CA VAL XB 106 -54.14 -125.15 3.42
C VAL XB 106 -52.72 -124.91 2.95
N TRP XB 107 -52.17 -123.73 3.26
CA TRP XB 107 -50.74 -123.57 3.09
C TRP XB 107 -49.98 -124.70 3.77
N SER XB 108 -50.58 -125.32 4.78
CA SER XB 108 -49.86 -126.35 5.50
C SER XB 108 -50.11 -127.75 4.93
N TYR XB 109 -51.12 -127.91 4.07
CA TYR XB 109 -51.62 -129.26 3.84
C TYR XB 109 -50.76 -130.06 2.88
N ASN XB 110 -50.66 -129.60 1.63
CA ASN XB 110 -49.72 -130.21 0.66
C ASN XB 110 -49.74 -129.48 -0.68
N PRO XB 111 -48.60 -128.88 -1.07
CA PRO XB 111 -47.31 -128.92 -0.38
C PRO XB 111 -47.30 -127.98 0.83
N GLU XB 112 -46.44 -128.23 1.84
CA GLU XB 112 -46.42 -127.33 3.00
C GLU XB 112 -45.89 -125.96 2.58
N ILE XB 113 -46.79 -125.00 2.40
CA ILE XB 113 -46.42 -123.66 1.97
C ILE XB 113 -46.82 -122.66 3.05
N ALA XB 114 -46.58 -121.36 2.84
CA ALA XB 114 -46.71 -120.38 3.92
C ALA XB 114 -47.69 -119.27 3.55
N ASN XB 115 -48.38 -118.76 4.57
CA ASN XB 115 -49.67 -118.09 4.36
C ASN XB 115 -49.62 -116.79 3.56
N PRO XB 116 -48.47 -116.13 3.34
CA PRO XB 116 -48.45 -115.07 2.33
C PRO XB 116 -47.44 -115.36 1.22
N HIS XB 117 -47.32 -116.63 0.84
CA HIS XB 117 -46.31 -117.06 -0.13
C HIS XB 117 -46.82 -117.02 -1.57
N TRP XB 118 -48.12 -116.81 -1.76
CA TRP XB 118 -48.77 -116.66 -3.06
C TRP XB 118 -48.60 -117.85 -4.00
N ILE XB 119 -49.70 -118.36 -4.54
CA ILE XB 119 -49.66 -119.54 -5.39
C ILE XB 119 -49.67 -119.16 -6.87
N TYR XB 120 -49.97 -120.14 -7.71
CA TYR XB 120 -49.98 -120.03 -9.16
C TYR XB 120 -51.16 -120.80 -9.73
N PRO XB 121 -51.68 -120.37 -10.88
CA PRO XB 121 -52.81 -121.11 -11.48
C PRO XB 121 -52.38 -122.47 -11.98
N GLY XB 122 -53.36 -123.38 -12.03
CA GLY XB 122 -53.09 -124.75 -12.42
C GLY XB 122 -52.56 -125.62 -11.31
N ASN XB 123 -52.50 -125.14 -10.09
CA ASN XB 123 -52.00 -125.90 -8.95
C ASN XB 123 -53.15 -126.61 -8.24
N GLN XB 124 -52.82 -127.71 -7.57
CA GLN XB 124 -53.77 -128.48 -6.80
C GLN XB 124 -53.43 -128.37 -5.32
N VAL XB 125 -54.45 -128.16 -4.49
CA VAL XB 125 -54.26 -127.75 -3.11
C VAL XB 125 -55.37 -128.37 -2.26
N ARG XB 126 -54.99 -128.92 -1.11
CA ARG XB 126 -55.86 -129.78 -0.32
C ARG XB 126 -56.79 -128.94 0.56
N PHE XB 127 -58.08 -128.93 0.21
CA PHE XB 127 -59.08 -128.11 0.90
C PHE XB 127 -60.19 -128.90 1.56
N PHE XB 128 -60.23 -128.86 2.90
CA PHE XB 128 -61.40 -128.98 3.77
C PHE XB 128 -60.81 -128.93 5.19
N ALA XB 129 -61.52 -128.30 6.15
CA ALA XB 129 -61.02 -128.18 7.52
C ALA XB 129 -62.14 -127.72 8.43
N ALA XB 130 -62.34 -128.45 9.53
CA ALA XB 130 -63.36 -128.10 10.52
C ALA XB 130 -62.84 -128.30 11.94
N LYS XB 298 -75.62 -132.49 29.46
CA LYS XB 298 -74.82 -133.15 30.47
C LYS XB 298 -75.71 -133.71 31.55
N GLN XB 299 -75.11 -134.18 32.63
CA GLN XB 299 -75.77 -135.23 33.39
C GLN XB 299 -76.90 -134.65 34.23
N VAL XB 300 -77.88 -135.50 34.56
CA VAL XB 300 -78.81 -135.19 35.64
C VAL XB 300 -78.16 -135.78 36.87
N ASP XB 301 -78.19 -135.07 37.97
CA ASP XB 301 -77.74 -135.60 39.24
C ASP XB 301 -78.85 -135.37 40.25
N GLY XB 302 -79.62 -136.41 40.53
CA GLY XB 302 -80.69 -136.31 41.51
C GLY XB 302 -80.16 -136.60 42.91
N THR XB 303 -80.64 -135.82 43.88
CA THR XB 303 -80.15 -135.89 45.25
C THR XB 303 -81.30 -136.31 46.17
N VAL XB 304 -80.94 -136.99 47.26
CA VAL XB 304 -81.92 -137.29 48.29
C VAL XB 304 -82.42 -135.99 48.90
N ILE XB 305 -83.72 -135.91 49.17
CA ILE XB 305 -84.32 -134.70 49.71
C ILE XB 305 -84.84 -134.89 51.14
N THR XB 306 -84.98 -136.14 51.60
CA THR XB 306 -85.43 -136.40 52.95
C THR XB 306 -84.33 -137.05 53.78
N ALA XB 307 -84.26 -136.65 55.04
CA ALA XB 307 -83.51 -137.34 56.06
C ALA XB 307 -84.49 -137.98 57.04
N LEU XB 308 -84.00 -139.01 57.75
CA LEU XB 308 -84.68 -139.63 58.88
C LEU XB 308 -85.92 -140.44 58.50
N VAL XB 309 -86.04 -140.88 57.25
CA VAL XB 309 -87.13 -141.81 56.91
C VAL XB 309 -86.76 -143.16 57.48
N PRO XB 310 -87.67 -144.13 57.51
CA PRO XB 310 -87.22 -145.52 57.71
C PRO XB 310 -86.19 -145.90 56.66
N TYR XB 311 -84.91 -145.72 56.99
CA TYR XB 311 -83.87 -146.11 56.05
C TYR XB 311 -83.40 -147.55 56.25
N LEU XB 312 -84.17 -148.37 56.96
CA LEU XB 312 -83.74 -149.72 57.30
C LEU XB 312 -84.84 -150.77 57.19
N THR XB 313 -86.03 -150.44 56.68
CA THR XB 313 -87.16 -151.37 56.68
C THR XB 313 -87.49 -151.90 58.08
N VAL XB 314 -86.50 -152.55 58.69
CA VAL XB 314 -86.67 -153.45 59.84
C VAL XB 314 -87.82 -153.01 60.74
N LEU XB 315 -87.74 -151.81 61.31
CA LEU XB 315 -88.73 -151.41 62.30
C LEU XB 315 -90.09 -151.15 61.69
N GLY XB 316 -90.14 -150.81 60.41
CA GLY XB 316 -91.40 -150.39 59.80
C GLY XB 316 -91.74 -151.06 58.48
N GLU XB 317 -90.82 -151.88 57.94
CA GLU XB 317 -91.01 -152.68 56.73
C GLU XB 317 -91.11 -151.86 55.45
N ASN XB 318 -91.18 -150.54 55.57
CA ASN XB 318 -91.32 -149.64 54.42
C ASN XB 318 -90.15 -148.67 54.46
N HIS XB 319 -89.07 -149.00 53.76
CA HIS XB 319 -87.99 -148.05 53.53
C HIS XB 319 -88.32 -147.24 52.28
N SER XB 320 -87.86 -146.00 52.26
CA SER XB 320 -88.00 -145.16 51.08
C SER XB 320 -86.88 -144.14 51.06
N ILE XB 321 -86.77 -143.47 49.92
CA ILE XB 321 -85.99 -142.25 49.72
C ILE XB 321 -86.84 -141.40 48.78
N VAL XB 322 -86.68 -140.11 48.88
CA VAL XB 322 -87.42 -139.20 48.01
C VAL XB 322 -86.41 -138.32 47.30
N VAL XB 323 -86.74 -137.94 46.06
CA VAL XB 323 -85.86 -137.06 45.31
C VAL XB 323 -86.62 -135.76 45.03
N ASP XB 324 -85.88 -134.71 44.70
CA ASP XB 324 -86.49 -133.47 44.24
C ASP XB 324 -86.25 -133.32 42.75
N LYS XB 325 -87.33 -133.13 42.01
CA LYS XB 325 -87.26 -132.94 40.58
C LYS XB 325 -88.23 -131.83 40.19
N GLY XB 326 -88.10 -131.37 38.95
CA GLY XB 326 -89.18 -130.64 38.33
C GLY XB 326 -90.19 -131.65 37.87
N SER XB 327 -90.96 -131.35 36.83
CA SER XB 327 -91.90 -132.30 36.23
C SER XB 327 -91.27 -133.62 35.80
N ALA XB 328 -91.94 -134.35 34.90
CA ALA XB 328 -91.47 -135.68 34.52
C ALA XB 328 -90.01 -135.68 34.08
N ASP XB 329 -89.16 -136.26 34.92
CA ASP XB 329 -87.73 -136.45 34.65
C ASP XB 329 -87.45 -137.76 33.94
N GLY XB 330 -88.42 -138.32 33.24
CA GLY XB 330 -88.24 -139.62 32.62
C GLY XB 330 -88.05 -140.75 33.61
N VAL XB 331 -88.43 -140.54 34.87
CA VAL XB 331 -88.26 -141.58 35.88
C VAL XB 331 -89.34 -142.63 35.70
N GLU XB 332 -88.91 -143.90 35.65
CA GLU XB 332 -89.82 -145.02 35.47
C GLU XB 332 -89.78 -145.91 36.71
N LEU XB 333 -90.83 -146.71 36.88
CA LEU XB 333 -91.01 -147.46 38.12
C LEU XB 333 -89.96 -148.52 38.34
N GLY XB 334 -89.25 -148.94 37.29
CA GLY XB 334 -88.26 -149.99 37.46
C GLY XB 334 -86.83 -149.53 37.53
N ASN XB 335 -86.59 -148.22 37.54
CA ASN XB 335 -85.23 -147.71 37.46
C ASN XB 335 -84.43 -148.04 38.71
N THR XB 336 -83.15 -148.35 38.51
CA THR XB 336 -82.21 -148.62 39.58
C THR XB 336 -81.16 -147.51 39.59
N PHE XB 337 -80.78 -147.08 40.80
CA PHE XB 337 -79.86 -145.97 40.95
C PHE XB 337 -78.80 -146.29 42.01
N ASN XB 338 -77.61 -145.75 41.80
CA ASN XB 338 -76.49 -145.92 42.73
C ASN XB 338 -76.36 -144.69 43.60
N ILE XB 339 -76.12 -144.89 44.88
CA ILE XB 339 -75.94 -143.81 45.85
C ILE XB 339 -74.45 -143.50 45.95
N LEU XB 340 -74.12 -142.21 45.91
CA LEU XB 340 -72.73 -141.75 46.01
C LEU XB 340 -72.61 -140.74 47.14
N ARG XB 341 -71.46 -140.78 47.81
CA ARG XB 341 -71.16 -139.84 48.90
C ARG XB 341 -69.84 -139.14 48.60
N LYS XB 342 -69.70 -137.91 49.09
CA LYS XB 342 -68.45 -137.18 48.95
C LYS XB 342 -67.60 -137.41 50.19
N GLY XB 343 -66.36 -137.88 49.99
CA GLY XB 343 -65.53 -138.16 51.14
C GLY XB 343 -64.13 -137.58 51.04
N ASP XB 344 -63.40 -137.56 52.14
CA ASP XB 344 -62.02 -137.10 52.03
C ASP XB 344 -61.06 -138.05 52.72
N PRO XB 345 -60.80 -139.22 52.15
CA PRO XB 345 -59.60 -139.97 52.55
C PRO XB 345 -58.61 -140.02 51.40
N SER XB 346 -57.51 -140.73 51.66
CA SER XB 346 -56.62 -141.20 50.61
C SER XB 346 -55.69 -142.26 51.17
N ARG XB 347 -54.88 -142.85 50.28
CA ARG XB 347 -53.85 -143.79 50.70
C ARG XB 347 -52.62 -143.05 51.23
N HIS XB 348 -52.68 -141.72 51.25
CA HIS XB 348 -51.52 -140.84 51.42
C HIS XB 348 -51.99 -139.40 51.70
N VAL XB 349 -51.76 -138.87 52.92
CA VAL XB 349 -52.43 -137.62 53.30
C VAL XB 349 -51.57 -136.59 54.04
N LEU XB 350 -50.46 -137.01 54.70
CA LEU XB 350 -49.44 -136.04 55.04
C LEU XB 350 -48.98 -135.35 53.77
N GLY XB 351 -49.42 -135.89 52.62
CA GLY XB 351 -49.41 -135.26 51.31
C GLY XB 351 -50.41 -134.14 51.15
N HIS XB 352 -51.71 -134.45 51.13
CA HIS XB 352 -52.74 -133.44 51.27
C HIS XB 352 -54.12 -134.10 51.37
N ASP XB 353 -55.10 -133.31 51.81
CA ASP XB 353 -56.49 -133.74 51.94
C ASP XB 353 -57.41 -132.52 52.04
N VAL XB 354 -57.55 -131.80 50.94
CA VAL XB 354 -58.41 -130.60 50.91
C VAL XB 354 -59.57 -130.85 49.95
N ARG XB 355 -59.96 -129.81 49.21
CA ARG XB 355 -60.98 -129.95 48.18
C ARG XB 355 -60.68 -129.15 46.91
N LYS XB 356 -59.65 -128.33 46.90
CA LYS XB 356 -59.31 -127.55 45.72
C LYS XB 356 -58.81 -128.47 44.61
N PRO XB 357 -59.34 -128.37 43.39
CA PRO XB 357 -58.97 -129.30 42.33
C PRO XB 357 -57.48 -129.23 41.96
N SER XB 358 -57.07 -130.26 41.20
CA SER XB 358 -55.86 -130.33 40.39
C SER XB 358 -54.69 -131.07 41.04
N LYS XB 359 -54.92 -131.83 42.11
CA LYS XB 359 -53.85 -132.69 42.61
C LYS XB 359 -54.28 -134.16 42.52
N GLU XB 360 -53.94 -134.94 43.55
CA GLU XB 360 -54.24 -136.38 43.50
C GLU XB 360 -55.54 -136.71 44.21
N GLU XB 361 -55.85 -135.99 45.29
CA GLU XB 361 -56.97 -136.34 46.15
C GLU XB 361 -58.10 -135.32 46.08
N GLN XB 362 -58.19 -134.49 47.13
CA GLN XB 362 -59.08 -133.32 47.14
C GLN XB 362 -60.54 -133.76 47.03
N SER XB 363 -61.02 -134.46 48.06
CA SER XB 363 -62.31 -135.15 48.09
C SER XB 363 -62.43 -136.19 46.97
N PHE XB 364 -63.24 -137.21 47.20
CA PHE XB 364 -63.42 -138.31 46.28
C PHE XB 364 -64.90 -138.66 46.19
N PRO XB 365 -65.41 -138.89 44.98
CA PRO XB 365 -66.78 -139.37 44.83
C PRO XB 365 -66.88 -140.87 45.10
N TRP XB 366 -67.13 -141.22 46.35
CA TRP XB 366 -67.13 -142.61 46.76
C TRP XB 366 -68.47 -143.27 46.47
N ARG XB 367 -68.42 -144.52 46.03
CA ARG XB 367 -69.62 -145.29 45.77
C ARG XB 367 -70.04 -146.01 47.05
N SER XB 368 -71.28 -145.77 47.48
CA SER XB 368 -71.82 -146.50 48.61
C SER XB 368 -72.23 -147.91 48.20
N ILE XB 369 -72.33 -148.79 49.19
CA ILE XB 369 -72.87 -150.13 48.95
C ILE XB 369 -74.37 -150.05 48.68
N GLY XB 370 -75.00 -148.92 48.97
CA GLY XB 370 -76.44 -148.82 48.85
C GLY XB 370 -76.87 -148.55 47.42
N ALA XB 371 -77.76 -149.38 46.89
CA ALA XB 371 -78.44 -149.15 45.63
C ALA XB 371 -79.93 -149.05 45.89
N CYS XB 372 -80.64 -148.30 45.05
CA CYS XB 372 -82.06 -148.07 45.25
C CYS XB 372 -82.85 -148.42 43.99
N MET XB 373 -84.12 -148.76 44.20
CA MET XB 373 -85.05 -149.08 43.12
C MET XB 373 -86.29 -148.21 43.25
N VAL XB 374 -86.61 -147.47 42.18
CA VAL XB 374 -87.80 -146.64 42.18
C VAL XB 374 -89.03 -147.48 42.47
N THR XB 375 -89.96 -146.91 43.23
CA THR XB 375 -91.17 -147.62 43.61
C THR XB 375 -92.43 -146.79 43.44
N GLU XB 376 -92.36 -145.49 43.66
CA GLU XB 376 -93.48 -144.61 43.35
C GLU XB 376 -92.97 -143.43 42.55
N VAL XB 377 -93.64 -143.15 41.43
CA VAL XB 377 -93.33 -142.02 40.57
C VAL XB 377 -94.48 -141.02 40.64
N LYS XB 378 -94.15 -139.78 40.93
CA LYS XB 378 -95.12 -138.69 40.87
C LYS XB 378 -94.75 -137.77 39.72
N GLU XB 379 -95.62 -136.78 39.48
CA GLU XB 379 -95.37 -135.82 38.42
C GLU XB 379 -94.00 -135.18 38.55
N ARG XB 380 -93.58 -134.86 39.78
CA ARG XB 380 -92.35 -134.10 39.96
C ARG XB 380 -91.45 -134.62 41.08
N THR XB 381 -91.78 -135.73 41.72
CA THR XB 381 -90.89 -136.35 42.69
C THR XB 381 -90.94 -137.86 42.52
N SER XB 382 -90.14 -138.56 43.32
CA SER XB 382 -90.16 -140.02 43.27
C SER XB 382 -89.63 -140.60 44.56
N ASN XB 383 -90.21 -141.73 44.95
CA ASN XB 383 -89.83 -142.53 46.09
C ASN XB 383 -89.23 -143.85 45.62
N CYS XB 384 -88.06 -144.19 46.16
CA CYS XB 384 -87.37 -145.43 45.82
C CYS XB 384 -87.03 -146.18 47.09
N LEU XB 385 -86.97 -147.51 47.01
CA LEU XB 385 -86.58 -148.33 48.15
C LEU XB 385 -85.17 -148.87 47.92
N MET XB 386 -84.26 -148.55 48.84
CA MET XB 386 -82.89 -149.06 48.78
C MET XB 386 -82.87 -150.58 48.87
N THR XB 387 -81.93 -151.20 48.16
CA THR XB 387 -81.82 -152.65 48.17
C THR XB 387 -81.21 -153.17 49.46
N ARG XB 388 -80.38 -152.38 50.13
CA ARG XB 388 -79.71 -152.78 51.37
C ARG XB 388 -80.29 -151.96 52.52
N SER XB 389 -81.23 -152.58 53.25
CA SER XB 389 -81.92 -151.94 54.36
C SER XB 389 -81.06 -151.92 55.61
N LEU XB 390 -79.88 -151.30 55.54
CA LEU XB 390 -78.96 -151.30 56.66
C LEU XB 390 -78.19 -150.00 56.86
N GLU XB 391 -78.32 -149.02 55.97
CA GLU XB 391 -77.56 -147.78 56.07
C GLU XB 391 -78.49 -146.60 55.88
N GLU XB 392 -78.34 -145.60 56.74
CA GLU XB 392 -79.15 -144.40 56.66
C GLU XB 392 -78.40 -143.29 55.93
N LEU XB 393 -79.15 -142.40 55.30
CA LEU XB 393 -78.58 -141.23 54.65
C LEU XB 393 -79.28 -139.96 55.10
N VAL XB 394 -78.72 -138.84 54.66
CA VAL XB 394 -79.24 -137.51 54.93
C VAL XB 394 -79.67 -136.96 53.56
N PRO XB 395 -80.12 -135.70 53.43
CA PRO XB 395 -80.29 -135.17 52.08
C PRO XB 395 -79.01 -134.52 51.59
N GLY XB 396 -78.81 -134.57 50.28
CA GLY XB 396 -77.58 -134.12 49.65
C GLY XB 396 -76.73 -135.24 49.09
N ASP XB 397 -76.91 -136.47 49.58
CA ASP XB 397 -76.29 -137.62 48.94
C ASP XB 397 -76.83 -137.77 47.53
N ARG XB 398 -75.96 -138.20 46.62
CA ARG XB 398 -76.25 -138.14 45.19
C ARG XB 398 -76.30 -139.51 44.54
N ALA YB 69 -112.16 -97.19 -3.53
CA ALA YB 69 -110.76 -97.57 -3.39
C ALA YB 69 -110.44 -97.84 -1.92
N PRO YB 70 -109.17 -98.16 -1.60
CA PRO YB 70 -108.76 -98.09 -0.20
C PRO YB 70 -108.20 -96.73 0.17
N ARG YB 71 -109.08 -95.76 0.40
CA ARG YB 71 -108.69 -94.44 0.89
C ARG YB 71 -107.62 -93.81 0.01
N GLY YB 72 -106.36 -94.16 0.28
CA GLY YB 72 -105.27 -93.73 -0.56
C GLY YB 72 -105.08 -94.67 -1.73
N ARG YB 73 -104.42 -95.81 -1.48
CA ARG YB 73 -104.03 -96.72 -2.56
C ARG YB 73 -103.84 -98.15 -2.06
N GLU YB 74 -102.58 -98.56 -1.83
CA GLU YB 74 -102.19 -99.87 -1.31
C GLU YB 74 -102.32 -101.00 -2.34
N SER YB 75 -101.72 -102.16 -2.04
CA SER YB 75 -101.82 -103.39 -2.83
C SER YB 75 -101.09 -104.50 -2.06
N ALA YB 76 -100.90 -105.67 -2.70
CA ALA YB 76 -100.36 -106.84 -2.01
C ALA YB 76 -99.85 -108.02 -2.86
N PRO YB 77 -99.98 -108.05 -4.22
CA PRO YB 77 -99.37 -109.16 -4.96
C PRO YB 77 -98.20 -108.78 -5.87
N GLY YB 78 -98.37 -108.93 -7.18
CA GLY YB 78 -97.31 -108.61 -8.12
C GLY YB 78 -97.68 -108.74 -9.59
N GLU YB 79 -97.89 -107.61 -10.27
CA GLU YB 79 -98.20 -107.58 -11.69
C GLU YB 79 -97.32 -106.50 -12.32
N VAL YB 80 -97.67 -106.03 -13.52
CA VAL YB 80 -96.73 -105.20 -14.28
C VAL YB 80 -97.41 -103.89 -14.68
N HIS YB 81 -96.70 -102.78 -14.50
CA HIS YB 81 -97.13 -101.47 -15.00
C HIS YB 81 -96.14 -100.98 -16.06
N SER YB 82 -96.57 -99.97 -16.81
CA SER YB 82 -95.79 -99.44 -17.93
C SER YB 82 -95.23 -98.07 -17.57
N VAL YB 83 -93.96 -97.85 -17.89
CA VAL YB 83 -93.32 -96.56 -17.60
C VAL YB 83 -93.74 -95.54 -18.65
N GLU YB 84 -93.97 -94.31 -18.20
CA GLU YB 84 -94.28 -93.21 -19.09
C GLU YB 84 -93.09 -92.25 -19.20
N SER YB 85 -93.26 -91.21 -20.00
CA SER YB 85 -92.16 -90.32 -20.36
C SER YB 85 -91.81 -89.39 -19.20
N GLY YB 86 -90.55 -89.42 -18.78
CA GLY YB 86 -90.10 -88.62 -17.65
C GLY YB 86 -90.19 -89.31 -16.32
N ASP YB 87 -90.45 -90.61 -16.30
CA ASP YB 87 -90.69 -91.36 -15.07
C ASP YB 87 -89.41 -92.07 -14.64
N THR YB 88 -89.16 -92.09 -13.34
CA THR YB 88 -88.19 -92.94 -12.69
C THR YB 88 -88.94 -93.88 -11.75
N LEU YB 89 -88.23 -94.82 -11.13
CA LEU YB 89 -88.91 -95.65 -10.15
C LEU YB 89 -89.15 -94.88 -8.85
N TRP YB 90 -88.38 -93.82 -8.58
CA TRP YB 90 -88.70 -92.99 -7.42
C TRP YB 90 -90.06 -92.31 -7.58
N ASP YB 91 -90.45 -92.00 -8.81
CA ASP YB 91 -91.82 -91.58 -9.09
C ASP YB 91 -92.78 -92.76 -8.94
N LEU YB 92 -92.72 -93.68 -9.89
CA LEU YB 92 -93.61 -94.83 -9.95
C LEU YB 92 -93.85 -95.49 -8.59
N SER YB 93 -92.91 -95.30 -7.65
CA SER YB 93 -93.16 -95.72 -6.27
C SER YB 93 -94.15 -94.80 -5.57
N GLN YB 94 -94.32 -93.57 -6.08
CA GLN YB 94 -95.28 -92.63 -5.50
C GLN YB 94 -95.61 -91.55 -6.53
N ARG YB 95 -96.88 -91.52 -6.96
CA ARG YB 95 -97.54 -90.51 -7.80
C ARG YB 95 -97.62 -90.90 -9.27
N TYR YB 96 -96.86 -91.92 -9.67
CA TYR YB 96 -96.80 -92.33 -11.06
C TYR YB 96 -97.50 -93.68 -11.25
N LEU YB 97 -98.59 -93.89 -10.53
CA LEU YB 97 -99.44 -95.05 -10.76
C LEU YB 97 -100.74 -94.94 -9.98
N GLY YB 98 -101.40 -96.11 -9.84
CA GLY YB 98 -102.61 -96.25 -9.07
C GLY YB 98 -102.39 -96.90 -7.71
N SER YB 99 -101.18 -96.75 -7.17
CA SER YB 99 -100.78 -97.24 -5.85
C SER YB 99 -99.40 -96.69 -5.53
N PRO YB 100 -98.90 -96.83 -4.31
CA PRO YB 100 -97.47 -96.63 -4.07
C PRO YB 100 -96.78 -97.98 -3.99
N TRP YB 101 -95.47 -97.93 -3.91
CA TRP YB 101 -94.65 -99.09 -3.57
C TRP YB 101 -93.25 -98.57 -3.26
N TYR YB 102 -92.30 -99.47 -3.17
CA TYR YB 102 -90.94 -99.11 -2.76
C TYR YB 102 -90.01 -99.26 -3.94
N TRP YB 103 -89.39 -98.14 -4.34
CA TRP YB 103 -88.50 -98.14 -5.49
C TRP YB 103 -87.48 -99.28 -5.48
N PRO YB 104 -86.75 -99.56 -4.38
CA PRO YB 104 -85.81 -100.69 -4.44
C PRO YB 104 -86.46 -102.00 -4.83
N LYS YB 105 -87.62 -102.31 -4.21
CA LYS YB 105 -88.30 -103.58 -4.45
C LYS YB 105 -88.57 -103.81 -5.93
N VAL YB 106 -88.88 -102.75 -6.67
CA VAL YB 106 -89.21 -102.89 -8.08
C VAL YB 106 -87.96 -102.85 -8.94
N TRP YB 107 -86.99 -102.00 -8.56
CA TRP YB 107 -85.68 -102.14 -9.17
C TRP YB 107 -85.18 -103.58 -9.10
N SER YB 108 -85.67 -104.33 -8.10
CA SER YB 108 -85.17 -105.69 -7.94
C SER YB 108 -86.00 -106.71 -8.71
N TYR YB 109 -87.19 -106.34 -9.18
CA TYR YB 109 -88.15 -107.38 -9.54
C TYR YB 109 -87.88 -108.01 -10.90
N ASN YB 110 -87.96 -107.20 -11.95
CA ASN YB 110 -87.55 -107.65 -13.32
C ASN YB 110 -87.69 -106.55 -14.35
N PRO YB 111 -86.55 -106.14 -14.95
CA PRO YB 111 -85.21 -106.70 -14.78
C PRO YB 111 -84.58 -106.25 -13.45
N GLU YB 112 -83.63 -107.00 -12.89
CA GLU YB 112 -83.01 -106.57 -11.63
C GLU YB 112 -82.19 -105.30 -11.87
N ILE YB 113 -82.74 -104.16 -11.48
CA ILE YB 113 -82.07 -102.87 -11.70
C ILE YB 113 -81.84 -102.22 -10.34
N ALA YB 114 -81.25 -101.02 -10.31
CA ALA YB 114 -80.77 -100.45 -9.05
C ALA YB 114 -81.39 -99.07 -8.78
N ASN YB 115 -81.60 -98.79 -7.50
CA ASN YB 115 -82.60 -97.79 -7.09
C ASN YB 115 -82.33 -96.36 -7.51
N PRO YB 116 -81.12 -95.94 -7.95
CA PRO YB 116 -81.02 -94.65 -8.63
C PRO YB 116 -80.49 -94.79 -10.05
N HIS YB 117 -80.89 -95.86 -10.75
CA HIS YB 117 -80.35 -96.17 -12.07
C HIS YB 117 -81.18 -95.54 -13.19
N TRP YB 118 -82.35 -94.99 -12.87
CA TRP YB 118 -83.22 -94.26 -13.79
C TRP YB 118 -83.69 -95.09 -14.99
N ILE YB 119 -85.01 -95.12 -15.22
CA ILE YB 119 -85.58 -95.93 -16.29
C ILE YB 119 -85.84 -95.10 -17.53
N TYR YB 120 -86.65 -95.64 -18.42
CA TYR YB 120 -87.00 -95.06 -19.72
C TYR YB 120 -88.47 -95.30 -20.01
N PRO YB 121 -89.10 -94.41 -20.78
CA PRO YB 121 -90.52 -94.61 -21.11
C PRO YB 121 -90.72 -95.80 -22.04
N GLY YB 122 -91.91 -96.38 -21.96
CA GLY YB 122 -92.22 -97.57 -22.73
C GLY YB 122 -91.73 -98.86 -22.12
N ASN YB 123 -91.19 -98.83 -20.90
CA ASN YB 123 -90.71 -100.02 -20.23
C ASN YB 123 -91.79 -100.64 -19.36
N GLN YB 124 -91.68 -101.93 -19.13
CA GLN YB 124 -92.60 -102.68 -18.28
C GLN YB 124 -91.86 -103.12 -17.02
N VAL YB 125 -92.51 -102.97 -15.88
CA VAL YB 125 -91.85 -103.10 -14.58
C VAL YB 125 -92.84 -103.68 -13.58
N ARG YB 126 -92.39 -104.66 -12.80
CA ARG YB 126 -93.25 -105.49 -11.99
C ARG YB 126 -93.59 -104.80 -10.67
N PHE YB 127 -94.85 -104.37 -10.53
CA PHE YB 127 -95.31 -103.61 -9.37
C PHE YB 127 -96.41 -104.29 -8.58
N PHE YB 128 -96.08 -104.68 -7.35
CA PHE YB 128 -96.97 -104.80 -6.17
C PHE YB 128 -96.04 -105.36 -5.07
N ALA YB 129 -96.23 -104.93 -3.81
CA ALA YB 129 -95.39 -105.39 -2.71
C ALA YB 129 -96.02 -105.00 -1.38
N ALA YB 130 -96.17 -105.99 -0.49
CA ALA YB 130 -96.71 -105.75 0.84
C ALA YB 130 -95.94 -106.53 1.90
N LYS YB 298 -104.40 -113.11 21.21
CA LYS YB 298 -103.62 -114.24 21.69
C LYS YB 298 -104.34 -114.90 22.85
N GLN YB 299 -103.67 -115.81 23.52
CA GLN YB 299 -104.42 -116.86 24.17
C GLN YB 299 -105.04 -116.35 25.48
N VAL YB 300 -106.13 -117.01 25.90
CA VAL YB 300 -106.59 -116.85 27.29
C VAL YB 300 -105.88 -117.95 28.04
N ASP YB 301 -105.37 -117.65 29.22
CA ASP YB 301 -104.81 -118.67 30.08
C ASP YB 301 -105.49 -118.52 31.44
N GLY YB 302 -106.46 -119.40 31.71
CA GLY YB 302 -107.14 -119.37 33.00
C GLY YB 302 -106.40 -120.21 34.01
N THR YB 303 -106.33 -119.72 35.24
CA THR YB 303 -105.55 -120.33 36.31
C THR YB 303 -106.49 -120.76 37.43
N VAL YB 304 -106.11 -121.82 38.14
CA VAL YB 304 -106.84 -122.20 39.34
C VAL YB 304 -106.70 -121.09 40.38
N ILE YB 305 -107.79 -120.81 41.08
CA ILE YB 305 -107.80 -119.73 42.08
C ILE YB 305 -107.96 -120.27 43.50
N THR YB 306 -108.38 -121.52 43.67
CA THR YB 306 -108.53 -122.09 45.00
C THR YB 306 -107.53 -123.21 45.21
N ALA YB 307 -107.01 -123.28 46.43
CA ALA YB 307 -106.29 -124.44 46.94
C ALA YB 307 -107.13 -125.11 48.01
N LEU YB 308 -106.84 -126.39 48.25
CA LEU YB 308 -107.37 -127.17 49.36
C LEU YB 308 -108.86 -127.50 49.24
N VAL YB 309 -109.44 -127.46 48.04
CA VAL YB 309 -110.81 -127.94 47.89
C VAL YB 309 -110.77 -129.46 47.96
N PRO YB 310 -111.91 -130.14 48.06
CA PRO YB 310 -111.91 -131.58 47.77
C PRO YB 310 -111.37 -131.82 46.37
N TYR YB 311 -110.06 -132.07 46.26
CA TYR YB 311 -109.48 -132.36 44.96
C TYR YB 311 -109.47 -133.85 44.64
N LEU YB 312 -110.26 -134.66 45.36
CA LEU YB 312 -110.22 -136.11 45.20
C LEU YB 312 -111.59 -136.78 45.22
N THR YB 313 -112.70 -136.02 45.25
CA THR YB 313 -114.03 -136.61 45.42
C THR YB 313 -114.14 -137.47 46.67
N VAL YB 314 -113.29 -138.50 46.74
CA VAL YB 314 -113.45 -139.66 47.62
C VAL YB 314 -114.12 -139.29 48.95
N LEU YB 315 -113.50 -138.40 49.71
CA LEU YB 315 -114.01 -138.13 51.05
C LEU YB 315 -115.33 -137.36 51.03
N GLY YB 316 -115.60 -136.61 49.96
CA GLY YB 316 -116.76 -135.74 49.94
C GLY YB 316 -117.63 -135.83 48.70
N GLU YB 317 -117.20 -136.62 47.70
CA GLU YB 317 -117.95 -136.91 46.48
C GLU YB 317 -118.10 -135.72 45.54
N ASN YB 318 -117.70 -134.54 45.98
CA ASN YB 318 -117.83 -133.30 45.20
C ASN YB 318 -116.44 -132.70 45.08
N HIS YB 319 -115.74 -133.03 43.99
CA HIS YB 319 -114.52 -132.33 43.63
C HIS YB 319 -114.87 -131.11 42.81
N SER YB 320 -114.05 -130.07 42.92
CA SER YB 320 -114.21 -128.89 42.10
C SER YB 320 -112.86 -128.20 41.94
N ILE YB 321 -112.84 -127.25 41.02
CA ILE YB 321 -111.79 -126.26 40.86
C ILE YB 321 -112.52 -124.97 40.50
N VAL YB 322 -111.94 -123.85 40.84
CA VAL YB 322 -112.53 -122.57 40.52
C VAL YB 322 -111.51 -121.76 39.75
N VAL YB 323 -112.00 -120.94 38.82
CA VAL YB 323 -111.11 -120.08 38.05
C VAL YB 323 -111.45 -118.63 38.36
N ASP YB 324 -110.52 -117.73 38.05
CA ASP YB 324 -110.79 -116.30 38.15
C ASP YB 324 -110.91 -115.73 36.75
N LYS YB 325 -112.01 -115.06 36.50
CA LYS YB 325 -112.26 -114.43 35.22
C LYS YB 325 -112.88 -113.06 35.45
N GLY YB 326 -112.93 -112.27 34.39
CA GLY YB 326 -113.83 -111.13 34.38
C GLY YB 326 -115.20 -111.68 34.06
N SER YB 327 -116.07 -110.88 33.46
CA SER YB 327 -117.39 -111.33 33.01
C SER YB 327 -117.35 -112.54 32.08
N ALA YB 328 -118.43 -112.76 31.32
CA ALA YB 328 -118.55 -113.96 30.50
C ALA YB 328 -117.34 -114.16 29.60
N ASP YB 329 -116.53 -115.16 29.93
CA ASP YB 329 -115.37 -115.58 29.15
C ASP YB 329 -115.72 -116.62 28.10
N GLY YB 330 -116.97 -116.66 27.66
CA GLY YB 330 -117.39 -117.70 26.73
C GLY YB 330 -117.32 -119.11 27.29
N VAL YB 331 -117.28 -119.23 28.61
CA VAL YB 331 -117.20 -120.56 29.23
C VAL YB 331 -118.57 -121.21 29.18
N GLU YB 332 -118.62 -122.44 28.68
CA GLU YB 332 -119.85 -123.20 28.58
C GLU YB 332 -119.79 -124.43 29.48
N LEU YB 333 -120.95 -124.97 29.80
CA LEU YB 333 -121.05 -126.01 30.81
C LEU YB 333 -120.38 -127.32 30.39
N GLY YB 334 -120.14 -127.51 29.10
CA GLY YB 334 -119.55 -128.77 28.67
C GLY YB 334 -118.07 -128.71 28.34
N ASN YB 335 -117.42 -127.57 28.59
CA ASN YB 335 -116.05 -127.39 28.16
C ASN YB 335 -115.10 -128.29 28.95
N THR YB 336 -114.10 -128.81 28.25
CA THR YB 336 -113.04 -129.64 28.83
C THR YB 336 -111.74 -128.87 28.76
N PHE YB 337 -110.92 -128.97 29.81
CA PHE YB 337 -109.69 -128.22 29.91
C PHE YB 337 -108.57 -129.10 30.42
N ASN YB 338 -107.35 -128.83 29.96
CA ASN YB 338 -106.16 -129.55 30.37
C ASN YB 338 -105.40 -128.74 31.40
N ILE YB 339 -104.92 -129.40 32.45
CA ILE YB 339 -104.15 -128.77 33.51
C ILE YB 339 -102.67 -128.87 33.17
N LEU YB 340 -101.96 -127.76 33.33
CA LEU YB 340 -100.53 -127.70 33.05
C LEU YB 340 -99.79 -127.18 34.28
N ARG YB 341 -98.58 -127.70 34.48
CA ARG YB 341 -97.73 -127.27 35.59
C ARG YB 341 -96.38 -126.85 35.04
N LYS YB 342 -95.72 -125.91 35.71
CA LYS YB 342 -94.38 -125.49 35.34
C LYS YB 342 -93.37 -126.32 36.12
N GLY YB 343 -92.45 -126.96 35.40
CA GLY YB 343 -91.48 -127.80 36.09
C GLY YB 343 -90.05 -127.56 35.66
N ASP YB 344 -89.08 -128.07 36.41
CA ASP YB 344 -87.71 -127.94 35.94
C ASP YB 344 -86.97 -129.27 36.02
N PRO YB 345 -87.26 -130.21 35.12
CA PRO YB 345 -86.32 -131.31 34.90
C PRO YB 345 -85.73 -131.21 33.50
N SER YB 346 -84.90 -132.20 33.19
CA SER YB 346 -84.51 -132.50 31.82
C SER YB 346 -83.87 -133.88 31.76
N ARG YB 347 -83.55 -134.30 30.54
CA ARG YB 347 -82.82 -135.55 30.34
C ARG YB 347 -81.33 -135.34 30.56
N HIS YB 348 -80.94 -134.12 30.92
CA HIS YB 348 -79.55 -133.64 30.89
C HIS YB 348 -79.44 -132.31 31.65
N VAL YB 349 -78.73 -132.27 32.80
CA VAL YB 349 -78.84 -131.10 33.68
C VAL YB 349 -77.52 -130.61 34.30
N LEU YB 350 -76.49 -131.46 34.40
CA LEU YB 350 -75.15 -130.93 34.61
C LEU YB 350 -74.84 -129.99 33.46
N GLY YB 351 -75.71 -130.01 32.43
CA GLY YB 351 -75.83 -128.99 31.39
C GLY YB 351 -76.42 -127.68 31.86
N HIS YB 352 -77.71 -127.65 32.19
CA HIS YB 352 -78.28 -126.53 32.93
C HIS YB 352 -79.71 -126.85 33.34
N ASP YB 353 -80.24 -126.03 34.27
CA ASP YB 353 -81.61 -126.15 34.75
C ASP YB 353 -82.02 -124.85 35.46
N VAL YB 354 -82.20 -123.78 34.68
CA VAL YB 354 -82.60 -122.49 35.23
C VAL YB 354 -83.97 -122.12 34.69
N ARG YB 355 -84.19 -120.84 34.40
CA ARG YB 355 -85.43 -120.38 33.79
C ARG YB 355 -85.22 -119.31 32.72
N LYS YB 356 -84.01 -118.80 32.55
CA LYS YB 356 -83.76 -117.78 31.55
C LYS YB 356 -83.89 -118.36 30.14
N PRO YB 357 -84.66 -117.75 29.26
CA PRO YB 357 -84.90 -118.34 27.93
C PRO YB 357 -83.62 -118.50 27.11
N SER YB 358 -83.78 -119.29 26.04
CA SER YB 358 -82.91 -119.39 24.86
C SER YB 358 -81.91 -120.54 24.88
N LYS YB 359 -82.09 -121.54 25.74
CA LYS YB 359 -81.27 -122.73 25.62
C LYS YB 359 -82.18 -123.95 25.35
N GLU YB 360 -81.86 -125.09 25.98
CA GLU YB 360 -82.61 -126.31 25.68
C GLU YB 360 -83.72 -126.54 26.71
N GLU YB 361 -83.50 -126.17 27.96
CA GLU YB 361 -84.39 -126.51 29.05
C GLU YB 361 -85.10 -125.29 29.62
N GLN YB 362 -84.64 -124.84 30.79
CA GLN YB 362 -85.07 -123.58 31.39
C GLN YB 362 -86.57 -123.59 31.68
N SER YB 363 -86.97 -124.46 32.62
CA SER YB 363 -88.35 -124.80 32.94
C SER YB 363 -89.09 -125.35 31.71
N PHE YB 364 -90.11 -126.17 31.95
CA PHE YB 364 -90.87 -126.83 30.91
C PHE YB 364 -92.35 -126.78 31.26
N PRO YB 365 -93.20 -126.46 30.29
CA PRO YB 365 -94.65 -126.53 30.51
C PRO YB 365 -95.15 -127.96 30.43
N TRP YB 366 -95.18 -128.64 31.56
CA TRP YB 366 -95.53 -130.05 31.60
C TRP YB 366 -97.02 -130.24 31.65
N ARG YB 367 -97.51 -131.25 30.92
CA ARG YB 367 -98.91 -131.58 30.93
C ARG YB 367 -99.20 -132.56 32.06
N SER YB 368 -100.14 -132.20 32.93
CA SER YB 368 -100.58 -133.11 33.98
C SER YB 368 -101.52 -134.17 33.40
N ILE YB 369 -101.64 -135.28 34.13
CA ILE YB 369 -102.64 -136.29 33.77
C ILE YB 369 -104.04 -135.78 34.05
N GLY YB 370 -104.17 -134.70 34.80
CA GLY YB 370 -105.47 -134.22 35.22
C GLY YB 370 -106.15 -133.40 34.14
N ALA YB 371 -107.37 -133.79 33.76
CA ALA YB 371 -108.23 -132.99 32.91
C ALA YB 371 -109.49 -132.64 33.69
N CYS YB 372 -110.10 -131.51 33.34
CA CYS YB 372 -111.27 -131.02 34.07
C CYS YB 372 -112.42 -130.75 33.12
N MET YB 373 -113.64 -130.83 33.66
CA MET YB 373 -114.86 -130.55 32.92
C MET YB 373 -115.67 -129.51 33.68
N VAL YB 374 -116.00 -128.41 32.99
CA VAL YB 374 -116.81 -127.37 33.59
C VAL YB 374 -118.13 -127.94 34.08
N THR YB 375 -118.60 -127.45 35.22
CA THR YB 375 -119.83 -127.94 35.82
C THR YB 375 -120.75 -126.82 36.30
N GLU YB 376 -120.20 -125.72 36.78
CA GLU YB 376 -121.01 -124.56 37.08
C GLU YB 376 -120.36 -123.32 36.46
N VAL YB 377 -121.17 -122.55 35.75
CA VAL YB 377 -120.73 -121.30 35.13
C VAL YB 377 -121.43 -120.15 35.83
N LYS YB 378 -120.65 -119.17 36.27
CA LYS YB 378 -121.18 -117.94 36.80
C LYS YB 378 -120.85 -116.80 35.85
N GLU YB 379 -121.39 -115.62 36.17
CA GLU YB 379 -121.13 -114.45 35.35
C GLU YB 379 -119.64 -114.22 35.15
N ARG YB 380 -118.84 -114.42 36.21
CA ARG YB 380 -117.42 -114.10 36.13
C ARG YB 380 -116.49 -115.15 36.70
N THR YB 381 -117.00 -116.31 37.14
CA THR YB 381 -116.14 -117.40 37.57
C THR YB 381 -116.74 -118.70 37.08
N SER YB 382 -116.01 -119.80 37.33
CA SER YB 382 -116.52 -121.11 36.96
C SER YB 382 -115.88 -122.20 37.82
N ASN YB 383 -116.69 -123.22 38.10
CA ASN YB 383 -116.30 -124.42 38.83
C ASN YB 383 -116.31 -125.60 37.88
N CYS YB 384 -115.21 -126.37 37.88
CA CYS YB 384 -115.09 -127.54 37.03
C CYS YB 384 -114.70 -128.75 37.89
N LEU YB 385 -115.10 -129.94 37.49
CA LEU YB 385 -114.70 -131.16 38.19
C LEU YB 385 -113.66 -131.91 37.37
N MET YB 386 -112.49 -132.13 37.97
CA MET YB 386 -111.44 -132.89 37.32
C MET YB 386 -111.89 -134.32 37.04
N THR YB 387 -111.42 -134.88 35.93
CA THR YB 387 -111.79 -136.23 35.54
C THR YB 387 -111.08 -137.28 36.38
N ARG YB 388 -109.88 -136.97 36.89
CA ARG YB 388 -109.09 -137.91 37.69
C ARG YB 388 -109.05 -137.40 39.14
N SER YB 389 -109.91 -137.98 39.97
CA SER YB 389 -110.05 -137.59 41.37
C SER YB 389 -108.94 -138.19 42.23
N LEU YB 390 -107.69 -137.88 41.90
CA LEU YB 390 -106.55 -138.47 42.59
C LEU YB 390 -105.38 -137.52 42.82
N GLU YB 391 -105.41 -136.31 42.29
CA GLU YB 391 -104.28 -135.38 42.41
C GLU YB 391 -104.79 -134.02 42.84
N GLU YB 392 -104.11 -133.42 43.81
CA GLU YB 392 -104.48 -132.11 44.30
C GLU YB 392 -103.63 -131.04 43.65
N LEU YB 393 -104.17 -129.83 43.53
CA LEU YB 393 -103.44 -128.69 43.02
C LEU YB 393 -103.55 -127.51 43.99
N VAL YB 394 -102.79 -126.47 43.67
CA VAL YB 394 -102.76 -125.21 44.40
C VAL YB 394 -103.32 -124.16 43.44
N PRO YB 395 -103.34 -122.87 43.77
CA PRO YB 395 -103.67 -121.89 42.73
C PRO YB 395 -102.43 -121.44 42.00
N GLY YB 396 -102.60 -121.10 40.73
CA GLY YB 396 -101.50 -120.78 39.83
C GLY YB 396 -101.24 -121.82 38.77
N ASP YB 397 -101.67 -123.06 38.98
CA ASP YB 397 -101.65 -124.05 37.92
C ASP YB 397 -102.55 -123.59 36.78
N ARG YB 398 -102.14 -123.89 35.56
CA ARG YB 398 -102.76 -123.29 34.38
C ARG YB 398 -103.42 -124.33 33.47
N ALA ZB 69 -134.60 -61.37 12.21
CA ALA ZB 69 -133.41 -62.09 11.76
C ALA ZB 69 -132.82 -62.90 12.93
N PRO ZB 70 -131.71 -63.59 12.70
CA PRO ZB 70 -130.95 -64.10 13.85
C PRO ZB 70 -129.89 -63.10 14.32
N ARG ZB 71 -130.33 -62.08 15.07
CA ARG ZB 71 -129.41 -61.12 15.69
C ARG ZB 71 -128.46 -60.53 14.66
N GLY ZB 72 -127.36 -61.22 14.39
CA GLY ZB 72 -126.44 -60.81 13.36
C GLY ZB 72 -126.87 -61.32 12.00
N ARG ZB 73 -126.59 -62.60 11.73
CA ARG ZB 73 -126.80 -63.17 10.41
C ARG ZB 73 -126.97 -64.69 10.46
N GLU ZB 74 -125.89 -65.44 10.14
CA GLU ZB 74 -125.84 -66.91 10.16
C GLU ZB 74 -126.59 -67.56 9.00
N SER ZB 75 -126.34 -68.86 8.79
CA SER ZB 75 -127.05 -69.71 7.81
C SER ZB 75 -126.55 -71.15 8.01
N ALA ZB 76 -126.92 -72.06 7.07
CA ALA ZB 76 -126.63 -73.48 7.23
C ALA ZB 76 -126.77 -74.39 6.00
N PRO ZB 77 -127.26 -73.95 4.82
CA PRO ZB 77 -127.26 -74.86 3.65
C PRO ZB 77 -126.30 -74.49 2.53
N GLY ZB 78 -126.84 -74.16 1.36
CA GLY ZB 78 -126.02 -73.80 0.21
C GLY ZB 78 -126.78 -73.36 -1.02
N GLU ZB 79 -126.78 -72.05 -1.30
CA GLU ZB 79 -127.42 -71.48 -2.48
C GLU ZB 79 -126.42 -70.49 -3.09
N VAL ZB 80 -126.89 -69.59 -3.94
CA VAL ZB 80 -125.97 -68.80 -4.76
C VAL ZB 80 -126.26 -67.31 -4.59
N HIS ZB 81 -125.21 -66.51 -4.40
CA HIS ZB 81 -125.30 -65.06 -4.39
C HIS ZB 81 -124.52 -64.49 -5.58
N SER ZB 82 -124.77 -63.22 -5.87
CA SER ZB 82 -124.17 -62.55 -7.03
C SER ZB 82 -123.13 -61.54 -6.57
N VAL ZB 83 -121.98 -61.54 -7.24
CA VAL ZB 83 -120.91 -60.60 -6.90
C VAL ZB 83 -121.23 -59.23 -7.46
N GLU ZB 84 -120.92 -58.20 -6.69
CA GLU ZB 84 -121.07 -56.82 -7.12
C GLU ZB 84 -119.70 -56.19 -7.41
N SER ZB 85 -119.72 -54.94 -7.83
CA SER ZB 85 -118.52 -54.26 -8.32
C SER ZB 85 -117.60 -53.88 -7.16
N GLY ZB 86 -116.36 -54.34 -7.22
CA GLY ZB 86 -115.40 -54.08 -6.17
C GLY ZB 86 -115.37 -55.13 -5.08
N ASP ZB 87 -116.02 -56.27 -5.29
CA ASP ZB 87 -116.15 -57.30 -4.27
C ASP ZB 87 -115.12 -58.40 -4.49
N THR ZB 88 -114.56 -58.89 -3.39
CA THR ZB 88 -113.79 -60.12 -3.34
C THR ZB 88 -114.54 -61.11 -2.45
N LEU ZB 89 -114.04 -62.34 -2.37
CA LEU ZB 89 -114.67 -63.26 -1.43
C LEU ZB 89 -114.30 -62.94 0.01
N TRP ZB 90 -113.19 -62.22 0.25
CA TRP ZB 90 -112.91 -61.77 1.62
C TRP ZB 90 -113.96 -60.78 2.09
N ASP ZB 91 -114.53 -59.99 1.18
CA ASP ZB 91 -115.71 -59.21 1.50
C ASP ZB 91 -116.95 -60.10 1.69
N LEU ZB 92 -117.43 -60.64 0.58
CA LEU ZB 92 -118.63 -61.47 0.56
C LEU ZB 92 -118.71 -62.47 1.73
N SER ZB 93 -117.56 -62.83 2.30
CA SER ZB 93 -117.57 -63.61 3.54
C SER ZB 93 -117.98 -62.76 4.73
N GLN ZB 94 -117.86 -61.43 4.63
CA GLN ZB 94 -118.28 -60.53 5.70
C GLN ZB 94 -118.49 -59.13 5.14
N ARG ZB 95 -119.74 -58.66 5.19
CA ARG ZB 95 -120.23 -57.30 4.89
C ARG ZB 95 -120.81 -57.15 3.49
N TYR ZB 96 -120.55 -58.13 2.63
CA TYR ZB 96 -121.01 -58.06 1.25
C TYR ZB 96 -122.12 -59.08 0.99
N LEU ZB 97 -122.99 -59.25 1.97
CA LEU ZB 97 -124.21 -60.04 1.79
C LEU ZB 97 -125.16 -59.89 2.96
N GLY ZB 98 -126.09 -60.84 3.04
CA GLY ZB 98 -127.05 -60.94 4.13
C GLY ZB 98 -126.71 -62.02 5.12
N SER ZB 99 -125.42 -62.35 5.24
CA SER ZB 99 -124.87 -63.34 6.17
C SER ZB 99 -123.36 -63.26 6.12
N PRO ZB 100 -122.63 -63.91 7.03
CA PRO ZB 100 -121.21 -64.13 6.81
C PRO ZB 100 -120.99 -65.56 6.33
N TRP ZB 101 -119.77 -65.85 5.94
CA TRP ZB 101 -119.31 -67.21 5.70
C TRP ZB 101 -117.79 -67.16 5.64
N TYR ZB 102 -117.19 -68.25 5.16
CA TYR ZB 102 -115.74 -68.38 5.16
C TYR ZB 102 -115.24 -68.34 3.73
N TRP ZB 103 -114.43 -67.33 3.42
CA TRP ZB 103 -113.91 -67.17 2.06
C TRP ZB 103 -113.36 -68.45 1.46
N PRO ZB 104 -112.51 -69.24 2.13
CA PRO ZB 104 -112.03 -70.48 1.49
C PRO ZB 104 -113.15 -71.39 1.05
N LYS ZB 105 -114.15 -71.61 1.93
CA LYS ZB 105 -115.24 -72.54 1.65
C LYS ZB 105 -115.95 -72.20 0.34
N VAL ZB 106 -116.07 -70.90 0.03
CA VAL ZB 106 -116.78 -70.50 -1.18
C VAL ZB 106 -115.85 -70.46 -2.37
N TRP ZB 107 -114.60 -70.05 -2.16
CA TRP ZB 107 -113.60 -70.28 -3.20
C TRP ZB 107 -113.60 -71.73 -3.63
N SER ZB 108 -114.03 -72.64 -2.76
CA SER ZB 108 -113.98 -74.06 -3.10
C SER ZB 108 -115.27 -74.54 -3.76
N TYR ZB 109 -116.36 -73.76 -3.68
CA TYR ZB 109 -117.66 -74.38 -3.93
C TYR ZB 109 -117.97 -74.56 -5.41
N ASN ZB 110 -118.06 -73.46 -6.15
CA ASN ZB 110 -118.18 -73.51 -7.62
C ASN ZB 110 -118.21 -72.14 -8.27
N PRO ZB 111 -117.20 -71.83 -9.10
CA PRO ZB 111 -116.12 -72.72 -9.53
C PRO ZB 111 -115.06 -72.90 -8.44
N GLU ZB 112 -114.29 -73.99 -8.44
CA GLU ZB 112 -113.27 -74.15 -7.41
C GLU ZB 112 -112.17 -73.11 -7.60
N ILE ZB 113 -112.18 -72.06 -6.79
CA ILE ZB 113 -111.21 -70.97 -6.91
C ILE ZB 113 -110.43 -70.87 -5.59
N ALA ZB 114 -109.50 -69.93 -5.48
CA ALA ZB 114 -108.55 -69.93 -4.37
C ALA ZB 114 -108.60 -68.62 -3.59
N ASN ZB 115 -108.34 -68.72 -2.29
CA ASN ZB 115 -108.83 -67.73 -1.33
C ASN ZB 115 -108.24 -66.32 -1.47
N PRO ZB 116 -107.12 -66.10 -2.18
CA PRO ZB 116 -106.79 -64.71 -2.52
C PRO ZB 116 -106.71 -64.50 -4.03
N HIS ZB 117 -107.61 -65.15 -4.77
CA HIS ZB 117 -107.56 -65.13 -6.23
C HIS ZB 117 -108.39 -63.98 -6.82
N TRP ZB 118 -109.20 -63.31 -6.00
CA TRP ZB 118 -110.00 -62.14 -6.36
C TRP ZB 118 -111.00 -62.38 -7.49
N ILE ZB 119 -112.26 -62.03 -7.26
CA ILE ZB 119 -113.32 -62.28 -8.22
C ILE ZB 119 -113.61 -61.05 -9.06
N TYR ZB 120 -114.76 -61.06 -9.73
CA TYR ZB 120 -115.21 -60.03 -10.63
C TYR ZB 120 -116.71 -59.80 -10.45
N PRO ZB 121 -117.19 -58.59 -10.72
CA PRO ZB 121 -118.62 -58.33 -10.59
C PRO ZB 121 -119.43 -59.07 -11.64
N GLY ZB 122 -120.69 -59.34 -11.30
CA GLY ZB 122 -121.55 -60.11 -12.18
C GLY ZB 122 -121.38 -61.60 -12.10
N ASN ZB 123 -120.58 -62.09 -11.17
CA ASN ZB 123 -120.35 -63.52 -11.02
C ASN ZB 123 -121.30 -64.11 -9.99
N GLN ZB 124 -121.57 -65.41 -10.14
CA GLN ZB 124 -122.43 -66.15 -9.22
C GLN ZB 124 -121.58 -67.15 -8.44
N VAL ZB 125 -121.83 -67.22 -7.13
CA VAL ZB 125 -120.94 -67.92 -6.22
C VAL ZB 125 -121.76 -68.55 -5.10
N ARG ZB 126 -121.46 -69.81 -4.79
CA ARG ZB 126 -122.31 -70.64 -3.94
C ARG ZB 126 -122.05 -70.36 -2.47
N PHE ZB 127 -123.03 -69.72 -1.81
CA PHE ZB 127 -122.89 -69.29 -0.41
C PHE ZB 127 -123.91 -69.92 0.51
N PHE ZB 128 -123.42 -70.76 1.43
CA PHE ZB 128 -123.96 -71.04 2.77
C PHE ZB 128 -123.03 -72.13 3.33
N ALA ZB 129 -122.74 -72.11 4.63
CA ALA ZB 129 -121.83 -73.09 5.23
C ALA ZB 129 -121.94 -73.03 6.75
N ALA ZB 130 -122.15 -74.18 7.38
CA ALA ZB 130 -122.23 -74.28 8.83
C ALA ZB 130 -121.51 -75.52 9.34
N LYS ZB 298 -126.35 -85.89 28.24
CA LYS ZB 298 -125.90 -87.26 28.13
C LYS ZB 298 -126.46 -88.08 29.27
N GLN ZB 299 -125.98 -89.30 29.43
CA GLN ZB 299 -126.84 -90.30 30.03
C GLN ZB 299 -126.90 -90.11 31.55
N VAL ZB 300 -127.99 -90.60 32.16
CA VAL ZB 300 -128.00 -90.80 33.60
C VAL ZB 300 -127.52 -92.23 33.79
N ASP ZB 301 -126.66 -92.46 34.76
CA ASP ZB 301 -126.26 -93.80 35.11
C ASP ZB 301 -126.48 -93.96 36.61
N GLY ZB 302 -127.57 -94.61 36.98
CA GLY ZB 302 -127.85 -94.85 38.38
C GLY ZB 302 -127.19 -96.12 38.85
N THR ZB 303 -126.64 -96.10 40.07
CA THR ZB 303 -125.87 -97.19 40.62
C THR ZB 303 -126.57 -97.73 41.86
N VAL ZB 304 -126.38 -99.03 42.12
CA VAL ZB 304 -126.86 -99.60 43.37
C VAL ZB 304 -126.11 -98.96 44.52
N ILE ZB 305 -126.83 -98.67 45.61
CA ILE ZB 305 -126.23 -98.02 46.77
C ILE ZB 305 -126.19 -98.93 47.99
N THR ZB 306 -126.92 -100.03 47.99
CA THR ZB 306 -126.91 -100.95 49.11
C THR ZB 306 -126.31 -102.29 48.70
N ALA ZB 307 -125.54 -102.88 49.61
CA ALA ZB 307 -125.13 -104.27 49.54
C ALA ZB 307 -125.84 -105.04 50.66
N LEU ZB 308 -125.94 -106.35 50.47
CA LEU ZB 308 -126.39 -107.31 51.47
C LEU ZB 308 -127.88 -107.22 51.80
N VAL ZB 309 -128.70 -106.65 50.92
CA VAL ZB 309 -130.15 -106.71 51.14
C VAL ZB 309 -130.59 -108.14 50.82
N PRO ZB 310 -131.82 -108.53 51.14
CA PRO ZB 310 -132.37 -109.75 50.54
C PRO ZB 310 -132.31 -109.65 49.02
N TYR ZB 311 -131.23 -110.14 48.42
CA TYR ZB 311 -131.13 -110.11 46.97
C TYR ZB 311 -131.70 -111.37 46.32
N LEU ZB 312 -132.49 -112.16 47.04
CA LEU ZB 312 -132.97 -113.44 46.55
C LEU ZB 312 -134.43 -113.74 46.87
N THR ZB 313 -135.18 -112.80 47.46
CA THR ZB 313 -136.54 -113.07 47.94
C THR ZB 313 -136.60 -114.25 48.91
N VAL ZB 314 -136.15 -115.41 48.43
CA VAL ZB 314 -136.45 -116.73 49.01
C VAL ZB 314 -136.59 -116.67 50.53
N LEU ZB 315 -135.53 -116.25 51.23
CA LEU ZB 315 -135.56 -116.32 52.69
C LEU ZB 315 -136.53 -115.30 53.30
N GLY ZB 316 -136.80 -114.21 52.59
CA GLY ZB 316 -137.58 -113.12 53.18
C GLY ZB 316 -138.72 -112.59 52.33
N GLU ZB 317 -138.83 -113.09 51.10
CA GLU ZB 317 -139.93 -112.78 50.17
C GLU ZB 317 -139.92 -111.34 49.66
N ASN ZB 318 -139.05 -110.50 50.20
CA ASN ZB 318 -138.97 -109.09 49.84
C ASN ZB 318 -137.54 -108.82 49.38
N HIS ZB 319 -137.30 -108.93 48.06
CA HIS ZB 319 -136.05 -108.47 47.49
C HIS ZB 319 -136.18 -106.99 47.16
N SER ZB 320 -135.07 -106.27 47.22
CA SER ZB 320 -135.04 -104.88 46.82
C SER ZB 320 -133.62 -104.52 46.37
N ILE ZB 321 -133.53 -103.35 45.76
CA ILE ZB 321 -132.30 -102.64 45.49
C ILE ZB 321 -132.64 -101.17 45.72
N VAL ZB 322 -131.65 -100.40 46.10
CA VAL ZB 322 -131.85 -98.98 46.32
C VAL ZB 322 -130.86 -98.22 45.45
N VAL ZB 323 -131.28 -97.06 44.97
CA VAL ZB 323 -130.39 -96.22 44.17
C VAL ZB 323 -130.14 -94.92 44.91
N ASP ZB 324 -129.08 -94.22 44.52
CA ASP ZB 324 -128.83 -92.88 45.04
C ASP ZB 324 -129.12 -91.87 43.95
N LYS ZB 325 -129.97 -90.91 44.26
CA LYS ZB 325 -130.32 -89.85 43.33
C LYS ZB 325 -130.37 -88.53 44.09
N GLY ZB 326 -130.43 -87.45 43.34
CA GLY ZB 326 -130.88 -86.20 43.90
C GLY ZB 326 -132.39 -86.27 43.95
N SER ZB 327 -133.07 -85.12 43.89
CA SER ZB 327 -134.54 -85.08 43.83
C SER ZB 327 -135.14 -85.90 42.69
N ALA ZB 328 -136.38 -85.59 42.32
CA ALA ZB 328 -137.09 -86.39 41.32
C ALA ZB 328 -136.29 -86.57 40.04
N ASP ZB 329 -135.81 -87.79 39.83
CA ASP ZB 329 -135.08 -88.18 38.62
C ASP ZB 329 -136.02 -88.70 37.54
N GLY ZB 330 -137.29 -88.31 37.56
CA GLY ZB 330 -138.24 -88.85 36.61
C GLY ZB 330 -138.50 -90.32 36.76
N VAL ZB 331 -138.15 -90.90 37.92
CA VAL ZB 331 -138.36 -92.32 38.15
C VAL ZB 331 -139.83 -92.59 38.42
N GLU ZB 332 -140.41 -93.54 37.68
CA GLU ZB 332 -141.81 -93.91 37.83
C GLU ZB 332 -141.91 -95.34 38.33
N LEU ZB 333 -143.08 -95.67 38.90
CA LEU ZB 333 -143.24 -96.93 39.60
C LEU ZB 333 -143.16 -98.14 38.68
N GLY ZB 334 -143.34 -97.96 37.38
CA GLY ZB 334 -143.32 -99.09 36.48
C GLY ZB 334 -142.04 -99.28 35.70
N ASN ZB 335 -141.02 -98.47 35.97
CA ASN ZB 335 -139.82 -98.50 35.15
C ASN ZB 335 -139.06 -99.81 35.32
N THR ZB 336 -138.49 -100.29 34.22
CA THR ZB 336 -137.65 -101.48 34.19
C THR ZB 336 -136.23 -101.07 33.85
N PHE ZB 337 -135.26 -101.69 34.51
CA PHE ZB 337 -133.86 -101.32 34.34
C PHE ZB 337 -133.00 -102.57 34.22
N ASN ZB 338 -131.92 -102.45 33.45
CA ASN ZB 338 -130.97 -103.53 33.24
C ASN ZB 338 -129.75 -103.30 34.11
N ILE ZB 339 -129.26 -104.37 34.74
CA ILE ZB 339 -128.09 -104.31 35.59
C ILE ZB 339 -126.85 -104.65 34.75
N LEU ZB 340 -125.80 -103.84 34.91
CA LEU ZB 340 -124.55 -104.04 34.18
C LEU ZB 340 -123.40 -104.14 35.16
N ARG ZB 341 -122.41 -104.97 34.82
CA ARG ZB 341 -121.21 -105.14 35.62
C ARG ZB 341 -119.98 -104.89 34.76
N LYS ZB 342 -118.91 -104.41 35.37
CA LYS ZB 342 -117.65 -104.22 34.67
C LYS ZB 342 -116.80 -105.47 34.83
N GLY ZB 343 -116.37 -106.05 33.71
CA GLY ZB 343 -115.57 -107.27 33.81
C GLY ZB 343 -114.31 -107.24 32.98
N ASP ZB 344 -113.40 -108.18 33.21
CA ASP ZB 344 -112.23 -108.23 32.35
C ASP ZB 344 -111.98 -109.65 31.83
N PRO ZB 345 -112.78 -110.15 30.90
CA PRO ZB 345 -112.34 -111.29 30.11
C PRO ZB 345 -112.13 -110.89 28.67
N SER ZB 346 -111.77 -111.89 27.86
CA SER ZB 346 -111.88 -111.80 26.41
C SER ZB 346 -111.76 -113.19 25.81
N ARG ZB 347 -111.93 -113.25 24.48
CA ARG ZB 347 -111.72 -114.50 23.76
C ARG ZB 347 -110.23 -114.73 23.50
N HIS ZB 348 -109.39 -113.83 23.98
CA HIS ZB 348 -107.99 -113.70 23.59
C HIS ZB 348 -107.25 -112.76 24.55
N VAL ZB 349 -106.30 -113.27 25.37
CA VAL ZB 349 -105.78 -112.47 26.49
C VAL ZB 349 -104.27 -112.53 26.72
N LEU ZB 350 -103.58 -113.59 26.25
CA LEU ZB 350 -102.13 -113.49 26.10
C LEU ZB 350 -101.84 -112.32 25.17
N GLY ZB 351 -102.90 -111.79 24.53
CA GLY ZB 351 -102.95 -110.50 23.87
C GLY ZB 351 -102.93 -109.31 24.82
N HIS ZB 352 -104.01 -109.09 25.57
CA HIS ZB 352 -103.98 -108.17 26.71
C HIS ZB 352 -105.27 -108.26 27.49
N ASP ZB 353 -105.25 -107.69 28.71
CA ASP ZB 353 -106.41 -107.63 29.59
C ASP ZB 353 -106.17 -106.58 30.69
N VAL ZB 354 -106.18 -105.31 30.29
CA VAL ZB 354 -105.98 -104.22 31.23
C VAL ZB 354 -107.26 -103.37 31.31
N ARG ZB 355 -107.10 -102.05 31.42
CA ARG ZB 355 -108.24 -101.15 31.40
C ARG ZB 355 -107.98 -99.87 30.62
N LYS ZB 356 -106.76 -99.63 30.17
CA LYS ZB 356 -106.44 -98.42 29.41
C LYS ZB 356 -107.12 -98.47 28.04
N PRO ZB 357 -107.85 -97.43 27.64
CA PRO ZB 357 -108.61 -97.48 26.38
C PRO ZB 357 -107.70 -97.66 25.16
N SER ZB 358 -108.38 -97.99 24.05
CA SER ZB 358 -107.93 -97.89 22.66
C SER ZB 358 -107.41 -99.19 22.05
N LYS ZB 359 -107.67 -100.35 22.67
CA LYS ZB 359 -107.34 -101.60 22.00
C LYS ZB 359 -108.63 -102.40 21.77
N GLU ZB 360 -108.56 -103.72 21.95
CA GLU ZB 360 -109.71 -104.57 21.66
C GLU ZB 360 -110.53 -104.86 22.91
N GLU ZB 361 -109.88 -104.98 24.06
CA GLU ZB 361 -110.53 -105.44 25.29
C GLU ZB 361 -110.63 -104.34 26.33
N GLN ZB 362 -109.76 -104.43 27.35
CA GLN ZB 362 -109.58 -103.37 28.34
C GLN ZB 362 -110.87 -103.13 29.11
N SER ZB 363 -111.28 -104.13 29.89
CA SER ZB 363 -112.57 -104.22 30.57
C SER ZB 363 -113.73 -104.15 29.59
N PHE ZB 364 -114.86 -104.74 29.96
CA PHE ZB 364 -116.04 -104.82 29.12
C PHE ZB 364 -117.28 -104.54 29.96
N PRO ZB 365 -118.19 -103.73 29.44
CA PRO ZB 365 -119.48 -103.52 30.12
C PRO ZB 365 -120.43 -104.69 29.88
N TRP ZB 366 -120.38 -105.67 30.76
CA TRP ZB 366 -121.14 -106.90 30.58
C TRP ZB 366 -122.57 -106.73 31.10
N ARG ZB 367 -123.51 -107.30 30.36
CA ARG ZB 367 -124.91 -107.28 30.77
C ARG ZB 367 -125.20 -108.48 31.66
N SER ZB 368 -125.70 -108.21 32.87
CA SER ZB 368 -126.12 -109.29 33.74
C SER ZB 368 -127.47 -109.84 33.29
N ILE ZB 369 -127.76 -111.06 33.73
CA ILE ZB 369 -129.08 -111.63 33.52
C ILE ZB 369 -130.13 -110.94 34.38
N GLY ZB 370 -129.69 -110.16 35.37
CA GLY ZB 370 -130.62 -109.56 36.30
C GLY ZB 370 -131.24 -108.30 35.75
N ALA ZB 371 -132.57 -108.24 35.73
CA ALA ZB 371 -133.32 -107.02 35.44
C ALA ZB 371 -134.14 -106.66 36.66
N CYS ZB 372 -134.44 -105.37 36.82
CA CYS ZB 372 -135.13 -104.89 38.00
C CYS ZB 372 -136.34 -104.06 37.61
N MET ZB 373 -137.34 -104.02 38.49
CA MET ZB 373 -138.54 -103.22 38.31
C MET ZB 373 -138.75 -102.34 39.52
N VAL ZB 374 -138.87 -101.03 39.27
CA VAL ZB 374 -139.11 -100.08 40.35
C VAL ZB 374 -140.37 -100.46 41.11
N THR ZB 375 -140.34 -100.27 42.42
CA THR ZB 375 -141.46 -100.62 43.26
C THR ZB 375 -141.81 -99.55 44.28
N GLU ZB 376 -140.82 -98.83 44.80
CA GLU ZB 376 -141.10 -97.67 45.63
C GLU ZB 376 -140.27 -96.49 45.13
N VAL ZB 377 -140.93 -95.35 44.96
CA VAL ZB 377 -140.29 -94.12 44.54
C VAL ZB 377 -140.36 -93.13 45.69
N LYS ZB 378 -139.22 -92.56 46.05
CA LYS ZB 378 -139.16 -91.48 47.02
C LYS ZB 378 -138.74 -90.21 46.31
N GLU ZB 379 -138.76 -89.11 47.05
CA GLU ZB 379 -138.36 -87.83 46.50
C GLU ZB 379 -136.98 -87.91 45.87
N ARG ZB 380 -136.05 -88.63 46.50
CA ARG ZB 380 -134.67 -88.63 46.02
C ARG ZB 380 -134.02 -90.01 45.97
N THR ZB 381 -134.74 -91.08 46.27
CA THR ZB 381 -134.21 -92.43 46.10
C THR ZB 381 -135.30 -93.33 45.55
N SER ZB 382 -134.94 -94.58 45.27
CA SER ZB 382 -135.92 -95.53 44.79
C SER ZB 382 -135.47 -96.95 45.10
N ASN ZB 383 -136.48 -97.80 45.39
CA ASN ZB 383 -136.33 -99.23 45.63
C ASN ZB 383 -136.96 -100.00 44.48
N CYS ZB 384 -136.22 -100.96 43.93
CA CYS ZB 384 -136.71 -101.79 42.83
C CYS ZB 384 -136.52 -103.25 43.20
N LEU ZB 385 -137.39 -104.12 42.68
CA LEU ZB 385 -137.25 -105.56 42.90
C LEU ZB 385 -136.75 -106.21 41.62
N MET ZB 386 -135.60 -106.90 41.70
CA MET ZB 386 -135.06 -107.63 40.57
C MET ZB 386 -136.02 -108.73 40.13
N THR ZB 387 -136.06 -108.99 38.82
CA THR ZB 387 -136.94 -110.01 38.28
C THR ZB 387 -136.41 -111.42 38.56
N ARG ZB 388 -135.09 -111.58 38.68
CA ARG ZB 388 -134.47 -112.88 38.91
C ARG ZB 388 -133.90 -112.91 40.32
N SER ZB 389 -134.66 -113.51 41.24
CA SER ZB 389 -134.29 -113.58 42.65
C SER ZB 389 -133.27 -114.68 42.90
N LEU ZB 390 -132.10 -114.58 42.25
CA LEU ZB 390 -131.08 -115.61 42.36
C LEU ZB 390 -129.65 -115.09 42.38
N GLU ZB 391 -129.41 -113.80 42.19
CA GLU ZB 391 -128.06 -113.27 42.14
C GLU ZB 391 -127.97 -112.03 43.03
N GLU ZB 392 -126.90 -111.96 43.82
CA GLU ZB 392 -126.67 -110.85 44.71
C GLU ZB 392 -125.71 -109.85 44.08
N LEU ZB 393 -125.86 -108.58 44.45
CA LEU ZB 393 -124.95 -107.54 44.00
C LEU ZB 393 -124.40 -106.75 45.20
N VAL ZB 394 -123.46 -105.87 44.89
CA VAL ZB 394 -122.82 -104.97 45.84
C VAL ZB 394 -123.25 -103.57 45.43
N PRO ZB 395 -122.77 -102.49 46.04
CA PRO ZB 395 -123.01 -101.17 45.44
C PRO ZB 395 -121.92 -100.82 44.45
N GLY ZB 396 -122.30 -100.04 43.44
CA GLY ZB 396 -121.42 -99.71 42.33
C GLY ZB 396 -121.80 -100.37 41.03
N ASP ZB 397 -122.54 -101.48 41.07
CA ASP ZB 397 -123.12 -102.04 39.86
C ASP ZB 397 -124.08 -101.03 39.24
N ARG ZB 398 -124.11 -100.99 37.92
CA ARG ZB 398 -124.80 -99.92 37.20
C ARG ZB 398 -125.96 -100.42 36.36
N ALA AC 69 -139.23 -28.50 42.73
CA ALA AC 69 -138.51 -29.30 41.75
C ALA AC 69 -137.94 -30.56 42.42
N PRO AC 70 -137.20 -31.38 41.66
CA PRO AC 70 -136.37 -32.40 42.33
C PRO AC 70 -134.98 -31.89 42.63
N ARG AC 71 -134.83 -31.10 43.70
CA ARG AC 71 -133.53 -30.64 44.17
C ARG AC 71 -132.72 -29.98 43.06
N GLY AC 72 -132.03 -30.79 42.27
CA GLY AC 72 -131.32 -30.29 41.11
C GLY AC 72 -132.23 -30.21 39.91
N ARG AC 73 -132.46 -31.36 39.26
CA ARG AC 73 -133.19 -31.39 37.99
C ARG AC 73 -133.84 -32.76 37.74
N GLU AC 74 -133.18 -33.59 36.91
CA GLU AC 74 -133.61 -34.95 36.55
C GLU AC 74 -134.81 -34.99 35.60
N SER AC 75 -135.06 -36.17 35.02
CA SER AC 75 -136.22 -36.47 34.17
C SER AC 75 -136.19 -37.96 33.83
N ALA AC 76 -137.07 -38.39 32.90
CA ALA AC 76 -137.23 -39.82 32.60
C ALA AC 76 -137.98 -40.22 31.32
N PRO AC 77 -138.58 -39.30 30.52
CA PRO AC 77 -139.18 -39.76 29.24
C PRO AC 77 -138.48 -39.27 27.98
N GLY AC 78 -139.16 -38.44 27.18
CA GLY AC 78 -138.59 -37.94 25.94
C GLY AC 78 -139.46 -36.95 25.18
N GLU AC 79 -139.10 -35.67 25.25
CA GLU AC 79 -139.79 -34.61 24.52
C GLU AC 79 -138.73 -33.75 23.85
N VAL AC 80 -139.08 -32.52 23.46
CA VAL AC 80 -138.20 -31.75 22.59
C VAL AC 80 -137.92 -30.38 23.21
N HIS AC 81 -136.66 -29.95 23.21
CA HIS AC 81 -136.27 -28.61 23.58
C HIS AC 81 -135.68 -27.89 22.37
N SER AC 82 -135.57 -26.57 22.48
CA SER AC 82 -135.11 -25.71 21.40
C SER AC 82 -133.71 -25.20 21.70
N VAL AC 83 -132.84 -25.23 20.69
CA VAL AC 83 -131.47 -24.75 20.86
C VAL AC 83 -131.46 -23.23 20.79
N GLU AC 84 -130.63 -22.61 21.62
CA GLU AC 84 -130.43 -21.17 21.61
C GLU AC 84 -129.06 -20.84 21.03
N SER AC 85 -128.78 -19.53 20.95
CA SER AC 85 -127.60 -19.04 20.25
C SER AC 85 -126.35 -19.29 21.08
N GLY AC 86 -125.37 -19.98 20.49
CA GLY AC 86 -124.15 -20.32 21.18
C GLY AC 86 -124.17 -21.65 21.90
N ASP AC 87 -125.19 -22.46 21.68
CA ASP AC 87 -125.38 -23.70 22.40
C ASP AC 87 -124.87 -24.88 21.58
N THR AC 88 -124.23 -25.82 22.27
CA THR AC 88 -123.92 -27.15 21.75
C THR AC 88 -124.69 -28.16 22.59
N LEU AC 89 -124.62 -29.44 22.20
CA LEU AC 89 -125.25 -30.44 23.05
C LEU AC 89 -124.44 -30.70 24.32
N TRP AC 90 -123.14 -30.39 24.31
CA TRP AC 90 -122.38 -30.49 25.57
C TRP AC 90 -122.89 -29.50 26.60
N ASP AC 91 -123.38 -28.35 26.16
CA ASP AC 91 -124.12 -27.45 27.04
C ASP AC 91 -125.47 -28.04 27.42
N LEU AC 92 -126.38 -28.06 26.45
CA LEU AC 92 -127.76 -28.53 26.64
C LEU AC 92 -127.85 -29.80 27.49
N SER AC 93 -126.78 -30.59 27.54
CA SER AC 93 -126.71 -31.70 28.47
C SER AC 93 -126.51 -31.22 29.90
N GLN AC 94 -126.00 -30.00 30.09
CA GLN AC 94 -125.79 -29.43 31.41
C GLN AC 94 -125.68 -27.91 31.31
N ARG AC 95 -126.65 -27.21 31.90
CA ARG AC 95 -126.72 -25.75 32.12
C ARG AC 95 -127.57 -25.02 31.09
N TYR AC 96 -127.88 -25.69 29.99
CA TYR AC 96 -128.63 -25.08 28.90
C TYR AC 96 -130.03 -25.66 28.81
N LEU AC 97 -130.63 -25.93 29.96
CA LEU AC 97 -132.04 -26.31 30.01
C LEU AC 97 -132.56 -26.32 31.44
N GLY AC 98 -133.69 -27.00 31.61
CA GLY AC 98 -134.31 -27.23 32.91
C GLY AC 98 -134.10 -28.63 33.43
N SER AC 99 -133.00 -29.27 33.02
CA SER AC 99 -132.59 -30.60 33.45
C SER AC 99 -131.20 -30.88 32.90
N PRO AC 100 -130.52 -31.94 33.32
CA PRO AC 100 -129.35 -32.40 32.57
C PRO AC 100 -129.75 -33.61 31.72
N TRP AC 101 -128.83 -34.03 30.88
CA TRP AC 101 -128.92 -35.31 30.19
C TRP AC 101 -127.54 -35.60 29.61
N TYR AC 102 -127.48 -36.58 28.72
CA TYR AC 102 -126.20 -37.03 28.19
C TYR AC 102 -126.10 -36.65 26.72
N TRP AC 103 -125.11 -35.82 26.40
CA TRP AC 103 -124.94 -35.34 25.03
C TRP AC 103 -125.02 -36.45 23.98
N PRO AC 104 -124.32 -37.59 24.12
CA PRO AC 104 -124.45 -38.62 23.07
C PRO AC 104 -125.89 -39.05 22.85
N LYS AC 105 -126.64 -39.31 23.94
CA LYS AC 105 -128.00 -39.80 23.84
C LYS AC 105 -128.88 -38.90 22.97
N VAL AC 106 -128.65 -37.59 23.04
CA VAL AC 106 -129.48 -36.64 22.28
C VAL AC 106 -128.92 -36.45 20.88
N TRP AC 107 -127.60 -36.42 20.74
CA TRP AC 107 -127.04 -36.52 19.41
C TRP AC 107 -127.62 -37.72 18.67
N SER AC 108 -128.08 -38.73 19.39
CA SER AC 108 -128.59 -39.93 18.73
C SER AC 108 -130.09 -39.85 18.46
N TYR AC 109 -130.80 -38.91 19.08
CA TYR AC 109 -132.25 -39.08 19.17
C TYR AC 109 -132.97 -38.69 17.88
N ASN AC 110 -132.88 -37.42 17.50
CA ASN AC 110 -133.40 -36.96 16.19
C ASN AC 110 -133.13 -35.48 15.95
N PRO AC 111 -132.34 -35.17 14.91
CA PRO AC 111 -131.75 -36.10 13.93
C PRO AC 111 -130.57 -36.85 14.52
N GLU AC 112 -130.23 -38.04 14.00
CA GLU AC 112 -129.08 -38.76 14.54
C GLU AC 112 -127.79 -38.01 14.24
N ILE AC 113 -127.26 -37.30 15.24
CA ILE AC 113 -126.05 -36.50 15.05
C ILE AC 113 -124.97 -37.03 16.00
N ALA AC 114 -123.78 -36.43 16.00
CA ALA AC 114 -122.63 -37.02 16.69
C ALA AC 114 -122.04 -36.06 17.72
N ASN AC 115 -121.51 -36.65 18.80
CA ASN AC 115 -121.39 -35.93 20.08
C ASN AC 115 -120.43 -34.74 20.07
N PRO AC 116 -119.52 -34.56 19.10
CA PRO AC 116 -118.85 -33.26 19.00
C PRO AC 116 -119.10 -32.59 17.66
N HIS AC 117 -120.32 -32.73 17.13
CA HIS AC 117 -120.65 -32.24 15.80
C HIS AC 117 -121.17 -30.81 15.82
N TRP AC 118 -121.48 -30.27 17.01
CA TRP AC 118 -121.91 -28.89 17.23
C TRP AC 118 -123.20 -28.52 16.50
N ILE AC 119 -124.17 -27.96 17.23
CA ILE AC 119 -125.46 -27.63 16.64
C ILE AC 119 -125.54 -26.15 16.29
N TYR AC 120 -126.76 -25.68 16.07
CA TYR AC 120 -127.07 -24.32 15.64
C TYR AC 120 -128.30 -23.84 16.38
N PRO AC 121 -128.42 -22.52 16.58
CA PRO AC 121 -129.60 -21.99 17.27
C PRO AC 121 -130.85 -22.12 16.41
N GLY AC 122 -132.00 -22.19 17.09
CA GLY AC 122 -133.25 -22.40 16.40
C GLY AC 122 -133.57 -23.84 16.06
N ASN AC 123 -132.75 -24.77 16.51
CA ASN AC 123 -132.97 -26.19 16.23
C ASN AC 123 -133.77 -26.84 17.35
N GLN AC 124 -134.47 -27.92 17.00
CA GLN AC 124 -135.25 -28.70 17.96
C GLN AC 124 -134.62 -30.06 18.13
N VAL AC 125 -134.53 -30.51 19.38
CA VAL AC 125 -133.71 -31.66 19.74
C VAL AC 125 -134.39 -32.41 20.89
N ARG AC 126 -134.44 -33.73 20.78
CA ARG AC 126 -135.26 -34.57 21.64
C ARG AC 126 -134.55 -34.85 22.95
N PHE AC 127 -135.05 -34.25 24.03
CA PHE AC 127 -134.43 -34.35 25.37
C PHE AC 127 -135.32 -34.99 26.41
N PHE AC 128 -134.93 -36.18 26.88
CA PHE AC 128 -135.16 -36.76 28.21
C PHE AC 128 -134.52 -38.15 28.12
N ALA AC 129 -133.91 -38.63 29.22
CA ALA AC 129 -133.24 -39.94 29.22
C ALA AC 129 -132.93 -40.35 30.65
N ALA AC 130 -133.35 -41.56 31.02
CA ALA AC 130 -133.08 -42.11 32.36
C ALA AC 130 -132.69 -43.59 32.27
N LYS AC 298 -135.62 -58.13 48.62
CA LYS AC 298 -135.67 -59.47 48.04
C LYS AC 298 -136.16 -60.46 49.09
N GLN AC 299 -136.08 -61.74 48.78
CA GLN AC 299 -137.02 -62.65 49.38
C GLN AC 299 -136.63 -62.96 50.83
N VAL AC 300 -137.62 -63.35 51.64
CA VAL AC 300 -137.33 -64.00 52.90
C VAL AC 300 -137.30 -65.47 52.56
N ASP AC 301 -136.36 -66.21 53.10
CA ASP AC 301 -136.33 -67.65 52.96
C ASP AC 301 -136.19 -68.24 54.36
N GLY AC 302 -137.30 -68.70 54.92
CA GLY AC 302 -137.27 -69.31 56.23
C GLY AC 302 -136.97 -70.79 56.13
N THR AC 303 -136.15 -71.29 57.04
CA THR AC 303 -135.67 -72.66 57.02
C THR AC 303 -136.15 -73.39 58.26
N VAL AC 304 -136.34 -74.71 58.12
CA VAL AC 304 -136.63 -75.53 59.29
C VAL AC 304 -135.44 -75.50 60.23
N ILE AC 305 -135.72 -75.42 61.53
CA ILE AC 305 -134.67 -75.35 62.54
C ILE AC 305 -134.60 -76.60 63.42
N THR AC 306 -135.64 -77.43 63.41
CA THR AC 306 -135.63 -78.65 64.20
C THR AC 306 -135.63 -79.88 63.30
N ALA AC 307 -134.89 -80.89 63.73
CA ALA AC 307 -134.99 -82.24 63.20
C ALA AC 307 -135.60 -83.13 64.26
N LEU AC 308 -136.17 -84.25 63.81
CA LEU AC 308 -136.64 -85.36 64.65
C LEU AC 308 -137.88 -85.03 65.48
N VAL AC 309 -138.66 -84.03 65.11
CA VAL AC 309 -139.94 -83.82 65.78
C VAL AC 309 -140.89 -84.92 65.32
N PRO AC 310 -142.05 -85.09 65.93
CA PRO AC 310 -143.10 -85.87 65.28
C PRO AC 310 -143.41 -85.29 63.91
N TYR AC 311 -142.75 -85.81 62.87
CA TYR AC 311 -143.02 -85.32 61.53
C TYR AC 311 -144.12 -86.12 60.84
N LEU AC 312 -144.90 -86.90 61.58
CA LEU AC 312 -145.89 -87.79 60.99
C LEU AC 312 -147.22 -87.83 61.72
N THR AC 313 -147.46 -86.99 62.73
CA THR AC 313 -148.66 -87.08 63.56
C THR AC 313 -148.85 -88.46 64.18
N VAL AC 314 -148.94 -89.47 63.31
CA VAL AC 314 -149.49 -90.80 63.63
C VAL AC 314 -149.21 -91.20 65.08
N LEU AC 315 -147.93 -91.29 65.46
CA LEU AC 315 -147.60 -91.83 66.77
C LEU AC 315 -147.98 -90.88 67.90
N GLY AC 316 -148.05 -89.58 67.62
CA GLY AC 316 -148.25 -88.60 68.67
C GLY AC 316 -149.34 -87.57 68.42
N GLU AC 317 -149.93 -87.60 67.22
CA GLU AC 317 -151.06 -86.75 66.83
C GLU AC 317 -150.72 -85.26 66.70
N ASN AC 318 -149.51 -84.87 67.09
CA ASN AC 318 -149.07 -83.48 67.07
C ASN AC 318 -147.80 -83.42 66.23
N HIS AC 319 -147.96 -83.15 64.93
CA HIS AC 319 -146.82 -82.83 64.09
C HIS AC 319 -146.54 -81.34 64.18
N SER AC 320 -145.29 -80.97 64.03
CA SER AC 320 -144.90 -79.57 63.97
C SER AC 320 -143.62 -79.43 63.18
N ILE AC 321 -143.31 -78.17 62.86
CA ILE AC 321 -142.02 -77.72 62.37
C ILE AC 321 -141.79 -76.38 63.03
N VAL AC 322 -140.54 -76.03 63.22
CA VAL AC 322 -140.21 -74.75 63.83
C VAL AC 322 -139.29 -74.01 62.89
N VAL AC 323 -139.40 -72.69 62.87
CA VAL AC 323 -138.54 -71.87 62.04
C VAL AC 323 -137.69 -70.98 62.93
N ASP AC 324 -136.60 -70.46 62.39
CA ASP AC 324 -135.80 -69.47 63.09
C ASP AC 324 -136.00 -68.12 62.43
N LYS AC 325 -136.39 -67.14 63.23
CA LYS AC 325 -136.61 -65.79 62.77
C LYS AC 325 -136.02 -64.82 63.78
N GLY AC 326 -135.92 -63.57 63.38
CA GLY AC 326 -135.77 -62.50 64.35
C GLY AC 326 -137.15 -62.22 64.89
N SER AC 327 -137.42 -61.00 65.34
CA SER AC 327 -138.74 -60.59 65.81
C SER AC 327 -139.85 -60.83 64.78
N ALA AC 328 -140.99 -60.14 64.94
CA ALA AC 328 -142.15 -60.37 64.10
C ALA AC 328 -141.81 -60.30 62.61
N ASP AC 329 -141.82 -61.45 61.96
CA ASP AC 329 -141.60 -61.59 60.53
C ASP AC 329 -142.91 -61.49 59.73
N GLY AC 330 -143.92 -60.83 60.28
CA GLY AC 330 -145.22 -60.79 59.62
C GLY AC 330 -145.89 -62.14 59.49
N VAL AC 331 -145.47 -63.13 60.29
CA VAL AC 331 -146.06 -64.45 60.23
C VAL AC 331 -147.42 -64.43 60.92
N GLU AC 332 -148.44 -64.93 60.23
CA GLU AC 332 -149.79 -64.98 60.75
C GLU AC 332 -150.22 -66.44 60.90
N LEU AC 333 -151.24 -66.65 61.74
CA LEU AC 333 -151.63 -68.00 62.13
C LEU AC 333 -152.19 -68.82 60.98
N GLY AC 334 -152.63 -68.18 59.91
CA GLY AC 334 -153.22 -68.93 58.81
C GLY AC 334 -152.32 -69.14 57.62
N ASN AC 335 -151.05 -68.74 57.71
CA ASN AC 335 -150.19 -68.77 56.54
C ASN AC 335 -149.87 -70.21 56.12
N THR AC 336 -149.80 -70.42 54.82
CA THR AC 336 -149.43 -71.69 54.22
C THR AC 336 -148.09 -71.54 53.51
N PHE AC 337 -147.24 -72.56 53.64
CA PHE AC 337 -145.89 -72.49 53.09
C PHE AC 337 -145.55 -73.79 52.39
N ASN AC 338 -144.73 -73.68 51.34
CA ASN AC 338 -144.27 -74.83 50.57
C ASN AC 338 -142.86 -75.20 51.00
N ILE AC 339 -142.61 -76.48 51.14
CA ILE AC 339 -141.29 -77.00 51.52
C ILE AC 339 -140.51 -77.31 50.26
N LEU AC 340 -139.25 -76.89 50.23
CA LEU AC 340 -138.36 -77.12 49.09
C LEU AC 340 -137.09 -77.81 49.56
N ARG AC 341 -136.55 -78.67 48.72
CA ARG AC 341 -135.31 -79.38 48.99
C ARG AC 341 -134.34 -79.15 47.85
N LYS AC 342 -133.04 -79.17 48.16
CA LYS AC 342 -132.02 -79.07 47.13
C LYS AC 342 -131.61 -80.46 46.67
N GLY AC 343 -131.69 -80.72 45.38
CA GLY AC 343 -131.35 -82.06 44.90
C GLY AC 343 -130.41 -82.06 43.71
N ASP AC 344 -129.83 -83.20 43.39
CA ASP AC 344 -129.01 -83.25 42.19
C ASP AC 344 -129.37 -84.44 41.31
N PRO AC 345 -130.50 -84.39 40.62
CA PRO AC 345 -130.69 -85.29 39.48
C PRO AC 345 -130.73 -84.49 38.19
N SER AC 346 -130.95 -85.23 37.10
CA SER AC 346 -131.39 -84.65 35.84
C SER AC 346 -131.89 -85.75 34.92
N ARG AC 347 -132.40 -85.32 33.76
CA ARG AC 347 -132.81 -86.28 32.73
C ARG AC 347 -131.61 -86.76 31.93
N HIS AC 348 -130.41 -86.28 32.30
CA HIS AC 348 -129.20 -86.37 31.48
C HIS AC 348 -127.97 -86.00 32.33
N VAL AC 349 -127.06 -86.97 32.62
CA VAL AC 349 -126.03 -86.71 33.65
C VAL AC 349 -124.62 -87.20 33.32
N LEU AC 350 -124.47 -88.19 32.41
CA LEU AC 350 -123.16 -88.38 31.81
C LEU AC 350 -122.76 -87.08 31.13
N GLY AC 351 -123.70 -86.13 31.05
CA GLY AC 351 -123.50 -84.72 30.77
C GLY AC 351 -122.85 -83.96 31.90
N HIS AC 352 -123.57 -83.74 33.01
CA HIS AC 352 -122.94 -83.29 34.25
C HIS AC 352 -123.95 -83.31 35.39
N ASP AC 353 -123.43 -83.21 36.61
CA ASP AC 353 -124.23 -83.17 37.83
C ASP AC 353 -123.39 -82.63 38.99
N VAL AC 354 -123.09 -81.32 38.94
CA VAL AC 354 -122.30 -80.68 39.99
C VAL AC 354 -123.17 -79.64 40.69
N ARG AC 355 -122.56 -78.50 41.06
CA ARG AC 355 -123.31 -77.40 41.65
C ARG AC 355 -122.86 -76.02 41.15
N LYS AC 356 -121.77 -75.95 40.38
CA LYS AC 356 -121.30 -74.67 39.88
C LYS AC 356 -122.29 -74.11 38.85
N PRO AC 357 -122.71 -72.85 38.99
CA PRO AC 357 -123.73 -72.30 38.08
C PRO AC 357 -123.29 -72.29 36.63
N SER AC 358 -124.30 -72.06 35.77
CA SER AC 358 -124.22 -71.62 34.37
C SER AC 358 -124.32 -72.74 33.34
N LYS AC 359 -124.79 -73.93 33.71
CA LYS AC 359 -125.07 -74.93 32.69
C LYS AC 359 -126.56 -75.29 32.74
N GLU AC 360 -126.87 -76.57 32.57
CA GLU AC 360 -128.28 -76.98 32.49
C GLU AC 360 -128.80 -77.46 33.85
N GLU AC 361 -127.95 -78.10 34.64
CA GLU AC 361 -128.37 -78.77 35.86
C GLU AC 361 -127.83 -78.09 37.11
N GLN AC 362 -126.81 -78.71 37.71
CA GLN AC 362 -126.05 -78.11 38.79
C GLN AC 362 -126.93 -77.84 40.00
N SER AC 363 -127.43 -78.92 40.61
CA SER AC 363 -128.46 -78.91 41.65
C SER AC 363 -129.75 -78.26 41.18
N PHE AC 364 -130.87 -78.65 41.76
CA PHE AC 364 -132.19 -78.17 41.39
C PHE AC 364 -133.01 -77.90 42.64
N PRO AC 365 -133.71 -76.77 42.68
CA PRO AC 365 -134.63 -76.50 43.79
C PRO AC 365 -135.94 -77.26 43.61
N TRP AC 366 -135.99 -78.47 44.17
CA TRP AC 366 -137.13 -79.34 43.98
C TRP AC 366 -138.23 -79.03 44.98
N ARG AC 367 -139.47 -79.08 44.50
CA ARG AC 367 -140.62 -78.88 45.35
C ARG AC 367 -141.05 -80.20 45.98
N SER AC 368 -141.11 -80.22 47.30
CA SER AC 368 -141.62 -81.40 47.99
C SER AC 368 -143.14 -81.44 47.91
N ILE AC 369 -143.69 -82.65 48.12
CA ILE AC 369 -145.14 -82.78 48.24
C ILE AC 369 -145.63 -82.18 49.55
N GLY AC 370 -144.73 -81.89 50.48
CA GLY AC 370 -145.13 -81.43 51.79
C GLY AC 370 -145.43 -79.94 51.80
N ALA AC 371 -146.62 -79.57 52.26
CA ALA AC 371 -146.98 -78.19 52.54
C ALA AC 371 -147.30 -78.07 54.03
N CYS AC 372 -147.09 -76.87 54.58
CA CYS AC 372 -147.27 -76.66 56.00
C CYS AC 372 -148.20 -75.47 56.25
N MET AC 373 -148.86 -75.51 57.41
CA MET AC 373 -149.75 -74.44 57.85
C MET AC 373 -149.33 -73.97 59.23
N VAL AC 374 -149.07 -72.67 59.35
CA VAL AC 374 -148.70 -72.09 60.65
C VAL AC 374 -149.78 -72.39 61.67
N THR AC 375 -149.35 -72.67 62.89
CA THR AC 375 -150.27 -72.99 63.98
C THR AC 375 -149.97 -72.26 65.27
N GLU AC 376 -148.70 -72.00 65.58
CA GLU AC 376 -148.36 -71.15 66.70
C GLU AC 376 -147.36 -70.12 66.25
N VAL AC 377 -147.62 -68.85 66.58
CA VAL AC 377 -146.75 -67.74 66.27
C VAL AC 377 -146.20 -67.19 67.58
N LYS AC 378 -144.88 -67.07 67.65
CA LYS AC 378 -144.23 -66.41 68.77
C LYS AC 378 -143.61 -65.11 68.27
N GLU AC 379 -143.08 -64.34 69.23
CA GLU AC 379 -142.42 -63.08 68.89
C GLU AC 379 -141.37 -63.27 67.82
N ARG AC 380 -140.59 -64.36 67.90
CA ARG AC 380 -139.46 -64.53 66.99
C ARG AC 380 -139.34 -65.92 66.39
N THR AC 381 -140.27 -66.84 66.66
CA THR AC 381 -140.26 -68.14 66.01
C THR AC 381 -141.70 -68.52 65.67
N SER AC 382 -141.85 -69.66 65.00
CA SER AC 382 -143.18 -70.14 64.67
C SER AC 382 -143.16 -71.65 64.45
N ASN AC 383 -144.26 -72.28 64.86
CA ASN AC 383 -144.54 -73.70 64.69
C ASN AC 383 -145.67 -73.88 63.68
N CYS AC 384 -145.44 -74.75 62.70
CA CYS AC 384 -146.44 -75.04 61.67
C CYS AC 384 -146.65 -76.54 61.59
N LEU AC 385 -147.86 -76.96 61.21
CA LEU AC 385 -148.15 -78.38 61.02
C LEU AC 385 -148.24 -78.67 59.53
N MET AC 386 -147.40 -79.59 59.05
CA MET AC 386 -147.44 -80.03 57.66
C MET AC 386 -148.78 -80.66 57.33
N THR AC 387 -149.25 -80.46 56.09
CA THR AC 387 -150.51 -81.01 55.66
C THR AC 387 -150.42 -82.51 55.38
N ARG AC 388 -149.25 -83.01 55.01
CA ARG AC 388 -149.05 -84.42 54.70
C ARG AC 388 -148.17 -85.05 55.79
N SER AC 389 -148.82 -85.71 56.73
CA SER AC 389 -148.15 -86.33 57.86
C SER AC 389 -147.49 -87.66 57.48
N LEU AC 390 -146.58 -87.63 56.52
CA LEU AC 390 -145.97 -88.85 56.02
C LEU AC 390 -144.49 -88.72 55.67
N GLU AC 391 -143.90 -87.53 55.73
CA GLU AC 391 -142.51 -87.34 55.34
C GLU AC 391 -141.79 -86.53 56.41
N GLU AC 392 -140.60 -86.98 56.77
CA GLU AC 392 -139.80 -86.30 57.77
C GLU AC 392 -138.75 -85.41 57.09
N LEU AC 393 -138.37 -84.33 57.79
CA LEU AC 393 -137.32 -83.45 57.32
C LEU AC 393 -136.27 -83.25 58.41
N VAL AC 394 -135.20 -82.56 58.02
CA VAL AC 394 -134.08 -82.21 58.88
C VAL AC 394 -134.11 -80.68 58.97
N PRO AC 395 -133.16 -80.01 59.61
CA PRO AC 395 -133.11 -78.55 59.48
C PRO AC 395 -132.26 -78.15 58.28
N GLY AC 396 -132.60 -77.03 57.68
CA GLY AC 396 -132.00 -76.57 56.45
C GLY AC 396 -132.90 -76.66 55.24
N ASP AC 397 -133.92 -77.51 55.28
CA ASP AC 397 -134.94 -77.49 54.24
C ASP AC 397 -135.64 -76.14 54.25
N ARG AC 398 -136.01 -75.67 53.06
CA ARG AC 398 -136.46 -74.29 52.90
C ARG AC 398 -137.90 -74.19 52.42
MG MG BC . 16.19 98.32 -113.91
PG ATP CC . 15.58 100.85 -111.56
O1G ATP CC . 14.72 100.80 -110.32
O2G ATP CC . 16.75 101.81 -111.49
O3G ATP CC . 15.99 99.49 -112.08
PB ATP CC . 13.95 100.71 -113.95
O1B ATP CC . 12.46 100.60 -113.73
O2B ATP CC . 14.72 99.48 -114.36
O3B ATP CC . 14.61 101.49 -112.68
PA ATP CC . 13.45 101.54 -116.53
O1A ATP CC . 12.10 100.91 -116.29
O2A ATP CC . 14.42 100.89 -117.48
O3A ATP CC . 14.16 101.78 -115.11
O5' ATP CC . 13.23 103.08 -116.97
C5' ATP CC . 12.33 103.87 -116.21
C4' ATP CC . 12.92 105.26 -116.09
O4' ATP CC . 13.31 105.73 -117.38
C3' ATP CC . 11.87 106.22 -115.54
O3' ATP CC . 12.46 107.03 -114.53
C2' ATP CC . 11.48 107.08 -116.73
O2' ATP CC . 11.24 108.41 -116.30
C1' ATP CC . 12.69 106.97 -117.65
N9 ATP CC . 12.27 107.01 -119.08
C8 ATP CC . 11.57 106.06 -119.73
N7 ATP CC . 11.36 106.41 -121.03
C5 ATP CC . 11.94 107.61 -121.22
C6 ATP CC . 12.09 108.55 -122.35
N6 ATP CC . 11.57 108.28 -123.57
N1 ATP CC . 12.76 109.70 -122.11
C2 ATP CC . 13.29 109.99 -120.91
N3 ATP CC . 13.19 109.18 -119.84
C4 ATP CC . 12.54 108.00 -119.93
MG MG DC . 17.53 123.68 -85.55
PG ATP EC . 18.42 125.35 -82.60
O1G ATP EC . 17.93 125.09 -81.20
O2G ATP EC . 19.81 125.93 -82.71
O3G ATP EC . 18.21 124.19 -83.54
PB ATP EC . 16.28 126.40 -84.24
O1B ATP EC . 14.95 126.58 -83.56
O2B ATP EC . 16.47 125.23 -85.18
O3B ATP EC . 17.45 126.54 -83.14
PA ATP EC . 15.44 128.15 -86.23
O1A ATP EC . 14.06 127.80 -85.70
O2A ATP EC . 15.86 127.63 -87.59
O3A ATP EC . 16.52 127.72 -85.12
O5' ATP EC . 15.62 129.73 -86.17
C5' ATP EC . 15.25 130.42 -84.99
C4' ATP EC . 16.28 131.51 -84.74
O4' ATP EC . 16.46 132.27 -85.93
C3' ATP EC . 15.78 132.45 -83.66
O3' ATP EC . 16.84 132.74 -82.75
C2' ATP EC . 15.40 133.72 -84.40
O2' ATP EC . 15.73 134.86 -83.61
C1' ATP EC . 16.23 133.66 -85.68
N9 ATP EC . 15.49 134.25 -86.83
C8 ATP EC . 14.38 133.76 -87.40
N7 ATP EC . 13.97 134.56 -88.42
C5 ATP EC . 14.84 135.59 -88.50
C6 ATP EC . 15.00 136.79 -89.35
N6 ATP EC . 14.12 137.05 -90.35
N1 ATP EC . 16.04 137.60 -89.10
C2 ATP EC . 16.93 137.34 -88.11
N3 ATP EC . 16.84 136.28 -87.30
C4 ATP EC . 15.84 135.38 -87.45
MG MG FC . 34.31 137.16 -54.15
PG ATP GC . 36.42 137.50 -51.37
O1G ATP GC . 35.60 136.80 -52.44
O2G ATP GC . 36.25 136.91 -49.99
O3G ATP GC . 37.84 137.74 -51.80
PB ATP GC . 34.38 139.51 -51.88
O1B ATP GC . 33.40 139.77 -50.76
O2B ATP GC . 33.94 138.71 -53.07
O3B ATP GC . 35.78 138.99 -51.24
PA ATP GC . 33.68 141.95 -52.97
O1A ATP GC . 32.46 141.79 -52.10
O2A ATP GC . 33.56 141.83 -54.47
O3A ATP GC . 34.81 140.95 -52.45
O5' ATP GC . 34.38 143.35 -52.60
C5' ATP GC . 34.58 143.67 -51.24
C4' ATP GC . 35.93 144.34 -51.09
O4' ATP GC . 36.03 145.39 -52.06
C3' ATP GC . 36.06 144.96 -49.72
O3' ATP GC . 37.35 144.66 -49.19
C2' ATP GC . 35.94 146.45 -49.96
O2' ATP GC . 36.81 147.15 -49.07
C1' ATP GC . 36.34 146.62 -51.41
N9 ATP GC . 35.58 147.73 -52.06
C8 ATP GC . 34.26 147.72 -52.32
N7 ATP GC . 33.89 148.89 -52.92
C5 ATP GC . 34.99 149.65 -53.04
C6 ATP GC . 35.31 150.99 -53.58
N6 ATP GC . 34.35 151.77 -54.13
N1 ATP GC . 36.59 151.40 -53.51
C2 ATP GC . 37.56 150.64 -52.98
N3 ATP GC . 37.35 149.41 -52.47
C4 ATP GC . 36.10 148.88 -52.47
MG MG HC . 62.01 135.14 -28.12
PG ATP IC . 64.74 134.04 -26.22
O1G ATP IC . 63.51 133.94 -27.08
O2G ATP IC . 64.76 133.09 -25.06
O3G ATP IC . 66.01 134.06 -27.05
PB ATP IC . 63.43 136.51 -25.51
O1B ATP IC . 62.45 136.28 -26.64
O2B ATP IC . 62.91 136.61 -24.10
O3B ATP IC . 64.69 135.50 -25.53
PA ATP IC . 63.31 139.28 -25.68
O1A ATP IC . 62.76 139.70 -27.02
O2A ATP IC . 62.35 139.13 -24.51
O3A ATP IC . 64.14 137.91 -25.82
O5' ATP IC . 64.50 140.27 -25.24
C5' ATP IC . 65.13 140.06 -23.99
C4' ATP IC . 66.61 140.31 -24.17
O4' ATP IC . 66.80 141.57 -24.82
C3' ATP IC . 67.27 140.40 -22.81
O3' ATP IC . 68.49 139.64 -22.84
C2' ATP IC . 67.60 141.86 -22.63
O2' ATP IC . 68.85 142.00 -21.96
C1' ATP IC . 67.65 142.41 -24.05
N9 ATP IC . 67.15 143.80 -24.11
C8 ATP IC . 65.88 144.20 -23.89
N7 ATP IC . 65.77 145.55 -24.03
C5 ATP IC . 67.00 146.03 -24.33
C6 ATP IC . 67.59 147.36 -24.61
N6 ATP IC . 66.83 148.48 -24.59
N1 ATP IC . 68.91 147.41 -24.88
C2 ATP IC . 69.66 146.30 -24.92
N3 ATP IC . 69.20 145.06 -24.68
C4 ATP IC . 67.90 144.87 -24.39
MG MG JC . 93.21 118.17 -14.42
PG ATP KC . 95.82 115.90 -13.91
O1G ATP KC . 94.45 116.38 -14.29
O2G ATP KC . 95.83 114.64 -13.09
O3G ATP KC . 96.78 115.89 -15.09
PB ATP KC . 95.62 118.23 -12.22
O1B ATP KC . 94.37 118.62 -12.96
O2B ATP KC . 95.54 117.97 -10.73
O3B ATP KC . 96.43 117.01 -12.92
PA ATP KC . 96.37 120.84 -11.66
O1A ATP KC . 95.67 121.79 -12.59
O2A ATP KC . 95.76 120.53 -10.31
O3A ATP KC . 96.65 119.44 -12.41
O5' ATP KC . 97.88 121.32 -11.43
C5' ATP KC . 98.71 120.57 -10.56
C4' ATP KC . 100.10 120.50 -11.17
O4' ATP KC . 100.51 121.82 -11.52
C3' ATP KC . 101.08 119.97 -10.14
O3' ATP KC . 101.93 119.01 -10.77
C2' ATP KC . 101.90 121.18 -9.74
O2' ATP KC . 103.25 120.79 -9.52
C1' ATP KC . 101.76 122.14 -10.91
N9 ATP KC . 101.74 123.54 -10.45
C8 ATP KC . 100.78 124.14 -9.73
N7 ATP KC . 101.08 125.45 -9.49
C5 ATP KC . 102.27 125.70 -10.07
C6 ATP KC . 103.17 126.87 -10.21
N6 ATP KC . 102.85 128.05 -9.65
N1 ATP KC . 104.32 126.69 -10.89
C2 ATP KC . 104.64 125.51 -11.45
N3 ATP KC . 103.88 124.41 -11.37
C4 ATP KC . 102.70 124.44 -10.70
MG MG LC . 119.56 90.78 -16.75
PG ATP MC . 121.33 87.93 -17.73
O1G ATP MC . 120.13 88.82 -17.48
O2G ATP MC . 121.12 86.50 -17.28
O3G ATP MC . 121.88 88.08 -19.12
PB ATP MC . 122.33 89.55 -15.55
O1B ATP MC . 121.13 90.44 -15.70
O2B ATP MC . 122.55 88.83 -14.24
O3B ATP MC . 122.49 88.48 -16.75
PA ATP MC . 124.00 91.57 -14.67
O1A ATP MC . 123.44 92.92 -15.06
O2A ATP MC . 123.69 90.99 -13.31
O3A ATP MC . 123.61 90.48 -15.78
O5' ATP MC . 125.60 91.58 -14.87
C5' ATP MC . 126.33 90.41 -14.54
C4' ATP MC . 127.42 90.23 -15.58
O4' ATP MC . 128.14 91.45 -15.73
C3' ATP MC . 128.40 89.18 -15.11
O3' ATP MC . 128.70 88.30 -16.21
C2' ATP MC . 129.64 89.95 -14.74
O2' ATP MC . 130.81 89.20 -15.10
C1' ATP MC . 129.52 91.24 -15.53
N9 ATP MC . 130.09 92.38 -14.77
C8 ATP MC . 129.59 92.91 -13.64
N7 ATP MC . 130.36 93.96 -13.21
C5 ATP MC . 131.37 94.10 -14.08
C6 ATP MC . 132.54 95.00 -14.24
N6 ATP MC . 132.78 95.98 -13.33
N1 ATP MC . 133.35 94.80 -15.30
C2 ATP MC . 133.12 93.82 -16.20
N3 ATP MC . 132.08 92.98 -16.12
C4 ATP MC . 131.19 93.06 -15.10
MG MG NC . 133.99 60.34 -34.46
PG ATP OC . 134.41 57.63 -36.65
O1G ATP OC . 133.67 58.65 -35.80
O2G ATP OC . 133.87 56.23 -36.51
O3G ATP OC . 134.61 58.11 -38.06
PB ATP OC . 136.41 58.16 -34.62
O1B ATP OC . 135.57 59.31 -34.13
O2B ATP OC . 136.71 57.02 -33.67
O3B ATP OC . 135.90 57.54 -36.03
PA ATP OC . 138.82 59.32 -33.91
O1A ATP OC . 138.65 60.81 -33.75
O2A ATP OC . 138.70 58.42 -32.71
O3A ATP OC . 137.82 58.78 -35.05
O5' ATP OC . 140.22 59.02 -34.63
C5' ATP OC . 140.59 57.67 -34.87
C4' ATP OC . 141.25 57.59 -36.22
O4' ATP OC . 142.26 58.60 -36.31
C3' ATP OC . 141.93 56.24 -36.40
O3' ATP OC . 141.63 55.73 -37.70
C2' ATP OC . 143.41 56.53 -36.28
O2' ATP OC . 144.12 55.69 -37.19
C1' ATP OC . 143.52 58.00 -36.65
N9 ATP OC . 144.60 58.67 -35.88
C8 ATP OC . 144.61 58.89 -34.56
N7 ATP OC . 145.75 59.53 -34.18
C5 ATP OC . 146.49 59.71 -35.28
C6 ATP OC . 147.82 60.30 -35.60
N6 ATP OC . 148.59 60.84 -34.63
N1 ATP OC . 148.22 60.28 -36.89
C2 ATP OC . 147.46 59.74 -37.87
N3 ATP OC . 146.26 59.19 -37.65
C4 ATP OC . 145.73 59.14 -36.40
MG MG PC . 132.63 34.98 -62.81
PG ATP QC . 131.58 33.13 -65.60
O1G ATP QC . 131.45 33.95 -64.34
O2G ATP QC . 130.66 31.93 -65.64
O3G ATP QC . 131.55 33.99 -66.84
PB ATP QC . 134.08 32.47 -64.32
O1B ATP QC . 133.82 33.56 -63.31
O2B ATP QC . 134.23 31.05 -63.84
O3B ATP QC . 133.06 32.49 -65.57
PA ATP QC . 136.84 32.73 -64.22
O1A ATP QC . 137.21 34.08 -63.65
O2A ATP QC . 136.74 31.54 -63.30
O3A ATP QC . 135.46 32.84 -65.04
O5' ATP QC . 137.83 32.36 -65.42
C5' ATP QC . 137.66 31.11 -66.09
C4' ATP QC . 137.89 31.34 -67.57
O4' ATP QC . 139.12 32.05 -67.75
C3' ATP QC . 138.02 30.00 -68.28
O3' ATP QC . 137.25 30.04 -69.49
C2' ATP QC . 139.49 29.89 -68.61
O2' ATP QC . 139.64 29.25 -69.88
C1' ATP QC . 139.98 31.33 -68.63
N9 ATP QC . 141.38 31.43 -68.14
C8 ATP QC . 141.81 31.19 -66.88
N7 ATP QC . 143.14 31.37 -66.78
C5 ATP QC . 143.60 31.73 -68.00
C6 ATP QC . 144.91 32.07 -68.60
N6 ATP QC . 146.04 32.06 -67.85
N1 ATP QC . 144.94 32.38 -69.91
C2 ATP QC . 143.83 32.39 -70.66
N3 ATP QC . 142.61 32.09 -70.19
C4 ATP QC . 142.43 31.76 -68.89
MG MG RC . 115.85 21.51 -94.22
PG ATP SC . 113.58 20.98 -96.82
O1G ATP SC . 113.53 22.18 -97.74
O2G ATP SC . 112.34 20.11 -96.85
O3G ATP SC . 114.06 21.34 -95.45
PB ATP SC . 115.98 19.37 -96.69
O1B ATP SC . 116.35 20.09 -95.42
O2B ATP SC . 115.77 17.87 -96.63
O3B ATP SC . 114.73 20.04 -97.47
PA ATP SC . 118.60 18.92 -97.47
O1A ATP SC . 119.52 19.88 -96.76
O2A ATP SC . 118.34 17.54 -96.89
O3A ATP SC . 117.17 19.62 -97.72
O5' ATP SC . 119.06 18.75 -99.00
C5' ATP SC . 118.34 17.87 -99.85
C4' ATP SC . 118.24 18.51 -101.22
O4' ATP SC . 119.54 18.93 -101.63
C3' ATP SC . 117.74 17.50 -102.22
O3' ATP SC . 116.74 18.11 -103.05
C2' ATP SC . 118.95 17.15 -103.06
O2' ATP SC . 118.55 16.96 -104.42
C1' ATP SC . 119.87 18.36 -102.90
N9 ATP SC . 121.30 17.96 -102.90
C8 ATP SC . 121.93 17.23 -101.97
N7 ATP SC . 123.23 17.05 -102.28
C5 ATP SC . 123.45 17.67 -103.46
C6 ATP SC . 124.60 17.86 -104.37
N6 ATP SC . 125.82 17.35 -104.08
N1 ATP SC . 124.40 18.58 -105.49
C2 ATP SC . 123.19 19.10 -105.80
N3 ATP SC . 122.10 18.96 -105.02
C4 ATP SC . 122.17 18.26 -103.86
MG MG TC . 88.16 23.53 -120.25
PG ATP UC . 85.25 24.45 -121.97
O1G ATP UC . 85.35 25.86 -122.50
O2G ATP UC . 83.83 23.94 -121.77
O3G ATP UC . 86.15 24.20 -120.79
PB ATP UC . 86.93 22.36 -123.06
O1B ATP UC . 86.27 21.02 -123.30
O2B ATP UC . 87.83 22.51 -121.85
O3B ATP UC . 85.82 23.53 -123.18
PA ATP UC . 88.97 21.60 -124.77
O1A ATP UC . 88.45 20.21 -124.48
O2A ATP UC . 90.31 22.01 -124.20
O3A ATP UC . 87.84 22.65 -124.33
O5' ATP UC . 88.96 21.83 -126.36
C5' ATP UC . 87.79 21.49 -127.08
C4' ATP UC . 87.56 22.54 -128.14
O4' ATP UC . 88.78 22.76 -128.87
C3' ATP UC . 86.51 22.07 -129.13
O3' ATP UC . 85.60 23.13 -129.39
C2' ATP UC . 87.29 21.75 -130.39
O2' ATP UC . 86.51 22.11 -131.53
C1' ATP UC . 88.55 22.57 -130.26
N9 ATP UC . 89.72 21.88 -130.86
C8 ATP UC . 90.31 20.75 -130.39
N7 ATP UC . 91.34 20.39 -131.18
C5 ATP UC . 91.45 21.29 -132.17
C6 ATP UC . 92.33 21.50 -133.34
N6 ATP UC . 93.34 20.64 -133.61
N1 ATP UC . 92.08 22.57 -134.12
C2 ATP UC . 91.08 23.44 -133.86
N3 ATP UC . 90.25 23.31 -132.82
C4 ATP UC . 90.38 22.27 -131.95
MG MG VC . 56.95 40.50 -133.94
PG ATP WC . 54.17 42.59 -134.28
O1G ATP WC . 52.77 42.40 -133.75
O2G ATP WC . 54.58 44.03 -134.46
O3G ATP WC . 55.21 41.77 -133.58
PB ATP WC . 54.75 40.64 -136.35
O1B ATP WC . 53.64 39.66 -136.66
O2B ATP WC . 55.92 40.18 -135.53
O3B ATP WC . 54.08 42.01 -135.80
PA ATP WC . 55.91 40.04 -138.79
O1A ATP WC . 55.05 38.80 -138.69
O2A ATP WC . 57.40 39.92 -138.63
O3A ATP WC . 55.34 41.12 -137.76
O5' ATP WC . 55.57 40.78 -140.17
C5' ATP WC . 54.21 40.97 -140.51
C4' ATP WC . 54.08 42.35 -141.14
O4' ATP WC . 55.06 42.50 -142.16
C3' ATP WC . 52.72 42.49 -141.79
O3' ATP WC . 52.16 43.77 -141.46
C2' ATP WC . 52.99 42.43 -143.28
O2' ATP WC . 52.12 43.32 -143.97
C1' ATP WC . 54.45 42.85 -143.39
N9 ATP WC . 55.12 42.13 -144.51
C8 ATP WC . 55.40 40.81 -144.55
N7 ATP WC . 56.04 40.49 -145.71
C5 ATP WC . 56.17 41.63 -146.43
C6 ATP WC . 56.73 41.99 -147.74
N6 ATP WC . 57.31 41.06 -148.55
N1 ATP WC . 56.66 43.29 -148.11
C2 ATP WC . 56.10 44.22 -147.33
N3 ATP WC . 55.56 43.96 -146.13
C4 ATP WC . 55.56 42.70 -145.63
MG MG XC . 30.61 67.88 -131.62
PG ATP YC . 28.67 70.56 -130.47
O1G ATP YC . 27.47 70.53 -129.55
O2G ATP YC . 29.48 71.83 -130.43
O3G ATP YC . 29.54 69.33 -130.39
PB ATP YC . 28.03 69.32 -133.02
O1B ATP YC . 26.63 68.80 -133.16
O2B ATP YC . 29.16 68.35 -132.78
O3B ATP YC . 28.02 70.55 -131.95
PA ATP YC . 28.27 69.30 -135.77
O1A ATP YC . 27.11 68.34 -135.69
O2A ATP YC . 29.63 68.79 -136.17
O3A ATP YC . 28.37 70.09 -134.38
O5' ATP YC . 27.85 70.52 -136.73
C5' ATP YC . 26.59 71.13 -136.53
C4' ATP YC . 26.75 72.63 -136.73
O4' ATP YC . 27.44 72.88 -137.95
C3' ATP YC . 25.39 73.29 -136.82
O3' ATP YC . 25.39 74.47 -136.02
C2' ATP YC . 25.24 73.66 -138.28
O2' ATP YC . 24.56 74.91 -138.39
C1' ATP YC . 26.68 73.75 -138.78
N9 ATP YC . 26.78 73.29 -140.19
C8 ATP YC . 26.59 72.04 -140.65
N7 ATP YC . 26.75 71.98 -141.99
C5 ATP YC . 27.06 73.22 -142.42
C6 ATP YC . 27.37 73.86 -143.72
N6 ATP YC . 27.38 73.14 -144.87
N1 ATP YC . 27.64 75.18 -143.72
C2 ATP YC . 27.63 75.91 -142.58
N3 ATP YC . 27.36 75.39 -141.37
C4 ATP YC . 27.08 74.08 -141.23
#